data_9EOJ
#
_entry.id   9EOJ
#
loop_
_entity.id
_entity.type
_entity.pdbx_description
1 polymer 'Mitotic-spindle organizing protein 1'
2 polymer 'Gamma-tubulin complex component 3 homolog'
3 polymer 'Gamma-tubulin complex component'
4 polymer 'Gamma-tubulin complex component 6'
5 polymer 'Tubulin gamma-1 chain'
6 polymer 'Gamma-tubulin complex component'
7 polymer 'Gamma-tubulin complex component'
#
loop_
_entity_poly.entity_id
_entity_poly.type
_entity_poly.pdbx_seq_one_letter_code
_entity_poly.pdbx_strand_id
1 'polypeptide(L)' MANASGNMSAVRETMDVLLEISRLLNTGLDMETLSICVRLCEQGINPEALSSVIKELRRASDTLKASESTAS B,D
2 'polypeptide(L)'
;MAVPDQKSPNVLLQNLCCRILGKGEADVAQQFQYAVRVIGSNFAPTVERDEFLVTEKIKKEFVRQRREADGALFSELHRK
LQSQGVLKNRWSILYLLLSLSEDPRKQPNKTSSFAALFAQALPRDAHSTPYYYARPQSLPLSYQDRNVQCAQNAASIGSS
GISSIGMYALNGPTPQSIIQGQSNQTPNMGDALRQQLGSRLAWTLAAGQQPSQQSTTTKGLPNTVSRNVPRTRREGDSSG
SVEITETSLVRDLLYVFQGIDGKFVKMCNSENCYKVDGKVAVSKSLKDITSKLSELGWLHNKIKKYTDQRSLDRAFGLVG
QSFCAALHQELKEYYRLLSVLHSQLQVEDDQGVNLGVESSLTLRRLLVWTFDPKIRLKTLAALVDHCQGRKGGELASAVH
AYTKTGDPYMRSLVQHILGLVAYPILNFLYRWIYDGELEDTYHEFFVASDPVVKTDRLWHDKYSLRKSMIPSFMTMDQSR
KVLLIGKSINFLHQVCHDQTPASKAMAVGKSAESPKDAAELFTDLENAFQTKIDAAYFDTSKYLLDVLNKNYNLLEHMQA
MRRYLLLGQGDFIRHLMDLLKPELVRPATTLYQHNLTGILETAVRATNAQFDNPEILKRLDVRLLEVSPGDTGWDVFSLD
YHVDGPIATVFTRECMSHYLRVFNFLWRAKRMEYILTDIWKGHMCNAKLLKGMPELSGVLHQCHILASEMVHFIHQMQYY
ITFEVLECSWDELWNKVLKAQDLDHIIAAHDVFLDTIISRCLLDSESRALLNQLRAVFDQIIEFQNAQDALYRAALEELQ
QRLQFEERKKERESEGEWGVTAAEEDVENKRIQEFQESIPKMRSQLRILTHFYQGIVQQFLVLLTTSTDESLRFLSFRLD
FNEHYKAREPRLRVSMGTRGRRSFHV
;
Q,c,d,e,f
3 'polypeptide(L)'
;MSEFRIHHDVNELISLLHVFGLEGADVYIDLLQKNRTPYVTTSVSTHSAKVKIAEFSRTPDDFLKKYEELKSKNTRNLDP
LVYLLSKLIEDKETLQYLQQNAKDKAELATSSVTSVSLPIAPNTSKISMQELEELRRQLETATVAVSCSHQPVEVLRKFL
RDKLNKKHTGHPVPVFPSWVYERPALTGDFMSFSNPSTDVTVSIGTLPLPSQETCLVEDLLYILIGVDGRYISVQPLVGR
QSRSFSVEQNLDSSVKELVNRILPVATNYSTVTRFVEENSSFEYGQVNHALGAAMRTLGKEYMILISQLEHLQRQGLLSL
QKLWFYIQPTLRTMEVLASIATSLNKGECFGGATLSLLHDRTFGYTGDSQAQELCLYLTKAASAPYFDILERWIYRGIIN
DPYSEFMVEEHELQKEKIQEDYNDKYWDQRYTIVQQQIPSFLQKVADKILSTGKYLNVVRECGHDVTCPDAKEITYTLKE
QAYVERIEKAYNYASKVLLDFLMEEEELVAHLRSIKHYFLMDQGDFFVHFMDLTEEELKKPVDDIIPTRLEALLELALRM
STANTDPFKDDLKIELMPHDLITQLLRVLAIETHQEKALINSDPTELALSGLESFSFDYIVKWPLSLIINRKALTRYQML
FRHMFYCKHVERLLCNVWISNKTAKQFSLHSAKWFAGAFTLRQRMLNFVQNIQYYMMFEVMEPTWHILEKNLKSASNIDD
VLSHHTSFLDNCLKDCMLTNPELLKIFSKLMSVCVMFTNCLQRFTQSMQVQTEMEHLTLEHGTMMGPPTQCERTEEALKK
KLTSKYLEEHIDKFPSSFGFESTINNFDSNFSAHLMDLLDKLSMYSTSDCEHSMINIIYRLDFNGFYTERLKQLSSERNQ
KSAPLLGPAQHAVSTK
;
R,Y,Z,a,b
4 'polypeptide(L)'
;MDSITKLFGDLCESHMVGFPWRTALNSRKHSKNRTKQTLKKLAYDTLFVHLFQDEARKLQPNCTRLPVKNKIIMLSFNLR
ICGMSSEADRLEELVEYLEQSNGIQISDLHAVLELLVELSGTGPPQLLPPKRDYFKNNKYVGRNVKYQGYDYYDVQVFEA
DLGTTVAYQELEISTTIQRTLQIMEAAPGTGLPALSFFSQNDLSTDKFEKETRGSLFGALVHSRTNDMDIKLDMPPVPEN
ADLSGLAIKVPQSIDQSEDEGFQSASNMTPDSQSEPSMTPDIDVWEAVLTYGPSKRRCWERIGCPPGKREEPYVTEAGRE
AFDKLYKLHEGGLQILSATTLQPQLVLLEETDLVKAVLNVLIGVVSSTFSYNQALQSFAVKQGVYISGTSPDNVSSLLTQ
VAEYGTYYTRLSHFSLLTVLDSSHSNGLVFQAFTSGLRKYLQYYRACVLSTPASLTLLTISFLFRKLGRQLRYLAELCCI
GTLVTSATRGISTAFPTGVKLLSYLYKEALENSSNENYPVLLSLLKTSCEPYTRFIYDWVYSGVFRDVCGEFMIQVNEDY
LGFRDKRYWTHGYVLISKEVEDCVPVFLKHVANEIYICGKTINLLKLCCPKHYICWSDIPVPRISVTFSLEELKEMEKDC
AVYVARMERIARHSCISKEQKALQTEIARQELIIQARETTEKVFETFKDRKLAEKLSLDTKKRELFQKLKDQYEKEQERR
LTTKQEEADDDFSYAREIRDREKRLKALEEELELKTRQELIEHYSRLSEEATRKEQRALWKLQRHKLETIRLKFFLEEQK
RMQDLVANFPVDICEENLGVLPDGEISHQTDNTNDAGLGNIENEKSVPEQHALHNNNDEVYTAQNCISKSESLCVDVTLP
TENVHSQTSNASVLGVPSFDSNLCTPDVDIIDFLPTLPSENQEVAVVQSLVDDALISIGSDLNTDTKDKESLCALKSDLQ
ESSTGSEYDFKTILKPIACTQVSQGHIKIGEYSSNVQPARPRWSTHGHSSDSNIKIGNYVSDINVHQPKHSQHGHSSDSN
INISDHMSDVEPRLPRLNLHGHISTGHIKVGEYASDVEPSTPRHSVHGHASQGNIKIGENVSDVKLSRPRWNIHGHVSDA
NIKIGENTSEIAPLRPRWNIHGHASQSHIKIGELVSDIEPSQPRRTPFGHPSQSSIPIGDQPVEKYAQKSESEVHSSNST
IQHLLYSNIPDKNKDTGGTLTDSPVPVPDQGNSNDDTEKRSSTLEQRVQAADSVCDGEASPNTAQSLPCMSDTLDFGTNG
EENVGNDDHTWEKQQEYLKGLAEKYCLEKYQDSYELMSHPPVLHLYSNVMPNRFSFPTDSDIKSATDETTVQLIELLSLP
VLMKYSVTAPMVSHVYLVNKAIVDYYFVELKMERHFEAMRHFLLMEDGEFAQSLSDMLFEKLGSGQTPSELLNPLVLNSI
LNKALQYSLHGDSSLASNLTFALKYLPEVFTPTAPDALSCLELKYKVDWPLNIVITDTCMNKYSRIFSFLLQLKHMVWTL
RDVWFHLKRTALVNQASNSVQYRQLQLYRHEMQHFVKVIQGYIANQILHVTWCEFRNKLSAVSNLEEIYKTHADYLNKAL
FRGLLTEKAAPLMNIIHSIFSLILKFRLQLISQSWICDTGKQMAVHPNFGLMQQSYNTFKYYSDFLFEVVSKLVNRGYQP
HLEDFLLRINFNSYYKQS
;
S
5 'polypeptide(L)'
;MPREIITLQLGQCGNQIGFEFWKQLCAEHGISPEGIVEEFATEGTDRKDVFFYQADDEHYIPRAVLLDLEPRVIHSILNS
PYANLYNPENIYLSEHGGGAGNNWASGFSQGEKIHEDIFDIIDREADGSDSLEGFVLCHSIAGGTGSGLGSYLLERLNDR
YPKKLVQTYSVFPNQDEMSHVVVQPYNSLLTLKRLTQNADCVVVLDNTALNRIATDRLHIQNPSFSQINQLVSTIMSAST
TTLRYPGYMNNDLIGLIASLIPTPRLHFLMTGYTPLTTDQSVASVRKTTVLDVMRRLLQPKNVMVSTGRDRQTNHCYIAI
LNIIQGEVDPTQVHKSLQRIRERKLANFIPWGPASIQVALSRKSPYLPSAHRVSGLMMANHTNISSLFERTCRQYDKLRK
REAFLEQFRKEDIFKDNFDELDNSREIVQQLIDEYHAATRPDYISWGTQDK
;
T,h,i,k,l,m,n,o,p,q,r,s,t,w
6 'polypeptide(L)'
;MAHWTRFERDQEGDIKKLVSLMSGIQDDQDGNFQQALQFAWSNFRFHRYLDVSSHTVLRTLEGIFEKLVVHSDLEKAESW
KRLTEEFLLLPLPNTEGTKTDSHFAVLSLLLCLSDSPSNHDYTEKPRKKENDEQEPFDWGKYLREGEDIEFSPDADTPEW
SEASEEEDAQEPPSREDSGIQVDRTPLEDPEKKGAPPLVSWKVGEPDARSWLEQHIVHQYWTSRAPRFSHSSHLHSNLSA
IWDQHLYTTDPLYTPDDKTIVTETQVIRETLWLLSGVKKLLIFQLNDGKVNVRNDIIVTHMTQNCLRSVLEQIAAYGQVV
FRLQKFIDEITGHGSEVPLPGTLPTAKKTTEAPFRTYQAFMWALYKYFISFKEELTEIEKCIINKDETVTLAIVLDKLAP
RLAQLKVLHRVFSTGIAEVPPDTRNVVRASHLLNTLYKAILDYDNVGEASEQTVSLLFCLWVETVRPYLEIVDEWIVHGN
LFDPAKEFIIQRNKDVPFNHRDFWYATYTLYSVSEKTENEDKMSDNASASSGSDQAPAGRQHTMVSFLKPVLKQIIMAGK
SMQLLKNLKCRTALQQDSSRDSDRKSLYTLFLESVQSRLQHGNDSVPDIITEQQVNKLSLIKMQSIVAKHLELDEVHDPL
LAINFVRLYLEQSDFLETFTCNEVCVDRSSESVTCQSFELTLRSCLYPHIGKQYLECCGNLMYTLKKDYRLVEYLQAMRN
FFLLEAGDTMYDFYTPIFDKIREKEPWLNLSYLNVQIQEAVGQRYPDDSTRLSVSFESVDLAKKKLPVHTLDGLILSYKV
PWPVDIVISSECQKIYNQVFLLLLLIKWAKYSLDVLQFNELGNASENESTKEGATVEPFPLPPLTSPSEPKGQQIHRMFL
LRVKLMHFVNSLHNYLMTRILHSTGLEFQHQVEEAKDLDQLIKIHYRYLSTIHDRCLLREKVSSVKEAIMKVLNVVLMFA
DRWHAGLGAWKKESIVKMESDFTNCHKFLVKVLNKAVCRGSFPHLESLALSLMAGMEQS
;
U
7 'polypeptide(L)'
;MIHELLLALSGYPGSIFTWNKRTGLQVSQDIPFLHPGETSVLNRLCKLGTDYIRFTEFIEQYTGHVQQQDHHPSQQGQVG
LHGIYLRAFCRGLDSILQPYRQALLDLEQEFLADPHLSISHINYSLDQFHLLFPSIMVVVEQIKSQKIHGCQILETVYKH
SCGGLPPVRSALEKTLAVCHGVMYKQLSAWMLHGLLLDQYEEFFVRQGSSSGNLAAAFEEEEDDLGIGGLTGKQLRELQD
LRLIEEENMLAPSLKQFSLRAEMLPSYIPVRVAEKILFVGESVQMFENQNVNMSRTGSILKNQEDTFAAELHRLKQQPLF
SLVDFESVLDRIRSTVAEHLWKLMVEESDLLGQLKIIKDFYLLGRGELFQAFIDVAQNMLKTPPTAVTEHDVNVAFQLSA
HKVLLDDDNLLPLLNLTIDYHGKEHKDTSQPREGPFRDMSPREAPTSGWAALGLSYKVQWPLHILFTPAVLEKYNVVFKY
LLSVRRVQSELQHCWALQMQRKHLESNKTDAIKWRLQNHMAFLVDNLQYYLQVDVLESQFSQLLQQINSTRDFESIRLAH
DHFLSNLLAQSFILLKPVFHCLNEILELCHSFCSLVSQNLGPLDERGAGQLDILVKGFSCQSSLLFRILSSVRNHQINPD
LAQLLLRLDYNKYYTQAGGTLGSFGL
;
V,W
#
# COMPACT_ATOMS: atom_id res chain seq x y z
N GLU A 13 31.90 -43.75 31.88
CA GLU A 13 31.95 -43.55 30.42
C GLU A 13 32.05 -42.09 30.02
N THR A 14 30.99 -41.26 30.04
CA THR A 14 31.11 -39.86 29.54
C THR A 14 32.21 -39.06 30.25
N MET A 15 32.33 -39.19 31.58
CA MET A 15 33.43 -38.57 32.34
C MET A 15 34.82 -39.10 31.96
N ASP A 16 34.93 -40.37 31.58
CA ASP A 16 36.20 -40.99 31.17
C ASP A 16 36.63 -40.47 29.79
N VAL A 17 35.66 -40.34 28.86
CA VAL A 17 35.87 -39.75 27.54
C VAL A 17 36.30 -38.28 27.66
N LEU A 18 35.63 -37.49 28.51
CA LEU A 18 36.02 -36.10 28.78
C LEU A 18 37.42 -36.00 29.39
N LEU A 19 37.79 -36.95 30.27
CA LEU A 19 39.14 -36.99 30.83
C LEU A 19 40.19 -37.36 29.77
N GLU A 20 39.87 -38.25 28.83
CA GLU A 20 40.77 -38.59 27.72
C GLU A 20 41.01 -37.39 26.81
N ILE A 21 39.94 -36.66 26.42
CA ILE A 21 40.04 -35.39 25.68
C ILE A 21 40.89 -34.38 26.45
N SER A 22 40.65 -34.22 27.74
CA SER A 22 41.42 -33.34 28.62
C SER A 22 42.93 -33.63 28.59
N ARG A 23 43.32 -34.92 28.54
CA ARG A 23 44.72 -35.34 28.45
C ARG A 23 45.30 -35.08 27.07
N LEU A 24 44.58 -35.40 25.99
CA LEU A 24 45.02 -35.16 24.61
C LEU A 24 45.26 -33.67 24.34
N LEU A 25 44.41 -32.81 24.91
CA LEU A 25 44.54 -31.35 24.83
C LEU A 25 45.52 -30.78 25.86
N ASN A 26 46.18 -31.60 26.67
CA ASN A 26 47.10 -31.18 27.72
C ASN A 26 46.51 -30.09 28.65
N THR A 27 45.23 -30.19 29.02
CA THR A 27 44.59 -29.13 29.81
C THR A 27 45.10 -29.06 31.25
N GLY A 28 45.82 -30.09 31.72
CA GLY A 28 46.27 -30.23 33.10
C GLY A 28 45.16 -30.52 34.12
N LEU A 29 43.93 -30.82 33.67
CA LEU A 29 42.84 -31.23 34.56
C LEU A 29 42.91 -32.73 34.88
N ASP A 30 42.75 -33.07 36.15
CA ASP A 30 42.51 -34.42 36.62
C ASP A 30 41.00 -34.72 36.76
N MET A 31 40.66 -35.96 37.12
CA MET A 31 39.26 -36.38 37.24
C MET A 31 38.49 -35.59 38.31
N GLU A 32 39.12 -35.23 39.43
CA GLU A 32 38.49 -34.47 40.51
C GLU A 32 38.16 -33.05 40.06
N THR A 33 39.16 -32.34 39.53
CA THR A 33 39.01 -30.96 39.06
C THR A 33 38.05 -30.90 37.88
N LEU A 34 38.13 -31.85 36.95
CA LEU A 34 37.18 -31.97 35.83
C LEU A 34 35.75 -32.18 36.34
N SER A 35 35.53 -33.05 37.33
CA SER A 35 34.20 -33.28 37.91
C SER A 35 33.62 -32.01 38.56
N ILE A 36 34.46 -31.18 39.18
CA ILE A 36 34.04 -29.88 39.72
C ILE A 36 33.65 -28.94 38.58
N CYS A 37 34.45 -28.89 37.51
CA CYS A 37 34.21 -28.05 36.34
C CYS A 37 32.90 -28.40 35.62
N VAL A 38 32.64 -29.70 35.38
CA VAL A 38 31.38 -30.18 34.79
C VAL A 38 30.19 -29.66 35.60
N ARG A 39 30.22 -29.80 36.93
CA ARG A 39 29.15 -29.32 37.80
C ARG A 39 29.02 -27.80 37.85
N LEU A 40 30.10 -27.04 37.60
CA LEU A 40 30.02 -25.59 37.48
C LEU A 40 29.34 -25.20 36.16
N CYS A 41 29.69 -25.85 35.06
CA CYS A 41 29.02 -25.67 33.76
C CYS A 41 27.53 -26.03 33.85
N GLU A 42 27.18 -27.16 34.48
CA GLU A 42 25.78 -27.55 34.72
C GLU A 42 24.98 -26.53 35.57
N GLN A 43 25.67 -25.68 36.34
CA GLN A 43 25.06 -24.58 37.10
C GLN A 43 25.09 -23.25 36.35
N GLY A 44 25.45 -23.24 35.08
CA GLY A 44 25.42 -22.08 34.19
C GLY A 44 26.67 -21.18 34.24
N ILE A 45 27.78 -21.66 34.82
CA ILE A 45 29.04 -20.92 34.77
C ILE A 45 29.61 -20.96 33.34
N ASN A 46 29.87 -19.77 32.79
CA ASN A 46 30.44 -19.62 31.46
C ASN A 46 31.82 -20.33 31.35
N PRO A 47 32.04 -21.18 30.35
CA PRO A 47 33.30 -21.90 30.13
C PRO A 47 34.53 -21.00 29.96
N GLU A 48 34.41 -19.91 29.21
CA GLU A 48 35.49 -18.95 28.94
C GLU A 48 35.92 -18.26 30.25
N ALA A 49 34.94 -17.86 31.06
CA ALA A 49 35.17 -17.30 32.39
C ALA A 49 35.82 -18.32 33.32
N LEU A 50 35.32 -19.56 33.34
CA LEU A 50 35.86 -20.63 34.17
C LEU A 50 37.28 -21.01 33.78
N SER A 51 37.61 -21.03 32.49
CA SER A 51 38.97 -21.26 31.99
C SER A 51 39.94 -20.19 32.51
N SER A 52 39.50 -18.92 32.51
CA SER A 52 40.27 -17.80 33.03
C SER A 52 40.52 -17.95 34.53
N VAL A 53 39.50 -18.35 35.29
CA VAL A 53 39.62 -18.65 36.73
C VAL A 53 40.65 -19.75 36.98
N ILE A 54 40.60 -20.87 36.23
CA ILE A 54 41.53 -21.99 36.39
C ILE A 54 42.97 -21.55 36.09
N LYS A 55 43.18 -20.80 35.00
CA LYS A 55 44.49 -20.26 34.62
C LYS A 55 45.08 -19.36 35.73
N GLU A 56 44.27 -18.46 36.31
CA GLU A 56 44.70 -17.60 37.42
C GLU A 56 44.98 -18.39 38.71
N LEU A 57 44.13 -19.37 39.05
CA LEU A 57 44.33 -20.21 40.23
C LEU A 57 45.64 -21.00 40.14
N ARG A 58 45.98 -21.56 38.98
CA ARG A 58 47.26 -22.24 38.74
C ARG A 58 48.43 -21.29 38.96
N ARG A 59 48.43 -20.14 38.28
CA ARG A 59 49.49 -19.13 38.40
C ARG A 59 49.69 -18.66 39.86
N ALA A 60 48.60 -18.41 40.57
CA ALA A 60 48.64 -17.98 41.96
C ALA A 60 49.13 -19.09 42.90
N SER A 61 48.68 -20.33 42.69
CA SER A 61 49.16 -21.50 43.43
C SER A 61 50.68 -21.64 43.28
N ASP A 62 51.20 -21.58 42.05
CA ASP A 62 52.62 -21.79 41.79
C ASP A 62 53.48 -20.67 42.38
N THR A 63 53.01 -19.43 42.28
CA THR A 63 53.65 -18.26 42.92
C THR A 63 53.71 -18.43 44.45
N LEU A 64 52.61 -18.88 45.06
CA LEU A 64 52.52 -19.08 46.50
C LEU A 64 53.39 -20.27 46.96
N LYS A 65 53.45 -21.37 46.19
CA LYS A 65 54.35 -22.51 46.44
C LYS A 65 55.82 -22.10 46.37
N ALA A 66 56.18 -21.22 45.43
CA ALA A 66 57.54 -20.71 45.32
C ALA A 66 57.92 -19.76 46.47
N SER A 67 56.94 -19.13 47.12
CA SER A 67 57.16 -18.20 48.23
C SER A 67 57.21 -18.84 49.62
N GLU A 68 56.58 -20.00 49.82
CA GLU A 68 56.59 -20.73 51.10
C GLU A 68 57.90 -21.49 51.34
N MET B 8 49.51 -0.73 -1.91
CA MET B 8 48.08 -0.95 -2.24
C MET B 8 47.81 -0.99 -3.74
N SER B 9 48.21 0.01 -4.54
CA SER B 9 48.01 -0.02 -6.01
C SER B 9 48.63 -1.25 -6.67
N ALA B 10 49.92 -1.49 -6.42
CA ALA B 10 50.63 -2.66 -6.94
C ALA B 10 49.96 -4.00 -6.58
N VAL B 11 49.36 -4.11 -5.39
CA VAL B 11 48.61 -5.32 -4.99
C VAL B 11 47.34 -5.49 -5.80
N ARG B 12 46.57 -4.42 -6.04
CA ARG B 12 45.37 -4.50 -6.90
C ARG B 12 45.74 -4.87 -8.32
N GLU B 13 46.72 -4.18 -8.90
CA GLU B 13 47.21 -4.47 -10.25
C GLU B 13 47.73 -5.91 -10.39
N THR B 14 48.35 -6.44 -9.35
CA THR B 14 48.79 -7.85 -9.32
C THR B 14 47.60 -8.81 -9.31
N MET B 15 46.58 -8.52 -8.51
CA MET B 15 45.35 -9.33 -8.46
C MET B 15 44.58 -9.28 -9.78
N ASP B 16 44.57 -8.13 -10.47
CA ASP B 16 43.93 -7.99 -11.77
C ASP B 16 44.62 -8.87 -12.84
N VAL B 17 45.97 -8.89 -12.86
CA VAL B 17 46.75 -9.78 -13.75
C VAL B 17 46.46 -11.25 -13.45
N LEU B 18 46.42 -11.64 -12.18
CA LEU B 18 46.08 -13.02 -11.79
C LEU B 18 44.65 -13.40 -12.18
N LEU B 19 43.70 -12.47 -12.10
CA LEU B 19 42.32 -12.72 -12.51
C LEU B 19 42.24 -12.93 -14.03
N GLU B 20 43.01 -12.20 -14.82
CA GLU B 20 43.07 -12.37 -16.27
C GLU B 20 43.67 -13.75 -16.63
N ILE B 21 44.79 -14.15 -16.00
CA ILE B 21 45.36 -15.50 -16.16
C ILE B 21 44.35 -16.58 -15.77
N SER B 22 43.65 -16.39 -14.65
CA SER B 22 42.60 -17.30 -14.15
C SER B 22 41.46 -17.47 -15.15
N ARG B 23 41.04 -16.39 -15.82
CA ARG B 23 40.01 -16.42 -16.86
C ARG B 23 40.50 -17.12 -18.12
N LEU B 24 41.72 -16.83 -18.58
CA LEU B 24 42.32 -17.52 -19.74
C LEU B 24 42.40 -19.03 -19.55
N LEU B 25 42.73 -19.47 -18.33
CA LEU B 25 42.78 -20.88 -17.97
C LEU B 25 41.40 -21.48 -17.67
N ASN B 26 40.30 -20.72 -17.74
CA ASN B 26 38.95 -21.18 -17.44
C ASN B 26 38.79 -21.81 -16.04
N THR B 27 39.56 -21.33 -15.04
CA THR B 27 39.59 -22.00 -13.72
C THR B 27 38.27 -21.94 -12.95
N GLY B 28 37.34 -21.06 -13.35
CA GLY B 28 36.06 -20.81 -12.67
C GLY B 28 36.20 -20.08 -11.33
N LEU B 29 37.35 -19.45 -11.05
CA LEU B 29 37.53 -18.63 -9.84
C LEU B 29 37.08 -17.18 -10.05
N ASP B 30 36.32 -16.65 -9.10
CA ASP B 30 36.06 -15.21 -8.98
C ASP B 30 37.20 -14.48 -8.25
N MET B 31 37.14 -13.15 -8.21
CA MET B 31 38.18 -12.31 -7.60
C MET B 31 38.39 -12.60 -6.11
N GLU B 32 37.31 -12.82 -5.37
CA GLU B 32 37.38 -13.00 -3.91
C GLU B 32 37.88 -14.39 -3.53
N THR B 33 37.44 -15.44 -4.23
CA THR B 33 37.97 -16.81 -4.08
C THR B 33 39.43 -16.87 -4.50
N LEU B 34 39.79 -16.22 -5.62
CA LEU B 34 41.18 -16.07 -6.05
C LEU B 34 42.03 -15.37 -4.99
N SER B 35 41.52 -14.30 -4.37
CA SER B 35 42.23 -13.59 -3.29
C SER B 35 42.51 -14.51 -2.08
N ILE B 36 41.57 -15.38 -1.72
CA ILE B 36 41.77 -16.37 -0.66
C ILE B 36 42.87 -17.36 -1.06
N CYS B 37 42.81 -17.90 -2.28
CA CYS B 37 43.81 -18.83 -2.81
C CYS B 37 45.23 -18.22 -2.79
N VAL B 38 45.39 -16.97 -3.26
CA VAL B 38 46.66 -16.26 -3.25
C VAL B 38 47.20 -16.11 -1.83
N ARG B 39 46.37 -15.70 -0.86
CA ARG B 39 46.79 -15.57 0.54
C ARG B 39 47.18 -16.90 1.17
N LEU B 40 46.49 -18.00 0.83
CA LEU B 40 46.86 -19.34 1.29
C LEU B 40 48.23 -19.77 0.72
N CYS B 41 48.45 -19.60 -0.58
CA CYS B 41 49.73 -19.91 -1.23
C CYS B 41 50.89 -19.06 -0.68
N GLU B 42 50.68 -17.75 -0.45
CA GLU B 42 51.68 -16.87 0.16
C GLU B 42 51.98 -17.28 1.62
N GLN B 43 51.02 -17.88 2.32
CA GLN B 43 51.21 -18.47 3.66
C GLN B 43 51.83 -19.89 3.62
N GLY B 44 52.26 -20.37 2.44
CA GLY B 44 52.98 -21.64 2.29
C GLY B 44 52.11 -22.88 2.16
N ILE B 45 50.79 -22.73 1.97
CA ILE B 45 49.91 -23.87 1.73
C ILE B 45 50.29 -24.56 0.42
N ASN B 46 50.39 -25.89 0.44
CA ASN B 46 50.71 -26.68 -0.74
C ASN B 46 49.64 -26.50 -1.83
N PRO B 47 50.00 -26.02 -3.04
CA PRO B 47 49.03 -25.81 -4.11
C PRO B 47 48.39 -27.11 -4.62
N GLU B 48 49.05 -28.27 -4.51
CA GLU B 48 48.49 -29.57 -4.89
C GLU B 48 47.32 -29.95 -3.98
N ALA B 49 47.56 -29.87 -2.68
CA ALA B 49 46.56 -30.13 -1.65
C ALA B 49 45.39 -29.15 -1.75
N LEU B 50 45.68 -27.86 -1.96
CA LEU B 50 44.66 -26.83 -2.14
C LEU B 50 43.82 -27.05 -3.40
N SER B 51 44.43 -27.44 -4.51
CA SER B 51 43.69 -27.75 -5.74
C SER B 51 42.75 -28.96 -5.56
N SER B 52 43.19 -29.97 -4.81
CA SER B 52 42.39 -31.16 -4.50
C SER B 52 41.19 -30.81 -3.63
N VAL B 53 41.38 -29.96 -2.62
CA VAL B 53 40.30 -29.42 -1.78
C VAL B 53 39.29 -28.64 -2.63
N ILE B 54 39.74 -27.72 -3.48
CA ILE B 54 38.83 -26.91 -4.32
C ILE B 54 38.03 -27.79 -5.27
N LYS B 55 38.64 -28.81 -5.87
CA LYS B 55 37.94 -29.77 -6.75
C LYS B 55 36.89 -30.57 -5.99
N GLU B 56 37.17 -31.00 -4.77
CA GLU B 56 36.20 -31.70 -3.93
C GLU B 56 35.04 -30.77 -3.51
N LEU B 57 35.34 -29.54 -3.10
CA LEU B 57 34.31 -28.58 -2.68
C LEU B 57 33.35 -28.18 -3.82
N ARG B 58 33.83 -28.20 -5.07
CA ARG B 58 33.02 -27.92 -6.26
C ARG B 58 32.12 -29.09 -6.66
N ARG B 59 32.47 -30.32 -6.26
CA ARG B 59 31.67 -31.52 -6.54
C ARG B 59 30.51 -31.61 -5.56
N GLU C 246 108.02 -3.26 63.61
CA GLU C 246 106.87 -2.50 63.14
C GLU C 246 105.74 -3.44 62.73
N THR C 247 105.91 -4.13 61.60
CA THR C 247 104.82 -4.93 61.04
C THR C 247 104.56 -6.19 61.85
N SER C 248 105.55 -6.67 62.60
CA SER C 248 105.32 -7.81 63.48
C SER C 248 104.41 -7.44 64.64
N LEU C 249 104.51 -6.20 65.12
CA LEU C 249 103.55 -5.71 66.10
C LEU C 249 102.19 -5.45 65.47
N VAL C 250 102.17 -5.12 64.17
CA VAL C 250 100.91 -5.09 63.44
C VAL C 250 100.34 -6.50 63.34
N ARG C 251 101.19 -7.52 63.16
CA ARG C 251 100.66 -8.87 63.11
C ARG C 251 100.23 -9.37 64.50
N ASP C 252 100.83 -8.84 65.57
CA ASP C 252 100.46 -9.28 66.92
C ASP C 252 99.10 -8.72 67.30
N LEU C 253 98.82 -7.47 66.90
CA LEU C 253 97.56 -6.80 67.22
C LEU C 253 96.35 -7.39 66.52
N LEU C 254 96.53 -8.31 65.56
CA LEU C 254 95.36 -8.91 64.95
C LEU C 254 94.85 -10.06 65.79
N TYR C 255 95.76 -10.77 66.46
CA TYR C 255 95.46 -12.02 67.14
C TYR C 255 94.81 -11.77 68.48
N VAL C 256 95.15 -10.66 69.14
CA VAL C 256 94.44 -10.27 70.35
C VAL C 256 93.11 -9.61 70.02
N PHE C 257 92.96 -9.12 68.78
CA PHE C 257 91.64 -8.66 68.35
C PHE C 257 90.72 -9.85 68.09
N GLN C 258 91.27 -10.92 67.54
CA GLN C 258 90.51 -12.15 67.42
C GLN C 258 90.45 -12.87 68.76
N GLY C 259 91.29 -12.47 69.73
CA GLY C 259 91.29 -13.17 71.01
C GLY C 259 92.41 -12.96 72.02
N ILE C 260 93.06 -14.07 72.36
CA ILE C 260 94.15 -14.14 73.33
C ILE C 260 95.45 -14.08 72.54
N ASP C 261 96.57 -13.94 73.27
CA ASP C 261 97.85 -13.45 72.78
C ASP C 261 98.38 -14.13 71.54
N GLY C 262 99.12 -13.35 70.74
CA GLY C 262 99.66 -13.77 69.48
C GLY C 262 101.12 -14.16 69.56
N LYS C 263 102.01 -13.22 69.23
CA LYS C 263 103.44 -13.54 69.12
C LYS C 263 104.05 -13.85 70.48
N PHE C 264 103.80 -13.00 71.47
CA PHE C 264 104.33 -13.20 72.82
C PHE C 264 103.19 -13.52 73.79
N VAL C 265 103.55 -13.64 75.07
CA VAL C 265 102.59 -13.97 76.12
C VAL C 265 102.35 -12.71 76.96
N LYS C 266 101.08 -12.38 77.17
CA LYS C 266 100.69 -11.18 77.90
C LYS C 266 100.34 -11.45 79.35
N MET C 267 100.02 -12.71 79.68
CA MET C 267 99.74 -13.27 81.03
C MET C 267 98.74 -12.44 81.86
N CYS C 268 97.77 -11.79 81.22
CA CYS C 268 96.73 -11.12 81.99
C CYS C 268 95.40 -11.19 81.24
N ASN C 269 94.42 -11.85 81.87
CA ASN C 269 93.04 -11.84 81.41
C ASN C 269 92.21 -10.75 82.06
N SER C 270 92.72 -10.11 83.10
CA SER C 270 91.97 -9.12 83.86
C SER C 270 92.60 -7.74 83.75
N GLU C 271 91.74 -6.73 83.87
CA GLU C 271 91.94 -5.30 84.17
C GLU C 271 92.64 -4.49 83.08
N ASN C 272 93.34 -5.16 82.17
CA ASN C 272 93.49 -4.98 80.71
C ASN C 272 94.57 -5.95 80.26
N CYS C 273 94.60 -6.25 78.95
CA CYS C 273 95.45 -7.32 78.41
C CYS C 273 96.77 -6.74 77.91
N TYR C 274 97.71 -6.55 78.84
CA TYR C 274 98.89 -5.72 78.59
C TYR C 274 100.00 -6.48 77.86
N LYS C 275 100.46 -5.91 76.75
CA LYS C 275 101.51 -6.51 75.95
C LYS C 275 102.88 -6.31 76.60
N VAL C 276 103.58 -7.42 76.81
CA VAL C 276 104.94 -7.40 77.35
C VAL C 276 105.87 -7.87 76.24
N ASP C 277 106.78 -6.97 75.83
CA ASP C 277 107.76 -7.31 74.81
C ASP C 277 109.11 -7.71 75.39
N GLY C 278 109.42 -7.29 76.61
CA GLY C 278 110.68 -7.65 77.23
C GLY C 278 111.89 -6.97 76.64
N LYS C 279 111.71 -5.87 75.92
CA LYS C 279 112.81 -5.15 75.30
C LYS C 279 112.91 -3.76 75.91
N VAL C 280 114.13 -3.37 76.28
CA VAL C 280 114.38 -2.06 76.83
C VAL C 280 115.05 -1.12 75.83
N ALA C 281 115.91 -1.65 74.94
CA ALA C 281 116.62 -0.84 73.96
C ALA C 281 115.71 -0.26 72.89
N VAL C 282 114.49 -0.78 72.73
CA VAL C 282 113.52 -0.14 71.85
C VAL C 282 113.01 1.15 72.52
N SER C 283 112.34 1.97 71.71
CA SER C 283 111.81 3.23 72.21
C SER C 283 110.66 2.99 73.19
N LYS C 284 110.52 3.93 74.13
CA LYS C 284 109.44 3.85 75.10
C LYS C 284 108.09 4.23 74.50
N SER C 285 108.07 4.77 73.29
CA SER C 285 106.82 5.09 72.62
C SER C 285 106.11 3.87 72.06
N LEU C 286 106.83 2.77 71.81
CA LEU C 286 106.16 1.53 71.45
C LEU C 286 105.28 1.03 72.58
N LYS C 287 105.75 1.18 73.83
CA LYS C 287 105.08 0.59 74.99
C LYS C 287 103.71 1.20 75.23
N ASP C 288 103.50 2.47 74.89
CA ASP C 288 102.19 3.04 75.20
C ASP C 288 101.15 2.58 74.18
N ILE C 289 101.54 2.31 72.93
CA ILE C 289 100.62 1.68 71.98
C ILE C 289 100.39 0.20 72.31
N THR C 290 101.36 -0.46 72.95
CA THR C 290 101.05 -1.75 73.59
C THR C 290 100.01 -1.57 74.68
N SER C 291 100.01 -0.41 75.34
CA SER C 291 98.95 -0.11 76.30
C SER C 291 97.69 0.41 75.61
N LYS C 292 97.74 0.85 74.34
CA LYS C 292 96.48 1.08 73.63
C LYS C 292 95.81 -0.23 73.27
N LEU C 293 96.61 -1.22 72.87
CA LEU C 293 96.10 -2.55 72.55
C LEU C 293 95.54 -3.27 73.76
N SER C 294 95.92 -2.83 74.96
CA SER C 294 95.66 -3.56 76.19
C SER C 294 94.17 -3.62 76.50
N GLU C 295 93.48 -2.52 76.25
CA GLU C 295 92.07 -2.41 76.57
C GLU C 295 91.20 -2.64 75.35
N LEU C 296 91.82 -2.79 74.19
CA LEU C 296 91.11 -3.24 73.00
C LEU C 296 90.86 -4.74 73.07
N GLY C 297 91.91 -5.51 73.36
CA GLY C 297 91.76 -6.96 73.40
C GLY C 297 91.04 -7.43 74.66
N TRP C 298 91.25 -6.74 75.77
CA TRP C 298 90.59 -7.14 77.02
C TRP C 298 89.10 -6.82 76.98
N LEU C 299 88.73 -5.71 76.34
CA LEU C 299 87.31 -5.37 76.22
C LEU C 299 86.61 -6.25 75.20
N HIS C 300 87.38 -6.91 74.32
CA HIS C 300 86.80 -7.89 73.42
C HIS C 300 86.60 -9.23 74.11
N ASN C 301 87.58 -9.68 74.90
CA ASN C 301 87.45 -10.97 75.55
C ASN C 301 86.47 -10.95 76.73
N LYS C 302 86.14 -9.78 77.26
CA LYS C 302 85.08 -9.70 78.27
C LYS C 302 83.71 -10.04 77.68
N ILE C 303 83.50 -9.75 76.40
CA ILE C 303 82.25 -10.15 75.77
C ILE C 303 82.25 -11.66 75.51
N LYS C 304 83.42 -12.25 75.21
CA LYS C 304 83.49 -13.70 75.18
C LYS C 304 83.36 -14.31 76.57
N LYS C 305 83.81 -13.58 77.61
CA LYS C 305 83.79 -14.14 78.95
C LYS C 305 82.37 -14.30 79.48
N TYR C 306 81.48 -13.35 79.20
CA TYR C 306 80.16 -13.39 79.81
C TYR C 306 79.28 -14.46 79.16
N THR C 307 79.27 -14.53 77.83
CA THR C 307 78.41 -15.47 77.15
C THR C 307 78.92 -16.91 77.21
N ASP C 308 80.18 -17.12 77.60
CA ASP C 308 80.72 -18.47 77.74
C ASP C 308 80.83 -18.94 79.19
N GLN C 309 80.75 -18.03 80.16
CA GLN C 309 80.77 -18.47 81.55
C GLN C 309 79.42 -19.03 81.98
N ARG C 310 78.32 -18.49 81.43
CA ARG C 310 77.02 -19.07 81.72
C ARG C 310 76.85 -20.41 81.02
N SER C 311 77.43 -20.57 79.82
CA SER C 311 77.59 -21.85 79.13
C SER C 311 76.25 -22.53 78.84
N LEU C 312 75.53 -22.03 77.82
CA LEU C 312 74.08 -21.89 77.70
C LEU C 312 73.20 -22.87 78.48
N ASP C 313 72.25 -22.31 79.22
CA ASP C 313 71.45 -23.04 80.19
C ASP C 313 69.99 -22.98 79.81
N ARG C 314 69.31 -24.13 79.87
CA ARG C 314 67.89 -24.18 79.55
C ARG C 314 67.06 -23.54 80.67
N ALA C 315 67.50 -23.68 81.91
CA ALA C 315 66.85 -22.99 83.03
C ALA C 315 67.13 -21.49 82.92
N PHE C 316 66.05 -20.71 83.06
CA PHE C 316 66.02 -19.27 82.72
C PHE C 316 66.49 -19.04 81.28
N GLY C 317 66.06 -19.93 80.37
CA GLY C 317 66.41 -19.87 78.96
C GLY C 317 65.60 -18.91 78.14
N LEU C 318 64.59 -18.28 78.76
CA LEU C 318 63.85 -17.15 78.21
C LEU C 318 64.68 -15.89 78.45
N VAL C 319 64.08 -14.69 78.39
CA VAL C 319 64.62 -13.43 77.85
C VAL C 319 66.14 -13.22 77.90
N GLY C 320 66.81 -13.76 78.93
CA GLY C 320 68.26 -13.82 79.04
C GLY C 320 69.07 -14.18 77.81
N GLN C 321 68.71 -15.23 77.07
CA GLN C 321 69.46 -15.59 75.88
C GLN C 321 68.95 -14.92 74.60
N SER C 322 67.74 -14.34 74.63
CA SER C 322 67.37 -13.41 73.58
C SER C 322 68.19 -12.12 73.68
N PHE C 323 68.63 -11.80 74.91
CA PHE C 323 69.64 -10.76 75.10
C PHE C 323 71.01 -11.24 74.61
N CYS C 324 71.28 -12.54 74.70
CA CYS C 324 72.53 -13.07 74.18
C CYS C 324 72.53 -13.19 72.66
N ALA C 325 71.36 -13.42 72.06
CA ALA C 325 71.28 -13.49 70.60
C ALA C 325 71.57 -12.13 69.98
N ALA C 326 71.23 -11.06 70.67
CA ALA C 326 71.74 -9.73 70.31
C ALA C 326 73.24 -9.66 70.52
N LEU C 327 73.70 -10.11 71.70
CA LEU C 327 75.12 -10.06 72.11
C LEU C 327 76.05 -10.79 71.16
N HIS C 328 75.54 -11.72 70.35
CA HIS C 328 76.31 -12.37 69.32
C HIS C 328 76.28 -11.61 67.99
N GLN C 329 75.22 -10.84 67.74
CA GLN C 329 75.13 -10.04 66.52
C GLN C 329 75.93 -8.76 66.57
N GLU C 330 76.21 -8.23 67.76
CA GLU C 330 77.14 -7.13 67.91
C GLU C 330 78.53 -7.59 68.29
N LEU C 331 78.67 -8.84 68.72
CA LEU C 331 79.95 -9.53 68.60
C LEU C 331 80.33 -9.67 67.13
N LYS C 332 79.32 -9.96 66.28
CA LYS C 332 79.52 -10.11 64.84
C LYS C 332 80.04 -8.83 64.18
N GLU C 333 79.56 -7.68 64.65
CA GLU C 333 79.93 -6.42 64.03
C GLU C 333 81.38 -6.03 64.32
N TYR C 334 81.93 -6.47 65.45
CA TYR C 334 83.35 -6.30 65.71
C TYR C 334 84.20 -7.08 64.71
N TYR C 335 83.74 -8.26 64.27
CA TYR C 335 84.58 -9.07 63.41
C TYR C 335 84.65 -8.51 61.99
N ARG C 336 83.65 -7.76 61.54
CA ARG C 336 83.66 -7.31 60.15
C ARG C 336 84.69 -6.21 59.91
N LEU C 337 85.01 -5.43 60.94
CA LEU C 337 86.11 -4.49 60.82
C LEU C 337 87.45 -5.15 61.12
N LEU C 338 87.43 -6.38 61.66
CA LEU C 338 88.65 -7.14 61.79
C LEU C 338 89.13 -7.69 60.45
N SER C 339 88.24 -7.83 59.48
CA SER C 339 88.65 -8.37 58.18
C SER C 339 89.22 -7.31 57.25
N VAL C 340 88.74 -6.07 57.35
CA VAL C 340 89.35 -5.00 56.57
C VAL C 340 90.75 -4.69 57.07
N LEU C 341 91.06 -5.03 58.33
CA LEU C 341 92.39 -4.74 58.86
C LEU C 341 93.44 -5.74 58.36
N HIS C 342 93.05 -6.98 58.04
CA HIS C 342 94.03 -7.91 57.47
C HIS C 342 94.18 -7.73 55.96
N SER C 343 93.14 -7.26 55.27
CA SER C 343 93.30 -6.92 53.87
C SER C 343 94.19 -5.71 53.69
N GLN C 344 94.31 -4.87 54.73
CA GLN C 344 95.38 -3.89 54.78
C GLN C 344 96.73 -4.56 54.97
N LEU C 345 96.78 -5.69 55.68
CA LEU C 345 98.07 -6.27 56.08
C LEU C 345 98.79 -6.92 54.90
N GLN C 346 98.14 -7.85 54.22
CA GLN C 346 98.77 -8.55 53.11
C GLN C 346 98.82 -7.66 51.87
N VAL C 347 99.57 -8.11 50.86
CA VAL C 347 99.66 -7.39 49.61
C VAL C 347 98.69 -7.99 48.61
N GLU C 348 98.20 -7.15 47.71
CA GLU C 348 97.26 -7.56 46.66
C GLU C 348 97.26 -6.55 45.52
N SER C 359 100.76 0.63 52.30
CA SER C 359 99.66 -0.32 52.21
C SER C 359 99.71 -1.33 53.35
N SER C 360 100.79 -2.11 53.40
CA SER C 360 100.95 -3.14 54.42
C SER C 360 101.17 -2.53 55.81
N LEU C 361 101.77 -1.34 55.87
CA LEU C 361 102.01 -0.69 57.14
C LEU C 361 100.70 -0.10 57.67
N THR C 362 100.34 -0.48 58.90
CA THR C 362 99.19 0.09 59.59
C THR C 362 99.70 1.10 60.60
N LEU C 363 99.33 2.37 60.40
CA LEU C 363 99.84 3.45 61.27
C LEU C 363 98.69 4.05 62.09
N ARG C 364 98.79 5.33 62.43
CA ARG C 364 97.78 5.99 63.29
C ARG C 364 96.40 6.03 62.64
N ARG C 365 96.33 5.93 61.30
CA ARG C 365 95.00 5.86 60.64
C ARG C 365 94.20 4.74 61.30
N LEU C 366 94.74 3.52 61.24
CA LEU C 366 94.03 2.35 61.82
C LEU C 366 94.16 2.40 63.34
N LEU C 367 95.21 3.06 63.85
CA LEU C 367 95.34 3.22 65.31
C LEU C 367 94.06 3.88 65.84
N VAL C 368 93.49 4.80 65.05
CA VAL C 368 92.21 5.45 65.47
C VAL C 368 91.04 4.60 64.97
N TRP C 369 91.10 4.10 63.74
CA TRP C 369 90.03 3.21 63.25
C TRP C 369 89.63 2.27 64.39
N THR C 370 90.60 1.87 65.21
CA THR C 370 90.36 0.93 66.31
C THR C 370 89.51 1.51 67.42
N PHE C 371 89.45 2.84 67.57
CA PHE C 371 88.70 3.34 68.72
C PHE C 371 87.20 3.40 68.44
N ASP C 372 86.77 3.14 67.20
CA ASP C 372 85.34 3.04 66.95
C ASP C 372 84.85 1.65 67.38
N PRO C 373 85.61 0.54 67.21
CA PRO C 373 85.31 -0.66 68.00
C PRO C 373 85.34 -0.46 69.51
N LYS C 374 86.25 0.38 70.01
CA LYS C 374 86.36 0.68 71.44
C LYS C 374 85.09 1.25 72.01
N ILE C 375 84.55 2.30 71.39
CA ILE C 375 83.32 2.89 71.88
C ILE C 375 82.14 1.96 71.57
N ARG C 376 82.28 1.11 70.56
CA ARG C 376 81.27 0.07 70.31
C ARG C 376 81.32 -1.00 71.39
N LEU C 377 82.52 -1.38 71.81
CA LEU C 377 82.64 -2.38 72.85
C LEU C 377 82.39 -1.82 74.24
N LYS C 378 82.64 -0.52 74.44
CA LYS C 378 82.26 0.09 75.72
C LYS C 378 80.75 0.15 75.87
N THR C 379 80.03 0.25 74.75
CA THR C 379 78.58 0.17 74.77
C THR C 379 78.11 -1.21 75.22
N LEU C 380 78.74 -2.26 74.68
CA LEU C 380 78.47 -3.61 75.15
C LEU C 380 79.06 -3.88 76.52
N ALA C 381 80.05 -3.09 76.95
CA ALA C 381 80.59 -3.25 78.30
C ALA C 381 79.67 -2.66 79.35
N ALA C 382 79.07 -1.50 79.06
CA ALA C 382 78.08 -0.94 79.96
C ALA C 382 76.80 -1.75 79.92
N LEU C 383 76.55 -2.46 78.82
CA LEU C 383 75.36 -3.28 78.70
C LEU C 383 75.49 -4.57 79.50
N VAL C 384 76.71 -5.03 79.76
CA VAL C 384 76.91 -6.33 80.39
C VAL C 384 77.17 -6.14 81.89
N ASP C 385 77.66 -4.96 82.28
CA ASP C 385 77.96 -4.71 83.68
C ASP C 385 76.69 -4.53 84.51
N HIS C 386 75.60 -4.12 83.87
CA HIS C 386 74.31 -4.00 84.55
C HIS C 386 73.78 -5.37 84.98
N CYS C 387 73.92 -6.37 84.12
CA CYS C 387 73.23 -7.65 84.30
C CYS C 387 74.24 -8.78 84.40
N GLN C 388 74.36 -9.38 85.58
CA GLN C 388 75.04 -10.65 85.72
C GLN C 388 74.10 -11.83 85.54
N GLY C 389 72.82 -11.67 85.90
CA GLY C 389 71.85 -12.72 85.75
C GLY C 389 71.19 -12.73 84.38
N ARG C 390 70.48 -13.82 84.09
CA ARG C 390 69.81 -14.02 82.82
C ARG C 390 68.30 -14.19 82.98
N LYS C 391 67.74 -13.69 84.08
CA LYS C 391 66.30 -13.77 84.31
C LYS C 391 65.63 -12.54 83.72
N GLY C 392 64.56 -12.76 82.97
CA GLY C 392 63.82 -11.66 82.36
C GLY C 392 63.05 -10.86 83.40
N GLY C 393 62.48 -9.74 82.92
CA GLY C 393 61.79 -8.83 83.80
C GLY C 393 62.71 -7.76 84.35
N GLU C 394 63.76 -8.19 85.06
CA GLU C 394 64.78 -7.24 85.50
C GLU C 394 65.69 -6.80 84.37
N LEU C 395 65.74 -7.56 83.26
CA LEU C 395 66.45 -7.10 82.08
C LEU C 395 65.70 -5.98 81.39
N ALA C 396 64.37 -5.95 81.55
CA ALA C 396 63.56 -4.91 80.91
C ALA C 396 63.65 -3.58 81.66
N SER C 397 63.94 -3.62 82.95
CA SER C 397 64.24 -2.39 83.66
C SER C 397 65.69 -1.95 83.48
N ALA C 398 66.53 -2.81 82.89
CA ALA C 398 67.93 -2.49 82.70
C ALA C 398 68.15 -1.68 81.42
N VAL C 399 67.63 -2.16 80.29
CA VAL C 399 67.82 -1.46 79.03
C VAL C 399 66.92 -0.23 78.92
N HIS C 400 65.83 -0.18 79.68
CA HIS C 400 65.01 1.03 79.73
C HIS C 400 65.66 2.10 80.60
N ALA C 401 66.53 1.72 81.53
CA ALA C 401 67.34 2.69 82.25
C ALA C 401 68.49 3.20 81.41
N TYR C 402 68.82 2.51 80.31
CA TYR C 402 69.87 2.94 79.40
C TYR C 402 69.36 3.78 78.24
N THR C 403 68.04 3.84 78.03
CA THR C 403 67.48 4.71 77.01
C THR C 403 66.98 6.04 77.55
N LYS C 404 66.86 6.18 78.88
CA LYS C 404 66.60 7.49 79.46
C LYS C 404 67.82 8.39 79.37
N THR C 405 69.00 7.80 79.22
CA THR C 405 70.18 8.54 78.81
C THR C 405 70.00 9.04 77.38
N GLY C 406 70.44 10.27 77.13
CA GLY C 406 70.32 10.89 75.82
C GLY C 406 71.39 10.44 74.86
N ASP C 407 71.79 11.37 73.96
CA ASP C 407 72.90 11.22 73.01
C ASP C 407 72.73 10.02 72.09
N PRO C 408 71.91 10.12 71.03
CA PRO C 408 71.58 8.95 70.19
C PRO C 408 72.76 8.43 69.37
N TYR C 409 73.79 7.96 70.07
CA TYR C 409 74.88 7.18 69.50
C TYR C 409 74.81 5.74 69.99
N MET C 410 74.82 5.54 71.30
CA MET C 410 74.51 4.26 71.92
C MET C 410 73.03 4.17 72.30
N ARG C 411 72.30 5.29 72.29
CA ARG C 411 70.88 5.24 72.60
C ARG C 411 70.10 4.56 71.49
N SER C 412 70.59 4.65 70.25
CA SER C 412 70.01 3.85 69.18
C SER C 412 70.36 2.38 69.34
N LEU C 413 71.52 2.06 69.92
CA LEU C 413 71.93 0.68 70.07
C LEU C 413 71.15 -0.02 71.18
N VAL C 414 70.91 0.68 72.31
CA VAL C 414 70.08 0.08 73.34
C VAL C 414 68.61 0.14 72.98
N GLN C 415 68.23 0.96 72.00
CA GLN C 415 66.87 0.90 71.48
C GLN C 415 66.67 -0.36 70.65
N HIS C 416 67.74 -0.85 70.02
CA HIS C 416 67.69 -2.16 69.37
C HIS C 416 67.55 -3.27 70.40
N ILE C 417 68.08 -3.07 71.60
CA ILE C 417 67.99 -4.10 72.63
C ILE C 417 66.63 -4.07 73.32
N LEU C 418 66.08 -2.87 73.58
CA LEU C 418 64.77 -2.81 74.23
C LEU C 418 63.66 -3.25 73.30
N GLY C 419 63.87 -3.14 71.99
CA GLY C 419 62.95 -3.76 71.05
C GLY C 419 63.09 -5.26 70.98
N LEU C 420 64.20 -5.80 71.47
CA LEU C 420 64.45 -7.24 71.48
C LEU C 420 64.31 -7.87 72.85
N VAL C 421 64.62 -7.12 73.92
CA VAL C 421 64.33 -7.61 75.28
C VAL C 421 62.83 -7.69 75.49
N ALA C 422 62.08 -6.72 74.98
CA ALA C 422 60.64 -6.75 75.09
C ALA C 422 59.99 -7.81 74.21
N TYR C 423 60.69 -8.30 73.18
CA TYR C 423 60.04 -9.14 72.18
C TYR C 423 59.61 -10.51 72.71
N PRO C 424 60.29 -11.12 73.70
CA PRO C 424 59.60 -12.18 74.46
C PRO C 424 58.55 -11.67 75.43
N ILE C 425 58.74 -10.46 75.98
CA ILE C 425 57.81 -9.93 76.99
C ILE C 425 56.45 -9.64 76.37
N LEU C 426 56.42 -8.91 75.25
CA LEU C 426 55.14 -8.66 74.61
C LEU C 426 54.62 -9.85 73.82
N ASN C 427 55.44 -10.86 73.55
CA ASN C 427 54.92 -12.13 73.03
C ASN C 427 54.18 -12.93 74.08
N PHE C 428 54.38 -12.64 75.37
CA PHE C 428 53.50 -13.20 76.39
C PHE C 428 52.13 -12.55 76.32
N LEU C 429 52.07 -11.28 75.90
CA LEU C 429 50.86 -10.48 76.09
C LEU C 429 49.77 -10.85 75.10
N TYR C 430 49.98 -10.57 73.82
CA TYR C 430 48.86 -10.47 72.89
C TYR C 430 48.29 -11.84 72.54
N ARG C 431 49.07 -12.91 72.67
CA ARG C 431 48.45 -14.23 72.61
C ARG C 431 47.57 -14.49 73.82
N TRP C 432 48.00 -14.08 75.02
CA TRP C 432 47.17 -14.27 76.20
C TRP C 432 45.94 -13.36 76.17
N ILE C 433 45.96 -12.29 75.38
CA ILE C 433 44.75 -11.52 75.12
C ILE C 433 43.88 -12.23 74.07
N TYR C 434 44.51 -12.82 73.05
CA TYR C 434 43.75 -13.35 71.93
C TYR C 434 43.31 -14.81 72.12
N ASP C 435 44.19 -15.71 72.59
CA ASP C 435 43.74 -17.07 72.82
C ASP C 435 43.80 -17.48 74.29
N GLY C 436 44.87 -17.15 75.00
CA GLY C 436 44.98 -17.46 76.41
C GLY C 436 45.32 -18.92 76.70
N GLU C 437 46.36 -19.43 76.04
CA GLU C 437 46.88 -20.77 76.30
C GLU C 437 48.23 -20.61 76.97
N LEU C 438 48.32 -21.10 78.22
CA LEU C 438 49.42 -20.73 79.11
C LEU C 438 50.71 -21.43 78.72
N GLU C 439 51.79 -20.67 78.63
CA GLU C 439 53.06 -21.15 78.07
C GLU C 439 54.25 -20.67 78.90
N ASP C 440 54.17 -20.81 80.22
CA ASP C 440 55.28 -20.43 81.08
C ASP C 440 56.04 -21.66 81.59
N THR C 441 57.33 -21.49 81.78
CA THR C 441 58.19 -22.51 82.38
C THR C 441 58.97 -21.98 83.57
N TYR C 442 59.43 -20.73 83.51
CA TYR C 442 60.16 -20.11 84.61
C TYR C 442 59.63 -18.72 84.93
N HIS C 443 58.42 -18.37 84.46
CA HIS C 443 57.76 -17.08 84.68
C HIS C 443 58.61 -15.91 84.17
N GLU C 444 58.82 -15.90 82.85
CA GLU C 444 59.61 -14.83 82.24
C GLU C 444 58.85 -13.51 82.22
N PHE C 445 57.53 -13.56 82.25
CA PHE C 445 56.67 -12.39 82.33
C PHE C 445 56.43 -12.06 83.78
N PHE C 446 55.95 -10.83 84.04
CA PHE C 446 55.62 -10.50 85.41
C PHE C 446 54.30 -11.11 85.86
N VAL C 447 53.48 -11.58 84.93
CA VAL C 447 52.29 -12.35 85.24
C VAL C 447 52.65 -13.82 85.11
N ALA C 448 52.91 -14.48 86.23
CA ALA C 448 53.10 -15.92 86.22
C ALA C 448 51.74 -16.60 86.15
N SER C 449 51.47 -17.26 85.03
CA SER C 449 50.17 -17.86 84.79
C SER C 449 50.12 -19.24 85.45
N ASP C 450 49.07 -19.45 86.26
CA ASP C 450 48.80 -20.65 87.05
C ASP C 450 49.99 -21.10 87.90
N PRO C 451 50.35 -20.40 88.98
CA PRO C 451 51.23 -21.00 89.99
C PRO C 451 50.49 -21.63 91.15
N VAL C 452 49.17 -21.47 91.20
CA VAL C 452 48.32 -22.02 92.25
C VAL C 452 47.49 -23.13 91.63
N VAL C 453 47.12 -24.12 92.45
CA VAL C 453 46.33 -25.25 91.99
C VAL C 453 44.95 -24.78 91.53
N LYS C 454 44.40 -25.45 90.52
CA LYS C 454 43.16 -25.03 89.88
C LYS C 454 41.98 -25.22 90.83
N THR C 455 41.21 -24.15 91.02
CA THR C 455 40.03 -24.18 91.86
C THR C 455 38.89 -23.52 91.11
N ASP C 456 37.66 -23.75 91.59
CA ASP C 456 36.50 -23.05 91.04
C ASP C 456 36.56 -21.58 91.44
N ARG C 457 36.00 -20.73 90.57
CA ARG C 457 36.26 -19.31 90.64
C ARG C 457 35.42 -18.66 91.74
N LEU C 458 36.09 -18.15 92.77
CA LEU C 458 35.46 -17.36 93.82
C LEU C 458 35.98 -15.92 93.80
N TRP C 459 36.26 -15.43 92.58
CA TRP C 459 37.01 -14.19 92.32
C TRP C 459 38.36 -14.19 93.04
N HIS C 460 39.06 -15.31 92.97
CA HIS C 460 40.39 -15.42 93.56
C HIS C 460 41.44 -15.05 92.53
N ASP C 461 42.45 -14.32 92.97
CA ASP C 461 43.52 -13.84 92.09
C ASP C 461 44.59 -14.92 91.97
N LYS C 462 44.63 -15.59 90.81
CA LYS C 462 45.68 -16.54 90.51
C LYS C 462 46.85 -15.90 89.76
N TYR C 463 46.64 -14.73 89.16
CA TYR C 463 47.64 -14.06 88.34
C TYR C 463 48.15 -12.84 89.12
N SER C 464 49.22 -13.04 89.88
CA SER C 464 49.88 -11.94 90.58
C SER C 464 50.83 -11.23 89.63
N LEU C 465 51.06 -9.93 89.88
CA LEU C 465 51.84 -9.14 88.95
C LEU C 465 53.31 -8.99 89.32
N ARG C 466 53.68 -9.26 90.59
CA ARG C 466 55.08 -9.45 90.99
C ARG C 466 56.01 -8.27 90.72
N LYS C 467 55.91 -7.21 91.55
CA LYS C 467 56.67 -5.95 91.45
C LYS C 467 58.16 -6.08 91.14
N SER C 468 58.78 -7.17 91.55
CA SER C 468 60.22 -7.40 91.39
C SER C 468 60.63 -7.75 89.96
N MET C 469 59.69 -7.80 89.00
CA MET C 469 60.06 -8.10 87.62
C MET C 469 59.25 -7.28 86.61
N ILE C 470 58.89 -6.05 86.97
CA ILE C 470 58.07 -5.21 86.10
C ILE C 470 58.96 -4.55 85.05
N PRO C 471 58.60 -4.57 83.77
CA PRO C 471 59.30 -3.76 82.78
C PRO C 471 59.06 -2.27 83.01
N SER C 472 60.08 -1.47 82.73
CA SER C 472 60.01 -0.03 82.96
C SER C 472 59.31 0.72 81.83
N PHE C 473 59.01 0.06 80.71
CA PHE C 473 58.18 0.67 79.69
C PHE C 473 56.69 0.42 79.93
N MET C 474 56.36 -0.45 80.88
CA MET C 474 54.99 -0.71 81.29
C MET C 474 54.77 -0.04 82.64
N THR C 475 53.89 0.96 82.67
CA THR C 475 53.62 1.68 83.91
C THR C 475 52.67 0.89 84.79
N MET C 476 52.34 1.44 85.95
CA MET C 476 51.61 0.70 86.97
C MET C 476 50.14 0.52 86.62
N ASP C 477 49.52 1.50 85.97
CA ASP C 477 48.13 1.36 85.57
C ASP C 477 47.96 0.44 84.37
N GLN C 478 49.02 0.20 83.60
CA GLN C 478 48.97 -0.76 82.50
C GLN C 478 49.26 -2.18 82.94
N SER C 479 50.00 -2.36 84.03
CA SER C 479 50.26 -3.70 84.55
C SER C 479 49.01 -4.29 85.21
N ARG C 480 48.23 -3.44 85.88
CA ARG C 480 46.92 -3.86 86.35
C ARG C 480 45.90 -3.98 85.22
N LYS C 481 46.15 -3.32 84.09
CA LYS C 481 45.23 -3.41 82.96
C LYS C 481 45.34 -4.75 82.26
N VAL C 482 46.57 -5.22 81.99
CA VAL C 482 46.75 -6.48 81.30
C VAL C 482 46.40 -7.67 82.17
N LEU C 483 46.40 -7.49 83.50
CA LEU C 483 45.79 -8.48 84.37
C LEU C 483 44.28 -8.53 84.19
N LEU C 484 43.67 -7.36 83.96
CA LEU C 484 42.21 -7.29 83.87
C LEU C 484 41.70 -7.90 82.58
N ILE C 485 42.46 -7.79 81.50
CA ILE C 485 42.08 -8.48 80.26
C ILE C 485 42.43 -9.95 80.35
N GLY C 486 43.52 -10.28 81.04
CA GLY C 486 43.92 -11.67 81.17
C GLY C 486 43.07 -12.46 82.14
N LYS C 487 42.43 -11.79 83.09
CA LYS C 487 41.50 -12.48 83.98
C LYS C 487 40.15 -12.71 83.31
N SER C 488 39.73 -11.79 82.44
CA SER C 488 38.45 -11.92 81.77
C SER C 488 38.51 -12.89 80.60
N ILE C 489 39.69 -13.08 80.00
CA ILE C 489 39.82 -13.99 78.87
C ILE C 489 39.77 -15.44 79.35
N ASN C 490 40.16 -15.69 80.60
CA ASN C 490 40.11 -17.06 81.14
C ASN C 490 38.71 -17.38 81.65
N PHE C 491 37.94 -16.36 82.03
CA PHE C 491 36.58 -16.57 82.49
C PHE C 491 35.62 -16.88 81.35
N LEU C 492 35.99 -16.57 80.11
CA LEU C 492 35.17 -16.94 78.97
C LEU C 492 35.59 -18.25 78.33
N HIS C 493 36.62 -18.92 78.86
CA HIS C 493 36.94 -20.25 78.37
C HIS C 493 36.05 -21.29 79.02
N GLN C 494 35.74 -21.11 80.30
CA GLN C 494 34.90 -22.03 81.06
C GLN C 494 33.46 -21.54 81.18
N VAL C 495 32.98 -20.83 80.16
CA VAL C 495 31.60 -20.34 80.12
C VAL C 495 30.85 -21.23 79.13
N CYS C 496 31.37 -22.44 78.94
CA CYS C 496 31.01 -23.39 77.88
C CYS C 496 31.03 -22.72 76.50
N HIS C 497 32.11 -21.97 76.25
CA HIS C 497 32.39 -21.41 74.94
C HIS C 497 33.89 -21.39 74.74
N ASP C 498 34.35 -21.89 73.59
CA ASP C 498 35.74 -21.78 73.20
C ASP C 498 35.96 -20.66 72.18
N GLN C 499 34.96 -19.81 71.99
CA GLN C 499 34.99 -18.77 70.98
C GLN C 499 35.82 -17.59 71.46
N THR C 500 36.81 -17.21 70.67
CA THR C 500 37.58 -15.99 70.95
C THR C 500 36.65 -14.78 70.80
N PRO C 501 36.79 -13.73 71.68
CA PRO C 501 35.67 -12.80 71.94
C PRO C 501 34.98 -12.10 70.77
N ALA C 502 33.72 -12.49 70.57
CA ALA C 502 32.66 -11.86 69.77
C ALA C 502 32.89 -11.98 68.26
N SER C 503 34.03 -12.46 67.80
CA SER C 503 34.36 -12.62 66.38
C SER C 503 35.63 -13.45 66.29
N LYS C 504 35.94 -13.89 65.07
CA LYS C 504 37.27 -14.38 64.76
C LYS C 504 38.23 -13.26 64.41
N ALA C 505 37.82 -12.00 64.60
CA ALA C 505 38.67 -10.85 64.32
C ALA C 505 39.76 -10.66 65.37
N MET C 506 39.67 -11.35 66.51
CA MET C 506 40.77 -11.34 67.46
C MET C 506 41.95 -12.15 66.94
N ALA C 507 41.67 -13.16 66.09
CA ALA C 507 42.74 -13.97 65.52
C ALA C 507 43.39 -13.31 64.32
N VAL C 508 42.63 -12.49 63.60
CA VAL C 508 43.20 -11.65 62.50
C VAL C 508 44.16 -10.63 63.12
N GLY C 509 43.80 -10.09 64.29
CA GLY C 509 44.59 -9.02 64.94
C GLY C 509 45.99 -9.49 65.29
N LYS C 510 46.12 -10.71 65.81
CA LYS C 510 47.43 -11.27 66.19
C LYS C 510 48.31 -11.38 64.94
N SER C 511 47.73 -11.85 63.83
CA SER C 511 48.48 -11.96 62.56
C SER C 511 48.91 -10.56 62.11
N ALA C 512 48.01 -9.59 62.21
CA ALA C 512 48.40 -8.24 61.74
C ALA C 512 49.61 -7.83 62.58
N GLU C 513 49.52 -8.02 63.90
CA GLU C 513 50.59 -7.53 64.82
C GLU C 513 51.91 -8.21 64.46
N SER C 514 51.89 -9.53 64.19
CA SER C 514 53.15 -10.24 63.87
C SER C 514 53.78 -9.75 62.56
N PRO C 515 53.07 -9.63 61.42
CA PRO C 515 53.59 -8.82 60.30
C PRO C 515 54.03 -7.38 60.56
N LYS C 516 53.32 -6.63 61.40
CA LYS C 516 53.77 -5.25 61.73
C LYS C 516 55.14 -5.33 62.41
N ASP C 517 55.31 -6.29 63.32
CA ASP C 517 56.61 -6.49 64.03
C ASP C 517 57.68 -6.87 62.99
N ALA C 518 57.31 -7.72 62.03
CA ALA C 518 58.24 -8.15 60.96
C ALA C 518 58.70 -6.95 60.15
N ALA C 519 57.77 -6.04 59.83
CA ALA C 519 58.06 -4.92 58.89
C ALA C 519 58.86 -3.82 59.62
N GLU C 520 58.76 -3.79 60.95
CA GLU C 520 59.20 -2.65 61.74
C GLU C 520 60.67 -2.83 62.12
N LEU C 521 61.40 -1.70 62.19
CA LEU C 521 62.86 -1.77 62.16
C LEU C 521 63.45 -2.33 63.46
N PHE C 522 63.37 -1.61 64.58
CA PHE C 522 63.75 -2.16 65.87
C PHE C 522 62.92 -1.63 67.03
N THR C 523 61.96 -0.74 66.79
CA THR C 523 61.40 0.04 67.89
C THR C 523 60.31 -0.75 68.62
N ASP C 524 60.31 -0.63 69.94
CA ASP C 524 59.24 -1.16 70.76
C ASP C 524 58.19 -0.08 70.94
N LEU C 525 56.98 -0.35 70.47
CA LEU C 525 55.88 0.58 70.66
C LEU C 525 55.29 0.39 72.05
N GLU C 526 55.06 1.50 72.74
CA GLU C 526 54.40 1.48 74.04
C GLU C 526 53.29 2.51 74.17
N ASN C 527 53.29 3.57 73.37
CA ASN C 527 52.21 4.55 73.37
C ASN C 527 51.07 4.14 72.45
N ALA C 528 51.38 3.47 71.34
CA ALA C 528 50.36 2.91 70.47
C ALA C 528 50.01 1.47 70.82
N PHE C 529 50.90 0.79 71.53
CA PHE C 529 50.61 -0.57 72.00
C PHE C 529 49.54 -0.56 73.07
N GLN C 530 49.51 0.47 73.91
CA GLN C 530 48.51 0.57 74.96
C GLN C 530 47.16 1.04 74.44
N THR C 531 47.06 1.46 73.17
CA THR C 531 45.81 2.02 72.66
C THR C 531 44.87 0.94 72.14
N LYS C 532 45.37 0.01 71.33
CA LYS C 532 44.48 -1.00 70.79
C LYS C 532 44.23 -2.15 71.74
N ILE C 533 44.91 -2.19 72.89
CA ILE C 533 44.49 -3.12 73.93
C ILE C 533 43.31 -2.56 74.72
N ASP C 534 43.06 -1.25 74.65
CA ASP C 534 41.79 -0.71 75.11
C ASP C 534 40.66 -1.26 74.24
N ALA C 535 40.87 -1.25 72.92
CA ALA C 535 39.91 -1.74 71.94
C ALA C 535 39.72 -3.25 71.99
N ALA C 536 40.60 -3.98 72.69
CA ALA C 536 40.36 -5.37 73.00
C ALA C 536 39.74 -5.55 74.38
N TYR C 537 40.10 -4.67 75.33
CA TYR C 537 39.56 -4.77 76.69
C TYR C 537 38.08 -4.41 76.74
N PHE C 538 37.70 -3.35 76.04
CA PHE C 538 36.29 -2.99 75.95
C PHE C 538 35.54 -3.98 75.07
N ASP C 539 36.24 -4.63 74.14
CA ASP C 539 35.65 -5.66 73.29
C ASP C 539 35.29 -6.90 74.10
N THR C 540 36.25 -7.44 74.85
CA THR C 540 36.03 -8.71 75.53
C THR C 540 35.15 -8.57 76.76
N SER C 541 34.89 -7.36 77.23
CA SER C 541 34.07 -7.19 78.43
C SER C 541 32.59 -7.15 78.09
N LYS C 542 32.24 -6.52 76.96
CA LYS C 542 30.82 -6.44 76.60
C LYS C 542 30.31 -7.76 76.05
N TYR C 543 31.18 -8.50 75.35
CA TYR C 543 30.81 -9.83 74.87
C TYR C 543 30.64 -10.80 76.03
N LEU C 544 31.45 -10.66 77.07
CA LEU C 544 31.32 -11.49 78.26
C LEU C 544 30.08 -11.12 79.07
N LEU C 545 29.57 -9.91 78.90
CA LEU C 545 28.25 -9.56 79.44
C LEU C 545 27.11 -10.01 78.54
N ASP C 546 27.39 -10.45 77.32
CA ASP C 546 26.34 -10.85 76.41
C ASP C 546 26.10 -12.36 76.43
N VAL C 547 27.07 -13.13 76.93
CA VAL C 547 26.89 -14.58 77.02
C VAL C 547 26.01 -14.93 78.21
N LEU C 548 26.03 -14.11 79.27
CA LEU C 548 25.11 -14.35 80.39
C LEU C 548 23.68 -14.03 79.98
N ASN C 549 23.50 -13.03 79.12
CA ASN C 549 22.17 -12.62 78.68
C ASN C 549 21.55 -13.67 77.78
N LYS C 550 22.37 -14.40 77.03
CA LYS C 550 21.85 -15.42 76.13
C LYS C 550 21.56 -16.73 76.85
N ASN C 551 22.30 -17.03 77.92
CA ASN C 551 22.25 -18.36 78.51
C ASN C 551 21.88 -18.39 79.98
N TYR C 552 22.39 -17.47 80.79
CA TYR C 552 22.37 -17.65 82.24
C TYR C 552 21.53 -16.63 82.98
N ASN C 553 21.36 -15.42 82.44
CA ASN C 553 20.64 -14.30 83.06
C ASN C 553 21.22 -13.96 84.43
N LEU C 554 22.48 -13.49 84.40
CA LEU C 554 23.25 -13.25 85.61
C LEU C 554 22.68 -12.08 86.42
N LEU C 555 22.62 -10.90 85.82
CA LEU C 555 22.12 -9.73 86.53
C LEU C 555 20.61 -9.74 86.68
N GLU C 556 19.91 -10.63 85.96
CA GLU C 556 18.50 -10.87 86.27
C GLU C 556 18.35 -11.57 87.61
N HIS C 557 19.31 -12.42 87.97
CA HIS C 557 19.31 -13.04 89.28
C HIS C 557 19.73 -12.07 90.37
N MET C 558 20.35 -10.94 90.01
CA MET C 558 20.60 -9.88 90.98
C MET C 558 19.30 -9.21 91.41
N GLN C 559 18.41 -8.94 90.46
CA GLN C 559 17.09 -8.42 90.79
C GLN C 559 16.22 -9.50 91.45
N ALA C 560 16.48 -10.76 91.13
CA ALA C 560 15.62 -11.85 91.57
C ALA C 560 15.77 -12.13 93.07
N MET C 561 17.01 -12.10 93.57
CA MET C 561 17.26 -12.39 94.98
C MET C 561 16.69 -11.30 95.89
N ARG C 562 16.51 -10.08 95.37
CA ARG C 562 15.92 -9.00 96.17
C ARG C 562 14.43 -9.26 96.47
N ARG C 563 13.77 -10.10 95.69
CA ARG C 563 12.37 -10.42 95.93
C ARG C 563 12.19 -11.47 97.03
N TYR C 564 13.23 -12.20 97.40
CA TYR C 564 13.11 -13.29 98.36
C TYR C 564 13.92 -13.06 99.64
N LEU C 565 15.22 -12.79 99.53
CA LEU C 565 15.98 -12.54 100.76
C LEU C 565 15.83 -11.09 101.23
N LEU C 566 15.65 -10.16 100.30
CA LEU C 566 15.45 -8.76 100.63
C LEU C 566 13.97 -8.39 100.65
N LEU C 567 13.09 -9.29 100.20
CA LEU C 567 11.63 -9.19 100.28
C LEU C 567 11.11 -7.96 99.52
N GLY C 568 11.41 -7.94 98.22
CA GLY C 568 10.99 -6.85 97.37
C GLY C 568 9.51 -6.83 97.12
N GLN C 569 8.98 -7.92 96.58
CA GLN C 569 7.54 -8.08 96.38
C GLN C 569 6.96 -8.88 97.54
N GLY C 570 5.98 -8.29 98.24
CA GLY C 570 5.49 -8.86 99.48
C GLY C 570 4.50 -9.98 99.31
N ASP C 571 3.84 -10.08 98.15
CA ASP C 571 2.84 -11.12 97.93
C ASP C 571 3.47 -12.51 97.85
N PHE C 572 4.74 -12.61 97.48
CA PHE C 572 5.44 -13.89 97.51
C PHE C 572 5.70 -14.33 98.94
N ILE C 573 5.87 -13.38 99.86
CA ILE C 573 6.24 -13.68 101.23
C ILE C 573 5.05 -13.65 102.18
N ARG C 574 4.00 -12.87 101.86
CA ARG C 574 2.83 -12.84 102.73
C ARG C 574 1.99 -14.10 102.58
N HIS C 575 1.77 -14.57 101.35
CA HIS C 575 1.13 -15.86 101.14
C HIS C 575 2.01 -17.01 101.61
N LEU C 576 3.32 -16.80 101.64
CA LEU C 576 4.20 -17.70 102.36
C LEU C 576 3.84 -17.63 103.84
N MET C 577 4.11 -16.48 104.50
CA MET C 577 4.08 -16.35 105.96
C MET C 577 2.70 -16.62 106.57
N ASP C 578 1.63 -16.48 105.79
CA ASP C 578 0.31 -16.92 106.23
C ASP C 578 0.27 -18.44 106.39
N LEU C 579 0.73 -19.17 105.36
CA LEU C 579 0.74 -20.63 105.40
C LEU C 579 1.84 -21.17 106.29
N LEU C 580 2.79 -20.34 106.70
CA LEU C 580 3.98 -20.84 107.37
C LEU C 580 3.80 -20.81 108.88
N LYS C 581 2.90 -19.95 109.37
CA LYS C 581 2.64 -19.83 110.81
C LYS C 581 2.06 -21.06 111.52
N PRO C 582 1.14 -21.86 110.95
CA PRO C 582 0.73 -23.10 111.67
C PRO C 582 1.83 -24.14 111.86
N GLU C 583 2.97 -23.99 111.20
CA GLU C 583 4.12 -24.87 111.42
C GLU C 583 5.18 -24.25 112.32
N LEU C 584 5.26 -22.92 112.37
CA LEU C 584 6.27 -22.26 113.17
C LEU C 584 5.88 -22.12 114.64
N VAL C 585 4.60 -22.28 114.96
CA VAL C 585 4.16 -22.17 116.35
C VAL C 585 4.53 -23.39 117.17
N ARG C 586 4.74 -24.54 116.52
CA ARG C 586 5.21 -25.72 117.24
C ARG C 586 6.73 -25.80 117.15
N PRO C 587 7.39 -26.46 118.12
CA PRO C 587 8.85 -26.65 118.00
C PRO C 587 9.20 -27.57 116.84
N ALA C 588 10.37 -27.33 116.26
CA ALA C 588 10.80 -28.07 115.09
C ALA C 588 11.22 -29.49 115.46
N THR C 589 11.03 -30.41 114.51
CA THR C 589 11.36 -31.81 114.71
C THR C 589 12.19 -32.36 113.55
N THR C 590 12.37 -33.68 113.51
CA THR C 590 12.99 -34.32 112.35
C THR C 590 12.09 -34.21 111.13
N LEU C 591 10.77 -34.32 111.34
CA LEU C 591 9.79 -34.27 110.25
C LEU C 591 9.40 -32.84 109.88
N TYR C 592 10.27 -31.87 110.15
CA TYR C 592 9.95 -30.47 109.90
C TYR C 592 10.24 -30.06 108.46
N GLN C 593 11.14 -30.75 107.78
CA GLN C 593 11.61 -30.30 106.47
C GLN C 593 10.69 -30.72 105.32
N HIS C 594 10.11 -31.93 105.39
CA HIS C 594 9.39 -32.46 104.24
C HIS C 594 8.06 -31.76 104.02
N ASN C 595 7.49 -31.14 105.05
CA ASN C 595 6.29 -30.33 104.85
C ASN C 595 6.62 -28.92 104.41
N LEU C 596 7.81 -28.42 104.75
CA LEU C 596 8.17 -27.05 104.39
C LEU C 596 8.49 -26.91 102.91
N THR C 597 8.98 -27.98 102.29
CA THR C 597 9.14 -27.94 100.83
C THR C 597 7.79 -27.99 100.13
N GLY C 598 6.81 -28.68 100.71
CA GLY C 598 5.47 -28.68 100.14
C GLY C 598 4.72 -27.39 100.39
N ILE C 599 4.98 -26.73 101.53
CA ILE C 599 4.33 -25.46 101.80
C ILE C 599 5.05 -24.31 101.08
N LEU C 600 6.28 -24.53 100.62
CA LEU C 600 6.92 -23.56 99.74
C LEU C 600 6.36 -23.66 98.32
N GLU C 601 6.13 -24.89 97.86
CA GLU C 601 5.75 -25.11 96.47
C GLU C 601 4.29 -24.77 96.20
N THR C 602 3.41 -24.94 97.18
CA THR C 602 2.03 -24.50 97.02
C THR C 602 1.83 -23.04 97.37
N ALA C 603 2.88 -22.37 97.87
CA ALA C 603 2.80 -20.92 98.04
C ALA C 603 3.24 -20.17 96.79
N VAL C 604 4.08 -20.78 95.96
CA VAL C 604 4.57 -20.12 94.76
C VAL C 604 3.69 -20.39 93.53
N ARG C 605 2.64 -21.17 93.66
CA ARG C 605 1.70 -21.38 92.57
C ARG C 605 0.38 -20.66 92.77
N ALA C 606 0.03 -20.33 94.01
CA ALA C 606 -1.13 -19.49 94.25
C ALA C 606 -0.87 -18.04 93.87
N THR C 607 0.39 -17.64 93.76
CA THR C 607 0.75 -16.27 93.43
C THR C 607 1.29 -16.10 92.01
N ASN C 608 1.49 -17.19 91.28
CA ASN C 608 2.15 -17.13 89.98
C ASN C 608 1.40 -17.92 88.93
N ALA C 609 1.46 -17.41 87.70
CA ALA C 609 1.01 -18.14 86.53
C ALA C 609 1.99 -18.03 85.37
N GLN C 610 3.10 -17.31 85.54
CA GLN C 610 4.10 -17.14 84.50
C GLN C 610 5.52 -17.36 85.00
N PHE C 611 5.71 -17.58 86.30
CA PHE C 611 7.00 -17.70 86.94
C PHE C 611 7.62 -19.09 86.75
N ASP C 612 6.89 -20.01 86.12
CA ASP C 612 7.45 -21.31 85.77
C ASP C 612 8.47 -21.23 84.65
N ASN C 613 8.43 -20.18 83.83
CA ASN C 613 9.32 -19.98 82.70
C ASN C 613 10.79 -19.70 83.07
N PRO C 614 11.13 -18.78 84.05
CA PRO C 614 12.57 -18.60 84.35
C PRO C 614 13.20 -19.74 85.13
N GLU C 615 14.45 -19.55 85.53
CA GLU C 615 15.25 -20.57 86.19
C GLU C 615 15.56 -20.19 87.62
N ILE C 616 14.55 -19.70 88.33
CA ILE C 616 14.72 -19.16 89.67
C ILE C 616 14.23 -20.10 90.76
N LEU C 617 13.15 -20.85 90.50
CA LEU C 617 12.60 -21.79 91.49
C LEU C 617 13.57 -22.92 91.80
N LYS C 618 14.41 -23.30 90.84
CA LYS C 618 15.45 -24.30 91.07
C LYS C 618 16.70 -23.72 91.71
N ARG C 619 16.83 -22.39 91.76
CA ARG C 619 17.96 -21.75 92.40
C ARG C 619 17.59 -21.06 93.71
N LEU C 620 16.48 -21.46 94.32
CA LEU C 620 16.10 -21.05 95.66
C LEU C 620 15.56 -22.26 96.40
N ASP C 621 15.95 -22.38 97.67
CA ASP C 621 15.59 -23.53 98.50
C ASP C 621 15.30 -23.04 99.90
N VAL C 622 15.09 -23.99 100.82
CA VAL C 622 14.83 -23.70 102.23
C VAL C 622 16.09 -24.04 103.02
N ARG C 623 16.56 -23.09 103.82
CA ARG C 623 17.76 -23.26 104.64
C ARG C 623 17.35 -23.33 106.10
N LEU C 624 17.89 -24.31 106.83
CA LEU C 624 17.55 -24.52 108.23
C LEU C 624 18.83 -24.82 109.01
N LEU C 625 18.81 -24.49 110.29
CA LEU C 625 20.00 -24.54 111.12
C LEU C 625 20.12 -25.90 111.84
N GLU C 626 21.13 -26.01 112.70
CA GLU C 626 21.38 -27.20 113.49
C GLU C 626 20.85 -27.08 114.92
N VAL C 627 19.94 -26.13 115.16
CA VAL C 627 19.44 -25.84 116.50
C VAL C 627 18.62 -27.02 117.02
N SER C 628 18.81 -27.33 118.30
CA SER C 628 18.13 -28.43 118.98
C SER C 628 16.62 -28.25 118.94
N PRO C 629 15.85 -29.34 118.98
CA PRO C 629 14.39 -29.25 118.85
C PRO C 629 13.66 -28.63 120.03
N GLY C 630 14.35 -28.10 121.04
CA GLY C 630 13.68 -27.43 122.14
C GLY C 630 13.60 -25.93 121.99
N ASP C 631 13.37 -25.46 120.76
CA ASP C 631 13.24 -24.04 120.49
C ASP C 631 11.77 -23.69 120.24
N THR C 632 11.52 -22.41 119.97
CA THR C 632 10.16 -21.97 119.66
C THR C 632 9.73 -22.36 118.25
N GLY C 633 10.66 -22.67 117.36
CA GLY C 633 10.34 -23.09 116.02
C GLY C 633 10.26 -21.97 115.00
N TRP C 634 10.36 -20.72 115.42
CA TRP C 634 10.23 -19.59 114.49
C TRP C 634 11.55 -19.21 113.83
N ASP C 635 12.68 -19.41 114.51
CA ASP C 635 13.98 -18.95 114.02
C ASP C 635 14.68 -19.94 113.11
N VAL C 636 14.13 -21.14 112.92
CA VAL C 636 14.82 -22.14 112.13
C VAL C 636 14.60 -21.92 110.64
N PHE C 637 13.45 -21.37 110.24
CA PHE C 637 13.09 -21.25 108.83
C PHE C 637 13.77 -20.05 108.19
N SER C 638 14.38 -20.28 107.03
CA SER C 638 14.89 -19.20 106.19
C SER C 638 14.99 -19.72 104.76
N LEU C 639 14.93 -18.79 103.81
CA LEU C 639 15.13 -19.10 102.40
C LEU C 639 16.54 -18.69 101.99
N ASP C 640 17.11 -19.45 101.05
CA ASP C 640 18.45 -19.17 100.55
C ASP C 640 18.44 -19.28 99.03
N TYR C 641 19.30 -18.49 98.39
CA TYR C 641 19.44 -18.50 96.94
C TYR C 641 20.58 -19.45 96.57
N HIS C 642 20.22 -20.54 95.90
CA HIS C 642 21.18 -21.57 95.53
C HIS C 642 21.89 -21.21 94.22
N VAL C 643 23.14 -21.66 94.11
CA VAL C 643 23.94 -21.46 92.91
C VAL C 643 24.62 -22.77 92.54
N ASP C 644 24.73 -23.04 91.24
CA ASP C 644 25.38 -24.27 90.78
C ASP C 644 26.61 -24.00 89.93
N GLY C 645 26.50 -23.26 88.83
CA GLY C 645 27.57 -23.18 87.86
C GLY C 645 28.13 -21.79 87.64
N PRO C 646 27.82 -21.18 86.51
CA PRO C 646 28.34 -19.83 86.22
C PRO C 646 27.71 -18.74 87.08
N ILE C 647 26.59 -19.03 87.76
CA ILE C 647 26.06 -18.09 88.72
C ILE C 647 26.92 -18.09 89.98
N ALA C 648 27.64 -19.18 90.23
CA ALA C 648 28.59 -19.24 91.34
C ALA C 648 29.91 -18.55 91.02
N THR C 649 30.10 -18.05 89.80
CA THR C 649 31.23 -17.17 89.54
C THR C 649 31.02 -15.82 90.21
N VAL C 650 29.83 -15.24 90.04
CA VAL C 650 29.51 -13.95 90.65
C VAL C 650 29.06 -14.10 92.10
N PHE C 651 28.77 -15.32 92.55
CA PHE C 651 28.33 -15.57 93.92
C PHE C 651 29.28 -16.58 94.57
N THR C 652 30.17 -16.09 95.42
CA THR C 652 31.10 -16.93 96.18
C THR C 652 30.51 -17.28 97.55
N ARG C 653 31.37 -17.78 98.45
CA ARG C 653 30.88 -18.24 99.74
C ARG C 653 30.54 -17.08 100.69
N GLU C 654 31.18 -15.92 100.51
CA GLU C 654 30.96 -14.84 101.47
C GLU C 654 29.63 -14.10 101.24
N CYS C 655 28.98 -14.28 100.09
CA CYS C 655 27.83 -13.45 99.78
C CYS C 655 26.59 -13.92 100.54
N MET C 656 26.24 -15.21 100.40
CA MET C 656 25.02 -15.69 101.05
C MET C 656 25.20 -15.93 102.54
N SER C 657 26.44 -15.97 103.04
CA SER C 657 26.64 -16.03 104.49
C SER C 657 26.25 -14.71 105.14
N HIS C 658 26.38 -13.61 104.40
CA HIS C 658 25.88 -12.32 104.88
C HIS C 658 24.38 -12.19 104.62
N TYR C 659 23.87 -12.85 103.58
CA TYR C 659 22.44 -12.80 103.28
C TYR C 659 21.60 -13.59 104.27
N LEU C 660 22.17 -14.53 105.02
CA LEU C 660 21.42 -15.16 106.10
C LEU C 660 21.15 -14.15 107.20
N ARG C 661 22.11 -13.26 107.45
CA ARG C 661 22.04 -12.31 108.56
C ARG C 661 21.05 -11.19 108.26
N VAL C 662 21.03 -10.70 107.02
CA VAL C 662 20.06 -9.68 106.64
C VAL C 662 18.66 -10.26 106.50
N PHE C 663 18.55 -11.59 106.35
CA PHE C 663 17.24 -12.22 106.27
C PHE C 663 16.59 -12.30 107.65
N ASN C 664 17.37 -12.65 108.68
CA ASN C 664 16.79 -12.94 110.00
C ASN C 664 16.22 -11.70 110.65
N PHE C 665 16.83 -10.54 110.45
CA PHE C 665 16.25 -9.31 110.97
C PHE C 665 15.02 -8.90 110.16
N LEU C 666 15.06 -9.14 108.86
CA LEU C 666 13.92 -8.80 108.01
C LEU C 666 12.80 -9.81 108.13
N TRP C 667 13.13 -11.08 108.40
CA TRP C 667 12.08 -12.06 108.71
C TRP C 667 11.44 -11.76 110.05
N ARG C 668 12.22 -11.33 111.03
CA ARG C 668 11.66 -10.95 112.32
C ARG C 668 10.91 -9.63 112.24
N ALA C 669 11.22 -8.78 111.27
CA ALA C 669 10.44 -7.57 111.07
C ALA C 669 9.06 -7.90 110.51
N LYS C 670 8.99 -8.87 109.61
CA LYS C 670 7.69 -9.34 109.11
C LYS C 670 7.04 -10.32 110.07
N ARG C 671 7.81 -10.97 110.93
CA ARG C 671 7.23 -11.78 112.00
C ARG C 671 6.46 -10.92 112.99
N MET C 672 7.04 -9.78 113.37
CA MET C 672 6.35 -8.85 114.26
C MET C 672 5.11 -8.27 113.60
N GLU C 673 5.18 -8.00 112.29
CA GLU C 673 4.06 -7.42 111.55
C GLU C 673 2.86 -8.36 111.52
N TYR C 674 3.10 -9.66 111.34
CA TYR C 674 2.00 -10.59 111.18
C TYR C 674 1.43 -11.07 112.51
N ILE C 675 2.19 -10.99 113.61
CA ILE C 675 1.62 -11.34 114.89
C ILE C 675 0.84 -10.16 115.48
N LEU C 676 1.20 -8.92 115.13
CA LEU C 676 0.36 -7.80 115.52
C LEU C 676 -0.84 -7.67 114.59
N THR C 677 -0.75 -8.26 113.39
CA THR C 677 -1.92 -8.41 112.52
C THR C 677 -2.99 -9.27 113.19
N ASP C 678 -2.56 -10.35 113.85
CA ASP C 678 -3.50 -11.25 114.51
C ASP C 678 -4.12 -10.60 115.74
N ILE C 679 -3.36 -9.77 116.46
CA ILE C 679 -3.91 -9.13 117.65
C ILE C 679 -4.75 -7.91 117.27
N TRP C 680 -4.55 -7.34 116.09
CA TRP C 680 -5.44 -6.27 115.64
C TRP C 680 -6.79 -6.83 115.21
N LYS C 681 -6.78 -7.99 114.55
CA LYS C 681 -8.03 -8.68 114.28
C LYS C 681 -8.64 -9.25 115.56
N GLY C 682 -7.79 -9.59 116.53
CA GLY C 682 -8.27 -10.00 117.84
C GLY C 682 -8.90 -8.88 118.64
N HIS C 683 -8.58 -7.63 118.31
CA HIS C 683 -9.29 -6.50 118.90
C HIS C 683 -10.74 -6.45 118.43
N MET C 684 -10.95 -6.60 117.12
CA MET C 684 -12.26 -6.46 116.54
C MET C 684 -13.09 -7.74 116.62
N CYS C 685 -12.46 -8.87 116.95
CA CYS C 685 -13.19 -10.13 117.05
C CYS C 685 -13.93 -10.24 118.38
N ASN C 686 -13.22 -10.06 119.50
CA ASN C 686 -13.82 -10.25 120.81
C ASN C 686 -14.75 -9.10 121.19
N ALA C 687 -14.54 -7.91 120.63
CA ALA C 687 -15.33 -6.74 121.00
C ALA C 687 -16.76 -6.84 120.49
N LYS C 688 -16.97 -7.46 119.33
CA LYS C 688 -18.31 -7.60 118.79
C LYS C 688 -19.13 -8.64 119.53
N LEU C 689 -18.48 -9.56 120.26
CA LEU C 689 -19.19 -10.63 120.94
C LEU C 689 -19.46 -10.37 122.40
N LEU C 690 -18.79 -9.39 123.02
CA LEU C 690 -19.06 -9.03 124.40
C LEU C 690 -20.00 -7.84 124.53
N LYS C 691 -20.70 -7.48 123.46
CA LYS C 691 -21.69 -6.41 123.52
C LYS C 691 -22.90 -6.87 124.32
N GLY C 692 -23.18 -6.20 125.43
CA GLY C 692 -24.26 -6.59 126.31
C GLY C 692 -23.92 -6.40 127.76
N MET C 693 -22.63 -6.28 128.07
CA MET C 693 -22.17 -5.97 129.41
C MET C 693 -21.75 -4.51 129.48
N PRO C 694 -22.37 -3.70 130.34
CA PRO C 694 -22.05 -2.26 130.35
C PRO C 694 -20.71 -1.94 130.99
N GLU C 695 -20.15 -2.87 131.78
CA GLU C 695 -18.91 -2.59 132.51
C GLU C 695 -17.71 -2.71 131.57
N LEU C 696 -17.64 -3.82 130.84
CA LEU C 696 -16.57 -4.11 129.88
C LEU C 696 -16.63 -3.25 128.61
N SER C 697 -17.59 -2.34 128.50
CA SER C 697 -17.63 -1.39 127.40
C SER C 697 -16.42 -0.46 127.41
N GLY C 698 -16.30 0.37 128.44
CA GLY C 698 -15.19 1.31 128.54
C GLY C 698 -13.90 0.71 129.02
N VAL C 699 -13.89 -0.58 129.34
CA VAL C 699 -12.72 -1.24 129.87
C VAL C 699 -11.88 -1.81 128.73
N LEU C 700 -12.52 -2.30 127.68
CA LEU C 700 -11.84 -2.62 126.43
C LEU C 700 -11.47 -1.36 125.65
N HIS C 701 -12.15 -0.24 125.93
CA HIS C 701 -11.99 0.97 125.13
C HIS C 701 -10.63 1.63 125.38
N GLN C 702 -10.22 1.74 126.65
CA GLN C 702 -9.00 2.45 126.96
C GLN C 702 -7.75 1.62 126.67
N CYS C 703 -7.85 0.29 126.76
CA CYS C 703 -6.70 -0.55 126.44
C CYS C 703 -6.50 -0.67 124.94
N HIS C 704 -7.55 -0.42 124.14
CA HIS C 704 -7.36 -0.29 122.70
C HIS C 704 -6.60 0.98 122.35
N ILE C 705 -6.71 2.02 123.17
CA ILE C 705 -5.93 3.23 122.95
C ILE C 705 -4.46 2.99 123.26
N LEU C 706 -4.18 2.31 124.37
CA LEU C 706 -2.80 2.01 124.72
C LEU C 706 -2.21 0.89 123.86
N ALA C 707 -3.05 0.07 123.23
CA ALA C 707 -2.54 -0.86 122.23
C ALA C 707 -2.23 -0.15 120.93
N SER C 708 -3.10 0.78 120.51
CA SER C 708 -2.88 1.54 119.29
C SER C 708 -1.74 2.53 119.42
N GLU C 709 -1.35 2.88 120.65
CA GLU C 709 -0.11 3.62 120.87
C GLU C 709 1.09 2.79 120.44
N MET C 710 1.05 1.49 120.69
CA MET C 710 2.10 0.60 120.24
C MET C 710 1.90 0.13 118.80
N VAL C 711 0.68 0.28 118.25
CA VAL C 711 0.47 -0.07 116.85
C VAL C 711 1.04 1.01 115.94
N HIS C 712 0.71 2.28 116.21
CA HIS C 712 1.12 3.36 115.32
C HIS C 712 2.60 3.69 115.46
N PHE C 713 3.20 3.47 116.63
CA PHE C 713 4.62 3.78 116.80
C PHE C 713 5.51 2.72 116.18
N ILE C 714 5.11 1.45 116.26
CA ILE C 714 5.86 0.37 115.62
C ILE C 714 5.77 0.50 114.10
N HIS C 715 4.59 0.87 113.59
CA HIS C 715 4.36 0.95 112.15
C HIS C 715 5.21 2.03 111.49
N GLN C 716 5.21 3.24 112.05
CA GLN C 716 5.87 4.36 111.38
C GLN C 716 7.39 4.27 111.44
N MET C 717 7.96 3.40 112.27
CA MET C 717 9.39 3.15 112.19
C MET C 717 9.74 1.85 111.46
N GLN C 718 8.94 0.78 111.60
CA GLN C 718 9.28 -0.46 110.93
C GLN C 718 8.97 -0.42 109.43
N TYR C 719 8.03 0.42 109.00
CA TYR C 719 7.83 0.58 107.57
C TYR C 719 8.91 1.47 106.96
N TYR C 720 9.49 2.37 107.74
CA TYR C 720 10.33 3.43 107.20
C TYR C 720 11.82 3.10 107.26
N ILE C 721 12.25 2.19 108.15
CA ILE C 721 13.67 1.87 108.20
C ILE C 721 14.04 0.87 107.11
N THR C 722 13.14 -0.06 106.75
CA THR C 722 13.47 -1.05 105.75
C THR C 722 13.15 -0.59 104.34
N PHE C 723 12.28 0.40 104.18
CA PHE C 723 12.02 0.96 102.86
C PHE C 723 13.10 1.94 102.44
N GLU C 724 13.68 2.66 103.42
CA GLU C 724 14.72 3.63 103.09
C GLU C 724 16.02 2.94 102.69
N VAL C 725 16.38 1.86 103.39
CA VAL C 725 17.54 1.06 103.02
C VAL C 725 17.27 0.30 101.73
N LEU C 726 16.01 -0.02 101.47
CA LEU C 726 15.62 -0.53 100.14
C LEU C 726 15.85 0.52 99.07
N GLU C 727 15.68 1.80 99.40
CA GLU C 727 15.69 2.83 98.37
C GLU C 727 17.09 3.24 97.99
N CYS C 728 17.96 3.51 98.98
CA CYS C 728 19.30 4.02 98.69
C CYS C 728 20.23 2.98 98.06
N SER C 729 19.82 1.70 98.04
CA SER C 729 20.63 0.62 97.51
C SER C 729 20.09 -0.01 96.24
N TRP C 730 18.77 0.03 96.02
CA TRP C 730 18.22 -0.38 94.73
C TRP C 730 18.60 0.63 93.64
N ASP C 731 18.55 1.92 93.97
CA ASP C 731 18.90 2.97 93.02
C ASP C 731 20.40 3.22 92.95
N GLU C 732 21.21 2.48 93.71
CA GLU C 732 22.67 2.58 93.66
C GLU C 732 23.28 1.50 92.78
N LEU C 733 22.81 0.25 92.90
CA LEU C 733 23.38 -0.83 92.13
C LEU C 733 22.78 -0.92 90.73
N TRP C 734 21.45 -0.98 90.64
CA TRP C 734 20.76 -1.41 89.42
C TRP C 734 20.95 -0.44 88.26
N ASN C 735 21.10 0.85 88.55
CA ASN C 735 21.41 1.81 87.49
C ASN C 735 22.89 1.76 87.10
N LYS C 736 23.74 1.29 88.02
CA LYS C 736 25.19 1.31 87.82
C LYS C 736 25.67 0.17 86.93
N VAL C 737 24.94 -0.94 86.88
CA VAL C 737 25.44 -2.14 86.21
C VAL C 737 25.38 -2.03 84.69
N LEU C 738 24.55 -1.14 84.13
CA LEU C 738 24.52 -0.95 82.70
C LEU C 738 25.42 0.20 82.24
N LYS C 739 25.88 1.03 83.16
CA LYS C 739 26.78 2.13 82.82
C LYS C 739 28.22 1.68 82.70
N ALA C 740 28.70 0.83 83.61
CA ALA C 740 30.05 0.30 83.56
C ALA C 740 30.12 -0.85 82.58
N GLN C 741 31.31 -1.07 82.01
CA GLN C 741 31.49 -2.04 80.93
C GLN C 741 32.58 -3.05 81.31
N ASP C 742 32.19 -4.04 82.10
CA ASP C 742 33.08 -5.10 82.57
C ASP C 742 32.22 -6.22 83.13
N LEU C 743 32.85 -7.33 83.45
CA LEU C 743 32.22 -8.31 84.34
C LEU C 743 32.70 -8.15 85.78
N ASP C 744 33.95 -7.73 85.98
CA ASP C 744 34.45 -7.50 87.32
C ASP C 744 34.02 -6.16 87.89
N HIS C 745 33.61 -5.21 87.06
CA HIS C 745 32.98 -4.02 87.62
C HIS C 745 31.54 -4.27 88.03
N ILE C 746 30.92 -5.33 87.50
CA ILE C 746 29.63 -5.78 88.03
C ILE C 746 29.80 -6.25 89.47
N ILE C 747 30.83 -7.07 89.71
CA ILE C 747 31.05 -7.54 91.08
C ILE C 747 31.70 -6.45 91.94
N ALA C 748 32.46 -5.52 91.34
CA ALA C 748 32.99 -4.40 92.12
C ALA C 748 31.89 -3.44 92.54
N ALA C 749 30.90 -3.24 91.69
CA ALA C 749 29.69 -2.54 92.12
C ALA C 749 28.85 -3.43 93.03
N HIS C 750 28.97 -4.75 92.91
CA HIS C 750 28.20 -5.62 93.78
C HIS C 750 28.86 -5.74 95.15
N ASP C 751 30.19 -5.89 95.22
CA ASP C 751 30.84 -6.12 96.51
C ASP C 751 30.81 -4.88 97.41
N VAL C 752 30.56 -3.71 96.84
CA VAL C 752 30.25 -2.53 97.64
C VAL C 752 28.75 -2.42 97.93
N PHE C 753 27.91 -3.11 97.16
CA PHE C 753 26.47 -3.03 97.40
C PHE C 753 26.04 -3.87 98.59
N LEU C 754 26.42 -5.15 98.61
CA LEU C 754 25.79 -6.09 99.54
C LEU C 754 26.31 -5.99 100.97
N ASP C 755 27.35 -5.18 101.21
CA ASP C 755 27.79 -4.93 102.58
C ASP C 755 27.40 -3.55 103.08
N THR C 756 26.93 -2.65 102.21
CA THR C 756 26.38 -1.38 102.67
C THR C 756 24.92 -1.50 103.07
N ILE C 757 24.21 -2.49 102.53
CA ILE C 757 22.80 -2.63 102.84
C ILE C 757 22.60 -3.34 104.18
N ILE C 758 23.46 -4.32 104.50
CA ILE C 758 23.35 -5.02 105.77
C ILE C 758 23.90 -4.15 106.91
N SER C 759 24.85 -3.26 106.63
CA SER C 759 25.32 -2.32 107.65
C SER C 759 24.27 -1.29 107.98
N ARG C 760 23.46 -0.90 107.00
CA ARG C 760 22.31 -0.05 107.28
C ARG C 760 21.12 -0.87 107.77
N CYS C 761 21.18 -2.19 107.68
CA CYS C 761 20.08 -3.01 108.20
C CYS C 761 20.20 -3.20 109.71
N LEU C 762 21.20 -3.98 110.14
CA LEU C 762 21.39 -4.20 111.56
C LEU C 762 22.86 -4.27 111.98
N LEU C 763 23.72 -4.72 111.06
CA LEU C 763 24.96 -5.39 111.45
C LEU C 763 26.19 -4.52 111.21
N ASP C 764 26.81 -4.10 112.30
CA ASP C 764 28.17 -3.55 112.28
C ASP C 764 28.89 -4.00 113.54
N SER C 765 30.19 -3.72 113.60
CA SER C 765 30.92 -3.92 114.85
C SER C 765 30.65 -2.82 115.85
N GLU C 766 30.15 -1.66 115.38
CA GLU C 766 29.79 -0.55 116.24
C GLU C 766 28.29 -0.43 116.44
N SER C 767 27.51 -1.33 115.85
CA SER C 767 26.06 -1.25 115.88
C SER C 767 25.46 -1.92 117.12
N ARG C 768 26.26 -2.20 118.15
CA ARG C 768 25.77 -2.89 119.34
C ARG C 768 24.76 -2.07 120.13
N ALA C 769 24.73 -0.75 119.93
CA ALA C 769 23.68 0.07 120.49
C ALA C 769 22.38 -0.02 119.70
N LEU C 770 22.43 -0.48 118.45
CA LEU C 770 21.23 -0.58 117.63
C LEU C 770 20.43 -1.84 117.96
N LEU C 771 21.05 -3.01 117.80
CA LEU C 771 20.33 -4.27 117.95
C LEU C 771 20.09 -4.66 119.41
N ASN C 772 20.66 -3.93 120.37
CA ASN C 772 20.26 -4.14 121.76
C ASN C 772 18.90 -3.53 122.04
N GLN C 773 18.62 -2.38 121.45
CA GLN C 773 17.30 -1.74 121.60
C GLN C 773 16.28 -2.30 120.63
N LEU C 774 16.72 -2.76 119.44
CA LEU C 774 15.78 -3.35 118.49
C LEU C 774 15.33 -4.74 118.90
N ARG C 775 16.06 -5.39 119.82
CA ARG C 775 15.59 -6.63 120.41
C ARG C 775 14.83 -6.39 121.71
N ALA C 776 15.08 -5.26 122.39
CA ALA C 776 14.33 -4.92 123.58
C ALA C 776 12.91 -4.47 123.26
N VAL C 777 12.67 -4.02 122.04
CA VAL C 777 11.31 -3.78 121.58
C VAL C 777 10.71 -5.03 120.96
N PHE C 778 11.56 -5.97 120.51
CA PHE C 778 11.07 -7.19 119.87
C PHE C 778 10.39 -8.11 120.87
N ASP C 779 10.99 -8.29 122.06
CA ASP C 779 10.35 -9.11 123.07
C ASP C 779 9.26 -8.36 123.83
N GLN C 780 9.23 -7.03 123.74
CA GLN C 780 8.19 -6.27 124.41
C GLN C 780 6.85 -6.43 123.72
N ILE C 781 6.86 -6.57 122.38
CA ILE C 781 5.61 -6.82 121.67
C ILE C 781 5.15 -8.27 121.83
N ILE C 782 6.06 -9.17 122.22
CA ILE C 782 5.66 -10.52 122.59
C ILE C 782 4.97 -10.51 123.94
N GLU C 783 5.55 -9.79 124.91
CA GLU C 783 4.99 -9.76 126.25
C GLU C 783 3.69 -8.94 126.30
N PHE C 784 3.53 -8.00 125.37
CA PHE C 784 2.25 -7.31 125.25
C PHE C 784 1.20 -8.17 124.58
N GLN C 785 1.62 -9.12 123.74
CA GLN C 785 0.65 -9.92 123.00
C GLN C 785 0.10 -11.06 123.83
N ASN C 786 0.99 -11.82 124.49
CA ASN C 786 0.54 -13.02 125.20
C ASN C 786 -0.26 -12.70 126.45
N ALA C 787 -0.12 -11.50 127.01
CA ALA C 787 -0.92 -11.10 128.16
C ALA C 787 -2.31 -10.62 127.76
N GLN C 788 -2.51 -10.22 126.51
CA GLN C 788 -3.82 -9.79 126.06
C GLN C 788 -4.79 -10.96 125.96
N ASP C 789 -4.39 -12.01 125.25
CA ASP C 789 -5.22 -13.20 125.11
C ASP C 789 -5.07 -14.15 126.29
N ALA C 790 -4.25 -13.81 127.28
CA ALA C 790 -4.38 -14.41 128.60
C ALA C 790 -5.55 -13.81 129.36
N LEU C 791 -6.06 -12.65 128.92
CA LEU C 791 -7.20 -12.01 129.56
C LEU C 791 -8.35 -11.71 128.61
N TYR C 792 -8.13 -11.67 127.30
CA TYR C 792 -9.27 -11.67 126.38
C TYR C 792 -10.02 -12.99 126.44
N ARG C 793 -9.29 -14.09 126.62
CA ARG C 793 -9.95 -15.39 126.86
C ARG C 793 -10.73 -15.37 128.17
N ALA C 794 -10.13 -14.82 129.23
CA ALA C 794 -10.80 -14.73 130.53
C ALA C 794 -11.98 -13.77 130.49
N ALA C 795 -12.02 -12.83 129.54
CA ALA C 795 -13.16 -11.95 129.40
C ALA C 795 -14.27 -12.57 128.57
N LEU C 796 -13.94 -13.51 127.67
CA LEU C 796 -14.98 -14.03 126.79
C LEU C 796 -15.65 -15.29 127.33
N GLU C 797 -14.89 -16.20 127.96
CA GLU C 797 -15.46 -17.49 128.32
C GLU C 797 -16.45 -17.38 129.47
N GLU C 798 -16.23 -16.45 130.40
CA GLU C 798 -17.15 -16.28 131.51
C GLU C 798 -18.42 -15.55 131.10
N LEU C 799 -18.40 -14.84 129.98
CA LEU C 799 -19.61 -14.26 129.42
C LEU C 799 -20.42 -15.27 128.62
N GLN C 800 -19.76 -16.31 128.08
CA GLN C 800 -20.50 -17.37 127.40
C GLN C 800 -21.34 -18.19 128.37
N GLN C 801 -20.90 -18.29 129.63
CA GLN C 801 -21.69 -18.96 130.65
C GLN C 801 -22.91 -18.11 131.02
N ARG C 802 -22.78 -16.79 130.92
CA ARG C 802 -23.88 -15.90 131.31
C ARG C 802 -25.04 -15.97 130.32
N LEU C 803 -24.74 -16.07 129.02
CA LEU C 803 -25.80 -16.09 128.02
C LEU C 803 -26.54 -17.43 127.96
N GLN C 804 -25.84 -18.55 128.18
CA GLN C 804 -26.53 -19.82 128.18
C GLN C 804 -27.29 -20.06 129.48
N PHE C 805 -26.93 -19.36 130.56
CA PHE C 805 -27.72 -19.43 131.78
C PHE C 805 -29.00 -18.61 131.64
N GLU C 806 -29.00 -17.58 130.79
CA GLU C 806 -30.20 -16.83 130.50
C GLU C 806 -31.18 -17.67 129.68
N GLU C 807 -30.67 -18.58 128.84
CA GLU C 807 -31.52 -19.49 128.11
C GLU C 807 -32.19 -20.51 129.03
N ARG C 808 -31.58 -20.78 130.19
CA ARG C 808 -32.19 -21.67 131.16
C ARG C 808 -33.31 -21.01 131.96
N LYS C 809 -33.45 -19.68 131.86
CA LYS C 809 -34.51 -19.00 132.59
C LYS C 809 -35.84 -19.08 131.86
N LYS C 810 -35.83 -19.25 130.55
CA LYS C 810 -37.09 -19.33 129.79
C LYS C 810 -37.65 -20.74 129.75
N GLU C 811 -36.78 -21.77 129.74
CA GLU C 811 -37.26 -23.14 129.64
C GLU C 811 -37.83 -23.64 130.96
N ARG C 812 -37.40 -23.06 132.09
CA ARG C 812 -37.93 -23.48 133.38
C ARG C 812 -39.37 -23.03 133.59
N GLU C 813 -39.81 -21.99 132.89
CA GLU C 813 -41.23 -21.63 132.90
C GLU C 813 -42.03 -22.49 131.93
N SER C 814 -41.40 -22.95 130.85
CA SER C 814 -42.07 -23.79 129.86
C SER C 814 -42.18 -25.24 130.31
N GLU C 815 -41.19 -25.74 131.04
CA GLU C 815 -41.19 -27.12 131.49
C GLU C 815 -42.07 -27.27 132.73
N THR C 821 -34.17 -21.38 142.86
CA THR C 821 -34.18 -19.97 142.46
C THR C 821 -33.10 -19.20 143.22
N ALA C 822 -33.04 -19.41 144.53
CA ALA C 822 -32.07 -18.71 145.37
C ALA C 822 -30.64 -19.16 145.09
N ALA C 823 -30.46 -20.44 144.72
CA ALA C 823 -29.15 -20.89 144.27
C ALA C 823 -28.83 -20.36 142.88
N GLU C 824 -29.86 -20.08 142.08
CA GLU C 824 -29.64 -19.50 140.76
C GLU C 824 -29.24 -18.03 140.87
N GLU C 825 -29.69 -17.35 141.91
CA GLU C 825 -29.22 -15.99 142.18
C GLU C 825 -27.80 -15.99 142.75
N ASP C 826 -27.44 -17.05 143.49
CA ASP C 826 -26.11 -17.10 144.09
C ASP C 826 -25.04 -17.37 143.05
N VAL C 827 -25.35 -18.18 142.04
CA VAL C 827 -24.38 -18.41 140.97
C VAL C 827 -24.31 -17.20 140.05
N GLU C 828 -25.34 -16.36 140.03
CA GLU C 828 -25.20 -15.03 139.42
C GLU C 828 -24.26 -14.17 140.22
N ASN C 829 -24.31 -14.27 141.57
CA ASN C 829 -23.42 -13.50 142.42
C ASN C 829 -21.99 -14.03 142.38
N LYS C 830 -21.79 -15.31 142.07
CA LYS C 830 -20.44 -15.81 141.87
C LYS C 830 -19.84 -15.28 140.58
N ARG C 831 -20.62 -15.28 139.50
CA ARG C 831 -20.09 -14.93 138.18
C ARG C 831 -19.75 -13.45 138.08
N ILE C 832 -20.54 -12.59 138.74
CA ILE C 832 -20.21 -11.17 138.73
C ILE C 832 -18.98 -10.89 139.59
N GLN C 833 -18.67 -11.76 140.55
CA GLN C 833 -17.41 -11.66 141.28
C GLN C 833 -16.24 -12.12 140.42
N GLU C 834 -16.45 -13.16 139.59
CA GLU C 834 -15.43 -13.52 138.61
C GLU C 834 -15.32 -12.46 137.52
N PHE C 835 -16.42 -11.76 137.21
CA PHE C 835 -16.31 -10.56 136.39
C PHE C 835 -15.57 -9.46 137.16
N GLN C 836 -15.81 -9.36 138.48
CA GLN C 836 -15.19 -8.30 139.27
C GLN C 836 -13.71 -8.59 139.51
N GLU C 837 -13.36 -9.86 139.71
CA GLU C 837 -11.95 -10.19 139.91
C GLU C 837 -11.14 -9.96 138.65
N SER C 838 -11.76 -10.13 137.49
CA SER C 838 -11.06 -10.02 136.21
C SER C 838 -10.56 -8.61 135.95
N ILE C 839 -11.29 -7.59 136.39
CA ILE C 839 -11.05 -6.26 135.84
C ILE C 839 -9.89 -5.49 136.51
N PRO C 840 -9.63 -5.54 137.83
CA PRO C 840 -8.37 -4.98 138.31
C PRO C 840 -7.15 -5.83 138.04
N LYS C 841 -7.33 -7.11 137.72
CA LYS C 841 -6.19 -7.90 137.27
C LYS C 841 -5.67 -7.37 135.94
N MET C 842 -6.56 -7.22 134.96
CA MET C 842 -6.16 -6.66 133.66
C MET C 842 -5.77 -5.19 133.80
N ARG C 843 -6.38 -4.46 134.73
CA ARG C 843 -5.89 -3.14 135.08
C ARG C 843 -4.49 -3.19 135.68
N SER C 844 -4.18 -4.21 136.47
CA SER C 844 -2.84 -4.30 137.06
C SER C 844 -1.80 -4.71 136.03
N GLN C 845 -2.13 -5.67 135.16
CA GLN C 845 -1.14 -6.09 134.17
C GLN C 845 -1.01 -5.14 133.00
N LEU C 846 -2.01 -4.28 132.73
CA LEU C 846 -1.85 -3.34 131.64
C LEU C 846 -1.01 -2.14 132.06
N ARG C 847 -1.21 -1.62 133.28
CA ARG C 847 -0.50 -0.43 133.71
C ARG C 847 0.97 -0.68 133.98
N ILE C 848 1.39 -1.94 134.11
CA ILE C 848 2.81 -2.24 134.27
C ILE C 848 3.51 -2.48 132.94
N LEU C 849 2.77 -2.91 131.91
CA LEU C 849 3.38 -3.09 130.59
C LEU C 849 3.50 -1.78 129.83
N THR C 850 2.59 -0.84 130.06
CA THR C 850 2.74 0.49 129.48
C THR C 850 3.77 1.32 130.23
N HIS C 851 4.10 0.97 131.47
CA HIS C 851 5.31 1.51 132.08
C HIS C 851 6.56 0.94 131.44
N PHE C 852 6.50 -0.30 130.97
CA PHE C 852 7.62 -0.86 130.21
C PHE C 852 7.70 -0.21 128.84
N TYR C 853 6.56 0.06 128.21
CA TYR C 853 6.54 0.70 126.90
C TYR C 853 7.03 2.13 126.97
N GLN C 854 6.73 2.83 128.07
CA GLN C 854 7.25 4.18 128.25
C GLN C 854 8.77 4.16 128.47
N GLY C 855 9.28 3.10 129.11
CA GLY C 855 10.72 2.96 129.28
C GLY C 855 11.44 2.50 128.03
N ILE C 856 10.74 1.85 127.10
CA ILE C 856 11.37 1.41 125.87
C ILE C 856 11.57 2.58 124.91
N VAL C 857 10.55 3.42 124.76
CA VAL C 857 10.58 4.54 123.81
C VAL C 857 11.62 5.58 124.24
N GLN C 858 11.73 5.84 125.54
CA GLN C 858 12.71 6.80 126.03
C GLN C 858 14.14 6.25 125.92
N GLN C 859 14.31 4.95 126.13
CA GLN C 859 15.64 4.36 125.97
C GLN C 859 15.99 4.11 124.52
N PHE C 860 15.00 4.11 123.63
CA PHE C 860 15.28 3.89 122.21
C PHE C 860 15.98 5.10 121.60
N LEU C 861 15.76 6.31 122.10
CA LEU C 861 16.48 7.49 121.52
C LEU C 861 18.02 7.34 121.51
N VAL C 862 18.64 7.50 122.69
CA VAL C 862 20.12 7.75 122.82
C VAL C 862 20.91 6.54 122.31
N LEU C 863 20.43 5.34 122.64
CA LEU C 863 21.11 4.09 122.22
C LEU C 863 21.11 4.01 120.69
N LEU C 864 19.97 4.33 120.06
CA LEU C 864 19.90 4.35 118.58
C LEU C 864 20.91 5.37 118.05
N THR C 865 21.06 6.51 118.76
CA THR C 865 22.04 7.54 118.35
C THR C 865 23.51 7.05 118.35
N THR C 866 24.02 6.35 119.38
CA THR C 866 25.50 6.45 119.67
C THR C 866 26.48 5.73 118.69
N SER C 867 27.41 6.44 118.02
CA SER C 867 28.37 5.73 117.19
C SER C 867 29.25 6.78 116.53
N THR C 868 30.12 6.33 115.60
CA THR C 868 31.27 7.11 115.15
C THR C 868 31.15 7.52 113.68
N ASP C 869 30.69 8.77 113.47
CA ASP C 869 30.74 9.58 112.23
C ASP C 869 30.49 8.83 110.92
N GLU C 870 29.38 8.11 110.87
CA GLU C 870 28.87 7.48 109.66
C GLU C 870 27.54 8.16 109.32
N SER C 871 26.72 7.54 108.46
CA SER C 871 25.34 7.98 108.29
C SER C 871 24.46 7.60 109.49
N LEU C 872 24.83 8.13 110.66
CA LEU C 872 24.04 8.04 111.89
C LEU C 872 23.25 9.31 112.14
N ARG C 873 23.68 10.44 111.57
CA ARG C 873 22.88 11.65 111.56
C ARG C 873 21.59 11.45 110.78
N PHE C 874 21.63 10.63 109.73
CA PHE C 874 20.42 10.27 109.01
C PHE C 874 19.54 9.34 109.84
N LEU C 875 20.15 8.53 110.71
CA LEU C 875 19.36 7.62 111.55
C LEU C 875 18.68 8.38 112.68
N SER C 876 19.39 9.33 113.31
CA SER C 876 18.82 10.11 114.39
C SER C 876 17.82 11.14 113.88
N PHE C 877 17.85 11.45 112.59
CA PHE C 877 16.88 12.39 112.02
C PHE C 877 15.49 11.77 111.94
N ARG C 878 15.40 10.47 111.72
CA ARG C 878 14.14 9.84 111.38
C ARG C 878 13.29 9.45 112.59
N LEU C 879 13.91 9.16 113.74
CA LEU C 879 13.15 8.62 114.86
C LEU C 879 12.49 9.69 115.71
N ASP C 880 13.16 10.82 115.94
CA ASP C 880 12.49 11.94 116.61
C ASP C 880 11.50 12.63 115.69
N PHE C 881 11.61 12.41 114.38
CA PHE C 881 10.58 12.82 113.44
C PHE C 881 9.34 11.94 113.55
N ASN C 882 9.50 10.68 113.95
CA ASN C 882 8.37 9.78 114.06
C ASN C 882 7.55 10.04 115.33
N GLU C 883 8.24 10.21 116.47
CA GLU C 883 7.53 10.32 117.74
C GLU C 883 6.85 11.66 117.93
N HIS C 884 7.26 12.69 117.20
CA HIS C 884 6.67 14.01 117.33
C HIS C 884 5.71 14.35 116.20
N TYR C 885 5.95 13.84 115.00
CA TYR C 885 5.11 14.14 113.85
C TYR C 885 4.50 12.88 113.28
N LEU D 209 118.94 9.07 61.62
CA LEU D 209 118.74 10.52 61.59
C LEU D 209 117.76 10.99 60.49
N PRO D 210 117.69 10.30 59.33
CA PRO D 210 116.45 10.37 58.55
C PRO D 210 115.41 9.35 58.97
N SER D 211 115.81 8.28 59.67
CA SER D 211 114.85 7.29 60.10
C SER D 211 113.98 7.80 61.25
N GLN D 212 114.52 8.69 62.08
CA GLN D 212 113.79 9.21 63.23
C GLN D 212 112.61 10.09 62.83
N GLU D 213 112.60 10.60 61.60
CA GLU D 213 111.46 11.38 61.12
C GLU D 213 110.27 10.49 60.78
N THR D 214 110.51 9.28 60.28
CA THR D 214 109.45 8.28 60.13
C THR D 214 109.11 7.61 61.45
N CYS D 215 110.12 7.44 62.34
CA CYS D 215 109.88 6.76 63.61
C CYS D 215 108.95 7.56 64.51
N LEU D 216 108.95 8.89 64.40
CA LEU D 216 107.94 9.68 65.09
C LEU D 216 106.62 9.70 64.36
N VAL D 217 106.61 9.52 63.03
CA VAL D 217 105.36 9.50 62.28
C VAL D 217 104.51 8.30 62.69
N GLU D 218 105.10 7.11 62.68
CA GLU D 218 104.37 5.90 63.07
C GLU D 218 103.96 5.93 64.54
N ASP D 219 104.77 6.58 65.39
CA ASP D 219 104.37 6.82 66.77
C ASP D 219 103.18 7.77 66.84
N LEU D 220 103.09 8.71 65.91
CA LEU D 220 102.04 9.72 65.94
C LEU D 220 100.69 9.20 65.46
N LEU D 221 100.69 8.31 64.47
CA LEU D 221 99.42 7.88 63.87
C LEU D 221 98.63 6.98 64.82
N TYR D 222 99.31 6.33 65.76
CA TYR D 222 98.63 5.54 66.79
C TYR D 222 98.14 6.44 67.93
N ILE D 223 98.75 7.60 68.12
CA ILE D 223 98.24 8.59 69.05
C ILE D 223 96.94 9.20 68.51
N LEU D 224 96.84 9.32 67.18
CA LEU D 224 95.69 9.97 66.54
C LEU D 224 94.41 9.17 66.70
N ILE D 225 94.51 7.84 66.85
CA ILE D 225 93.30 7.02 66.96
C ILE D 225 92.89 6.88 68.42
N GLY D 226 93.45 7.71 69.28
CA GLY D 226 93.02 7.83 70.66
C GLY D 226 93.64 6.87 71.63
N VAL D 227 94.66 6.12 71.21
CA VAL D 227 95.25 5.07 72.03
C VAL D 227 96.73 5.40 72.22
N ASP D 228 97.36 4.67 73.14
CA ASP D 228 98.73 4.97 73.55
C ASP D 228 99.73 4.56 72.47
N GLY D 229 100.73 5.41 72.26
CA GLY D 229 101.75 5.19 71.25
C GLY D 229 102.92 4.38 71.74
N ARG D 230 104.03 4.48 71.01
CA ARG D 230 105.23 3.72 71.31
C ARG D 230 106.08 4.42 72.35
N TYR D 231 106.49 5.65 72.07
CA TYR D 231 107.30 6.44 72.99
C TYR D 231 106.61 7.75 73.38
N ILE D 232 105.50 8.10 72.73
CA ILE D 232 104.71 9.26 73.15
C ILE D 232 103.80 8.76 74.27
N SER D 233 104.22 9.01 75.50
CA SER D 233 103.47 8.56 76.66
C SER D 233 102.27 9.46 76.90
N VAL D 234 101.18 8.87 77.38
CA VAL D 234 99.91 9.56 77.55
C VAL D 234 99.58 9.63 79.04
N GLN D 235 99.26 10.83 79.52
CA GLN D 235 98.98 11.05 80.93
C GLN D 235 97.48 11.18 81.15
N PRO D 236 96.82 10.21 81.80
CA PRO D 236 95.38 10.34 82.07
C PRO D 236 95.07 10.99 83.41
N LEU D 237 94.08 11.89 83.44
CA LEU D 237 93.65 12.55 84.66
C LEU D 237 92.15 12.78 84.61
N VAL D 238 91.50 12.74 85.78
CA VAL D 238 90.07 12.99 85.86
C VAL D 238 89.79 14.47 85.59
N GLY D 239 88.76 14.73 84.79
CA GLY D 239 88.46 16.08 84.35
C GLY D 239 89.58 16.67 83.50
N ARG D 240 89.98 15.96 82.45
CA ARG D 240 91.27 16.25 81.83
C ARG D 240 91.23 17.53 81.00
N GLN D 241 90.12 17.76 80.29
CA GLN D 241 89.95 18.84 79.29
C GLN D 241 91.18 18.93 78.37
N SER D 242 91.31 17.93 77.49
CA SER D 242 92.48 17.70 76.64
C SER D 242 93.73 17.37 77.45
N ARG D 243 93.77 16.14 77.99
CA ARG D 243 94.94 15.56 78.67
C ARG D 243 96.23 15.73 77.88
N SER D 244 97.34 15.86 78.60
CA SER D 244 98.61 16.12 77.91
C SER D 244 99.28 14.83 77.47
N PHE D 245 100.05 14.93 76.38
CA PHE D 245 100.81 13.81 75.82
C PHE D 245 102.29 14.18 75.91
N SER D 246 103.10 13.29 76.46
CA SER D 246 104.53 13.56 76.65
C SER D 246 105.32 13.00 75.48
N VAL D 247 105.94 13.89 74.70
CA VAL D 247 106.76 13.46 73.57
C VAL D 247 108.17 13.12 74.06
N GLU D 248 108.87 12.35 73.24
CA GLU D 248 110.24 11.94 73.50
C GLU D 248 111.19 13.05 73.06
N GLN D 249 112.37 13.07 73.69
CA GLN D 249 113.49 13.85 73.15
C GLN D 249 113.85 13.33 71.76
N ASN D 250 114.13 14.24 70.84
CA ASN D 250 114.48 13.86 69.49
C ASN D 250 115.74 14.61 69.06
N LEU D 251 116.17 14.31 67.83
CA LEU D 251 117.47 14.72 67.32
C LEU D 251 117.44 16.00 66.51
N ASP D 252 116.28 16.63 66.33
CA ASP D 252 116.18 17.80 65.47
C ASP D 252 115.05 18.68 65.94
N SER D 253 115.34 19.97 66.16
CA SER D 253 114.39 20.89 66.77
C SER D 253 113.24 21.28 65.87
N SER D 254 113.37 21.10 64.56
CA SER D 254 112.28 21.45 63.65
C SER D 254 111.22 20.36 63.60
N VAL D 255 111.65 19.10 63.62
CA VAL D 255 110.74 17.99 63.37
C VAL D 255 109.87 17.71 64.60
N LYS D 256 110.31 18.17 65.78
CA LYS D 256 109.49 17.99 66.97
C LYS D 256 108.35 18.99 66.98
N GLU D 257 108.57 20.19 66.42
CA GLU D 257 107.54 21.22 66.43
C GLU D 257 106.40 20.82 65.51
N LEU D 258 106.70 20.09 64.44
CA LEU D 258 105.67 19.62 63.53
C LEU D 258 104.81 18.54 64.18
N VAL D 259 105.42 17.68 65.01
CA VAL D 259 104.60 16.75 65.77
C VAL D 259 104.05 17.44 67.02
N ASN D 260 104.67 18.54 67.44
CA ASN D 260 104.05 19.35 68.51
C ASN D 260 102.88 20.17 67.98
N ARG D 261 102.80 20.36 66.67
CA ARG D 261 101.70 21.14 66.10
C ARG D 261 100.47 20.26 65.85
N ILE D 262 100.68 19.04 65.39
CA ILE D 262 99.57 18.13 65.13
C ILE D 262 99.03 17.57 66.45
N LEU D 263 99.86 17.54 67.50
CA LEU D 263 99.44 16.88 68.75
C LEU D 263 98.23 17.49 69.46
N PRO D 264 98.01 18.83 69.53
CA PRO D 264 96.75 19.29 70.14
C PRO D 264 95.52 18.88 69.34
N VAL D 265 95.67 18.76 68.03
CA VAL D 265 94.58 18.30 67.18
C VAL D 265 94.29 16.82 67.45
N ALA D 266 95.35 16.05 67.69
CA ALA D 266 95.15 14.70 68.19
C ALA D 266 94.68 14.70 69.64
N THR D 267 95.18 15.66 70.43
CA THR D 267 94.81 15.73 71.84
C THR D 267 93.35 16.11 72.02
N ASN D 268 92.92 17.20 71.37
CA ASN D 268 91.60 17.74 71.67
C ASN D 268 90.49 16.84 71.16
N TYR D 269 90.71 16.14 70.04
CA TYR D 269 89.70 15.19 69.57
C TYR D 269 89.63 14.00 70.50
N SER D 270 90.77 13.40 70.80
CA SER D 270 90.80 12.10 71.48
C SER D 270 90.22 12.19 72.88
N THR D 271 90.35 13.34 73.52
CA THR D 271 89.74 13.51 74.83
C THR D 271 88.26 13.81 74.73
N VAL D 272 87.87 14.80 73.90
CA VAL D 272 86.49 15.27 73.95
C VAL D 272 85.57 14.24 73.31
N THR D 273 86.11 13.39 72.43
CA THR D 273 85.33 12.22 72.04
C THR D 273 85.21 11.25 73.20
N ARG D 274 86.31 11.02 73.95
CA ARG D 274 86.42 9.84 74.81
C ARG D 274 85.41 9.86 75.95
N PHE D 275 85.23 11.02 76.59
CA PHE D 275 84.28 10.98 77.71
C PHE D 275 82.84 11.11 77.23
N VAL D 276 82.60 11.74 76.07
CA VAL D 276 81.20 11.85 75.62
C VAL D 276 80.74 10.54 75.00
N GLU D 277 81.67 9.78 74.41
CA GLU D 277 81.41 8.40 74.03
C GLU D 277 81.24 7.44 75.20
N GLU D 278 81.71 7.76 76.40
CA GLU D 278 81.44 6.82 77.49
C GLU D 278 80.43 7.31 78.51
N ASN D 279 80.41 8.62 78.85
CA ASN D 279 79.49 9.06 79.91
C ASN D 279 78.04 9.03 79.43
N SER D 280 77.83 9.30 78.13
CA SER D 280 76.52 9.20 77.51
C SER D 280 76.01 7.77 77.51
N SER D 281 76.89 6.82 77.17
CA SER D 281 76.53 5.41 77.19
C SER D 281 76.27 4.91 78.61
N PHE D 282 76.88 5.55 79.61
CA PHE D 282 76.59 5.21 81.00
C PHE D 282 75.30 5.86 81.48
N GLU D 283 74.92 7.00 80.90
CA GLU D 283 73.84 7.82 81.44
C GLU D 283 72.48 7.34 80.95
N TYR D 284 71.48 8.21 81.10
CA TYR D 284 70.07 7.83 81.08
C TYR D 284 69.62 7.39 79.70
N GLY D 285 69.64 8.29 78.73
CA GLY D 285 68.89 8.07 77.51
C GLY D 285 68.00 9.26 77.19
N GLN D 286 68.39 10.42 77.72
CA GLN D 286 67.71 11.67 77.45
C GLN D 286 68.23 12.29 76.16
N VAL D 287 67.95 13.58 75.93
CA VAL D 287 68.41 14.26 74.73
C VAL D 287 69.92 14.43 74.71
N ASN D 288 70.57 14.43 75.88
CA ASN D 288 72.02 14.45 75.92
C ASN D 288 72.63 13.12 75.52
N HIS D 289 71.83 12.05 75.51
CA HIS D 289 72.39 10.76 75.11
C HIS D 289 72.29 10.54 73.61
N ALA D 290 71.21 11.01 72.99
CA ALA D 290 71.16 11.01 71.53
C ALA D 290 72.11 12.03 70.93
N LEU D 291 72.46 13.07 71.69
CA LEU D 291 73.43 14.04 71.24
C LEU D 291 74.84 13.46 71.24
N GLY D 292 75.23 12.79 72.34
CA GLY D 292 76.56 12.25 72.44
C GLY D 292 76.79 11.02 71.57
N ALA D 293 75.73 10.26 71.31
CA ALA D 293 75.86 9.12 70.40
C ALA D 293 75.99 9.57 68.95
N ALA D 294 75.49 10.77 68.63
CA ALA D 294 75.68 11.30 67.29
C ALA D 294 77.07 11.89 67.11
N MET D 295 77.69 12.36 68.21
CA MET D 295 79.13 12.65 68.17
C MET D 295 79.92 11.38 67.93
N ARG D 296 79.46 10.26 68.50
CA ARG D 296 80.11 8.98 68.27
C ARG D 296 79.89 8.50 66.84
N THR D 297 78.73 8.82 66.26
CA THR D 297 78.47 8.49 64.86
C THR D 297 79.40 9.27 63.93
N LEU D 298 79.63 10.55 64.24
CA LEU D 298 80.59 11.34 63.47
C LEU D 298 82.03 10.88 63.70
N GLY D 299 82.30 10.26 64.85
CA GLY D 299 83.62 9.74 65.12
C GLY D 299 83.95 8.45 64.40
N LYS D 300 82.95 7.79 63.81
CA LYS D 300 83.22 6.58 63.05
C LYS D 300 83.96 6.90 61.76
N GLU D 301 83.50 7.93 61.03
CA GLU D 301 84.10 8.29 59.76
C GLU D 301 85.41 9.04 59.92
N TYR D 302 85.72 9.55 61.11
CA TYR D 302 87.02 10.18 61.32
C TYR D 302 88.12 9.15 61.34
N MET D 303 87.85 7.97 61.89
CA MET D 303 88.84 6.90 61.91
C MET D 303 88.99 6.22 60.56
N ILE D 304 88.08 6.47 59.62
CA ILE D 304 88.16 5.87 58.30
C ILE D 304 89.23 6.56 57.46
N LEU D 305 89.31 7.89 57.54
CA LEU D 305 90.29 8.63 56.73
C LEU D 305 91.72 8.42 57.22
N ILE D 306 91.88 8.10 58.51
CA ILE D 306 93.21 7.78 59.03
C ILE D 306 93.70 6.46 58.46
N SER D 307 92.79 5.50 58.31
CA SER D 307 93.17 4.17 57.83
C SER D 307 93.41 4.15 56.33
N GLN D 308 92.68 4.97 55.56
CA GLN D 308 92.99 5.13 54.15
C GLN D 308 94.32 5.86 53.95
N LEU D 309 94.69 6.71 54.91
CA LEU D 309 96.02 7.31 54.89
C LEU D 309 97.09 6.26 55.17
N GLU D 310 96.79 5.30 56.04
CA GLU D 310 97.76 4.24 56.35
C GLU D 310 97.87 3.22 55.22
N HIS D 311 96.89 3.16 54.32
CA HIS D 311 97.08 2.40 53.09
C HIS D 311 98.12 3.07 52.20
N LEU D 312 98.21 4.40 52.26
CA LEU D 312 99.29 5.13 51.59
C LEU D 312 100.57 5.16 52.42
N GLN D 313 100.53 4.65 53.65
CA GLN D 313 101.71 4.59 54.51
C GLN D 313 102.26 3.17 54.63
N ARG D 314 101.94 2.29 53.67
CA ARG D 314 102.69 1.04 53.55
C ARG D 314 104.13 1.31 53.13
N GLN D 315 104.34 2.38 52.37
CA GLN D 315 105.66 2.92 52.06
C GLN D 315 105.55 4.43 52.25
N GLY D 316 106.64 5.05 52.69
CA GLY D 316 106.63 6.47 53.01
C GLY D 316 106.41 7.39 51.82
N LEU D 317 105.23 8.00 51.75
CA LEU D 317 104.91 8.98 50.72
C LEU D 317 104.50 10.34 51.29
N LEU D 318 104.26 10.43 52.60
CA LEU D 318 103.81 11.66 53.23
C LEU D 318 104.74 12.03 54.38
N SER D 319 104.83 13.32 54.66
CA SER D 319 105.54 13.84 55.82
C SER D 319 104.54 14.57 56.72
N LEU D 320 105.07 15.22 57.74
CA LEU D 320 104.22 15.81 58.79
C LEU D 320 103.41 16.99 58.29
N GLN D 321 103.98 17.78 57.38
CA GLN D 321 103.23 18.89 56.80
C GLN D 321 102.16 18.40 55.85
N LYS D 322 102.34 17.21 55.26
CA LYS D 322 101.28 16.58 54.50
C LYS D 322 100.19 16.00 55.38
N LEU D 323 100.51 15.69 56.65
CA LEU D 323 99.51 15.16 57.56
C LEU D 323 98.54 16.24 58.01
N TRP D 324 99.07 17.45 58.29
CA TRP D 324 98.27 18.50 58.89
C TRP D 324 97.35 19.20 57.89
N PHE D 325 97.76 19.30 56.62
CA PHE D 325 96.89 19.92 55.63
C PHE D 325 95.71 19.02 55.27
N TYR D 326 95.86 17.70 55.45
CA TYR D 326 94.76 16.77 55.21
C TYR D 326 93.76 16.80 56.36
N ILE D 327 94.24 16.95 57.59
CA ILE D 327 93.36 16.97 58.76
C ILE D 327 92.95 18.40 59.13
N GLN D 328 93.24 19.37 58.27
CA GLN D 328 92.90 20.76 58.53
C GLN D 328 91.38 21.05 58.48
N PRO D 329 90.58 20.48 57.57
CA PRO D 329 89.13 20.62 57.75
C PRO D 329 88.59 19.86 58.95
N THR D 330 89.26 18.80 59.37
CA THR D 330 88.73 18.02 60.48
C THR D 330 89.13 18.55 61.85
N LEU D 331 90.21 19.36 61.94
CA LEU D 331 90.54 19.95 63.23
C LEU D 331 89.56 21.06 63.62
N ARG D 332 88.94 21.70 62.64
CA ARG D 332 87.83 22.61 62.89
C ARG D 332 86.54 21.85 63.15
N THR D 333 86.50 20.58 62.76
CA THR D 333 85.29 19.77 62.93
C THR D 333 85.17 19.28 64.37
N MET D 334 86.30 18.91 64.98
CA MET D 334 86.33 18.40 66.35
C MET D 334 86.29 19.50 67.41
N GLU D 335 86.77 20.69 67.10
CA GLU D 335 87.04 21.69 68.13
C GLU D 335 85.80 22.48 68.54
N VAL D 336 84.73 22.44 67.74
CA VAL D 336 83.47 23.04 68.16
C VAL D 336 82.61 22.03 68.92
N LEU D 337 82.93 20.74 68.80
CA LEU D 337 82.42 19.75 69.76
C LEU D 337 83.22 19.75 71.05
N ALA D 338 84.40 20.38 71.05
CA ALA D 338 85.22 20.43 72.25
C ALA D 338 84.65 21.39 73.28
N SER D 339 84.12 22.53 72.83
CA SER D 339 83.53 23.50 73.74
C SER D 339 82.19 23.03 74.29
N ILE D 340 81.47 22.18 73.54
CA ILE D 340 80.32 21.46 74.08
C ILE D 340 80.76 20.54 75.20
N ALA D 341 81.90 19.87 75.01
CA ALA D 341 82.32 18.80 75.91
C ALA D 341 82.76 19.34 77.27
N THR D 342 83.22 20.58 77.33
CA THR D 342 83.69 21.14 78.59
C THR D 342 82.54 21.62 79.45
N SER D 343 81.54 22.27 78.84
CA SER D 343 80.46 22.88 79.61
C SER D 343 79.49 21.82 80.15
N LEU D 344 79.22 20.78 79.37
CA LEU D 344 78.25 19.76 79.76
C LEU D 344 78.76 18.84 80.88
N ASN D 345 80.05 18.86 81.17
CA ASN D 345 80.60 18.11 82.29
C ASN D 345 80.85 18.98 83.52
N LYS D 346 81.10 20.28 83.33
CA LYS D 346 81.15 21.19 84.47
C LYS D 346 79.76 21.42 85.05
N GLY D 347 78.77 21.63 84.17
CA GLY D 347 77.41 21.86 84.64
C GLY D 347 76.66 20.59 85.00
N GLU D 348 76.91 19.51 84.26
CA GLU D 348 76.13 18.26 84.30
C GLU D 348 74.64 18.56 84.11
N CYS D 349 74.33 19.23 83.00
CA CYS D 349 73.04 19.88 82.83
C CYS D 349 71.93 18.85 82.55
N PHE D 350 70.71 19.25 82.88
CA PHE D 350 69.53 18.42 82.69
C PHE D 350 68.92 18.69 81.32
N GLY D 351 68.08 17.74 80.88
CA GLY D 351 67.73 17.62 79.47
C GLY D 351 66.98 18.80 78.88
N GLY D 352 66.18 19.50 79.69
CA GLY D 352 65.57 20.72 79.23
C GLY D 352 66.57 21.84 79.04
N ALA D 353 67.57 21.91 79.93
CA ALA D 353 68.59 22.94 79.85
C ALA D 353 69.80 22.54 79.04
N THR D 354 69.95 21.24 78.69
CA THR D 354 70.98 20.86 77.74
C THR D 354 70.70 21.47 76.38
N LEU D 355 69.51 21.19 75.81
CA LEU D 355 69.16 21.74 74.51
C LEU D 355 69.11 23.25 74.52
N SER D 356 68.85 23.88 75.67
CA SER D 356 68.86 25.33 75.75
C SER D 356 70.27 25.88 75.61
N LEU D 357 71.26 25.21 76.20
CA LEU D 357 72.66 25.60 76.01
C LEU D 357 73.13 25.28 74.59
N LEU D 358 72.75 24.10 74.08
CA LEU D 358 73.32 23.58 72.84
C LEU D 358 72.82 24.37 71.63
N HIS D 359 71.59 24.87 71.73
CA HIS D 359 71.01 25.85 70.82
C HIS D 359 71.87 27.11 70.75
N ASP D 360 72.13 27.73 71.91
CA ASP D 360 72.88 29.00 72.02
C ASP D 360 74.31 28.87 71.48
N ARG D 361 74.88 27.67 71.48
CA ARG D 361 76.25 27.50 71.00
C ARG D 361 76.39 27.56 69.49
N THR D 362 75.47 26.94 68.75
CA THR D 362 75.58 26.94 67.30
C THR D 362 75.05 28.21 66.65
N PHE D 363 75.01 29.32 67.38
CA PHE D 363 74.13 30.41 67.00
C PHE D 363 74.91 31.70 66.96
N GLY D 364 75.83 31.82 67.93
CA GLY D 364 76.88 32.80 67.94
C GLY D 364 78.14 32.21 67.33
N TYR D 365 77.96 31.28 66.40
CA TYR D 365 79.07 30.73 65.62
C TYR D 365 78.83 31.00 64.14
N THR D 366 79.77 31.71 63.53
CA THR D 366 79.89 31.84 62.09
C THR D 366 81.36 31.64 61.74
N GLY D 367 81.69 31.85 60.46
CA GLY D 367 83.06 31.90 60.02
C GLY D 367 83.55 30.69 59.26
N ASP D 368 82.98 29.51 59.51
CA ASP D 368 83.34 28.31 58.77
C ASP D 368 82.06 27.55 58.45
N SER D 369 82.07 26.84 57.32
CA SER D 369 80.90 26.06 56.97
C SER D 369 80.80 24.78 57.79
N GLN D 370 81.75 23.86 57.61
CA GLN D 370 81.57 22.48 58.07
C GLN D 370 81.57 22.33 59.58
N ALA D 371 82.05 23.34 60.31
CA ALA D 371 81.83 23.36 61.76
C ALA D 371 80.41 23.78 62.09
N GLN D 372 79.90 24.82 61.41
CA GLN D 372 78.51 25.25 61.57
C GLN D 372 77.54 24.18 61.09
N GLU D 373 77.97 23.38 60.11
CA GLU D 373 77.12 22.34 59.54
C GLU D 373 76.80 21.25 60.57
N LEU D 374 77.82 20.73 61.28
CA LEU D 374 77.57 19.68 62.26
C LEU D 374 76.92 20.21 63.53
N CYS D 375 77.34 21.39 64.01
CA CYS D 375 76.86 21.88 65.29
C CYS D 375 75.42 22.36 65.20
N LEU D 376 74.90 22.58 63.99
CA LEU D 376 73.46 22.59 63.79
C LEU D 376 72.89 21.17 63.88
N TYR D 377 73.53 20.22 63.17
CA TYR D 377 72.96 18.91 62.86
C TYR D 377 72.63 18.12 64.13
N LEU D 378 73.61 17.98 65.02
CA LEU D 378 73.43 17.14 66.20
C LEU D 378 72.55 17.82 67.23
N THR D 379 72.55 19.16 67.27
CA THR D 379 71.57 19.86 68.09
C THR D 379 70.18 19.81 67.46
N LYS D 380 70.12 19.81 66.13
CA LYS D 380 68.84 19.58 65.46
C LYS D 380 68.37 18.14 65.68
N ALA D 381 69.31 17.20 65.76
CA ALA D 381 69.02 15.81 66.11
C ALA D 381 68.88 15.60 67.60
N ALA D 382 69.05 16.64 68.42
CA ALA D 382 68.61 16.62 69.81
C ALA D 382 67.29 17.36 70.00
N SER D 383 67.04 18.37 69.18
CA SER D 383 65.75 19.06 69.21
C SER D 383 64.64 18.21 68.59
N ALA D 384 64.99 17.31 67.68
CA ALA D 384 63.97 16.53 66.97
C ALA D 384 63.40 15.40 67.83
N PRO D 385 64.17 14.77 68.75
CA PRO D 385 63.51 14.06 69.86
C PRO D 385 62.54 14.91 70.63
N TYR D 386 62.96 16.12 71.03
CA TYR D 386 62.14 17.01 71.85
C TYR D 386 60.83 17.38 71.17
N PHE D 387 60.89 17.70 69.86
CA PHE D 387 59.69 18.08 69.13
C PHE D 387 58.69 16.94 69.02
N ASP D 388 59.19 15.70 68.91
CA ASP D 388 58.30 14.56 68.73
C ASP D 388 57.53 14.25 70.01
N ILE D 389 58.21 14.29 71.17
CA ILE D 389 57.50 14.05 72.41
C ILE D 389 56.68 15.28 72.81
N LEU D 390 57.05 16.47 72.31
CA LEU D 390 56.14 17.60 72.33
C LEU D 390 54.88 17.32 71.51
N GLU D 391 55.06 16.72 70.34
CA GLU D 391 53.92 16.42 69.47
C GLU D 391 53.11 15.24 69.99
N ARG D 392 53.73 14.36 70.78
CA ARG D 392 52.97 13.35 71.51
C ARG D 392 52.18 13.98 72.65
N TRP D 393 52.63 15.13 73.15
CA TRP D 393 52.05 15.83 74.29
C TRP D 393 51.00 16.83 73.89
N ILE D 394 51.08 17.36 72.66
CA ILE D 394 50.11 18.32 72.16
C ILE D 394 49.02 17.67 71.31
N TYR D 395 49.17 16.39 70.94
CA TYR D 395 48.15 15.69 70.16
C TYR D 395 47.49 14.56 70.92
N ARG D 396 48.24 13.51 71.27
CA ARG D 396 47.73 12.37 72.01
C ARG D 396 47.63 12.71 73.46
N GLY D 397 48.75 13.20 73.96
CA GLY D 397 48.79 13.65 75.32
C GLY D 397 49.41 12.70 76.30
N ILE D 398 49.97 11.61 75.83
CA ILE D 398 50.70 10.71 76.70
C ILE D 398 52.13 11.24 76.80
N ILE D 399 52.58 11.48 78.02
CA ILE D 399 53.95 11.91 78.25
C ILE D 399 54.75 10.72 78.74
N ASN D 400 55.95 10.56 78.18
CA ASN D 400 56.89 9.55 78.63
C ASN D 400 57.98 10.25 79.40
N ASP D 401 57.96 10.11 80.72
CA ASP D 401 59.03 10.62 81.56
C ASP D 401 59.94 9.46 81.93
N PRO D 402 61.12 9.33 81.30
CA PRO D 402 62.08 8.31 81.75
C PRO D 402 62.58 8.64 83.14
N TYR D 403 63.14 9.83 83.28
CA TYR D 403 63.42 10.39 84.60
C TYR D 403 62.71 11.73 84.73
N SER D 404 62.99 12.64 83.79
CA SER D 404 62.27 13.86 83.46
C SER D 404 62.92 14.46 82.23
N GLU D 405 62.11 15.09 81.39
CA GLU D 405 62.62 15.81 80.23
C GLU D 405 61.92 17.13 79.97
N PHE D 406 61.01 17.56 80.82
CA PHE D 406 60.17 18.70 80.53
C PHE D 406 60.07 19.63 81.73
N MET D 407 59.80 20.90 81.44
CA MET D 407 59.39 21.85 82.46
C MET D 407 58.01 21.51 83.03
N VAL D 408 57.16 20.87 82.24
CA VAL D 408 55.79 20.61 82.63
C VAL D 408 55.70 19.18 83.19
N GLU D 409 55.12 19.06 84.38
CA GLU D 409 54.99 17.78 85.05
C GLU D 409 53.60 17.68 85.68
N GLU D 410 53.09 16.45 85.75
CA GLU D 410 51.80 16.23 86.40
C GLU D 410 51.93 16.37 87.91
N HIS D 411 51.06 17.21 88.48
CA HIS D 411 50.99 17.51 89.92
C HIS D 411 52.31 18.00 90.51
N TRP D 427 39.38 24.36 90.72
CA TRP D 427 40.51 24.08 91.60
C TRP D 427 41.41 22.98 91.03
N ASP D 428 42.12 23.28 89.95
CA ASP D 428 43.00 22.30 89.33
C ASP D 428 44.46 22.60 89.66
N GLN D 429 45.20 21.56 89.99
CA GLN D 429 46.63 21.62 90.26
C GLN D 429 47.35 20.57 89.43
N ARG D 430 46.86 20.36 88.21
CA ARG D 430 47.27 19.22 87.42
C ARG D 430 48.69 19.38 86.88
N TYR D 431 49.09 20.60 86.53
CA TYR D 431 50.40 20.81 85.93
C TYR D 431 51.14 21.96 86.58
N THR D 432 52.44 21.79 86.71
CA THR D 432 53.34 22.78 87.28
C THR D 432 54.54 22.94 86.34
N ILE D 433 55.08 24.15 86.30
CA ILE D 433 56.20 24.47 85.42
C ILE D 433 57.41 24.82 86.27
N VAL D 434 58.58 24.36 85.81
CA VAL D 434 59.86 24.76 86.39
C VAL D 434 60.60 25.58 85.35
N GLN D 435 61.34 26.59 85.80
CA GLN D 435 62.06 27.41 84.84
C GLN D 435 63.46 26.89 84.55
N GLN D 436 63.82 25.73 85.10
CA GLN D 436 65.14 25.14 84.89
C GLN D 436 65.12 24.02 83.87
N GLN D 437 63.95 23.71 83.30
CA GLN D 437 63.82 22.72 82.24
C GLN D 437 63.10 23.31 81.04
N ILE D 438 63.21 24.62 80.85
CA ILE D 438 62.52 25.30 79.76
C ILE D 438 63.18 24.94 78.44
N PRO D 439 62.46 24.95 77.32
CA PRO D 439 63.13 24.83 76.04
C PRO D 439 63.88 26.10 75.68
N SER D 440 64.46 26.04 74.50
CA SER D 440 65.50 26.99 74.15
C SER D 440 64.93 28.23 73.48
N PHE D 441 63.83 28.06 72.77
CA PHE D 441 63.15 29.14 72.07
C PHE D 441 62.57 30.14 73.07
N LEU D 442 62.16 31.30 72.53
CA LEU D 442 61.67 32.41 73.33
C LEU D 442 60.42 32.01 74.11
N GLN D 443 60.36 32.44 75.37
CA GLN D 443 59.52 31.86 76.43
C GLN D 443 58.02 31.82 76.16
N LYS D 444 57.54 32.53 75.14
CA LYS D 444 56.13 32.47 74.78
C LYS D 444 55.72 31.10 74.26
N VAL D 445 56.59 30.45 73.47
CA VAL D 445 56.19 29.17 72.89
C VAL D 445 56.22 28.06 73.94
N ALA D 446 57.06 28.20 74.98
CA ALA D 446 57.04 27.25 76.09
C ALA D 446 55.76 27.42 76.91
N ASP D 447 55.26 28.65 76.99
CA ASP D 447 53.99 28.87 77.66
C ASP D 447 52.83 28.37 76.82
N LYS D 448 52.95 28.41 75.49
CA LYS D 448 51.90 27.82 74.67
C LYS D 448 52.00 26.29 74.65
N ILE D 449 53.19 25.73 74.91
CA ILE D 449 53.31 24.29 75.04
C ILE D 449 52.60 23.81 76.30
N LEU D 450 52.82 24.51 77.42
CA LEU D 450 52.11 24.22 78.68
C LEU D 450 50.61 24.35 78.54
N SER D 451 50.14 25.48 78.02
CA SER D 451 48.71 25.81 78.04
C SER D 451 47.91 24.83 77.20
N THR D 452 48.53 24.29 76.13
CA THR D 452 47.95 23.16 75.41
C THR D 452 47.77 21.95 76.32
N GLY D 453 48.88 21.47 76.90
CA GLY D 453 48.86 20.25 77.70
C GLY D 453 47.97 20.30 78.93
N LYS D 454 47.65 21.51 79.42
CA LYS D 454 46.59 21.64 80.40
C LYS D 454 45.21 21.44 79.78
N TYR D 455 44.98 22.00 78.58
CA TYR D 455 43.73 21.74 77.88
C TYR D 455 43.67 20.28 77.47
N LEU D 456 44.83 19.71 77.17
CA LEU D 456 44.91 18.35 76.67
C LEU D 456 44.65 17.32 77.78
N ASN D 457 44.55 17.77 79.06
CA ASN D 457 44.19 16.96 80.21
C ASN D 457 42.75 17.13 80.61
N VAL D 458 42.24 18.33 80.43
CA VAL D 458 40.83 18.62 80.63
C VAL D 458 39.99 17.77 79.68
N VAL D 459 40.54 17.51 78.48
CA VAL D 459 39.87 16.57 77.57
C VAL D 459 40.21 15.13 77.94
N ARG D 460 41.31 14.91 78.70
CA ARG D 460 41.66 13.53 79.04
C ARG D 460 40.74 13.02 80.12
N GLU D 461 40.25 13.93 80.98
CA GLU D 461 39.54 13.57 82.20
C GLU D 461 38.10 13.11 81.92
N CYS D 462 37.68 13.18 80.66
CA CYS D 462 36.46 12.56 80.21
C CYS D 462 36.81 11.51 79.16
N GLY D 463 36.10 10.39 79.19
CA GLY D 463 36.34 9.32 78.24
C GLY D 463 35.62 9.52 76.93
N HIS D 464 34.46 10.18 77.00
CA HIS D 464 33.69 10.51 75.79
C HIS D 464 34.47 11.47 74.90
N ASP D 465 35.14 12.45 75.50
CA ASP D 465 36.11 13.25 74.77
C ASP D 465 37.32 12.39 74.49
N VAL D 466 37.79 12.42 73.24
CA VAL D 466 38.98 11.65 72.88
C VAL D 466 40.25 12.43 73.17
N THR D 467 40.46 13.57 72.47
CA THR D 467 41.63 14.44 72.62
C THR D 467 41.18 15.85 72.29
N CYS D 468 42.13 16.80 72.34
CA CYS D 468 41.87 18.08 71.66
C CYS D 468 42.02 17.95 70.15
N PRO D 469 43.14 17.41 69.58
CA PRO D 469 43.15 17.26 68.12
C PRO D 469 42.69 15.88 67.66
N ASP D 470 41.85 15.89 66.63
CA ASP D 470 41.68 14.74 65.74
C ASP D 470 41.92 15.09 64.29
N ALA D 471 42.00 16.38 63.94
CA ALA D 471 42.34 16.84 62.60
C ALA D 471 43.74 17.45 62.52
N LYS D 472 44.45 17.53 63.63
CA LYS D 472 45.83 18.03 63.66
C LYS D 472 46.83 16.91 63.85
N GLU D 473 46.36 15.68 64.11
CA GLU D 473 47.22 14.51 64.24
C GLU D 473 47.73 13.99 62.89
N ILE D 474 47.36 14.64 61.78
CA ILE D 474 47.88 14.27 60.46
C ILE D 474 49.16 15.01 60.11
N THR D 475 49.60 15.96 60.94
CA THR D 475 50.77 16.79 60.67
C THR D 475 51.81 16.56 61.75
N TYR D 476 53.00 16.09 61.36
CA TYR D 476 54.16 15.99 62.24
C TYR D 476 55.33 16.65 61.51
N THR D 477 55.70 17.86 61.95
CA THR D 477 56.56 18.73 61.16
C THR D 477 57.97 18.88 61.70
N LEU D 478 58.13 18.98 63.02
CA LEU D 478 59.42 18.91 63.72
C LEU D 478 60.38 20.03 63.29
N LYS D 479 60.03 21.28 63.62
CA LYS D 479 60.64 22.46 63.03
C LYS D 479 61.53 23.20 64.04
N GLU D 480 62.73 23.61 63.58
CA GLU D 480 63.63 24.43 64.36
C GLU D 480 63.83 25.82 63.73
N GLN D 481 63.01 26.18 62.75
CA GLN D 481 63.00 27.55 62.23
C GLN D 481 61.65 28.21 62.38
N ALA D 482 60.57 27.54 62.01
CA ALA D 482 59.20 28.02 62.18
C ALA D 482 58.52 27.32 63.35
N TYR D 483 59.25 27.12 64.44
CA TYR D 483 58.72 26.46 65.63
C TYR D 483 57.62 27.27 66.29
N VAL D 484 57.68 28.60 66.17
CA VAL D 484 56.70 29.47 66.81
C VAL D 484 55.33 29.33 66.15
N GLU D 485 55.29 28.98 64.86
CA GLU D 485 54.01 28.95 64.18
C GLU D 485 53.32 27.60 64.42
N ARG D 486 54.09 26.49 64.41
CA ARG D 486 53.50 25.15 64.56
C ARG D 486 52.92 24.94 65.95
N ILE D 487 53.52 25.54 66.96
CA ILE D 487 52.97 25.44 68.31
C ILE D 487 51.73 26.30 68.46
N GLU D 488 51.70 27.46 67.78
CA GLU D 488 50.64 28.44 68.00
C GLU D 488 49.32 28.01 67.35
N LYS D 489 49.37 27.45 66.14
CA LYS D 489 48.13 26.99 65.52
C LYS D 489 47.63 25.71 66.17
N ALA D 490 48.51 24.90 66.74
CA ALA D 490 48.08 23.81 67.58
C ALA D 490 47.69 24.27 68.98
N TYR D 491 47.93 25.54 69.31
CA TYR D 491 47.49 26.07 70.59
C TYR D 491 46.07 26.61 70.49
N ASN D 492 45.80 27.43 69.48
CA ASN D 492 44.46 27.99 69.32
C ASN D 492 43.45 26.93 68.92
N TYR D 493 43.88 25.89 68.21
CA TYR D 493 42.98 24.79 67.88
C TYR D 493 42.61 23.97 69.11
N ALA D 494 43.58 23.74 70.00
CA ALA D 494 43.25 23.09 71.27
C ALA D 494 42.43 24.00 72.17
N SER D 495 42.62 25.32 72.04
CA SER D 495 41.77 26.27 72.75
C SER D 495 40.37 26.31 72.17
N LYS D 496 40.24 26.14 70.85
CA LYS D 496 38.93 26.26 70.22
C LYS D 496 38.06 25.04 70.46
N VAL D 497 38.66 23.85 70.57
CA VAL D 497 37.87 22.62 70.71
C VAL D 497 37.34 22.42 72.12
N LEU D 498 37.81 23.22 73.09
CA LEU D 498 37.19 23.24 74.41
C LEU D 498 36.17 24.35 74.55
N LEU D 499 36.29 25.40 73.73
CA LEU D 499 35.36 26.53 73.82
C LEU D 499 33.99 26.18 73.26
N ASP D 500 33.94 25.43 72.16
CA ASP D 500 32.65 24.89 71.74
C ASP D 500 32.20 23.76 72.65
N PHE D 501 33.12 23.15 73.39
CA PHE D 501 32.75 22.03 74.24
C PHE D 501 31.97 22.51 75.46
N LEU D 502 32.35 23.65 76.05
CA LEU D 502 31.57 24.20 77.16
C LEU D 502 30.23 24.72 76.67
N MET D 503 30.21 25.25 75.45
CA MET D 503 29.05 25.96 74.92
C MET D 503 27.94 25.00 74.54
N GLU D 504 28.31 23.84 73.99
CA GLU D 504 27.33 22.87 73.54
C GLU D 504 26.82 22.00 74.69
N GLU D 505 27.72 21.24 75.31
CA GLU D 505 27.34 20.11 76.14
C GLU D 505 27.32 20.42 77.63
N GLU D 506 28.40 20.99 78.18
CA GLU D 506 28.46 21.28 79.61
C GLU D 506 27.62 22.49 80.01
N GLU D 507 27.14 23.26 79.03
CA GLU D 507 26.20 24.39 79.22
C GLU D 507 26.79 25.46 80.14
N LEU D 508 28.03 25.90 79.83
CA LEU D 508 28.68 26.92 80.65
C LEU D 508 27.97 28.26 80.51
N VAL D 509 27.42 28.53 79.32
CA VAL D 509 26.69 29.76 79.08
C VAL D 509 25.40 29.79 79.91
N ALA D 510 24.82 28.62 80.19
CA ALA D 510 23.67 28.52 81.08
C ALA D 510 24.10 28.29 82.54
N HIS D 511 25.27 27.72 82.75
CA HIS D 511 25.81 27.59 84.10
C HIS D 511 26.15 28.95 84.70
N LEU D 512 26.98 29.72 83.99
CA LEU D 512 27.34 31.07 84.43
C LEU D 512 26.16 32.04 84.36
N ARG D 513 25.11 31.71 83.60
CA ARG D 513 23.87 32.46 83.71
C ARG D 513 23.23 32.24 85.07
N SER D 514 23.23 31.00 85.57
CA SER D 514 22.51 30.68 86.80
C SER D 514 23.26 31.19 88.03
N ILE D 515 24.58 31.13 88.02
CA ILE D 515 25.38 31.59 89.15
C ILE D 515 25.24 33.09 89.33
N LYS D 516 25.23 33.84 88.23
CA LYS D 516 25.04 35.28 88.30
C LYS D 516 23.60 35.66 88.63
N HIS D 517 22.65 34.77 88.37
CA HIS D 517 21.25 35.12 88.51
C HIS D 517 20.78 35.03 89.96
N TYR D 518 21.27 34.04 90.70
CA TYR D 518 20.66 33.71 91.98
C TYR D 518 21.21 34.60 93.08
N PHE D 519 22.54 34.72 93.16
CA PHE D 519 23.18 35.43 94.25
C PHE D 519 23.07 36.94 94.09
N LEU D 520 22.90 37.43 92.86
CA LEU D 520 22.51 38.82 92.62
C LEU D 520 21.01 39.03 92.76
N MET D 521 20.25 37.95 92.89
CA MET D 521 18.79 37.96 93.14
C MET D 521 18.04 38.67 92.02
N ASP D 522 18.09 38.09 90.82
CA ASP D 522 17.35 38.61 89.68
C ASP D 522 16.01 37.91 89.47
N GLN D 523 15.90 36.62 89.79
CA GLN D 523 14.60 35.99 89.91
C GLN D 523 13.94 36.49 91.18
N GLY D 524 13.25 37.62 91.12
CA GLY D 524 12.80 38.29 92.31
C GLY D 524 11.68 37.62 93.08
N ASP D 525 10.69 37.07 92.36
CA ASP D 525 9.48 36.57 93.01
C ASP D 525 9.76 35.33 93.86
N PHE D 526 10.67 34.47 93.41
CA PHE D 526 11.11 33.37 94.26
C PHE D 526 11.90 33.91 95.46
N PHE D 527 12.75 34.90 95.22
CA PHE D 527 13.69 35.33 96.25
C PHE D 527 13.08 36.28 97.27
N VAL D 528 11.95 36.91 96.97
CA VAL D 528 11.30 37.73 97.99
C VAL D 528 10.30 36.89 98.82
N HIS D 529 9.73 35.84 98.23
CA HIS D 529 8.91 34.93 99.01
C HIS D 529 9.77 34.11 99.97
N PHE D 530 10.92 33.63 99.50
CA PHE D 530 11.75 32.78 100.34
C PHE D 530 12.52 33.56 101.38
N MET D 531 12.82 34.83 101.11
CA MET D 531 13.36 35.71 102.15
C MET D 531 12.33 35.95 103.25
N ASP D 532 11.04 35.96 102.89
CA ASP D 532 9.99 35.97 103.90
C ASP D 532 9.91 34.64 104.63
N LEU D 533 10.26 33.53 103.96
CA LEU D 533 10.33 32.25 104.65
C LEU D 533 11.60 32.14 105.50
N THR D 534 12.67 32.81 105.11
CA THR D 534 13.89 32.79 105.90
C THR D 534 13.75 33.63 107.17
N GLU D 535 13.06 34.77 107.08
CA GLU D 535 12.91 35.65 108.22
C GLU D 535 12.00 35.07 109.30
N GLU D 536 11.12 34.13 108.93
CA GLU D 536 10.36 33.39 109.94
C GLU D 536 11.27 32.49 110.76
N GLU D 537 12.37 32.03 110.16
CA GLU D 537 13.36 31.26 110.90
C GLU D 537 14.30 32.15 111.70
N LEU D 538 14.44 33.42 111.30
CA LEU D 538 15.32 34.36 111.99
C LEU D 538 14.70 34.95 113.25
N LYS D 539 13.46 34.60 113.57
CA LYS D 539 12.81 35.09 114.79
C LYS D 539 13.29 34.38 116.04
N LYS D 540 14.09 33.32 115.89
CA LYS D 540 14.66 32.54 116.97
C LYS D 540 16.14 32.35 116.70
N PRO D 541 16.95 32.08 117.73
CA PRO D 541 18.35 31.73 117.49
C PRO D 541 18.49 30.36 116.82
N VAL D 542 19.74 30.04 116.45
CA VAL D 542 20.00 28.92 115.56
C VAL D 542 19.87 27.61 116.31
N ASP D 543 19.15 26.65 115.69
CA ASP D 543 18.96 25.30 116.18
C ASP D 543 19.81 24.32 115.37
N ASP D 544 19.56 23.02 115.58
CA ASP D 544 20.09 21.95 114.73
C ASP D 544 19.15 21.64 113.58
N ILE D 545 17.84 21.82 113.77
CA ILE D 545 16.81 21.37 112.85
C ILE D 545 16.53 22.44 111.80
N ILE D 546 17.41 23.44 111.73
CA ILE D 546 17.24 24.54 110.76
C ILE D 546 17.29 24.10 109.29
N PRO D 547 18.37 23.43 108.80
CA PRO D 547 18.47 23.29 107.33
C PRO D 547 17.50 22.31 106.71
N THR D 548 16.98 21.34 107.46
CA THR D 548 16.03 20.38 106.89
C THR D 548 14.67 20.99 106.66
N ARG D 549 14.34 22.07 107.38
CA ARG D 549 13.13 22.82 107.08
C ARG D 549 13.37 23.93 106.07
N LEU D 550 14.58 24.50 106.05
CA LEU D 550 14.90 25.55 105.09
C LEU D 550 15.06 25.00 103.68
N GLU D 551 15.62 23.79 103.54
CA GLU D 551 15.63 23.16 102.22
C GLU D 551 14.24 22.68 101.81
N ALA D 552 13.36 22.44 102.79
CA ALA D 552 11.96 22.20 102.46
C ALA D 552 11.28 23.49 102.02
N LEU D 553 11.58 24.61 102.72
CA LEU D 553 11.04 25.90 102.35
C LEU D 553 11.63 26.46 101.06
N LEU D 554 12.78 25.94 100.62
CA LEU D 554 13.37 26.37 99.34
C LEU D 554 12.50 25.95 98.16
N GLU D 555 11.91 24.77 98.23
CA GLU D 555 11.19 24.22 97.10
C GLU D 555 9.68 24.43 97.21
N LEU D 556 9.26 25.22 98.20
CA LEU D 556 7.88 25.70 98.26
C LEU D 556 7.66 26.82 97.26
N ALA D 557 8.39 27.92 97.45
CA ALA D 557 8.28 29.09 96.57
C ALA D 557 8.94 28.86 95.22
N LEU D 558 9.75 27.82 95.08
CA LEU D 558 10.30 27.48 93.77
C LEU D 558 9.21 26.95 92.84
N ARG D 559 8.25 26.21 93.38
CA ARG D 559 7.08 25.78 92.63
C ARG D 559 5.94 26.79 92.69
N MET D 560 5.92 27.66 93.70
CA MET D 560 4.88 28.70 93.77
C MET D 560 5.16 29.81 92.76
N SER D 561 6.42 30.22 92.62
CA SER D 561 6.77 31.31 91.72
C SER D 561 7.14 30.84 90.33
N THR D 562 7.24 29.51 90.11
CA THR D 562 7.42 28.89 88.79
C THR D 562 8.70 29.38 88.11
N ALA D 563 9.82 28.90 88.67
CA ALA D 563 11.10 29.04 88.00
C ALA D 563 11.08 28.32 86.66
N ASN D 564 11.99 28.73 85.75
CA ASN D 564 11.84 28.44 84.33
C ASN D 564 11.97 26.95 84.02
N THR D 565 12.87 26.25 84.72
CA THR D 565 12.82 24.78 84.80
C THR D 565 13.34 24.40 86.19
N ASP D 566 12.40 24.23 87.13
CA ASP D 566 12.79 23.97 88.51
C ASP D 566 13.49 22.64 88.86
N PRO D 567 13.36 21.50 88.15
CA PRO D 567 14.20 20.35 88.55
C PRO D 567 15.66 20.52 88.18
N PHE D 568 15.95 21.28 87.12
CA PHE D 568 17.34 21.58 86.79
C PHE D 568 17.96 22.53 87.83
N LYS D 569 17.15 23.41 88.41
CA LYS D 569 17.62 24.35 89.41
C LYS D 569 17.65 23.78 90.82
N ASP D 570 17.43 22.47 90.98
CA ASP D 570 17.46 21.83 92.28
C ASP D 570 18.86 21.31 92.60
N ASP D 571 19.83 22.24 92.55
CA ASP D 571 21.20 21.96 92.94
C ASP D 571 21.67 22.89 94.05
N LEU D 572 20.78 23.70 94.61
CA LEU D 572 21.10 24.65 95.67
C LEU D 572 20.51 24.16 96.99
N LYS D 573 21.33 24.19 98.04
CA LYS D 573 20.89 23.80 99.37
C LYS D 573 21.38 24.85 100.38
N ILE D 574 20.91 24.71 101.61
CA ILE D 574 21.21 25.65 102.69
C ILE D 574 21.93 24.89 103.80
N GLU D 575 23.04 25.45 104.28
CA GLU D 575 23.78 24.89 105.40
C GLU D 575 23.15 25.33 106.72
N LEU D 576 23.85 25.11 107.82
CA LEU D 576 23.37 25.52 109.13
C LEU D 576 23.61 27.01 109.32
N THR D 605 41.73 40.38 103.60
CA THR D 605 40.94 40.10 104.79
C THR D 605 39.45 40.17 104.48
N GLU D 606 38.72 39.12 104.84
CA GLU D 606 37.28 39.10 104.61
C GLU D 606 36.56 40.00 105.61
N LEU D 607 35.48 40.60 105.15
CA LEU D 607 34.72 41.56 105.95
C LEU D 607 33.78 40.83 106.90
N ALA D 608 33.61 41.39 108.10
CA ALA D 608 32.68 40.84 109.08
C ALA D 608 31.24 41.05 108.65
N LEU D 609 30.34 40.40 109.36
CA LEU D 609 28.92 40.38 109.01
C LEU D 609 28.22 41.60 109.58
N SER D 610 27.41 42.27 108.76
CA SER D 610 26.60 43.38 109.28
C SER D 610 25.47 42.85 110.15
N GLY D 611 24.89 41.70 109.79
CA GLY D 611 24.01 40.98 110.67
C GLY D 611 24.76 39.90 111.41
N LEU D 612 24.15 38.72 111.59
CA LEU D 612 24.88 37.61 112.16
C LEU D 612 24.59 36.28 111.48
N GLU D 613 23.78 36.24 110.43
CA GLU D 613 23.24 34.98 109.95
C GLU D 613 24.25 34.19 109.12
N SER D 614 24.30 32.89 109.37
CA SER D 614 25.06 31.95 108.56
C SER D 614 24.23 31.40 107.40
N PHE D 615 23.09 32.02 107.10
CA PHE D 615 22.25 31.59 105.99
C PHE D 615 22.91 31.92 104.66
N SER D 616 22.92 30.94 103.75
CA SER D 616 23.46 31.13 102.41
C SER D 616 22.89 30.05 101.50
N PHE D 617 23.29 30.11 100.23
CA PHE D 617 23.03 29.06 99.27
C PHE D 617 24.35 28.42 98.85
N ASP D 618 24.29 27.11 98.58
CA ASP D 618 25.46 26.36 98.13
C ASP D 618 25.12 25.71 96.80
N TYR D 619 25.70 26.24 95.73
CA TYR D 619 25.47 25.74 94.38
C TYR D 619 26.64 24.83 93.99
N ILE D 620 26.34 23.55 93.82
CA ILE D 620 27.36 22.53 93.62
C ILE D 620 27.79 22.51 92.15
N VAL D 621 29.09 22.56 91.91
CA VAL D 621 29.67 22.54 90.58
C VAL D 621 30.60 21.34 90.47
N LYS D 622 30.59 20.68 89.32
CA LYS D 622 31.45 19.54 89.06
C LYS D 622 32.43 19.86 87.94
N TRP D 623 33.34 18.92 87.70
CA TRP D 623 34.29 19.04 86.61
C TRP D 623 33.57 18.91 85.26
N PRO D 624 34.10 19.54 84.19
CA PRO D 624 35.32 20.35 84.02
C PRO D 624 35.16 21.80 84.43
N LEU D 625 34.05 22.13 85.09
CA LEU D 625 33.76 23.51 85.45
C LEU D 625 34.24 23.85 86.85
N SER D 626 35.01 22.96 87.47
CA SER D 626 35.63 23.25 88.76
C SER D 626 36.82 24.19 88.62
N LEU D 627 37.37 24.34 87.42
CA LEU D 627 38.41 25.34 87.17
C LEU D 627 37.80 26.68 86.81
N ILE D 628 36.75 26.68 85.98
CA ILE D 628 36.20 27.92 85.43
C ILE D 628 35.54 28.75 86.52
N ILE D 629 34.78 28.10 87.42
CA ILE D 629 34.40 28.72 88.68
C ILE D 629 35.00 27.89 89.81
N ASN D 630 35.47 28.57 90.85
CA ASN D 630 36.21 27.95 91.93
C ASN D 630 35.38 27.93 93.20
N ARG D 631 35.83 27.12 94.17
CA ARG D 631 35.26 27.21 95.51
C ARG D 631 35.64 28.52 96.17
N LYS D 632 36.81 29.07 95.83
CA LYS D 632 37.18 30.41 96.27
C LYS D 632 36.26 31.46 95.66
N ALA D 633 35.85 31.26 94.40
CA ALA D 633 34.94 32.16 93.72
C ALA D 633 33.48 31.92 94.09
N LEU D 634 33.20 31.02 95.03
CA LEU D 634 31.86 30.79 95.54
C LEU D 634 31.65 31.33 96.95
N THR D 635 32.69 31.30 97.79
CA THR D 635 32.56 31.75 99.16
C THR D 635 32.75 33.27 99.31
N ARG D 636 33.56 33.89 98.46
CA ARG D 636 33.57 35.35 98.39
C ARG D 636 32.28 35.85 97.76
N TYR D 637 31.76 35.11 96.79
CA TYR D 637 30.49 35.41 96.15
C TYR D 637 29.31 35.14 97.08
N GLN D 638 29.50 34.30 98.09
CA GLN D 638 28.49 34.08 99.13
C GLN D 638 28.32 35.33 99.99
N MET D 639 29.36 36.15 100.14
CA MET D 639 29.35 37.24 101.10
C MET D 639 28.45 38.40 100.65
N LEU D 640 28.43 38.74 99.37
CA LEU D 640 27.48 39.75 98.93
C LEU D 640 26.08 39.18 98.72
N PHE D 641 25.95 37.85 98.61
CA PHE D 641 24.61 37.27 98.73
C PHE D 641 24.07 37.47 100.14
N ARG D 642 24.94 37.38 101.15
CA ARG D 642 24.51 37.59 102.52
C ARG D 642 24.29 39.07 102.81
N HIS D 643 25.22 39.93 102.38
CA HIS D 643 25.14 41.34 102.74
C HIS D 643 24.04 42.07 101.96
N MET D 644 23.63 41.56 100.80
CA MET D 644 22.40 42.05 100.21
C MET D 644 21.18 41.52 100.94
N PHE D 645 21.23 40.24 101.36
CA PHE D 645 20.11 39.62 102.05
C PHE D 645 19.82 40.28 103.41
N TYR D 646 20.79 40.98 103.96
CA TYR D 646 20.58 41.68 105.24
C TYR D 646 19.71 42.93 105.04
N CYS D 647 19.95 43.70 103.97
CA CYS D 647 19.01 44.81 103.72
C CYS D 647 17.74 44.32 103.06
N LYS D 648 17.75 43.13 102.48
CA LYS D 648 16.52 42.59 101.91
C LYS D 648 15.54 42.19 103.01
N HIS D 649 16.06 41.79 104.17
CA HIS D 649 15.22 41.57 105.34
C HIS D 649 14.60 42.87 105.82
N VAL D 650 15.27 44.01 105.58
CA VAL D 650 14.73 45.30 105.99
C VAL D 650 13.54 45.68 105.13
N GLU D 651 13.59 45.35 103.83
CA GLU D 651 12.55 45.81 102.90
C GLU D 651 11.23 45.09 103.13
N ARG D 652 11.27 43.77 103.38
CA ARG D 652 10.06 43.06 103.76
C ARG D 652 9.55 43.53 105.12
N LEU D 653 10.46 43.86 106.03
CA LEU D 653 10.09 44.46 107.30
C LEU D 653 9.53 45.87 107.10
N LEU D 654 10.03 46.59 106.08
CA LEU D 654 9.53 47.92 105.78
C LEU D 654 8.09 47.89 105.26
N CYS D 655 7.71 46.81 104.57
CA CYS D 655 6.32 46.65 104.15
C CYS D 655 5.45 46.13 105.30
N ASN D 656 6.05 45.44 106.27
CA ASN D 656 5.29 44.97 107.41
C ASN D 656 4.94 46.10 108.37
N VAL D 657 5.73 47.18 108.36
CA VAL D 657 5.36 48.38 109.12
C VAL D 657 4.18 49.07 108.45
N TRP D 658 4.20 49.12 107.10
CA TRP D 658 3.18 49.81 106.33
C TRP D 658 1.81 49.16 106.46
N ILE D 659 1.74 47.85 106.68
CA ILE D 659 0.44 47.21 106.82
C ILE D 659 -0.10 47.42 108.25
N SER D 660 0.80 47.49 109.24
CA SER D 660 0.37 47.72 110.61
C SER D 660 0.11 49.18 110.91
N ASN D 661 0.44 50.09 109.99
CA ASN D 661 0.12 51.49 110.15
C ASN D 661 -1.37 51.78 109.90
N LYS D 662 -2.04 50.90 109.15
CA LYS D 662 -3.46 51.10 108.87
C LYS D 662 -4.32 50.83 110.09
N THR D 663 -4.00 49.78 110.85
CA THR D 663 -4.76 49.45 112.05
C THR D 663 -4.30 50.31 113.22
N SER D 671 -7.35 62.05 118.07
CA SER D 671 -6.22 62.34 117.20
C SER D 671 -4.91 62.33 117.99
N ALA D 672 -3.82 62.63 117.29
CA ALA D 672 -2.51 62.69 117.92
C ALA D 672 -1.62 63.60 117.09
N LYS D 673 -0.50 64.02 117.70
CA LYS D 673 0.52 64.76 117.00
C LYS D 673 1.67 63.87 116.55
N TRP D 674 1.87 62.73 117.20
CA TRP D 674 3.08 61.95 117.01
C TRP D 674 3.00 60.96 115.85
N PHE D 675 1.80 60.58 115.41
CA PHE D 675 1.71 59.54 114.40
C PHE D 675 2.06 60.07 113.01
N ALA D 676 1.79 61.35 112.75
CA ALA D 676 2.15 61.93 111.46
C ALA D 676 3.65 62.18 111.36
N GLY D 677 4.28 62.56 112.47
CA GLY D 677 5.72 62.75 112.47
C GLY D 677 6.48 61.44 112.40
N ALA D 678 5.93 60.39 113.00
CA ALA D 678 6.55 59.07 112.93
C ALA D 678 6.36 58.45 111.56
N PHE D 679 5.26 58.78 110.87
CA PHE D 679 5.05 58.24 109.54
C PHE D 679 5.90 58.93 108.49
N THR D 680 6.24 60.20 108.71
CA THR D 680 7.05 60.94 107.73
C THR D 680 8.50 60.47 107.77
N LEU D 681 9.02 60.17 108.96
CA LEU D 681 10.36 59.61 109.02
C LEU D 681 10.40 58.17 108.54
N ARG D 682 9.31 57.42 108.68
CA ARG D 682 9.23 56.08 108.11
C ARG D 682 9.30 56.13 106.59
N GLN D 683 8.51 57.01 105.98
CA GLN D 683 8.47 57.14 104.53
C GLN D 683 9.80 57.65 103.98
N ARG D 684 10.49 58.49 104.76
CA ARG D 684 11.85 58.89 104.39
C ARG D 684 12.81 57.72 104.55
N MET D 685 12.68 56.95 105.63
CA MET D 685 13.56 55.80 105.86
C MET D 685 13.29 54.68 104.84
N LEU D 686 12.03 54.47 104.49
CA LEU D 686 11.70 53.48 103.47
C LEU D 686 12.21 53.90 102.09
N ASN D 687 12.33 55.21 101.87
CA ASN D 687 12.73 55.69 100.55
C ASN D 687 14.21 55.43 100.28
N PHE D 688 15.09 55.93 101.15
CA PHE D 688 16.50 55.98 100.76
C PHE D 688 17.19 54.63 100.90
N VAL D 689 16.77 53.80 101.87
CA VAL D 689 17.42 52.51 102.08
C VAL D 689 17.08 51.55 100.94
N GLN D 690 15.82 51.55 100.50
CA GLN D 690 15.44 50.76 99.32
C GLN D 690 16.13 51.26 98.04
N ASN D 691 16.53 52.52 98.02
CA ASN D 691 17.05 53.12 96.80
C ASN D 691 18.56 53.32 96.84
N ILE D 692 19.20 53.14 97.99
CA ILE D 692 20.66 53.09 98.00
C ILE D 692 21.14 51.70 97.58
N GLN D 693 20.41 50.64 97.93
CA GLN D 693 20.81 49.31 97.52
C GLN D 693 20.42 49.04 96.07
N TYR D 694 19.34 49.65 95.59
CA TYR D 694 18.89 49.42 94.22
C TYR D 694 19.89 49.99 93.22
N TYR D 695 20.41 51.18 93.48
CA TYR D 695 21.47 51.69 92.60
C TYR D 695 22.79 51.00 92.84
N MET D 696 22.95 50.33 94.00
CA MET D 696 24.17 49.56 94.26
C MET D 696 24.18 48.28 93.45
N MET D 697 23.01 47.67 93.21
CA MET D 697 22.98 46.38 92.53
C MET D 697 22.56 46.49 91.06
N PHE D 698 21.66 47.41 90.72
CA PHE D 698 21.05 47.33 89.40
C PHE D 698 21.89 48.00 88.34
N GLU D 699 22.65 49.05 88.70
CA GLU D 699 23.64 49.59 87.78
C GLU D 699 24.84 48.66 87.68
N VAL D 700 25.11 47.89 88.73
CA VAL D 700 26.23 46.97 88.68
C VAL D 700 25.89 45.74 87.85
N MET D 701 24.66 45.24 87.97
CA MET D 701 24.35 43.94 87.37
C MET D 701 24.18 44.01 85.86
N GLU D 702 23.56 45.08 85.33
CA GLU D 702 23.16 44.99 83.93
C GLU D 702 24.31 45.33 82.96
N PRO D 703 25.17 46.34 83.21
CA PRO D 703 26.44 46.38 82.44
C PRO D 703 27.30 45.14 82.56
N THR D 704 27.61 44.69 83.77
CA THR D 704 28.53 43.58 83.96
C THR D 704 27.97 42.24 83.47
N TRP D 705 26.66 42.13 83.26
CA TRP D 705 26.13 40.98 82.55
C TRP D 705 26.28 41.15 81.04
N HIS D 706 26.14 42.38 80.53
CA HIS D 706 26.40 42.63 79.11
C HIS D 706 27.89 42.52 78.80
N ILE D 707 28.74 42.77 79.80
CA ILE D 707 30.17 42.46 79.64
C ILE D 707 30.36 40.94 79.71
N LEU D 708 29.44 40.23 80.39
CA LEU D 708 29.52 38.78 80.53
C LEU D 708 28.78 38.07 79.39
N GLU D 709 28.07 38.79 78.55
CA GLU D 709 27.52 38.13 77.37
C GLU D 709 28.37 38.37 76.13
N LYS D 710 29.30 39.33 76.19
CA LYS D 710 30.17 39.55 75.04
C LYS D 710 31.47 38.75 75.13
N ASN D 711 31.92 38.38 76.33
CA ASN D 711 33.09 37.50 76.40
C ASN D 711 32.75 36.07 75.98
N LEU D 712 31.53 35.62 76.29
CA LEU D 712 31.12 34.25 76.00
C LEU D 712 30.79 34.04 74.53
N LYS D 713 30.85 35.09 73.72
CA LYS D 713 30.70 34.98 72.28
C LYS D 713 31.93 35.48 71.52
N SER D 714 32.89 36.09 72.20
CA SER D 714 34.11 36.62 71.58
C SER D 714 35.34 36.12 72.33
N ALA D 715 35.36 34.83 72.64
CA ALA D 715 36.48 34.20 73.34
C ALA D 715 37.30 33.36 72.37
N SER D 716 38.61 33.34 72.58
CA SER D 716 39.51 32.46 71.85
C SER D 716 40.26 31.49 72.75
N ASN D 717 40.17 31.65 74.07
CA ASN D 717 40.77 30.73 75.03
C ASN D 717 39.74 30.43 76.11
N ILE D 718 40.14 29.63 77.11
CA ILE D 718 39.37 29.54 78.34
C ILE D 718 40.07 30.29 79.47
N ASP D 719 41.33 30.68 79.29
CA ASP D 719 42.03 31.45 80.30
C ASP D 719 41.55 32.91 80.29
N ASP D 720 41.10 33.39 79.13
CA ASP D 720 40.52 34.74 79.08
C ASP D 720 39.12 34.76 79.70
N VAL D 721 38.41 33.64 79.64
CA VAL D 721 37.14 33.51 80.36
C VAL D 721 37.39 33.48 81.86
N LEU D 722 38.50 32.84 82.27
CA LEU D 722 38.87 32.79 83.67
C LEU D 722 39.25 34.17 84.20
N SER D 723 39.94 34.98 83.38
CA SER D 723 40.32 36.31 83.83
C SER D 723 39.15 37.28 83.77
N HIS D 724 38.19 37.06 82.86
CA HIS D 724 36.96 37.83 82.90
C HIS D 724 36.11 37.47 84.11
N HIS D 725 36.10 36.19 84.48
CA HIS D 725 35.46 35.78 85.72
C HIS D 725 36.12 36.48 86.90
N THR D 726 37.46 36.40 86.95
CA THR D 726 38.25 37.05 87.99
C THR D 726 38.02 38.57 88.02
N SER D 727 37.85 39.18 86.84
CA SER D 727 37.63 40.62 86.77
C SER D 727 36.25 40.99 87.30
N PHE D 728 35.22 40.18 87.00
CA PHE D 728 33.93 40.29 87.69
C PHE D 728 34.09 40.10 89.18
N LEU D 729 34.91 39.12 89.57
CA LEU D 729 35.09 38.81 90.99
C LEU D 729 35.89 39.90 91.69
N ASP D 730 36.70 40.68 90.95
CA ASP D 730 37.26 41.91 91.48
C ASP D 730 36.19 42.98 91.66
N ASN D 731 35.21 43.04 90.75
CA ASN D 731 34.17 44.05 90.83
C ASN D 731 33.23 43.81 92.00
N CYS D 732 33.03 42.56 92.38
CA CYS D 732 32.33 42.25 93.62
C CYS D 732 33.17 42.67 94.83
N LEU D 733 34.49 42.64 94.70
CA LEU D 733 35.36 43.01 95.82
C LEU D 733 35.41 44.51 96.01
N LYS D 734 35.38 45.29 94.93
CA LYS D 734 35.47 46.74 95.06
C LYS D 734 34.18 47.35 95.59
N ASP D 735 33.04 46.67 95.42
CA ASP D 735 31.79 47.15 95.98
C ASP D 735 31.74 46.91 97.48
N CYS D 736 32.52 45.94 97.95
CA CYS D 736 32.60 45.56 99.35
C CYS D 736 33.71 46.30 100.10
N MET D 737 34.80 46.64 99.41
CA MET D 737 35.99 47.17 100.07
C MET D 737 35.92 48.67 100.32
N LEU D 738 35.47 49.45 99.32
CA LEU D 738 35.40 50.90 99.47
C LEU D 738 34.36 51.32 100.50
N THR D 739 33.36 50.51 100.74
CA THR D 739 32.64 50.56 102.00
C THR D 739 33.60 50.04 103.06
N ASN D 740 34.18 50.95 103.83
CA ASN D 740 35.20 50.58 104.81
C ASN D 740 34.54 49.92 106.02
N PRO D 741 35.30 49.08 106.76
CA PRO D 741 34.73 48.38 107.94
C PRO D 741 34.06 49.26 108.99
N GLU D 742 34.46 50.53 109.13
CA GLU D 742 33.74 51.42 110.03
C GLU D 742 32.43 51.89 109.40
N LEU D 743 32.36 51.92 108.06
CA LEU D 743 31.12 52.31 107.37
C LEU D 743 30.11 51.17 107.35
N LEU D 744 30.57 49.92 107.51
CA LEU D 744 29.65 48.80 107.63
C LEU D 744 29.00 48.77 109.00
N LYS D 745 29.73 49.21 110.04
CA LYS D 745 29.13 49.40 111.36
C LYS D 745 28.09 50.52 111.33
N ILE D 746 28.29 51.51 110.47
CA ILE D 746 27.28 52.56 110.27
C ILE D 746 26.03 51.98 109.63
N PHE D 747 26.20 51.18 108.58
CA PHE D 747 25.08 50.53 107.92
C PHE D 747 24.39 49.53 108.82
N SER D 748 25.15 48.88 109.71
CA SER D 748 24.54 48.07 110.77
C SER D 748 23.75 48.93 111.75
N LYS D 749 24.24 50.14 112.03
CA LYS D 749 23.46 51.05 112.87
C LYS D 749 22.25 51.61 112.13
N LEU D 750 22.36 51.75 110.80
CA LEU D 750 21.17 52.14 110.00
C LEU D 750 20.10 51.06 110.14
N MET D 751 20.50 49.81 109.88
CA MET D 751 19.55 48.68 109.98
C MET D 751 19.05 48.59 111.42
N SER D 752 19.95 48.78 112.39
CA SER D 752 19.56 48.68 113.83
C SER D 752 18.54 49.78 114.16
N VAL D 753 18.77 51.01 113.71
CA VAL D 753 17.78 52.09 114.03
C VAL D 753 16.45 51.75 113.36
N CYS D 754 16.49 51.23 112.14
CA CYS D 754 15.22 50.89 111.44
C CYS D 754 14.47 49.81 112.23
N VAL D 755 15.19 48.79 112.72
CA VAL D 755 14.53 47.69 113.49
C VAL D 755 13.97 48.25 114.80
N MET D 756 14.69 49.17 115.44
CA MET D 756 14.20 49.78 116.71
C MET D 756 12.90 50.53 116.42
N PHE D 757 12.87 51.26 115.30
CA PHE D 757 11.66 52.02 114.91
C PHE D 757 10.49 51.05 114.66
N THR D 758 10.78 49.92 114.01
CA THR D 758 9.73 48.91 113.74
C THR D 758 9.20 48.36 115.06
N ASN D 759 10.09 48.10 116.03
CA ASN D 759 9.67 47.58 117.36
C ASN D 759 8.78 48.63 118.05
N CYS D 760 9.16 49.91 117.93
CA CYS D 760 8.36 51.00 118.55
C CYS D 760 6.97 51.03 117.90
N LEU D 761 6.91 50.85 116.58
CA LEU D 761 5.61 50.82 115.85
C LEU D 761 4.78 49.63 116.32
N GLN D 762 5.43 48.50 116.57
CA GLN D 762 4.75 47.28 117.08
C GLN D 762 4.17 47.58 118.46
N ARG D 763 4.91 48.31 119.30
CA ARG D 763 4.45 48.62 120.68
C ARG D 763 3.15 49.43 120.63
N PHE D 764 2.76 49.87 119.42
CA PHE D 764 1.62 50.73 119.16
C PHE D 764 0.42 49.89 118.72
N GLU D 821 5.18 60.14 127.74
CA GLU D 821 5.45 59.56 126.43
C GLU D 821 6.72 60.15 125.82
N SER D 822 7.66 59.26 125.48
CA SER D 822 8.90 59.66 124.84
C SER D 822 9.04 58.98 123.49
N THR D 823 7.96 58.99 122.70
CA THR D 823 7.92 58.22 121.47
C THR D 823 8.48 58.99 120.29
N ILE D 824 7.89 60.16 119.99
CA ILE D 824 8.24 60.85 118.75
C ILE D 824 9.55 61.65 118.90
N ASN D 825 9.87 62.14 120.10
CA ASN D 825 11.12 62.87 120.26
C ASN D 825 12.33 61.94 120.23
N ASN D 826 12.16 60.71 120.72
CA ASN D 826 13.22 59.72 120.56
C ASN D 826 13.25 59.14 119.15
N PHE D 827 12.15 59.25 118.40
CA PHE D 827 12.20 58.93 116.97
C PHE D 827 13.05 59.93 116.22
N ASP D 828 12.78 61.22 116.44
CA ASP D 828 13.50 62.27 115.71
C ASP D 828 14.95 62.35 116.14
N SER D 829 15.26 62.00 117.38
CA SER D 829 16.65 61.98 117.82
C SER D 829 17.41 60.81 117.20
N ASN D 830 16.76 59.65 117.10
CA ASN D 830 17.39 58.51 116.44
C ASN D 830 17.47 58.71 114.93
N PHE D 831 16.52 59.45 114.35
CA PHE D 831 16.50 59.64 112.91
C PHE D 831 17.26 60.88 112.45
N SER D 832 17.62 61.77 113.35
CA SER D 832 18.65 62.76 113.05
C SER D 832 20.05 62.22 113.28
N ALA D 833 20.18 61.13 114.05
CA ALA D 833 21.48 60.54 114.31
C ALA D 833 21.96 59.71 113.12
N HIS D 834 21.05 59.00 112.45
CA HIS D 834 21.46 58.19 111.31
C HIS D 834 21.69 59.05 110.07
N LEU D 835 21.04 60.23 110.01
CA LEU D 835 21.27 61.13 108.89
C LEU D 835 22.67 61.74 108.95
N MET D 836 23.15 62.02 110.17
CA MET D 836 24.53 62.46 110.32
C MET D 836 25.50 61.31 110.01
N ASP D 837 25.10 60.08 110.31
CA ASP D 837 25.97 58.92 110.08
C ASP D 837 26.15 58.62 108.59
N LEU D 838 25.17 58.98 107.75
CA LEU D 838 25.35 58.81 106.32
C LEU D 838 26.05 60.00 105.68
N LEU D 839 26.04 61.17 106.32
CA LEU D 839 26.88 62.27 105.84
C LEU D 839 28.35 62.00 106.14
N ASP D 840 28.65 61.28 107.21
CA ASP D 840 30.02 60.85 107.47
C ASP D 840 30.44 59.75 106.50
N LYS D 841 29.46 58.98 105.99
CA LYS D 841 29.74 58.01 104.94
C LYS D 841 30.05 58.71 103.62
N LEU D 842 29.55 59.94 103.43
CA LEU D 842 29.87 60.73 102.24
C LEU D 842 31.34 61.14 102.21
N SER D 843 31.85 61.63 103.34
CA SER D 843 33.24 62.08 103.38
C SER D 843 34.19 60.90 103.21
N MET D 844 33.85 59.74 103.78
CA MET D 844 34.71 58.58 103.66
C MET D 844 34.65 57.93 102.29
N TYR D 845 33.55 58.12 101.55
CA TYR D 845 33.51 57.72 100.15
C TYR D 845 34.35 58.65 99.28
N SER D 846 34.57 59.88 99.72
CA SER D 846 35.12 60.93 98.86
C SER D 846 36.64 61.01 98.88
N THR D 847 37.31 60.55 99.95
CA THR D 847 38.75 60.65 100.07
C THR D 847 39.46 59.37 99.64
N SER D 848 38.90 58.64 98.70
CA SER D 848 39.41 57.32 98.35
C SER D 848 40.40 57.42 97.19
N ASP D 849 40.72 56.29 96.56
CA ASP D 849 41.98 56.07 95.84
C ASP D 849 41.94 56.42 94.35
N CYS D 850 40.91 57.15 93.89
CA CYS D 850 40.84 57.78 92.56
C CYS D 850 40.97 56.79 91.39
N GLU D 851 40.48 55.56 91.58
CA GLU D 851 40.38 54.66 90.45
C GLU D 851 39.10 54.96 89.66
N HIS D 852 38.88 54.19 88.59
CA HIS D 852 37.74 54.45 87.70
C HIS D 852 36.42 54.11 88.37
N SER D 853 36.37 53.00 89.09
CA SER D 853 35.15 52.61 89.78
C SER D 853 34.90 53.42 91.05
N MET D 854 35.93 54.12 91.55
CA MET D 854 35.73 54.95 92.72
C MET D 854 34.90 56.18 92.36
N ILE D 855 35.04 56.65 91.12
CA ILE D 855 34.23 57.76 90.63
C ILE D 855 32.76 57.33 90.51
N ASN D 856 32.51 56.02 90.29
CA ASN D 856 31.15 55.51 90.27
C ASN D 856 30.51 55.58 91.65
N ILE D 857 31.25 55.17 92.69
CA ILE D 857 30.68 55.19 94.05
C ILE D 857 30.68 56.61 94.62
N ILE D 858 31.48 57.53 94.07
CA ILE D 858 31.24 58.96 94.29
C ILE D 858 29.89 59.35 93.73
N TYR D 859 29.63 58.96 92.49
CA TYR D 859 28.38 59.24 91.79
C TYR D 859 27.25 58.34 92.28
N ARG D 860 27.50 57.43 93.23
CA ARG D 860 26.40 56.75 93.88
C ARG D 860 25.79 57.60 94.99
N LEU D 861 26.60 58.06 95.97
CA LEU D 861 26.03 58.79 97.12
C LEU D 861 25.48 60.16 96.77
N ASP D 862 26.17 60.94 95.93
CA ASP D 862 25.68 62.28 95.60
C ASP D 862 24.37 62.20 94.85
N PHE D 863 24.12 61.06 94.21
CA PHE D 863 22.88 60.68 93.57
C PHE D 863 21.94 59.96 94.54
N ASN D 864 22.47 59.37 95.63
CA ASN D 864 21.63 58.94 96.75
C ASN D 864 21.27 60.09 97.69
N GLY D 865 22.06 61.16 97.70
CA GLY D 865 21.67 62.35 98.45
C GLY D 865 20.54 63.09 97.78
N PHE D 866 20.47 63.03 96.45
CA PHE D 866 19.35 63.60 95.73
C PHE D 866 18.11 62.74 95.89
N TYR D 867 18.28 61.45 96.20
CA TYR D 867 17.17 60.54 96.48
C TYR D 867 16.39 60.94 97.74
N SER E 3 26.18 -26.41 45.66
CA SER E 3 26.07 -24.97 45.36
C SER E 3 27.35 -24.49 44.69
N ILE E 4 27.25 -23.46 43.86
CA ILE E 4 28.39 -22.82 43.18
C ILE E 4 29.49 -22.41 44.18
N THR E 5 29.12 -21.83 45.33
CA THR E 5 30.06 -21.43 46.39
C THR E 5 30.86 -22.59 46.99
N LYS E 6 30.25 -23.77 47.08
CA LYS E 6 30.95 -25.00 47.51
C LYS E 6 31.90 -25.47 46.42
N LEU E 7 31.43 -25.56 45.17
CA LEU E 7 32.24 -26.00 44.03
C LEU E 7 33.49 -25.13 43.82
N PHE E 8 33.38 -23.80 43.90
CA PHE E 8 34.56 -22.93 43.87
C PHE E 8 35.49 -23.14 45.08
N GLY E 9 34.92 -23.47 46.25
CA GLY E 9 35.70 -23.82 47.42
C GLY E 9 36.50 -25.10 47.23
N ASP E 10 35.89 -26.12 46.63
CA ASP E 10 36.51 -27.40 46.33
C ASP E 10 37.58 -27.21 45.22
N LEU E 11 37.29 -26.40 44.19
CA LEU E 11 38.24 -26.03 43.13
C LEU E 11 39.48 -25.32 43.68
N CYS E 12 39.31 -24.40 44.63
CA CYS E 12 40.45 -23.74 45.27
C CYS E 12 41.27 -24.74 46.11
N GLU E 13 40.63 -25.70 46.77
CA GLU E 13 41.33 -26.73 47.54
C GLU E 13 42.15 -27.67 46.65
N SER E 14 41.67 -28.03 45.46
CA SER E 14 42.43 -28.87 44.53
C SER E 14 43.74 -28.20 44.09
N HIS E 15 43.76 -26.88 43.93
CA HIS E 15 44.97 -26.11 43.62
C HIS E 15 45.94 -25.97 44.81
N MET E 16 45.51 -26.33 46.02
CA MET E 16 46.34 -26.32 47.22
C MET E 16 46.98 -27.69 47.53
N VAL E 17 46.68 -28.71 46.72
CA VAL E 17 47.28 -30.03 46.86
C VAL E 17 48.80 -29.92 46.60
N GLY E 18 49.58 -30.59 47.45
CA GLY E 18 51.05 -30.56 47.38
C GLY E 18 51.73 -29.30 47.93
N PHE E 19 51.00 -28.37 48.54
CA PHE E 19 51.64 -27.20 49.17
C PHE E 19 52.62 -27.58 50.29
N SER E 31 47.52 -20.59 58.02
CA SER E 31 48.08 -20.42 56.67
C SER E 31 47.16 -21.03 55.62
N LYS E 32 46.73 -22.29 55.82
CA LYS E 32 45.80 -22.99 54.92
C LYS E 32 44.50 -22.22 54.71
N ASN E 33 43.88 -21.74 55.79
CA ASN E 33 42.65 -20.96 55.67
C ASN E 33 42.87 -19.62 54.94
N ARG E 34 44.00 -18.95 55.20
CA ARG E 34 44.35 -17.69 54.54
C ARG E 34 44.56 -17.89 53.05
N THR E 35 45.35 -18.90 52.66
CA THR E 35 45.56 -19.27 51.26
C THR E 35 44.25 -19.62 50.56
N LYS E 36 43.38 -20.43 51.20
CA LYS E 36 42.07 -20.77 50.64
C LYS E 36 41.21 -19.53 50.40
N GLN E 37 41.22 -18.57 51.31
CA GLN E 37 40.47 -17.31 51.13
C GLN E 37 41.06 -16.43 50.04
N THR E 38 42.39 -16.35 49.93
CA THR E 38 43.06 -15.64 48.83
C THR E 38 42.70 -16.22 47.48
N LEU E 39 42.78 -17.55 47.32
CA LEU E 39 42.41 -18.23 46.07
C LEU E 39 40.93 -18.06 45.74
N LYS E 40 40.03 -18.14 46.74
CA LYS E 40 38.61 -17.86 46.54
C LYS E 40 38.36 -16.44 46.05
N LYS E 41 39.00 -15.46 46.68
CA LYS E 41 38.85 -14.06 46.29
C LYS E 41 39.32 -13.85 44.85
N LEU E 42 40.50 -14.38 44.51
CA LEU E 42 41.02 -14.36 43.14
C LEU E 42 40.04 -14.99 42.13
N ALA E 43 39.52 -16.18 42.43
CA ALA E 43 38.57 -16.85 41.55
C ALA E 43 37.31 -16.02 41.28
N TYR E 44 36.73 -15.40 42.32
CA TYR E 44 35.56 -14.53 42.15
C TYR E 44 35.90 -13.24 41.40
N ASP E 45 37.00 -12.58 41.73
CA ASP E 45 37.44 -11.36 41.07
C ASP E 45 37.66 -11.62 39.56
N THR E 46 38.33 -12.71 39.20
CA THR E 46 38.53 -13.13 37.79
C THR E 46 37.21 -13.46 37.09
N LEU E 47 36.30 -14.17 37.76
CA LEU E 47 34.98 -14.50 37.21
C LEU E 47 34.20 -13.21 36.89
N PHE E 48 34.16 -12.26 37.82
CA PHE E 48 33.44 -10.99 37.64
C PHE E 48 34.04 -10.16 36.51
N VAL E 49 35.36 -10.02 36.45
CA VAL E 49 36.04 -9.30 35.36
C VAL E 49 35.63 -9.88 33.99
N HIS E 50 35.59 -11.21 33.87
CA HIS E 50 35.21 -11.86 32.63
C HIS E 50 33.73 -11.63 32.27
N LEU E 51 32.81 -11.72 33.24
CA LEU E 51 31.38 -11.45 33.02
C LEU E 51 31.14 -10.02 32.49
N PHE E 52 31.84 -9.03 33.04
CA PHE E 52 31.74 -7.64 32.57
C PHE E 52 32.35 -7.46 31.16
N PRO E 67 32.16 -21.79 16.69
CA PRO E 67 31.59 -22.99 17.27
C PRO E 67 32.68 -23.91 17.81
N VAL E 68 32.40 -24.62 18.91
CA VAL E 68 33.38 -25.51 19.56
C VAL E 68 33.94 -26.55 18.59
N LYS E 69 33.10 -27.08 17.68
CA LYS E 69 33.50 -28.02 16.64
C LYS E 69 34.60 -27.48 15.73
N ASN E 70 34.54 -26.20 15.37
CA ASN E 70 35.58 -25.57 14.56
C ASN E 70 36.88 -25.40 15.34
N LYS E 71 36.80 -25.04 16.63
CA LYS E 71 37.97 -24.97 17.50
C LYS E 71 38.63 -26.35 17.66
N ILE E 72 37.83 -27.43 17.77
CA ILE E 72 38.31 -28.82 17.83
C ILE E 72 39.02 -29.22 16.53
N ILE E 73 38.46 -28.88 15.35
CA ILE E 73 39.11 -29.12 14.05
C ILE E 73 40.47 -28.39 13.98
N MET E 74 40.53 -27.14 14.46
CA MET E 74 41.79 -26.40 14.52
C MET E 74 42.81 -27.07 15.46
N LEU E 75 42.35 -27.60 16.59
CA LEU E 75 43.21 -28.35 17.53
C LEU E 75 43.71 -29.66 16.93
N SER E 76 42.86 -30.43 16.24
CA SER E 76 43.29 -31.67 15.57
C SER E 76 44.31 -31.38 14.47
N PHE E 77 44.12 -30.31 13.70
CA PHE E 77 45.10 -29.85 12.71
C PHE E 77 46.45 -29.50 13.36
N ASN E 78 46.43 -28.78 14.49
CA ASN E 78 47.64 -28.43 15.24
C ASN E 78 48.38 -29.68 15.77
N LEU E 79 47.66 -30.71 16.23
CA LEU E 79 48.25 -31.98 16.61
C LEU E 79 48.95 -32.66 15.42
N ARG E 80 48.29 -32.72 14.26
CA ARG E 80 48.84 -33.33 13.03
C ARG E 80 50.12 -32.63 12.55
N ILE E 81 50.18 -31.29 12.53
CA ILE E 81 51.39 -30.54 12.14
C ILE E 81 52.55 -30.74 13.13
N CYS E 82 52.27 -31.04 14.40
CA CYS E 82 53.25 -31.41 15.41
C CYS E 82 53.67 -32.89 15.35
N GLY E 83 53.15 -33.66 14.39
CA GLY E 83 53.44 -35.10 14.25
C GLY E 83 52.63 -36.00 15.18
N MET E 84 51.62 -35.46 15.89
CA MET E 84 50.73 -36.18 16.81
C MET E 84 49.43 -36.59 16.11
N SER E 85 49.55 -37.24 14.94
CA SER E 85 48.40 -37.60 14.10
C SER E 85 47.47 -38.61 14.78
N SER E 86 48.03 -39.56 15.53
CA SER E 86 47.25 -40.56 16.27
C SER E 86 46.39 -39.91 17.35
N GLU E 87 46.94 -38.92 18.05
CA GLU E 87 46.24 -38.12 19.06
C GLU E 87 45.16 -37.24 18.42
N ALA E 88 45.40 -36.72 17.21
CA ALA E 88 44.42 -35.97 16.45
C ALA E 88 43.22 -36.84 16.03
N ASP E 89 43.50 -38.03 15.47
CA ASP E 89 42.47 -39.01 15.09
C ASP E 89 41.65 -39.42 16.32
N ARG E 90 42.33 -39.67 17.45
CA ARG E 90 41.67 -40.04 18.71
C ARG E 90 40.80 -38.91 19.27
N LEU E 91 41.27 -37.66 19.18
CA LEU E 91 40.48 -36.50 19.60
C LEU E 91 39.19 -36.38 18.78
N GLU E 92 39.29 -36.53 17.45
CA GLU E 92 38.14 -36.48 16.54
C GLU E 92 37.13 -37.61 16.86
N GLU E 93 37.61 -38.84 17.07
CA GLU E 93 36.79 -39.99 17.44
C GLU E 93 36.05 -39.77 18.78
N LEU E 94 36.75 -39.28 19.81
CA LEU E 94 36.16 -39.04 21.13
C LEU E 94 35.08 -37.95 21.08
N VAL E 95 35.31 -36.91 20.29
CA VAL E 95 34.34 -35.82 20.12
C VAL E 95 33.13 -36.30 19.33
N GLU E 96 33.33 -37.08 18.26
CA GLU E 96 32.23 -37.67 17.52
C GLU E 96 31.40 -38.62 18.40
N TYR E 97 32.05 -39.45 19.22
CA TYR E 97 31.36 -40.28 20.21
C TYR E 97 30.50 -39.44 21.15
N LEU E 98 31.01 -38.31 21.65
CA LEU E 98 30.25 -37.41 22.52
C LEU E 98 29.07 -36.73 21.81
N GLU E 99 29.21 -36.42 20.51
CA GLU E 99 28.13 -35.83 19.69
C GLU E 99 27.05 -36.86 19.34
N GLN E 100 27.43 -38.10 19.05
CA GLN E 100 26.51 -39.19 18.67
C GLN E 100 25.84 -39.85 19.86
N HIS E 110 28.30 -29.26 25.76
CA HIS E 110 28.92 -28.26 24.90
C HIS E 110 29.77 -27.27 25.70
N ALA E 111 29.26 -26.78 26.84
CA ALA E 111 30.02 -25.90 27.72
C ALA E 111 31.28 -26.59 28.29
N VAL E 112 31.18 -27.87 28.61
CA VAL E 112 32.35 -28.65 29.07
C VAL E 112 33.39 -28.79 27.95
N LEU E 113 32.98 -29.11 26.73
CA LEU E 113 33.90 -29.17 25.58
C LEU E 113 34.54 -27.82 25.30
N GLU E 114 33.77 -26.73 25.39
CA GLU E 114 34.31 -25.38 25.21
C GLU E 114 35.34 -25.04 26.30
N LEU E 115 35.11 -25.44 27.55
CA LEU E 115 36.11 -25.29 28.62
C LEU E 115 37.40 -26.04 28.32
N LEU E 116 37.32 -27.29 27.86
CA LEU E 116 38.49 -28.10 27.53
C LEU E 116 39.29 -27.48 26.38
N VAL E 117 38.60 -26.95 25.38
CA VAL E 117 39.22 -26.22 24.27
C VAL E 117 39.91 -24.93 24.74
N GLU E 118 39.27 -24.14 25.60
CA GLU E 118 39.85 -22.91 26.16
C GLU E 118 41.05 -23.17 27.08
N LEU E 119 41.14 -24.38 27.65
CA LEU E 119 42.27 -24.83 28.48
C LEU E 119 43.31 -25.64 27.70
N SER E 120 43.19 -25.78 26.38
CA SER E 120 44.14 -26.56 25.58
C SER E 120 45.55 -25.95 25.64
N GLY E 121 46.55 -26.78 25.97
CA GLY E 121 47.96 -26.41 26.10
C GLY E 121 48.35 -25.75 27.44
N GLN E 342 53.89 42.87 8.13
CA GLN E 342 54.64 42.36 9.28
C GLN E 342 54.04 41.03 9.73
N PRO E 343 54.89 40.03 9.97
CA PRO E 343 54.40 38.70 10.36
C PRO E 343 53.77 38.70 11.75
N GLN E 344 52.64 38.00 11.86
CA GLN E 344 51.99 37.80 13.15
C GLN E 344 52.04 36.32 13.55
N LEU E 345 51.46 35.42 12.76
CA LEU E 345 51.49 33.98 13.04
C LEU E 345 50.97 33.21 11.82
N VAL E 346 51.00 31.88 11.95
CA VAL E 346 50.55 30.93 10.93
C VAL E 346 49.04 31.03 10.68
N LEU E 347 48.61 30.50 9.53
CA LEU E 347 47.25 30.64 9.02
C LEU E 347 46.20 29.98 9.92
N LEU E 348 45.00 30.56 9.89
CA LEU E 348 43.76 29.95 10.37
C LEU E 348 43.19 29.01 9.30
N GLU E 349 41.93 28.64 9.46
CA GLU E 349 41.23 27.77 8.52
C GLU E 349 40.28 28.57 7.63
N GLU E 350 39.87 27.95 6.51
CA GLU E 350 38.94 28.60 5.59
C GLU E 350 37.52 28.60 6.13
N THR E 351 37.15 27.57 6.89
CA THR E 351 35.80 27.51 7.47
C THR E 351 35.63 28.53 8.59
N ASP E 352 36.71 28.97 9.22
CA ASP E 352 36.63 30.08 10.15
C ASP E 352 36.42 31.40 9.44
N LEU E 353 36.81 31.49 8.17
CA LEU E 353 36.64 32.74 7.43
C LEU E 353 35.20 32.95 6.99
N VAL E 354 34.52 31.87 6.59
CA VAL E 354 33.16 32.01 6.08
C VAL E 354 32.17 32.26 7.21
N LYS E 355 32.56 32.01 8.46
CA LYS E 355 31.74 32.36 9.61
C LYS E 355 32.05 33.74 10.14
N ALA E 356 33.27 34.23 9.94
CA ALA E 356 33.63 35.57 10.40
C ALA E 356 33.03 36.64 9.52
N VAL E 357 32.92 36.38 8.21
CA VAL E 357 32.25 37.31 7.32
C VAL E 357 30.74 37.30 7.59
N LEU E 358 30.22 36.19 8.13
CA LEU E 358 28.81 36.10 8.47
C LEU E 358 28.47 36.97 9.68
N ASN E 359 29.42 37.16 10.59
CA ASN E 359 29.15 37.94 11.79
C ASN E 359 29.25 39.43 11.53
N VAL E 360 30.18 39.86 10.66
CA VAL E 360 30.37 41.28 10.40
C VAL E 360 29.23 41.84 9.56
N LEU E 361 28.48 40.99 8.86
CA LEU E 361 27.36 41.46 8.06
C LEU E 361 26.18 41.86 8.93
N ILE E 362 25.93 41.12 10.01
CA ILE E 362 24.82 41.44 10.89
C ILE E 362 25.20 42.51 11.90
N GLY E 363 26.50 42.77 12.08
CA GLY E 363 26.96 43.78 13.01
C GLY E 363 27.55 43.25 14.30
N VAL E 364 28.15 42.07 14.28
CA VAL E 364 28.72 41.43 15.47
C VAL E 364 30.18 41.16 15.20
N VAL E 365 31.04 41.50 16.17
CA VAL E 365 32.47 41.27 16.00
C VAL E 365 32.76 39.77 16.08
N SER E 366 33.73 39.32 15.29
CA SER E 366 34.24 37.97 15.35
C SER E 366 35.59 37.98 16.05
N SER E 367 36.30 36.85 15.99
CA SER E 367 37.63 36.77 16.58
C SER E 367 38.65 37.61 15.82
N THR E 368 38.44 37.81 14.51
CA THR E 368 39.34 38.64 13.73
C THR E 368 38.85 40.07 13.54
N PHE E 369 37.58 40.34 13.83
CA PHE E 369 37.03 41.68 13.69
C PHE E 369 36.98 42.40 15.03
N SER E 370 37.42 43.66 15.02
CA SER E 370 37.39 44.53 16.18
C SER E 370 36.70 45.82 15.79
N TYR E 371 35.51 46.06 16.33
CA TYR E 371 34.81 47.30 16.05
C TYR E 371 35.45 48.45 16.82
N ASN E 372 35.70 49.55 16.12
CA ASN E 372 36.30 50.74 16.72
C ASN E 372 35.25 51.84 16.74
N GLN E 373 34.81 52.21 17.95
CA GLN E 373 33.80 53.25 18.11
C GLN E 373 34.34 54.64 17.75
N ALA E 374 35.66 54.85 17.83
CA ALA E 374 36.23 56.15 17.53
C ALA E 374 36.14 56.49 16.05
N LEU E 375 36.08 55.49 15.18
CA LEU E 375 35.89 55.71 13.75
C LEU E 375 34.56 55.18 13.25
N GLN E 376 33.81 54.47 14.10
CA GLN E 376 32.56 53.76 13.74
C GLN E 376 32.77 52.84 12.54
N SER E 377 33.85 52.07 12.59
CA SER E 377 34.26 51.19 11.50
C SER E 377 34.72 49.86 12.07
N PHE E 378 34.77 48.86 11.20
CA PHE E 378 35.32 47.56 11.55
C PHE E 378 36.81 47.53 11.21
N ALA E 379 37.56 46.70 11.94
CA ALA E 379 39.00 46.63 11.78
C ALA E 379 39.42 45.17 11.78
N VAL E 380 40.08 44.75 10.72
CA VAL E 380 40.71 43.44 10.68
C VAL E 380 42.17 43.61 11.13
N LYS E 381 42.79 42.52 11.55
CA LYS E 381 44.19 42.57 11.95
C LYS E 381 45.07 42.79 10.72
N GLN E 382 46.20 43.46 10.93
CA GLN E 382 46.91 44.09 9.82
C GLN E 382 47.73 43.10 9.00
N GLY E 383 48.28 42.06 9.62
CA GLY E 383 49.36 41.33 8.98
C GLY E 383 49.09 39.90 8.53
N VAL E 384 50.06 39.02 8.81
CA VAL E 384 50.11 37.68 8.24
C VAL E 384 49.07 36.75 8.86
N TYR E 385 48.51 37.11 10.02
CA TYR E 385 47.27 36.51 10.52
C TYR E 385 46.20 36.62 9.45
N ILE E 386 45.30 35.63 9.41
CA ILE E 386 45.12 34.74 8.26
C ILE E 386 45.50 35.38 6.92
N SER E 387 44.95 36.56 6.60
CA SER E 387 45.28 37.40 5.44
C SER E 387 44.95 36.77 4.09
N GLY E 388 44.53 35.50 4.07
CA GLY E 388 44.48 34.71 2.86
C GLY E 388 45.34 33.48 2.96
N THR E 389 44.70 32.30 2.89
CA THR E 389 45.44 31.08 2.60
C THR E 389 46.11 31.18 1.24
N SER E 390 45.40 31.77 0.28
CA SER E 390 45.98 32.36 -0.91
C SER E 390 46.65 33.66 -0.49
N PRO E 391 48.02 33.78 -0.63
CA PRO E 391 48.79 34.83 0.06
C PRO E 391 48.31 36.28 -0.03
N ASP E 392 47.94 36.81 1.13
CA ASP E 392 47.61 38.22 1.38
C ASP E 392 46.39 38.68 0.57
N ASN E 393 45.47 37.77 0.26
CA ASN E 393 44.28 38.16 -0.51
C ASN E 393 43.09 38.49 0.36
N VAL E 394 42.86 37.73 1.45
CA VAL E 394 41.77 38.04 2.36
C VAL E 394 42.08 39.31 3.15
N SER E 395 43.36 39.69 3.25
CA SER E 395 43.77 40.93 3.90
C SER E 395 43.18 42.18 3.23
N SER E 396 42.83 42.08 1.95
CA SER E 396 42.13 43.14 1.24
C SER E 396 40.67 42.83 0.94
N LEU E 397 40.34 41.56 0.67
CA LEU E 397 38.95 41.20 0.33
C LEU E 397 38.04 41.28 1.55
N LEU E 398 38.55 40.89 2.72
CA LEU E 398 37.73 40.96 3.93
C LEU E 398 37.53 42.39 4.39
N THR E 399 38.41 43.32 4.00
CA THR E 399 38.19 44.72 4.29
C THR E 399 37.10 45.31 3.40
N GLN E 400 36.94 44.78 2.19
CA GLN E 400 35.88 45.26 1.30
C GLN E 400 34.51 44.84 1.80
N VAL E 401 34.41 43.70 2.48
CA VAL E 401 33.12 43.26 3.01
C VAL E 401 32.92 43.73 4.44
N ALA E 402 33.99 44.02 5.18
CA ALA E 402 33.85 44.66 6.49
C ALA E 402 33.40 46.12 6.33
N GLU E 403 33.91 46.79 5.30
CA GLU E 403 33.37 48.11 4.96
C GLU E 403 31.93 47.99 4.47
N TYR E 404 31.62 46.90 3.75
CA TYR E 404 30.24 46.59 3.45
C TYR E 404 29.47 46.22 4.71
N GLY E 405 30.14 45.59 5.68
CA GLY E 405 29.51 45.40 6.98
C GLY E 405 29.45 46.64 7.85
N THR E 406 30.24 47.66 7.50
CA THR E 406 30.29 48.87 8.32
C THR E 406 29.04 49.72 8.10
N TYR E 407 28.49 49.73 6.89
CA TYR E 407 27.32 50.56 6.63
C TYR E 407 26.04 49.98 7.21
N TYR E 408 26.00 48.68 7.54
CA TYR E 408 24.78 48.10 8.07
C TYR E 408 24.58 48.47 9.53
N THR E 409 25.64 48.53 10.33
CA THR E 409 25.50 48.92 11.72
C THR E 409 25.25 50.42 11.90
N ARG E 410 25.35 51.21 10.84
CA ARG E 410 24.91 52.60 10.90
C ARG E 410 23.40 52.71 10.74
N LEU E 411 22.81 51.86 9.91
CA LEU E 411 21.37 51.92 9.68
C LEU E 411 20.60 51.41 10.89
N SER E 412 21.13 50.39 11.58
CA SER E 412 20.51 49.94 12.81
C SER E 412 20.76 50.91 13.96
N HIS E 413 21.89 51.62 13.92
CA HIS E 413 22.13 52.69 14.88
C HIS E 413 21.16 53.85 14.67
N PHE E 414 20.92 54.19 13.41
CA PHE E 414 20.02 55.29 13.09
C PHE E 414 18.57 54.95 13.43
N SER E 415 18.19 53.67 13.27
CA SER E 415 16.80 53.29 13.49
C SER E 415 16.45 53.25 14.97
N LEU E 416 17.41 52.93 15.84
CA LEU E 416 17.13 52.85 17.26
C LEU E 416 17.11 54.21 17.93
N LEU E 417 17.80 55.20 17.35
CA LEU E 417 17.95 56.51 17.99
C LEU E 417 16.81 57.47 17.63
N THR E 418 16.04 57.17 16.60
CA THR E 418 14.97 58.06 16.14
C THR E 418 13.60 57.60 16.59
N VAL E 419 13.49 56.46 17.27
CA VAL E 419 12.19 55.98 17.72
C VAL E 419 11.67 56.90 18.83
N LEU E 420 10.36 57.09 18.85
CA LEU E 420 9.74 58.03 19.79
C LEU E 420 9.40 57.38 21.12
N ASP E 421 10.01 56.24 21.43
CA ASP E 421 10.04 55.68 22.77
C ASP E 421 11.38 55.92 23.46
N SER E 422 12.40 56.34 22.70
CA SER E 422 13.69 56.71 23.25
C SER E 422 14.07 58.17 22.94
N SER E 423 13.18 58.91 22.29
CA SER E 423 13.42 60.31 21.96
C SER E 423 12.08 61.02 21.87
N HIS E 424 12.11 62.34 22.08
CA HIS E 424 10.90 63.15 21.95
C HIS E 424 11.22 64.48 21.29
N SER E 425 12.11 64.47 20.30
CA SER E 425 12.45 65.68 19.56
C SER E 425 12.46 65.51 18.06
N ASN E 426 12.07 64.34 17.54
CA ASN E 426 12.06 64.09 16.11
C ASN E 426 10.62 64.12 15.60
N GLY E 427 10.48 64.37 14.30
CA GLY E 427 9.19 64.54 13.69
C GLY E 427 8.48 63.22 13.39
N LEU E 428 7.19 63.33 13.09
CA LEU E 428 6.41 62.15 12.74
C LEU E 428 6.75 61.66 11.34
N VAL E 429 7.03 62.60 10.42
CA VAL E 429 7.51 62.21 9.09
C VAL E 429 8.92 61.66 9.19
N PHE E 430 9.72 62.18 10.13
CA PHE E 430 11.04 61.63 10.39
C PHE E 430 10.96 60.23 10.97
N GLN E 431 9.89 59.93 11.72
CA GLN E 431 9.68 58.59 12.26
C GLN E 431 9.17 57.65 11.17
N ALA E 432 8.34 58.15 10.25
CA ALA E 432 7.74 57.31 9.22
C ALA E 432 8.74 56.88 8.16
N PHE E 433 9.84 57.61 8.00
CA PHE E 433 10.91 57.17 7.10
C PHE E 433 11.63 55.95 7.66
N THR E 434 11.76 55.88 8.98
CA THR E 434 12.40 54.75 9.62
C THR E 434 11.51 53.51 9.60
N SER E 435 10.19 53.71 9.61
CA SER E 435 9.25 52.58 9.64
C SER E 435 9.30 51.78 8.35
N GLY E 436 9.56 52.45 7.22
CA GLY E 436 9.85 51.74 5.99
C GLY E 436 11.26 51.21 5.92
N LEU E 437 12.20 51.81 6.66
CA LEU E 437 13.57 51.34 6.69
C LEU E 437 13.69 50.04 7.47
N ARG E 438 12.90 49.89 8.55
CA ARG E 438 12.96 48.69 9.37
C ARG E 438 12.35 47.48 8.67
N LYS E 439 11.48 47.70 7.69
CA LYS E 439 11.02 46.58 6.87
C LYS E 439 12.09 46.14 5.89
N TYR E 440 12.99 47.05 5.50
CA TYR E 440 14.15 46.68 4.70
C TYR E 440 15.22 45.99 5.54
N LEU E 441 15.22 46.21 6.85
CA LEU E 441 16.23 45.60 7.72
C LEU E 441 15.99 44.11 7.89
N GLN E 442 14.72 43.70 8.00
CA GLN E 442 14.43 42.27 8.16
C GLN E 442 14.61 41.50 6.86
N TYR E 443 14.54 42.17 5.71
CA TYR E 443 14.89 41.53 4.46
C TYR E 443 16.40 41.30 4.38
N TYR E 444 17.18 42.19 4.99
CA TYR E 444 18.62 41.97 5.11
C TYR E 444 18.90 40.83 6.09
N ARG E 445 18.11 40.72 7.15
CA ARG E 445 18.33 39.68 8.15
C ARG E 445 17.89 38.31 7.67
N ALA E 446 16.85 38.24 6.84
CA ALA E 446 16.44 36.96 6.28
C ALA E 446 17.39 36.48 5.18
N CYS E 447 18.09 37.41 4.53
CA CYS E 447 19.03 37.03 3.49
C CYS E 447 20.41 36.66 4.04
N VAL E 448 20.84 37.29 5.13
CA VAL E 448 22.12 36.94 5.72
C VAL E 448 22.04 35.61 6.47
N LEU E 449 20.85 35.20 6.90
CA LEU E 449 20.68 33.92 7.59
C LEU E 449 20.63 32.74 6.64
N SER E 450 20.59 32.97 5.34
CA SER E 450 20.52 31.91 4.34
C SER E 450 21.83 31.68 3.61
N THR E 451 22.87 32.46 3.92
CA THR E 451 24.16 32.27 3.26
C THR E 451 24.91 30.97 3.58
N PRO E 452 24.75 30.29 4.73
CA PRO E 452 25.27 28.91 4.80
C PRO E 452 24.53 27.97 3.85
N ALA E 453 25.28 27.04 3.24
CA ALA E 453 26.71 26.81 3.47
C ALA E 453 27.57 27.55 2.43
N SER E 454 28.46 28.40 2.93
CA SER E 454 29.34 29.16 2.07
C SER E 454 30.47 28.27 1.56
N LEU E 455 30.83 28.47 0.28
CA LEU E 455 31.93 27.73 -0.32
C LEU E 455 33.25 28.49 -0.14
N THR E 456 33.32 29.70 -0.67
CA THR E 456 34.46 30.58 -0.47
C THR E 456 33.96 32.00 -0.30
N LEU E 457 34.89 32.94 -0.16
CA LEU E 457 34.53 34.32 0.12
C LEU E 457 34.02 35.07 -1.11
N LEU E 458 34.17 34.50 -2.31
CA LEU E 458 33.62 35.13 -3.50
C LEU E 458 32.15 34.85 -3.68
N THR E 459 31.70 33.65 -3.31
CA THR E 459 30.31 33.24 -3.54
C THR E 459 29.32 34.04 -2.71
N ILE E 460 29.80 34.71 -1.66
CA ILE E 460 28.93 35.45 -0.76
C ILE E 460 28.95 36.94 -1.08
N SER E 461 30.13 37.46 -1.45
CA SER E 461 30.29 38.86 -1.82
C SER E 461 29.71 39.16 -3.19
N PHE E 462 29.70 38.17 -4.08
CA PHE E 462 29.09 38.37 -5.40
C PHE E 462 27.58 38.25 -5.33
N LEU E 463 27.07 37.44 -4.40
CA LEU E 463 25.64 37.44 -4.11
C LEU E 463 25.20 38.78 -3.52
N PHE E 464 26.07 39.40 -2.71
CA PHE E 464 25.79 40.69 -2.11
C PHE E 464 26.49 41.83 -2.85
N ARG E 465 26.86 41.61 -4.11
CA ARG E 465 27.43 42.69 -4.92
C ARG E 465 26.34 43.65 -5.38
N LYS E 466 25.19 43.10 -5.78
CA LYS E 466 24.02 43.94 -6.04
C LYS E 466 23.53 44.60 -4.76
N LEU E 467 23.55 43.87 -3.65
CA LEU E 467 23.18 44.43 -2.35
C LEU E 467 24.24 45.39 -1.82
N GLY E 468 25.48 45.29 -2.31
CA GLY E 468 26.52 46.21 -1.89
C GLY E 468 26.33 47.61 -2.41
N ARG E 469 25.82 47.74 -3.64
CA ARG E 469 25.49 49.06 -4.17
C ARG E 469 24.30 49.66 -3.46
N GLN E 470 23.39 48.82 -2.98
CA GLN E 470 22.16 49.33 -2.38
C GLN E 470 22.41 49.89 -0.99
N LEU E 471 23.07 49.13 -0.12
CA LEU E 471 23.37 49.59 1.23
C LEU E 471 24.25 50.85 1.27
N ARG E 472 25.18 50.98 0.32
CA ARG E 472 26.00 52.19 0.25
C ARG E 472 25.17 53.42 -0.10
N TYR E 473 24.12 53.23 -0.91
CA TYR E 473 23.16 54.30 -1.19
C TYR E 473 22.29 54.59 0.02
N LEU E 474 21.74 53.55 0.64
CA LEU E 474 20.59 53.66 1.52
C LEU E 474 20.95 54.21 2.90
N ALA E 475 22.24 54.36 3.21
CA ALA E 475 22.71 54.89 4.49
C ALA E 475 23.09 56.36 4.41
N GLU E 476 23.90 56.74 3.42
CA GLU E 476 24.43 58.09 3.32
C GLU E 476 23.50 59.07 2.61
N LEU E 477 22.26 58.68 2.32
CA LEU E 477 21.29 59.67 1.87
C LEU E 477 20.85 60.56 3.02
N CYS E 478 20.76 60.00 4.23
CA CYS E 478 20.35 60.74 5.41
C CYS E 478 21.53 61.33 6.18
N CYS E 479 22.75 60.86 5.92
CA CYS E 479 23.93 61.38 6.60
C CYS E 479 24.53 62.56 5.83
N ALA E 494 24.69 67.71 5.82
CA ALA E 494 23.34 67.68 5.27
C ALA E 494 22.29 67.63 6.38
N PHE E 495 22.02 66.40 6.86
CA PHE E 495 21.03 66.06 7.88
C PHE E 495 19.64 66.63 7.59
N PRO E 496 18.91 66.10 6.61
CA PRO E 496 17.55 66.58 6.37
C PRO E 496 16.56 65.97 7.35
N THR E 497 15.55 66.76 7.70
CA THR E 497 14.56 66.35 8.71
C THR E 497 13.16 66.67 8.21
N GLY E 498 12.24 65.76 8.49
CA GLY E 498 10.82 65.98 8.26
C GLY E 498 10.41 66.15 6.81
N VAL E 499 9.92 67.35 6.47
CA VAL E 499 9.49 67.62 5.10
C VAL E 499 10.71 67.78 4.19
N LYS E 500 11.85 68.21 4.74
CA LYS E 500 13.08 68.26 3.96
C LYS E 500 13.64 66.87 3.73
N LEU E 501 13.54 66.00 4.73
CA LEU E 501 13.87 64.59 4.54
C LEU E 501 12.91 63.92 3.57
N LEU E 502 11.63 64.31 3.64
CA LEU E 502 10.65 63.87 2.65
C LEU E 502 10.97 64.45 1.27
N SER E 503 11.63 65.61 1.22
CA SER E 503 12.06 66.20 -0.05
C SER E 503 13.33 65.55 -0.58
N TYR E 504 14.20 65.06 0.30
CA TYR E 504 15.39 64.35 -0.16
C TYR E 504 15.02 62.99 -0.72
N LEU E 505 14.04 62.32 -0.13
CA LEU E 505 13.72 60.95 -0.57
C LEU E 505 12.93 60.94 -1.88
N TYR E 506 12.12 61.97 -2.15
CA TYR E 506 11.40 61.98 -3.42
C TYR E 506 12.34 62.24 -4.58
N LYS E 507 13.35 63.09 -4.37
CA LYS E 507 14.41 63.26 -5.37
C LYS E 507 15.17 61.97 -5.60
N GLU E 508 15.38 61.20 -4.52
CA GLU E 508 16.14 59.96 -4.66
C GLU E 508 15.30 58.85 -5.28
N ALA E 509 13.98 58.88 -5.08
CA ALA E 509 13.10 58.00 -5.83
C ALA E 509 12.91 58.46 -7.27
N LEU E 510 13.16 59.74 -7.55
CA LEU E 510 13.14 60.23 -8.92
C LEU E 510 14.36 59.79 -9.71
N GLU E 511 15.40 59.32 -9.04
CA GLU E 511 16.65 58.93 -9.70
C GLU E 511 16.59 57.49 -10.20
N ASN E 512 15.71 57.25 -11.16
CA ASN E 512 15.75 55.99 -11.87
C ASN E 512 16.79 56.06 -12.99
N SER E 513 16.85 54.99 -13.78
CA SER E 513 18.00 54.29 -14.41
C SER E 513 18.61 53.36 -13.38
N SER E 514 18.11 53.36 -12.15
CA SER E 514 18.25 52.27 -11.20
C SER E 514 16.91 51.55 -11.13
N ASN E 515 16.94 50.23 -11.13
CA ASN E 515 15.71 49.45 -11.16
C ASN E 515 15.53 48.54 -9.95
N GLU E 516 16.56 48.39 -9.11
CA GLU E 516 16.41 47.77 -7.80
C GLU E 516 16.45 48.77 -6.67
N ASN E 517 16.96 49.97 -6.91
CA ASN E 517 16.95 51.05 -5.93
C ASN E 517 15.71 51.93 -6.05
N TYR E 518 15.04 51.90 -7.22
CA TYR E 518 13.81 52.68 -7.38
C TYR E 518 12.62 52.14 -6.59
N PRO E 519 12.29 50.82 -6.58
CA PRO E 519 11.09 50.41 -5.82
C PRO E 519 11.25 50.48 -4.31
N VAL E 520 12.47 50.39 -3.78
CA VAL E 520 12.62 50.47 -2.32
C VAL E 520 12.45 51.90 -1.84
N LEU E 521 12.87 52.88 -2.63
CA LEU E 521 12.61 54.28 -2.32
C LEU E 521 11.18 54.70 -2.68
N LEU E 522 10.57 54.02 -3.67
CA LEU E 522 9.14 54.19 -3.91
C LEU E 522 8.34 53.71 -2.71
N SER E 523 8.77 52.61 -2.10
CA SER E 523 8.12 52.10 -0.90
C SER E 523 8.35 53.02 0.29
N LEU E 524 9.54 53.65 0.35
CA LEU E 524 9.81 54.60 1.41
C LEU E 524 9.02 55.89 1.21
N LEU E 525 8.71 56.25 -0.04
CA LEU E 525 7.81 57.37 -0.29
C LEU E 525 6.38 57.00 0.06
N LYS E 526 6.01 55.73 -0.10
CA LYS E 526 4.66 55.29 0.26
C LYS E 526 4.45 55.28 1.77
N THR E 527 5.50 55.01 2.53
CA THR E 527 5.38 54.94 3.98
C THR E 527 5.58 56.29 4.67
N SER E 528 6.53 57.11 4.18
CA SER E 528 6.79 58.39 4.82
C SER E 528 5.70 59.43 4.54
N CYS E 529 4.91 59.24 3.50
CA CYS E 529 3.81 60.15 3.21
C CYS E 529 2.51 59.74 3.90
N GLU E 530 2.50 58.62 4.63
CA GLU E 530 1.31 58.22 5.36
C GLU E 530 0.90 59.17 6.51
N PRO E 531 1.80 59.70 7.35
CA PRO E 531 1.31 60.70 8.33
C PRO E 531 0.97 62.03 7.68
N TYR E 532 1.62 62.40 6.58
CA TYR E 532 1.32 63.69 5.95
C TYR E 532 -0.03 63.65 5.24
N THR E 533 -0.31 62.55 4.53
CA THR E 533 -1.62 62.42 3.89
C THR E 533 -2.74 62.21 4.89
N ARG E 534 -2.43 61.73 6.10
CA ARG E 534 -3.44 61.69 7.15
C ARG E 534 -3.83 63.08 7.60
N PHE E 535 -2.89 64.02 7.62
CA PHE E 535 -3.20 65.41 7.95
C PHE E 535 -3.85 66.16 6.80
N ILE E 536 -3.99 65.54 5.63
CA ILE E 536 -4.65 66.19 4.51
C ILE E 536 -6.17 66.05 4.62
N TYR E 537 -6.66 64.82 4.78
CA TYR E 537 -8.10 64.61 4.67
C TYR E 537 -8.87 65.02 5.92
N ASP E 538 -8.22 65.08 7.08
CA ASP E 538 -8.91 65.64 8.24
C ASP E 538 -9.02 67.16 8.17
N TRP E 539 -8.14 67.81 7.41
CA TRP E 539 -8.13 69.25 7.27
C TRP E 539 -9.11 69.73 6.21
N VAL E 540 -9.41 68.90 5.21
CA VAL E 540 -10.32 69.30 4.14
C VAL E 540 -11.74 68.78 4.35
N TYR E 541 -11.97 67.89 5.31
CA TYR E 541 -13.30 67.38 5.58
C TYR E 541 -13.91 67.86 6.90
N SER E 542 -13.10 68.17 7.90
CA SER E 542 -13.61 68.74 9.14
C SER E 542 -12.86 70.02 9.51
N GLY E 543 -11.56 70.04 9.23
CA GLY E 543 -10.71 71.16 9.59
C GLY E 543 -9.98 71.03 10.91
N VAL E 544 -9.79 69.82 11.40
CA VAL E 544 -9.12 69.58 12.67
C VAL E 544 -7.62 69.44 12.43
N PHE E 545 -6.83 70.19 13.19
CA PHE E 545 -5.37 70.06 13.18
C PHE E 545 -4.99 69.02 14.24
N ARG E 546 -4.16 68.06 13.86
CA ARG E 546 -4.03 66.82 14.60
C ARG E 546 -2.71 66.63 15.33
N ASP E 547 -1.59 67.09 14.77
CA ASP E 547 -0.29 66.80 15.37
C ASP E 547 0.02 67.77 16.52
N VAL E 548 0.55 67.22 17.61
CA VAL E 548 0.97 68.06 18.72
C VAL E 548 2.44 68.45 18.60
N CYS E 549 3.24 67.65 17.89
CA CYS E 549 4.65 67.94 17.65
C CYS E 549 5.00 67.42 16.27
N GLY E 550 5.24 68.33 15.33
CA GLY E 550 5.53 67.94 13.96
C GLY E 550 6.49 68.91 13.31
N GLU E 551 7.06 68.47 12.20
CA GLU E 551 7.92 69.33 11.39
C GLU E 551 7.11 70.47 10.77
N PHE E 552 5.87 70.19 10.40
CA PHE E 552 4.97 71.21 9.87
C PHE E 552 4.62 72.22 10.96
N MET E 553 4.82 73.50 10.65
CA MET E 553 4.63 74.57 11.61
C MET E 553 3.14 74.75 11.94
N ILE E 554 2.86 75.17 13.16
CA ILE E 554 1.51 75.24 13.70
C ILE E 554 1.11 76.70 13.84
N GLN E 555 -0.08 77.05 13.33
CA GLN E 555 -0.68 78.35 13.57
C GLN E 555 -1.95 78.18 14.40
N VAL E 556 -2.28 79.21 15.19
CA VAL E 556 -3.38 79.10 16.13
C VAL E 556 -4.72 79.49 15.50
N ASN E 557 -4.71 80.43 14.53
CA ASN E 557 -5.90 80.97 13.85
C ASN E 557 -6.92 81.52 14.85
N GLU E 558 -6.43 82.34 15.77
CA GLU E 558 -7.27 82.91 16.83
C GLU E 558 -8.12 84.04 16.28
N ASP E 559 -9.43 83.96 16.48
CA ASP E 559 -10.39 84.93 15.97
C ASP E 559 -10.96 85.76 17.11
N TYR E 560 -10.96 87.08 16.92
CA TYR E 560 -11.62 87.96 17.87
C TYR E 560 -13.14 87.82 17.74
N LEU E 561 -13.83 87.85 18.88
CA LEU E 561 -15.29 87.74 18.84
C LEU E 561 -15.96 88.99 18.28
N GLY E 562 -15.38 90.16 18.54
CA GLY E 562 -15.99 91.42 18.16
C GLY E 562 -15.99 91.67 16.66
N PHE E 563 -14.89 91.33 16.00
CA PHE E 563 -14.77 91.52 14.56
C PHE E 563 -14.95 90.20 13.83
N ARG E 564 -15.73 90.25 12.76
CA ARG E 564 -16.17 89.07 12.01
C ARG E 564 -15.25 88.77 10.83
N ASP E 565 -14.13 89.51 10.70
CA ASP E 565 -13.41 89.84 9.47
C ASP E 565 -13.34 88.76 8.38
N LYS E 566 -12.82 87.58 8.73
CA LYS E 566 -12.85 86.47 7.79
C LYS E 566 -13.08 85.13 8.50
N ARG E 567 -13.78 85.16 9.65
CA ARG E 567 -14.05 84.09 10.62
C ARG E 567 -12.78 83.75 11.42
N TYR E 568 -11.62 84.30 11.05
CA TYR E 568 -10.32 83.95 11.60
C TYR E 568 -9.56 85.15 12.13
N TRP E 569 -9.66 86.30 11.45
CA TRP E 569 -9.18 87.64 11.82
C TRP E 569 -7.65 87.79 11.76
N THR E 570 -6.93 86.66 11.70
CA THR E 570 -5.51 86.57 11.37
C THR E 570 -5.19 85.11 11.12
N HIS E 571 -4.43 84.84 10.06
CA HIS E 571 -3.86 83.52 9.90
C HIS E 571 -2.39 83.59 9.53
N GLY E 572 -2.01 84.53 8.68
CA GLY E 572 -0.65 84.61 8.19
C GLY E 572 -0.35 83.46 7.23
N TYR E 573 0.77 82.77 7.46
CA TYR E 573 0.98 81.41 7.00
C TYR E 573 2.09 80.81 7.85
N VAL E 574 2.06 79.48 7.95
CA VAL E 574 3.14 78.79 8.65
C VAL E 574 4.41 78.73 7.81
N LEU E 575 4.29 79.00 6.51
CA LEU E 575 5.42 79.06 5.57
C LEU E 575 5.43 80.48 4.99
N ILE E 576 5.44 81.46 5.91
CA ILE E 576 4.74 82.76 5.80
C ILE E 576 4.90 83.43 4.44
N SER E 577 6.11 83.46 3.88
CA SER E 577 6.32 84.18 2.63
C SER E 577 6.91 83.30 1.55
N LYS E 578 7.75 82.34 1.94
CA LYS E 578 8.39 81.47 0.95
C LYS E 578 7.40 80.49 0.35
N GLU E 579 6.42 80.04 1.15
CA GLU E 579 5.30 79.17 0.73
C GLU E 579 5.78 77.85 0.12
N VAL E 580 6.91 77.32 0.58
CA VAL E 580 7.53 76.18 -0.10
C VAL E 580 6.94 74.91 0.52
N GLU E 581 5.75 74.56 0.04
CA GLU E 581 5.20 73.23 0.28
C GLU E 581 5.75 72.32 -0.82
N ASP E 582 6.33 71.20 -0.41
CA ASP E 582 7.25 70.47 -1.27
C ASP E 582 6.87 69.01 -1.40
N CYS E 583 7.33 68.39 -2.50
CA CYS E 583 7.74 67.00 -2.69
C CYS E 583 6.64 65.96 -2.53
N VAL E 584 5.41 66.34 -2.18
CA VAL E 584 4.27 65.44 -2.03
C VAL E 584 3.63 65.52 -3.41
N PRO E 585 2.60 64.68 -3.77
CA PRO E 585 1.73 65.00 -4.92
C PRO E 585 1.14 66.41 -4.94
N VAL E 586 0.33 66.79 -5.91
CA VAL E 586 0.55 67.73 -7.02
C VAL E 586 1.89 68.48 -7.24
N PHE E 587 2.86 68.40 -6.30
CA PHE E 587 4.17 69.12 -6.07
C PHE E 587 3.90 70.33 -5.20
N LEU E 588 2.65 70.48 -4.75
CA LEU E 588 2.26 71.37 -3.65
C LEU E 588 2.60 72.82 -3.97
N LYS E 589 2.42 73.20 -5.23
CA LYS E 589 2.71 74.54 -5.69
C LYS E 589 1.46 75.33 -6.03
N HIS E 590 0.42 74.71 -6.59
CA HIS E 590 -0.87 75.39 -6.53
C HIS E 590 -1.81 74.78 -5.50
N VAL E 591 -2.13 73.47 -5.53
CA VAL E 591 -3.17 72.87 -4.68
C VAL E 591 -2.86 73.02 -3.18
N ALA E 592 -1.57 73.18 -2.83
CA ALA E 592 -1.21 73.56 -1.46
C ALA E 592 -1.72 74.94 -1.07
N ASN E 593 -1.88 75.84 -2.04
CA ASN E 593 -2.53 77.12 -1.73
C ASN E 593 -4.04 76.98 -1.67
N GLU E 594 -4.60 75.90 -2.19
CA GLU E 594 -6.05 75.73 -2.22
C GLU E 594 -6.56 74.67 -1.26
N ILE E 595 -5.71 73.74 -0.82
CA ILE E 595 -6.03 72.98 0.38
C ILE E 595 -5.94 73.89 1.59
N TYR E 596 -5.24 75.01 1.42
CA TYR E 596 -5.26 76.08 2.41
C TYR E 596 -6.67 76.65 2.51
N ILE E 597 -7.18 77.17 1.38
CA ILE E 597 -8.42 77.95 1.40
C ILE E 597 -9.67 77.08 1.53
N CYS E 598 -9.62 75.80 1.09
CA CYS E 598 -10.79 74.96 1.36
C CYS E 598 -10.72 74.42 2.78
N GLY E 599 -9.52 74.36 3.35
CA GLY E 599 -9.40 74.11 4.77
C GLY E 599 -9.83 75.30 5.61
N LYS E 600 -9.75 76.51 5.04
CA LYS E 600 -10.26 77.68 5.74
C LYS E 600 -11.79 77.68 5.76
N THR E 601 -12.42 77.13 4.73
CA THR E 601 -13.86 77.26 4.56
C THR E 601 -14.65 76.02 4.97
N ILE E 602 -13.97 74.90 5.25
CA ILE E 602 -14.69 73.73 5.77
C ILE E 602 -15.16 73.98 7.20
N ASN E 603 -14.36 74.68 8.00
CA ASN E 603 -14.78 75.08 9.33
C ASN E 603 -15.49 76.43 9.35
N LEU E 604 -15.63 77.08 8.19
CA LEU E 604 -16.59 78.15 8.07
C LEU E 604 -18.00 77.60 7.96
N LEU E 605 -18.13 76.38 7.41
CA LEU E 605 -19.38 75.65 7.47
C LEU E 605 -19.73 75.29 8.91
N LYS E 606 -18.72 74.92 9.69
CA LYS E 606 -18.93 74.55 11.08
C LYS E 606 -19.01 75.80 11.94
N LEU E 607 -19.70 75.67 13.09
CA LEU E 607 -20.13 76.74 14.00
C LEU E 607 -20.75 77.94 13.29
N CYS E 608 -21.48 77.68 12.19
CA CYS E 608 -22.05 78.66 11.26
C CYS E 608 -21.12 79.79 10.80
N SER E 1358 5.20 53.29 -13.67
CA SER E 1358 6.58 53.16 -14.11
C SER E 1358 7.38 54.41 -13.73
N LEU E 1359 6.66 55.49 -13.44
CA LEU E 1359 7.26 56.78 -13.16
C LEU E 1359 6.88 57.24 -11.75
N PRO E 1360 7.82 57.83 -11.01
CA PRO E 1360 7.45 58.44 -9.72
C PRO E 1360 6.66 59.73 -9.87
N VAL E 1361 6.63 60.33 -11.06
CA VAL E 1361 5.76 61.48 -11.30
C VAL E 1361 4.39 61.08 -11.83
N LEU E 1362 4.27 59.91 -12.46
CA LEU E 1362 2.98 59.49 -13.00
C LEU E 1362 2.05 59.02 -11.88
N MET E 1363 2.56 58.23 -10.93
CA MET E 1363 1.75 57.89 -9.76
C MET E 1363 1.55 59.11 -8.87
N LYS E 1364 2.47 60.08 -8.93
CA LYS E 1364 2.23 61.38 -8.34
C LYS E 1364 1.10 62.10 -9.07
N TYR E 1365 1.04 61.97 -10.39
CA TYR E 1365 -0.05 62.56 -11.16
C TYR E 1365 -1.36 61.79 -11.03
N SER E 1366 -1.33 60.57 -10.48
CA SER E 1366 -2.57 59.82 -10.27
C SER E 1366 -3.24 60.21 -8.95
N VAL E 1367 -2.46 60.63 -7.96
CA VAL E 1367 -3.00 61.20 -6.74
C VAL E 1367 -3.40 62.66 -6.96
N THR E 1368 -2.86 63.28 -8.01
CA THR E 1368 -2.88 64.74 -8.16
C THR E 1368 -4.27 65.25 -8.52
N ALA E 1369 -4.90 64.64 -9.53
CA ALA E 1369 -6.20 65.10 -10.02
C ALA E 1369 -7.36 64.70 -9.09
N PRO E 1370 -7.33 63.55 -8.39
CA PRO E 1370 -8.24 63.41 -7.23
C PRO E 1370 -8.07 64.51 -6.19
N MET E 1371 -6.84 64.96 -5.94
CA MET E 1371 -6.65 66.08 -5.03
C MET E 1371 -7.04 67.41 -5.68
N VAL E 1372 -7.15 67.45 -7.01
CA VAL E 1372 -7.78 68.57 -7.69
C VAL E 1372 -9.30 68.41 -7.66
N SER E 1373 -9.79 67.17 -7.70
CA SER E 1373 -11.23 66.95 -7.78
C SER E 1373 -11.93 67.22 -6.45
N HIS E 1374 -11.31 66.88 -5.32
CA HIS E 1374 -12.03 67.05 -4.06
C HIS E 1374 -11.97 68.49 -3.57
N VAL E 1375 -10.91 69.24 -3.87
CA VAL E 1375 -10.87 70.64 -3.49
C VAL E 1375 -11.92 71.42 -4.26
N TYR E 1376 -12.15 71.06 -5.53
CA TYR E 1376 -13.21 71.70 -6.32
C TYR E 1376 -14.58 71.23 -5.85
N LEU E 1377 -14.65 70.04 -5.24
CA LEU E 1377 -15.91 69.57 -4.66
C LEU E 1377 -16.20 70.23 -3.33
N VAL E 1378 -15.18 70.54 -2.55
CA VAL E 1378 -15.40 71.32 -1.33
C VAL E 1378 -15.58 72.80 -1.68
N ASN E 1379 -14.95 73.27 -2.76
CA ASN E 1379 -15.14 74.66 -3.20
C ASN E 1379 -16.54 74.88 -3.75
N LYS E 1380 -17.15 73.84 -4.35
CA LYS E 1380 -18.50 74.04 -4.83
C LYS E 1380 -19.54 73.88 -3.74
N ALA E 1381 -19.13 73.57 -2.51
CA ALA E 1381 -20.07 73.57 -1.40
C ALA E 1381 -20.12 74.94 -0.72
N ILE E 1382 -18.96 75.59 -0.60
CA ILE E 1382 -18.92 76.92 0.00
C ILE E 1382 -19.48 77.97 -0.96
N VAL E 1383 -19.53 77.71 -2.27
CA VAL E 1383 -20.27 78.60 -3.16
C VAL E 1383 -21.78 78.47 -2.90
N ASP E 1384 -22.23 77.25 -2.58
CA ASP E 1384 -23.64 77.07 -2.28
C ASP E 1384 -23.97 77.57 -0.89
N TYR E 1385 -23.00 77.52 0.03
CA TYR E 1385 -23.23 78.00 1.38
C TYR E 1385 -23.25 79.53 1.42
N TYR E 1386 -22.48 80.18 0.54
CA TYR E 1386 -22.61 81.62 0.39
C TYR E 1386 -23.96 81.99 -0.24
N PHE E 1387 -24.48 81.15 -1.14
CA PHE E 1387 -25.77 81.43 -1.77
C PHE E 1387 -26.93 81.39 -0.78
N VAL E 1388 -26.88 80.49 0.20
CA VAL E 1388 -28.03 80.28 1.07
C VAL E 1388 -28.03 81.16 2.31
N GLU E 1389 -26.93 81.82 2.62
CA GLU E 1389 -26.84 82.64 3.83
C GLU E 1389 -26.60 84.12 3.56
N LEU E 1390 -25.84 84.47 2.53
CA LEU E 1390 -25.56 85.89 2.28
C LEU E 1390 -26.77 86.60 1.68
N LYS E 1391 -27.43 85.96 0.72
CA LYS E 1391 -28.43 86.59 -0.17
C LYS E 1391 -27.85 87.86 -0.79
N MET E 1392 -26.65 87.71 -1.38
CA MET E 1392 -25.76 88.85 -1.57
C MET E 1392 -26.26 89.80 -2.65
N GLU E 1393 -27.01 89.29 -3.64
CA GLU E 1393 -27.44 90.12 -4.76
C GLU E 1393 -28.49 91.14 -4.33
N ARG E 1394 -29.28 90.81 -3.32
CA ARG E 1394 -30.22 91.77 -2.76
C ARG E 1394 -29.49 92.84 -1.95
N HIS E 1395 -28.43 92.43 -1.24
CA HIS E 1395 -27.57 93.42 -0.58
C HIS E 1395 -26.77 94.22 -1.58
N PHE E 1396 -26.42 93.60 -2.72
CA PHE E 1396 -25.70 94.31 -3.77
C PHE E 1396 -26.56 95.39 -4.41
N GLU E 1397 -27.85 95.09 -4.63
CA GLU E 1397 -28.76 96.09 -5.17
C GLU E 1397 -29.04 97.19 -4.15
N ALA E 1398 -29.00 96.85 -2.86
CA ALA E 1398 -29.25 97.85 -1.81
C ALA E 1398 -28.10 98.83 -1.67
N MET E 1399 -26.86 98.41 -1.98
CA MET E 1399 -25.74 99.34 -1.93
C MET E 1399 -25.77 100.30 -3.11
N ARG E 1400 -26.20 99.81 -4.27
CA ARG E 1400 -26.32 100.63 -5.47
C ARG E 1400 -27.38 101.72 -5.32
N HIS E 1401 -28.42 101.47 -4.54
CA HIS E 1401 -29.51 102.43 -4.40
C HIS E 1401 -29.21 103.55 -3.41
N PHE E 1402 -28.23 103.36 -2.52
CA PHE E 1402 -27.97 104.32 -1.46
C PHE E 1402 -26.50 104.69 -1.31
N LEU E 1403 -25.64 104.21 -2.21
CA LEU E 1403 -24.29 104.75 -2.35
C LEU E 1403 -23.99 105.17 -3.77
N LEU E 1404 -24.44 104.38 -4.76
CA LEU E 1404 -24.23 104.73 -6.15
C LEU E 1404 -25.31 105.65 -6.68
N MET E 1405 -26.47 105.69 -6.02
CA MET E 1405 -27.61 106.57 -6.33
C MET E 1405 -28.13 106.37 -7.75
N GLU E 1406 -28.67 105.18 -8.00
CA GLU E 1406 -29.36 104.91 -9.25
C GLU E 1406 -30.86 104.78 -9.08
N ASP E 1407 -31.34 104.74 -7.84
CA ASP E 1407 -32.71 105.11 -7.49
C ASP E 1407 -32.58 106.51 -6.90
N GLY E 1408 -32.65 107.53 -7.77
CA GLY E 1408 -32.28 108.90 -7.43
C GLY E 1408 -33.21 109.63 -6.50
N GLU E 1409 -34.28 108.99 -6.02
CA GLU E 1409 -35.17 109.58 -5.03
C GLU E 1409 -34.47 109.85 -3.70
N PHE E 1410 -33.45 109.06 -3.36
CA PHE E 1410 -32.70 109.31 -2.13
C PHE E 1410 -31.74 110.48 -2.30
N ALA E 1411 -31.10 110.59 -3.45
CA ALA E 1411 -30.20 111.71 -3.72
C ALA E 1411 -30.94 112.98 -4.10
N GLN E 1412 -32.17 112.86 -4.61
CA GLN E 1412 -33.04 114.04 -4.72
C GLN E 1412 -33.46 114.53 -3.34
N SER E 1413 -33.70 113.60 -2.42
CA SER E 1413 -33.94 113.99 -1.04
C SER E 1413 -32.67 114.44 -0.34
N LEU E 1414 -31.50 114.04 -0.84
CA LEU E 1414 -30.25 114.64 -0.37
C LEU E 1414 -30.15 116.10 -0.77
N SER E 1415 -30.70 116.47 -1.94
CA SER E 1415 -30.75 117.87 -2.34
C SER E 1415 -31.60 118.70 -1.38
N ASP E 1416 -32.66 118.10 -0.83
CA ASP E 1416 -33.42 118.77 0.22
C ASP E 1416 -32.61 118.85 1.51
N MET E 1417 -31.74 117.86 1.77
CA MET E 1417 -30.80 118.00 2.87
C MET E 1417 -29.70 119.00 2.52
N LEU E 1418 -29.36 119.13 1.24
CA LEU E 1418 -28.53 120.23 0.79
C LEU E 1418 -29.29 121.55 0.81
N PHE E 1419 -30.62 121.50 0.79
CA PHE E 1419 -31.47 122.67 0.97
C PHE E 1419 -31.74 122.96 2.45
N GLU E 1420 -31.09 122.26 3.36
CA GLU E 1420 -31.18 122.58 4.78
C GLU E 1420 -29.88 123.14 5.35
N LYS E 1421 -28.79 123.16 4.58
CA LYS E 1421 -27.52 123.70 5.06
C LYS E 1421 -27.36 125.16 4.64
N LEU E 1422 -27.31 125.40 3.33
CA LEU E 1422 -27.18 126.73 2.70
C LEU E 1422 -25.97 127.50 3.23
N GLY E 1423 -24.80 126.96 2.96
CA GLY E 1423 -23.60 127.67 3.41
C GLY E 1423 -23.17 127.24 4.79
N SER E 1424 -21.85 127.28 5.00
CA SER E 1424 -21.24 126.76 6.22
C SER E 1424 -20.08 127.67 6.59
N GLY E 1425 -19.94 127.99 7.89
CA GLY E 1425 -20.79 127.47 8.96
C GLY E 1425 -21.72 128.46 9.62
N GLN E 1426 -22.99 128.07 9.75
CA GLN E 1426 -23.93 128.86 10.55
C GLN E 1426 -24.86 127.96 11.36
N THR E 1427 -24.52 126.70 11.54
CA THR E 1427 -25.22 125.58 12.12
C THR E 1427 -24.81 125.37 13.58
N PRO E 1428 -25.69 124.80 14.42
CA PRO E 1428 -25.36 124.61 15.83
C PRO E 1428 -24.23 123.60 16.04
N SER E 1429 -23.52 123.78 17.15
CA SER E 1429 -22.42 122.89 17.54
C SER E 1429 -22.76 122.10 18.81
N GLU E 1430 -24.05 121.94 19.10
CA GLU E 1430 -24.45 121.14 20.25
C GLU E 1430 -24.30 119.65 19.95
N LEU E 1431 -24.55 118.83 20.98
CA LEU E 1431 -24.63 117.39 20.77
C LEU E 1431 -26.01 116.97 20.27
N LEU E 1432 -27.00 117.86 20.34
CA LEU E 1432 -28.26 117.63 19.64
C LEU E 1432 -28.12 117.81 18.14
N ASN E 1433 -26.99 118.34 17.66
CA ASN E 1433 -26.76 118.52 16.24
C ASN E 1433 -26.58 117.18 15.50
N PRO E 1434 -25.93 116.14 16.03
CA PRO E 1434 -26.12 114.82 15.41
C PRO E 1434 -27.47 114.18 15.72
N LEU E 1435 -28.12 114.55 16.83
CA LEU E 1435 -29.33 113.85 17.25
C LEU E 1435 -30.52 114.13 16.35
N VAL E 1436 -30.71 115.38 15.92
CA VAL E 1436 -31.78 115.65 14.97
C VAL E 1436 -31.34 115.51 13.51
N LEU E 1437 -30.05 115.32 13.25
CA LEU E 1437 -29.63 115.28 11.86
C LEU E 1437 -29.45 113.84 11.37
N ASN E 1438 -29.11 112.91 12.28
CA ASN E 1438 -29.15 111.49 11.96
C ASN E 1438 -30.58 111.01 11.76
N SER E 1439 -31.55 111.68 12.39
CA SER E 1439 -32.95 111.26 12.25
C SER E 1439 -33.49 111.61 10.88
N ILE E 1440 -33.32 112.86 10.43
CA ILE E 1440 -33.98 113.37 9.24
C ILE E 1440 -33.56 112.69 7.96
N LEU E 1441 -32.44 111.96 7.97
CA LEU E 1441 -32.06 111.12 6.85
C LEU E 1441 -32.76 109.78 6.88
N ASN E 1442 -33.05 109.25 8.08
CA ASN E 1442 -33.89 108.06 8.20
C ASN E 1442 -35.32 108.39 7.82
N LYS E 1443 -35.79 109.58 8.21
CA LYS E 1443 -37.11 110.06 7.84
C LYS E 1443 -37.22 110.41 6.35
N ALA E 1444 -36.09 110.67 5.69
CA ALA E 1444 -36.09 110.98 4.28
C ALA E 1444 -36.34 109.77 3.40
N LEU E 1445 -36.07 108.56 3.90
CA LEU E 1445 -36.32 107.36 3.12
C LEU E 1445 -37.81 107.05 3.05
N GLN E 1446 -38.53 107.24 4.16
CA GLN E 1446 -39.98 107.12 4.15
C GLN E 1446 -40.65 108.26 3.40
N TYR E 1447 -39.95 109.39 3.25
CA TYR E 1447 -40.44 110.51 2.47
C TYR E 1447 -40.49 110.19 0.97
N SER E 1448 -39.70 109.23 0.52
CA SER E 1448 -39.71 108.79 -0.88
C SER E 1448 -40.45 107.48 -1.09
N LEU E 1449 -40.88 106.81 -0.01
CA LEU E 1449 -41.71 105.59 -0.02
C LEU E 1449 -41.04 104.45 -0.80
N HIS E 1450 -39.91 103.98 -0.26
CA HIS E 1450 -39.14 102.92 -0.90
C HIS E 1450 -38.39 102.13 0.16
N GLY E 1451 -38.39 100.82 0.01
CA GLY E 1451 -37.60 99.94 0.85
C GLY E 1451 -38.23 99.70 2.22
N ASP E 1452 -37.90 98.55 2.79
CA ASP E 1452 -38.34 98.22 4.13
C ASP E 1452 -37.27 98.64 5.14
N SER E 1453 -37.49 98.25 6.40
CA SER E 1453 -36.52 98.50 7.46
C SER E 1453 -35.44 97.43 7.55
N SER E 1454 -35.49 96.42 6.67
CA SER E 1454 -34.49 95.35 6.70
C SER E 1454 -33.14 95.84 6.18
N LEU E 1455 -33.14 96.59 5.08
CA LEU E 1455 -31.92 97.20 4.60
C LEU E 1455 -31.64 98.55 5.25
N ALA E 1456 -32.63 99.16 5.91
CA ALA E 1456 -32.44 100.45 6.55
C ALA E 1456 -31.56 100.37 7.80
N SER E 1457 -31.38 99.18 8.35
CA SER E 1457 -30.39 98.97 9.39
C SER E 1457 -28.97 98.93 8.83
N ASN E 1458 -28.82 98.66 7.53
CA ASN E 1458 -27.50 98.69 6.93
C ASN E 1458 -27.01 100.11 6.66
N LEU E 1459 -27.91 101.08 6.56
CA LEU E 1459 -27.50 102.48 6.44
C LEU E 1459 -27.40 103.10 7.83
N THR E 1460 -26.27 103.76 8.09
CA THR E 1460 -26.09 104.61 9.24
C THR E 1460 -25.41 105.89 8.77
N PHE E 1461 -25.61 106.97 9.51
CA PHE E 1461 -25.01 108.25 9.19
C PHE E 1461 -24.14 108.72 10.34
N ALA E 1462 -22.89 109.06 10.05
CA ALA E 1462 -21.94 109.57 11.03
C ALA E 1462 -21.62 111.01 10.65
N LEU E 1463 -22.05 111.95 11.49
CA LEU E 1463 -21.76 113.36 11.27
C LEU E 1463 -20.34 113.64 11.78
N LYS E 1464 -19.41 113.84 10.84
CA LYS E 1464 -18.04 114.18 11.21
C LYS E 1464 -17.97 115.65 11.62
N TYR E 1465 -16.79 116.04 12.13
CA TYR E 1465 -16.58 117.38 12.64
C TYR E 1465 -15.40 118.02 11.94
N LEU E 1466 -15.65 119.09 11.20
CA LEU E 1466 -14.62 119.86 10.54
C LEU E 1466 -15.01 121.34 10.61
N PRO E 1467 -14.05 122.24 10.82
CA PRO E 1467 -14.39 123.66 10.96
C PRO E 1467 -14.74 124.30 9.62
N GLU E 1468 -15.83 125.07 9.61
CA GLU E 1468 -16.30 125.74 8.40
C GLU E 1468 -16.32 127.26 8.51
N VAL E 1469 -16.40 127.82 9.72
CA VAL E 1469 -15.96 129.20 9.96
C VAL E 1469 -14.44 129.23 10.08
N PHE E 1470 -13.84 128.05 10.22
CA PHE E 1470 -12.43 127.64 10.16
C PHE E 1470 -11.62 127.98 11.41
N THR E 1471 -12.09 128.84 12.31
CA THR E 1471 -11.57 128.68 13.67
C THR E 1471 -12.50 127.83 14.57
N PRO E 1472 -13.82 128.00 14.64
CA PRO E 1472 -14.64 127.02 15.37
C PRO E 1472 -15.26 125.99 14.44
N THR E 1473 -15.89 124.99 15.06
CA THR E 1473 -16.56 123.96 14.28
C THR E 1473 -18.05 124.27 14.11
N ALA E 1474 -18.56 123.95 12.92
CA ALA E 1474 -19.95 124.02 12.53
C ALA E 1474 -20.10 123.16 11.28
N PRO E 1475 -20.17 121.84 11.43
CA PRO E 1475 -19.83 120.93 10.33
C PRO E 1475 -20.83 120.94 9.18
N ASP E 1476 -20.31 120.69 7.99
CA ASP E 1476 -21.05 120.82 6.75
C ASP E 1476 -21.97 119.61 6.53
N ALA E 1477 -22.92 119.78 5.61
CA ALA E 1477 -23.65 118.67 5.02
C ALA E 1477 -23.60 118.71 3.50
N LEU E 1478 -22.73 119.54 2.93
CA LEU E 1478 -22.42 119.48 1.51
C LEU E 1478 -21.24 118.55 1.23
N SER E 1479 -20.26 118.52 2.14
CA SER E 1479 -19.14 117.61 1.99
C SER E 1479 -18.70 116.98 3.32
N CYS E 1480 -19.43 117.21 4.41
CA CYS E 1480 -19.06 116.62 5.71
C CYS E 1480 -20.20 115.77 6.28
N LEU E 1481 -21.17 115.39 5.45
CA LEU E 1481 -22.21 114.43 5.82
C LEU E 1481 -21.93 113.14 5.07
N GLU E 1482 -21.79 112.04 5.80
CA GLU E 1482 -21.30 110.80 5.23
C GLU E 1482 -22.23 109.64 5.59
N LEU E 1483 -22.58 108.84 4.59
CA LEU E 1483 -23.29 107.60 4.82
C LEU E 1483 -22.30 106.50 5.20
N LYS E 1484 -22.68 105.68 6.18
CA LYS E 1484 -21.84 104.58 6.65
C LYS E 1484 -22.59 103.28 6.43
N TYR E 1485 -22.05 102.42 5.58
CA TYR E 1485 -22.61 101.09 5.41
C TYR E 1485 -22.10 100.18 6.51
N LYS E 1486 -22.90 99.19 6.88
CA LYS E 1486 -22.64 98.38 8.06
C LYS E 1486 -22.04 97.04 7.69
N VAL E 1487 -21.33 96.45 8.66
CA VAL E 1487 -20.84 95.09 8.60
C VAL E 1487 -21.67 94.26 9.56
N ASP E 1488 -22.28 93.19 9.05
CA ASP E 1488 -23.18 92.36 9.82
C ASP E 1488 -22.62 90.95 9.96
N TRP E 1489 -23.46 90.06 10.50
CA TRP E 1489 -22.96 88.76 10.96
C TRP E 1489 -22.58 87.80 9.82
N PRO E 1490 -23.45 87.50 8.80
CA PRO E 1490 -22.96 86.57 7.76
C PRO E 1490 -22.13 87.25 6.68
N LEU E 1491 -22.41 88.52 6.39
CA LEU E 1491 -21.82 89.23 5.27
C LEU E 1491 -20.64 90.03 5.81
N ASN E 1492 -19.47 89.40 5.79
CA ASN E 1492 -18.22 90.06 6.13
C ASN E 1492 -17.12 89.83 5.09
N ILE E 1493 -17.28 88.85 4.21
CA ILE E 1493 -16.36 88.63 3.10
C ILE E 1493 -16.71 89.53 1.91
N VAL E 1494 -17.85 90.22 1.97
CA VAL E 1494 -18.20 91.21 0.95
C VAL E 1494 -17.68 92.58 1.32
N ILE E 1495 -17.91 93.01 2.56
CA ILE E 1495 -17.58 94.36 3.01
C ILE E 1495 -16.36 94.30 3.92
N THR E 1496 -15.36 95.13 3.63
CA THR E 1496 -14.18 95.30 4.47
C THR E 1496 -14.09 96.76 4.92
N ASP E 1497 -12.97 97.13 5.54
CA ASP E 1497 -12.77 98.49 6.00
C ASP E 1497 -12.23 99.41 4.91
N THR E 1498 -11.53 98.85 3.91
CA THR E 1498 -11.03 99.66 2.81
C THR E 1498 -12.17 100.10 1.89
N CYS E 1499 -13.16 99.22 1.69
CA CYS E 1499 -14.25 99.54 0.78
C CYS E 1499 -15.23 100.53 1.41
N MET E 1500 -15.38 100.51 2.74
CA MET E 1500 -16.16 101.53 3.41
C MET E 1500 -15.44 102.87 3.49
N ASN E 1501 -14.11 102.87 3.38
CA ASN E 1501 -13.36 104.13 3.34
C ASN E 1501 -13.66 104.88 2.04
N LYS E 1502 -13.83 104.16 0.94
CA LYS E 1502 -14.15 104.77 -0.34
C LYS E 1502 -15.64 104.97 -0.55
N TYR E 1503 -16.49 104.27 0.23
CA TYR E 1503 -17.91 104.61 0.26
C TYR E 1503 -18.13 106.00 0.82
N SER E 1504 -17.30 106.40 1.80
CA SER E 1504 -17.36 107.77 2.31
C SER E 1504 -16.79 108.76 1.30
N ARG E 1505 -15.88 108.30 0.44
CA ARG E 1505 -15.33 109.16 -0.61
C ARG E 1505 -16.34 109.37 -1.74
N ILE E 1506 -17.08 108.33 -2.09
CA ILE E 1506 -18.06 108.41 -3.18
C ILE E 1506 -19.28 109.21 -2.75
N PHE E 1507 -19.75 108.97 -1.52
CA PHE E 1507 -20.94 109.67 -1.01
C PHE E 1507 -20.67 111.16 -0.82
N SER E 1508 -19.46 111.53 -0.43
CA SER E 1508 -19.13 112.95 -0.29
C SER E 1508 -18.86 113.60 -1.63
N PHE E 1509 -18.53 112.83 -2.66
CA PHE E 1509 -18.25 113.43 -3.97
C PHE E 1509 -19.51 113.68 -4.77
N LEU E 1510 -20.54 112.85 -4.63
CA LEU E 1510 -21.82 113.15 -5.24
C LEU E 1510 -22.47 114.35 -4.55
N LEU E 1511 -22.23 114.50 -3.24
CA LEU E 1511 -22.98 115.43 -2.43
C LEU E 1511 -22.57 116.88 -2.72
N GLN E 1512 -21.36 117.08 -3.25
CA GLN E 1512 -20.93 118.41 -3.64
C GLN E 1512 -21.29 118.76 -5.07
N LEU E 1513 -21.33 117.79 -5.98
CA LEU E 1513 -21.79 118.08 -7.33
C LEU E 1513 -23.31 118.23 -7.38
N LYS E 1514 -24.01 117.52 -6.51
CA LYS E 1514 -25.46 117.69 -6.41
C LYS E 1514 -25.81 119.04 -5.78
N HIS E 1515 -24.98 119.52 -4.85
CA HIS E 1515 -25.14 120.86 -4.30
C HIS E 1515 -24.93 121.94 -5.36
N MET E 1516 -24.04 121.68 -6.31
CA MET E 1516 -23.88 122.61 -7.44
C MET E 1516 -25.16 122.70 -8.25
N VAL E 1517 -25.64 121.55 -8.76
CA VAL E 1517 -26.78 121.50 -9.68
C VAL E 1517 -28.06 121.99 -9.00
N TRP E 1518 -28.23 121.70 -7.71
CA TRP E 1518 -29.44 122.13 -7.01
C TRP E 1518 -29.49 123.63 -6.79
N THR E 1519 -28.40 124.22 -6.28
CA THR E 1519 -28.35 125.66 -6.10
C THR E 1519 -28.29 126.42 -7.42
N LEU E 1520 -27.84 125.76 -8.49
CA LEU E 1520 -27.85 126.38 -9.80
C LEU E 1520 -29.27 126.53 -10.33
N ARG E 1521 -30.17 125.62 -9.93
CA ARG E 1521 -31.59 125.71 -10.21
C ARG E 1521 -32.35 126.52 -9.16
N ASP E 1522 -31.72 126.81 -8.02
CA ASP E 1522 -32.33 127.70 -7.04
C ASP E 1522 -32.34 129.15 -7.54
N VAL E 1523 -31.44 129.51 -8.45
CA VAL E 1523 -31.46 130.83 -9.05
C VAL E 1523 -32.63 130.97 -10.02
N TRP E 1524 -32.99 129.88 -10.71
CA TRP E 1524 -34.20 129.88 -11.54
C TRP E 1524 -35.47 130.06 -10.70
N PHE E 1525 -35.43 129.65 -9.43
CA PHE E 1525 -36.51 129.97 -8.51
C PHE E 1525 -36.51 131.43 -8.10
N HIS E 1526 -35.33 132.09 -8.11
CA HIS E 1526 -35.26 133.48 -7.69
C HIS E 1526 -35.87 134.40 -8.75
N LEU E 1527 -35.63 134.11 -10.03
CA LEU E 1527 -36.19 134.93 -11.10
C LEU E 1527 -37.47 134.34 -11.66
N LYS E 1528 -38.14 133.46 -10.91
CA LYS E 1528 -39.31 132.74 -11.41
C LYS E 1528 -40.48 133.70 -11.64
N ARG E 1529 -41.40 133.29 -12.51
CA ARG E 1529 -42.30 134.22 -13.16
C ARG E 1529 -43.48 134.57 -12.25
N THR E 1530 -43.61 135.86 -11.92
CA THR E 1530 -44.86 136.59 -11.66
C THR E 1530 -45.05 137.96 -12.33
N ALA E 1531 -44.05 138.87 -12.45
CA ALA E 1531 -42.59 138.75 -12.44
C ALA E 1531 -41.82 139.37 -11.27
N LEU E 1532 -40.75 138.66 -10.93
CA LEU E 1532 -39.59 139.01 -10.12
C LEU E 1532 -38.69 139.90 -10.95
N VAL E 1533 -37.40 139.59 -10.99
CA VAL E 1533 -36.19 140.31 -11.40
C VAL E 1533 -36.28 141.45 -12.45
N ASN E 1534 -37.46 141.74 -13.03
CA ASN E 1534 -37.81 141.97 -14.43
C ASN E 1534 -36.78 142.54 -15.40
N GLN E 1535 -37.27 143.19 -16.48
CA GLN E 1535 -36.58 143.61 -17.70
C GLN E 1535 -36.20 142.42 -18.57
N ALA E 1536 -37.21 141.84 -19.25
CA ALA E 1536 -37.06 140.66 -20.10
C ALA E 1536 -35.90 140.74 -21.09
N SER E 1537 -35.64 141.92 -21.66
CA SER E 1537 -34.33 142.09 -22.29
C SER E 1537 -33.63 143.38 -21.86
N ASN E 1538 -34.37 144.47 -21.73
CA ASN E 1538 -33.87 145.77 -21.34
C ASN E 1538 -34.87 146.36 -20.36
N SER E 1539 -34.41 147.10 -19.33
CA SER E 1539 -33.06 147.63 -19.08
C SER E 1539 -32.08 146.65 -18.44
N VAL E 1540 -31.05 147.22 -17.80
CA VAL E 1540 -29.67 146.75 -17.63
C VAL E 1540 -29.56 145.24 -17.46
N GLN E 1541 -28.58 144.65 -18.16
CA GLN E 1541 -28.76 143.48 -19.01
C GLN E 1541 -29.47 142.30 -18.35
N TYR E 1542 -30.33 141.66 -19.14
CA TYR E 1542 -30.86 140.33 -18.84
C TYR E 1542 -30.73 139.48 -20.10
N ARG E 1543 -30.66 140.14 -21.25
CA ARG E 1543 -30.57 139.43 -22.53
C ARG E 1543 -29.25 138.68 -22.65
N GLN E 1544 -28.13 139.40 -22.51
CA GLN E 1544 -26.84 138.72 -22.51
C GLN E 1544 -26.46 138.22 -21.13
N LEU E 1545 -27.08 138.72 -20.06
CA LEU E 1545 -26.87 138.19 -18.71
C LEU E 1545 -27.27 136.72 -18.63
N GLN E 1546 -28.55 136.44 -18.90
CA GLN E 1546 -29.05 135.08 -18.89
C GLN E 1546 -28.48 134.25 -20.04
N LEU E 1547 -27.89 134.89 -21.05
CA LEU E 1547 -27.21 134.16 -22.12
C LEU E 1547 -25.92 133.52 -21.63
N TYR E 1548 -25.10 134.23 -20.85
CA TYR E 1548 -23.93 133.55 -20.29
C TYR E 1548 -24.26 132.67 -19.08
N ARG E 1549 -25.36 132.97 -18.38
CA ARG E 1549 -25.75 132.10 -17.27
C ARG E 1549 -26.29 130.76 -17.75
N HIS E 1550 -27.00 130.75 -18.89
CA HIS E 1550 -27.51 129.45 -19.29
C HIS E 1550 -26.45 128.62 -20.01
N GLU E 1551 -25.45 129.26 -20.66
CA GLU E 1551 -24.39 128.46 -21.25
C GLU E 1551 -23.40 128.03 -20.20
N MET E 1552 -23.44 128.66 -19.04
CA MET E 1552 -22.80 128.16 -17.83
C MET E 1552 -23.51 126.91 -17.32
N GLN E 1553 -24.83 127.03 -17.07
CA GLN E 1553 -25.63 125.89 -16.64
C GLN E 1553 -25.84 124.85 -17.73
N HIS E 1554 -25.49 125.19 -18.97
CA HIS E 1554 -25.32 124.22 -20.03
C HIS E 1554 -24.21 123.25 -19.68
N PHE E 1555 -23.01 123.78 -19.49
CA PHE E 1555 -21.78 123.00 -19.42
C PHE E 1555 -21.73 122.15 -18.17
N VAL E 1556 -22.25 122.67 -17.05
CA VAL E 1556 -22.25 121.91 -15.81
C VAL E 1556 -23.23 120.75 -15.89
N LYS E 1557 -24.45 121.00 -16.40
CA LYS E 1557 -25.48 119.97 -16.48
C LYS E 1557 -25.17 118.86 -17.46
N VAL E 1558 -24.24 119.08 -18.39
CA VAL E 1558 -23.85 118.03 -19.32
C VAL E 1558 -22.53 117.36 -18.90
N ILE E 1559 -21.71 118.02 -18.09
CA ILE E 1559 -20.57 117.35 -17.46
C ILE E 1559 -21.05 116.32 -16.44
N GLN E 1560 -21.97 116.73 -15.56
CA GLN E 1560 -22.45 115.82 -14.51
C GLN E 1560 -23.20 114.64 -15.09
N GLY E 1561 -23.89 114.82 -16.20
CA GLY E 1561 -24.56 113.70 -16.84
C GLY E 1561 -23.59 112.72 -17.48
N TYR E 1562 -22.44 113.21 -17.93
CA TYR E 1562 -21.45 112.32 -18.54
C TYR E 1562 -20.61 111.64 -17.47
N ILE E 1563 -20.34 112.33 -16.36
CA ILE E 1563 -19.71 111.69 -15.22
C ILE E 1563 -20.64 110.66 -14.60
N ALA E 1564 -21.96 110.90 -14.63
CA ALA E 1564 -22.90 109.92 -14.10
C ALA E 1564 -22.96 108.68 -14.98
N ASN E 1565 -22.82 108.83 -16.30
CA ASN E 1565 -22.93 107.67 -17.18
C ASN E 1565 -21.68 106.79 -17.13
N GLN E 1566 -20.52 107.36 -16.83
CA GLN E 1566 -19.30 106.55 -16.76
C GLN E 1566 -19.12 105.88 -15.40
N ILE E 1567 -19.75 106.40 -14.34
CA ILE E 1567 -19.64 105.78 -13.02
C ILE E 1567 -20.48 104.51 -12.97
N LEU E 1568 -21.71 104.58 -13.47
CA LEU E 1568 -22.77 103.71 -13.01
C LEU E 1568 -22.97 102.48 -13.88
N HIS E 1569 -22.86 102.65 -15.21
CA HIS E 1569 -23.53 101.74 -16.13
C HIS E 1569 -22.70 100.49 -16.41
N VAL E 1570 -21.48 100.66 -16.90
CA VAL E 1570 -20.62 99.51 -17.21
C VAL E 1570 -20.19 98.80 -15.92
N THR E 1571 -20.05 99.54 -14.83
CA THR E 1571 -19.74 98.93 -13.53
C THR E 1571 -20.88 98.03 -13.07
N TRP E 1572 -22.13 98.46 -13.24
CA TRP E 1572 -23.25 97.58 -12.92
C TRP E 1572 -23.38 96.46 -13.94
N CYS E 1573 -22.91 96.66 -15.17
CA CYS E 1573 -22.89 95.59 -16.16
C CYS E 1573 -21.77 94.59 -15.91
N GLU E 1574 -20.60 95.09 -15.47
CA GLU E 1574 -19.50 94.21 -15.08
C GLU E 1574 -19.85 93.44 -13.81
N PHE E 1575 -20.60 94.02 -12.87
CA PHE E 1575 -20.50 93.47 -11.49
C PHE E 1575 -21.25 92.15 -11.29
N ARG E 1576 -22.49 92.25 -10.78
CA ARG E 1576 -23.30 91.03 -10.44
C ARG E 1576 -23.11 89.92 -11.47
N ASN E 1577 -23.61 90.13 -12.69
CA ASN E 1577 -23.55 89.07 -13.74
C ASN E 1577 -22.19 88.37 -13.70
N LYS E 1578 -21.12 89.09 -14.05
CA LYS E 1578 -19.77 88.46 -14.14
C LYS E 1578 -19.48 87.67 -12.86
N LEU E 1579 -19.44 88.35 -11.72
CA LEU E 1579 -19.06 87.63 -10.46
C LEU E 1579 -19.85 86.32 -10.33
N SER E 1580 -21.18 86.39 -10.39
CA SER E 1580 -22.02 85.18 -10.16
C SER E 1580 -21.68 84.09 -11.17
N ALA E 1581 -21.71 84.41 -12.47
CA ALA E 1581 -21.49 83.38 -13.51
C ALA E 1581 -20.10 82.73 -13.43
N VAL E 1582 -19.10 83.40 -12.84
CA VAL E 1582 -17.73 82.79 -12.90
C VAL E 1582 -17.52 81.60 -11.93
N SER E 1583 -18.57 80.83 -11.58
CA SER E 1583 -18.64 80.10 -10.30
C SER E 1583 -17.28 80.01 -9.63
N ASN E 1584 -16.73 81.18 -9.30
CA ASN E 1584 -15.41 81.29 -8.66
C ASN E 1584 -15.51 81.88 -7.26
N LEU E 1585 -16.59 81.57 -6.54
CA LEU E 1585 -16.97 82.35 -5.37
C LEU E 1585 -16.30 81.78 -4.11
N GLU E 1586 -15.04 82.17 -3.94
CA GLU E 1586 -14.32 82.02 -2.68
C GLU E 1586 -13.51 83.29 -2.45
N GLU E 1587 -13.48 83.73 -1.19
CA GLU E 1587 -12.73 84.92 -0.74
C GLU E 1587 -13.16 86.18 -1.53
N ILE E 1588 -14.41 86.57 -1.29
CA ILE E 1588 -15.11 87.56 -2.10
C ILE E 1588 -14.48 88.95 -2.05
N TYR E 1589 -13.84 89.34 -0.93
CA TYR E 1589 -13.36 90.71 -0.84
C TYR E 1589 -12.11 90.97 -1.67
N LYS E 1590 -11.48 89.93 -2.23
CA LYS E 1590 -10.41 90.15 -3.19
C LYS E 1590 -10.94 90.49 -4.58
N THR E 1591 -12.23 90.25 -4.82
CA THR E 1591 -12.88 90.64 -6.06
C THR E 1591 -13.79 91.85 -5.90
N HIS E 1592 -14.46 91.97 -4.75
CA HIS E 1592 -15.34 93.10 -4.49
C HIS E 1592 -14.57 94.40 -4.34
N ALA E 1593 -13.37 94.34 -3.74
CA ALA E 1593 -12.54 95.54 -3.63
C ALA E 1593 -11.94 95.93 -4.96
N ASP E 1594 -11.66 94.95 -5.83
CA ASP E 1594 -11.22 95.27 -7.18
C ASP E 1594 -12.35 95.87 -8.00
N TYR E 1595 -13.59 95.43 -7.75
CA TYR E 1595 -14.74 96.04 -8.39
C TYR E 1595 -14.93 97.47 -7.90
N LEU E 1596 -14.74 97.71 -6.60
CA LEU E 1596 -14.84 99.05 -6.06
C LEU E 1596 -13.67 99.93 -6.52
N ASN E 1597 -12.49 99.33 -6.71
CA ASN E 1597 -11.35 100.08 -7.23
C ASN E 1597 -11.57 100.47 -8.69
N LYS E 1598 -12.30 99.65 -9.45
CA LYS E 1598 -12.74 100.07 -10.77
C LYS E 1598 -13.82 101.12 -10.69
N ALA E 1599 -14.69 101.04 -9.68
CA ALA E 1599 -15.79 101.99 -9.54
C ALA E 1599 -15.31 103.38 -9.15
N LEU E 1600 -14.18 103.49 -8.46
CA LEU E 1600 -13.52 104.77 -8.28
C LEU E 1600 -12.54 105.12 -9.38
N PHE E 1601 -12.06 104.12 -10.14
CA PHE E 1601 -11.32 104.39 -11.37
C PHE E 1601 -12.20 105.13 -12.37
N ARG E 1602 -13.48 104.74 -12.43
CA ARG E 1602 -14.40 105.26 -13.43
C ARG E 1602 -14.94 106.64 -13.07
N GLY E 1603 -14.90 107.03 -11.80
CA GLY E 1603 -15.48 108.31 -11.43
C GLY E 1603 -14.70 109.52 -11.88
N LEU E 1604 -13.58 109.81 -11.22
CA LEU E 1604 -12.60 110.73 -11.74
C LEU E 1604 -11.22 110.10 -11.54
N LEU E 1605 -11.08 109.49 -10.36
CA LEU E 1605 -9.95 108.76 -9.77
C LEU E 1605 -8.73 109.62 -9.44
N THR E 1606 -8.48 110.66 -10.26
CA THR E 1606 -7.46 111.71 -10.15
C THR E 1606 -6.08 111.26 -9.63
N GLU E 1607 -5.76 109.95 -9.73
CA GLU E 1607 -4.81 109.20 -8.90
C GLU E 1607 -4.88 109.55 -7.39
N LYS E 1608 -6.06 109.99 -6.94
CA LYS E 1608 -6.28 110.81 -5.76
C LYS E 1608 -5.25 111.91 -5.53
N ALA E 1609 -4.64 112.46 -6.59
CA ALA E 1609 -3.65 113.53 -6.41
C ALA E 1609 -3.54 114.57 -7.54
N ALA E 1610 -4.31 114.46 -8.62
CA ALA E 1610 -4.04 115.32 -9.78
C ALA E 1610 -4.72 116.68 -9.60
N PRO E 1611 -4.27 117.71 -10.33
CA PRO E 1611 -4.92 119.03 -10.23
C PRO E 1611 -6.33 119.11 -10.81
N LEU E 1612 -6.90 118.02 -11.35
CA LEU E 1612 -8.30 118.03 -11.76
C LEU E 1612 -9.23 118.20 -10.57
N MET E 1613 -8.82 117.73 -9.40
CA MET E 1613 -9.58 117.98 -8.18
C MET E 1613 -9.48 119.45 -7.75
N ASN E 1614 -8.41 120.14 -8.16
CA ASN E 1614 -8.32 121.57 -7.87
C ASN E 1614 -9.18 122.41 -8.80
N ILE E 1615 -9.59 121.86 -9.95
CA ILE E 1615 -10.45 122.63 -10.86
C ILE E 1615 -11.93 122.41 -10.52
N ILE E 1616 -12.30 121.22 -10.04
CA ILE E 1616 -13.66 120.99 -9.57
C ILE E 1616 -13.91 121.78 -8.28
N HIS E 1617 -12.86 122.23 -7.58
CA HIS E 1617 -13.03 123.17 -6.49
C HIS E 1617 -13.13 124.62 -6.96
N SER E 1618 -12.37 125.01 -7.99
CA SER E 1618 -12.44 126.40 -8.46
C SER E 1618 -13.71 126.65 -9.23
N ILE E 1619 -14.21 125.67 -9.99
CA ILE E 1619 -15.50 125.84 -10.62
C ILE E 1619 -16.62 125.72 -9.60
N PHE E 1620 -16.39 125.08 -8.45
CA PHE E 1620 -17.34 125.18 -7.36
C PHE E 1620 -17.22 126.55 -6.70
N SER E 1621 -16.04 127.16 -6.75
CA SER E 1621 -15.80 128.44 -6.09
C SER E 1621 -16.50 129.60 -6.80
N LEU E 1622 -16.85 129.45 -8.07
CA LEU E 1622 -17.63 130.46 -8.76
C LEU E 1622 -19.13 130.24 -8.68
N ILE E 1623 -19.58 129.00 -8.42
CA ILE E 1623 -21.01 128.76 -8.33
C ILE E 1623 -21.57 129.35 -7.03
N LEU E 1624 -20.76 129.42 -5.96
CA LEU E 1624 -21.16 130.25 -4.83
C LEU E 1624 -21.15 131.72 -5.22
N LYS E 1625 -20.15 132.14 -6.01
CA LYS E 1625 -20.12 133.51 -6.53
C LYS E 1625 -21.26 133.76 -7.50
N PHE E 1626 -21.70 132.71 -8.19
CA PHE E 1626 -22.87 132.83 -9.07
C PHE E 1626 -24.13 132.99 -8.25
N ARG E 1627 -24.25 132.25 -7.14
CA ARG E 1627 -25.50 132.30 -6.39
C ARG E 1627 -25.59 133.50 -5.47
N LEU E 1628 -24.44 134.06 -5.01
CA LEU E 1628 -24.52 135.19 -4.10
C LEU E 1628 -24.87 136.47 -4.83
N GLN E 1629 -24.46 136.60 -6.09
CA GLN E 1629 -24.79 137.81 -6.85
C GLN E 1629 -26.24 137.83 -7.28
N LEU E 1630 -26.86 136.66 -7.41
CA LEU E 1630 -28.27 136.59 -7.82
C LEU E 1630 -29.21 136.69 -6.62
N ILE E 1631 -28.79 136.24 -5.44
CA ILE E 1631 -29.57 136.50 -4.23
C ILE E 1631 -29.52 137.99 -3.89
N SER E 1632 -28.35 138.61 -4.03
CA SER E 1632 -28.19 140.04 -3.76
C SER E 1632 -28.84 140.90 -4.85
N ASN E 1648 -24.81 145.32 -9.11
CA ASN E 1648 -23.87 144.20 -9.09
C ASN E 1648 -23.67 143.62 -10.49
N PHE E 1649 -24.26 144.29 -11.48
CA PHE E 1649 -24.30 143.75 -12.85
C PHE E 1649 -22.93 143.79 -13.51
N GLY E 1650 -22.06 144.71 -13.11
CA GLY E 1650 -20.71 144.76 -13.62
C GLY E 1650 -19.82 143.75 -12.91
N LEU E 1651 -20.06 143.55 -11.62
CA LEU E 1651 -19.37 142.50 -10.88
C LEU E 1651 -19.85 141.12 -11.33
N MET E 1652 -21.06 141.04 -11.88
CA MET E 1652 -21.52 139.82 -12.54
C MET E 1652 -20.63 139.47 -13.73
N GLN E 1653 -20.58 140.36 -14.74
CA GLN E 1653 -19.96 140.04 -16.04
C GLN E 1653 -18.47 139.72 -15.96
N GLN E 1654 -17.79 140.16 -14.89
CA GLN E 1654 -16.42 139.73 -14.66
C GLN E 1654 -16.37 138.29 -14.14
N SER E 1655 -17.36 137.89 -13.34
CA SER E 1655 -17.31 136.61 -12.63
C SER E 1655 -17.43 135.41 -13.57
N TYR E 1656 -18.07 135.58 -14.71
CA TYR E 1656 -18.32 134.48 -15.64
C TYR E 1656 -17.29 134.46 -16.76
N ASN E 1657 -16.66 135.60 -17.04
CA ASN E 1657 -15.41 135.60 -17.79
C ASN E 1657 -14.34 134.80 -17.03
N THR E 1658 -14.34 134.91 -15.70
CA THR E 1658 -13.48 134.07 -14.88
C THR E 1658 -13.89 132.61 -14.97
N PHE E 1659 -15.19 132.33 -15.14
CA PHE E 1659 -15.62 130.96 -15.41
C PHE E 1659 -15.17 130.49 -16.78
N LYS E 1660 -15.25 131.37 -17.78
CA LYS E 1660 -14.81 131.00 -19.13
C LYS E 1660 -13.30 130.90 -19.22
N TYR E 1661 -12.57 131.62 -18.35
CA TYR E 1661 -11.14 131.38 -18.23
C TYR E 1661 -10.87 130.05 -17.53
N TYR E 1662 -11.64 129.74 -16.49
CA TYR E 1662 -11.44 128.49 -15.76
C TYR E 1662 -11.95 127.27 -16.52
N SER E 1663 -12.97 127.44 -17.36
CA SER E 1663 -13.42 126.33 -18.19
C SER E 1663 -12.43 126.05 -19.31
N ASP E 1664 -11.86 127.11 -19.90
CA ASP E 1664 -10.77 126.92 -20.84
C ASP E 1664 -9.50 126.43 -20.15
N PHE E 1665 -9.33 126.78 -18.87
CA PHE E 1665 -8.28 126.17 -18.08
C PHE E 1665 -8.57 124.69 -17.83
N LEU E 1666 -9.85 124.33 -17.68
CA LEU E 1666 -10.23 122.93 -17.52
C LEU E 1666 -10.06 122.16 -18.83
N PHE E 1667 -10.15 122.84 -19.98
CA PHE E 1667 -9.95 122.18 -21.26
C PHE E 1667 -8.48 121.90 -21.56
N GLU E 1668 -7.57 122.78 -21.11
CA GLU E 1668 -6.17 122.64 -21.52
C GLU E 1668 -5.41 121.62 -20.67
N VAL E 1669 -5.86 121.36 -19.44
CA VAL E 1669 -5.24 120.30 -18.66
C VAL E 1669 -5.63 118.94 -19.19
N VAL E 1670 -6.87 118.81 -19.70
CA VAL E 1670 -7.35 117.57 -20.30
C VAL E 1670 -6.50 117.21 -21.52
N SER E 1671 -6.08 118.22 -22.29
CA SER E 1671 -5.17 118.02 -23.41
C SER E 1671 -3.76 117.62 -22.96
N LYS E 1672 -3.43 117.78 -21.68
CA LYS E 1672 -2.16 117.33 -21.12
C LYS E 1672 -2.24 115.95 -20.49
N LEU E 1673 -3.43 115.44 -20.22
CA LEU E 1673 -3.64 114.08 -19.73
C LEU E 1673 -3.74 113.06 -20.85
N VAL E 1674 -3.38 113.46 -22.08
CA VAL E 1674 -3.96 112.97 -23.33
C VAL E 1674 -3.67 111.50 -23.67
N ASN E 1675 -2.81 110.81 -22.91
CA ASN E 1675 -1.71 110.00 -23.44
C ASN E 1675 -1.98 109.25 -24.75
N ARG E 1676 -2.77 108.16 -24.73
CA ARG E 1676 -3.46 107.53 -25.87
C ARG E 1676 -4.25 106.32 -25.39
N GLY E 1677 -5.40 106.06 -26.02
CA GLY E 1677 -6.17 104.83 -25.83
C GLY E 1677 -6.58 104.55 -24.40
N TYR E 1678 -6.81 105.59 -23.62
CA TYR E 1678 -6.80 105.51 -22.17
C TYR E 1678 -7.89 106.43 -21.64
N GLN E 1679 -8.40 106.11 -20.43
CA GLN E 1679 -9.32 106.96 -19.68
C GLN E 1679 -10.63 107.24 -20.43
N PRO E 1680 -11.63 106.35 -20.36
CA PRO E 1680 -12.88 106.57 -21.13
C PRO E 1680 -13.63 107.90 -20.88
N HIS E 1681 -13.21 108.71 -19.90
CA HIS E 1681 -13.66 110.10 -19.82
C HIS E 1681 -12.87 111.04 -20.74
N LEU E 1682 -11.62 110.67 -21.09
CA LEU E 1682 -10.77 111.56 -21.89
C LEU E 1682 -11.31 111.74 -23.30
N GLU E 1683 -11.78 110.65 -23.91
CA GLU E 1683 -12.48 110.76 -25.19
C GLU E 1683 -13.76 111.55 -25.04
N ASP E 1684 -14.50 111.32 -23.94
CA ASP E 1684 -15.74 112.04 -23.69
C ASP E 1684 -15.49 113.52 -23.43
N PHE E 1685 -14.31 113.86 -22.94
CA PHE E 1685 -13.90 115.25 -22.91
C PHE E 1685 -13.50 115.75 -24.29
N LEU E 1686 -12.86 114.90 -25.09
CA LEU E 1686 -12.49 115.25 -26.46
C LEU E 1686 -13.69 115.27 -27.39
N LEU E 1687 -14.83 114.72 -26.96
CA LEU E 1687 -16.10 114.96 -27.67
C LEU E 1687 -16.38 116.44 -27.77
N ARG E 1688 -16.39 117.13 -26.62
CA ARG E 1688 -16.69 118.55 -26.55
C ARG E 1688 -15.61 119.40 -27.20
N ILE E 1689 -14.37 118.92 -27.23
CA ILE E 1689 -13.28 119.66 -27.85
C ILE E 1689 -13.46 119.70 -29.37
N ASN E 1690 -13.81 118.57 -29.98
CA ASN E 1690 -14.18 118.58 -31.39
C ASN E 1690 -15.54 119.21 -31.64
N PHE E 1691 -16.39 119.32 -30.61
CA PHE E 1691 -17.52 120.24 -30.71
C PHE E 1691 -17.05 121.68 -30.68
N ASN E 1692 -16.08 122.00 -29.82
CA ASN E 1692 -15.54 123.36 -29.72
C ASN E 1692 -14.79 123.79 -30.97
N SER E 1693 -14.36 122.85 -31.80
CA SER E 1693 -13.63 123.20 -33.03
C SER E 1693 -14.56 123.57 -34.17
N TYR E 1694 -15.70 122.88 -34.30
CA TYR E 1694 -16.59 123.13 -35.42
C TYR E 1694 -17.40 124.42 -35.27
N TYR E 1695 -17.49 124.98 -34.07
CA TYR E 1695 -18.17 126.27 -33.95
C TYR E 1695 -17.18 127.42 -33.80
N PRO F 2 -0.20 33.02 98.21
CA PRO F 2 1.01 33.84 98.16
C PRO F 2 0.72 35.33 98.04
N ARG F 3 0.40 35.79 96.84
CA ARG F 3 0.14 37.21 96.58
C ARG F 3 -1.18 37.37 95.84
N GLU F 4 -2.21 36.66 96.32
CA GLU F 4 -3.48 36.62 95.63
C GLU F 4 -4.33 37.83 95.97
N ILE F 5 -4.80 38.54 94.94
CA ILE F 5 -5.65 39.70 95.09
C ILE F 5 -7.03 39.37 94.54
N ILE F 6 -8.06 39.77 95.29
CA ILE F 6 -9.45 39.61 94.88
C ILE F 6 -9.95 40.95 94.37
N THR F 7 -10.32 41.00 93.10
CA THR F 7 -10.85 42.21 92.49
C THR F 7 -12.34 42.31 92.78
N LEU F 8 -12.80 43.50 93.14
CA LEU F 8 -14.21 43.72 93.47
C LEU F 8 -14.84 44.59 92.40
N GLN F 9 -15.21 43.96 91.29
CA GLN F 9 -15.86 44.64 90.20
C GLN F 9 -17.33 44.89 90.54
N LEU F 10 -17.73 46.16 90.48
CA LEU F 10 -19.00 46.60 91.02
C LEU F 10 -19.50 47.80 90.23
N GLY F 11 -20.79 47.79 89.90
CA GLY F 11 -21.43 48.92 89.27
C GLY F 11 -21.61 48.74 87.77
N GLN F 12 -22.24 49.75 87.16
CA GLN F 12 -22.52 49.71 85.74
C GLN F 12 -21.25 49.93 84.92
N CYS F 13 -20.36 50.81 85.38
CA CYS F 13 -19.12 51.07 84.66
C CYS F 13 -17.97 50.21 85.17
N GLY F 14 -17.99 49.81 86.43
CA GLY F 14 -16.94 48.99 86.98
C GLY F 14 -16.91 47.56 86.46
N ASN F 15 -18.06 47.05 86.00
CA ASN F 15 -18.09 45.70 85.45
C ASN F 15 -17.56 45.66 84.02
N GLN F 16 -17.76 46.72 83.25
CA GLN F 16 -17.29 46.72 81.86
C GLN F 16 -15.81 47.00 81.76
N ILE F 17 -15.26 47.82 82.66
CA ILE F 17 -13.81 48.07 82.65
C ILE F 17 -13.03 46.89 83.21
N GLY F 18 -13.68 45.98 83.93
CA GLY F 18 -13.01 44.80 84.43
C GLY F 18 -13.25 43.60 83.54
N PHE F 19 -14.22 43.72 82.63
CA PHE F 19 -14.50 42.63 81.70
C PHE F 19 -13.40 42.51 80.66
N GLU F 20 -12.97 43.63 80.07
CA GLU F 20 -11.84 43.61 79.14
C GLU F 20 -10.50 43.62 79.86
N PHE F 21 -10.49 43.85 81.18
CA PHE F 21 -9.25 43.69 81.93
C PHE F 21 -8.85 42.23 82.02
N TRP F 22 -9.83 41.35 82.27
CA TRP F 22 -9.57 39.92 82.21
C TRP F 22 -9.39 39.43 80.79
N LYS F 23 -10.03 40.10 79.82
CA LYS F 23 -9.85 39.73 78.41
C LYS F 23 -8.49 40.14 77.89
N GLN F 24 -7.87 41.18 78.50
CA GLN F 24 -6.52 41.57 78.12
C GLN F 24 -5.50 40.56 78.63
N LEU F 25 -5.80 39.90 79.75
CA LEU F 25 -4.83 39.04 80.40
C LEU F 25 -4.61 37.73 79.66
N CYS F 26 -5.60 37.26 78.91
CA CYS F 26 -5.40 36.00 78.18
C CYS F 26 -4.55 36.20 76.93
N ALA F 27 -4.61 37.37 76.29
CA ALA F 27 -3.82 37.62 75.10
C ALA F 27 -2.34 37.78 75.40
N GLU F 28 -2.00 38.17 76.63
CA GLU F 28 -0.61 38.32 77.03
C GLU F 28 -0.06 37.12 77.76
N HIS F 29 -0.91 36.29 78.37
CA HIS F 29 -0.45 35.04 78.94
C HIS F 29 -0.34 33.92 77.92
N GLY F 30 -0.78 34.15 76.69
CA GLY F 30 -0.74 33.10 75.68
C GLY F 30 -1.76 32.01 75.90
N ILE F 31 -2.86 32.31 76.58
CA ILE F 31 -3.87 31.31 76.91
C ILE F 31 -5.20 31.71 76.29
N SER F 32 -6.05 30.72 76.12
CA SER F 32 -7.41 30.88 75.66
C SER F 32 -8.37 30.77 76.85
N PRO F 33 -9.51 31.47 76.81
CA PRO F 33 -10.46 31.40 77.91
C PRO F 33 -11.13 30.04 78.11
N GLU F 34 -11.09 29.16 77.11
CA GLU F 34 -11.63 27.81 77.26
C GLU F 34 -10.60 26.70 77.11
N GLY F 35 -9.38 26.99 76.71
CA GLY F 35 -8.39 25.94 76.56
C GLY F 35 -6.98 26.48 76.65
N ILE F 36 -6.01 25.57 76.49
CA ILE F 36 -4.60 25.92 76.41
C ILE F 36 -4.07 25.37 75.09
N VAL F 37 -3.94 26.24 74.09
CA VAL F 37 -3.48 25.82 72.78
C VAL F 37 -2.03 26.22 72.50
N GLU F 38 -1.45 27.13 73.28
CA GLU F 38 -0.09 27.59 73.07
C GLU F 38 0.79 27.18 74.25
N GLU F 39 2.04 26.87 73.97
CA GLU F 39 2.99 26.52 75.02
C GLU F 39 3.76 27.73 75.54
N PHE F 40 3.42 28.94 75.09
CA PHE F 40 4.09 30.18 75.48
C PHE F 40 3.73 30.64 76.89
N ALA F 41 2.87 29.92 77.62
CA ALA F 41 2.37 30.39 78.90
C ALA F 41 3.36 30.18 80.05
N THR F 42 4.23 29.18 79.96
CA THR F 42 5.17 28.90 81.04
C THR F 42 6.61 29.20 80.69
N GLU F 43 7.02 29.04 79.44
CA GLU F 43 8.39 29.37 79.06
C GLU F 43 8.57 30.88 78.90
N GLY F 44 7.56 31.57 78.38
CA GLY F 44 7.63 33.00 78.20
C GLY F 44 7.25 33.77 79.45
N THR F 45 6.15 33.38 80.08
CA THR F 45 5.67 34.00 81.31
C THR F 45 6.03 33.11 82.48
N ASP F 46 6.75 33.67 83.46
CA ASP F 46 7.26 32.90 84.58
C ASP F 46 6.34 32.91 85.79
N ARG F 47 5.26 33.69 85.77
CA ARG F 47 4.31 33.71 86.87
C ARG F 47 2.93 34.09 86.37
N LYS F 48 1.96 33.23 86.64
CA LYS F 48 0.59 33.44 86.21
C LYS F 48 -0.43 33.41 87.34
N ASP F 49 -0.13 32.78 88.47
CA ASP F 49 -1.08 32.65 89.56
C ASP F 49 -0.86 33.75 90.59
N VAL F 50 -1.12 34.99 90.16
CA VAL F 50 -1.11 36.14 91.05
C VAL F 50 -2.38 36.97 90.98
N PHE F 51 -3.12 36.94 89.87
CA PHE F 51 -4.46 37.50 89.77
C PHE F 51 -5.50 36.44 89.47
N PHE F 52 -5.13 35.44 88.69
CA PHE F 52 -5.99 34.28 88.46
C PHE F 52 -5.98 33.37 89.69
N TYR F 53 -7.02 32.56 89.80
CA TYR F 53 -7.01 31.46 90.73
C TYR F 53 -6.08 30.37 90.23
N GLN F 54 -5.45 29.65 91.15
CA GLN F 54 -4.46 28.65 90.78
C GLN F 54 -5.15 27.43 90.16
N ALA F 55 -4.42 26.76 89.28
CA ALA F 55 -5.04 25.86 88.31
C ALA F 55 -5.41 24.51 88.91
N ASP F 56 -6.49 23.95 88.39
CA ASP F 56 -6.89 22.58 88.67
C ASP F 56 -6.76 21.68 87.45
N ASP F 57 -6.89 22.24 86.25
CA ASP F 57 -6.73 21.50 85.01
C ASP F 57 -5.99 22.34 83.97
N GLU F 58 -5.05 23.18 84.44
CA GLU F 58 -4.50 24.32 83.69
C GLU F 58 -5.61 25.22 83.16
N HIS F 59 -6.59 25.50 84.00
CA HIS F 59 -7.65 26.46 83.72
C HIS F 59 -7.58 27.54 84.79
N TYR F 60 -6.94 28.66 84.47
CA TYR F 60 -6.70 29.73 85.42
C TYR F 60 -7.99 30.53 85.58
N ILE F 61 -8.76 30.20 86.61
CA ILE F 61 -10.02 30.86 86.93
C ILE F 61 -9.73 32.28 87.39
N PRO F 62 -10.50 33.28 86.96
CA PRO F 62 -10.31 34.63 87.50
C PRO F 62 -10.88 34.75 88.91
N ARG F 63 -10.14 35.45 89.77
CA ARG F 63 -10.57 35.69 91.14
C ARG F 63 -11.42 36.97 91.21
N ALA F 64 -12.59 36.89 90.58
CA ALA F 64 -13.41 38.06 90.33
C ALA F 64 -14.83 37.86 90.82
N VAL F 65 -15.42 38.95 91.31
CA VAL F 65 -16.83 39.00 91.65
C VAL F 65 -17.45 40.24 91.00
N LEU F 66 -18.66 40.09 90.49
CA LEU F 66 -19.32 41.15 89.72
C LEU F 66 -20.77 41.26 90.18
N LEU F 67 -21.08 42.30 90.96
CA LEU F 67 -22.44 42.57 91.38
C LEU F 67 -22.88 43.92 90.83
N ASP F 68 -24.11 43.98 90.32
CA ASP F 68 -24.69 45.24 89.86
C ASP F 68 -26.21 45.13 89.93
N LEU F 69 -26.85 46.27 90.16
CA LEU F 69 -28.31 46.31 90.17
C LEU F 69 -28.88 46.18 88.77
N GLU F 70 -28.14 46.66 87.76
CA GLU F 70 -28.61 46.62 86.38
C GLU F 70 -28.25 45.28 85.74
N PRO F 71 -29.19 44.54 85.17
CA PRO F 71 -28.85 43.29 84.49
C PRO F 71 -28.38 43.47 83.05
N ARG F 72 -28.30 44.72 82.57
CA ARG F 72 -27.91 44.95 81.17
C ARG F 72 -26.42 44.73 80.95
N VAL F 73 -25.60 45.01 81.96
CA VAL F 73 -24.15 44.88 81.81
C VAL F 73 -23.72 43.43 81.78
N ILE F 74 -24.48 42.54 82.43
CA ILE F 74 -24.11 41.14 82.48
C ILE F 74 -24.76 40.33 81.37
N HIS F 75 -25.82 40.84 80.73
CA HIS F 75 -26.42 40.17 79.59
C HIS F 75 -25.63 40.41 78.30
N SER F 76 -24.71 41.36 78.29
CA SER F 76 -23.78 41.55 77.18
C SER F 76 -22.47 40.82 77.40
N ILE F 77 -22.45 39.83 78.29
CA ILE F 77 -21.25 39.10 78.65
C ILE F 77 -21.31 37.65 78.19
N LEU F 78 -22.42 36.97 78.45
CA LEU F 78 -22.53 35.53 78.23
C LEU F 78 -22.54 35.15 76.76
N ASN F 79 -22.92 36.06 75.87
CA ASN F 79 -22.87 35.76 74.45
C ASN F 79 -21.46 35.93 73.89
N SER F 80 -20.60 36.67 74.59
CA SER F 80 -19.21 36.78 74.20
C SER F 80 -18.48 35.48 74.56
N PRO F 81 -17.52 35.05 73.73
CA PRO F 81 -16.83 33.78 73.99
C PRO F 81 -15.81 33.82 75.12
N TYR F 82 -15.67 34.94 75.82
CA TYR F 82 -14.76 35.04 76.95
C TYR F 82 -15.46 34.83 78.29
N ALA F 83 -16.76 34.54 78.29
CA ALA F 83 -17.52 34.33 79.51
C ALA F 83 -17.46 32.91 80.03
N ASN F 84 -16.99 31.95 79.22
CA ASN F 84 -16.85 30.59 79.69
C ASN F 84 -15.66 30.45 80.64
N LEU F 85 -14.72 31.40 80.58
CA LEU F 85 -13.65 31.45 81.57
C LEU F 85 -14.18 31.84 82.94
N TYR F 86 -15.16 32.75 82.96
CA TYR F 86 -15.89 33.07 84.18
C TYR F 86 -16.73 31.88 84.62
N ASN F 87 -16.96 31.80 85.93
CA ASN F 87 -17.70 30.68 86.49
C ASN F 87 -19.12 31.10 86.86
N PRO F 88 -20.13 30.26 86.59
CA PRO F 88 -21.51 30.61 86.96
C PRO F 88 -21.90 30.19 88.36
N GLU F 89 -20.91 29.86 89.20
CA GLU F 89 -21.18 29.55 90.60
C GLU F 89 -20.43 30.44 91.59
N ASN F 90 -19.41 31.17 91.16
CA ASN F 90 -18.66 32.03 92.06
C ASN F 90 -19.41 33.31 92.42
N ILE F 91 -20.21 33.84 91.50
CA ILE F 91 -20.86 35.13 91.74
C ILE F 91 -22.36 34.94 91.68
N TYR F 92 -22.86 34.54 90.51
CA TYR F 92 -24.28 34.34 90.26
C TYR F 92 -24.46 33.23 89.24
N LEU F 93 -25.62 32.58 89.28
CA LEU F 93 -26.01 31.72 88.17
C LEU F 93 -26.78 32.54 87.13
N SER F 94 -27.41 31.84 86.20
CA SER F 94 -28.15 32.51 85.13
C SER F 94 -29.39 33.21 85.67
N GLU F 95 -29.80 34.29 84.99
CA GLU F 95 -30.89 35.18 85.40
C GLU F 95 -30.66 35.78 86.79
N HIS F 96 -29.62 36.61 86.87
CA HIS F 96 -29.43 37.45 88.05
C HIS F 96 -29.98 38.85 87.78
N GLY F 97 -30.57 39.43 88.82
CA GLY F 97 -31.20 40.74 88.68
C GLY F 97 -30.70 41.75 89.69
N GLY F 98 -31.56 42.68 90.09
CA GLY F 98 -31.21 43.70 91.05
C GLY F 98 -32.37 44.56 91.46
N GLY F 99 -32.14 45.88 91.56
CA GLY F 99 -33.17 46.81 91.95
C GLY F 99 -34.02 47.27 90.78
N ALA F 100 -34.51 48.50 90.87
CA ALA F 100 -35.33 49.07 89.80
C ALA F 100 -34.54 49.77 88.69
N GLY F 101 -33.58 50.69 88.95
CA GLY F 101 -33.16 51.33 90.21
C GLY F 101 -32.06 52.35 90.00
N ASN F 102 -32.23 53.54 90.56
CA ASN F 102 -31.23 54.61 90.42
C ASN F 102 -31.30 55.49 91.66
N ASN F 103 -30.44 55.21 92.64
CA ASN F 103 -30.34 55.97 93.88
C ASN F 103 -29.04 55.60 94.58
N TRP F 104 -28.46 56.57 95.27
CA TRP F 104 -27.35 56.26 96.17
C TRP F 104 -27.85 55.58 97.43
N ALA F 105 -29.03 55.93 97.91
CA ALA F 105 -29.62 55.30 99.08
C ALA F 105 -30.21 53.93 98.80
N SER F 106 -30.28 53.52 97.53
CA SER F 106 -30.78 52.18 97.21
C SER F 106 -29.75 51.12 97.59
N GLY F 107 -28.56 51.20 97.00
CA GLY F 107 -27.49 50.27 97.31
C GLY F 107 -26.92 50.43 98.70
N PHE F 108 -27.06 51.61 99.30
CA PHE F 108 -26.64 51.80 100.68
C PHE F 108 -27.57 51.09 101.66
N SER F 109 -28.85 50.95 101.29
CA SER F 109 -29.81 50.22 102.10
C SER F 109 -29.94 48.76 101.70
N GLN F 110 -29.51 48.39 100.49
CA GLN F 110 -29.54 47.00 100.05
C GLN F 110 -28.37 46.19 100.57
N GLY F 111 -27.37 46.83 101.19
CA GLY F 111 -26.22 46.09 101.67
C GLY F 111 -26.49 45.30 102.94
N GLU F 112 -27.45 45.75 103.75
CA GLU F 112 -27.75 45.11 105.02
C GLU F 112 -28.99 44.23 104.95
N LYS F 113 -29.65 44.15 103.80
CA LYS F 113 -30.73 43.19 103.61
C LYS F 113 -30.29 41.96 102.84
N ILE F 114 -29.17 42.04 102.11
CA ILE F 114 -28.55 40.89 101.47
C ILE F 114 -27.21 40.72 102.17
N HIS F 115 -27.17 41.05 103.47
CA HIS F 115 -25.94 41.02 104.24
C HIS F 115 -25.44 39.60 104.45
N GLU F 116 -26.36 38.64 104.51
CA GLU F 116 -25.97 37.24 104.69
C GLU F 116 -25.35 36.66 103.42
N ASP F 117 -25.90 37.00 102.25
CA ASP F 117 -25.42 36.44 101.00
C ASP F 117 -24.21 37.18 100.43
N ILE F 118 -24.05 38.46 100.73
CA ILE F 118 -22.93 39.21 100.19
C ILE F 118 -21.62 38.91 100.93
N PHE F 119 -21.70 38.32 102.13
CA PHE F 119 -20.51 37.94 102.89
C PHE F 119 -20.35 36.43 102.97
N ASP F 120 -20.93 35.69 102.04
CA ASP F 120 -20.89 34.24 102.03
C ASP F 120 -20.05 33.68 100.88
N ILE F 121 -20.30 34.12 99.65
CA ILE F 121 -19.64 33.50 98.51
C ILE F 121 -18.37 34.26 98.12
N ILE F 122 -18.23 35.52 98.56
CA ILE F 122 -16.99 36.23 98.28
C ILE F 122 -15.92 35.92 99.30
N ASP F 123 -16.28 35.28 100.41
CA ASP F 123 -15.31 34.86 101.41
C ASP F 123 -14.79 33.46 101.17
N ARG F 124 -15.40 32.72 100.23
CA ARG F 124 -14.90 31.41 99.86
C ARG F 124 -13.59 31.49 99.10
N GLU F 125 -13.36 32.58 98.36
CA GLU F 125 -12.11 32.79 97.66
C GLU F 125 -11.03 33.37 98.58
N ALA F 126 -11.38 33.78 99.80
CA ALA F 126 -10.40 34.39 100.69
C ALA F 126 -9.50 33.34 101.32
N ASP F 127 -10.06 32.22 101.75
CA ASP F 127 -9.29 31.16 102.39
C ASP F 127 -8.68 30.18 101.40
N GLY F 128 -8.72 30.48 100.11
CA GLY F 128 -8.01 29.64 99.15
C GLY F 128 -6.50 29.74 99.30
N SER F 129 -6.01 30.95 99.53
CA SER F 129 -4.61 31.18 99.87
C SER F 129 -4.52 31.64 101.32
N ASP F 130 -3.56 31.09 102.05
CA ASP F 130 -3.38 31.38 103.47
C ASP F 130 -2.65 32.69 103.73
N SER F 131 -2.24 33.41 102.68
CA SER F 131 -1.61 34.72 102.80
C SER F 131 -2.25 35.62 101.75
N LEU F 132 -3.32 36.31 102.14
CA LEU F 132 -4.07 37.15 101.21
C LEU F 132 -3.42 38.52 101.09
N GLU F 133 -3.32 39.00 99.85
CA GLU F 133 -2.72 40.30 99.60
C GLU F 133 -3.65 41.43 100.04
N GLY F 134 -4.84 41.49 99.46
CA GLY F 134 -5.78 42.53 99.83
C GLY F 134 -6.98 42.53 98.93
N PHE F 135 -7.64 43.68 98.86
CA PHE F 135 -8.85 43.85 98.07
C PHE F 135 -8.75 45.14 97.26
N VAL F 136 -9.02 45.02 95.96
CA VAL F 136 -9.18 46.18 95.08
C VAL F 136 -10.64 46.30 94.67
N LEU F 137 -11.24 47.45 94.95
CA LEU F 137 -12.64 47.71 94.63
C LEU F 137 -12.70 48.36 93.25
N CYS F 138 -12.91 47.52 92.23
CA CYS F 138 -13.02 47.99 90.85
C CYS F 138 -14.44 48.50 90.60
N HIS F 139 -14.75 49.62 91.24
CA HIS F 139 -16.10 50.17 91.23
C HIS F 139 -16.10 51.51 90.52
N SER F 140 -17.28 52.14 90.51
CA SER F 140 -17.49 53.40 89.82
C SER F 140 -17.99 54.45 90.80
N ILE F 141 -17.79 55.71 90.42
CA ILE F 141 -18.37 56.84 91.11
C ILE F 141 -19.59 57.39 90.39
N ALA F 142 -19.65 57.28 89.06
CA ALA F 142 -20.80 57.74 88.30
C ALA F 142 -22.02 56.86 88.57
N GLY F 143 -23.19 57.50 88.61
CA GLY F 143 -24.43 56.79 88.88
C GLY F 143 -24.60 56.49 90.36
N GLY F 144 -25.74 55.89 90.67
CA GLY F 144 -26.05 55.51 92.04
C GLY F 144 -25.85 54.03 92.29
N THR F 145 -25.57 53.28 91.23
CA THR F 145 -25.38 51.85 91.36
C THR F 145 -24.02 51.51 91.95
N GLY F 146 -22.95 52.02 91.33
CA GLY F 146 -21.61 51.76 91.85
C GLY F 146 -21.22 52.58 93.06
N SER F 147 -21.86 53.73 93.24
CA SER F 147 -21.54 54.61 94.38
C SER F 147 -22.36 54.29 95.62
N GLY F 148 -23.56 53.71 95.45
CA GLY F 148 -24.41 53.41 96.58
C GLY F 148 -23.99 52.18 97.36
N LEU F 149 -23.69 51.09 96.64
CA LEU F 149 -23.31 49.85 97.30
C LEU F 149 -21.81 49.79 97.60
N GLY F 150 -20.99 50.53 96.86
CA GLY F 150 -19.56 50.50 97.07
C GLY F 150 -19.11 51.20 98.34
N SER F 151 -19.91 52.13 98.86
CA SER F 151 -19.59 52.78 100.12
C SER F 151 -19.83 51.88 101.32
N TYR F 152 -20.63 50.82 101.17
CA TYR F 152 -20.91 49.92 102.28
C TYR F 152 -19.77 48.95 102.51
N LEU F 153 -19.17 48.42 101.44
CA LEU F 153 -18.10 47.45 101.59
C LEU F 153 -16.77 48.09 101.99
N LEU F 154 -16.65 49.41 101.87
CA LEU F 154 -15.45 50.08 102.37
C LEU F 154 -15.44 50.21 103.89
N GLU F 155 -16.56 49.94 104.56
CA GLU F 155 -16.67 50.01 106.00
C GLU F 155 -16.57 48.64 106.67
N ARG F 156 -17.33 47.66 106.18
CA ARG F 156 -17.38 46.36 106.84
C ARG F 156 -16.21 45.46 106.50
N LEU F 157 -15.47 45.75 105.42
CA LEU F 157 -14.24 45.03 105.14
C LEU F 157 -13.02 45.69 105.76
N ASN F 158 -13.20 46.82 106.45
CA ASN F 158 -12.09 47.48 107.12
C ASN F 158 -11.74 46.82 108.45
N ASP F 159 -12.74 46.24 109.13
CA ASP F 159 -12.51 45.57 110.41
C ASP F 159 -12.56 44.05 110.32
N ARG F 160 -13.33 43.49 109.39
CA ARG F 160 -13.33 42.04 109.23
C ARG F 160 -12.05 41.55 108.57
N TYR F 161 -11.41 42.39 107.76
CA TYR F 161 -10.11 42.10 107.15
C TYR F 161 -9.21 43.31 107.39
N PRO F 162 -8.66 43.45 108.60
CA PRO F 162 -7.94 44.70 108.93
C PRO F 162 -6.49 44.71 108.43
N LYS F 163 -5.87 43.55 108.24
CA LYS F 163 -4.48 43.47 107.86
C LYS F 163 -4.29 43.31 106.35
N LYS F 164 -5.26 43.75 105.56
CA LYS F 164 -5.20 43.63 104.10
C LYS F 164 -5.10 45.01 103.46
N LEU F 165 -4.39 45.06 102.33
CA LEU F 165 -4.25 46.29 101.56
C LEU F 165 -5.57 46.62 100.87
N VAL F 166 -5.99 47.87 100.99
CA VAL F 166 -7.09 48.38 100.18
C VAL F 166 -6.57 49.53 99.32
N GLN F 167 -6.95 49.49 98.03
CA GLN F 167 -6.56 50.46 97.00
C GLN F 167 -7.44 50.21 95.78
N THR F 168 -8.03 51.26 95.20
CA THR F 168 -9.01 51.08 94.15
C THR F 168 -8.62 51.83 92.88
N TYR F 169 -9.02 51.26 91.74
CA TYR F 169 -8.96 51.94 90.45
C TYR F 169 -10.37 52.43 90.14
N SER F 170 -10.71 53.58 90.70
CA SER F 170 -12.04 54.16 90.58
C SER F 170 -12.06 55.20 89.48
N VAL F 171 -13.15 55.22 88.70
CA VAL F 171 -13.31 56.17 87.61
C VAL F 171 -14.16 57.34 88.07
N PHE F 172 -13.75 58.55 87.71
CA PHE F 172 -14.49 59.75 88.04
C PHE F 172 -15.59 60.01 87.01
N PRO F 173 -16.71 60.58 87.42
CA PRO F 173 -17.80 60.86 86.48
C PRO F 173 -17.53 62.09 85.63
N ASN F 174 -18.45 62.34 84.69
CA ASN F 174 -18.31 63.41 83.72
C ASN F 174 -19.11 64.63 84.16
N GLN F 175 -18.50 65.82 84.03
CA GLN F 175 -19.10 67.07 84.49
C GLN F 175 -19.28 68.06 83.34
N ASP F 176 -19.82 67.60 82.21
CA ASP F 176 -19.99 68.47 81.06
C ASP F 176 -21.33 69.20 81.07
N GLU F 177 -22.44 68.47 81.06
CA GLU F 177 -23.75 69.03 81.40
C GLU F 177 -24.40 68.17 82.46
N MET F 178 -25.49 68.69 83.02
CA MET F 178 -26.16 68.08 84.18
C MET F 178 -27.65 67.89 83.89
N SER F 179 -27.96 67.30 82.73
CA SER F 179 -29.34 67.11 82.31
C SER F 179 -29.82 65.68 82.54
N HIS F 180 -29.07 64.68 82.07
CA HIS F 180 -29.48 63.29 82.24
C HIS F 180 -29.37 62.87 83.71
N VAL F 181 -28.24 63.17 84.34
CA VAL F 181 -28.07 62.99 85.78
C VAL F 181 -27.93 64.37 86.42
N VAL F 182 -28.43 64.48 87.66
CA VAL F 182 -28.41 65.72 88.44
C VAL F 182 -28.00 65.35 89.86
N VAL F 183 -27.89 64.05 90.15
CA VAL F 183 -27.57 63.59 91.49
C VAL F 183 -26.06 63.38 91.61
N GLN F 184 -25.33 63.84 90.59
CA GLN F 184 -23.88 63.65 90.54
C GLN F 184 -23.07 64.33 91.65
N PRO F 185 -23.37 65.55 92.14
CA PRO F 185 -22.60 66.06 93.29
C PRO F 185 -22.90 65.36 94.60
N TYR F 186 -24.04 64.67 94.73
CA TYR F 186 -24.41 64.06 96.00
C TYR F 186 -23.75 62.69 96.19
N ASN F 187 -23.88 61.79 95.21
CA ASN F 187 -23.35 60.45 95.34
C ASN F 187 -21.83 60.39 95.20
N SER F 188 -21.21 61.42 94.61
CA SER F 188 -19.76 61.41 94.45
C SER F 188 -19.05 61.75 95.76
N LEU F 189 -19.51 62.80 96.44
CA LEU F 189 -18.87 63.23 97.68
C LEU F 189 -19.13 62.28 98.83
N LEU F 190 -20.23 61.53 98.79
CA LEU F 190 -20.49 60.52 99.82
C LEU F 190 -19.51 59.36 99.72
N THR F 191 -19.13 58.98 98.49
CA THR F 191 -18.14 57.94 98.32
C THR F 191 -16.72 58.48 98.49
N LEU F 192 -16.51 59.77 98.18
CA LEU F 192 -15.17 60.35 98.32
C LEU F 192 -14.74 60.50 99.77
N LYS F 193 -15.70 60.60 100.70
CA LYS F 193 -15.34 60.55 102.12
C LYS F 193 -14.88 59.15 102.52
N ARG F 194 -15.53 58.13 101.98
CA ARG F 194 -15.14 56.75 102.28
C ARG F 194 -13.83 56.36 101.61
N LEU F 195 -13.40 57.11 100.59
CA LEU F 195 -12.18 56.79 99.88
C LEU F 195 -10.92 57.30 100.58
N THR F 196 -11.06 58.15 101.60
CA THR F 196 -9.91 58.72 102.30
C THR F 196 -9.71 58.17 103.70
N GLN F 197 -10.77 58.04 104.51
CA GLN F 197 -10.64 57.51 105.86
C GLN F 197 -11.00 56.04 105.96
N ASN F 198 -11.96 55.56 105.15
CA ASN F 198 -12.28 54.14 105.10
C ASN F 198 -11.53 53.43 103.99
N ALA F 199 -10.61 54.11 103.31
CA ALA F 199 -9.79 53.51 102.28
C ALA F 199 -8.42 54.16 102.28
N ASP F 200 -7.39 53.36 101.99
CA ASP F 200 -6.02 53.84 102.06
C ASP F 200 -5.64 54.64 100.83
N CYS F 201 -5.79 54.05 99.65
CA CYS F 201 -5.34 54.67 98.41
C CYS F 201 -6.41 54.55 97.34
N VAL F 202 -6.39 55.47 96.38
CA VAL F 202 -7.21 55.40 95.18
C VAL F 202 -6.32 55.62 93.97
N VAL F 203 -6.86 55.30 92.80
CA VAL F 203 -6.25 55.63 91.51
C VAL F 203 -7.31 56.39 90.73
N VAL F 204 -7.13 57.69 90.58
CA VAL F 204 -8.16 58.53 89.98
C VAL F 204 -8.14 58.36 88.46
N LEU F 205 -9.33 58.43 87.85
CA LEU F 205 -9.51 58.27 86.41
C LEU F 205 -10.63 59.22 85.99
N ASP F 206 -10.25 60.38 85.46
CA ASP F 206 -11.23 61.41 85.11
C ASP F 206 -11.95 61.07 83.81
N ASN F 207 -13.19 61.54 83.70
CA ASN F 207 -14.00 61.34 82.51
C ASN F 207 -13.87 62.47 81.51
N THR F 208 -13.72 63.71 81.98
CA THR F 208 -13.52 64.84 81.07
C THR F 208 -12.13 64.82 80.44
N ALA F 209 -11.17 64.12 81.05
CA ALA F 209 -9.86 63.92 80.47
C ALA F 209 -9.79 62.71 79.55
N LEU F 210 -10.85 61.90 79.48
CA LEU F 210 -10.88 60.76 78.57
C LEU F 210 -11.09 61.21 77.13
N ASN F 211 -12.11 62.05 76.90
CA ASN F 211 -12.36 62.60 75.57
C ASN F 211 -11.35 63.65 75.15
N ARG F 212 -10.52 64.15 76.08
CA ARG F 212 -9.36 64.94 75.67
C ARG F 212 -8.35 64.06 74.94
N ILE F 213 -8.24 62.79 75.32
CA ILE F 213 -7.32 61.85 74.71
C ILE F 213 -8.03 61.10 73.58
N ALA F 214 -9.34 60.90 73.74
CA ALA F 214 -10.10 60.14 72.75
C ALA F 214 -10.27 60.89 71.44
N THR F 215 -10.06 62.20 71.41
CA THR F 215 -9.99 62.96 70.18
C THR F 215 -8.59 63.46 69.88
N ASP F 216 -7.62 63.16 70.74
CA ASP F 216 -6.25 63.62 70.53
C ASP F 216 -5.58 62.87 69.38
N ARG F 217 -5.45 61.55 69.53
CA ARG F 217 -4.80 60.72 68.54
C ARG F 217 -5.72 59.63 68.01
N LEU F 218 -6.91 59.47 68.56
CA LEU F 218 -7.77 58.35 68.24
C LEU F 218 -8.74 58.66 67.12
N HIS F 219 -9.04 59.95 66.91
CA HIS F 219 -9.76 60.49 65.74
C HIS F 219 -11.16 59.89 65.59
N ILE F 220 -12.01 60.20 66.57
CA ILE F 220 -13.42 59.84 66.53
C ILE F 220 -14.25 61.11 66.42
N GLN F 221 -15.45 60.97 65.85
CA GLN F 221 -16.38 62.08 65.70
C GLN F 221 -17.55 62.03 66.68
N ASN F 222 -18.09 60.84 66.95
CA ASN F 222 -19.17 60.67 67.92
C ASN F 222 -18.63 59.87 69.09
N PRO F 223 -18.48 60.47 70.27
CA PRO F 223 -17.91 59.74 71.42
C PRO F 223 -18.90 58.72 71.96
N SER F 224 -18.52 57.45 71.92
CA SER F 224 -19.33 56.36 72.43
C SER F 224 -18.69 55.77 73.68
N PHE F 225 -19.43 54.87 74.33
CA PHE F 225 -18.95 54.19 75.53
C PHE F 225 -18.03 53.02 75.21
N SER F 226 -17.91 52.64 73.93
CA SER F 226 -17.06 51.54 73.53
C SER F 226 -15.57 51.89 73.52
N GLN F 227 -15.23 53.16 73.71
CA GLN F 227 -13.83 53.58 73.80
C GLN F 227 -13.34 53.75 75.23
N ILE F 228 -14.24 53.71 76.23
CA ILE F 228 -13.84 53.91 77.61
C ILE F 228 -13.11 52.70 78.18
N ASN F 229 -13.17 51.55 77.52
CA ASN F 229 -12.53 50.34 78.03
C ASN F 229 -11.14 50.14 77.46
N GLN F 230 -10.73 50.96 76.50
CA GLN F 230 -9.46 50.76 75.83
C GLN F 230 -8.32 51.48 76.54
N LEU F 231 -8.55 52.69 77.03
CA LEU F 231 -7.53 53.38 77.81
C LEU F 231 -7.40 52.80 79.20
N VAL F 232 -8.45 52.16 79.71
CA VAL F 232 -8.48 51.77 81.11
C VAL F 232 -7.86 50.39 81.31
N SER F 233 -8.16 49.44 80.40
CA SER F 233 -7.71 48.07 80.57
C SER F 233 -6.23 47.88 80.34
N THR F 234 -5.59 48.76 79.56
CA THR F 234 -4.14 48.62 79.35
C THR F 234 -3.36 49.08 80.56
N ILE F 235 -3.75 50.21 81.16
CA ILE F 235 -3.01 50.73 82.31
C ILE F 235 -3.28 49.91 83.58
N MET F 236 -4.37 49.15 83.61
CA MET F 236 -4.59 48.21 84.70
C MET F 236 -3.60 47.06 84.65
N SER F 237 -3.42 46.46 83.47
CA SER F 237 -2.43 45.43 83.29
C SER F 237 -1.01 45.99 83.28
N ALA F 238 -0.86 47.28 82.98
CA ALA F 238 0.44 47.92 83.06
C ALA F 238 0.89 48.11 84.51
N SER F 239 -0.06 48.31 85.42
CA SER F 239 0.27 48.54 86.82
C SER F 239 0.73 47.27 87.54
N THR F 240 0.44 46.10 86.99
CA THR F 240 0.80 44.83 87.60
C THR F 240 1.91 44.11 86.83
N THR F 241 2.68 44.86 86.02
CA THR F 241 3.76 44.25 85.27
C THR F 241 4.92 43.83 86.16
N THR F 242 5.13 44.54 87.26
CA THR F 242 6.09 44.07 88.26
C THR F 242 5.50 42.93 89.08
N LEU F 243 4.18 42.83 89.15
CA LEU F 243 3.50 41.84 89.97
C LEU F 243 3.16 40.56 89.20
N ARG F 244 2.72 40.69 87.94
CA ARG F 244 2.41 39.52 87.14
C ARG F 244 3.68 38.92 86.52
N TYR F 245 4.41 39.73 85.76
CA TYR F 245 5.66 39.31 85.16
C TYR F 245 6.77 39.33 86.22
N PRO F 246 7.81 38.49 86.07
CA PRO F 246 8.85 38.42 87.11
C PRO F 246 9.71 39.66 87.22
N GLY F 247 9.49 40.43 88.29
CA GLY F 247 10.32 41.54 88.66
C GLY F 247 11.02 41.28 89.98
N TYR F 248 11.81 42.26 90.41
CA TYR F 248 12.57 42.14 91.64
C TYR F 248 12.12 43.08 92.73
N MET F 249 12.11 44.39 92.46
CA MET F 249 11.78 45.39 93.47
C MET F 249 10.41 45.99 93.20
N ASN F 250 9.64 46.14 94.28
CA ASN F 250 8.23 46.53 94.26
C ASN F 250 7.42 45.62 93.35
N ASN F 251 7.68 44.32 93.47
CA ASN F 251 6.96 43.30 92.72
C ASN F 251 5.64 42.89 93.37
N ASP F 252 5.23 43.58 94.43
CA ASP F 252 3.94 43.39 95.08
C ASP F 252 3.13 44.69 95.03
N LEU F 253 1.82 44.57 95.28
CA LEU F 253 0.97 45.76 95.24
C LEU F 253 1.16 46.61 96.48
N ILE F 254 1.55 45.98 97.59
CA ILE F 254 2.04 46.70 98.76
C ILE F 254 3.49 47.15 98.62
N GLY F 255 4.15 46.87 97.49
CA GLY F 255 5.44 47.46 97.24
C GLY F 255 5.35 48.80 96.54
N LEU F 256 4.47 48.90 95.54
CA LEU F 256 4.38 50.11 94.73
C LEU F 256 3.72 51.24 95.49
N ILE F 257 2.62 50.95 96.18
CA ILE F 257 1.83 51.96 96.87
C ILE F 257 2.56 52.49 98.12
N ALA F 258 3.44 51.67 98.71
CA ALA F 258 4.18 52.10 99.88
C ALA F 258 5.20 53.19 99.57
N SER F 259 5.75 53.20 98.36
CA SER F 259 6.81 54.14 98.00
C SER F 259 6.29 55.42 97.37
N LEU F 260 4.99 55.64 97.38
CA LEU F 260 4.42 56.83 96.76
C LEU F 260 3.51 57.65 97.67
N ILE F 261 2.85 57.03 98.67
CA ILE F 261 1.92 57.73 99.55
C ILE F 261 2.73 58.53 100.56
N PRO F 262 2.56 59.84 100.64
CA PRO F 262 3.24 60.61 101.70
C PRO F 262 2.58 60.42 103.06
N THR F 263 1.25 60.42 103.07
CA THR F 263 0.47 60.42 104.30
C THR F 263 -0.94 59.95 103.97
N PRO F 264 -1.69 59.43 104.94
CA PRO F 264 -3.12 59.16 104.72
C PRO F 264 -3.89 60.43 104.40
N ARG F 265 -4.98 60.25 103.65
CA ARG F 265 -5.85 61.24 102.97
C ARG F 265 -5.12 62.04 101.89
N LEU F 266 -3.86 61.71 101.59
CA LEU F 266 -3.14 62.21 100.42
C LEU F 266 -2.66 60.98 99.65
N HIS F 267 -3.51 60.49 98.76
CA HIS F 267 -3.19 59.26 98.03
C HIS F 267 -3.64 59.31 96.59
N PHE F 268 -4.10 60.46 96.09
CA PHE F 268 -4.67 60.57 94.75
C PHE F 268 -3.52 60.65 93.75
N LEU F 269 -3.34 59.59 92.97
CA LEU F 269 -2.19 59.43 92.10
C LEU F 269 -2.55 59.78 90.66
N MET F 270 -1.73 60.64 90.05
CA MET F 270 -1.91 61.01 88.66
C MET F 270 -1.32 59.95 87.75
N THR F 271 -2.03 59.61 86.68
CA THR F 271 -1.67 58.52 85.78
C THR F 271 -1.31 59.08 84.40
N GLY F 272 -0.33 58.48 83.76
CA GLY F 272 0.05 58.86 82.41
C GLY F 272 0.49 57.66 81.60
N TYR F 273 0.15 57.68 80.32
CA TYR F 273 0.44 56.57 79.42
C TYR F 273 0.46 57.09 77.99
N THR F 274 1.65 57.16 77.39
CA THR F 274 1.78 57.71 76.04
C THR F 274 1.38 56.76 74.89
N PRO F 275 1.96 55.53 74.71
CA PRO F 275 1.85 54.90 73.38
C PRO F 275 0.50 54.24 73.12
N LEU F 276 -0.30 54.85 72.26
CA LEU F 276 -1.63 54.33 71.93
C LEU F 276 -1.89 54.29 70.42
N THR F 277 -0.86 54.44 69.60
CA THR F 277 -1.04 54.56 68.15
C THR F 277 -0.34 53.41 67.44
N THR F 278 -1.06 52.80 66.50
CA THR F 278 -0.60 51.59 65.81
C THR F 278 0.31 51.88 64.62
N ASP F 279 0.31 53.11 64.08
CA ASP F 279 1.21 53.42 62.98
C ASP F 279 2.58 53.91 63.45
N GLN F 280 2.82 53.94 64.76
CA GLN F 280 4.17 54.12 65.27
C GLN F 280 5.03 52.88 65.06
N SER F 281 4.39 51.73 64.77
CA SER F 281 5.07 50.44 64.71
C SER F 281 6.08 50.35 63.56
N VAL F 282 5.85 51.10 62.48
CA VAL F 282 6.71 50.98 61.31
C VAL F 282 8.04 51.71 61.44
N ALA F 283 8.24 52.48 62.51
CA ALA F 283 9.48 53.22 62.71
C ALA F 283 10.15 52.89 64.03
N SER F 284 9.65 51.91 64.77
CA SER F 284 10.32 51.42 65.97
C SER F 284 11.33 50.32 65.66
N VAL F 285 11.58 50.03 64.39
CA VAL F 285 12.56 49.02 64.00
C VAL F 285 13.98 49.53 64.02
N ARG F 286 14.19 50.84 64.18
CA ARG F 286 15.50 51.45 64.07
C ARG F 286 16.14 51.74 65.43
N LYS F 287 15.80 50.96 66.46
CA LYS F 287 16.25 51.13 67.84
C LYS F 287 15.82 52.52 68.36
N THR F 288 14.51 52.63 68.55
CA THR F 288 13.96 53.73 69.33
C THR F 288 14.32 53.52 70.79
N THR F 289 14.96 54.51 71.39
CA THR F 289 15.63 54.36 72.68
C THR F 289 14.70 54.70 73.84
N VAL F 290 15.27 54.62 75.05
CA VAL F 290 14.58 54.96 76.29
C VAL F 290 14.86 56.40 76.72
N LEU F 291 15.71 57.10 75.97
CA LEU F 291 16.13 58.45 76.36
C LEU F 291 15.08 59.50 76.02
N ASP F 292 14.11 59.16 75.18
CA ASP F 292 13.10 60.12 74.74
C ASP F 292 11.70 59.81 75.27
N VAL F 293 11.51 58.70 75.96
CA VAL F 293 10.16 58.30 76.34
C VAL F 293 9.74 58.89 77.69
N MET F 294 10.69 59.24 78.55
CA MET F 294 10.36 59.82 79.84
C MET F 294 10.54 61.33 79.88
N ARG F 295 10.94 61.94 78.76
CA ARG F 295 10.94 63.40 78.70
C ARG F 295 9.52 63.95 78.53
N ARG F 296 8.60 63.13 78.03
CA ARG F 296 7.23 63.56 77.79
C ARG F 296 6.26 63.08 78.85
N LEU F 297 6.73 62.32 79.85
CA LEU F 297 5.85 61.88 80.92
C LEU F 297 5.56 63.02 81.89
N LEU F 298 6.60 63.70 82.37
CA LEU F 298 6.42 64.88 83.21
C LEU F 298 5.85 66.06 82.44
N GLN F 299 5.96 66.08 81.12
CA GLN F 299 5.31 67.10 80.33
C GLN F 299 3.81 66.80 80.30
N PRO F 300 2.96 67.76 80.69
CA PRO F 300 1.50 67.49 80.83
C PRO F 300 0.76 67.29 79.51
N LYS F 301 0.97 66.11 78.93
CA LYS F 301 0.32 65.75 77.68
C LYS F 301 -0.44 64.43 77.79
N ASN F 302 0.10 63.46 78.53
CA ASN F 302 -0.53 62.15 78.69
C ASN F 302 -1.38 62.04 79.95
N VAL F 303 -1.62 63.16 80.64
CA VAL F 303 -2.27 63.09 81.95
C VAL F 303 -3.76 62.80 81.80
N MET F 304 -4.31 62.11 82.80
CA MET F 304 -5.72 61.78 82.85
C MET F 304 -6.42 62.51 84.00
N VAL F 305 -5.95 63.71 84.33
CA VAL F 305 -6.47 64.49 85.44
C VAL F 305 -6.68 65.92 84.95
N SER F 306 -7.90 66.42 85.08
CA SER F 306 -8.21 67.80 84.72
C SER F 306 -7.69 68.72 85.82
N THR F 307 -6.61 69.45 85.53
CA THR F 307 -5.99 70.32 86.52
C THR F 307 -5.61 71.63 85.86
N GLY F 308 -5.26 72.60 86.69
CA GLY F 308 -4.90 73.91 86.17
C GLY F 308 -3.50 73.92 85.58
N ARG F 309 -3.32 74.71 84.53
CA ARG F 309 -2.03 74.80 83.84
C ARG F 309 -1.11 75.83 84.49
N ASP F 310 -1.66 76.84 85.14
CA ASP F 310 -0.86 77.87 85.80
C ASP F 310 -0.76 77.68 87.31
N ARG F 311 -1.14 76.52 87.81
CA ARG F 311 -1.12 76.24 89.24
C ARG F 311 0.01 75.28 89.63
N GLN F 312 0.96 75.04 88.74
CA GLN F 312 2.04 74.10 88.99
C GLN F 312 3.31 74.75 89.53
N THR F 313 3.34 76.09 89.62
CA THR F 313 4.51 76.78 90.13
C THR F 313 4.55 76.82 91.65
N ASN F 314 3.39 76.88 92.31
CA ASN F 314 3.31 76.86 93.76
C ASN F 314 3.01 75.46 94.29
N HIS F 315 2.90 74.47 93.42
CA HIS F 315 2.72 73.09 93.82
C HIS F 315 3.98 72.31 93.49
N CYS F 316 4.22 71.23 94.24
CA CYS F 316 5.48 70.50 94.16
C CYS F 316 5.22 69.01 94.08
N TYR F 317 5.93 68.32 93.20
CA TYR F 317 5.90 66.87 93.17
C TYR F 317 6.64 66.31 94.37
N ILE F 318 6.16 65.18 94.87
CA ILE F 318 6.79 64.54 96.01
C ILE F 318 7.24 63.13 95.60
N ALA F 319 6.40 62.43 94.84
CA ALA F 319 6.69 61.07 94.40
C ALA F 319 6.24 60.91 92.97
N ILE F 320 7.14 60.43 92.11
CA ILE F 320 6.85 60.23 90.70
C ILE F 320 7.39 58.87 90.28
N LEU F 321 6.53 58.06 89.66
CA LEU F 321 6.88 56.72 89.19
C LEU F 321 6.91 56.73 87.66
N ASN F 322 7.93 56.10 87.09
CA ASN F 322 8.13 56.04 85.63
C ASN F 322 8.44 54.60 85.27
N ILE F 323 7.43 53.87 84.82
CA ILE F 323 7.55 52.43 84.57
C ILE F 323 7.76 52.20 83.09
N ILE F 324 8.92 51.63 82.74
CA ILE F 324 9.19 51.16 81.39
C ILE F 324 8.99 49.64 81.34
N GLN F 325 8.54 49.16 80.19
CA GLN F 325 8.12 47.77 80.02
C GLN F 325 8.76 47.18 78.76
N GLY F 326 9.02 45.89 78.78
CA GLY F 326 9.47 45.19 77.59
C GLY F 326 10.92 45.50 77.28
N GLU F 327 11.19 45.84 76.03
CA GLU F 327 12.55 46.20 75.63
C GLU F 327 12.91 47.57 76.21
N VAL F 328 13.95 47.59 77.03
CA VAL F 328 14.28 48.79 77.80
C VAL F 328 15.61 49.35 77.33
N ASP F 329 16.51 48.42 76.89
CA ASP F 329 17.95 48.65 76.70
C ASP F 329 18.52 49.23 77.98
N PRO F 330 18.72 48.41 79.02
CA PRO F 330 19.02 48.94 80.35
C PRO F 330 20.41 49.51 80.53
N THR F 331 21.25 49.55 79.50
CA THR F 331 22.53 50.24 79.61
C THR F 331 22.38 51.75 79.50
N GLN F 332 21.20 52.25 79.12
CA GLN F 332 20.92 53.67 79.07
C GLN F 332 19.72 54.07 79.92
N VAL F 333 19.27 53.21 80.83
CA VAL F 333 18.15 53.61 81.70
C VAL F 333 18.64 54.51 82.83
N HIS F 334 19.90 54.35 83.27
CA HIS F 334 20.51 55.33 84.16
C HIS F 334 20.85 56.61 83.41
N LYS F 335 20.99 56.53 82.09
CA LYS F 335 21.24 57.71 81.27
C LYS F 335 19.98 58.55 81.12
N SER F 336 18.80 57.91 81.13
CA SER F 336 17.54 58.64 81.10
C SER F 336 17.28 59.37 82.40
N LEU F 337 17.68 58.77 83.53
CA LEU F 337 17.53 59.39 84.83
C LEU F 337 18.60 60.44 85.09
N GLN F 338 19.66 60.45 84.27
CA GLN F 338 20.68 61.49 84.35
C GLN F 338 20.12 62.85 83.94
N ARG F 339 19.25 62.88 82.93
CA ARG F 339 18.74 64.11 82.35
C ARG F 339 17.58 64.72 83.15
N ILE F 340 17.20 64.11 84.28
CA ILE F 340 16.05 64.59 85.03
C ILE F 340 16.40 65.82 85.86
N ARG F 341 17.58 65.83 86.47
CA ARG F 341 17.97 66.92 87.35
C ARG F 341 18.29 68.21 86.61
N GLU F 342 18.58 68.13 85.31
CA GLU F 342 19.01 69.31 84.58
C GLU F 342 17.82 70.18 84.18
N ARG F 343 16.68 69.56 83.90
CA ARG F 343 15.50 70.32 83.50
C ARG F 343 14.72 70.82 84.70
N LYS F 344 14.65 69.99 85.76
CA LYS F 344 13.78 70.18 86.92
C LYS F 344 12.33 70.41 86.50
N LEU F 345 11.83 69.48 85.67
CA LEU F 345 10.44 69.56 85.24
C LEU F 345 9.47 69.24 86.37
N ALA F 346 9.93 68.51 87.38
CA ALA F 346 9.16 68.29 88.61
C ALA F 346 9.61 69.30 89.64
N ASN F 347 8.66 70.08 90.16
CA ASN F 347 8.95 70.94 91.29
C ASN F 347 9.10 70.08 92.54
N PHE F 348 10.19 70.29 93.27
CA PHE F 348 10.51 69.46 94.42
C PHE F 348 10.06 70.16 95.70
N ILE F 349 9.69 69.35 96.69
CA ILE F 349 9.20 69.90 97.97
C ILE F 349 10.37 70.54 98.72
N PRO F 350 10.21 71.74 99.28
CA PRO F 350 11.33 72.40 99.93
C PRO F 350 11.62 71.88 101.34
N TRP F 351 10.74 71.07 101.92
CA TRP F 351 10.94 70.57 103.27
C TRP F 351 11.67 69.23 103.30
N GLY F 352 11.50 68.41 102.27
CA GLY F 352 12.10 67.10 102.25
C GLY F 352 12.55 66.67 100.87
N PRO F 353 13.15 65.47 100.79
CA PRO F 353 13.60 64.95 99.50
C PRO F 353 12.45 64.46 98.64
N ALA F 354 12.73 64.34 97.34
CA ALA F 354 11.83 63.77 96.36
C ALA F 354 12.44 62.47 95.82
N SER F 355 11.73 61.83 94.88
CA SER F 355 12.19 60.57 94.34
C SER F 355 11.60 60.32 92.96
N ILE F 356 12.47 60.03 91.98
CA ILE F 356 12.05 59.59 90.66
C ILE F 356 12.41 58.12 90.53
N GLN F 357 11.43 57.25 90.74
CA GLN F 357 11.64 55.80 90.74
C GLN F 357 11.34 55.25 89.36
N VAL F 358 12.28 54.51 88.79
CA VAL F 358 12.13 53.87 87.49
C VAL F 358 12.29 52.36 87.68
N ALA F 359 11.48 51.56 87.01
CA ALA F 359 11.54 50.12 87.12
C ALA F 359 11.19 49.50 85.77
N LEU F 360 11.57 48.22 85.60
CA LEU F 360 11.37 47.53 84.34
C LEU F 360 10.97 46.08 84.59
N SER F 361 10.27 45.52 83.60
CA SER F 361 9.89 44.11 83.59
C SER F 361 9.64 43.71 82.15
N ARG F 362 9.99 42.46 81.83
CA ARG F 362 9.80 41.97 80.47
C ARG F 362 8.33 41.72 80.18
N LYS F 363 7.91 42.06 78.97
CA LYS F 363 6.51 41.99 78.58
C LYS F 363 6.17 40.60 78.05
N SER F 364 4.99 40.49 77.44
CA SER F 364 4.52 39.23 76.90
C SER F 364 5.32 38.84 75.65
N PRO F 365 5.52 37.55 75.40
CA PRO F 365 6.13 37.12 74.12
C PRO F 365 5.17 37.30 72.95
N TYR F 366 5.06 38.55 72.50
CA TYR F 366 4.13 38.92 71.45
C TYR F 366 4.75 40.04 70.63
N LEU F 367 4.39 40.09 69.35
CA LEU F 367 5.04 41.03 68.44
C LEU F 367 4.68 42.51 68.66
N PRO F 368 3.44 42.91 68.96
CA PRO F 368 3.23 44.31 69.36
C PRO F 368 3.72 44.65 70.76
N SER F 369 4.18 43.67 71.54
CA SER F 369 4.63 43.92 72.91
C SER F 369 6.15 43.88 73.06
N ALA F 370 6.84 43.03 72.29
CA ALA F 370 8.30 42.93 72.35
C ALA F 370 8.99 43.83 71.33
N HIS F 371 8.29 44.83 70.81
CA HIS F 371 8.87 45.75 69.83
C HIS F 371 8.72 47.23 70.18
N ARG F 372 7.67 47.64 70.85
CA ARG F 372 7.37 49.06 71.03
C ARG F 372 7.50 49.43 72.49
N VAL F 373 8.17 50.55 72.76
CA VAL F 373 8.43 50.97 74.13
C VAL F 373 7.15 51.48 74.77
N SER F 374 6.96 51.17 76.05
CA SER F 374 5.77 51.56 76.76
C SER F 374 6.16 52.26 78.05
N GLY F 375 5.47 53.37 78.34
CA GLY F 375 5.75 54.13 79.54
C GLY F 375 4.52 54.37 80.39
N LEU F 376 4.52 53.83 81.60
CA LEU F 376 3.41 54.00 82.54
C LEU F 376 3.84 54.94 83.65
N MET F 377 3.04 55.97 83.89
CA MET F 377 3.33 56.98 84.89
C MET F 377 2.37 56.86 86.06
N MET F 378 2.92 56.93 87.28
CA MET F 378 2.11 57.01 88.50
C MET F 378 2.65 58.19 89.30
N ALA F 379 2.13 59.38 89.00
CA ALA F 379 2.61 60.61 89.61
C ALA F 379 1.90 60.87 90.94
N ASN F 380 2.38 61.87 91.67
CA ASN F 380 1.70 62.36 92.87
C ASN F 380 2.04 63.83 93.00
N HIS F 381 1.16 64.69 92.50
CA HIS F 381 1.36 66.12 92.50
C HIS F 381 0.27 66.79 93.31
N THR F 382 0.63 67.90 93.97
CA THR F 382 -0.26 68.56 94.92
C THR F 382 -1.18 69.58 94.26
N ASN F 383 -1.36 69.51 92.93
CA ASN F 383 -2.37 70.30 92.24
C ASN F 383 -3.69 69.56 92.12
N ILE F 384 -3.84 68.43 92.82
CA ILE F 384 -5.05 67.61 92.76
C ILE F 384 -6.21 68.21 93.52
N SER F 385 -5.98 69.28 94.29
CA SER F 385 -7.06 69.99 94.97
C SER F 385 -7.91 70.82 94.01
N SER F 386 -7.45 71.02 92.77
CA SER F 386 -8.26 71.72 91.78
C SER F 386 -9.50 70.92 91.40
N LEU F 387 -9.38 69.59 91.36
CA LEU F 387 -10.56 68.76 91.21
C LEU F 387 -11.43 68.80 92.46
N PHE F 388 -10.80 68.88 93.64
CA PHE F 388 -11.56 68.97 94.87
C PHE F 388 -12.17 70.35 95.06
N GLU F 389 -11.55 71.38 94.49
CA GLU F 389 -12.19 72.69 94.43
C GLU F 389 -13.29 72.71 93.37
N ARG F 390 -13.17 71.90 92.32
CA ARG F 390 -14.22 71.85 91.30
C ARG F 390 -15.44 71.10 91.81
N THR F 391 -15.24 70.03 92.57
CA THR F 391 -16.38 69.26 93.07
C THR F 391 -17.06 69.97 94.24
N CYS F 392 -16.31 70.70 95.06
CA CYS F 392 -16.91 71.39 96.20
C CYS F 392 -17.67 72.63 95.77
N ARG F 393 -17.18 73.34 94.75
CA ARG F 393 -17.90 74.51 94.26
C ARG F 393 -19.17 74.13 93.53
N GLN F 394 -19.22 72.93 92.96
CA GLN F 394 -20.45 72.39 92.38
C GLN F 394 -21.33 71.72 93.42
N TYR F 395 -20.88 71.62 94.67
CA TYR F 395 -21.64 70.99 95.75
C TYR F 395 -22.40 71.99 96.60
N ASP F 396 -21.74 73.07 97.01
CA ASP F 396 -22.41 74.11 97.79
C ASP F 396 -23.31 75.00 96.94
N LYS F 397 -23.04 75.10 95.64
CA LYS F 397 -23.93 75.84 94.75
C LYS F 397 -25.25 75.12 94.53
N LEU F 398 -25.24 73.79 94.60
CA LEU F 398 -26.45 73.02 94.39
C LEU F 398 -27.35 73.00 95.62
N ARG F 399 -26.77 73.14 96.82
CA ARG F 399 -27.57 73.14 98.03
C ARG F 399 -28.29 74.47 98.27
N LYS F 400 -27.85 75.54 97.62
CA LYS F 400 -28.55 76.82 97.71
C LYS F 400 -29.68 76.94 96.69
N ARG F 401 -29.75 76.04 95.73
CA ARG F 401 -30.81 76.02 94.73
C ARG F 401 -31.98 75.14 95.15
N GLU F 402 -31.95 74.61 96.38
CA GLU F 402 -32.96 73.69 96.93
C GLU F 402 -33.14 72.45 96.05
N ALA F 403 -32.03 71.84 95.68
CA ALA F 403 -32.01 70.69 94.77
C ALA F 403 -31.71 69.43 95.57
N PHE F 404 -32.67 68.49 95.54
CA PHE F 404 -32.56 67.16 96.16
C PHE F 404 -32.30 67.24 97.66
N LEU F 405 -33.02 68.13 98.33
CA LEU F 405 -33.09 68.14 99.79
C LEU F 405 -34.38 67.56 100.33
N GLU F 406 -35.44 67.58 99.53
CA GLU F 406 -36.70 66.94 99.89
C GLU F 406 -36.87 65.59 99.19
N GLN F 407 -36.18 65.40 98.06
CA GLN F 407 -36.29 64.20 97.25
C GLN F 407 -35.29 63.13 97.65
N PHE F 408 -34.45 63.40 98.65
CA PHE F 408 -33.35 62.51 99.01
C PHE F 408 -33.39 62.04 100.45
N ARG F 409 -34.14 62.70 101.33
CA ARG F 409 -34.11 62.41 102.76
C ARG F 409 -35.36 61.66 103.22
N LYS F 410 -36.11 61.08 102.30
CA LYS F 410 -37.28 60.28 102.70
C LYS F 410 -36.85 58.90 103.19
N GLU F 411 -35.87 58.28 102.52
CA GLU F 411 -35.37 56.96 102.88
C GLU F 411 -34.05 57.11 103.62
N ASP F 412 -33.96 56.44 104.78
CA ASP F 412 -32.75 56.15 105.59
C ASP F 412 -31.80 57.34 105.81
N ILE F 413 -32.30 58.57 105.73
CA ILE F 413 -31.53 59.77 106.04
C ILE F 413 -32.40 60.66 106.91
N PHE F 414 -32.00 60.85 108.17
CA PHE F 414 -32.75 61.67 109.11
C PHE F 414 -32.03 62.93 109.56
N LYS F 415 -30.71 62.97 109.50
CA LYS F 415 -29.94 64.15 109.88
C LYS F 415 -29.14 64.64 108.68
N ASP F 416 -28.69 65.89 108.77
CA ASP F 416 -27.95 66.54 107.69
C ASP F 416 -26.49 66.12 107.76
N ASN F 417 -26.10 65.17 106.91
CA ASN F 417 -24.72 64.71 106.80
C ASN F 417 -23.98 65.37 105.64
N PHE F 418 -24.45 66.52 105.18
CA PHE F 418 -23.87 67.22 104.04
C PHE F 418 -22.62 67.99 104.40
N ASP F 419 -22.62 68.68 105.54
CA ASP F 419 -21.42 69.35 106.02
C ASP F 419 -20.43 68.39 106.66
N GLU F 420 -20.84 67.15 106.92
CA GLU F 420 -19.86 66.14 107.34
C GLU F 420 -18.92 65.75 106.19
N LEU F 421 -19.40 65.87 104.95
CA LEU F 421 -18.57 65.66 103.77
C LEU F 421 -17.82 66.92 103.36
N ASP F 422 -18.32 68.10 103.73
CA ASP F 422 -17.74 69.35 103.26
C ASP F 422 -16.48 69.70 104.05
N ASN F 423 -16.51 69.50 105.36
CA ASN F 423 -15.37 69.86 106.20
C ASN F 423 -14.22 68.86 105.98
N SER F 424 -14.56 67.56 105.85
CA SER F 424 -13.54 66.54 105.61
C SER F 424 -12.91 66.68 104.24
N ARG F 425 -13.63 67.23 103.26
CA ARG F 425 -13.02 67.53 101.98
C ARG F 425 -12.09 68.74 102.08
N GLU F 426 -12.48 69.73 102.88
CA GLU F 426 -11.61 70.89 103.09
C GLU F 426 -10.41 70.55 103.97
N ILE F 427 -10.53 69.50 104.79
CA ILE F 427 -9.39 69.02 105.56
C ILE F 427 -8.33 68.45 104.63
N VAL F 428 -8.76 67.76 103.57
CA VAL F 428 -7.85 67.26 102.55
C VAL F 428 -7.21 68.42 101.78
N GLN F 429 -8.03 69.43 101.42
CA GLN F 429 -7.54 70.55 100.63
C GLN F 429 -6.61 71.48 101.42
N GLN F 430 -6.76 71.53 102.75
CA GLN F 430 -5.88 72.38 103.54
C GLN F 430 -4.58 71.68 103.92
N LEU F 431 -4.63 70.36 104.18
CA LEU F 431 -3.41 69.63 104.52
C LEU F 431 -2.52 69.39 103.31
N ILE F 432 -3.04 69.54 102.10
CA ILE F 432 -2.21 69.41 100.91
C ILE F 432 -1.31 70.63 100.76
N ASP F 433 -1.88 71.82 100.91
CA ASP F 433 -1.09 73.05 100.78
C ASP F 433 -0.19 73.26 101.99
N GLU F 434 -0.58 72.73 103.16
CA GLU F 434 0.25 72.81 104.35
C GLU F 434 1.44 71.85 104.28
N TYR F 435 1.34 70.82 103.42
CA TYR F 435 2.34 69.75 103.41
C TYR F 435 3.70 70.21 102.88
N HIS F 436 3.74 71.30 102.12
CA HIS F 436 5.00 71.92 101.70
C HIS F 436 5.21 73.19 102.54
N ALA F 437 6.02 73.06 103.58
CA ALA F 437 6.29 74.17 104.48
C ALA F 437 7.48 74.99 104.00
N THR G 259 73.53 22.27 -13.41
CA THR G 259 72.77 22.10 -12.17
C THR G 259 71.56 21.21 -12.37
N ILE G 260 70.88 20.90 -11.27
CA ILE G 260 69.71 20.02 -11.28
C ILE G 260 68.46 20.88 -11.21
N VAL G 261 67.63 20.81 -12.25
CA VAL G 261 66.28 21.35 -12.20
C VAL G 261 65.32 20.17 -12.04
N THR G 262 64.08 20.48 -11.71
CA THR G 262 63.11 19.47 -11.28
C THR G 262 62.59 18.69 -12.48
N GLU G 263 62.91 17.40 -12.53
CA GLU G 263 62.47 16.54 -13.63
C GLU G 263 61.04 16.07 -13.40
N THR G 264 60.25 16.07 -14.48
CA THR G 264 58.80 15.88 -14.59
C THR G 264 57.99 17.00 -13.94
N GLN G 265 58.67 17.98 -13.35
CA GLN G 265 58.01 19.15 -12.79
C GLN G 265 58.29 20.42 -13.57
N VAL G 266 59.35 20.45 -14.39
CA VAL G 266 59.52 21.57 -15.30
C VAL G 266 58.52 21.46 -16.44
N ILE G 267 58.07 20.25 -16.78
CA ILE G 267 57.02 20.17 -17.78
C ILE G 267 55.68 20.56 -17.16
N ARG G 268 55.51 20.39 -15.86
CA ARG G 268 54.33 20.97 -15.22
C ARG G 268 54.50 22.47 -15.06
N GLU G 269 55.74 22.96 -15.05
CA GLU G 269 56.00 24.39 -15.01
C GLU G 269 56.08 25.03 -16.38
N THR G 270 56.18 24.27 -17.47
CA THR G 270 55.87 24.92 -18.74
C THR G 270 54.37 24.90 -18.98
N LEU G 271 53.67 23.84 -18.53
CA LEU G 271 52.20 23.82 -18.53
C LEU G 271 51.64 24.97 -17.69
N TRP G 272 52.34 25.33 -16.62
CA TRP G 272 52.21 26.65 -16.02
C TRP G 272 52.33 27.82 -16.99
N LEU G 273 53.44 27.91 -17.74
CA LEU G 273 53.72 29.11 -18.54
C LEU G 273 52.63 29.33 -19.58
N LEU G 274 52.15 28.24 -20.16
CA LEU G 274 51.21 28.25 -21.28
C LEU G 274 49.85 28.87 -20.90
N SER G 275 49.58 29.07 -19.61
CA SER G 275 48.40 29.75 -19.09
C SER G 275 48.59 31.25 -18.85
N GLY G 276 49.76 31.64 -18.35
CA GLY G 276 50.00 32.94 -17.74
C GLY G 276 51.05 33.78 -18.42
N VAL G 277 50.93 33.98 -19.74
CA VAL G 277 52.10 34.05 -20.62
C VAL G 277 52.91 35.34 -20.48
N LYS G 278 53.74 35.37 -19.44
CA LYS G 278 55.04 36.04 -19.34
C LYS G 278 55.67 35.50 -18.05
N LYS G 279 56.90 34.97 -18.13
CA LYS G 279 57.45 34.20 -17.01
C LYS G 279 58.97 34.34 -16.99
N LEU G 280 59.60 33.60 -16.06
CA LEU G 280 61.03 33.65 -15.84
C LEU G 280 61.74 32.32 -16.10
N LEU G 281 61.05 31.19 -16.04
CA LEU G 281 61.66 29.92 -16.44
C LEU G 281 61.84 29.87 -17.96
N ILE G 282 61.04 30.64 -18.69
CA ILE G 282 61.06 30.69 -20.15
C ILE G 282 61.26 32.14 -20.56
N PHE G 283 62.25 32.39 -21.42
CA PHE G 283 62.59 33.75 -21.83
C PHE G 283 61.82 34.14 -23.09
N GLN G 284 60.50 34.25 -22.97
CA GLN G 284 59.70 34.80 -24.06
C GLN G 284 59.70 36.32 -23.90
N LEU G 285 60.83 36.93 -24.29
CA LEU G 285 61.02 38.36 -24.11
C LEU G 285 60.22 39.17 -25.12
N ASN G 286 60.08 38.66 -26.34
CA ASN G 286 59.41 39.39 -27.41
C ASN G 286 58.60 38.41 -28.25
N ASP G 287 57.89 38.96 -29.24
CA ASP G 287 57.05 38.13 -30.09
C ASP G 287 57.88 37.32 -31.08
N GLY G 288 58.97 37.92 -31.59
CA GLY G 288 59.75 37.24 -32.61
C GLY G 288 60.64 36.14 -32.07
N LYS G 289 61.04 36.23 -30.80
CA LYS G 289 61.95 35.27 -30.19
C LYS G 289 61.34 34.75 -28.90
N VAL G 290 60.99 33.46 -28.90
CA VAL G 290 60.55 32.76 -27.69
C VAL G 290 61.42 31.53 -27.55
N ASN G 291 62.30 31.53 -26.55
CA ASN G 291 63.20 30.41 -26.30
C ASN G 291 63.17 30.05 -24.82
N VAL G 292 63.60 28.82 -24.53
CA VAL G 292 63.67 28.29 -23.17
C VAL G 292 65.12 27.90 -22.89
N ARG G 293 65.60 28.23 -21.69
CA ARG G 293 66.84 27.66 -21.17
C ARG G 293 66.60 27.25 -19.73
N ASN G 294 66.68 25.95 -19.45
CA ASN G 294 66.61 25.53 -18.06
C ASN G 294 68.01 25.37 -17.48
N ASP G 295 68.70 24.31 -17.91
CA ASP G 295 70.10 23.96 -17.67
C ASP G 295 70.37 22.62 -18.33
N ILE G 296 71.64 22.25 -18.47
CA ILE G 296 71.98 20.86 -18.75
C ILE G 296 71.80 20.05 -17.47
N ILE G 297 71.15 18.90 -17.58
CA ILE G 297 70.90 18.06 -16.42
C ILE G 297 71.81 16.84 -16.46
N VAL G 298 71.82 16.09 -15.36
CA VAL G 298 72.96 15.27 -14.93
C VAL G 298 73.22 14.06 -15.82
N THR G 299 74.37 13.41 -15.61
CA THR G 299 74.93 12.42 -16.52
C THR G 299 74.30 11.03 -16.37
N HIS G 300 73.19 10.92 -15.65
CA HIS G 300 72.34 9.75 -15.67
C HIS G 300 70.91 10.28 -15.67
N MET G 301 69.94 9.41 -16.00
CA MET G 301 68.52 9.73 -15.87
C MET G 301 68.05 10.92 -16.70
N THR G 302 67.81 10.71 -18.01
CA THR G 302 67.30 11.66 -19.00
C THR G 302 68.26 12.81 -19.31
N GLN G 303 69.33 12.52 -20.06
CA GLN G 303 70.37 13.49 -20.45
C GLN G 303 69.87 14.74 -21.18
N ASN G 304 69.39 14.56 -22.41
CA ASN G 304 69.18 15.66 -23.34
C ASN G 304 67.86 15.56 -24.08
N CYS G 305 67.19 14.41 -24.03
CA CYS G 305 65.88 14.22 -24.64
C CYS G 305 64.85 15.18 -24.08
N LEU G 306 64.81 15.31 -22.75
CA LEU G 306 63.90 16.25 -22.10
C LEU G 306 64.26 17.67 -22.47
N ARG G 307 65.55 17.98 -22.63
CA ARG G 307 65.98 19.28 -23.12
C ARG G 307 65.66 19.49 -24.60
N SER G 308 65.48 18.40 -25.36
CA SER G 308 65.05 18.53 -26.73
C SER G 308 63.55 18.78 -26.82
N VAL G 309 62.79 18.25 -25.86
CA VAL G 309 61.34 18.42 -25.86
C VAL G 309 60.96 19.85 -25.46
N LEU G 310 61.75 20.46 -24.57
CA LEU G 310 61.48 21.85 -24.18
C LEU G 310 61.72 22.82 -25.33
N GLU G 311 62.64 22.50 -26.24
CA GLU G 311 62.83 23.34 -27.41
C GLU G 311 61.71 23.17 -28.43
N GLN G 312 60.97 22.06 -28.35
CA GLN G 312 59.78 21.93 -29.19
C GLN G 312 58.67 22.83 -28.69
N ILE G 313 58.26 22.67 -27.41
CA ILE G 313 57.17 23.44 -26.80
C ILE G 313 57.48 24.93 -26.70
N ALA G 314 58.76 25.32 -26.88
CA ALA G 314 59.12 26.73 -26.98
C ALA G 314 58.43 27.40 -28.18
N ALA G 315 58.31 26.68 -29.30
CA ALA G 315 57.57 27.20 -30.43
C ALA G 315 56.06 27.13 -30.23
N TYR G 316 55.59 26.30 -29.30
CA TYR G 316 54.16 26.16 -29.08
C TYR G 316 53.63 27.11 -28.02
N GLY G 317 54.51 27.62 -27.17
CA GLY G 317 54.20 28.81 -26.39
C GLY G 317 54.49 30.10 -27.12
N GLN G 318 55.16 30.00 -28.28
CA GLN G 318 55.44 31.17 -29.10
C GLN G 318 54.20 31.68 -29.81
N VAL G 319 53.33 30.79 -30.27
CA VAL G 319 52.17 31.24 -31.03
C VAL G 319 51.11 31.84 -30.10
N VAL G 320 50.96 31.29 -28.89
CA VAL G 320 49.99 31.80 -27.95
C VAL G 320 50.40 33.17 -27.42
N PHE G 321 51.71 33.42 -27.32
CA PHE G 321 52.18 34.76 -27.06
C PHE G 321 51.94 35.69 -28.24
N ARG G 322 51.98 35.15 -29.46
CA ARG G 322 51.64 35.95 -30.64
C ARG G 322 50.14 36.19 -30.72
N LEU G 323 49.33 35.19 -30.32
CA LEU G 323 47.89 35.34 -30.39
C LEU G 323 47.38 36.29 -29.31
N GLN G 324 48.03 36.34 -28.15
CA GLN G 324 47.63 37.28 -27.11
C GLN G 324 48.11 38.70 -27.45
N LYS G 325 49.26 38.83 -28.10
CA LYS G 325 49.73 40.15 -28.52
C LYS G 325 48.86 40.73 -29.61
N PHE G 326 48.15 39.89 -30.38
CA PHE G 326 47.18 40.39 -31.34
C PHE G 326 45.98 41.00 -30.62
N ILE G 327 45.65 40.53 -29.42
CA ILE G 327 44.54 41.07 -28.67
C ILE G 327 44.90 42.44 -28.14
N ASP G 328 44.08 43.44 -28.45
CA ASP G 328 44.20 44.75 -27.83
C ASP G 328 42.83 45.18 -27.33
N GLU G 329 42.82 46.18 -26.45
CA GLU G 329 41.58 46.67 -25.87
C GLU G 329 41.36 48.13 -26.25
N PHE G 354 37.04 48.39 -37.52
CA PHE G 354 35.65 47.94 -37.59
C PHE G 354 35.39 46.78 -36.64
N ARG G 355 34.10 46.46 -36.45
CA ARG G 355 33.70 45.22 -35.80
C ARG G 355 34.26 43.98 -36.48
N THR G 356 34.44 44.03 -37.81
CA THR G 356 35.01 42.93 -38.55
C THR G 356 36.43 42.61 -38.06
N TYR G 357 37.22 43.64 -37.79
CA TYR G 357 38.53 43.42 -37.19
C TYR G 357 38.41 43.03 -35.73
N GLN G 358 37.32 43.44 -35.06
CA GLN G 358 37.11 43.07 -33.67
C GLN G 358 36.51 41.67 -33.55
N ALA G 359 35.61 41.30 -34.47
CA ALA G 359 35.05 39.95 -34.42
C ALA G 359 36.05 38.92 -34.90
N PHE G 360 36.98 39.31 -35.78
CA PHE G 360 38.06 38.40 -36.11
C PHE G 360 39.00 38.24 -34.93
N MET G 361 39.05 39.25 -34.05
CA MET G 361 39.80 39.14 -32.81
C MET G 361 39.05 38.33 -31.76
N TRP G 362 37.72 38.39 -31.74
CA TRP G 362 36.98 37.66 -30.71
C TRP G 362 36.80 36.19 -31.10
N ALA G 363 36.91 35.87 -32.39
CA ALA G 363 36.97 34.46 -32.80
C ALA G 363 38.23 33.78 -32.31
N LEU G 364 39.31 34.54 -32.17
CA LEU G 364 40.50 34.02 -31.51
C LEU G 364 40.25 33.76 -30.04
N TYR G 365 39.52 34.65 -29.36
CA TYR G 365 39.41 34.57 -27.92
C TYR G 365 38.28 33.64 -27.47
N LYS G 366 37.21 33.56 -28.25
CA LYS G 366 36.14 32.59 -27.96
C LYS G 366 36.63 31.16 -28.15
N TYR G 367 37.59 30.95 -29.06
CA TYR G 367 38.17 29.62 -29.20
C TYR G 367 39.09 29.27 -28.05
N PHE G 368 39.64 30.26 -27.33
CA PHE G 368 40.62 29.99 -26.29
C PHE G 368 40.04 29.23 -25.09
N ILE G 369 38.75 29.40 -24.79
CA ILE G 369 38.18 28.70 -23.64
C ILE G 369 38.03 27.22 -23.92
N SER G 370 37.94 26.82 -25.19
CA SER G 370 38.02 25.41 -25.56
C SER G 370 39.45 24.90 -25.52
N PHE G 371 40.43 25.79 -25.60
CA PHE G 371 41.83 25.42 -25.39
C PHE G 371 42.17 25.43 -23.91
N LYS G 372 41.49 26.26 -23.13
CA LYS G 372 41.78 26.38 -21.71
C LYS G 372 41.06 25.35 -20.86
N GLU G 373 40.07 24.63 -21.42
CA GLU G 373 39.38 23.60 -20.65
C GLU G 373 40.23 22.35 -20.46
N GLU G 374 41.00 21.92 -21.47
CA GLU G 374 41.90 20.80 -21.32
C GLU G 374 43.07 21.14 -20.42
N LEU G 375 43.43 22.42 -20.40
CA LEU G 375 44.55 22.91 -19.61
C LEU G 375 44.31 22.69 -18.13
N THR G 376 43.06 22.84 -17.69
CA THR G 376 42.69 22.52 -16.32
C THR G 376 42.47 21.03 -16.10
N GLU G 377 42.34 20.24 -17.16
CA GLU G 377 42.16 18.79 -16.99
C GLU G 377 43.48 18.12 -16.61
N ILE G 378 44.54 18.41 -17.36
CA ILE G 378 45.85 17.84 -17.04
C ILE G 378 46.41 18.48 -15.77
N GLU G 379 46.01 19.72 -15.48
CA GLU G 379 46.37 20.34 -14.21
C GLU G 379 45.67 19.66 -13.05
N LYS G 380 44.44 19.19 -13.26
CA LYS G 380 43.74 18.45 -12.22
C LYS G 380 44.29 17.04 -12.07
N CYS G 381 44.89 16.49 -13.13
CA CYS G 381 45.40 15.13 -13.06
C CYS G 381 46.68 15.05 -12.26
N ILE G 382 47.54 16.06 -12.36
CA ILE G 382 48.85 16.02 -11.72
C ILE G 382 48.79 16.52 -10.28
N ILE G 383 47.78 17.32 -9.92
CA ILE G 383 47.60 17.67 -8.51
C ILE G 383 46.98 16.51 -7.74
N ASN G 384 46.29 15.60 -8.43
CA ASN G 384 45.68 14.44 -7.80
C ASN G 384 46.66 13.28 -7.79
N LYS G 385 47.10 12.90 -6.59
CA LYS G 385 48.02 11.77 -6.42
C LYS G 385 47.21 10.50 -6.24
N ASP G 386 47.56 9.42 -6.97
CA ASP G 386 48.71 9.37 -7.88
C ASP G 386 48.35 9.82 -9.29
N GLU G 387 49.36 10.27 -10.04
CA GLU G 387 49.14 10.89 -11.33
C GLU G 387 49.38 9.97 -12.51
N THR G 388 50.33 9.02 -12.38
CA THR G 388 50.68 8.02 -13.39
C THR G 388 51.00 8.62 -14.77
N VAL G 389 51.60 9.82 -14.79
CA VAL G 389 51.98 10.45 -16.04
C VAL G 389 53.45 10.88 -15.96
N THR G 390 54.02 11.16 -17.14
CA THR G 390 55.42 11.53 -17.26
C THR G 390 55.56 12.57 -18.37
N LEU G 391 56.80 12.79 -18.81
CA LEU G 391 57.09 13.70 -19.91
C LEU G 391 56.45 13.23 -21.21
N ALA G 392 56.56 11.93 -21.52
CA ALA G 392 56.23 11.44 -22.85
C ALA G 392 54.77 11.02 -23.00
N ILE G 393 54.15 10.51 -21.93
CA ILE G 393 52.77 10.02 -22.02
C ILE G 393 51.76 11.17 -21.98
N VAL G 394 52.19 12.39 -21.66
CA VAL G 394 51.29 13.52 -21.85
C VAL G 394 51.43 14.06 -23.28
N LEU G 395 52.56 13.78 -23.97
CA LEU G 395 52.87 14.40 -25.24
C LEU G 395 51.95 13.97 -26.39
N ASP G 396 51.20 12.88 -26.23
CA ASP G 396 50.21 12.50 -27.21
C ASP G 396 48.81 13.00 -26.88
N LYS G 397 48.57 13.42 -25.63
CA LYS G 397 47.26 13.95 -25.28
C LYS G 397 47.05 15.34 -25.88
N LEU G 398 48.04 16.21 -25.76
CA LEU G 398 47.96 17.53 -26.36
C LEU G 398 48.34 17.53 -27.84
N ALA G 399 48.65 16.37 -28.42
CA ALA G 399 49.03 16.25 -29.82
C ALA G 399 47.87 16.47 -30.80
N PRO G 400 46.60 16.08 -30.53
CA PRO G 400 45.53 16.64 -31.36
C PRO G 400 45.34 18.12 -31.17
N ARG G 401 45.60 18.65 -29.97
CA ARG G 401 45.58 20.09 -29.78
C ARG G 401 46.80 20.75 -30.42
N LEU G 402 47.91 20.00 -30.54
CA LEU G 402 49.13 20.53 -31.15
C LEU G 402 48.93 20.85 -32.62
N ALA G 403 48.14 20.04 -33.32
CA ALA G 403 47.81 20.35 -34.70
C ALA G 403 46.75 21.44 -34.80
N GLN G 404 45.88 21.56 -33.80
CA GLN G 404 44.85 22.60 -33.84
C GLN G 404 45.43 23.98 -33.57
N LEU G 405 46.54 24.06 -32.87
CA LEU G 405 47.13 25.36 -32.58
C LEU G 405 48.07 25.83 -33.68
N LYS G 406 48.51 24.94 -34.58
CA LYS G 406 49.38 25.33 -35.68
C LYS G 406 48.57 25.85 -36.88
N VAL G 407 47.38 25.31 -37.11
CA VAL G 407 46.49 25.91 -38.09
C VAL G 407 45.92 27.23 -37.58
N LEU G 408 45.94 27.46 -36.27
CA LEU G 408 45.69 28.80 -35.73
C LEU G 408 46.79 29.77 -36.14
N HIS G 409 48.03 29.27 -36.23
CA HIS G 409 49.16 30.12 -36.61
C HIS G 409 49.06 30.53 -38.07
N ARG G 410 48.64 29.62 -38.94
CA ARG G 410 48.63 29.89 -40.38
C ARG G 410 47.59 30.93 -40.76
N VAL G 411 46.44 30.94 -40.07
CA VAL G 411 45.39 31.91 -40.39
C VAL G 411 45.83 33.32 -39.97
N PHE G 412 46.45 33.45 -38.80
CA PHE G 412 46.84 34.78 -38.33
C PHE G 412 48.18 35.25 -38.89
N SER G 413 49.08 34.35 -39.29
CA SER G 413 50.32 34.79 -39.92
C SER G 413 50.06 35.28 -41.34
N THR G 414 49.20 34.56 -42.08
CA THR G 414 48.78 35.03 -43.39
C THR G 414 47.75 36.15 -43.26
N GLY G 415 47.14 36.28 -42.09
CA GLY G 415 46.30 37.42 -41.81
C GLY G 415 47.07 38.72 -41.80
N ILE G 416 47.88 38.96 -40.79
CA ILE G 416 48.61 40.23 -40.69
C ILE G 416 49.93 40.10 -41.42
N ALA G 417 50.03 40.78 -42.55
CA ALA G 417 51.31 40.94 -43.26
C ALA G 417 51.52 42.36 -43.78
N GLU G 418 50.48 43.20 -43.77
CA GLU G 418 50.56 44.55 -44.32
C GLU G 418 50.18 45.61 -43.31
N VAL G 419 50.23 45.29 -42.02
CA VAL G 419 49.97 46.26 -40.96
C VAL G 419 51.16 47.23 -40.79
N PRO G 420 52.44 46.82 -40.81
CA PRO G 420 53.51 47.85 -40.83
C PRO G 420 53.60 48.64 -42.13
N PRO G 421 53.17 48.13 -43.30
CA PRO G 421 52.86 49.05 -44.40
C PRO G 421 51.72 49.99 -44.07
N ASP G 422 51.71 51.16 -44.74
CA ASP G 422 50.70 52.18 -44.52
C ASP G 422 49.61 52.09 -45.59
N THR G 423 48.58 52.93 -45.42
CA THR G 423 47.33 52.93 -46.19
C THR G 423 46.81 51.49 -46.32
N ARG G 424 46.45 50.94 -45.17
CA ARG G 424 46.00 49.56 -45.14
C ARG G 424 44.53 49.45 -45.46
N ASN G 425 43.77 50.52 -45.20
CA ASN G 425 42.42 50.49 -44.65
C ASN G 425 41.47 49.41 -45.18
N VAL G 426 41.19 49.41 -46.47
CA VAL G 426 40.19 48.47 -46.98
C VAL G 426 40.91 47.32 -47.70
N VAL G 427 42.07 47.62 -48.30
CA VAL G 427 42.80 46.59 -49.04
C VAL G 427 43.44 45.58 -48.08
N ARG G 428 43.72 45.99 -46.84
CA ARG G 428 44.15 45.01 -45.85
C ARG G 428 42.97 44.17 -45.37
N ALA G 429 41.79 44.79 -45.22
CA ALA G 429 40.60 44.04 -44.86
C ALA G 429 40.18 43.09 -45.98
N SER G 430 40.36 43.52 -47.24
CA SER G 430 39.95 42.70 -48.37
C SER G 430 40.91 41.54 -48.61
N HIS G 431 42.22 41.74 -48.43
CA HIS G 431 43.14 40.65 -48.67
C HIS G 431 43.44 39.83 -47.44
N LEU G 432 42.78 40.10 -46.30
CA LEU G 432 42.95 39.18 -45.19
C LEU G 432 41.71 38.31 -45.06
N LEU G 433 40.56 38.83 -45.51
CA LEU G 433 39.41 38.01 -45.83
C LEU G 433 39.68 37.07 -47.00
N ASN G 434 40.50 37.54 -47.97
CA ASN G 434 40.87 36.68 -49.09
C ASN G 434 41.77 35.54 -48.64
N THR G 435 42.75 35.84 -47.78
CA THR G 435 43.64 34.80 -47.29
C THR G 435 42.96 33.92 -46.25
N LEU G 436 41.90 34.41 -45.59
CA LEU G 436 41.11 33.52 -44.76
C LEU G 436 40.39 32.51 -45.64
N TYR G 437 39.84 33.00 -46.76
CA TYR G 437 39.14 32.19 -47.73
C TYR G 437 40.11 31.28 -48.48
N LYS G 438 41.34 31.73 -48.67
CA LYS G 438 42.39 30.90 -49.25
C LYS G 438 42.79 29.79 -48.30
N ALA G 439 42.72 30.05 -46.99
CA ALA G 439 43.09 29.03 -46.01
C ALA G 439 42.00 27.97 -45.83
N ILE G 440 40.73 28.37 -45.95
CA ILE G 440 39.65 27.39 -45.80
C ILE G 440 39.50 26.53 -47.06
N LEU G 441 39.98 27.02 -48.21
CA LEU G 441 40.01 26.18 -49.40
C LEU G 441 41.16 25.18 -49.36
N ASP G 442 42.25 25.52 -48.69
CA ASP G 442 43.39 24.63 -48.62
C ASP G 442 43.23 23.55 -47.56
N TYR G 443 42.47 23.80 -46.50
CA TYR G 443 42.55 22.94 -45.31
C TYR G 443 41.32 22.06 -45.11
N ASP G 444 40.11 22.62 -45.24
CA ASP G 444 38.90 21.82 -45.10
C ASP G 444 38.76 20.82 -46.24
N ASN G 445 38.91 21.29 -47.48
CA ASN G 445 38.61 20.47 -48.65
C ASN G 445 39.61 19.33 -48.84
N VAL G 446 40.74 19.36 -48.15
CA VAL G 446 41.72 18.29 -48.29
C VAL G 446 41.62 17.29 -47.13
N GLY G 447 40.93 17.65 -46.05
CA GLY G 447 40.92 16.83 -44.86
C GLY G 447 39.69 15.95 -44.79
N GLU G 448 38.71 16.35 -43.99
CA GLU G 448 37.36 15.80 -43.88
C GLU G 448 37.30 14.42 -43.28
N ALA G 449 38.42 13.89 -42.79
CA ALA G 449 38.35 12.69 -41.96
C ALA G 449 37.93 13.03 -40.55
N SER G 450 38.27 14.23 -40.06
CA SER G 450 37.80 14.73 -38.78
C SER G 450 37.07 16.05 -39.03
N GLU G 451 35.79 16.10 -38.69
CA GLU G 451 35.01 17.31 -38.84
C GLU G 451 35.17 18.27 -37.66
N GLN G 452 36.01 17.93 -36.68
CA GLN G 452 36.18 18.79 -35.52
C GLN G 452 37.04 20.00 -35.88
N THR G 453 37.98 19.84 -36.82
CA THR G 453 38.72 20.98 -37.38
C THR G 453 38.01 21.62 -38.56
N VAL G 454 37.09 20.89 -39.19
CA VAL G 454 36.25 21.45 -40.25
C VAL G 454 35.34 22.53 -39.68
N SER G 455 34.75 22.27 -38.51
CA SER G 455 33.99 23.30 -37.82
C SER G 455 34.89 24.42 -37.35
N LEU G 456 36.14 24.10 -36.98
CA LEU G 456 37.08 25.08 -36.43
C LEU G 456 37.45 26.13 -37.47
N LEU G 457 37.66 25.74 -38.71
CA LEU G 457 37.93 26.71 -39.76
C LEU G 457 36.65 27.43 -40.18
N PHE G 458 35.49 26.88 -39.83
CA PHE G 458 34.22 27.58 -40.05
C PHE G 458 33.92 28.53 -38.89
N CYS G 459 34.48 28.28 -37.70
CA CYS G 459 34.40 29.24 -36.60
C CYS G 459 35.03 30.57 -36.99
N LEU G 460 36.15 30.51 -37.70
CA LEU G 460 36.87 31.72 -38.12
C LEU G 460 36.18 32.43 -39.27
N TRP G 461 35.24 31.77 -39.96
CA TRP G 461 34.60 32.33 -41.15
C TRP G 461 33.25 32.96 -40.83
N VAL G 462 32.37 32.22 -40.14
CA VAL G 462 30.98 32.65 -39.96
C VAL G 462 30.88 33.84 -39.03
N GLU G 463 31.89 34.09 -38.22
CA GLU G 463 31.84 35.15 -37.23
C GLU G 463 32.42 36.45 -37.77
N THR G 464 33.44 36.39 -38.62
CA THR G 464 33.99 37.60 -39.22
C THR G 464 33.03 38.16 -40.28
N VAL G 465 32.28 37.28 -40.95
CA VAL G 465 31.32 37.70 -41.97
C VAL G 465 30.08 38.32 -41.35
N ARG G 466 29.79 38.05 -40.07
CA ARG G 466 28.55 38.50 -39.43
C ARG G 466 28.43 40.02 -39.24
N PRO G 467 29.46 40.78 -38.82
CA PRO G 467 29.33 42.25 -38.93
C PRO G 467 29.43 42.75 -40.35
N TYR G 468 30.06 41.98 -41.25
CA TYR G 468 30.05 42.31 -42.66
C TYR G 468 28.68 42.04 -43.27
N LEU G 469 27.84 41.23 -42.61
CA LEU G 469 26.42 41.09 -42.89
C LEU G 469 25.56 42.17 -42.27
N GLU G 470 25.78 42.49 -40.98
CA GLU G 470 24.79 43.31 -40.27
C GLU G 470 24.80 44.77 -40.72
N ILE G 471 25.81 45.18 -41.47
CA ILE G 471 25.73 46.44 -42.21
C ILE G 471 24.80 46.33 -43.41
N VAL G 472 24.74 45.15 -44.04
CA VAL G 472 23.91 44.97 -45.24
C VAL G 472 22.44 44.94 -44.85
N ASP G 473 22.11 44.36 -43.69
CA ASP G 473 20.76 44.42 -43.16
C ASP G 473 20.34 45.85 -42.86
N GLU G 474 21.25 46.64 -42.28
CA GLU G 474 20.95 48.05 -42.00
C GLU G 474 20.87 48.87 -43.28
N TRP G 475 21.63 48.49 -44.32
CA TRP G 475 21.66 49.24 -45.57
C TRP G 475 20.38 49.08 -46.38
N ILE G 476 19.55 48.08 -46.08
CA ILE G 476 18.32 47.83 -46.81
C ILE G 476 17.08 48.24 -46.01
N VAL G 477 16.84 47.59 -44.87
CA VAL G 477 15.58 47.81 -44.16
C VAL G 477 15.55 49.13 -43.40
N HIS G 478 16.71 49.80 -43.26
CA HIS G 478 16.75 51.14 -42.68
C HIS G 478 17.19 52.20 -43.68
N GLY G 479 17.83 51.81 -44.78
CA GLY G 479 18.18 52.75 -45.83
C GLY G 479 19.54 53.39 -45.69
N ASN G 480 20.12 53.42 -44.50
CA ASN G 480 21.42 54.03 -44.28
C ASN G 480 22.41 53.00 -43.78
N LEU G 481 23.69 53.30 -43.99
CA LEU G 481 24.78 52.39 -43.69
C LEU G 481 25.80 53.11 -42.82
N PHE G 482 26.65 52.34 -42.16
CA PHE G 482 27.73 52.90 -41.36
C PHE G 482 29.07 52.44 -41.93
N ASP G 483 29.91 53.42 -42.29
CA ASP G 483 31.28 53.16 -42.73
C ASP G 483 32.16 54.13 -41.98
N PRO G 484 33.14 53.66 -41.21
CA PRO G 484 34.04 54.58 -40.50
C PRO G 484 34.97 55.31 -41.46
N ALA G 485 35.71 56.26 -40.90
CA ALA G 485 36.60 57.13 -41.67
C ALA G 485 38.05 56.66 -41.67
N LYS G 486 38.52 56.07 -40.57
CA LYS G 486 39.90 55.62 -40.52
C LYS G 486 40.12 54.39 -41.40
N GLU G 487 39.17 53.46 -41.39
CA GLU G 487 39.23 52.28 -42.23
C GLU G 487 38.03 52.24 -43.16
N PHE G 488 38.02 51.27 -44.06
CA PHE G 488 36.87 51.09 -44.94
C PHE G 488 36.61 49.60 -45.14
N ILE G 489 35.39 49.33 -45.58
CA ILE G 489 34.74 48.03 -45.67
C ILE G 489 34.25 47.95 -47.12
N ILE G 490 33.18 47.20 -47.36
CA ILE G 490 32.56 46.78 -48.63
C ILE G 490 32.56 47.79 -49.80
N GLN G 491 32.96 49.04 -49.54
CA GLN G 491 33.24 50.13 -50.48
C GLN G 491 31.95 50.71 -51.02
N ARG G 492 30.95 50.80 -50.14
CA ARG G 492 29.71 51.49 -50.40
C ARG G 492 29.74 52.84 -49.68
N ASN G 493 29.47 53.92 -50.42
CA ASN G 493 29.46 55.24 -49.81
C ASN G 493 28.46 56.13 -50.54
N LYS G 494 27.71 56.90 -49.75
CA LYS G 494 26.73 57.83 -50.28
C LYS G 494 27.40 59.18 -50.55
N ASP G 495 27.17 59.72 -51.74
CA ASP G 495 27.67 61.04 -52.07
C ASP G 495 26.74 62.12 -51.50
N VAL G 496 27.33 63.25 -51.14
CA VAL G 496 26.59 64.36 -50.56
C VAL G 496 25.58 65.10 -51.47
N PRO G 497 25.69 65.19 -52.81
CA PRO G 497 24.62 65.87 -53.55
C PRO G 497 23.41 64.97 -53.74
N PHE G 498 22.27 65.63 -54.02
CA PHE G 498 21.00 64.93 -54.14
C PHE G 498 20.82 64.31 -55.52
N ASN G 499 21.36 64.95 -56.56
CA ASN G 499 21.24 64.40 -57.91
C ASN G 499 22.13 63.16 -58.08
N HIS G 500 23.29 63.16 -57.44
CA HIS G 500 24.13 61.97 -57.42
C HIS G 500 23.51 60.92 -56.50
N ARG G 501 23.50 59.67 -56.97
CA ARG G 501 22.90 58.58 -56.22
C ARG G 501 23.92 57.84 -55.37
N ASP G 502 24.93 57.25 -56.01
CA ASP G 502 25.80 56.28 -55.36
C ASP G 502 27.06 56.05 -56.17
N PHE G 503 28.23 56.15 -55.55
CA PHE G 503 29.50 55.94 -56.24
C PHE G 503 30.28 54.83 -55.52
N TRP G 504 30.69 53.84 -56.29
CA TRP G 504 31.42 52.68 -55.75
C TRP G 504 32.91 53.01 -55.69
N TYR G 505 33.52 52.79 -54.53
CA TYR G 505 34.93 53.08 -54.35
C TYR G 505 35.79 52.14 -55.18
N ALA G 506 36.80 52.71 -55.83
CA ALA G 506 37.77 51.93 -56.59
C ALA G 506 38.94 51.56 -55.70
N THR G 507 39.41 50.32 -55.84
CA THR G 507 40.58 49.88 -55.08
C THR G 507 41.84 50.51 -55.65
N TYR G 508 42.75 50.89 -54.76
CA TYR G 508 43.99 51.54 -55.16
C TYR G 508 45.15 51.10 -54.28
N LEU G 548 29.08 35.93 -53.47
CA LEU G 548 28.96 35.98 -54.93
C LEU G 548 28.76 37.42 -55.40
N LYS G 549 29.58 37.82 -56.37
CA LYS G 549 29.66 39.23 -56.77
C LYS G 549 28.41 39.80 -57.43
N PRO G 550 27.66 39.10 -58.31
CA PRO G 550 26.39 39.70 -58.76
C PRO G 550 25.34 39.79 -57.68
N VAL G 551 25.42 38.95 -56.65
CA VAL G 551 24.52 39.06 -55.50
C VAL G 551 24.90 40.31 -54.69
N LEU G 552 26.17 40.72 -54.73
CA LEU G 552 26.56 41.96 -54.07
C LEU G 552 26.06 43.17 -54.87
N LYS G 553 25.94 43.02 -56.19
CA LYS G 553 25.34 44.08 -57.01
C LYS G 553 23.84 44.19 -56.74
N GLN G 554 23.22 43.10 -56.30
CA GLN G 554 21.83 43.17 -55.88
C GLN G 554 21.68 43.91 -54.56
N ILE G 555 22.73 43.90 -53.73
CA ILE G 555 22.73 44.72 -52.52
C ILE G 555 22.87 46.20 -52.89
N ILE G 556 23.63 46.49 -53.95
CA ILE G 556 23.93 47.87 -54.33
C ILE G 556 22.69 48.57 -54.86
N MET G 557 21.96 47.91 -55.75
CA MET G 557 20.76 48.49 -56.32
C MET G 557 19.61 48.56 -55.31
N ALA G 558 19.54 47.61 -54.38
CA ALA G 558 18.46 47.61 -53.40
C ALA G 558 18.66 48.71 -52.36
N GLY G 559 19.89 48.86 -51.87
CA GLY G 559 20.18 49.92 -50.93
C GLY G 559 20.11 51.30 -51.54
N LYS G 560 20.36 51.40 -52.85
CA LYS G 560 20.02 52.62 -53.58
C LYS G 560 18.52 52.84 -53.59
N SER G 561 17.77 51.76 -53.84
CA SER G 561 16.32 51.88 -54.00
C SER G 561 15.63 52.09 -52.66
N MET G 562 16.18 51.54 -51.58
CA MET G 562 15.63 51.81 -50.27
C MET G 562 16.03 53.20 -49.77
N GLN G 563 17.19 53.71 -50.23
CA GLN G 563 17.52 55.11 -49.98
C GLN G 563 16.59 56.02 -50.76
N LEU G 564 16.11 55.58 -51.92
CA LEU G 564 15.03 56.30 -52.58
C LEU G 564 13.77 56.25 -51.72
N LEU G 565 13.38 55.05 -51.25
CA LEU G 565 12.11 54.87 -50.56
C LEU G 565 12.04 55.63 -49.23
N LYS G 566 13.17 55.93 -48.61
CA LYS G 566 13.15 56.79 -47.44
C LYS G 566 13.08 58.27 -47.81
N ASN G 567 13.37 58.63 -49.07
CA ASN G 567 13.13 59.98 -49.55
C ASN G 567 11.72 60.17 -50.08
N LEU G 568 11.14 59.12 -50.67
CA LEU G 568 9.75 59.19 -51.10
C LEU G 568 8.80 59.18 -49.90
N LYS G 569 7.64 59.79 -50.09
CA LYS G 569 6.54 59.75 -49.11
C LYS G 569 5.34 59.12 -49.82
N CYS G 570 5.22 57.81 -49.71
CA CYS G 570 4.20 57.04 -50.42
C CYS G 570 3.06 56.72 -49.45
N ARG G 571 1.85 57.16 -49.82
CA ARG G 571 0.60 56.85 -49.11
C ARG G 571 0.55 57.29 -47.64
N SER G 670 23.71 15.84 -38.76
CA SER G 670 23.72 14.39 -38.80
C SER G 670 25.14 13.86 -38.98
N GLU G 671 25.56 13.74 -40.23
CA GLU G 671 26.87 13.23 -40.58
C GLU G 671 27.57 14.23 -41.50
N SER G 672 28.88 14.39 -41.30
CA SER G 672 29.65 15.35 -42.07
C SER G 672 29.80 14.93 -43.53
N VAL G 673 29.99 13.63 -43.78
CA VAL G 673 30.31 13.14 -45.12
C VAL G 673 29.07 12.99 -46.01
N THR G 674 27.86 13.23 -45.47
CA THR G 674 26.69 13.40 -46.31
C THR G 674 26.32 14.86 -46.53
N CYS G 675 27.00 15.77 -45.84
CA CYS G 675 26.74 17.20 -45.87
C CYS G 675 27.67 17.93 -46.85
N GLN G 676 28.32 17.18 -47.74
CA GLN G 676 29.54 17.63 -48.39
C GLN G 676 29.32 18.76 -49.41
N SER G 677 30.21 19.77 -49.46
CA SER G 677 31.23 20.25 -48.47
C SER G 677 31.69 21.65 -48.87
N PHE G 678 31.67 22.66 -48.00
CA PHE G 678 30.73 22.82 -46.90
C PHE G 678 30.25 24.26 -46.99
N GLU G 679 31.19 25.14 -47.30
CA GLU G 679 30.99 26.58 -47.16
C GLU G 679 30.38 27.23 -48.38
N LEU G 680 30.54 26.64 -49.57
CA LEU G 680 29.85 27.17 -50.74
C LEU G 680 28.41 26.70 -50.80
N THR G 681 28.05 25.67 -50.03
CA THR G 681 26.66 25.28 -49.91
C THR G 681 25.91 26.21 -48.96
N LEU G 682 26.55 26.61 -47.87
CA LEU G 682 25.97 27.60 -46.96
C LEU G 682 25.93 28.98 -47.60
N ARG G 683 26.90 29.30 -48.44
CA ARG G 683 26.90 30.58 -49.14
C ARG G 683 25.80 30.63 -50.19
N SER G 684 25.56 29.51 -50.87
CA SER G 684 24.43 29.36 -51.78
C SER G 684 23.11 29.18 -51.05
N CYS G 685 23.12 29.15 -49.71
CA CYS G 685 21.92 29.37 -48.92
C CYS G 685 21.74 30.83 -48.55
N LEU G 686 22.85 31.57 -48.38
CA LEU G 686 22.76 32.98 -48.02
C LEU G 686 22.32 33.84 -49.20
N TYR G 687 22.60 33.41 -50.43
CA TYR G 687 22.24 34.22 -51.59
C TYR G 687 20.72 34.23 -51.85
N PRO G 688 19.95 33.14 -51.63
CA PRO G 688 18.49 33.33 -51.55
C PRO G 688 18.03 34.05 -50.30
N HIS G 689 18.82 34.08 -49.23
CA HIS G 689 18.47 34.89 -48.06
C HIS G 689 18.63 36.36 -48.38
N ILE G 690 19.70 36.73 -49.09
CA ILE G 690 19.75 38.01 -49.78
C ILE G 690 18.62 38.11 -50.80
N GLY G 691 18.38 37.00 -51.51
CA GLY G 691 17.44 37.02 -52.62
C GLY G 691 16.01 37.28 -52.19
N LYS G 692 15.59 36.72 -51.04
CA LYS G 692 14.23 36.94 -50.58
C LYS G 692 13.97 38.37 -50.12
N GLN G 693 15.01 39.20 -49.99
CA GLN G 693 14.85 40.63 -49.87
C GLN G 693 15.10 41.37 -51.18
N TYR G 694 16.04 40.89 -52.01
CA TYR G 694 16.22 41.49 -53.34
C TYR G 694 15.00 41.23 -54.23
N LEU G 695 14.35 40.08 -54.07
CA LEU G 695 13.15 39.83 -54.85
C LEU G 695 11.95 40.60 -54.33
N GLU G 696 11.88 40.86 -53.01
CA GLU G 696 10.71 41.56 -52.46
C GLU G 696 10.86 43.07 -52.45
N CYS G 697 12.08 43.60 -52.60
CA CYS G 697 12.21 45.06 -52.67
C CYS G 697 11.75 45.56 -54.03
N CYS G 698 12.23 44.93 -55.11
CA CYS G 698 11.90 45.34 -56.48
C CYS G 698 10.41 45.23 -56.81
N GLY G 699 9.68 44.37 -56.09
CA GLY G 699 8.23 44.39 -56.20
C GLY G 699 7.64 45.68 -55.65
N ASN G 700 8.21 46.19 -54.55
CA ASN G 700 7.73 47.43 -53.96
C ASN G 700 8.22 48.68 -54.71
N LEU G 701 9.30 48.57 -55.48
CA LEU G 701 9.80 49.73 -56.22
C LEU G 701 8.88 50.10 -57.37
N MET G 702 8.61 49.16 -58.28
CA MET G 702 7.66 49.43 -59.37
C MET G 702 6.24 49.61 -58.86
N TYR G 703 5.94 49.12 -57.65
CA TYR G 703 4.72 49.49 -56.96
C TYR G 703 4.68 50.99 -56.67
N THR G 704 5.82 51.57 -56.30
CA THR G 704 5.88 53.00 -56.03
C THR G 704 6.08 53.83 -57.29
N LEU G 705 6.69 53.25 -58.33
CA LEU G 705 6.89 54.00 -59.56
C LEU G 705 5.68 53.94 -60.50
N LYS G 706 4.60 53.30 -60.08
CA LYS G 706 3.36 53.21 -60.84
C LYS G 706 2.21 53.97 -60.20
N LYS G 707 2.09 53.93 -58.88
CA LYS G 707 0.97 54.56 -58.18
C LYS G 707 1.32 55.90 -57.56
N ASP G 708 2.48 56.01 -56.90
CA ASP G 708 2.94 57.31 -56.42
C ASP G 708 3.33 58.22 -57.58
N TYR G 709 4.25 57.76 -58.42
CA TYR G 709 4.60 58.50 -59.61
C TYR G 709 3.87 57.93 -60.82
N ARG G 710 4.03 58.63 -61.94
CA ARG G 710 3.32 58.36 -63.18
C ARG G 710 4.32 58.15 -64.30
N LEU G 711 5.31 57.29 -64.02
CA LEU G 711 6.59 57.24 -64.72
C LEU G 711 6.42 56.91 -66.21
N VAL G 712 5.67 55.85 -66.51
CA VAL G 712 5.45 55.47 -67.91
C VAL G 712 4.46 56.42 -68.59
N GLU G 713 3.59 57.09 -67.83
CA GLU G 713 2.70 58.08 -68.43
C GLU G 713 3.48 59.32 -68.85
N TYR G 714 4.58 59.63 -68.15
CA TYR G 714 5.46 60.71 -68.58
C TYR G 714 6.21 60.31 -69.85
N LEU G 715 6.51 59.02 -70.00
CA LEU G 715 7.25 58.57 -71.18
C LEU G 715 6.38 58.59 -72.43
N GLN G 716 5.16 58.06 -72.33
CA GLN G 716 4.30 58.00 -73.51
C GLN G 716 3.79 59.37 -73.94
N ALA G 717 3.83 60.36 -73.05
CA ALA G 717 3.43 61.70 -73.42
C ALA G 717 4.50 62.38 -74.26
N MET G 718 5.78 62.24 -73.88
CA MET G 718 6.85 62.82 -74.68
C MET G 718 7.07 62.04 -75.97
N ARG G 719 6.68 60.77 -76.01
CA ARG G 719 6.62 60.07 -77.29
C ARG G 719 5.49 60.58 -78.15
N ASN G 720 4.39 61.01 -77.53
CA ASN G 720 3.35 61.67 -78.32
C ASN G 720 3.76 63.09 -78.71
N PHE G 721 4.70 63.69 -77.97
CA PHE G 721 5.10 65.06 -78.27
C PHE G 721 5.99 65.12 -79.51
N PHE G 722 7.07 64.34 -79.53
CA PHE G 722 7.99 64.44 -80.66
C PHE G 722 8.46 63.07 -81.15
N LEU G 723 7.55 62.09 -81.14
CA LEU G 723 7.60 60.95 -82.05
C LEU G 723 6.29 60.81 -82.80
N LEU G 724 5.28 61.62 -82.45
CA LEU G 724 4.04 61.82 -83.21
C LEU G 724 3.20 60.54 -83.28
N GLU G 725 2.94 59.95 -82.11
CA GLU G 725 1.98 58.86 -82.02
C GLU G 725 0.56 59.39 -81.76
N ALA G 726 0.42 60.65 -81.40
CA ALA G 726 -0.88 61.25 -81.13
C ALA G 726 -1.60 61.59 -82.43
N GLY G 727 -2.74 62.27 -82.32
CA GLY G 727 -3.59 62.57 -83.45
C GLY G 727 -3.15 63.79 -84.23
N ASP G 728 -4.08 64.72 -84.50
CA ASP G 728 -3.77 65.92 -85.27
C ASP G 728 -3.24 67.05 -84.41
N THR G 729 -2.66 66.74 -83.24
CA THR G 729 -2.04 67.74 -82.40
C THR G 729 -0.82 68.36 -83.10
N MET G 730 0.11 67.50 -83.50
CA MET G 730 1.30 67.96 -84.21
C MET G 730 1.04 68.25 -85.68
N TYR G 731 -0.08 67.79 -86.23
CA TYR G 731 -0.49 68.23 -87.56
C TYR G 731 -0.90 69.70 -87.54
N ASP G 732 -1.81 70.06 -86.64
CA ASP G 732 -2.33 71.41 -86.56
C ASP G 732 -1.30 72.40 -86.03
N PHE G 733 -0.18 71.91 -85.49
CA PHE G 733 0.99 72.76 -85.32
C PHE G 733 1.65 73.06 -86.67
N TYR G 734 1.75 72.04 -87.53
CA TYR G 734 2.60 72.14 -88.71
C TYR G 734 2.00 73.01 -89.81
N THR G 735 0.72 72.86 -90.09
CA THR G 735 0.15 73.53 -91.26
C THR G 735 -0.02 75.05 -91.13
N PRO G 736 -0.23 75.64 -89.94
CA PRO G 736 0.02 77.09 -89.82
C PRO G 736 1.46 77.49 -90.09
N ILE G 737 2.44 76.66 -89.72
CA ILE G 737 3.83 76.97 -90.02
C ILE G 737 4.09 76.85 -91.52
N PHE G 738 3.50 75.83 -92.15
CA PHE G 738 3.80 75.60 -93.57
C PHE G 738 3.03 76.57 -94.46
N ASP G 739 1.86 77.04 -94.02
CA ASP G 739 1.20 78.13 -94.72
C ASP G 739 1.96 79.45 -94.55
N LYS G 740 2.66 79.61 -93.43
CA LYS G 740 3.51 80.78 -93.22
C LYS G 740 4.75 80.74 -94.11
N ILE G 741 5.25 79.53 -94.40
CA ILE G 741 6.39 79.39 -95.30
C ILE G 741 5.98 79.74 -96.73
N ARG G 742 4.76 79.37 -97.11
CA ARG G 742 4.28 79.52 -98.49
C ARG G 742 4.04 80.97 -98.90
N GLU G 743 3.99 81.90 -97.95
CA GLU G 743 3.80 83.32 -98.27
C GLU G 743 5.03 84.16 -97.94
N LYS G 744 6.16 83.52 -97.63
CA LYS G 744 7.46 84.16 -97.34
C LYS G 744 7.37 85.16 -96.19
N GLU G 745 6.86 84.67 -95.05
CA GLU G 745 6.82 85.41 -93.81
C GLU G 745 7.60 84.61 -92.77
N PRO G 746 8.39 85.28 -91.91
CA PRO G 746 9.25 84.54 -90.97
C PRO G 746 8.46 83.77 -89.92
N TRP G 747 8.73 82.46 -89.85
CA TRP G 747 8.24 81.60 -88.80
C TRP G 747 9.26 81.43 -87.68
N LEU G 748 10.32 82.25 -87.70
CA LEU G 748 11.40 82.24 -86.71
C LEU G 748 11.80 83.68 -86.32
N ASN G 749 10.93 84.56 -85.79
CA ASN G 749 9.64 84.41 -85.06
C ASN G 749 9.63 83.29 -84.00
N LEU G 750 10.41 83.49 -82.93
CA LEU G 750 10.40 82.54 -81.82
C LEU G 750 9.08 82.56 -81.07
N SER G 751 8.52 83.77 -80.87
CA SER G 751 7.46 83.95 -79.87
C SER G 751 6.13 83.33 -80.31
N TYR G 752 5.68 83.65 -81.52
CA TYR G 752 4.44 83.09 -82.03
C TYR G 752 4.59 81.61 -82.37
N LEU G 753 5.81 81.15 -82.62
CA LEU G 753 6.08 79.73 -82.79
C LEU G 753 5.97 78.99 -81.46
N ASN G 754 6.31 79.64 -80.35
CA ASN G 754 6.15 79.05 -79.03
C ASN G 754 4.69 78.96 -78.60
N VAL G 755 3.78 79.67 -79.28
CA VAL G 755 2.37 79.61 -78.98
C VAL G 755 1.61 78.72 -79.95
N GLN G 756 2.09 78.58 -81.19
CA GLN G 756 1.57 77.55 -82.09
C GLN G 756 1.86 76.15 -81.58
N ILE G 757 2.92 75.99 -80.77
CA ILE G 757 3.17 74.72 -80.08
C ILE G 757 2.48 74.68 -78.72
N GLN G 758 2.03 75.82 -78.19
CA GLN G 758 1.08 75.78 -77.08
C GLN G 758 -0.27 75.21 -77.53
N GLU G 759 -0.73 75.65 -78.71
CA GLU G 759 -2.00 75.18 -79.24
C GLU G 759 -1.92 73.75 -79.74
N ALA G 760 -0.71 73.24 -80.00
CA ALA G 760 -0.55 71.85 -80.40
C ALA G 760 -0.78 70.91 -79.24
N VAL G 761 -0.12 71.17 -78.11
CA VAL G 761 -0.13 70.22 -77.00
C VAL G 761 -1.44 70.23 -76.23
N GLY G 762 -2.28 71.25 -76.44
CA GLY G 762 -3.61 71.26 -75.89
C GLY G 762 -4.68 70.69 -76.80
N GLN G 763 -4.31 70.29 -78.02
CA GLN G 763 -5.27 69.74 -78.96
C GLN G 763 -5.61 68.30 -78.61
N ARG G 764 -6.81 67.88 -79.04
CA ARG G 764 -7.38 66.52 -78.99
C ARG G 764 -7.81 66.07 -77.60
N TYR G 765 -7.42 66.83 -76.57
CA TYR G 765 -7.65 66.57 -75.14
C TYR G 765 -7.53 65.10 -74.71
N PRO G 766 -6.33 64.51 -74.75
CA PRO G 766 -6.20 63.10 -74.39
C PRO G 766 -5.85 62.81 -72.94
N ASP G 767 -5.68 63.85 -72.10
CA ASP G 767 -5.45 63.75 -70.65
C ASP G 767 -4.15 63.02 -70.28
N ASP G 768 -3.22 62.87 -71.21
CA ASP G 768 -1.85 62.54 -70.84
C ASP G 768 -0.88 63.63 -71.25
N SER G 769 -1.32 64.61 -72.03
CA SER G 769 -0.47 65.70 -72.50
C SER G 769 -1.06 67.08 -72.26
N THR G 770 -2.37 67.22 -72.08
CA THR G 770 -2.95 68.52 -71.80
C THR G 770 -2.64 68.97 -70.38
N ARG G 771 -2.60 68.03 -69.43
CA ARG G 771 -2.20 68.36 -68.08
C ARG G 771 -0.69 68.58 -67.99
N LEU G 772 0.09 67.99 -68.90
CA LEU G 772 1.49 68.33 -69.00
C LEU G 772 1.71 69.62 -69.78
N SER G 773 0.69 70.13 -70.45
CA SER G 773 0.81 71.44 -71.08
C SER G 773 0.69 72.57 -70.06
N VAL G 774 -0.05 72.33 -68.97
CA VAL G 774 -0.22 73.36 -67.94
C VAL G 774 0.98 73.40 -67.01
N SER G 775 1.45 72.23 -66.57
CA SER G 775 2.60 72.11 -65.69
C SER G 775 3.55 71.07 -66.24
N PHE G 776 4.86 71.32 -66.07
CA PHE G 776 5.95 70.52 -66.66
C PHE G 776 5.82 70.47 -68.18
N GLU G 777 5.97 71.65 -68.79
CA GLU G 777 5.63 71.80 -70.20
C GLU G 777 6.77 71.40 -71.13
N SER G 778 6.41 70.83 -72.26
CA SER G 778 7.31 70.58 -73.38
C SER G 778 7.33 71.74 -74.37
N VAL G 779 6.82 72.91 -73.96
CA VAL G 779 6.57 73.99 -74.89
C VAL G 779 7.84 74.80 -75.18
N ASP G 780 8.75 74.87 -74.21
CA ASP G 780 9.95 75.70 -74.31
C ASP G 780 10.89 75.24 -75.42
N LEU G 781 11.04 76.08 -76.44
CA LEU G 781 11.81 75.76 -77.64
C LEU G 781 12.99 76.70 -77.74
N ALA G 782 14.18 76.13 -77.94
CA ALA G 782 15.41 76.90 -78.09
C ALA G 782 15.81 76.94 -79.56
N LYS G 783 16.07 78.14 -80.07
CA LYS G 783 16.42 78.33 -81.46
C LYS G 783 17.86 78.81 -81.58
N LYS G 784 18.52 78.45 -82.67
CA LYS G 784 19.85 78.92 -83.00
C LYS G 784 19.80 79.64 -84.34
N LYS G 785 20.12 80.92 -84.33
CA LYS G 785 20.10 81.76 -85.52
C LYS G 785 21.53 82.03 -85.97
N LEU G 786 21.80 81.80 -87.25
CA LEU G 786 23.13 81.93 -87.81
C LEU G 786 23.07 82.74 -89.10
N PRO G 787 23.89 83.79 -89.25
CA PRO G 787 23.90 84.53 -90.52
C PRO G 787 24.48 83.75 -91.68
N VAL G 788 25.34 82.76 -91.41
CA VAL G 788 25.83 81.88 -92.47
C VAL G 788 24.73 80.92 -92.91
N HIS G 789 23.77 80.63 -92.02
CA HIS G 789 22.65 79.70 -92.24
C HIS G 789 23.14 78.30 -92.58
N THR G 790 24.11 77.81 -91.80
CA THR G 790 24.61 76.45 -91.90
C THR G 790 24.53 75.81 -90.52
N LEU G 791 24.06 74.56 -90.48
CA LEU G 791 23.62 73.86 -89.26
C LEU G 791 22.66 74.70 -88.43
N ASP G 792 21.61 75.22 -89.08
CA ASP G 792 20.54 75.86 -88.34
C ASP G 792 19.75 74.81 -87.58
N GLY G 793 19.37 75.15 -86.35
CA GLY G 793 18.77 74.15 -85.49
C GLY G 793 17.78 74.64 -84.46
N LEU G 794 16.60 74.04 -84.46
CA LEU G 794 15.61 74.24 -83.42
C LEU G 794 15.66 73.08 -82.44
N ILE G 795 15.55 73.38 -81.15
CA ILE G 795 15.76 72.40 -80.09
C ILE G 795 14.58 72.50 -79.14
N LEU G 796 13.68 71.53 -79.19
CA LEU G 796 12.56 71.47 -78.26
C LEU G 796 12.90 70.52 -77.12
N SER G 797 12.49 70.88 -75.92
CA SER G 797 12.79 70.11 -74.72
C SER G 797 11.51 69.80 -73.96
N TYR G 798 11.37 68.55 -73.56
CA TYR G 798 10.26 68.11 -72.72
C TYR G 798 10.68 68.18 -71.26
N LYS G 799 9.93 68.90 -70.45
CA LYS G 799 10.21 68.94 -69.01
C LYS G 799 9.84 67.60 -68.41
N VAL G 800 10.80 66.99 -67.72
CA VAL G 800 10.65 65.65 -67.16
C VAL G 800 10.87 65.75 -65.66
N PRO G 801 10.04 65.13 -64.82
CA PRO G 801 10.19 65.33 -63.38
C PRO G 801 11.15 64.36 -62.72
N TRP G 802 11.26 64.42 -61.39
CA TRP G 802 12.03 63.53 -60.54
C TRP G 802 11.12 62.41 -60.01
N PRO G 803 11.60 61.15 -59.93
CA PRO G 803 12.91 60.60 -60.26
C PRO G 803 12.99 60.11 -61.69
N VAL G 804 12.13 60.66 -62.55
CA VAL G 804 12.08 60.25 -63.94
C VAL G 804 13.29 60.80 -64.67
N ASP G 805 13.79 61.95 -64.21
CA ASP G 805 14.96 62.60 -64.79
C ASP G 805 16.24 61.83 -64.58
N ILE G 806 16.28 60.89 -63.63
CA ILE G 806 17.41 59.98 -63.55
C ILE G 806 17.37 59.01 -64.73
N VAL G 807 16.18 58.58 -65.13
CA VAL G 807 16.05 57.75 -66.31
C VAL G 807 16.23 58.57 -67.57
N ILE G 808 15.54 59.71 -67.65
CA ILE G 808 15.54 60.55 -68.84
C ILE G 808 16.63 61.61 -68.66
N SER G 809 17.79 61.36 -69.24
CA SER G 809 18.86 62.35 -69.24
C SER G 809 18.57 63.44 -70.27
N SER G 810 19.40 64.49 -70.25
CA SER G 810 19.25 65.55 -71.24
C SER G 810 19.70 65.09 -72.61
N GLU G 811 20.71 64.23 -72.68
CA GLU G 811 21.14 63.65 -73.94
C GLU G 811 20.16 62.61 -74.46
N CYS G 812 19.33 62.04 -73.58
CA CYS G 812 18.30 61.11 -74.01
C CYS G 812 17.24 61.81 -74.84
N GLN G 813 16.71 62.92 -74.33
CA GLN G 813 15.74 63.70 -75.09
C GLN G 813 16.40 64.49 -76.22
N LYS G 814 17.73 64.69 -76.17
CA LYS G 814 18.43 65.41 -77.24
C LYS G 814 18.49 64.60 -78.52
N ILE G 815 18.42 63.28 -78.42
CA ILE G 815 18.41 62.44 -79.60
C ILE G 815 16.97 62.03 -79.96
N TYR G 816 16.06 62.04 -78.99
CA TYR G 816 14.63 62.04 -79.30
C TYR G 816 14.21 63.37 -79.91
N ASN G 817 15.03 64.43 -79.73
CA ASN G 817 14.84 65.69 -80.44
C ASN G 817 15.13 65.52 -81.93
N GLN G 818 16.29 64.96 -82.28
CA GLN G 818 16.74 64.96 -83.66
C GLN G 818 15.97 63.97 -84.53
N VAL G 819 15.35 62.95 -83.93
CA VAL G 819 14.46 62.10 -84.71
C VAL G 819 13.18 62.84 -85.07
N PHE G 820 12.75 63.79 -84.24
CA PHE G 820 11.64 64.66 -84.61
C PHE G 820 12.04 65.65 -85.68
N LEU G 821 13.32 66.02 -85.74
CA LEU G 821 13.80 66.93 -86.76
C LEU G 821 13.72 66.30 -88.16
N LEU G 822 13.78 64.98 -88.24
CA LEU G 822 13.62 64.28 -89.50
C LEU G 822 12.21 63.73 -89.71
N LEU G 823 11.46 63.46 -88.63
CA LEU G 823 10.10 62.96 -88.77
C LEU G 823 9.13 64.07 -89.17
N LEU G 824 9.32 65.29 -88.61
CA LEU G 824 8.55 66.44 -89.06
C LEU G 824 8.94 66.85 -90.49
N LEU G 825 10.09 66.39 -90.97
CA LEU G 825 10.68 66.90 -92.20
C LEU G 825 10.12 66.20 -93.43
N ILE G 826 9.88 64.87 -93.34
CA ILE G 826 9.02 64.24 -94.34
C ILE G 826 7.54 64.45 -93.99
N LYS G 827 7.22 64.80 -92.75
CA LYS G 827 5.91 65.42 -92.53
C LYS G 827 5.83 66.77 -93.21
N TRP G 828 6.97 67.48 -93.31
CA TRP G 828 7.02 68.66 -94.17
C TRP G 828 7.06 68.28 -95.64
N ALA G 829 7.61 67.10 -95.99
CA ALA G 829 7.74 66.75 -97.40
C ALA G 829 6.52 66.03 -97.95
N LYS G 830 5.81 65.25 -97.14
CA LYS G 830 4.64 64.56 -97.68
C LYS G 830 3.46 65.51 -97.79
N TYR G 831 3.24 66.33 -96.78
CA TYR G 831 2.11 67.26 -96.80
C TYR G 831 2.35 68.45 -97.74
N SER G 832 3.59 68.67 -98.19
CA SER G 832 3.79 69.63 -99.27
C SER G 832 3.21 69.11 -100.57
N LEU G 833 3.30 67.80 -100.79
CA LEU G 833 2.77 67.17 -101.99
C LEU G 833 1.27 66.92 -101.88
N ASP G 834 0.69 67.17 -100.70
CA ASP G 834 -0.73 66.95 -100.46
C ASP G 834 -1.54 68.22 -100.77
N VAL G 835 -1.15 69.34 -100.17
CA VAL G 835 -1.88 70.59 -100.35
C VAL G 835 -1.63 71.16 -101.74
N LEU G 836 -0.45 70.91 -102.31
CA LEU G 836 -0.16 71.38 -103.67
C LEU G 836 -0.95 70.62 -104.72
N GLN G 837 -1.32 69.37 -104.42
CA GLN G 837 -2.25 68.65 -105.29
C GLN G 837 -3.65 69.25 -105.21
N PHE G 838 -4.03 69.75 -104.02
CA PHE G 838 -5.28 70.47 -103.88
C PHE G 838 -5.18 71.86 -104.49
N ASN G 839 -3.97 72.41 -104.59
CA ASN G 839 -3.77 73.71 -105.25
C ASN G 839 -4.05 73.62 -106.74
N GLU G 840 -3.86 72.43 -107.33
CA GLU G 840 -4.47 72.05 -108.60
C GLU G 840 -4.08 72.92 -109.79
N LEU G 841 -2.87 72.70 -110.32
CA LEU G 841 -2.38 73.30 -111.57
C LEU G 841 -2.28 74.82 -111.47
N GLY G 842 -1.27 75.30 -110.74
CA GLY G 842 -1.07 76.69 -110.37
C GLY G 842 -1.14 77.78 -111.43
N ASN G 843 -1.16 77.44 -112.73
CA ASN G 843 -1.50 78.45 -113.73
C ASN G 843 -2.97 78.87 -113.60
N ALA G 844 -3.82 77.94 -113.16
CA ALA G 844 -5.21 78.25 -112.85
C ALA G 844 -5.45 78.09 -111.35
N LYS G 871 4.43 76.16 -126.92
CA LYS G 871 3.06 75.65 -126.88
C LYS G 871 2.81 74.89 -125.58
N GLY G 872 1.56 74.88 -125.12
CA GLY G 872 1.17 74.15 -123.93
C GLY G 872 1.03 72.66 -124.17
N GLN G 873 0.05 72.04 -123.48
CA GLN G 873 -0.25 70.61 -123.49
C GLN G 873 0.91 69.77 -122.92
N GLN G 874 1.77 70.37 -122.09
CA GLN G 874 2.81 69.62 -121.39
C GLN G 874 2.40 69.21 -119.99
N ILE G 875 1.12 69.41 -119.62
CA ILE G 875 0.70 69.12 -118.26
C ILE G 875 0.56 67.62 -118.01
N HIS G 876 0.12 66.85 -119.01
CA HIS G 876 -0.02 65.42 -118.81
C HIS G 876 1.34 64.74 -118.77
N ARG G 877 2.30 65.24 -119.56
CA ARG G 877 3.66 64.71 -119.48
C ARG G 877 4.36 65.19 -118.21
N MET G 878 3.94 66.34 -117.67
CA MET G 878 4.34 66.73 -116.32
C MET G 878 3.77 65.77 -115.29
N PHE G 879 2.49 65.39 -115.46
CA PHE G 879 1.84 64.44 -114.55
C PHE G 879 2.39 63.03 -114.69
N LEU G 880 3.16 62.73 -115.73
CA LEU G 880 3.76 61.40 -115.84
C LEU G 880 4.86 61.20 -114.80
N LEU G 881 5.65 62.24 -114.52
CA LEU G 881 6.74 62.15 -113.57
C LEU G 881 6.49 62.94 -112.29
N ARG G 882 5.33 63.60 -112.17
CA ARG G 882 5.00 64.23 -110.89
C ARG G 882 4.56 63.18 -109.87
N VAL G 883 3.67 62.27 -110.28
CA VAL G 883 3.15 61.24 -109.39
C VAL G 883 4.15 60.09 -109.23
N LYS G 884 5.23 60.09 -110.00
CA LYS G 884 6.36 59.21 -109.66
C LYS G 884 7.03 59.66 -108.38
N LEU G 885 7.05 60.96 -108.10
CA LEU G 885 7.68 61.53 -106.92
C LEU G 885 6.69 61.90 -105.83
N MET G 886 5.47 62.29 -106.22
CA MET G 886 4.40 62.41 -105.24
C MET G 886 4.12 61.09 -104.55
N HIS G 887 4.18 59.96 -105.26
CA HIS G 887 3.79 58.76 -104.56
C HIS G 887 4.95 58.22 -103.72
N PHE G 888 6.21 58.46 -104.14
CA PHE G 888 7.36 57.98 -103.37
C PHE G 888 7.41 58.61 -101.97
N VAL G 889 7.20 59.92 -101.88
CA VAL G 889 7.25 60.62 -100.60
C VAL G 889 6.05 60.26 -99.73
N ASN G 890 4.87 60.05 -100.34
CA ASN G 890 3.70 59.63 -99.57
C ASN G 890 3.87 58.23 -99.01
N SER G 891 4.50 57.34 -99.76
CA SER G 891 4.72 55.98 -99.27
C SER G 891 5.97 55.88 -98.40
N LEU G 892 6.90 56.84 -98.50
CA LEU G 892 8.07 56.84 -97.63
C LEU G 892 7.72 57.28 -96.20
N HIS G 893 6.59 57.94 -96.01
CA HIS G 893 6.13 58.28 -94.67
C HIS G 893 4.94 57.45 -94.21
N ASN G 894 4.36 56.62 -95.08
CA ASN G 894 3.25 55.77 -94.67
C ASN G 894 3.76 54.41 -94.20
N TYR G 895 4.45 53.68 -95.07
CA TYR G 895 4.80 52.30 -94.80
C TYR G 895 6.10 52.18 -94.01
N LEU G 896 7.05 53.09 -94.23
CA LEU G 896 8.28 53.11 -93.43
C LEU G 896 7.98 53.46 -91.98
N MET G 897 7.11 54.44 -91.76
CA MET G 897 6.80 54.88 -90.41
C MET G 897 5.97 53.84 -89.67
N THR G 898 4.98 53.23 -90.34
CA THR G 898 4.10 52.30 -89.64
C THR G 898 4.77 50.98 -89.30
N ARG G 899 5.96 50.72 -89.85
CA ARG G 899 6.74 49.57 -89.45
C ARG G 899 7.74 49.91 -88.35
N ILE G 900 8.19 51.17 -88.27
CA ILE G 900 9.11 51.53 -87.19
C ILE G 900 8.36 52.00 -85.94
N LEU G 901 7.08 52.35 -86.06
CA LEU G 901 6.28 52.72 -84.91
C LEU G 901 5.66 51.51 -84.23
N HIS G 902 5.26 50.50 -85.01
CA HIS G 902 4.62 49.32 -84.43
C HIS G 902 5.65 48.36 -83.84
N SER G 903 6.77 48.14 -84.55
CA SER G 903 7.77 47.18 -84.09
C SER G 903 8.45 47.64 -82.82
N THR G 904 8.64 48.95 -82.66
CA THR G 904 9.19 49.47 -81.42
C THR G 904 8.14 49.55 -80.32
N GLY G 905 6.90 49.94 -80.69
CA GLY G 905 5.83 50.03 -79.70
C GLY G 905 5.41 48.68 -79.17
N LEU G 906 5.58 47.61 -79.96
CA LEU G 906 5.30 46.27 -79.46
C LEU G 906 6.46 45.70 -78.66
N GLU G 907 7.70 46.08 -78.97
CA GLU G 907 8.83 45.60 -78.18
C GLU G 907 9.07 46.46 -76.93
N PHE G 908 8.59 47.70 -76.92
CA PHE G 908 8.65 48.49 -75.68
C PHE G 908 7.62 47.99 -74.68
N GLN G 909 6.47 47.53 -75.18
CA GLN G 909 5.45 46.98 -74.30
C GLN G 909 5.88 45.64 -73.71
N HIS G 910 6.75 44.91 -74.43
CA HIS G 910 7.38 43.72 -73.88
C HIS G 910 8.22 44.07 -72.65
N GLN G 911 9.05 45.10 -72.76
CA GLN G 911 9.94 45.46 -71.66
C GLN G 911 9.20 46.11 -70.51
N VAL G 912 7.99 46.64 -70.77
CA VAL G 912 7.14 47.13 -69.69
C VAL G 912 6.49 45.95 -68.94
N GLU G 913 6.14 44.88 -69.65
CA GLU G 913 5.55 43.70 -69.02
C GLU G 913 6.53 43.00 -68.08
N GLU G 914 7.83 43.07 -68.37
CA GLU G 914 8.85 42.52 -67.49
C GLU G 914 9.13 43.42 -66.30
N ALA G 915 8.91 44.73 -66.45
CA ALA G 915 9.62 45.78 -65.73
C ALA G 915 9.57 45.65 -64.21
N LYS G 916 10.76 45.61 -63.58
CA LYS G 916 10.83 45.36 -62.14
C LYS G 916 11.71 46.34 -61.36
N ASP G 917 12.78 46.90 -61.92
CA ASP G 917 13.67 47.71 -61.09
C ASP G 917 14.36 48.79 -61.90
N LEU G 918 14.88 49.79 -61.17
CA LEU G 918 15.28 51.07 -61.77
C LEU G 918 16.49 50.94 -62.68
N ASP G 919 17.48 50.11 -62.31
CA ASP G 919 18.67 49.96 -63.12
C ASP G 919 18.38 49.23 -64.44
N GLN G 920 17.34 48.39 -64.46
CA GLN G 920 16.98 47.68 -65.67
C GLN G 920 16.06 48.51 -66.55
N LEU G 921 15.27 49.42 -65.96
CA LEU G 921 14.43 50.31 -66.74
C LEU G 921 15.26 51.32 -67.53
N ILE G 922 16.44 51.69 -67.02
CA ILE G 922 17.31 52.61 -67.73
C ILE G 922 17.94 51.92 -68.94
N LYS G 923 18.30 50.64 -68.79
CA LYS G 923 18.96 49.91 -69.87
C LYS G 923 17.99 49.61 -71.01
N ILE G 924 16.74 49.23 -70.69
CA ILE G 924 15.78 48.95 -71.74
C ILE G 924 15.31 50.21 -72.43
N HIS G 925 15.47 51.38 -71.80
CA HIS G 925 15.18 52.63 -72.47
C HIS G 925 16.35 53.09 -73.34
N TYR G 926 17.58 52.75 -72.93
CA TYR G 926 18.74 53.07 -73.75
C TYR G 926 18.85 52.15 -74.96
N ARG G 927 18.51 50.87 -74.80
CA ARG G 927 18.43 49.99 -75.95
C ARG G 927 17.19 50.28 -76.78
N TYR G 928 16.23 51.04 -76.24
CA TYR G 928 15.07 51.43 -77.02
C TYR G 928 15.44 52.50 -78.04
N LEU G 929 16.24 53.50 -77.63
CA LEU G 929 16.56 54.60 -78.56
C LEU G 929 17.47 54.11 -79.68
N SER G 930 18.40 53.21 -79.35
CA SER G 930 19.31 52.66 -80.35
C SER G 930 18.56 51.79 -81.35
N THR G 931 17.43 51.21 -80.92
CA THR G 931 16.51 50.60 -81.87
C THR G 931 15.82 51.67 -82.71
N ILE G 932 15.31 52.73 -82.06
CA ILE G 932 14.65 53.85 -82.74
C ILE G 932 15.58 54.48 -83.79
N HIS G 933 16.86 54.59 -83.46
CA HIS G 933 17.94 54.87 -84.42
C HIS G 933 17.94 53.95 -85.63
N ASP G 934 18.10 52.65 -85.38
CA ASP G 934 18.24 51.68 -86.46
C ASP G 934 16.96 51.55 -87.25
N ARG G 935 15.82 51.77 -86.59
CA ARG G 935 14.54 51.81 -87.28
C ARG G 935 14.44 53.01 -88.23
N CYS G 936 14.69 54.24 -87.73
CA CYS G 936 14.43 55.43 -88.52
C CYS G 936 15.34 55.55 -89.74
N LEU G 937 16.64 55.78 -89.57
CA LEU G 937 17.51 55.26 -90.63
C LEU G 937 18.62 54.36 -90.09
N LEU G 938 19.68 54.95 -89.51
CA LEU G 938 20.85 54.37 -88.82
C LEU G 938 21.83 55.55 -88.64
N ARG G 939 23.06 55.26 -88.20
CA ARG G 939 24.24 56.04 -88.61
C ARG G 939 24.35 57.48 -88.14
N GLU G 940 24.74 57.68 -86.88
CA GLU G 940 25.27 58.97 -86.44
C GLU G 940 26.49 59.46 -87.24
N LYS G 941 27.17 58.59 -88.01
CA LYS G 941 28.21 58.96 -88.96
C LYS G 941 27.66 58.90 -90.39
N VAL G 942 28.56 59.10 -91.35
CA VAL G 942 28.18 59.25 -92.77
C VAL G 942 27.91 57.89 -93.38
N SER G 943 26.77 57.76 -94.05
CA SER G 943 26.48 56.62 -94.91
C SER G 943 25.76 57.12 -96.15
N SER G 944 25.30 56.19 -96.98
CA SER G 944 24.64 56.53 -98.24
C SER G 944 23.15 56.79 -98.08
N VAL G 945 22.56 56.42 -96.94
CA VAL G 945 21.11 56.55 -96.82
C VAL G 945 20.71 57.98 -96.46
N LYS G 946 21.57 58.74 -95.75
CA LYS G 946 21.26 60.16 -95.55
C LYS G 946 21.37 60.93 -96.85
N GLU G 947 22.29 60.53 -97.73
CA GLU G 947 22.45 61.19 -99.02
C GLU G 947 21.24 60.91 -99.91
N ALA G 948 20.70 59.70 -99.83
CA ALA G 948 19.46 59.38 -100.52
C ALA G 948 18.28 60.12 -99.91
N ILE G 949 18.34 60.44 -98.61
CA ILE G 949 17.31 61.27 -98.01
C ILE G 949 17.41 62.70 -98.51
N MET G 950 18.58 63.34 -98.31
CA MET G 950 18.72 64.77 -98.60
C MET G 950 18.66 65.10 -100.09
N LYS G 951 18.87 64.11 -100.96
CA LYS G 951 18.65 64.34 -102.38
C LYS G 951 17.17 64.49 -102.67
N VAL G 952 16.35 63.58 -102.11
CA VAL G 952 14.89 63.62 -102.25
C VAL G 952 14.33 64.91 -101.64
N LEU G 953 15.01 65.43 -100.61
CA LEU G 953 14.62 66.69 -99.99
C LEU G 953 14.78 67.85 -100.94
N ASN G 954 15.85 67.85 -101.74
CA ASN G 954 16.05 68.88 -102.76
C ASN G 954 15.11 68.70 -103.94
N VAL G 955 14.62 67.48 -104.18
CA VAL G 955 13.59 67.27 -105.18
C VAL G 955 12.28 67.94 -104.75
N VAL G 956 11.92 67.80 -103.47
CA VAL G 956 10.69 68.39 -102.97
C VAL G 956 10.80 69.91 -102.90
N LEU G 957 11.99 70.42 -102.54
CA LEU G 957 12.20 71.85 -102.45
C LEU G 957 12.12 72.53 -103.82
N MET G 958 12.70 71.89 -104.85
CA MET G 958 12.59 72.43 -106.20
C MET G 958 11.20 72.22 -106.76
N PHE G 959 10.47 71.21 -106.27
CA PHE G 959 9.09 70.99 -106.67
C PHE G 959 8.19 72.12 -106.19
N ALA G 960 8.22 72.39 -104.88
CA ALA G 960 7.32 73.38 -104.29
C ALA G 960 7.66 74.81 -104.73
N ASP G 961 8.95 75.08 -104.99
CA ASP G 961 9.34 76.40 -105.47
C ASP G 961 8.88 76.62 -106.91
N ARG G 962 8.74 75.54 -107.69
CA ARG G 962 8.27 75.65 -109.06
C ARG G 962 6.77 75.96 -109.11
N TRP G 963 6.00 75.38 -108.20
CA TRP G 963 4.54 75.46 -108.26
C TRP G 963 3.97 76.71 -107.58
N HIS G 964 4.81 77.57 -107.02
CA HIS G 964 4.31 78.82 -106.45
C HIS G 964 4.38 79.96 -107.46
N ALA G 965 3.86 79.69 -108.66
CA ALA G 965 3.90 80.60 -109.80
C ALA G 965 2.99 80.04 -110.88
N GLY G 966 2.80 80.82 -111.94
CA GLY G 966 2.06 80.33 -113.08
C GLY G 966 2.94 79.53 -114.04
N LEU G 967 2.28 78.68 -114.82
CA LEU G 967 2.97 77.84 -115.80
C LEU G 967 2.83 78.47 -117.17
N GLY G 968 3.96 78.86 -117.76
CA GLY G 968 3.99 79.51 -119.05
C GLY G 968 4.26 78.54 -120.18
N ALA G 969 4.76 79.08 -121.30
CA ALA G 969 5.00 78.27 -122.49
C ALA G 969 6.21 77.38 -122.31
N TRP G 970 7.37 77.97 -122.00
CA TRP G 970 8.58 77.19 -121.77
C TRP G 970 8.76 76.77 -120.33
N LYS G 971 7.88 77.22 -119.42
CA LYS G 971 8.02 76.87 -118.01
C LYS G 971 7.65 75.41 -117.77
N LYS G 972 6.70 74.88 -118.54
CA LYS G 972 6.35 73.46 -118.41
C LYS G 972 7.41 72.56 -119.04
N GLU G 973 8.21 73.08 -119.97
CA GLU G 973 9.33 72.30 -120.50
C GLU G 973 10.44 72.15 -119.47
N SER G 974 10.59 73.15 -118.58
CA SER G 974 11.57 73.04 -117.51
C SER G 974 11.12 72.13 -116.38
N ILE G 975 9.82 71.86 -116.27
CA ILE G 975 9.34 70.90 -115.29
C ILE G 975 9.72 69.48 -115.71
N VAL G 976 9.46 69.13 -116.98
CA VAL G 976 9.80 67.79 -117.45
C VAL G 976 11.30 67.64 -117.65
N LYS G 977 12.04 68.74 -117.76
CA LYS G 977 13.49 68.67 -117.76
C LYS G 977 14.01 68.38 -116.36
N MET G 978 13.42 69.02 -115.34
CA MET G 978 13.82 68.74 -113.97
C MET G 978 13.35 67.36 -113.52
N GLU G 979 12.12 66.97 -113.91
CA GLU G 979 11.56 65.71 -113.44
C GLU G 979 12.22 64.51 -114.09
N SER G 980 12.81 64.66 -115.28
CA SER G 980 13.61 63.59 -115.85
C SER G 980 14.90 63.41 -115.07
N ASP G 981 15.49 64.52 -114.62
CA ASP G 981 16.65 64.45 -113.75
C ASP G 981 16.28 63.93 -112.37
N PHE G 982 15.09 64.29 -111.87
CA PHE G 982 14.69 63.90 -110.52
C PHE G 982 14.43 62.41 -110.40
N THR G 983 13.90 61.78 -111.46
CA THR G 983 13.78 60.33 -111.46
C THR G 983 15.08 59.64 -111.84
N ASN G 984 16.01 60.36 -112.47
CA ASN G 984 17.32 59.79 -112.76
C ASN G 984 18.15 59.62 -111.49
N CYS G 985 18.14 60.62 -110.62
CA CYS G 985 18.84 60.46 -109.34
C CYS G 985 18.05 59.62 -108.36
N HIS G 986 16.72 59.54 -108.50
CA HIS G 986 15.96 58.65 -107.64
C HIS G 986 16.24 57.19 -107.96
N LYS G 987 16.37 56.87 -109.24
CA LYS G 987 16.76 55.52 -109.64
C LYS G 987 18.23 55.25 -109.36
N PHE G 988 19.07 56.29 -109.40
CA PHE G 988 20.48 56.16 -109.06
C PHE G 988 20.67 55.79 -107.59
N LEU G 989 19.82 56.33 -106.71
CA LEU G 989 19.91 56.05 -105.29
C LEU G 989 19.11 54.81 -104.88
N VAL G 990 18.34 54.25 -105.80
CA VAL G 990 17.76 52.92 -105.58
C VAL G 990 18.82 51.84 -105.75
N LYS G 991 19.64 51.96 -106.80
CA LYS G 991 20.71 50.99 -107.05
C LYS G 991 21.86 51.12 -106.06
N VAL G 992 21.95 52.24 -105.33
CA VAL G 992 22.87 52.28 -104.19
C VAL G 992 22.25 51.54 -103.01
N LEU G 993 20.91 51.58 -102.89
CA LEU G 993 20.23 50.99 -101.75
C LEU G 993 20.24 49.48 -101.76
N ASN G 994 20.48 48.83 -102.91
CA ASN G 994 20.54 47.37 -102.90
C ASN G 994 21.79 46.86 -102.22
N LYS G 995 22.90 47.60 -102.35
CA LYS G 995 24.16 47.23 -101.70
C LYS G 995 24.07 47.37 -100.19
N ALA G 996 23.30 48.34 -99.69
CA ALA G 996 23.10 48.53 -98.26
C ALA G 996 22.13 47.53 -97.66
N VAL G 997 21.51 46.69 -98.48
CA VAL G 997 20.54 45.72 -98.02
C VAL G 997 21.09 44.30 -98.00
N CYS G 998 21.93 43.92 -98.98
CA CYS G 998 22.53 42.60 -98.99
C CYS G 998 23.75 42.48 -98.07
N ARG G 999 24.09 43.53 -97.33
CA ARG G 999 25.19 43.47 -96.37
C ARG G 999 24.72 43.08 -94.97
N GLY G 1000 23.53 42.52 -94.84
CA GLY G 1000 23.04 42.07 -93.54
C GLY G 1000 21.52 42.08 -93.52
N SER G 1001 20.98 42.09 -92.31
CA SER G 1001 19.54 42.23 -92.08
C SER G 1001 19.31 43.55 -91.36
N PHE G 1002 18.36 44.33 -91.87
CA PHE G 1002 18.24 45.73 -91.49
C PHE G 1002 16.78 46.13 -91.59
N PRO G 1003 16.40 47.28 -91.00
CA PRO G 1003 15.16 47.93 -91.43
C PRO G 1003 15.27 48.64 -92.76
N HIS G 1004 16.48 48.79 -93.31
CA HIS G 1004 16.63 49.19 -94.70
C HIS G 1004 16.19 48.09 -95.67
N LEU G 1005 16.14 46.84 -95.21
CA LEU G 1005 15.52 45.77 -95.99
C LEU G 1005 14.05 46.06 -96.23
N GLU G 1006 13.36 46.58 -95.21
CA GLU G 1006 11.96 46.97 -95.36
C GLU G 1006 11.82 48.23 -96.21
N SER G 1007 12.80 49.13 -96.14
CA SER G 1007 12.77 50.32 -96.99
C SER G 1007 13.03 49.99 -98.45
N LEU G 1008 13.82 48.94 -98.72
CA LEU G 1008 14.01 48.52 -100.11
C LEU G 1008 12.79 47.74 -100.61
N ALA G 1009 12.15 46.97 -99.72
CA ALA G 1009 10.91 46.29 -100.09
C ALA G 1009 9.78 47.29 -100.31
N LEU G 1010 9.82 48.43 -99.63
CA LEU G 1010 8.94 49.54 -99.97
C LEU G 1010 9.29 50.12 -101.34
N SER G 1011 10.58 50.28 -101.62
CA SER G 1011 11.00 50.95 -102.84
C SER G 1011 10.90 50.07 -104.08
N LEU G 1012 10.91 48.74 -103.91
CA LEU G 1012 10.67 47.88 -105.06
C LEU G 1012 9.18 47.82 -105.37
N MET G 1013 8.34 47.84 -104.33
CA MET G 1013 6.90 47.95 -104.52
C MET G 1013 6.51 49.32 -105.06
N ALA G 1014 7.37 50.33 -104.85
CA ALA G 1014 7.21 51.62 -105.48
C ALA G 1014 7.64 51.57 -106.94
N MET H 1 49.35 29.43 0.61
CA MET H 1 48.96 30.69 1.22
C MET H 1 47.63 31.15 0.61
N ILE H 2 46.62 30.28 0.80
CA ILE H 2 45.40 30.32 -0.02
C ILE H 2 44.56 31.57 0.26
N HIS H 3 44.43 31.95 1.54
CA HIS H 3 43.56 33.03 1.96
C HIS H 3 44.20 34.39 1.74
N GLU H 4 45.53 34.43 1.60
CA GLU H 4 46.27 35.68 1.50
C GLU H 4 46.10 36.33 0.13
N LEU H 5 45.76 35.54 -0.88
CA LEU H 5 45.67 36.01 -2.25
C LEU H 5 44.25 36.32 -2.69
N LEU H 6 43.25 35.62 -2.15
CA LEU H 6 41.86 36.04 -2.36
C LEU H 6 41.62 37.39 -1.70
N LEU H 7 42.28 37.64 -0.58
CA LEU H 7 42.10 38.85 0.20
C LEU H 7 43.07 39.96 -0.18
N ALA H 8 44.16 39.64 -0.90
CA ALA H 8 44.87 40.68 -1.62
C ALA H 8 44.12 41.12 -2.87
N LEU H 9 43.18 40.29 -3.31
CA LEU H 9 42.35 40.53 -4.48
C LEU H 9 41.13 41.40 -4.16
N SER H 10 40.67 41.38 -2.91
CA SER H 10 39.53 42.21 -2.52
C SER H 10 39.90 43.68 -2.37
N GLY H 11 41.18 44.01 -2.21
CA GLY H 11 41.65 45.38 -2.21
C GLY H 11 42.04 45.94 -0.86
N TYR H 12 42.13 45.11 0.16
CA TYR H 12 42.44 45.65 1.48
C TYR H 12 43.95 45.54 1.76
N PRO H 13 44.50 46.45 2.57
CA PRO H 13 45.96 46.51 2.76
C PRO H 13 46.52 45.36 3.59
N GLY H 14 47.86 45.31 3.60
CA GLY H 14 48.61 44.40 4.45
C GLY H 14 49.89 45.04 4.94
N SER H 15 50.81 44.27 5.53
CA SER H 15 52.17 44.73 5.74
C SER H 15 53.19 43.94 4.93
N ILE H 16 52.78 42.88 4.24
CA ILE H 16 53.58 42.35 3.14
C ILE H 16 53.27 43.09 1.85
N PHE H 17 51.99 43.26 1.54
CA PHE H 17 51.55 44.12 0.44
C PHE H 17 51.01 45.39 1.11
N THR H 18 51.92 46.31 1.43
CA THR H 18 51.55 47.52 2.15
C THR H 18 50.80 48.47 1.21
N TRP H 19 49.65 48.93 1.68
CA TRP H 19 48.72 49.71 0.87
C TRP H 19 48.16 50.80 1.77
N ASN H 20 48.17 52.04 1.29
CA ASN H 20 47.70 53.14 2.15
C ASN H 20 46.18 53.30 2.12
N LYS H 21 45.60 53.70 0.98
CA LYS H 21 44.20 53.50 0.57
C LYS H 21 44.04 53.99 -0.87
N ARG H 22 43.44 53.16 -1.71
CA ARG H 22 42.75 53.50 -2.95
C ARG H 22 43.62 54.07 -4.08
N THR H 23 44.90 54.37 -3.83
CA THR H 23 45.75 54.77 -4.96
C THR H 23 47.18 54.22 -4.94
N GLY H 24 47.75 53.87 -3.79
CA GLY H 24 49.18 53.67 -3.68
C GLY H 24 49.54 52.29 -3.15
N LEU H 25 50.70 51.79 -3.58
CA LEU H 25 51.12 50.42 -3.32
C LEU H 25 52.63 50.37 -3.18
N GLN H 26 53.11 49.61 -2.19
CA GLN H 26 54.50 49.19 -2.09
C GLN H 26 54.53 47.67 -2.05
N VAL H 27 55.46 47.06 -2.79
CA VAL H 27 55.38 45.63 -3.01
C VAL H 27 56.01 44.86 -1.85
N SER H 28 57.15 45.35 -1.32
CA SER H 28 57.77 44.90 -0.06
C SER H 28 58.09 43.40 -0.05
N GLN H 29 58.82 42.95 -1.06
CA GLN H 29 59.13 41.53 -1.19
C GLN H 29 60.56 41.26 -0.73
N ASP H 30 60.73 41.15 0.59
CA ASP H 30 61.89 40.52 1.22
C ASP H 30 61.46 39.18 1.80
N ILE H 31 60.56 38.50 1.09
CA ILE H 31 59.78 37.40 1.63
C ILE H 31 60.55 36.09 1.51
N PRO H 32 60.56 35.25 2.55
CA PRO H 32 61.29 33.98 2.45
C PRO H 32 60.48 32.83 1.86
N PHE H 33 59.16 32.84 2.02
CA PHE H 33 58.34 31.70 1.67
C PHE H 33 57.60 31.88 0.34
N LEU H 34 57.99 32.86 -0.46
CA LEU H 34 57.62 32.94 -1.87
C LEU H 34 58.88 33.03 -2.71
N HIS H 35 58.79 32.56 -3.94
CA HIS H 35 59.92 32.57 -4.86
C HIS H 35 59.94 33.85 -5.69
N PRO H 36 61.11 34.21 -6.26
CA PRO H 36 61.18 35.37 -7.16
C PRO H 36 60.25 35.30 -8.36
N GLY H 37 59.91 34.09 -8.83
CA GLY H 37 58.83 33.98 -9.79
C GLY H 37 57.47 34.23 -9.19
N GLU H 38 57.27 33.83 -7.93
CA GLU H 38 55.94 33.88 -7.34
C GLU H 38 55.58 35.26 -6.81
N THR H 39 56.54 36.18 -6.70
CA THR H 39 56.17 37.55 -6.37
C THR H 39 55.83 38.33 -7.63
N SER H 40 56.34 37.89 -8.78
CA SER H 40 56.02 38.54 -10.05
C SER H 40 54.55 38.32 -10.40
N VAL H 41 54.02 37.14 -10.10
CA VAL H 41 52.61 36.88 -10.37
C VAL H 41 51.72 37.56 -9.31
N LEU H 42 52.22 37.77 -8.08
CA LEU H 42 51.44 38.54 -7.11
C LEU H 42 51.33 39.99 -7.53
N ASN H 43 52.30 40.49 -8.28
CA ASN H 43 52.15 41.79 -8.92
C ASN H 43 51.18 41.70 -10.11
N ARG H 44 51.11 40.53 -10.76
CA ARG H 44 50.09 40.34 -11.78
C ARG H 44 48.72 40.18 -11.15
N LEU H 45 48.66 39.65 -9.92
CA LEU H 45 47.39 39.44 -9.24
C LEU H 45 46.92 40.69 -8.50
N CYS H 46 47.84 41.60 -8.17
CA CYS H 46 47.49 42.85 -7.52
C CYS H 46 46.95 43.89 -8.49
N LYS H 47 47.37 43.81 -9.76
CA LYS H 47 46.90 44.75 -10.78
C LYS H 47 45.41 44.57 -11.10
N LEU H 48 44.84 43.41 -10.75
CA LEU H 48 43.41 43.18 -10.85
C LEU H 48 42.68 43.48 -9.57
N GLY H 49 43.40 43.84 -8.51
CA GLY H 49 42.80 44.32 -7.29
C GLY H 49 43.00 45.82 -7.14
N THR H 50 43.95 46.37 -7.92
CA THR H 50 44.19 47.80 -7.92
C THR H 50 43.04 48.54 -8.59
N ASP H 51 42.60 48.06 -9.75
CA ASP H 51 41.48 48.68 -10.46
C ASP H 51 40.14 48.39 -9.78
N TYR H 52 40.09 47.43 -8.85
CA TYR H 52 38.86 47.16 -8.13
C TYR H 52 38.62 48.17 -7.02
N ILE H 53 39.68 48.81 -6.54
CA ILE H 53 39.50 49.87 -5.53
C ILE H 53 39.64 51.24 -6.15
N ARG H 54 40.10 51.31 -7.41
CA ARG H 54 39.89 52.48 -8.27
C ARG H 54 38.44 52.61 -8.72
N PHE H 55 37.61 51.66 -8.33
CA PHE H 55 36.23 51.43 -8.72
C PHE H 55 35.26 51.78 -7.61
N THR H 56 35.61 51.44 -6.37
CA THR H 56 34.80 51.79 -5.21
C THR H 56 34.89 53.27 -4.87
N GLU H 57 36.00 53.92 -5.24
CA GLU H 57 36.08 55.36 -5.09
C GLU H 57 35.17 56.06 -6.10
N PHE H 58 34.90 55.40 -7.23
CA PHE H 58 33.94 55.93 -8.19
C PHE H 58 32.52 55.68 -7.72
N ILE H 59 32.34 54.76 -6.77
CA ILE H 59 31.03 54.51 -6.18
C ILE H 59 30.73 55.56 -5.10
N GLU H 60 31.61 55.66 -4.10
CA GLU H 60 31.38 56.50 -2.94
C GLU H 60 31.39 57.99 -3.27
N GLN H 61 32.01 58.38 -4.39
CA GLN H 61 31.89 59.76 -4.84
C GLN H 61 30.49 60.05 -5.35
N TYR H 62 29.84 59.06 -5.96
CA TYR H 62 28.52 59.24 -6.55
C TYR H 62 27.39 58.69 -5.70
N THR H 63 27.68 57.75 -4.80
CA THR H 63 26.67 57.07 -4.01
C THR H 63 27.01 57.18 -2.53
N GLY H 64 26.01 57.48 -1.71
CA GLY H 64 26.19 57.54 -0.28
C GLY H 64 26.21 58.95 0.29
N LEU H 81 31.82 65.61 -9.79
CA LEU H 81 30.73 66.29 -10.47
C LEU H 81 29.37 65.83 -9.92
N HIS H 82 28.33 66.03 -10.72
CA HIS H 82 26.98 65.64 -10.32
C HIS H 82 26.19 65.26 -11.57
N GLY H 83 24.95 64.86 -11.38
CA GLY H 83 24.07 64.48 -12.47
C GLY H 83 23.23 63.27 -12.10
N ILE H 84 22.08 63.14 -12.78
CA ILE H 84 21.18 62.02 -12.51
C ILE H 84 21.59 60.76 -13.25
N TYR H 85 22.54 60.85 -14.18
CA TYR H 85 23.02 59.68 -14.89
C TYR H 85 24.35 59.17 -14.37
N LEU H 86 24.93 59.85 -13.38
CA LEU H 86 26.19 59.38 -12.80
C LEU H 86 25.96 58.16 -11.92
N ARG H 87 24.90 58.18 -11.11
CA ARG H 87 24.54 57.02 -10.32
C ARG H 87 23.65 56.05 -11.08
N ALA H 88 23.05 56.49 -12.19
CA ALA H 88 22.49 55.53 -13.13
C ALA H 88 23.59 54.68 -13.76
N PHE H 89 24.76 55.27 -13.94
CA PHE H 89 25.94 54.52 -14.35
C PHE H 89 26.50 53.67 -13.21
N CYS H 90 26.10 53.96 -11.96
CA CYS H 90 26.61 53.17 -10.83
C CYS H 90 25.89 51.83 -10.70
N ARG H 91 24.58 51.80 -10.94
CA ARG H 91 23.96 50.47 -10.94
C ARG H 91 24.18 49.71 -12.24
N GLY H 92 24.90 50.30 -13.20
CA GLY H 92 25.52 49.50 -14.24
C GLY H 92 26.81 48.86 -13.78
N LEU H 93 27.59 49.56 -12.94
CA LEU H 93 28.89 48.99 -12.60
C LEU H 93 28.79 47.96 -11.48
N ASP H 94 27.70 47.92 -10.73
CA ASP H 94 27.62 46.90 -9.68
C ASP H 94 27.37 45.52 -10.28
N SER H 95 26.81 45.48 -11.48
CA SER H 95 26.58 44.23 -12.20
C SER H 95 27.86 43.65 -12.78
N ILE H 96 28.92 44.43 -12.93
CA ILE H 96 30.17 43.88 -13.45
C ILE H 96 31.04 43.34 -12.33
N LEU H 97 30.83 43.78 -11.09
CA LEU H 97 31.46 43.17 -9.93
C LEU H 97 30.66 42.01 -9.36
N GLN H 98 29.46 41.79 -9.86
CA GLN H 98 28.60 40.79 -9.24
C GLN H 98 29.03 39.36 -9.61
N PRO H 99 29.36 39.01 -10.87
CA PRO H 99 30.01 37.70 -11.07
C PRO H 99 31.46 37.68 -10.61
N TYR H 100 32.10 38.84 -10.52
CA TYR H 100 33.39 38.96 -9.86
C TYR H 100 33.33 38.51 -8.41
N ARG H 101 32.40 39.10 -7.64
CA ARG H 101 32.24 38.70 -6.24
C ARG H 101 31.62 37.32 -6.11
N GLN H 102 30.86 36.88 -7.13
CA GLN H 102 30.37 35.50 -7.16
C GLN H 102 31.54 34.53 -7.33
N ALA H 103 32.55 34.93 -8.10
CA ALA H 103 33.76 34.13 -8.24
C ALA H 103 34.65 34.19 -7.00
N LEU H 104 34.48 35.20 -6.15
CA LEU H 104 35.29 35.28 -4.94
C LEU H 104 34.86 34.25 -3.90
N LEU H 105 33.56 33.92 -3.87
CA LEU H 105 33.07 32.94 -2.91
C LEU H 105 33.18 31.50 -3.40
N ASP H 106 33.29 31.29 -4.72
CA ASP H 106 33.55 29.95 -5.24
C ASP H 106 35.00 29.53 -5.05
N LEU H 107 35.90 30.50 -4.89
CA LEU H 107 37.27 30.19 -4.49
C LEU H 107 37.36 29.84 -3.01
N GLU H 108 36.36 30.22 -2.22
CA GLU H 108 36.38 29.98 -0.78
C GLU H 108 36.18 28.50 -0.45
N GLN H 109 35.23 27.85 -1.12
CA GLN H 109 35.01 26.43 -0.92
C GLN H 109 36.12 25.60 -1.56
N GLU H 110 36.84 26.17 -2.53
CA GLU H 110 38.03 25.53 -3.07
C GLU H 110 39.11 25.39 -2.01
N PHE H 111 39.19 26.34 -1.09
CA PHE H 111 40.18 26.28 -0.03
C PHE H 111 39.72 25.47 1.18
N LEU H 112 38.50 24.96 1.17
CA LEU H 112 38.00 24.16 2.28
C LEU H 112 37.94 22.67 1.93
N ALA H 113 37.72 22.34 0.64
CA ALA H 113 37.66 20.94 0.23
C ALA H 113 39.04 20.28 0.32
N ASP H 114 40.08 20.99 -0.10
CA ASP H 114 41.50 20.68 0.07
C ASP H 114 42.31 21.95 0.28
N PRO H 115 42.80 22.23 1.50
CA PRO H 115 43.64 23.40 1.74
C PRO H 115 45.13 23.16 1.46
N HIS H 116 45.42 22.53 0.32
CA HIS H 116 46.81 22.36 -0.13
C HIS H 116 46.98 22.77 -1.57
N LEU H 117 45.93 23.29 -2.22
CA LEU H 117 46.03 23.57 -3.65
C LEU H 117 46.82 24.87 -3.82
N SER H 118 47.72 24.89 -4.81
CA SER H 118 48.56 26.06 -4.98
C SER H 118 47.82 27.15 -5.76
N ILE H 119 48.55 28.17 -6.20
CA ILE H 119 47.96 29.44 -6.58
C ILE H 119 47.62 29.55 -8.06
N SER H 120 47.99 28.56 -8.87
CA SER H 120 47.88 28.70 -10.33
C SER H 120 46.44 28.63 -10.83
N HIS H 121 45.56 27.92 -10.13
CA HIS H 121 44.14 27.97 -10.47
C HIS H 121 43.55 29.34 -10.14
N ILE H 122 44.04 29.97 -9.08
CA ILE H 122 43.61 31.33 -8.75
C ILE H 122 44.18 32.31 -9.77
N ASN H 123 45.39 32.02 -10.27
CA ASN H 123 45.91 32.75 -11.42
C ASN H 123 45.04 32.53 -12.66
N TYR H 124 44.51 31.33 -12.81
CA TYR H 124 43.72 30.97 -13.98
C TYR H 124 42.37 31.69 -14.01
N SER H 125 41.72 31.81 -12.85
CA SER H 125 40.46 32.54 -12.78
C SER H 125 40.64 34.03 -13.02
N LEU H 126 41.85 34.54 -12.76
CA LEU H 126 42.11 35.96 -12.86
C LEU H 126 42.75 36.33 -14.19
N ASP H 127 43.19 35.35 -14.98
CA ASP H 127 43.38 35.56 -16.40
C ASP H 127 42.05 35.64 -17.14
N GLN H 128 40.97 35.12 -16.55
CA GLN H 128 39.64 35.31 -17.11
C GLN H 128 39.15 36.74 -16.86
N PHE H 129 39.49 37.32 -15.72
CA PHE H 129 39.19 38.71 -15.43
C PHE H 129 40.19 39.68 -16.05
N HIS H 130 41.26 39.15 -16.66
CA HIS H 130 42.35 39.96 -17.20
C HIS H 130 41.94 40.77 -18.43
N LEU H 131 40.84 40.43 -19.08
CA LEU H 131 40.38 41.18 -20.23
C LEU H 131 39.03 41.84 -19.98
N LEU H 132 38.48 41.68 -18.79
CA LEU H 132 37.30 42.42 -18.38
C LEU H 132 37.67 43.66 -17.57
N PHE H 133 38.68 43.56 -16.70
CA PHE H 133 39.00 44.62 -15.75
C PHE H 133 39.83 45.77 -16.34
N PRO H 134 40.87 45.57 -17.18
CA PRO H 134 41.47 46.75 -17.84
C PRO H 134 40.56 47.38 -18.86
N SER H 135 39.75 46.57 -19.56
CA SER H 135 38.90 47.07 -20.63
C SER H 135 37.75 47.93 -20.12
N ILE H 136 37.40 47.83 -18.84
CA ILE H 136 36.50 48.80 -18.24
C ILE H 136 37.29 49.93 -17.56
N MET H 137 38.56 49.69 -17.21
CA MET H 137 39.36 50.74 -16.59
C MET H 137 39.79 51.77 -17.62
N VAL H 138 40.02 51.35 -18.87
CA VAL H 138 40.29 52.31 -19.94
C VAL H 138 39.03 53.10 -20.29
N VAL H 139 37.84 52.55 -19.97
CA VAL H 139 36.59 53.26 -20.22
C VAL H 139 36.42 54.40 -19.22
N VAL H 140 36.61 54.13 -17.92
CA VAL H 140 36.37 55.16 -16.91
C VAL H 140 37.46 56.22 -16.95
N GLU H 141 38.67 55.86 -17.40
CA GLU H 141 39.73 56.85 -17.54
C GLU H 141 39.45 57.78 -18.70
N GLN H 142 38.89 57.25 -19.79
CA GLN H 142 38.44 58.10 -20.89
C GLN H 142 37.20 58.90 -20.51
N ILE H 143 36.43 58.40 -19.54
CA ILE H 143 35.27 59.15 -19.05
C ILE H 143 35.74 60.36 -18.25
N LYS H 144 36.68 60.18 -17.34
CA LYS H 144 37.04 61.26 -16.43
C LYS H 144 38.01 62.27 -17.03
N SER H 145 38.58 61.98 -18.21
CA SER H 145 39.51 62.89 -18.85
C SER H 145 38.85 63.83 -19.85
N GLN H 146 37.59 63.59 -20.19
CA GLN H 146 36.80 64.53 -20.98
C GLN H 146 35.90 65.40 -20.12
N LYS H 147 35.75 65.07 -18.84
CA LYS H 147 34.93 65.78 -17.86
C LYS H 147 33.47 65.83 -18.31
N ILE H 148 32.89 64.65 -18.41
CA ILE H 148 31.58 64.43 -19.02
C ILE H 148 30.49 64.66 -17.98
N HIS H 149 29.32 65.11 -18.44
CA HIS H 149 28.24 65.51 -17.54
C HIS H 149 26.91 65.38 -18.26
N GLY H 150 26.10 64.39 -17.87
CA GLY H 150 24.75 64.27 -18.39
C GLY H 150 24.50 63.11 -19.34
N CYS H 151 23.83 63.38 -20.46
CA CYS H 151 23.56 62.39 -21.49
C CYS H 151 24.79 61.93 -22.23
N GLN H 152 25.89 62.67 -22.19
CA GLN H 152 27.03 62.36 -23.01
C GLN H 152 27.98 61.34 -22.37
N ILE H 153 27.68 60.88 -21.15
CA ILE H 153 28.23 59.61 -20.70
C ILE H 153 27.58 58.46 -21.47
N LEU H 154 26.26 58.57 -21.69
CA LEU H 154 25.52 57.54 -22.41
C LEU H 154 25.93 57.44 -23.87
N GLU H 155 26.40 58.54 -24.45
CA GLU H 155 26.95 58.47 -25.80
C GLU H 155 28.40 57.99 -25.78
N THR H 156 29.12 58.26 -24.70
CA THR H 156 30.48 57.76 -24.54
C THR H 156 30.48 56.24 -24.38
N VAL H 157 29.57 55.72 -23.56
CA VAL H 157 29.44 54.28 -23.39
C VAL H 157 28.82 53.62 -24.62
N TYR H 158 28.15 54.37 -25.49
CA TYR H 158 27.55 53.78 -26.67
C TYR H 158 28.60 53.51 -27.75
N LYS H 159 29.58 54.41 -27.90
CA LYS H 159 30.73 54.11 -28.74
C LYS H 159 31.78 53.28 -28.03
N HIS H 160 31.64 53.06 -26.71
CA HIS H 160 32.44 52.04 -26.07
C HIS H 160 31.82 50.65 -26.24
N SER H 161 30.48 50.57 -26.24
CA SER H 161 29.80 49.33 -26.60
C SER H 161 29.75 49.12 -28.10
N CYS H 162 30.19 50.10 -28.90
CA CYS H 162 30.52 49.89 -30.30
C CYS H 162 31.69 48.93 -30.47
N GLY H 163 32.55 48.79 -29.47
CA GLY H 163 33.65 47.87 -29.55
C GLY H 163 33.23 46.42 -29.41
N GLY H 164 34.19 45.54 -29.67
CA GLY H 164 33.95 44.12 -29.56
C GLY H 164 34.25 43.60 -28.16
N LEU H 165 35.12 42.58 -28.07
CA LEU H 165 35.37 41.79 -26.85
C LEU H 165 34.04 41.23 -26.33
N PRO H 166 33.52 40.13 -26.90
CA PRO H 166 32.09 39.71 -26.70
C PRO H 166 31.62 39.58 -25.25
N PRO H 167 32.47 39.23 -24.26
CA PRO H 167 32.00 39.40 -22.88
C PRO H 167 31.87 40.85 -22.47
N VAL H 168 32.76 41.72 -22.98
CA VAL H 168 32.81 43.10 -22.54
C VAL H 168 31.79 43.95 -23.29
N ARG H 169 31.49 43.60 -24.55
CA ARG H 169 30.49 44.35 -25.30
C ARG H 169 29.07 44.11 -24.78
N SER H 170 28.82 42.98 -24.12
CA SER H 170 27.56 42.81 -23.43
C SER H 170 27.56 43.59 -22.13
N ALA H 171 28.73 43.70 -21.49
CA ALA H 171 28.86 44.40 -20.21
C ALA H 171 28.66 45.91 -20.35
N LEU H 172 29.27 46.52 -21.37
CA LEU H 172 28.98 47.92 -21.69
C LEU H 172 27.64 48.09 -22.41
N GLU H 173 26.92 47.01 -22.72
CA GLU H 173 25.53 47.17 -23.11
C GLU H 173 24.59 47.05 -21.90
N LYS H 174 25.00 46.32 -20.87
CA LYS H 174 24.23 46.29 -19.63
C LYS H 174 24.35 47.61 -18.86
N THR H 175 25.54 48.23 -18.89
CA THR H 175 25.66 49.57 -18.32
C THR H 175 24.97 50.59 -19.20
N LEU H 176 24.84 50.31 -20.49
CA LEU H 176 24.03 51.15 -21.38
C LEU H 176 22.55 50.99 -21.11
N ALA H 177 22.10 49.76 -20.82
CA ALA H 177 20.66 49.50 -20.70
C ALA H 177 20.06 50.08 -19.43
N VAL H 178 20.85 50.24 -18.38
CA VAL H 178 20.27 50.70 -17.11
C VAL H 178 20.09 52.21 -17.10
N CYS H 179 21.01 52.97 -17.71
CA CYS H 179 20.87 54.41 -17.82
C CYS H 179 20.03 54.81 -19.03
N HIS H 180 19.80 53.90 -19.97
CA HIS H 180 18.72 54.08 -20.92
C HIS H 180 17.36 53.90 -20.29
N GLY H 181 17.29 53.15 -19.17
CA GLY H 181 16.05 53.06 -18.43
C GLY H 181 15.71 54.34 -17.69
N VAL H 182 16.73 55.10 -17.28
CA VAL H 182 16.48 56.41 -16.70
C VAL H 182 16.10 57.41 -17.79
N MET H 183 16.64 57.24 -19.00
CA MET H 183 16.09 57.92 -20.17
C MET H 183 14.65 57.48 -20.43
N TYR H 184 14.39 56.18 -20.24
CA TYR H 184 13.05 55.63 -20.46
C TYR H 184 12.06 56.13 -19.42
N LYS H 185 12.55 56.44 -18.22
CA LYS H 185 11.73 57.08 -17.20
C LYS H 185 11.25 58.46 -17.63
N GLN H 186 12.12 59.21 -18.31
CA GLN H 186 11.94 60.64 -18.47
C GLN H 186 10.81 60.95 -19.44
N LEU H 187 10.90 60.42 -20.65
CA LEU H 187 9.86 60.56 -21.67
C LEU H 187 8.59 59.76 -21.37
N SER H 188 8.59 58.95 -20.30
CA SER H 188 7.34 58.36 -19.82
C SER H 188 6.61 59.31 -18.88
N ALA H 189 7.34 59.99 -17.99
CA ALA H 189 6.74 60.97 -17.09
C ALA H 189 6.42 62.27 -17.81
N TRP H 190 7.20 62.62 -18.83
CA TRP H 190 6.96 63.83 -19.60
C TRP H 190 5.70 63.72 -20.47
N MET H 191 5.26 62.50 -20.80
CA MET H 191 4.10 62.30 -21.64
C MET H 191 2.84 61.95 -20.86
N LEU H 192 2.93 61.78 -19.55
CA LEU H 192 1.76 61.50 -18.73
C LEU H 192 1.13 62.79 -18.22
N HIS H 193 1.91 63.61 -17.52
CA HIS H 193 1.43 64.88 -16.98
C HIS H 193 1.88 66.08 -17.77
N GLY H 194 3.00 65.98 -18.48
CA GLY H 194 3.68 67.17 -18.96
C GLY H 194 4.57 67.78 -17.91
N LEU H 195 4.99 66.99 -16.93
CA LEU H 195 5.84 67.45 -15.84
C LEU H 195 7.29 67.18 -16.21
N LEU H 196 8.11 68.22 -16.19
CA LEU H 196 9.55 68.09 -16.44
C LEU H 196 10.23 67.75 -15.12
N LEU H 197 10.47 66.46 -14.89
CA LEU H 197 11.11 66.01 -13.66
C LEU H 197 12.62 66.05 -13.87
N ASP H 198 13.20 67.24 -13.70
CA ASP H 198 14.64 67.39 -13.70
C ASP H 198 15.03 68.37 -12.61
N GLN H 199 16.19 68.14 -12.02
CA GLN H 199 16.72 69.03 -11.00
C GLN H 199 17.93 69.81 -11.46
N TYR H 200 18.90 69.15 -12.10
CA TYR H 200 20.00 69.82 -12.78
C TYR H 200 19.73 69.98 -14.28
N GLU H 201 18.46 70.11 -14.64
CA GLU H 201 17.94 70.30 -16.02
C GLU H 201 18.53 69.31 -17.03
N GLU H 202 18.76 68.08 -16.57
CA GLU H 202 19.48 67.07 -17.34
C GLU H 202 18.56 66.36 -18.34
N PHE H 203 18.08 67.13 -19.31
CA PHE H 203 17.21 66.61 -20.36
C PHE H 203 17.24 67.61 -21.51
N PHE H 204 17.00 67.12 -22.74
CA PHE H 204 17.10 68.03 -23.88
C PHE H 204 15.91 68.96 -23.96
N VAL H 205 14.77 68.54 -23.41
CA VAL H 205 13.63 69.46 -23.27
C VAL H 205 13.90 70.42 -22.13
N ARG H 206 13.82 71.72 -22.42
CA ARG H 206 14.08 72.76 -21.43
C ARG H 206 13.04 73.85 -21.66
N GLN H 207 12.58 74.47 -20.57
CA GLN H 207 11.58 75.54 -20.66
C GLN H 207 12.21 76.76 -21.32
N GLY H 208 11.76 77.06 -22.54
CA GLY H 208 12.30 78.17 -23.30
C GLY H 208 11.36 79.36 -23.37
N SER H 253 -1.04 80.87 -22.00
CA SER H 253 -1.22 79.52 -21.50
C SER H 253 -0.18 78.58 -22.10
N LEU H 254 0.47 79.04 -23.17
CA LEU H 254 1.17 78.13 -24.08
C LEU H 254 2.47 77.60 -23.47
N LYS H 255 3.29 78.48 -22.85
CA LYS H 255 4.49 78.11 -22.10
C LYS H 255 5.50 77.34 -22.95
N GLN H 256 6.15 78.02 -23.89
CA GLN H 256 7.03 77.37 -24.87
C GLN H 256 8.19 76.63 -24.22
N PHE H 257 8.62 75.56 -24.90
CA PHE H 257 9.75 74.73 -24.48
C PHE H 257 10.70 74.58 -25.66
N SER H 258 11.94 74.20 -25.37
CA SER H 258 12.99 74.22 -26.38
C SER H 258 13.81 72.93 -26.33
N LEU H 259 14.71 72.80 -27.31
CA LEU H 259 15.59 71.65 -27.47
C LEU H 259 16.96 71.91 -26.84
N ARG H 260 17.80 70.88 -26.87
CA ARG H 260 19.18 70.98 -26.42
C ARG H 260 19.98 69.86 -27.08
N ALA H 261 21.00 70.23 -27.87
CA ALA H 261 21.73 69.26 -28.67
C ALA H 261 22.69 68.42 -27.84
N GLU H 262 23.28 68.99 -26.78
CA GLU H 262 24.28 68.28 -26.01
C GLU H 262 23.67 67.20 -25.11
N MET H 263 22.38 67.33 -24.76
CA MET H 263 21.69 66.30 -23.99
C MET H 263 20.91 65.35 -24.88
N LEU H 264 21.04 65.47 -26.20
CA LEU H 264 20.35 64.58 -27.13
C LEU H 264 21.28 63.46 -27.55
N PRO H 265 20.89 62.19 -27.45
CA PRO H 265 21.72 61.11 -27.98
C PRO H 265 21.72 61.14 -29.50
N SER H 266 22.91 60.92 -30.08
CA SER H 266 23.05 60.98 -31.52
C SER H 266 22.63 59.68 -32.21
N TYR H 267 22.46 58.59 -31.47
CA TYR H 267 21.90 57.39 -32.08
C TYR H 267 20.38 57.41 -32.12
N ILE H 268 19.74 58.22 -31.28
CA ILE H 268 18.34 58.58 -31.47
C ILE H 268 18.34 59.62 -32.59
N PRO H 269 17.50 59.45 -33.61
CA PRO H 269 17.53 60.41 -34.73
C PRO H 269 17.06 61.80 -34.30
N VAL H 270 17.61 62.80 -34.97
CA VAL H 270 17.54 64.18 -34.49
C VAL H 270 16.16 64.76 -34.68
N ARG H 271 15.45 64.34 -35.74
CA ARG H 271 14.08 64.70 -36.05
C ARG H 271 13.05 64.02 -35.15
N VAL H 272 13.47 63.13 -34.25
CA VAL H 272 12.54 62.52 -33.31
C VAL H 272 12.39 63.37 -32.05
N ALA H 273 13.36 64.25 -31.78
CA ALA H 273 13.45 64.95 -30.49
C ALA H 273 12.30 65.92 -30.28
N GLU H 274 11.82 66.57 -31.35
CA GLU H 274 10.68 67.46 -31.20
C GLU H 274 9.35 66.73 -31.23
N LYS H 275 9.32 65.45 -31.60
CA LYS H 275 8.07 64.69 -31.54
C LYS H 275 7.68 64.39 -30.10
N ILE H 276 8.65 64.27 -29.20
CA ILE H 276 8.33 64.15 -27.79
C ILE H 276 8.25 65.52 -27.13
N LEU H 277 9.05 66.48 -27.61
CA LEU H 277 9.07 67.83 -27.05
C LEU H 277 7.76 68.56 -27.30
N PHE H 278 7.36 68.70 -28.56
CA PHE H 278 6.25 69.61 -28.88
C PHE H 278 4.91 69.00 -28.48
N VAL H 279 4.78 67.67 -28.57
CA VAL H 279 3.62 67.01 -28.01
C VAL H 279 3.67 67.05 -26.49
N GLY H 280 4.87 66.96 -25.91
CA GLY H 280 5.00 67.09 -24.47
C GLY H 280 4.89 68.52 -23.98
N GLU H 281 5.20 69.50 -24.83
CA GLU H 281 4.92 70.89 -24.48
C GLU H 281 3.42 71.16 -24.50
N SER H 282 2.69 70.51 -25.42
CA SER H 282 1.27 70.75 -25.56
C SER H 282 0.46 70.02 -24.50
N VAL H 283 0.97 68.93 -23.94
CA VAL H 283 0.29 68.33 -22.79
C VAL H 283 0.60 69.09 -21.50
N GLN H 284 1.65 69.91 -21.52
CA GLN H 284 2.00 70.72 -20.36
C GLN H 284 1.10 71.94 -20.23
N MET H 285 0.66 72.50 -21.36
CA MET H 285 -0.16 73.70 -21.33
C MET H 285 -1.61 73.42 -20.94
N PHE H 286 -2.05 72.17 -20.94
CA PHE H 286 -3.36 71.82 -20.42
C PHE H 286 -3.36 71.65 -18.90
N GLU H 287 -2.18 71.66 -18.27
CA GLU H 287 -2.12 71.64 -16.81
C GLU H 287 -2.46 73.00 -16.21
N ASN H 288 -2.27 74.07 -17.00
CA ASN H 288 -2.53 75.42 -16.52
C ASN H 288 -4.02 75.67 -16.32
N GLN H 289 -4.81 75.54 -17.38
CA GLN H 289 -6.17 76.05 -17.37
C GLN H 289 -7.14 75.07 -16.71
N ASN H 290 -7.23 73.84 -17.21
CA ASN H 290 -8.25 72.90 -16.74
C ASN H 290 -7.78 71.49 -17.03
N VAL H 291 -7.93 70.61 -16.03
CA VAL H 291 -7.31 69.28 -16.08
C VAL H 291 -8.10 68.27 -16.92
N ASN H 292 -9.39 68.50 -17.17
CA ASN H 292 -10.18 67.66 -18.04
C ASN H 292 -10.01 68.01 -19.52
N MET H 293 -9.05 68.85 -19.86
CA MET H 293 -8.85 69.31 -21.22
C MET H 293 -7.56 68.73 -21.81
N SER H 294 -7.06 67.67 -21.18
CA SER H 294 -5.75 67.09 -21.49
C SER H 294 -5.70 66.45 -22.87
N ARG H 295 -4.49 66.40 -23.43
CA ARG H 295 -4.31 65.89 -24.79
C ARG H 295 -4.32 64.37 -24.83
N THR H 296 -3.63 63.71 -23.89
CA THR H 296 -3.57 62.25 -23.90
C THR H 296 -4.87 61.65 -23.39
N GLY H 297 -5.46 62.24 -22.37
CA GLY H 297 -6.52 61.63 -21.62
C GLY H 297 -5.92 61.12 -20.34
N SER H 298 -6.03 61.92 -19.30
CA SER H 298 -5.25 61.77 -18.09
C SER H 298 -6.06 61.91 -16.81
N ILE H 299 -7.01 62.84 -16.76
CA ILE H 299 -7.97 62.89 -15.66
C ILE H 299 -9.26 62.30 -16.23
N LEU H 300 -9.50 62.56 -17.53
CA LEU H 300 -10.79 62.33 -18.15
C LEU H 300 -10.92 61.00 -18.87
N LYS H 301 -9.83 60.45 -19.43
CA LYS H 301 -9.91 59.22 -20.21
C LYS H 301 -9.03 58.15 -19.59
N ASN H 302 -8.93 57.01 -20.27
CA ASN H 302 -8.14 55.89 -19.80
C ASN H 302 -7.03 55.52 -20.77
N GLN H 303 -6.52 56.52 -21.51
CA GLN H 303 -5.30 56.29 -22.33
C GLN H 303 -4.19 55.76 -21.42
N GLU H 304 -4.17 56.20 -20.16
CA GLU H 304 -3.00 56.00 -19.27
C GLU H 304 -2.76 54.51 -19.00
N ASP H 305 -3.82 53.71 -18.82
CA ASP H 305 -3.62 52.26 -18.52
C ASP H 305 -2.97 51.57 -19.73
N THR H 306 -3.44 51.91 -20.94
CA THR H 306 -2.85 51.35 -22.19
C THR H 306 -1.39 51.80 -22.27
N PHE H 307 -1.14 53.06 -21.92
CA PHE H 307 0.24 53.61 -21.98
C PHE H 307 1.13 52.82 -21.02
N ALA H 308 0.61 52.50 -19.83
CA ALA H 308 1.33 51.72 -18.79
C ALA H 308 1.62 50.31 -19.28
N ALA H 309 0.67 49.67 -19.96
CA ALA H 309 0.91 48.32 -20.54
C ALA H 309 2.04 48.43 -21.58
N GLU H 310 1.99 49.48 -22.40
CA GLU H 310 3.04 49.69 -23.43
C GLU H 310 4.38 49.84 -22.70
N LEU H 311 4.36 50.55 -21.57
CA LEU H 311 5.57 50.81 -20.76
C LEU H 311 6.13 49.50 -20.22
N HIS H 312 5.26 48.61 -19.71
CA HIS H 312 5.76 47.32 -19.21
C HIS H 312 6.41 46.59 -20.39
N ARG H 313 5.75 46.61 -21.55
CA ARG H 313 6.32 45.86 -22.71
C ARG H 313 7.70 46.42 -23.06
N LEU H 314 7.82 47.75 -23.10
CA LEU H 314 9.09 48.41 -23.52
C LEU H 314 10.18 48.09 -22.49
N LYS H 315 9.83 48.10 -21.21
CA LYS H 315 10.78 47.83 -20.11
C LYS H 315 11.32 46.40 -20.23
N GLN H 316 10.45 45.45 -20.60
CA GLN H 316 10.87 44.02 -20.52
C GLN H 316 12.01 43.70 -21.51
N GLN H 317 12.78 44.70 -21.94
CA GLN H 317 13.69 44.45 -23.06
C GLN H 317 15.12 44.84 -22.69
N PRO H 318 16.06 43.91 -22.68
CA PRO H 318 17.44 44.27 -22.32
C PRO H 318 18.18 44.98 -23.44
N LEU H 319 17.75 44.81 -24.69
CA LEU H 319 18.43 45.38 -25.85
C LEU H 319 17.72 46.64 -26.29
N PHE H 320 18.16 47.19 -27.43
CA PHE H 320 17.54 48.36 -28.01
C PHE H 320 17.66 48.29 -29.52
N SER H 321 16.59 48.66 -30.21
CA SER H 321 16.63 48.86 -31.65
C SER H 321 15.77 50.06 -32.01
N LEU H 322 15.61 50.27 -33.32
CA LEU H 322 15.02 51.50 -33.80
C LEU H 322 13.53 51.33 -34.08
N VAL H 323 13.15 50.16 -34.60
CA VAL H 323 11.78 49.95 -35.06
C VAL H 323 10.83 49.76 -33.89
N ASP H 324 11.26 49.02 -32.87
CA ASP H 324 10.41 48.76 -31.71
C ASP H 324 10.22 50.03 -30.88
N PHE H 325 11.23 50.90 -30.86
CA PHE H 325 11.11 52.14 -30.12
C PHE H 325 10.20 53.14 -30.83
N GLU H 326 10.25 53.18 -32.17
CA GLU H 326 9.57 54.22 -32.92
C GLU H 326 8.17 53.84 -33.40
N SER H 327 7.86 52.54 -33.48
CA SER H 327 6.50 52.15 -33.86
C SER H 327 5.50 52.44 -32.75
N VAL H 328 5.94 52.45 -31.49
CA VAL H 328 5.11 52.82 -30.37
C VAL H 328 5.34 54.27 -29.97
N LEU H 329 6.25 54.99 -30.65
CA LEU H 329 6.21 56.44 -30.64
C LEU H 329 5.04 56.99 -31.44
N ASP H 330 4.48 56.18 -32.34
CA ASP H 330 3.17 56.49 -32.92
C ASP H 330 2.07 56.51 -31.87
N ARG H 331 2.03 55.48 -31.02
CA ARG H 331 0.89 55.28 -30.13
C ARG H 331 0.84 56.31 -29.01
N ILE H 332 2.00 56.84 -28.60
CA ILE H 332 2.04 57.97 -27.67
C ILE H 332 1.83 59.30 -28.40
N ARG H 333 1.77 59.28 -29.73
CA ARG H 333 1.50 60.52 -30.46
C ARG H 333 0.12 60.53 -31.11
N SER H 334 -0.25 59.47 -31.83
CA SER H 334 -1.38 59.54 -32.77
C SER H 334 -2.72 59.60 -32.05
N THR H 335 -2.92 58.78 -31.02
CA THR H 335 -4.14 58.86 -30.22
C THR H 335 -4.16 60.14 -29.40
N VAL H 336 -2.99 60.68 -29.07
CA VAL H 336 -2.90 61.98 -28.41
C VAL H 336 -3.11 63.12 -29.41
N ALA H 337 -2.71 62.93 -30.67
CA ALA H 337 -2.87 63.98 -31.68
C ALA H 337 -4.28 64.11 -32.23
N GLU H 338 -5.20 63.20 -31.87
CA GLU H 338 -6.58 63.32 -32.32
C GLU H 338 -7.53 63.83 -31.25
N HIS H 339 -7.18 63.66 -29.97
CA HIS H 339 -8.11 64.02 -28.91
C HIS H 339 -8.18 65.53 -28.73
N LEU H 340 -7.07 66.24 -28.93
CA LEU H 340 -7.12 67.69 -28.90
C LEU H 340 -7.73 68.26 -30.17
N TRP H 341 -7.73 67.50 -31.27
CA TRP H 341 -8.51 67.90 -32.43
C TRP H 341 -10.00 67.79 -32.14
N LYS H 342 -10.40 66.78 -31.37
CA LYS H 342 -11.77 66.68 -30.92
C LYS H 342 -12.07 67.55 -29.70
N LEU H 343 -11.07 68.26 -29.18
CA LEU H 343 -11.29 69.26 -28.15
C LEU H 343 -11.78 70.55 -28.76
N MET H 344 -10.98 71.14 -29.65
CA MET H 344 -11.14 72.54 -29.99
C MET H 344 -12.23 72.77 -31.04
N VAL H 345 -12.81 71.71 -31.60
CA VAL H 345 -13.96 71.84 -32.50
C VAL H 345 -15.17 72.35 -31.72
N GLU H 346 -15.46 71.73 -30.58
CA GLU H 346 -16.70 71.99 -29.86
C GLU H 346 -16.65 73.20 -28.95
N GLU H 347 -15.49 73.48 -28.34
CA GLU H 347 -15.37 74.61 -27.42
C GLU H 347 -15.38 75.96 -28.12
N SER H 348 -15.04 76.02 -29.39
CA SER H 348 -14.78 77.29 -30.05
C SER H 348 -15.63 77.56 -31.27
N ASP H 349 -16.24 76.53 -31.88
CA ASP H 349 -16.70 76.54 -33.27
C ASP H 349 -15.47 76.95 -34.09
N LEU H 350 -14.50 76.03 -34.21
CA LEU H 350 -13.27 76.20 -34.98
C LEU H 350 -13.45 76.97 -36.27
N LEU H 351 -14.38 76.50 -37.10
CA LEU H 351 -14.61 77.03 -38.44
C LEU H 351 -15.10 78.48 -38.43
N GLY H 352 -15.54 78.98 -37.28
CA GLY H 352 -15.92 80.37 -37.12
C GLY H 352 -14.76 81.34 -37.21
N GLN H 353 -13.87 81.40 -36.20
CA GLN H 353 -12.88 82.47 -36.16
C GLN H 353 -11.79 82.30 -37.21
N LEU H 354 -11.54 81.07 -37.66
CA LEU H 354 -10.50 80.78 -38.65
C LEU H 354 -10.95 81.03 -40.09
N LYS H 355 -12.18 81.51 -40.31
CA LYS H 355 -12.46 82.32 -41.49
C LYS H 355 -12.57 83.80 -41.17
N ILE H 356 -12.74 84.14 -39.88
CA ILE H 356 -12.91 85.54 -39.50
C ILE H 356 -11.56 86.25 -39.50
N ILE H 357 -10.53 85.57 -38.97
CA ILE H 357 -9.19 86.15 -38.85
C ILE H 357 -8.54 86.32 -40.22
N LYS H 358 -8.93 85.50 -41.19
CA LYS H 358 -8.43 85.68 -42.55
C LYS H 358 -9.15 86.81 -43.25
N ASP H 359 -10.40 87.07 -42.88
CA ASP H 359 -11.15 88.17 -43.46
C ASP H 359 -10.66 89.52 -42.95
N PHE H 360 -10.02 89.55 -41.79
CA PHE H 360 -9.43 90.81 -41.30
C PHE H 360 -8.08 91.08 -41.94
N TYR H 361 -7.35 90.05 -42.35
CA TYR H 361 -5.98 90.23 -42.84
C TYR H 361 -5.88 90.18 -44.35
N LEU H 362 -6.49 89.17 -44.98
CA LEU H 362 -6.53 89.04 -46.43
C LEU H 362 -7.69 89.85 -47.03
N LEU H 363 -8.49 90.49 -46.17
CA LEU H 363 -9.55 91.45 -46.54
C LEU H 363 -10.62 90.78 -47.40
N GLY H 364 -11.32 89.81 -46.81
CA GLY H 364 -12.44 89.19 -47.48
C GLY H 364 -13.66 90.07 -47.52
N ARG H 365 -13.91 90.83 -46.45
CA ARG H 365 -14.99 91.81 -46.42
C ARG H 365 -14.44 93.12 -46.99
N GLY H 366 -14.51 93.23 -48.32
CA GLY H 366 -13.76 94.27 -49.01
C GLY H 366 -14.39 95.65 -48.88
N GLU H 367 -15.72 95.71 -48.98
CA GLU H 367 -16.41 96.99 -48.79
C GLU H 367 -16.34 97.48 -47.37
N LEU H 368 -16.25 96.56 -46.41
CA LEU H 368 -16.37 96.90 -45.00
C LEU H 368 -15.13 97.58 -44.44
N PHE H 369 -14.04 97.66 -45.22
CA PHE H 369 -12.85 98.40 -44.83
C PHE H 369 -12.61 99.63 -45.68
N GLN H 370 -13.28 99.75 -46.83
CA GLN H 370 -13.09 100.91 -47.69
C GLN H 370 -13.73 102.15 -47.09
N ALA H 371 -14.85 101.98 -46.38
CA ALA H 371 -15.42 103.08 -45.61
C ALA H 371 -14.52 103.50 -44.47
N PHE H 372 -13.76 102.55 -43.90
CA PHE H 372 -12.71 102.91 -42.96
C PHE H 372 -11.59 103.66 -43.66
N ILE H 373 -11.20 103.20 -44.86
CA ILE H 373 -10.08 103.80 -45.59
C ILE H 373 -10.43 105.22 -46.04
N ASP H 374 -11.68 105.44 -46.43
CA ASP H 374 -12.13 106.78 -46.84
C ASP H 374 -12.10 107.76 -45.67
N VAL H 375 -12.49 107.30 -44.48
CA VAL H 375 -12.50 108.19 -43.33
C VAL H 375 -11.09 108.36 -42.76
N ALA H 376 -10.31 107.27 -42.70
CA ALA H 376 -8.94 107.35 -42.18
C ALA H 376 -7.97 108.10 -43.09
N GLN H 377 -8.33 108.33 -44.36
CA GLN H 377 -7.47 109.12 -45.23
C GLN H 377 -7.50 110.59 -44.82
N ASN H 378 -8.68 111.12 -44.51
CA ASN H 378 -8.88 112.54 -44.23
C ASN H 378 -8.32 113.02 -42.90
N MET H 379 -7.74 112.15 -42.08
CA MET H 379 -7.19 112.58 -40.80
C MET H 379 -5.88 111.86 -40.48
N LEU H 380 -5.34 111.10 -41.43
CA LEU H 380 -3.95 110.70 -41.46
C LEU H 380 -3.11 111.63 -42.33
N LYS H 381 -3.61 112.83 -42.62
CA LYS H 381 -2.89 113.80 -43.44
C LYS H 381 -1.93 114.64 -42.61
N THR H 382 -1.15 114.00 -41.74
CA THR H 382 -0.08 114.58 -40.92
C THR H 382 1.05 113.57 -40.93
N PRO H 383 2.25 113.93 -40.50
CA PRO H 383 3.16 112.93 -39.97
C PRO H 383 2.55 112.30 -38.72
N PRO H 384 2.73 110.98 -38.52
CA PRO H 384 2.04 110.31 -37.42
C PRO H 384 2.52 110.75 -36.04
N THR H 385 1.57 110.82 -35.10
CA THR H 385 1.87 111.01 -33.69
C THR H 385 1.16 109.92 -32.90
N ALA H 386 1.49 109.83 -31.61
CA ALA H 386 1.09 108.69 -30.79
C ALA H 386 -0.40 108.69 -30.46
N VAL H 387 -1.10 109.81 -30.66
CA VAL H 387 -2.53 109.86 -30.39
C VAL H 387 -3.34 109.37 -31.60
N THR H 388 -2.73 109.35 -32.79
CA THR H 388 -3.41 108.92 -34.00
C THR H 388 -3.73 107.43 -33.99
N GLU H 389 -3.02 106.65 -33.16
CA GLU H 389 -3.36 105.25 -32.96
C GLU H 389 -4.77 105.12 -32.40
N HIS H 390 -5.10 105.89 -31.37
CA HIS H 390 -6.42 105.80 -30.75
C HIS H 390 -7.50 106.42 -31.64
N ASP H 391 -7.14 107.43 -32.43
CA ASP H 391 -8.13 108.15 -33.24
C ASP H 391 -8.55 107.31 -34.45
N VAL H 392 -7.59 106.63 -35.10
CA VAL H 392 -7.91 105.78 -36.24
C VAL H 392 -8.68 104.54 -35.77
N ASN H 393 -8.48 104.18 -34.50
CA ASN H 393 -9.12 103.02 -33.89
C ASN H 393 -10.61 103.23 -33.74
N VAL H 394 -10.99 104.34 -33.10
CA VAL H 394 -12.39 104.69 -32.86
C VAL H 394 -13.08 105.06 -34.17
N ALA H 395 -12.30 105.42 -35.20
CA ALA H 395 -12.86 105.63 -36.52
C ALA H 395 -13.20 104.31 -37.20
N PHE H 396 -12.35 103.30 -37.03
CA PHE H 396 -12.69 101.97 -37.54
C PHE H 396 -13.84 101.36 -36.75
N GLN H 397 -13.96 101.76 -35.48
CA GLN H 397 -15.12 101.38 -34.69
C GLN H 397 -16.41 101.88 -35.31
N LEU H 398 -16.54 103.20 -35.49
CA LEU H 398 -17.78 103.78 -36.01
C LEU H 398 -18.03 103.38 -37.46
N SER H 399 -16.97 103.07 -38.22
CA SER H 399 -17.14 102.67 -39.61
C SER H 399 -17.72 101.27 -39.73
N ALA H 400 -17.19 100.31 -38.96
CA ALA H 400 -17.73 98.96 -38.96
C ALA H 400 -19.07 98.87 -38.23
N HIS H 401 -19.48 99.95 -37.56
CA HIS H 401 -20.69 99.95 -36.75
C HIS H 401 -21.88 100.45 -37.56
N LYS H 402 -21.67 101.46 -38.42
CA LYS H 402 -22.71 101.95 -39.31
C LYS H 402 -23.00 100.98 -40.45
N VAL H 403 -22.07 100.06 -40.71
CA VAL H 403 -22.25 99.04 -41.73
C VAL H 403 -23.30 98.00 -41.32
N LEU H 404 -23.49 97.81 -40.01
CA LEU H 404 -24.26 96.71 -39.40
C LEU H 404 -23.70 95.35 -39.83
N LEU H 405 -22.50 95.08 -39.28
CA LEU H 405 -22.02 93.71 -39.07
C LEU H 405 -23.07 92.81 -38.44
N ASP H 406 -23.00 91.52 -38.75
CA ASP H 406 -24.00 90.58 -38.25
C ASP H 406 -23.68 90.14 -36.83
N ASP H 407 -22.53 90.58 -36.31
CA ASP H 407 -22.11 90.27 -34.94
C ASP H 407 -21.50 91.53 -34.33
N ASP H 408 -22.18 92.10 -33.32
CA ASP H 408 -21.72 93.34 -32.72
C ASP H 408 -20.43 93.16 -31.95
N ASN H 409 -20.24 91.98 -31.37
CA ASN H 409 -19.06 91.68 -30.55
C ASN H 409 -17.87 91.24 -31.39
N LEU H 410 -18.07 90.93 -32.67
CA LEU H 410 -16.96 90.73 -33.60
C LEU H 410 -16.22 92.03 -33.87
N LEU H 411 -16.90 93.17 -33.69
CA LEU H 411 -16.29 94.47 -33.94
C LEU H 411 -15.18 94.85 -32.97
N PRO H 412 -15.36 94.85 -31.59
CA PRO H 412 -14.26 95.34 -30.76
C PRO H 412 -13.24 94.26 -30.38
N LEU H 413 -13.26 93.14 -31.11
CA LEU H 413 -12.29 92.08 -30.86
C LEU H 413 -10.87 92.49 -31.24
N LEU H 414 -10.71 93.48 -32.10
CA LEU H 414 -9.41 94.01 -32.45
C LEU H 414 -9.31 95.47 -32.03
N ASN H 415 -8.09 95.98 -32.10
CA ASN H 415 -7.80 97.39 -32.26
C ASN H 415 -6.81 97.52 -33.41
N LEU H 416 -6.43 98.75 -33.75
CA LEU H 416 -5.44 98.97 -34.80
C LEU H 416 -4.21 99.62 -34.19
N THR H 417 -3.06 99.37 -34.79
CA THR H 417 -1.80 99.90 -34.31
C THR H 417 -1.07 100.61 -35.45
N ILE H 418 -0.32 101.64 -35.11
CA ILE H 418 0.53 102.33 -36.06
C ILE H 418 1.69 102.88 -35.23
N ARG H 442 4.42 104.04 -37.89
CA ARG H 442 5.66 103.96 -37.15
C ARG H 442 5.74 105.10 -36.14
N GLU H 443 6.86 105.84 -36.14
CA GLU H 443 6.97 107.00 -35.24
C GLU H 443 6.47 108.24 -35.95
N ALA H 444 7.18 108.68 -37.01
CA ALA H 444 6.77 109.72 -37.94
C ALA H 444 7.61 109.73 -39.21
N PRO H 445 7.49 108.72 -40.12
CA PRO H 445 8.36 108.73 -41.31
C PRO H 445 8.08 109.86 -42.31
N THR H 446 6.94 109.80 -43.00
CA THR H 446 6.42 110.93 -43.76
C THR H 446 4.89 111.00 -43.64
N SER H 447 4.27 109.85 -43.38
CA SER H 447 2.85 109.68 -43.60
C SER H 447 2.34 108.49 -42.78
N GLY H 448 1.03 108.47 -42.55
CA GLY H 448 0.43 107.40 -41.77
C GLY H 448 0.15 106.15 -42.57
N TRP H 449 -0.15 106.30 -43.87
CA TRP H 449 -0.37 105.14 -44.71
C TRP H 449 0.95 104.41 -44.97
N ALA H 450 0.83 103.09 -45.19
CA ALA H 450 1.95 102.14 -45.28
C ALA H 450 2.83 102.16 -44.02
N ALA H 451 2.23 102.50 -42.88
CA ALA H 451 2.92 102.38 -41.60
C ALA H 451 2.00 101.89 -40.51
N LEU H 452 0.76 101.54 -40.82
CA LEU H 452 -0.26 101.13 -39.86
C LEU H 452 -0.42 99.62 -39.87
N GLY H 453 -1.10 99.10 -38.84
CA GLY H 453 -1.28 97.68 -38.71
C GLY H 453 -2.54 97.29 -37.94
N LEU H 454 -2.60 96.03 -37.50
CA LEU H 454 -3.80 95.51 -36.84
C LEU H 454 -3.36 94.53 -35.76
N SER H 455 -3.99 94.64 -34.59
CA SER H 455 -3.86 93.66 -33.50
C SER H 455 -5.19 92.96 -33.30
N TYR H 456 -5.27 91.71 -33.74
CA TYR H 456 -6.39 90.83 -33.42
C TYR H 456 -5.86 89.77 -32.47
N LYS H 457 -6.06 89.98 -31.18
CA LYS H 457 -5.59 89.01 -30.20
C LYS H 457 -6.56 87.85 -30.11
N VAL H 458 -6.04 86.73 -29.61
CA VAL H 458 -6.70 85.44 -29.70
C VAL H 458 -6.79 84.81 -28.31
N GLN H 459 -7.89 84.08 -28.08
CA GLN H 459 -8.24 83.47 -26.81
C GLN H 459 -7.51 82.15 -26.59
N TRP H 460 -8.05 81.31 -25.69
CA TRP H 460 -7.52 80.00 -25.34
C TRP H 460 -7.52 79.05 -26.57
N PRO H 461 -7.13 77.76 -26.41
CA PRO H 461 -5.91 77.25 -27.06
C PRO H 461 -5.72 77.39 -28.57
N LEU H 462 -6.59 78.12 -29.27
CA LEU H 462 -6.34 78.56 -30.65
C LEU H 462 -5.00 79.27 -30.83
N HIS H 463 -4.43 79.88 -29.77
CA HIS H 463 -3.15 80.58 -29.87
C HIS H 463 -1.96 79.66 -30.16
N ILE H 464 -2.10 78.35 -29.96
CA ILE H 464 -1.01 77.45 -30.35
C ILE H 464 -0.98 77.29 -31.86
N LEU H 465 -2.08 77.59 -32.56
CA LEU H 465 -2.10 77.65 -34.01
C LEU H 465 -1.66 79.00 -34.54
N PHE H 466 -1.66 80.03 -33.69
CA PHE H 466 -1.31 81.40 -34.08
C PHE H 466 -0.29 81.94 -33.09
N THR H 467 0.98 81.66 -33.34
CA THR H 467 2.05 82.22 -32.52
C THR H 467 2.16 83.73 -32.79
N PRO H 468 2.64 84.51 -31.81
CA PRO H 468 2.81 85.96 -32.02
C PRO H 468 3.82 86.35 -33.11
N ALA H 469 4.61 85.40 -33.63
CA ALA H 469 5.39 85.66 -34.83
C ALA H 469 4.48 85.87 -36.04
N VAL H 470 3.62 84.89 -36.32
CA VAL H 470 2.94 84.84 -37.62
C VAL H 470 1.75 85.78 -37.77
N LEU H 471 1.30 86.45 -36.69
CA LEU H 471 0.34 87.53 -36.91
C LEU H 471 1.02 88.77 -37.47
N GLU H 472 2.33 88.94 -37.26
CA GLU H 472 3.04 89.97 -38.00
C GLU H 472 3.15 89.59 -39.47
N LYS H 473 3.22 88.30 -39.75
CA LYS H 473 3.30 87.82 -41.14
C LYS H 473 1.97 87.99 -41.86
N TYR H 474 0.86 87.97 -41.13
CA TYR H 474 -0.44 88.33 -41.71
C TYR H 474 -0.64 89.84 -41.78
N ASN H 475 -0.12 90.58 -40.80
CA ASN H 475 -0.31 92.03 -40.74
C ASN H 475 0.56 92.77 -41.74
N VAL H 476 1.67 92.18 -42.18
CA VAL H 476 2.58 92.89 -43.07
C VAL H 476 2.03 92.95 -44.49
N VAL H 477 1.24 91.96 -44.92
CA VAL H 477 0.59 92.03 -46.21
C VAL H 477 -0.75 92.78 -46.07
N PHE H 478 -1.30 92.83 -44.84
CA PHE H 478 -2.55 93.55 -44.59
C PHE H 478 -2.43 95.04 -44.88
N LYS H 479 -1.32 95.66 -44.47
CA LYS H 479 -1.10 97.06 -44.84
C LYS H 479 -0.76 97.22 -46.32
N TYR H 480 -0.30 96.16 -46.97
CA TYR H 480 -0.06 96.18 -48.41
C TYR H 480 -1.35 96.00 -49.20
N LEU H 481 -2.31 95.22 -48.69
CA LEU H 481 -3.54 95.01 -49.44
C LEU H 481 -4.51 96.17 -49.29
N LEU H 482 -4.48 96.89 -48.18
CA LEU H 482 -5.28 98.11 -48.08
C LEU H 482 -4.65 99.25 -48.86
N SER H 483 -3.33 99.20 -49.09
CA SER H 483 -2.67 100.20 -49.91
C SER H 483 -3.11 100.12 -51.37
N VAL H 484 -3.45 98.91 -51.84
CA VAL H 484 -3.97 98.75 -53.19
C VAL H 484 -5.49 98.66 -53.20
N ARG H 485 -6.14 98.84 -52.06
CA ARG H 485 -7.53 99.27 -52.04
C ARG H 485 -7.62 100.78 -52.13
N ARG H 486 -6.68 101.49 -51.51
CA ARG H 486 -6.71 102.95 -51.52
C ARG H 486 -6.33 103.50 -52.89
N VAL H 487 -5.23 103.01 -53.47
CA VAL H 487 -4.78 103.52 -54.76
C VAL H 487 -5.67 103.02 -55.89
N GLN H 488 -6.39 101.90 -55.69
CA GLN H 488 -7.41 101.52 -56.65
C GLN H 488 -8.61 102.45 -56.54
N SER H 489 -9.04 102.75 -55.31
CA SER H 489 -10.17 103.66 -55.12
C SER H 489 -9.80 105.12 -55.38
N GLU H 490 -8.53 105.49 -55.23
CA GLU H 490 -8.14 106.85 -55.59
C GLU H 490 -8.09 107.02 -57.10
N LEU H 491 -7.63 106.00 -57.82
CA LEU H 491 -7.76 105.99 -59.28
C LEU H 491 -9.21 105.84 -59.72
N GLN H 492 -10.08 105.33 -58.86
CA GLN H 492 -11.51 105.24 -59.11
C GLN H 492 -12.22 106.57 -58.88
N HIS H 493 -11.62 107.47 -58.10
CA HIS H 493 -12.21 108.78 -57.81
C HIS H 493 -11.69 109.90 -58.70
N CYS H 494 -10.40 109.90 -59.05
CA CYS H 494 -9.93 110.88 -60.02
C CYS H 494 -10.39 110.54 -61.43
N TRP H 495 -10.70 109.27 -61.68
CA TRP H 495 -11.50 108.93 -62.85
C TRP H 495 -12.89 109.56 -62.76
N ALA H 496 -13.50 109.52 -61.57
CA ALA H 496 -14.87 109.95 -61.37
C ALA H 496 -15.05 111.47 -61.45
N LEU H 497 -13.98 112.23 -61.64
CA LEU H 497 -14.08 113.67 -61.83
C LEU H 497 -14.27 114.06 -63.29
N GLN H 498 -13.79 113.24 -64.22
CA GLN H 498 -13.81 113.56 -65.65
C GLN H 498 -14.79 112.69 -66.41
N MET H 499 -15.96 112.44 -65.82
CA MET H 499 -16.94 111.58 -66.46
C MET H 499 -17.80 112.32 -67.48
N GLN H 500 -18.11 113.58 -67.23
CA GLN H 500 -19.02 114.35 -68.06
C GLN H 500 -18.25 115.35 -68.90
N ARG H 501 -18.90 115.81 -69.96
CA ARG H 501 -18.29 116.77 -70.88
C ARG H 501 -18.11 118.14 -70.23
N LYS H 502 -18.94 118.47 -69.24
CA LYS H 502 -18.83 119.76 -68.56
C LYS H 502 -17.57 119.87 -67.71
N HIS H 503 -17.00 118.75 -67.28
CA HIS H 503 -15.68 118.73 -66.66
C HIS H 503 -14.59 118.27 -67.61
N LEU H 504 -14.92 118.02 -68.87
CA LEU H 504 -13.98 117.51 -69.86
C LEU H 504 -13.59 118.62 -70.84
N GLU H 505 -12.30 118.77 -71.08
CA GLU H 505 -11.82 119.67 -72.11
C GLU H 505 -11.53 118.87 -73.38
N SER H 506 -11.92 119.43 -74.52
CA SER H 506 -11.74 118.77 -75.81
C SER H 506 -10.38 119.04 -76.44
N ASN H 507 -9.39 119.46 -75.64
CA ASN H 507 -8.05 119.67 -76.14
C ASN H 507 -7.30 118.35 -76.30
N LYS H 508 -6.18 118.42 -77.02
CA LYS H 508 -5.32 117.24 -77.17
C LYS H 508 -4.47 117.00 -75.92
N THR H 509 -4.36 118.00 -75.04
CA THR H 509 -3.69 117.79 -73.75
C THR H 509 -4.52 116.86 -72.86
N ASP H 510 -5.84 116.83 -73.04
CA ASP H 510 -6.66 115.83 -72.36
C ASP H 510 -6.45 114.46 -72.96
N ALA H 511 -6.27 114.37 -74.28
CA ALA H 511 -6.13 113.09 -74.96
C ALA H 511 -4.82 112.39 -74.64
N ILE H 512 -3.76 113.14 -74.33
CA ILE H 512 -2.50 112.53 -73.89
C ILE H 512 -2.54 112.22 -72.40
N LYS H 513 -3.37 112.93 -71.63
CA LYS H 513 -3.68 112.53 -70.26
C LYS H 513 -4.45 111.21 -70.22
N TRP H 514 -5.15 110.86 -71.28
CA TRP H 514 -6.25 109.91 -71.18
C TRP H 514 -5.89 108.50 -71.61
N ARG H 515 -4.91 108.35 -72.51
CA ARG H 515 -4.41 107.02 -72.86
C ARG H 515 -3.60 106.41 -71.73
N LEU H 516 -3.15 107.22 -70.77
CA LEU H 516 -2.34 106.76 -69.65
C LEU H 516 -3.19 106.05 -68.61
N GLN H 517 -4.35 106.62 -68.25
CA GLN H 517 -5.21 106.00 -67.26
C GLN H 517 -5.88 104.75 -67.81
N ASN H 518 -6.08 104.68 -69.12
CA ASN H 518 -6.55 103.44 -69.74
C ASN H 518 -5.45 102.38 -69.72
N HIS H 519 -4.20 102.78 -69.53
CA HIS H 519 -3.09 101.86 -69.30
C HIS H 519 -2.84 101.61 -67.81
N MET H 520 -3.07 102.61 -66.95
CA MET H 520 -2.70 102.53 -65.55
C MET H 520 -3.84 102.14 -64.62
N ALA H 521 -5.05 102.65 -64.84
CA ALA H 521 -6.18 102.16 -64.05
C ALA H 521 -6.65 100.78 -64.50
N PHE H 522 -6.23 100.33 -65.68
CA PHE H 522 -6.44 98.96 -66.09
C PHE H 522 -5.47 98.01 -65.41
N LEU H 523 -4.39 98.54 -64.81
CA LEU H 523 -3.39 97.70 -64.17
C LEU H 523 -3.88 97.19 -62.82
N VAL H 524 -4.22 98.11 -61.92
CA VAL H 524 -4.57 97.73 -60.54
C VAL H 524 -5.92 97.04 -60.46
N ASP H 525 -6.79 97.22 -61.46
CA ASP H 525 -7.99 96.41 -61.57
C ASP H 525 -7.71 95.03 -62.16
N ASN H 526 -6.50 94.79 -62.65
CA ASN H 526 -6.07 93.50 -63.16
C ASN H 526 -4.97 92.88 -62.32
N LEU H 527 -3.88 93.63 -62.06
CA LEU H 527 -2.73 93.08 -61.37
C LEU H 527 -3.06 92.72 -59.92
N GLN H 528 -3.73 93.62 -59.20
CA GLN H 528 -4.13 93.32 -57.84
C GLN H 528 -5.44 92.55 -57.75
N TYR H 529 -6.07 92.22 -58.88
CA TYR H 529 -7.23 91.33 -58.82
C TYR H 529 -6.79 89.89 -59.02
N TYR H 530 -6.13 89.60 -60.14
CA TYR H 530 -5.74 88.22 -60.45
C TYR H 530 -4.69 87.69 -59.49
N LEU H 531 -3.91 88.58 -58.86
CA LEU H 531 -3.17 88.18 -57.68
C LEU H 531 -4.14 87.81 -56.56
N GLN H 532 -4.92 88.78 -56.08
CA GLN H 532 -5.56 88.63 -54.77
C GLN H 532 -6.70 87.62 -54.79
N VAL H 533 -7.43 87.53 -55.90
CA VAL H 533 -8.53 86.57 -55.90
C VAL H 533 -7.99 85.15 -56.08
N ASP H 534 -6.93 84.94 -56.87
CA ASP H 534 -6.40 83.60 -57.03
C ASP H 534 -5.50 83.19 -55.87
N VAL H 535 -4.99 84.15 -55.10
CA VAL H 535 -4.37 83.83 -53.83
C VAL H 535 -5.40 83.28 -52.84
N LEU H 536 -6.62 83.82 -52.85
CA LEU H 536 -7.56 83.39 -51.81
C LEU H 536 -8.24 82.07 -52.16
N GLU H 537 -8.70 81.89 -53.42
CA GLU H 537 -9.71 80.86 -53.69
C GLU H 537 -9.18 79.42 -53.59
N SER H 538 -8.19 79.02 -54.39
CA SER H 538 -7.72 77.64 -54.21
C SER H 538 -6.54 77.52 -53.27
N GLN H 539 -6.31 78.48 -52.40
CA GLN H 539 -5.59 78.23 -51.16
C GLN H 539 -6.53 78.09 -49.97
N PHE H 540 -7.69 78.74 -49.99
CA PHE H 540 -8.77 78.41 -49.07
C PHE H 540 -9.39 77.05 -49.37
N SER H 541 -9.26 76.57 -50.61
CA SER H 541 -9.95 75.36 -51.02
C SER H 541 -9.36 74.11 -50.38
N GLN H 542 -8.03 74.03 -50.28
CA GLN H 542 -7.41 72.83 -49.74
C GLN H 542 -7.39 72.82 -48.22
N LEU H 543 -7.48 73.98 -47.58
CA LEU H 543 -7.58 74.01 -46.11
C LEU H 543 -8.90 73.41 -45.66
N LEU H 544 -10.01 73.81 -46.29
CA LEU H 544 -11.33 73.28 -45.93
C LEU H 544 -11.45 71.80 -46.29
N GLN H 545 -10.73 71.36 -47.33
CA GLN H 545 -10.74 69.95 -47.70
C GLN H 545 -9.81 69.11 -46.83
N GLN H 546 -8.79 69.73 -46.20
CA GLN H 546 -7.90 68.96 -45.34
C GLN H 546 -8.48 68.78 -43.94
N ILE H 547 -9.10 69.83 -43.39
CA ILE H 547 -9.65 69.73 -42.03
C ILE H 547 -10.93 68.92 -42.01
N ASN H 548 -11.54 68.66 -43.16
CA ASN H 548 -12.71 67.80 -43.26
C ASN H 548 -12.33 66.35 -43.55
N SER H 549 -11.03 66.05 -43.66
CA SER H 549 -10.58 64.73 -44.09
C SER H 549 -9.38 64.21 -43.32
N THR H 550 -8.98 64.87 -42.24
CA THR H 550 -7.80 64.45 -41.48
C THR H 550 -8.02 64.67 -39.99
N ARG H 551 -7.93 63.59 -39.22
CA ARG H 551 -8.04 63.65 -37.77
C ARG H 551 -6.64 63.59 -37.16
N ASP H 552 -5.91 64.69 -37.27
CA ASP H 552 -4.52 64.78 -36.83
C ASP H 552 -4.18 66.24 -36.64
N PHE H 553 -3.23 66.51 -35.73
CA PHE H 553 -3.03 67.89 -35.29
C PHE H 553 -1.94 68.65 -36.05
N GLU H 554 -0.69 68.17 -35.99
CA GLU H 554 0.41 68.90 -36.63
C GLU H 554 0.38 68.82 -38.15
N SER H 555 -0.25 67.80 -38.72
CA SER H 555 -0.34 67.72 -40.17
C SER H 555 -1.35 68.73 -40.69
N ILE H 556 -2.40 69.02 -39.92
CA ILE H 556 -3.28 70.13 -40.24
C ILE H 556 -2.57 71.45 -39.95
N ARG H 557 -1.77 71.49 -38.88
CA ARG H 557 -1.17 72.76 -38.43
C ARG H 557 -0.10 73.27 -39.40
N LEU H 558 0.84 72.41 -39.79
CA LEU H 558 1.89 72.89 -40.66
C LEU H 558 1.41 72.97 -42.12
N ALA H 559 0.25 72.38 -42.43
CA ALA H 559 -0.39 72.65 -43.72
C ALA H 559 -0.95 74.06 -43.80
N HIS H 560 -1.39 74.63 -42.67
CA HIS H 560 -1.73 76.05 -42.71
C HIS H 560 -0.50 76.92 -42.55
N ASP H 561 0.65 76.34 -42.21
CA ASP H 561 1.92 77.05 -42.31
C ASP H 561 2.40 77.10 -43.75
N HIS H 562 2.14 76.03 -44.52
CA HIS H 562 2.42 76.06 -45.96
C HIS H 562 1.40 76.92 -46.69
N PHE H 563 0.20 77.06 -46.12
CA PHE H 563 -0.79 77.99 -46.64
C PHE H 563 -0.29 79.42 -46.59
N LEU H 564 0.15 79.88 -45.42
CA LEU H 564 0.54 81.28 -45.25
C LEU H 564 1.80 81.62 -46.04
N SER H 565 2.75 80.68 -46.12
CA SER H 565 3.99 80.93 -46.85
C SER H 565 3.77 80.94 -48.36
N ASN H 566 2.67 80.37 -48.84
CA ASN H 566 2.35 80.49 -50.26
C ASN H 566 1.70 81.84 -50.55
N LEU H 567 0.91 82.37 -49.61
CA LEU H 567 0.28 83.67 -49.82
C LEU H 567 1.32 84.78 -49.80
N LEU H 568 2.28 84.71 -48.88
CA LEU H 568 3.31 85.73 -48.79
C LEU H 568 4.46 85.52 -49.76
N ALA H 569 4.36 84.53 -50.66
CA ALA H 569 5.33 84.37 -51.73
C ALA H 569 4.78 84.82 -53.07
N GLN H 570 3.50 84.58 -53.32
CA GLN H 570 2.85 85.10 -54.52
C GLN H 570 2.72 86.62 -54.47
N SER H 571 2.56 87.17 -53.26
CA SER H 571 2.28 88.58 -53.06
C SER H 571 3.54 89.40 -52.82
N PHE H 572 4.70 88.85 -53.16
CA PHE H 572 6.01 89.40 -52.82
C PHE H 572 6.93 89.48 -54.03
N ILE H 573 6.38 89.35 -55.24
CA ILE H 573 6.88 88.55 -56.37
C ILE H 573 8.40 88.46 -56.46
N LEU H 574 9.10 89.58 -56.33
CA LEU H 574 10.55 89.55 -56.20
C LEU H 574 10.97 90.60 -55.18
N LEU H 575 12.08 90.33 -54.48
CA LEU H 575 12.49 91.09 -53.30
C LEU H 575 12.80 92.55 -53.58
N LYS H 576 13.89 92.84 -54.30
CA LYS H 576 14.14 94.24 -54.62
C LYS H 576 13.34 94.74 -55.82
N PRO H 577 13.48 94.17 -57.10
CA PRO H 577 12.95 94.91 -58.26
C PRO H 577 11.44 95.02 -58.37
N VAL H 578 10.72 93.90 -58.32
CA VAL H 578 9.29 93.92 -58.62
C VAL H 578 8.51 94.63 -57.52
N PHE H 579 8.93 94.48 -56.26
CA PHE H 579 8.28 95.26 -55.19
C PHE H 579 8.65 96.73 -55.29
N HIS H 580 9.85 97.04 -55.79
CA HIS H 580 10.17 98.43 -56.10
C HIS H 580 9.50 98.86 -57.41
N CYS H 581 9.30 97.92 -58.34
CA CYS H 581 8.54 98.28 -59.53
C CYS H 581 7.06 98.48 -59.19
N LEU H 582 6.54 97.68 -58.26
CA LEU H 582 5.12 97.78 -57.94
C LEU H 582 4.82 99.00 -57.09
N ASN H 583 5.71 99.36 -56.15
CA ASN H 583 5.37 100.57 -55.40
C ASN H 583 5.64 101.82 -56.21
N GLU H 584 6.46 101.71 -57.26
CA GLU H 584 6.68 102.84 -58.17
C GLU H 584 5.47 103.01 -59.08
N ILE H 585 4.72 101.93 -59.32
CA ILE H 585 3.45 102.04 -60.06
C ILE H 585 2.43 102.83 -59.26
N LEU H 586 2.25 102.46 -57.98
CA LEU H 586 1.23 103.11 -57.16
C LEU H 586 1.63 104.51 -56.73
N GLU H 587 2.91 104.85 -56.75
CA GLU H 587 3.27 106.25 -56.53
C GLU H 587 2.98 107.11 -57.75
N LEU H 588 3.19 106.56 -58.95
CA LEU H 588 3.15 107.36 -60.16
C LEU H 588 1.72 107.64 -60.61
N CYS H 589 0.79 106.75 -60.29
CA CYS H 589 -0.62 107.03 -60.51
C CYS H 589 -1.26 107.73 -59.32
N HIS H 590 -0.53 107.88 -58.21
CA HIS H 590 -1.02 108.69 -57.10
C HIS H 590 -0.89 110.18 -57.40
N SER H 591 0.14 110.57 -58.15
CA SER H 591 0.20 111.93 -58.65
C SER H 591 -0.69 112.14 -59.87
N PHE H 592 -1.26 111.08 -60.43
CA PHE H 592 -2.31 111.27 -61.42
C PHE H 592 -3.64 111.58 -60.75
N CYS H 593 -3.79 111.19 -59.48
CA CYS H 593 -4.90 111.69 -58.67
C CYS H 593 -4.74 113.19 -58.41
N SER H 594 -3.58 113.59 -57.85
CA SER H 594 -3.38 114.98 -57.45
C SER H 594 -3.18 115.93 -58.62
N LEU H 595 -3.01 115.40 -59.84
CA LEU H 595 -2.99 116.27 -61.02
C LEU H 595 -4.41 116.54 -61.51
N VAL H 596 -5.25 115.51 -61.54
CA VAL H 596 -6.62 115.64 -62.04
C VAL H 596 -7.47 116.43 -61.06
N SER H 597 -7.15 116.37 -59.75
CA SER H 597 -7.96 116.94 -58.67
C SER H 597 -7.99 118.47 -58.66
N GLN H 598 -7.34 119.16 -59.58
CA GLN H 598 -7.48 120.60 -59.70
C GLN H 598 -8.77 120.96 -60.42
N ASN H 599 -9.20 122.21 -60.25
CA ASN H 599 -10.38 122.71 -60.95
C ASN H 599 -10.07 122.87 -62.43
N LEU H 600 -10.74 122.06 -63.25
CA LEU H 600 -10.62 122.05 -64.71
C LEU H 600 -9.17 121.79 -65.13
N GLY H 601 -8.73 120.57 -64.80
CA GLY H 601 -7.37 120.11 -64.97
C GLY H 601 -6.74 120.24 -66.35
N PRO H 602 -7.27 119.55 -67.36
CA PRO H 602 -6.60 119.50 -68.68
C PRO H 602 -6.60 120.80 -69.47
N LEU H 603 -7.10 121.92 -68.95
CA LEU H 603 -6.97 123.21 -69.64
C LEU H 603 -5.96 124.13 -68.97
N ASP H 604 -5.25 123.65 -67.96
CA ASP H 604 -4.24 124.46 -67.27
C ASP H 604 -2.86 124.18 -67.84
N GLU H 605 -2.00 125.20 -67.77
CA GLU H 605 -0.61 125.00 -68.18
C GLU H 605 0.15 124.13 -67.18
N ARG H 606 -0.17 124.29 -65.89
CA ARG H 606 0.35 123.37 -64.88
C ARG H 606 -0.31 121.99 -64.97
N GLY H 607 -1.48 121.91 -65.59
CA GLY H 607 -2.10 120.62 -65.81
C GLY H 607 -1.36 119.79 -66.85
N ALA H 608 -0.82 120.44 -67.87
CA ALA H 608 0.01 119.76 -68.85
C ALA H 608 1.48 119.73 -68.48
N GLY H 609 1.92 120.64 -67.61
CA GLY H 609 3.30 120.68 -67.19
C GLY H 609 3.65 119.60 -66.20
N GLN H 610 2.76 119.38 -65.21
CA GLN H 610 2.90 118.25 -64.29
C GLN H 610 2.69 116.92 -65.01
N LEU H 611 1.94 116.95 -66.12
CA LEU H 611 1.62 115.73 -66.85
C LEU H 611 2.85 115.15 -67.54
N ASP H 612 3.72 116.02 -68.08
CA ASP H 612 4.82 115.61 -68.94
C ASP H 612 5.85 114.75 -68.20
N ILE H 613 6.01 114.98 -66.89
CA ILE H 613 6.83 114.08 -66.08
C ILE H 613 6.14 112.73 -65.94
N LEU H 614 4.81 112.72 -65.85
CA LEU H 614 4.08 111.48 -65.61
C LEU H 614 3.97 110.61 -66.87
N VAL H 615 3.98 111.21 -68.07
CA VAL H 615 4.00 110.41 -69.30
C VAL H 615 5.35 109.74 -69.51
N LYS H 616 6.40 110.19 -68.82
CA LYS H 616 7.64 109.43 -68.80
C LYS H 616 7.54 108.29 -67.80
N GLY H 617 7.11 108.60 -66.56
CA GLY H 617 7.10 107.64 -65.48
C GLY H 617 6.10 106.51 -65.64
N PHE H 618 5.07 106.69 -66.47
CA PHE H 618 4.14 105.60 -66.73
C PHE H 618 4.76 104.56 -67.67
N SER H 619 5.50 105.01 -68.69
CA SER H 619 6.28 104.10 -69.51
C SER H 619 7.63 103.76 -68.90
N CYS H 620 7.98 104.37 -67.76
CA CYS H 620 9.03 103.80 -66.93
C CYS H 620 8.56 102.56 -66.19
N GLN H 621 7.25 102.37 -66.07
CA GLN H 621 6.67 101.25 -65.32
C GLN H 621 6.23 100.11 -66.22
N SER H 622 5.69 100.41 -67.41
CA SER H 622 5.37 99.35 -68.35
C SER H 622 6.62 98.71 -68.94
N SER H 623 7.67 99.51 -69.14
CA SER H 623 8.93 98.96 -69.63
C SER H 623 9.71 98.24 -68.55
N LEU H 624 9.51 98.61 -67.29
CA LEU H 624 10.09 97.83 -66.20
C LEU H 624 9.28 96.57 -65.93
N LEU H 625 7.95 96.63 -66.17
CA LEU H 625 7.16 95.40 -66.23
C LEU H 625 7.56 94.55 -67.42
N PHE H 626 8.01 95.18 -68.50
CA PHE H 626 8.51 94.45 -69.65
C PHE H 626 9.84 93.76 -69.35
N ARG H 627 10.62 94.30 -68.41
CA ARG H 627 11.91 93.72 -68.09
C ARG H 627 11.77 92.46 -67.25
N ILE H 628 10.69 92.34 -66.47
CA ILE H 628 10.48 91.14 -65.68
C ILE H 628 9.98 90.01 -66.56
N LEU H 629 9.25 90.32 -67.64
CA LEU H 629 8.68 89.31 -68.52
C LEU H 629 9.76 88.57 -69.30
N SER H 630 10.90 89.21 -69.55
CA SER H 630 12.04 88.51 -70.14
C SER H 630 12.70 87.58 -69.15
N SER H 631 12.66 87.89 -67.85
CA SER H 631 13.11 86.97 -66.82
C SER H 631 12.07 85.89 -66.54
N VAL H 632 10.82 86.09 -66.97
CA VAL H 632 9.79 85.08 -66.81
C VAL H 632 9.85 84.08 -67.96
N ARG H 633 10.17 84.54 -69.17
CA ARG H 633 10.32 83.61 -70.28
C ARG H 633 11.63 82.83 -70.18
N ASN H 634 12.76 83.52 -70.07
CA ASN H 634 14.04 82.87 -69.80
C ASN H 634 13.97 82.42 -68.34
N HIS H 635 13.54 81.18 -68.13
CA HIS H 635 12.92 80.77 -66.87
C HIS H 635 13.71 79.67 -66.17
N GLN H 636 14.53 80.05 -65.18
CA GLN H 636 14.79 79.19 -64.02
C GLN H 636 14.64 80.09 -62.79
N ILE H 637 13.41 80.40 -62.39
CA ILE H 637 13.24 81.08 -61.11
C ILE H 637 12.12 80.51 -60.25
N ASN H 638 10.86 80.53 -60.75
CA ASN H 638 9.68 80.22 -59.94
C ASN H 638 8.44 80.04 -60.82
N PRO H 639 7.70 78.93 -60.70
CA PRO H 639 6.52 78.73 -61.56
C PRO H 639 5.29 79.54 -61.18
N ASP H 640 5.04 79.72 -59.89
CA ASP H 640 3.87 80.49 -59.46
C ASP H 640 4.06 81.98 -59.70
N LEU H 641 5.32 82.43 -59.75
CA LEU H 641 5.64 83.77 -60.21
C LEU H 641 5.30 83.91 -61.70
N ALA H 642 5.65 82.91 -62.50
CA ALA H 642 5.51 82.99 -63.94
C ALA H 642 4.08 82.80 -64.41
N GLN H 643 3.30 81.96 -63.71
CA GLN H 643 1.92 81.71 -64.14
C GLN H 643 1.03 82.92 -63.88
N LEU H 644 1.29 83.65 -62.80
CA LEU H 644 0.48 84.82 -62.48
C LEU H 644 0.84 86.02 -63.35
N LEU H 645 2.14 86.30 -63.50
CA LEU H 645 2.57 87.50 -64.19
C LEU H 645 2.33 87.40 -65.70
N LEU H 646 2.30 86.19 -66.24
CA LEU H 646 1.88 86.04 -67.64
C LEU H 646 0.37 86.09 -67.76
N ARG H 647 -0.37 85.71 -66.71
CA ARG H 647 -1.83 85.74 -66.76
C ARG H 647 -2.34 87.17 -66.87
N LEU H 648 -1.69 88.11 -66.18
CA LEU H 648 -1.99 89.52 -66.42
C LEU H 648 -1.39 90.02 -67.73
N ASP H 649 -0.40 89.31 -68.28
CA ASP H 649 0.29 89.83 -69.47
C ASP H 649 -0.40 89.48 -70.77
N TYR H 650 -1.00 88.27 -70.89
CA TYR H 650 -1.93 88.10 -72.00
C TYR H 650 -3.25 88.80 -71.72
N ASN H 651 -3.53 89.13 -70.46
CA ASN H 651 -4.57 90.09 -70.17
C ASN H 651 -4.08 91.53 -70.36
N LYS H 652 -2.78 91.74 -70.54
CA LYS H 652 -2.28 93.03 -70.98
C LYS H 652 -2.10 93.06 -72.50
N TYR H 653 -1.17 92.26 -73.03
CA TYR H 653 -0.82 92.42 -74.44
C TYR H 653 -1.87 91.82 -75.38
N TYR H 654 -2.78 91.01 -74.86
CA TYR H 654 -4.03 90.73 -75.54
C TYR H 654 -5.14 91.20 -74.60
N MET I 1 71.62 8.17 -19.95
CA MET I 1 71.30 9.50 -20.47
C MET I 1 69.96 9.42 -21.23
N ILE I 2 68.93 9.03 -20.49
CA ILE I 2 67.69 8.51 -21.08
C ILE I 2 66.92 9.60 -21.82
N HIS I 3 66.84 10.80 -21.25
CA HIS I 3 66.02 11.89 -21.77
C HIS I 3 66.72 12.62 -22.90
N GLU I 4 68.04 12.47 -23.01
CA GLU I 4 68.84 13.19 -23.99
C GLU I 4 68.67 12.65 -25.40
N LEU I 5 68.25 11.39 -25.50
CA LEU I 5 68.14 10.68 -26.78
C LEU I 5 66.73 10.65 -27.33
N LEU I 6 65.71 10.63 -26.46
CA LEU I 6 64.34 10.83 -26.92
C LEU I 6 64.18 12.23 -27.48
N LEU I 7 64.88 13.19 -26.90
CA LEU I 7 64.78 14.59 -27.27
C LEU I 7 65.79 15.01 -28.32
N ALA I 8 66.83 14.21 -28.56
CA ALA I 8 67.58 14.35 -29.80
C ALA I 8 66.81 13.76 -30.97
N LEU I 9 65.82 12.92 -30.68
CA LEU I 9 64.97 12.28 -31.67
C LEU I 9 63.80 13.15 -32.10
N SER I 10 63.37 14.08 -31.26
CA SER I 10 62.29 14.99 -31.61
C SER I 10 62.72 16.07 -32.60
N GLY I 11 64.02 16.34 -32.71
CA GLY I 11 64.55 17.24 -33.71
C GLY I 11 65.00 18.60 -33.20
N TYR I 12 65.09 18.79 -31.90
CA TYR I 12 65.45 20.11 -31.40
C TYR I 12 66.96 20.17 -31.10
N PRO I 13 67.57 21.36 -31.22
CA PRO I 13 69.03 21.45 -31.12
C PRO I 13 69.57 21.26 -29.70
N GLY I 14 70.90 21.16 -29.64
CA GLY I 14 71.63 21.15 -28.39
C GLY I 14 72.95 21.87 -28.52
N SER I 15 73.85 21.74 -27.54
CA SER I 15 75.24 22.13 -27.71
C SER I 15 76.21 20.96 -27.65
N ILE I 16 75.74 19.76 -27.35
CA ILE I 16 76.48 18.56 -27.69
C ILE I 16 76.16 18.10 -29.10
N PHE I 17 74.89 18.06 -29.46
CA PHE I 17 74.45 17.86 -30.84
C PHE I 17 73.99 19.24 -31.34
N THR I 18 74.95 20.05 -31.78
CA THR I 18 74.63 21.41 -32.19
C THR I 18 73.91 21.40 -33.53
N TRP I 19 72.79 22.11 -33.58
CA TRP I 19 71.88 22.09 -34.72
C TRP I 19 71.39 23.51 -34.92
N ASN I 20 71.44 24.00 -36.15
CA ASN I 20 71.05 25.38 -36.40
C ASN I 20 69.54 25.56 -36.55
N LYS I 21 68.94 25.02 -37.62
CA LYS I 21 67.53 24.65 -37.77
C LYS I 21 67.35 23.93 -39.10
N ARG I 22 66.69 22.78 -39.07
CA ARG I 22 65.98 22.13 -40.18
C ARG I 22 66.84 21.64 -41.34
N THR I 23 68.15 21.96 -41.39
CA THR I 23 68.98 21.36 -42.42
C THR I 23 70.38 20.94 -41.98
N GLY I 24 70.97 21.51 -40.94
CA GLY I 24 72.39 21.38 -40.69
C GLY I 24 72.71 20.84 -39.31
N LEU I 25 73.83 20.11 -39.22
CA LEU I 25 74.20 19.36 -38.05
C LEU I 25 75.72 19.36 -37.88
N GLN I 26 76.18 19.55 -36.64
CA GLN I 26 77.55 19.26 -36.26
C GLN I 26 77.51 18.27 -35.10
N VAL I 27 78.39 17.27 -35.15
CA VAL I 27 78.25 16.14 -34.24
C VAL I 27 78.88 16.44 -32.87
N SER I 28 80.05 17.12 -32.86
CA SER I 28 80.68 17.70 -31.67
C SER I 28 80.94 16.68 -30.56
N GLN I 29 81.62 15.60 -30.90
CA GLN I 29 81.86 14.53 -29.92
C GLN I 29 83.30 14.62 -29.40
N ASP I 30 83.49 15.50 -28.43
CA ASP I 30 84.64 15.48 -27.53
C ASP I 30 84.17 15.03 -26.15
N ILE I 31 83.22 14.10 -26.14
CA ILE I 31 82.40 13.78 -24.98
C ILE I 31 83.12 12.78 -24.09
N PRO I 32 83.11 12.98 -22.76
CA PRO I 32 83.78 12.00 -21.88
C PRO I 32 82.91 10.84 -21.44
N PHE I 33 81.59 11.04 -21.37
CA PHE I 33 80.71 10.03 -20.77
C PHE I 33 79.94 9.23 -21.82
N LEU I 34 80.37 9.27 -23.08
CA LEU I 34 79.95 8.31 -24.08
C LEU I 34 81.20 7.68 -24.71
N HIS I 35 81.05 6.47 -25.20
CA HIS I 35 82.15 5.73 -25.81
C HIS I 35 82.21 6.00 -27.31
N PRO I 36 83.38 5.76 -27.95
CA PRO I 36 83.47 5.88 -29.41
C PRO I 36 82.51 4.99 -30.18
N GLY I 37 82.10 3.85 -29.62
CA GLY I 37 81.00 3.12 -30.20
C GLY I 37 79.66 3.80 -29.99
N GLU I 38 79.48 4.46 -28.86
CA GLU I 38 78.17 4.99 -28.51
C GLU I 38 77.89 6.34 -29.17
N THR I 39 78.89 6.98 -29.76
CA THR I 39 78.59 8.18 -30.55
C THR I 39 78.25 7.80 -31.98
N SER I 40 78.71 6.62 -32.43
CA SER I 40 78.38 6.15 -33.76
C SER I 40 76.90 5.81 -33.86
N VAL I 41 76.31 5.27 -32.79
CA VAL I 41 74.90 4.97 -32.81
C VAL I 41 74.07 6.23 -32.60
N LEU I 42 74.61 7.27 -31.92
CA LEU I 42 73.88 8.54 -31.85
C LEU I 42 73.83 9.21 -33.21
N ASN I 43 74.81 8.95 -34.07
CA ASN I 43 74.69 9.35 -35.45
C ASN I 43 73.69 8.47 -36.21
N ARG I 44 73.54 7.21 -35.78
CA ARG I 44 72.49 6.37 -36.34
C ARG I 44 71.13 6.80 -35.81
N LEU I 45 71.09 7.35 -34.60
CA LEU I 45 69.84 7.78 -34.00
C LEU I 45 69.44 9.19 -34.43
N CYS I 46 70.40 10.00 -34.86
CA CYS I 46 70.12 11.35 -35.35
C CYS I 46 69.61 11.35 -36.78
N LYS I 47 69.97 10.34 -37.58
CA LYS I 47 69.53 10.26 -38.97
C LYS I 47 68.04 9.97 -39.06
N LEU I 48 67.42 9.47 -37.99
CA LEU I 48 65.98 9.30 -37.90
C LEU I 48 65.29 10.50 -37.27
N GLY I 49 66.06 11.49 -36.81
CA GLY I 49 65.51 12.74 -36.35
C GLY I 49 65.79 13.85 -37.35
N THR I 50 66.73 13.60 -38.26
CA THR I 50 67.04 14.56 -39.31
C THR I 50 65.90 14.62 -40.34
N ASP I 51 65.41 13.46 -40.77
CA ASP I 51 64.30 13.42 -41.71
C ASP I 51 62.96 13.78 -41.06
N TYR I 52 62.90 13.82 -39.73
CA TYR I 52 61.68 14.22 -39.05
C TYR I 52 61.52 15.75 -39.05
N ILE I 53 62.62 16.48 -39.19
CA ILE I 53 62.52 17.93 -39.29
C ILE I 53 62.70 18.40 -40.73
N ARG I 54 63.12 17.49 -41.61
CA ARG I 54 62.94 17.66 -43.06
C ARG I 54 61.48 17.49 -43.48
N PHE I 55 60.62 17.18 -42.52
CA PHE I 55 59.22 16.81 -42.64
C PHE I 55 58.31 17.91 -42.16
N THR I 56 58.68 18.58 -41.07
CA THR I 56 57.90 19.70 -40.56
C THR I 56 58.07 20.95 -41.42
N GLU I 57 59.21 21.06 -42.12
CA GLU I 57 59.34 22.14 -43.09
C GLU I 57 58.44 21.92 -44.29
N PHE I 58 58.12 20.65 -44.58
CA PHE I 58 57.15 20.34 -45.63
C PHE I 58 55.74 20.60 -45.15
N ILE I 59 55.53 20.69 -43.83
CA ILE I 59 54.23 21.03 -43.27
C ILE I 59 54.00 22.53 -43.32
N GLU I 60 54.92 23.29 -42.70
CA GLU I 60 54.76 24.73 -42.54
C GLU I 60 54.82 25.48 -43.86
N GLN I 61 55.43 24.90 -44.89
CA GLN I 61 55.37 25.49 -46.21
C GLN I 61 53.97 25.39 -46.80
N TYR I 62 53.25 24.31 -46.48
CA TYR I 62 51.92 24.07 -47.05
C TYR I 62 50.79 24.37 -46.07
N THR I 63 51.07 24.38 -44.76
CA THR I 63 50.05 24.55 -43.74
C THR I 63 50.44 25.70 -42.82
N GLY I 64 49.47 26.56 -42.51
CA GLY I 64 49.69 27.65 -41.58
C GLY I 64 49.80 29.01 -42.24
N LEU I 81 55.42 25.80 -53.88
CA LEU I 81 54.32 25.82 -54.85
C LEU I 81 52.98 25.98 -54.16
N HIS I 82 51.91 25.58 -54.85
CA HIS I 82 50.56 25.68 -54.32
C HIS I 82 49.74 24.55 -54.91
N GLY I 83 48.49 24.48 -54.50
CA GLY I 83 47.56 23.46 -54.96
C GLY I 83 46.67 22.95 -53.84
N ILE I 84 45.50 22.44 -54.21
CA ILE I 84 44.56 21.92 -53.22
C ILE I 84 44.90 20.50 -52.78
N TYR I 85 45.82 19.83 -53.47
CA TYR I 85 46.23 18.49 -53.09
C TYR I 85 47.54 18.47 -52.34
N LEU I 86 48.19 19.62 -52.16
CA LEU I 86 49.44 19.67 -51.41
C LEU I 86 49.17 19.51 -49.92
N ARG I 87 48.14 20.18 -49.40
CA ARG I 87 47.77 19.99 -48.00
C ARG I 87 46.81 18.81 -47.82
N ALA I 88 46.19 18.32 -48.90
CA ALA I 88 45.56 17.01 -48.85
C ALA I 88 46.60 15.92 -48.63
N PHE I 89 47.81 16.13 -49.16
CA PHE I 89 48.93 15.26 -48.88
C PHE I 89 49.49 15.50 -47.47
N CYS I 90 49.14 16.64 -46.84
CA CYS I 90 49.64 16.91 -45.49
C CYS I 90 48.86 16.13 -44.43
N ARG I 91 47.56 15.99 -44.58
CA ARG I 91 46.87 15.13 -43.61
C ARG I 91 47.03 13.65 -43.93
N GLY I 92 47.73 13.32 -45.01
CA GLY I 92 48.29 11.98 -45.11
C GLY I 92 49.57 11.82 -44.30
N LEU I 93 50.40 12.86 -44.24
CA LEU I 93 51.68 12.67 -43.57
C LEU I 93 51.57 12.80 -42.06
N ASP I 94 50.50 13.39 -41.53
CA ASP I 94 50.40 13.47 -40.08
C ASP I 94 50.07 12.11 -39.48
N SER I 95 49.48 11.22 -40.26
CA SER I 95 49.18 9.88 -39.84
C SER I 95 50.41 8.98 -39.77
N ILE I 96 51.51 9.35 -40.44
CA ILE I 96 52.71 8.54 -40.37
C ILE I 96 53.59 8.95 -39.20
N LEU I 97 53.42 10.17 -38.69
CA LEU I 97 54.07 10.58 -37.45
C LEU I 97 53.23 10.26 -36.23
N GLN I 98 52.00 9.80 -36.41
CA GLN I 98 51.12 9.63 -35.26
C GLN I 98 51.47 8.37 -34.46
N PRO I 99 51.76 7.18 -35.04
CA PRO I 99 52.35 6.11 -34.21
C PRO I 99 53.81 6.37 -33.86
N TYR I 100 54.50 7.19 -34.65
CA TYR I 100 55.82 7.69 -34.28
C TYR I 100 55.76 8.47 -32.97
N ARG I 101 54.89 9.47 -32.89
CA ARG I 101 54.75 10.23 -31.65
C ARG I 101 54.06 9.44 -30.56
N GLN I 102 53.26 8.42 -30.93
CA GLN I 102 52.73 7.51 -29.94
C GLN I 102 53.83 6.66 -29.33
N ALA I 103 54.84 6.32 -30.12
CA ALA I 103 56.01 5.61 -29.61
C ALA I 103 56.93 6.51 -28.81
N LEU I 104 56.84 7.83 -28.98
CA LEU I 104 57.68 8.74 -28.21
C LEU I 104 57.23 8.83 -26.75
N LEU I 105 55.92 8.69 -26.50
CA LEU I 105 55.41 8.75 -25.14
C LEU I 105 55.45 7.42 -24.41
N ASP I 106 55.50 6.30 -25.14
CA ASP I 106 55.70 5.01 -24.51
C ASP I 106 57.13 4.80 -24.05
N LEU I 107 58.08 5.52 -24.64
CA LEU I 107 59.44 5.53 -24.12
C LEU I 107 59.55 6.38 -22.86
N GLU I 108 58.59 7.27 -22.62
CA GLU I 108 58.65 8.17 -21.47
C GLU I 108 58.39 7.42 -20.17
N GLN I 109 57.39 6.54 -20.16
CA GLN I 109 57.12 5.73 -18.97
C GLN I 109 58.17 4.65 -18.78
N GLU I 110 58.89 4.28 -19.85
CA GLU I 110 60.03 3.38 -19.72
C GLU I 110 61.13 4.02 -18.89
N PHE I 111 61.28 5.33 -18.96
CA PHE I 111 62.30 6.04 -18.18
C PHE I 111 61.84 6.40 -16.79
N LEU I 112 60.59 6.12 -16.43
CA LEU I 112 60.08 6.41 -15.09
C LEU I 112 59.95 5.14 -14.24
N ALA I 113 59.68 3.99 -14.86
CA ALA I 113 59.55 2.75 -14.11
C ALA I 113 60.90 2.30 -13.54
N ASP I 114 61.97 2.42 -14.33
CA ASP I 114 63.37 2.26 -13.97
C ASP I 114 64.25 3.23 -14.76
N PRO I 115 64.77 4.29 -14.13
CA PRO I 115 65.67 5.22 -14.82
C PRO I 115 67.14 4.78 -14.80
N HIS I 116 67.39 3.50 -15.11
CA HIS I 116 68.73 2.99 -15.27
C HIS I 116 68.89 2.19 -16.56
N LEU I 117 67.85 2.11 -17.39
CA LEU I 117 67.92 1.25 -18.56
C LEU I 117 68.76 1.95 -19.62
N SER I 118 69.63 1.21 -20.29
CA SER I 118 70.53 1.83 -21.25
C SER I 118 69.81 2.02 -22.59
N ILE I 119 70.57 2.35 -23.63
CA ILE I 119 70.02 2.96 -24.83
C ILE I 119 69.65 1.96 -25.92
N SER I 120 69.96 0.67 -25.74
CA SER I 120 69.82 -0.29 -26.83
C SER I 120 68.37 -0.64 -27.13
N HIS I 121 67.46 -0.56 -26.15
CA HIS I 121 66.04 -0.71 -26.44
C HIS I 121 65.53 0.48 -27.23
N ILE I 122 66.07 1.67 -26.97
CA ILE I 122 65.71 2.85 -27.76
C ILE I 122 66.30 2.73 -29.16
N ASN I 123 67.48 2.11 -29.27
CA ASN I 123 68.00 1.73 -30.58
C ASN I 123 67.09 0.72 -31.27
N TYR I 124 66.49 -0.18 -30.48
CA TYR I 124 65.65 -1.25 -31.03
C TYR I 124 64.34 -0.72 -31.59
N SER I 125 63.73 0.26 -30.92
CA SER I 125 62.50 0.86 -31.42
C SER I 125 62.75 1.68 -32.67
N LEU I 126 63.98 2.16 -32.85
CA LEU I 126 64.31 3.02 -33.96
C LEU I 126 64.92 2.26 -35.13
N ASP I 127 65.29 0.99 -34.93
CA ASP I 127 65.46 0.08 -36.05
C ASP I 127 64.11 -0.34 -36.63
N GLN I 128 63.03 -0.20 -35.86
CA GLN I 128 61.69 -0.42 -36.40
C GLN I 128 61.27 0.75 -37.29
N PHE I 129 61.68 1.97 -36.93
CA PHE I 129 61.45 3.13 -37.77
C PHE I 129 62.47 3.28 -38.89
N HIS I 130 63.50 2.42 -38.90
CA HIS I 130 64.60 2.52 -39.85
C HIS I 130 64.20 2.18 -41.28
N LEU I 131 63.06 1.53 -41.48
CA LEU I 131 62.61 1.20 -42.81
C LEU I 131 61.30 1.90 -43.16
N LEU I 132 60.77 2.70 -42.24
CA LEU I 132 59.63 3.57 -42.53
C LEU I 132 60.08 4.98 -42.89
N PHE I 133 61.10 5.50 -42.21
CA PHE I 133 61.51 6.90 -42.34
C PHE I 133 62.37 7.21 -43.58
N PRO I 134 63.38 6.39 -43.98
CA PRO I 134 64.01 6.68 -45.28
C PRO I 134 63.10 6.39 -46.46
N SER I 135 62.24 5.38 -46.35
CA SER I 135 61.37 4.96 -47.45
C SER I 135 60.28 5.98 -47.76
N ILE I 136 59.96 6.87 -46.82
CA ILE I 136 59.13 8.02 -47.13
C ILE I 136 59.98 9.24 -47.49
N MET I 137 61.25 9.27 -47.07
CA MET I 137 62.11 10.39 -47.41
C MET I 137 62.56 10.31 -48.87
N VAL I 138 62.73 9.09 -49.40
CA VAL I 138 63.01 8.94 -50.82
C VAL I 138 61.77 9.29 -51.66
N VAL I 139 60.58 9.20 -51.06
CA VAL I 139 59.36 9.56 -51.77
C VAL I 139 59.26 11.07 -51.92
N VAL I 140 59.48 11.84 -50.85
CA VAL I 140 59.31 13.28 -50.93
C VAL I 140 60.44 13.92 -51.72
N GLU I 141 61.62 13.28 -51.74
CA GLU I 141 62.72 13.80 -52.55
C GLU I 141 62.45 13.59 -54.03
N GLN I 142 61.84 12.46 -54.38
CA GLN I 142 61.41 12.24 -55.76
C GLN I 142 60.21 13.13 -56.10
N ILE I 143 59.44 13.54 -55.09
CA ILE I 143 58.33 14.46 -55.32
C ILE I 143 58.86 15.85 -55.68
N LYS I 144 59.83 16.34 -54.91
CA LYS I 144 60.26 17.73 -55.09
C LYS I 144 61.26 17.92 -56.22
N SER I 145 61.78 16.84 -56.80
CA SER I 145 62.74 16.94 -57.89
C SER I 145 62.08 16.85 -59.26
N GLN I 146 60.81 16.50 -59.34
CA GLN I 146 60.04 16.59 -60.58
C GLN I 146 59.20 17.86 -60.65
N LYS I 147 59.08 18.59 -59.53
CA LYS I 147 58.31 19.84 -59.40
C LYS I 147 56.84 19.61 -59.78
N ILE I 148 56.21 18.77 -58.98
CA ILE I 148 54.88 18.23 -59.25
C ILE I 148 53.83 19.21 -58.74
N HIS I 149 52.66 19.23 -59.40
CA HIS I 149 51.63 20.22 -59.08
C HIS I 149 50.26 19.66 -59.50
N GLY I 150 49.43 19.33 -58.52
CA GLY I 150 48.06 18.93 -58.80
C GLY I 150 47.74 17.46 -58.59
N CYS I 151 47.05 16.86 -59.56
CA CYS I 151 46.71 15.44 -59.53
C CYS I 151 47.91 14.52 -59.67
N GLN I 152 49.02 15.00 -60.18
CA GLN I 152 50.14 14.12 -60.49
C GLN I 152 51.05 13.86 -59.30
N ILE I 153 50.76 14.46 -58.14
CA ILE I 153 51.28 13.90 -56.89
C ILE I 153 50.55 12.61 -56.56
N LEU I 154 49.24 12.58 -56.81
CA LEU I 154 48.43 11.39 -56.54
C LEU I 154 48.80 10.22 -57.46
N GLU I 155 49.29 10.52 -58.66
CA GLU I 155 49.81 9.45 -59.52
C GLU I 155 51.24 9.07 -59.12
N THR I 156 52.00 10.01 -58.57
CA THR I 156 53.34 9.71 -58.09
C THR I 156 53.28 8.81 -56.86
N VAL I 157 52.36 9.11 -55.93
CA VAL I 157 52.17 8.27 -54.76
C VAL I 157 51.49 6.94 -55.12
N TYR I 158 50.83 6.85 -56.27
CA TYR I 158 50.17 5.60 -56.64
C TYR I 158 51.19 4.59 -57.15
N LYS I 159 52.19 5.04 -57.91
CA LYS I 159 53.31 4.15 -58.24
C LYS I 159 54.35 4.07 -57.13
N HIS I 160 54.22 4.90 -56.09
CA HIS I 160 55.00 4.64 -54.88
C HIS I 160 54.31 3.60 -53.99
N SER I 161 52.97 3.62 -53.94
CA SER I 161 52.23 2.55 -53.28
C SER I 161 52.12 1.31 -54.14
N CYS I 162 52.59 1.36 -55.39
CA CYS I 162 52.87 0.16 -56.17
C CYS I 162 53.99 -0.67 -55.57
N GLY I 163 54.88 -0.06 -54.78
CA GLY I 163 55.94 -0.80 -54.15
C GLY I 163 55.46 -1.65 -53.00
N GLY I 164 56.36 -2.49 -52.51
CA GLY I 164 56.07 -3.36 -51.38
C GLY I 164 56.37 -2.69 -50.07
N LEU I 165 57.20 -3.35 -49.22
CA LEU I 165 57.44 -3.00 -47.82
C LEU I 165 56.11 -2.93 -47.07
N PRO I 166 55.53 -4.07 -46.66
CA PRO I 166 54.09 -4.13 -46.24
C PRO I 166 53.66 -3.13 -45.16
N PRO I 167 54.52 -2.68 -44.22
CA PRO I 167 54.08 -1.52 -43.42
C PRO I 167 54.03 -0.23 -44.22
N VAL I 168 54.93 -0.07 -45.18
CA VAL I 168 55.07 1.18 -45.90
C VAL I 168 54.06 1.26 -47.06
N ARG I 169 53.72 0.11 -47.65
CA ARG I 169 52.73 0.11 -48.72
C ARG I 169 51.32 0.40 -48.22
N SER I 170 51.05 0.13 -46.94
CA SER I 170 49.79 0.59 -46.36
C SER I 170 49.87 2.08 -46.06
N ALA I 171 51.06 2.56 -45.70
CA ALA I 171 51.24 3.97 -45.34
C ALA I 171 51.11 4.89 -46.55
N LEU I 172 51.72 4.53 -47.68
CA LEU I 172 51.47 5.24 -48.93
C LEU I 172 50.13 4.91 -49.56
N GLU I 173 49.35 3.99 -48.98
CA GLU I 173 47.96 3.87 -49.39
C GLU I 173 47.06 4.73 -48.51
N LYS I 174 47.45 4.97 -47.26
CA LYS I 174 46.71 5.91 -46.41
C LYS I 174 46.93 7.35 -46.85
N THR I 175 48.14 7.69 -47.31
CA THR I 175 48.33 9.01 -47.92
C THR I 175 47.66 9.08 -49.27
N LEU I 176 47.48 7.94 -49.94
CA LEU I 176 46.70 7.90 -51.17
C LEU I 176 45.21 8.07 -50.89
N ALA I 177 44.72 7.49 -49.79
CA ALA I 177 43.27 7.46 -49.55
C ALA I 177 42.72 8.81 -49.12
N VAL I 178 43.55 9.67 -48.51
CA VAL I 178 43.04 10.94 -48.01
C VAL I 178 42.92 11.98 -49.12
N CYS I 179 43.85 11.99 -50.07
CA CYS I 179 43.76 12.89 -51.21
C CYS I 179 42.92 12.31 -52.34
N HIS I 180 42.62 11.02 -52.30
CA HIS I 180 41.53 10.49 -53.10
C HIS I 180 40.17 10.90 -52.55
N GLY I 181 40.10 11.21 -51.25
CA GLY I 181 38.88 11.77 -50.70
C GLY I 181 38.62 13.19 -51.14
N VAL I 182 39.68 13.95 -51.41
CA VAL I 182 39.51 15.28 -51.99
C VAL I 182 39.14 15.18 -53.46
N MET I 183 39.64 14.13 -54.15
CA MET I 183 39.09 13.77 -55.46
C MET I 183 37.63 13.33 -55.32
N TYR I 184 37.30 12.62 -54.24
CA TYR I 184 35.95 12.15 -54.00
C TYR I 184 35.01 13.31 -53.69
N LYS I 185 35.54 14.38 -53.09
CA LYS I 185 34.78 15.60 -52.89
C LYS I 185 34.34 16.24 -54.20
N GLN I 186 35.23 16.20 -55.19
CA GLN I 186 35.11 17.05 -56.37
C GLN I 186 33.97 16.60 -57.27
N LEU I 187 34.00 15.34 -57.69
CA LEU I 187 32.94 14.75 -58.50
C LEU I 187 31.66 14.48 -57.72
N SER I 188 31.64 14.73 -56.40
CA SER I 188 30.39 14.75 -55.66
C SER I 188 29.72 16.12 -55.74
N ALA I 189 30.52 17.20 -55.63
CA ALA I 189 29.96 18.54 -55.75
C ALA I 189 29.69 18.92 -57.19
N TRP I 190 30.45 18.36 -58.13
CA TRP I 190 30.24 18.61 -59.55
C TRP I 190 28.96 17.98 -60.06
N MET I 191 28.46 16.93 -59.40
CA MET I 191 27.27 16.23 -59.85
C MET I 191 26.02 16.63 -59.09
N LEU I 192 26.13 17.48 -58.06
CA LEU I 192 24.97 17.95 -57.32
C LEU I 192 24.42 19.23 -57.94
N HIS I 193 25.25 20.26 -58.05
CA HIS I 193 24.83 21.54 -58.62
C HIS I 193 25.32 21.74 -60.04
N GLY I 194 26.42 21.10 -60.43
CA GLY I 194 27.13 21.51 -61.62
C GLY I 194 28.08 22.65 -61.35
N LEU I 195 28.49 22.83 -60.09
CA LEU I 195 29.39 23.89 -59.68
C LEU I 195 30.82 23.36 -59.71
N LEU I 196 31.69 24.04 -60.46
CA LEU I 196 33.11 23.69 -60.51
C LEU I 196 33.81 24.40 -59.36
N LEU I 197 33.98 23.69 -58.26
CA LEU I 197 34.65 24.26 -57.08
C LEU I 197 36.15 24.06 -57.23
N ASP I 198 36.79 24.95 -57.98
CA ASP I 198 38.23 24.99 -58.08
C ASP I 198 38.69 26.43 -58.05
N GLN I 199 39.86 26.65 -57.47
CA GLN I 199 40.45 27.99 -57.42
C GLN I 199 41.68 28.10 -58.30
N TYR I 200 42.61 27.14 -58.22
CA TYR I 200 43.72 27.04 -59.16
C TYR I 200 43.42 26.06 -60.29
N GLU I 201 42.14 25.94 -60.67
CA GLU I 201 41.59 25.08 -61.74
C GLU I 201 42.10 23.64 -61.68
N GLU I 202 42.30 23.14 -60.47
CA GLU I 202 42.96 21.85 -60.23
C GLU I 202 41.98 20.69 -60.40
N PHE I 203 41.52 20.51 -61.63
CA PHE I 203 40.58 19.44 -61.96
C PHE I 203 40.64 19.26 -63.48
N PHE I 204 40.34 18.03 -63.95
CA PHE I 204 40.45 17.80 -65.39
C PHE I 204 39.29 18.43 -66.14
N VAL I 205 38.15 18.61 -65.49
CA VAL I 205 37.06 19.39 -66.08
C VAL I 205 37.41 20.86 -66.01
N ARG I 206 37.37 21.52 -67.17
CA ARG I 206 37.69 22.95 -67.26
C ARG I 206 36.71 23.57 -68.24
N GLN I 207 36.30 24.82 -67.96
CA GLN I 207 35.35 25.51 -68.83
C GLN I 207 36.00 25.83 -70.17
N GLY I 208 35.54 25.15 -71.21
CA GLY I 208 36.10 25.31 -72.54
C GLY I 208 35.23 26.11 -73.47
N SER I 253 22.93 28.75 -73.84
CA SER I 253 22.72 28.22 -72.51
C SER I 253 23.70 27.10 -72.21
N LEU I 254 24.34 26.59 -73.27
CA LEU I 254 24.98 25.27 -73.20
C LEU I 254 26.27 25.29 -72.38
N LYS I 255 27.13 26.31 -72.59
CA LYS I 255 28.35 26.55 -71.80
C LYS I 255 29.30 25.36 -71.78
N GLN I 256 29.95 25.09 -72.92
CA GLN I 256 30.77 23.89 -73.10
C GLN I 256 31.91 23.80 -72.08
N PHE I 257 32.28 22.56 -71.75
CA PHE I 257 33.38 22.26 -70.83
C PHE I 257 34.29 21.24 -71.51
N SER I 258 35.53 21.13 -71.01
CA SER I 258 36.54 20.34 -71.69
C SER I 258 37.31 19.47 -70.70
N LEU I 259 38.18 18.63 -71.25
CA LEU I 259 39.00 17.68 -70.51
C LEU I 259 40.39 18.26 -70.27
N ARG I 260 41.18 17.49 -69.50
CA ARG I 260 42.59 17.82 -69.25
C ARG I 260 43.31 16.54 -68.88
N ALA I 261 44.33 16.17 -69.66
CA ALA I 261 44.98 14.88 -69.48
C ALA I 261 45.94 14.88 -68.28
N GLU I 262 46.58 16.01 -67.98
CA GLU I 262 47.56 16.05 -66.91
C GLU I 262 46.93 16.01 -65.52
N MET I 263 45.67 16.42 -65.39
CA MET I 263 44.94 16.32 -64.13
C MET I 263 44.10 15.06 -64.04
N LEU I 264 44.20 14.17 -65.02
CA LEU I 264 43.44 12.93 -65.00
C LEU I 264 44.31 11.81 -64.45
N PRO I 265 43.86 11.05 -63.45
CA PRO I 265 44.63 9.89 -63.00
C PRO I 265 44.60 8.79 -64.06
N SER I 266 45.76 8.15 -64.27
CA SER I 266 45.87 7.12 -65.28
C SER I 266 45.37 5.76 -64.80
N TYR I 267 45.17 5.58 -63.50
CA TYR I 267 44.54 4.34 -63.03
C TYR I 267 43.03 4.41 -63.10
N ILE I 268 42.45 5.60 -63.13
CA ILE I 268 41.06 5.78 -63.55
C ILE I 268 41.08 5.65 -65.06
N PRO I 269 40.20 4.83 -65.66
CA PRO I 269 40.24 4.66 -67.12
C PRO I 269 39.85 5.93 -67.85
N VAL I 270 40.42 6.10 -69.04
CA VAL I 270 40.43 7.38 -69.73
C VAL I 270 39.06 7.69 -70.30
N ARG I 271 38.32 6.66 -70.72
CA ARG I 271 36.95 6.74 -71.21
C ARG I 271 35.92 7.00 -70.12
N VAL I 272 36.32 7.06 -68.85
CA VAL I 272 35.39 7.37 -67.78
C VAL I 272 35.31 8.87 -67.55
N ALA I 273 36.33 9.63 -68.01
CA ALA I 273 36.49 11.03 -67.65
C ALA I 273 35.38 11.91 -68.24
N GLU I 274 34.91 11.59 -69.45
CA GLU I 274 33.81 12.36 -70.01
C GLU I 274 32.44 11.91 -69.52
N LYS I 275 32.36 10.77 -68.82
CA LYS I 275 31.07 10.37 -68.25
C LYS I 275 30.70 11.24 -67.05
N ILE I 276 31.69 11.76 -66.34
CA ILE I 276 31.41 12.74 -65.29
C ILE I 276 31.40 14.16 -65.87
N LEU I 277 32.24 14.41 -66.88
CA LEU I 277 32.33 15.74 -67.50
C LEU I 277 31.05 16.11 -68.23
N PHE I 278 30.61 15.29 -69.19
CA PHE I 278 29.54 15.72 -70.09
C PHE I 278 28.19 15.69 -69.39
N VAL I 279 28.00 14.72 -68.48
CA VAL I 279 26.82 14.75 -67.62
C VAL I 279 26.92 15.90 -66.63
N GLY I 280 28.13 16.20 -66.15
CA GLY I 280 28.31 17.35 -65.28
C GLY I 280 28.26 18.67 -65.99
N GLU I 281 28.60 18.69 -67.29
CA GLU I 281 28.38 19.89 -68.08
C GLU I 281 26.90 20.13 -68.31
N SER I 282 26.12 19.06 -68.47
CA SER I 282 24.70 19.19 -68.75
C SER I 282 23.89 19.51 -67.51
N VAL I 283 24.37 19.17 -66.32
CA VAL I 283 23.69 19.65 -65.12
C VAL I 283 24.08 21.08 -64.81
N GLN I 284 25.17 21.59 -65.40
CA GLN I 284 25.59 22.97 -65.21
C GLN I 284 24.73 23.92 -66.03
N MET I 285 24.28 23.49 -67.21
CA MET I 285 23.52 24.36 -68.09
C MET I 285 22.08 24.54 -67.65
N PHE I 286 21.58 23.71 -66.73
CA PHE I 286 20.27 23.93 -66.12
C PHE I 286 20.31 24.93 -64.98
N GLU I 287 21.49 25.35 -64.55
CA GLU I 287 21.60 26.40 -63.54
C GLU I 287 21.34 27.77 -64.15
N ASN I 288 21.55 27.91 -65.46
CA ASN I 288 21.37 29.18 -66.14
C ASN I 288 19.90 29.58 -66.21
N GLN I 289 19.07 28.76 -66.85
CA GLN I 289 17.73 29.17 -67.22
C GLN I 289 16.74 29.05 -66.07
N ASN I 290 16.58 27.85 -65.51
CA ASN I 290 15.55 27.61 -64.52
C ASN I 290 15.92 26.41 -63.65
N VAL I 291 15.76 26.56 -62.33
CA VAL I 291 16.33 25.60 -61.39
C VAL I 291 15.48 24.35 -61.22
N ASN I 292 14.20 24.38 -61.58
CA ASN I 292 13.34 23.21 -61.56
C ASN I 292 13.47 22.35 -62.81
N MET I 293 14.47 22.61 -63.65
CA MET I 293 14.65 21.91 -64.91
C MET I 293 15.89 21.03 -64.86
N SER I 294 16.37 20.75 -63.64
CA SER I 294 17.64 20.07 -63.41
C SER I 294 17.63 18.62 -63.87
N ARG I 295 18.81 18.10 -64.20
CA ARG I 295 18.94 16.76 -64.74
C ARG I 295 18.86 15.69 -63.64
N THR I 296 19.55 15.92 -62.52
CA THR I 296 19.55 14.92 -61.45
C THR I 296 18.25 14.95 -60.68
N GLY I 297 17.71 16.14 -60.43
CA GLY I 297 16.64 16.32 -59.48
C GLY I 297 17.25 16.89 -58.23
N SER I 298 17.20 18.20 -58.13
CA SER I 298 18.01 18.96 -57.18
C SER I 298 17.23 20.03 -56.43
N ILE I 299 16.32 20.74 -57.10
CA ILE I 299 15.40 21.64 -56.41
C ILE I 299 14.07 20.88 -56.38
N LEU I 300 13.81 20.11 -57.44
CA LEU I 300 12.50 19.57 -57.71
C LEU I 300 12.29 18.13 -57.23
N LYS I 301 13.33 17.31 -57.19
CA LYS I 301 13.17 15.90 -56.81
C LYS I 301 14.03 15.60 -55.58
N ASN I 302 14.05 14.32 -55.21
CA ASN I 302 14.81 13.87 -54.05
C ASN I 302 15.88 12.84 -54.43
N GLN I 303 16.40 12.91 -55.65
CA GLN I 303 17.46 11.99 -56.05
C GLN I 303 18.79 12.35 -55.41
N GLU I 304 18.95 13.59 -54.95
CA GLU I 304 20.22 14.02 -54.36
C GLU I 304 20.41 13.52 -52.93
N ASP I 305 19.31 13.08 -52.29
CA ASP I 305 19.41 12.40 -50.97
C ASP I 305 19.82 10.94 -51.21
N THR I 306 19.40 10.36 -52.33
CA THR I 306 19.97 9.06 -52.79
C THR I 306 21.46 9.28 -53.09
N PHE I 307 21.80 10.42 -53.69
CA PHE I 307 23.21 10.81 -53.92
C PHE I 307 23.93 10.97 -52.57
N ALA I 308 23.25 11.52 -51.57
CA ALA I 308 23.85 11.65 -50.21
C ALA I 308 24.13 10.25 -49.63
N ALA I 309 23.20 9.31 -49.86
CA ALA I 309 23.38 7.91 -49.42
C ALA I 309 24.58 7.31 -50.14
N GLU I 310 24.74 7.63 -51.43
CA GLU I 310 25.89 7.14 -52.23
C GLU I 310 27.17 7.70 -51.62
N LEU I 311 27.14 8.97 -51.21
CA LEU I 311 28.31 9.62 -50.58
C LEU I 311 28.64 8.90 -49.27
N HIS I 312 27.62 8.55 -48.49
CA HIS I 312 27.83 7.81 -47.22
C HIS I 312 28.47 6.45 -47.52
N ARG I 313 28.00 5.76 -48.56
CA ARG I 313 28.59 4.43 -48.94
C ARG I 313 30.04 4.56 -49.42
N LEU I 314 30.42 5.67 -50.06
CA LEU I 314 31.71 5.65 -50.81
C LEU I 314 32.89 6.31 -50.06
N LYS I 315 32.69 6.83 -48.84
CA LYS I 315 33.79 7.55 -48.22
C LYS I 315 34.49 6.76 -47.12
N GLN I 316 33.75 5.98 -46.33
CA GLN I 316 34.32 5.20 -45.22
C GLN I 316 35.21 4.06 -45.69
N GLN I 317 35.16 3.69 -46.97
CA GLN I 317 36.02 2.65 -47.51
C GLN I 317 37.46 3.12 -47.53
N PRO I 318 38.38 2.46 -46.82
CA PRO I 318 39.78 2.89 -46.84
C PRO I 318 40.52 2.51 -48.11
N LEU I 319 40.05 1.50 -48.83
CA LEU I 319 40.72 1.00 -50.02
C LEU I 319 40.05 1.56 -51.27
N PHE I 320 40.49 1.07 -52.43
CA PHE I 320 39.91 1.47 -53.69
C PHE I 320 39.98 0.30 -54.67
N SER I 321 38.90 0.09 -55.42
CA SER I 321 38.92 -0.83 -56.54
C SER I 321 38.11 -0.25 -57.67
N LEU I 322 37.92 -1.06 -58.71
CA LEU I 322 37.37 -0.54 -59.96
C LEU I 322 35.86 -0.81 -60.04
N VAL I 323 35.41 -1.95 -59.54
CA VAL I 323 34.03 -2.36 -59.72
C VAL I 323 33.10 -1.58 -58.80
N ASP I 324 33.53 -1.36 -57.55
CA ASP I 324 32.70 -0.63 -56.60
C ASP I 324 32.59 0.84 -56.96
N PHE I 325 33.64 1.39 -57.58
CA PHE I 325 33.60 2.79 -58.00
C PHE I 325 32.71 2.97 -59.23
N GLU I 326 32.72 2.02 -60.16
CA GLU I 326 32.06 2.20 -61.45
C GLU I 326 30.64 1.66 -61.51
N SER I 327 30.27 0.74 -60.61
CA SER I 327 28.89 0.26 -60.60
C SER I 327 27.93 1.32 -60.08
N VAL I 328 28.41 2.23 -59.23
CA VAL I 328 27.63 3.36 -58.75
C VAL I 328 27.92 4.62 -59.55
N LEU I 329 28.84 4.55 -60.52
CA LEU I 329 28.87 5.55 -61.58
C LEU I 329 27.71 5.38 -62.54
N ASP I 330 27.07 4.20 -62.57
CA ASP I 330 25.78 4.05 -63.21
C ASP I 330 24.71 4.90 -62.52
N ARG I 331 24.65 4.83 -61.20
CA ARG I 331 23.52 5.40 -60.47
C ARG I 331 23.55 6.92 -60.46
N ILE I 332 24.73 7.53 -60.56
CA ILE I 332 24.85 8.97 -60.76
C ILE I 332 24.68 9.34 -62.23
N ARG I 333 24.59 8.37 -63.13
CA ARG I 333 24.36 8.67 -64.53
C ARG I 333 22.96 8.26 -65.00
N SER I 334 22.52 7.03 -64.71
CA SER I 334 21.38 6.45 -65.42
C SER I 334 20.06 7.09 -64.99
N THR I 335 19.85 7.29 -63.69
CA THR I 335 18.66 8.01 -63.23
C THR I 335 18.71 9.49 -63.61
N VAL I 336 19.91 10.03 -63.78
CA VAL I 336 20.07 11.37 -64.29
C VAL I 336 19.89 11.42 -65.80
N ALA I 337 20.24 10.34 -66.52
CA ALA I 337 20.12 10.32 -67.97
C ALA I 337 18.69 10.08 -68.45
N GLU I 338 17.75 9.78 -67.55
CA GLU I 338 16.36 9.58 -67.97
C GLU I 338 15.47 10.77 -67.64
N HIS I 339 15.83 11.57 -66.63
CA HIS I 339 14.95 12.65 -66.19
C HIS I 339 14.96 13.80 -67.19
N LEU I 340 16.09 14.08 -67.82
CA LEU I 340 16.11 15.08 -68.89
C LEU I 340 15.49 14.57 -70.17
N TRP I 341 15.42 13.24 -70.34
CA TRP I 341 14.64 12.69 -71.44
C TRP I 341 13.15 12.91 -71.20
N LYS I 342 12.72 12.82 -69.93
CA LYS I 342 11.35 13.15 -69.57
C LYS I 342 11.14 14.65 -69.38
N LEU I 343 12.18 15.46 -69.54
CA LEU I 343 12.03 16.91 -69.59
C LEU I 343 11.58 17.35 -70.96
N MET I 344 12.38 17.06 -71.98
CA MET I 344 12.27 17.76 -73.25
C MET I 344 11.17 17.20 -74.14
N VAL I 345 10.53 16.09 -73.75
CA VAL I 345 9.36 15.58 -74.47
C VAL I 345 8.20 16.55 -74.34
N GLU I 346 7.89 16.99 -73.12
CA GLU I 346 6.69 17.76 -72.84
C GLU I 346 6.83 19.25 -73.11
N GLU I 347 8.02 19.82 -72.89
CA GLU I 347 8.20 21.25 -73.09
C GLU I 347 8.24 21.65 -74.56
N SER I 348 8.55 20.73 -75.46
CA SER I 348 8.85 21.10 -76.83
C SER I 348 7.98 20.43 -77.87
N ASP I 349 7.30 19.32 -77.53
CA ASP I 349 6.82 18.32 -78.49
C ASP I 349 8.03 17.93 -79.32
N LEU I 350 8.96 17.17 -78.72
CA LEU I 350 10.18 16.66 -79.35
C LEU I 350 10.00 16.24 -80.79
N LEU I 351 9.02 15.36 -81.02
CA LEU I 351 8.78 14.73 -82.32
C LEU I 351 8.35 15.75 -83.38
N GLY I 352 7.96 16.95 -82.99
CA GLY I 352 7.66 18.04 -83.91
C GLY I 352 8.86 18.55 -84.66
N GLN I 353 9.77 19.30 -84.01
CA GLN I 353 10.81 20.00 -84.75
C GLN I 353 11.86 19.06 -85.33
N LEU I 354 12.04 17.88 -84.72
CA LEU I 354 13.04 16.92 -85.17
C LEU I 354 12.56 16.04 -86.32
N LYS I 355 11.36 16.27 -86.85
CA LYS I 355 11.08 15.96 -88.25
C LYS I 355 11.03 17.19 -89.12
N ILE I 356 10.91 18.38 -88.51
CA ILE I 356 10.82 19.61 -89.29
C ILE I 356 12.20 20.02 -89.78
N ILE I 357 13.21 19.92 -88.91
CA ILE I 357 14.58 20.33 -89.24
C ILE I 357 15.20 19.40 -90.28
N LYS I 358 14.75 18.15 -90.33
CA LYS I 358 15.22 17.24 -91.38
C LYS I 358 14.53 17.53 -92.70
N ASP I 359 13.30 18.03 -92.66
CA ASP I 359 12.59 18.39 -93.87
C ASP I 359 13.14 19.66 -94.52
N PHE I 360 13.82 20.51 -93.74
CA PHE I 360 14.49 21.67 -94.32
C PHE I 360 15.83 21.33 -94.94
N TYR I 361 16.50 20.28 -94.45
CA TYR I 361 17.86 19.99 -94.89
C TYR I 361 17.92 18.83 -95.87
N LEU I 362 17.24 17.72 -95.57
CA LEU I 362 17.16 16.57 -96.45
C LEU I 362 16.03 16.73 -97.47
N LEU I 363 15.28 17.83 -97.37
CA LEU I 363 14.25 18.25 -98.35
C LEU I 363 13.13 17.22 -98.45
N GLY I 364 12.40 17.04 -97.34
CA GLY I 364 11.23 16.18 -97.35
C GLY I 364 10.05 16.81 -98.06
N ARG I 365 9.87 18.11 -97.89
CA ARG I 365 8.83 18.86 -98.61
C ARG I 365 9.43 19.29 -99.95
N GLY I 366 9.33 18.39 -100.93
CA GLY I 366 10.10 18.55 -102.16
C GLY I 366 9.54 19.60 -103.08
N GLU I 367 8.21 19.65 -103.22
CA GLU I 367 7.58 20.68 -104.05
C GLU I 367 7.71 22.06 -103.45
N LEU I 368 7.78 22.14 -102.11
CA LEU I 368 7.72 23.41 -101.41
C LEU I 368 9.00 24.22 -101.52
N PHE I 369 10.06 23.65 -102.09
CA PHE I 369 11.30 24.37 -102.35
C PHE I 369 11.58 24.56 -103.83
N GLN I 370 10.88 23.83 -104.71
CA GLN I 370 11.11 23.98 -106.14
C GLN I 370 10.54 25.29 -106.66
N ALA I 371 9.43 25.75 -106.07
CA ALA I 371 8.91 27.08 -106.37
C ALA I 371 9.87 28.16 -105.89
N PHE I 372 10.60 27.90 -104.80
CA PHE I 372 11.69 28.78 -104.41
C PHE I 372 12.83 28.72 -105.42
N ILE I 373 13.17 27.51 -105.88
CA ILE I 373 14.29 27.33 -106.81
C ILE I 373 14.00 27.96 -108.16
N ASP I 374 12.74 27.89 -108.61
CA ASP I 374 12.34 28.51 -109.87
C ASP I 374 12.43 30.03 -109.81
N VAL I 375 12.07 30.62 -108.67
CA VAL I 375 12.12 32.07 -108.55
C VAL I 375 13.56 32.52 -108.27
N ALA I 376 14.29 31.81 -107.42
CA ALA I 376 15.67 32.17 -107.09
C ALA I 376 16.65 31.94 -108.25
N GLN I 377 16.27 31.20 -109.28
CA GLN I 377 17.14 31.05 -110.44
C GLN I 377 17.19 32.34 -111.25
N ASN I 378 16.03 32.98 -111.44
CA ASN I 378 15.90 34.16 -112.31
C ASN I 378 16.52 35.43 -111.75
N MET I 379 17.08 35.42 -110.55
CA MET I 379 17.69 36.62 -110.00
C MET I 379 18.97 36.31 -109.23
N LEU I 380 19.45 35.07 -109.31
CA LEU I 380 20.83 34.72 -109.00
C LEU I 380 21.68 34.66 -110.27
N LYS I 381 21.23 35.28 -111.36
CA LYS I 381 21.98 35.30 -112.61
C LYS I 381 22.98 36.44 -112.66
N THR I 382 23.76 36.61 -111.59
CA THR I 382 24.87 37.54 -111.44
C THR I 382 25.96 36.78 -110.69
N PRO I 383 27.19 37.30 -110.65
CA PRO I 383 28.07 36.96 -109.54
C PRO I 383 27.47 37.49 -108.24
N PRO I 384 27.59 36.74 -107.14
CA PRO I 384 26.91 37.12 -105.90
C PRO I 384 27.44 38.42 -105.28
N THR I 385 26.52 39.20 -104.73
CA THR I 385 26.86 40.35 -103.90
C THR I 385 26.13 40.22 -102.57
N ALA I 386 26.49 41.10 -101.62
CA ALA I 386 26.05 40.96 -100.25
C ALA I 386 24.58 41.29 -100.04
N VAL I 387 23.93 41.92 -101.01
CA VAL I 387 22.50 42.23 -100.88
C VAL I 387 21.64 41.04 -101.35
N THR I 388 22.22 40.13 -102.13
CA THR I 388 21.49 38.98 -102.65
C THR I 388 21.11 37.98 -101.54
N GLU I 389 21.81 38.04 -100.40
CA GLU I 389 21.40 37.27 -99.23
C GLU I 389 20.01 37.65 -98.78
N HIS I 390 19.73 38.96 -98.66
CA HIS I 390 18.43 39.41 -98.20
C HIS I 390 17.36 39.23 -99.26
N ASP I 391 17.73 39.32 -100.53
CA ASP I 391 16.76 39.25 -101.63
C ASP I 391 16.27 37.82 -101.84
N VAL I 392 17.18 36.83 -101.76
CA VAL I 392 16.79 35.43 -101.91
C VAL I 392 15.99 34.98 -100.69
N ASN I 393 16.21 35.66 -99.55
CA ASN I 393 15.53 35.35 -98.30
C ASN I 393 14.06 35.69 -98.38
N VAL I 394 13.74 36.93 -98.77
CA VAL I 394 12.37 37.41 -98.89
C VAL I 394 11.66 36.72 -100.05
N ALA I 395 12.43 36.17 -101.00
CA ALA I 395 11.84 35.36 -102.05
C ALA I 395 11.41 34.00 -101.55
N PHE I 396 12.23 33.39 -100.67
CA PHE I 396 11.81 32.13 -100.05
C PHE I 396 10.66 32.38 -99.09
N GLN I 397 10.59 33.58 -98.52
CA GLN I 397 9.45 33.96 -97.71
C GLN I 397 8.16 33.91 -98.53
N LEU I 398 8.09 34.68 -99.63
CA LEU I 398 6.85 34.74 -100.42
C LEU I 398 6.55 33.43 -101.11
N SER I 399 7.57 32.60 -101.38
CA SER I 399 7.34 31.32 -102.03
C SER I 399 6.70 30.31 -101.09
N ALA I 400 7.21 30.20 -99.85
CA ALA I 400 6.61 29.31 -98.87
C ALA I 400 5.29 29.85 -98.32
N HIS I 401 4.95 31.10 -98.67
CA HIS I 401 3.76 31.75 -98.14
C HIS I 401 2.58 31.56 -99.08
N LYS I 402 2.82 31.59 -100.40
CA LYS I 402 1.76 31.32 -101.37
C LYS I 402 1.40 29.85 -101.44
N VAL I 403 2.28 28.99 -100.94
CA VAL I 403 2.03 27.55 -100.87
C VAL I 403 0.96 27.21 -99.83
N LEU I 404 0.78 28.05 -98.81
CA LEU I 404 -0.02 27.79 -97.60
C LEU I 404 0.47 26.53 -96.88
N LEU I 405 1.66 26.69 -96.30
CA LEU I 405 2.10 25.90 -95.14
C LEU I 405 1.02 25.82 -94.06
N ASP I 406 1.04 24.71 -93.31
CA ASP I 406 0.00 24.49 -92.32
C ASP I 406 0.34 25.23 -91.02
N ASP I 407 1.53 25.85 -90.96
CA ASP I 407 1.97 26.62 -89.81
C ASP I 407 2.64 27.90 -90.32
N ASP I 408 2.02 29.06 -90.05
CA ASP I 408 2.55 30.31 -90.58
C ASP I 408 3.85 30.70 -89.89
N ASN I 409 4.01 30.32 -88.62
CA ASN I 409 5.19 30.66 -87.84
C ASN I 409 6.33 29.69 -88.05
N LEU I 410 6.09 28.54 -88.70
CA LEU I 410 7.16 27.67 -89.16
C LEU I 410 7.96 28.31 -90.29
N LEU I 411 7.33 29.24 -91.02
CA LEU I 411 7.99 29.91 -92.15
C LEU I 411 9.14 30.83 -91.75
N PRO I 412 8.99 31.84 -90.83
CA PRO I 412 10.15 32.74 -90.60
C PRO I 412 11.12 32.23 -89.55
N LEU I 413 11.04 30.94 -89.20
CA LEU I 413 11.96 30.36 -88.24
C LEU I 413 13.39 30.29 -88.77
N LEU I 414 13.57 30.31 -90.09
CA LEU I 414 14.88 30.35 -90.69
C LEU I 414 15.06 31.65 -91.48
N ASN I 415 16.30 31.87 -91.89
CA ASN I 415 16.65 32.70 -93.04
C ASN I 415 17.60 31.88 -93.90
N LEU I 416 18.04 32.44 -95.02
CA LEU I 416 19.00 31.77 -95.88
C LEU I 416 20.27 32.59 -95.93
N THR I 417 21.40 31.93 -96.13
CA THR I 417 22.69 32.58 -96.19
C THR I 417 23.41 32.18 -97.46
N ILE I 418 24.22 33.09 -97.98
CA ILE I 418 25.08 32.82 -99.14
C ILE I 418 26.29 33.74 -98.96
N ARG I 442 28.99 32.43 -101.57
CA ARG I 442 30.24 32.86 -100.98
C ARG I 442 30.41 34.37 -101.15
N GLU I 443 31.55 34.81 -101.67
CA GLU I 443 31.74 36.25 -101.92
C GLU I 443 31.28 36.59 -103.33
N ALA I 444 31.98 36.06 -104.35
CA ALA I 444 31.58 36.11 -105.76
C ALA I 444 32.39 35.13 -106.60
N PRO I 445 32.20 33.79 -106.49
CA PRO I 445 33.04 32.89 -107.29
C PRO I 445 32.77 32.93 -108.79
N THR I 446 31.62 32.43 -109.24
CA THR I 446 31.12 32.66 -110.59
C THR I 446 29.62 32.87 -110.58
N SER I 447 28.95 32.31 -109.57
CA SER I 447 27.50 32.11 -109.60
C SER I 447 26.98 31.93 -108.19
N GLY I 448 25.67 32.15 -108.04
CA GLY I 448 25.05 32.04 -106.73
C GLY I 448 24.69 30.61 -106.35
N TRP I 449 24.36 29.78 -107.34
CA TRP I 449 24.07 28.38 -107.06
C TRP I 449 25.34 27.64 -106.68
N ALA I 450 25.17 26.60 -105.86
CA ALA I 450 26.24 25.83 -105.21
C ALA I 450 27.15 26.72 -104.35
N ALA I 451 26.60 27.82 -103.83
CA ALA I 451 27.33 28.65 -102.87
C ALA I 451 26.40 29.17 -101.79
N LEU I 452 25.13 28.76 -101.76
CA LEU I 452 24.13 29.25 -100.84
C LEU I 452 23.91 28.23 -99.73
N GLY I 453 23.25 28.67 -98.66
CA GLY I 453 22.99 27.82 -97.52
C GLY I 453 21.75 28.18 -96.73
N LEU I 454 21.63 27.65 -95.51
CA LEU I 454 20.44 27.86 -94.69
C LEU I 454 20.86 27.97 -93.23
N SER I 455 20.26 28.93 -92.53
CA SER I 455 20.38 29.07 -91.08
C SER I 455 19.02 28.81 -90.44
N TYR I 456 18.88 27.65 -89.82
CA TYR I 456 17.73 27.34 -88.97
C TYR I 456 18.24 27.30 -87.54
N LYS I 457 18.09 28.41 -86.83
CA LYS I 457 18.54 28.45 -85.44
C LYS I 457 17.52 27.78 -84.54
N VAL I 458 18.00 27.35 -83.38
CA VAL I 458 17.29 26.46 -82.49
C VAL I 458 17.20 27.05 -81.09
N GLN I 459 16.09 26.78 -80.41
CA GLN I 459 15.74 27.33 -79.11
C GLN I 459 16.42 26.57 -77.97
N TRP I 460 15.86 26.68 -76.77
CA TRP I 460 16.33 26.04 -75.54
C TRP I 460 16.27 24.49 -75.67
N PRO I 461 16.60 23.71 -74.62
CA PRO I 461 17.79 22.83 -74.65
C PRO I 461 17.94 21.81 -75.78
N LEU I 462 17.08 21.82 -76.81
CA LEU I 462 17.31 21.10 -78.06
C LEU I 462 18.68 21.38 -78.68
N HIS I 463 19.30 22.54 -78.41
CA HIS I 463 20.61 22.88 -78.97
C HIS I 463 21.74 21.98 -78.48
N ILE I 464 21.56 21.25 -77.38
CA ILE I 464 22.59 20.30 -76.97
C ILE I 464 22.58 19.07 -77.87
N LEU I 465 21.47 18.82 -78.58
CA LEU I 465 21.42 17.79 -79.60
C LEU I 465 21.90 18.30 -80.95
N PHE I 466 21.96 19.62 -81.14
CA PHE I 466 22.36 20.23 -82.40
C PHE I 466 23.43 21.28 -82.12
N THR I 467 24.69 20.85 -82.06
CA THR I 467 25.80 21.78 -81.91
C THR I 467 25.98 22.59 -83.19
N PRO I 468 26.51 23.82 -83.10
CA PRO I 468 26.75 24.62 -84.31
C PRO I 468 27.74 24.02 -85.32
N ALA I 469 28.47 22.98 -84.95
CA ALA I 469 29.23 22.23 -85.95
C ALA I 469 28.31 21.52 -86.94
N VAL I 470 27.39 20.69 -86.42
CA VAL I 470 26.68 19.74 -87.26
C VAL I 470 25.52 20.33 -88.07
N LEU I 471 25.13 21.58 -87.85
CA LEU I 471 24.22 22.20 -88.81
C LEU I 471 24.93 22.60 -90.10
N GLU I 472 26.25 22.82 -90.05
CA GLU I 472 26.98 22.92 -91.30
C GLU I 472 27.04 21.57 -92.01
N LYS I 473 27.05 20.48 -91.25
CA LYS I 473 27.07 19.15 -91.84
C LYS I 473 25.73 18.79 -92.47
N TYR I 474 24.64 19.37 -91.99
CA TYR I 474 23.35 19.26 -92.65
C TYR I 474 23.20 20.23 -93.81
N ASN I 475 23.78 21.42 -93.69
CA ASN I 475 23.66 22.46 -94.71
C ASN I 475 24.54 22.18 -95.93
N VAL I 476 25.60 21.39 -95.77
CA VAL I 476 26.52 21.18 -96.88
C VAL I 476 25.93 20.20 -97.90
N VAL I 477 25.10 19.25 -97.47
CA VAL I 477 24.40 18.39 -98.40
C VAL I 477 23.11 19.06 -98.88
N PHE I 478 22.60 20.02 -98.10
CA PHE I 478 21.38 20.76 -98.47
C PHE I 478 21.56 21.55 -99.76
N LYS I 479 22.72 22.21 -99.94
CA LYS I 479 22.98 22.88 -101.21
C LYS I 479 23.29 21.88 -102.32
N TYR I 480 23.68 20.65 -101.96
CA TYR I 480 23.88 19.60 -102.95
C TYR I 480 22.57 18.95 -103.38
N LEU I 481 21.59 18.85 -102.47
CA LEU I 481 20.33 18.23 -102.84
C LEU I 481 19.41 19.17 -103.62
N LEU I 482 19.50 20.47 -103.38
CA LEU I 482 18.77 21.41 -104.23
C LEU I 482 19.43 21.58 -105.59
N SER I 483 20.73 21.29 -105.68
CA SER I 483 21.41 21.34 -106.97
C SER I 483 20.93 20.23 -107.90
N VAL I 484 20.53 19.09 -107.34
CA VAL I 484 19.97 18.01 -108.13
C VAL I 484 18.44 18.02 -108.10
N ARG I 485 17.83 19.02 -107.46
CA ARG I 485 16.46 19.39 -107.79
C ARG I 485 16.43 20.34 -108.97
N ARG I 486 17.42 21.22 -109.06
CA ARG I 486 17.46 22.21 -110.14
C ARG I 486 17.82 21.56 -111.47
N VAL I 487 18.89 20.75 -111.48
CA VAL I 487 19.32 20.12 -112.73
C VAL I 487 18.38 18.99 -113.13
N GLN I 488 17.62 18.43 -112.19
CA GLN I 488 16.56 17.50 -112.57
C GLN I 488 15.39 18.27 -113.19
N SER I 489 15.01 19.40 -112.59
CA SER I 489 13.94 20.21 -113.15
C SER I 489 14.35 20.99 -114.38
N GLU I 490 15.66 21.29 -114.55
CA GLU I 490 16.09 21.92 -115.79
C GLU I 490 16.10 20.93 -116.94
N LEU I 491 16.49 19.67 -116.66
CA LEU I 491 16.33 18.61 -117.64
C LEU I 491 14.87 18.25 -117.86
N GLN I 492 14.01 18.59 -116.92
CA GLN I 492 12.56 18.41 -117.04
C GLN I 492 11.91 19.52 -117.86
N HIS I 493 12.58 20.68 -118.00
CA HIS I 493 12.05 21.79 -118.77
C HIS I 493 12.59 21.86 -120.19
N CYS I 494 13.88 21.54 -120.40
CA CYS I 494 14.36 21.47 -121.78
C CYS I 494 13.85 20.22 -122.48
N TRP I 495 13.48 19.19 -121.73
CA TRP I 495 12.63 18.15 -122.28
C TRP I 495 11.29 18.71 -122.70
N ALA I 496 10.70 19.59 -121.87
CA ALA I 496 9.35 20.10 -122.08
C ALA I 496 9.23 21.07 -123.25
N LEU I 497 10.33 21.40 -123.93
CA LEU I 497 10.29 22.23 -125.11
C LEU I 497 10.07 21.42 -126.39
N GLN I 498 10.49 20.16 -126.41
CA GLN I 498 10.46 19.32 -127.61
C GLN I 498 9.41 18.22 -127.50
N MET I 499 8.26 18.55 -126.93
CA MET I 499 7.21 17.56 -126.75
C MET I 499 6.36 17.34 -127.98
N GLN I 500 6.12 18.39 -128.76
CA GLN I 500 5.23 18.35 -129.89
C GLN I 500 6.01 18.36 -131.19
N ARG I 501 5.35 17.93 -132.27
CA ARG I 501 5.98 17.87 -133.59
C ARG I 501 6.24 19.26 -134.15
N LYS I 502 5.45 20.26 -133.73
CA LYS I 502 5.64 21.61 -134.22
C LYS I 502 6.91 22.26 -133.71
N HIS I 503 7.45 21.78 -132.59
CA HIS I 503 8.78 22.17 -132.13
C HIS I 503 9.83 21.10 -132.42
N LEU I 504 9.45 20.02 -133.08
CA LEU I 504 10.34 18.90 -133.37
C LEU I 504 10.75 18.91 -134.84
N GLU I 505 12.04 18.78 -135.10
CA GLU I 505 12.53 18.60 -136.46
C GLU I 505 12.76 17.11 -136.72
N SER I 506 12.37 16.67 -137.91
CA SER I 506 12.48 15.26 -138.29
C SER I 506 13.83 14.92 -138.90
N ASN I 507 14.85 15.73 -138.65
CA ASN I 507 16.19 15.44 -139.14
C ASN I 507 16.88 14.41 -138.26
N LYS I 508 17.97 13.85 -138.77
CA LYS I 508 18.77 12.92 -137.99
C LYS I 508 19.64 13.63 -136.96
N THR I 509 19.84 14.94 -137.10
CA THR I 509 20.52 15.72 -136.06
C THR I 509 19.68 15.78 -134.79
N ASP I 510 18.36 15.69 -134.90
CA ASP I 510 17.52 15.57 -133.72
C ASP I 510 17.65 14.18 -133.11
N ALA I 511 17.80 13.15 -133.94
CA ALA I 511 17.85 11.78 -133.44
C ALA I 511 19.14 11.47 -132.70
N ILE I 512 20.24 12.16 -133.03
CA ILE I 512 21.47 11.99 -132.26
C ILE I 512 21.47 12.90 -131.03
N LYS I 513 20.68 13.99 -131.05
CA LYS I 513 20.39 14.73 -129.83
C LYS I 513 19.58 13.92 -128.83
N TRP I 514 18.83 12.93 -129.30
CA TRP I 514 17.69 12.42 -128.56
C TRP I 514 17.98 11.14 -127.81
N ARG I 515 18.93 10.33 -128.28
CA ARG I 515 19.36 9.14 -127.54
C ARG I 515 20.17 9.52 -126.31
N LEU I 516 20.68 10.75 -126.26
CA LEU I 516 21.49 11.23 -125.15
C LEU I 516 20.64 11.55 -123.93
N GLN I 517 19.54 12.27 -124.13
CA GLN I 517 18.67 12.61 -123.01
C GLN I 517 17.93 11.40 -122.47
N ASN I 518 17.68 10.40 -123.31
CA ASN I 518 17.15 9.12 -122.83
C ASN I 518 18.19 8.36 -122.02
N HIS I 519 19.47 8.71 -122.16
CA HIS I 519 20.54 8.21 -121.32
C HIS I 519 20.82 9.13 -120.13
N MET I 520 20.65 10.44 -120.28
CA MET I 520 21.06 11.41 -119.26
C MET I 520 19.93 11.87 -118.36
N ALA I 521 18.73 12.12 -118.90
CA ALA I 521 17.61 12.44 -118.02
C ALA I 521 17.07 11.19 -117.31
N PHE I 522 17.44 10.00 -117.78
CA PHE I 522 17.16 8.78 -117.04
C PHE I 522 18.11 8.59 -115.88
N LEU I 523 19.22 9.34 -115.85
CA LEU I 523 20.20 9.18 -114.79
C LEU I 523 19.72 9.87 -113.51
N VAL I 524 19.45 11.17 -113.57
CA VAL I 524 19.12 11.94 -112.37
C VAL I 524 17.75 11.60 -111.82
N ASP I 525 16.87 11.02 -112.64
CA ASP I 525 15.62 10.47 -112.13
C ASP I 525 15.81 9.09 -111.52
N ASN I 526 17.01 8.50 -111.66
CA ASN I 526 17.37 7.23 -111.05
C ASN I 526 18.47 7.38 -110.00
N LEU I 527 19.57 8.02 -110.37
CA LEU I 527 20.74 8.11 -109.47
C LEU I 527 20.43 8.95 -108.24
N GLN I 528 19.82 10.11 -108.42
CA GLN I 528 19.44 10.94 -107.28
C GLN I 528 18.10 10.54 -106.68
N TYR I 529 17.42 9.52 -107.21
CA TYR I 529 16.23 9.02 -106.53
C TYR I 529 16.59 7.88 -105.60
N TYR I 530 17.21 6.82 -106.13
CA TYR I 530 17.53 5.65 -105.32
C TYR I 530 18.59 5.95 -104.27
N LEU I 531 19.41 6.97 -104.48
CA LEU I 531 20.18 7.55 -103.38
C LEU I 531 19.23 8.16 -102.37
N GLN I 532 18.50 9.20 -102.75
CA GLN I 532 17.89 10.10 -101.78
C GLN I 532 16.70 9.46 -101.07
N VAL I 533 15.94 8.62 -101.76
CA VAL I 533 14.81 8.02 -101.06
C VAL I 533 15.27 6.91 -100.13
N ASP I 534 16.29 6.13 -100.49
CA ASP I 534 16.77 5.08 -99.61
C ASP I 534 17.68 5.61 -98.50
N VAL I 535 18.25 6.79 -98.69
CA VAL I 535 18.90 7.49 -97.59
C VAL I 535 17.87 7.89 -96.53
N LEU I 536 16.67 8.31 -96.95
CA LEU I 536 15.74 8.84 -95.95
C LEU I 536 14.98 7.73 -95.23
N GLU I 537 14.49 6.70 -95.94
CA GLU I 537 13.42 5.86 -95.38
C GLU I 537 13.89 4.93 -94.25
N SER I 538 14.85 4.02 -94.48
CA SER I 538 15.26 3.20 -93.34
C SER I 538 16.47 3.74 -92.59
N GLN I 539 16.75 5.04 -92.72
CA GLN I 539 17.50 5.75 -91.68
C GLN I 539 16.59 6.56 -90.78
N PHE I 540 15.45 7.04 -91.30
CA PHE I 540 14.39 7.56 -90.44
C PHE I 540 13.71 6.45 -89.65
N SER I 541 13.78 5.20 -90.13
CA SER I 541 13.02 4.12 -89.53
C SER I 541 13.56 3.72 -88.17
N GLN I 542 14.89 3.66 -88.03
CA GLN I 542 15.47 3.23 -86.77
C GLN I 542 15.55 4.33 -85.73
N LEU I 543 15.52 5.60 -86.15
CA LEU I 543 15.45 6.69 -85.19
C LEU I 543 14.13 6.69 -84.45
N LEU I 544 13.02 6.56 -85.19
CA LEU I 544 11.69 6.53 -84.59
C LEU I 544 11.50 5.27 -83.74
N GLN I 545 12.17 4.18 -84.10
CA GLN I 545 12.09 2.96 -83.31
C GLN I 545 13.00 2.98 -82.09
N GLN I 546 14.06 3.81 -82.10
CA GLN I 546 14.94 3.88 -80.95
C GLN I 546 14.39 4.81 -79.88
N ILE I 547 13.83 5.95 -80.27
CA ILE I 547 13.31 6.91 -79.31
C ILE I 547 11.99 6.46 -78.71
N ASN I 548 11.34 5.47 -79.30
CA ASN I 548 10.14 4.87 -78.74
C ASN I 548 10.44 3.65 -77.89
N SER I 549 11.72 3.30 -77.71
CA SER I 549 12.10 2.07 -77.02
C SER I 549 13.31 2.23 -76.11
N THR I 550 13.77 3.46 -75.84
CA THR I 550 14.94 3.67 -75.02
C THR I 550 14.78 4.93 -74.18
N ARG I 551 14.83 4.76 -72.86
CA ARG I 551 14.77 5.88 -71.92
C ARG I 551 16.18 6.21 -71.44
N ASP I 552 16.95 6.84 -72.32
CA ASP I 552 18.35 7.14 -72.06
C ASP I 552 18.77 8.27 -73.01
N PHE I 553 19.74 9.07 -72.58
CA PHE I 553 20.03 10.31 -73.29
C PHE I 553 21.13 10.20 -74.35
N GLU I 554 22.36 9.87 -73.95
CA GLU I 554 23.46 9.84 -74.90
C GLU I 554 23.40 8.67 -75.86
N SER I 555 22.71 7.59 -75.50
CA SER I 555 22.57 6.48 -76.43
C SER I 555 21.59 6.81 -77.55
N ILE I 556 20.58 7.63 -77.25
CA ILE I 556 19.74 8.20 -78.30
C ILE I 556 20.52 9.26 -79.07
N ARG I 557 21.34 10.04 -78.36
CA ARG I 557 22.01 11.19 -78.98
C ARG I 557 23.07 10.78 -79.99
N LEU I 558 23.96 9.87 -79.61
CA LEU I 558 25.02 9.48 -80.53
C LEU I 558 24.50 8.50 -81.59
N ALA I 559 23.31 7.93 -81.39
CA ALA I 559 22.65 7.19 -82.46
C ALA I 559 22.15 8.11 -83.56
N HIS I 560 21.76 9.34 -83.23
CA HIS I 560 21.48 10.29 -84.30
C HIS I 560 22.75 10.94 -84.83
N ASP I 561 23.88 10.73 -84.14
CA ASP I 561 25.18 11.08 -84.71
C ASP I 561 25.62 10.02 -85.72
N HIS I 562 25.30 8.76 -85.45
CA HIS I 562 25.54 7.70 -86.44
C HIS I 562 24.54 7.78 -87.58
N PHE I 563 23.36 8.36 -87.32
CA PHE I 563 22.40 8.66 -88.38
C PHE I 563 22.96 9.64 -89.40
N LEU I 564 23.46 10.79 -88.93
CA LEU I 564 23.91 11.84 -89.85
C LEU I 564 25.17 11.43 -90.60
N SER I 565 26.07 10.69 -89.96
CA SER I 565 27.29 10.25 -90.62
C SER I 565 27.04 9.16 -91.65
N ASN I 566 25.90 8.48 -91.56
CA ASN I 566 25.54 7.53 -92.62
C ASN I 566 24.95 8.26 -93.82
N LEU I 567 24.21 9.34 -93.59
CA LEU I 567 23.64 10.10 -94.70
C LEU I 567 24.72 10.82 -95.49
N LEU I 568 25.70 11.40 -94.79
CA LEU I 568 26.78 12.10 -95.46
C LEU I 568 27.89 11.18 -95.95
N ALA I 569 27.72 9.86 -95.83
CA ALA I 569 28.67 8.91 -96.42
C ALA I 569 28.10 8.26 -97.67
N GLN I 570 26.79 7.98 -97.69
CA GLN I 570 26.15 7.48 -98.89
C GLN I 570 26.07 8.55 -99.97
N SER I 571 25.98 9.81 -99.57
CA SER I 571 25.76 10.93 -100.48
C SER I 571 27.06 11.60 -100.90
N PHE I 572 28.19 10.92 -100.70
CA PHE I 572 29.53 11.48 -100.85
C PHE I 572 30.42 10.59 -101.73
N ILE I 573 29.82 9.64 -102.45
CA ILE I 573 30.25 8.25 -102.62
C ILE I 573 31.77 8.05 -102.59
N LEU I 574 32.53 8.87 -103.32
CA LEU I 574 33.98 8.87 -103.19
C LEU I 574 34.47 10.31 -103.28
N LEU I 575 35.59 10.58 -102.59
CA LEU I 575 36.05 11.94 -102.33
C LEU I 575 36.43 12.70 -103.60
N LYS I 576 37.51 12.31 -104.29
CA LYS I 576 37.82 13.02 -105.53
C LYS I 576 37.00 12.51 -106.72
N PRO I 577 37.08 11.19 -107.16
CA PRO I 577 36.56 10.85 -108.51
C PRO I 577 35.05 10.91 -108.68
N VAL I 578 34.28 10.24 -107.83
CA VAL I 578 32.84 10.10 -108.06
C VAL I 578 32.12 11.43 -107.85
N PHE I 579 32.57 12.24 -106.89
CA PHE I 579 31.99 13.57 -106.74
C PHE I 579 32.42 14.48 -107.89
N HIS I 580 33.62 14.25 -108.45
CA HIS I 580 33.99 14.95 -109.68
C HIS I 580 33.30 14.30 -110.87
N CYS I 581 33.05 13.00 -110.83
CA CYS I 581 32.26 12.40 -111.91
C CYS I 581 30.81 12.86 -111.85
N LEU I 582 30.27 13.05 -110.63
CA LEU I 582 28.87 13.40 -110.51
C LEU I 582 28.64 14.87 -110.84
N ASN I 583 29.57 15.76 -110.46
CA ASN I 583 29.32 17.15 -110.84
C ASN I 583 29.62 17.37 -112.32
N GLU I 584 30.40 16.50 -112.93
CA GLU I 584 30.64 16.58 -114.36
C GLU I 584 29.42 16.08 -115.13
N ILE I 585 28.60 15.22 -114.50
CA ILE I 585 27.34 14.81 -115.09
C ILE I 585 26.38 15.98 -115.16
N LEU I 586 26.21 16.68 -114.02
CA LEU I 586 25.24 17.77 -113.96
C LEU I 586 25.71 19.02 -114.69
N GLU I 587 27.02 19.16 -114.95
CA GLU I 587 27.43 20.27 -115.82
C GLU I 587 27.14 19.95 -117.28
N LEU I 588 27.30 18.69 -117.68
CA LEU I 588 27.27 18.34 -119.09
C LEU I 588 25.84 18.26 -119.61
N CYS I 589 24.88 17.94 -118.76
CA CYS I 589 23.47 18.05 -119.14
C CYS I 589 22.90 19.43 -118.85
N HIS I 590 23.67 20.31 -118.20
CA HIS I 590 23.23 21.70 -118.06
C HIS I 590 23.43 22.48 -119.35
N SER I 591 24.46 22.15 -120.14
CA SER I 591 24.57 22.69 -121.48
C SER I 591 23.65 21.97 -122.48
N PHE I 592 23.01 20.87 -122.08
CA PHE I 592 21.95 20.33 -122.90
C PHE I 592 20.65 21.11 -122.70
N CYS I 593 20.51 21.76 -121.55
CA CYS I 593 19.45 22.76 -121.38
C CYS I 593 19.69 23.95 -122.32
N SER I 594 20.87 24.58 -122.21
CA SER I 594 21.15 25.80 -122.96
C SER I 594 21.36 25.57 -124.45
N LEU I 595 21.48 24.31 -124.89
CA LEU I 595 21.49 24.03 -126.32
C LEU I 595 20.08 23.92 -126.87
N VAL I 596 19.19 23.24 -126.14
CA VAL I 596 17.82 23.03 -126.60
C VAL I 596 17.03 24.34 -126.53
N SER I 597 17.39 25.23 -125.60
CA SER I 597 16.64 26.45 -125.30
C SER I 597 16.66 27.50 -126.41
N GLN I 598 17.32 27.25 -127.54
CA GLN I 598 17.26 28.15 -128.68
C GLN I 598 15.96 27.92 -129.45
N ASN I 599 15.58 28.91 -130.26
CA ASN I 599 14.41 28.80 -131.13
C ASN I 599 14.68 27.80 -132.24
N LEU I 600 13.96 26.68 -132.22
CA LEU I 600 14.04 25.59 -133.19
C LEU I 600 15.47 25.03 -133.26
N GLY I 601 15.85 24.43 -132.14
CA GLY I 601 17.18 23.93 -131.89
C GLY I 601 17.79 22.98 -132.90
N PRO I 602 17.20 21.78 -133.08
CA PRO I 602 17.83 20.76 -133.94
C PRO I 602 17.88 21.05 -135.43
N LEU I 603 17.43 22.21 -135.91
CA LEU I 603 17.59 22.56 -137.32
C LEU I 603 18.67 23.62 -137.53
N ASP I 604 19.38 24.02 -136.49
CA ASP I 604 20.44 25.01 -136.60
C ASP I 604 21.79 24.34 -136.76
N GLU I 605 22.71 25.03 -137.44
CA GLU I 605 24.07 24.53 -137.57
C GLU I 605 24.81 24.64 -136.23
N ARG I 606 24.55 25.71 -135.49
CA ARG I 606 25.05 25.82 -134.12
C ARG I 606 24.33 24.85 -133.18
N GLY I 607 23.12 24.39 -133.55
CA GLY I 607 22.45 23.39 -132.76
C GLY I 607 23.13 22.04 -132.83
N ALA I 608 23.67 21.69 -134.00
CA ALA I 608 24.44 20.46 -134.15
C ALA I 608 25.91 20.65 -133.85
N GLY I 609 26.41 21.88 -133.93
CA GLY I 609 27.82 22.15 -133.65
C GLY I 609 28.14 22.14 -132.17
N GLN I 610 27.28 22.76 -131.36
CA GLN I 610 27.38 22.67 -129.92
C GLN I 610 27.09 21.25 -129.43
N LEU I 611 26.32 20.49 -130.20
CA LEU I 611 25.92 19.14 -129.80
C LEU I 611 27.11 18.19 -129.83
N ASP I 612 28.00 18.33 -130.82
CA ASP I 612 29.06 17.36 -131.08
C ASP I 612 30.07 17.27 -129.93
N ILE I 613 30.28 18.39 -129.21
CA ILE I 613 31.08 18.34 -128.00
C ILE I 613 30.33 17.56 -126.91
N LEU I 614 29.01 17.69 -126.86
CA LEU I 614 28.23 17.06 -125.80
C LEU I 614 28.05 15.55 -126.02
N VAL I 615 28.05 15.08 -127.27
CA VAL I 615 28.00 13.63 -127.50
C VAL I 615 29.31 12.95 -127.14
N LYS I 616 30.40 13.72 -127.00
CA LYS I 616 31.60 13.16 -126.40
C LYS I 616 31.48 13.13 -124.88
N GLY I 617 31.10 14.27 -124.29
CA GLY I 617 31.07 14.42 -122.84
C GLY I 617 30.02 13.58 -122.14
N PHE I 618 28.98 13.14 -122.84
CA PHE I 618 28.00 12.26 -122.23
C PHE I 618 28.55 10.84 -122.08
N SER I 619 29.28 10.36 -123.09
CA SER I 619 30.00 9.10 -122.97
C SER I 619 31.35 9.26 -122.29
N CYS I 620 31.75 10.49 -121.96
CA CYS I 620 32.79 10.67 -120.97
C CYS I 620 32.30 10.39 -119.56
N GLN I 621 30.97 10.42 -119.35
CA GLN I 621 30.37 10.24 -118.04
C GLN I 621 29.86 8.83 -117.81
N SER I 622 29.31 8.19 -118.84
CA SER I 622 28.89 6.79 -118.70
C SER I 622 30.10 5.87 -118.61
N SER I 623 31.19 6.21 -119.31
CA SER I 623 32.41 5.42 -119.23
C SER I 623 33.18 5.69 -117.95
N LEU I 624 33.05 6.88 -117.38
CA LEU I 624 33.61 7.12 -116.06
C LEU I 624 32.74 6.51 -114.97
N LEU I 625 31.43 6.43 -115.18
CA LEU I 625 30.57 5.60 -114.34
C LEU I 625 30.90 4.13 -114.50
N PHE I 626 31.35 3.74 -115.69
CA PHE I 626 31.80 2.36 -115.93
C PHE I 626 33.09 2.06 -115.20
N ARG I 627 33.93 3.08 -114.96
CA ARG I 627 35.20 2.86 -114.28
C ARG I 627 35.03 2.63 -112.79
N ILE I 628 33.96 3.18 -112.20
CA ILE I 628 33.72 2.96 -110.77
C ILE I 628 33.15 1.57 -110.54
N LEU I 629 32.40 1.03 -111.53
CA LEU I 629 31.77 -0.27 -111.37
C LEU I 629 32.79 -1.40 -111.34
N SER I 630 33.95 -1.22 -111.97
CA SER I 630 35.04 -2.17 -111.83
C SER I 630 35.70 -2.11 -110.47
N SER I 631 35.69 -0.93 -109.82
CA SER I 631 36.13 -0.82 -108.44
C SER I 631 35.05 -1.29 -107.47
N VAL I 632 33.81 -1.41 -107.92
CA VAL I 632 32.73 -1.92 -107.09
C VAL I 632 32.72 -3.45 -107.12
N ARG I 633 33.03 -4.05 -108.28
CA ARG I 633 33.10 -5.50 -108.35
C ARG I 633 34.38 -6.02 -107.68
N ASN I 634 35.54 -5.52 -108.10
CA ASN I 634 36.80 -5.83 -107.42
C ASN I 634 36.75 -5.06 -106.11
N HIS I 635 36.27 -5.71 -105.06
CA HIS I 635 35.67 -5.03 -103.91
C HIS I 635 36.42 -5.29 -102.61
N GLN I 636 37.29 -4.35 -102.21
CA GLN I 636 37.54 -4.10 -100.80
C GLN I 636 37.48 -2.57 -100.63
N ILE I 637 36.27 -2.01 -100.60
CA ILE I 637 36.16 -0.60 -100.25
C ILE I 637 35.03 -0.29 -99.25
N ASN I 638 33.77 -0.58 -99.63
CA ASN I 638 32.59 -0.14 -98.86
C ASN I 638 31.32 -0.85 -99.35
N PRO I 639 30.53 -1.47 -98.45
CA PRO I 639 29.34 -2.19 -98.91
C PRO I 639 28.16 -1.29 -99.28
N ASP I 640 27.95 -0.21 -98.53
CA ASP I 640 26.81 0.68 -98.82
C ASP I 640 27.07 1.50 -100.08
N LEU I 641 28.34 1.71 -100.42
CA LEU I 641 28.70 2.25 -101.72
C LEU I 641 28.34 1.28 -102.83
N ALA I 642 28.62 -0.01 -102.62
CA ALA I 642 28.44 -1.01 -103.66
C ALA I 642 26.99 -1.41 -103.86
N GLN I 643 26.19 -1.43 -102.78
CA GLN I 643 24.80 -1.84 -102.91
C GLN I 643 23.97 -0.79 -103.64
N LEU I 644 24.28 0.48 -103.44
CA LEU I 644 23.54 1.55 -104.10
C LEU I 644 23.93 1.70 -105.56
N LEU I 645 25.24 1.72 -105.85
CA LEU I 645 25.70 1.99 -107.20
C LEU I 645 25.41 0.83 -108.15
N LEU I 646 25.32 -0.39 -107.63
CA LEU I 646 24.85 -1.49 -108.47
C LEU I 646 23.34 -1.47 -108.62
N ARG I 647 22.62 -0.93 -107.63
CA ARG I 647 21.16 -0.86 -107.71
C ARG I 647 20.71 0.05 -108.84
N LEU I 648 21.41 1.15 -109.06
CA LEU I 648 21.17 1.94 -110.27
C LEU I 648 21.75 1.28 -111.50
N ASP I 649 22.70 0.35 -111.35
CA ASP I 649 23.39 -0.20 -112.51
C ASP I 649 22.64 -1.37 -113.14
N TYR I 650 22.00 -2.24 -112.36
CA TYR I 650 21.02 -3.12 -112.98
C TYR I 650 19.74 -2.37 -113.33
N ASN I 651 19.51 -1.22 -112.73
CA ASN I 651 18.52 -0.30 -113.26
C ASN I 651 19.06 0.51 -114.43
N LYS I 652 20.38 0.45 -114.68
CA LYS I 652 20.91 0.97 -115.94
C LYS I 652 21.06 -0.13 -116.98
N TYR I 653 21.93 -1.11 -116.74
CA TYR I 653 22.25 -2.07 -117.80
C TYR I 653 21.16 -3.10 -118.01
N TYR I 654 20.23 -3.22 -117.08
CA TYR I 654 18.94 -3.85 -117.34
C TYR I 654 17.88 -2.79 -117.07
N LEU J 209 102.71 -22.50 59.34
CA LEU J 209 101.42 -22.46 60.03
C LEU J 209 100.15 -22.50 59.13
N PRO J 210 100.10 -21.81 57.97
CA PRO J 210 98.90 -22.00 57.12
C PRO J 210 98.80 -23.37 56.46
N SER J 211 99.92 -24.07 56.24
CA SER J 211 99.82 -25.45 55.78
C SER J 211 99.30 -26.35 56.90
N GLN J 212 99.73 -26.09 58.13
CA GLN J 212 99.21 -26.81 59.28
C GLN J 212 97.77 -26.44 59.55
N GLU J 213 97.39 -25.21 59.24
CA GLU J 213 96.01 -24.76 59.43
C GLU J 213 95.08 -25.43 58.43
N THR J 214 95.45 -25.44 57.15
CA THR J 214 94.66 -26.12 56.14
C THR J 214 94.73 -27.63 56.29
N CYS J 215 95.77 -28.15 56.94
CA CYS J 215 95.77 -29.55 57.35
C CYS J 215 94.66 -29.81 58.37
N LEU J 216 94.60 -28.99 59.41
CA LEU J 216 93.55 -29.12 60.41
C LEU J 216 92.17 -28.72 59.87
N VAL J 217 92.12 -27.97 58.77
CA VAL J 217 90.87 -27.79 58.04
C VAL J 217 90.44 -29.13 57.45
N GLU J 218 91.34 -29.80 56.74
CA GLU J 218 91.02 -31.08 56.09
C GLU J 218 90.72 -32.16 57.11
N ASP J 219 91.50 -32.22 58.19
CA ASP J 219 91.34 -33.29 59.16
C ASP J 219 90.03 -33.17 59.93
N LEU J 220 89.50 -31.94 60.05
CA LEU J 220 88.17 -31.77 60.62
C LEU J 220 87.10 -32.40 59.73
N LEU J 221 87.33 -32.42 58.41
CA LEU J 221 86.30 -32.86 57.47
C LEU J 221 86.09 -34.36 57.56
N TYR J 222 87.18 -35.10 57.80
CA TYR J 222 87.08 -36.53 58.03
C TYR J 222 86.39 -36.79 59.34
N ILE J 223 86.64 -35.94 60.32
CA ILE J 223 85.95 -36.04 61.58
C ILE J 223 84.47 -35.68 61.36
N LEU J 224 84.18 -34.68 60.50
CA LEU J 224 82.83 -34.16 60.27
C LEU J 224 81.86 -35.17 59.67
N ILE J 225 82.34 -36.23 59.04
CA ILE J 225 81.47 -37.30 58.57
C ILE J 225 81.36 -38.43 59.60
N GLY J 226 81.71 -38.16 60.85
CA GLY J 226 81.60 -39.14 61.91
C GLY J 226 82.64 -40.23 61.85
N VAL J 227 83.85 -39.90 61.42
CA VAL J 227 84.83 -40.87 60.93
C VAL J 227 86.19 -40.46 61.48
N ASP J 228 87.07 -41.44 61.71
CA ASP J 228 88.46 -41.17 62.10
C ASP J 228 89.18 -40.29 61.09
N GLY J 229 90.05 -39.42 61.59
CA GLY J 229 90.74 -38.46 60.76
C GLY J 229 92.23 -38.74 60.65
N ARG J 230 92.96 -37.74 60.18
CA ARG J 230 94.37 -37.90 59.85
C ARG J 230 95.28 -37.66 61.05
N TYR J 231 95.02 -36.61 61.84
CA TYR J 231 95.81 -36.30 63.01
C TYR J 231 95.03 -36.39 64.31
N ILE J 232 93.80 -36.88 64.27
CA ILE J 232 92.88 -36.79 65.41
C ILE J 232 92.35 -38.17 65.73
N SER J 233 92.57 -38.61 66.96
CA SER J 233 92.41 -39.99 67.37
C SER J 233 91.05 -40.18 68.04
N VAL J 234 90.29 -41.18 67.60
CA VAL J 234 88.93 -41.41 68.07
C VAL J 234 88.84 -42.79 68.69
N GLN J 235 88.07 -42.90 69.79
CA GLN J 235 87.83 -44.17 70.47
C GLN J 235 86.38 -44.26 70.94
N PRO J 236 85.63 -45.27 70.46
CA PRO J 236 84.23 -45.40 70.87
C PRO J 236 84.12 -45.89 72.32
N LEU J 237 83.21 -45.25 73.06
CA LEU J 237 83.04 -45.59 74.48
C LEU J 237 82.18 -46.85 74.64
N VAL J 238 80.92 -46.77 74.23
CA VAL J 238 80.04 -47.94 74.20
C VAL J 238 79.49 -48.03 72.78
N GLY J 239 80.24 -48.69 71.89
CA GLY J 239 79.87 -48.95 70.51
C GLY J 239 79.33 -47.78 69.68
N ARG J 240 80.14 -46.74 69.47
CA ARG J 240 79.92 -45.54 68.68
C ARG J 240 78.92 -44.58 69.34
N GLN J 241 78.28 -44.96 70.46
CA GLN J 241 77.34 -44.08 71.14
C GLN J 241 78.03 -42.85 71.71
N SER J 242 79.23 -43.02 72.25
CA SER J 242 80.11 -41.91 72.59
C SER J 242 81.52 -42.25 72.09
N ARG J 243 82.20 -41.24 71.58
CA ARG J 243 83.54 -41.35 70.99
C ARG J 243 84.27 -40.07 71.36
N SER J 244 85.35 -40.19 72.12
CA SER J 244 86.16 -39.01 72.47
C SER J 244 87.26 -38.84 71.44
N PHE J 245 87.43 -37.62 70.94
CA PHE J 245 88.45 -37.35 69.93
C PHE J 245 89.68 -36.77 70.60
N SER J 246 90.83 -37.04 70.01
CA SER J 246 92.13 -36.65 70.57
C SER J 246 92.97 -35.96 69.51
N VAL J 247 93.07 -34.64 69.59
CA VAL J 247 94.05 -33.92 68.78
C VAL J 247 95.42 -34.13 69.42
N GLU J 248 96.45 -34.28 68.57
CA GLU J 248 97.81 -34.48 69.06
C GLU J 248 98.34 -33.21 69.72
N GLN J 249 99.46 -33.37 70.42
CA GLN J 249 100.10 -32.24 71.08
C GLN J 249 100.79 -31.35 70.05
N ASN J 250 100.06 -30.36 69.54
CA ASN J 250 100.53 -29.51 68.47
C ASN J 250 101.41 -28.38 69.02
N LEU J 251 102.30 -27.88 68.16
CA LEU J 251 103.17 -26.76 68.52
C LEU J 251 102.42 -25.44 68.62
N ASP J 252 101.24 -25.34 68.02
CA ASP J 252 100.35 -24.22 68.25
C ASP J 252 99.52 -24.49 69.50
N SER J 253 99.35 -23.46 70.33
CA SER J 253 98.51 -23.56 71.52
C SER J 253 97.11 -23.05 71.26
N SER J 254 96.56 -23.35 70.08
CA SER J 254 95.16 -23.16 69.75
C SER J 254 94.38 -24.43 70.14
N VAL J 255 94.86 -25.10 71.21
CA VAL J 255 94.32 -26.38 71.66
C VAL J 255 92.87 -26.23 72.11
N LYS J 256 92.49 -25.02 72.53
CA LYS J 256 91.12 -24.80 72.95
C LYS J 256 90.19 -24.71 71.75
N GLU J 257 90.65 -24.06 70.68
CA GLU J 257 89.88 -24.04 69.44
C GLU J 257 89.83 -25.43 68.83
N LEU J 258 90.87 -26.24 69.10
CA LEU J 258 90.81 -27.65 68.75
C LEU J 258 89.78 -28.39 69.60
N VAL J 259 89.70 -28.12 70.91
CA VAL J 259 88.67 -28.83 71.68
C VAL J 259 87.30 -28.19 71.45
N ASN J 260 87.25 -26.93 70.98
CA ASN J 260 85.95 -26.38 70.57
C ASN J 260 85.51 -26.89 69.21
N ARG J 261 86.37 -27.59 68.47
CA ARG J 261 85.81 -28.27 67.30
C ARG J 261 85.64 -29.76 67.60
N ILE J 262 86.31 -30.26 68.64
CA ILE J 262 86.12 -31.66 69.06
C ILE J 262 84.69 -31.87 69.54
N LEU J 263 84.16 -30.95 70.35
CA LEU J 263 82.90 -31.23 71.03
C LEU J 263 81.71 -31.03 70.08
N PRO J 264 81.75 -30.11 69.09
CA PRO J 264 80.78 -30.18 68.01
C PRO J 264 80.64 -31.52 67.35
N VAL J 265 81.73 -32.04 66.80
CA VAL J 265 81.63 -33.27 66.05
C VAL J 265 81.44 -34.45 67.00
N ALA J 266 81.78 -34.25 68.27
CA ALA J 266 81.27 -35.14 69.32
C ALA J 266 79.74 -35.16 69.34
N THR J 267 79.13 -33.99 69.19
CA THR J 267 77.68 -33.93 69.26
C THR J 267 76.99 -34.13 67.89
N ASN J 268 77.77 -34.17 66.78
CA ASN J 268 77.27 -34.76 65.52
C ASN J 268 76.90 -36.22 65.61
N TYR J 269 77.90 -37.11 65.77
CA TYR J 269 77.66 -38.55 65.77
C TYR J 269 76.64 -38.96 66.82
N SER J 270 76.59 -38.23 67.95
CA SER J 270 75.73 -38.66 69.04
C SER J 270 74.29 -38.26 68.79
N THR J 271 74.04 -37.39 67.81
CA THR J 271 72.75 -37.48 67.14
C THR J 271 72.65 -38.79 66.39
N VAL J 272 73.61 -39.05 65.49
CA VAL J 272 73.48 -40.03 64.44
C VAL J 272 73.42 -41.46 65.00
N THR J 273 74.29 -41.78 65.96
CA THR J 273 74.44 -43.16 66.41
C THR J 273 73.22 -43.65 67.20
N ARG J 274 72.65 -42.76 68.01
CA ARG J 274 71.45 -43.06 68.81
C ARG J 274 70.27 -43.45 67.91
N PHE J 275 70.11 -42.77 66.78
CA PHE J 275 68.96 -43.04 65.93
C PHE J 275 69.18 -44.19 64.96
N VAL J 276 70.44 -44.46 64.58
CA VAL J 276 70.68 -45.66 63.78
C VAL J 276 70.65 -46.90 64.67
N GLU J 277 70.86 -46.72 65.98
CA GLU J 277 70.64 -47.82 66.91
C GLU J 277 69.16 -48.02 67.17
N GLU J 278 68.38 -46.93 67.11
CA GLU J 278 66.94 -47.02 67.35
C GLU J 278 66.23 -47.74 66.22
N ASN J 279 66.37 -47.23 64.99
CA ASN J 279 65.56 -47.71 63.87
C ASN J 279 65.92 -49.13 63.43
N SER J 280 67.08 -49.63 63.81
CA SER J 280 67.55 -50.93 63.37
C SER J 280 67.21 -52.05 64.36
N SER J 281 66.76 -51.72 65.57
CA SER J 281 66.57 -52.74 66.59
C SER J 281 65.30 -52.59 67.43
N PHE J 282 64.49 -51.55 67.20
CA PHE J 282 63.33 -51.31 68.07
C PHE J 282 62.04 -51.89 67.54
N GLU J 283 61.94 -52.06 66.20
CA GLU J 283 60.71 -52.48 65.51
C GLU J 283 59.54 -51.55 65.83
N TYR J 284 59.82 -50.25 65.92
CA TYR J 284 58.81 -49.25 66.29
C TYR J 284 58.60 -48.34 65.08
N GLY J 285 57.60 -48.67 64.26
CA GLY J 285 57.22 -47.81 63.15
C GLY J 285 56.32 -46.65 63.52
N GLN J 286 55.98 -46.53 64.81
CA GLN J 286 55.18 -45.41 65.28
C GLN J 286 55.95 -44.10 65.20
N VAL J 287 57.10 -44.04 65.86
CA VAL J 287 57.89 -42.83 65.97
C VAL J 287 59.32 -43.09 65.49
N ASN J 288 59.90 -44.21 65.91
CA ASN J 288 61.36 -44.38 65.88
C ASN J 288 61.88 -44.53 64.46
N HIS J 289 61.13 -45.22 63.59
CA HIS J 289 61.53 -45.29 62.20
C HIS J 289 61.04 -44.07 61.43
N ALA J 290 59.97 -43.43 61.90
CA ALA J 290 59.50 -42.19 61.29
C ALA J 290 60.36 -41.00 61.68
N LEU J 291 60.87 -40.97 62.91
CA LEU J 291 61.79 -39.90 63.32
C LEU J 291 63.22 -40.21 62.91
N GLY J 292 63.55 -41.48 62.68
CA GLY J 292 64.85 -41.82 62.13
C GLY J 292 65.02 -41.42 60.68
N ALA J 293 63.92 -41.17 59.97
CA ALA J 293 64.01 -40.64 58.62
C ALA J 293 64.15 -39.12 58.62
N ALA J 294 63.56 -38.46 59.62
CA ALA J 294 63.60 -37.01 59.67
C ALA J 294 65.00 -36.50 60.01
N MET J 295 65.65 -37.13 60.98
CA MET J 295 66.99 -36.70 61.35
C MET J 295 68.05 -37.18 60.37
N ARG J 296 67.80 -38.29 59.67
CA ARG J 296 68.69 -38.67 58.57
C ARG J 296 68.55 -37.68 57.41
N THR J 297 67.36 -37.10 57.24
CA THR J 297 67.19 -36.02 56.27
C THR J 297 67.90 -34.75 56.71
N LEU J 298 67.94 -34.49 58.02
CA LEU J 298 68.81 -33.44 58.53
C LEU J 298 70.28 -33.85 58.49
N GLY J 299 70.56 -35.16 58.41
CA GLY J 299 71.89 -35.60 58.07
C GLY J 299 72.25 -35.32 56.63
N LYS J 300 71.26 -35.34 55.74
CA LYS J 300 71.49 -34.96 54.34
C LYS J 300 71.81 -33.48 54.23
N GLU J 301 71.03 -32.63 54.91
CA GLU J 301 71.26 -31.19 54.86
C GLU J 301 72.52 -30.79 55.59
N TYR J 302 73.01 -31.62 56.51
CA TYR J 302 74.34 -31.42 57.06
C TYR J 302 75.39 -31.66 55.99
N MET J 303 75.25 -32.78 55.27
CA MET J 303 76.29 -33.24 54.36
C MET J 303 76.27 -32.54 53.01
N ILE J 304 75.25 -31.73 52.73
CA ILE J 304 75.37 -30.82 51.59
C ILE J 304 76.07 -29.54 52.02
N LEU J 305 76.01 -29.19 53.31
CA LEU J 305 76.83 -28.10 53.82
C LEU J 305 78.29 -28.53 53.93
N ILE J 306 78.53 -29.84 54.02
CA ILE J 306 79.90 -30.35 53.96
C ILE J 306 80.49 -30.12 52.58
N SER J 307 79.73 -30.45 51.53
CA SER J 307 80.22 -30.22 50.16
C SER J 307 80.26 -28.75 49.80
N GLN J 308 79.48 -27.90 50.50
CA GLN J 308 79.50 -26.48 50.24
C GLN J 308 80.83 -25.85 50.64
N LEU J 309 81.45 -26.34 51.71
CA LEU J 309 82.63 -25.69 52.23
C LEU J 309 83.93 -26.12 51.54
N GLU J 310 83.99 -27.31 50.95
CA GLU J 310 85.20 -27.62 50.17
C GLU J 310 85.24 -26.81 48.88
N HIS J 311 84.09 -26.34 48.40
CA HIS J 311 84.05 -25.38 47.31
C HIS J 311 84.76 -24.09 47.68
N LEU J 312 84.67 -23.68 48.95
CA LEU J 312 85.49 -22.59 49.44
C LEU J 312 86.95 -23.00 49.52
N GLN J 313 87.20 -24.26 49.88
CA GLN J 313 88.54 -24.75 50.20
C GLN J 313 89.40 -25.01 48.97
N ARG J 314 88.85 -24.90 47.76
CA ARG J 314 89.59 -25.23 46.54
C ARG J 314 90.58 -24.13 46.10
N GLN J 315 90.95 -23.24 47.00
CA GLN J 315 92.14 -22.39 46.88
C GLN J 315 92.60 -22.10 48.30
N GLY J 316 93.66 -21.30 48.42
CA GLY J 316 94.11 -20.93 49.76
C GLY J 316 93.38 -19.71 50.27
N LEU J 317 92.30 -19.95 51.03
CA LEU J 317 91.43 -18.86 51.45
C LEU J 317 90.99 -19.01 52.90
N LEU J 318 91.12 -20.20 53.45
CA LEU J 318 90.29 -20.63 54.57
C LEU J 318 90.99 -20.43 55.91
N SER J 319 90.36 -19.66 56.78
CA SER J 319 90.69 -19.58 58.20
C SER J 319 89.65 -20.34 58.99
N LEU J 320 89.95 -20.54 60.28
CA LEU J 320 89.05 -21.30 61.13
C LEU J 320 87.74 -20.61 61.44
N GLN J 321 87.64 -19.29 61.24
CA GLN J 321 86.41 -18.57 61.62
C GLN J 321 85.60 -18.08 60.42
N LYS J 322 86.18 -18.00 59.21
CA LYS J 322 85.37 -17.98 58.00
C LYS J 322 84.50 -19.21 57.95
N LEU J 323 85.09 -20.35 58.26
CA LEU J 323 84.42 -21.62 58.36
C LEU J 323 83.62 -21.79 59.66
N TRP J 324 83.77 -20.93 60.67
CA TRP J 324 83.08 -21.30 61.90
C TRP J 324 81.73 -20.57 61.94
N PHE J 325 81.46 -19.77 60.91
CA PHE J 325 80.11 -19.27 60.67
C PHE J 325 79.24 -20.33 60.04
N TYR J 326 79.86 -21.39 59.55
CA TYR J 326 79.10 -22.60 59.29
C TYR J 326 79.07 -23.49 60.51
N ILE J 327 80.11 -23.43 61.36
CA ILE J 327 80.13 -24.30 62.53
C ILE J 327 79.11 -23.80 63.57
N GLN J 328 78.85 -22.49 63.61
CA GLN J 328 77.93 -21.96 64.62
C GLN J 328 76.46 -22.35 64.37
N PRO J 329 75.92 -22.32 63.14
CA PRO J 329 74.60 -22.94 62.97
C PRO J 329 74.62 -24.46 63.13
N THR J 330 75.72 -25.12 62.74
CA THR J 330 75.74 -26.57 62.93
C THR J 330 75.95 -26.94 64.39
N LEU J 331 76.70 -26.12 65.15
CA LEU J 331 76.83 -26.42 66.58
C LEU J 331 75.51 -26.22 67.30
N ARG J 332 74.75 -25.22 66.88
CA ARG J 332 73.38 -25.08 67.41
C ARG J 332 72.49 -26.20 66.90
N THR J 333 72.79 -26.75 65.72
CA THR J 333 71.98 -27.83 65.18
C THR J 333 72.16 -29.12 65.98
N MET J 334 73.40 -29.56 66.17
CA MET J 334 73.62 -30.87 66.82
C MET J 334 73.21 -30.83 68.28
N GLU J 335 73.33 -29.66 68.93
CA GLU J 335 73.16 -29.59 70.37
C GLU J 335 71.69 -29.68 70.75
N VAL J 336 70.81 -29.25 69.85
CA VAL J 336 69.39 -29.46 70.07
C VAL J 336 68.98 -30.83 69.55
N LEU J 337 69.59 -31.29 68.45
CA LEU J 337 69.23 -32.57 67.85
C LEU J 337 69.71 -33.76 68.69
N ALA J 338 70.87 -33.66 69.36
CA ALA J 338 71.29 -34.75 70.23
C ALA J 338 70.51 -34.74 71.54
N SER J 339 70.16 -33.56 72.02
CA SER J 339 69.32 -33.45 73.20
C SER J 339 67.86 -33.75 72.89
N ILE J 340 67.45 -33.70 71.62
CA ILE J 340 66.29 -34.50 71.21
C ILE J 340 66.61 -35.98 71.37
N ALA J 341 67.73 -36.41 70.78
CA ALA J 341 68.01 -37.84 70.59
C ALA J 341 68.36 -38.54 71.89
N THR J 342 68.74 -37.79 72.92
CA THR J 342 69.05 -38.41 74.21
C THR J 342 67.77 -38.82 74.94
N SER J 343 66.75 -37.97 74.88
CA SER J 343 65.47 -38.28 75.52
C SER J 343 64.73 -39.40 74.82
N LEU J 344 65.04 -39.66 73.54
CA LEU J 344 64.43 -40.76 72.81
C LEU J 344 64.98 -42.12 73.25
N ASN J 345 66.24 -42.17 73.72
CA ASN J 345 66.96 -43.44 73.77
C ASN J 345 66.97 -44.17 75.12
N LYS J 346 67.57 -43.57 76.16
CA LYS J 346 67.88 -44.36 77.37
C LYS J 346 66.67 -44.62 78.23
N GLY J 347 65.61 -43.84 78.09
CA GLY J 347 64.40 -44.12 78.84
C GLY J 347 63.62 -45.32 78.33
N GLU J 348 64.00 -45.83 77.15
CA GLU J 348 63.25 -46.84 76.39
C GLU J 348 61.80 -46.37 76.21
N CYS J 349 61.67 -45.28 75.49
CA CYS J 349 60.38 -44.61 75.33
C CYS J 349 59.66 -45.15 74.11
N PHE J 350 58.42 -45.59 74.31
CA PHE J 350 57.58 -46.04 73.21
C PHE J 350 56.16 -45.60 73.49
N GLY J 351 55.41 -45.44 72.41
CA GLY J 351 54.01 -45.10 72.53
C GLY J 351 53.78 -43.61 72.57
N GLY J 352 52.67 -43.19 73.18
CA GLY J 352 52.29 -41.79 73.23
C GLY J 352 53.27 -40.90 73.97
N ALA J 353 54.13 -41.48 74.83
CA ALA J 353 55.08 -40.70 75.60
C ALA J 353 56.15 -40.07 74.72
N THR J 354 56.48 -40.69 73.58
CA THR J 354 57.38 -40.04 72.62
C THR J 354 56.70 -38.84 71.99
N LEU J 355 55.43 -39.02 71.62
CA LEU J 355 54.63 -37.91 71.10
C LEU J 355 54.41 -36.83 72.16
N SER J 356 54.31 -37.25 73.42
CA SER J 356 54.23 -36.30 74.53
C SER J 356 55.54 -35.56 74.72
N LEU J 357 56.66 -36.27 74.61
CA LEU J 357 57.98 -35.70 74.85
C LEU J 357 58.33 -34.65 73.81
N LEU J 358 58.04 -34.93 72.54
CA LEU J 358 58.39 -33.99 71.48
C LEU J 358 57.45 -32.79 71.49
N HIS J 359 56.29 -32.91 72.14
CA HIS J 359 55.32 -31.83 72.24
C HIS J 359 55.72 -30.80 73.29
N ASP J 360 56.29 -31.24 74.42
CA ASP J 360 56.72 -30.29 75.43
C ASP J 360 58.05 -29.65 75.09
N ARG J 361 58.85 -30.27 74.23
CA ARG J 361 60.07 -29.62 73.76
C ARG J 361 59.75 -28.47 72.82
N THR J 362 58.66 -28.57 72.07
CA THR J 362 58.24 -27.46 71.21
C THR J 362 57.64 -26.33 72.02
N PHE J 363 57.02 -26.63 73.17
CA PHE J 363 56.44 -25.58 74.00
C PHE J 363 57.52 -24.80 74.74
N GLY J 364 58.49 -25.50 75.32
CA GLY J 364 59.51 -24.83 76.11
C GLY J 364 60.55 -24.09 75.32
N TYR J 365 60.71 -24.41 74.04
CA TYR J 365 61.74 -23.79 73.21
C TYR J 365 61.21 -22.57 72.45
N THR J 366 60.57 -21.65 73.16
CA THR J 366 60.19 -20.37 72.57
C THR J 366 61.41 -19.48 72.33
N GLY J 367 62.49 -19.69 73.08
CA GLY J 367 63.67 -18.87 73.03
C GLY J 367 64.41 -18.81 71.69
N ASP J 368 64.91 -19.94 71.21
CA ASP J 368 65.63 -19.99 69.96
C ASP J 368 64.68 -20.43 68.85
N SER J 369 64.64 -19.65 67.76
CA SER J 369 63.72 -19.92 66.67
C SER J 369 64.19 -21.12 65.83
N GLN J 370 65.51 -21.24 65.64
CA GLN J 370 66.05 -22.37 64.90
C GLN J 370 65.89 -23.67 65.69
N ALA J 371 66.08 -23.60 67.01
CA ALA J 371 65.89 -24.77 67.86
C ALA J 371 64.42 -25.18 67.93
N GLN J 372 63.50 -24.23 67.83
CA GLN J 372 62.09 -24.56 67.79
C GLN J 372 61.68 -25.15 66.45
N GLU J 373 62.34 -24.73 65.37
CA GLU J 373 61.94 -25.13 64.03
C GLU J 373 62.26 -26.59 63.74
N LEU J 374 63.35 -27.12 64.33
CA LEU J 374 63.69 -28.51 64.11
C LEU J 374 62.70 -29.44 64.79
N CYS J 375 62.40 -29.19 66.08
CA CYS J 375 61.58 -30.10 66.85
C CYS J 375 60.11 -29.96 66.51
N LEU J 376 59.71 -28.82 65.92
CA LEU J 376 58.41 -28.76 65.28
C LEU J 376 58.36 -29.67 64.07
N TYR J 377 59.44 -29.71 63.28
CA TYR J 377 59.49 -30.65 62.17
C TYR J 377 59.64 -32.08 62.68
N LEU J 378 60.32 -32.28 63.81
CA LEU J 378 60.43 -33.61 64.37
C LEU J 378 59.10 -34.06 64.98
N THR J 379 58.35 -33.15 65.60
CA THR J 379 57.05 -33.54 66.15
C THR J 379 55.96 -33.59 65.10
N LYS J 380 56.20 -33.08 63.89
CA LYS J 380 55.19 -33.24 62.85
C LYS J 380 55.50 -34.41 61.93
N ALA J 381 56.77 -34.83 61.85
CA ALA J 381 57.11 -36.02 61.06
C ALA J 381 56.91 -37.30 61.85
N ALA J 382 56.90 -37.23 63.18
CA ALA J 382 56.66 -38.41 63.99
C ALA J 382 55.20 -38.60 64.36
N SER J 383 54.40 -37.54 64.29
CA SER J 383 52.99 -37.64 64.68
C SER J 383 52.04 -37.79 63.51
N ALA J 384 52.43 -37.32 62.32
CA ALA J 384 51.54 -37.43 61.16
C ALA J 384 51.39 -38.86 60.65
N PRO J 385 52.39 -39.76 60.78
CA PRO J 385 52.03 -41.19 60.73
C PRO J 385 51.06 -41.60 61.83
N TYR J 386 51.31 -41.16 63.07
CA TYR J 386 50.49 -41.59 64.20
C TYR J 386 49.10 -40.97 64.14
N PHE J 387 49.01 -39.74 63.62
CA PHE J 387 47.70 -39.13 63.38
C PHE J 387 46.94 -39.85 62.29
N ASP J 388 47.65 -40.38 61.29
CA ASP J 388 46.98 -41.13 60.23
C ASP J 388 46.51 -42.49 60.71
N ILE J 389 47.16 -43.05 61.74
CA ILE J 389 46.73 -44.34 62.25
C ILE J 389 45.44 -44.21 63.07
N LEU J 390 45.32 -43.15 63.88
CA LEU J 390 44.04 -42.92 64.55
C LEU J 390 42.95 -42.48 63.58
N GLU J 391 43.34 -41.80 62.49
CA GLU J 391 42.36 -41.24 61.57
C GLU J 391 41.57 -42.33 60.87
N ARG J 392 42.27 -43.36 60.37
CA ARG J 392 41.58 -44.51 59.80
C ARG J 392 40.89 -45.33 60.87
N TRP J 393 41.37 -45.25 62.12
CA TRP J 393 40.74 -46.02 63.20
C TRP J 393 39.40 -45.42 63.60
N ILE J 394 39.29 -44.09 63.66
CA ILE J 394 38.00 -43.49 63.96
C ILE J 394 37.09 -43.45 62.74
N TYR J 395 37.65 -43.55 61.54
CA TYR J 395 36.83 -43.43 60.33
C TYR J 395 36.22 -44.77 59.98
N ARG J 396 37.06 -45.81 59.90
CA ARG J 396 36.60 -47.16 59.55
C ARG J 396 35.97 -47.85 60.76
N GLY J 397 36.75 -48.01 61.82
CA GLY J 397 36.30 -48.69 63.01
C GLY J 397 36.94 -50.05 63.26
N ILE J 398 38.05 -50.37 62.60
CA ILE J 398 38.76 -51.63 62.80
C ILE J 398 40.24 -51.30 62.96
N ILE J 399 40.90 -51.98 63.89
CA ILE J 399 42.27 -51.67 64.26
C ILE J 399 43.17 -52.85 63.90
N ASN J 400 44.43 -52.52 63.57
CA ASN J 400 45.47 -53.53 63.41
C ASN J 400 46.80 -52.85 63.74
N ASP J 401 47.29 -53.07 64.95
CA ASP J 401 48.60 -52.58 65.34
C ASP J 401 49.66 -53.60 64.95
N PRO J 402 50.64 -53.25 64.11
CA PRO J 402 51.64 -54.23 63.69
C PRO J 402 52.64 -54.56 64.79
N TYR J 403 52.99 -53.55 65.60
CA TYR J 403 53.98 -53.72 66.66
C TYR J 403 53.50 -53.07 67.96
N SER J 404 52.19 -53.12 68.22
CA SER J 404 51.53 -52.43 69.34
C SER J 404 51.83 -50.93 69.31
N GLU J 405 51.51 -50.30 68.18
CA GLU J 405 51.88 -48.91 67.95
C GLU J 405 50.96 -47.94 68.66
N PHE J 406 49.67 -48.24 68.76
CA PHE J 406 48.69 -47.32 69.27
C PHE J 406 48.46 -47.52 70.76
N MET J 407 47.92 -46.48 71.42
CA MET J 407 47.60 -46.54 72.84
C MET J 407 46.43 -47.46 73.13
N VAL J 408 45.55 -47.68 72.17
CA VAL J 408 44.39 -48.55 72.34
C VAL J 408 44.73 -49.92 71.80
N GLU J 409 44.68 -50.93 72.66
CA GLU J 409 44.92 -52.32 72.29
C GLU J 409 43.68 -53.15 72.58
N GLU J 410 43.69 -54.38 72.08
CA GLU J 410 42.62 -55.32 72.38
C GLU J 410 42.76 -55.78 73.84
N HIS J 411 41.73 -55.48 74.64
CA HIS J 411 41.66 -55.75 76.09
C HIS J 411 42.80 -55.10 76.89
N TRP J 427 29.63 -54.94 73.43
CA TRP J 427 29.34 -54.84 74.85
C TRP J 427 30.30 -55.68 75.66
N ASP J 428 30.44 -56.95 75.30
CA ASP J 428 31.37 -57.86 75.95
C ASP J 428 32.73 -57.90 75.27
N GLN J 429 32.95 -57.05 74.27
CA GLN J 429 34.26 -56.89 73.64
C GLN J 429 34.92 -55.66 74.21
N ARG J 430 36.12 -55.83 74.75
CA ARG J 430 36.77 -54.80 75.55
C ARG J 430 38.01 -54.26 74.84
N TYR J 431 38.24 -52.96 75.00
CA TYR J 431 39.45 -52.29 74.58
C TYR J 431 39.81 -51.27 75.64
N THR J 432 41.09 -51.16 75.96
CA THR J 432 41.51 -50.37 77.11
C THR J 432 42.75 -49.55 76.76
N ILE J 433 42.77 -48.30 77.22
CA ILE J 433 43.96 -47.46 77.13
C ILE J 433 45.04 -48.02 78.04
N VAL J 434 46.21 -48.29 77.48
CA VAL J 434 47.33 -48.80 78.27
C VAL J 434 47.98 -47.65 79.01
N GLN J 435 48.66 -47.98 80.11
CA GLN J 435 49.36 -47.00 80.93
C GLN J 435 50.86 -46.96 80.61
N GLN J 436 51.32 -47.76 79.66
CA GLN J 436 52.69 -47.63 79.17
C GLN J 436 52.81 -46.42 78.25
N GLN J 437 51.82 -46.23 77.38
CA GLN J 437 51.76 -45.08 76.49
C GLN J 437 50.89 -44.01 77.14
N ILE J 438 51.48 -42.87 77.47
CA ILE J 438 50.71 -41.73 77.98
C ILE J 438 50.61 -40.70 76.86
N PRO J 439 49.41 -40.38 76.38
CA PRO J 439 49.29 -39.69 75.08
C PRO J 439 49.66 -38.21 75.16
N SER J 440 50.07 -37.69 74.01
CA SER J 440 50.29 -36.25 73.87
C SER J 440 48.99 -35.46 73.90
N PHE J 441 47.87 -36.12 73.65
CA PHE J 441 46.57 -35.50 73.69
C PHE J 441 46.11 -35.24 75.12
N LEU J 442 44.97 -34.60 75.24
CA LEU J 442 44.29 -34.46 76.52
C LEU J 442 43.72 -35.81 76.95
N GLN J 443 43.41 -35.95 78.24
CA GLN J 443 43.02 -37.25 78.77
C GLN J 443 41.55 -37.59 78.46
N LYS J 444 40.66 -36.60 78.52
CA LYS J 444 39.27 -36.79 78.08
C LYS J 444 39.20 -37.08 76.58
N VAL J 445 40.02 -36.42 75.78
CA VAL J 445 39.94 -36.65 74.34
C VAL J 445 40.66 -37.92 73.94
N ALA J 446 41.49 -38.48 74.83
CA ALA J 446 41.93 -39.86 74.67
C ALA J 446 40.87 -40.82 75.16
N ASP J 447 40.12 -40.43 76.19
CA ASP J 447 38.95 -41.19 76.62
C ASP J 447 37.85 -41.15 75.56
N LYS J 448 37.76 -40.06 74.80
CA LYS J 448 36.77 -40.01 73.73
C LYS J 448 37.20 -40.84 72.51
N ILE J 449 38.51 -41.09 72.35
CA ILE J 449 38.98 -41.95 71.27
C ILE J 449 38.55 -43.39 71.51
N LEU J 450 38.81 -43.90 72.72
CA LEU J 450 38.53 -45.29 73.06
C LEU J 450 37.03 -45.57 73.05
N SER J 451 36.24 -44.68 73.62
CA SER J 451 34.80 -44.85 73.69
C SER J 451 34.08 -44.44 72.41
N THR J 452 34.80 -43.92 71.41
CA THR J 452 34.23 -43.84 70.06
C THR J 452 34.32 -45.18 69.36
N GLY J 453 35.50 -45.80 69.40
CA GLY J 453 35.67 -47.12 68.79
C GLY J 453 34.93 -48.21 69.54
N LYS J 454 34.64 -47.99 70.82
CA LYS J 454 33.66 -48.81 71.51
C LYS J 454 32.29 -48.70 70.85
N TYR J 455 31.94 -47.49 70.38
CA TYR J 455 30.64 -47.30 69.75
C TYR J 455 30.71 -47.62 68.26
N LEU J 456 31.91 -47.67 67.69
CA LEU J 456 32.14 -48.21 66.37
C LEU J 456 32.25 -49.73 66.37
N ASN J 457 32.15 -50.37 67.53
CA ASN J 457 32.14 -51.82 67.62
C ASN J 457 30.76 -52.39 67.89
N VAL J 458 29.85 -51.59 68.47
CA VAL J 458 28.49 -52.04 68.70
C VAL J 458 27.62 -51.79 67.47
N VAL J 459 28.05 -50.92 66.54
CA VAL J 459 27.39 -50.87 65.23
C VAL J 459 27.68 -52.15 64.46
N ARG J 460 28.81 -52.80 64.72
CA ARG J 460 29.11 -54.07 64.07
C ARG J 460 28.24 -55.19 64.62
N GLU J 461 27.77 -55.05 65.87
CA GLU J 461 27.04 -56.11 66.56
C GLU J 461 25.60 -56.26 66.07
N CYS J 462 25.09 -55.34 65.26
CA CYS J 462 23.77 -55.47 64.67
C CYS J 462 23.80 -55.79 63.19
N GLY J 463 24.95 -55.68 62.54
CA GLY J 463 25.08 -56.04 61.14
C GLY J 463 26.03 -55.11 60.42
N HIS J 464 25.88 -55.07 59.10
CA HIS J 464 26.73 -54.26 58.24
C HIS J 464 25.98 -53.11 57.59
N ASP J 465 24.70 -52.93 57.91
CA ASP J 465 23.88 -51.87 57.32
C ASP J 465 24.24 -50.48 57.83
N VAL J 466 25.10 -50.39 58.84
CA VAL J 466 25.54 -49.12 59.40
C VAL J 466 27.06 -48.97 59.35
N THR J 467 27.80 -50.08 59.18
CA THR J 467 29.23 -50.08 58.91
C THR J 467 29.55 -49.26 57.66
N CYS J 468 30.71 -48.56 57.69
CA CYS J 468 31.21 -47.62 56.68
C CYS J 468 30.23 -46.46 56.50
N PRO J 469 30.17 -45.53 57.45
CA PRO J 469 29.17 -44.45 57.38
C PRO J 469 29.43 -43.48 56.22
N ASP J 470 28.40 -42.71 55.87
CA ASP J 470 28.43 -41.96 54.61
C ASP J 470 29.34 -40.73 54.71
N ALA J 471 29.21 -39.95 55.77
CA ALA J 471 30.09 -38.83 56.03
C ALA J 471 31.32 -39.34 56.80
N LYS J 472 32.19 -38.39 57.18
CA LYS J 472 33.26 -38.63 58.15
C LYS J 472 34.25 -39.72 57.75
N GLU J 473 35.35 -39.34 57.07
CA GLU J 473 35.88 -39.77 55.77
C GLU J 473 35.60 -38.71 54.71
N ILE J 474 35.27 -37.50 55.16
CA ILE J 474 35.26 -36.34 54.27
C ILE J 474 36.25 -35.26 54.72
N THR J 475 36.35 -34.99 56.02
CA THR J 475 37.09 -33.84 56.51
C THR J 475 38.20 -34.25 57.48
N TYR J 476 39.23 -33.40 57.59
CA TYR J 476 40.42 -33.72 58.38
C TYR J 476 41.13 -32.43 58.76
N THR J 477 41.27 -32.16 60.06
CA THR J 477 41.96 -30.98 60.57
C THR J 477 43.12 -31.40 61.48
N LEU J 478 44.25 -30.69 61.37
CA LEU J 478 45.47 -31.12 62.05
C LEU J 478 46.30 -29.95 62.59
N LYS J 479 45.65 -28.84 62.98
CA LYS J 479 46.49 -27.71 63.41
C LYS J 479 46.71 -27.65 64.92
N GLU J 480 45.66 -27.27 65.63
CA GLU J 480 45.57 -27.12 67.08
C GLU J 480 44.09 -27.17 67.38
N GLN J 481 43.74 -27.30 68.67
CA GLN J 481 43.10 -28.52 69.14
C GLN J 481 42.23 -29.22 68.11
N ALA J 482 40.97 -28.83 67.88
CA ALA J 482 40.14 -29.04 66.67
C ALA J 482 40.13 -30.41 65.97
N TYR J 483 41.06 -31.31 66.31
CA TYR J 483 40.99 -32.71 65.96
C TYR J 483 40.51 -33.53 67.15
N VAL J 484 40.60 -32.94 68.34
CA VAL J 484 39.97 -33.49 69.53
C VAL J 484 38.45 -33.28 69.48
N GLU J 485 37.99 -32.32 68.67
CA GLU J 485 36.55 -32.16 68.45
C GLU J 485 36.09 -33.10 67.34
N ARG J 486 36.99 -33.42 66.39
CA ARG J 486 36.71 -34.48 65.44
C ARG J 486 36.51 -35.82 66.13
N ILE J 487 37.14 -36.03 67.28
CA ILE J 487 36.89 -37.20 68.10
C ILE J 487 35.52 -37.09 68.78
N GLU J 488 35.09 -35.87 69.12
CA GLU J 488 33.79 -35.73 69.78
C GLU J 488 32.64 -35.84 68.79
N LYS J 489 32.80 -35.28 67.59
CA LYS J 489 31.78 -35.50 66.57
C LYS J 489 31.87 -36.91 65.98
N ALA J 490 33.01 -37.59 66.15
CA ALA J 490 33.03 -39.04 65.98
C ALA J 490 32.19 -39.70 67.05
N TYR J 491 32.23 -39.17 68.26
CA TYR J 491 31.75 -39.88 69.44
C TYR J 491 30.23 -39.91 69.46
N ASN J 492 29.61 -38.87 68.90
CA ASN J 492 28.16 -38.79 68.87
C ASN J 492 27.55 -39.37 67.60
N TYR J 493 28.27 -39.39 66.48
CA TYR J 493 27.65 -39.62 65.17
C TYR J 493 27.23 -41.08 65.00
N ALA J 494 28.21 -41.99 64.98
CA ALA J 494 27.91 -43.41 64.76
C ALA J 494 27.15 -44.01 65.94
N SER J 495 27.18 -43.34 67.09
CA SER J 495 26.46 -43.77 68.27
C SER J 495 25.02 -43.26 68.29
N LYS J 496 24.72 -42.14 67.61
CA LYS J 496 23.31 -41.74 67.60
C LYS J 496 22.53 -42.51 66.54
N VAL J 497 23.15 -42.76 65.37
CA VAL J 497 22.46 -43.43 64.27
C VAL J 497 22.14 -44.90 64.62
N LEU J 498 22.95 -45.53 65.45
CA LEU J 498 22.60 -46.80 66.06
C LEU J 498 21.39 -46.69 66.99
N LEU J 499 21.25 -45.57 67.72
CA LEU J 499 20.08 -45.41 68.57
C LEU J 499 18.81 -45.18 67.78
N ASP J 500 18.90 -44.46 66.66
CA ASP J 500 17.72 -44.31 65.80
C ASP J 500 17.31 -45.64 65.22
N PHE J 501 18.29 -46.43 64.77
CA PHE J 501 18.01 -47.69 64.06
C PHE J 501 17.34 -48.72 64.96
N LEU J 502 17.72 -48.76 66.24
CA LEU J 502 17.05 -49.65 67.17
C LEU J 502 15.71 -49.08 67.65
N MET J 503 15.59 -47.74 67.73
CA MET J 503 14.27 -47.14 67.92
C MET J 503 13.37 -47.39 66.73
N GLU J 504 13.94 -47.43 65.53
CA GLU J 504 13.11 -47.72 64.35
C GLU J 504 12.71 -49.18 64.28
N GLU J 505 13.68 -50.09 64.11
CA GLU J 505 13.31 -51.39 63.58
C GLU J 505 13.72 -52.57 64.47
N GLU J 506 14.37 -52.32 65.62
CA GLU J 506 14.59 -53.36 66.61
C GLU J 506 13.82 -53.10 67.89
N GLU J 507 13.11 -51.96 67.95
CA GLU J 507 12.09 -51.64 68.97
C GLU J 507 12.67 -51.58 70.38
N LEU J 508 13.63 -50.68 70.61
CA LEU J 508 14.23 -50.59 71.94
C LEU J 508 13.23 -50.05 72.95
N VAL J 509 12.42 -49.07 72.55
CA VAL J 509 11.44 -48.47 73.45
C VAL J 509 10.35 -49.48 73.78
N ALA J 510 9.98 -50.31 72.80
CA ALA J 510 9.03 -51.39 73.05
C ALA J 510 9.64 -52.52 73.88
N HIS J 511 10.96 -52.72 73.80
CA HIS J 511 11.58 -53.73 74.64
C HIS J 511 11.78 -53.24 76.07
N LEU J 512 12.15 -51.97 76.25
CA LEU J 512 12.37 -51.48 77.61
C LEU J 512 11.06 -51.33 78.39
N ARG J 513 9.95 -51.02 77.71
CA ARG J 513 8.69 -50.94 78.43
C ARG J 513 8.13 -52.31 78.79
N SER J 514 8.51 -53.37 78.07
CA SER J 514 7.94 -54.68 78.31
C SER J 514 8.70 -55.42 79.42
N ILE J 515 10.02 -55.25 79.49
CA ILE J 515 10.79 -55.69 80.66
C ILE J 515 10.31 -54.95 81.90
N LYS J 516 9.96 -53.67 81.72
CA LYS J 516 9.43 -52.84 82.80
C LYS J 516 8.12 -53.38 83.35
N HIS J 517 7.20 -53.74 82.45
CA HIS J 517 5.89 -54.19 82.87
C HIS J 517 5.90 -55.62 83.41
N TYR J 518 6.92 -56.41 83.07
CA TYR J 518 6.96 -57.79 83.53
C TYR J 518 7.53 -57.94 84.94
N PHE J 519 8.49 -57.08 85.32
CA PHE J 519 9.12 -57.18 86.62
C PHE J 519 8.58 -56.15 87.62
N LEU J 520 7.61 -55.34 87.23
CA LEU J 520 7.00 -54.38 88.14
C LEU J 520 5.49 -54.45 88.18
N MET J 521 4.84 -55.24 87.30
CA MET J 521 3.40 -55.53 87.31
C MET J 521 2.55 -54.25 87.18
N ASP J 522 2.86 -53.47 86.14
CA ASP J 522 2.03 -52.30 85.84
C ASP J 522 0.66 -52.72 85.32
N GLN J 523 0.60 -53.86 84.64
CA GLN J 523 -0.63 -54.37 84.05
C GLN J 523 -1.02 -55.63 84.82
N GLY J 524 -1.93 -55.47 85.79
CA GLY J 524 -2.34 -56.57 86.64
C GLY J 524 -3.54 -57.36 86.19
N ASP J 525 -4.15 -57.00 85.06
CA ASP J 525 -5.21 -57.85 84.51
C ASP J 525 -4.62 -59.14 83.93
N PHE J 526 -3.35 -59.11 83.54
CA PHE J 526 -2.64 -60.34 83.23
C PHE J 526 -2.43 -61.19 84.47
N PHE J 527 -2.24 -60.55 85.63
CA PHE J 527 -1.77 -61.24 86.81
C PHE J 527 -2.87 -61.88 87.65
N VAL J 528 -4.14 -61.47 87.51
CA VAL J 528 -5.19 -62.29 88.10
C VAL J 528 -5.50 -63.51 87.26
N HIS J 529 -4.90 -63.61 86.08
CA HIS J 529 -4.79 -64.87 85.36
C HIS J 529 -3.42 -65.52 85.54
N PHE J 530 -2.37 -64.75 85.81
CA PHE J 530 -1.04 -65.32 86.05
C PHE J 530 -0.83 -65.75 87.49
N MET J 531 -0.95 -64.80 88.44
CA MET J 531 -0.63 -65.10 89.84
C MET J 531 -1.66 -66.05 90.45
N ASP J 532 -2.94 -65.92 90.07
CA ASP J 532 -3.97 -66.82 90.59
C ASP J 532 -3.75 -68.25 90.13
N LEU J 533 -3.20 -68.44 88.94
CA LEU J 533 -2.97 -69.79 88.42
C LEU J 533 -1.61 -70.34 88.82
N THR J 534 -0.72 -69.51 89.36
CA THR J 534 0.52 -70.03 89.91
C THR J 534 0.36 -70.43 91.38
N GLU J 535 -0.38 -69.62 92.17
CA GLU J 535 -0.54 -69.88 93.59
C GLU J 535 -1.32 -71.15 93.88
N GLU J 536 -2.16 -71.58 92.93
CA GLU J 536 -2.80 -72.89 93.02
C GLU J 536 -1.81 -74.02 92.89
N GLU J 537 -0.65 -73.77 92.28
CA GLU J 537 0.33 -74.79 91.98
C GLU J 537 1.61 -74.70 92.82
N LEU J 538 1.94 -73.53 93.38
CA LEU J 538 3.15 -73.36 94.16
C LEU J 538 2.91 -73.44 95.67
N LYS J 539 1.72 -73.84 96.10
CA LYS J 539 1.40 -73.82 97.53
C LYS J 539 2.17 -74.88 98.29
N LYS J 540 2.46 -76.01 97.64
CA LYS J 540 3.31 -77.05 98.19
C LYS J 540 4.73 -76.88 97.66
N PRO J 541 5.74 -77.44 98.32
CA PRO J 541 7.12 -77.34 97.80
C PRO J 541 7.32 -78.16 96.54
N VAL J 542 8.00 -77.54 95.56
CA VAL J 542 8.12 -78.07 94.20
C VAL J 542 8.95 -79.36 94.18
N ASP J 543 8.48 -80.37 93.42
CA ASP J 543 9.28 -81.58 93.30
C ASP J 543 10.35 -81.50 92.22
N ASP J 544 9.97 -81.69 90.94
CA ASP J 544 10.87 -81.42 89.83
C ASP J 544 10.16 -80.99 88.56
N ILE J 545 8.86 -81.27 88.47
CA ILE J 545 8.11 -81.09 87.22
C ILE J 545 7.17 -79.90 87.27
N ILE J 546 7.09 -79.21 88.41
CA ILE J 546 6.15 -78.09 88.55
C ILE J 546 6.48 -76.88 87.69
N PRO J 547 7.75 -76.40 87.55
CA PRO J 547 7.97 -75.25 86.64
C PRO J 547 7.73 -75.54 85.16
N THR J 548 7.77 -76.81 84.74
CA THR J 548 7.38 -77.14 83.37
C THR J 548 5.87 -76.97 83.18
N ARG J 549 5.08 -77.34 84.18
CA ARG J 549 3.65 -77.13 84.13
C ARG J 549 3.23 -75.71 84.50
N LEU J 550 4.15 -74.91 85.05
CA LEU J 550 3.83 -73.51 85.33
C LEU J 550 3.94 -72.65 84.08
N GLU J 551 4.95 -72.89 83.25
CA GLU J 551 5.03 -72.20 81.97
C GLU J 551 4.02 -72.74 80.97
N ALA J 552 3.49 -73.94 81.20
CA ALA J 552 2.32 -74.40 80.46
C ALA J 552 1.08 -73.60 80.85
N LEU J 553 0.98 -73.23 82.14
CA LEU J 553 -0.11 -72.39 82.61
C LEU J 553 0.09 -70.93 82.27
N LEU J 554 1.33 -70.52 81.99
CA LEU J 554 1.62 -69.11 81.75
C LEU J 554 1.06 -68.64 80.42
N GLU J 555 1.33 -69.41 79.36
CA GLU J 555 0.87 -69.02 78.03
C GLU J 555 -0.59 -69.39 77.79
N LEU J 556 -1.15 -70.28 78.63
CA LEU J 556 -2.60 -70.44 78.72
C LEU J 556 -3.27 -69.13 79.14
N ALA J 557 -2.76 -68.52 80.21
CA ALA J 557 -3.38 -67.33 80.76
C ALA J 557 -2.97 -66.05 80.03
N LEU J 558 -1.88 -66.10 79.25
CA LEU J 558 -1.44 -64.94 78.49
C LEU J 558 -2.43 -64.61 77.38
N ARG J 559 -3.07 -65.62 76.82
CA ARG J 559 -3.91 -65.45 75.65
C ARG J 559 -5.38 -65.63 75.97
N MET J 560 -5.70 -66.03 77.21
CA MET J 560 -7.05 -65.82 77.73
C MET J 560 -7.25 -64.36 78.11
N SER J 561 -6.22 -63.75 78.72
CA SER J 561 -6.25 -62.35 79.10
C SER J 561 -5.85 -61.42 77.96
N THR J 562 -5.52 -61.97 76.79
CA THR J 562 -5.30 -61.30 75.48
C THR J 562 -4.40 -60.06 75.58
N ALA J 563 -3.13 -60.33 75.83
CA ALA J 563 -2.08 -59.31 75.77
C ALA J 563 -1.94 -58.74 74.34
N ASN J 564 -1.09 -57.71 74.22
CA ASN J 564 -1.08 -56.83 73.05
C ASN J 564 -0.72 -57.57 71.78
N THR J 565 0.48 -58.13 71.71
CA THR J 565 0.88 -58.98 70.59
C THR J 565 1.51 -60.22 71.20
N ASP J 566 0.78 -61.33 71.22
CA ASP J 566 1.16 -62.55 71.93
C ASP J 566 2.42 -63.26 71.40
N PRO J 567 2.75 -63.28 70.10
CA PRO J 567 4.10 -63.73 69.72
C PRO J 567 5.22 -62.77 70.12
N PHE J 568 4.91 -61.54 70.51
CA PHE J 568 5.89 -60.60 71.04
C PHE J 568 5.86 -60.54 72.56
N LYS J 569 4.75 -60.94 73.19
CA LYS J 569 4.58 -60.87 74.63
C LYS J 569 4.76 -62.21 75.32
N ASP J 570 5.23 -63.24 74.61
CA ASP J 570 5.49 -64.54 75.20
C ASP J 570 6.98 -64.76 75.47
N ASP J 571 7.71 -63.69 75.75
CA ASP J 571 9.13 -63.77 76.08
C ASP J 571 9.37 -64.15 77.53
N LEU J 572 8.31 -64.38 78.31
CA LEU J 572 8.45 -64.75 79.71
C LEU J 572 8.87 -66.21 79.81
N LYS J 573 10.06 -66.43 80.34
CA LYS J 573 10.56 -67.77 80.65
C LYS J 573 10.69 -67.88 82.16
N ILE J 574 10.01 -68.85 82.74
CA ILE J 574 9.87 -68.94 84.19
C ILE J 574 11.16 -69.48 84.79
N GLU J 575 11.75 -68.73 85.73
CA GLU J 575 12.86 -69.19 86.53
C GLU J 575 12.33 -69.64 87.89
N LEU J 576 12.77 -70.81 88.34
CA LEU J 576 12.38 -71.34 89.63
C LEU J 576 13.52 -72.17 90.20
N THR J 605 23.03 -53.51 101.05
CA THR J 605 22.76 -54.65 101.93
C THR J 605 22.98 -55.97 101.20
N GLU J 606 23.22 -57.03 101.98
CA GLU J 606 23.37 -58.38 101.45
C GLU J 606 22.11 -59.15 101.80
N LEU J 607 21.31 -59.46 100.78
CA LEU J 607 19.99 -60.06 100.98
C LEU J 607 19.96 -61.49 100.44
N ALA J 608 19.07 -62.28 101.02
CA ALA J 608 18.74 -63.61 100.52
C ALA J 608 17.22 -63.69 100.39
N LEU J 609 16.76 -64.77 99.76
CA LEU J 609 15.33 -64.97 99.58
C LEU J 609 14.67 -65.33 100.91
N SER J 610 13.51 -64.73 101.16
CA SER J 610 12.81 -64.90 102.42
C SER J 610 11.44 -65.56 102.27
N GLY J 611 10.99 -65.79 101.05
CA GLY J 611 9.71 -66.43 100.80
C GLY J 611 9.81 -67.93 100.80
N LEU J 612 8.84 -68.56 100.14
CA LEU J 612 8.77 -70.01 100.03
C LEU J 612 9.03 -70.51 98.62
N GLU J 613 9.21 -69.60 97.66
CA GLU J 613 9.49 -69.97 96.28
C GLU J 613 10.65 -69.13 95.76
N SER J 614 11.29 -69.64 94.72
CA SER J 614 12.22 -68.86 93.89
C SER J 614 11.57 -68.41 92.60
N PHE J 615 10.25 -68.19 92.63
CA PHE J 615 9.49 -67.93 91.41
C PHE J 615 9.73 -66.51 90.92
N SER J 616 10.18 -66.40 89.67
CA SER J 616 10.41 -65.12 89.01
C SER J 616 10.28 -65.35 87.51
N PHE J 617 10.69 -64.36 86.73
CA PHE J 617 10.64 -64.44 85.28
C PHE J 617 12.01 -64.08 84.69
N ASP J 618 12.17 -64.40 83.41
CA ASP J 618 13.38 -64.08 82.67
C ASP J 618 12.98 -63.58 81.28
N TYR J 619 13.48 -62.41 80.91
CA TYR J 619 13.20 -61.86 79.60
C TYR J 619 14.29 -62.26 78.61
N ILE J 620 13.90 -62.41 77.35
CA ILE J 620 14.82 -62.76 76.27
C ILE J 620 15.62 -61.52 75.92
N VAL J 621 16.85 -61.42 76.40
CA VAL J 621 17.76 -60.35 76.06
C VAL J 621 18.64 -60.82 74.91
N LYS J 622 18.87 -59.95 73.92
CA LYS J 622 19.62 -60.29 72.72
C LYS J 622 20.50 -59.11 72.35
N TRP J 623 21.81 -59.37 72.21
CA TRP J 623 22.74 -58.31 71.87
C TRP J 623 22.49 -57.83 70.44
N PRO J 624 22.71 -56.53 70.15
CA PRO J 624 23.25 -55.46 71.01
C PRO J 624 22.23 -54.68 71.83
N LEU J 625 21.16 -55.33 72.29
CA LEU J 625 20.32 -54.76 73.34
C LEU J 625 20.79 -55.17 74.73
N SER J 626 21.92 -55.90 74.82
CA SER J 626 22.56 -56.17 76.09
C SER J 626 23.34 -54.98 76.62
N LEU J 627 23.49 -53.92 75.82
CA LEU J 627 24.18 -52.71 76.21
C LEU J 627 23.25 -51.71 76.89
N ILE J 628 22.02 -51.60 76.39
CA ILE J 628 21.05 -50.69 77.00
C ILE J 628 20.59 -51.22 78.35
N ILE J 629 20.21 -52.49 78.38
CA ILE J 629 19.91 -53.19 79.63
C ILE J 629 20.78 -54.44 79.70
N ASN J 630 21.50 -54.59 80.80
CA ASN J 630 22.52 -55.63 80.89
C ASN J 630 21.94 -56.91 81.49
N ARG J 631 22.73 -57.98 81.43
CA ARG J 631 22.38 -59.21 82.14
C ARG J 631 22.54 -59.02 83.65
N LYS J 632 23.42 -58.12 84.07
CA LYS J 632 23.48 -57.74 85.48
C LYS J 632 22.28 -56.91 85.88
N ALA J 633 21.73 -56.12 84.95
CA ALA J 633 20.50 -55.39 85.20
C ALA J 633 19.27 -56.29 85.17
N LEU J 634 19.35 -57.43 84.48
CA LEU J 634 18.24 -58.37 84.47
C LEU J 634 18.07 -59.05 85.82
N THR J 635 19.19 -59.36 86.49
CA THR J 635 19.12 -59.92 87.83
C THR J 635 18.65 -58.90 88.85
N ARG J 636 18.87 -57.62 88.59
CA ARG J 636 18.34 -56.58 89.46
C ARG J 636 16.82 -56.46 89.30
N TYR J 637 16.32 -56.64 88.08
CA TYR J 637 14.88 -56.70 87.88
C TYR J 637 14.31 -58.02 88.36
N GLN J 638 15.11 -59.09 88.38
CA GLN J 638 14.64 -60.39 88.84
C GLN J 638 14.42 -60.39 90.35
N MET J 639 15.33 -59.76 91.10
CA MET J 639 15.11 -59.56 92.53
C MET J 639 14.00 -58.56 92.79
N LEU J 640 13.72 -57.67 91.83
CA LEU J 640 12.68 -56.66 92.01
C LEU J 640 11.29 -57.25 91.88
N PHE J 641 11.12 -58.22 90.99
CA PHE J 641 9.82 -58.89 90.86
C PHE J 641 9.56 -59.82 92.04
N ARG J 642 10.61 -60.35 92.66
CA ARG J 642 10.45 -61.28 93.78
C ARG J 642 9.89 -60.58 95.02
N HIS J 643 10.35 -59.35 95.29
CA HIS J 643 9.85 -58.61 96.43
C HIS J 643 8.47 -58.01 96.19
N MET J 644 8.05 -57.88 94.92
CA MET J 644 6.68 -57.47 94.64
C MET J 644 5.71 -58.63 94.79
N PHE J 645 6.13 -59.84 94.41
CA PHE J 645 5.25 -61.00 94.41
C PHE J 645 5.02 -61.55 95.80
N TYR J 646 5.91 -61.24 96.76
CA TYR J 646 5.77 -61.76 98.12
C TYR J 646 4.58 -61.13 98.83
N CYS J 647 4.48 -59.80 98.81
CA CYS J 647 3.33 -59.12 99.38
C CYS J 647 2.08 -59.27 98.53
N LYS J 648 2.24 -59.56 97.23
CA LYS J 648 1.09 -59.76 96.36
C LYS J 648 0.40 -61.09 96.67
N HIS J 649 1.18 -62.08 97.12
CA HIS J 649 0.60 -63.35 97.54
C HIS J 649 -0.13 -63.23 98.87
N VAL J 650 0.21 -62.22 99.69
CA VAL J 650 -0.54 -61.99 100.92
C VAL J 650 -1.94 -61.50 100.61
N GLU J 651 -2.07 -60.62 99.62
CA GLU J 651 -3.39 -60.11 99.22
C GLU J 651 -4.23 -61.21 98.57
N ARG J 652 -3.58 -62.10 97.81
CA ARG J 652 -4.28 -63.26 97.25
C ARG J 652 -4.77 -64.16 98.37
N LEU J 653 -3.94 -64.35 99.40
CA LEU J 653 -4.39 -65.04 100.60
C LEU J 653 -5.47 -64.24 101.31
N LEU J 654 -5.34 -62.91 101.35
CA LEU J 654 -6.27 -62.08 102.10
C LEU J 654 -7.62 -61.98 101.39
N CYS J 655 -7.63 -62.04 100.05
CA CYS J 655 -8.89 -62.13 99.33
C CYS J 655 -9.54 -63.50 99.52
N ASN J 656 -8.75 -64.52 99.83
CA ASN J 656 -9.31 -65.82 100.20
C ASN J 656 -9.85 -65.84 101.63
N VAL J 657 -9.37 -64.94 102.51
CA VAL J 657 -9.99 -64.80 103.82
C VAL J 657 -11.37 -64.18 103.68
N TRP J 658 -11.53 -63.22 102.76
CA TRP J 658 -12.81 -62.54 102.60
C TRP J 658 -13.85 -63.44 101.94
N ILE J 659 -13.43 -64.37 101.10
CA ILE J 659 -14.38 -65.26 100.43
C ILE J 659 -14.68 -66.50 101.27
N SER J 660 -13.83 -66.84 102.25
CA SER J 660 -14.10 -67.95 103.14
C SER J 660 -14.87 -67.52 104.39
N ASN J 661 -14.80 -66.23 104.75
CA ASN J 661 -15.62 -65.72 105.83
C ASN J 661 -17.07 -65.53 105.38
N LYS J 662 -17.29 -65.35 104.09
CA LYS J 662 -18.63 -65.15 103.54
C LYS J 662 -19.45 -66.43 103.69
N THR J 663 -20.56 -66.34 104.41
CA THR J 663 -21.41 -67.50 104.69
C THR J 663 -22.88 -67.11 104.63
N SER J 671 -16.77 -69.31 111.96
CA SER J 671 -16.44 -68.91 113.32
C SER J 671 -17.13 -69.80 114.34
N ALA J 672 -16.74 -69.65 115.61
CA ALA J 672 -17.37 -70.38 116.71
C ALA J 672 -18.17 -69.48 117.63
N LYS J 673 -17.52 -68.47 118.23
CA LYS J 673 -18.25 -67.50 119.05
C LYS J 673 -17.72 -66.09 118.89
N TRP J 674 -16.86 -65.81 117.92
CA TRP J 674 -16.08 -64.58 117.84
C TRP J 674 -16.26 -63.91 116.50
N PHE J 675 -17.50 -63.92 115.99
CA PHE J 675 -17.75 -63.53 114.61
C PHE J 675 -17.50 -62.04 114.38
N ALA J 676 -17.97 -61.20 115.31
CA ALA J 676 -17.80 -59.75 115.15
C ALA J 676 -16.35 -59.32 115.38
N GLY J 677 -15.62 -60.02 116.26
CA GLY J 677 -14.21 -59.73 116.44
C GLY J 677 -13.37 -60.16 115.25
N ALA J 678 -13.82 -61.17 114.51
CA ALA J 678 -13.10 -61.57 113.30
C ALA J 678 -13.36 -60.59 112.17
N PHE J 679 -14.54 -59.96 112.14
CA PHE J 679 -14.88 -59.04 111.05
C PHE J 679 -14.02 -57.78 111.09
N THR J 680 -13.63 -57.34 112.30
CA THR J 680 -12.85 -56.11 112.41
C THR J 680 -11.40 -56.32 112.00
N LEU J 681 -10.84 -57.48 112.33
CA LEU J 681 -9.44 -57.73 111.99
C LEU J 681 -9.25 -58.18 110.54
N ARG J 682 -10.31 -58.69 109.91
CA ARG J 682 -10.27 -58.89 108.46
C ARG J 682 -10.16 -57.55 107.74
N GLN J 683 -10.97 -56.58 108.17
CA GLN J 683 -10.97 -55.28 107.53
C GLN J 683 -9.70 -54.51 107.85
N ARG J 684 -9.18 -54.67 109.06
CA ARG J 684 -7.97 -53.94 109.47
C ARG J 684 -6.74 -54.45 108.74
N MET J 685 -6.58 -55.77 108.61
CA MET J 685 -5.40 -56.34 107.99
C MET J 685 -5.41 -56.15 106.49
N LEU J 686 -6.57 -56.32 105.85
CA LEU J 686 -6.64 -56.23 104.40
C LEU J 686 -6.47 -54.78 103.92
N ASN J 687 -7.03 -53.82 104.65
CA ASN J 687 -6.95 -52.42 104.23
C ASN J 687 -5.54 -51.87 104.39
N PHE J 688 -4.80 -52.35 105.39
CA PHE J 688 -3.40 -51.93 105.54
C PHE J 688 -2.55 -52.41 104.38
N VAL J 689 -2.74 -53.65 103.95
CA VAL J 689 -1.91 -54.18 102.87
C VAL J 689 -2.38 -53.64 101.52
N GLN J 690 -3.70 -53.39 101.37
CA GLN J 690 -4.20 -52.75 100.16
C GLN J 690 -3.76 -51.29 100.05
N ASN J 691 -3.51 -50.62 101.18
CA ASN J 691 -2.87 -49.30 101.14
C ASN J 691 -1.43 -49.43 100.65
N ILE J 692 -0.62 -50.21 101.38
CA ILE J 692 0.83 -50.23 101.19
C ILE J 692 1.21 -50.73 99.80
N GLN J 693 0.48 -51.71 99.28
CA GLN J 693 0.85 -52.25 97.98
C GLN J 693 0.20 -51.52 96.81
N TYR J 694 -0.85 -50.73 97.03
CA TYR J 694 -1.17 -49.71 96.04
C TYR J 694 -0.05 -48.68 95.97
N TYR J 695 0.55 -48.36 97.12
CA TYR J 695 1.62 -47.36 97.15
C TYR J 695 2.90 -47.90 96.53
N MET J 696 3.40 -49.04 97.03
CA MET J 696 4.72 -49.52 96.62
C MET J 696 4.78 -49.99 95.17
N MET J 697 3.63 -50.19 94.51
CA MET J 697 3.64 -50.21 93.05
C MET J 697 3.79 -48.81 92.49
N PHE J 698 3.07 -47.86 93.06
CA PHE J 698 2.90 -46.57 92.40
C PHE J 698 4.13 -45.67 92.52
N GLU J 699 4.78 -45.65 93.68
CA GLU J 699 5.96 -44.79 93.80
C GLU J 699 7.18 -45.32 93.06
N VAL J 700 7.06 -46.46 92.39
CA VAL J 700 7.96 -46.81 91.30
C VAL J 700 7.50 -46.13 90.01
N MET J 701 6.19 -45.97 89.84
CA MET J 701 5.60 -45.57 88.56
C MET J 701 5.69 -44.07 88.30
N GLU J 702 5.46 -43.22 89.31
CA GLU J 702 5.59 -41.79 89.01
C GLU J 702 7.04 -41.31 88.75
N PRO J 703 8.12 -41.97 89.20
CA PRO J 703 9.41 -41.70 88.57
C PRO J 703 9.65 -42.49 87.29
N THR J 704 8.82 -43.48 86.98
CA THR J 704 8.99 -44.23 85.74
C THR J 704 8.60 -43.40 84.53
N TRP J 705 7.47 -42.69 84.60
CA TRP J 705 7.15 -41.74 83.54
C TRP J 705 8.01 -40.49 83.60
N HIS J 706 8.58 -40.18 84.78
CA HIS J 706 9.51 -39.06 84.89
C HIS J 706 10.80 -39.33 84.14
N ILE J 707 11.33 -40.56 84.23
CA ILE J 707 12.61 -40.85 83.59
C ILE J 707 12.47 -41.05 82.09
N LEU J 708 11.33 -41.56 81.62
CA LEU J 708 11.23 -41.85 80.20
C LEU J 708 10.95 -40.59 79.41
N GLU J 709 10.45 -39.54 80.07
CA GLU J 709 10.38 -38.22 79.46
C GLU J 709 11.77 -37.60 79.33
N LYS J 710 12.60 -37.73 80.36
CA LYS J 710 13.97 -37.22 80.29
C LYS J 710 14.92 -38.20 79.62
N ASN J 711 14.47 -39.42 79.31
CA ASN J 711 15.20 -40.27 78.39
C ASN J 711 15.13 -39.72 76.98
N LEU J 712 13.94 -39.28 76.56
CA LEU J 712 13.70 -38.84 75.20
C LEU J 712 14.14 -37.39 74.97
N LYS J 713 14.35 -36.62 76.04
CA LYS J 713 14.56 -35.19 75.91
C LYS J 713 16.03 -34.80 75.72
N SER J 714 16.97 -35.55 76.31
CA SER J 714 18.37 -35.17 76.35
C SER J 714 19.26 -36.28 75.79
N ALA J 715 18.92 -36.78 74.60
CA ALA J 715 19.61 -37.92 74.00
C ALA J 715 20.45 -37.45 72.82
N SER J 716 21.75 -37.25 73.03
CA SER J 716 22.68 -36.97 71.94
C SER J 716 23.70 -38.08 71.77
N ASN J 717 24.49 -38.39 72.80
CA ASN J 717 25.35 -39.56 72.79
C ASN J 717 24.53 -40.76 73.27
N ILE J 718 25.21 -41.88 73.54
CA ILE J 718 24.57 -42.96 74.28
C ILE J 718 25.09 -43.04 75.70
N ASP J 719 26.25 -42.44 75.99
CA ASP J 719 26.90 -42.64 77.28
C ASP J 719 26.13 -41.98 78.43
N ASP J 720 25.80 -40.67 78.32
CA ASP J 720 25.06 -40.04 79.41
C ASP J 720 23.66 -40.69 79.52
N VAL J 721 23.03 -40.94 78.36
CA VAL J 721 21.68 -41.51 78.30
C VAL J 721 21.62 -42.83 79.01
N LEU J 722 22.66 -43.67 78.86
CA LEU J 722 22.65 -44.92 79.60
C LEU J 722 22.82 -44.66 81.09
N SER J 723 23.64 -43.68 81.44
CA SER J 723 23.90 -43.38 82.85
C SER J 723 22.68 -42.81 83.56
N HIS J 724 21.91 -41.94 82.89
CA HIS J 724 20.70 -41.49 83.57
C HIS J 724 19.53 -42.42 83.29
N HIS J 725 19.73 -43.45 82.46
CA HIS J 725 18.79 -44.57 82.46
C HIS J 725 19.08 -45.53 83.61
N THR J 726 20.33 -45.60 84.05
CA THR J 726 20.64 -46.32 85.29
C THR J 726 20.24 -45.50 86.52
N SER J 727 19.92 -44.22 86.35
CA SER J 727 19.34 -43.47 87.45
C SER J 727 17.89 -43.87 87.69
N PHE J 728 17.23 -44.41 86.66
CA PHE J 728 15.97 -45.12 86.89
C PHE J 728 16.19 -46.38 87.68
N LEU J 729 17.29 -47.10 87.40
CA LEU J 729 17.66 -48.25 88.22
C LEU J 729 17.98 -47.82 89.64
N ASP J 730 18.63 -46.66 89.79
CA ASP J 730 18.82 -46.07 91.11
C ASP J 730 17.52 -45.60 91.74
N ASN J 731 16.48 -45.37 90.93
CA ASN J 731 15.17 -45.08 91.48
C ASN J 731 14.46 -46.35 91.91
N CYS J 732 14.68 -47.45 91.19
CA CYS J 732 14.25 -48.77 91.68
C CYS J 732 14.99 -49.14 92.95
N LEU J 733 16.25 -48.72 93.08
CA LEU J 733 16.97 -48.88 94.34
C LEU J 733 16.28 -48.14 95.49
N LYS J 734 15.85 -46.91 95.26
CA LYS J 734 15.34 -46.13 96.39
C LYS J 734 13.91 -46.51 96.77
N ASP J 735 13.23 -47.32 95.96
CA ASP J 735 11.90 -47.78 96.36
C ASP J 735 11.97 -49.01 97.26
N CYS J 736 12.95 -49.89 97.06
CA CYS J 736 12.94 -51.21 97.66
C CYS J 736 14.12 -51.48 98.59
N MET J 737 15.30 -50.94 98.28
CA MET J 737 16.48 -51.21 99.12
C MET J 737 16.44 -50.50 100.45
N LEU J 738 15.51 -49.54 100.63
CA LEU J 738 15.39 -48.83 101.90
C LEU J 738 14.91 -49.76 103.00
N THR J 739 14.11 -50.77 102.64
CA THR J 739 13.75 -51.82 103.58
C THR J 739 14.97 -52.69 103.89
N ASN J 740 15.18 -52.94 105.16
CA ASN J 740 16.30 -53.69 105.69
C ASN J 740 15.87 -55.12 106.01
N PRO J 741 16.81 -56.05 106.27
CA PRO J 741 16.42 -57.42 106.66
C PRO J 741 15.55 -57.53 107.91
N GLU J 742 15.56 -56.54 108.80
CA GLU J 742 14.65 -56.59 109.94
C GLU J 742 13.22 -56.29 109.49
N LEU J 743 13.06 -55.44 108.46
CA LEU J 743 11.72 -55.12 107.97
C LEU J 743 11.11 -56.30 107.22
N LEU J 744 11.94 -57.11 106.56
CA LEU J 744 11.43 -58.28 105.85
C LEU J 744 10.94 -59.35 106.81
N LYS J 745 11.49 -59.40 108.03
CA LYS J 745 10.98 -60.31 109.04
C LYS J 745 9.65 -59.84 109.59
N ILE J 746 9.40 -58.54 109.58
CA ILE J 746 8.13 -58.00 110.07
C ILE J 746 7.03 -58.19 109.05
N PHE J 747 7.34 -57.99 107.76
CA PHE J 747 6.33 -58.17 106.72
C PHE J 747 6.01 -59.64 106.49
N SER J 748 6.95 -60.54 106.79
CA SER J 748 6.67 -61.96 106.68
C SER J 748 5.90 -62.51 107.87
N LYS J 749 5.83 -61.75 108.97
CA LYS J 749 4.89 -62.08 110.04
C LYS J 749 3.45 -61.86 109.63
N LEU J 750 3.21 -60.99 108.64
CA LEU J 750 1.86 -60.83 108.11
C LEU J 750 1.40 -62.07 107.35
N MET J 751 2.33 -62.75 106.66
CA MET J 751 1.98 -63.96 105.92
C MET J 751 1.64 -65.11 106.86
N SER J 752 2.40 -65.26 107.94
CA SER J 752 2.21 -66.40 108.83
C SER J 752 0.98 -66.26 109.71
N VAL J 753 0.46 -65.05 109.89
CA VAL J 753 -0.77 -64.88 110.67
C VAL J 753 -2.01 -65.01 109.78
N CYS J 754 -1.86 -64.85 108.45
CA CYS J 754 -2.99 -65.01 107.55
C CYS J 754 -3.32 -66.48 107.30
N VAL J 755 -2.32 -67.35 107.28
CA VAL J 755 -2.58 -68.77 107.08
C VAL J 755 -3.16 -69.39 108.33
N MET J 756 -2.83 -68.84 109.51
CA MET J 756 -3.40 -69.35 110.76
C MET J 756 -4.86 -68.90 110.90
N PHE J 757 -5.19 -67.71 110.44
CA PHE J 757 -6.55 -67.21 110.58
C PHE J 757 -7.48 -67.80 109.52
N THR J 758 -6.95 -68.16 108.36
CA THR J 758 -7.74 -68.86 107.36
C THR J 758 -8.03 -70.29 107.81
N ASN J 759 -7.08 -70.92 108.51
CA ASN J 759 -7.31 -72.22 109.11
C ASN J 759 -8.34 -72.15 110.23
N CYS J 760 -8.45 -70.97 110.88
CA CYS J 760 -9.38 -70.79 111.99
C CYS J 760 -10.83 -70.80 111.52
N LEU J 761 -11.09 -70.27 110.32
CA LEU J 761 -12.47 -70.14 109.84
C LEU J 761 -13.02 -71.45 109.28
N GLN J 762 -12.16 -72.26 108.66
CA GLN J 762 -12.61 -73.53 108.09
C GLN J 762 -12.65 -74.65 109.13
N ARG J 763 -12.01 -74.47 110.29
CA ARG J 763 -12.03 -75.50 111.31
C ARG J 763 -13.39 -75.59 111.99
N PHE J 764 -14.05 -74.45 112.19
CA PHE J 764 -15.38 -74.43 112.80
C PHE J 764 -16.46 -74.26 111.73
N GLU J 821 -11.64 -67.70 120.30
CA GLU J 821 -11.55 -66.31 120.76
C GLU J 821 -10.16 -66.00 121.29
N SER J 822 -9.53 -67.01 121.91
CA SER J 822 -8.18 -66.84 122.41
C SER J 822 -7.17 -66.71 121.27
N THR J 823 -7.41 -67.40 120.14
CA THR J 823 -6.59 -67.20 118.96
C THR J 823 -6.87 -65.84 118.33
N ILE J 824 -8.10 -65.36 118.44
CA ILE J 824 -8.47 -64.04 117.91
C ILE J 824 -7.76 -62.94 118.68
N ASN J 825 -7.67 -63.08 120.00
CA ASN J 825 -6.90 -62.14 120.81
C ASN J 825 -5.41 -62.29 120.56
N ASN J 826 -4.95 -63.48 120.19
CA ASN J 826 -3.55 -63.67 119.82
C ASN J 826 -3.24 -63.02 118.48
N PHE J 827 -4.21 -62.97 117.56
CA PHE J 827 -3.98 -62.33 116.27
C PHE J 827 -3.96 -60.81 116.41
N ASP J 828 -4.82 -60.26 117.29
CA ASP J 828 -4.83 -58.82 117.51
C ASP J 828 -3.58 -58.35 118.23
N SER J 829 -3.02 -59.19 119.11
CA SER J 829 -1.73 -58.86 119.71
C SER J 829 -0.59 -59.05 118.72
N ASN J 830 -0.76 -59.93 117.74
CA ASN J 830 0.22 -60.03 116.65
C ASN J 830 0.15 -58.83 115.73
N PHE J 831 -1.03 -58.22 115.58
CA PHE J 831 -1.14 -57.01 114.77
C PHE J 831 -0.52 -55.82 115.48
N SER J 832 -0.82 -55.64 116.76
CA SER J 832 -0.28 -54.50 117.50
C SER J 832 1.21 -54.62 117.74
N ALA J 833 1.78 -55.83 117.66
CA ALA J 833 3.24 -55.95 117.61
C ALA J 833 3.79 -55.46 116.28
N HIS J 834 3.09 -55.74 115.18
CA HIS J 834 3.47 -55.21 113.88
C HIS J 834 3.31 -53.70 113.83
N LEU J 835 2.26 -53.17 114.45
CA LEU J 835 2.05 -51.72 114.47
C LEU J 835 3.08 -51.01 115.33
N MET J 836 3.58 -51.66 116.38
CA MET J 836 4.70 -51.10 117.14
C MET J 836 6.02 -51.26 116.40
N ASP J 837 6.16 -52.33 115.62
CA ASP J 837 7.37 -52.49 114.80
C ASP J 837 7.41 -51.47 113.68
N LEU J 838 6.26 -51.08 113.13
CA LEU J 838 6.21 -50.05 112.11
C LEU J 838 6.58 -48.68 112.68
N LEU J 839 6.28 -48.45 113.96
CA LEU J 839 6.72 -47.24 114.63
C LEU J 839 8.21 -47.25 114.89
N ASP J 840 8.80 -48.44 115.04
CA ASP J 840 10.24 -48.56 115.21
C ASP J 840 10.97 -48.24 113.92
N LYS J 841 10.40 -48.65 112.78
CA LYS J 841 11.01 -48.32 111.50
C LYS J 841 10.81 -46.84 111.17
N LEU J 842 9.79 -46.23 111.74
CA LEU J 842 9.59 -44.79 111.58
C LEU J 842 10.69 -44.00 112.28
N SER J 843 11.16 -44.50 113.44
CA SER J 843 12.27 -43.86 114.13
C SER J 843 13.60 -44.19 113.48
N MET J 844 13.71 -45.37 112.84
CA MET J 844 14.93 -45.72 112.13
C MET J 844 15.10 -44.89 110.85
N TYR J 845 13.98 -44.63 110.16
CA TYR J 845 14.04 -43.80 108.96
C TYR J 845 14.22 -42.33 109.27
N SER J 846 13.85 -41.88 110.48
CA SER J 846 14.11 -40.50 110.86
C SER J 846 15.59 -40.25 111.17
N THR J 847 16.29 -41.28 111.64
CA THR J 847 17.69 -41.16 112.03
C THR J 847 18.64 -41.57 110.92
N SER J 848 18.23 -41.44 109.66
CA SER J 848 19.03 -41.87 108.52
C SER J 848 19.96 -40.73 108.09
N ASP J 849 20.51 -40.83 106.87
CA ASP J 849 21.54 -39.92 106.37
C ASP J 849 21.03 -38.51 106.07
N CYS J 850 19.72 -38.26 106.19
CA CYS J 850 19.08 -36.94 106.02
C CYS J 850 19.30 -36.38 104.61
N GLU J 851 19.09 -37.22 103.61
CA GLU J 851 19.17 -36.83 102.21
C GLU J 851 17.75 -36.66 101.65
N HIS J 852 17.66 -36.51 100.32
CA HIS J 852 16.36 -36.44 99.66
C HIS J 852 15.62 -37.77 99.71
N SER J 853 16.35 -38.88 99.69
CA SER J 853 15.69 -40.18 99.81
C SER J 853 15.20 -40.43 101.23
N MET J 854 15.85 -39.81 102.22
CA MET J 854 15.36 -39.88 103.59
C MET J 854 14.02 -39.19 103.73
N ILE J 855 13.86 -38.04 103.07
CA ILE J 855 12.65 -37.23 103.19
C ILE J 855 11.46 -37.95 102.55
N ASN J 856 11.70 -38.68 101.46
CA ASN J 856 10.60 -39.40 100.79
C ASN J 856 10.16 -40.62 101.59
N ILE J 857 11.10 -41.32 102.23
CA ILE J 857 10.72 -42.51 102.99
C ILE J 857 10.16 -42.11 104.35
N ILE J 858 10.54 -40.94 104.89
CA ILE J 858 9.99 -40.54 106.18
C ILE J 858 8.65 -39.88 106.01
N TYR J 859 8.34 -39.34 104.82
CA TYR J 859 7.03 -38.77 104.58
C TYR J 859 5.99 -39.86 104.38
N ARG J 860 6.35 -40.92 103.66
CA ARG J 860 5.39 -41.99 103.36
C ARG J 860 5.12 -42.89 104.56
N LEU J 861 5.99 -42.89 105.57
CA LEU J 861 5.75 -43.69 106.76
C LEU J 861 5.12 -42.90 107.90
N ASP J 862 5.31 -41.58 107.92
CA ASP J 862 4.36 -40.72 108.64
C ASP J 862 2.98 -40.81 108.01
N PHE J 863 2.93 -41.01 106.69
CA PHE J 863 1.66 -41.10 105.98
C PHE J 863 0.95 -42.40 106.30
N ASN J 864 1.68 -43.51 106.44
CA ASN J 864 1.08 -44.75 106.89
C ASN J 864 0.74 -44.72 108.37
N GLY J 865 1.44 -43.89 109.16
CA GLY J 865 1.09 -43.73 110.56
C GLY J 865 -0.16 -42.89 110.77
N PHE J 866 -0.45 -41.98 109.83
CA PHE J 866 -1.70 -41.23 109.88
C PHE J 866 -2.89 -42.07 109.45
N TYR J 867 -2.64 -43.21 108.82
CA TYR J 867 -3.63 -44.27 108.70
C TYR J 867 -3.61 -45.13 109.95
N LEU K 209 95.03 -43.38 34.01
CA LEU K 209 93.79 -44.18 34.04
C LEU K 209 92.51 -43.61 33.35
N PRO K 210 92.10 -42.34 33.56
CA PRO K 210 90.82 -41.91 32.97
C PRO K 210 90.82 -41.79 31.46
N SER K 211 91.98 -41.61 30.81
CA SER K 211 92.02 -41.75 29.36
C SER K 211 91.96 -43.22 28.97
N GLN K 212 92.56 -44.10 29.79
CA GLN K 212 92.50 -45.52 29.53
C GLN K 212 91.11 -46.08 29.76
N GLU K 213 90.32 -45.45 30.63
CA GLU K 213 88.95 -45.89 30.85
C GLU K 213 88.05 -45.48 29.69
N THR K 214 88.30 -44.31 29.10
CA THR K 214 87.42 -43.81 28.04
C THR K 214 87.62 -44.55 26.73
N CYS K 215 88.85 -45.00 26.44
CA CYS K 215 89.03 -45.81 25.23
C CYS K 215 88.56 -47.23 25.44
N LEU K 216 88.49 -47.70 26.68
CA LEU K 216 87.78 -48.95 26.97
C LEU K 216 86.28 -48.76 27.00
N VAL K 217 85.79 -47.52 27.06
CA VAL K 217 84.39 -47.25 26.83
C VAL K 217 84.09 -47.27 25.33
N GLU K 218 84.99 -46.67 24.54
CA GLU K 218 84.78 -46.58 23.10
C GLU K 218 85.00 -47.92 22.39
N ASP K 219 85.98 -48.71 22.87
CA ASP K 219 86.18 -50.03 22.28
C ASP K 219 85.05 -50.98 22.64
N LEU K 220 84.51 -50.85 23.85
CA LEU K 220 83.33 -51.62 24.23
C LEU K 220 82.09 -51.17 23.45
N LEU K 221 82.02 -49.89 23.09
CA LEU K 221 80.87 -49.37 22.35
C LEU K 221 80.76 -50.03 20.98
N TYR K 222 81.89 -50.39 20.39
CA TYR K 222 81.89 -51.10 19.12
C TYR K 222 81.57 -52.57 19.31
N ILE K 223 81.86 -53.10 20.51
CA ILE K 223 81.56 -54.50 20.83
C ILE K 223 80.05 -54.71 20.94
N LEU K 224 79.33 -53.74 21.53
CA LEU K 224 77.88 -53.84 21.66
C LEU K 224 77.17 -53.74 20.32
N ILE K 225 77.77 -53.03 19.36
CA ILE K 225 77.23 -52.92 18.01
C ILE K 225 77.28 -54.27 17.30
N GLY K 226 78.30 -55.07 17.57
CA GLY K 226 78.45 -56.38 16.97
C GLY K 226 79.71 -56.53 16.15
N VAL K 227 80.44 -55.45 15.88
CA VAL K 227 81.70 -55.54 15.18
C VAL K 227 82.81 -55.81 16.20
N ASP K 228 83.91 -56.37 15.72
CA ASP K 228 85.03 -56.73 16.58
C ASP K 228 85.94 -55.52 16.75
N GLY K 229 86.29 -55.22 18.00
CA GLY K 229 87.04 -54.04 18.33
C GLY K 229 88.53 -54.20 18.17
N ARG K 230 89.26 -53.33 18.87
CA ARG K 230 90.71 -53.26 18.80
C ARG K 230 91.39 -53.91 20.00
N TYR K 231 90.99 -53.53 21.21
CA TYR K 231 91.57 -54.09 22.43
C TYR K 231 90.77 -55.27 22.98
N ILE K 232 89.55 -55.48 22.50
CA ILE K 232 88.74 -56.63 22.87
C ILE K 232 88.44 -57.42 21.60
N SER K 233 88.93 -58.66 21.54
CA SER K 233 88.75 -59.52 20.39
C SER K 233 87.63 -60.53 20.64
N VAL K 234 86.86 -60.83 19.60
CA VAL K 234 85.68 -61.67 19.69
C VAL K 234 85.94 -62.93 18.89
N GLN K 235 85.61 -64.08 19.49
CA GLN K 235 85.82 -65.34 18.78
C GLN K 235 84.76 -66.37 19.15
N PRO K 236 84.03 -66.91 18.17
CA PRO K 236 83.09 -68.01 18.47
C PRO K 236 83.76 -69.38 18.43
N LEU K 237 83.74 -70.10 19.55
CA LEU K 237 84.23 -71.47 19.59
C LEU K 237 83.11 -72.49 19.44
N VAL K 238 81.85 -72.05 19.53
CA VAL K 238 80.72 -72.95 19.71
C VAL K 238 79.72 -72.71 18.58
N GLY K 239 78.93 -73.74 18.29
CA GLY K 239 77.85 -73.63 17.32
C GLY K 239 76.71 -72.75 17.77
N ARG K 240 76.61 -72.48 19.07
CA ARG K 240 75.65 -71.50 19.57
C ARG K 240 76.04 -70.10 19.10
N GLN K 241 75.05 -69.21 19.12
CA GLN K 241 75.21 -67.89 18.55
C GLN K 241 76.05 -66.97 19.43
N SER K 242 76.23 -67.33 20.69
CA SER K 242 77.03 -66.53 21.62
C SER K 242 78.51 -66.76 21.36
N ARG K 243 79.24 -65.67 21.13
CA ARG K 243 80.67 -65.71 20.89
C ARG K 243 81.41 -65.26 22.14
N SER K 244 82.65 -65.75 22.30
CA SER K 244 83.42 -65.42 23.48
C SER K 244 84.11 -64.07 23.30
N PHE K 245 84.30 -63.36 24.41
CA PHE K 245 84.90 -62.04 24.41
C PHE K 245 86.14 -62.06 25.30
N SER K 246 87.28 -61.68 24.74
CA SER K 246 88.55 -61.63 25.46
C SER K 246 89.02 -60.19 25.53
N VAL K 247 89.18 -59.68 26.73
CA VAL K 247 89.80 -58.38 26.94
C VAL K 247 91.29 -58.59 27.18
N GLU K 248 92.10 -57.72 26.59
CA GLU K 248 93.54 -57.80 26.78
C GLU K 248 93.92 -57.32 28.18
N GLN K 249 95.16 -57.59 28.56
CA GLN K 249 95.67 -57.10 29.83
C GLN K 249 95.87 -55.59 29.77
N ASN K 250 95.62 -54.91 30.88
CA ASN K 250 95.66 -53.46 30.94
C ASN K 250 96.71 -53.01 31.94
N LEU K 251 96.99 -51.70 31.92
CA LEU K 251 97.90 -51.11 32.88
C LEU K 251 97.31 -51.11 34.29
N ASP K 252 95.99 -51.14 34.41
CA ASP K 252 95.32 -51.35 35.68
C ASP K 252 94.37 -52.53 35.54
N SER K 253 94.51 -53.51 36.43
CA SER K 253 93.72 -54.73 36.38
C SER K 253 92.31 -54.56 36.90
N SER K 254 92.00 -53.42 37.52
CA SER K 254 90.67 -53.18 38.08
C SER K 254 89.63 -53.00 36.98
N VAL K 255 89.91 -52.06 36.06
CA VAL K 255 88.98 -51.74 34.98
C VAL K 255 88.85 -52.92 34.03
N LYS K 256 89.91 -53.74 33.89
CA LYS K 256 89.86 -54.95 33.07
C LYS K 256 88.81 -55.93 33.59
N GLU K 257 88.61 -55.99 34.90
CA GLU K 257 87.51 -56.80 35.42
C GLU K 257 86.18 -56.07 35.31
N LEU K 258 86.19 -54.74 35.37
CA LEU K 258 84.95 -53.97 35.32
C LEU K 258 84.35 -53.98 33.92
N VAL K 259 85.21 -53.98 32.89
CA VAL K 259 84.75 -54.13 31.51
C VAL K 259 84.33 -55.58 31.25
N ASN K 260 84.84 -56.52 32.04
CA ASN K 260 84.65 -57.95 31.78
C ASN K 260 83.21 -58.41 32.01
N ARG K 261 82.46 -57.73 32.87
CA ARG K 261 81.08 -58.10 33.11
C ARG K 261 80.10 -57.35 32.21
N ILE K 262 80.59 -56.41 31.39
CA ILE K 262 79.77 -55.79 30.37
C ILE K 262 79.88 -56.56 29.05
N LEU K 263 80.87 -57.43 28.91
CA LEU K 263 80.97 -58.34 27.78
C LEU K 263 79.89 -59.43 27.73
N PRO K 264 79.26 -59.88 28.82
CA PRO K 264 78.03 -60.70 28.67
C PRO K 264 76.84 -60.01 28.00
N VAL K 265 76.89 -58.71 27.71
CA VAL K 265 75.75 -58.05 27.09
C VAL K 265 75.75 -58.27 25.58
N ALA K 266 76.89 -57.99 24.94
CA ALA K 266 77.05 -58.26 23.52
C ALA K 266 77.14 -59.76 23.23
N THR K 267 77.39 -60.57 24.27
CA THR K 267 77.13 -62.01 24.18
C THR K 267 75.67 -62.28 23.86
N ASN K 268 74.77 -61.50 24.44
CA ASN K 268 73.34 -61.68 24.22
C ASN K 268 72.83 -60.93 23.00
N TYR K 269 73.50 -59.85 22.59
CA TYR K 269 73.15 -59.20 21.33
C TYR K 269 73.56 -60.05 20.14
N SER K 270 74.75 -60.66 20.20
CA SER K 270 75.18 -61.57 19.15
C SER K 270 74.41 -62.89 19.18
N THR K 271 73.67 -63.16 20.26
CA THR K 271 72.90 -64.39 20.31
C THR K 271 71.63 -64.28 19.48
N VAL K 272 70.83 -63.24 19.70
CA VAL K 272 69.49 -63.28 19.13
C VAL K 272 69.50 -62.71 17.71
N THR K 273 70.39 -61.77 17.40
CA THR K 273 70.41 -61.16 16.08
C THR K 273 71.03 -62.04 15.00
N ARG K 274 71.93 -62.95 15.36
CA ARG K 274 72.36 -63.93 14.36
C ARG K 274 71.25 -64.95 14.10
N PHE K 275 70.42 -65.23 15.12
CA PHE K 275 69.34 -66.18 14.94
C PHE K 275 68.27 -65.62 14.00
N VAL K 276 67.95 -64.34 14.12
CA VAL K 276 66.86 -63.78 13.32
C VAL K 276 67.26 -63.52 11.87
N GLU K 277 68.57 -63.46 11.58
CA GLU K 277 69.00 -63.34 10.20
C GLU K 277 69.23 -64.70 9.55
N GLU K 278 69.60 -65.71 10.35
CA GLU K 278 69.65 -67.08 9.85
C GLU K 278 68.24 -67.59 9.57
N ASN K 279 67.28 -67.19 10.42
CA ASN K 279 65.88 -67.52 10.21
C ASN K 279 65.32 -66.84 8.97
N SER K 280 65.83 -65.66 8.65
CA SER K 280 65.36 -64.86 7.53
C SER K 280 65.98 -65.28 6.20
N SER K 281 67.25 -65.70 6.23
CA SER K 281 67.97 -66.04 5.01
C SER K 281 67.55 -67.40 4.46
N PHE K 282 67.51 -68.43 5.32
CA PHE K 282 67.12 -69.78 4.91
C PHE K 282 65.59 -69.81 4.85
N GLU K 283 65.06 -69.28 3.75
CA GLU K 283 63.74 -68.64 3.74
C GLU K 283 62.61 -69.57 4.14
N TYR K 284 61.79 -69.10 5.09
CA TYR K 284 60.59 -69.79 5.52
C TYR K 284 59.42 -68.85 5.43
N GLY K 285 58.24 -69.42 5.28
CA GLY K 285 57.02 -68.67 5.51
C GLY K 285 56.52 -68.76 6.93
N GLN K 286 57.27 -69.43 7.80
CA GLN K 286 56.81 -69.88 9.10
C GLN K 286 56.57 -68.70 10.06
N VAL K 287 55.96 -69.03 11.19
CA VAL K 287 55.77 -68.07 12.26
C VAL K 287 57.08 -67.78 12.98
N ASN K 288 58.09 -68.64 12.79
CA ASN K 288 59.43 -68.38 13.32
C ASN K 288 60.11 -67.25 12.55
N HIS K 289 59.71 -67.03 11.29
CA HIS K 289 60.20 -65.88 10.55
C HIS K 289 59.58 -64.58 11.04
N ALA K 290 58.25 -64.60 11.29
CA ALA K 290 57.57 -63.43 11.84
C ALA K 290 57.96 -63.17 13.29
N LEU K 291 58.43 -64.20 14.00
CA LEU K 291 59.01 -64.00 15.32
C LEU K 291 60.28 -63.16 15.23
N GLY K 292 61.10 -63.42 14.20
CA GLY K 292 62.35 -62.68 14.03
C GLY K 292 62.15 -61.25 13.60
N ALA K 293 61.01 -60.92 13.00
CA ALA K 293 60.72 -59.54 12.64
C ALA K 293 60.37 -58.70 13.85
N ALA K 294 59.70 -59.30 14.85
CA ALA K 294 59.42 -58.59 16.09
C ALA K 294 60.70 -58.35 16.89
N MET K 295 61.70 -59.21 16.72
CA MET K 295 63.00 -59.03 17.35
C MET K 295 63.89 -58.08 16.58
N ARG K 296 63.66 -57.91 15.28
CA ARG K 296 64.49 -57.02 14.48
C ARG K 296 64.14 -55.55 14.72
N THR K 297 62.84 -55.24 14.82
CA THR K 297 62.42 -53.87 15.08
C THR K 297 62.73 -53.44 16.51
N LEU K 298 62.92 -54.39 17.43
CA LEU K 298 63.41 -54.03 18.76
C LEU K 298 64.90 -53.73 18.71
N GLY K 299 65.62 -54.27 17.73
CA GLY K 299 67.01 -53.92 17.51
C GLY K 299 67.21 -52.51 17.00
N LYS K 300 66.18 -51.92 16.38
CA LYS K 300 66.24 -50.52 16.01
C LYS K 300 66.28 -49.63 17.24
N GLU K 301 65.53 -49.99 18.28
CA GLU K 301 65.53 -49.21 19.50
C GLU K 301 66.82 -49.40 20.29
N TYR K 302 67.48 -50.55 20.13
CA TYR K 302 68.76 -50.78 20.82
C TYR K 302 69.88 -49.98 20.18
N MET K 303 69.93 -49.94 18.84
CA MET K 303 71.02 -49.27 18.16
C MET K 303 70.89 -47.76 18.18
N ILE K 304 69.71 -47.23 18.50
CA ILE K 304 69.51 -45.79 18.44
C ILE K 304 69.96 -45.09 19.72
N LEU K 305 70.00 -45.78 20.86
CA LEU K 305 70.55 -45.14 22.06
C LEU K 305 72.06 -45.03 22.00
N ILE K 306 72.73 -45.97 21.33
CA ILE K 306 74.18 -45.98 21.28
C ILE K 306 74.69 -44.81 20.45
N SER K 307 73.98 -44.47 19.39
CA SER K 307 74.35 -43.33 18.57
C SER K 307 74.04 -41.99 19.24
N GLN K 308 73.08 -41.95 20.17
CA GLN K 308 72.73 -40.68 20.81
C GLN K 308 73.78 -40.27 21.84
N LEU K 309 74.34 -41.23 22.58
CA LEU K 309 75.40 -40.89 23.51
C LEU K 309 76.74 -40.65 22.82
N GLU K 310 76.87 -41.05 21.56
CA GLU K 310 78.06 -40.71 20.78
C GLU K 310 78.10 -39.25 20.40
N HIS K 311 76.95 -38.56 20.43
CA HIS K 311 76.97 -37.09 20.35
C HIS K 311 77.62 -36.48 21.58
N LEU K 312 77.52 -37.15 22.72
CA LEU K 312 78.24 -36.76 23.93
C LEU K 312 79.66 -37.30 23.97
N GLN K 313 80.05 -38.11 22.99
CA GLN K 313 81.43 -38.59 22.89
C GLN K 313 82.35 -37.61 22.18
N ARG K 314 81.79 -36.72 21.33
CA ARG K 314 82.57 -35.61 20.81
C ARG K 314 82.81 -34.55 21.86
N GLN K 315 81.95 -34.47 22.87
CA GLN K 315 82.19 -33.73 24.10
C GLN K 315 82.69 -34.66 25.19
N GLY K 316 83.50 -35.66 24.82
CA GLY K 316 83.70 -36.87 25.58
C GLY K 316 84.15 -36.76 27.03
N LEU K 317 83.18 -37.00 27.92
CA LEU K 317 83.43 -37.07 29.35
C LEU K 317 82.65 -38.19 30.00
N LEU K 318 81.93 -39.01 29.23
CA LEU K 318 81.06 -40.04 29.78
C LEU K 318 81.90 -41.16 30.40
N SER K 319 81.28 -41.84 31.35
CA SER K 319 82.00 -42.66 32.31
C SER K 319 81.91 -44.14 31.96
N LEU K 320 82.69 -44.91 32.71
CA LEU K 320 82.50 -46.35 32.82
C LEU K 320 81.29 -46.70 33.66
N GLN K 321 80.71 -45.73 34.37
CA GLN K 321 79.58 -45.90 35.28
C GLN K 321 78.28 -45.37 34.74
N LYS K 322 78.31 -44.20 34.08
CA LYS K 322 77.14 -43.71 33.36
C LYS K 322 76.77 -44.64 32.22
N LEU K 323 77.78 -45.21 31.55
CA LEU K 323 77.55 -46.27 30.59
C LEU K 323 77.10 -47.56 31.27
N TRP K 324 77.50 -47.78 32.53
CA TRP K 324 77.22 -49.07 33.15
C TRP K 324 75.75 -49.13 33.54
N PHE K 325 75.16 -47.96 33.84
CA PHE K 325 73.75 -47.92 34.20
C PHE K 325 72.87 -48.21 32.99
N TYR K 326 73.17 -47.61 31.83
CA TYR K 326 72.38 -47.87 30.64
C TYR K 326 72.54 -49.27 30.10
N ILE K 327 73.62 -49.96 30.43
CA ILE K 327 73.77 -51.32 29.91
C ILE K 327 73.08 -52.34 30.81
N GLN K 328 72.69 -51.97 32.03
CA GLN K 328 72.05 -52.99 32.85
C GLN K 328 70.55 -53.14 32.48
N PRO K 329 69.80 -52.06 32.21
CA PRO K 329 68.58 -52.22 31.37
C PRO K 329 68.77 -52.88 30.03
N THR K 330 69.84 -52.59 29.28
CA THR K 330 69.91 -53.23 27.96
C THR K 330 70.69 -54.53 27.97
N LEU K 331 71.21 -54.98 29.12
CA LEU K 331 71.51 -56.41 29.24
C LEU K 331 70.23 -57.17 29.51
N ARG K 332 69.29 -56.55 30.25
CA ARG K 332 67.97 -57.12 30.52
C ARG K 332 67.20 -57.40 29.24
N THR K 333 67.19 -56.42 28.31
CA THR K 333 66.50 -56.62 27.04
C THR K 333 67.15 -57.72 26.22
N MET K 334 68.49 -57.81 26.29
CA MET K 334 69.21 -58.76 25.45
C MET K 334 69.25 -60.15 26.08
N GLU K 335 69.25 -60.23 27.42
CA GLU K 335 69.32 -61.54 28.08
C GLU K 335 68.03 -62.31 27.94
N VAL K 336 66.88 -61.62 28.00
CA VAL K 336 65.62 -62.28 27.71
C VAL K 336 65.56 -62.72 26.26
N LEU K 337 66.04 -61.86 25.34
CA LEU K 337 66.06 -62.21 23.92
C LEU K 337 67.03 -63.35 23.64
N ALA K 338 68.15 -63.41 24.37
CA ALA K 338 69.09 -64.51 24.21
C ALA K 338 68.51 -65.81 24.75
N SER K 339 67.83 -65.73 25.89
CA SER K 339 67.26 -66.91 26.53
C SER K 339 66.00 -67.42 25.83
N ILE K 340 65.32 -66.57 25.03
CA ILE K 340 64.35 -67.10 24.09
C ILE K 340 65.06 -67.78 22.93
N ALA K 341 66.16 -67.19 22.45
CA ALA K 341 66.88 -67.74 21.31
C ALA K 341 67.58 -69.04 21.67
N THR K 342 68.11 -69.15 22.90
CA THR K 342 68.76 -70.38 23.35
C THR K 342 67.76 -71.52 23.47
N SER K 343 66.54 -71.20 23.90
CA SER K 343 65.48 -72.20 23.95
C SER K 343 65.03 -72.62 22.57
N LEU K 344 65.15 -71.73 21.58
CA LEU K 344 64.73 -72.07 20.22
C LEU K 344 65.77 -72.91 19.49
N ASN K 345 67.03 -72.85 19.91
CA ASN K 345 68.03 -73.74 19.32
C ASN K 345 67.90 -75.15 19.86
N LYS K 346 67.60 -75.30 21.15
CA LYS K 346 67.39 -76.61 21.74
C LYS K 346 66.05 -77.20 21.33
N GLY K 347 65.07 -76.35 20.98
CA GLY K 347 63.72 -76.80 20.69
C GLY K 347 63.48 -77.36 19.30
N GLU K 348 63.84 -76.59 18.27
CA GLU K 348 63.57 -76.85 16.85
C GLU K 348 62.09 -76.99 16.55
N CYS K 349 61.28 -76.10 17.10
CA CYS K 349 59.84 -76.13 16.87
C CYS K 349 59.45 -75.14 15.78
N PHE K 350 58.24 -75.34 15.25
CA PHE K 350 57.67 -74.45 14.25
C PHE K 350 56.16 -74.61 14.28
N GLY K 351 55.46 -73.62 13.73
CA GLY K 351 54.02 -73.68 13.67
C GLY K 351 53.40 -73.49 15.05
N GLY K 352 52.33 -74.23 15.31
CA GLY K 352 51.64 -74.16 16.59
C GLY K 352 52.46 -74.64 17.77
N ALA K 353 53.46 -75.50 17.53
CA ALA K 353 54.38 -75.90 18.59
C ALA K 353 55.21 -74.72 19.07
N THR K 354 55.50 -73.77 18.19
CA THR K 354 56.15 -72.53 18.61
C THR K 354 55.15 -71.63 19.34
N LEU K 355 53.88 -71.63 18.88
CA LEU K 355 52.83 -70.83 19.51
C LEU K 355 52.54 -71.25 20.95
N SER K 356 52.63 -72.55 21.25
CA SER K 356 52.42 -73.01 22.61
C SER K 356 53.65 -72.81 23.49
N LEU K 357 54.84 -72.76 22.90
CA LEU K 357 56.03 -72.43 23.67
C LEU K 357 56.03 -70.96 24.06
N LEU K 358 55.61 -70.09 23.15
CA LEU K 358 55.53 -68.66 23.45
C LEU K 358 54.36 -68.35 24.37
N HIS K 359 53.31 -69.17 24.36
CA HIS K 359 52.23 -69.03 25.34
C HIS K 359 52.70 -69.41 26.74
N ASP K 360 53.68 -70.31 26.84
CA ASP K 360 54.20 -70.69 28.15
C ASP K 360 55.12 -69.61 28.69
N ARG K 361 55.76 -68.84 27.82
CA ARG K 361 56.61 -67.74 28.26
C ARG K 361 55.82 -66.52 28.70
N THR K 362 54.53 -66.44 28.35
CA THR K 362 53.69 -65.40 28.94
C THR K 362 53.32 -65.74 30.37
N PHE K 363 53.36 -67.02 30.74
CA PHE K 363 53.11 -67.42 32.11
C PHE K 363 54.33 -67.15 33.00
N GLY K 364 55.50 -67.60 32.56
CA GLY K 364 56.69 -67.56 33.37
C GLY K 364 57.27 -66.19 33.60
N TYR K 365 57.30 -65.35 32.58
CA TYR K 365 57.87 -64.01 32.69
C TYR K 365 56.82 -63.01 33.19
N THR K 366 56.38 -63.24 34.42
CA THR K 366 55.45 -62.35 35.11
C THR K 366 56.06 -61.99 36.46
N GLY K 367 56.05 -60.70 36.78
CA GLY K 367 56.73 -60.20 37.96
C GLY K 367 57.64 -59.07 37.59
N ASP K 368 58.24 -59.18 36.40
CA ASP K 368 58.90 -58.07 35.74
C ASP K 368 57.96 -57.58 34.66
N SER K 369 57.59 -56.29 34.73
CA SER K 369 56.57 -55.74 33.84
C SER K 369 57.06 -55.70 32.40
N GLN K 370 58.30 -55.25 32.19
CA GLN K 370 58.82 -55.02 30.87
C GLN K 370 59.38 -56.29 30.21
N ALA K 371 59.68 -57.32 31.01
CA ALA K 371 59.92 -58.64 30.41
C ALA K 371 58.61 -59.32 30.05
N GLN K 372 57.52 -58.95 30.73
CA GLN K 372 56.19 -59.45 30.37
C GLN K 372 55.71 -58.82 29.06
N GLU K 373 56.05 -57.55 28.84
CA GLU K 373 55.50 -56.81 27.71
C GLU K 373 56.08 -57.30 26.37
N LEU K 374 57.35 -57.70 26.36
CA LEU K 374 57.91 -58.24 25.12
C LEU K 374 57.46 -59.67 24.89
N CYS K 375 57.37 -60.46 25.96
CA CYS K 375 56.91 -61.85 25.82
C CYS K 375 55.43 -61.92 25.45
N LEU K 376 54.66 -60.90 25.84
CA LEU K 376 53.32 -60.74 25.28
C LEU K 376 53.38 -60.41 23.80
N TYR K 377 54.20 -59.40 23.45
CA TYR K 377 54.28 -58.93 22.08
C TYR K 377 54.88 -59.97 21.14
N LEU K 378 55.80 -60.80 21.63
CA LEU K 378 56.33 -61.88 20.81
C LEU K 378 55.27 -62.95 20.57
N THR K 379 54.40 -63.19 21.55
CA THR K 379 53.29 -64.12 21.36
C THR K 379 52.24 -63.53 20.41
N LYS K 380 51.98 -62.23 20.53
CA LYS K 380 50.97 -61.60 19.67
C LYS K 380 51.47 -61.48 18.23
N ALA K 381 52.78 -61.35 18.03
CA ALA K 381 53.35 -61.31 16.69
C ALA K 381 53.54 -62.70 16.10
N ALA K 382 53.46 -63.75 16.91
CA ALA K 382 53.48 -65.11 16.39
C ALA K 382 52.08 -65.64 16.12
N SER K 383 51.05 -65.04 16.73
CA SER K 383 49.69 -65.53 16.59
C SER K 383 48.92 -64.82 15.49
N ALA K 384 49.30 -63.60 15.14
CA ALA K 384 48.62 -62.89 14.08
C ALA K 384 48.92 -63.46 12.68
N PRO K 385 50.12 -64.02 12.41
CA PRO K 385 50.21 -64.93 11.25
C PRO K 385 49.34 -66.16 11.39
N TYR K 386 49.42 -66.85 12.53
CA TYR K 386 48.81 -68.18 12.68
C TYR K 386 47.28 -68.12 12.62
N PHE K 387 46.68 -67.18 13.35
CA PHE K 387 45.23 -67.05 13.32
C PHE K 387 44.73 -66.38 12.04
N ASP K 388 45.61 -65.82 11.22
CA ASP K 388 45.23 -65.46 9.86
C ASP K 388 45.20 -66.67 8.96
N ILE K 389 46.07 -67.66 9.21
CA ILE K 389 46.01 -68.92 8.49
C ILE K 389 44.79 -69.72 8.95
N LEU K 390 44.37 -69.52 10.20
CA LEU K 390 43.08 -70.05 10.65
C LEU K 390 41.93 -69.45 9.84
N GLU K 391 41.87 -68.11 9.79
CA GLU K 391 40.76 -67.42 9.14
C GLU K 391 40.75 -67.65 7.63
N ARG K 392 41.92 -67.78 7.01
CA ARG K 392 41.94 -68.11 5.58
C ARG K 392 41.55 -69.55 5.30
N TRP K 393 41.49 -70.40 6.32
CA TRP K 393 40.88 -71.71 6.19
C TRP K 393 39.39 -71.69 6.49
N ILE K 394 38.90 -70.66 7.18
CA ILE K 394 37.48 -70.65 7.52
C ILE K 394 36.64 -70.06 6.38
N TYR K 395 37.14 -69.06 5.64
CA TYR K 395 36.24 -68.43 4.67
C TYR K 395 36.09 -69.23 3.39
N ARG K 396 37.12 -69.96 2.95
CA ARG K 396 36.98 -70.82 1.78
C ARG K 396 37.37 -72.26 2.08
N GLY K 397 38.42 -72.44 2.87
CA GLY K 397 39.05 -73.73 2.99
C GLY K 397 40.31 -73.78 2.16
N ILE K 398 41.03 -72.67 2.13
CA ILE K 398 42.30 -72.57 1.42
C ILE K 398 43.38 -73.05 2.38
N ILE K 399 43.84 -74.28 2.19
CA ILE K 399 44.95 -74.84 2.95
C ILE K 399 46.20 -74.68 2.13
N ASN K 400 47.06 -73.75 2.52
CA ASN K 400 48.37 -73.56 1.90
C ASN K 400 49.45 -73.81 2.95
N ASP K 401 50.49 -74.51 2.53
CA ASP K 401 51.56 -74.93 3.45
C ASP K 401 52.90 -74.56 2.83
N PRO K 402 53.51 -73.44 3.23
CA PRO K 402 54.90 -73.18 2.81
C PRO K 402 55.85 -74.15 3.48
N TYR K 403 55.69 -74.33 4.79
CA TYR K 403 56.40 -75.35 5.56
C TYR K 403 55.47 -76.00 6.58
N SER K 404 54.18 -76.11 6.24
CA SER K 404 53.11 -76.57 7.13
C SER K 404 53.04 -75.74 8.41
N GLU K 405 52.71 -74.46 8.23
CA GLU K 405 52.46 -73.57 9.36
C GLU K 405 51.26 -74.04 10.17
N PHE K 406 50.11 -74.12 9.53
CA PHE K 406 48.92 -74.62 10.20
C PHE K 406 49.03 -76.13 10.39
N MET K 407 48.20 -76.64 11.28
CA MET K 407 48.25 -78.05 11.60
C MET K 407 47.55 -78.90 10.55
N VAL K 408 46.40 -78.43 10.05
CA VAL K 408 45.47 -79.29 9.31
C VAL K 408 45.96 -79.45 7.88
N GLU K 409 46.11 -80.69 7.45
CA GLU K 409 46.54 -81.03 6.10
C GLU K 409 45.37 -81.59 5.31
N GLU K 410 45.37 -81.32 4.02
CA GLU K 410 44.33 -81.82 3.13
C GLU K 410 44.46 -83.33 2.95
N HIS K 411 43.33 -84.02 2.96
CA HIS K 411 43.32 -85.47 2.82
C HIS K 411 43.71 -85.93 1.40
N TRP K 427 35.61 -87.47 -0.15
CA TRP K 427 35.38 -88.89 0.13
C TRP K 427 36.06 -89.30 1.44
N ASP K 428 37.22 -88.71 1.71
CA ASP K 428 38.11 -89.24 2.74
C ASP K 428 37.69 -88.80 4.15
N GLN K 429 37.42 -87.50 4.33
CA GLN K 429 37.11 -86.87 5.62
C GLN K 429 38.22 -87.12 6.64
N ARG K 430 39.44 -86.69 6.29
CA ARG K 430 40.67 -87.07 6.98
C ARG K 430 41.52 -85.82 7.24
N TYR K 431 40.94 -84.82 7.91
CA TYR K 431 41.66 -83.58 8.16
C TYR K 431 42.56 -83.63 9.41
N THR K 432 42.24 -84.48 10.42
CA THR K 432 43.15 -85.12 11.40
C THR K 432 44.28 -84.27 12.01
N ILE K 433 43.97 -83.45 13.05
CA ILE K 433 44.49 -82.09 13.26
C ILE K 433 45.99 -81.92 13.05
N VAL K 434 46.83 -82.34 14.00
CA VAL K 434 48.06 -83.14 13.98
C VAL K 434 48.40 -83.20 15.47
N GLN K 435 49.18 -84.19 15.90
CA GLN K 435 49.78 -84.07 17.21
C GLN K 435 51.11 -83.33 17.19
N GLN K 436 51.56 -82.94 15.99
CA GLN K 436 52.80 -82.17 15.86
C GLN K 436 52.63 -80.76 16.40
N GLN K 437 51.45 -80.17 16.22
CA GLN K 437 51.19 -78.79 16.59
C GLN K 437 49.88 -78.71 17.37
N ILE K 438 49.71 -77.62 18.09
CA ILE K 438 48.56 -77.36 18.94
C ILE K 438 48.45 -75.84 19.01
N PRO K 439 47.24 -75.23 19.07
CA PRO K 439 47.18 -73.77 19.18
C PRO K 439 47.64 -73.21 20.52
N SER K 440 47.44 -71.91 20.72
CA SER K 440 47.75 -71.29 22.02
C SER K 440 46.89 -71.89 23.14
N PHE K 441 45.69 -72.33 22.81
CA PHE K 441 44.88 -73.08 23.75
C PHE K 441 45.10 -74.58 23.60
N LEU K 442 44.34 -75.34 24.38
CA LEU K 442 44.41 -76.79 24.39
C LEU K 442 43.71 -77.35 23.14
N GLN K 443 43.75 -78.68 23.00
CA GLN K 443 43.19 -79.42 21.88
C GLN K 443 41.68 -79.25 21.71
N LYS K 444 40.97 -78.70 22.69
CA LYS K 444 39.54 -78.50 22.55
C LYS K 444 39.22 -77.48 21.46
N VAL K 445 40.02 -76.42 21.36
CA VAL K 445 39.78 -75.46 20.27
C VAL K 445 40.34 -75.97 18.96
N ALA K 446 41.28 -76.92 19.00
CA ALA K 446 41.78 -77.53 17.76
C ALA K 446 40.75 -78.50 17.19
N ASP K 447 40.05 -79.23 18.05
CA ASP K 447 38.91 -80.02 17.62
C ASP K 447 37.76 -79.14 17.17
N LYS K 448 37.63 -77.94 17.76
CA LYS K 448 36.57 -77.03 17.36
C LYS K 448 36.83 -76.43 15.98
N ILE K 449 38.09 -76.15 15.66
CA ILE K 449 38.36 -75.56 14.34
C ILE K 449 38.49 -76.64 13.28
N LEU K 450 38.82 -77.87 13.67
CA LEU K 450 38.87 -78.98 12.71
C LEU K 450 37.49 -79.28 12.15
N SER K 451 36.51 -79.39 13.03
CA SER K 451 35.14 -79.66 12.61
C SER K 451 34.52 -78.46 11.91
N THR K 452 35.06 -77.26 12.13
CA THR K 452 34.65 -76.09 11.35
C THR K 452 35.03 -76.27 9.89
N GLY K 453 36.27 -76.69 9.63
CA GLY K 453 36.72 -76.97 8.27
C GLY K 453 36.05 -78.16 7.63
N LYS K 454 35.51 -79.07 8.43
CA LYS K 454 34.79 -80.20 7.86
C LYS K 454 33.40 -79.81 7.38
N TYR K 455 32.71 -78.91 8.08
CA TYR K 455 31.37 -78.52 7.64
C TYR K 455 31.42 -77.49 6.52
N LEU K 456 32.42 -76.60 6.51
CA LEU K 456 32.51 -75.64 5.41
C LEU K 456 32.95 -76.30 4.12
N ASN K 457 33.64 -77.45 4.21
CA ASN K 457 33.99 -78.19 3.01
C ASN K 457 32.81 -78.98 2.46
N VAL K 458 31.82 -79.29 3.30
CA VAL K 458 30.61 -79.96 2.83
C VAL K 458 29.78 -79.02 1.98
N VAL K 459 29.60 -77.77 2.45
CA VAL K 459 28.84 -76.80 1.67
C VAL K 459 29.65 -76.35 0.45
N ARG K 460 30.99 -76.37 0.56
CA ARG K 460 31.85 -76.04 -0.59
C ARG K 460 31.72 -77.09 -1.70
N GLU K 461 31.40 -78.34 -1.32
CA GLU K 461 31.18 -79.38 -2.32
C GLU K 461 29.93 -79.10 -3.14
N CYS K 462 28.93 -78.45 -2.55
CA CYS K 462 27.78 -78.01 -3.32
C CYS K 462 28.13 -76.80 -4.18
N GLY K 463 28.58 -75.72 -3.54
CA GLY K 463 28.96 -74.51 -4.26
C GLY K 463 29.73 -73.60 -3.33
N HIS K 464 30.36 -72.59 -3.92
CA HIS K 464 31.19 -71.67 -3.13
C HIS K 464 30.31 -70.56 -2.57
N ASP K 465 29.62 -70.88 -1.46
CA ASP K 465 28.80 -69.88 -0.78
C ASP K 465 28.85 -70.09 0.73
N VAL K 466 29.74 -69.32 1.39
CA VAL K 466 29.72 -69.06 2.83
C VAL K 466 30.64 -67.85 3.03
N THR K 467 30.37 -67.06 4.07
CA THR K 467 31.28 -66.01 4.50
C THR K 467 31.33 -66.07 6.03
N CYS K 468 32.51 -65.77 6.57
CA CYS K 468 32.67 -65.64 8.01
C CYS K 468 31.77 -64.53 8.53
N PRO K 469 31.18 -64.66 9.73
CA PRO K 469 30.12 -63.72 10.14
C PRO K 469 30.62 -62.32 10.43
N ASP K 470 31.88 -62.16 10.81
CA ASP K 470 32.46 -60.83 10.88
C ASP K 470 33.09 -60.47 9.54
N ALA K 471 33.22 -59.15 9.30
CA ALA K 471 33.92 -58.70 8.11
C ALA K 471 35.43 -58.90 8.24
N LYS K 472 35.93 -58.91 9.48
CA LYS K 472 37.34 -59.13 9.77
C LYS K 472 37.45 -59.94 11.05
N GLU K 473 38.23 -61.02 11.00
CA GLU K 473 38.45 -61.89 12.14
C GLU K 473 39.78 -61.53 12.80
N ILE K 474 39.72 -61.11 14.06
CA ILE K 474 40.89 -60.77 14.84
C ILE K 474 40.97 -61.71 16.04
N THR K 475 42.15 -62.28 16.27
CA THR K 475 42.46 -62.97 17.51
C THR K 475 43.63 -62.28 18.22
N TYR K 476 44.32 -61.35 17.55
CA TYR K 476 45.44 -60.63 18.16
C TYR K 476 44.96 -59.55 19.13
N THR K 477 44.30 -60.00 20.18
CA THR K 477 43.69 -59.19 21.23
C THR K 477 43.80 -60.01 22.51
N LEU K 478 43.88 -59.32 23.67
CA LEU K 478 44.03 -59.97 24.96
C LEU K 478 42.89 -60.95 25.27
N LYS K 479 41.67 -60.64 24.82
CA LYS K 479 40.62 -61.64 24.86
C LYS K 479 40.85 -62.67 23.77
N GLU K 480 40.93 -63.95 24.16
CA GLU K 480 41.10 -65.03 23.19
C GLU K 480 40.15 -66.18 23.45
N GLN K 481 39.65 -66.30 24.68
CA GLN K 481 38.74 -67.40 24.97
C GLN K 481 37.30 -67.04 24.60
N ALA K 482 37.01 -65.74 24.51
CA ALA K 482 35.75 -65.30 23.93
C ALA K 482 35.80 -65.25 22.41
N TYR K 483 36.96 -65.49 21.81
CA TYR K 483 37.05 -65.53 20.35
C TYR K 483 36.98 -66.94 19.80
N VAL K 484 37.40 -67.94 20.57
CA VAL K 484 37.08 -69.31 20.22
C VAL K 484 35.64 -69.66 20.59
N GLU K 485 34.99 -68.86 21.45
CA GLU K 485 33.56 -69.07 21.60
C GLU K 485 32.76 -68.35 20.53
N ARG K 486 33.35 -67.36 19.84
CA ARG K 486 32.67 -66.91 18.64
C ARG K 486 33.11 -67.70 17.42
N ILE K 487 34.16 -68.51 17.56
CA ILE K 487 34.39 -69.57 16.60
C ILE K 487 33.40 -70.72 16.81
N GLU K 488 32.91 -70.98 18.04
CA GLU K 488 32.06 -72.15 18.17
C GLU K 488 30.63 -71.89 17.73
N LYS K 489 30.17 -70.67 17.91
CA LYS K 489 28.91 -70.19 17.36
C LYS K 489 28.96 -70.02 15.85
N ALA K 490 30.15 -70.14 15.26
CA ALA K 490 30.31 -70.09 13.80
C ALA K 490 30.12 -71.47 13.17
N TYR K 491 30.76 -72.51 13.72
CA TYR K 491 30.52 -73.88 13.23
C TYR K 491 29.16 -74.43 13.62
N ASN K 492 28.54 -73.87 14.66
CA ASN K 492 27.14 -74.17 14.90
C ASN K 492 26.26 -73.63 13.78
N TYR K 493 26.61 -72.44 13.27
CA TYR K 493 25.87 -71.87 12.14
C TYR K 493 26.16 -72.64 10.85
N ALA K 494 27.37 -73.18 10.72
CA ALA K 494 27.70 -74.01 9.56
C ALA K 494 26.95 -75.33 9.62
N SER K 495 26.70 -75.82 10.84
CA SER K 495 25.81 -76.97 11.00
C SER K 495 24.38 -76.62 10.61
N LYS K 496 23.95 -75.40 10.93
CA LYS K 496 22.58 -75.00 10.67
C LYS K 496 22.31 -74.82 9.19
N VAL K 497 23.31 -74.32 8.44
CA VAL K 497 23.15 -74.24 7.00
C VAL K 497 23.39 -75.57 6.32
N LEU K 498 24.02 -76.53 7.01
CA LEU K 498 24.03 -77.89 6.49
C LEU K 498 22.70 -78.56 6.82
N LEU K 499 22.17 -78.31 8.02
CA LEU K 499 20.83 -78.77 8.37
C LEU K 499 19.76 -78.13 7.49
N ASP K 500 19.98 -76.87 7.10
CA ASP K 500 19.23 -76.27 6.00
C ASP K 500 19.26 -77.15 4.76
N PHE K 501 20.48 -77.51 4.31
CA PHE K 501 20.62 -78.15 3.02
C PHE K 501 20.12 -79.59 3.06
N LEU K 502 20.02 -80.17 4.26
CA LEU K 502 19.32 -81.44 4.45
C LEU K 502 17.82 -81.28 4.25
N MET K 503 17.23 -80.23 4.82
CA MET K 503 15.79 -80.09 4.90
C MET K 503 15.17 -79.54 3.61
N GLU K 504 15.96 -79.02 2.68
CA GLU K 504 15.42 -78.34 1.50
C GLU K 504 15.36 -79.25 0.28
N GLU K 505 16.49 -79.88 -0.08
CA GLU K 505 16.68 -80.63 -1.30
C GLU K 505 16.84 -82.11 -1.00
N GLU K 506 17.51 -82.42 0.10
CA GLU K 506 18.00 -83.78 0.34
C GLU K 506 16.99 -84.66 1.06
N GLU K 507 16.23 -84.09 2.01
CA GLU K 507 15.19 -84.78 2.78
C GLU K 507 15.76 -85.98 3.54
N LEU K 508 16.61 -85.66 4.52
CA LEU K 508 17.20 -86.68 5.38
C LEU K 508 16.14 -87.44 6.17
N VAL K 509 15.10 -86.74 6.63
CA VAL K 509 14.04 -87.36 7.41
C VAL K 509 13.24 -88.33 6.54
N ALA K 510 12.95 -87.93 5.31
CA ALA K 510 12.26 -88.83 4.38
C ALA K 510 13.15 -89.97 3.93
N HIS K 511 14.46 -89.76 3.88
CA HIS K 511 15.38 -90.86 3.56
C HIS K 511 15.44 -91.86 4.70
N LEU K 512 15.49 -91.40 5.95
CA LEU K 512 15.49 -92.32 7.08
C LEU K 512 14.13 -92.99 7.26
N ARG K 513 13.05 -92.29 6.87
CA ARG K 513 11.72 -92.90 6.89
C ARG K 513 11.62 -93.98 5.81
N SER K 514 12.15 -93.70 4.61
CA SER K 514 12.03 -94.68 3.54
C SER K 514 12.94 -95.88 3.76
N ILE K 515 14.03 -95.72 4.51
CA ILE K 515 14.85 -96.89 4.79
C ILE K 515 14.31 -97.63 6.00
N LYS K 516 14.44 -97.02 7.19
CA LYS K 516 14.79 -97.82 8.37
C LYS K 516 13.66 -98.73 8.85
N HIS K 517 12.53 -98.14 9.25
CA HIS K 517 11.48 -99.01 9.78
C HIS K 517 10.83 -99.79 8.66
N TYR K 518 10.88 -99.26 7.43
CA TYR K 518 10.54 -100.03 6.25
C TYR K 518 11.57 -101.13 5.98
N PHE K 519 12.81 -100.95 6.45
CA PHE K 519 13.85 -101.96 6.25
C PHE K 519 13.77 -103.06 7.28
N LEU K 520 13.30 -102.76 8.51
CA LEU K 520 13.00 -103.83 9.46
C LEU K 520 11.85 -104.64 8.87
N MET K 521 10.63 -104.08 8.94
CA MET K 521 9.57 -104.05 7.95
C MET K 521 8.44 -103.17 8.50
N ASP K 522 8.06 -102.11 7.80
CA ASP K 522 6.99 -101.24 8.30
C ASP K 522 5.67 -101.52 7.58
N GLN K 523 5.67 -101.36 6.26
CA GLN K 523 4.50 -101.63 5.44
C GLN K 523 4.74 -102.97 4.75
N GLY K 524 4.20 -104.02 5.34
CA GLY K 524 4.40 -105.37 4.82
C GLY K 524 3.67 -105.69 3.54
N ASP K 525 2.72 -104.84 3.13
CA ASP K 525 2.01 -105.06 1.87
C ASP K 525 2.93 -104.92 0.67
N PHE K 526 3.99 -104.13 0.79
CA PHE K 526 5.08 -104.18 -0.17
C PHE K 526 5.80 -105.52 -0.14
N PHE K 527 5.90 -106.13 1.03
CA PHE K 527 6.75 -107.30 1.21
C PHE K 527 6.00 -108.62 1.18
N VAL K 528 4.72 -108.65 1.61
CA VAL K 528 3.96 -109.90 1.49
C VAL K 528 3.60 -110.19 0.05
N HIS K 529 3.56 -109.16 -0.80
CA HIS K 529 3.50 -109.41 -2.25
C HIS K 529 4.81 -109.99 -2.75
N PHE K 530 5.92 -109.53 -2.20
CA PHE K 530 7.21 -110.10 -2.54
C PHE K 530 7.44 -111.42 -1.83
N MET K 531 6.73 -111.66 -0.72
CA MET K 531 6.84 -112.94 -0.03
C MET K 531 5.97 -114.01 -0.69
N ASP K 532 5.02 -113.60 -1.53
CA ASP K 532 4.38 -114.56 -2.43
C ASP K 532 5.38 -115.10 -3.45
N LEU K 533 6.38 -114.30 -3.80
CA LEU K 533 7.35 -114.65 -4.82
C LEU K 533 8.71 -115.03 -4.23
N THR K 534 8.78 -115.20 -2.91
CA THR K 534 9.89 -115.89 -2.28
C THR K 534 9.59 -117.36 -2.03
N GLU K 535 8.34 -117.78 -2.19
CA GLU K 535 7.95 -119.16 -1.99
C GLU K 535 7.97 -119.98 -3.27
N GLU K 536 7.96 -119.32 -4.43
CA GLU K 536 8.04 -120.01 -5.71
C GLU K 536 9.47 -120.16 -6.20
N GLU K 537 10.35 -119.21 -5.88
CA GLU K 537 11.70 -119.16 -6.40
C GLU K 537 12.75 -119.61 -5.39
N LEU K 538 12.66 -119.14 -4.15
CA LEU K 538 13.75 -119.28 -3.19
C LEU K 538 13.68 -120.64 -2.49
N LYS K 539 13.97 -121.67 -3.29
CA LYS K 539 14.11 -123.04 -2.80
C LYS K 539 15.53 -123.55 -2.93
N LYS K 540 16.30 -123.00 -3.87
CA LYS K 540 17.67 -123.39 -4.19
C LYS K 540 18.46 -122.10 -4.26
N PRO K 541 19.81 -122.16 -4.11
CA PRO K 541 20.65 -120.99 -4.39
C PRO K 541 20.47 -120.36 -5.77
N VAL K 542 20.98 -119.15 -5.96
CA VAL K 542 20.67 -118.40 -7.17
C VAL K 542 21.47 -118.94 -8.35
N ASP K 543 20.79 -119.06 -9.50
CA ASP K 543 21.40 -119.43 -10.76
C ASP K 543 21.83 -118.16 -11.49
N ASP K 544 22.15 -118.30 -12.78
CA ASP K 544 22.57 -117.15 -13.57
C ASP K 544 21.41 -116.35 -14.14
N ILE K 545 20.21 -116.94 -14.22
CA ILE K 545 19.04 -116.22 -14.72
C ILE K 545 18.09 -115.82 -13.60
N ILE K 546 18.36 -116.22 -12.36
CA ILE K 546 17.49 -115.92 -11.21
C ILE K 546 17.58 -114.46 -10.74
N PRO K 547 18.76 -113.82 -10.55
CA PRO K 547 18.74 -112.43 -10.05
C PRO K 547 18.21 -111.40 -11.05
N THR K 548 18.09 -111.75 -12.33
CA THR K 548 17.37 -110.88 -13.26
C THR K 548 15.88 -110.88 -12.98
N ARG K 549 15.35 -111.99 -12.48
CA ARG K 549 13.93 -112.07 -12.14
C ARG K 549 13.63 -111.41 -10.80
N LEU K 550 14.60 -111.41 -9.86
CA LEU K 550 14.34 -110.89 -8.53
C LEU K 550 14.17 -109.38 -8.52
N GLU K 551 14.93 -108.67 -9.36
CA GLU K 551 14.69 -107.24 -9.50
C GLU K 551 13.40 -106.96 -10.26
N ALA K 552 13.00 -107.87 -11.16
CA ALA K 552 11.73 -107.73 -11.84
C ALA K 552 10.55 -107.94 -10.91
N LEU K 553 10.76 -108.69 -9.82
CA LEU K 553 9.70 -108.92 -8.85
C LEU K 553 9.64 -107.86 -7.76
N LEU K 554 10.78 -107.23 -7.43
CA LEU K 554 10.78 -106.10 -6.52
C LEU K 554 10.04 -104.91 -7.11
N GLU K 555 10.26 -104.65 -8.40
CA GLU K 555 9.61 -103.54 -9.08
C GLU K 555 8.15 -103.85 -9.38
N LEU K 556 7.82 -105.14 -9.53
CA LEU K 556 6.43 -105.55 -9.62
C LEU K 556 5.71 -105.34 -8.29
N ALA K 557 6.38 -105.70 -7.19
CA ALA K 557 5.80 -105.50 -5.87
C ALA K 557 5.85 -104.04 -5.41
N LEU K 558 6.49 -103.15 -6.17
CA LEU K 558 6.44 -101.74 -5.84
C LEU K 558 5.03 -101.19 -6.05
N ARG K 559 4.50 -101.37 -7.26
CA ARG K 559 3.35 -100.58 -7.66
C ARG K 559 2.04 -101.32 -7.51
N MET K 560 2.09 -102.60 -7.17
CA MET K 560 0.87 -103.29 -6.78
C MET K 560 0.41 -102.87 -5.39
N SER K 561 1.33 -102.38 -4.54
CA SER K 561 0.98 -101.91 -3.21
C SER K 561 1.16 -100.40 -3.07
N THR K 562 1.26 -99.67 -4.20
CA THR K 562 1.06 -98.22 -4.31
C THR K 562 2.03 -97.42 -3.43
N ALA K 563 3.31 -97.45 -3.81
CA ALA K 563 4.29 -96.59 -3.15
C ALA K 563 3.97 -95.12 -3.40
N ASN K 564 4.25 -94.30 -2.39
CA ASN K 564 3.88 -92.90 -2.43
C ASN K 564 4.95 -92.02 -3.06
N THR K 565 6.22 -92.44 -3.03
CA THR K 565 7.31 -91.67 -3.62
C THR K 565 8.25 -92.66 -4.31
N ASP K 566 8.16 -92.72 -5.64
CA ASP K 566 8.99 -93.66 -6.40
C ASP K 566 10.51 -93.41 -6.46
N PRO K 567 11.08 -92.19 -6.44
CA PRO K 567 12.55 -92.11 -6.44
C PRO K 567 13.20 -92.41 -5.09
N PHE K 568 12.42 -92.68 -4.05
CA PHE K 568 12.97 -93.12 -2.78
C PHE K 568 12.99 -94.63 -2.64
N LYS K 569 12.40 -95.36 -3.59
CA LYS K 569 12.34 -96.81 -3.53
C LYS K 569 12.98 -97.50 -4.72
N ASP K 570 13.53 -96.77 -5.67
CA ASP K 570 14.32 -97.37 -6.74
C ASP K 570 15.80 -97.50 -6.36
N ASP K 571 16.16 -97.13 -5.14
CA ASP K 571 17.52 -97.27 -4.63
C ASP K 571 17.77 -98.64 -4.02
N LEU K 572 16.79 -99.53 -4.06
CA LEU K 572 16.93 -100.88 -3.53
C LEU K 572 17.63 -101.77 -4.54
N LYS K 573 18.72 -102.41 -4.13
CA LYS K 573 19.41 -103.39 -4.95
C LYS K 573 19.37 -104.74 -4.26
N ILE K 574 19.84 -105.77 -4.95
CA ILE K 574 19.57 -107.15 -4.59
C ILE K 574 20.91 -107.88 -4.46
N GLU K 575 21.16 -108.46 -3.28
CA GLU K 575 22.38 -109.19 -3.03
C GLU K 575 22.36 -110.55 -3.71
N LEU K 576 23.49 -110.93 -4.30
CA LEU K 576 23.64 -112.24 -4.92
C LEU K 576 23.67 -113.33 -3.83
N THR K 605 27.12 -109.32 12.66
CA THR K 605 28.55 -109.03 12.77
C THR K 605 29.37 -110.14 12.10
N GLU K 606 29.99 -110.98 12.93
CA GLU K 606 30.80 -112.10 12.46
C GLU K 606 30.01 -113.39 12.37
N LEU K 607 28.69 -113.30 12.23
CA LEU K 607 27.81 -114.45 12.18
C LEU K 607 27.33 -114.69 10.75
N ALA K 608 26.60 -115.77 10.58
CA ALA K 608 26.07 -116.16 9.29
C ALA K 608 24.55 -116.15 9.31
N LEU K 609 23.96 -116.45 8.15
CA LEU K 609 22.52 -116.53 7.99
C LEU K 609 21.97 -117.80 8.64
N SER K 610 20.65 -117.93 8.62
CA SER K 610 19.96 -119.05 9.27
C SER K 610 19.06 -119.82 8.32
N GLY K 611 19.43 -119.87 7.04
CA GLY K 611 18.67 -120.60 6.05
C GLY K 611 19.52 -121.13 4.90
N LEU K 612 19.05 -120.93 3.67
CA LEU K 612 19.83 -121.29 2.48
C LEU K 612 20.09 -120.09 1.58
N GLU K 613 19.39 -118.99 1.74
CA GLU K 613 19.41 -117.89 0.80
C GLU K 613 20.45 -116.85 1.20
N SER K 614 21.22 -116.38 0.21
CA SER K 614 22.11 -115.24 0.39
C SER K 614 21.43 -113.93 0.03
N PHE K 615 20.09 -113.90 0.08
CA PHE K 615 19.33 -112.75 -0.35
C PHE K 615 19.26 -111.70 0.75
N SER K 616 19.44 -110.44 0.33
CA SER K 616 19.29 -109.30 1.22
C SER K 616 19.05 -108.05 0.36
N PHE K 617 18.78 -106.95 1.04
CA PHE K 617 18.65 -105.65 0.40
C PHE K 617 19.83 -104.76 0.79
N ASP K 618 20.21 -103.88 -0.13
CA ASP K 618 21.23 -102.87 0.12
C ASP K 618 20.75 -101.54 -0.46
N TYR K 619 20.87 -100.47 0.32
CA TYR K 619 20.42 -99.15 -0.11
C TYR K 619 21.57 -98.40 -0.74
N ILE K 620 21.30 -97.77 -1.89
CA ILE K 620 22.30 -97.02 -2.64
C ILE K 620 22.19 -95.55 -2.28
N VAL K 621 23.30 -94.95 -1.87
CA VAL K 621 23.32 -93.58 -1.37
C VAL K 621 24.68 -92.96 -1.68
N LYS K 622 24.69 -91.68 -2.03
CA LYS K 622 25.89 -90.97 -2.41
C LYS K 622 26.05 -89.71 -1.56
N TRP K 623 27.04 -88.88 -1.92
CA TRP K 623 27.41 -87.73 -1.12
C TRP K 623 26.38 -86.61 -1.25
N PRO K 624 26.24 -85.76 -0.21
CA PRO K 624 26.78 -85.88 1.15
C PRO K 624 25.87 -86.63 2.10
N LEU K 625 24.96 -87.43 1.54
CA LEU K 625 24.09 -88.25 2.35
C LEU K 625 24.77 -89.52 2.83
N SER K 626 25.88 -89.92 2.19
CA SER K 626 26.67 -91.05 2.68
C SER K 626 27.42 -90.73 3.96
N LEU K 627 27.52 -89.45 4.32
CA LEU K 627 28.17 -89.05 5.56
C LEU K 627 27.37 -89.46 6.78
N ILE K 628 26.04 -89.56 6.66
CA ILE K 628 25.18 -89.86 7.80
C ILE K 628 24.65 -91.29 7.76
N ILE K 629 24.31 -91.81 6.58
CA ILE K 629 23.94 -93.22 6.45
C ILE K 629 25.14 -93.92 5.80
N ASN K 630 25.93 -94.59 6.63
CA ASN K 630 27.21 -95.09 6.17
C ASN K 630 27.04 -96.44 5.47
N ARG K 631 28.10 -96.84 4.76
CA ARG K 631 28.13 -98.16 4.17
C ARG K 631 28.40 -99.24 5.22
N LYS K 632 29.04 -98.87 6.33
CA LYS K 632 29.06 -99.73 7.50
C LYS K 632 27.69 -99.84 8.14
N ALA K 633 26.89 -98.77 8.04
CA ALA K 633 25.54 -98.80 8.58
C ALA K 633 24.62 -99.67 7.74
N LEU K 634 24.89 -99.80 6.44
CA LEU K 634 24.11 -100.70 5.59
C LEU K 634 24.32 -102.15 5.98
N THR K 635 25.54 -102.50 6.43
CA THR K 635 25.81 -103.85 6.90
C THR K 635 25.06 -104.14 8.20
N ARG K 636 24.93 -103.12 9.06
CA ARG K 636 24.09 -103.25 10.24
C ARG K 636 22.62 -103.37 9.87
N TYR K 637 22.21 -102.72 8.78
CA TYR K 637 20.86 -102.91 8.27
C TYR K 637 20.70 -104.26 7.61
N GLN K 638 21.78 -104.78 7.02
CA GLN K 638 21.71 -106.04 6.28
C GLN K 638 21.51 -107.24 7.20
N MET K 639 21.86 -107.12 8.47
CA MET K 639 21.66 -108.21 9.41
C MET K 639 20.22 -108.26 9.92
N LEU K 640 19.60 -107.09 10.15
CA LEU K 640 18.24 -107.07 10.67
C LEU K 640 17.22 -107.44 9.60
N PHE K 641 17.52 -107.18 8.33
CA PHE K 641 16.59 -107.54 7.27
C PHE K 641 16.56 -109.06 7.06
N ARG K 642 17.68 -109.74 7.31
CA ARG K 642 17.72 -111.19 7.14
C ARG K 642 16.95 -111.88 8.26
N HIS K 643 17.05 -111.36 9.49
CA HIS K 643 16.31 -111.93 10.62
C HIS K 643 14.82 -111.72 10.46
N MET K 644 14.39 -110.51 10.11
CA MET K 644 12.97 -110.19 10.10
C MET K 644 12.25 -110.81 8.91
N PHE K 645 12.95 -110.98 7.78
CA PHE K 645 12.33 -111.64 6.64
C PHE K 645 12.17 -113.14 6.88
N TYR K 646 13.08 -113.75 7.64
CA TYR K 646 13.07 -115.20 7.79
C TYR K 646 11.94 -115.68 8.68
N CYS K 647 11.70 -114.98 9.80
CA CYS K 647 10.56 -115.31 10.63
C CYS K 647 9.24 -114.89 9.98
N LYS K 648 9.29 -113.94 9.05
CA LYS K 648 8.11 -113.62 8.25
C LYS K 648 7.89 -114.68 7.18
N HIS K 649 8.99 -115.16 6.58
CA HIS K 649 8.96 -116.31 5.66
C HIS K 649 8.36 -117.53 6.32
N VAL K 650 8.65 -117.73 7.60
CA VAL K 650 8.05 -118.84 8.35
C VAL K 650 6.55 -118.62 8.52
N GLU K 651 6.16 -117.38 8.85
CA GLU K 651 4.76 -117.06 9.18
C GLU K 651 3.84 -117.27 7.98
N ARG K 652 4.37 -117.02 6.78
CA ARG K 652 3.59 -117.19 5.53
C ARG K 652 3.28 -118.68 5.34
N LEU K 653 4.32 -119.51 5.22
CA LEU K 653 4.12 -120.94 4.87
C LEU K 653 3.31 -121.62 5.97
N LEU K 654 3.59 -121.32 7.23
CA LEU K 654 2.88 -121.97 8.37
C LEU K 654 1.39 -121.59 8.30
N CYS K 655 1.11 -120.31 8.03
CA CYS K 655 -0.30 -119.83 7.95
C CYS K 655 -0.99 -120.53 6.78
N ASN K 656 -0.29 -120.69 5.65
CA ASN K 656 -0.88 -121.36 4.47
C ASN K 656 -1.20 -122.81 4.83
N VAL K 657 -0.30 -123.47 5.54
CA VAL K 657 -0.52 -124.90 5.92
C VAL K 657 -1.75 -124.95 6.82
N TRP K 658 -1.86 -123.99 7.75
CA TRP K 658 -2.99 -123.97 8.70
C TRP K 658 -4.30 -123.80 7.91
N ILE K 659 -4.33 -122.88 6.95
CA ILE K 659 -5.57 -122.62 6.16
C ILE K 659 -5.91 -123.88 5.36
N SER K 660 -4.90 -124.55 4.79
CA SER K 660 -5.15 -125.77 3.99
C SER K 660 -5.76 -126.85 4.90
N ASN K 661 -5.22 -126.99 6.11
CA ASN K 661 -5.74 -128.00 7.08
C ASN K 661 -7.19 -127.66 7.44
N LYS K 662 -7.47 -126.36 7.62
CA LYS K 662 -8.84 -125.90 7.96
C LYS K 662 -9.80 -126.24 6.82
N THR K 663 -9.35 -126.07 5.57
CA THR K 663 -10.24 -126.27 4.39
C THR K 663 -10.42 -127.77 4.12
N LYS K 673 -8.97 -137.16 19.59
CA LYS K 673 -8.72 -137.42 18.18
C LYS K 673 -7.29 -137.05 17.81
N TRP K 674 -6.72 -137.75 16.83
CA TRP K 674 -5.33 -137.47 16.46
C TRP K 674 -5.24 -136.23 15.59
N PHE K 675 -6.27 -135.96 14.78
CA PHE K 675 -6.30 -134.77 13.95
C PHE K 675 -6.64 -133.53 14.76
N ALA K 676 -7.41 -133.69 15.83
CA ALA K 676 -7.65 -132.58 16.75
C ALA K 676 -6.39 -132.25 17.55
N GLY K 677 -5.60 -133.27 17.88
CA GLY K 677 -4.33 -133.02 18.54
C GLY K 677 -3.27 -132.47 17.60
N ALA K 678 -3.37 -132.79 16.31
CA ALA K 678 -2.46 -132.22 15.32
C ALA K 678 -2.77 -130.75 15.10
N PHE K 679 -4.04 -130.37 15.16
CA PHE K 679 -4.41 -128.96 15.19
C PHE K 679 -4.05 -128.30 16.51
N THR K 680 -3.86 -129.09 17.57
CA THR K 680 -3.58 -128.54 18.89
C THR K 680 -2.11 -128.17 19.03
N LEU K 681 -1.21 -128.97 18.44
CA LEU K 681 0.21 -128.61 18.47
C LEU K 681 0.49 -127.40 17.58
N ARG K 682 -0.18 -127.32 16.43
CA ARG K 682 0.08 -126.22 15.50
C ARG K 682 -0.43 -124.90 16.04
N GLN K 683 -1.61 -124.89 16.65
CA GLN K 683 -2.16 -123.66 17.20
C GLN K 683 -1.37 -123.20 18.42
N ARG K 684 -0.83 -124.14 19.20
CA ARG K 684 0.08 -123.78 20.29
C ARG K 684 1.38 -123.20 19.76
N MET K 685 1.94 -123.80 18.70
CA MET K 685 3.21 -123.31 18.17
C MET K 685 3.02 -122.04 17.36
N LEU K 686 1.87 -121.88 16.69
CA LEU K 686 1.58 -120.64 15.97
C LEU K 686 1.38 -119.48 16.93
N ASN K 687 0.64 -119.71 18.02
CA ASN K 687 0.40 -118.64 18.98
C ASN K 687 1.67 -118.30 19.77
N PHE K 688 2.58 -119.27 19.91
CA PHE K 688 3.90 -118.95 20.41
C PHE K 688 4.66 -118.04 19.46
N VAL K 689 4.63 -118.35 18.16
CA VAL K 689 5.42 -117.55 17.24
C VAL K 689 4.68 -116.29 16.80
N GLN K 690 3.37 -116.21 16.98
CA GLN K 690 2.74 -114.91 16.72
C GLN K 690 3.05 -113.90 17.83
N ASN K 691 3.12 -114.36 19.08
CA ASN K 691 3.34 -113.43 20.20
C ASN K 691 4.76 -112.88 20.22
N ILE K 692 5.77 -113.74 19.98
CA ILE K 692 7.17 -113.35 20.10
C ILE K 692 7.54 -112.34 19.01
N GLN K 693 6.95 -112.49 17.84
CA GLN K 693 7.26 -111.63 16.71
C GLN K 693 6.46 -110.34 16.70
N TYR K 694 5.38 -110.27 17.48
CA TYR K 694 4.79 -108.97 17.76
C TYR K 694 5.66 -108.21 18.74
N TYR K 695 6.27 -108.94 19.69
CA TYR K 695 7.16 -108.34 20.67
C TYR K 695 8.39 -107.75 19.98
N MET K 696 8.94 -108.47 19.00
CA MET K 696 10.05 -107.96 18.21
C MET K 696 9.61 -106.80 17.33
N MET K 697 8.37 -106.83 16.86
CA MET K 697 7.88 -105.71 16.05
C MET K 697 7.60 -104.48 16.93
N PHE K 698 7.04 -104.69 18.13
CA PHE K 698 6.72 -103.56 18.99
C PHE K 698 7.95 -102.98 19.68
N GLU K 699 8.82 -103.83 20.22
CA GLU K 699 9.99 -103.35 20.96
C GLU K 699 11.19 -103.06 20.07
N VAL K 700 11.09 -103.28 18.76
CA VAL K 700 11.89 -102.45 17.86
C VAL K 700 11.25 -101.08 17.73
N MET K 701 9.92 -101.05 17.56
CA MET K 701 9.21 -99.83 17.17
C MET K 701 9.26 -98.74 18.24
N GLU K 702 9.43 -99.11 19.50
CA GLU K 702 9.45 -98.01 20.47
C GLU K 702 10.81 -97.33 20.59
N PRO K 703 11.95 -98.03 20.46
CA PRO K 703 13.16 -97.31 20.05
C PRO K 703 13.09 -96.57 18.72
N THR K 704 12.19 -96.93 17.79
CA THR K 704 12.09 -96.17 16.54
C THR K 704 11.44 -94.82 16.76
N TRP K 705 10.38 -94.76 17.57
CA TRP K 705 9.80 -93.45 17.85
C TRP K 705 10.68 -92.65 18.80
N HIS K 706 11.41 -93.33 19.69
CA HIS K 706 12.36 -92.62 20.55
C HIS K 706 13.55 -92.10 19.76
N ILE K 707 13.97 -92.81 18.72
CA ILE K 707 15.09 -92.30 17.92
C ILE K 707 14.60 -91.20 16.98
N LEU K 708 13.31 -91.18 16.67
CA LEU K 708 12.75 -90.10 15.86
C LEU K 708 12.64 -88.82 16.66
N GLU K 709 12.25 -88.93 17.93
CA GLU K 709 11.97 -87.74 18.73
C GLU K 709 13.25 -87.00 19.13
N LYS K 710 14.34 -87.72 19.39
CA LYS K 710 15.57 -87.06 19.83
C LYS K 710 16.32 -86.39 18.68
N ASN K 711 16.12 -86.82 17.43
CA ASN K 711 16.52 -86.00 16.30
C ASN K 711 15.71 -84.71 16.17
N LEU K 712 14.51 -84.67 16.76
CA LEU K 712 13.72 -83.44 16.82
C LEU K 712 14.04 -82.62 18.06
N LYS K 713 14.43 -83.29 19.15
CA LYS K 713 14.68 -82.58 20.41
C LYS K 713 15.97 -81.78 20.37
N SER K 714 17.03 -82.37 19.83
CA SER K 714 18.39 -81.96 20.15
C SER K 714 19.14 -81.26 19.02
N ALA K 715 18.82 -81.59 17.76
CA ALA K 715 19.75 -81.52 16.63
C ALA K 715 20.40 -80.16 16.38
N SER K 716 21.70 -80.08 16.66
CA SER K 716 22.50 -78.90 16.37
C SER K 716 23.86 -79.23 15.76
N ASN K 717 24.25 -80.50 15.71
CA ASN K 717 25.48 -80.93 15.06
C ASN K 717 25.19 -82.19 14.25
N ILE K 718 26.00 -82.40 13.22
CA ILE K 718 25.74 -83.42 12.22
C ILE K 718 26.46 -84.72 12.55
N ASP K 719 27.69 -84.63 13.11
CA ASP K 719 28.36 -85.82 13.61
C ASP K 719 27.68 -86.36 14.86
N ASP K 720 26.94 -85.51 15.57
CA ASP K 720 26.15 -86.00 16.70
C ASP K 720 24.97 -86.84 16.22
N VAL K 721 24.20 -86.33 15.26
CA VAL K 721 23.04 -87.08 14.77
C VAL K 721 23.48 -88.25 13.87
N LEU K 722 24.72 -88.23 13.38
CA LEU K 722 25.29 -89.42 12.77
C LEU K 722 25.55 -90.51 13.80
N SER K 723 26.27 -90.16 14.88
CA SER K 723 26.53 -91.09 15.97
C SER K 723 25.29 -91.41 16.78
N HIS K 724 24.27 -90.55 16.71
CA HIS K 724 22.99 -90.85 17.32
C HIS K 724 22.32 -92.02 16.61
N HIS K 725 22.45 -92.05 15.29
CA HIS K 725 21.78 -93.05 14.46
C HIS K 725 22.52 -94.38 14.48
N THR K 726 23.86 -94.35 14.49
CA THR K 726 24.63 -95.58 14.47
C THR K 726 24.57 -96.31 15.80
N SER K 727 24.44 -95.57 16.90
CA SER K 727 24.22 -96.18 18.21
C SER K 727 22.83 -96.81 18.32
N PHE K 728 21.90 -96.36 17.48
CA PHE K 728 20.57 -96.97 17.46
C PHE K 728 20.59 -98.31 16.73
N LEU K 729 21.32 -98.39 15.62
CA LEU K 729 21.45 -99.63 14.89
C LEU K 729 22.17 -100.70 15.70
N ASP K 730 23.09 -100.27 16.58
CA ASP K 730 23.75 -101.21 17.47
C ASP K 730 22.79 -101.76 18.51
N ASN K 731 21.76 -101.00 18.87
CA ASN K 731 20.70 -101.54 19.71
C ASN K 731 19.84 -102.54 18.95
N CYS K 732 19.55 -102.24 17.67
CA CYS K 732 18.81 -103.19 16.84
C CYS K 732 19.64 -104.42 16.51
N LEU K 733 20.96 -104.24 16.36
CA LEU K 733 21.83 -105.38 16.07
C LEU K 733 21.96 -106.28 17.27
N LYS K 734 22.01 -105.71 18.47
CA LYS K 734 22.11 -106.52 19.69
C LYS K 734 20.81 -107.24 19.96
N ASP K 735 19.67 -106.66 19.56
CA ASP K 735 18.40 -107.35 19.71
C ASP K 735 18.25 -108.50 18.71
N CYS K 736 18.96 -108.43 17.57
CA CYS K 736 18.97 -109.54 16.63
C CYS K 736 20.21 -110.41 16.75
N MET K 737 21.20 -110.00 17.57
CA MET K 737 22.26 -110.88 18.02
C MET K 737 21.83 -111.68 19.26
N LEU K 738 20.55 -111.57 19.65
CA LEU K 738 19.99 -112.39 20.71
C LEU K 738 20.02 -113.88 20.34
N THR K 739 19.88 -114.19 19.05
CA THR K 739 19.94 -115.58 18.60
C THR K 739 21.35 -116.02 18.24
N ASN K 740 22.35 -115.69 19.08
CA ASN K 740 23.73 -116.03 18.76
C ASN K 740 24.14 -117.47 19.10
N PRO K 741 24.10 -117.96 20.39
CA PRO K 741 24.77 -119.24 20.68
C PRO K 741 24.06 -120.48 20.13
N GLU K 742 22.78 -120.66 20.50
CA GLU K 742 22.06 -121.86 20.11
C GLU K 742 20.64 -121.60 19.68
N LEU K 743 20.16 -120.36 19.70
CA LEU K 743 18.80 -120.07 19.27
C LEU K 743 18.64 -120.25 17.77
N LEU K 744 19.64 -119.88 16.97
CA LEU K 744 19.59 -120.11 15.53
C LEU K 744 19.54 -121.59 15.17
N LYS K 745 19.92 -122.47 16.10
CA LYS K 745 19.73 -123.90 15.91
C LYS K 745 18.30 -124.32 16.19
N ILE K 746 17.60 -123.67 17.15
CA ILE K 746 16.21 -124.07 17.39
C ILE K 746 15.29 -123.45 16.36
N PHE K 747 15.64 -122.27 15.79
CA PHE K 747 14.84 -121.77 14.67
C PHE K 747 15.00 -122.65 13.43
N SER K 748 16.16 -123.30 13.27
CA SER K 748 16.29 -124.27 12.19
C SER K 748 15.68 -125.61 12.58
N LYS K 749 15.68 -125.95 13.87
CA LYS K 749 14.93 -127.12 14.32
C LYS K 749 13.43 -126.85 14.29
N LEU K 750 13.02 -125.58 14.45
CA LEU K 750 11.63 -125.23 14.18
C LEU K 750 11.31 -125.36 12.70
N MET K 751 12.29 -125.05 11.84
CA MET K 751 12.03 -125.11 10.40
C MET K 751 12.03 -126.55 9.89
N SER K 752 12.81 -127.44 10.50
CA SER K 752 12.79 -128.84 10.06
C SER K 752 11.49 -129.54 10.43
N VAL K 753 10.75 -129.05 11.43
CA VAL K 753 9.44 -129.64 11.69
C VAL K 753 8.34 -128.91 10.92
N CYS K 754 8.66 -127.77 10.29
CA CYS K 754 7.78 -127.24 9.25
C CYS K 754 7.80 -128.15 8.03
N VAL K 755 9.00 -128.47 7.53
CA VAL K 755 9.11 -129.24 6.30
C VAL K 755 8.75 -130.70 6.53
N MET K 756 8.95 -131.20 7.75
CA MET K 756 8.41 -132.52 8.10
C MET K 756 6.89 -132.51 8.13
N PHE K 757 6.27 -131.36 8.40
CA PHE K 757 4.82 -131.29 8.31
C PHE K 757 4.35 -131.00 6.89
N THR K 758 5.24 -130.56 6.00
CA THR K 758 4.84 -130.49 4.59
C THR K 758 5.09 -131.81 3.87
N ASN K 759 5.94 -132.68 4.42
CA ASN K 759 6.14 -134.01 3.86
C ASN K 759 4.95 -134.91 4.10
N CYS K 760 4.07 -134.56 5.05
CA CYS K 760 2.80 -135.24 5.21
C CYS K 760 1.63 -134.43 4.67
N LEU K 761 1.86 -133.16 4.30
CA LEU K 761 0.90 -132.47 3.44
C LEU K 761 0.87 -133.11 2.06
N GLN K 762 2.01 -133.59 1.58
CA GLN K 762 2.04 -134.30 0.31
C GLN K 762 1.62 -135.75 0.44
N ARG K 763 1.35 -136.23 1.67
CA ARG K 763 0.96 -137.61 1.87
C ARG K 763 -0.56 -137.80 1.97
N PHE K 764 -1.31 -136.76 2.34
CA PHE K 764 -2.76 -136.94 2.36
C PHE K 764 -3.32 -136.73 0.95
N GLU K 821 -2.57 -142.57 14.27
CA GLU K 821 -1.56 -142.36 13.25
C GLU K 821 -0.19 -142.22 13.89
N SER K 822 0.79 -142.98 13.38
CA SER K 822 2.14 -142.90 13.93
C SER K 822 2.81 -141.60 13.54
N THR K 823 2.43 -141.03 12.39
CA THR K 823 3.05 -139.79 11.91
C THR K 823 2.69 -138.62 12.81
N ILE K 824 1.50 -138.63 13.42
CA ILE K 824 1.07 -137.52 14.26
C ILE K 824 1.74 -137.59 15.64
N ASN K 825 1.91 -138.80 16.19
CA ASN K 825 2.62 -138.88 17.47
C ASN K 825 4.13 -138.69 17.31
N ASN K 826 4.67 -138.90 16.11
CA ASN K 826 6.00 -138.42 15.81
C ASN K 826 6.06 -136.89 15.78
N PHE K 827 4.95 -136.23 15.48
CA PHE K 827 4.89 -134.77 15.53
C PHE K 827 4.70 -134.27 16.95
N ASP K 828 3.86 -134.97 17.73
CA ASP K 828 3.74 -134.68 19.16
C ASP K 828 5.07 -134.88 19.88
N SER K 829 5.87 -135.85 19.45
CA SER K 829 7.22 -135.99 19.98
C SER K 829 8.12 -134.87 19.49
N ASN K 830 7.95 -134.46 18.23
CA ASN K 830 8.76 -133.37 17.69
C ASN K 830 8.29 -132.00 18.17
N PHE K 831 6.98 -131.81 18.39
CA PHE K 831 6.53 -130.53 18.89
C PHE K 831 6.70 -130.39 20.40
N SER K 832 6.89 -131.49 21.11
CA SER K 832 7.36 -131.40 22.49
C SER K 832 8.87 -131.26 22.56
N ALA K 833 9.58 -131.49 21.45
CA ALA K 833 11.03 -131.36 21.44
C ALA K 833 11.45 -129.90 21.42
N HIS K 834 10.78 -129.06 20.65
CA HIS K 834 11.14 -127.64 20.67
C HIS K 834 10.53 -126.93 21.88
N LEU K 835 9.53 -127.53 22.52
CA LEU K 835 8.99 -126.98 23.76
C LEU K 835 10.01 -127.02 24.88
N MET K 836 10.72 -128.14 25.02
CA MET K 836 11.75 -128.24 26.04
C MET K 836 12.96 -127.39 25.68
N ASP K 837 13.20 -127.18 24.38
CA ASP K 837 14.24 -126.25 23.95
C ASP K 837 13.79 -124.80 24.04
N LEU K 838 12.48 -124.54 24.04
CA LEU K 838 11.97 -123.18 24.27
C LEU K 838 12.26 -122.75 25.70
N LEU K 839 12.08 -123.67 26.66
CA LEU K 839 12.43 -123.38 28.04
C LEU K 839 13.94 -123.29 28.23
N ASP K 840 14.71 -123.96 27.38
CA ASP K 840 16.16 -123.78 27.38
C ASP K 840 16.54 -122.39 26.87
N LYS K 841 15.88 -121.92 25.82
CA LYS K 841 16.11 -120.56 25.35
C LYS K 841 15.56 -119.54 26.32
N LEU K 842 14.48 -119.87 27.04
CA LEU K 842 13.99 -119.01 28.10
C LEU K 842 14.95 -118.98 29.28
N SER K 843 15.64 -120.10 29.54
CA SER K 843 16.67 -120.10 30.57
C SER K 843 17.90 -119.32 30.12
N MET K 844 18.21 -119.34 28.83
CA MET K 844 19.27 -118.49 28.31
C MET K 844 18.88 -117.02 28.30
N TYR K 845 17.59 -116.72 28.25
CA TYR K 845 17.13 -115.33 28.35
C TYR K 845 17.31 -114.74 29.74
N SER K 846 17.47 -115.57 30.76
CA SER K 846 17.53 -115.08 32.13
C SER K 846 18.96 -114.88 32.65
N THR K 847 19.97 -115.05 31.80
CA THR K 847 21.36 -115.07 32.25
C THR K 847 22.14 -113.92 31.63
N SER K 848 22.42 -112.89 32.44
CA SER K 848 23.48 -111.89 32.25
C SER K 848 23.63 -111.14 33.57
N ASP K 849 24.34 -110.01 33.51
CA ASP K 849 24.58 -109.16 34.67
C ASP K 849 23.53 -108.05 34.82
N CYS K 850 22.27 -108.34 34.46
CA CYS K 850 21.12 -107.44 34.58
C CYS K 850 21.28 -106.20 33.70
N GLU K 851 21.48 -106.42 32.40
CA GLU K 851 21.52 -105.36 31.42
C GLU K 851 20.10 -105.08 30.90
N HIS K 852 19.98 -103.98 30.15
CA HIS K 852 18.64 -103.49 29.79
C HIS K 852 17.99 -104.32 28.70
N SER K 853 18.78 -104.80 27.73
CA SER K 853 18.20 -105.62 26.67
C SER K 853 17.78 -107.00 27.19
N MET K 854 18.45 -107.48 28.25
CA MET K 854 18.02 -108.71 28.90
C MET K 854 16.80 -108.46 29.78
N ILE K 855 16.76 -107.30 30.45
CA ILE K 855 15.55 -106.92 31.19
C ILE K 855 14.40 -106.68 30.20
N ASN K 856 14.72 -106.19 28.99
CA ASN K 856 13.72 -106.10 27.94
C ASN K 856 13.22 -107.49 27.54
N ILE K 857 14.11 -108.46 27.44
CA ILE K 857 13.69 -109.79 27.01
C ILE K 857 13.11 -110.60 28.18
N ILE K 858 13.18 -110.11 29.42
CA ILE K 858 12.48 -110.82 30.48
C ILE K 858 11.01 -110.42 30.57
N TYR K 859 10.69 -109.12 30.52
CA TYR K 859 9.28 -108.74 30.69
C TYR K 859 8.45 -109.15 29.48
N ARG K 860 9.05 -109.15 28.29
CA ARG K 860 8.38 -109.70 27.12
C ARG K 860 8.18 -111.21 27.23
N LEU K 861 9.02 -111.88 28.00
CA LEU K 861 8.92 -113.32 28.08
C LEU K 861 8.28 -113.76 29.38
N ASP K 862 8.19 -112.84 30.36
CA ASP K 862 7.22 -112.93 31.44
C ASP K 862 5.83 -112.49 30.97
N PHE K 863 5.75 -111.73 29.87
CA PHE K 863 4.49 -111.65 29.14
C PHE K 863 4.10 -113.03 28.60
N ASN K 864 5.08 -113.77 28.10
CA ASN K 864 4.85 -115.13 27.65
C ASN K 864 4.65 -116.13 28.80
N GLY K 865 4.76 -115.68 30.04
CA GLY K 865 4.64 -116.56 31.20
C GLY K 865 3.28 -116.56 31.87
N PHE K 866 2.55 -115.45 31.82
CA PHE K 866 1.24 -115.40 32.47
C PHE K 866 0.12 -115.98 31.61
N TYR K 867 0.46 -116.49 30.44
CA TYR K 867 -0.53 -116.89 29.45
C TYR K 867 -1.24 -118.19 29.84
N LEU L 209 31.37 28.32 22.71
CA LEU L 209 30.56 29.49 22.33
C LEU L 209 29.08 29.22 21.94
N PRO L 210 28.74 28.19 21.13
CA PRO L 210 27.31 27.97 20.87
C PRO L 210 26.56 27.36 22.05
N SER L 211 27.24 26.59 22.91
CA SER L 211 26.58 26.10 24.11
C SER L 211 26.30 27.22 25.10
N GLN L 212 27.22 28.21 25.16
CA GLN L 212 26.96 29.41 25.94
C GLN L 212 25.94 30.32 25.27
N GLU L 213 25.68 30.14 23.97
CA GLU L 213 24.61 30.87 23.33
C GLU L 213 23.26 30.23 23.62
N THR L 214 23.20 28.89 23.61
CA THR L 214 21.97 28.20 24.01
C THR L 214 21.75 28.30 25.51
N CYS L 215 22.82 28.53 26.28
CA CYS L 215 22.70 29.01 27.65
C CYS L 215 21.90 30.30 27.69
N LEU L 216 22.21 31.25 26.79
CA LEU L 216 21.60 32.56 26.87
C LEU L 216 20.13 32.53 26.47
N VAL L 217 19.79 31.83 25.37
CA VAL L 217 18.42 31.84 24.84
C VAL L 217 17.40 31.22 25.78
N GLU L 218 17.84 30.40 26.75
CA GLU L 218 16.93 29.95 27.79
C GLU L 218 16.78 31.01 28.87
N ASP L 219 17.89 31.69 29.21
CA ASP L 219 17.83 32.82 30.14
C ASP L 219 17.06 33.99 29.53
N LEU L 220 17.11 34.15 28.21
CA LEU L 220 16.24 35.14 27.58
C LEU L 220 14.78 34.73 27.71
N LEU L 221 14.49 33.43 27.51
CA LEU L 221 13.13 32.91 27.57
C LEU L 221 12.53 33.04 28.97
N TYR L 222 13.37 33.07 30.01
CA TYR L 222 12.84 33.17 31.37
C TYR L 222 12.34 34.57 31.69
N ILE L 223 12.92 35.61 31.08
CA ILE L 223 12.52 36.98 31.41
C ILE L 223 11.40 37.50 30.51
N LEU L 224 11.03 36.76 29.46
CA LEU L 224 9.91 37.17 28.62
C LEU L 224 8.58 37.00 29.36
N ILE L 225 8.50 35.98 30.23
CA ILE L 225 7.28 35.67 30.95
C ILE L 225 7.07 36.57 32.16
N GLY L 226 8.09 37.32 32.56
CA GLY L 226 8.03 38.06 33.81
C GLY L 226 8.59 37.29 34.98
N VAL L 227 9.45 36.33 34.73
CA VAL L 227 9.99 35.41 35.72
C VAL L 227 11.47 35.73 35.91
N ASP L 228 11.95 35.56 37.14
CA ASP L 228 13.37 35.73 37.42
C ASP L 228 14.19 34.68 36.68
N GLY L 229 15.21 35.14 35.96
CA GLY L 229 16.01 34.27 35.13
C GLY L 229 16.98 33.41 35.91
N ARG L 230 17.80 32.66 35.18
CA ARG L 230 18.78 31.77 35.77
C ARG L 230 20.07 32.50 36.13
N TYR L 231 20.70 33.12 35.14
CA TYR L 231 21.90 33.92 35.36
C TYR L 231 21.63 35.41 35.25
N ILE L 232 20.39 35.81 34.98
CA ILE L 232 19.98 37.21 34.98
C ILE L 232 19.09 37.41 36.20
N SER L 233 19.60 38.11 37.20
CA SER L 233 18.82 38.45 38.38
C SER L 233 18.23 39.84 38.22
N VAL L 234 17.09 40.08 38.87
CA VAL L 234 16.33 41.31 38.74
C VAL L 234 16.44 42.10 40.04
N GLN L 235 16.89 43.34 39.95
CA GLN L 235 16.98 44.22 41.10
C GLN L 235 15.79 45.17 41.09
N PRO L 236 14.91 45.13 42.09
CA PRO L 236 13.74 46.02 42.08
C PRO L 236 14.13 47.46 42.41
N LEU L 237 13.60 48.39 41.61
CA LEU L 237 13.78 49.81 41.90
C LEU L 237 12.90 50.24 43.06
N VAL L 238 11.58 50.12 42.88
CA VAL L 238 10.62 50.35 43.96
C VAL L 238 9.72 49.13 44.10
N GLY L 239 10.17 48.00 43.57
CA GLY L 239 9.29 46.84 43.47
C GLY L 239 9.06 46.41 42.04
N ARG L 240 10.10 46.56 41.21
CA ARG L 240 10.16 46.16 39.81
C ARG L 240 9.14 46.91 38.95
N GLN L 241 8.94 48.20 39.25
CA GLN L 241 8.31 49.08 38.28
C GLN L 241 9.21 49.29 37.07
N SER L 242 10.50 49.52 37.33
CA SER L 242 11.54 49.51 36.32
C SER L 242 12.60 48.51 36.75
N ARG L 243 12.87 47.52 35.91
CA ARG L 243 13.73 46.40 36.26
C ARG L 243 15.17 46.69 35.85
N SER L 244 16.07 46.66 36.83
CA SER L 244 17.51 46.74 36.60
C SER L 244 18.06 45.32 36.55
N PHE L 245 18.25 44.80 35.34
CA PHE L 245 18.70 43.43 35.17
C PHE L 245 20.20 43.30 35.44
N SER L 246 20.57 42.27 36.21
CA SER L 246 21.96 41.95 36.46
C SER L 246 22.29 40.66 35.72
N VAL L 247 22.85 40.80 34.53
CA VAL L 247 23.28 39.67 33.75
C VAL L 247 24.68 39.26 34.21
N GLU L 248 25.01 37.97 34.02
CA GLU L 248 26.28 37.40 34.44
C GLU L 248 27.46 38.04 33.70
N GLN L 249 28.66 37.77 34.19
CA GLN L 249 29.88 38.35 33.65
C GLN L 249 30.16 37.80 32.25
N ASN L 250 30.86 38.60 31.44
CA ASN L 250 31.19 38.19 30.08
C ASN L 250 32.63 37.72 29.99
N LEU L 251 32.83 36.70 29.15
CA LEU L 251 34.15 36.38 28.63
C LEU L 251 34.24 36.73 27.15
N ASP L 252 33.22 37.43 26.64
CA ASP L 252 33.13 37.83 25.24
C ASP L 252 32.12 38.97 25.17
N SER L 253 32.57 40.15 24.74
CA SER L 253 31.66 41.28 24.62
C SER L 253 30.76 41.19 23.38
N SER L 254 30.96 40.17 22.54
CA SER L 254 30.11 39.97 21.38
C SER L 254 28.69 39.63 21.79
N VAL L 255 28.53 38.64 22.67
CA VAL L 255 27.22 38.24 23.16
C VAL L 255 26.66 39.18 24.22
N LYS L 256 27.51 40.04 24.80
CA LYS L 256 27.02 41.03 25.75
C LYS L 256 26.21 42.12 25.07
N GLU L 257 26.59 42.51 23.86
CA GLU L 257 25.81 43.48 23.11
C GLU L 257 24.58 42.87 22.47
N LEU L 258 24.52 41.55 22.35
CA LEU L 258 23.33 40.89 21.82
C LEU L 258 22.21 40.86 22.85
N VAL L 259 22.54 40.55 24.11
CA VAL L 259 21.54 40.55 25.16
C VAL L 259 21.19 41.98 25.57
N ASN L 260 22.08 42.94 25.32
CA ASN L 260 21.84 44.33 25.70
C ASN L 260 20.72 44.97 24.88
N ARG L 261 20.57 44.56 23.62
CA ARG L 261 19.50 45.09 22.78
C ARG L 261 18.20 44.33 22.93
N ILE L 262 18.18 43.25 23.70
CA ILE L 262 16.96 42.48 23.92
C ILE L 262 16.21 42.97 25.15
N LEU L 263 16.92 43.26 26.24
CA LEU L 263 16.36 43.70 27.52
C LEU L 263 15.43 44.93 27.53
N PRO L 264 15.43 45.86 26.57
CA PRO L 264 14.33 46.85 26.55
C PRO L 264 12.93 46.29 26.32
N VAL L 265 12.77 45.09 25.77
CA VAL L 265 11.41 44.59 25.61
C VAL L 265 10.88 44.05 26.94
N ALA L 266 11.77 43.63 27.84
CA ALA L 266 11.36 43.23 29.18
C ALA L 266 11.29 44.42 30.13
N THR L 267 11.99 45.50 29.82
CA THR L 267 11.82 46.75 30.57
C THR L 267 10.44 47.32 30.34
N ASN L 268 9.98 47.32 29.08
CA ASN L 268 8.64 47.81 28.77
C ASN L 268 7.57 46.82 29.21
N TYR L 269 7.89 45.53 29.26
CA TYR L 269 6.92 44.54 29.74
C TYR L 269 6.76 44.62 31.26
N SER L 270 7.77 45.14 31.96
CA SER L 270 7.67 45.25 33.41
C SER L 270 6.78 46.40 33.84
N THR L 271 6.67 47.44 33.01
CA THR L 271 5.84 48.58 33.37
C THR L 271 4.36 48.26 33.24
N VAL L 272 3.99 47.55 32.18
CA VAL L 272 2.58 47.25 31.93
C VAL L 272 2.08 46.20 32.92
N THR L 273 2.93 45.24 33.28
CA THR L 273 2.54 44.23 34.27
C THR L 273 2.47 44.82 35.67
N ARG L 274 3.26 45.86 35.94
CA ARG L 274 3.15 46.59 37.19
C ARG L 274 1.84 47.35 37.26
N PHE L 275 1.39 47.90 36.12
CA PHE L 275 0.20 48.73 36.10
C PHE L 275 -1.07 47.89 36.09
N VAL L 276 -1.10 46.79 35.33
CA VAL L 276 -2.32 45.99 35.29
C VAL L 276 -2.48 45.14 36.54
N GLU L 277 -1.41 44.93 37.32
CA GLU L 277 -1.56 44.36 38.64
C GLU L 277 -1.81 45.42 39.69
N GLU L 278 -1.58 46.69 39.37
CA GLU L 278 -2.06 47.79 40.19
C GLU L 278 -3.55 48.06 39.98
N ASN L 279 -4.13 47.51 38.90
CA ASN L 279 -5.57 47.63 38.70
C ASN L 279 -6.36 46.77 39.66
N SER L 280 -5.73 45.74 40.24
CA SER L 280 -6.37 45.01 41.33
C SER L 280 -6.45 45.85 42.60
N SER L 281 -5.52 46.80 42.76
CA SER L 281 -5.66 47.81 43.81
C SER L 281 -6.54 48.97 43.36
N PHE L 282 -6.91 49.03 42.08
CA PHE L 282 -7.89 49.98 41.58
C PHE L 282 -9.31 49.41 41.60
N GLU L 283 -9.59 48.49 42.51
CA GLU L 283 -10.80 47.67 42.46
C GLU L 283 -12.02 48.50 42.81
N TYR L 284 -12.52 49.24 41.82
CA TYR L 284 -13.76 49.98 41.92
C TYR L 284 -14.42 49.95 40.55
N GLY L 285 -15.54 50.66 40.44
CA GLY L 285 -16.14 50.86 39.14
C GLY L 285 -15.55 52.09 38.47
N GLN L 286 -14.54 51.88 37.63
CA GLN L 286 -13.89 52.97 36.94
C GLN L 286 -13.41 52.47 35.58
N VAL L 287 -13.08 53.43 34.71
CA VAL L 287 -12.65 53.09 33.36
C VAL L 287 -11.23 52.53 33.34
N ASN L 288 -10.45 52.75 34.40
CA ASN L 288 -9.13 52.14 34.48
C ASN L 288 -9.22 50.64 34.74
N HIS L 289 -10.31 50.18 35.35
CA HIS L 289 -10.50 48.75 35.60
C HIS L 289 -10.79 47.99 34.32
N ALA L 290 -11.48 48.62 33.37
CA ALA L 290 -11.76 47.98 32.08
C ALA L 290 -10.65 48.21 31.06
N LEU L 291 -9.83 49.23 31.26
CA LEU L 291 -8.74 49.49 30.32
C LEU L 291 -7.61 48.48 30.52
N GLY L 292 -7.17 48.30 31.76
CA GLY L 292 -6.05 47.43 32.02
C GLY L 292 -6.37 45.95 31.92
N ALA L 293 -7.63 45.58 32.13
CA ALA L 293 -8.02 44.19 31.90
C ALA L 293 -8.06 43.87 30.42
N ALA L 294 -8.35 44.87 29.59
CA ALA L 294 -8.17 44.70 28.15
C ALA L 294 -6.69 44.70 27.78
N MET L 295 -5.86 45.38 28.58
CA MET L 295 -4.41 45.28 28.39
C MET L 295 -3.90 43.91 28.82
N ARG L 296 -4.60 43.24 29.73
CA ARG L 296 -4.25 41.87 30.10
C ARG L 296 -4.55 40.90 28.96
N THR L 297 -5.54 41.22 28.11
CA THR L 297 -5.79 40.43 26.92
C THR L 297 -4.68 40.58 25.91
N LEU L 298 -4.12 41.80 25.80
CA LEU L 298 -2.94 41.99 24.97
C LEU L 298 -1.71 41.31 25.55
N GLY L 299 -1.60 41.28 26.88
CA GLY L 299 -0.55 40.50 27.51
C GLY L 299 -0.78 39.01 27.39
N LYS L 300 -2.05 38.59 27.28
CA LYS L 300 -2.36 37.20 26.97
C LYS L 300 -1.94 36.86 25.55
N GLU L 301 -2.15 37.79 24.62
CA GLU L 301 -1.73 37.58 23.24
C GLU L 301 -0.20 37.62 23.11
N TYR L 302 0.47 38.41 23.95
CA TYR L 302 1.92 38.47 23.95
C TYR L 302 2.53 37.14 24.40
N MET L 303 1.84 36.41 25.27
CA MET L 303 2.31 35.12 25.72
C MET L 303 2.10 34.02 24.69
N ILE L 304 1.21 34.24 23.71
CA ILE L 304 1.02 33.26 22.64
C ILE L 304 2.24 33.23 21.72
N LEU L 305 2.81 34.41 21.44
CA LEU L 305 3.96 34.49 20.54
C LEU L 305 5.22 33.91 21.19
N ILE L 306 5.32 33.99 22.51
CA ILE L 306 6.45 33.42 23.23
C ILE L 306 6.32 31.90 23.27
N SER L 307 5.10 31.40 23.45
CA SER L 307 4.89 29.95 23.47
C SER L 307 5.11 29.34 22.08
N GLN L 308 4.91 30.12 21.02
CA GLN L 308 5.32 29.67 19.69
C GLN L 308 6.82 29.75 19.52
N LEU L 309 7.47 30.72 20.18
CA LEU L 309 8.92 30.77 20.19
C LEU L 309 9.51 29.62 20.99
N GLU L 310 8.81 29.22 22.07
CA GLU L 310 9.20 28.02 22.81
C GLU L 310 8.87 26.76 22.00
N HIS L 311 7.81 26.80 21.20
CA HIS L 311 7.51 25.68 20.31
C HIS L 311 8.52 25.58 19.17
N LEU L 312 9.23 26.67 18.89
CA LEU L 312 10.39 26.65 18.00
C LEU L 312 11.66 26.20 18.72
N GLN L 313 11.66 26.25 20.06
CA GLN L 313 12.76 25.77 20.90
C GLN L 313 12.68 24.26 21.14
N ARG L 314 11.81 23.54 20.41
CA ARG L 314 11.75 22.08 20.53
C ARG L 314 13.00 21.41 19.97
N GLN L 315 13.74 22.09 19.08
CA GLN L 315 15.09 21.69 18.74
C GLN L 315 15.93 22.95 18.57
N GLY L 316 17.23 22.75 18.36
CA GLY L 316 18.12 23.89 18.20
C GLY L 316 18.07 24.50 16.82
N LEU L 317 17.42 25.66 16.72
CA LEU L 317 17.40 26.44 15.49
C LEU L 317 17.60 27.93 15.72
N LEU L 318 17.74 28.36 16.97
CA LEU L 318 17.70 29.77 17.31
C LEU L 318 19.03 30.23 17.89
N SER L 319 19.34 31.50 17.65
CA SER L 319 20.50 32.15 18.26
C SER L 319 20.05 33.44 18.92
N LEU L 320 21.02 34.26 19.35
CA LEU L 320 20.68 35.55 19.94
C LEU L 320 20.17 36.53 18.90
N GLN L 321 20.62 36.39 17.65
CA GLN L 321 20.18 37.27 16.58
C GLN L 321 18.82 36.87 16.02
N LYS L 322 18.48 35.58 16.11
CA LYS L 322 17.30 35.07 15.43
C LYS L 322 16.02 35.48 16.13
N LEU L 323 15.97 35.34 17.46
CA LEU L 323 14.80 35.79 18.20
C LEU L 323 14.75 37.31 18.33
N TRP L 324 15.89 37.99 18.18
CA TRP L 324 15.90 39.45 18.22
C TRP L 324 15.19 40.04 17.01
N PHE L 325 15.19 39.32 15.89
CA PHE L 325 14.37 39.75 14.75
C PHE L 325 12.90 39.46 14.99
N TYR L 326 12.59 38.42 15.76
CA TYR L 326 11.20 38.09 16.06
C TYR L 326 10.60 39.00 17.12
N ILE L 327 11.43 39.67 17.93
CA ILE L 327 10.94 40.58 18.96
C ILE L 327 10.73 41.99 18.42
N GLN L 328 11.10 42.24 17.16
CA GLN L 328 10.97 43.57 16.58
C GLN L 328 9.53 44.07 16.40
N PRO L 329 8.52 43.29 15.98
CA PRO L 329 7.16 43.87 15.94
C PRO L 329 6.56 44.12 17.31
N THR L 330 6.94 43.34 18.32
CA THR L 330 6.41 43.51 19.66
C THR L 330 7.16 44.54 20.49
N LEU L 331 8.29 45.05 19.99
CA LEU L 331 9.06 46.04 20.74
C LEU L 331 8.38 47.40 20.72
N ARG L 332 7.91 47.83 19.55
CA ARG L 332 7.20 49.10 19.45
C ARG L 332 5.82 49.02 20.10
N THR L 333 5.23 47.82 20.14
CA THR L 333 3.94 47.65 20.81
C THR L 333 4.11 47.73 22.32
N MET L 334 5.22 47.18 22.85
CA MET L 334 5.43 47.21 24.29
C MET L 334 5.87 48.59 24.77
N GLU L 335 6.57 49.35 23.92
CA GLU L 335 7.04 50.66 24.35
C GLU L 335 5.94 51.73 24.33
N VAL L 336 4.86 51.51 23.58
CA VAL L 336 3.76 52.48 23.60
C VAL L 336 2.78 52.15 24.72
N LEU L 337 2.66 50.87 25.08
CA LEU L 337 1.90 50.50 26.27
C LEU L 337 2.65 50.85 27.54
N ALA L 338 3.97 51.05 27.43
CA ALA L 338 4.76 51.49 28.58
C ALA L 338 4.53 52.96 28.87
N SER L 339 4.52 53.80 27.84
CA SER L 339 4.38 55.24 28.04
C SER L 339 2.96 55.61 28.44
N ILE L 340 1.97 54.81 28.04
CA ILE L 340 0.60 55.02 28.49
C ILE L 340 0.49 54.67 29.97
N ALA L 341 1.07 53.53 30.37
CA ALA L 341 0.88 53.03 31.73
C ALA L 341 1.62 53.87 32.77
N THR L 342 2.75 54.47 32.40
CA THR L 342 3.44 55.33 33.36
C THR L 342 2.79 56.72 33.45
N SER L 343 2.06 57.13 32.40
CA SER L 343 1.40 58.43 32.43
C SER L 343 0.09 58.38 33.19
N LEU L 344 -0.55 57.21 33.25
CA LEU L 344 -1.72 57.03 34.09
C LEU L 344 -1.37 56.91 35.56
N ASN L 345 -0.11 56.61 35.87
CA ASN L 345 0.32 56.36 37.24
C ASN L 345 0.80 57.62 37.95
N LYS L 346 1.35 58.59 37.21
CA LYS L 346 1.94 59.76 37.82
C LYS L 346 0.87 60.71 38.36
N GLY L 347 0.02 61.23 37.48
CA GLY L 347 -1.00 62.18 37.90
C GLY L 347 -2.21 61.55 38.55
N GLU L 348 -2.41 60.24 38.32
CA GLU L 348 -3.60 59.49 38.75
C GLU L 348 -4.89 60.17 38.28
N CYS L 349 -4.97 60.37 36.97
CA CYS L 349 -6.18 60.87 36.33
C CYS L 349 -7.32 59.87 36.50
N PHE L 350 -8.55 60.39 36.47
CA PHE L 350 -9.72 59.60 36.83
C PHE L 350 -10.87 59.91 35.89
N GLY L 351 -11.25 58.93 35.07
CA GLY L 351 -12.48 59.01 34.31
C GLY L 351 -12.39 59.54 32.90
N GLY L 352 -12.75 60.80 32.70
CA GLY L 352 -12.81 61.39 31.37
C GLY L 352 -11.63 62.28 31.05
N ALA L 353 -11.01 62.85 32.08
CA ALA L 353 -9.71 63.47 31.90
C ALA L 353 -8.65 62.42 31.62
N THR L 354 -8.89 61.18 32.06
CA THR L 354 -8.18 60.02 31.55
C THR L 354 -8.34 59.91 30.03
N LEU L 355 -9.58 60.05 29.54
CA LEU L 355 -9.82 59.98 28.11
C LEU L 355 -9.23 61.18 27.39
N SER L 356 -9.14 62.32 28.09
CA SER L 356 -8.41 63.47 27.55
C SER L 356 -6.92 63.21 27.49
N LEU L 357 -6.41 62.38 28.42
CA LEU L 357 -4.97 62.07 28.42
C LEU L 357 -4.63 61.06 27.35
N LEU L 358 -5.46 60.02 27.19
CA LEU L 358 -5.25 59.04 26.11
C LEU L 358 -5.43 59.65 24.74
N HIS L 359 -6.25 60.70 24.61
CA HIS L 359 -6.45 61.31 23.30
C HIS L 359 -5.27 62.20 22.92
N ASP L 360 -4.61 62.82 23.91
CA ASP L 360 -3.34 63.48 23.62
C ASP L 360 -2.24 62.46 23.35
N ARG L 361 -2.33 61.27 23.95
CA ARG L 361 -1.36 60.23 23.62
C ARG L 361 -1.62 59.65 22.24
N THR L 362 -2.88 59.67 21.81
CA THR L 362 -3.18 59.30 20.42
C THR L 362 -2.75 60.40 19.47
N PHE L 363 -2.95 61.67 19.86
CA PHE L 363 -2.51 62.79 19.03
C PHE L 363 -0.98 62.87 18.97
N GLY L 364 -0.31 62.55 20.08
CA GLY L 364 1.14 62.51 20.07
C GLY L 364 1.70 61.33 19.29
N TYR L 365 0.87 60.30 19.07
CA TYR L 365 1.37 59.15 18.32
C TYR L 365 1.30 59.34 16.81
N THR L 366 0.47 60.26 16.31
CA THR L 366 -0.03 60.35 14.94
C THR L 366 1.05 60.20 13.88
N GLY L 367 0.95 59.13 13.10
CA GLY L 367 2.07 58.54 12.37
C GLY L 367 2.20 57.10 12.85
N ASP L 368 2.86 56.25 12.07
CA ASP L 368 2.86 54.79 12.26
C ASP L 368 1.43 54.25 12.36
N SER L 369 0.73 54.34 11.23
CA SER L 369 -0.72 54.16 11.18
C SER L 369 -1.16 52.75 11.54
N GLN L 370 -0.26 51.77 11.40
CA GLN L 370 -0.56 50.42 11.85
C GLN L 370 -0.57 50.32 13.37
N ALA L 371 0.13 51.23 14.06
CA ALA L 371 0.25 51.19 15.51
C ALA L 371 -0.47 52.32 16.22
N GLN L 372 -1.05 53.28 15.49
CA GLN L 372 -2.11 54.06 16.11
C GLN L 372 -3.42 53.30 16.04
N GLU L 373 -3.49 52.28 15.19
CA GLU L 373 -4.64 51.39 15.14
C GLU L 373 -4.76 50.56 16.41
N LEU L 374 -3.64 50.26 17.07
CA LEU L 374 -3.72 49.47 18.31
C LEU L 374 -4.23 50.34 19.46
N CYS L 375 -3.63 51.52 19.66
CA CYS L 375 -4.07 52.37 20.77
C CYS L 375 -5.39 53.05 20.50
N LEU L 376 -5.89 53.02 19.27
CA LEU L 376 -7.29 53.35 19.01
C LEU L 376 -8.21 52.30 19.61
N TYR L 377 -7.80 51.04 19.59
CA TYR L 377 -8.55 49.99 20.26
C TYR L 377 -8.39 50.07 21.78
N LEU L 378 -7.25 50.60 22.24
CA LEU L 378 -7.04 50.76 23.68
C LEU L 378 -7.95 51.83 24.26
N THR L 379 -8.14 52.95 23.55
CA THR L 379 -8.92 54.05 24.12
C THR L 379 -10.42 53.83 24.02
N LYS L 380 -10.89 52.99 23.10
CA LYS L 380 -12.32 52.72 23.03
C LYS L 380 -12.76 51.59 23.94
N ALA L 381 -11.83 50.71 24.33
CA ALA L 381 -12.12 49.78 25.41
C ALA L 381 -12.15 50.49 26.76
N ALA L 382 -11.38 51.59 26.90
CA ALA L 382 -11.48 52.40 28.10
C ALA L 382 -12.75 53.22 28.12
N SER L 383 -13.26 53.60 26.94
CA SER L 383 -14.49 54.36 26.82
C SER L 383 -15.72 53.46 26.76
N ALA L 384 -15.55 52.15 26.89
CA ALA L 384 -16.67 51.23 26.77
C ALA L 384 -17.60 51.25 27.99
N PRO L 385 -17.14 51.30 29.25
CA PRO L 385 -18.10 51.60 30.33
C PRO L 385 -18.49 53.06 30.39
N TYR L 386 -17.68 53.96 29.82
CA TYR L 386 -18.00 55.38 29.83
C TYR L 386 -19.15 55.70 28.88
N PHE L 387 -19.43 54.82 27.92
CA PHE L 387 -20.54 54.98 27.00
C PHE L 387 -21.80 54.27 27.44
N ASP L 388 -21.68 53.16 28.18
CA ASP L 388 -22.86 52.47 28.68
C ASP L 388 -23.54 53.24 29.81
N ILE L 389 -22.76 54.06 30.54
CA ILE L 389 -23.37 54.91 31.56
C ILE L 389 -24.01 56.14 30.96
N LEU L 390 -23.64 56.50 29.72
CA LEU L 390 -24.12 57.75 29.14
C LEU L 390 -25.52 57.60 28.57
N GLU L 391 -25.84 56.42 28.03
CA GLU L 391 -27.15 56.19 27.44
C GLU L 391 -28.26 56.18 28.49
N ARG L 392 -27.94 55.82 29.73
CA ARG L 392 -28.92 55.96 30.80
C ARG L 392 -29.12 57.43 31.16
N TRP L 393 -28.08 58.25 31.01
CA TRP L 393 -28.16 59.66 31.36
C TRP L 393 -28.71 60.49 30.21
N ILE L 394 -28.59 60.02 28.97
CA ILE L 394 -29.03 60.78 27.81
C ILE L 394 -30.30 60.21 27.18
N TYR L 395 -30.65 58.93 27.43
CA TYR L 395 -31.88 58.36 26.90
C TYR L 395 -32.84 57.82 27.95
N ARG L 396 -32.45 57.80 29.23
CA ARG L 396 -33.39 57.51 30.31
C ARG L 396 -33.48 58.59 31.36
N GLY L 397 -32.45 59.43 31.53
CA GLY L 397 -32.50 60.53 32.47
C GLY L 397 -32.08 60.20 33.88
N ILE L 398 -32.04 58.92 34.24
CA ILE L 398 -31.58 58.47 35.54
C ILE L 398 -30.19 57.86 35.35
N ILE L 399 -29.26 58.22 36.24
CA ILE L 399 -27.87 57.82 36.09
C ILE L 399 -27.59 56.65 37.05
N ASN L 400 -26.57 55.88 36.70
CA ASN L 400 -26.09 54.76 37.53
C ASN L 400 -24.58 54.88 37.60
N ASP L 401 -24.07 55.56 38.62
CA ASP L 401 -22.64 55.76 38.80
C ASP L 401 -22.17 54.97 40.00
N PRO L 402 -21.30 53.97 39.82
CA PRO L 402 -20.75 53.24 40.98
C PRO L 402 -19.91 54.11 41.90
N TYR L 403 -18.81 54.68 41.37
CA TYR L 403 -17.98 55.59 42.15
C TYR L 403 -17.49 56.67 41.18
N SER L 404 -18.29 57.73 41.03
CA SER L 404 -18.00 58.89 40.17
C SER L 404 -17.63 58.48 38.74
N GLU L 405 -18.35 57.48 38.21
CA GLU L 405 -18.03 56.93 36.90
C GLU L 405 -18.42 57.87 35.78
N PHE L 406 -19.50 58.65 35.98
CA PHE L 406 -19.84 59.76 35.10
C PHE L 406 -19.93 61.02 35.94
N MET L 407 -19.93 62.17 35.26
CA MET L 407 -20.08 63.45 35.94
C MET L 407 -21.56 63.71 36.16
N VAL L 408 -21.94 63.93 37.42
CA VAL L 408 -23.34 64.16 37.76
C VAL L 408 -23.41 65.00 39.03
N GLU L 409 -24.45 65.82 39.11
CA GLU L 409 -24.90 66.45 40.34
C GLU L 409 -26.26 65.87 40.69
N GLU L 410 -26.55 65.80 41.99
CA GLU L 410 -27.84 65.28 42.41
C GLU L 410 -28.95 66.27 42.10
N HIS L 411 -30.14 65.73 41.85
CA HIS L 411 -31.28 66.56 41.44
C HIS L 411 -32.17 66.92 42.63
N TRP L 427 -40.25 75.30 42.71
CA TRP L 427 -38.90 75.26 43.26
C TRP L 427 -37.89 75.86 42.29
N ASP L 428 -36.74 76.27 42.83
CA ASP L 428 -35.68 76.93 42.07
C ASP L 428 -34.38 76.15 42.15
N GLN L 429 -34.48 74.82 42.08
CA GLN L 429 -33.65 73.87 42.84
C GLN L 429 -32.13 74.15 42.81
N ARG L 430 -31.52 74.11 41.63
CA ARG L 430 -30.10 74.35 41.40
C ARG L 430 -29.84 74.36 39.90
N TYR L 431 -28.58 74.51 39.50
CA TYR L 431 -28.26 74.46 38.09
C TYR L 431 -28.07 73.03 37.60
N THR L 432 -27.56 72.14 38.47
CA THR L 432 -27.06 70.79 38.14
C THR L 432 -25.99 70.87 37.02
N ILE L 433 -25.24 71.97 36.95
CA ILE L 433 -24.11 72.03 36.03
C ILE L 433 -22.97 71.22 36.59
N VAL L 434 -22.33 70.43 35.73
CA VAL L 434 -21.31 69.48 36.20
C VAL L 434 -20.29 69.29 35.08
N GLN L 435 -19.01 69.34 35.46
CA GLN L 435 -17.93 69.08 34.50
C GLN L 435 -16.82 68.26 35.14
N GLN L 436 -17.15 67.40 36.09
CA GLN L 436 -16.14 66.72 36.92
C GLN L 436 -15.35 65.68 36.15
N GLN L 437 -15.86 65.18 35.02
CA GLN L 437 -15.11 64.19 34.25
C GLN L 437 -14.34 64.80 33.09
N ILE L 438 -14.84 65.87 32.49
CA ILE L 438 -14.31 66.51 31.27
C ILE L 438 -14.19 65.50 30.13
N PRO L 439 -15.28 65.20 29.42
CA PRO L 439 -15.15 64.48 28.15
C PRO L 439 -14.19 65.21 27.20
N SER L 440 -13.35 64.43 26.51
CA SER L 440 -12.16 64.94 25.82
C SER L 440 -12.47 65.86 24.66
N PHE L 441 -13.69 65.81 24.14
CA PHE L 441 -14.08 66.64 23.01
C PHE L 441 -14.37 68.06 23.51
N LEU L 442 -14.76 68.94 22.58
CA LEU L 442 -14.93 70.36 22.90
C LEU L 442 -16.14 70.57 23.82
N GLN L 443 -16.23 71.77 24.37
CA GLN L 443 -17.07 72.02 25.53
C GLN L 443 -18.56 72.09 25.20
N LYS L 444 -18.93 72.05 23.92
CA LYS L 444 -20.34 72.20 23.57
C LYS L 444 -21.15 70.94 23.87
N VAL L 445 -20.51 69.78 23.91
CA VAL L 445 -21.28 68.55 24.12
C VAL L 445 -21.65 68.39 25.60
N ALA L 446 -20.76 68.79 26.51
CA ALA L 446 -20.96 68.57 27.94
C ALA L 446 -22.07 69.43 28.51
N ASP L 447 -22.39 70.55 27.87
CA ASP L 447 -23.58 71.31 28.21
C ASP L 447 -24.82 70.79 27.51
N LYS L 448 -24.67 70.00 26.44
CA LYS L 448 -25.84 69.48 25.73
C LYS L 448 -26.23 68.07 26.14
N ILE L 449 -25.33 67.28 26.71
CA ILE L 449 -25.77 65.99 27.27
C ILE L 449 -26.61 66.23 28.51
N LEU L 450 -26.29 67.28 29.25
CA LEU L 450 -27.00 67.67 30.46
C LEU L 450 -28.28 68.41 30.14
N SER L 451 -28.33 69.18 29.05
CA SER L 451 -29.55 69.89 28.69
C SER L 451 -30.59 68.93 28.16
N THR L 452 -30.18 67.87 27.45
CA THR L 452 -31.11 66.78 27.22
C THR L 452 -31.27 65.89 28.45
N GLY L 453 -30.33 65.95 29.39
CA GLY L 453 -30.43 65.12 30.58
C GLY L 453 -31.41 65.67 31.60
N LYS L 454 -31.33 66.98 31.86
CA LYS L 454 -32.34 67.63 32.71
C LYS L 454 -33.70 67.66 32.03
N TYR L 455 -33.70 67.59 30.70
CA TYR L 455 -34.91 67.48 29.91
C TYR L 455 -35.69 66.21 30.21
N LEU L 456 -34.99 65.07 30.26
CA LEU L 456 -35.64 63.77 30.42
C LEU L 456 -36.29 63.59 31.79
N ASN L 457 -35.81 64.33 32.80
CA ASN L 457 -36.39 64.22 34.13
C ASN L 457 -37.79 64.82 34.18
N VAL L 458 -38.01 65.91 33.43
CA VAL L 458 -39.31 66.57 33.40
C VAL L 458 -40.35 65.68 32.73
N VAL L 459 -39.94 64.94 31.70
CA VAL L 459 -40.90 64.15 30.92
C VAL L 459 -41.29 62.91 31.72
N ARG L 460 -40.36 62.43 32.57
CA ARG L 460 -40.67 61.40 33.57
C ARG L 460 -41.66 61.90 34.62
N GLU L 461 -41.58 63.19 34.98
CA GLU L 461 -42.54 63.75 35.93
C GLU L 461 -43.93 63.90 35.34
N CYS L 462 -44.04 64.02 34.01
CA CYS L 462 -45.35 64.02 33.36
C CYS L 462 -46.00 62.64 33.47
N GLY L 463 -45.25 61.61 33.14
CA GLY L 463 -45.76 60.24 33.24
C GLY L 463 -44.65 59.26 32.96
N HIS L 464 -44.85 58.04 33.44
CA HIS L 464 -43.84 57.00 33.25
C HIS L 464 -43.91 56.37 31.87
N ASP L 465 -45.12 56.29 31.30
CA ASP L 465 -45.26 55.74 29.96
C ASP L 465 -44.68 56.68 28.92
N VAL L 466 -44.83 57.99 29.13
CA VAL L 466 -44.26 58.94 28.18
C VAL L 466 -42.75 59.03 28.41
N THR L 467 -41.99 58.49 27.48
CA THR L 467 -40.56 58.67 27.42
C THR L 467 -40.23 59.35 26.09
N CYS L 468 -39.01 59.84 26.00
CA CYS L 468 -38.59 60.49 24.77
C CYS L 468 -38.07 59.57 23.67
N PRO L 469 -37.26 58.53 23.89
CA PRO L 469 -36.97 57.62 22.77
C PRO L 469 -38.20 56.79 22.40
N ASP L 470 -38.60 56.77 21.10
CA ASP L 470 -37.94 57.09 19.79
C ASP L 470 -36.54 56.50 19.67
N ALA L 471 -36.54 55.17 19.65
CA ALA L 471 -35.45 54.34 20.13
C ALA L 471 -34.23 54.43 19.23
N LYS L 472 -33.26 55.27 19.60
CA LYS L 472 -31.94 55.24 19.00
C LYS L 472 -30.97 54.62 20.01
N GLU L 473 -30.96 53.30 20.04
CA GLU L 473 -29.96 52.49 20.71
C GLU L 473 -28.87 52.17 19.69
N ILE L 474 -28.16 51.04 19.86
CA ILE L 474 -26.72 50.88 19.85
C ILE L 474 -25.98 51.88 18.97
N THR L 475 -25.03 52.57 19.60
CA THR L 475 -24.52 53.86 19.16
C THR L 475 -23.01 53.82 19.35
N TYR L 476 -22.39 55.00 19.40
CA TYR L 476 -20.98 55.20 19.75
C TYR L 476 -20.00 54.53 18.80
N THR L 477 -19.95 55.00 17.56
CA THR L 477 -18.82 54.72 16.68
C THR L 477 -17.52 55.22 17.32
N LEU L 478 -16.42 54.50 17.05
CA LEU L 478 -15.11 54.87 17.58
C LEU L 478 -14.62 56.23 17.09
N LYS L 479 -15.16 56.73 15.99
CA LYS L 479 -14.59 57.85 15.27
C LYS L 479 -15.41 59.13 15.46
N GLU L 480 -14.92 60.00 16.35
CA GLU L 480 -14.72 61.43 16.05
C GLU L 480 -15.87 62.14 15.34
N GLN L 481 -16.79 62.74 16.13
CA GLN L 481 -18.10 63.34 15.86
C GLN L 481 -19.17 62.25 15.92
N ALA L 482 -18.85 61.16 16.63
CA ALA L 482 -19.90 60.27 17.11
C ALA L 482 -20.81 60.98 18.10
N TYR L 483 -20.26 61.89 18.92
CA TYR L 483 -21.00 62.50 20.02
C TYR L 483 -22.16 63.37 19.50
N VAL L 484 -21.90 64.19 18.47
CA VAL L 484 -22.79 65.29 18.12
C VAL L 484 -23.99 64.76 17.35
N GLU L 485 -23.82 63.63 16.68
CA GLU L 485 -24.94 62.98 16.02
C GLU L 485 -25.94 62.49 17.06
N ARG L 486 -25.45 61.92 18.16
CA ARG L 486 -26.32 61.54 19.27
C ARG L 486 -26.77 62.74 20.07
N ILE L 487 -26.11 63.91 19.90
CA ILE L 487 -26.57 65.11 20.58
C ILE L 487 -27.83 65.63 19.90
N GLU L 488 -27.80 65.74 18.56
CA GLU L 488 -28.93 66.28 17.82
C GLU L 488 -30.09 65.31 17.75
N LYS L 489 -29.84 63.99 17.82
CA LYS L 489 -30.94 63.03 17.82
C LYS L 489 -31.77 63.13 19.10
N ALA L 490 -31.13 63.45 20.23
CA ALA L 490 -31.88 63.68 21.46
C ALA L 490 -32.46 65.09 21.51
N TYR L 491 -31.75 66.06 20.92
CA TYR L 491 -32.15 67.47 21.02
C TYR L 491 -33.32 67.76 20.09
N ASN L 492 -33.40 67.08 18.95
CA ASN L 492 -34.52 67.33 18.05
C ASN L 492 -35.79 66.61 18.48
N TYR L 493 -35.68 65.54 19.29
CA TYR L 493 -36.90 65.04 19.90
C TYR L 493 -37.27 65.90 21.10
N ALA L 494 -36.28 66.53 21.72
CA ALA L 494 -36.57 67.57 22.70
C ALA L 494 -37.30 68.75 22.06
N SER L 495 -37.09 68.97 20.77
CA SER L 495 -37.93 69.89 20.02
C SER L 495 -39.32 69.31 19.77
N LYS L 496 -39.42 68.01 19.49
CA LYS L 496 -40.70 67.36 19.22
C LYS L 496 -41.76 67.45 20.32
N VAL L 497 -41.64 66.64 21.38
CA VAL L 497 -42.79 66.39 22.24
C VAL L 497 -43.13 67.57 23.16
N LEU L 498 -42.36 68.65 23.10
CA LEU L 498 -42.64 69.78 23.96
C LEU L 498 -43.39 70.88 23.21
N LEU L 499 -43.26 70.89 21.87
CA LEU L 499 -44.30 71.45 21.00
C LEU L 499 -45.60 70.66 21.12
N ASP L 500 -45.53 69.37 21.43
CA ASP L 500 -46.76 68.59 21.56
C ASP L 500 -47.43 68.82 22.91
N PHE L 501 -46.65 69.01 23.96
CA PHE L 501 -47.19 69.00 25.32
C PHE L 501 -47.74 70.36 25.75
N LEU L 502 -46.86 71.36 25.85
CA LEU L 502 -47.21 72.59 26.56
C LEU L 502 -48.15 73.49 25.77
N MET L 503 -48.01 73.50 24.44
CA MET L 503 -48.92 74.29 23.62
C MET L 503 -50.32 73.67 23.60
N GLU L 504 -50.39 72.34 23.70
CA GLU L 504 -51.69 71.66 23.67
C GLU L 504 -52.37 71.73 25.04
N GLU L 505 -51.70 71.24 26.09
CA GLU L 505 -52.36 71.14 27.39
C GLU L 505 -51.97 72.22 28.40
N GLU L 506 -50.68 72.36 28.73
CA GLU L 506 -50.25 73.23 29.81
C GLU L 506 -50.42 74.71 29.52
N GLU L 507 -50.80 75.04 28.28
CA GLU L 507 -51.30 76.33 27.78
C GLU L 507 -50.42 77.51 28.19
N LEU L 508 -49.19 77.50 27.68
CA LEU L 508 -48.31 78.65 27.84
C LEU L 508 -48.81 79.85 27.03
N VAL L 509 -49.56 79.62 25.96
CA VAL L 509 -50.14 80.75 25.25
C VAL L 509 -51.29 81.35 26.05
N ALA L 510 -52.08 80.51 26.74
CA ALA L 510 -53.23 81.02 27.48
C ALA L 510 -52.84 81.57 28.84
N HIS L 511 -51.75 81.06 29.43
CA HIS L 511 -51.23 81.68 30.63
C HIS L 511 -50.63 83.04 30.33
N LEU L 512 -49.77 83.12 29.29
CA LEU L 512 -49.12 84.37 28.93
C LEU L 512 -50.10 85.40 28.37
N ARG L 513 -51.29 84.99 27.92
CA ARG L 513 -52.33 85.97 27.58
C ARG L 513 -52.85 86.66 28.84
N SER L 514 -53.23 85.87 29.85
CA SER L 514 -53.71 86.45 31.10
C SER L 514 -52.60 87.06 31.93
N ILE L 515 -51.35 86.62 31.70
CA ILE L 515 -50.20 87.29 32.28
C ILE L 515 -50.05 88.69 31.72
N LYS L 516 -50.34 88.88 30.43
CA LYS L 516 -50.24 90.18 29.79
C LYS L 516 -51.47 91.06 29.96
N HIS L 517 -52.48 90.61 30.70
CA HIS L 517 -53.70 91.39 30.85
C HIS L 517 -53.79 92.11 32.18
N TYR L 518 -52.92 91.79 33.14
CA TYR L 518 -53.04 92.37 34.47
C TYR L 518 -51.74 92.93 35.01
N PHE L 519 -50.67 92.97 34.22
CA PHE L 519 -49.48 93.72 34.57
C PHE L 519 -49.15 94.65 33.41
N LEU L 520 -49.35 94.16 32.19
CA LEU L 520 -49.36 95.02 31.00
C LEU L 520 -50.73 95.61 30.75
N MET L 521 -51.77 95.10 31.44
CA MET L 521 -53.02 95.80 31.72
C MET L 521 -53.84 96.10 30.46
N ASP L 522 -54.16 95.04 29.71
CA ASP L 522 -55.27 95.10 28.76
C ASP L 522 -56.52 94.65 29.49
N GLN L 523 -57.63 94.46 28.75
CA GLN L 523 -58.97 94.20 29.30
C GLN L 523 -59.36 95.27 30.31
N GLY L 524 -59.51 96.49 29.80
CA GLY L 524 -59.68 97.65 30.65
C GLY L 524 -61.10 97.98 31.02
N ASP L 525 -61.99 96.99 31.01
CA ASP L 525 -63.35 97.15 31.49
C ASP L 525 -63.51 96.63 32.92
N PHE L 526 -63.06 95.40 33.17
CA PHE L 526 -62.95 94.91 34.54
C PHE L 526 -61.90 95.69 35.31
N PHE L 527 -60.86 96.15 34.61
CA PHE L 527 -59.66 96.62 35.29
C PHE L 527 -59.89 97.97 35.94
N VAL L 528 -60.54 98.90 35.23
CA VAL L 528 -60.73 100.25 35.75
C VAL L 528 -61.69 100.29 36.94
N HIS L 529 -62.54 99.28 37.11
CA HIS L 529 -63.38 99.21 38.30
C HIS L 529 -62.55 98.85 39.53
N PHE L 530 -61.66 97.86 39.40
CA PHE L 530 -60.91 97.39 40.56
C PHE L 530 -59.80 98.37 40.95
N MET L 531 -59.25 99.13 39.99
CA MET L 531 -58.29 100.16 40.36
C MET L 531 -58.96 101.31 41.09
N ASP L 532 -60.25 101.54 40.82
CA ASP L 532 -61.00 102.53 41.58
C ASP L 532 -61.27 102.04 43.00
N LEU L 533 -61.55 100.75 43.15
CA LEU L 533 -61.75 100.19 44.48
C LEU L 533 -60.44 100.05 45.25
N THR L 534 -59.34 99.84 44.54
CA THR L 534 -58.03 99.77 45.20
C THR L 534 -57.56 101.17 45.61
N GLU L 535 -57.91 102.19 44.83
CA GLU L 535 -57.60 103.57 45.18
C GLU L 535 -58.37 104.03 46.41
N GLU L 536 -59.61 103.55 46.58
CA GLU L 536 -60.41 103.96 47.72
C GLU L 536 -59.90 103.39 49.03
N GLU L 537 -59.24 102.23 48.98
CA GLU L 537 -58.71 101.61 50.19
C GLU L 537 -57.27 102.00 50.48
N LEU L 538 -56.55 102.55 49.49
CA LEU L 538 -55.15 102.90 49.64
C LEU L 538 -54.92 104.39 49.86
N LYS L 539 -55.98 105.16 50.08
CA LYS L 539 -55.86 106.58 50.40
C LYS L 539 -55.67 106.82 51.89
N LYS L 540 -55.34 105.80 52.65
CA LYS L 540 -55.12 105.89 54.09
C LYS L 540 -54.19 104.75 54.50
N PRO L 541 -53.54 104.85 55.66
CA PRO L 541 -52.82 103.69 56.20
C PRO L 541 -53.77 102.54 56.51
N VAL L 542 -53.24 101.31 56.37
CA VAL L 542 -54.06 100.11 56.37
C VAL L 542 -54.13 99.52 57.77
N ASP L 543 -55.25 98.86 58.06
CA ASP L 543 -55.46 98.12 59.29
C ASP L 543 -55.31 96.62 59.01
N ASP L 544 -55.69 95.80 60.00
CA ASP L 544 -55.47 94.36 59.90
C ASP L 544 -56.42 93.70 58.91
N ILE L 545 -57.72 94.02 58.99
CA ILE L 545 -58.73 93.40 58.13
C ILE L 545 -58.82 94.07 56.76
N ILE L 546 -58.13 95.19 56.56
CA ILE L 546 -58.15 95.94 55.30
C ILE L 546 -57.57 95.15 54.11
N PRO L 547 -56.46 94.37 54.21
CA PRO L 547 -56.07 93.55 53.05
C PRO L 547 -57.04 92.42 52.72
N THR L 548 -57.85 91.94 53.66
CA THR L 548 -58.84 90.93 53.33
C THR L 548 -60.00 91.52 52.54
N ARG L 549 -60.39 92.76 52.86
CA ARG L 549 -61.41 93.45 52.08
C ARG L 549 -60.88 93.89 50.72
N LEU L 550 -59.56 94.08 50.60
CA LEU L 550 -58.97 94.33 49.28
C LEU L 550 -59.03 93.10 48.40
N GLU L 551 -58.84 91.92 49.00
CA GLU L 551 -58.92 90.67 48.25
C GLU L 551 -60.35 90.27 47.92
N ALA L 552 -61.33 90.77 48.67
CA ALA L 552 -62.72 90.49 48.33
C ALA L 552 -63.17 91.30 47.11
N LEU L 553 -62.55 92.46 46.88
CA LEU L 553 -62.89 93.29 45.74
C LEU L 553 -62.27 92.78 44.44
N LEU L 554 -61.26 91.92 44.53
CA LEU L 554 -60.59 91.41 43.33
C LEU L 554 -61.50 90.47 42.54
N GLU L 555 -62.08 89.48 43.20
CA GLU L 555 -62.92 88.52 42.53
C GLU L 555 -64.38 88.96 42.45
N LEU L 556 -64.75 90.07 43.12
CA LEU L 556 -66.06 90.66 42.92
C LEU L 556 -66.20 91.21 41.51
N ALA L 557 -65.26 92.08 41.11
CA ALA L 557 -65.36 92.75 39.83
C ALA L 557 -65.07 91.82 38.66
N LEU L 558 -64.42 90.68 38.92
CA LEU L 558 -64.16 89.69 37.87
C LEU L 558 -65.45 89.15 37.28
N ARG L 559 -66.46 88.93 38.11
CA ARG L 559 -67.77 88.54 37.62
C ARG L 559 -68.71 89.72 37.43
N MET L 560 -68.20 90.95 37.54
CA MET L 560 -69.01 92.13 37.24
C MET L 560 -68.86 92.53 35.79
N SER L 561 -67.65 92.88 35.39
CA SER L 561 -67.26 92.96 33.98
C SER L 561 -66.45 91.72 33.71
N THR L 562 -67.02 90.80 32.94
CA THR L 562 -66.46 89.46 32.82
C THR L 562 -65.17 89.47 31.99
N ALA L 563 -64.26 88.57 32.36
CA ALA L 563 -63.01 88.38 31.66
C ALA L 563 -63.20 87.33 30.56
N ASN L 564 -62.08 86.81 30.04
CA ASN L 564 -62.16 85.73 29.05
C ASN L 564 -62.78 84.48 29.66
N THR L 565 -62.22 84.00 30.76
CA THR L 565 -62.91 83.04 31.62
C THR L 565 -62.51 83.32 33.05
N ASP L 566 -63.49 83.29 33.94
CA ASP L 566 -63.33 83.76 35.31
C ASP L 566 -62.65 82.79 36.30
N PRO L 567 -62.87 81.47 36.30
CA PRO L 567 -62.08 80.61 37.19
C PRO L 567 -60.63 80.39 36.77
N PHE L 568 -60.16 81.00 35.69
CA PHE L 568 -58.75 80.98 35.32
C PHE L 568 -58.01 82.20 35.81
N LYS L 569 -58.71 83.30 36.10
CA LYS L 569 -58.11 84.52 36.61
C LYS L 569 -57.99 84.53 38.13
N ASP L 570 -58.09 83.36 38.78
CA ASP L 570 -57.89 83.24 40.22
C ASP L 570 -56.43 83.04 40.59
N ASP L 571 -55.52 83.16 39.63
CA ASP L 571 -54.09 83.07 39.87
C ASP L 571 -53.50 84.37 40.39
N LEU L 572 -54.32 85.41 40.53
CA LEU L 572 -53.86 86.70 41.03
C LEU L 572 -54.01 86.74 42.54
N LYS L 573 -52.89 86.82 43.25
CA LYS L 573 -52.89 87.03 44.70
C LYS L 573 -52.32 88.41 45.00
N ILE L 574 -52.87 89.06 46.02
CA ILE L 574 -52.65 90.47 46.28
C ILE L 574 -51.52 90.62 47.29
N GLU L 575 -50.55 91.47 46.96
CA GLU L 575 -49.46 91.81 47.87
C GLU L 575 -49.29 93.32 47.90
N LEU L 576 -48.55 93.79 48.91
CA LEU L 576 -48.20 95.21 49.01
C LEU L 576 -46.68 95.29 49.12
N THR L 605 -38.13 97.66 44.71
CA THR L 605 -36.75 98.11 44.56
C THR L 605 -36.60 99.55 45.06
N GLU L 606 -35.46 100.17 44.71
CA GLU L 606 -35.21 101.55 45.12
C GLU L 606 -36.15 102.52 44.43
N LEU L 607 -36.50 102.25 43.18
CA LEU L 607 -37.36 103.12 42.40
C LEU L 607 -38.81 102.68 42.57
N ALA L 608 -39.67 103.62 42.98
CA ALA L 608 -41.07 103.37 43.37
C ALA L 608 -41.16 102.29 44.44
N LEU L 609 -40.56 102.60 45.58
CA LEU L 609 -40.30 101.66 46.66
C LEU L 609 -41.58 101.24 47.37
N SER L 610 -41.45 100.19 48.20
CA SER L 610 -42.59 99.66 48.92
C SER L 610 -42.98 100.59 50.07
N GLY L 611 -44.27 100.88 50.18
CA GLY L 611 -44.73 101.83 51.16
C GLY L 611 -46.25 101.92 51.26
N LEU L 612 -46.77 103.14 51.31
CA LEU L 612 -48.21 103.36 51.40
C LEU L 612 -48.92 102.92 50.12
N GLU L 613 -48.34 103.23 48.96
CA GLU L 613 -48.93 102.87 47.66
C GLU L 613 -47.92 102.04 46.89
N SER L 614 -47.96 100.72 47.08
CA SER L 614 -47.10 99.80 46.34
C SER L 614 -47.87 98.53 45.97
N PHE L 615 -49.15 98.69 45.65
CA PHE L 615 -50.01 97.55 45.34
C PHE L 615 -49.56 96.84 44.07
N SER L 616 -49.55 95.51 44.13
CA SER L 616 -49.08 94.69 43.02
C SER L 616 -49.72 93.32 43.10
N PHE L 617 -49.97 92.73 41.93
CA PHE L 617 -50.45 91.37 41.85
C PHE L 617 -49.27 90.39 41.85
N ASP L 618 -49.59 89.11 42.05
CA ASP L 618 -48.64 88.03 41.88
C ASP L 618 -49.33 86.91 41.13
N TYR L 619 -48.63 86.32 40.17
CA TYR L 619 -49.17 85.25 39.35
C TYR L 619 -48.66 83.91 39.89
N ILE L 620 -49.57 83.12 40.43
CA ILE L 620 -49.25 81.80 40.96
C ILE L 620 -49.34 80.78 39.82
N VAL L 621 -48.29 79.99 39.65
CA VAL L 621 -48.18 79.06 38.54
C VAL L 621 -47.65 77.73 39.07
N LYS L 622 -48.20 76.63 38.56
CA LYS L 622 -47.81 75.30 38.97
C LYS L 622 -46.68 74.77 38.09
N TRP L 623 -46.15 73.60 38.48
CA TRP L 623 -45.18 72.79 37.76
C TRP L 623 -45.90 71.77 36.89
N PRO L 624 -45.34 71.34 35.75
CA PRO L 624 -44.04 71.68 35.15
C PRO L 624 -44.07 72.90 34.24
N LEU L 625 -45.15 73.69 34.33
CA LEU L 625 -45.29 74.87 33.48
C LEU L 625 -44.35 75.98 33.91
N SER L 626 -43.93 76.00 35.18
CA SER L 626 -43.19 77.14 35.74
C SER L 626 -41.76 77.24 35.25
N LEU L 627 -41.27 76.31 34.42
CA LEU L 627 -39.95 76.49 33.81
C LEU L 627 -40.05 77.17 32.45
N ILE L 628 -40.80 78.26 32.36
CA ILE L 628 -40.79 79.15 31.21
C ILE L 628 -40.76 80.58 31.74
N ILE L 629 -41.06 80.74 33.02
CA ILE L 629 -41.21 82.04 33.65
C ILE L 629 -40.47 82.03 34.98
N ASN L 630 -39.78 83.12 35.27
CA ASN L 630 -38.99 83.26 36.50
C ASN L 630 -39.70 84.19 37.47
N ARG L 631 -39.48 83.91 38.77
CA ARG L 631 -39.91 84.86 39.79
C ARG L 631 -39.06 86.10 39.78
N LYS L 632 -37.79 85.97 39.37
CA LYS L 632 -36.96 87.15 39.10
C LYS L 632 -37.48 87.93 37.90
N ALA L 633 -37.96 87.22 36.88
CA ALA L 633 -38.63 87.89 35.77
C ALA L 633 -39.96 88.46 36.20
N LEU L 634 -40.63 87.83 37.17
CA LEU L 634 -41.88 88.35 37.70
C LEU L 634 -41.67 89.65 38.46
N THR L 635 -40.54 89.78 39.16
CA THR L 635 -40.26 91.02 39.90
C THR L 635 -39.95 92.17 38.95
N ARG L 636 -39.31 91.89 37.81
CA ARG L 636 -39.17 92.90 36.76
C ARG L 636 -40.51 93.20 36.10
N TYR L 637 -41.47 92.30 36.20
CA TYR L 637 -42.74 92.42 35.51
C TYR L 637 -43.84 92.98 36.41
N GLN L 638 -43.78 92.72 37.71
CA GLN L 638 -44.68 93.34 38.65
C GLN L 638 -44.25 94.76 39.00
N MET L 639 -43.00 95.13 38.72
CA MET L 639 -42.61 96.52 38.87
C MET L 639 -43.05 97.36 37.67
N LEU L 640 -43.24 96.74 36.50
CA LEU L 640 -43.77 97.45 35.36
C LEU L 640 -45.27 97.64 35.49
N PHE L 641 -45.94 96.72 36.21
CA PHE L 641 -47.33 96.93 36.59
C PHE L 641 -47.46 98.15 37.48
N ARG L 642 -46.66 98.20 38.56
CA ARG L 642 -46.85 99.15 39.64
C ARG L 642 -46.56 100.59 39.20
N HIS L 643 -45.60 100.78 38.30
CA HIS L 643 -45.38 102.11 37.72
C HIS L 643 -46.56 102.51 36.82
N MET L 644 -47.07 101.56 36.05
CA MET L 644 -48.25 101.80 35.23
C MET L 644 -49.52 101.81 36.05
N PHE L 645 -49.51 101.17 37.22
CA PHE L 645 -50.59 101.29 38.20
C PHE L 645 -50.66 102.68 38.80
N TYR L 646 -49.52 103.39 38.84
CA TYR L 646 -49.49 104.75 39.35
C TYR L 646 -50.06 105.75 38.35
N CYS L 647 -49.58 105.70 37.09
CA CYS L 647 -49.93 106.73 36.13
C CYS L 647 -51.34 106.60 35.58
N LYS L 648 -52.08 105.54 35.94
CA LYS L 648 -53.52 105.58 35.71
C LYS L 648 -54.25 106.11 36.94
N HIS L 649 -53.72 105.86 38.15
CA HIS L 649 -54.21 106.61 39.32
C HIS L 649 -53.97 108.10 39.19
N VAL L 650 -52.92 108.50 38.47
CA VAL L 650 -52.81 109.89 38.03
C VAL L 650 -53.97 110.23 37.11
N GLU L 651 -54.23 109.37 36.12
CA GLU L 651 -55.28 109.64 35.13
C GLU L 651 -56.67 109.59 35.76
N ARG L 652 -56.90 108.64 36.67
CA ARG L 652 -58.17 108.60 37.41
C ARG L 652 -58.34 109.82 38.30
N LEU L 653 -57.24 110.39 38.79
CA LEU L 653 -57.33 111.66 39.49
C LEU L 653 -57.56 112.82 38.53
N LEU L 654 -57.02 112.71 37.30
CA LEU L 654 -57.38 113.69 36.27
C LEU L 654 -58.82 113.53 35.80
N CYS L 655 -59.44 112.37 36.01
CA CYS L 655 -60.89 112.29 35.87
C CYS L 655 -61.59 113.05 36.97
N ASN L 656 -61.06 112.97 38.19
CA ASN L 656 -61.71 113.57 39.35
C ASN L 656 -61.56 115.08 39.37
N VAL L 657 -60.55 115.62 38.67
CA VAL L 657 -60.48 117.07 38.52
C VAL L 657 -61.36 117.56 37.38
N TRP L 658 -61.92 116.66 36.58
CA TRP L 658 -62.85 117.09 35.53
C TRP L 658 -64.29 117.07 36.01
N ILE L 659 -64.64 116.10 36.88
CA ILE L 659 -66.02 116.00 37.35
C ILE L 659 -66.31 116.96 38.49
N SER L 660 -65.29 117.54 39.11
CA SER L 660 -65.48 118.49 40.21
C SER L 660 -65.71 119.92 39.72
N ASN L 661 -65.78 120.13 38.41
CA ASN L 661 -66.05 121.44 37.85
C ASN L 661 -67.51 121.51 37.41
N SER L 671 -67.73 134.61 32.11
CA SER L 671 -66.69 133.88 32.84
C SER L 671 -66.16 134.72 34.00
N ALA L 672 -65.69 134.04 35.04
CA ALA L 672 -65.13 134.71 36.20
C ALA L 672 -63.62 134.87 36.03
N LYS L 673 -62.94 135.33 37.08
CA LYS L 673 -61.51 135.55 37.02
C LYS L 673 -60.76 134.22 37.07
N TRP L 674 -61.08 133.40 38.07
CA TRP L 674 -60.40 132.14 38.27
C TRP L 674 -60.91 131.03 37.34
N PHE L 675 -62.15 131.16 36.83
CA PHE L 675 -62.71 130.13 35.96
C PHE L 675 -61.96 130.03 34.63
N ALA L 676 -61.62 131.17 34.03
CA ALA L 676 -60.91 131.16 32.75
C ALA L 676 -59.47 130.68 32.93
N GLY L 677 -58.86 131.00 34.07
CA GLY L 677 -57.52 130.51 34.34
C GLY L 677 -57.49 129.04 34.72
N ALA L 678 -58.61 128.52 35.22
CA ALA L 678 -58.69 127.08 35.48
C ALA L 678 -58.88 126.30 34.19
N PHE L 679 -59.54 126.88 33.19
CA PHE L 679 -59.75 126.19 31.92
C PHE L 679 -58.48 126.10 31.09
N THR L 680 -57.51 126.98 31.29
CA THR L 680 -56.29 126.87 30.51
C THR L 680 -55.26 125.95 31.20
N LEU L 681 -55.28 125.88 32.53
CA LEU L 681 -54.28 125.08 33.23
C LEU L 681 -54.70 123.62 33.33
N ARG L 682 -55.99 123.36 33.52
CA ARG L 682 -56.45 121.97 33.61
C ARG L 682 -56.42 121.29 32.24
N GLN L 683 -56.67 122.05 31.18
CA GLN L 683 -56.64 121.48 29.83
C GLN L 683 -55.21 121.16 29.41
N ARG L 684 -54.25 122.02 29.79
CA ARG L 684 -52.86 121.76 29.43
C ARG L 684 -52.26 120.66 30.28
N MET L 685 -52.59 120.61 31.57
CA MET L 685 -52.04 119.59 32.46
C MET L 685 -52.59 118.21 32.11
N LEU L 686 -53.89 118.12 31.82
CA LEU L 686 -54.47 116.83 31.42
C LEU L 686 -53.97 116.39 30.06
N ASN L 687 -53.60 117.33 29.19
CA ASN L 687 -52.99 116.94 27.92
C ASN L 687 -51.52 116.59 28.08
N PHE L 688 -50.86 117.05 29.15
CA PHE L 688 -49.49 116.59 29.41
C PHE L 688 -49.49 115.15 29.91
N VAL L 689 -50.43 114.78 30.77
CA VAL L 689 -50.46 113.43 31.30
C VAL L 689 -50.90 112.44 30.23
N GLN L 690 -51.92 112.80 29.45
CA GLN L 690 -52.48 111.85 28.50
C GLN L 690 -51.59 111.67 27.28
N ASN L 691 -50.76 112.65 26.94
CA ASN L 691 -49.86 112.47 25.80
C ASN L 691 -48.55 111.80 26.17
N ILE L 692 -48.19 111.76 27.44
CA ILE L 692 -46.98 111.06 27.85
C ILE L 692 -47.29 109.64 28.30
N GLN L 693 -48.37 109.44 29.06
CA GLN L 693 -48.66 108.11 29.59
C GLN L 693 -49.33 107.20 28.55
N TYR L 694 -50.33 107.71 27.83
CA TYR L 694 -51.07 106.86 26.90
C TYR L 694 -50.25 106.56 25.66
N TYR L 695 -49.65 107.60 25.04
CA TYR L 695 -48.97 107.43 23.76
C TYR L 695 -47.77 106.49 23.87
N MET L 696 -47.02 106.56 24.96
CA MET L 696 -45.89 105.66 25.12
C MET L 696 -46.33 104.26 25.48
N MET L 697 -47.44 104.11 26.20
CA MET L 697 -48.00 102.80 26.45
C MET L 697 -48.59 102.22 25.16
N PHE L 698 -49.19 103.08 24.33
CA PHE L 698 -49.85 102.61 23.11
C PHE L 698 -48.84 102.17 22.06
N GLU L 699 -47.66 102.77 22.03
CA GLU L 699 -46.58 102.26 21.20
C GLU L 699 -45.80 101.14 21.89
N VAL L 700 -46.18 100.77 23.12
CA VAL L 700 -45.61 99.59 23.75
C VAL L 700 -46.57 98.42 23.55
N MET L 701 -47.84 98.57 23.97
CA MET L 701 -48.70 97.40 24.14
C MET L 701 -49.04 96.71 22.82
N GLU L 702 -49.02 97.44 21.72
CA GLU L 702 -49.30 96.84 20.41
C GLU L 702 -48.06 96.18 19.77
N PRO L 703 -46.86 96.77 19.76
CA PRO L 703 -45.71 95.99 19.26
C PRO L 703 -45.29 94.86 20.17
N THR L 704 -45.49 95.00 21.49
CA THR L 704 -45.14 93.92 22.41
C THR L 704 -46.07 92.73 22.28
N TRP L 705 -47.29 92.94 21.77
CA TRP L 705 -48.16 91.81 21.50
C TRP L 705 -47.69 91.03 20.27
N HIS L 706 -47.03 91.71 19.33
CA HIS L 706 -46.67 91.07 18.07
C HIS L 706 -45.30 90.41 18.12
N ILE L 707 -44.36 90.96 18.89
CA ILE L 707 -43.05 90.31 19.03
C ILE L 707 -43.07 89.19 20.04
N LEU L 708 -44.16 89.03 20.80
CA LEU L 708 -44.32 87.86 21.65
C LEU L 708 -45.09 86.74 20.97
N GLU L 709 -46.05 87.08 20.10
CA GLU L 709 -46.78 86.05 19.37
C GLU L 709 -45.93 85.41 18.28
N LYS L 710 -44.92 86.12 17.77
CA LYS L 710 -44.02 85.53 16.79
C LYS L 710 -42.91 84.71 17.41
N ASN L 711 -42.57 84.97 18.68
CA ASN L 711 -41.53 84.22 19.35
C ASN L 711 -42.04 82.87 19.87
N LEU L 712 -43.35 82.71 19.96
CA LEU L 712 -43.95 81.44 20.37
C LEU L 712 -43.82 80.39 19.27
N LYS L 713 -44.31 80.72 18.07
CA LYS L 713 -44.51 79.74 17.01
C LYS L 713 -43.19 79.21 16.47
N SER L 714 -42.22 80.08 16.22
CA SER L 714 -40.96 79.70 15.61
C SER L 714 -39.91 79.52 16.71
N ALA L 715 -39.90 78.31 17.29
CA ALA L 715 -38.92 77.95 18.30
C ALA L 715 -38.81 76.44 18.34
N SER L 716 -37.64 75.96 18.77
CA SER L 716 -37.44 74.53 18.99
C SER L 716 -37.26 74.17 20.44
N ASN L 717 -36.87 75.10 21.30
CA ASN L 717 -36.47 74.78 22.65
C ASN L 717 -37.39 75.44 23.67
N ILE L 718 -37.03 75.26 24.94
CA ILE L 718 -37.67 75.98 26.04
C ILE L 718 -36.77 77.03 26.66
N ASP L 719 -35.50 77.13 26.25
CA ASP L 719 -34.71 78.31 26.56
C ASP L 719 -34.70 79.33 25.43
N ASP L 720 -35.17 78.95 24.23
CA ASP L 720 -35.37 79.93 23.17
C ASP L 720 -36.55 80.85 23.49
N VAL L 721 -37.65 80.27 23.96
CA VAL L 721 -38.81 81.08 24.35
C VAL L 721 -38.51 81.83 25.65
N LEU L 722 -37.64 81.28 26.50
CA LEU L 722 -37.24 81.98 27.71
C LEU L 722 -36.33 83.16 27.40
N SER L 723 -35.38 82.97 26.47
CA SER L 723 -34.50 84.07 26.09
C SER L 723 -35.24 85.15 25.32
N HIS L 724 -36.27 84.78 24.56
CA HIS L 724 -37.07 85.75 23.85
C HIS L 724 -38.13 86.41 24.73
N HIS L 725 -38.21 86.03 26.00
CA HIS L 725 -39.14 86.65 26.94
C HIS L 725 -38.46 87.52 27.98
N THR L 726 -37.26 87.17 28.44
CA THR L 726 -36.56 88.01 29.40
C THR L 726 -35.68 89.07 28.75
N SER L 727 -35.30 88.89 27.48
CA SER L 727 -34.73 89.98 26.70
C SER L 727 -35.79 90.86 26.07
N PHE L 728 -37.06 90.46 26.19
CA PHE L 728 -38.21 91.26 25.80
C PHE L 728 -38.61 92.21 26.91
N LEU L 729 -38.55 91.77 28.16
CA LEU L 729 -39.12 92.50 29.29
C LEU L 729 -38.25 93.70 29.68
N ASP L 730 -36.93 93.54 29.65
CA ASP L 730 -36.05 94.67 29.94
C ASP L 730 -36.06 95.70 28.83
N ASN L 731 -36.44 95.32 27.62
CA ASN L 731 -36.71 96.30 26.58
C ASN L 731 -37.94 97.13 26.93
N CYS L 732 -38.95 96.49 27.53
CA CYS L 732 -40.13 97.21 28.00
C CYS L 732 -39.82 98.06 29.23
N LEU L 733 -38.80 97.70 29.99
CA LEU L 733 -38.42 98.49 31.17
C LEU L 733 -37.68 99.76 30.79
N LYS L 734 -36.83 99.69 29.75
CA LYS L 734 -35.96 100.80 29.41
C LYS L 734 -36.69 101.90 28.64
N ASP L 735 -37.53 101.52 27.67
CA ASP L 735 -38.19 102.52 26.84
C ASP L 735 -39.31 103.26 27.58
N CYS L 736 -39.84 102.67 28.65
CA CYS L 736 -40.87 103.28 29.46
C CYS L 736 -40.33 103.96 30.71
N MET L 737 -39.32 103.38 31.34
CA MET L 737 -38.73 103.93 32.57
C MET L 737 -37.22 104.05 32.37
N LEU L 738 -36.76 105.22 31.98
CA LEU L 738 -35.33 105.47 31.83
C LEU L 738 -34.68 105.60 33.20
N THR L 739 -33.40 105.25 33.27
CA THR L 739 -32.71 105.05 34.55
C THR L 739 -31.92 106.31 34.92
N ASN L 740 -32.60 107.23 35.61
CA ASN L 740 -31.95 108.36 36.26
C ASN L 740 -32.88 108.84 37.36
N PRO L 741 -32.34 109.36 38.47
CA PRO L 741 -33.20 109.80 39.59
C PRO L 741 -33.99 111.06 39.30
N GLU L 742 -33.68 111.80 38.24
CA GLU L 742 -34.38 113.05 37.96
C GLU L 742 -35.74 112.82 37.32
N LEU L 743 -36.05 111.59 36.90
CA LEU L 743 -37.41 111.31 36.43
C LEU L 743 -38.38 111.16 37.59
N LEU L 744 -37.88 110.80 38.80
CA LEU L 744 -38.67 110.93 40.02
C LEU L 744 -39.24 112.33 40.21
N LYS L 745 -38.36 113.32 40.17
CA LYS L 745 -38.66 114.65 40.68
C LYS L 745 -39.79 115.32 39.90
N ILE L 746 -39.87 115.05 38.60
CA ILE L 746 -40.92 115.65 37.78
C ILE L 746 -42.24 114.87 37.93
N PHE L 747 -42.17 113.54 38.17
CA PHE L 747 -43.39 112.77 38.39
C PHE L 747 -44.06 113.17 39.70
N SER L 748 -43.27 113.36 40.76
CA SER L 748 -43.83 113.81 42.03
C SER L 748 -44.24 115.27 41.97
N LYS L 749 -43.58 116.07 41.13
CA LYS L 749 -44.02 117.45 40.94
C LYS L 749 -45.31 117.51 40.13
N LEU L 750 -45.48 116.60 39.17
CA LEU L 750 -46.71 116.59 38.37
C LEU L 750 -47.91 116.14 39.19
N MET L 751 -47.69 115.20 40.11
CA MET L 751 -48.76 114.73 40.99
C MET L 751 -49.14 115.80 42.02
N SER L 752 -48.22 116.71 42.35
CA SER L 752 -48.52 117.70 43.38
C SER L 752 -49.40 118.82 42.84
N VAL L 753 -49.24 119.17 41.56
CA VAL L 753 -50.09 120.21 40.96
C VAL L 753 -51.52 119.70 40.78
N CYS L 754 -51.70 118.42 40.47
CA CYS L 754 -53.06 117.90 40.37
C CYS L 754 -53.67 117.65 41.74
N VAL L 755 -52.83 117.44 42.76
CA VAL L 755 -53.32 117.51 44.14
C VAL L 755 -53.68 118.96 44.48
N MET L 756 -52.87 119.91 44.00
CA MET L 756 -53.18 121.33 44.18
C MET L 756 -54.43 121.72 43.42
N PHE L 757 -54.67 121.10 42.26
CA PHE L 757 -55.87 121.40 41.49
C PHE L 757 -57.12 120.88 42.20
N THR L 758 -57.11 119.60 42.61
CA THR L 758 -58.32 118.93 43.08
C THR L 758 -58.85 119.43 44.42
N ASN L 759 -58.08 120.24 45.15
CA ASN L 759 -58.60 120.82 46.38
C ASN L 759 -59.30 122.15 46.14
N CYS L 760 -58.84 122.94 45.18
CA CYS L 760 -59.52 124.19 44.85
C CYS L 760 -60.77 123.94 44.02
N LEU L 761 -60.92 122.77 43.41
CA LEU L 761 -62.18 122.34 42.85
C LEU L 761 -63.06 121.66 43.88
N GLN L 762 -62.50 121.27 45.02
CA GLN L 762 -63.29 120.66 46.09
C GLN L 762 -64.08 121.69 46.87
N ARG L 763 -63.61 122.94 46.90
CA ARG L 763 -64.28 123.98 47.67
C ARG L 763 -65.56 124.45 46.96
N PHE L 764 -66.50 124.94 47.76
CA PHE L 764 -67.74 125.53 47.26
C PHE L 764 -68.31 126.48 48.31
N GLU L 821 -58.55 134.64 43.84
CA GLU L 821 -58.00 135.04 45.14
C GLU L 821 -56.49 134.91 45.14
N SER L 822 -56.00 133.77 45.62
CA SER L 822 -54.57 133.48 45.66
C SER L 822 -54.20 132.12 45.10
N THR L 823 -55.18 131.25 44.82
CA THR L 823 -54.86 129.90 44.39
C THR L 823 -54.38 129.85 42.94
N ILE L 824 -54.78 130.82 42.13
CA ILE L 824 -54.47 130.77 40.70
C ILE L 824 -53.00 131.11 40.44
N ASN L 825 -52.41 132.00 41.24
CA ASN L 825 -50.98 132.29 41.10
C ASN L 825 -50.13 131.20 41.72
N ASN L 826 -50.66 130.46 42.69
CA ASN L 826 -49.99 129.24 43.15
C ASN L 826 -49.99 128.18 42.07
N PHE L 827 -51.04 128.13 41.25
CA PHE L 827 -51.08 127.18 40.16
C PHE L 827 -50.13 127.58 39.04
N ASP L 828 -50.07 128.87 38.73
CA ASP L 828 -49.21 129.35 37.64
C ASP L 828 -47.73 129.24 37.99
N SER L 829 -47.38 129.44 39.27
CA SER L 829 -46.00 129.28 39.69
C SER L 829 -45.60 127.80 39.69
N ASN L 830 -46.53 126.92 40.07
CA ASN L 830 -46.30 125.49 39.97
C ASN L 830 -46.43 124.98 38.54
N PHE L 831 -47.08 125.74 37.65
CA PHE L 831 -47.14 125.34 36.25
C PHE L 831 -45.81 125.57 35.57
N SER L 832 -45.20 126.74 35.80
CA SER L 832 -43.90 127.05 35.22
C SER L 832 -42.77 126.25 35.86
N ALA L 833 -42.98 125.73 37.07
CA ALA L 833 -41.95 124.95 37.74
C ALA L 833 -41.77 123.59 37.07
N HIS L 834 -42.87 122.92 36.73
CA HIS L 834 -42.75 121.63 36.07
C HIS L 834 -42.52 121.76 34.57
N LEU L 835 -42.82 122.92 33.99
CA LEU L 835 -42.47 123.17 32.59
C LEU L 835 -40.96 123.26 32.41
N MET L 836 -40.26 123.84 33.39
CA MET L 836 -38.81 123.91 33.33
C MET L 836 -38.18 122.54 33.55
N ASP L 837 -38.81 121.69 34.34
CA ASP L 837 -38.26 120.37 34.59
C ASP L 837 -38.50 119.40 33.45
N LEU L 838 -39.61 119.56 32.72
CA LEU L 838 -39.81 118.71 31.55
C LEU L 838 -38.93 119.14 30.40
N LEU L 839 -38.54 120.42 30.33
CA LEU L 839 -37.55 120.85 29.36
C LEU L 839 -36.16 120.32 29.71
N ASP L 840 -35.86 120.24 31.01
CA ASP L 840 -34.65 119.55 31.46
C ASP L 840 -34.76 118.05 31.22
N LYS L 841 -35.95 117.48 31.39
CA LYS L 841 -36.18 116.10 31.00
C LYS L 841 -36.10 115.92 29.49
N LEU L 842 -36.43 116.97 28.73
CA LEU L 842 -36.39 116.86 27.28
C LEU L 842 -34.95 116.85 26.77
N SER L 843 -34.05 117.52 27.49
CA SER L 843 -32.63 117.44 27.17
C SER L 843 -32.02 116.13 27.65
N MET L 844 -32.56 115.53 28.69
CA MET L 844 -32.01 114.28 29.20
C MET L 844 -32.33 113.11 28.28
N TYR L 845 -33.46 113.17 27.56
CA TYR L 845 -33.74 112.17 26.54
C TYR L 845 -32.76 112.26 25.38
N SER L 846 -32.47 113.48 24.93
CA SER L 846 -31.64 113.68 23.75
C SER L 846 -30.14 113.56 24.03
N THR L 847 -29.74 113.54 25.30
CA THR L 847 -28.35 113.28 25.67
C THR L 847 -28.12 111.85 26.12
N SER L 848 -28.97 110.92 25.68
CA SER L 848 -28.97 109.56 26.22
C SER L 848 -27.69 108.76 25.94
N ASP L 849 -27.47 108.39 24.68
CA ASP L 849 -26.26 107.63 24.36
C ASP L 849 -25.65 108.01 23.01
N CYS L 850 -26.34 108.87 22.25
CA CYS L 850 -26.04 109.19 20.85
C CYS L 850 -25.94 107.92 20.01
N GLU L 851 -27.06 107.22 19.92
CA GLU L 851 -27.07 105.81 19.51
C GLU L 851 -28.31 105.54 18.65
N HIS L 852 -28.69 104.26 18.57
CA HIS L 852 -29.76 103.73 17.72
C HIS L 852 -31.15 104.06 18.29
N SER L 853 -32.18 103.37 17.79
CA SER L 853 -33.59 103.74 17.79
C SER L 853 -34.21 104.01 19.15
N MET L 854 -33.53 103.68 20.26
CA MET L 854 -34.08 104.08 21.56
C MET L 854 -33.99 105.59 21.77
N ILE L 855 -33.13 106.28 21.04
CA ILE L 855 -33.19 107.74 20.99
C ILE L 855 -34.18 108.22 19.92
N ASN L 856 -34.50 107.36 18.94
CA ASN L 856 -35.47 107.73 17.91
C ASN L 856 -36.90 107.57 18.41
N ILE L 857 -37.13 106.61 19.30
CA ILE L 857 -38.46 106.45 19.90
C ILE L 857 -38.73 107.60 20.85
N ILE L 858 -37.77 107.93 21.71
CA ILE L 858 -38.00 108.99 22.69
C ILE L 858 -37.92 110.37 22.06
N TYR L 859 -37.35 110.52 20.85
CA TYR L 859 -37.48 111.78 20.14
C TYR L 859 -38.92 112.00 19.69
N ARG L 860 -39.57 110.93 19.21
CA ARG L 860 -40.94 111.04 18.76
C ARG L 860 -41.91 111.24 19.91
N LEU L 861 -41.53 110.86 21.12
CA LEU L 861 -42.21 111.34 22.32
C LEU L 861 -42.14 112.86 22.39
N ASP L 862 -40.95 113.41 22.13
CA ASP L 862 -40.68 114.80 22.41
C ASP L 862 -41.32 115.74 21.39
N PHE L 863 -41.41 115.32 20.13
CA PHE L 863 -42.07 116.19 19.17
C PHE L 863 -43.58 116.11 19.31
N ASN L 864 -44.10 114.94 19.74
CA ASN L 864 -45.54 114.80 19.98
C ASN L 864 -45.99 115.64 21.17
N GLY L 865 -45.12 115.84 22.16
CA GLY L 865 -45.42 116.75 23.24
C GLY L 865 -45.21 118.21 22.90
N PHE L 866 -44.63 118.51 21.75
CA PHE L 866 -44.34 119.89 21.36
C PHE L 866 -45.48 120.52 20.58
N TYR L 867 -46.05 119.81 19.61
CA TYR L 867 -47.17 120.37 18.87
C TYR L 867 -48.45 120.25 19.68
N LEU M 209 90.67 -33.24 -3.19
CA LEU M 209 89.92 -34.29 -3.88
C LEU M 209 88.47 -33.96 -4.34
N PRO M 210 87.56 -33.45 -3.47
CA PRO M 210 86.18 -33.27 -3.94
C PRO M 210 85.99 -32.15 -4.93
N SER M 211 86.92 -31.19 -5.00
CA SER M 211 86.86 -30.19 -6.05
C SER M 211 87.24 -30.78 -7.40
N GLN M 212 88.17 -31.74 -7.40
CA GLN M 212 88.51 -32.46 -8.63
C GLN M 212 87.36 -33.35 -9.07
N GLU M 213 86.54 -33.81 -8.13
CA GLU M 213 85.32 -34.54 -8.48
C GLU M 213 84.30 -33.60 -9.13
N THR M 214 84.21 -32.36 -8.62
CA THR M 214 83.14 -31.45 -9.00
C THR M 214 83.31 -30.94 -10.43
N CYS M 215 84.55 -30.60 -10.81
CA CYS M 215 84.79 -30.17 -12.19
C CYS M 215 84.68 -31.32 -13.17
N LEU M 216 84.89 -32.56 -12.72
CA LEU M 216 84.58 -33.71 -13.55
C LEU M 216 83.08 -33.93 -13.68
N VAL M 217 82.31 -33.56 -12.65
CA VAL M 217 80.85 -33.64 -12.74
C VAL M 217 80.33 -32.60 -13.73
N GLU M 218 80.91 -31.40 -13.72
CA GLU M 218 80.51 -30.36 -14.67
C GLU M 218 80.91 -30.71 -16.10
N ASP M 219 82.06 -31.36 -16.27
CA ASP M 219 82.45 -31.89 -17.58
C ASP M 219 81.47 -32.96 -18.04
N LEU M 220 80.98 -33.77 -17.09
CA LEU M 220 80.03 -34.83 -17.42
C LEU M 220 78.69 -34.26 -17.86
N LEU M 221 78.28 -33.14 -17.24
CA LEU M 221 77.00 -32.52 -17.60
C LEU M 221 77.05 -31.87 -18.97
N TYR M 222 78.24 -31.42 -19.40
CA TYR M 222 78.36 -30.91 -20.77
C TYR M 222 78.33 -32.06 -21.77
N ILE M 223 78.89 -33.21 -21.38
CA ILE M 223 78.92 -34.37 -22.25
C ILE M 223 77.51 -34.91 -22.48
N LEU M 224 76.65 -34.82 -21.46
CA LEU M 224 75.26 -35.22 -21.62
C LEU M 224 74.40 -34.18 -22.33
N ILE M 225 74.85 -32.93 -22.40
CA ILE M 225 74.21 -31.96 -23.30
C ILE M 225 74.41 -32.41 -24.75
N GLY M 226 75.58 -32.97 -25.05
CA GLY M 226 75.87 -33.46 -26.37
C GLY M 226 77.04 -32.70 -26.96
N VAL M 227 77.90 -32.18 -26.09
CA VAL M 227 78.96 -31.29 -26.50
C VAL M 227 80.25 -31.70 -25.83
N ASP M 228 81.37 -31.44 -26.52
CA ASP M 228 82.68 -31.86 -26.05
C ASP M 228 83.13 -31.04 -24.84
N GLY M 229 83.72 -31.70 -23.86
CA GLY M 229 84.17 -31.08 -22.64
C GLY M 229 85.64 -30.72 -22.67
N ARG M 230 86.20 -30.52 -21.47
CA ARG M 230 87.59 -30.12 -21.31
C ARG M 230 88.49 -31.30 -20.96
N TYR M 231 88.19 -32.00 -19.86
CA TYR M 231 88.99 -33.15 -19.45
C TYR M 231 88.45 -34.46 -19.99
N ILE M 232 87.18 -34.51 -20.37
CA ILE M 232 86.61 -35.68 -21.02
C ILE M 232 86.73 -35.49 -22.52
N SER M 233 87.58 -36.29 -23.15
CA SER M 233 87.81 -36.22 -24.59
C SER M 233 86.99 -37.27 -25.32
N VAL M 234 86.64 -36.96 -26.56
CA VAL M 234 85.73 -37.78 -27.36
C VAL M 234 86.53 -38.52 -28.41
N GLN M 235 86.32 -39.84 -28.50
CA GLN M 235 87.03 -40.68 -29.45
C GLN M 235 86.07 -41.21 -30.49
N PRO M 236 86.32 -41.01 -31.78
CA PRO M 236 85.41 -41.55 -32.80
C PRO M 236 85.57 -43.05 -32.95
N LEU M 237 84.43 -43.73 -33.07
CA LEU M 237 84.40 -45.18 -33.28
C LEU M 237 83.90 -45.53 -34.68
N VAL M 238 82.74 -45.01 -35.07
CA VAL M 238 82.19 -45.19 -36.41
C VAL M 238 82.01 -43.85 -37.12
N GLY M 239 82.71 -42.82 -36.65
CA GLY M 239 82.51 -41.47 -37.16
C GLY M 239 81.97 -40.56 -36.08
N ARG M 240 82.39 -40.82 -34.84
CA ARG M 240 81.87 -40.27 -33.56
C ARG M 240 80.35 -40.12 -33.56
N GLN M 241 79.66 -41.18 -34.02
CA GLN M 241 78.24 -41.32 -33.81
C GLN M 241 77.92 -42.29 -32.68
N SER M 242 78.79 -43.26 -32.45
CA SER M 242 78.81 -44.07 -31.23
C SER M 242 80.04 -43.62 -30.45
N ARG M 243 79.85 -42.63 -29.57
CA ARG M 243 80.96 -41.93 -28.94
C ARG M 243 81.44 -42.71 -27.72
N SER M 244 82.67 -43.24 -27.80
CA SER M 244 83.32 -43.85 -26.64
C SER M 244 84.09 -42.75 -25.93
N PHE M 245 83.46 -42.15 -24.92
CA PHE M 245 84.11 -41.09 -24.16
C PHE M 245 85.20 -41.67 -23.28
N SER M 246 86.31 -40.93 -23.16
CA SER M 246 87.46 -41.38 -22.39
C SER M 246 87.93 -40.23 -21.52
N VAL M 247 87.81 -40.40 -20.21
CA VAL M 247 88.32 -39.43 -19.27
C VAL M 247 89.75 -39.82 -18.93
N GLU M 248 90.55 -38.83 -18.51
CA GLU M 248 91.93 -39.07 -18.09
C GLU M 248 91.95 -39.83 -16.76
N GLN M 249 93.17 -40.18 -16.34
CA GLN M 249 93.33 -40.84 -15.05
C GLN M 249 93.08 -39.85 -13.92
N ASN M 250 92.50 -40.35 -12.84
CA ASN M 250 92.25 -39.55 -11.65
C ASN M 250 93.05 -40.12 -10.49
N LEU M 251 93.37 -39.26 -9.52
CA LEU M 251 94.09 -39.71 -8.33
C LEU M 251 93.22 -40.65 -7.50
N ASP M 252 91.91 -40.45 -7.51
CA ASP M 252 90.96 -41.40 -6.99
C ASP M 252 90.32 -42.11 -8.18
N SER M 253 90.66 -43.39 -8.37
CA SER M 253 90.19 -44.15 -9.52
C SER M 253 88.71 -44.51 -9.43
N SER M 254 88.14 -44.48 -8.23
CA SER M 254 86.76 -44.94 -8.05
C SER M 254 85.76 -43.94 -8.61
N VAL M 255 85.93 -42.65 -8.27
CA VAL M 255 85.02 -41.61 -8.75
C VAL M 255 85.15 -41.45 -10.27
N LYS M 256 86.32 -41.76 -10.82
CA LYS M 256 86.47 -41.90 -12.26
C LYS M 256 85.62 -43.05 -12.80
N GLU M 257 85.55 -44.16 -12.07
CA GLU M 257 84.73 -45.29 -12.51
C GLU M 257 83.24 -45.03 -12.33
N LEU M 258 82.84 -44.10 -11.48
CA LEU M 258 81.43 -43.76 -11.37
C LEU M 258 80.98 -42.95 -12.57
N VAL M 259 81.89 -42.15 -13.11
CA VAL M 259 81.68 -41.43 -14.36
C VAL M 259 81.60 -42.42 -15.53
N ASN M 260 82.30 -43.54 -15.43
CA ASN M 260 82.32 -44.54 -16.49
C ASN M 260 80.96 -45.22 -16.68
N ARG M 261 80.13 -45.24 -15.63
CA ARG M 261 78.75 -45.71 -15.75
C ARG M 261 77.86 -44.71 -16.47
N ILE M 262 78.32 -43.49 -16.70
CA ILE M 262 77.48 -42.41 -17.18
C ILE M 262 77.80 -42.02 -18.63
N LEU M 263 79.02 -42.27 -19.10
CA LEU M 263 79.31 -42.05 -20.53
C LEU M 263 78.53 -42.93 -21.53
N PRO M 264 77.98 -44.12 -21.21
CA PRO M 264 77.04 -44.73 -22.18
C PRO M 264 75.73 -43.97 -22.36
N VAL M 265 75.39 -43.06 -21.44
CA VAL M 265 74.13 -42.32 -21.57
C VAL M 265 74.26 -41.28 -22.66
N ALA M 266 75.38 -40.56 -22.71
CA ALA M 266 75.62 -39.60 -23.77
C ALA M 266 76.01 -40.29 -25.08
N THR M 267 76.55 -41.51 -24.98
CA THR M 267 76.79 -42.31 -26.18
C THR M 267 75.48 -42.63 -26.88
N ASN M 268 74.49 -43.08 -26.10
CA ASN M 268 73.19 -43.40 -26.67
C ASN M 268 72.36 -42.16 -26.98
N TYR M 269 72.64 -41.04 -26.29
CA TYR M 269 71.98 -39.78 -26.66
C TYR M 269 72.53 -39.23 -27.96
N SER M 270 73.79 -39.54 -28.26
CA SER M 270 74.36 -39.14 -29.54
C SER M 270 73.86 -40.01 -30.68
N THR M 271 73.38 -41.22 -30.39
CA THR M 271 72.90 -42.09 -31.46
C THR M 271 71.51 -41.69 -31.94
N VAL M 272 70.68 -41.14 -31.05
CA VAL M 272 69.30 -40.86 -31.40
C VAL M 272 69.06 -39.41 -31.83
N THR M 273 69.93 -38.47 -31.42
CA THR M 273 69.87 -37.14 -32.00
C THR M 273 70.48 -37.10 -33.39
N ARG M 274 71.35 -38.07 -33.71
CA ARG M 274 71.84 -38.22 -35.06
C ARG M 274 71.02 -39.19 -35.89
N PHE M 275 70.16 -39.99 -35.25
CA PHE M 275 69.17 -40.76 -36.01
C PHE M 275 68.09 -39.85 -36.58
N VAL M 276 67.64 -38.87 -35.79
CA VAL M 276 66.65 -37.92 -36.27
C VAL M 276 67.25 -36.81 -37.11
N GLU M 277 68.58 -36.70 -37.11
CA GLU M 277 69.25 -35.84 -38.07
C GLU M 277 69.37 -36.52 -39.42
N GLU M 278 69.48 -37.85 -39.44
CA GLU M 278 69.72 -38.56 -40.69
C GLU M 278 68.44 -38.68 -41.52
N ASN M 279 67.31 -38.99 -40.88
CA ASN M 279 66.08 -39.24 -41.62
C ASN M 279 65.49 -37.97 -42.23
N SER M 280 65.81 -36.81 -41.68
CA SER M 280 65.39 -35.55 -42.27
C SER M 280 66.38 -34.99 -43.27
N SER M 281 67.60 -35.53 -43.32
CA SER M 281 68.58 -35.08 -44.29
C SER M 281 68.28 -35.58 -45.69
N PHE M 282 67.58 -36.71 -45.81
CA PHE M 282 67.16 -37.25 -47.10
C PHE M 282 65.70 -36.93 -47.39
N GLU M 283 65.08 -36.06 -46.58
CA GLU M 283 63.66 -35.68 -46.57
C GLU M 283 62.71 -36.87 -46.83
N TYR M 284 62.81 -37.85 -45.93
CA TYR M 284 61.88 -38.96 -45.95
C TYR M 284 60.47 -38.49 -45.61
N GLY M 285 59.50 -38.92 -46.41
CA GLY M 285 58.12 -38.63 -46.12
C GLY M 285 57.42 -39.67 -45.30
N GLN M 286 58.10 -40.77 -44.99
CA GLN M 286 57.48 -41.94 -44.37
C GLN M 286 57.14 -41.69 -42.91
N VAL M 287 56.59 -42.73 -42.26
CA VAL M 287 56.18 -42.62 -40.86
C VAL M 287 57.35 -42.66 -39.89
N ASN M 288 58.54 -43.06 -40.35
CA ASN M 288 59.71 -42.97 -39.49
C ASN M 288 60.16 -41.53 -39.30
N HIS M 289 59.82 -40.66 -40.25
CA HIS M 289 60.13 -39.24 -40.12
C HIS M 289 59.27 -38.59 -39.04
N ALA M 290 58.05 -39.09 -38.84
CA ALA M 290 57.20 -38.62 -37.75
C ALA M 290 57.49 -39.32 -36.43
N LEU M 291 58.07 -40.52 -36.47
CA LEU M 291 58.51 -41.17 -35.25
C LEU M 291 59.71 -40.44 -34.64
N GLY M 292 60.63 -39.96 -35.49
CA GLY M 292 61.79 -39.25 -35.01
C GLY M 292 61.51 -37.88 -34.43
N ALA M 293 60.37 -37.29 -34.79
CA ALA M 293 60.02 -36.00 -34.21
C ALA M 293 59.59 -36.13 -32.76
N ALA M 294 59.03 -37.29 -32.40
CA ALA M 294 58.82 -37.58 -30.99
C ALA M 294 60.15 -37.74 -30.27
N MET M 295 61.15 -38.31 -30.95
CA MET M 295 62.48 -38.43 -30.37
C MET M 295 63.14 -37.07 -30.22
N ARG M 296 62.83 -36.15 -31.13
CA ARG M 296 63.26 -34.76 -30.98
C ARG M 296 62.55 -34.09 -29.82
N THR M 297 61.28 -34.44 -29.61
CA THR M 297 60.52 -33.88 -28.48
C THR M 297 60.99 -34.48 -27.16
N LEU M 298 61.27 -35.79 -27.15
CA LEU M 298 61.86 -36.42 -25.98
C LEU M 298 63.29 -35.93 -25.73
N GLY M 299 63.99 -35.50 -26.79
CA GLY M 299 65.27 -34.86 -26.60
C GLY M 299 65.17 -33.42 -26.12
N LYS M 300 64.07 -32.75 -26.44
CA LYS M 300 63.84 -31.42 -25.88
C LYS M 300 63.43 -31.51 -24.41
N GLU M 301 62.65 -32.53 -24.05
CA GLU M 301 62.35 -32.81 -22.65
C GLU M 301 63.59 -33.31 -21.92
N TYR M 302 64.61 -33.77 -22.63
CA TYR M 302 65.87 -34.09 -21.99
C TYR M 302 66.61 -32.85 -21.51
N MET M 303 66.63 -31.80 -22.31
CA MET M 303 67.50 -30.66 -22.01
C MET M 303 66.96 -29.80 -20.86
N ILE M 304 65.65 -29.84 -20.60
CA ILE M 304 65.11 -29.12 -19.45
C ILE M 304 65.47 -29.84 -18.15
N LEU M 305 65.62 -31.17 -18.19
CA LEU M 305 65.98 -31.91 -16.98
C LEU M 305 67.42 -31.65 -16.57
N ILE M 306 68.29 -31.34 -17.52
CA ILE M 306 69.68 -31.05 -17.20
C ILE M 306 69.82 -29.67 -16.58
N SER M 307 69.01 -28.71 -17.03
CA SER M 307 69.10 -27.34 -16.55
C SER M 307 68.61 -27.16 -15.11
N GLN M 308 67.97 -28.18 -14.53
CA GLN M 308 67.65 -28.13 -13.11
C GLN M 308 68.91 -28.27 -12.25
N LEU M 309 69.90 -29.03 -12.73
CA LEU M 309 71.18 -29.10 -12.03
C LEU M 309 71.97 -27.81 -12.18
N GLU M 310 71.83 -27.11 -13.31
CA GLU M 310 72.46 -25.81 -13.47
C GLU M 310 71.83 -24.79 -12.52
N HIS M 311 70.51 -24.92 -12.29
CA HIS M 311 69.86 -24.13 -11.26
C HIS M 311 70.29 -24.59 -9.87
N LEU M 312 70.56 -25.88 -9.70
CA LEU M 312 71.03 -26.39 -8.41
C LEU M 312 72.50 -26.06 -8.18
N GLN M 313 73.27 -25.81 -9.24
CA GLN M 313 74.66 -25.45 -9.07
C GLN M 313 74.81 -24.02 -8.55
N ARG M 314 73.75 -23.20 -8.67
CA ARG M 314 73.75 -21.88 -8.05
C ARG M 314 73.80 -21.99 -6.52
N GLN M 315 72.81 -22.65 -5.92
CA GLN M 315 72.88 -23.00 -4.50
C GLN M 315 72.49 -24.48 -4.38
N GLY M 316 73.42 -25.29 -3.85
CA GLY M 316 73.18 -26.71 -3.77
C GLY M 316 74.43 -27.57 -3.78
N LEU M 317 74.31 -28.80 -3.31
CA LEU M 317 75.43 -29.71 -3.17
C LEU M 317 75.17 -30.95 -3.99
N LEU M 318 76.17 -31.38 -4.76
CA LEU M 318 76.06 -32.63 -5.50
C LEU M 318 76.47 -33.79 -4.60
N SER M 319 75.79 -34.92 -4.77
CA SER M 319 76.21 -36.20 -4.22
C SER M 319 76.42 -37.18 -5.34
N LEU M 320 76.85 -38.39 -4.95
CA LEU M 320 77.06 -39.47 -5.92
C LEU M 320 75.73 -39.90 -6.53
N GLN M 321 74.64 -39.77 -5.77
CA GLN M 321 73.33 -40.16 -6.25
C GLN M 321 72.53 -38.98 -6.81
N LYS M 322 72.84 -37.74 -6.36
CA LYS M 322 72.29 -36.55 -6.99
C LYS M 322 72.64 -36.50 -8.48
N LEU M 323 73.80 -37.01 -8.85
CA LEU M 323 74.02 -37.39 -10.26
C LEU M 323 73.07 -38.50 -10.65
N TRP M 324 73.14 -39.65 -9.97
CA TRP M 324 72.56 -40.93 -10.40
C TRP M 324 71.05 -40.91 -10.66
N PHE M 325 70.24 -40.32 -9.76
CA PHE M 325 68.80 -40.42 -9.95
C PHE M 325 68.31 -39.45 -11.01
N TYR M 326 69.18 -38.57 -11.51
CA TYR M 326 68.86 -37.85 -12.73
C TYR M 326 69.27 -38.69 -13.94
N ILE M 327 70.37 -39.41 -13.81
CA ILE M 327 70.90 -40.18 -14.93
C ILE M 327 70.11 -41.47 -15.12
N GLN M 328 69.53 -42.03 -14.05
CA GLN M 328 68.93 -43.36 -14.23
C GLN M 328 67.58 -43.25 -14.93
N PRO M 329 66.74 -42.22 -14.68
CA PRO M 329 65.63 -41.94 -15.62
C PRO M 329 66.01 -41.71 -17.08
N THR M 330 67.27 -41.38 -17.37
CA THR M 330 67.67 -41.11 -18.74
C THR M 330 68.51 -42.23 -19.35
N LEU M 331 69.29 -42.95 -18.52
CA LEU M 331 69.89 -44.19 -18.97
C LEU M 331 68.87 -45.31 -19.14
N ARG M 332 67.67 -45.18 -18.57
CA ARG M 332 66.63 -46.13 -18.96
C ARG M 332 66.02 -45.76 -20.30
N THR M 333 65.94 -44.48 -20.65
CA THR M 333 65.45 -44.12 -21.97
C THR M 333 66.51 -44.44 -23.03
N MET M 334 67.78 -44.19 -22.70
CA MET M 334 68.91 -44.57 -23.55
C MET M 334 68.93 -46.06 -23.88
N GLU M 335 68.73 -46.93 -22.89
CA GLU M 335 68.80 -48.35 -23.18
C GLU M 335 67.58 -48.84 -23.95
N VAL M 336 66.47 -48.10 -23.86
CA VAL M 336 65.30 -48.43 -24.66
C VAL M 336 65.51 -47.94 -26.09
N LEU M 337 66.08 -46.75 -26.24
CA LEU M 337 66.37 -46.21 -27.56
C LEU M 337 67.55 -46.92 -28.22
N ALA M 338 68.46 -47.49 -27.43
CA ALA M 338 69.54 -48.28 -28.03
C ALA M 338 69.00 -49.61 -28.55
N SER M 339 67.98 -50.16 -27.90
CA SER M 339 67.32 -51.34 -28.44
C SER M 339 66.51 -50.99 -29.69
N ILE M 340 66.05 -49.74 -29.78
CA ILE M 340 65.45 -49.25 -31.02
C ILE M 340 66.52 -49.14 -32.10
N ALA M 341 67.72 -48.65 -31.73
CA ALA M 341 68.79 -48.41 -32.69
C ALA M 341 69.41 -49.70 -33.21
N THR M 342 69.45 -50.76 -32.40
CA THR M 342 70.07 -51.99 -32.88
C THR M 342 69.14 -52.78 -33.79
N SER M 343 67.83 -52.56 -33.68
CA SER M 343 66.91 -53.15 -34.65
C SER M 343 66.99 -52.43 -35.98
N LEU M 344 67.29 -51.13 -35.95
CA LEU M 344 67.64 -50.38 -37.15
C LEU M 344 68.95 -50.87 -37.75
N ASN M 345 69.86 -51.36 -36.91
CA ASN M 345 71.16 -51.80 -37.39
C ASN M 345 71.06 -53.14 -38.12
N LYS M 346 70.05 -53.95 -37.79
CA LYS M 346 69.80 -55.23 -38.43
C LYS M 346 69.22 -55.10 -39.83
N GLY M 347 68.81 -53.89 -40.24
CA GLY M 347 68.18 -53.70 -41.54
C GLY M 347 66.68 -53.51 -41.49
N GLU M 348 66.25 -52.24 -41.56
CA GLU M 348 64.91 -51.65 -41.64
C GLU M 348 65.34 -50.16 -41.66
N CYS M 349 64.56 -49.13 -42.04
CA CYS M 349 63.12 -48.93 -41.93
C CYS M 349 62.34 -48.36 -43.13
N PHE M 350 61.55 -49.19 -43.80
CA PHE M 350 60.53 -48.69 -44.71
C PHE M 350 59.16 -48.73 -44.01
N GLY M 351 58.30 -47.79 -44.41
CA GLY M 351 57.10 -47.36 -43.69
C GLY M 351 56.22 -48.34 -42.94
N GLY M 352 55.69 -49.35 -43.64
CA GLY M 352 54.79 -50.29 -43.00
C GLY M 352 55.47 -51.20 -42.01
N ALA M 353 56.74 -51.52 -42.23
CA ALA M 353 57.47 -52.36 -41.29
C ALA M 353 58.24 -51.55 -40.26
N THR M 354 58.29 -50.22 -40.40
CA THR M 354 58.65 -49.38 -39.26
C THR M 354 57.64 -49.54 -38.13
N LEU M 355 56.36 -49.59 -38.49
CA LEU M 355 55.31 -49.87 -37.52
C LEU M 355 55.38 -51.32 -37.03
N SER M 356 55.83 -52.25 -37.88
CA SER M 356 55.92 -53.65 -37.48
C SER M 356 57.04 -53.86 -36.47
N LEU M 357 58.19 -53.25 -36.73
CA LEU M 357 59.33 -53.31 -35.82
C LEU M 357 59.03 -52.63 -34.50
N LEU M 358 58.31 -51.51 -34.54
CA LEU M 358 57.92 -50.82 -33.32
C LEU M 358 56.88 -51.61 -32.54
N HIS M 359 56.06 -52.38 -33.24
CA HIS M 359 55.07 -53.22 -32.58
C HIS M 359 55.73 -54.42 -31.89
N ASP M 360 56.80 -54.94 -32.50
CA ASP M 360 57.57 -56.02 -31.89
C ASP M 360 58.31 -55.53 -30.65
N ARG M 361 58.82 -54.30 -30.69
CA ARG M 361 59.63 -53.78 -29.60
C ARG M 361 58.78 -53.40 -28.40
N THR M 362 57.51 -53.02 -28.61
CA THR M 362 56.62 -52.76 -27.48
C THR M 362 56.13 -54.06 -26.85
N PHE M 363 55.79 -55.05 -27.68
CA PHE M 363 55.37 -56.34 -27.17
C PHE M 363 56.52 -57.12 -26.54
N GLY M 364 57.75 -56.82 -26.92
CA GLY M 364 58.88 -57.38 -26.19
C GLY M 364 59.05 -56.74 -24.83
N TYR M 365 58.95 -55.41 -24.77
CA TYR M 365 59.27 -54.66 -23.57
C TYR M 365 58.22 -54.76 -22.46
N THR M 366 57.13 -55.50 -22.68
CA THR M 366 56.03 -55.56 -21.72
C THR M 366 56.46 -56.22 -20.41
N GLY M 367 56.37 -55.46 -19.31
CA GLY M 367 56.81 -55.91 -18.00
C GLY M 367 57.46 -54.80 -17.20
N ASP M 368 57.98 -53.79 -17.89
CA ASP M 368 58.42 -52.54 -17.28
C ASP M 368 57.40 -51.49 -17.67
N SER M 369 56.43 -51.25 -16.78
CA SER M 369 55.29 -50.40 -17.10
C SER M 369 55.63 -48.91 -17.12
N GLN M 370 56.82 -48.52 -16.67
CA GLN M 370 57.20 -47.11 -16.70
C GLN M 370 57.50 -46.65 -18.13
N ALA M 371 58.42 -47.33 -18.80
CA ALA M 371 58.73 -46.99 -20.19
C ALA M 371 57.88 -47.74 -21.20
N GLN M 372 56.94 -48.56 -20.75
CA GLN M 372 55.89 -49.07 -21.64
C GLN M 372 55.00 -47.93 -22.11
N GLU M 373 54.83 -46.90 -21.27
CA GLU M 373 54.00 -45.76 -21.62
C GLU M 373 54.66 -44.87 -22.67
N LEU M 374 55.99 -44.72 -22.62
CA LEU M 374 56.65 -43.88 -23.63
C LEU M 374 56.76 -44.59 -24.96
N CYS M 375 56.98 -45.91 -24.95
CA CYS M 375 56.92 -46.67 -26.19
C CYS M 375 55.50 -46.79 -26.71
N LEU M 376 54.49 -46.65 -25.85
CA LEU M 376 53.12 -46.47 -26.32
C LEU M 376 52.98 -45.14 -27.06
N TYR M 377 53.63 -44.10 -26.57
CA TYR M 377 53.57 -42.80 -27.23
C TYR M 377 54.34 -42.81 -28.55
N LEU M 378 55.36 -43.65 -28.66
CA LEU M 378 56.11 -43.74 -29.90
C LEU M 378 55.34 -44.51 -30.97
N THR M 379 54.71 -45.63 -30.60
CA THR M 379 54.03 -46.48 -31.55
C THR M 379 52.68 -45.93 -31.99
N LYS M 380 52.15 -44.92 -31.32
CA LYS M 380 50.89 -44.31 -31.72
C LYS M 380 51.09 -42.99 -32.45
N ALA M 381 52.23 -42.32 -32.22
CA ALA M 381 52.57 -41.14 -33.01
C ALA M 381 53.19 -41.50 -34.34
N ALA M 382 53.85 -42.67 -34.43
CA ALA M 382 54.35 -43.14 -35.71
C ALA M 382 53.22 -43.57 -36.63
N SER M 383 52.13 -44.09 -36.06
CA SER M 383 50.97 -44.52 -36.84
C SER M 383 50.06 -43.37 -37.24
N ALA M 384 50.38 -42.13 -36.85
CA ALA M 384 49.55 -40.98 -37.16
C ALA M 384 49.56 -40.57 -38.64
N PRO M 385 50.69 -40.60 -39.39
CA PRO M 385 50.55 -40.45 -40.84
C PRO M 385 49.99 -41.69 -41.52
N TYR M 386 50.10 -42.87 -40.90
CA TYR M 386 49.57 -44.07 -41.53
C TYR M 386 48.05 -44.13 -41.42
N PHE M 387 47.49 -43.65 -40.31
CA PHE M 387 46.05 -43.66 -40.14
C PHE M 387 45.36 -42.52 -40.88
N ASP M 388 46.11 -41.58 -41.44
CA ASP M 388 45.59 -40.79 -42.56
C ASP M 388 45.21 -41.71 -43.71
N ILE M 389 46.19 -42.44 -44.24
CA ILE M 389 46.01 -43.18 -45.47
C ILE M 389 45.13 -44.41 -45.26
N LEU M 390 44.91 -44.80 -44.00
CA LEU M 390 43.76 -45.64 -43.67
C LEU M 390 42.46 -44.93 -44.07
N GLU M 391 42.26 -43.70 -43.56
CA GLU M 391 40.98 -43.01 -43.73
C GLU M 391 40.76 -42.56 -45.18
N ARG M 392 41.84 -42.23 -45.89
CA ARG M 392 41.70 -41.81 -47.28
C ARG M 392 41.39 -42.97 -48.23
N TRP M 393 41.73 -44.20 -47.84
CA TRP M 393 41.62 -45.33 -48.76
C TRP M 393 40.41 -46.21 -48.46
N ILE M 394 40.02 -46.34 -47.19
CA ILE M 394 38.88 -47.19 -46.84
C ILE M 394 37.57 -46.41 -46.82
N TYR M 395 37.63 -45.08 -46.84
CA TYR M 395 36.42 -44.25 -46.83
C TYR M 395 36.29 -43.33 -48.03
N ARG M 396 37.37 -43.02 -48.73
CA ARG M 396 37.30 -42.21 -49.94
C ARG M 396 37.84 -42.93 -51.16
N GLY M 397 39.00 -43.55 -51.07
CA GLY M 397 39.62 -44.21 -52.19
C GLY M 397 40.74 -43.44 -52.86
N ILE M 398 41.35 -42.48 -52.18
CA ILE M 398 42.46 -41.70 -52.72
C ILE M 398 43.73 -42.13 -52.01
N ILE M 399 44.87 -41.90 -52.68
CA ILE M 399 46.15 -42.37 -52.20
C ILE M 399 47.17 -41.23 -52.29
N ASN M 400 48.11 -41.24 -51.35
CA ASN M 400 49.23 -40.30 -51.35
C ASN M 400 50.50 -41.08 -51.05
N ASP M 401 51.47 -41.01 -51.96
CA ASP M 401 52.74 -41.72 -51.81
C ASP M 401 53.89 -40.75 -52.02
N PRO M 402 54.48 -40.22 -50.95
CA PRO M 402 55.69 -39.40 -51.09
C PRO M 402 56.86 -40.25 -51.56
N TYR M 403 57.09 -41.38 -50.88
CA TYR M 403 57.91 -42.46 -51.41
C TYR M 403 57.00 -43.66 -51.67
N SER M 404 56.44 -44.24 -50.61
CA SER M 404 55.15 -44.91 -50.50
C SER M 404 54.92 -45.18 -49.02
N GLU M 405 53.80 -44.75 -48.46
CA GLU M 405 53.51 -44.95 -47.05
C GLU M 405 52.38 -45.94 -46.84
N PHE M 406 51.88 -46.55 -47.90
CA PHE M 406 50.79 -47.50 -47.81
C PHE M 406 51.09 -48.67 -48.73
N MET M 407 50.69 -49.86 -48.32
CA MET M 407 51.11 -51.07 -49.01
C MET M 407 50.37 -51.30 -50.33
N VAL M 408 49.24 -50.63 -50.54
CA VAL M 408 48.43 -50.84 -51.73
C VAL M 408 48.90 -49.91 -52.83
N GLU M 409 49.33 -50.48 -53.95
CA GLU M 409 49.85 -49.72 -55.07
C GLU M 409 49.06 -50.05 -56.34
N GLU M 410 48.86 -49.04 -57.17
CA GLU M 410 48.19 -49.23 -58.44
C GLU M 410 49.06 -50.07 -59.37
N HIS M 411 48.41 -50.78 -60.30
CA HIS M 411 48.99 -51.77 -61.23
C HIS M 411 49.61 -52.96 -60.50
N TRP M 427 37.75 -51.41 -66.53
CA TRP M 427 38.94 -52.19 -66.82
C TRP M 427 39.26 -53.13 -65.66
N ASP M 428 40.17 -54.08 -65.89
CA ASP M 428 40.63 -55.01 -64.86
C ASP M 428 41.32 -54.26 -63.72
N GLN M 429 42.48 -53.68 -64.03
CA GLN M 429 43.21 -52.72 -63.17
C GLN M 429 43.46 -53.27 -61.76
N ARG M 430 44.24 -54.35 -61.71
CA ARG M 430 44.49 -55.00 -60.44
C ARG M 430 45.53 -54.24 -59.63
N TYR M 431 45.66 -54.62 -58.37
CA TYR M 431 46.56 -53.96 -57.42
C TYR M 431 47.51 -54.99 -56.84
N THR M 432 48.68 -54.53 -56.43
CA THR M 432 49.66 -55.36 -55.75
C THR M 432 49.93 -54.78 -54.37
N ILE M 433 49.68 -55.56 -53.34
CA ILE M 433 50.20 -55.24 -52.02
C ILE M 433 51.67 -55.62 -51.98
N VAL M 434 52.49 -54.75 -51.42
CA VAL M 434 53.90 -55.07 -51.28
C VAL M 434 54.08 -55.95 -50.05
N GLN M 435 55.07 -56.86 -50.13
CA GLN M 435 55.34 -57.80 -49.05
C GLN M 435 56.39 -57.27 -48.08
N GLN M 436 56.43 -55.95 -47.89
CA GLN M 436 57.28 -55.33 -46.89
C GLN M 436 56.55 -54.30 -46.04
N GLN M 437 55.45 -53.71 -46.50
CA GLN M 437 54.73 -52.68 -45.77
C GLN M 437 53.53 -53.23 -45.01
N ILE M 438 53.64 -54.44 -44.48
CA ILE M 438 52.56 -55.02 -43.69
C ILE M 438 52.51 -54.34 -42.32
N PRO M 439 51.33 -53.93 -41.83
CA PRO M 439 51.25 -53.21 -40.55
C PRO M 439 51.51 -54.09 -39.33
N SER M 440 51.21 -53.52 -38.14
CA SER M 440 51.47 -54.19 -36.87
C SER M 440 50.72 -55.52 -36.76
N PHE M 441 49.54 -55.61 -37.36
CA PHE M 441 48.81 -56.86 -37.40
C PHE M 441 49.05 -57.59 -38.72
N LEU M 442 48.53 -58.80 -38.80
CA LEU M 442 48.89 -59.75 -39.84
C LEU M 442 48.10 -59.48 -41.13
N GLN M 443 48.16 -60.43 -42.06
CA GLN M 443 47.83 -60.17 -43.46
C GLN M 443 46.33 -60.10 -43.75
N LYS M 444 45.48 -60.73 -42.92
CA LYS M 444 44.09 -60.88 -43.31
C LYS M 444 43.31 -59.58 -43.22
N VAL M 445 43.68 -58.69 -42.29
CA VAL M 445 43.07 -57.37 -42.28
C VAL M 445 43.72 -56.44 -43.29
N ALA M 446 44.94 -56.76 -43.74
CA ALA M 446 45.59 -55.97 -44.77
C ALA M 446 45.02 -56.25 -46.15
N ASP M 447 44.53 -57.47 -46.38
CA ASP M 447 43.84 -57.77 -47.62
C ASP M 447 42.44 -57.16 -47.66
N LYS M 448 41.84 -56.91 -46.50
CA LYS M 448 40.52 -56.30 -46.46
C LYS M 448 40.58 -54.81 -46.76
N ILE M 449 41.60 -54.11 -46.23
CA ILE M 449 41.76 -52.70 -46.57
C ILE M 449 42.29 -52.53 -47.99
N LEU M 450 42.88 -53.58 -48.56
CA LEU M 450 43.17 -53.59 -49.99
C LEU M 450 41.87 -53.65 -50.79
N SER M 451 40.99 -54.60 -50.46
CA SER M 451 39.82 -54.86 -51.29
C SER M 451 38.76 -53.77 -51.17
N THR M 452 38.75 -53.04 -50.06
CA THR M 452 37.80 -51.93 -49.93
C THR M 452 38.17 -50.78 -50.84
N GLY M 453 39.45 -50.39 -50.84
CA GLY M 453 39.90 -49.33 -51.73
C GLY M 453 39.94 -49.72 -53.18
N LYS M 454 39.99 -51.02 -53.48
CA LYS M 454 39.77 -51.49 -54.84
C LYS M 454 38.34 -51.20 -55.28
N TYR M 455 37.38 -51.34 -54.36
CA TYR M 455 35.99 -51.01 -54.64
C TYR M 455 35.81 -49.51 -54.74
N LEU M 456 36.56 -48.75 -53.95
CA LEU M 456 36.35 -47.32 -53.88
C LEU M 456 36.98 -46.57 -55.05
N ASN M 457 37.97 -47.16 -55.71
CA ASN M 457 38.57 -46.52 -56.87
C ASN M 457 37.73 -46.75 -58.12
N VAL M 458 37.10 -47.93 -58.24
CA VAL M 458 36.28 -48.21 -59.41
C VAL M 458 34.92 -47.54 -59.34
N VAL M 459 34.52 -47.03 -58.17
CA VAL M 459 33.36 -46.15 -58.09
C VAL M 459 33.75 -44.68 -58.09
N ARG M 460 35.04 -44.37 -57.85
CA ARG M 460 35.52 -43.02 -58.07
C ARG M 460 35.76 -42.75 -59.55
N GLU M 461 36.18 -43.77 -60.31
CA GLU M 461 36.38 -43.63 -61.73
C GLU M 461 35.08 -43.63 -62.53
N CYS M 462 33.94 -43.98 -61.90
CA CYS M 462 32.69 -44.01 -62.64
C CYS M 462 31.97 -42.67 -62.59
N GLY M 463 31.82 -42.07 -61.41
CA GLY M 463 31.17 -40.77 -61.33
C GLY M 463 31.83 -39.69 -60.51
N HIS M 464 32.79 -40.08 -59.64
CA HIS M 464 33.61 -39.25 -58.74
C HIS M 464 32.80 -38.67 -57.56
N ASP M 465 31.48 -38.83 -57.59
CA ASP M 465 30.64 -38.51 -56.46
C ASP M 465 29.73 -39.67 -56.08
N VAL M 466 29.65 -40.71 -56.90
CA VAL M 466 28.92 -41.92 -56.57
C VAL M 466 29.92 -42.85 -55.89
N THR M 467 30.07 -42.69 -54.58
CA THR M 467 30.95 -43.52 -53.77
C THR M 467 30.11 -44.30 -52.77
N CYS M 468 30.47 -45.56 -52.58
CA CYS M 468 29.70 -46.44 -51.71
C CYS M 468 29.73 -46.10 -50.21
N PRO M 469 30.89 -45.77 -49.54
CA PRO M 469 30.80 -45.50 -48.10
C PRO M 469 30.43 -44.05 -47.78
N ASP M 470 29.30 -43.60 -48.32
CA ASP M 470 28.74 -42.32 -47.93
C ASP M 470 27.90 -42.49 -46.67
N ALA M 471 27.84 -41.41 -45.88
CA ALA M 471 27.27 -41.37 -44.52
C ALA M 471 27.96 -42.38 -43.58
N LYS M 472 29.20 -42.73 -43.87
CA LYS M 472 30.06 -43.45 -42.92
C LYS M 472 31.49 -43.04 -43.23
N GLU M 473 31.98 -42.00 -42.55
CA GLU M 473 33.34 -41.51 -42.70
C GLU M 473 33.92 -41.17 -41.34
N ILE M 474 33.62 -41.99 -40.35
CA ILE M 474 33.98 -41.72 -38.95
C ILE M 474 35.45 -42.03 -38.75
N THR M 475 36.13 -41.14 -38.03
CA THR M 475 37.58 -41.12 -37.92
C THR M 475 38.12 -42.34 -37.16
N TYR M 476 39.44 -42.52 -37.26
CA TYR M 476 40.12 -43.66 -36.68
C TYR M 476 40.23 -43.52 -35.16
N THR M 477 40.73 -44.57 -34.53
CA THR M 477 40.91 -44.61 -33.08
C THR M 477 42.35 -45.02 -32.75
N LEU M 478 42.81 -44.59 -31.59
CA LEU M 478 44.15 -44.90 -31.09
C LEU M 478 43.98 -45.97 -30.02
N LYS M 479 44.24 -47.22 -30.37
CA LYS M 479 43.98 -48.35 -29.48
C LYS M 479 44.84 -49.52 -29.92
N GLU M 480 45.28 -50.32 -28.94
CA GLU M 480 46.10 -51.49 -29.23
C GLU M 480 45.32 -52.63 -29.87
N GLN M 481 44.00 -52.63 -29.76
CA GLN M 481 43.21 -53.76 -30.26
C GLN M 481 42.06 -53.34 -31.16
N ALA M 482 41.36 -52.26 -30.85
CA ALA M 482 40.04 -52.01 -31.41
C ALA M 482 40.06 -51.31 -32.77
N TYR M 483 41.17 -51.31 -33.50
CA TYR M 483 41.14 -50.75 -34.84
C TYR M 483 40.81 -51.78 -35.91
N VAL M 484 40.84 -53.08 -35.58
CA VAL M 484 40.31 -54.06 -36.52
C VAL M 484 38.80 -54.16 -36.41
N GLU M 485 38.24 -53.83 -35.23
CA GLU M 485 36.79 -53.68 -35.13
C GLU M 485 36.32 -52.40 -35.81
N ARG M 486 37.21 -51.44 -36.01
CA ARG M 486 36.88 -50.27 -36.83
C ARG M 486 36.80 -50.65 -38.30
N ILE M 487 37.68 -51.56 -38.75
CA ILE M 487 37.64 -52.04 -40.13
C ILE M 487 36.42 -52.95 -40.33
N GLU M 488 36.04 -53.69 -39.28
CA GLU M 488 34.96 -54.67 -39.39
C GLU M 488 33.59 -54.05 -39.61
N LYS M 489 33.40 -52.77 -39.30
CA LYS M 489 32.19 -52.08 -39.70
C LYS M 489 32.35 -51.33 -41.02
N ALA M 490 33.59 -51.11 -41.46
CA ALA M 490 33.81 -50.41 -42.72
C ALA M 490 33.65 -51.33 -43.92
N TYR M 491 34.07 -52.59 -43.79
CA TYR M 491 33.78 -53.63 -44.77
C TYR M 491 32.30 -53.84 -45.01
N ASN M 492 31.52 -54.06 -43.95
CA ASN M 492 30.23 -54.72 -44.06
C ASN M 492 29.20 -53.82 -44.75
N TYR M 493 29.33 -52.50 -44.58
CA TYR M 493 28.42 -51.59 -45.27
C TYR M 493 28.89 -51.31 -46.70
N ALA M 494 30.20 -51.23 -46.92
CA ALA M 494 30.72 -50.80 -48.21
C ALA M 494 30.53 -51.85 -49.29
N SER M 495 30.54 -53.12 -48.93
CA SER M 495 30.29 -54.19 -49.89
C SER M 495 28.80 -54.52 -50.01
N LYS M 496 28.00 -54.18 -49.01
CA LYS M 496 26.56 -54.43 -49.10
C LYS M 496 25.89 -53.42 -50.02
N VAL M 497 26.23 -52.14 -49.88
CA VAL M 497 25.64 -51.11 -50.74
C VAL M 497 26.25 -51.09 -52.14
N LEU M 498 27.33 -51.82 -52.35
CA LEU M 498 27.84 -52.06 -53.70
C LEU M 498 27.09 -53.19 -54.39
N LEU M 499 26.54 -54.13 -53.61
CA LEU M 499 25.85 -55.26 -54.22
C LEU M 499 24.53 -54.83 -54.86
N ASP M 500 23.62 -54.24 -54.06
CA ASP M 500 22.28 -53.91 -54.55
C ASP M 500 22.26 -52.86 -55.65
N PHE M 501 23.30 -52.02 -55.77
CA PHE M 501 23.34 -51.03 -56.83
C PHE M 501 23.60 -51.68 -58.20
N LEU M 502 24.53 -52.64 -58.25
CA LEU M 502 24.85 -53.29 -59.51
C LEU M 502 23.80 -54.33 -59.90
N MET M 503 23.21 -54.99 -58.90
CA MET M 503 22.41 -56.18 -59.18
C MET M 503 20.97 -55.82 -59.51
N GLU M 504 20.45 -54.78 -58.85
CA GLU M 504 19.07 -54.34 -58.93
C GLU M 504 18.92 -53.05 -59.72
N GLU M 505 19.66 -51.99 -59.35
CA GLU M 505 19.54 -50.72 -60.04
C GLU M 505 20.27 -50.68 -61.37
N GLU M 506 21.16 -51.64 -61.63
CA GLU M 506 21.79 -51.78 -62.93
C GLU M 506 21.49 -53.11 -63.59
N GLU M 507 20.73 -53.98 -62.91
CA GLU M 507 20.16 -55.22 -63.48
C GLU M 507 21.23 -56.20 -63.96
N LEU M 508 22.12 -56.58 -63.03
CA LEU M 508 23.10 -57.60 -63.38
C LEU M 508 22.50 -59.00 -63.24
N VAL M 509 21.40 -59.14 -62.50
CA VAL M 509 20.69 -60.41 -62.47
C VAL M 509 19.94 -60.68 -63.77
N ALA M 510 19.62 -59.64 -64.54
CA ALA M 510 18.93 -59.84 -65.81
C ALA M 510 19.91 -60.13 -66.94
N HIS M 511 21.20 -59.84 -66.75
CA HIS M 511 22.18 -60.10 -67.78
C HIS M 511 22.56 -61.59 -67.84
N LEU M 512 22.56 -62.29 -66.70
CA LEU M 512 22.82 -63.72 -66.74
C LEU M 512 21.64 -64.50 -67.30
N ARG M 513 20.43 -63.93 -67.23
CA ARG M 513 19.26 -64.61 -67.77
C ARG M 513 19.35 -64.69 -69.30
N SER M 514 19.78 -63.62 -69.96
CA SER M 514 19.98 -63.66 -71.41
C SER M 514 21.15 -64.54 -71.78
N ILE M 515 22.13 -64.69 -70.90
CA ILE M 515 23.20 -65.66 -71.10
C ILE M 515 22.63 -67.08 -71.00
N LYS M 516 21.72 -67.30 -70.05
CA LYS M 516 21.09 -68.61 -69.89
C LYS M 516 20.17 -68.95 -71.05
N HIS M 517 19.49 -67.94 -71.62
CA HIS M 517 18.51 -68.19 -72.68
C HIS M 517 19.14 -68.58 -74.00
N TYR M 518 20.44 -68.34 -74.19
CA TYR M 518 21.10 -68.67 -75.44
C TYR M 518 22.20 -69.70 -75.28
N PHE M 519 23.09 -69.53 -74.29
CA PHE M 519 24.17 -70.50 -74.10
C PHE M 519 23.66 -71.80 -73.48
N LEU M 520 22.86 -71.69 -72.43
CA LEU M 520 22.25 -72.85 -71.81
C LEU M 520 20.96 -73.29 -72.48
N MET M 521 20.49 -72.50 -73.46
CA MET M 521 19.33 -72.81 -74.31
C MET M 521 18.06 -73.04 -73.50
N ASP M 522 17.80 -72.17 -72.53
CA ASP M 522 16.65 -72.37 -71.65
C ASP M 522 15.35 -72.01 -72.35
N GLN M 523 15.18 -70.75 -72.73
CA GLN M 523 14.00 -70.31 -73.45
C GLN M 523 14.18 -70.71 -74.91
N GLY M 524 13.61 -71.85 -75.29
CA GLY M 524 13.85 -72.43 -76.58
C GLY M 524 12.86 -72.11 -77.67
N ASP M 525 11.92 -71.19 -77.44
CA ASP M 525 10.92 -70.91 -78.48
C ASP M 525 11.51 -70.08 -79.61
N PHE M 526 12.21 -68.99 -79.29
CA PHE M 526 12.93 -68.26 -80.34
C PHE M 526 14.16 -69.02 -80.79
N PHE M 527 14.69 -69.89 -79.91
CA PHE M 527 15.97 -70.53 -80.18
C PHE M 527 15.85 -71.58 -81.27
N VAL M 528 14.80 -72.42 -81.17
CA VAL M 528 14.60 -73.46 -82.18
C VAL M 528 14.13 -72.84 -83.49
N HIS M 529 13.56 -71.64 -83.45
CA HIS M 529 13.29 -70.92 -84.68
C HIS M 529 14.60 -70.46 -85.30
N PHE M 530 15.52 -69.97 -84.47
CA PHE M 530 16.83 -69.58 -84.97
C PHE M 530 17.67 -70.80 -85.32
N MET M 531 17.54 -71.89 -84.54
CA MET M 531 18.32 -73.10 -84.80
C MET M 531 17.89 -73.76 -86.10
N ASP M 532 16.59 -73.68 -86.43
CA ASP M 532 16.14 -74.09 -87.75
C ASP M 532 16.64 -73.14 -88.83
N LEU M 533 16.93 -71.89 -88.47
CA LEU M 533 17.39 -70.91 -89.44
C LEU M 533 18.91 -70.89 -89.60
N THR M 534 19.67 -71.48 -88.66
CA THR M 534 21.07 -71.75 -88.95
C THR M 534 21.25 -72.96 -89.84
N GLU M 535 20.21 -73.79 -89.99
CA GLU M 535 20.31 -75.01 -90.77
C GLU M 535 20.43 -74.70 -92.26
N GLU M 536 19.64 -73.74 -92.76
CA GLU M 536 19.66 -73.41 -94.17
C GLU M 536 20.90 -72.62 -94.59
N GLU M 537 21.68 -72.12 -93.64
CA GLU M 537 22.91 -71.40 -93.94
C GLU M 537 24.17 -72.18 -93.60
N LEU M 538 24.07 -73.18 -92.74
CA LEU M 538 25.19 -74.07 -92.45
C LEU M 538 25.06 -75.41 -93.14
N LYS M 539 24.22 -75.49 -94.18
CA LYS M 539 24.22 -76.66 -95.06
C LYS M 539 25.14 -76.43 -96.26
N LYS M 540 26.34 -75.95 -95.96
CA LYS M 540 27.39 -75.54 -96.88
C LYS M 540 28.61 -75.19 -96.04
N PRO M 541 29.82 -75.21 -96.62
CA PRO M 541 30.98 -74.70 -95.88
C PRO M 541 30.88 -73.19 -95.66
N VAL M 542 31.62 -72.71 -94.66
CA VAL M 542 31.44 -71.35 -94.16
C VAL M 542 32.03 -70.34 -95.14
N ASP M 543 31.38 -69.19 -95.25
CA ASP M 543 31.85 -68.06 -96.04
C ASP M 543 31.85 -66.81 -95.16
N ASP M 544 32.35 -65.71 -95.72
CA ASP M 544 32.44 -64.47 -94.94
C ASP M 544 31.09 -63.77 -94.83
N ILE M 545 30.25 -63.90 -95.86
CA ILE M 545 28.97 -63.19 -95.86
C ILE M 545 27.88 -63.94 -95.09
N ILE M 546 28.17 -65.13 -94.60
CA ILE M 546 27.20 -65.91 -93.82
C ILE M 546 26.94 -65.30 -92.45
N PRO M 547 27.94 -64.86 -91.64
CA PRO M 547 27.58 -64.20 -90.35
C PRO M 547 26.85 -62.87 -90.50
N THR M 548 26.90 -62.21 -91.66
CA THR M 548 26.02 -61.07 -91.88
C THR M 548 24.58 -61.52 -92.11
N ARG M 549 24.34 -62.79 -92.43
CA ARG M 549 22.99 -63.31 -92.60
C ARG M 549 22.49 -64.07 -91.37
N LEU M 550 23.36 -64.48 -90.46
CA LEU M 550 22.91 -65.12 -89.23
C LEU M 550 22.23 -64.11 -88.30
N GLU M 551 22.77 -62.89 -88.22
CA GLU M 551 22.15 -61.84 -87.43
C GLU M 551 20.86 -61.34 -88.04
N ALA M 552 20.66 -61.55 -89.34
CA ALA M 552 19.36 -61.30 -89.95
C ALA M 552 18.31 -62.26 -89.41
N LEU M 553 18.64 -63.55 -89.37
CA LEU M 553 17.71 -64.57 -88.91
C LEU M 553 17.65 -64.69 -87.40
N LEU M 554 18.64 -64.17 -86.69
CA LEU M 554 18.60 -64.16 -85.22
C LEU M 554 17.50 -63.23 -84.72
N GLU M 555 17.54 -61.98 -85.18
CA GLU M 555 16.57 -60.98 -84.73
C GLU M 555 15.24 -61.10 -85.48
N LEU M 556 15.20 -61.91 -86.54
CA LEU M 556 13.94 -62.38 -87.12
C LEU M 556 13.33 -63.51 -86.32
N ALA M 557 14.16 -64.34 -85.68
CA ALA M 557 13.62 -65.31 -84.72
C ALA M 557 13.32 -64.67 -83.37
N LEU M 558 13.93 -63.53 -83.07
CA LEU M 558 13.77 -62.89 -81.77
C LEU M 558 12.42 -62.17 -81.67
N ARG M 559 12.17 -61.24 -82.60
CA ARG M 559 11.02 -60.35 -82.49
C ARG M 559 9.75 -60.94 -83.09
N MET M 560 9.82 -62.16 -83.62
CA MET M 560 8.62 -62.95 -83.83
C MET M 560 8.17 -63.64 -82.56
N SER M 561 9.01 -63.67 -81.53
CA SER M 561 8.69 -64.25 -80.24
C SER M 561 8.46 -63.18 -79.17
N THR M 562 8.41 -61.91 -79.58
CA THR M 562 7.67 -60.80 -78.92
C THR M 562 7.86 -60.73 -77.40
N ALA M 563 9.11 -60.76 -76.96
CA ALA M 563 9.40 -60.72 -75.53
C ALA M 563 9.81 -59.31 -75.13
N ASN M 564 9.68 -59.01 -73.84
CA ASN M 564 9.94 -57.68 -73.31
C ASN M 564 11.28 -57.55 -72.60
N THR M 565 11.98 -58.66 -72.37
CA THR M 565 13.37 -58.63 -71.95
C THR M 565 14.32 -58.66 -73.14
N ASP M 566 13.78 -58.50 -74.34
CA ASP M 566 14.57 -58.40 -75.57
C ASP M 566 15.66 -57.32 -75.63
N PRO M 567 15.59 -56.18 -74.91
CA PRO M 567 16.79 -55.32 -74.85
C PRO M 567 18.02 -55.98 -74.25
N PHE M 568 17.86 -56.98 -73.39
CA PHE M 568 19.00 -57.72 -72.89
C PHE M 568 19.53 -58.73 -73.89
N LYS M 569 18.76 -59.05 -74.93
CA LYS M 569 19.21 -59.96 -75.97
C LYS M 569 19.80 -59.24 -77.18
N ASP M 570 19.71 -57.92 -77.22
CA ASP M 570 20.35 -57.13 -78.26
C ASP M 570 21.83 -56.89 -77.98
N ASP M 571 22.31 -57.33 -76.82
CA ASP M 571 23.74 -57.30 -76.48
C ASP M 571 24.43 -58.60 -76.87
N LEU M 572 23.81 -59.41 -77.72
CA LEU M 572 24.35 -60.70 -78.14
C LEU M 572 24.92 -60.57 -79.54
N LYS M 573 26.14 -61.05 -79.72
CA LYS M 573 26.79 -61.07 -81.02
C LYS M 573 27.05 -62.52 -81.44
N ILE M 574 27.22 -62.73 -82.73
CA ILE M 574 27.36 -64.05 -83.31
C ILE M 574 28.78 -64.21 -83.83
N GLU M 575 29.43 -65.31 -83.44
CA GLU M 575 30.79 -65.62 -83.87
C GLU M 575 30.76 -66.83 -84.79
N LEU M 576 31.29 -66.66 -86.00
CA LEU M 576 31.46 -67.76 -86.94
C LEU M 576 32.73 -67.52 -87.75
N THR M 605 43.90 -80.04 -80.85
CA THR M 605 43.43 -78.91 -80.05
C THR M 605 43.56 -79.19 -78.56
N GLU M 606 43.48 -78.14 -77.75
CA GLU M 606 43.55 -78.25 -76.31
C GLU M 606 42.17 -78.41 -75.66
N LEU M 607 41.13 -78.58 -76.47
CA LEU M 607 39.77 -78.80 -76.00
C LEU M 607 39.31 -80.19 -76.43
N ALA M 608 38.06 -80.51 -76.11
CA ALA M 608 37.48 -81.77 -76.52
C ALA M 608 36.87 -81.69 -77.92
N LEU M 609 36.44 -80.51 -78.34
CA LEU M 609 35.74 -80.36 -79.62
C LEU M 609 35.80 -78.91 -80.05
N SER M 610 35.82 -78.71 -81.37
CA SER M 610 35.61 -77.41 -81.97
C SER M 610 34.27 -77.32 -82.68
N GLY M 611 33.50 -78.39 -82.69
CA GLY M 611 32.21 -78.42 -83.33
C GLY M 611 32.29 -78.79 -84.80
N LEU M 612 31.17 -79.28 -85.32
CA LEU M 612 31.02 -79.46 -86.76
C LEU M 612 31.06 -78.11 -87.47
N GLU M 613 30.44 -77.10 -86.87
CA GLU M 613 30.60 -75.72 -87.25
C GLU M 613 31.23 -74.96 -86.10
N SER M 614 31.81 -73.79 -86.40
CA SER M 614 32.37 -72.90 -85.40
C SER M 614 31.33 -71.90 -84.88
N PHE M 615 30.05 -72.24 -84.97
CA PHE M 615 28.97 -71.35 -84.61
C PHE M 615 28.84 -71.27 -83.08
N SER M 616 28.99 -70.06 -82.55
CA SER M 616 28.84 -69.82 -81.11
C SER M 616 28.26 -68.43 -80.93
N PHE M 617 28.23 -67.96 -79.69
CA PHE M 617 27.77 -66.62 -79.36
C PHE M 617 28.81 -65.89 -78.54
N ASP M 618 28.81 -64.57 -78.64
CA ASP M 618 29.60 -63.69 -77.79
C ASP M 618 28.67 -62.75 -77.04
N TYR M 619 29.10 -62.35 -75.85
CA TYR M 619 28.33 -61.42 -75.03
C TYR M 619 29.08 -60.09 -74.92
N ILE M 620 28.31 -59.00 -74.93
CA ILE M 620 28.87 -57.66 -74.92
C ILE M 620 28.51 -57.01 -73.59
N VAL M 621 29.52 -56.75 -72.76
CA VAL M 621 29.32 -56.15 -71.45
C VAL M 621 30.64 -55.49 -71.05
N LYS M 622 30.53 -54.30 -70.45
CA LYS M 622 31.71 -53.52 -70.08
C LYS M 622 31.69 -53.24 -68.58
N TRP M 623 32.88 -52.97 -68.03
CA TRP M 623 33.08 -52.74 -66.61
C TRP M 623 32.30 -51.51 -66.14
N PRO M 624 31.78 -51.51 -64.90
CA PRO M 624 31.86 -52.54 -63.85
C PRO M 624 30.85 -53.66 -63.98
N LEU M 625 30.07 -53.68 -65.07
CA LEU M 625 29.08 -54.73 -65.24
C LEU M 625 29.68 -56.04 -65.72
N SER M 626 30.85 -56.01 -66.36
CA SER M 626 31.55 -57.24 -66.73
C SER M 626 32.51 -57.65 -65.62
N LEU M 627 31.92 -57.90 -64.44
CA LEU M 627 32.65 -58.31 -63.26
C LEU M 627 32.37 -59.77 -62.93
N ILE M 628 31.10 -60.15 -62.77
CA ILE M 628 30.76 -61.55 -62.54
C ILE M 628 30.83 -62.38 -63.81
N ILE M 629 30.84 -61.73 -64.98
CA ILE M 629 30.96 -62.42 -66.25
C ILE M 629 32.28 -61.97 -66.90
N ASN M 630 33.01 -62.93 -67.46
CA ASN M 630 34.34 -62.68 -68.00
C ASN M 630 34.44 -63.24 -69.42
N ARG M 631 35.46 -62.78 -70.13
CA ARG M 631 35.79 -63.39 -71.42
C ARG M 631 36.33 -64.80 -71.23
N LYS M 632 37.04 -65.05 -70.13
CA LYS M 632 37.42 -66.41 -69.77
C LYS M 632 36.21 -67.24 -69.39
N ALA M 633 35.20 -66.61 -68.79
CA ALA M 633 33.93 -67.29 -68.55
C ALA M 633 33.16 -67.50 -69.85
N LEU M 634 33.34 -66.59 -70.83
CA LEU M 634 32.61 -66.70 -72.09
C LEU M 634 33.09 -67.86 -72.92
N THR M 635 34.38 -68.20 -72.85
CA THR M 635 34.91 -69.32 -73.61
C THR M 635 34.42 -70.66 -73.07
N ARG M 636 34.09 -70.70 -71.78
CA ARG M 636 33.54 -71.91 -71.17
C ARG M 636 32.04 -72.04 -71.39
N TYR M 637 31.35 -70.97 -71.76
CA TYR M 637 29.96 -71.08 -72.17
C TYR M 637 29.84 -71.57 -73.61
N GLN M 638 30.69 -71.07 -74.51
CA GLN M 638 30.62 -71.48 -75.90
C GLN M 638 31.21 -72.88 -76.13
N MET M 639 32.08 -73.35 -75.24
CA MET M 639 32.50 -74.75 -75.30
C MET M 639 31.36 -75.67 -74.92
N LEU M 640 30.58 -75.29 -73.90
CA LEU M 640 29.39 -76.04 -73.53
C LEU M 640 28.28 -75.87 -74.57
N PHE M 641 28.26 -74.73 -75.26
CA PHE M 641 27.23 -74.47 -76.26
C PHE M 641 27.39 -75.37 -77.48
N ARG M 642 28.62 -75.54 -77.96
CA ARG M 642 28.86 -76.32 -79.17
C ARG M 642 28.65 -77.81 -78.94
N HIS M 643 28.82 -78.28 -77.71
CA HIS M 643 28.47 -79.65 -77.39
C HIS M 643 26.96 -79.86 -77.42
N MET M 644 26.20 -78.87 -76.94
CA MET M 644 24.76 -78.95 -77.03
C MET M 644 24.27 -78.72 -78.46
N PHE M 645 24.93 -77.82 -79.20
CA PHE M 645 24.62 -77.59 -80.60
C PHE M 645 24.93 -78.82 -81.45
N TYR M 646 25.84 -79.68 -80.97
CA TYR M 646 26.28 -80.85 -81.73
C TYR M 646 25.14 -81.86 -81.93
N CYS M 647 24.44 -82.20 -80.85
CA CYS M 647 23.34 -83.16 -80.93
C CYS M 647 22.03 -82.52 -81.35
N LYS M 648 21.86 -81.21 -81.15
CA LYS M 648 20.69 -80.51 -81.69
C LYS M 648 20.70 -80.52 -83.20
N HIS M 649 21.89 -80.52 -83.82
CA HIS M 649 22.01 -80.78 -85.24
C HIS M 649 21.61 -82.22 -85.55
N VAL M 650 21.95 -83.16 -84.66
CA VAL M 650 21.55 -84.55 -84.83
C VAL M 650 20.07 -84.73 -84.53
N GLU M 651 19.55 -84.02 -83.52
CA GLU M 651 18.13 -84.12 -83.19
C GLU M 651 17.27 -83.49 -84.29
N ARG M 652 17.72 -82.37 -84.86
CA ARG M 652 17.06 -81.79 -86.03
C ARG M 652 17.16 -82.72 -87.24
N LEU M 653 18.24 -83.51 -87.31
CA LEU M 653 18.39 -84.46 -88.41
C LEU M 653 17.39 -85.59 -88.30
N LEU M 654 16.97 -85.93 -87.08
CA LEU M 654 15.94 -86.92 -86.86
C LEU M 654 14.54 -86.35 -87.04
N CYS M 655 14.40 -85.02 -87.07
CA CYS M 655 13.16 -84.42 -87.56
C CYS M 655 13.03 -84.61 -89.06
N ASN M 656 14.16 -84.66 -89.77
CA ASN M 656 14.15 -84.93 -91.21
C ASN M 656 13.83 -86.37 -91.53
N VAL M 657 14.03 -87.29 -90.57
CA VAL M 657 13.66 -88.68 -90.77
C VAL M 657 12.14 -88.83 -90.73
N TRP M 658 11.46 -87.97 -89.98
CA TRP M 658 10.00 -88.05 -89.90
C TRP M 658 9.34 -87.60 -91.21
N ILE M 659 10.02 -86.72 -91.95
CA ILE M 659 9.57 -86.36 -93.28
C ILE M 659 9.60 -87.56 -94.21
N SER M 660 10.65 -88.38 -94.10
CA SER M 660 10.79 -89.55 -94.97
C SER M 660 9.85 -90.69 -94.60
N ASN M 661 9.21 -90.64 -93.43
CA ASN M 661 8.18 -91.62 -93.09
C ASN M 661 6.98 -91.50 -94.01
N LYS M 662 6.25 -90.37 -93.89
CA LYS M 662 5.00 -90.02 -94.59
C LYS M 662 4.06 -91.21 -94.81
N THR M 663 3.86 -91.98 -93.73
CA THR M 663 2.99 -93.14 -93.78
C THR M 663 2.17 -93.18 -92.49
N SER M 671 5.54 -100.50 -97.11
CA SER M 671 5.17 -101.28 -98.29
C SER M 671 5.98 -102.57 -98.38
N ALA M 672 7.29 -102.43 -98.52
CA ALA M 672 8.18 -103.57 -98.61
C ALA M 672 8.71 -103.94 -97.23
N LYS M 673 9.53 -105.00 -97.18
CA LYS M 673 10.10 -105.42 -95.91
C LYS M 673 11.20 -104.47 -95.44
N TRP M 674 11.90 -103.82 -96.38
CA TRP M 674 12.98 -102.91 -96.00
C TRP M 674 12.45 -101.66 -95.32
N PHE M 675 11.26 -101.19 -95.73
CA PHE M 675 10.69 -99.96 -95.18
C PHE M 675 10.38 -100.12 -93.69
N ALA M 676 9.68 -101.19 -93.33
CA ALA M 676 9.45 -101.48 -91.92
C ALA M 676 10.72 -101.91 -91.20
N GLY M 677 11.68 -102.49 -91.94
CA GLY M 677 12.96 -102.79 -91.36
C GLY M 677 13.79 -101.55 -91.07
N ALA M 678 13.54 -100.48 -91.80
CA ALA M 678 14.16 -99.19 -91.49
C ALA M 678 13.34 -98.39 -90.49
N PHE M 679 12.03 -98.66 -90.37
CA PHE M 679 11.19 -97.94 -89.43
C PHE M 679 11.47 -98.32 -87.98
N THR M 680 12.16 -99.43 -87.72
CA THR M 680 12.64 -99.72 -86.39
C THR M 680 14.07 -99.26 -86.15
N LEU M 681 14.83 -99.01 -87.22
CA LEU M 681 16.20 -98.50 -87.05
C LEU M 681 16.20 -97.01 -86.72
N ARG M 682 15.20 -96.28 -87.23
CA ARG M 682 15.11 -94.85 -86.93
C ARG M 682 14.63 -94.62 -85.49
N GLN M 683 13.70 -95.45 -85.01
CA GLN M 683 13.00 -95.15 -83.76
C GLN M 683 13.89 -95.42 -82.56
N ARG M 684 14.73 -96.46 -82.64
CA ARG M 684 15.73 -96.69 -81.61
C ARG M 684 16.84 -95.65 -81.67
N MET M 685 17.11 -95.11 -82.85
CA MET M 685 18.16 -94.11 -82.99
C MET M 685 17.71 -92.74 -82.51
N LEU M 686 16.47 -92.35 -82.81
CA LEU M 686 16.02 -91.01 -82.42
C LEU M 686 15.65 -90.94 -80.95
N ASN M 687 15.22 -92.06 -80.37
CA ASN M 687 14.95 -92.10 -78.94
C ASN M 687 16.23 -91.92 -78.15
N PHE M 688 17.29 -92.63 -78.53
CA PHE M 688 18.57 -92.58 -77.84
C PHE M 688 19.23 -91.21 -77.94
N VAL M 689 19.04 -90.51 -79.07
CA VAL M 689 19.57 -89.16 -79.20
C VAL M 689 18.76 -88.18 -78.36
N GLN M 690 17.42 -88.29 -78.41
CA GLN M 690 16.57 -87.50 -77.55
C GLN M 690 16.69 -87.89 -76.08
N ASN M 691 17.18 -89.10 -75.80
CA ASN M 691 17.52 -89.48 -74.44
C ASN M 691 18.68 -88.67 -73.90
N ILE M 692 19.82 -88.75 -74.59
CA ILE M 692 21.10 -88.36 -74.00
C ILE M 692 21.20 -86.85 -73.83
N GLN M 693 20.54 -86.07 -74.70
CA GLN M 693 20.62 -84.62 -74.56
C GLN M 693 19.67 -84.11 -73.49
N TYR M 694 18.43 -84.61 -73.49
CA TYR M 694 17.45 -84.20 -72.48
C TYR M 694 17.90 -84.62 -71.09
N TYR M 695 18.43 -85.84 -70.96
CA TYR M 695 18.90 -86.32 -69.66
C TYR M 695 20.18 -85.59 -69.24
N MET M 696 20.94 -85.07 -70.19
CA MET M 696 22.04 -84.16 -69.84
C MET M 696 21.50 -82.80 -69.44
N MET M 697 20.36 -82.40 -70.00
CA MET M 697 19.87 -81.04 -69.81
C MET M 697 19.28 -80.84 -68.42
N PHE M 698 18.27 -81.65 -68.04
CA PHE M 698 17.58 -81.37 -66.78
C PHE M 698 18.39 -81.84 -65.57
N GLU M 699 19.29 -82.82 -65.75
CA GLU M 699 20.12 -83.25 -64.64
C GLU M 699 21.34 -82.36 -64.42
N VAL M 700 21.57 -81.38 -65.28
CA VAL M 700 22.59 -80.37 -65.03
C VAL M 700 21.96 -79.06 -64.57
N MET M 701 20.86 -78.64 -65.22
CA MET M 701 20.27 -77.34 -64.93
C MET M 701 19.56 -77.32 -63.58
N GLU M 702 18.76 -78.35 -63.29
CA GLU M 702 17.99 -78.36 -62.04
C GLU M 702 18.82 -78.61 -60.78
N PRO M 703 19.83 -79.50 -60.73
CA PRO M 703 20.65 -79.56 -59.50
C PRO M 703 21.60 -78.38 -59.30
N THR M 704 21.84 -77.53 -60.31
CA THR M 704 22.87 -76.51 -60.20
C THR M 704 22.33 -75.08 -60.27
N TRP M 705 21.47 -74.77 -61.25
CA TRP M 705 21.17 -73.36 -61.50
C TRP M 705 20.18 -72.79 -60.48
N HIS M 706 19.24 -73.60 -59.98
CA HIS M 706 18.26 -73.08 -59.05
C HIS M 706 18.85 -72.82 -57.68
N ILE M 707 19.94 -73.51 -57.32
CA ILE M 707 20.66 -73.16 -56.09
C ILE M 707 21.75 -72.14 -56.35
N LEU M 708 22.06 -71.86 -57.62
CA LEU M 708 22.91 -70.71 -57.95
C LEU M 708 22.20 -69.41 -57.65
N GLU M 709 20.97 -69.26 -58.16
CA GLU M 709 20.22 -68.01 -58.01
C GLU M 709 19.73 -67.79 -56.59
N LYS M 710 19.64 -68.85 -55.77
CA LYS M 710 19.30 -68.67 -54.38
C LYS M 710 20.46 -68.06 -53.59
N ASN M 711 21.69 -68.25 -54.06
CA ASN M 711 22.83 -67.59 -53.45
C ASN M 711 23.00 -66.17 -53.98
N LEU M 712 22.52 -65.91 -55.20
CA LEU M 712 22.65 -64.58 -55.79
C LEU M 712 21.78 -63.56 -55.07
N LYS M 713 20.59 -63.97 -54.63
CA LYS M 713 19.67 -63.05 -53.96
C LYS M 713 19.93 -62.94 -52.47
N SER M 714 20.70 -63.85 -51.88
CA SER M 714 20.88 -63.91 -50.44
C SER M 714 22.27 -63.48 -49.99
N ALA M 715 23.14 -63.06 -50.90
CA ALA M 715 24.48 -62.66 -50.53
C ALA M 715 24.54 -61.17 -50.20
N SER M 716 25.55 -60.80 -49.42
CA SER M 716 25.79 -59.42 -49.02
C SER M 716 27.07 -58.85 -49.62
N ASN M 717 28.09 -59.69 -49.83
CA ASN M 717 29.37 -59.29 -50.40
C ASN M 717 29.41 -59.62 -51.89
N ILE M 718 30.04 -58.75 -52.67
CA ILE M 718 29.87 -58.82 -54.12
C ILE M 718 30.92 -59.72 -54.80
N ASP M 719 32.12 -59.88 -54.21
CA ASP M 719 33.09 -60.79 -54.80
C ASP M 719 32.89 -62.23 -54.33
N ASP M 720 32.18 -62.43 -53.23
CA ASP M 720 31.93 -63.78 -52.75
C ASP M 720 30.85 -64.46 -53.56
N VAL M 721 29.83 -63.70 -53.99
CA VAL M 721 28.81 -64.26 -54.86
C VAL M 721 29.32 -64.34 -56.30
N LEU M 722 30.36 -63.57 -56.62
CA LEU M 722 31.06 -63.71 -57.90
C LEU M 722 31.77 -65.05 -57.99
N SER M 723 32.55 -65.39 -56.95
CA SER M 723 33.30 -66.62 -56.95
C SER M 723 32.40 -67.84 -56.84
N HIS M 724 31.20 -67.67 -56.29
CA HIS M 724 30.22 -68.75 -56.34
C HIS M 724 29.71 -68.97 -57.76
N HIS M 725 29.63 -67.89 -58.56
CA HIS M 725 29.14 -68.00 -59.94
C HIS M 725 30.22 -68.49 -60.89
N THR M 726 31.49 -68.21 -60.61
CA THR M 726 32.55 -68.72 -61.46
C THR M 726 32.84 -70.18 -61.17
N SER M 727 32.80 -70.57 -59.89
CA SER M 727 32.89 -71.98 -59.52
C SER M 727 31.63 -72.75 -59.86
N PHE M 728 30.52 -72.05 -60.07
CA PHE M 728 29.35 -72.66 -60.73
C PHE M 728 29.70 -73.11 -62.13
N LEU M 729 30.32 -72.22 -62.91
CA LEU M 729 30.65 -72.51 -64.30
C LEU M 729 31.77 -73.55 -64.40
N ASP M 730 32.62 -73.63 -63.38
CA ASP M 730 33.61 -74.71 -63.36
C ASP M 730 32.95 -76.06 -63.08
N ASN M 731 31.85 -76.05 -62.31
CA ASN M 731 31.04 -77.25 -62.16
C ASN M 731 30.29 -77.55 -63.45
N CYS M 732 29.88 -76.50 -64.18
CA CYS M 732 29.31 -76.69 -65.52
C CYS M 732 30.34 -77.25 -66.49
N LEU M 733 31.61 -76.88 -66.33
CA LEU M 733 32.65 -77.33 -67.24
C LEU M 733 32.98 -78.81 -67.00
N LYS M 734 33.12 -79.21 -65.74
CA LYS M 734 33.55 -80.56 -65.43
C LYS M 734 32.44 -81.60 -65.63
N ASP M 735 31.18 -81.16 -65.80
CA ASP M 735 30.12 -82.09 -66.16
C ASP M 735 30.15 -82.46 -67.63
N CYS M 736 30.78 -81.64 -68.47
CA CYS M 736 31.02 -81.97 -69.86
C CYS M 736 32.49 -82.22 -70.16
N MET M 737 33.37 -82.05 -69.18
CA MET M 737 34.77 -82.41 -69.34
C MET M 737 35.01 -83.89 -69.12
N LEU M 738 34.07 -84.60 -68.48
CA LEU M 738 34.23 -86.03 -68.18
C LEU M 738 34.25 -86.92 -69.42
N THR M 739 33.93 -86.37 -70.60
CA THR M 739 34.02 -87.12 -71.85
C THR M 739 35.47 -87.44 -72.17
N ASN M 740 35.84 -88.71 -71.96
CA ASN M 740 37.13 -89.29 -72.25
C ASN M 740 37.39 -89.30 -73.76
N PRO M 741 38.64 -89.57 -74.18
CA PRO M 741 38.92 -89.77 -75.61
C PRO M 741 38.09 -90.86 -76.29
N GLU M 742 37.83 -91.99 -75.61
CA GLU M 742 36.90 -92.95 -76.19
C GLU M 742 35.47 -92.45 -76.13
N LEU M 743 35.17 -91.57 -75.18
CA LEU M 743 33.82 -91.06 -75.07
C LEU M 743 33.60 -90.04 -76.17
N LEU M 744 34.69 -89.40 -76.59
CA LEU M 744 34.69 -88.52 -77.76
C LEU M 744 34.52 -89.33 -79.05
N LYS M 745 35.06 -90.55 -79.08
CA LYS M 745 35.07 -91.35 -80.30
C LYS M 745 33.70 -91.89 -80.65
N ILE M 746 32.84 -92.15 -79.66
CA ILE M 746 31.50 -92.64 -80.00
C ILE M 746 30.66 -91.51 -80.57
N PHE M 747 30.90 -90.26 -80.17
CA PHE M 747 30.12 -89.14 -80.68
C PHE M 747 30.42 -88.89 -82.16
N SER M 748 31.65 -89.17 -82.58
CA SER M 748 31.96 -89.21 -84.00
C SER M 748 31.40 -90.45 -84.68
N LYS M 749 31.39 -91.58 -83.97
CA LYS M 749 30.82 -92.81 -84.51
C LYS M 749 29.31 -92.72 -84.60
N LEU M 750 28.67 -92.09 -83.61
CA LEU M 750 27.22 -91.89 -83.68
C LEU M 750 26.84 -90.88 -84.76
N MET M 751 27.69 -89.89 -85.01
CA MET M 751 27.40 -88.97 -86.11
C MET M 751 27.55 -89.65 -87.46
N SER M 752 28.48 -90.60 -87.57
CA SER M 752 28.73 -91.26 -88.84
C SER M 752 27.61 -92.24 -89.21
N VAL M 753 26.91 -92.80 -88.21
CA VAL M 753 25.80 -93.68 -88.54
C VAL M 753 24.53 -92.87 -88.83
N CYS M 754 24.48 -91.60 -88.39
CA CYS M 754 23.35 -90.75 -88.77
C CYS M 754 23.47 -90.30 -90.22
N VAL M 755 24.63 -89.77 -90.61
CA VAL M 755 24.80 -89.23 -91.96
C VAL M 755 24.77 -90.35 -93.00
N MET M 756 25.15 -91.58 -92.62
CA MET M 756 24.97 -92.73 -93.50
C MET M 756 23.48 -93.07 -93.64
N PHE M 757 22.68 -92.79 -92.61
CA PHE M 757 21.25 -93.03 -92.71
C PHE M 757 20.55 -91.94 -93.52
N THR M 758 21.11 -90.72 -93.54
CA THR M 758 20.55 -89.67 -94.40
C THR M 758 20.83 -89.95 -95.86
N ASN M 759 21.98 -90.55 -96.16
CA ASN M 759 22.32 -90.90 -97.53
C ASN M 759 21.37 -91.97 -98.06
N CYS M 760 20.96 -92.90 -97.19
CA CYS M 760 20.03 -93.93 -97.62
C CYS M 760 18.61 -93.39 -97.76
N LEU M 761 18.24 -92.41 -96.92
CA LEU M 761 16.95 -91.74 -97.09
C LEU M 761 16.95 -90.86 -98.34
N GLN M 762 18.12 -90.37 -98.75
CA GLN M 762 18.22 -89.65 -100.01
C GLN M 762 18.25 -90.61 -101.20
N ARG M 763 18.82 -91.80 -101.03
CA ARG M 763 18.88 -92.75 -102.13
C ARG M 763 17.54 -93.37 -102.45
N PHE M 764 16.61 -93.42 -101.49
CA PHE M 764 15.31 -94.04 -101.70
C PHE M 764 14.22 -92.99 -101.84
N GLU M 821 19.94 -107.69 -99.44
CA GLU M 821 20.54 -106.37 -99.52
C GLU M 821 21.71 -106.23 -98.55
N SER M 822 22.86 -105.82 -99.09
CA SER M 822 24.05 -105.64 -98.26
C SER M 822 24.05 -104.30 -97.52
N THR M 823 23.20 -103.36 -97.91
CA THR M 823 23.21 -102.04 -97.30
C THR M 823 22.58 -102.08 -95.91
N ILE M 824 21.48 -102.81 -95.75
CA ILE M 824 20.82 -102.90 -94.44
C ILE M 824 21.66 -103.74 -93.47
N ASN M 825 22.49 -104.66 -94.00
CA ASN M 825 23.41 -105.39 -93.13
C ASN M 825 24.56 -104.51 -92.67
N ASN M 826 24.93 -103.51 -93.46
CA ASN M 826 25.96 -102.56 -93.03
C ASN M 826 25.41 -101.61 -91.97
N PHE M 827 24.10 -101.37 -91.97
CA PHE M 827 23.51 -100.55 -90.91
C PHE M 827 23.49 -101.32 -89.59
N ASP M 828 23.07 -102.59 -89.62
CA ASP M 828 22.98 -103.38 -88.40
C ASP M 828 24.35 -103.69 -87.80
N SER M 829 25.38 -103.77 -88.64
CA SER M 829 26.74 -103.85 -88.10
C SER M 829 27.20 -102.53 -87.53
N ASN M 830 26.74 -101.41 -88.11
CA ASN M 830 27.04 -100.10 -87.54
C ASN M 830 26.21 -99.83 -86.29
N PHE M 831 24.98 -100.35 -86.24
CA PHE M 831 24.17 -100.19 -85.03
C PHE M 831 24.67 -101.09 -83.91
N SER M 832 25.20 -102.27 -84.24
CA SER M 832 25.85 -103.08 -83.21
C SER M 832 27.22 -102.54 -82.82
N ALA M 833 27.81 -101.68 -83.65
CA ALA M 833 29.10 -101.09 -83.31
C ALA M 833 28.96 -100.01 -82.24
N HIS M 834 27.86 -99.26 -82.25
CA HIS M 834 27.66 -98.27 -81.20
C HIS M 834 27.07 -98.89 -79.95
N LEU M 835 26.49 -100.09 -80.06
CA LEU M 835 25.97 -100.77 -78.87
C LEU M 835 27.10 -101.50 -78.13
N MET M 836 28.08 -102.06 -78.84
CA MET M 836 29.23 -102.65 -78.17
C MET M 836 30.09 -101.58 -77.51
N ASP M 837 30.18 -100.41 -78.14
CA ASP M 837 30.91 -99.29 -77.54
C ASP M 837 30.21 -98.80 -76.29
N LEU M 838 28.88 -98.61 -76.35
CA LEU M 838 28.12 -98.09 -75.20
C LEU M 838 28.15 -99.05 -74.01
N LEU M 839 28.37 -100.35 -74.25
CA LEU M 839 28.64 -101.26 -73.16
C LEU M 839 30.00 -101.00 -72.52
N ASP M 840 31.00 -100.61 -73.31
CA ASP M 840 32.28 -100.20 -72.74
C ASP M 840 32.16 -98.84 -72.05
N LYS M 841 31.22 -98.00 -72.52
CA LYS M 841 30.88 -96.76 -71.83
C LYS M 841 30.31 -97.01 -70.43
N LEU M 842 29.63 -98.14 -70.24
CA LEU M 842 29.23 -98.54 -68.90
C LEU M 842 30.42 -99.02 -68.08
N SER M 843 31.46 -99.52 -68.73
CA SER M 843 32.59 -100.09 -68.03
C SER M 843 33.58 -99.02 -67.58
N MET M 844 33.80 -97.98 -68.39
CA MET M 844 34.65 -96.88 -67.98
C MET M 844 34.03 -96.07 -66.85
N TYR M 845 32.70 -96.02 -66.79
CA TYR M 845 32.03 -95.33 -65.69
C TYR M 845 32.09 -96.14 -64.40
N SER M 846 32.14 -97.48 -64.50
CA SER M 846 32.07 -98.31 -63.30
C SER M 846 33.42 -98.48 -62.61
N THR M 847 34.52 -98.30 -63.33
CA THR M 847 35.85 -98.62 -62.81
C THR M 847 36.39 -97.44 -62.00
N SER M 848 35.92 -97.34 -60.76
CA SER M 848 36.43 -96.39 -59.77
C SER M 848 36.14 -96.96 -58.39
N ASP M 849 36.35 -96.14 -57.35
CA ASP M 849 36.23 -96.62 -55.96
C ASP M 849 34.89 -96.27 -55.31
N CYS M 850 33.87 -95.98 -56.12
CA CYS M 850 32.54 -95.55 -55.69
C CYS M 850 32.56 -94.26 -54.86
N GLU M 851 32.97 -93.15 -55.46
CA GLU M 851 32.82 -91.85 -54.82
C GLU M 851 31.45 -91.24 -55.17
N HIS M 852 31.17 -90.08 -54.59
CA HIS M 852 29.84 -89.49 -54.71
C HIS M 852 29.60 -88.86 -56.07
N SER M 853 30.66 -88.38 -56.73
CA SER M 853 30.49 -87.72 -58.03
C SER M 853 30.12 -88.72 -59.12
N MET M 854 30.87 -89.82 -59.22
CA MET M 854 30.62 -90.81 -60.25
C MET M 854 29.34 -91.62 -60.00
N ILE M 855 28.90 -91.73 -58.75
CA ILE M 855 27.72 -92.54 -58.46
C ILE M 855 26.45 -91.85 -58.92
N ASN M 856 26.50 -90.54 -59.16
CA ASN M 856 25.47 -89.85 -59.91
C ASN M 856 25.69 -89.99 -61.42
N ILE M 857 26.93 -90.25 -61.83
CA ILE M 857 27.25 -90.38 -63.25
C ILE M 857 27.03 -91.82 -63.76
N ILE M 858 27.26 -92.83 -62.93
CA ILE M 858 26.89 -94.18 -63.35
C ILE M 858 25.36 -94.36 -63.26
N TYR M 859 24.70 -93.62 -62.37
CA TYR M 859 23.25 -93.76 -62.24
C TYR M 859 22.52 -93.16 -63.43
N ARG M 860 23.04 -92.06 -63.99
CA ARG M 860 22.40 -91.48 -65.16
C ARG M 860 22.65 -92.29 -66.42
N LEU M 861 23.80 -92.96 -66.54
CA LEU M 861 24.06 -93.75 -67.73
C LEU M 861 23.33 -95.09 -67.70
N ASP M 862 23.16 -95.68 -66.50
CA ASP M 862 22.25 -96.82 -66.37
C ASP M 862 20.82 -96.41 -66.66
N PHE M 863 20.47 -95.17 -66.37
CA PHE M 863 19.16 -94.64 -66.71
C PHE M 863 19.10 -94.13 -68.14
N ASN M 864 20.25 -93.80 -68.74
CA ASN M 864 20.30 -93.62 -70.19
C ASN M 864 20.04 -94.94 -70.91
N GLY M 865 20.52 -96.05 -70.33
CA GLY M 865 20.34 -97.35 -70.96
C GLY M 865 18.97 -97.95 -70.73
N PHE M 866 18.31 -97.59 -69.62
CA PHE M 866 16.96 -98.06 -69.39
C PHE M 866 15.98 -97.35 -70.32
N TYR M 867 16.32 -96.15 -70.76
CA TYR M 867 15.65 -95.48 -71.87
C TYR M 867 15.85 -96.33 -73.13
N GLU N 246 95.38 -36.52 44.11
CA GLU N 246 94.05 -35.92 44.17
C GLU N 246 93.15 -36.51 43.07
N THR N 247 93.42 -36.12 41.82
CA THR N 247 92.54 -36.46 40.71
C THR N 247 92.59 -37.95 40.37
N SER N 248 93.75 -38.59 40.59
CA SER N 248 93.84 -40.03 40.40
C SER N 248 93.01 -40.79 41.42
N LEU N 249 92.87 -40.26 42.64
CA LEU N 249 91.96 -40.82 43.61
C LEU N 249 90.50 -40.55 43.25
N VAL N 250 90.23 -39.45 42.55
CA VAL N 250 88.90 -39.24 42.00
C VAL N 250 88.61 -40.28 40.92
N ARG N 251 89.59 -40.57 40.06
CA ARG N 251 89.41 -41.59 39.04
C ARG N 251 89.35 -42.99 39.64
N ASP N 252 89.99 -43.20 40.80
CA ASP N 252 90.09 -44.54 41.37
C ASP N 252 88.77 -45.00 41.98
N LEU N 253 88.01 -44.08 42.58
CA LEU N 253 86.71 -44.42 43.14
C LEU N 253 85.65 -44.74 42.08
N LEU N 254 85.90 -44.37 40.82
CA LEU N 254 84.90 -44.60 39.77
C LEU N 254 84.81 -46.06 39.40
N TYR N 255 85.94 -46.74 39.34
CA TYR N 255 85.98 -48.09 38.81
C TYR N 255 85.40 -49.06 39.83
N VAL N 256 85.48 -48.70 41.11
CA VAL N 256 84.84 -49.45 42.18
C VAL N 256 83.34 -49.13 42.24
N PHE N 257 82.97 -47.88 41.92
CA PHE N 257 81.55 -47.54 41.78
C PHE N 257 80.90 -48.31 40.64
N GLN N 258 81.64 -48.48 39.53
CA GLN N 258 81.15 -49.24 38.40
C GLN N 258 81.22 -50.74 38.62
N GLY N 259 82.06 -51.20 39.56
CA GLY N 259 82.33 -52.62 39.69
C GLY N 259 83.46 -52.96 40.64
N ILE N 260 84.44 -53.71 40.13
CA ILE N 260 85.59 -54.17 40.92
C ILE N 260 86.72 -53.17 40.69
N ASP N 261 87.79 -53.28 41.50
CA ASP N 261 88.68 -52.18 41.85
C ASP N 261 89.41 -51.56 40.65
N GLY N 262 89.95 -50.37 40.89
CA GLY N 262 90.60 -49.59 39.86
C GLY N 262 92.11 -49.61 39.89
N LYS N 263 92.71 -48.44 40.19
CA LYS N 263 94.14 -48.20 39.98
C LYS N 263 94.98 -49.15 40.82
N PHE N 264 94.63 -49.31 42.10
CA PHE N 264 95.17 -50.36 42.93
C PHE N 264 94.10 -51.42 43.16
N VAL N 265 94.46 -52.49 43.86
CA VAL N 265 93.64 -53.69 43.90
C VAL N 265 93.20 -53.99 45.35
N LYS N 266 91.97 -53.63 45.67
CA LYS N 266 91.42 -53.78 47.01
C LYS N 266 91.15 -55.25 47.39
N MET N 267 91.21 -56.17 46.42
CA MET N 267 90.14 -57.14 46.17
C MET N 267 89.44 -57.72 47.38
N CYS N 268 90.05 -58.71 48.06
CA CYS N 268 89.84 -59.22 49.43
C CYS N 268 88.44 -58.98 50.03
N ASN N 269 87.39 -59.37 49.28
CA ASN N 269 86.01 -59.00 49.61
C ASN N 269 85.52 -59.62 50.91
N SER N 270 86.16 -60.70 51.37
CA SER N 270 85.92 -61.25 52.71
C SER N 270 87.09 -60.98 53.65
N GLU N 271 87.90 -59.94 53.37
CA GLU N 271 89.09 -59.68 54.18
C GLU N 271 89.35 -58.18 54.37
N ASN N 272 88.41 -57.31 53.99
CA ASN N 272 88.53 -55.89 53.64
C ASN N 272 89.58 -55.05 54.39
N CYS N 273 90.41 -54.31 53.63
CA CYS N 273 91.41 -53.39 54.17
C CYS N 273 91.18 -51.95 53.67
N TYR N 274 89.95 -51.67 53.23
CA TYR N 274 89.28 -50.47 52.74
C TYR N 274 89.67 -50.02 51.33
N LYS N 275 90.91 -50.27 50.92
CA LYS N 275 91.53 -50.10 49.60
C LYS N 275 93.01 -50.32 49.89
N VAL N 276 93.82 -50.63 48.91
CA VAL N 276 95.26 -50.52 49.13
C VAL N 276 95.74 -49.18 48.57
N ASP N 277 96.53 -48.49 49.36
CA ASP N 277 97.24 -47.30 48.92
C ASP N 277 98.74 -47.44 49.14
N GLY N 278 99.14 -48.11 50.22
CA GLY N 278 100.54 -48.42 50.46
C GLY N 278 101.41 -47.24 50.78
N LYS N 279 100.83 -46.11 51.18
CA LYS N 279 101.57 -44.88 51.41
C LYS N 279 101.37 -44.40 52.84
N VAL N 280 102.47 -44.07 53.49
CA VAL N 280 102.43 -43.56 54.86
C VAL N 280 102.89 -42.11 54.96
N ALA N 281 103.66 -41.60 53.99
CA ALA N 281 104.06 -40.20 53.98
C ALA N 281 102.94 -39.26 53.59
N VAL N 282 101.83 -39.78 53.05
CA VAL N 282 100.65 -38.98 52.74
C VAL N 282 99.90 -38.69 54.03
N SER N 283 98.91 -37.80 53.97
CA SER N 283 98.11 -37.47 55.13
C SER N 283 97.27 -38.67 55.57
N LYS N 284 96.88 -38.67 56.84
CA LYS N 284 96.06 -39.73 57.40
C LYS N 284 94.58 -39.57 57.05
N SER N 285 94.20 -38.54 56.31
CA SER N 285 92.86 -38.46 55.77
C SER N 285 92.69 -39.29 54.51
N LEU N 286 93.77 -39.85 53.96
CA LEU N 286 93.62 -40.89 52.96
C LEU N 286 93.11 -42.19 53.57
N LYS N 287 93.24 -42.34 54.89
CA LYS N 287 92.72 -43.52 55.59
C LYS N 287 91.21 -43.47 55.80
N ASP N 288 90.59 -42.30 55.74
CA ASP N 288 89.16 -42.20 55.97
C ASP N 288 88.35 -41.93 54.71
N ILE N 289 88.94 -41.33 53.67
CA ILE N 289 88.23 -41.16 52.41
C ILE N 289 88.02 -42.49 51.71
N THR N 290 88.84 -43.50 52.04
CA THR N 290 88.62 -44.85 51.55
C THR N 290 87.57 -45.59 52.36
N SER N 291 87.25 -45.12 53.57
CA SER N 291 86.19 -45.75 54.35
C SER N 291 84.82 -45.44 53.76
N LYS N 292 84.68 -44.28 53.14
CA LYS N 292 83.43 -43.95 52.46
C LYS N 292 83.39 -44.60 51.09
N LEU N 293 84.57 -44.84 50.51
CA LEU N 293 84.70 -45.57 49.27
C LEU N 293 84.33 -47.04 49.43
N SER N 294 84.42 -47.57 50.65
CA SER N 294 84.22 -49.00 50.87
C SER N 294 82.79 -49.38 51.17
N GLU N 295 81.96 -48.48 51.72
CA GLU N 295 80.63 -48.96 52.07
C GLU N 295 79.70 -49.00 50.88
N LEU N 296 80.17 -48.60 49.69
CA LEU N 296 79.34 -48.62 48.50
C LEU N 296 79.66 -49.79 47.58
N GLY N 297 80.90 -50.28 47.60
CA GLY N 297 81.27 -51.39 46.73
C GLY N 297 80.74 -52.73 47.18
N TRP N 298 80.53 -52.91 48.50
CA TRP N 298 79.87 -54.11 48.99
C TRP N 298 78.41 -54.17 48.54
N LEU N 299 77.75 -53.02 48.46
CA LEU N 299 76.38 -52.95 47.99
C LEU N 299 76.27 -53.00 46.48
N HIS N 300 77.39 -52.81 45.76
CA HIS N 300 77.39 -52.97 44.31
C HIS N 300 77.52 -54.43 43.91
N ASN N 301 78.39 -55.18 44.59
CA ASN N 301 78.57 -56.58 44.24
C ASN N 301 77.41 -57.47 44.71
N LYS N 302 76.64 -57.00 45.69
CA LYS N 302 75.49 -57.77 46.17
C LYS N 302 74.36 -57.77 45.14
N ILE N 303 74.16 -56.65 44.46
CA ILE N 303 73.10 -56.59 43.45
C ILE N 303 73.56 -57.29 42.17
N LYS N 304 74.86 -57.27 41.88
CA LYS N 304 75.38 -57.98 40.72
C LYS N 304 75.25 -59.49 40.89
N LYS N 305 75.53 -60.01 42.07
CA LYS N 305 75.36 -61.44 42.32
C LYS N 305 73.89 -61.82 42.41
N TYR N 306 73.00 -60.87 42.68
CA TYR N 306 71.57 -61.18 42.68
C TYR N 306 71.05 -61.33 41.26
N THR N 307 71.61 -60.57 40.32
CA THR N 307 71.27 -60.73 38.91
C THR N 307 71.90 -62.00 38.34
N ASP N 308 73.04 -62.41 38.90
CA ASP N 308 73.67 -63.66 38.47
C ASP N 308 72.87 -64.88 38.92
N GLN N 309 72.22 -64.79 40.08
CA GLN N 309 71.31 -65.83 40.54
C GLN N 309 69.90 -65.66 39.99
N ARG N 310 69.64 -64.60 39.22
CA ARG N 310 68.31 -64.38 38.67
C ARG N 310 68.03 -65.32 37.51
N SER N 311 69.07 -65.80 36.83
CA SER N 311 68.93 -66.51 35.57
C SER N 311 68.24 -67.87 35.73
N LEU N 312 66.95 -67.89 35.39
CA LEU N 312 66.13 -69.09 35.41
C LEU N 312 65.31 -69.09 34.13
N ASP N 313 64.65 -70.22 33.84
CA ASP N 313 63.64 -70.20 32.77
C ASP N 313 62.49 -69.30 33.23
N ARG N 314 61.70 -69.81 34.19
CA ARG N 314 61.03 -69.00 35.20
C ARG N 314 60.75 -69.99 36.33
N ALA N 315 61.65 -70.04 37.31
CA ALA N 315 61.76 -71.20 38.18
C ALA N 315 61.41 -70.86 39.62
N PHE N 316 60.69 -71.80 40.25
CA PHE N 316 60.13 -71.75 41.63
C PHE N 316 59.61 -70.36 42.01
N GLY N 317 58.77 -69.82 41.13
CA GLY N 317 58.13 -68.54 41.41
C GLY N 317 58.12 -67.56 40.26
N LEU N 318 56.94 -67.03 39.95
CA LEU N 318 56.81 -65.96 38.97
C LEU N 318 57.18 -64.60 39.56
N VAL N 319 57.09 -64.46 40.89
CA VAL N 319 57.38 -63.19 41.55
C VAL N 319 58.88 -62.95 41.70
N GLY N 320 59.69 -64.02 41.73
CA GLY N 320 61.07 -63.91 42.19
C GLY N 320 61.96 -63.09 41.27
N GLN N 321 61.84 -63.30 39.96
CA GLN N 321 62.59 -62.48 39.01
C GLN N 321 61.87 -61.19 38.66
N SER N 322 60.57 -61.08 39.00
CA SER N 322 59.90 -59.79 38.93
C SER N 322 60.46 -58.82 39.98
N PHE N 323 60.83 -59.36 41.14
CA PHE N 323 61.48 -58.56 42.18
C PHE N 323 62.88 -58.14 41.75
N CYS N 324 63.58 -58.99 41.00
CA CYS N 324 64.90 -58.63 40.49
C CYS N 324 64.81 -57.76 39.25
N ALA N 325 63.66 -57.76 38.56
CA ALA N 325 63.45 -56.84 37.45
C ALA N 325 63.38 -55.40 37.95
N ALA N 326 62.69 -55.17 39.06
CA ALA N 326 62.72 -53.86 39.70
C ALA N 326 64.08 -53.59 40.33
N LEU N 327 64.75 -54.64 40.82
CA LEU N 327 66.12 -54.49 41.31
C LEU N 327 67.10 -54.15 40.20
N HIS N 328 66.75 -54.42 38.93
CA HIS N 328 67.54 -53.95 37.80
C HIS N 328 67.18 -52.52 37.41
N GLN N 329 65.92 -52.10 37.62
CA GLN N 329 65.48 -50.71 37.52
C GLN N 329 66.07 -49.79 38.60
N GLU N 330 66.20 -50.23 39.84
CA GLU N 330 66.86 -49.37 40.82
C GLU N 330 68.37 -49.52 40.80
N LEU N 331 68.87 -50.61 40.21
CA LEU N 331 70.28 -50.64 39.84
C LEU N 331 70.55 -49.63 38.73
N LYS N 332 69.60 -49.53 37.77
CA LYS N 332 69.68 -48.62 36.63
C LYS N 332 69.79 -47.16 37.06
N GLU N 333 69.10 -46.79 38.13
CA GLU N 333 69.12 -45.40 38.59
C GLU N 333 70.45 -45.00 39.19
N TYR N 334 71.22 -45.97 39.70
CA TYR N 334 72.54 -45.69 40.25
C TYR N 334 73.54 -45.30 39.17
N TYR N 335 73.33 -45.77 37.94
CA TYR N 335 74.30 -45.60 36.87
C TYR N 335 74.17 -44.25 36.17
N ARG N 336 72.96 -43.68 36.15
CA ARG N 336 72.81 -42.31 35.68
C ARG N 336 73.48 -41.33 36.62
N LEU N 337 73.56 -41.67 37.90
CA LEU N 337 74.32 -40.87 38.86
C LEU N 337 75.83 -41.09 38.71
N LEU N 338 76.25 -42.17 38.07
CA LEU N 338 77.67 -42.33 37.77
C LEU N 338 78.08 -41.60 36.50
N SER N 339 77.15 -41.46 35.55
CA SER N 339 77.48 -40.78 34.29
C SER N 339 77.56 -39.27 34.46
N VAL N 340 76.78 -38.70 35.39
CA VAL N 340 76.88 -37.28 35.66
C VAL N 340 78.15 -36.97 36.46
N LEU N 341 78.74 -37.98 37.10
CA LEU N 341 80.05 -37.82 37.71
C LEU N 341 81.16 -37.85 36.68
N HIS N 342 81.08 -38.68 35.64
CA HIS N 342 82.20 -38.71 34.71
C HIS N 342 82.27 -37.44 33.87
N SER N 343 81.12 -36.81 33.57
CA SER N 343 81.11 -35.53 32.89
C SER N 343 81.76 -34.41 33.71
N GLN N 344 81.84 -34.56 35.04
CA GLN N 344 82.62 -33.65 35.86
C GLN N 344 84.13 -33.84 35.64
N LEU N 345 84.56 -35.06 35.30
CA LEU N 345 85.97 -35.43 35.40
C LEU N 345 86.82 -34.78 34.30
N GLN N 346 86.42 -34.93 33.03
CA GLN N 346 87.19 -34.36 31.94
C GLN N 346 86.90 -32.86 31.79
N VAL N 347 87.55 -32.24 30.83
CA VAL N 347 87.31 -30.85 30.46
C VAL N 347 86.40 -30.82 29.24
N GLU N 348 85.50 -29.85 29.21
CA GLU N 348 84.60 -29.66 28.08
C GLU N 348 84.20 -28.20 27.97
N SER N 359 83.41 -26.73 37.86
CA SER N 359 83.53 -27.29 39.20
C SER N 359 84.96 -27.76 39.46
N SER N 360 85.28 -27.98 40.74
CA SER N 360 86.58 -28.49 41.15
C SER N 360 86.47 -29.95 41.53
N LEU N 361 87.58 -30.67 41.32
CA LEU N 361 87.60 -32.12 41.53
C LEU N 361 88.18 -32.43 42.91
N THR N 362 87.37 -32.15 43.93
CA THR N 362 87.68 -32.54 45.29
C THR N 362 86.73 -33.64 45.74
N LEU N 363 87.13 -34.38 46.77
CA LEU N 363 86.31 -35.48 47.25
C LEU N 363 85.14 -34.99 48.09
N ARG N 364 85.31 -33.84 48.75
CA ARG N 364 84.34 -33.39 49.75
C ARG N 364 83.02 -32.97 49.11
N ARG N 365 83.04 -32.66 47.82
CA ARG N 365 81.83 -32.29 47.11
C ARG N 365 81.17 -33.50 46.45
N LEU N 366 81.95 -34.51 46.05
CA LEU N 366 81.33 -35.74 45.55
C LEU N 366 80.85 -36.63 46.68
N LEU N 367 81.37 -36.43 47.90
CA LEU N 367 80.89 -37.14 49.08
C LEU N 367 79.41 -36.90 49.28
N VAL N 368 79.00 -35.64 49.21
CA VAL N 368 77.60 -35.25 49.39
C VAL N 368 76.80 -35.43 48.12
N TRP N 369 77.46 -35.70 46.99
CA TRP N 369 76.77 -36.15 45.79
C TRP N 369 76.60 -37.66 45.77
N THR N 370 77.31 -38.37 46.63
CA THR N 370 77.08 -39.80 46.87
C THR N 370 76.32 -40.05 48.16
N PHE N 371 76.12 -39.01 48.98
CA PHE N 371 75.38 -39.15 50.22
C PHE N 371 73.88 -39.22 49.96
N ASP N 372 73.42 -38.67 48.84
CA ASP N 372 72.03 -38.82 48.42
C ASP N 372 71.76 -40.19 47.80
N PRO N 373 72.69 -40.81 47.03
CA PRO N 373 72.55 -42.27 46.81
C PRO N 373 72.75 -43.10 48.06
N LYS N 374 73.39 -42.57 49.10
CA LYS N 374 73.61 -43.37 50.32
C LYS N 374 72.31 -43.62 51.07
N ILE N 375 71.32 -42.73 50.93
CA ILE N 375 70.00 -43.05 51.44
C ILE N 375 69.23 -43.93 50.45
N ARG N 376 69.67 -43.99 49.18
CA ARG N 376 68.94 -44.76 48.20
C ARG N 376 69.33 -46.24 48.26
N LEU N 377 70.62 -46.54 48.16
CA LEU N 377 71.03 -47.93 47.99
C LEU N 377 71.14 -48.68 49.32
N LYS N 378 71.27 -47.97 50.45
CA LYS N 378 71.34 -48.65 51.74
C LYS N 378 70.00 -49.25 52.14
N THR N 379 68.89 -48.58 51.81
CA THR N 379 67.59 -49.19 52.04
C THR N 379 67.24 -50.23 50.99
N LEU N 380 68.02 -50.32 49.90
CA LEU N 380 67.93 -51.49 49.03
C LEU N 380 68.71 -52.66 49.59
N ALA N 381 69.74 -52.39 50.41
CA ALA N 381 70.45 -53.46 51.10
C ALA N 381 69.60 -54.12 52.17
N ALA N 382 68.62 -53.40 52.73
CA ALA N 382 67.66 -54.01 53.63
C ALA N 382 66.64 -54.84 52.87
N LEU N 383 66.34 -54.48 51.62
CA LEU N 383 65.42 -55.24 50.81
C LEU N 383 66.04 -56.53 50.29
N VAL N 384 67.37 -56.55 50.12
CA VAL N 384 68.05 -57.78 49.69
C VAL N 384 68.45 -58.65 50.88
N ASP N 385 68.51 -58.08 52.08
CA ASP N 385 68.82 -58.86 53.28
C ASP N 385 67.62 -59.63 53.80
N HIS N 386 66.40 -59.20 53.43
CA HIS N 386 65.20 -59.88 53.90
C HIS N 386 65.03 -61.22 53.20
N CYS N 387 65.22 -61.26 51.89
CA CYS N 387 64.89 -62.42 51.07
C CYS N 387 66.14 -63.00 50.44
N GLN N 388 66.50 -64.21 50.84
CA GLN N 388 67.48 -65.00 50.10
C GLN N 388 66.82 -65.89 49.05
N GLY N 389 65.59 -66.33 49.30
CA GLY N 389 64.88 -67.16 48.35
C GLY N 389 64.13 -66.35 47.30
N ARG N 390 63.70 -67.04 46.26
CA ARG N 390 62.98 -66.42 45.15
C ARG N 390 61.55 -66.92 45.02
N LYS N 391 61.04 -67.63 46.02
CA LYS N 391 59.66 -68.14 45.94
C LYS N 391 58.68 -67.04 46.31
N GLY N 392 57.65 -66.87 45.49
CA GLY N 392 56.63 -65.87 45.75
C GLY N 392 55.75 -66.24 46.93
N GLY N 393 54.92 -65.29 47.31
CA GLY N 393 54.09 -65.45 48.50
C GLY N 393 54.75 -64.94 49.76
N GLU N 394 55.94 -65.48 50.07
CA GLU N 394 56.74 -64.92 51.15
C GLU N 394 57.43 -63.63 50.75
N LEU N 395 57.54 -63.36 49.44
CA LEU N 395 57.99 -62.05 48.99
C LEU N 395 56.92 -61.00 49.21
N ALA N 396 55.65 -61.39 49.17
CA ALA N 396 54.56 -60.46 49.42
C ALA N 396 54.42 -60.13 50.90
N SER N 397 54.87 -61.03 51.78
CA SER N 397 54.92 -60.73 53.20
C SER N 397 56.19 -59.95 53.58
N ALA N 398 57.13 -59.80 52.65
CA ALA N 398 58.36 -59.08 52.92
C ALA N 398 58.21 -57.58 52.66
N VAL N 399 57.68 -57.20 51.51
CA VAL N 399 57.53 -55.79 51.17
C VAL N 399 56.38 -55.13 51.91
N HIS N 400 55.40 -55.92 52.37
CA HIS N 400 54.33 -55.36 53.17
C HIS N 400 54.76 -55.12 54.62
N ALA N 401 55.79 -55.83 55.08
CA ALA N 401 56.40 -55.50 56.36
C ALA N 401 57.32 -54.29 56.27
N TYR N 402 57.72 -53.91 55.05
CA TYR N 402 58.55 -52.73 54.86
C TYR N 402 57.73 -51.47 54.60
N THR N 403 56.48 -51.61 54.16
CA THR N 403 55.60 -50.46 54.01
C THR N 403 54.87 -50.11 55.30
N LYS N 404 54.93 -50.99 56.31
CA LYS N 404 54.35 -50.66 57.60
C LYS N 404 55.22 -49.68 58.38
N THR N 405 56.50 -49.59 58.04
CA THR N 405 57.32 -48.47 58.51
C THR N 405 56.82 -47.18 57.88
N GLY N 406 56.97 -46.08 58.63
CA GLY N 406 56.59 -44.76 58.15
C GLY N 406 57.62 -44.17 57.21
N ASP N 407 57.73 -42.83 57.25
CA ASP N 407 58.75 -42.05 56.57
C ASP N 407 58.75 -42.26 55.06
N PRO N 408 57.85 -41.62 54.30
CA PRO N 408 57.77 -41.83 52.83
C PRO N 408 58.98 -41.31 52.06
N TYR N 409 60.16 -41.84 52.38
CA TYR N 409 61.37 -41.68 51.58
C TYR N 409 61.70 -42.98 50.87
N MET N 410 61.83 -44.07 51.63
CA MET N 410 61.89 -45.41 51.08
C MET N 410 60.55 -46.11 51.11
N ARG N 411 59.57 -45.57 51.85
CA ARG N 411 58.23 -46.15 51.87
C ARG N 411 57.55 -45.97 50.53
N SER N 412 57.88 -44.90 49.79
CA SER N 412 57.46 -44.80 48.41
C SER N 412 58.20 -45.80 47.52
N LEU N 413 59.46 -46.11 47.86
CA LEU N 413 60.23 -47.06 47.07
C LEU N 413 59.81 -48.50 47.32
N VAL N 414 59.39 -48.83 48.55
CA VAL N 414 58.87 -50.19 48.77
C VAL N 414 57.43 -50.31 48.31
N GLN N 415 56.74 -49.20 48.08
CA GLN N 415 55.40 -49.24 47.52
C GLN N 415 55.47 -49.45 46.00
N HIS N 416 56.57 -49.02 45.39
CA HIS N 416 56.93 -49.45 44.03
C HIS N 416 57.06 -50.97 43.99
N ILE N 417 57.75 -51.55 44.96
CA ILE N 417 57.94 -52.99 44.96
C ILE N 417 56.65 -53.70 45.39
N LEU N 418 55.87 -53.09 46.29
CA LEU N 418 54.59 -53.66 46.69
C LEU N 418 53.60 -53.71 45.53
N GLY N 419 53.60 -52.68 44.68
CA GLY N 419 52.75 -52.70 43.51
C GLY N 419 53.22 -53.66 42.42
N LEU N 420 54.47 -54.12 42.50
CA LEU N 420 55.03 -55.01 41.50
C LEU N 420 55.22 -56.43 41.99
N VAL N 421 55.49 -56.65 43.28
CA VAL N 421 55.44 -58.00 43.84
C VAL N 421 54.02 -58.54 43.78
N ALA N 422 53.04 -57.68 44.05
CA ALA N 422 51.64 -58.08 43.93
C ALA N 422 51.21 -58.34 42.50
N TYR N 423 51.92 -57.78 41.51
CA TYR N 423 51.38 -57.79 40.15
C TYR N 423 51.37 -59.18 39.50
N PRO N 424 52.29 -60.11 39.80
CA PRO N 424 51.98 -61.52 39.48
C PRO N 424 50.90 -62.12 40.37
N ILE N 425 50.78 -61.67 41.63
CA ILE N 425 49.85 -62.29 42.57
C ILE N 425 48.40 -62.03 42.15
N LEU N 426 48.04 -60.75 41.93
CA LEU N 426 46.68 -60.46 41.52
C LEU N 426 46.43 -60.82 40.05
N ASN N 427 47.48 -61.02 39.24
CA ASN N 427 47.28 -61.58 37.90
C ASN N 427 46.91 -63.05 37.92
N PHE N 428 47.15 -63.76 39.02
CA PHE N 428 46.54 -65.07 39.20
C PHE N 428 45.05 -64.93 39.47
N LEU N 429 44.67 -63.84 40.15
CA LEU N 429 43.39 -63.78 40.84
C LEU N 429 42.24 -63.47 39.89
N TYR N 430 42.27 -62.28 39.26
CA TYR N 430 41.07 -61.80 38.57
C TYR N 430 40.79 -62.59 37.30
N ARG N 431 41.80 -63.17 36.65
CA ARG N 431 41.51 -64.06 35.53
C ARG N 431 40.88 -65.37 36.00
N TRP N 432 41.29 -65.87 37.17
CA TRP N 432 40.64 -67.06 37.70
C TRP N 432 39.21 -66.75 38.16
N ILE N 433 38.90 -65.48 38.43
CA ILE N 433 37.51 -65.07 38.62
C ILE N 433 36.80 -65.01 37.27
N TYR N 434 37.50 -64.54 36.23
CA TYR N 434 36.85 -64.25 34.96
C TYR N 434 36.78 -65.44 34.01
N ASP N 435 37.88 -66.16 33.78
CA ASP N 435 37.80 -67.33 32.91
C ASP N 435 38.06 -68.64 33.63
N GLY N 436 39.11 -68.70 34.46
CA GLY N 436 39.39 -69.90 35.22
C GLY N 436 40.11 -70.99 34.45
N GLU N 437 41.21 -70.63 33.80
CA GLU N 437 42.08 -71.58 33.11
C GLU N 437 43.41 -71.60 33.87
N LEU N 438 43.72 -72.72 34.52
CA LEU N 438 44.76 -72.76 35.54
C LEU N 438 46.15 -72.73 34.89
N GLU N 439 47.01 -71.87 35.42
CA GLU N 439 48.31 -71.57 34.82
C GLU N 439 49.41 -71.55 35.86
N ASP N 440 49.46 -72.58 36.71
CA ASP N 440 50.52 -72.68 37.70
C ASP N 440 51.59 -73.67 37.26
N THR N 441 52.82 -73.39 37.65
CA THR N 441 53.95 -74.28 37.44
C THR N 441 54.65 -74.61 38.74
N TYR N 442 54.78 -73.65 39.66
CA TYR N 442 55.38 -73.89 40.96
C TYR N 442 54.55 -73.27 42.08
N HIS N 443 53.27 -72.97 41.80
CA HIS N 443 52.29 -72.42 42.74
C HIS N 443 52.77 -71.09 43.32
N GLU N 444 52.91 -70.09 42.44
CA GLU N 444 53.34 -68.77 42.88
C GLU N 444 52.25 -68.05 43.66
N PHE N 445 50.98 -68.38 43.42
CA PHE N 445 49.85 -67.90 44.20
C PHE N 445 49.66 -68.83 45.39
N PHE N 446 48.97 -68.31 46.42
CA PHE N 446 48.73 -69.15 47.59
C PHE N 446 47.68 -70.21 47.33
N VAL N 447 46.84 -70.05 46.30
CA VAL N 447 45.93 -71.09 45.85
C VAL N 447 46.66 -71.89 44.79
N ALA N 448 47.19 -73.04 45.17
CA ALA N 448 47.76 -73.98 44.21
C ALA N 448 46.60 -74.67 43.50
N SER N 449 46.44 -74.40 42.22
CA SER N 449 45.31 -74.87 41.43
C SER N 449 45.63 -76.24 40.86
N ASP N 450 44.75 -77.21 41.13
CA ASP N 450 44.86 -78.62 40.80
C ASP N 450 46.19 -79.26 41.20
N PRO N 451 46.46 -79.50 42.49
CA PRO N 451 47.53 -80.42 42.88
C PRO N 451 47.06 -81.85 43.15
N VAL N 452 45.76 -82.09 43.06
CA VAL N 452 45.14 -83.38 43.36
C VAL N 452 44.51 -83.88 42.06
N VAL N 453 44.58 -85.20 41.83
CA VAL N 453 44.04 -85.81 40.62
C VAL N 453 42.53 -85.54 40.50
N LYS N 454 42.07 -85.40 39.25
CA LYS N 454 40.71 -84.97 38.97
C LYS N 454 39.71 -86.05 39.35
N THR N 455 38.72 -85.66 40.16
CA THR N 455 37.65 -86.56 40.58
C THR N 455 36.32 -85.85 40.39
N ASP N 456 35.25 -86.63 40.42
CA ASP N 456 33.92 -86.05 40.40
C ASP N 456 33.62 -85.37 41.73
N ARG N 457 32.79 -84.33 41.68
CA ARG N 457 32.68 -83.39 42.79
C ARG N 457 31.80 -83.96 43.89
N LEU N 458 32.41 -84.19 45.06
CA LEU N 458 31.69 -84.54 46.28
C LEU N 458 31.85 -83.45 47.32
N TRP N 459 31.92 -82.20 46.86
CA TRP N 459 32.33 -81.02 47.63
C TRP N 459 33.69 -81.23 48.28
N HIS N 460 34.64 -81.75 47.52
CA HIS N 460 36.00 -81.92 48.01
C HIS N 460 36.82 -80.68 47.68
N ASP N 461 37.65 -80.27 48.64
CA ASP N 461 38.47 -79.07 48.50
C ASP N 461 39.75 -79.43 47.76
N LYS N 462 39.84 -79.04 46.50
CA LYS N 462 41.07 -79.19 45.73
C LYS N 462 41.96 -77.96 45.81
N TYR N 463 41.41 -76.82 46.21
CA TYR N 463 42.13 -75.55 46.24
C TYR N 463 42.37 -75.16 47.70
N SER N 464 43.53 -75.55 48.22
CA SER N 464 43.94 -75.16 49.56
C SER N 464 44.68 -73.82 49.50
N LEU N 465 44.67 -73.10 50.62
CA LEU N 465 45.19 -71.74 50.63
C LEU N 465 46.61 -71.61 51.16
N ARG N 466 47.10 -72.59 51.93
CA ARG N 466 48.53 -72.74 52.25
C ARG N 466 49.15 -71.54 52.99
N LYS N 467 48.86 -71.43 54.30
CA LYS N 467 49.26 -70.29 55.17
C LYS N 467 50.71 -69.82 55.01
N SER N 468 51.63 -70.67 54.56
CA SER N 468 53.04 -70.31 54.47
C SER N 468 53.35 -69.28 53.39
N MET N 469 52.41 -68.94 52.50
CA MET N 469 52.67 -67.98 51.44
C MET N 469 51.51 -67.01 51.22
N ILE N 470 50.79 -66.67 52.29
CA ILE N 470 49.71 -65.69 52.19
C ILE N 470 50.32 -64.29 52.11
N PRO N 471 49.88 -63.45 51.16
CA PRO N 471 50.31 -62.05 51.17
C PRO N 471 49.73 -61.31 52.36
N SER N 472 50.49 -60.34 52.86
CA SER N 472 50.05 -59.59 54.03
C SER N 472 49.05 -58.48 53.69
N PHE N 473 48.88 -58.15 52.41
CA PHE N 473 47.83 -57.22 52.01
C PHE N 473 46.49 -57.91 51.79
N MET N 474 46.47 -59.24 51.77
CA MET N 474 45.25 -60.03 51.74
C MET N 474 45.02 -60.62 53.12
N THR N 475 43.96 -60.18 53.79
CA THR N 475 43.69 -60.63 55.15
C THR N 475 43.02 -62.00 55.13
N MET N 476 42.60 -62.46 56.32
CA MET N 476 42.18 -63.84 56.49
C MET N 476 40.81 -64.10 55.85
N ASP N 477 39.90 -63.12 55.94
CA ASP N 477 38.56 -63.31 55.39
C ASP N 477 38.50 -63.12 53.88
N GLN N 478 39.45 -62.38 53.30
CA GLN N 478 39.55 -62.28 51.85
C GLN N 478 40.29 -63.46 51.24
N SER N 479 41.11 -64.16 52.03
CA SER N 479 41.79 -65.35 51.54
C SER N 479 40.80 -66.50 51.36
N ARG N 480 39.82 -66.61 52.26
CA ARG N 480 38.74 -67.58 52.09
C ARG N 480 37.72 -67.12 51.06
N LYS N 481 37.67 -65.81 50.79
CA LYS N 481 36.68 -65.27 49.86
C LYS N 481 37.01 -65.63 48.42
N VAL N 482 38.28 -65.45 48.02
CA VAL N 482 38.67 -65.76 46.66
C VAL N 482 38.68 -67.26 46.38
N LEU N 483 38.75 -68.09 47.43
CA LEU N 483 38.50 -69.52 47.26
C LEU N 483 37.04 -69.78 46.94
N LEU N 484 36.14 -69.01 47.55
CA LEU N 484 34.71 -69.22 47.37
C LEU N 484 34.24 -68.81 45.98
N ILE N 485 34.91 -67.83 45.38
CA ILE N 485 34.62 -67.47 43.99
C ILE N 485 35.31 -68.44 43.04
N GLY N 486 36.54 -68.83 43.39
CA GLY N 486 37.30 -69.74 42.53
C GLY N 486 36.81 -71.16 42.54
N LYS N 487 36.08 -71.57 43.58
CA LYS N 487 35.46 -72.89 43.58
C LYS N 487 34.17 -72.89 42.77
N SER N 488 33.44 -71.77 42.78
CA SER N 488 32.19 -71.68 42.04
C SER N 488 32.41 -71.47 40.55
N ILE N 489 33.53 -70.84 40.17
CA ILE N 489 33.80 -70.59 38.76
C ILE N 489 34.20 -71.88 38.04
N ASN N 490 34.70 -72.88 38.78
CA ASN N 490 35.03 -74.16 38.18
C ASN N 490 33.80 -75.07 38.13
N PHE N 491 32.85 -74.85 39.03
CA PHE N 491 31.63 -75.64 39.04
C PHE N 491 30.67 -75.23 37.93
N LEU N 492 30.85 -74.05 37.35
CA LEU N 492 30.03 -73.63 36.21
C LEU N 492 30.71 -73.91 34.87
N HIS N 493 31.85 -74.60 34.88
CA HIS N 493 32.43 -75.03 33.62
C HIS N 493 31.95 -76.43 33.23
N GLN N 494 31.74 -77.30 34.22
CA GLN N 494 31.22 -78.65 34.01
C GLN N 494 29.72 -78.71 34.21
N VAL N 495 29.02 -77.59 34.00
CA VAL N 495 27.57 -77.54 34.08
C VAL N 495 26.93 -77.59 32.69
N CYS N 496 27.67 -78.14 31.71
CA CYS N 496 27.39 -78.09 30.26
C CYS N 496 27.28 -76.65 29.75
N HIS N 497 28.03 -75.74 30.36
CA HIS N 497 28.09 -74.35 29.90
C HIS N 497 29.54 -73.87 29.97
N ASP N 498 30.01 -73.28 28.88
CA ASP N 498 31.28 -72.58 28.85
C ASP N 498 31.10 -71.07 28.96
N GLN N 499 29.90 -70.63 29.30
CA GLN N 499 29.57 -69.22 29.36
C GLN N 499 30.15 -68.58 30.61
N THR N 500 30.95 -67.53 30.44
CA THR N 500 31.39 -66.74 31.57
C THR N 500 30.18 -66.05 32.19
N PRO N 501 30.08 -65.99 33.56
CA PRO N 501 28.78 -65.85 34.25
C PRO N 501 27.87 -64.69 33.88
N ALA N 502 26.73 -65.06 33.27
CA ALA N 502 25.52 -64.26 33.04
C ALA N 502 25.67 -63.17 32.00
N SER N 503 26.89 -62.92 31.54
CA SER N 503 27.16 -61.85 30.58
C SER N 503 28.52 -62.09 29.95
N LYS N 504 28.78 -61.40 28.85
CA LYS N 504 30.12 -61.26 28.33
C LYS N 504 30.81 -60.02 28.89
N ALA N 505 30.16 -59.32 29.82
CA ALA N 505 30.72 -58.15 30.48
C ALA N 505 31.78 -58.50 31.52
N MET N 506 31.90 -59.77 31.91
CA MET N 506 32.96 -60.17 32.81
C MET N 506 34.30 -60.24 32.09
N ALA N 507 34.29 -60.39 30.76
CA ALA N 507 35.54 -60.14 29.99
C ALA N 507 35.83 -58.63 29.95
N VAL N 508 34.81 -57.81 29.71
CA VAL N 508 35.05 -56.35 29.49
C VAL N 508 35.82 -55.79 30.69
N GLY N 509 35.37 -56.14 31.89
CA GLY N 509 35.91 -55.55 33.13
C GLY N 509 37.38 -55.87 33.27
N LYS N 510 37.78 -57.10 32.94
CA LYS N 510 39.21 -57.51 33.11
C LYS N 510 40.08 -56.64 32.21
N SER N 511 39.67 -56.43 30.96
CA SER N 511 40.46 -55.59 30.01
C SER N 511 40.51 -54.16 30.55
N ALA N 512 39.37 -53.64 31.02
CA ALA N 512 39.45 -52.23 31.47
C ALA N 512 40.49 -52.19 32.58
N GLU N 513 40.40 -53.12 33.53
CA GLU N 513 41.25 -53.06 34.75
C GLU N 513 42.71 -53.14 34.32
N SER N 514 43.03 -54.04 33.39
CA SER N 514 44.43 -54.22 32.96
C SER N 514 44.98 -52.96 32.30
N PRO N 515 44.36 -52.32 31.26
CA PRO N 515 44.80 -50.98 30.87
C PRO N 515 44.85 -49.89 31.96
N LYS N 516 43.88 -49.87 32.87
CA LYS N 516 43.90 -48.82 33.92
C LYS N 516 45.18 -49.02 34.72
N ASP N 517 45.49 -50.27 35.10
CA ASP N 517 46.68 -50.61 35.93
C ASP N 517 47.95 -50.27 35.16
N ALA N 518 47.92 -50.52 33.85
CA ALA N 518 49.07 -50.27 32.95
C ALA N 518 49.42 -48.78 32.96
N ALA N 519 48.44 -47.87 32.97
CA ALA N 519 48.88 -46.45 32.85
C ALA N 519 48.70 -45.61 34.15
N GLU N 520 48.06 -46.20 35.18
CA GLU N 520 47.37 -45.53 36.27
C GLU N 520 47.15 -46.53 37.39
N LEU N 521 47.01 -46.01 38.62
CA LEU N 521 46.85 -46.80 39.84
C LEU N 521 48.00 -47.80 40.00
N PHE N 522 49.18 -47.27 40.26
CA PHE N 522 50.31 -48.18 40.42
C PHE N 522 50.33 -48.80 41.81
N THR N 523 50.00 -48.03 42.84
CA THR N 523 49.83 -48.56 44.18
C THR N 523 48.59 -49.45 44.23
N ASP N 524 48.71 -50.61 44.91
CA ASP N 524 47.65 -51.60 45.01
C ASP N 524 46.38 -51.01 45.63
N LEU N 525 45.23 -51.56 45.24
CA LEU N 525 43.94 -51.01 45.66
C LEU N 525 43.22 -51.97 46.62
N GLU N 526 43.96 -52.50 47.60
CA GLU N 526 43.48 -53.56 48.50
C GLU N 526 42.20 -53.22 49.25
N ASN N 527 41.86 -51.93 49.40
CA ASN N 527 40.55 -51.54 49.91
C ASN N 527 39.48 -51.55 48.81
N ALA N 528 39.85 -51.20 47.57
CA ALA N 528 38.90 -51.18 46.46
C ALA N 528 38.96 -52.44 45.60
N PHE N 529 40.02 -53.24 45.71
CA PHE N 529 40.08 -54.50 44.98
C PHE N 529 39.13 -55.53 45.57
N GLN N 530 38.87 -55.45 46.88
CA GLN N 530 37.94 -56.35 47.55
C GLN N 530 36.49 -55.93 47.36
N THR N 531 36.22 -54.77 46.75
CA THR N 531 34.86 -54.31 46.58
C THR N 531 34.20 -54.92 45.35
N LYS N 532 34.84 -54.79 44.18
CA LYS N 532 34.22 -55.28 42.95
C LYS N 532 34.42 -56.77 42.73
N ILE N 533 35.29 -57.43 43.50
CA ILE N 533 35.26 -58.89 43.47
C ILE N 533 34.08 -59.39 44.31
N ASP N 534 33.64 -58.61 45.30
CA ASP N 534 32.43 -58.93 46.03
C ASP N 534 31.20 -58.63 45.17
N ALA N 535 31.31 -57.63 44.32
CA ALA N 535 30.37 -57.37 43.24
C ALA N 535 30.61 -58.25 42.02
N ALA N 536 31.56 -59.18 42.11
CA ALA N 536 31.67 -60.31 41.20
C ALA N 536 31.23 -61.61 41.85
N TYR N 537 31.51 -61.76 43.14
CA TYR N 537 31.11 -62.95 43.89
C TYR N 537 29.60 -63.09 43.98
N PHE N 538 28.89 -61.97 43.96
CA PHE N 538 27.43 -62.02 44.07
C PHE N 538 26.79 -62.33 42.73
N ASP N 539 27.39 -61.93 41.60
CA ASP N 539 26.75 -62.21 40.31
C ASP N 539 27.06 -63.60 39.76
N THR N 540 28.28 -64.11 39.98
CA THR N 540 28.57 -65.49 39.60
C THR N 540 27.80 -66.50 40.42
N SER N 541 27.33 -66.12 41.62
CA SER N 541 26.61 -67.05 42.47
C SER N 541 25.15 -67.18 42.05
N LYS N 542 24.48 -66.05 41.76
CA LYS N 542 23.05 -66.14 41.43
C LYS N 542 22.84 -66.65 40.01
N TYR N 543 23.81 -66.42 39.12
CA TYR N 543 23.74 -67.03 37.79
C TYR N 543 23.90 -68.54 37.88
N LEU N 544 24.78 -69.01 38.77
CA LEU N 544 24.90 -70.43 39.03
C LEU N 544 23.67 -70.97 39.75
N LEU N 545 22.93 -70.11 40.46
CA LEU N 545 21.60 -70.42 40.96
C LEU N 545 20.55 -70.35 39.85
N ASP N 546 20.84 -69.69 38.73
CA ASP N 546 19.90 -69.61 37.62
C ASP N 546 20.01 -70.76 36.64
N VAL N 547 21.18 -71.40 36.52
CA VAL N 547 21.31 -72.49 35.56
C VAL N 547 20.68 -73.78 36.06
N LEU N 548 20.36 -73.88 37.36
CA LEU N 548 19.67 -75.09 37.82
C LEU N 548 18.20 -75.04 37.46
N ASN N 549 17.59 -73.86 37.54
CA ASN N 549 16.16 -73.70 37.34
C ASN N 549 15.76 -73.95 35.89
N LYS N 550 16.69 -73.75 34.96
CA LYS N 550 16.41 -73.93 33.55
C LYS N 550 16.59 -75.37 33.10
N ASN N 551 17.50 -76.11 33.74
CA ASN N 551 17.91 -77.42 33.23
C ASN N 551 17.70 -78.57 34.21
N TYR N 552 18.04 -78.40 35.49
CA TYR N 552 18.21 -79.54 36.38
C TYR N 552 17.24 -79.57 37.55
N ASN N 553 16.77 -78.41 38.03
CA ASN N 553 15.86 -78.27 39.18
C ASN N 553 16.47 -78.90 40.44
N LEU N 554 17.55 -78.26 40.92
CA LEU N 554 18.29 -78.78 42.08
C LEU N 554 17.45 -78.78 43.34
N LEU N 555 16.99 -77.61 43.78
CA LEU N 555 16.27 -77.54 45.04
C LEU N 555 14.81 -77.94 44.91
N GLU N 556 14.32 -78.15 43.69
CA GLU N 556 13.05 -78.84 43.53
C GLU N 556 13.18 -80.31 43.89
N HIS N 557 14.37 -80.89 43.71
CA HIS N 557 14.64 -82.24 44.15
C HIS N 557 14.89 -82.31 45.65
N MET N 558 15.20 -81.18 46.28
CA MET N 558 15.26 -81.12 47.73
C MET N 558 13.88 -81.31 48.34
N GLN N 559 12.85 -80.76 47.69
CA GLN N 559 11.48 -80.94 48.15
C GLN N 559 10.93 -82.30 47.73
N ALA N 560 11.36 -82.81 46.57
CA ALA N 560 10.80 -84.05 46.05
C ALA N 560 11.29 -85.27 46.82
N MET N 561 12.49 -85.21 47.40
CA MET N 561 12.97 -86.34 48.19
C MET N 561 12.26 -86.46 49.52
N ARG N 562 11.71 -85.34 50.05
CA ARG N 562 11.00 -85.39 51.32
C ARG N 562 9.66 -86.11 51.23
N ARG N 563 9.13 -86.28 50.01
CA ARG N 563 7.87 -87.00 49.83
C ARG N 563 8.05 -88.50 49.84
N TYR N 564 9.28 -89.01 49.70
CA TYR N 564 9.51 -90.44 49.58
C TYR N 564 10.36 -91.00 50.72
N LEU N 565 11.55 -90.45 50.98
CA LEU N 565 12.35 -90.96 52.09
C LEU N 565 11.90 -90.38 53.42
N LEU N 566 11.40 -89.14 53.42
CA LEU N 566 10.87 -88.50 54.62
C LEU N 566 9.36 -88.64 54.73
N LEU N 567 8.71 -89.12 53.66
CA LEU N 567 7.28 -89.47 53.64
C LEU N 567 6.39 -88.25 53.92
N GLY N 568 6.57 -87.21 53.11
CA GLY N 568 5.81 -85.99 53.26
C GLY N 568 4.34 -86.14 52.92
N GLN N 569 4.06 -86.59 51.69
CA GLN N 569 2.71 -86.87 51.26
C GLN N 569 2.44 -88.37 51.42
N GLY N 570 1.40 -88.71 52.18
CA GLY N 570 1.17 -90.09 52.57
C GLY N 570 0.49 -90.95 51.53
N ASP N 571 -0.23 -90.33 50.57
CA ASP N 571 -0.94 -91.10 49.56
C ASP N 571 0.00 -91.81 48.59
N PHE N 572 1.22 -91.30 48.43
CA PHE N 572 2.22 -92.00 47.63
C PHE N 572 2.71 -93.27 48.33
N ILE N 573 2.68 -93.29 49.65
CA ILE N 573 3.28 -94.37 50.43
C ILE N 573 2.20 -95.30 50.95
N ARG N 574 0.98 -94.78 51.15
CA ARG N 574 -0.09 -95.65 51.65
C ARG N 574 -0.62 -96.56 50.56
N HIS N 575 -0.86 -96.02 49.35
CA HIS N 575 -1.19 -96.87 48.21
C HIS N 575 -0.02 -97.75 47.80
N LEU N 576 1.21 -97.33 48.12
CA LEU N 576 2.35 -98.22 48.07
C LEU N 576 2.13 -99.33 49.09
N MET N 577 2.15 -98.99 50.39
CA MET N 577 2.24 -99.98 51.48
C MET N 577 1.04 -100.93 51.54
N ASP N 578 -0.09 -100.56 50.93
CA ASP N 578 -1.20 -101.49 50.77
C ASP N 578 -0.82 -102.64 49.83
N LEU N 579 -0.40 -102.31 48.61
CA LEU N 579 0.04 -103.33 47.65
C LEU N 579 1.35 -103.98 48.07
N LEU N 580 2.14 -103.30 48.90
CA LEU N 580 3.49 -103.77 49.20
C LEU N 580 3.47 -104.84 50.28
N LYS N 581 2.39 -104.88 51.09
CA LYS N 581 2.28 -105.87 52.16
C LYS N 581 2.14 -107.34 51.73
N PRO N 582 1.37 -107.73 50.69
CA PRO N 582 1.32 -109.17 50.33
C PRO N 582 2.64 -109.77 49.83
N GLU N 583 3.65 -108.94 49.57
CA GLU N 583 4.99 -109.42 49.24
C GLU N 583 5.91 -109.50 50.46
N LEU N 584 5.62 -108.73 51.51
CA LEU N 584 6.52 -108.62 52.65
C LEU N 584 6.26 -109.66 53.74
N VAL N 585 5.10 -110.32 53.73
CA VAL N 585 4.83 -111.34 54.74
C VAL N 585 5.66 -112.58 54.47
N ARG N 586 5.82 -112.95 53.20
CA ARG N 586 6.68 -114.07 52.87
C ARG N 586 8.15 -113.66 52.96
N PRO N 587 9.05 -114.60 53.22
CA PRO N 587 10.48 -114.28 53.20
C PRO N 587 10.96 -113.96 51.79
N ALA N 588 12.00 -113.14 51.72
CA ALA N 588 12.53 -112.70 50.43
C ALA N 588 13.28 -113.83 49.74
N THR N 589 13.21 -113.83 48.40
CA THR N 589 13.91 -114.81 47.58
C THR N 589 14.76 -114.10 46.55
N THR N 590 15.31 -114.86 45.59
CA THR N 590 16.03 -114.26 44.48
C THR N 590 15.09 -113.70 43.42
N LEU N 591 13.81 -114.07 43.45
CA LEU N 591 12.79 -113.50 42.58
C LEU N 591 12.02 -112.39 43.27
N TYR N 592 12.66 -111.68 44.18
CA TYR N 592 12.00 -110.65 44.97
C TYR N 592 12.05 -109.27 44.31
N GLN N 593 13.01 -109.03 43.43
CA GLN N 593 13.22 -107.70 42.86
C GLN N 593 12.37 -107.45 41.62
N HIS N 594 12.08 -108.48 40.82
CA HIS N 594 11.51 -108.26 39.50
C HIS N 594 10.05 -107.81 39.57
N ASN N 595 9.35 -108.12 40.65
CA ASN N 595 7.94 -107.77 40.76
C ASN N 595 7.68 -106.47 41.50
N LEU N 596 8.56 -106.07 42.43
CA LEU N 596 8.33 -104.84 43.20
C LEU N 596 8.40 -103.60 42.32
N THR N 597 9.23 -103.65 41.28
CA THR N 597 9.27 -102.56 40.31
C THR N 597 7.96 -102.46 39.54
N GLY N 598 7.32 -103.60 39.27
CA GLY N 598 5.97 -103.56 38.73
C GLY N 598 4.94 -103.13 39.76
N ILE N 599 5.18 -103.44 41.03
CA ILE N 599 4.29 -102.96 42.07
C ILE N 599 4.53 -101.47 42.31
N LEU N 600 5.77 -101.01 42.14
CA LEU N 600 6.08 -99.59 42.26
C LEU N 600 5.46 -98.78 41.12
N GLU N 601 5.58 -99.28 39.88
CA GLU N 601 5.11 -98.54 38.73
C GLU N 601 3.59 -98.53 38.60
N THR N 602 2.90 -99.49 39.22
CA THR N 602 1.44 -99.43 39.28
C THR N 602 0.94 -98.67 40.49
N ALA N 603 1.80 -98.35 41.45
CA ALA N 603 1.42 -97.52 42.58
C ALA N 603 1.64 -96.04 42.31
N VAL N 604 2.65 -95.70 41.50
CA VAL N 604 2.87 -94.29 41.16
C VAL N 604 1.95 -93.84 40.04
N ARG N 605 1.32 -94.77 39.32
CA ARG N 605 0.35 -94.40 38.30
C ARG N 605 -1.05 -94.25 38.88
N ALA N 606 -1.40 -95.05 39.89
CA ALA N 606 -2.72 -94.97 40.51
C ALA N 606 -2.91 -93.71 41.34
N THR N 607 -1.84 -93.03 41.72
CA THR N 607 -1.94 -91.81 42.51
C THR N 607 -1.62 -90.55 41.72
N ASN N 608 -1.19 -90.67 40.47
CA ASN N 608 -0.74 -89.53 39.70
C ASN N 608 -1.37 -89.49 38.32
N ALA N 609 -1.62 -88.28 37.84
CA ALA N 609 -1.97 -88.02 36.45
C ALA N 609 -1.15 -86.89 35.86
N GLN N 610 -0.25 -86.28 36.64
CA GLN N 610 0.57 -85.18 36.17
C GLN N 610 2.03 -85.31 36.58
N PHE N 611 2.40 -86.33 37.33
CA PHE N 611 3.76 -86.51 37.82
C PHE N 611 4.67 -87.18 36.80
N ASP N 612 4.16 -87.48 35.59
CA ASP N 612 5.00 -87.92 34.49
C ASP N 612 5.81 -86.77 33.89
N ASN N 613 5.39 -85.52 34.15
CA ASN N 613 6.13 -84.37 33.61
C ASN N 613 7.51 -84.18 34.23
N PRO N 614 7.71 -84.19 35.61
CA PRO N 614 9.08 -84.01 36.10
C PRO N 614 9.94 -85.25 35.95
N GLU N 615 11.21 -85.14 36.35
CA GLU N 615 12.19 -86.21 36.22
C GLU N 615 12.45 -86.90 37.56
N ILE N 616 11.39 -87.09 38.36
CA ILE N 616 11.56 -87.64 39.70
C ILE N 616 11.57 -89.17 39.69
N LEU N 617 10.74 -89.79 38.85
CA LEU N 617 10.61 -91.25 38.83
C LEU N 617 11.84 -91.94 38.28
N LYS N 618 12.63 -91.26 37.45
CA LYS N 618 13.89 -91.83 36.96
C LYS N 618 15.02 -91.68 37.96
N ARG N 619 14.89 -90.74 38.91
CA ARG N 619 15.89 -90.54 39.95
C ARG N 619 15.45 -91.09 41.30
N LEU N 620 14.56 -92.09 41.29
CA LEU N 620 14.09 -92.72 42.52
C LEU N 620 13.87 -94.20 42.23
N ASP N 621 14.63 -95.05 42.93
CA ASP N 621 14.56 -96.49 42.72
C ASP N 621 14.30 -97.20 44.04
N VAL N 622 14.44 -98.53 44.05
CA VAL N 622 14.26 -99.34 45.25
C VAL N 622 15.60 -99.97 45.61
N ARG N 623 15.96 -99.89 46.91
CA ARG N 623 17.23 -100.37 47.42
C ARG N 623 16.98 -101.54 48.36
N LEU N 624 17.65 -102.67 48.11
CA LEU N 624 17.58 -103.83 48.99
C LEU N 624 18.95 -104.16 49.54
N LEU N 625 18.96 -104.91 50.64
CA LEU N 625 20.19 -105.24 51.35
C LEU N 625 20.68 -106.63 50.92
N GLU N 626 21.79 -107.05 51.52
CA GLU N 626 22.39 -108.36 51.26
C GLU N 626 22.02 -109.38 52.32
N VAL N 627 20.83 -109.26 52.91
CA VAL N 627 20.40 -110.14 53.98
C VAL N 627 20.03 -111.50 53.40
N SER N 628 20.41 -112.56 54.11
CA SER N 628 20.10 -113.94 53.73
C SER N 628 18.58 -114.15 53.65
N PRO N 629 18.11 -115.08 52.81
CA PRO N 629 16.66 -115.26 52.60
C PRO N 629 15.91 -115.90 53.76
N GLY N 630 16.52 -116.10 54.93
CA GLY N 630 15.81 -116.66 56.06
C GLY N 630 15.33 -115.62 57.05
N ASP N 631 14.82 -114.50 56.55
CA ASP N 631 14.31 -113.41 57.38
C ASP N 631 12.79 -113.31 57.23
N THR N 632 12.21 -112.28 57.85
CA THR N 632 10.78 -112.06 57.75
C THR N 632 10.39 -111.32 56.47
N GLY N 633 11.35 -110.74 55.76
CA GLY N 633 11.10 -110.07 54.51
C GLY N 633 10.74 -108.60 54.62
N TRP N 634 10.33 -108.14 55.81
CA TRP N 634 9.84 -106.77 55.94
C TRP N 634 10.98 -105.75 55.90
N ASP N 635 12.16 -106.11 56.39
CA ASP N 635 13.25 -105.16 56.53
C ASP N 635 14.08 -104.98 55.26
N VAL N 636 13.74 -105.67 54.18
CA VAL N 636 14.57 -105.60 52.98
C VAL N 636 14.18 -104.41 52.11
N PHE N 637 12.89 -104.08 52.08
CA PHE N 637 12.37 -103.09 51.14
C PHE N 637 12.66 -101.67 51.61
N SER N 638 13.21 -100.85 50.71
CA SER N 638 13.46 -99.44 50.97
C SER N 638 13.67 -98.73 49.64
N LEU N 639 13.20 -97.48 49.57
CA LEU N 639 13.37 -96.65 48.38
C LEU N 639 14.63 -95.79 48.53
N ASP N 640 15.26 -95.49 47.40
CA ASP N 640 16.44 -94.62 47.39
C ASP N 640 16.33 -93.61 46.27
N TYR N 641 16.78 -92.38 46.56
CA TYR N 641 16.81 -91.30 45.58
C TYR N 641 18.12 -91.40 44.80
N HIS N 642 18.02 -91.74 43.52
CA HIS N 642 19.18 -91.92 42.67
C HIS N 642 19.67 -90.58 42.13
N VAL N 643 20.99 -90.50 41.90
CA VAL N 643 21.60 -89.33 41.28
C VAL N 643 22.53 -89.80 40.17
N ASP N 644 22.59 -89.03 39.08
CA ASP N 644 23.49 -89.35 37.98
C ASP N 644 24.55 -88.28 37.73
N GLY N 645 24.15 -87.04 37.47
CA GLY N 645 25.07 -86.03 36.99
C GLY N 645 25.16 -84.81 37.89
N PRO N 646 24.60 -83.69 37.44
CA PRO N 646 24.65 -82.45 38.23
C PRO N 646 23.73 -82.41 39.43
N ILE N 647 22.95 -83.47 39.67
CA ILE N 647 22.30 -83.64 40.96
C ILE N 647 23.27 -84.25 41.97
N ALA N 648 24.31 -84.93 41.49
CA ALA N 648 25.27 -85.60 42.35
C ALA N 648 26.40 -84.68 42.83
N THR N 649 26.40 -83.41 42.44
CA THR N 649 27.38 -82.50 43.05
C THR N 649 26.90 -82.08 44.44
N VAL N 650 25.59 -81.89 44.61
CA VAL N 650 25.04 -81.52 45.91
C VAL N 650 24.75 -82.76 46.77
N PHE N 651 24.66 -83.94 46.15
CA PHE N 651 24.41 -85.19 46.87
C PHE N 651 25.66 -86.05 46.75
N THR N 652 26.42 -86.16 47.83
CA THR N 652 27.64 -86.95 47.88
C THR N 652 27.30 -88.38 48.29
N ARG N 653 28.32 -89.16 48.64
CA ARG N 653 28.08 -90.51 49.13
C ARG N 653 27.55 -90.48 50.57
N GLU N 654 27.87 -89.43 51.32
CA GLU N 654 27.53 -89.34 52.72
C GLU N 654 26.09 -88.94 52.99
N CYS N 655 25.31 -88.58 51.97
CA CYS N 655 23.96 -88.08 52.23
C CYS N 655 22.93 -89.21 52.26
N MET N 656 22.85 -90.01 51.18
CA MET N 656 21.86 -91.08 51.16
C MET N 656 22.25 -92.26 52.03
N SER N 657 23.51 -92.36 52.45
CA SER N 657 23.90 -93.39 53.41
C SER N 657 23.29 -93.14 54.78
N HIS N 658 22.99 -91.88 55.09
CA HIS N 658 22.20 -91.55 56.27
C HIS N 658 20.71 -91.54 55.99
N TYR N 659 20.30 -91.33 54.73
CA TYR N 659 18.87 -91.35 54.41
C TYR N 659 18.27 -92.74 54.46
N LEU N 660 19.06 -93.81 54.32
CA LEU N 660 18.48 -95.13 54.59
C LEU N 660 18.30 -95.38 56.08
N ARG N 661 19.14 -94.79 56.93
CA ARG N 661 18.96 -94.95 58.37
C ARG N 661 17.70 -94.23 58.86
N VAL N 662 17.40 -93.05 58.31
CA VAL N 662 16.18 -92.36 58.70
C VAL N 662 14.96 -92.98 58.03
N PHE N 663 15.15 -93.74 56.96
CA PHE N 663 14.02 -94.41 56.32
C PHE N 663 13.55 -95.61 57.11
N ASN N 664 14.49 -96.38 57.68
CA ASN N 664 14.16 -97.67 58.28
C ASN N 664 13.35 -97.53 59.57
N PHE N 665 13.58 -96.45 60.31
CA PHE N 665 12.73 -96.20 61.48
C PHE N 665 11.37 -95.64 61.06
N LEU N 666 11.35 -94.82 60.01
CA LEU N 666 10.10 -94.23 59.54
C LEU N 666 9.27 -95.24 58.75
N TRP N 667 9.91 -96.20 58.08
CA TRP N 667 9.18 -97.30 57.48
C TRP N 667 8.60 -98.23 58.54
N ARG N 668 9.34 -98.44 59.63
CA ARG N 668 8.81 -99.24 60.74
C ARG N 668 7.76 -98.48 61.53
N ALA N 669 7.77 -97.15 61.48
CA ALA N 669 6.70 -96.38 62.10
C ALA N 669 5.40 -96.51 61.31
N LYS N 670 5.48 -96.52 59.98
CA LYS N 670 4.32 -96.77 59.15
C LYS N 670 3.98 -98.25 59.07
N ARG N 671 4.94 -99.14 59.36
CA ARG N 671 4.65 -100.55 59.47
C ARG N 671 3.75 -100.84 60.65
N MET N 672 4.06 -100.24 61.81
CA MET N 672 3.23 -100.40 63.00
C MET N 672 1.87 -99.74 62.83
N GLU N 673 1.78 -98.69 62.01
CA GLU N 673 0.52 -98.00 61.81
C GLU N 673 -0.43 -98.81 60.94
N TYR N 674 0.09 -99.67 60.07
CA TYR N 674 -0.75 -100.42 59.15
C TYR N 674 -1.07 -101.82 59.64
N ILE N 675 -0.22 -102.41 60.50
CA ILE N 675 -0.59 -103.69 61.10
C ILE N 675 -1.57 -103.49 62.25
N LEU N 676 -1.54 -102.33 62.91
CA LEU N 676 -2.55 -101.98 63.88
C LEU N 676 -3.86 -101.60 63.20
N THR N 677 -3.78 -101.13 61.96
CA THR N 677 -4.97 -100.90 61.15
C THR N 677 -5.67 -102.21 60.83
N ASP N 678 -4.91 -103.26 60.52
CA ASP N 678 -5.49 -104.55 60.17
C ASP N 678 -6.16 -105.22 61.36
N ILE N 679 -5.58 -105.07 62.56
CA ILE N 679 -6.19 -105.68 63.73
C ILE N 679 -7.35 -104.83 64.26
N TRP N 680 -7.40 -103.54 63.93
CA TRP N 680 -8.58 -102.75 64.29
C TRP N 680 -9.76 -103.13 63.39
N LYS N 681 -9.49 -103.39 62.11
CA LYS N 681 -10.53 -103.96 61.27
C LYS N 681 -10.82 -105.40 61.66
N GLY N 682 -9.83 -106.08 62.24
CA GLY N 682 -10.08 -107.38 62.86
C GLY N 682 -10.92 -107.30 64.11
N HIS N 683 -10.95 -106.15 64.78
CA HIS N 683 -11.88 -105.98 65.90
C HIS N 683 -13.32 -105.91 65.42
N MET N 684 -13.56 -105.27 64.28
CA MET N 684 -14.92 -104.99 63.85
C MET N 684 -15.47 -106.00 62.86
N CYS N 685 -14.63 -106.85 62.27
CA CYS N 685 -15.14 -107.90 61.39
C CYS N 685 -15.59 -109.11 62.19
N ASN N 686 -14.84 -109.48 63.22
CA ASN N 686 -15.13 -110.69 63.98
C ASN N 686 -16.28 -110.52 64.96
N ALA N 687 -16.46 -109.31 65.50
CA ALA N 687 -17.49 -109.08 66.50
C ALA N 687 -18.90 -109.08 65.91
N LYS N 688 -19.03 -108.86 64.60
CA LYS N 688 -20.36 -108.81 63.99
C LYS N 688 -20.90 -110.20 63.70
N LEU N 689 -20.04 -111.19 63.47
CA LEU N 689 -20.48 -112.51 63.07
C LEU N 689 -20.68 -113.48 64.22
N LEU N 690 -20.05 -113.24 65.38
CA LEU N 690 -20.23 -114.13 66.52
C LEU N 690 -21.44 -113.76 67.37
N LYS N 691 -22.28 -112.85 66.90
CA LYS N 691 -23.47 -112.43 67.63
C LYS N 691 -24.46 -113.59 67.74
N GLY N 692 -24.84 -113.92 68.97
CA GLY N 692 -25.72 -115.04 69.23
C GLY N 692 -25.28 -115.82 70.44
N MET N 693 -24.05 -115.58 70.89
CA MET N 693 -23.49 -116.24 72.07
C MET N 693 -23.40 -115.23 73.20
N PRO N 694 -24.06 -115.47 74.34
CA PRO N 694 -24.02 -114.49 75.44
C PRO N 694 -22.73 -114.48 76.22
N GLU N 695 -21.95 -115.57 76.19
CA GLU N 695 -20.70 -115.62 76.95
C GLU N 695 -19.63 -114.77 76.28
N LEU N 696 -19.53 -114.85 74.95
CA LEU N 696 -18.54 -114.09 74.20
C LEU N 696 -18.92 -112.62 74.01
N SER N 697 -20.03 -112.18 74.59
CA SER N 697 -20.37 -110.75 74.62
C SER N 697 -19.36 -109.97 75.43
N GLY N 698 -19.26 -110.27 76.72
CA GLY N 698 -18.31 -109.59 77.60
C GLY N 698 -16.87 -110.02 77.45
N VAL N 699 -16.62 -111.06 76.65
CA VAL N 699 -15.24 -111.50 76.42
C VAL N 699 -14.49 -110.50 75.54
N LEU N 700 -15.08 -110.15 74.39
CA LEU N 700 -14.43 -109.20 73.50
C LEU N 700 -14.55 -107.76 73.98
N HIS N 701 -15.47 -107.48 74.91
CA HIS N 701 -15.74 -106.09 75.30
C HIS N 701 -14.59 -105.52 76.10
N GLN N 702 -14.19 -106.20 77.18
CA GLN N 702 -13.08 -105.74 78.00
C GLN N 702 -11.75 -105.91 77.28
N CYS N 703 -11.64 -106.88 76.38
CA CYS N 703 -10.42 -107.04 75.59
C CYS N 703 -10.29 -105.95 74.55
N HIS N 704 -11.41 -105.37 74.10
CA HIS N 704 -11.35 -104.22 73.22
C HIS N 704 -10.94 -102.96 73.99
N ILE N 705 -11.23 -102.90 75.29
CA ILE N 705 -10.77 -101.79 76.11
C ILE N 705 -9.26 -101.81 76.27
N LEU N 706 -8.71 -102.99 76.59
CA LEU N 706 -7.27 -103.11 76.77
C LEU N 706 -6.51 -103.07 75.45
N ALA N 707 -7.19 -103.30 74.33
CA ALA N 707 -6.57 -103.11 73.03
C ALA N 707 -6.63 -101.65 72.59
N SER N 708 -7.69 -100.94 72.97
CA SER N 708 -7.82 -99.53 72.61
C SER N 708 -6.80 -98.67 73.34
N GLU N 709 -6.34 -99.10 74.52
CA GLU N 709 -5.35 -98.33 75.26
C GLU N 709 -3.98 -98.40 74.58
N MET N 710 -3.63 -99.56 74.02
CA MET N 710 -2.42 -99.62 73.21
C MET N 710 -2.59 -98.96 71.85
N VAL N 711 -3.83 -98.74 71.42
CA VAL N 711 -4.07 -98.00 70.17
C VAL N 711 -3.91 -96.51 70.40
N HIS N 712 -4.57 -95.97 71.43
CA HIS N 712 -4.56 -94.52 71.65
C HIS N 712 -3.22 -94.03 72.15
N PHE N 713 -2.44 -94.87 72.85
CA PHE N 713 -1.15 -94.44 73.35
C PHE N 713 -0.10 -94.44 72.24
N ILE N 714 -0.17 -95.41 71.33
CA ILE N 714 0.73 -95.44 70.18
C ILE N 714 0.41 -94.29 69.23
N HIS N 715 -0.88 -93.96 69.09
CA HIS N 715 -1.31 -92.95 68.11
C HIS N 715 -0.84 -91.55 68.51
N GLN N 716 -1.11 -91.13 69.74
CA GLN N 716 -0.68 -89.80 70.16
C GLN N 716 0.82 -89.70 70.38
N MET N 717 1.54 -90.82 70.40
CA MET N 717 2.99 -90.80 70.40
C MET N 717 3.55 -90.73 68.98
N GLN N 718 3.17 -91.70 68.13
CA GLN N 718 3.81 -91.85 66.84
C GLN N 718 3.39 -90.77 65.84
N TYR N 719 2.18 -90.22 65.99
CA TYR N 719 1.79 -89.13 65.09
C TYR N 719 2.51 -87.84 65.47
N TYR N 720 2.84 -87.66 66.74
CA TYR N 720 3.33 -86.38 67.22
C TYR N 720 4.85 -86.28 67.20
N ILE N 721 5.57 -87.42 67.25
CA ILE N 721 7.02 -87.33 67.27
C ILE N 721 7.59 -87.15 65.86
N THR N 722 6.88 -87.60 64.83
CA THR N 722 7.37 -87.47 63.46
C THR N 722 6.78 -86.27 62.74
N PHE N 723 5.69 -85.70 63.23
CA PHE N 723 5.18 -84.45 62.66
C PHE N 723 5.93 -83.25 63.23
N GLU N 724 6.42 -83.37 64.46
CA GLU N 724 7.16 -82.26 65.07
C GLU N 724 8.54 -82.11 64.45
N VAL N 725 9.25 -83.23 64.23
CA VAL N 725 10.54 -83.19 63.56
C VAL N 725 10.35 -82.81 62.08
N LEU N 726 9.20 -83.15 61.50
CA LEU N 726 8.83 -82.61 60.19
C LEU N 726 8.64 -81.10 60.27
N GLU N 727 8.12 -80.59 61.38
CA GLU N 727 7.74 -79.19 61.45
C GLU N 727 8.96 -78.28 61.61
N CYS N 728 9.84 -78.59 62.56
CA CYS N 728 10.96 -77.70 62.86
C CYS N 728 12.10 -77.80 61.84
N SER N 729 12.00 -78.70 60.86
CA SER N 729 13.05 -78.90 59.88
C SER N 729 12.62 -78.62 58.44
N TRP N 730 11.34 -78.75 58.11
CA TRP N 730 10.85 -78.24 56.83
C TRP N 730 10.90 -76.73 56.82
N ASP N 731 10.52 -76.09 57.93
CA ASP N 731 10.57 -74.64 58.06
C ASP N 731 11.95 -74.13 58.42
N GLU N 732 12.95 -75.00 58.51
CA GLU N 732 14.33 -74.59 58.74
C GLU N 732 15.11 -74.45 57.44
N LEU N 733 15.05 -75.45 56.57
CA LEU N 733 15.85 -75.46 55.35
C LEU N 733 15.17 -74.71 54.20
N TRP N 734 13.87 -74.95 54.00
CA TRP N 734 13.18 -74.50 52.79
C TRP N 734 13.05 -72.99 52.72
N ASN N 735 13.04 -72.31 53.86
CA ASN N 735 12.88 -70.86 53.88
C ASN N 735 14.21 -70.10 53.82
N LYS N 736 15.34 -70.78 54.05
CA LYS N 736 16.62 -70.10 54.02
C LYS N 736 17.43 -70.36 52.75
N VAL N 737 17.01 -71.30 51.92
CA VAL N 737 17.74 -71.57 50.68
C VAL N 737 17.49 -70.50 49.63
N LEU N 738 16.39 -69.74 49.75
CA LEU N 738 16.07 -68.67 48.83
C LEU N 738 16.37 -67.30 49.42
N LYS N 739 16.88 -67.24 50.65
CA LYS N 739 17.30 -65.98 51.25
C LYS N 739 18.82 -65.82 51.29
N ALA N 740 19.57 -66.91 51.21
CA ALA N 740 21.02 -66.88 51.07
C ALA N 740 21.39 -66.97 49.60
N GLN N 741 22.55 -66.40 49.24
CA GLN N 741 22.93 -66.27 47.83
C GLN N 741 24.30 -66.91 47.58
N ASP N 742 24.29 -68.23 47.39
CA ASP N 742 25.46 -69.02 47.03
C ASP N 742 24.94 -70.39 46.58
N LEU N 743 25.79 -71.12 45.88
CA LEU N 743 25.55 -72.56 45.75
C LEU N 743 26.19 -73.33 46.89
N ASP N 744 27.32 -72.83 47.39
CA ASP N 744 27.96 -73.45 48.54
C ASP N 744 27.25 -73.16 49.86
N HIS N 745 26.37 -72.16 49.90
CA HIS N 745 25.52 -71.98 51.07
C HIS N 745 24.25 -72.80 50.99
N ILE N 746 23.87 -73.29 49.80
CA ILE N 746 22.78 -74.25 49.71
C ILE N 746 23.17 -75.54 50.42
N ILE N 747 24.37 -76.06 50.12
CA ILE N 747 24.83 -77.27 50.79
C ILE N 747 25.21 -76.97 52.24
N ALA N 748 25.71 -75.76 52.53
CA ALA N 748 25.98 -75.39 53.92
C ALA N 748 24.69 -75.23 54.72
N ALA N 749 23.60 -74.84 54.06
CA ALA N 749 22.29 -74.97 54.66
C ALA N 749 21.83 -76.42 54.66
N HIS N 750 22.28 -77.21 53.69
CA HIS N 750 21.79 -78.60 53.60
C HIS N 750 22.57 -79.50 54.55
N ASP N 751 23.90 -79.34 54.67
CA ASP N 751 24.69 -80.28 55.47
C ASP N 751 24.42 -80.14 56.96
N VAL N 752 23.85 -79.02 57.40
CA VAL N 752 23.33 -78.92 58.76
C VAL N 752 21.89 -79.42 58.84
N PHE N 753 21.17 -79.48 57.71
CA PHE N 753 19.77 -79.90 57.75
C PHE N 753 19.65 -81.41 57.95
N LEU N 754 20.33 -82.20 57.11
CA LEU N 754 20.04 -83.63 57.05
C LEU N 754 20.62 -84.43 58.21
N ASP N 755 21.42 -83.83 59.07
CA ASP N 755 21.88 -84.49 60.28
C ASP N 755 21.23 -83.95 61.55
N THR N 756 20.43 -82.87 61.46
CA THR N 756 19.59 -82.49 62.58
C THR N 756 18.34 -83.36 62.66
N ILE N 757 17.80 -83.72 61.50
CA ILE N 757 16.52 -84.42 61.47
C ILE N 757 16.68 -85.89 61.83
N ILE N 758 17.80 -86.52 61.45
CA ILE N 758 18.02 -87.91 61.85
C ILE N 758 18.47 -87.98 63.32
N SER N 759 19.07 -86.92 63.86
CA SER N 759 19.42 -86.91 65.27
C SER N 759 18.20 -86.76 66.14
N ARG N 760 17.16 -86.10 65.64
CA ARG N 760 15.89 -86.04 66.34
C ARG N 760 15.00 -87.24 66.05
N CYS N 761 15.28 -87.99 64.97
CA CYS N 761 14.49 -89.18 64.65
C CYS N 761 15.02 -90.39 65.42
N LEU N 762 16.24 -90.85 65.09
CA LEU N 762 16.75 -92.04 65.76
C LEU N 762 18.19 -91.98 66.28
N LEU N 763 19.10 -91.38 65.52
CA LEU N 763 20.52 -91.70 65.65
C LEU N 763 21.30 -90.59 66.34
N ASP N 764 21.83 -90.90 67.52
CA ASP N 764 22.98 -90.21 68.10
C ASP N 764 23.85 -91.27 68.77
N SER N 765 25.06 -90.87 69.16
CA SER N 765 25.88 -91.76 69.97
C SER N 765 25.39 -91.83 71.41
N GLU N 766 24.67 -90.81 71.86
CA GLU N 766 24.05 -90.79 73.17
C GLU N 766 22.61 -91.30 73.15
N SER N 767 22.04 -91.52 71.96
CA SER N 767 20.65 -91.89 71.83
C SER N 767 20.40 -93.39 71.99
N ARG N 768 21.33 -94.13 72.60
CA ARG N 768 21.07 -95.53 72.94
C ARG N 768 19.95 -95.67 73.97
N ALA N 769 19.66 -94.61 74.72
CA ALA N 769 18.49 -94.54 75.59
C ALA N 769 17.23 -94.11 74.84
N LEU N 770 17.26 -94.02 73.51
CA LEU N 770 16.07 -93.72 72.72
C LEU N 770 15.56 -94.95 71.98
N LEU N 771 16.42 -95.60 71.20
CA LEU N 771 15.99 -96.70 70.35
C LEU N 771 15.98 -98.05 71.07
N ASN N 772 16.20 -98.07 72.39
CA ASN N 772 16.05 -99.29 73.16
C ASN N 772 14.61 -99.50 73.64
N GLN N 773 13.90 -98.42 73.95
CA GLN N 773 12.48 -98.53 74.28
C GLN N 773 11.58 -98.55 73.06
N LEU N 774 11.96 -97.83 72.00
CA LEU N 774 11.14 -97.82 70.79
C LEU N 774 11.22 -99.13 70.02
N ARG N 775 12.25 -99.94 70.27
CA ARG N 775 12.25 -101.32 69.81
C ARG N 775 11.62 -102.27 70.82
N ALA N 776 11.53 -101.85 72.10
CA ALA N 776 10.83 -102.64 73.10
C ALA N 776 9.32 -102.47 72.99
N VAL N 777 8.86 -101.35 72.45
CA VAL N 777 7.45 -101.19 72.12
C VAL N 777 7.15 -101.71 70.72
N PHE N 778 8.18 -101.90 69.88
CA PHE N 778 7.97 -102.38 68.52
C PHE N 778 7.66 -103.87 68.50
N ASP N 779 8.38 -104.67 69.27
CA ASP N 779 8.10 -106.10 69.33
C ASP N 779 6.95 -106.42 70.27
N GLN N 780 6.55 -105.48 71.13
CA GLN N 780 5.41 -105.70 72.01
C GLN N 780 4.09 -105.60 71.26
N ILE N 781 4.03 -104.74 70.24
CA ILE N 781 2.81 -104.66 69.43
C ILE N 781 2.74 -105.80 68.42
N ILE N 782 3.86 -106.46 68.13
CA ILE N 782 3.83 -107.71 67.38
C ILE N 782 3.29 -108.83 68.26
N GLU N 783 3.78 -108.89 69.51
CA GLU N 783 3.35 -109.93 70.45
C GLU N 783 1.88 -109.76 70.85
N PHE N 784 1.39 -108.52 70.89
CA PHE N 784 -0.02 -108.30 71.13
C PHE N 784 -0.87 -108.65 69.93
N GLN N 785 -0.29 -108.60 68.72
CA GLN N 785 -1.08 -108.80 67.51
C GLN N 785 -1.25 -110.28 67.18
N ASN N 786 -0.15 -111.04 67.18
CA ASN N 786 -0.23 -112.45 66.78
C ASN N 786 -0.96 -113.31 67.81
N ALA N 787 -1.00 -112.87 69.07
CA ALA N 787 -1.78 -113.58 70.08
C ALA N 787 -3.28 -113.34 69.95
N GLN N 788 -3.68 -112.23 69.30
CA GLN N 788 -5.11 -111.95 69.16
C GLN N 788 -5.75 -112.90 68.16
N ASP N 789 -5.20 -113.01 66.96
CA ASP N 789 -5.71 -113.96 65.98
C ASP N 789 -5.35 -115.41 66.30
N ALA N 790 -4.46 -115.64 67.27
CA ALA N 790 -4.31 -116.98 67.81
C ALA N 790 -5.47 -117.36 68.73
N LEU N 791 -6.17 -116.36 69.27
CA LEU N 791 -7.35 -116.60 70.10
C LEU N 791 -8.64 -116.14 69.46
N TYR N 792 -8.59 -115.25 68.47
CA TYR N 792 -9.80 -114.97 67.68
C TYR N 792 -10.17 -116.16 66.81
N ARG N 793 -9.19 -116.76 66.14
CA ARG N 793 -9.47 -117.89 65.24
C ARG N 793 -9.95 -119.12 66.01
N ALA N 794 -9.58 -119.25 67.28
CA ALA N 794 -10.20 -120.27 68.12
C ALA N 794 -11.62 -119.89 68.51
N ALA N 795 -11.86 -118.60 68.77
CA ALA N 795 -13.18 -118.15 69.16
C ALA N 795 -14.15 -118.03 68.00
N LEU N 796 -13.65 -117.94 66.77
CA LEU N 796 -14.51 -117.67 65.63
C LEU N 796 -14.82 -118.92 64.82
N GLU N 797 -13.86 -119.86 64.70
CA GLU N 797 -14.09 -121.08 63.93
C GLU N 797 -14.99 -122.06 64.69
N GLU N 798 -14.85 -122.12 66.01
CA GLU N 798 -15.67 -123.03 66.81
C GLU N 798 -17.14 -122.60 66.85
N LEU N 799 -17.42 -121.31 66.63
CA LEU N 799 -18.80 -120.88 66.50
C LEU N 799 -19.40 -121.32 65.18
N GLN N 800 -18.59 -121.44 64.12
CA GLN N 800 -19.07 -121.84 62.81
C GLN N 800 -19.57 -123.28 62.78
N GLN N 801 -19.06 -124.14 63.67
CA GLN N 801 -19.56 -125.50 63.76
C GLN N 801 -20.90 -125.56 64.49
N ARG N 802 -21.15 -124.60 65.38
CA ARG N 802 -22.41 -124.57 66.12
C ARG N 802 -23.58 -124.18 65.22
N LEU N 803 -23.34 -123.26 64.28
CA LEU N 803 -24.43 -122.73 63.47
C LEU N 803 -24.83 -123.69 62.35
N GLN N 804 -23.90 -124.47 61.82
CA GLN N 804 -24.27 -125.47 60.82
C GLN N 804 -24.94 -126.68 61.47
N PHE N 805 -24.65 -126.94 62.75
CA PHE N 805 -25.31 -128.04 63.45
C PHE N 805 -26.75 -127.67 63.80
N GLU N 806 -27.04 -126.38 63.92
CA GLU N 806 -28.42 -125.92 64.07
C GLU N 806 -29.23 -126.17 62.79
N GLU N 807 -28.57 -126.09 61.64
CA GLU N 807 -29.25 -126.34 60.38
C GLU N 807 -29.60 -127.82 60.20
N ARG N 808 -28.85 -128.71 60.83
CA ARG N 808 -29.15 -130.14 60.78
C ARG N 808 -30.33 -130.52 61.66
N LYS N 809 -30.77 -129.64 62.56
CA LYS N 809 -31.88 -129.95 63.44
C LYS N 809 -33.23 -129.86 62.73
N LYS N 810 -33.37 -128.93 61.77
CA LYS N 810 -34.62 -128.82 61.02
C LYS N 810 -34.70 -129.82 59.87
N GLU N 811 -33.57 -130.28 59.34
CA GLU N 811 -33.58 -131.22 58.23
C GLU N 811 -33.88 -132.64 58.65
N ARG N 812 -33.59 -133.00 59.92
CA ARG N 812 -33.90 -134.34 60.41
C ARG N 812 -35.39 -134.53 60.65
N GLU N 813 -36.13 -133.44 60.86
CA GLU N 813 -37.59 -133.53 61.00
C GLU N 813 -38.28 -133.62 59.64
N SER N 814 -37.70 -133.01 58.61
CA SER N 814 -38.31 -133.02 57.30
C SER N 814 -37.92 -134.25 56.48
N GLU N 815 -36.77 -134.85 56.78
CA GLU N 815 -36.35 -136.07 56.11
C GLU N 815 -37.04 -137.27 56.76
N THR N 821 -29.52 -138.76 69.01
CA THR N 821 -30.03 -137.67 69.82
C THR N 821 -29.15 -137.44 71.05
N ALA N 822 -28.84 -138.52 71.77
CA ALA N 822 -28.01 -138.41 72.97
C ALA N 822 -26.55 -138.12 72.61
N ALA N 823 -26.07 -138.66 71.47
CA ALA N 823 -24.75 -138.30 70.98
C ALA N 823 -24.74 -136.88 70.43
N GLU N 824 -25.89 -136.39 69.97
CA GLU N 824 -26.00 -135.00 69.52
C GLU N 824 -25.92 -134.04 70.70
N GLU N 825 -26.40 -134.45 71.87
CA GLU N 825 -26.27 -133.62 73.06
C GLU N 825 -24.85 -133.68 73.63
N ASP N 826 -24.15 -134.79 73.41
CA ASP N 826 -22.77 -134.94 73.86
C ASP N 826 -21.85 -133.96 73.14
N VAL N 827 -21.96 -133.90 71.81
CA VAL N 827 -21.08 -133.04 71.02
C VAL N 827 -21.39 -131.56 71.29
N GLU N 828 -22.65 -131.25 71.61
CA GLU N 828 -22.99 -129.91 72.10
C GLU N 828 -22.30 -129.59 73.41
N ASN N 829 -22.23 -130.57 74.33
CA ASN N 829 -21.51 -130.35 75.58
C ASN N 829 -20.00 -130.29 75.35
N LYS N 830 -19.51 -130.92 74.29
CA LYS N 830 -18.09 -130.83 73.98
C LYS N 830 -17.74 -129.46 73.39
N ARG N 831 -18.64 -128.88 72.57
CA ARG N 831 -18.41 -127.54 72.05
C ARG N 831 -18.41 -126.50 73.15
N ILE N 832 -19.34 -126.61 74.10
CA ILE N 832 -19.41 -125.69 75.24
C ILE N 832 -18.16 -125.80 76.09
N GLN N 833 -17.63 -127.02 76.25
CA GLN N 833 -16.35 -127.20 76.93
C GLN N 833 -15.21 -126.59 76.14
N GLU N 834 -15.27 -126.67 74.81
CA GLU N 834 -14.28 -125.96 74.00
C GLU N 834 -14.54 -124.46 73.97
N PHE N 835 -15.81 -124.04 74.09
CA PHE N 835 -16.08 -122.62 74.34
C PHE N 835 -15.59 -122.22 75.73
N GLN N 836 -15.70 -123.13 76.70
CA GLN N 836 -15.23 -122.83 78.04
C GLN N 836 -13.70 -122.85 78.10
N GLU N 837 -13.05 -123.62 77.24
CA GLU N 837 -11.59 -123.69 77.29
C GLU N 837 -10.97 -122.40 76.78
N SER N 838 -11.49 -121.85 75.68
CA SER N 838 -10.84 -120.74 75.01
C SER N 838 -10.94 -119.42 75.75
N ILE N 839 -11.88 -119.28 76.69
CA ILE N 839 -12.08 -117.97 77.30
C ILE N 839 -11.06 -117.72 78.42
N PRO N 840 -10.79 -118.63 79.39
CA PRO N 840 -9.62 -118.39 80.27
C PRO N 840 -8.28 -118.48 79.57
N LYS N 841 -8.17 -119.21 78.45
CA LYS N 841 -6.93 -119.16 77.68
C LYS N 841 -6.73 -117.78 77.05
N MET N 842 -7.83 -117.08 76.72
CA MET N 842 -7.70 -115.72 76.26
C MET N 842 -7.51 -114.77 77.45
N ARG N 843 -8.16 -115.05 78.58
CA ARG N 843 -7.98 -114.23 79.78
C ARG N 843 -6.56 -114.33 80.31
N SER N 844 -5.96 -115.52 80.26
CA SER N 844 -4.59 -115.67 80.74
C SER N 844 -3.58 -115.07 79.77
N GLN N 845 -3.86 -115.15 78.46
CA GLN N 845 -3.00 -114.57 77.45
C GLN N 845 -3.31 -113.10 77.19
N LEU N 846 -4.17 -112.49 78.00
CA LEU N 846 -4.38 -111.04 77.98
C LEU N 846 -3.89 -110.37 79.25
N ARG N 847 -4.08 -111.02 80.41
CA ARG N 847 -3.63 -110.43 81.66
C ARG N 847 -2.12 -110.49 81.80
N ILE N 848 -1.44 -111.34 81.04
CA ILE N 848 0.02 -111.36 81.06
C ILE N 848 0.62 -110.39 80.04
N LEU N 849 -0.14 -110.02 79.00
CA LEU N 849 0.35 -109.04 78.04
C LEU N 849 0.02 -107.61 78.43
N THR N 850 -1.03 -107.39 79.22
CA THR N 850 -1.26 -106.07 79.78
C THR N 850 -0.34 -105.79 80.97
N HIS N 851 0.29 -106.82 81.54
CA HIS N 851 1.36 -106.61 82.49
C HIS N 851 2.67 -106.24 81.80
N PHE N 852 2.87 -106.76 80.57
CA PHE N 852 4.03 -106.35 79.78
C PHE N 852 3.88 -104.91 79.30
N TYR N 853 2.67 -104.53 78.88
CA TYR N 853 2.43 -103.16 78.43
C TYR N 853 2.51 -102.16 79.58
N GLN N 854 2.11 -102.58 80.78
CA GLN N 854 2.28 -101.73 81.96
C GLN N 854 3.74 -101.57 82.32
N GLY N 855 4.55 -102.60 82.09
CA GLY N 855 5.99 -102.49 82.28
C GLY N 855 6.68 -101.69 81.21
N ILE N 856 6.12 -101.69 79.98
CA ILE N 856 6.69 -100.89 78.91
C ILE N 856 6.42 -99.41 79.13
N VAL N 857 5.17 -99.07 79.50
CA VAL N 857 4.76 -97.67 79.62
C VAL N 857 5.42 -96.98 80.81
N GLN N 858 5.92 -97.73 81.79
CA GLN N 858 6.65 -97.14 82.90
C GLN N 858 8.14 -97.03 82.61
N GLN N 859 8.71 -97.98 81.86
CA GLN N 859 10.10 -97.89 81.45
C GLN N 859 10.31 -96.95 80.28
N PHE N 860 9.22 -96.59 79.57
CA PHE N 860 9.31 -95.63 78.48
C PHE N 860 9.54 -94.21 78.97
N LEU N 861 9.25 -93.94 80.25
CA LEU N 861 9.41 -92.61 80.83
C LEU N 861 10.83 -92.38 81.31
N VAL N 862 11.42 -93.36 81.99
CA VAL N 862 12.70 -93.14 82.64
C VAL N 862 13.87 -93.20 81.67
N LEU N 863 13.74 -93.98 80.59
CA LEU N 863 14.86 -94.09 79.65
C LEU N 863 14.96 -92.86 78.76
N LEU N 864 13.84 -92.17 78.53
CA LEU N 864 13.83 -90.97 77.71
C LEU N 864 14.17 -89.71 78.49
N THR N 865 14.47 -89.82 79.78
CA THR N 865 14.86 -88.69 80.60
C THR N 865 16.35 -88.74 80.98
N THR N 866 17.16 -89.51 80.25
CA THR N 866 18.58 -89.68 80.56
C THR N 866 19.39 -89.46 79.28
N SER N 867 19.74 -88.20 79.01
CA SER N 867 20.71 -87.86 77.97
C SER N 867 21.36 -86.54 78.36
N THR N 868 22.40 -86.17 77.62
CA THR N 868 23.39 -85.20 78.09
C THR N 868 23.12 -83.80 77.55
N ASP N 869 22.05 -83.19 78.08
CA ASP N 869 21.79 -81.74 78.04
C ASP N 869 21.73 -81.17 76.62
N GLU N 870 20.92 -81.82 75.78
CA GLU N 870 20.59 -81.33 74.45
C GLU N 870 19.10 -81.06 74.45
N SER N 871 18.46 -80.89 73.29
CA SER N 871 17.00 -80.75 73.24
C SER N 871 16.29 -82.06 73.57
N LEU N 872 16.46 -82.49 74.82
CA LEU N 872 15.70 -83.55 75.46
C LEU N 872 14.65 -82.99 76.39
N ARG N 873 14.88 -81.77 76.91
CA ARG N 873 13.85 -81.04 77.65
C ARG N 873 12.63 -80.77 76.79
N PHE N 874 12.80 -80.66 75.48
CA PHE N 874 11.66 -80.66 74.56
C PHE N 874 11.08 -82.06 74.41
N LEU N 875 11.93 -83.10 74.46
CA LEU N 875 11.43 -84.46 74.28
C LEU N 875 10.88 -85.02 75.58
N SER N 876 11.49 -84.70 76.72
CA SER N 876 10.95 -85.06 78.03
C SER N 876 9.67 -84.30 78.37
N PHE N 877 9.32 -83.32 77.55
CA PHE N 877 8.16 -82.49 77.70
C PHE N 877 6.91 -83.16 77.12
N ARG N 878 7.09 -83.85 76.00
CA ARG N 878 5.97 -84.28 75.18
C ARG N 878 5.36 -85.59 75.65
N LEU N 879 6.16 -86.50 76.20
CA LEU N 879 5.62 -87.80 76.59
C LEU N 879 4.86 -87.75 77.90
N ASP N 880 5.16 -86.78 78.77
CA ASP N 880 4.36 -86.60 79.97
C ASP N 880 3.01 -85.97 79.61
N PHE N 881 2.97 -85.19 78.53
CA PHE N 881 1.73 -84.56 78.08
C PHE N 881 0.78 -85.58 77.46
N ASN N 882 1.31 -86.67 76.90
CA ASN N 882 0.48 -87.62 76.17
C ASN N 882 -0.21 -88.61 77.10
N GLU N 883 0.49 -89.10 78.13
CA GLU N 883 -0.10 -90.14 78.98
C GLU N 883 -1.11 -89.57 79.96
N HIS N 884 -0.97 -88.30 80.34
CA HIS N 884 -1.86 -87.67 81.32
C HIS N 884 -3.00 -86.90 80.68
N TYR N 885 -2.79 -86.34 79.49
CA TYR N 885 -3.82 -85.55 78.84
C TYR N 885 -4.16 -86.16 77.47
N GLU O 246 90.03 -41.25 8.12
CA GLU O 246 88.68 -41.14 8.63
C GLU O 246 87.71 -40.76 7.51
N THR O 247 87.76 -39.50 7.06
CA THR O 247 86.83 -39.02 6.04
C THR O 247 87.16 -39.61 4.68
N SER O 248 88.42 -39.92 4.42
CA SER O 248 88.80 -40.57 3.17
C SER O 248 88.25 -42.00 3.09
N LEU O 249 88.08 -42.66 4.24
CA LEU O 249 87.43 -43.96 4.26
C LEU O 249 85.92 -43.83 4.11
N VAL O 250 85.35 -42.70 4.52
CA VAL O 250 83.94 -42.44 4.28
C VAL O 250 83.70 -42.20 2.78
N ARG O 251 84.63 -41.52 2.11
CA ARG O 251 84.50 -41.35 0.68
C ARG O 251 84.75 -42.65 -0.08
N ASP O 252 85.63 -43.51 0.45
CA ASP O 252 86.01 -44.74 -0.25
C ASP O 252 84.85 -45.74 -0.31
N LEU O 253 83.99 -45.75 0.70
CA LEU O 253 82.84 -46.66 0.69
C LEU O 253 81.73 -46.20 -0.25
N LEU O 254 81.65 -44.90 -0.55
CA LEU O 254 80.67 -44.40 -1.51
C LEU O 254 80.90 -44.97 -2.91
N TYR O 255 82.15 -45.20 -3.27
CA TYR O 255 82.48 -45.57 -4.63
C TYR O 255 82.25 -47.05 -4.90
N VAL O 256 82.46 -47.90 -3.88
CA VAL O 256 82.12 -49.31 -3.99
C VAL O 256 80.63 -49.53 -3.78
N PHE O 257 79.94 -48.62 -3.09
CA PHE O 257 78.49 -48.71 -2.99
C PHE O 257 77.82 -48.45 -4.34
N GLN O 258 78.42 -47.57 -5.15
CA GLN O 258 77.93 -47.31 -6.50
C GLN O 258 78.40 -48.35 -7.50
N GLY O 259 79.43 -49.12 -7.16
CA GLY O 259 80.10 -49.93 -8.17
C GLY O 259 81.36 -50.61 -7.68
N ILE O 260 82.46 -50.39 -8.38
CA ILE O 260 83.70 -51.11 -8.19
C ILE O 260 84.67 -50.11 -7.55
N ASP O 261 85.90 -50.55 -7.26
CA ASP O 261 86.79 -50.02 -6.23
C ASP O 261 87.03 -48.52 -6.30
N GLY O 262 87.28 -47.93 -5.13
CA GLY O 262 87.38 -46.50 -4.98
C GLY O 262 88.79 -45.95 -4.96
N LYS O 263 89.27 -45.57 -3.77
CA LYS O 263 90.59 -44.95 -3.64
C LYS O 263 91.70 -45.95 -3.94
N PHE O 264 91.66 -47.11 -3.29
CA PHE O 264 92.63 -48.16 -3.50
C PHE O 264 92.04 -49.27 -4.36
N VAL O 265 92.85 -50.26 -4.68
CA VAL O 265 92.39 -51.43 -5.41
C VAL O 265 91.99 -52.49 -4.39
N LYS O 266 90.96 -53.28 -4.73
CA LYS O 266 90.39 -54.26 -3.81
C LYS O 266 90.42 -55.68 -4.34
N MET O 267 90.65 -55.86 -5.65
CA MET O 267 91.00 -57.12 -6.37
C MET O 267 90.10 -58.32 -6.04
N CYS O 268 88.86 -58.10 -5.60
CA CYS O 268 87.95 -59.21 -5.32
C CYS O 268 86.56 -58.84 -5.81
N ASN O 269 86.10 -59.51 -6.86
CA ASN O 269 84.72 -59.41 -7.31
C ASN O 269 83.90 -60.60 -6.87
N SER O 270 84.48 -61.50 -6.08
CA SER O 270 83.78 -62.69 -5.61
C SER O 270 83.96 -62.81 -4.11
N GLU O 271 82.94 -63.37 -3.45
CA GLU O 271 82.83 -63.93 -2.09
C GLU O 271 82.99 -62.91 -0.97
N ASN O 272 83.53 -61.73 -1.27
CA ASN O 272 83.20 -60.37 -0.82
C ASN O 272 84.25 -59.46 -1.43
N CYS O 273 83.97 -58.16 -1.53
CA CYS O 273 84.90 -57.22 -2.16
C CYS O 273 85.79 -56.58 -1.11
N TYR O 274 86.72 -57.39 -0.58
CA TYR O 274 87.45 -57.03 0.62
C TYR O 274 88.43 -55.90 0.39
N LYS O 275 88.42 -54.93 1.30
CA LYS O 275 89.23 -53.73 1.17
C LYS O 275 90.61 -53.95 1.75
N VAL O 276 91.64 -53.57 0.99
CA VAL O 276 93.03 -53.67 1.41
C VAL O 276 93.60 -52.26 1.46
N ASP O 277 94.07 -51.86 2.64
CA ASP O 277 94.71 -50.57 2.82
C ASP O 277 96.23 -50.64 2.80
N GLY O 278 96.81 -51.79 3.12
CA GLY O 278 98.25 -51.92 3.10
C GLY O 278 98.97 -51.24 4.24
N LYS O 279 98.27 -50.93 5.33
CA LYS O 279 98.87 -50.27 6.48
C LYS O 279 98.72 -51.14 7.72
N VAL O 280 99.79 -51.21 8.50
CA VAL O 280 99.81 -52.03 9.71
C VAL O 280 99.84 -51.19 10.98
N ALA O 281 100.45 -49.99 10.94
CA ALA O 281 100.54 -49.13 12.11
C ALA O 281 99.22 -48.47 12.49
N VAL O 282 98.22 -48.53 11.62
CA VAL O 282 96.88 -48.05 11.91
C VAL O 282 96.18 -49.03 12.84
N SER O 283 95.04 -48.62 13.38
CA SER O 283 94.27 -49.49 14.27
C SER O 283 93.69 -50.67 13.49
N LYS O 284 93.40 -51.75 14.23
CA LYS O 284 92.84 -52.97 13.66
C LYS O 284 91.32 -52.92 13.57
N SER O 285 90.72 -51.73 13.66
CA SER O 285 89.28 -51.55 13.64
C SER O 285 88.77 -51.03 12.31
N LEU O 286 89.62 -50.94 11.28
CA LEU O 286 89.13 -50.62 9.95
C LEU O 286 88.82 -51.87 9.14
N LYS O 287 89.46 -53.00 9.47
CA LYS O 287 89.30 -54.21 8.68
C LYS O 287 87.92 -54.84 8.82
N ASP O 288 87.23 -54.61 9.93
CA ASP O 288 85.90 -55.18 10.12
C ASP O 288 84.79 -54.30 9.59
N ILE O 289 84.97 -52.98 9.66
CA ILE O 289 84.02 -52.06 9.04
C ILE O 289 84.06 -52.22 7.53
N THR O 290 85.27 -52.22 6.95
CA THR O 290 85.42 -52.45 5.53
C THR O 290 85.09 -53.87 5.10
N SER O 291 84.98 -54.80 6.05
CA SER O 291 84.40 -56.10 5.71
C SER O 291 82.89 -55.98 5.55
N LYS O 292 82.26 -55.08 6.31
CA LYS O 292 80.84 -54.84 6.11
C LYS O 292 80.57 -54.03 4.87
N LEU O 293 81.56 -53.29 4.38
CA LEU O 293 81.32 -52.48 3.19
C LEU O 293 81.46 -53.33 1.94
N SER O 294 82.03 -54.53 2.09
CA SER O 294 82.29 -55.45 1.00
C SER O 294 81.05 -56.25 0.63
N GLU O 295 80.27 -56.66 1.63
CA GLU O 295 79.03 -57.39 1.36
C GLU O 295 77.97 -56.50 0.74
N LEU O 296 78.07 -55.19 0.92
CA LEU O 296 77.17 -54.26 0.25
C LEU O 296 77.63 -53.97 -1.17
N GLY O 297 78.93 -54.05 -1.42
CA GLY O 297 79.48 -53.83 -2.74
C GLY O 297 79.48 -55.07 -3.62
N TRP O 298 79.69 -56.24 -3.01
CA TRP O 298 79.59 -57.48 -3.77
C TRP O 298 78.15 -57.79 -4.14
N LEU O 299 77.20 -57.48 -3.25
CA LEU O 299 75.81 -57.61 -3.60
C LEU O 299 75.37 -56.58 -4.62
N HIS O 300 76.08 -55.46 -4.72
CA HIS O 300 75.70 -54.42 -5.67
C HIS O 300 76.05 -54.80 -7.10
N ASN O 301 77.26 -55.32 -7.33
CA ASN O 301 77.67 -55.63 -8.69
C ASN O 301 77.02 -56.91 -9.23
N LYS O 302 76.50 -57.78 -8.35
CA LYS O 302 75.76 -58.95 -8.82
C LYS O 302 74.41 -58.54 -9.39
N ILE O 303 73.81 -57.47 -8.88
CA ILE O 303 72.57 -56.97 -9.43
C ILE O 303 72.84 -56.19 -10.71
N LYS O 304 73.96 -55.46 -10.75
CA LYS O 304 74.31 -54.67 -11.93
C LYS O 304 74.70 -55.55 -13.10
N LYS O 305 75.32 -56.71 -12.85
CA LYS O 305 75.65 -57.59 -13.95
C LYS O 305 74.43 -58.32 -14.48
N TYR O 306 73.42 -58.55 -13.63
CA TYR O 306 72.22 -59.28 -14.06
C TYR O 306 71.43 -58.46 -15.06
N THR O 307 71.43 -57.14 -14.90
CA THR O 307 70.78 -56.26 -15.87
C THR O 307 71.56 -56.16 -17.17
N ASP O 308 72.84 -56.56 -17.18
CA ASP O 308 73.63 -56.51 -18.39
C ASP O 308 73.40 -57.76 -19.25
N GLN O 309 73.26 -58.93 -18.62
CA GLN O 309 72.90 -60.15 -19.32
C GLN O 309 71.40 -60.26 -19.57
N ARG O 310 70.65 -59.22 -19.22
CA ARG O 310 69.21 -59.19 -19.45
C ARG O 310 68.87 -58.99 -20.91
N SER O 311 69.72 -58.28 -21.66
CA SER O 311 69.36 -57.62 -22.90
C SER O 311 69.03 -58.63 -23.99
N LEU O 312 67.73 -58.78 -24.27
CA LEU O 312 67.21 -59.61 -25.34
C LEU O 312 66.23 -58.77 -26.12
N ASP O 313 65.77 -59.29 -27.27
CA ASP O 313 64.65 -58.65 -27.96
C ASP O 313 63.42 -58.75 -27.07
N ARG O 314 62.87 -59.97 -26.99
CA ARG O 314 62.25 -60.49 -25.78
C ARG O 314 62.36 -62.01 -25.94
N ALA O 315 63.44 -62.58 -25.41
CA ALA O 315 63.81 -63.95 -25.73
C ALA O 315 63.51 -64.86 -24.55
N PHE O 316 62.95 -66.03 -24.88
CA PHE O 316 62.41 -67.06 -23.99
C PHE O 316 61.68 -66.51 -22.76
N GLY O 317 60.78 -65.55 -22.97
CA GLY O 317 59.86 -65.14 -21.92
C GLY O 317 59.57 -63.67 -21.77
N LEU O 318 58.30 -63.33 -21.60
CA LEU O 318 57.91 -62.02 -21.08
C LEU O 318 58.05 -61.97 -19.57
N VAL O 319 57.92 -63.12 -18.91
CA VAL O 319 57.94 -63.20 -17.45
C VAL O 319 59.34 -62.92 -16.91
N GLY O 320 60.37 -63.49 -17.56
CA GLY O 320 61.73 -63.34 -17.08
C GLY O 320 62.27 -61.93 -17.19
N GLN O 321 61.77 -61.15 -18.14
CA GLN O 321 62.18 -59.77 -18.28
C GLN O 321 61.15 -58.79 -17.72
N SER O 322 60.21 -59.28 -16.91
CA SER O 322 59.51 -58.41 -15.97
C SER O 322 60.13 -58.53 -14.58
N PHE O 323 60.51 -59.75 -14.19
CA PHE O 323 61.22 -59.99 -12.94
C PHE O 323 62.54 -59.23 -12.88
N CYS O 324 63.24 -59.11 -14.01
CA CYS O 324 64.42 -58.25 -14.10
C CYS O 324 64.05 -56.79 -13.94
N ALA O 325 62.92 -56.39 -14.52
CA ALA O 325 62.48 -55.00 -14.42
C ALA O 325 62.07 -54.70 -13.00
N ALA O 326 61.50 -55.69 -12.31
CA ALA O 326 61.36 -55.60 -10.86
C ALA O 326 62.71 -55.56 -10.17
N LEU O 327 63.68 -56.33 -10.69
CA LEU O 327 65.00 -56.34 -10.07
C LEU O 327 65.75 -55.04 -10.34
N HIS O 328 65.38 -54.30 -11.38
CA HIS O 328 65.88 -52.94 -11.49
C HIS O 328 65.04 -51.97 -10.67
N GLN O 329 63.77 -52.31 -10.40
CA GLN O 329 62.94 -51.54 -9.48
C GLN O 329 63.37 -51.74 -8.03
N GLU O 330 64.03 -52.88 -7.72
CA GLU O 330 64.75 -53.05 -6.47
C GLU O 330 66.02 -52.21 -6.41
N LEU O 331 66.63 -51.93 -7.56
CA LEU O 331 67.91 -51.23 -7.59
C LEU O 331 67.76 -49.75 -7.32
N LYS O 332 66.60 -49.17 -7.66
CA LYS O 332 66.38 -47.74 -7.39
C LYS O 332 66.24 -47.48 -5.90
N GLU O 333 65.88 -48.49 -5.10
CA GLU O 333 65.80 -48.30 -3.67
C GLU O 333 67.16 -48.41 -3.00
N TYR O 334 68.12 -49.13 -3.59
CA TYR O 334 69.47 -49.07 -3.03
C TYR O 334 70.15 -47.75 -3.35
N TYR O 335 69.80 -47.15 -4.48
CA TYR O 335 70.43 -45.89 -4.89
C TYR O 335 69.89 -44.70 -4.09
N ARG O 336 68.60 -44.70 -3.71
CA ARG O 336 68.09 -43.60 -2.89
C ARG O 336 68.73 -43.58 -1.51
N LEU O 337 69.20 -44.71 -1.03
CA LEU O 337 69.98 -44.73 0.21
C LEU O 337 71.32 -44.02 0.04
N LEU O 338 71.94 -44.20 -1.13
CA LEU O 338 73.28 -43.64 -1.36
C LEU O 338 73.24 -42.12 -1.43
N SER O 339 72.09 -41.54 -1.77
CA SER O 339 71.96 -40.09 -1.80
C SER O 339 71.64 -39.50 -0.45
N VAL O 340 70.86 -40.20 0.38
CA VAL O 340 70.54 -39.62 1.68
C VAL O 340 71.75 -39.68 2.62
N LEU O 341 72.65 -40.65 2.44
CA LEU O 341 73.84 -40.67 3.27
C LEU O 341 74.88 -39.67 2.79
N HIS O 342 74.88 -39.34 1.50
CA HIS O 342 75.77 -38.30 0.97
C HIS O 342 75.22 -36.91 1.29
N SER O 343 73.89 -36.76 1.35
CA SER O 343 73.38 -35.52 1.91
C SER O 343 73.50 -35.49 3.43
N GLN O 344 73.70 -36.66 4.06
CA GLN O 344 74.03 -36.71 5.49
C GLN O 344 75.48 -36.29 5.74
N LEU O 345 76.35 -36.37 4.72
CA LEU O 345 77.77 -36.04 4.80
C LEU O 345 78.05 -34.57 5.13
N GLN O 346 77.02 -33.71 5.18
CA GLN O 346 77.14 -32.27 5.30
C GLN O 346 77.84 -31.86 6.60
N VAL O 347 79.11 -31.49 6.49
CA VAL O 347 79.94 -31.11 7.61
C VAL O 347 80.56 -29.76 7.29
N GLU O 348 80.20 -28.74 8.07
CA GLU O 348 80.64 -27.38 7.80
C GLU O 348 80.74 -26.58 9.08
N SER O 359 75.73 -33.34 11.37
CA SER O 359 76.03 -34.76 11.53
C SER O 359 77.53 -34.98 11.51
N SER O 360 78.00 -35.97 12.28
CA SER O 360 79.42 -36.29 12.34
C SER O 360 79.72 -37.43 11.38
N LEU O 361 80.87 -37.35 10.73
CA LEU O 361 81.29 -38.38 9.76
C LEU O 361 82.11 -39.43 10.49
N THR O 362 81.41 -40.35 11.13
CA THR O 362 82.02 -41.55 11.69
C THR O 362 81.50 -42.77 10.96
N LEU O 363 82.24 -43.87 11.09
CA LEU O 363 81.90 -45.08 10.37
C LEU O 363 80.76 -45.84 11.05
N ARG O 364 80.46 -45.53 12.31
CA ARG O 364 79.52 -46.33 13.09
C ARG O 364 78.09 -45.84 12.94
N ARG O 365 77.90 -44.53 12.74
CA ARG O 365 76.55 -44.01 12.49
C ARG O 365 76.08 -44.41 11.10
N LEU O 366 77.01 -44.49 10.14
CA LEU O 366 76.66 -44.98 8.82
C LEU O 366 76.43 -46.49 8.80
N LEU O 367 76.96 -47.20 9.82
CA LEU O 367 76.72 -48.64 9.93
C LEU O 367 75.25 -48.95 10.16
N VAL O 368 74.56 -48.17 10.98
CA VAL O 368 73.13 -48.39 11.15
C VAL O 368 72.33 -47.73 10.04
N TRP O 369 72.94 -46.77 9.33
CA TRP O 369 72.34 -46.24 8.12
C TRP O 369 72.51 -47.16 6.93
N THR O 370 73.40 -48.15 7.01
CA THR O 370 73.47 -49.20 6.02
C THR O 370 72.93 -50.53 6.53
N PHE O 371 72.55 -50.60 7.81
CA PHE O 371 71.97 -51.84 8.36
C PHE O 371 70.54 -52.04 7.90
N ASP O 372 69.79 -50.97 7.71
CA ASP O 372 68.43 -51.09 7.17
C ASP O 372 68.42 -51.35 5.66
N PRO O 373 69.36 -50.84 4.85
CA PRO O 373 69.54 -51.43 3.51
C PRO O 373 70.05 -52.86 3.53
N LYS O 374 70.73 -53.29 4.60
CA LYS O 374 71.30 -54.63 4.64
C LYS O 374 70.21 -55.69 4.70
N ILE O 375 69.15 -55.43 5.47
CA ILE O 375 68.03 -56.37 5.53
C ILE O 375 67.24 -56.36 4.23
N ARG O 376 67.33 -55.27 3.45
CA ARG O 376 66.61 -55.21 2.19
C ARG O 376 67.35 -56.02 1.13
N LEU O 377 68.62 -55.66 0.89
CA LEU O 377 69.36 -56.18 -0.25
C LEU O 377 69.83 -57.63 -0.04
N LYS O 378 69.85 -58.12 1.19
CA LYS O 378 70.26 -59.50 1.42
C LYS O 378 69.16 -60.52 1.17
N THR O 379 67.88 -60.14 1.30
CA THR O 379 66.83 -61.01 0.81
C THR O 379 66.60 -60.83 -0.69
N LEU O 380 67.20 -59.81 -1.29
CA LEU O 380 67.23 -59.72 -2.74
C LEU O 380 68.26 -60.69 -3.30
N ALA O 381 69.30 -60.97 -2.51
CA ALA O 381 70.28 -61.99 -2.87
C ALA O 381 69.65 -63.37 -2.86
N ALA O 382 68.65 -63.61 -2.01
CA ALA O 382 67.95 -64.88 -2.02
C ALA O 382 67.05 -65.00 -3.25
N LEU O 383 66.61 -63.89 -3.81
CA LEU O 383 65.75 -63.93 -4.98
C LEU O 383 66.52 -64.13 -6.28
N VAL O 384 67.80 -63.80 -6.30
CA VAL O 384 68.60 -64.01 -7.51
C VAL O 384 69.30 -65.37 -7.49
N ASP O 385 69.59 -65.90 -6.29
CA ASP O 385 70.18 -67.24 -6.20
C ASP O 385 69.19 -68.33 -6.60
N HIS O 386 67.89 -68.10 -6.42
CA HIS O 386 66.89 -69.12 -6.71
C HIS O 386 66.67 -69.30 -8.20
N CYS O 387 66.93 -68.27 -9.01
CA CYS O 387 66.64 -68.29 -10.44
C CYS O 387 67.88 -67.89 -11.21
N GLN O 388 68.44 -68.81 -11.99
CA GLN O 388 69.49 -68.47 -12.93
C GLN O 388 68.97 -68.36 -14.36
N GLY O 389 67.80 -68.92 -14.65
CA GLY O 389 67.19 -68.82 -15.95
C GLY O 389 66.13 -67.74 -16.01
N ARG O 390 65.75 -67.39 -17.24
CA ARG O 390 64.75 -66.35 -17.47
C ARG O 390 63.47 -66.90 -18.07
N LYS O 391 63.28 -68.22 -18.06
CA LYS O 391 62.07 -68.80 -18.61
C LYS O 391 60.94 -68.69 -17.60
N GLY O 392 59.78 -68.23 -18.06
CA GLY O 392 58.63 -68.09 -17.19
C GLY O 392 58.02 -69.42 -16.82
N GLY O 393 57.07 -69.36 -15.90
CA GLY O 393 56.43 -70.57 -15.37
C GLY O 393 57.15 -71.12 -14.17
N GLU O 394 58.45 -71.41 -14.31
CA GLU O 394 59.25 -71.81 -13.16
C GLU O 394 59.59 -70.63 -12.26
N LEU O 395 59.45 -69.40 -12.76
CA LEU O 395 59.58 -68.23 -11.91
C LEU O 395 58.33 -67.98 -11.08
N ALA O 396 57.18 -68.49 -11.52
CA ALA O 396 55.97 -68.38 -10.72
C ALA O 396 56.00 -69.31 -9.53
N SER O 397 56.63 -70.48 -9.67
CA SER O 397 56.87 -71.35 -8.53
C SER O 397 58.02 -70.88 -7.66
N ALA O 398 58.80 -69.91 -8.12
CA ALA O 398 59.91 -69.37 -7.32
C ALA O 398 59.41 -68.37 -6.30
N VAL O 399 58.68 -67.34 -6.74
CA VAL O 399 58.23 -66.30 -5.85
C VAL O 399 57.09 -66.76 -4.95
N HIS O 400 56.34 -67.78 -5.38
CA HIS O 400 55.30 -68.33 -4.51
C HIS O 400 55.86 -69.25 -3.45
N ALA O 401 57.08 -69.79 -3.67
CA ALA O 401 57.79 -70.46 -2.59
C ALA O 401 58.38 -69.48 -1.60
N TYR O 402 58.51 -68.20 -1.97
CA TYR O 402 59.04 -67.19 -1.08
C TYR O 402 57.96 -66.46 -0.31
N THR O 403 56.71 -66.44 -0.80
CA THR O 403 55.59 -65.95 -0.02
C THR O 403 55.05 -66.98 0.94
N LYS O 404 55.49 -68.25 0.83
CA LYS O 404 55.10 -69.27 1.79
C LYS O 404 55.72 -69.00 3.16
N THR O 405 56.88 -68.35 3.19
CA THR O 405 57.47 -67.91 4.44
C THR O 405 56.66 -66.77 5.03
N GLY O 406 56.65 -66.68 6.36
CA GLY O 406 55.98 -65.61 7.06
C GLY O 406 56.78 -64.34 7.07
N ASP O 407 56.66 -63.58 8.18
CA ASP O 407 57.43 -62.36 8.47
C ASP O 407 57.23 -61.30 7.39
N PRO O 408 56.12 -60.55 7.40
CA PRO O 408 55.86 -59.54 6.35
C PRO O 408 56.82 -58.35 6.40
N TYR O 409 58.11 -58.63 6.21
CA TYR O 409 59.13 -57.63 5.96
C TYR O 409 59.65 -57.76 4.54
N MET O 410 60.09 -58.95 4.16
CA MET O 410 60.36 -59.31 2.78
C MET O 410 59.19 -60.03 2.12
N ARG O 411 58.21 -60.49 2.92
CA ARG O 411 57.04 -61.16 2.36
C ARG O 411 56.17 -60.16 1.61
N SER O 412 56.16 -58.90 2.05
CA SER O 412 55.51 -57.85 1.27
C SER O 412 56.30 -57.54 0.01
N LEU O 413 57.63 -57.67 0.07
CA LEU O 413 58.46 -57.39 -1.10
C LEU O 413 58.31 -58.46 -2.18
N VAL O 414 58.28 -59.73 -1.78
CA VAL O 414 58.07 -60.78 -2.78
C VAL O 414 56.62 -60.86 -3.22
N GLN O 415 55.69 -60.28 -2.46
CA GLN O 415 54.32 -60.16 -2.93
C GLN O 415 54.21 -59.10 -4.03
N HIS O 416 55.06 -58.08 -3.97
CA HIS O 416 55.18 -57.15 -5.09
C HIS O 416 55.72 -57.86 -6.32
N ILE O 417 56.64 -58.81 -6.12
CA ILE O 417 57.13 -59.62 -7.22
C ILE O 417 56.08 -60.65 -7.63
N LEU O 418 55.25 -61.12 -6.68
CA LEU O 418 54.26 -62.15 -6.98
C LEU O 418 53.19 -61.63 -7.93
N GLY O 419 52.63 -60.44 -7.65
CA GLY O 419 51.68 -59.82 -8.56
C GLY O 419 52.30 -59.28 -9.83
N LEU O 420 53.63 -59.21 -9.91
CA LEU O 420 54.32 -58.77 -11.11
C LEU O 420 54.72 -59.95 -12.00
N VAL O 421 55.28 -61.01 -11.41
CA VAL O 421 55.64 -62.21 -12.18
C VAL O 421 54.39 -62.87 -12.75
N ALA O 422 53.30 -62.84 -11.99
CA ALA O 422 52.03 -63.34 -12.52
C ALA O 422 51.45 -62.43 -13.58
N TYR O 423 51.87 -61.16 -13.66
CA TYR O 423 51.17 -60.18 -14.50
C TYR O 423 51.31 -60.46 -16.00
N PRO O 424 52.41 -61.02 -16.54
CA PRO O 424 52.30 -61.60 -17.89
C PRO O 424 51.49 -62.89 -17.95
N ILE O 425 51.46 -63.65 -16.86
CA ILE O 425 50.81 -64.97 -16.89
C ILE O 425 49.30 -64.84 -16.99
N LEU O 426 48.70 -64.03 -16.11
CA LEU O 426 47.26 -63.83 -16.21
C LEU O 426 46.87 -62.92 -17.38
N ASN O 427 47.79 -62.08 -17.86
CA ASN O 427 47.54 -61.37 -19.12
C ASN O 427 47.50 -62.30 -20.33
N PHE O 428 48.08 -63.49 -20.23
CA PHE O 428 47.83 -64.49 -21.25
C PHE O 428 46.44 -65.11 -21.07
N LEU O 429 45.95 -65.14 -19.84
CA LEU O 429 44.78 -65.96 -19.51
C LEU O 429 43.49 -65.28 -19.96
N TYR O 430 43.16 -64.12 -19.36
CA TYR O 430 41.81 -63.56 -19.51
C TYR O 430 41.53 -63.04 -20.91
N ARG O 431 42.56 -62.64 -21.68
CA ARG O 431 42.29 -62.24 -23.06
C ARG O 431 42.01 -63.44 -23.94
N TRP O 432 42.63 -64.59 -23.65
CA TRP O 432 42.29 -65.80 -24.39
C TRP O 432 40.89 -66.28 -24.03
N ILE O 433 40.40 -65.95 -22.83
CA ILE O 433 39.01 -66.20 -22.47
C ILE O 433 38.09 -65.31 -23.30
N TYR O 434 38.45 -64.04 -23.48
CA TYR O 434 37.54 -63.06 -24.04
C TYR O 434 37.59 -63.02 -25.57
N ASP O 435 38.77 -62.94 -26.18
CA ASP O 435 38.87 -62.88 -27.63
C ASP O 435 39.42 -64.16 -28.25
N GLY O 436 40.56 -64.66 -27.77
CA GLY O 436 41.08 -65.93 -28.25
C GLY O 436 41.93 -65.86 -29.50
N GLU O 437 42.88 -64.94 -29.56
CA GLU O 437 43.85 -64.88 -30.65
C GLU O 437 45.24 -65.03 -30.05
N LEU O 438 45.99 -66.01 -30.55
CA LEU O 438 47.16 -66.51 -29.84
C LEU O 438 48.39 -65.65 -30.10
N GLU O 439 49.14 -65.38 -29.03
CA GLU O 439 50.29 -64.47 -29.04
C GLU O 439 51.52 -65.18 -28.48
N ASP O 440 51.79 -66.38 -28.99
CA ASP O 440 52.89 -67.20 -28.48
C ASP O 440 54.17 -66.95 -29.27
N THR O 441 55.28 -66.84 -28.55
CA THR O 441 56.60 -66.85 -29.18
C THR O 441 57.51 -67.90 -28.58
N TYR O 442 57.50 -68.07 -27.26
CA TYR O 442 58.35 -69.06 -26.60
C TYR O 442 57.59 -69.79 -25.48
N HIS O 443 56.26 -69.71 -25.49
CA HIS O 443 55.37 -70.39 -24.55
C HIS O 443 55.64 -69.96 -23.10
N GLU O 444 55.45 -68.65 -22.85
CA GLU O 444 55.62 -68.12 -21.51
C GLU O 444 54.49 -68.53 -20.57
N PHE O 445 53.32 -68.86 -21.14
CA PHE O 445 52.21 -69.43 -20.39
C PHE O 445 52.35 -70.95 -20.36
N PHE O 446 51.74 -71.59 -19.36
CA PHE O 446 51.84 -73.03 -19.29
C PHE O 446 50.98 -73.72 -20.35
N VAL O 447 49.97 -73.04 -20.87
CA VAL O 447 49.22 -73.53 -22.04
C VAL O 447 49.96 -73.01 -23.26
N ALA O 448 50.89 -73.82 -23.77
CA ALA O 448 51.50 -73.53 -25.06
C ALA O 448 50.47 -73.77 -26.15
N SER O 449 50.07 -72.69 -26.82
CA SER O 449 48.93 -72.71 -27.72
C SER O 449 49.39 -72.83 -29.16
N ASP O 450 48.72 -73.71 -29.91
CA ASP O 450 49.08 -74.19 -31.24
C ASP O 450 50.56 -74.57 -31.40
N PRO O 451 51.04 -75.65 -30.79
CA PRO O 451 52.33 -76.20 -31.22
C PRO O 451 52.20 -77.34 -32.23
N VAL O 452 50.98 -77.77 -32.53
CA VAL O 452 50.69 -78.83 -33.47
C VAL O 452 50.05 -78.20 -34.70
N VAL O 453 50.26 -78.82 -35.86
CA VAL O 453 49.71 -78.33 -37.11
C VAL O 453 48.17 -78.37 -37.06
N LYS O 454 47.54 -77.41 -37.73
CA LYS O 454 46.09 -77.25 -37.68
C LYS O 454 45.39 -78.39 -38.39
N THR O 455 44.45 -79.03 -37.69
CA THR O 455 43.66 -80.12 -38.23
C THR O 455 42.20 -79.88 -37.90
N ASP O 456 41.33 -80.61 -38.59
CA ASP O 456 39.91 -80.58 -38.26
C ASP O 456 39.68 -81.31 -36.94
N ARG O 457 38.65 -80.88 -36.22
CA ARG O 457 38.51 -81.24 -34.81
C ARG O 457 37.93 -82.64 -34.66
N LEU O 458 38.73 -83.55 -34.12
CA LEU O 458 38.29 -84.90 -33.76
C LEU O 458 38.40 -85.13 -32.24
N TRP O 459 38.12 -84.06 -31.49
CA TRP O 459 38.37 -83.97 -30.03
C TRP O 459 39.83 -84.22 -29.69
N HIS O 460 40.73 -83.63 -30.47
CA HIS O 460 42.16 -83.77 -30.21
C HIS O 460 42.66 -82.62 -29.35
N ASP O 461 43.54 -82.94 -28.41
CA ASP O 461 44.10 -81.95 -27.51
C ASP O 461 45.29 -81.27 -28.19
N LYS O 462 45.12 -79.98 -28.52
CA LYS O 462 46.23 -79.17 -29.00
C LYS O 462 46.83 -78.29 -27.91
N TYR O 463 46.13 -78.12 -26.79
CA TYR O 463 46.55 -77.23 -25.72
C TYR O 463 46.92 -78.08 -24.50
N SER O 464 48.17 -78.52 -24.47
CA SER O 464 48.69 -79.26 -23.32
C SER O 464 49.12 -78.29 -22.23
N LEU O 465 49.13 -78.78 -20.98
CA LEU O 465 49.32 -77.90 -19.83
C LEU O 465 50.76 -77.87 -19.32
N ARG O 466 51.58 -78.90 -19.59
CA ARG O 466 53.02 -78.89 -19.34
C ARG O 466 53.41 -78.70 -17.89
N LYS O 467 53.30 -79.76 -17.08
CA LYS O 467 53.62 -79.79 -15.64
C LYS O 467 54.91 -79.07 -15.23
N SER O 468 55.91 -79.00 -16.11
CA SER O 468 57.20 -78.40 -15.76
C SER O 468 57.15 -76.88 -15.59
N MET O 469 56.02 -76.22 -15.88
CA MET O 469 55.95 -74.78 -15.71
C MET O 469 54.62 -74.32 -15.12
N ILE O 470 53.94 -75.16 -14.36
CA ILE O 470 52.67 -74.78 -13.72
C ILE O 470 52.95 -73.81 -12.57
N PRO O 471 52.25 -72.68 -12.49
CA PRO O 471 52.33 -71.86 -11.28
C PRO O 471 51.67 -72.57 -10.10
N SER O 472 52.30 -72.46 -8.93
CA SER O 472 51.80 -73.19 -7.77
C SER O 472 50.56 -72.56 -7.17
N PHE O 473 50.26 -71.30 -7.47
CA PHE O 473 48.98 -70.74 -7.05
C PHE O 473 47.82 -71.19 -7.94
N MET O 474 48.11 -71.88 -9.05
CA MET O 474 47.08 -72.42 -9.92
C MET O 474 46.69 -73.82 -9.43
N THR O 475 45.40 -74.13 -9.60
CA THR O 475 44.80 -75.40 -9.19
C THR O 475 44.97 -76.46 -10.29
N MET O 476 44.17 -77.52 -10.21
CA MET O 476 44.09 -78.49 -11.30
C MET O 476 42.92 -78.21 -12.26
N ASP O 477 41.96 -77.36 -11.89
CA ASP O 477 40.76 -77.24 -12.70
C ASP O 477 40.81 -76.15 -13.77
N GLN O 478 41.76 -75.21 -13.71
CA GLN O 478 41.81 -74.15 -14.72
C GLN O 478 42.25 -74.68 -16.07
N SER O 479 42.92 -75.84 -16.10
CA SER O 479 43.18 -76.51 -17.36
C SER O 479 41.89 -77.00 -18.00
N ARG O 480 40.91 -77.41 -17.19
CA ARG O 480 39.63 -77.81 -17.74
C ARG O 480 38.86 -76.59 -18.22
N LYS O 481 39.17 -75.43 -17.67
CA LYS O 481 38.61 -74.17 -18.13
C LYS O 481 39.23 -73.76 -19.47
N VAL O 482 40.55 -73.88 -19.61
CA VAL O 482 41.17 -73.45 -20.86
C VAL O 482 40.98 -74.48 -21.98
N LEU O 483 40.63 -75.71 -21.66
CA LEU O 483 40.28 -76.67 -22.70
C LEU O 483 38.85 -76.48 -23.18
N LEU O 484 37.99 -75.82 -22.40
CA LEU O 484 36.79 -75.22 -22.98
C LEU O 484 37.15 -74.21 -24.04
N ILE O 485 37.94 -73.20 -23.65
CA ILE O 485 38.02 -71.98 -24.43
C ILE O 485 38.71 -72.25 -25.76
N GLY O 486 39.74 -73.09 -25.74
CA GLY O 486 40.33 -73.58 -26.97
C GLY O 486 39.37 -74.35 -27.85
N LYS O 487 38.48 -75.15 -27.26
CA LYS O 487 37.39 -75.75 -28.02
C LYS O 487 36.41 -74.69 -28.54
N SER O 488 36.07 -73.69 -27.72
CA SER O 488 35.13 -72.66 -28.16
C SER O 488 35.76 -71.77 -29.24
N ILE O 489 37.08 -71.71 -29.30
CA ILE O 489 37.72 -70.96 -30.37
C ILE O 489 37.64 -71.80 -31.66
N ASN O 490 37.66 -73.13 -31.54
CA ASN O 490 37.44 -74.01 -32.69
C ASN O 490 36.00 -73.95 -33.18
N PHE O 491 35.07 -73.51 -32.35
CA PHE O 491 33.66 -73.67 -32.70
C PHE O 491 33.12 -72.44 -33.40
N LEU O 492 33.69 -71.28 -33.09
CA LEU O 492 33.51 -70.11 -33.94
C LEU O 492 34.22 -70.27 -35.28
N HIS O 493 35.22 -71.15 -35.37
CA HIS O 493 35.77 -71.51 -36.67
C HIS O 493 34.78 -72.31 -37.49
N GLN O 494 34.09 -73.27 -36.86
CA GLN O 494 33.15 -74.12 -37.60
C GLN O 494 31.89 -73.37 -37.97
N VAL O 495 31.33 -72.59 -37.05
CA VAL O 495 30.11 -71.84 -37.35
C VAL O 495 30.50 -70.57 -38.09
N CYS O 496 29.50 -69.89 -38.64
CA CYS O 496 29.72 -68.66 -39.40
C CYS O 496 30.11 -67.47 -38.53
N HIS O 497 29.81 -67.52 -37.22
CA HIS O 497 29.81 -66.32 -36.39
C HIS O 497 30.96 -66.34 -35.40
N ASP O 498 31.67 -65.21 -35.32
CA ASP O 498 32.90 -65.02 -34.55
C ASP O 498 32.64 -64.29 -33.22
N GLN O 499 31.38 -63.98 -32.92
CA GLN O 499 31.05 -63.04 -31.84
C GLN O 499 31.41 -63.58 -30.47
N THR O 500 31.96 -62.69 -29.64
CA THR O 500 32.33 -63.00 -28.27
C THR O 500 31.08 -63.42 -27.48
N PRO O 501 31.22 -64.38 -26.52
CA PRO O 501 30.07 -65.19 -26.06
C PRO O 501 28.85 -64.46 -25.50
N ALA O 502 27.76 -64.57 -26.25
CA ALA O 502 26.36 -64.25 -25.97
C ALA O 502 26.08 -62.74 -25.91
N SER O 503 27.10 -61.88 -25.91
CA SER O 503 26.94 -60.43 -25.84
C SER O 503 28.30 -59.81 -26.08
N LYS O 504 28.33 -58.48 -26.07
CA LYS O 504 29.57 -57.72 -26.11
C LYS O 504 30.13 -57.43 -24.73
N ALA O 505 29.52 -58.01 -23.67
CA ALA O 505 29.96 -57.74 -22.30
C ALA O 505 31.24 -58.46 -21.94
N MET O 506 31.72 -59.38 -22.78
CA MET O 506 33.05 -59.96 -22.55
C MET O 506 34.15 -59.01 -23.01
N ALA O 507 33.82 -58.03 -23.85
CA ALA O 507 34.79 -57.03 -24.24
C ALA O 507 34.89 -55.90 -23.21
N VAL O 508 33.81 -55.65 -22.47
CA VAL O 508 33.86 -54.67 -21.35
C VAL O 508 34.72 -55.25 -20.22
N GLY O 509 34.61 -56.56 -19.97
CA GLY O 509 35.22 -57.18 -18.77
C GLY O 509 36.73 -57.06 -18.76
N LYS O 510 37.37 -57.29 -19.92
CA LYS O 510 38.85 -57.22 -20.02
C LYS O 510 39.30 -55.80 -19.71
N SER O 511 38.59 -54.80 -20.25
CA SER O 511 38.92 -53.38 -19.98
C SER O 511 38.74 -53.11 -18.48
N ALA O 512 37.66 -53.61 -17.88
CA ALA O 512 37.49 -53.33 -16.45
C ALA O 512 38.72 -53.90 -15.73
N GLU O 513 39.10 -55.14 -16.07
CA GLU O 513 40.20 -55.82 -15.33
C GLU O 513 41.50 -55.02 -15.50
N SER O 514 41.76 -54.51 -16.71
CA SER O 514 43.01 -53.73 -16.95
C SER O 514 43.04 -52.42 -16.14
N PRO O 515 42.02 -51.54 -16.11
CA PRO O 515 41.90 -50.53 -15.06
C PRO O 515 41.97 -50.97 -13.59
N LYS O 516 41.38 -52.11 -13.22
CA LYS O 516 41.50 -52.59 -11.83
C LYS O 516 42.98 -52.85 -11.52
N ASP O 517 43.71 -53.43 -12.48
CA ASP O 517 45.17 -53.67 -12.32
C ASP O 517 45.91 -52.33 -12.21
N ALA O 518 45.53 -51.36 -13.05
CA ALA O 518 46.26 -50.08 -13.15
C ALA O 518 46.16 -49.31 -11.82
N ALA O 519 45.29 -49.78 -10.93
CA ALA O 519 44.88 -49.05 -9.74
C ALA O 519 45.01 -49.86 -8.46
N GLU O 520 45.04 -51.19 -8.54
CA GLU O 520 45.36 -52.01 -7.40
C GLU O 520 46.83 -51.82 -7.02
N LEU O 521 47.14 -51.99 -5.73
CA LEU O 521 48.46 -51.69 -5.19
C LEU O 521 49.56 -52.58 -5.77
N PHE O 522 49.61 -53.83 -5.34
CA PHE O 522 50.51 -54.80 -5.95
C PHE O 522 49.96 -56.22 -5.96
N THR O 523 48.76 -56.48 -5.46
CA THR O 523 48.39 -57.84 -5.12
C THR O 523 47.82 -58.57 -6.33
N ASP O 524 47.99 -59.89 -6.32
CA ASP O 524 47.41 -60.77 -7.32
C ASP O 524 46.31 -61.57 -6.66
N LEU O 525 45.18 -61.69 -7.35
CA LEU O 525 43.94 -62.17 -6.76
C LEU O 525 43.76 -63.67 -7.02
N GLU O 526 43.30 -64.38 -5.99
CA GLU O 526 42.97 -65.80 -6.11
C GLU O 526 41.65 -66.18 -5.49
N ASN O 527 40.98 -65.30 -4.74
CA ASN O 527 39.65 -65.62 -4.24
C ASN O 527 38.57 -65.06 -5.15
N ALA O 528 38.82 -63.91 -5.77
CA ALA O 528 37.95 -63.41 -6.83
C ALA O 528 38.40 -63.86 -8.21
N PHE O 529 39.54 -64.55 -8.30
CA PHE O 529 39.91 -65.24 -9.54
C PHE O 529 38.91 -66.31 -9.94
N GLN O 530 38.29 -66.97 -8.96
CA GLN O 530 37.34 -68.03 -9.33
C GLN O 530 36.07 -67.44 -9.91
N THR O 531 35.67 -66.25 -9.44
CA THR O 531 34.47 -65.58 -9.96
C THR O 531 34.65 -65.17 -11.42
N LYS O 532 35.88 -64.79 -11.78
CA LYS O 532 36.16 -64.39 -13.15
C LYS O 532 36.11 -65.58 -14.09
N ILE O 533 36.67 -66.71 -13.68
CA ILE O 533 36.91 -67.78 -14.64
C ILE O 533 35.70 -68.74 -14.70
N ASP O 534 34.94 -68.90 -13.60
CA ASP O 534 33.85 -69.88 -13.66
C ASP O 534 32.60 -69.28 -14.30
N ALA O 535 32.36 -67.99 -14.08
CA ALA O 535 31.25 -67.31 -14.74
C ALA O 535 31.53 -67.12 -16.21
N ALA O 536 32.80 -66.99 -16.58
CA ALA O 536 33.16 -66.97 -17.99
C ALA O 536 33.08 -68.37 -18.59
N TYR O 537 33.44 -69.39 -17.81
CA TYR O 537 33.17 -70.78 -18.19
C TYR O 537 31.67 -71.02 -18.36
N PHE O 538 30.86 -70.35 -17.54
CA PHE O 538 29.42 -70.50 -17.66
C PHE O 538 28.89 -69.76 -18.88
N ASP O 539 29.59 -68.72 -19.34
CA ASP O 539 29.06 -67.88 -20.41
C ASP O 539 29.23 -68.50 -21.78
N THR O 540 30.44 -68.95 -22.12
CA THR O 540 30.60 -69.63 -23.39
C THR O 540 30.17 -71.09 -23.34
N SER O 541 29.66 -71.57 -22.20
CA SER O 541 28.87 -72.80 -22.18
C SER O 541 27.39 -72.50 -22.39
N LYS O 542 26.93 -71.29 -22.11
CA LYS O 542 25.56 -70.91 -22.47
C LYS O 542 25.50 -70.24 -23.84
N TYR O 543 26.60 -69.65 -24.30
CA TYR O 543 26.78 -69.37 -25.73
C TYR O 543 26.73 -70.67 -26.54
N LEU O 544 27.26 -71.74 -25.95
CA LEU O 544 27.36 -73.03 -26.60
C LEU O 544 26.00 -73.66 -26.85
N LEU O 545 25.19 -73.78 -25.81
CA LEU O 545 23.86 -74.38 -25.95
C LEU O 545 22.95 -73.53 -26.82
N ASP O 546 23.23 -72.24 -26.94
CA ASP O 546 22.60 -71.42 -27.98
C ASP O 546 23.06 -71.89 -29.36
N VAL O 547 24.36 -72.10 -29.53
CA VAL O 547 24.93 -72.51 -30.82
C VAL O 547 24.44 -73.92 -31.20
N LEU O 548 24.19 -74.77 -30.20
CA LEU O 548 23.63 -76.09 -30.49
C LEU O 548 22.20 -75.98 -31.02
N ASN O 549 21.42 -75.00 -30.54
CA ASN O 549 20.01 -74.95 -30.92
C ASN O 549 19.73 -73.99 -32.08
N LYS O 550 20.58 -72.99 -32.30
CA LYS O 550 20.28 -72.03 -33.38
C LYS O 550 20.57 -72.61 -34.76
N ASN O 551 21.54 -73.52 -34.88
CA ASN O 551 21.87 -74.14 -36.16
C ASN O 551 22.54 -75.47 -35.90
N TYR O 552 22.39 -76.37 -36.89
CA TYR O 552 23.07 -77.68 -36.93
C TYR O 552 22.74 -78.52 -35.70
N ASN O 553 21.46 -78.92 -35.57
CA ASN O 553 20.95 -79.41 -34.28
C ASN O 553 21.61 -80.72 -33.83
N LEU O 554 22.55 -80.60 -32.88
CA LEU O 554 23.39 -81.73 -32.49
C LEU O 554 22.63 -82.70 -31.60
N LEU O 555 21.85 -82.17 -30.65
CA LEU O 555 21.05 -83.02 -29.77
C LEU O 555 19.94 -83.73 -30.52
N GLU O 556 19.44 -83.12 -31.59
CA GLU O 556 18.41 -83.77 -32.40
C GLU O 556 19.00 -84.84 -33.31
N HIS O 557 20.24 -84.65 -33.78
CA HIS O 557 20.93 -85.70 -34.53
C HIS O 557 21.38 -86.84 -33.64
N MET O 558 21.53 -86.61 -32.34
CA MET O 558 21.77 -87.71 -31.41
C MET O 558 20.55 -88.61 -31.31
N GLN O 559 19.35 -88.03 -31.41
CA GLN O 559 18.12 -88.81 -31.41
C GLN O 559 17.80 -89.37 -32.79
N ALA O 560 18.16 -88.63 -33.85
CA ALA O 560 17.81 -89.05 -35.20
C ALA O 560 18.63 -90.26 -35.65
N MET O 561 19.85 -90.42 -35.14
CA MET O 561 20.65 -91.58 -35.49
C MET O 561 20.16 -92.85 -34.81
N ARG O 562 19.42 -92.71 -33.69
CA ARG O 562 18.92 -93.89 -32.98
C ARG O 562 17.78 -94.57 -33.72
N ARG O 563 17.09 -93.87 -34.61
CA ARG O 563 16.00 -94.47 -35.36
C ARG O 563 16.48 -95.30 -36.54
N TYR O 564 17.75 -95.19 -36.92
CA TYR O 564 18.27 -95.87 -38.10
C TYR O 564 19.35 -96.89 -37.79
N LEU O 565 20.42 -96.51 -37.08
CA LEU O 565 21.46 -97.49 -36.79
C LEU O 565 21.17 -98.28 -35.51
N LEU O 566 20.53 -97.66 -34.53
CA LEU O 566 20.01 -98.38 -33.37
C LEU O 566 18.63 -98.95 -33.63
N LEU O 567 17.98 -98.53 -34.73
CA LEU O 567 16.66 -99.00 -35.15
C LEU O 567 15.60 -98.73 -34.07
N GLY O 568 15.57 -97.49 -33.60
CA GLY O 568 14.60 -97.11 -32.58
C GLY O 568 13.17 -97.09 -33.08
N GLN O 569 12.98 -96.85 -34.37
CA GLN O 569 11.66 -96.86 -34.98
C GLN O 569 11.59 -97.94 -36.04
N GLY O 570 10.52 -98.74 -35.99
CA GLY O 570 10.38 -99.90 -36.85
C GLY O 570 9.68 -99.68 -38.17
N ASP O 571 8.73 -98.73 -38.22
CA ASP O 571 8.00 -98.47 -39.47
C ASP O 571 8.89 -97.91 -40.56
N PHE O 572 10.02 -97.30 -40.21
CA PHE O 572 11.03 -96.98 -41.20
C PHE O 572 11.67 -98.27 -41.73
N ILE O 573 12.31 -99.04 -40.83
CA ILE O 573 13.20 -100.11 -41.25
C ILE O 573 12.42 -101.31 -41.79
N ARG O 574 11.18 -101.50 -41.36
CA ARG O 574 10.37 -102.61 -41.88
C ARG O 574 9.89 -102.32 -43.30
N HIS O 575 9.46 -101.08 -43.57
CA HIS O 575 9.16 -100.68 -44.94
C HIS O 575 10.41 -100.56 -45.79
N LEU O 576 11.60 -100.46 -45.18
CA LEU O 576 12.81 -100.79 -45.93
C LEU O 576 12.84 -102.29 -46.20
N MET O 577 12.97 -103.10 -45.12
CA MET O 577 13.38 -104.50 -45.22
C MET O 577 12.41 -105.37 -46.02
N ASP O 578 11.16 -104.94 -46.18
CA ASP O 578 10.25 -105.59 -47.13
C ASP O 578 10.75 -105.43 -48.57
N LEU O 579 11.01 -104.18 -48.98
CA LEU O 579 11.51 -103.92 -50.32
C LEU O 579 12.97 -104.33 -50.48
N LEU O 580 13.72 -104.42 -49.38
CA LEU O 580 15.15 -104.64 -49.49
C LEU O 580 15.47 -106.11 -49.74
N LYS O 581 14.57 -107.02 -49.36
CA LYS O 581 14.75 -108.46 -49.49
C LYS O 581 14.86 -108.97 -50.94
N PRO O 582 14.05 -108.56 -51.94
CA PRO O 582 14.24 -109.09 -53.31
C PRO O 582 15.58 -108.73 -53.95
N GLU O 583 16.32 -107.78 -53.39
CA GLU O 583 17.66 -107.47 -53.82
C GLU O 583 18.73 -108.26 -53.07
N LEU O 584 18.46 -108.64 -51.82
CA LEU O 584 19.46 -109.31 -50.99
C LEU O 584 19.50 -110.82 -51.20
N VAL O 585 18.49 -111.41 -51.83
CA VAL O 585 18.53 -112.87 -52.05
C VAL O 585 19.55 -113.22 -53.12
N ARG O 586 19.75 -112.35 -54.11
CA ARG O 586 20.77 -112.60 -55.12
C ARG O 586 22.14 -112.11 -54.65
N PRO O 587 23.24 -112.66 -55.18
CA PRO O 587 24.56 -112.13 -54.83
C PRO O 587 24.76 -110.73 -55.40
N ALA O 588 25.58 -109.94 -54.71
CA ALA O 588 25.81 -108.56 -55.09
C ALA O 588 26.67 -108.48 -56.35
N THR O 589 26.38 -107.51 -57.19
CA THR O 589 27.08 -107.28 -58.46
C THR O 589 27.62 -105.85 -58.47
N THR O 590 28.09 -105.42 -59.65
CA THR O 590 28.58 -104.05 -59.78
C THR O 590 27.45 -103.04 -60.00
N LEU O 591 26.25 -103.49 -60.34
CA LEU O 591 25.08 -102.62 -60.43
C LEU O 591 24.27 -102.62 -59.14
N TYR O 592 24.85 -103.11 -58.04
CA TYR O 592 24.12 -103.28 -56.80
C TYR O 592 23.80 -101.95 -56.13
N GLN O 593 24.60 -100.92 -56.39
CA GLN O 593 24.46 -99.67 -55.65
C GLN O 593 23.39 -98.75 -56.23
N HIS O 594 23.19 -98.76 -57.56
CA HIS O 594 22.42 -97.69 -58.18
C HIS O 594 20.92 -97.84 -57.92
N ASN O 595 20.46 -99.05 -57.64
CA ASN O 595 19.04 -99.23 -57.41
C ASN O 595 18.64 -99.15 -55.94
N LEU O 596 19.52 -99.50 -55.01
CA LEU O 596 19.16 -99.46 -53.59
C LEU O 596 19.00 -98.03 -53.08
N THR O 597 19.66 -97.06 -53.73
CA THR O 597 19.40 -95.66 -53.43
C THR O 597 18.00 -95.25 -53.87
N GLY O 598 17.49 -95.88 -54.95
CA GLY O 598 16.11 -95.67 -55.33
C GLY O 598 15.13 -96.49 -54.49
N ILE O 599 15.57 -97.65 -54.01
CA ILE O 599 14.77 -98.40 -53.03
C ILE O 599 14.74 -97.63 -51.71
N LEU O 600 15.81 -96.93 -51.37
CA LEU O 600 15.85 -96.12 -50.16
C LEU O 600 14.90 -94.93 -50.26
N GLU O 601 14.98 -94.17 -51.36
CA GLU O 601 14.24 -92.93 -51.47
C GLU O 601 12.74 -93.14 -51.63
N THR O 602 12.34 -94.30 -52.19
CA THR O 602 10.91 -94.60 -52.26
C THR O 602 10.38 -95.00 -50.90
N ALA O 603 11.19 -95.68 -50.09
CA ALA O 603 10.72 -96.21 -48.83
C ALA O 603 10.72 -95.17 -47.72
N VAL O 604 11.60 -94.17 -47.79
CA VAL O 604 11.51 -93.04 -46.86
C VAL O 604 10.45 -92.04 -47.28
N ARG O 605 9.89 -92.16 -48.49
CA ARG O 605 8.75 -91.35 -48.86
C ARG O 605 7.43 -92.02 -48.50
N ALA O 606 7.36 -93.34 -48.57
CA ALA O 606 6.13 -94.05 -48.25
C ALA O 606 5.80 -94.03 -46.75
N THR O 607 6.77 -93.73 -45.89
CA THR O 607 6.55 -93.66 -44.46
C THR O 607 6.50 -92.25 -43.92
N ASN O 608 6.80 -91.24 -44.73
CA ASN O 608 6.93 -89.87 -44.24
C ASN O 608 6.14 -88.90 -45.10
N ALA O 609 5.54 -87.92 -44.43
CA ALA O 609 5.00 -86.74 -45.09
C ALA O 609 5.50 -85.45 -44.45
N GLN O 610 6.34 -85.54 -43.42
CA GLN O 610 6.84 -84.37 -42.72
C GLN O 610 8.33 -84.45 -42.43
N PHE O 611 9.01 -85.53 -42.81
CA PHE O 611 10.44 -85.68 -42.57
C PHE O 611 11.29 -85.04 -43.66
N ASP O 612 10.65 -84.40 -44.65
CA ASP O 612 11.39 -83.63 -45.64
C ASP O 612 11.96 -82.35 -45.03
N ASN O 613 11.29 -81.83 -43.99
CA ASN O 613 11.69 -80.55 -43.40
C ASN O 613 13.04 -80.58 -42.68
N PRO O 614 13.42 -81.60 -41.85
CA PRO O 614 14.79 -81.55 -41.29
C PRO O 614 15.85 -81.97 -42.29
N GLU O 615 17.12 -81.94 -41.85
CA GLU O 615 18.27 -82.22 -42.71
C GLU O 615 18.83 -83.61 -42.46
N ILE O 616 17.97 -84.59 -42.24
CA ILE O 616 18.42 -85.90 -41.80
C ILE O 616 18.71 -86.83 -42.99
N LEU O 617 17.92 -86.72 -44.06
CA LEU O 617 18.09 -87.61 -45.20
C LEU O 617 19.36 -87.29 -45.98
N LYS O 618 19.84 -86.05 -45.90
CA LYS O 618 21.09 -85.68 -46.54
C LYS O 618 22.31 -86.09 -45.71
N ARG O 619 22.12 -86.33 -44.41
CA ARG O 619 23.19 -86.76 -43.54
C ARG O 619 23.13 -88.25 -43.21
N LEU O 620 22.40 -89.01 -44.03
CA LEU O 620 22.38 -90.46 -43.95
C LEU O 620 22.54 -91.02 -45.35
N ASP O 621 23.41 -92.01 -45.49
CA ASP O 621 23.68 -92.62 -46.79
C ASP O 621 23.75 -94.13 -46.60
N VAL O 622 24.20 -94.81 -47.65
CA VAL O 622 24.34 -96.25 -47.63
C VAL O 622 25.81 -96.61 -47.58
N ARG O 623 26.12 -97.76 -46.98
CA ARG O 623 27.49 -98.19 -46.78
C ARG O 623 27.62 -99.64 -47.25
N LEU O 624 28.50 -99.88 -48.20
CA LEU O 624 28.76 -101.21 -48.72
C LEU O 624 30.23 -101.56 -48.49
N LEU O 625 30.50 -102.86 -48.42
CA LEU O 625 31.86 -103.33 -48.15
C LEU O 625 32.59 -103.64 -49.47
N GLU O 626 33.83 -104.10 -49.34
CA GLU O 626 34.65 -104.50 -50.47
C GLU O 626 34.59 -106.00 -50.73
N VAL O 627 33.56 -106.67 -50.19
CA VAL O 627 33.46 -108.13 -50.27
C VAL O 627 33.22 -108.57 -51.72
N SER O 628 33.89 -109.65 -52.11
CA SER O 628 33.83 -110.20 -53.46
C SER O 628 32.39 -110.60 -53.82
N PRO O 629 32.03 -110.59 -55.13
CA PRO O 629 30.64 -110.85 -55.52
C PRO O 629 30.16 -112.29 -55.37
N GLY O 630 30.97 -113.18 -54.81
CA GLY O 630 30.56 -114.56 -54.61
C GLY O 630 30.04 -114.84 -53.22
N ASP O 631 29.24 -113.92 -52.68
CA ASP O 631 28.65 -114.06 -51.35
C ASP O 631 27.14 -114.24 -51.47
N THR O 632 26.48 -114.30 -50.31
CA THR O 632 25.02 -114.40 -50.28
C THR O 632 24.38 -113.08 -50.66
N GLY O 633 25.03 -111.96 -50.32
CA GLY O 633 24.52 -110.64 -50.60
C GLY O 633 23.83 -109.96 -49.43
N TRP O 634 23.48 -110.72 -48.39
CA TRP O 634 22.74 -110.13 -47.27
C TRP O 634 23.63 -109.26 -46.38
N ASP O 635 24.91 -109.59 -46.27
CA ASP O 635 25.80 -108.93 -45.33
C ASP O 635 26.41 -107.64 -45.85
N VAL O 636 26.13 -107.27 -47.10
CA VAL O 636 26.77 -106.09 -47.68
C VAL O 636 26.02 -104.82 -47.31
N PHE O 637 24.69 -104.89 -47.23
CA PHE O 637 23.88 -103.71 -47.06
C PHE O 637 23.95 -103.20 -45.62
N SER O 638 24.20 -101.90 -45.47
CA SER O 638 24.23 -101.23 -44.18
C SER O 638 24.03 -99.74 -44.40
N LEU O 639 23.38 -99.10 -43.43
CA LEU O 639 23.18 -97.66 -43.44
C LEU O 639 24.16 -96.99 -42.50
N ASP O 640 24.63 -95.81 -42.90
CA ASP O 640 25.57 -95.04 -42.09
C ASP O 640 25.10 -93.60 -42.00
N TYR O 641 25.44 -92.95 -40.89
CA TYR O 641 25.10 -91.56 -40.65
C TYR O 641 26.25 -90.68 -41.11
N HIS O 642 26.03 -89.90 -42.16
CA HIS O 642 27.07 -89.06 -42.73
C HIS O 642 27.19 -87.74 -41.99
N VAL O 643 28.42 -87.21 -41.92
CA VAL O 643 28.70 -85.93 -41.29
C VAL O 643 29.56 -85.11 -42.25
N ASP O 644 29.34 -83.78 -42.24
CA ASP O 644 30.12 -82.90 -43.10
C ASP O 644 30.92 -81.85 -42.31
N GLY O 645 30.26 -81.06 -41.46
CA GLY O 645 30.91 -79.90 -40.87
C GLY O 645 30.98 -79.93 -39.36
N PRO O 646 30.19 -79.07 -38.69
CA PRO O 646 30.19 -79.03 -37.23
C PRO O 646 29.51 -80.22 -36.57
N ILE O 647 28.75 -81.01 -37.34
CA ILE O 647 28.26 -82.28 -36.81
C ILE O 647 29.41 -83.27 -36.70
N ALA O 648 30.41 -83.15 -37.57
CA ALA O 648 31.62 -83.96 -37.50
C ALA O 648 32.59 -83.50 -36.42
N THR O 649 32.24 -82.48 -35.63
CA THR O 649 33.03 -82.17 -34.46
C THR O 649 32.71 -83.13 -33.31
N VAL O 650 31.42 -83.38 -33.09
CA VAL O 650 31.03 -84.33 -32.05
C VAL O 650 31.14 -85.77 -32.54
N PHE O 651 31.22 -85.98 -33.84
CA PHE O 651 31.31 -87.31 -34.44
C PHE O 651 32.67 -87.46 -35.11
N THR O 652 33.54 -88.28 -34.53
CA THR O 652 34.88 -88.51 -35.04
C THR O 652 34.89 -89.74 -35.94
N ARG O 653 36.10 -90.17 -36.30
CA ARG O 653 36.24 -91.41 -37.07
C ARG O 653 35.96 -92.62 -36.19
N GLU O 654 36.20 -92.51 -34.88
CA GLU O 654 36.03 -93.62 -33.96
C GLU O 654 34.58 -93.89 -33.58
N CYS O 655 33.64 -93.02 -33.95
CA CYS O 655 32.27 -93.21 -33.52
C CYS O 655 31.48 -94.10 -34.48
N MET O 656 31.48 -93.76 -35.77
CA MET O 656 30.73 -94.53 -36.75
C MET O 656 31.41 -95.85 -37.11
N SER O 657 32.71 -95.99 -36.82
CA SER O 657 33.38 -97.26 -37.04
C SER O 657 32.89 -98.34 -36.09
N HIS O 658 32.46 -97.93 -34.89
CA HIS O 658 31.80 -98.85 -33.97
C HIS O 658 30.31 -98.97 -34.24
N TYR O 659 29.71 -97.97 -34.91
CA TYR O 659 28.30 -98.07 -35.29
C TYR O 659 28.07 -99.05 -36.43
N LEU O 660 29.11 -99.37 -37.21
CA LEU O 660 28.99 -100.45 -38.17
C LEU O 660 28.88 -101.80 -37.48
N ARG O 661 29.54 -101.95 -36.33
CA ARG O 661 29.52 -103.23 -35.62
C ARG O 661 28.21 -103.44 -34.88
N VAL O 662 27.61 -102.36 -34.37
CA VAL O 662 26.31 -102.49 -33.69
C VAL O 662 25.19 -102.65 -34.70
N PHE O 663 25.41 -102.26 -35.96
CA PHE O 663 24.36 -102.38 -36.97
C PHE O 663 24.26 -103.81 -37.48
N ASN O 664 25.41 -104.49 -37.66
CA ASN O 664 25.42 -105.78 -38.34
C ASN O 664 24.79 -106.89 -37.51
N PHE O 665 24.90 -106.81 -36.18
CA PHE O 665 24.18 -107.74 -35.33
C PHE O 665 22.69 -107.42 -35.30
N LEU O 666 22.35 -106.13 -35.26
CA LEU O 666 20.95 -105.73 -35.19
C LEU O 666 20.25 -105.88 -36.53
N TRP O 667 20.99 -105.74 -37.63
CA TRP O 667 20.42 -106.07 -38.94
C TRP O 667 20.19 -107.57 -39.07
N ARG O 668 21.10 -108.38 -38.53
CA ARG O 668 20.89 -109.82 -38.53
C ARG O 668 19.83 -110.26 -37.54
N ALA O 669 19.56 -109.46 -36.50
CA ALA O 669 18.44 -109.75 -35.62
C ALA O 669 17.11 -109.50 -36.31
N LYS O 670 17.03 -108.42 -37.09
CA LYS O 670 15.83 -108.16 -37.89
C LYS O 670 15.79 -109.02 -39.15
N ARG O 671 16.94 -109.52 -39.61
CA ARG O 671 16.95 -110.50 -40.69
C ARG O 671 16.28 -111.79 -40.24
N MET O 672 16.61 -112.26 -39.03
CA MET O 672 15.97 -113.44 -38.48
C MET O 672 14.50 -113.22 -38.15
N GLU O 673 14.09 -111.96 -37.92
CA GLU O 673 12.69 -111.72 -37.61
C GLU O 673 11.83 -111.72 -38.85
N TYR O 674 12.39 -111.36 -40.01
CA TYR O 674 11.61 -111.23 -41.23
C TYR O 674 11.63 -112.48 -42.11
N ILE O 675 12.74 -113.22 -42.13
CA ILE O 675 12.71 -114.48 -42.88
C ILE O 675 11.92 -115.55 -42.13
N LEU O 676 11.71 -115.38 -40.83
CA LEU O 676 10.89 -116.33 -40.09
C LEU O 676 9.42 -115.91 -40.11
N THR O 677 9.17 -114.63 -40.40
CA THR O 677 7.83 -114.17 -40.74
C THR O 677 7.35 -114.80 -42.03
N ASP O 678 8.27 -115.00 -42.99
CA ASP O 678 7.93 -115.64 -44.25
C ASP O 678 7.55 -117.10 -44.07
N ILE O 679 8.27 -117.81 -43.19
CA ILE O 679 7.96 -119.23 -42.99
C ILE O 679 6.74 -119.41 -42.07
N TRP O 680 6.38 -118.39 -41.28
CA TRP O 680 5.14 -118.48 -40.52
C TRP O 680 3.93 -118.28 -41.43
N LYS O 681 4.04 -117.36 -42.39
CA LYS O 681 3.01 -117.27 -43.42
C LYS O 681 3.04 -118.48 -44.32
N GLY O 682 4.22 -119.08 -44.51
CA GLY O 682 4.33 -120.34 -45.23
C GLY O 682 3.73 -121.52 -44.49
N HIS O 683 3.59 -121.42 -43.17
CA HIS O 683 2.84 -122.43 -42.43
C HIS O 683 1.36 -122.37 -42.78
N MET O 684 0.80 -121.17 -42.83
CA MET O 684 -0.63 -120.99 -43.07
C MET O 684 -0.98 -120.97 -44.56
N CYS O 685 0.02 -120.89 -45.44
CA CYS O 685 -0.26 -120.88 -46.87
C CYS O 685 -0.47 -122.28 -47.42
N ASN O 686 0.49 -123.19 -47.18
CA ASN O 686 0.40 -124.53 -47.74
C ASN O 686 -0.63 -125.39 -47.04
N ALA O 687 -0.94 -125.09 -45.77
CA ALA O 687 -1.85 -125.94 -45.00
C ALA O 687 -3.29 -125.80 -45.48
N LYS O 688 -3.67 -124.62 -45.97
CA LYS O 688 -5.03 -124.41 -46.44
C LYS O 688 -5.27 -125.08 -47.80
N LEU O 689 -4.22 -125.28 -48.58
CA LEU O 689 -4.36 -125.78 -49.94
C LEU O 689 -4.26 -127.30 -50.04
N LEU O 690 -3.75 -127.97 -49.00
CA LEU O 690 -3.57 -129.42 -49.05
C LEU O 690 -4.69 -130.18 -48.35
N LYS O 691 -5.76 -129.50 -47.95
CA LYS O 691 -6.86 -130.16 -47.25
C LYS O 691 -7.63 -131.07 -48.21
N GLY O 692 -7.72 -132.34 -47.85
CA GLY O 692 -8.31 -133.34 -48.72
C GLY O 692 -7.57 -134.66 -48.61
N MET O 693 -6.37 -134.62 -48.04
CA MET O 693 -5.58 -135.82 -47.80
C MET O 693 -5.56 -136.11 -46.31
N PRO O 694 -6.02 -137.30 -45.88
CA PRO O 694 -6.07 -137.59 -44.44
C PRO O 694 -4.72 -137.92 -43.83
N GLU O 695 -3.73 -138.34 -44.63
CA GLU O 695 -2.41 -138.64 -44.09
C GLU O 695 -1.68 -137.37 -43.70
N LEU O 696 -1.59 -136.41 -44.62
CA LEU O 696 -0.80 -135.20 -44.41
C LEU O 696 -1.45 -134.21 -43.44
N SER O 697 -2.65 -134.49 -42.94
CA SER O 697 -3.30 -133.58 -41.99
C SER O 697 -2.58 -133.60 -40.65
N GLY O 698 -2.34 -134.80 -40.10
CA GLY O 698 -1.58 -134.93 -38.87
C GLY O 698 -0.08 -134.89 -39.05
N VAL O 699 0.39 -134.86 -40.29
CA VAL O 699 1.83 -134.82 -40.57
C VAL O 699 2.37 -133.41 -40.37
N LEU O 700 1.65 -132.41 -40.87
CA LEU O 700 1.99 -131.02 -40.60
C LEU O 700 1.71 -130.59 -39.16
N HIS O 701 0.88 -131.34 -38.42
CA HIS O 701 0.39 -130.85 -37.14
C HIS O 701 1.49 -130.90 -36.08
N GLN O 702 2.25 -131.99 -36.01
CA GLN O 702 3.36 -132.06 -35.07
C GLN O 702 4.56 -131.25 -35.55
N CYS O 703 4.67 -131.03 -36.86
CA CYS O 703 5.72 -130.17 -37.40
C CYS O 703 5.48 -128.72 -37.01
N HIS O 704 4.21 -128.30 -36.92
CA HIS O 704 3.92 -126.93 -36.52
C HIS O 704 4.17 -126.71 -35.05
N ILE O 705 4.09 -127.75 -34.22
CA ILE O 705 4.37 -127.62 -32.80
C ILE O 705 5.87 -127.48 -32.56
N LEU O 706 6.67 -128.33 -33.22
CA LEU O 706 8.12 -128.28 -33.02
C LEU O 706 8.76 -127.09 -33.72
N ALA O 707 8.07 -126.50 -34.71
CA ALA O 707 8.51 -125.21 -35.23
C ALA O 707 8.15 -124.09 -34.27
N SER O 708 7.00 -124.22 -33.60
CA SER O 708 6.54 -123.19 -32.66
C SER O 708 7.42 -123.11 -31.41
N GLU O 709 8.08 -124.21 -31.05
CA GLU O 709 9.01 -124.20 -29.93
C GLU O 709 10.22 -123.33 -30.25
N MET O 710 10.65 -123.33 -31.51
CA MET O 710 11.73 -122.45 -31.95
C MET O 710 11.24 -121.04 -32.24
N VAL O 711 9.95 -120.87 -32.54
CA VAL O 711 9.41 -119.53 -32.79
C VAL O 711 9.29 -118.76 -31.47
N HIS O 712 8.71 -119.40 -30.45
CA HIS O 712 8.45 -118.72 -29.19
C HIS O 712 9.73 -118.50 -28.39
N PHE O 713 10.73 -119.37 -28.56
CA PHE O 713 11.98 -119.20 -27.82
C PHE O 713 12.86 -118.12 -28.45
N ILE O 714 12.82 -117.98 -29.77
CA ILE O 714 13.53 -116.89 -30.42
C ILE O 714 12.85 -115.56 -30.12
N HIS O 715 11.51 -115.56 -30.06
CA HIS O 715 10.76 -114.31 -29.86
C HIS O 715 10.99 -113.71 -28.48
N GLN O 716 10.81 -114.50 -27.42
CA GLN O 716 10.97 -113.96 -26.08
C GLN O 716 12.43 -113.71 -25.71
N MET O 717 13.38 -114.16 -26.53
CA MET O 717 14.79 -113.83 -26.32
C MET O 717 15.22 -112.63 -27.16
N GLN O 718 14.90 -112.62 -28.46
CA GLN O 718 15.40 -111.55 -29.33
C GLN O 718 14.65 -110.24 -29.10
N TYR O 719 13.37 -110.28 -28.72
CA TYR O 719 12.67 -109.03 -28.43
C TYR O 719 13.17 -108.41 -27.12
N TYR O 720 13.64 -109.24 -26.19
CA TYR O 720 13.92 -108.77 -24.84
C TYR O 720 15.37 -108.34 -24.64
N ILE O 721 16.31 -108.87 -25.42
CA ILE O 721 17.70 -108.48 -25.22
C ILE O 721 17.98 -107.13 -25.88
N THR O 722 17.24 -106.76 -26.91
CA THR O 722 17.48 -105.50 -27.60
C THR O 722 16.70 -104.36 -26.96
N PHE O 723 15.47 -104.63 -26.52
CA PHE O 723 14.64 -103.61 -25.89
C PHE O 723 15.19 -103.22 -24.52
N GLU O 724 15.89 -104.15 -23.84
CA GLU O 724 16.47 -103.82 -22.54
C GLU O 724 17.70 -102.94 -22.68
N VAL O 725 18.55 -103.22 -23.67
CA VAL O 725 19.72 -102.37 -23.91
C VAL O 725 19.28 -101.05 -24.54
N LEU O 726 18.15 -101.06 -25.27
CA LEU O 726 17.51 -99.81 -25.66
C LEU O 726 17.04 -99.02 -24.44
N GLU O 727 16.60 -99.73 -23.39
CA GLU O 727 16.00 -99.05 -22.25
C GLU O 727 17.07 -98.40 -21.37
N CYS O 728 18.16 -99.12 -21.08
CA CYS O 728 19.15 -98.61 -20.14
C CYS O 728 19.99 -97.48 -20.69
N SER O 729 20.07 -97.36 -22.01
CA SER O 729 20.95 -96.38 -22.66
C SER O 729 20.24 -95.14 -23.16
N TRP O 730 18.97 -95.27 -23.57
CA TRP O 730 18.18 -94.10 -23.94
C TRP O 730 17.89 -93.25 -22.72
N ASP O 731 17.60 -93.89 -21.58
CA ASP O 731 17.31 -93.19 -20.34
C ASP O 731 18.57 -92.83 -19.56
N GLU O 732 19.75 -93.11 -20.10
CA GLU O 732 21.02 -92.72 -19.49
C GLU O 732 21.62 -91.48 -20.13
N LEU O 733 21.57 -91.39 -21.46
CA LEU O 733 22.20 -90.29 -22.19
C LEU O 733 21.26 -89.11 -22.40
N TRP O 734 20.03 -89.39 -22.85
CA TRP O 734 19.12 -88.34 -23.29
C TRP O 734 18.65 -87.46 -22.15
N ASN O 735 18.58 -88.00 -20.93
CA ASN O 735 18.22 -87.21 -19.77
C ASN O 735 19.40 -86.49 -19.14
N LYS O 736 20.63 -86.89 -19.48
CA LYS O 736 21.83 -86.31 -18.88
C LYS O 736 22.35 -85.12 -19.67
N VAL O 737 22.10 -85.07 -20.97
CA VAL O 737 22.69 -84.05 -21.83
C VAL O 737 22.05 -82.68 -21.60
N LEU O 738 20.84 -82.62 -21.07
CA LEU O 738 20.18 -81.34 -20.82
C LEU O 738 20.27 -80.92 -19.36
N LYS O 739 20.97 -81.69 -18.52
CA LYS O 739 21.24 -81.29 -17.15
C LYS O 739 22.72 -80.98 -16.90
N ALA O 740 23.61 -81.42 -17.78
CA ALA O 740 25.00 -80.98 -17.78
C ALA O 740 25.15 -79.81 -18.75
N GLN O 741 26.07 -78.89 -18.44
CA GLN O 741 26.16 -77.62 -19.16
C GLN O 741 27.57 -77.42 -19.73
N ASP O 742 27.83 -78.03 -20.89
CA ASP O 742 29.13 -77.95 -21.54
C ASP O 742 29.01 -78.38 -23.00
N LEU O 743 30.17 -78.43 -23.65
CA LEU O 743 30.40 -79.15 -24.90
C LEU O 743 31.10 -80.47 -24.60
N ASP O 744 32.00 -80.45 -23.62
CA ASP O 744 32.88 -81.58 -23.40
C ASP O 744 32.19 -82.60 -22.54
N HIS O 745 31.13 -82.20 -21.83
CA HIS O 745 30.26 -83.08 -21.07
C HIS O 745 29.14 -83.66 -21.93
N ILE O 746 28.76 -82.96 -23.01
CA ILE O 746 27.92 -83.58 -24.02
C ILE O 746 28.65 -84.75 -24.66
N ILE O 747 29.91 -84.55 -25.03
CA ILE O 747 30.65 -85.66 -25.59
C ILE O 747 31.13 -86.62 -24.50
N ALA O 748 31.43 -86.14 -23.27
CA ALA O 748 31.82 -87.07 -22.20
C ALA O 748 30.67 -87.96 -21.79
N ALA O 749 29.44 -87.45 -21.85
CA ALA O 749 28.30 -88.36 -21.69
C ALA O 749 28.11 -89.19 -22.95
N HIS O 750 28.50 -88.68 -24.12
CA HIS O 750 28.32 -89.45 -25.34
C HIS O 750 29.42 -90.49 -25.51
N ASP O 751 30.70 -90.14 -25.23
CA ASP O 751 31.74 -91.13 -25.50
C ASP O 751 31.81 -92.23 -24.46
N VAL O 752 31.05 -92.11 -23.37
CA VAL O 752 30.80 -93.26 -22.50
C VAL O 752 29.50 -93.95 -22.90
N PHE O 753 28.62 -93.27 -23.65
CA PHE O 753 27.36 -93.89 -24.07
C PHE O 753 27.58 -94.95 -25.14
N LEU O 754 28.27 -94.60 -26.23
CA LEU O 754 28.22 -95.44 -27.43
C LEU O 754 29.11 -96.67 -27.33
N ASP O 755 29.90 -96.81 -26.26
CA ASP O 755 30.61 -98.04 -25.99
C ASP O 755 30.06 -98.82 -24.79
N THR O 756 29.11 -98.25 -24.04
CA THR O 756 28.35 -99.07 -23.11
C THR O 756 27.35 -99.96 -23.86
N ILE O 757 26.79 -99.45 -24.96
CA ILE O 757 25.65 -100.13 -25.56
C ILE O 757 26.11 -101.33 -26.38
N ILE O 758 27.20 -101.17 -27.16
CA ILE O 758 27.71 -102.25 -28.00
C ILE O 758 28.35 -103.34 -27.17
N SER O 759 28.93 -102.98 -26.01
CA SER O 759 29.43 -104.00 -25.08
C SER O 759 28.28 -104.78 -24.45
N ARG O 760 27.11 -104.17 -24.35
CA ARG O 760 25.91 -104.91 -24.01
C ARG O 760 25.19 -105.49 -25.22
N CYS O 761 25.47 -104.98 -26.43
CA CYS O 761 24.89 -105.59 -27.62
C CYS O 761 25.68 -106.82 -28.05
N LEU O 762 26.91 -106.62 -28.53
CA LEU O 762 27.70 -107.75 -28.99
C LEU O 762 29.12 -107.83 -28.45
N LEU O 763 29.89 -106.75 -28.58
CA LEU O 763 31.34 -106.84 -28.71
C LEU O 763 32.05 -106.53 -27.40
N ASP O 764 32.89 -107.48 -26.98
CA ASP O 764 33.85 -107.30 -25.91
C ASP O 764 34.94 -108.34 -26.12
N SER O 765 36.13 -108.08 -25.56
CA SER O 765 37.22 -109.05 -25.64
C SER O 765 36.93 -110.31 -24.84
N GLU O 766 36.05 -110.23 -23.84
CA GLU O 766 35.61 -111.39 -23.08
C GLU O 766 34.29 -111.96 -23.59
N SER O 767 33.67 -111.33 -24.59
CA SER O 767 32.38 -111.76 -25.11
C SER O 767 32.52 -112.77 -26.24
N ARG O 768 33.62 -113.53 -26.28
CA ARG O 768 33.76 -114.60 -27.27
C ARG O 768 32.82 -115.76 -27.00
N ALA O 769 32.35 -115.91 -25.75
CA ALA O 769 31.32 -116.88 -25.43
C ALA O 769 29.93 -116.40 -25.77
N LEU O 770 29.77 -115.12 -26.10
CA LEU O 770 28.46 -114.59 -26.48
C LEU O 770 28.13 -114.90 -27.93
N LEU O 771 28.95 -114.40 -28.86
CA LEU O 771 28.68 -114.50 -30.28
C LEU O 771 28.85 -115.91 -30.82
N ASN O 772 29.61 -116.76 -30.13
CA ASN O 772 29.78 -118.14 -30.57
C ASN O 772 28.49 -118.94 -30.42
N GLN O 773 27.62 -118.56 -29.48
CA GLN O 773 26.31 -119.19 -29.34
C GLN O 773 25.22 -118.43 -30.06
N LEU O 774 25.36 -117.11 -30.27
CA LEU O 774 24.38 -116.37 -31.04
C LEU O 774 24.53 -116.59 -32.54
N ARG O 775 25.70 -117.03 -32.99
CA ARG O 775 25.86 -117.47 -34.37
C ARG O 775 25.54 -118.94 -34.55
N ALA O 776 25.62 -119.73 -33.47
CA ALA O 776 25.21 -121.13 -33.53
C ALA O 776 23.69 -121.27 -33.61
N VAL O 777 22.95 -120.27 -33.12
CA VAL O 777 21.51 -120.21 -33.35
C VAL O 777 21.18 -119.49 -34.65
N PHE O 778 22.13 -118.73 -35.20
CA PHE O 778 21.90 -117.99 -36.44
C PHE O 778 22.02 -118.87 -37.67
N ASP O 779 22.85 -119.91 -37.66
CA ASP O 779 22.89 -120.85 -38.76
C ASP O 779 21.96 -122.04 -38.59
N GLN O 780 21.56 -122.34 -37.35
CA GLN O 780 20.52 -123.35 -37.15
C GLN O 780 19.16 -122.83 -37.58
N ILE O 781 18.98 -121.51 -37.57
CA ILE O 781 17.69 -120.94 -37.95
C ILE O 781 17.59 -120.86 -39.48
N ILE O 782 18.72 -120.93 -40.17
CA ILE O 782 18.71 -121.06 -41.63
C ILE O 782 18.52 -122.51 -42.02
N GLU O 783 19.14 -123.43 -41.28
CA GLU O 783 19.04 -124.85 -41.56
C GLU O 783 17.63 -125.37 -41.30
N PHE O 784 16.93 -124.78 -40.32
CA PHE O 784 15.53 -125.16 -40.11
C PHE O 784 14.62 -124.60 -41.19
N GLN O 785 15.02 -123.50 -41.84
CA GLN O 785 14.13 -122.85 -42.80
C GLN O 785 14.22 -123.50 -44.17
N ASN O 786 15.44 -123.71 -44.69
CA ASN O 786 15.60 -124.22 -46.05
C ASN O 786 15.18 -125.68 -46.19
N ALA O 787 15.20 -126.44 -45.09
CA ALA O 787 14.70 -127.80 -45.12
C ALA O 787 13.18 -127.87 -45.09
N GLN O 788 12.51 -126.79 -44.70
CA GLN O 788 11.05 -126.81 -44.67
C GLN O 788 10.47 -126.69 -46.07
N ASP O 789 10.89 -125.67 -46.84
CA ASP O 789 10.43 -125.53 -48.21
C ASP O 789 11.16 -126.45 -49.17
N ALA O 790 12.14 -127.22 -48.71
CA ALA O 790 12.60 -128.37 -49.48
C ALA O 790 11.66 -129.56 -49.34
N LEU O 791 10.78 -129.53 -48.33
CA LEU O 791 9.83 -130.59 -48.06
C LEU O 791 8.38 -130.13 -48.15
N TYR O 792 8.08 -128.86 -47.87
CA TYR O 792 6.75 -128.32 -48.14
C TYR O 792 6.48 -128.27 -49.64
N ARG O 793 7.49 -127.92 -50.44
CA ARG O 793 7.33 -127.92 -51.88
C ARG O 793 7.10 -129.32 -52.42
N ALA O 794 7.83 -130.32 -51.89
CA ALA O 794 7.59 -131.70 -52.27
C ALA O 794 6.24 -132.19 -51.77
N ALA O 795 5.70 -131.57 -50.72
CA ALA O 795 4.37 -131.92 -50.25
C ALA O 795 3.26 -131.26 -51.07
N LEU O 796 3.52 -130.10 -51.68
CA LEU O 796 2.46 -129.36 -52.35
C LEU O 796 2.35 -129.66 -53.83
N GLU O 797 3.48 -129.83 -54.55
CA GLU O 797 3.41 -130.11 -55.98
C GLU O 797 2.85 -131.50 -56.25
N GLU O 798 3.09 -132.44 -55.32
CA GLU O 798 2.60 -133.80 -55.53
C GLU O 798 1.10 -133.89 -55.36
N LEU O 799 0.48 -132.93 -54.68
CA LEU O 799 -0.96 -132.94 -54.51
C LEU O 799 -1.66 -132.23 -55.66
N GLN O 800 -0.92 -131.41 -56.42
CA GLN O 800 -1.50 -130.70 -57.55
C GLN O 800 -1.75 -131.62 -58.74
N GLN O 801 -0.91 -132.63 -58.92
CA GLN O 801 -1.16 -133.58 -60.00
C GLN O 801 -2.28 -134.55 -59.64
N ARG O 802 -2.54 -134.74 -58.35
CA ARG O 802 -3.64 -135.60 -57.92
C ARG O 802 -4.99 -134.98 -58.22
N LEU O 803 -5.10 -133.66 -58.06
CA LEU O 803 -6.39 -133.00 -58.25
C LEU O 803 -6.73 -132.85 -59.73
N GLN O 804 -5.74 -132.57 -60.57
CA GLN O 804 -5.99 -132.46 -61.99
C GLN O 804 -6.21 -133.81 -62.65
N PHE O 805 -5.73 -134.90 -62.04
CA PHE O 805 -6.03 -136.23 -62.55
C PHE O 805 -7.44 -136.65 -62.16
N GLU O 806 -7.98 -136.08 -61.07
CA GLU O 806 -9.38 -136.27 -60.73
C GLU O 806 -10.29 -135.59 -61.74
N GLU O 807 -9.85 -134.47 -62.32
CA GLU O 807 -10.64 -133.76 -63.32
C GLU O 807 -10.71 -134.55 -64.63
N ARG O 808 -9.72 -135.39 -64.91
CA ARG O 808 -9.74 -136.24 -66.10
C ARG O 808 -10.68 -137.42 -65.96
N LYS O 809 -11.20 -137.70 -64.75
CA LYS O 809 -12.10 -138.82 -64.57
C LYS O 809 -13.52 -138.49 -65.04
N LYS O 810 -13.97 -137.24 -64.89
CA LYS O 810 -15.30 -136.86 -65.34
C LYS O 810 -15.36 -136.56 -66.83
N GLU O 811 -14.24 -136.16 -67.44
CA GLU O 811 -14.23 -135.81 -68.86
C GLU O 811 -14.17 -137.05 -69.75
N ARG O 812 -13.62 -138.16 -69.25
CA ARG O 812 -13.57 -139.38 -70.03
C ARG O 812 -14.95 -140.02 -70.15
N GLU O 813 -15.86 -139.71 -69.22
CA GLU O 813 -17.24 -140.18 -69.34
C GLU O 813 -18.07 -139.30 -70.27
N SER O 814 -17.75 -138.01 -70.36
CA SER O 814 -18.51 -137.12 -71.25
C SER O 814 -18.03 -137.20 -72.69
N GLU O 815 -16.74 -137.46 -72.90
CA GLU O 815 -16.19 -137.56 -74.24
C GLU O 815 -16.55 -138.92 -74.85
N THR O 821 -7.83 -148.19 -68.07
CA THR O 821 -8.17 -147.76 -66.71
C THR O 821 -7.31 -148.49 -65.68
N ALA O 822 -6.60 -149.52 -66.12
CA ALA O 822 -5.72 -150.24 -65.21
C ALA O 822 -4.38 -149.54 -65.06
N ALA O 823 -3.87 -148.94 -66.15
CA ALA O 823 -2.68 -148.12 -66.06
C ALA O 823 -2.95 -146.83 -65.30
N GLU O 824 -4.20 -146.35 -65.34
CA GLU O 824 -4.59 -145.18 -64.56
C GLU O 824 -4.58 -145.48 -63.06
N GLU O 825 -4.79 -146.74 -62.69
CA GLU O 825 -4.70 -147.10 -61.28
C GLU O 825 -3.25 -147.32 -60.88
N ASP O 826 -2.40 -147.72 -61.82
CA ASP O 826 -0.97 -147.86 -61.55
C ASP O 826 -0.28 -146.52 -61.36
N VAL O 827 -0.76 -145.47 -62.05
CA VAL O 827 -0.13 -144.17 -61.81
C VAL O 827 -0.60 -143.59 -60.47
N GLU O 828 -1.82 -143.95 -60.02
CA GLU O 828 -2.28 -143.48 -58.72
C GLU O 828 -1.52 -144.15 -57.59
N ASN O 829 -1.23 -145.45 -57.73
CA ASN O 829 -0.43 -146.17 -56.75
C ASN O 829 1.01 -145.64 -56.72
N LYS O 830 1.48 -145.10 -57.85
CA LYS O 830 2.78 -144.44 -57.86
C LYS O 830 2.73 -143.12 -57.11
N ARG O 831 1.64 -142.35 -57.29
CA ARG O 831 1.41 -141.14 -56.46
C ARG O 831 1.40 -141.45 -54.98
N ILE O 832 0.67 -142.50 -54.57
CA ILE O 832 0.57 -142.85 -53.15
C ILE O 832 1.93 -143.27 -52.60
N GLN O 833 2.75 -143.94 -53.44
CA GLN O 833 4.10 -144.31 -53.01
C GLN O 833 4.99 -143.08 -52.87
N GLU O 834 4.85 -142.10 -53.78
CA GLU O 834 5.58 -140.85 -53.60
C GLU O 834 4.99 -140.01 -52.48
N PHE O 835 3.70 -140.16 -52.19
CA PHE O 835 3.18 -139.60 -50.94
C PHE O 835 3.73 -140.38 -49.76
N GLN O 836 3.96 -141.68 -49.94
CA GLN O 836 4.43 -142.52 -48.83
C GLN O 836 5.90 -142.24 -48.52
N GLU O 837 6.73 -142.09 -49.55
CA GLU O 837 8.16 -141.86 -49.33
C GLU O 837 8.40 -140.53 -48.65
N SER O 838 7.76 -139.48 -49.16
CA SER O 838 8.03 -138.11 -48.75
C SER O 838 7.49 -137.75 -47.36
N ILE O 839 6.76 -138.64 -46.70
CA ILE O 839 6.35 -138.36 -45.32
C ILE O 839 7.45 -138.75 -44.32
N PRO O 840 8.11 -139.93 -44.36
CA PRO O 840 9.34 -140.07 -43.57
C PRO O 840 10.52 -139.29 -44.09
N LYS O 841 10.48 -138.76 -45.32
CA LYS O 841 11.52 -137.81 -45.72
C LYS O 841 11.44 -136.54 -44.90
N MET O 842 10.22 -136.05 -44.66
CA MET O 842 10.05 -134.86 -43.83
C MET O 842 10.19 -135.21 -42.35
N ARG O 843 9.77 -136.42 -41.95
CA ARG O 843 9.95 -136.86 -40.58
C ARG O 843 11.42 -136.97 -40.20
N SER O 844 12.22 -137.67 -41.02
CA SER O 844 13.61 -137.96 -40.66
C SER O 844 14.44 -136.69 -40.58
N GLN O 845 14.16 -135.71 -41.46
CA GLN O 845 14.84 -134.42 -41.35
C GLN O 845 14.38 -133.66 -40.12
N LEU O 846 13.14 -133.87 -39.67
CA LEU O 846 12.67 -133.20 -38.46
C LEU O 846 13.31 -133.79 -37.21
N ARG O 847 13.53 -135.11 -37.20
CA ARG O 847 14.23 -135.74 -36.07
C ARG O 847 15.69 -135.31 -36.01
N ILE O 848 16.31 -134.98 -37.15
CA ILE O 848 17.66 -134.43 -37.09
C ILE O 848 17.63 -132.97 -36.64
N LEU O 849 16.59 -132.22 -37.01
CA LEU O 849 16.55 -130.78 -36.70
C LEU O 849 16.28 -130.52 -35.22
N THR O 850 15.32 -131.23 -34.64
CA THR O 850 15.00 -131.01 -33.24
C THR O 850 16.08 -131.56 -32.30
N HIS O 851 16.90 -132.50 -32.77
CA HIS O 851 18.05 -132.90 -31.97
C HIS O 851 19.14 -131.85 -31.99
N PHE O 852 19.26 -131.10 -33.09
CA PHE O 852 20.18 -129.96 -33.10
C PHE O 852 19.68 -128.83 -32.24
N TYR O 853 18.37 -128.55 -32.29
CA TYR O 853 17.80 -127.46 -31.50
C TYR O 853 17.84 -127.77 -30.00
N GLN O 854 17.71 -129.04 -29.65
CA GLN O 854 17.86 -129.44 -28.25
C GLN O 854 19.30 -129.29 -27.78
N GLY O 855 20.26 -129.49 -28.68
CA GLY O 855 21.65 -129.26 -28.32
C GLY O 855 22.01 -127.79 -28.29
N ILE O 856 21.28 -126.96 -29.03
CA ILE O 856 21.54 -125.52 -29.02
C ILE O 856 21.00 -124.89 -27.74
N VAL O 857 19.79 -125.27 -27.32
CA VAL O 857 19.16 -124.65 -26.16
C VAL O 857 19.88 -125.03 -24.87
N GLN O 858 20.52 -126.20 -24.81
CA GLN O 858 21.28 -126.56 -23.63
C GLN O 858 22.66 -125.91 -23.61
N GLN O 859 23.29 -125.76 -24.78
CA GLN O 859 24.60 -125.11 -24.84
C GLN O 859 24.49 -123.59 -24.72
N PHE O 860 23.31 -123.04 -24.96
CA PHE O 860 23.11 -121.59 -24.84
C PHE O 860 23.07 -121.14 -23.39
N LEU O 861 22.78 -122.04 -22.45
CA LEU O 861 22.68 -121.67 -21.05
C LEU O 861 24.06 -121.58 -20.39
N VAL O 862 24.86 -122.64 -20.53
CA VAL O 862 26.13 -122.72 -19.80
C VAL O 862 27.15 -121.76 -20.40
N LEU O 863 27.21 -121.67 -21.74
CA LEU O 863 28.17 -120.81 -22.41
C LEU O 863 27.81 -119.32 -22.35
N LEU O 864 26.68 -118.96 -21.74
CA LEU O 864 26.38 -117.57 -21.44
C LEU O 864 26.80 -117.19 -20.03
N THR O 865 27.09 -118.17 -19.17
CA THR O 865 27.32 -117.93 -17.75
C THR O 865 28.79 -117.93 -17.36
N THR O 866 29.71 -117.63 -18.29
CA THR O 866 31.13 -117.58 -17.94
C THR O 866 31.82 -116.38 -18.61
N SER O 867 31.92 -115.29 -17.86
CA SER O 867 32.87 -114.21 -18.14
C SER O 867 33.20 -113.54 -16.82
N THR O 868 33.96 -112.44 -16.88
CA THR O 868 34.75 -111.98 -15.74
C THR O 868 34.05 -110.86 -14.98
N ASP O 869 32.94 -111.22 -14.32
CA ASP O 869 32.36 -110.47 -13.19
C ASP O 869 31.95 -109.04 -13.55
N GLU O 870 31.17 -108.92 -14.63
CA GLU O 870 30.54 -107.66 -15.02
C GLU O 870 29.04 -107.89 -14.93
N SER O 871 28.21 -107.01 -15.49
CA SER O 871 26.77 -107.22 -15.52
C SER O 871 26.38 -108.35 -16.47
N LEU O 872 26.80 -109.57 -16.11
CA LEU O 872 26.35 -110.82 -16.69
C LEU O 872 25.36 -111.53 -15.78
N ARG O 873 25.39 -111.21 -14.48
CA ARG O 873 24.35 -111.64 -13.54
C ARG O 873 22.98 -111.11 -13.98
N PHE O 874 22.94 -109.94 -14.60
CA PHE O 874 21.72 -109.46 -15.23
C PHE O 874 21.40 -110.29 -16.48
N LEU O 875 22.42 -110.68 -17.25
CA LEU O 875 22.18 -111.46 -18.46
C LEU O 875 21.82 -112.91 -18.13
N SER O 876 22.45 -113.49 -17.10
CA SER O 876 22.10 -114.84 -16.67
C SER O 876 20.76 -114.89 -15.96
N PHE O 877 20.24 -113.76 -15.50
CA PHE O 877 18.91 -113.70 -14.92
C PHE O 877 17.84 -113.87 -16.00
N ARG O 878 18.11 -113.44 -17.22
CA ARG O 878 17.05 -113.29 -18.22
C ARG O 878 16.78 -114.57 -19.01
N LEU O 879 17.79 -115.40 -19.28
CA LEU O 879 17.57 -116.52 -20.18
C LEU O 879 16.89 -117.70 -19.49
N ASP O 880 17.14 -117.89 -18.19
CA ASP O 880 16.42 -118.90 -17.43
C ASP O 880 14.98 -118.47 -17.17
N PHE O 881 14.70 -117.17 -17.17
CA PHE O 881 13.33 -116.70 -17.05
C PHE O 881 12.54 -116.95 -18.33
N ASN O 882 13.23 -117.00 -19.47
CA ASN O 882 12.56 -117.20 -20.75
C ASN O 882 12.21 -118.66 -20.99
N GLU O 883 13.12 -119.59 -20.67
CA GLU O 883 12.89 -120.99 -20.99
C GLU O 883 11.92 -121.65 -20.01
N HIS O 884 11.81 -121.14 -18.79
CA HIS O 884 10.94 -121.74 -17.78
C HIS O 884 9.61 -121.03 -17.63
N TYR O 885 9.56 -119.72 -17.88
CA TYR O 885 8.33 -118.96 -17.73
C TYR O 885 7.98 -118.26 -19.03
N PRO P 9 45.88 -19.07 7.81
CA PRO P 9 45.46 -20.28 7.07
C PRO P 9 44.05 -20.80 7.39
N ASN P 10 43.77 -21.24 8.63
CA ASN P 10 42.50 -21.91 8.94
C ASN P 10 41.25 -21.07 8.64
N VAL P 11 41.22 -19.80 9.07
CA VAL P 11 40.10 -18.87 8.75
C VAL P 11 39.94 -18.67 7.24
N LEU P 12 41.05 -18.54 6.49
CA LEU P 12 41.00 -18.43 5.03
C LEU P 12 40.41 -19.69 4.39
N LEU P 13 40.75 -20.88 4.91
CA LEU P 13 40.24 -22.16 4.43
C LEU P 13 38.74 -22.33 4.74
N GLN P 14 38.30 -21.88 5.91
CA GLN P 14 36.87 -21.84 6.27
C GLN P 14 36.09 -20.91 5.33
N ASN P 15 36.61 -19.70 5.09
CA ASN P 15 36.02 -18.76 4.13
C ASN P 15 35.95 -19.37 2.72
N LEU P 16 36.98 -20.11 2.29
CA LEU P 16 36.99 -20.80 1.00
C LEU P 16 35.85 -21.83 0.89
N CYS P 17 35.65 -22.62 1.95
CA CYS P 17 34.55 -23.59 2.01
C CYS P 17 33.18 -22.90 1.93
N CYS P 18 32.96 -21.85 2.74
CA CYS P 18 31.72 -21.08 2.73
C CYS P 18 31.39 -20.53 1.34
N ARG P 19 32.40 -19.96 0.66
CA ARG P 19 32.22 -19.36 -0.67
C ARG P 19 31.90 -20.38 -1.75
N ILE P 20 32.64 -21.49 -1.83
CA ILE P 20 32.44 -22.48 -2.89
C ILE P 20 31.10 -23.19 -2.71
N LEU P 21 30.71 -23.52 -1.48
CA LEU P 21 29.47 -24.23 -1.19
C LEU P 21 28.24 -23.30 -1.13
N GLY P 22 28.43 -21.98 -1.01
CA GLY P 22 27.33 -21.03 -0.79
C GLY P 22 26.62 -21.25 0.54
N LYS P 23 27.38 -21.59 1.59
CA LYS P 23 26.87 -21.98 2.91
C LYS P 23 27.56 -21.21 4.03
N GLY P 24 26.88 -21.08 5.17
CA GLY P 24 27.45 -20.42 6.35
C GLY P 24 28.49 -21.30 7.05
N GLU P 25 29.27 -20.68 7.94
CA GLU P 25 30.34 -21.37 8.67
C GLU P 25 29.88 -22.62 9.43
N ALA P 26 28.67 -22.59 10.00
CA ALA P 26 28.09 -23.73 10.72
C ALA P 26 27.76 -24.92 9.79
N ASP P 27 27.39 -24.64 8.54
CA ASP P 27 26.91 -25.65 7.58
C ASP P 27 28.05 -26.29 6.78
N VAL P 28 29.28 -25.76 6.87
CA VAL P 28 30.46 -26.25 6.14
C VAL P 28 31.46 -26.99 7.04
N ALA P 29 31.10 -27.31 8.28
CA ALA P 29 32.01 -27.88 9.27
C ALA P 29 32.68 -29.18 8.80
N GLN P 30 31.94 -30.07 8.15
CA GLN P 30 32.46 -31.34 7.63
C GLN P 30 33.47 -31.10 6.49
N GLN P 31 33.15 -30.22 5.55
CA GLN P 31 34.00 -29.88 4.42
C GLN P 31 35.26 -29.11 4.87
N PHE P 32 35.12 -28.26 5.89
CA PHE P 32 36.25 -27.60 6.54
C PHE P 32 37.19 -28.62 7.21
N GLN P 33 36.67 -29.58 7.99
CA GLN P 33 37.51 -30.63 8.59
C GLN P 33 38.19 -31.49 7.53
N TYR P 34 37.48 -31.85 6.45
CA TYR P 34 38.08 -32.53 5.31
C TYR P 34 39.24 -31.72 4.73
N ALA P 35 39.04 -30.42 4.47
CA ALA P 35 40.05 -29.55 3.92
C ALA P 35 41.28 -29.45 4.84
N VAL P 36 41.09 -29.23 6.15
CA VAL P 36 42.17 -29.20 7.14
C VAL P 36 42.98 -30.49 7.12
N ARG P 37 42.30 -31.65 7.06
CA ARG P 37 42.97 -32.96 7.00
C ARG P 37 43.84 -33.10 5.75
N VAL P 38 43.31 -32.74 4.57
CA VAL P 38 44.03 -32.85 3.29
C VAL P 38 45.25 -31.92 3.25
N ILE P 39 45.11 -30.69 3.74
CA ILE P 39 46.23 -29.74 3.82
C ILE P 39 47.29 -30.23 4.82
N GLY P 40 46.86 -30.70 6.00
CA GLY P 40 47.75 -31.18 7.05
C GLY P 40 48.55 -32.42 6.65
N SER P 41 47.98 -33.32 5.84
CA SER P 41 48.68 -34.53 5.38
C SER P 41 49.65 -34.29 4.21
N ASN P 42 49.55 -33.14 3.53
CA ASN P 42 50.30 -32.84 2.30
C ASN P 42 51.08 -31.53 2.42
N PHE P 43 51.87 -31.40 3.49
CA PHE P 43 52.55 -30.15 3.83
C PHE P 43 53.58 -29.71 2.79
N ALA P 44 54.30 -30.66 2.18
CA ALA P 44 55.31 -30.39 1.16
C ALA P 44 54.78 -30.67 -0.25
N PRO P 45 55.05 -29.80 -1.24
CA PRO P 45 54.84 -30.11 -2.65
C PRO P 45 55.63 -31.35 -3.06
N THR P 46 54.98 -32.22 -3.84
CA THR P 46 55.62 -33.42 -4.42
C THR P 46 56.33 -33.11 -5.74
N VAL P 47 56.00 -31.96 -6.33
CA VAL P 47 56.58 -31.42 -7.55
C VAL P 47 57.69 -30.40 -7.26
N GLU P 48 58.61 -30.26 -8.21
CA GLU P 48 59.64 -29.23 -8.21
C GLU P 48 59.05 -27.81 -8.18
N ARG P 49 59.62 -26.92 -7.37
CA ARG P 49 59.13 -25.56 -7.14
C ARG P 49 59.70 -24.54 -8.15
N ASP P 50 59.53 -24.81 -9.45
CA ASP P 50 60.10 -24.02 -10.54
C ASP P 50 59.03 -23.31 -11.36
N GLU P 51 58.95 -21.97 -11.20
CA GLU P 51 58.03 -21.09 -11.92
C GLU P 51 58.12 -21.28 -13.44
N PHE P 52 59.32 -21.45 -13.99
CA PHE P 52 59.54 -21.63 -15.43
C PHE P 52 58.87 -22.91 -15.92
N LEU P 53 59.04 -24.04 -15.21
CA LEU P 53 58.41 -25.31 -15.57
C LEU P 53 56.87 -25.22 -15.61
N VAL P 54 56.24 -24.44 -14.72
CA VAL P 54 54.78 -24.23 -14.76
C VAL P 54 54.38 -23.39 -15.94
N THR P 55 55.07 -22.28 -16.18
CA THR P 55 54.81 -21.40 -17.32
C THR P 55 54.91 -22.17 -18.63
N GLU P 56 55.88 -23.08 -18.77
CA GLU P 56 55.96 -23.98 -19.93
C GLU P 56 54.78 -24.96 -20.01
N LYS P 57 54.34 -25.55 -18.90
CA LYS P 57 53.15 -26.43 -18.88
C LYS P 57 51.88 -25.67 -19.27
N ILE P 58 51.69 -24.44 -18.78
CA ILE P 58 50.57 -23.57 -19.15
C ILE P 58 50.59 -23.27 -20.65
N LYS P 59 51.74 -22.86 -21.21
CA LYS P 59 51.85 -22.60 -22.66
C LYS P 59 51.56 -23.84 -23.49
N LYS P 60 52.05 -25.01 -23.07
CA LYS P 60 51.76 -26.29 -23.73
C LYS P 60 50.26 -26.63 -23.70
N GLU P 61 49.55 -26.28 -22.63
CA GLU P 61 48.12 -26.51 -22.53
C GLU P 61 47.32 -25.64 -23.53
N PHE P 62 47.68 -24.37 -23.69
CA PHE P 62 47.10 -23.53 -24.74
C PHE P 62 47.35 -24.08 -26.16
N VAL P 63 48.57 -24.56 -26.43
CA VAL P 63 48.89 -25.22 -27.71
C VAL P 63 48.06 -26.48 -27.92
N ARG P 64 47.92 -27.32 -26.88
CA ARG P 64 47.10 -28.55 -26.91
C ARG P 64 45.63 -28.25 -27.22
N GLN P 65 45.12 -27.12 -26.71
CA GLN P 65 43.75 -26.65 -26.93
C GLN P 65 43.55 -25.84 -28.22
N ARG P 66 44.59 -25.65 -29.06
CA ARG P 66 44.53 -24.78 -30.27
C ARG P 66 44.16 -23.32 -29.94
N ARG P 67 44.71 -22.81 -28.84
CA ARG P 67 44.49 -21.47 -28.28
C ARG P 67 45.79 -20.68 -28.21
N GLU P 68 46.57 -20.69 -29.29
CA GLU P 68 47.91 -20.09 -29.37
C GLU P 68 47.91 -18.59 -29.04
N ALA P 69 46.84 -17.86 -29.42
CA ALA P 69 46.67 -16.45 -29.08
C ALA P 69 46.58 -16.22 -27.56
N ASP P 70 45.84 -17.09 -26.86
CA ASP P 70 45.74 -17.04 -25.39
C ASP P 70 47.07 -17.40 -24.73
N GLY P 71 47.86 -18.30 -25.34
CA GLY P 71 49.22 -18.62 -24.89
C GLY P 71 50.19 -17.43 -25.02
N ALA P 72 50.06 -16.63 -26.07
CA ALA P 72 50.83 -15.39 -26.23
C ALA P 72 50.41 -14.34 -25.18
N LEU P 73 49.11 -14.16 -24.97
CA LEU P 73 48.60 -13.26 -23.94
C LEU P 73 49.03 -13.70 -22.53
N PHE P 74 48.99 -15.00 -22.23
CA PHE P 74 49.51 -15.54 -20.98
C PHE P 74 51.00 -15.20 -20.77
N SER P 75 51.81 -15.27 -21.83
CA SER P 75 53.24 -14.94 -21.74
C SER P 75 53.48 -13.46 -21.38
N GLU P 76 52.65 -12.56 -21.92
CA GLU P 76 52.68 -11.14 -21.55
C GLU P 76 52.25 -10.91 -20.09
N LEU P 77 51.15 -11.53 -19.68
CA LEU P 77 50.64 -11.43 -18.32
C LEU P 77 51.63 -12.00 -17.31
N HIS P 78 52.30 -13.12 -17.64
CA HIS P 78 53.35 -13.71 -16.82
C HIS P 78 54.55 -12.75 -16.67
N ARG P 79 55.00 -12.11 -17.75
CA ARG P 79 56.05 -11.07 -17.69
C ARG P 79 55.65 -9.90 -16.78
N LYS P 80 54.41 -9.43 -16.88
CA LYS P 80 53.88 -8.36 -16.02
C LYS P 80 53.82 -8.79 -14.55
N LEU P 81 53.42 -10.03 -14.28
CA LEU P 81 53.39 -10.60 -12.93
C LEU P 81 54.79 -10.66 -12.31
N GLN P 82 55.79 -11.02 -13.12
CA GLN P 82 57.19 -11.06 -12.70
C GLN P 82 57.73 -9.65 -12.38
N SER P 83 57.41 -8.65 -13.21
CA SER P 83 57.92 -7.28 -13.03
C SER P 83 57.33 -6.55 -11.82
N GLN P 84 56.13 -6.90 -11.37
CA GLN P 84 55.47 -6.28 -10.22
C GLN P 84 56.17 -6.57 -8.88
N GLY P 85 56.82 -7.74 -8.74
CA GLY P 85 57.58 -8.10 -7.54
C GLY P 85 56.76 -8.23 -6.24
N VAL P 86 55.43 -8.26 -6.31
CA VAL P 86 54.54 -8.28 -5.13
C VAL P 86 54.45 -9.66 -4.48
N LEU P 87 54.41 -10.72 -5.29
CA LEU P 87 54.19 -12.10 -4.84
C LEU P 87 55.52 -12.81 -4.60
N LYS P 88 55.60 -13.58 -3.51
CA LYS P 88 56.78 -14.40 -3.18
C LYS P 88 56.69 -15.81 -3.77
N ASN P 89 55.50 -16.40 -3.75
CA ASN P 89 55.26 -17.79 -4.17
C ASN P 89 54.54 -17.86 -5.52
N ARG P 90 55.02 -17.08 -6.51
CA ARG P 90 54.42 -17.03 -7.87
C ARG P 90 54.24 -18.40 -8.51
N TRP P 91 55.26 -19.26 -8.42
CA TRP P 91 55.21 -20.67 -8.84
C TRP P 91 53.96 -21.38 -8.31
N SER P 92 53.66 -21.26 -7.00
CA SER P 92 52.55 -21.98 -6.37
C SER P 92 51.20 -21.49 -6.86
N ILE P 93 51.07 -20.19 -7.10
CA ILE P 93 49.83 -19.59 -7.62
C ILE P 93 49.60 -20.02 -9.06
N LEU P 94 50.62 -19.96 -9.92
CA LEU P 94 50.54 -20.44 -11.30
C LEU P 94 50.22 -21.95 -11.36
N TYR P 95 50.84 -22.75 -10.49
CA TYR P 95 50.59 -24.19 -10.42
C TYR P 95 49.15 -24.49 -9.98
N LEU P 96 48.62 -23.73 -9.02
CA LEU P 96 47.23 -23.84 -8.59
C LEU P 96 46.27 -23.51 -9.75
N LEU P 97 46.52 -22.40 -10.46
CA LEU P 97 45.68 -21.99 -11.60
C LEU P 97 45.72 -23.06 -12.72
N LEU P 98 46.90 -23.59 -13.06
CA LEU P 98 47.04 -24.72 -13.98
C LEU P 98 46.32 -25.98 -13.48
N SER P 99 46.37 -26.27 -12.18
CA SER P 99 45.73 -27.46 -11.62
C SER P 99 44.20 -27.37 -11.63
N LEU P 100 43.65 -26.16 -11.74
CA LEU P 100 42.22 -25.86 -11.76
C LEU P 100 41.69 -25.50 -13.16
N SER P 101 42.53 -25.49 -14.19
CA SER P 101 42.15 -25.16 -15.57
C SER P 101 41.26 -26.22 -16.22
N GLU P 246 82.49 -15.95 -16.77
CA GLU P 246 81.21 -16.63 -16.63
C GLU P 246 80.08 -15.75 -17.13
N THR P 247 79.79 -14.68 -16.37
CA THR P 247 78.67 -13.80 -16.70
C THR P 247 78.97 -12.99 -17.96
N SER P 248 80.24 -12.65 -18.19
CA SER P 248 80.62 -11.92 -19.40
C SER P 248 80.43 -12.75 -20.66
N LEU P 249 80.45 -14.09 -20.53
CA LEU P 249 80.10 -14.94 -21.66
C LEU P 249 78.59 -15.07 -21.82
N VAL P 250 77.83 -14.90 -20.73
CA VAL P 250 76.37 -14.85 -20.83
C VAL P 250 75.94 -13.56 -21.51
N ARG P 251 76.67 -12.47 -21.28
CA ARG P 251 76.38 -11.24 -22.00
C ARG P 251 76.83 -11.33 -23.46
N ASP P 252 77.86 -12.14 -23.73
CA ASP P 252 78.44 -12.19 -25.08
C ASP P 252 77.55 -12.94 -26.05
N LEU P 253 76.76 -13.89 -25.55
CA LEU P 253 75.91 -14.67 -26.45
C LEU P 253 74.71 -13.88 -26.94
N LEU P 254 74.21 -12.94 -26.12
CA LEU P 254 73.02 -12.17 -26.51
C LEU P 254 73.30 -11.24 -27.67
N TYR P 255 74.51 -10.70 -27.76
CA TYR P 255 74.82 -9.74 -28.80
C TYR P 255 74.96 -10.42 -30.16
N VAL P 256 75.41 -11.68 -30.16
CA VAL P 256 75.42 -12.48 -31.37
C VAL P 256 74.03 -13.09 -31.61
N PHE P 257 73.26 -13.29 -30.54
CA PHE P 257 71.85 -13.65 -30.71
C PHE P 257 71.05 -12.52 -31.32
N GLN P 258 71.43 -11.27 -31.03
CA GLN P 258 70.77 -10.10 -31.59
C GLN P 258 71.31 -9.74 -32.96
N GLY P 259 72.50 -10.23 -33.33
CA GLY P 259 73.13 -9.83 -34.56
C GLY P 259 74.57 -10.28 -34.70
N ILE P 260 75.45 -9.33 -34.98
CA ILE P 260 76.85 -9.61 -35.20
C ILE P 260 77.57 -9.34 -33.87
N ASP P 261 78.85 -9.75 -33.80
CA ASP P 261 79.69 -9.97 -32.62
C ASP P 261 79.62 -8.94 -31.50
N GLY P 262 79.78 -9.41 -30.26
CA GLY P 262 79.67 -8.59 -29.08
C GLY P 262 80.98 -8.17 -28.46
N LYS P 263 81.42 -8.89 -27.43
CA LYS P 263 82.61 -8.51 -26.67
C LYS P 263 83.87 -8.61 -27.51
N PHE P 264 84.11 -9.78 -28.10
CA PHE P 264 85.26 -10.01 -28.96
C PHE P 264 84.82 -10.10 -30.41
N VAL P 265 85.82 -10.20 -31.30
CA VAL P 265 85.59 -10.35 -32.73
C VAL P 265 85.56 -11.84 -33.05
N LYS P 266 84.65 -12.24 -33.93
CA LYS P 266 84.47 -13.63 -34.29
C LYS P 266 84.75 -13.96 -35.73
N MET P 267 84.86 -12.94 -36.61
CA MET P 267 85.33 -12.98 -38.02
C MET P 267 84.72 -14.12 -38.86
N CYS P 268 83.47 -14.49 -38.58
CA CYS P 268 82.84 -15.59 -39.33
C CYS P 268 81.42 -15.19 -39.70
N ASN P 269 81.24 -14.78 -40.96
CA ASN P 269 79.91 -14.65 -41.53
C ASN P 269 79.19 -15.98 -41.53
N SER P 270 79.79 -16.99 -42.16
CA SER P 270 79.11 -18.22 -42.52
C SER P 270 79.64 -19.38 -41.68
N GLU P 271 79.02 -20.55 -41.90
CA GLU P 271 79.38 -21.93 -41.57
C GLU P 271 79.40 -22.23 -40.07
N ASN P 272 79.60 -21.20 -39.24
CA ASN P 272 79.00 -20.85 -37.95
C ASN P 272 79.80 -19.65 -37.48
N CYS P 273 79.27 -18.83 -36.60
CA CYS P 273 79.99 -17.62 -36.16
C CYS P 273 80.86 -17.95 -34.93
N TYR P 274 81.87 -18.79 -35.17
CA TYR P 274 82.62 -19.44 -34.11
C TYR P 274 83.39 -18.43 -33.25
N LYS P 275 83.28 -18.60 -31.93
CA LYS P 275 83.72 -17.59 -30.98
C LYS P 275 85.12 -17.88 -30.50
N VAL P 276 86.02 -16.92 -30.73
CA VAL P 276 87.42 -17.02 -30.35
C VAL P 276 87.66 -16.05 -29.20
N ASP P 277 88.21 -16.57 -28.10
CA ASP P 277 88.58 -15.74 -26.96
C ASP P 277 90.09 -15.55 -26.82
N GLY P 278 90.89 -16.33 -27.53
CA GLY P 278 92.33 -16.18 -27.49
C GLY P 278 92.97 -16.58 -26.17
N LYS P 279 92.33 -17.42 -25.40
CA LYS P 279 92.81 -17.83 -24.08
C LYS P 279 93.07 -19.34 -24.08
N VAL P 280 94.22 -19.73 -23.53
CA VAL P 280 94.61 -21.13 -23.46
C VAL P 280 94.56 -21.66 -22.03
N ALA P 281 94.91 -20.85 -21.04
CA ALA P 281 94.96 -21.30 -19.65
C ALA P 281 93.57 -21.54 -19.05
N VAL P 282 92.50 -21.08 -19.70
CA VAL P 282 91.14 -21.35 -19.28
C VAL P 282 90.77 -22.78 -19.67
N SER P 283 89.64 -23.26 -19.18
CA SER P 283 89.16 -24.59 -19.51
C SER P 283 88.79 -24.70 -20.98
N LYS P 284 88.85 -25.92 -21.50
CA LYS P 284 88.53 -26.20 -22.90
C LYS P 284 87.04 -26.43 -23.13
N SER P 285 86.20 -26.10 -22.16
CA SER P 285 84.76 -26.35 -22.24
C SER P 285 83.95 -25.06 -22.31
N LEU P 286 84.57 -23.95 -22.71
CA LEU P 286 83.82 -22.76 -23.09
C LEU P 286 83.72 -22.58 -24.59
N LYS P 287 84.69 -23.09 -25.35
CA LYS P 287 84.69 -22.94 -26.80
C LYS P 287 83.56 -23.74 -27.44
N ASP P 288 83.15 -24.85 -26.81
CA ASP P 288 82.11 -25.67 -27.40
C ASP P 288 80.72 -25.13 -27.11
N ILE P 289 80.52 -24.52 -25.93
CA ILE P 289 79.22 -23.91 -25.62
C ILE P 289 78.98 -22.69 -26.49
N THR P 290 80.00 -21.84 -26.63
CA THR P 290 79.97 -20.71 -27.55
C THR P 290 80.17 -21.12 -29.02
N SER P 291 80.16 -22.41 -29.33
CA SER P 291 79.91 -22.86 -30.70
C SER P 291 78.47 -23.30 -30.89
N LYS P 292 77.75 -23.64 -29.81
CA LYS P 292 76.30 -23.78 -29.89
C LYS P 292 75.62 -22.42 -29.98
N LEU P 293 76.19 -21.41 -29.35
CA LEU P 293 75.66 -20.05 -29.45
C LEU P 293 75.99 -19.42 -30.79
N SER P 294 76.92 -20.02 -31.54
CA SER P 294 77.29 -19.52 -32.86
C SER P 294 76.28 -19.92 -33.93
N GLU P 295 75.80 -21.17 -33.89
CA GLU P 295 74.86 -21.63 -34.92
C GLU P 295 73.49 -20.99 -34.75
N LEU P 296 73.16 -20.54 -33.54
CA LEU P 296 71.92 -19.80 -33.32
C LEU P 296 72.04 -18.39 -33.86
N GLY P 297 73.23 -17.78 -33.76
CA GLY P 297 73.43 -16.45 -34.28
C GLY P 297 73.77 -16.40 -35.76
N TRP P 298 74.42 -17.45 -36.27
CA TRP P 298 74.62 -17.57 -37.71
C TRP P 298 73.30 -17.72 -38.44
N LEU P 299 72.40 -18.53 -37.89
CA LEU P 299 71.11 -18.74 -38.54
C LEU P 299 70.18 -17.55 -38.34
N HIS P 300 70.47 -16.67 -37.37
CA HIS P 300 69.66 -15.47 -37.17
C HIS P 300 69.95 -14.43 -38.24
N ASN P 301 71.25 -14.18 -38.50
CA ASN P 301 71.62 -13.14 -39.46
C ASN P 301 71.32 -13.53 -40.90
N LYS P 302 71.15 -14.83 -41.18
CA LYS P 302 70.72 -15.23 -42.52
C LYS P 302 69.26 -14.89 -42.77
N ILE P 303 68.44 -14.89 -41.72
CA ILE P 303 67.06 -14.46 -41.87
C ILE P 303 66.98 -12.94 -42.03
N LYS P 304 67.87 -12.22 -41.34
CA LYS P 304 67.86 -10.76 -41.41
C LYS P 304 68.35 -10.25 -42.75
N LYS P 305 69.36 -10.91 -43.33
CA LYS P 305 69.79 -10.52 -44.67
C LYS P 305 68.78 -10.95 -45.74
N TYR P 306 67.91 -11.91 -45.43
CA TYR P 306 66.83 -12.25 -46.35
C TYR P 306 65.79 -11.16 -46.38
N THR P 307 65.48 -10.55 -45.23
CA THR P 307 64.56 -9.43 -45.20
C THR P 307 65.15 -8.16 -45.77
N ASP P 308 66.48 -8.08 -45.87
CA ASP P 308 67.10 -6.94 -46.53
C ASP P 308 67.01 -7.07 -48.05
N GLN P 309 67.10 -8.30 -48.56
CA GLN P 309 66.87 -8.58 -49.97
C GLN P 309 65.39 -8.63 -50.33
N ARG P 310 64.50 -8.51 -49.34
CA ARG P 310 63.07 -8.62 -49.57
C ARG P 310 62.51 -7.38 -50.27
N SER P 311 63.19 -6.24 -50.13
CA SER P 311 62.64 -4.93 -50.47
C SER P 311 62.46 -4.79 -51.97
N LEU P 312 61.20 -4.84 -52.42
CA LEU P 312 60.83 -4.59 -53.81
C LEU P 312 59.60 -3.67 -53.81
N ASP P 313 59.24 -3.18 -55.00
CA ASP P 313 57.95 -2.53 -55.18
C ASP P 313 56.90 -3.60 -54.95
N ARG P 314 56.76 -4.49 -55.93
CA ARG P 314 56.40 -5.89 -55.70
C ARG P 314 56.90 -6.61 -56.95
N ALA P 315 58.12 -7.12 -56.90
CA ALA P 315 58.80 -7.53 -58.12
C ALA P 315 58.79 -9.04 -58.26
N PHE P 316 58.54 -9.49 -59.50
CA PHE P 316 58.42 -10.86 -59.97
C PHE P 316 57.70 -11.81 -59.02
N GLY P 317 56.56 -11.37 -58.48
CA GLY P 317 55.74 -12.24 -57.66
C GLY P 317 55.04 -11.55 -56.51
N LEU P 318 53.74 -11.82 -56.37
CA LEU P 318 52.96 -11.42 -55.21
C LEU P 318 53.11 -12.40 -54.06
N VAL P 319 53.65 -13.58 -54.33
CA VAL P 319 53.83 -14.59 -53.29
C VAL P 319 55.17 -14.42 -52.55
N GLY P 320 56.16 -13.81 -53.21
CA GLY P 320 57.53 -13.93 -52.77
C GLY P 320 57.84 -13.22 -51.47
N GLN P 321 57.36 -11.99 -51.31
CA GLN P 321 57.60 -11.26 -50.07
C GLN P 321 56.53 -11.52 -49.01
N SER P 322 55.36 -12.01 -49.39
CA SER P 322 54.37 -12.44 -48.42
C SER P 322 54.79 -13.74 -47.75
N PHE P 323 55.63 -14.52 -48.45
CA PHE P 323 56.36 -15.59 -47.80
C PHE P 323 57.23 -15.02 -46.69
N CYS P 324 57.99 -13.97 -47.00
CA CYS P 324 58.86 -13.31 -46.04
C CYS P 324 58.12 -12.49 -45.01
N ALA P 325 56.86 -12.12 -45.25
CA ALA P 325 56.05 -11.48 -44.22
C ALA P 325 55.80 -12.43 -43.06
N ALA P 326 55.55 -13.70 -43.37
CA ALA P 326 55.49 -14.71 -42.31
C ALA P 326 56.87 -15.04 -41.77
N LEU P 327 57.93 -14.77 -42.53
CA LEU P 327 59.23 -15.14 -42.02
C LEU P 327 59.76 -14.06 -41.08
N HIS P 328 59.25 -12.83 -41.22
CA HIS P 328 59.45 -11.78 -40.25
C HIS P 328 58.62 -12.02 -39.00
N GLN P 329 57.47 -12.69 -39.13
CA GLN P 329 56.73 -13.13 -37.95
C GLN P 329 57.50 -14.20 -37.19
N GLU P 330 58.16 -15.10 -37.89
CA GLU P 330 58.97 -16.12 -37.22
C GLU P 330 60.32 -15.58 -36.80
N LEU P 331 60.80 -14.52 -37.45
CA LEU P 331 61.90 -13.74 -36.90
C LEU P 331 61.47 -13.01 -35.64
N LYS P 332 60.20 -12.56 -35.59
CA LYS P 332 59.67 -11.85 -34.43
C LYS P 332 59.56 -12.78 -33.22
N GLU P 333 59.23 -14.05 -33.46
CA GLU P 333 59.11 -15.01 -32.36
C GLU P 333 60.46 -15.31 -31.73
N TYR P 334 61.55 -15.19 -32.49
CA TYR P 334 62.88 -15.38 -31.92
C TYR P 334 63.24 -14.26 -30.96
N TYR P 335 62.75 -13.04 -31.22
CA TYR P 335 63.12 -11.90 -30.39
C TYR P 335 62.43 -11.91 -29.04
N ARG P 336 61.20 -12.42 -28.97
CA ARG P 336 60.54 -12.55 -27.67
C ARG P 336 61.21 -13.60 -26.81
N LEU P 337 61.77 -14.64 -27.43
CA LEU P 337 62.52 -15.64 -26.68
C LEU P 337 63.89 -15.11 -26.24
N LEU P 338 64.37 -14.04 -26.89
CA LEU P 338 65.53 -13.29 -26.39
C LEU P 338 65.15 -12.34 -25.27
N SER P 339 63.88 -11.95 -25.17
CA SER P 339 63.46 -11.03 -24.12
C SER P 339 63.31 -11.72 -22.77
N VAL P 340 63.18 -13.04 -22.76
CA VAL P 340 63.17 -13.75 -21.48
C VAL P 340 64.62 -13.94 -20.99
N LEU P 341 65.58 -14.06 -21.92
CA LEU P 341 66.97 -14.30 -21.53
C LEU P 341 67.58 -13.12 -20.81
N HIS P 342 67.33 -11.88 -21.26
CA HIS P 342 68.08 -10.78 -20.66
C HIS P 342 67.53 -10.47 -19.28
N SER P 343 66.23 -10.70 -19.06
CA SER P 343 65.63 -10.52 -17.74
C SER P 343 66.18 -11.49 -16.71
N GLN P 344 66.78 -12.59 -17.15
CA GLN P 344 67.56 -13.45 -16.28
C GLN P 344 68.88 -12.79 -15.87
N LEU P 345 69.44 -11.93 -16.74
CA LEU P 345 70.81 -11.45 -16.56
C LEU P 345 70.93 -10.42 -15.43
N GLN P 346 70.08 -9.39 -15.43
CA GLN P 346 70.18 -8.37 -14.41
C GLN P 346 69.55 -8.84 -13.10
N VAL P 347 69.63 -8.00 -12.08
CA VAL P 347 68.99 -8.25 -10.79
C VAL P 347 67.72 -7.42 -10.71
N GLU P 348 66.67 -8.00 -10.16
CA GLU P 348 65.40 -7.29 -9.97
C GLU P 348 64.64 -7.85 -8.77
N SER P 359 67.45 -17.25 -10.37
CA SER P 359 68.02 -18.36 -11.12
C SER P 359 69.54 -18.20 -11.26
N SER P 360 70.17 -19.23 -11.79
CA SER P 360 71.62 -19.27 -11.93
C SER P 360 72.05 -18.80 -13.31
N LEU P 361 73.16 -18.08 -13.36
CA LEU P 361 73.69 -17.53 -14.60
C LEU P 361 74.76 -18.46 -15.19
N THR P 362 74.38 -19.70 -15.40
CA THR P 362 75.29 -20.71 -15.94
C THR P 362 75.00 -20.98 -17.41
N LEU P 363 76.03 -21.47 -18.09
CA LEU P 363 75.92 -21.74 -19.52
C LEU P 363 75.13 -23.00 -19.83
N ARG P 364 74.97 -23.90 -18.86
CA ARG P 364 74.31 -25.17 -19.14
C ARG P 364 72.80 -25.05 -19.07
N ARG P 365 72.27 -24.17 -18.21
CA ARG P 365 70.83 -24.02 -18.10
C ARG P 365 70.26 -23.32 -19.32
N LEU P 366 70.91 -22.26 -19.81
CA LEU P 366 70.45 -21.57 -21.00
C LEU P 366 70.61 -22.39 -22.28
N LEU P 367 71.34 -23.52 -22.22
CA LEU P 367 71.48 -24.38 -23.40
C LEU P 367 70.16 -25.05 -23.76
N VAL P 368 69.41 -25.52 -22.76
CA VAL P 368 68.11 -26.12 -23.06
C VAL P 368 67.06 -25.03 -23.31
N TRP P 369 67.25 -23.83 -22.72
CA TRP P 369 66.41 -22.70 -23.10
C TRP P 369 66.63 -22.24 -24.53
N THR P 370 67.76 -22.60 -25.14
CA THR P 370 68.01 -22.36 -26.56
C THR P 370 67.86 -23.62 -27.40
N PHE P 371 67.74 -24.79 -26.77
CA PHE P 371 67.58 -26.04 -27.51
C PHE P 371 66.17 -26.16 -28.09
N ASP P 372 65.19 -25.52 -27.47
CA ASP P 372 63.84 -25.49 -28.02
C ASP P 372 63.70 -24.47 -29.17
N PRO P 373 64.37 -23.31 -29.16
CA PRO P 373 64.51 -22.58 -30.44
C PRO P 373 65.33 -23.31 -31.48
N LYS P 374 66.21 -24.24 -31.09
CA LYS P 374 67.04 -24.96 -32.04
C LYS P 374 66.23 -25.91 -32.92
N ILE P 375 65.07 -26.36 -32.47
CA ILE P 375 64.18 -27.12 -33.33
C ILE P 375 63.25 -26.20 -34.13
N ARG P 376 63.12 -24.94 -33.71
CA ARG P 376 62.29 -23.98 -34.41
C ARG P 376 63.04 -23.30 -35.54
N LEU P 377 64.25 -22.83 -35.24
CA LEU P 377 65.06 -22.10 -36.21
C LEU P 377 65.71 -22.99 -37.26
N LYS P 378 66.07 -24.23 -36.92
CA LYS P 378 66.79 -25.05 -37.88
C LYS P 378 65.88 -25.59 -38.97
N THR P 379 64.58 -25.72 -38.70
CA THR P 379 63.64 -26.04 -39.76
C THR P 379 63.21 -24.81 -40.55
N LEU P 380 63.48 -23.61 -40.03
CA LEU P 380 63.38 -22.42 -40.87
C LEU P 380 64.56 -22.31 -41.83
N ALA P 381 65.71 -22.89 -41.46
CA ALA P 381 66.86 -22.91 -42.35
C ALA P 381 66.63 -23.84 -43.53
N ALA P 382 65.82 -24.89 -43.35
CA ALA P 382 65.45 -25.73 -44.48
C ALA P 382 64.43 -25.03 -45.38
N LEU P 383 63.63 -24.11 -44.81
CA LEU P 383 62.64 -23.40 -45.61
C LEU P 383 63.28 -22.31 -46.47
N VAL P 384 64.42 -21.77 -46.05
CA VAL P 384 65.09 -20.73 -46.84
C VAL P 384 66.08 -21.36 -47.81
N ASP P 385 66.55 -22.58 -47.54
CA ASP P 385 67.46 -23.26 -48.46
C ASP P 385 66.75 -23.73 -49.72
N HIS P 386 65.46 -24.04 -49.62
CA HIS P 386 64.71 -24.61 -50.74
C HIS P 386 64.34 -23.58 -51.80
N CYS P 387 64.43 -22.30 -51.49
CA CYS P 387 63.92 -21.24 -52.38
C CYS P 387 64.94 -20.12 -52.53
N GLN P 388 66.18 -20.48 -52.89
CA GLN P 388 67.18 -19.47 -53.23
C GLN P 388 66.78 -18.72 -54.50
N GLY P 389 66.40 -19.44 -55.54
CA GLY P 389 65.80 -18.84 -56.72
C GLY P 389 64.38 -19.32 -56.88
N ARG P 390 63.43 -18.41 -57.08
CA ARG P 390 62.04 -18.75 -56.87
C ARG P 390 61.11 -17.80 -57.63
N LYS P 391 59.85 -18.21 -57.72
CA LYS P 391 58.80 -17.47 -58.41
C LYS P 391 57.47 -17.89 -57.80
N GLY P 392 56.54 -16.95 -57.72
CA GLY P 392 55.22 -17.25 -57.16
C GLY P 392 54.47 -18.26 -58.02
N GLY P 393 53.80 -19.20 -57.34
CA GLY P 393 53.28 -20.39 -57.96
C GLY P 393 54.19 -21.59 -57.79
N GLU P 394 55.51 -21.37 -57.82
CA GLU P 394 56.48 -22.40 -57.47
C GLU P 394 56.76 -22.43 -55.99
N LEU P 395 56.43 -21.36 -55.26
CA LEU P 395 56.48 -21.40 -53.79
C LEU P 395 55.46 -22.38 -53.24
N ALA P 396 54.32 -22.50 -53.91
CA ALA P 396 53.28 -23.44 -53.50
C ALA P 396 53.72 -24.88 -53.70
N SER P 397 54.66 -25.12 -54.62
CA SER P 397 55.26 -26.44 -54.76
C SER P 397 56.44 -26.65 -53.82
N ALA P 398 56.90 -25.59 -53.13
CA ALA P 398 57.96 -25.74 -52.15
C ALA P 398 57.41 -26.15 -50.79
N VAL P 399 56.38 -25.45 -50.31
CA VAL P 399 55.84 -25.72 -48.99
C VAL P 399 54.93 -26.94 -48.96
N HIS P 400 54.36 -27.33 -50.11
CA HIS P 400 53.58 -28.56 -50.17
C HIS P 400 54.46 -29.80 -50.17
N ALA P 401 55.71 -29.67 -50.61
CA ALA P 401 56.69 -30.75 -50.45
C ALA P 401 57.19 -30.86 -49.02
N TYR P 402 57.00 -29.81 -48.21
CA TYR P 402 57.40 -29.83 -46.82
C TYR P 402 56.28 -30.28 -45.89
N THR P 403 55.02 -30.18 -46.32
CA THR P 403 53.91 -30.72 -45.54
C THR P 403 53.64 -32.19 -45.81
N LYS P 404 54.25 -32.75 -46.86
CA LYS P 404 54.10 -34.19 -47.11
C LYS P 404 54.93 -35.01 -46.14
N THR P 405 55.96 -34.41 -45.54
CA THR P 405 56.61 -35.02 -44.39
C THR P 405 55.65 -35.03 -43.21
N GLY P 406 55.76 -36.05 -42.37
CA GLY P 406 54.91 -36.18 -41.19
C GLY P 406 55.36 -35.27 -40.06
N ASP P 407 55.21 -35.75 -38.82
CA ASP P 407 55.71 -35.13 -37.59
C ASP P 407 55.16 -33.73 -37.39
N PRO P 408 53.93 -33.56 -36.88
CA PRO P 408 53.34 -32.21 -36.68
C PRO P 408 54.03 -31.40 -35.59
N TYR P 409 55.34 -31.17 -35.76
CA TYR P 409 56.11 -30.18 -35.01
C TYR P 409 56.45 -28.99 -35.89
N MET P 410 57.12 -29.25 -37.02
CA MET P 410 57.31 -28.28 -38.08
C MET P 410 56.30 -28.45 -39.20
N ARG P 411 55.57 -29.57 -39.21
CA ARG P 411 54.50 -29.74 -40.20
C ARG P 411 53.35 -28.79 -39.92
N SER P 412 53.14 -28.44 -38.65
CA SER P 412 52.24 -27.34 -38.33
C SER P 412 52.81 -26.01 -38.80
N LEU P 413 54.13 -25.84 -38.66
CA LEU P 413 54.76 -24.57 -39.01
C LEU P 413 54.75 -24.34 -40.51
N VAL P 414 54.96 -25.39 -41.31
CA VAL P 414 54.84 -25.25 -42.75
C VAL P 414 53.39 -25.23 -43.21
N GLN P 415 52.45 -25.62 -42.34
CA GLN P 415 51.03 -25.49 -42.68
C GLN P 415 50.55 -24.05 -42.50
N HIS P 416 51.16 -23.30 -41.57
CA HIS P 416 51.00 -21.85 -41.62
C HIS P 416 51.52 -21.28 -42.94
N ILE P 417 52.70 -21.73 -43.39
CA ILE P 417 53.26 -21.19 -44.62
C ILE P 417 52.46 -21.70 -45.83
N LEU P 418 51.94 -22.93 -45.77
CA LEU P 418 51.08 -23.42 -46.85
C LEU P 418 49.78 -22.63 -46.94
N GLY P 419 49.16 -22.31 -45.80
CA GLY P 419 47.96 -21.49 -45.83
C GLY P 419 48.22 -20.02 -46.14
N LEU P 420 49.48 -19.60 -46.15
CA LEU P 420 49.79 -18.18 -46.34
C LEU P 420 50.51 -17.91 -47.65
N VAL P 421 51.25 -18.91 -48.18
CA VAL P 421 51.71 -18.88 -49.58
C VAL P 421 50.52 -18.97 -50.53
N ALA P 422 49.56 -19.85 -50.22
CA ALA P 422 48.39 -20.02 -51.06
C ALA P 422 47.49 -18.80 -51.06
N TYR P 423 47.55 -17.95 -50.03
CA TYR P 423 46.59 -16.86 -49.89
C TYR P 423 46.72 -15.78 -50.97
N PRO P 424 47.90 -15.50 -51.56
CA PRO P 424 47.88 -14.79 -52.85
C PRO P 424 47.37 -15.63 -54.01
N ILE P 425 47.58 -16.95 -53.98
CA ILE P 425 47.24 -17.81 -55.13
C ILE P 425 45.73 -17.91 -55.29
N LEU P 426 45.02 -18.28 -54.22
CA LEU P 426 43.57 -18.39 -54.33
C LEU P 426 42.89 -17.03 -54.36
N ASN P 427 43.57 -15.95 -53.95
CA ASN P 427 43.02 -14.61 -54.16
C ASN P 427 43.02 -14.20 -55.63
N PHE P 428 43.83 -14.83 -56.46
CA PHE P 428 43.64 -14.68 -57.91
C PHE P 428 42.38 -15.37 -58.37
N LEU P 429 42.03 -16.49 -57.72
CA LEU P 429 41.12 -17.46 -58.33
C LEU P 429 39.66 -17.05 -58.15
N TYR P 430 39.19 -16.94 -56.90
CA TYR P 430 37.75 -16.81 -56.67
C TYR P 430 37.20 -15.48 -57.12
N ARG P 431 38.02 -14.42 -57.16
CA ARG P 431 37.53 -13.18 -57.77
C ARG P 431 37.44 -13.31 -59.28
N TRP P 432 38.36 -14.06 -59.91
CA TRP P 432 38.25 -14.30 -61.34
C TRP P 432 37.07 -15.21 -61.67
N ILE P 433 36.57 -15.97 -60.70
CA ILE P 433 35.31 -16.67 -60.87
C ILE P 433 34.14 -15.70 -60.72
N TYR P 434 34.25 -14.72 -59.82
CA TYR P 434 33.11 -13.87 -59.49
C TYR P 434 33.00 -12.61 -60.33
N ASP P 435 34.09 -11.86 -60.56
CA ASP P 435 33.95 -10.70 -61.44
C ASP P 435 34.81 -10.77 -62.69
N GLY P 436 36.02 -11.32 -62.59
CA GLY P 436 36.83 -11.54 -63.78
C GLY P 436 37.50 -10.29 -64.32
N GLU P 437 38.23 -9.58 -63.45
CA GLU P 437 38.93 -8.35 -63.78
C GLU P 437 40.41 -8.57 -63.51
N LEU P 438 41.20 -8.62 -64.58
CA LEU P 438 42.54 -9.19 -64.52
C LEU P 438 43.51 -8.24 -63.86
N GLU P 439 44.29 -8.77 -62.91
CA GLU P 439 45.14 -7.97 -62.02
C GLU P 439 46.52 -8.65 -61.92
N ASP P 440 47.12 -8.96 -63.05
CA ASP P 440 48.47 -9.51 -63.02
C ASP P 440 49.49 -8.47 -63.43
N THR P 441 50.67 -8.58 -62.86
CA THR P 441 51.81 -7.74 -63.24
C THR P 441 53.01 -8.58 -63.64
N TYR P 442 53.22 -9.72 -62.98
CA TYR P 442 54.31 -10.63 -63.33
C TYR P 442 53.84 -12.07 -63.32
N HIS P 443 52.53 -12.30 -63.44
CA HIS P 443 51.88 -13.61 -63.51
C HIS P 443 52.19 -14.48 -62.29
N GLU P 444 51.74 -14.02 -61.11
CA GLU P 444 51.98 -14.77 -59.88
C GLU P 444 51.13 -16.04 -59.82
N PHE P 445 50.01 -16.06 -60.52
CA PHE P 445 49.16 -17.24 -60.67
C PHE P 445 49.64 -18.03 -61.88
N PHE P 446 49.28 -19.32 -61.91
CA PHE P 446 49.70 -20.13 -63.05
C PHE P 446 48.90 -19.80 -64.30
N VAL P 447 47.74 -19.17 -64.17
CA VAL P 447 46.99 -18.65 -65.31
C VAL P 447 47.43 -17.20 -65.50
N ALA P 448 48.33 -16.98 -66.45
CA ALA P 448 48.70 -15.62 -66.83
C ALA P 448 47.58 -15.01 -67.64
N SER P 449 46.96 -13.97 -67.11
CA SER P 449 45.77 -13.39 -67.71
C SER P 449 46.15 -12.31 -68.72
N ASP P 450 45.63 -12.45 -69.93
CA ASP P 450 45.86 -11.59 -71.10
C ASP P 450 47.34 -11.36 -71.44
N PRO P 451 48.11 -12.37 -71.91
CA PRO P 451 49.46 -12.08 -72.42
C PRO P 451 49.50 -11.90 -73.93
N VAL P 452 48.39 -12.18 -74.59
CA VAL P 452 48.25 -12.09 -76.04
C VAL P 452 47.38 -10.88 -76.35
N VAL P 453 47.62 -10.25 -77.50
CA VAL P 453 46.84 -9.10 -77.95
C VAL P 453 45.37 -9.51 -78.13
N LYS P 454 44.47 -8.57 -77.85
CA LYS P 454 43.04 -8.85 -77.83
C LYS P 454 42.51 -9.07 -79.25
N THR P 455 41.82 -10.19 -79.45
CA THR P 455 41.22 -10.53 -80.73
C THR P 455 39.79 -10.99 -80.49
N ASP P 456 39.02 -11.02 -81.58
CA ASP P 456 37.68 -11.57 -81.50
C ASP P 456 37.75 -13.08 -81.34
N ARG P 457 36.74 -13.64 -80.68
CA ARG P 457 36.83 -14.99 -80.15
C ARG P 457 36.60 -16.03 -81.26
N LEU P 458 37.61 -16.84 -81.54
CA LEU P 458 37.50 -17.99 -82.41
C LEU P 458 37.80 -19.28 -81.65
N TRP P 459 37.39 -19.30 -80.37
CA TRP P 459 37.77 -20.31 -79.37
C TRP P 459 39.28 -20.45 -79.26
N HIS P 460 39.98 -19.31 -79.20
CA HIS P 460 41.43 -19.32 -79.08
C HIS P 460 41.85 -19.26 -77.62
N ASP P 461 42.88 -20.01 -77.28
CA ASP P 461 43.40 -20.06 -75.92
C ASP P 461 44.24 -18.82 -75.67
N LYS P 462 43.78 -17.96 -74.75
CA LYS P 462 44.58 -16.87 -74.23
C LYS P 462 45.09 -17.13 -72.82
N TYR P 463 44.46 -18.05 -72.09
CA TYR P 463 44.80 -18.33 -70.70
C TYR P 463 45.48 -19.70 -70.65
N SER P 464 46.80 -19.71 -70.78
CA SER P 464 47.57 -20.94 -70.65
C SER P 464 47.89 -21.20 -69.18
N LEU P 465 48.10 -22.47 -68.85
CA LEU P 465 48.24 -22.86 -67.45
C LEU P 465 49.68 -22.98 -66.97
N ARG P 466 50.65 -23.16 -67.89
CA ARG P 466 52.08 -23.00 -67.60
C ARG P 466 52.63 -23.92 -66.52
N LYS P 467 52.85 -25.21 -66.86
CA LYS P 467 53.27 -26.27 -65.93
C LYS P 467 54.39 -25.90 -64.95
N SER P 468 55.25 -24.94 -65.30
CA SER P 468 56.39 -24.59 -64.47
C SER P 468 56.03 -23.91 -63.15
N MET P 469 54.77 -23.50 -62.94
CA MET P 469 54.40 -22.87 -61.68
C MET P 469 53.05 -23.35 -61.15
N ILE P 470 52.76 -24.63 -61.30
CA ILE P 470 51.50 -25.19 -60.79
C ILE P 470 51.64 -25.42 -59.28
N PRO P 471 50.68 -25.01 -58.47
CA PRO P 471 50.66 -25.41 -57.07
C PRO P 471 50.46 -26.91 -56.92
N SER P 472 51.10 -27.47 -55.89
CA SER P 472 50.97 -28.91 -55.66
C SER P 472 49.71 -29.29 -54.91
N PHE P 473 48.99 -28.33 -54.33
CA PHE P 473 47.68 -28.62 -53.76
C PHE P 473 46.58 -28.55 -54.80
N MET P 474 46.88 -28.07 -56.00
CA MET P 474 45.96 -28.07 -57.13
C MET P 474 46.39 -29.14 -58.11
N THR P 475 45.54 -30.14 -58.29
CA THR P 475 45.88 -31.28 -59.15
C THR P 475 45.63 -30.92 -60.61
N MET P 476 45.69 -31.93 -61.49
CA MET P 476 45.68 -31.66 -62.92
C MET P 476 44.27 -31.42 -63.45
N ASP P 477 43.26 -32.11 -62.92
CA ASP P 477 41.91 -31.86 -63.42
C ASP P 477 41.32 -30.57 -62.86
N GLN P 478 41.86 -30.07 -61.75
CA GLN P 478 41.41 -28.81 -61.17
C GLN P 478 42.05 -27.61 -61.83
N SER P 479 43.27 -27.76 -62.35
CA SER P 479 43.91 -26.67 -63.08
C SER P 479 43.23 -26.45 -64.42
N ARG P 480 42.77 -27.52 -65.06
CA ARG P 480 41.96 -27.40 -66.26
C ARG P 480 40.53 -26.98 -65.95
N LYS P 481 40.07 -27.21 -64.71
CA LYS P 481 38.71 -26.83 -64.34
C LYS P 481 38.58 -25.32 -64.19
N VAL P 482 39.53 -24.69 -63.49
CA VAL P 482 39.46 -23.25 -63.25
C VAL P 482 39.74 -22.46 -64.52
N LEU P 483 40.37 -23.07 -65.53
CA LEU P 483 40.46 -22.45 -66.84
C LEU P 483 39.10 -22.40 -67.51
N LEU P 484 38.29 -23.46 -67.34
CA LEU P 484 37.01 -23.54 -68.02
C LEU P 484 36.00 -22.58 -67.40
N ILE P 485 36.08 -22.35 -66.08
CA ILE P 485 35.24 -21.34 -65.47
C ILE P 485 35.77 -19.95 -65.81
N GLY P 486 37.09 -19.80 -65.89
CA GLY P 486 37.67 -18.51 -66.21
C GLY P 486 37.53 -18.13 -67.66
N LYS P 487 37.37 -19.11 -68.55
CA LYS P 487 37.11 -18.80 -69.95
C LYS P 487 35.64 -18.45 -70.18
N SER P 488 34.75 -19.05 -69.40
CA SER P 488 33.32 -18.75 -69.54
C SER P 488 32.94 -17.42 -68.91
N ILE P 489 33.65 -17.01 -67.86
CA ILE P 489 33.32 -15.77 -67.17
C ILE P 489 33.73 -14.56 -68.00
N ASN P 490 34.72 -14.70 -68.90
CA ASN P 490 35.10 -13.64 -69.81
C ASN P 490 34.20 -13.61 -71.03
N PHE P 491 33.67 -14.77 -71.42
CA PHE P 491 32.73 -14.83 -72.53
C PHE P 491 31.38 -14.22 -72.18
N LEU P 492 31.04 -14.10 -70.90
CA LEU P 492 29.77 -13.49 -70.51
C LEU P 492 29.90 -12.01 -70.19
N HIS P 493 31.07 -11.40 -70.42
CA HIS P 493 31.16 -9.96 -70.30
C HIS P 493 30.92 -9.27 -71.63
N GLN P 494 31.31 -9.92 -72.74
CA GLN P 494 31.09 -9.38 -74.07
C GLN P 494 29.85 -9.96 -74.75
N VAL P 495 28.86 -10.39 -73.97
CA VAL P 495 27.55 -10.76 -74.50
C VAL P 495 26.55 -9.61 -74.33
N CYS P 496 27.04 -8.37 -74.26
CA CYS P 496 26.28 -7.16 -73.87
C CYS P 496 25.57 -7.34 -72.52
N HIS P 497 26.28 -7.95 -71.57
CA HIS P 497 25.81 -8.05 -70.19
C HIS P 497 27.01 -7.91 -69.26
N ASP P 498 26.90 -7.03 -68.27
CA ASP P 498 27.87 -6.96 -67.19
C ASP P 498 27.44 -7.74 -65.96
N GLN P 499 26.34 -8.49 -66.07
CA GLN P 499 25.71 -9.15 -64.94
C GLN P 499 26.54 -10.36 -64.52
N THR P 500 26.94 -10.37 -63.25
CA THR P 500 27.59 -11.55 -62.67
C THR P 500 26.58 -12.69 -62.64
N PRO P 501 27.01 -13.97 -62.94
CA PRO P 501 26.08 -15.02 -63.41
C PRO P 501 24.84 -15.34 -62.59
N ALA P 502 23.68 -15.06 -63.19
CA ALA P 502 22.31 -15.44 -62.85
C ALA P 502 21.76 -14.75 -61.62
N SER P 503 22.58 -14.01 -60.85
CA SER P 503 22.18 -13.35 -59.62
C SER P 503 23.31 -12.45 -59.17
N LYS P 504 23.02 -11.64 -58.17
CA LYS P 504 24.06 -10.97 -57.39
C LYS P 504 24.57 -11.85 -56.26
N ALA P 505 24.17 -13.12 -56.22
CA ALA P 505 24.63 -14.04 -55.19
C ALA P 505 26.07 -14.49 -55.40
N MET P 506 26.65 -14.22 -56.57
CA MET P 506 28.06 -14.47 -56.76
C MET P 506 28.90 -13.45 -55.99
N ALA P 507 28.34 -12.27 -55.74
CA ALA P 507 29.04 -11.22 -55.01
C ALA P 507 28.93 -11.40 -53.50
N VAL P 508 27.87 -12.08 -53.05
CA VAL P 508 27.79 -12.56 -51.64
C VAL P 508 28.97 -13.51 -51.36
N GLY P 509 29.23 -14.43 -52.29
CA GLY P 509 30.15 -15.56 -52.04
C GLY P 509 31.58 -15.11 -51.77
N LYS P 510 32.06 -14.11 -52.52
CA LYS P 510 33.45 -13.60 -52.35
C LYS P 510 33.59 -13.00 -50.95
N SER P 511 32.58 -12.24 -50.52
CA SER P 511 32.58 -11.65 -49.16
C SER P 511 32.56 -12.78 -48.13
N ALA P 512 31.75 -13.81 -48.36
CA ALA P 512 31.73 -14.89 -47.35
C ALA P 512 33.16 -15.44 -47.26
N GLU P 513 33.80 -15.69 -48.41
CA GLU P 513 35.13 -16.33 -48.44
C GLU P 513 36.12 -15.46 -47.68
N SER P 514 36.08 -14.14 -47.90
CA SER P 514 37.04 -13.22 -47.23
C SER P 514 36.86 -13.22 -45.71
N PRO P 515 35.66 -13.05 -45.12
CA PRO P 515 35.45 -13.41 -43.70
C PRO P 515 35.84 -14.81 -43.23
N LYS P 516 35.61 -15.86 -44.02
CA LYS P 516 36.06 -17.21 -43.60
C LYS P 516 37.58 -17.20 -43.45
N ASP P 517 38.28 -16.57 -44.40
CA ASP P 517 39.76 -16.47 -44.37
C ASP P 517 40.18 -15.67 -43.13
N ALA P 518 39.44 -14.60 -42.82
CA ALA P 518 39.73 -13.75 -41.66
C ALA P 518 39.59 -14.55 -40.37
N ALA P 519 38.58 -15.42 -40.29
CA ALA P 519 38.20 -16.06 -39.01
C ALA P 519 39.07 -17.30 -38.73
N GLU P 520 39.62 -17.91 -39.79
CA GLU P 520 40.01 -19.32 -39.73
C GLU P 520 41.34 -19.41 -39.00
N LEU P 521 41.37 -20.20 -37.93
CA LEU P 521 42.59 -20.33 -37.13
C LEU P 521 43.66 -21.12 -37.87
N PHE P 522 43.30 -22.31 -38.35
CA PHE P 522 44.27 -23.19 -39.00
C PHE P 522 43.53 -24.04 -40.02
N THR P 523 43.72 -23.74 -41.32
CA THR P 523 43.91 -24.63 -42.49
C THR P 523 43.74 -23.65 -43.65
N ASP P 524 43.87 -24.08 -44.90
CA ASP P 524 43.12 -23.51 -46.00
C ASP P 524 42.11 -24.55 -46.47
N LEU P 525 40.99 -24.08 -47.05
CA LEU P 525 40.09 -25.01 -47.71
C LEU P 525 40.77 -25.51 -49.00
N GLU P 526 40.91 -26.83 -49.11
CA GLU P 526 41.38 -27.43 -50.36
C GLU P 526 40.35 -28.43 -50.89
N ASN P 527 39.92 -29.35 -50.03
CA ASN P 527 38.97 -30.36 -50.46
C ASN P 527 37.56 -29.80 -50.55
N ALA P 528 37.23 -28.82 -49.72
CA ALA P 528 35.97 -28.11 -49.82
C ALA P 528 36.05 -26.91 -50.75
N PHE P 529 37.26 -26.50 -51.13
CA PHE P 529 37.42 -25.40 -52.09
C PHE P 529 37.04 -25.85 -53.49
N GLN P 530 37.30 -27.12 -53.81
CA GLN P 530 36.93 -27.65 -55.12
C GLN P 530 35.47 -28.05 -55.21
N THR P 531 34.72 -27.98 -54.12
CA THR P 531 33.32 -28.39 -54.13
C THR P 531 32.38 -27.27 -54.55
N LYS P 532 32.58 -26.07 -54.03
CA LYS P 532 31.68 -24.98 -54.37
C LYS P 532 32.09 -24.25 -55.64
N ILE P 533 33.28 -24.52 -56.19
CA ILE P 533 33.56 -23.99 -57.52
C ILE P 533 32.79 -24.78 -58.56
N ASP P 534 32.48 -26.04 -58.29
CA ASP P 534 31.47 -26.78 -59.03
C ASP P 534 30.12 -26.09 -58.91
N ALA P 535 29.77 -25.63 -57.70
CA ALA P 535 28.53 -24.88 -57.50
C ALA P 535 28.56 -23.50 -58.17
N ALA P 536 29.73 -23.02 -58.60
CA ALA P 536 29.83 -21.88 -59.48
C ALA P 536 29.92 -22.27 -60.95
N TYR P 537 30.64 -23.36 -61.27
CA TYR P 537 30.88 -23.76 -62.65
C TYR P 537 29.61 -24.25 -63.33
N PHE P 538 28.80 -25.04 -62.62
CA PHE P 538 27.54 -25.51 -63.18
C PHE P 538 26.53 -24.37 -63.30
N ASP P 539 26.61 -23.38 -62.41
CA ASP P 539 25.65 -22.29 -62.42
C ASP P 539 25.99 -21.22 -63.46
N THR P 540 27.28 -20.99 -63.72
CA THR P 540 27.64 -19.99 -64.74
C THR P 540 27.52 -20.54 -66.15
N SER P 541 27.45 -21.87 -66.31
CA SER P 541 27.34 -22.48 -67.63
C SER P 541 25.91 -22.58 -68.10
N LYS P 542 24.97 -22.82 -67.18
CA LYS P 542 23.56 -22.87 -67.55
C LYS P 542 23.02 -21.48 -67.84
N TYR P 543 23.48 -20.48 -67.06
CA TYR P 543 23.08 -19.10 -67.30
C TYR P 543 23.64 -18.56 -68.61
N LEU P 544 24.84 -18.99 -68.99
CA LEU P 544 25.41 -18.61 -70.27
C LEU P 544 24.73 -19.33 -71.43
N LEU P 545 24.03 -20.42 -71.17
CA LEU P 545 23.13 -21.01 -72.15
C LEU P 545 21.75 -20.35 -72.15
N ASP P 546 21.44 -19.53 -71.14
CA ASP P 546 20.16 -18.84 -71.09
C ASP P 546 20.20 -17.49 -71.77
N VAL P 547 21.38 -16.88 -71.91
CA VAL P 547 21.46 -15.57 -72.54
C VAL P 547 21.33 -15.70 -74.07
N LEU P 548 21.73 -16.84 -74.64
CA LEU P 548 21.53 -17.04 -76.08
C LEU P 548 20.06 -17.28 -76.38
N ASN P 549 19.34 -17.95 -75.47
CA ASN P 549 17.94 -18.30 -75.70
C ASN P 549 17.06 -17.06 -75.62
N LYS P 550 17.45 -16.07 -74.84
CA LYS P 550 16.67 -14.84 -74.72
C LYS P 550 16.96 -13.88 -75.86
N ASN P 551 18.16 -13.90 -76.41
CA ASN P 551 18.59 -12.85 -77.33
C ASN P 551 19.02 -13.35 -78.70
N TYR P 552 19.77 -14.44 -78.77
CA TYR P 552 20.50 -14.76 -79.99
C TYR P 552 20.04 -16.03 -80.69
N ASN P 553 19.47 -17.00 -79.96
CA ASN P 553 19.04 -18.31 -80.47
C ASN P 553 20.19 -19.05 -81.15
N LEU P 554 21.19 -19.38 -80.33
CA LEU P 554 22.45 -19.92 -80.85
C LEU P 554 22.27 -21.31 -81.43
N LEU P 555 21.76 -22.25 -80.64
CA LEU P 555 21.61 -23.62 -81.12
C LEU P 555 20.34 -23.81 -81.91
N GLU P 556 19.48 -22.79 -82.00
CA GLU P 556 18.45 -22.76 -83.02
C GLU P 556 19.05 -22.49 -84.39
N HIS P 557 20.16 -21.75 -84.45
CA HIS P 557 20.89 -21.58 -85.69
C HIS P 557 21.67 -22.81 -86.08
N MET P 558 21.93 -23.71 -85.12
CA MET P 558 22.50 -25.01 -85.43
C MET P 558 21.52 -25.85 -86.24
N GLN P 559 20.23 -25.73 -85.95
CA GLN P 559 19.22 -26.44 -86.73
C GLN P 559 18.89 -25.72 -88.03
N ALA P 560 19.00 -24.38 -88.03
CA ALA P 560 18.61 -23.61 -89.21
C ALA P 560 19.63 -23.73 -90.33
N MET P 561 20.91 -23.94 -90.01
CA MET P 561 21.91 -24.12 -91.06
C MET P 561 21.81 -25.48 -91.71
N ARG P 562 21.17 -26.45 -91.04
CA ARG P 562 20.97 -27.77 -91.61
C ARG P 562 19.93 -27.79 -92.73
N ARG P 563 19.04 -26.79 -92.76
CA ARG P 563 17.99 -26.74 -93.77
C ARG P 563 18.48 -26.13 -95.08
N TYR P 564 19.66 -25.53 -95.10
CA TYR P 564 20.17 -24.86 -96.29
C TYR P 564 21.49 -25.44 -96.76
N LEU P 565 22.45 -25.65 -95.86
CA LEU P 565 23.74 -26.21 -96.25
C LEU P 565 23.72 -27.74 -96.24
N LEU P 566 23.03 -28.35 -95.28
CA LEU P 566 22.83 -29.79 -95.27
C LEU P 566 21.58 -30.19 -96.05
N LEU P 567 20.74 -29.21 -96.40
CA LEU P 567 19.51 -29.40 -97.21
C LEU P 567 18.55 -30.36 -96.52
N GLY P 568 18.16 -29.99 -95.31
CA GLY P 568 17.23 -30.78 -94.52
C GLY P 568 15.83 -30.81 -95.09
N GLN P 569 15.22 -29.63 -95.23
CA GLN P 569 13.91 -29.50 -95.85
C GLN P 569 14.10 -29.17 -97.32
N GLY P 570 13.52 -30.01 -98.19
CA GLY P 570 13.80 -29.91 -99.61
C GLY P 570 12.98 -28.87 -100.36
N ASP P 571 11.84 -28.45 -99.81
CA ASP P 571 10.99 -27.47 -100.48
C ASP P 571 11.63 -26.09 -100.54
N PHE P 572 12.55 -25.78 -99.62
CA PHE P 572 13.29 -24.53 -99.71
C PHE P 572 14.28 -24.56 -100.86
N ILE P 573 14.77 -25.75 -101.23
CA ILE P 573 15.85 -25.88 -102.19
C ILE P 573 15.29 -26.31 -103.54
N ARG P 574 14.16 -27.02 -103.54
CA ARG P 574 13.58 -27.44 -104.81
C ARG P 574 12.89 -26.28 -105.53
N HIS P 575 12.11 -25.47 -104.80
CA HIS P 575 11.59 -24.24 -105.37
C HIS P 575 12.69 -23.24 -105.68
N LEU P 576 13.82 -23.34 -104.99
CA LEU P 576 15.03 -22.67 -105.43
C LEU P 576 15.44 -23.28 -106.77
N MET P 577 15.88 -24.56 -106.77
CA MET P 577 16.59 -25.16 -107.90
C MET P 577 15.76 -25.23 -109.19
N ASP P 578 14.43 -25.14 -109.08
CA ASP P 578 13.57 -25.01 -110.26
C ASP P 578 13.83 -23.69 -110.97
N LEU P 579 13.67 -22.56 -110.24
CA LEU P 579 13.91 -21.25 -110.83
C LEU P 579 15.38 -21.01 -111.13
N LEU P 580 16.26 -21.74 -110.44
CA LEU P 580 17.68 -21.40 -110.42
C LEU P 580 18.39 -21.95 -111.66
N LYS P 581 17.81 -22.95 -112.33
CA LYS P 581 18.33 -23.60 -113.54
C LYS P 581 18.36 -22.74 -114.82
N PRO P 582 17.37 -21.88 -115.14
CA PRO P 582 17.54 -21.02 -116.33
C PRO P 582 18.68 -20.00 -116.24
N GLU P 583 19.24 -19.78 -115.05
CA GLU P 583 20.42 -18.94 -114.91
C GLU P 583 21.72 -19.73 -114.91
N LEU P 584 21.69 -20.99 -114.45
CA LEU P 584 22.89 -21.80 -114.39
C LEU P 584 23.26 -22.42 -115.73
N VAL P 585 22.34 -22.45 -116.69
CA VAL P 585 22.63 -23.06 -117.98
C VAL P 585 23.53 -22.18 -118.82
N ARG P 586 23.48 -20.86 -118.61
CA ARG P 586 24.40 -19.99 -119.32
C ARG P 586 25.69 -19.82 -118.52
N PRO P 587 26.80 -19.50 -119.17
CA PRO P 587 28.03 -19.17 -118.42
C PRO P 587 27.86 -17.91 -117.61
N ALA P 588 28.53 -17.87 -116.46
CA ALA P 588 28.43 -16.74 -115.56
C ALA P 588 29.15 -15.54 -116.14
N THR P 589 28.58 -14.36 -115.91
CA THR P 589 29.15 -13.09 -116.34
C THR P 589 29.38 -12.22 -115.10
N THR P 590 29.76 -10.96 -115.34
CA THR P 590 29.78 -9.97 -114.27
C THR P 590 28.40 -9.47 -113.91
N LEU P 591 27.37 -9.84 -114.69
CA LEU P 591 25.98 -9.53 -114.40
C LEU P 591 25.27 -10.66 -113.69
N TYR P 592 26.01 -11.50 -112.97
CA TYR P 592 25.43 -12.73 -112.44
C TYR P 592 24.79 -12.50 -111.07
N GLN P 593 25.45 -11.72 -110.20
CA GLN P 593 25.06 -11.69 -108.79
C GLN P 593 23.73 -10.98 -108.55
N HIS P 594 23.39 -9.99 -109.39
CA HIS P 594 22.33 -9.06 -109.02
C HIS P 594 20.94 -9.70 -109.10
N ASN P 595 20.74 -10.68 -109.98
CA ASN P 595 19.48 -11.40 -109.97
C ASN P 595 19.52 -12.67 -109.14
N LEU P 596 20.72 -13.10 -108.72
CA LEU P 596 20.82 -14.22 -107.78
C LEU P 596 20.43 -13.85 -106.35
N THR P 597 20.44 -12.56 -106.01
CA THR P 597 20.04 -12.17 -104.66
C THR P 597 18.54 -12.19 -104.47
N GLY P 598 17.76 -12.04 -105.54
CA GLY P 598 16.31 -12.00 -105.41
C GLY P 598 15.62 -13.12 -106.15
N ILE P 599 16.40 -13.99 -106.81
CA ILE P 599 15.91 -15.32 -107.12
C ILE P 599 15.94 -16.15 -105.84
N LEU P 600 16.74 -15.73 -104.87
CA LEU P 600 16.63 -16.23 -103.51
C LEU P 600 15.38 -15.67 -102.82
N GLU P 601 15.14 -14.37 -102.99
CA GLU P 601 14.06 -13.70 -102.26
C GLU P 601 12.67 -14.05 -102.79
N THR P 602 12.55 -14.46 -104.05
CA THR P 602 11.28 -15.02 -104.51
C THR P 602 11.15 -16.49 -104.13
N ALA P 603 12.26 -17.16 -103.81
CA ALA P 603 12.20 -18.55 -103.40
C ALA P 603 11.87 -18.67 -101.91
N VAL P 604 12.34 -17.74 -101.08
CA VAL P 604 12.04 -17.78 -99.66
C VAL P 604 10.69 -17.16 -99.31
N ARG P 605 10.05 -16.48 -100.25
CA ARG P 605 8.72 -15.95 -100.01
C ARG P 605 7.63 -16.90 -100.50
N ALA P 606 7.89 -17.60 -101.60
CA ALA P 606 6.90 -18.52 -102.16
C ALA P 606 6.72 -19.78 -101.30
N THR P 607 7.67 -20.09 -100.44
CA THR P 607 7.57 -21.27 -99.59
C THR P 607 7.25 -20.94 -98.13
N ASN P 608 7.17 -19.66 -97.77
CA ASN P 608 7.04 -19.26 -96.37
C ASN P 608 5.96 -18.23 -96.18
N ALA P 609 5.34 -18.27 -95.00
CA ALA P 609 4.47 -17.21 -94.52
C ALA P 609 4.76 -16.86 -93.07
N GLN P 610 5.74 -17.49 -92.42
CA GLN P 610 6.08 -17.24 -91.04
C GLN P 610 7.57 -17.08 -90.81
N PHE P 611 8.40 -17.30 -91.83
CA PHE P 611 9.85 -17.28 -91.72
C PHE P 611 10.42 -15.87 -91.67
N ASP P 612 9.58 -14.84 -91.83
CA ASP P 612 10.04 -13.47 -91.65
C ASP P 612 10.32 -13.16 -90.18
N ASN P 613 9.68 -13.89 -89.27
CA ASN P 613 9.84 -13.67 -87.83
C ASN P 613 11.22 -14.03 -87.26
N PRO P 614 11.87 -15.17 -87.59
CA PRO P 614 13.23 -15.38 -87.07
C PRO P 614 14.26 -14.54 -87.81
N GLU P 615 15.51 -14.65 -87.35
CA GLU P 615 16.62 -13.83 -87.82
C GLU P 615 17.55 -14.63 -88.73
N ILE P 616 17.02 -15.47 -89.60
CA ILE P 616 17.81 -16.41 -90.37
C ILE P 616 18.15 -15.87 -91.75
N LEU P 617 17.22 -15.13 -92.37
CA LEU P 617 17.44 -14.61 -93.73
C LEU P 617 18.56 -13.59 -93.77
N LYS P 618 18.72 -12.81 -92.71
CA LYS P 618 19.84 -11.88 -92.64
C LYS P 618 21.16 -12.59 -92.36
N ARG P 619 21.12 -13.82 -91.85
CA ARG P 619 22.32 -14.60 -91.58
C ARG P 619 22.56 -15.68 -92.64
N LEU P 620 21.97 -15.53 -93.83
CA LEU P 620 22.30 -16.40 -94.95
C LEU P 620 22.38 -15.55 -96.21
N ASP P 621 23.37 -15.83 -97.05
CA ASP P 621 23.60 -15.08 -98.28
C ASP P 621 23.99 -16.05 -99.38
N VAL P 622 24.38 -15.50 -100.53
CA VAL P 622 24.81 -16.28 -101.68
C VAL P 622 26.32 -16.09 -101.84
N ARG P 623 27.04 -17.20 -102.01
CA ARG P 623 28.49 -17.18 -102.08
C ARG P 623 28.93 -17.56 -103.48
N LEU P 624 29.77 -16.72 -104.08
CA LEU P 624 30.28 -16.91 -105.43
C LEU P 624 31.80 -17.04 -105.37
N LEU P 625 32.35 -17.76 -106.35
CA LEU P 625 33.79 -17.97 -106.42
C LEU P 625 34.42 -16.97 -107.38
N GLU P 626 35.73 -17.10 -107.56
CA GLU P 626 36.51 -16.24 -108.45
C GLU P 626 36.87 -16.96 -109.75
N VAL P 627 36.01 -17.87 -110.21
CA VAL P 627 36.27 -18.61 -111.44
C VAL P 627 36.06 -17.70 -112.63
N SER P 628 36.87 -17.91 -113.67
CA SER P 628 36.78 -17.15 -114.92
C SER P 628 35.41 -17.37 -115.59
N PRO P 629 34.93 -16.40 -116.36
CA PRO P 629 33.59 -16.52 -116.98
C PRO P 629 33.49 -17.51 -118.13
N GLY P 630 34.52 -18.31 -118.42
CA GLY P 630 34.44 -19.29 -119.48
C GLY P 630 34.12 -20.68 -118.99
N ASP P 631 33.18 -20.79 -118.05
CA ASP P 631 32.80 -22.05 -117.44
C ASP P 631 31.37 -22.42 -117.83
N THR P 632 30.87 -23.52 -117.25
CA THR P 632 29.49 -23.93 -117.50
C THR P 632 28.52 -23.05 -116.74
N GLY P 633 28.91 -22.56 -115.56
CA GLY P 633 28.07 -21.72 -114.74
C GLY P 633 27.37 -22.44 -113.60
N TRP P 634 27.39 -23.77 -113.58
CA TRP P 634 26.68 -24.52 -112.56
C TRP P 634 27.45 -24.58 -111.24
N ASP P 635 28.78 -24.60 -111.29
CA ASP P 635 29.58 -24.93 -110.13
C ASP P 635 29.88 -23.75 -109.22
N VAL P 636 29.48 -22.53 -109.59
CA VAL P 636 29.91 -21.34 -108.86
C VAL P 636 28.84 -20.86 -107.87
N PHE P 637 27.57 -21.16 -108.11
CA PHE P 637 26.51 -20.80 -107.17
C PHE P 637 26.57 -21.68 -105.93
N SER P 638 26.56 -21.03 -104.75
CA SER P 638 26.41 -21.74 -103.49
C SER P 638 25.85 -20.76 -102.46
N LEU P 639 25.22 -21.31 -101.43
CA LEU P 639 24.73 -20.53 -100.31
C LEU P 639 25.70 -20.64 -99.13
N ASP P 640 25.68 -19.63 -98.27
CA ASP P 640 26.51 -19.61 -97.08
C ASP P 640 25.75 -18.98 -95.94
N TYR P 641 26.05 -19.43 -94.72
CA TYR P 641 25.37 -18.98 -93.51
C TYR P 641 26.21 -17.91 -92.83
N HIS P 642 25.86 -16.64 -93.08
CA HIS P 642 26.64 -15.51 -92.58
C HIS P 642 26.56 -15.40 -91.06
N VAL P 643 27.63 -14.90 -90.45
CA VAL P 643 27.71 -14.66 -89.02
C VAL P 643 28.21 -13.23 -88.80
N ASP P 644 27.69 -12.57 -87.78
CA ASP P 644 28.13 -11.20 -87.47
C ASP P 644 28.71 -11.06 -86.06
N GLY P 645 27.97 -11.42 -85.02
CA GLY P 645 28.36 -11.06 -83.67
C GLY P 645 28.57 -12.23 -82.74
N PRO P 646 27.64 -12.42 -81.80
CA PRO P 646 27.76 -13.52 -80.84
C PRO P 646 27.50 -14.90 -81.43
N ILE P 647 26.96 -14.98 -82.65
CA ILE P 647 26.91 -16.24 -83.37
C ILE P 647 28.29 -16.62 -83.89
N ALA P 648 29.19 -15.65 -84.07
CA ALA P 648 30.54 -15.90 -84.53
C ALA P 648 31.49 -16.33 -83.40
N THR P 649 30.98 -16.47 -82.17
CA THR P 649 31.78 -17.12 -81.14
C THR P 649 31.83 -18.63 -81.37
N VAL P 650 30.67 -19.23 -81.62
CA VAL P 650 30.60 -20.67 -81.86
C VAL P 650 30.99 -21.02 -83.29
N PHE P 651 30.97 -20.06 -84.21
CA PHE P 651 31.31 -20.29 -85.61
C PHE P 651 32.57 -19.51 -85.95
N THR P 652 33.64 -20.22 -86.28
CA THR P 652 34.92 -19.64 -86.60
C THR P 652 35.13 -19.59 -88.11
N ARG P 653 36.35 -19.28 -88.53
CA ARG P 653 36.68 -19.33 -89.95
C ARG P 653 36.77 -20.77 -90.44
N GLU P 654 37.11 -21.71 -89.56
CA GLU P 654 37.32 -23.10 -89.93
C GLU P 654 36.03 -23.88 -90.11
N CYS P 655 34.87 -23.31 -89.79
CA CYS P 655 33.64 -24.10 -89.85
C CYS P 655 32.99 -24.01 -91.23
N MET P 656 32.78 -22.80 -91.75
CA MET P 656 32.14 -22.64 -93.05
C MET P 656 33.09 -22.89 -94.20
N SER P 657 34.40 -22.92 -93.95
CA SER P 657 35.35 -23.31 -94.99
C SER P 657 35.21 -24.78 -95.34
N HIS P 658 34.75 -25.59 -94.38
CA HIS P 658 34.41 -26.98 -94.66
C HIS P 658 32.96 -27.16 -95.08
N TYR P 659 32.09 -26.22 -94.72
CA TYR P 659 30.71 -26.27 -95.19
C TYR P 659 30.57 -25.94 -96.67
N LEU P 660 31.57 -25.27 -97.27
CA LEU P 660 31.56 -25.10 -98.72
C LEU P 660 31.82 -26.44 -99.42
N ARG P 661 32.65 -27.29 -98.82
CA ARG P 661 33.04 -28.54 -99.46
C ARG P 661 31.92 -29.58 -99.37
N VAL P 662 31.18 -29.62 -98.27
CA VAL P 662 30.07 -30.54 -98.16
C VAL P 662 28.86 -30.05 -98.96
N PHE P 663 28.79 -28.75 -99.25
CA PHE P 663 27.69 -28.23 -100.06
C PHE P 663 27.86 -28.59 -101.52
N ASN P 664 29.09 -28.57 -102.03
CA ASN P 664 29.32 -28.72 -103.47
C ASN P 664 29.05 -30.14 -103.95
N PHE P 665 29.30 -31.15 -103.11
CA PHE P 665 28.91 -32.50 -103.50
C PHE P 665 27.40 -32.69 -103.36
N LEU P 666 26.80 -32.06 -102.34
CA LEU P 666 25.37 -32.19 -102.13
C LEU P 666 24.56 -31.35 -103.11
N TRP P 667 25.11 -30.21 -103.56
CA TRP P 667 24.48 -29.48 -104.64
C TRP P 667 24.57 -30.24 -105.96
N ARG P 668 25.68 -30.93 -106.19
CA ARG P 668 25.80 -31.76 -107.38
C ARG P 668 24.97 -33.04 -107.27
N ALA P 669 24.65 -33.48 -106.06
CA ALA P 669 23.75 -34.62 -105.90
C ALA P 669 22.32 -34.23 -106.26
N LYS P 670 21.90 -33.04 -105.84
CA LYS P 670 20.58 -32.53 -106.25
C LYS P 670 20.59 -32.01 -107.68
N ARG P 671 21.77 -31.68 -108.22
CA ARG P 671 21.86 -31.34 -109.64
C ARG P 671 21.56 -32.54 -110.52
N MET P 672 22.14 -33.70 -110.18
CA MET P 672 21.87 -34.92 -110.92
C MET P 672 20.44 -35.40 -110.76
N GLU P 673 19.81 -35.08 -109.62
CA GLU P 673 18.43 -35.49 -109.40
C GLU P 673 17.45 -34.67 -110.22
N TYR P 674 17.80 -33.44 -110.57
CA TYR P 674 16.88 -32.57 -111.29
C TYR P 674 17.12 -32.56 -112.79
N ILE P 675 18.34 -32.86 -113.25
CA ILE P 675 18.54 -33.01 -114.69
C ILE P 675 18.02 -34.36 -115.17
N LEU P 676 18.00 -35.36 -114.29
CA LEU P 676 17.36 -36.63 -114.62
C LEU P 676 15.85 -36.54 -114.50
N THR P 677 15.35 -35.58 -113.73
CA THR P 677 13.93 -35.26 -113.71
C THR P 677 13.48 -34.72 -115.05
N ASP P 678 14.31 -33.87 -115.67
CA ASP P 678 13.96 -33.26 -116.96
C ASP P 678 13.96 -34.29 -118.08
N ILE P 679 14.88 -35.25 -118.04
CA ILE P 679 14.91 -36.27 -119.09
C ILE P 679 13.88 -37.36 -118.83
N TRP P 680 13.41 -37.51 -117.59
CA TRP P 680 12.32 -38.45 -117.34
C TRP P 680 10.99 -37.88 -117.84
N LYS P 681 10.79 -36.57 -117.66
CA LYS P 681 9.66 -35.93 -118.30
C LYS P 681 9.84 -35.87 -119.81
N GLY P 682 11.09 -35.80 -120.27
CA GLY P 682 11.38 -35.88 -121.69
C GLY P 682 11.13 -37.25 -122.29
N HIS P 683 11.11 -38.31 -121.46
CA HIS P 683 10.69 -39.62 -121.92
C HIS P 683 9.22 -39.63 -122.28
N MET P 684 8.37 -39.12 -121.39
CA MET P 684 6.93 -39.16 -121.55
C MET P 684 6.41 -38.06 -122.46
N CYS P 685 7.22 -37.08 -122.84
CA CYS P 685 6.73 -35.97 -123.63
C CYS P 685 6.84 -36.24 -125.12
N ASN P 686 7.98 -36.78 -125.56
CA ASN P 686 8.16 -37.06 -126.99
C ASN P 686 7.47 -38.35 -127.41
N ALA P 687 7.22 -39.27 -126.46
CA ALA P 687 6.63 -40.55 -126.83
C ALA P 687 5.15 -40.43 -127.15
N LYS P 688 4.46 -39.45 -126.56
CA LYS P 688 3.05 -39.24 -126.87
C LYS P 688 2.84 -38.54 -128.20
N LEU P 689 3.85 -37.85 -128.73
CA LEU P 689 3.68 -37.04 -129.93
C LEU P 689 4.09 -37.75 -131.21
N LEU P 690 4.93 -38.78 -131.13
CA LEU P 690 5.33 -39.52 -132.33
C LEU P 690 4.51 -40.78 -132.55
N LYS P 691 3.39 -40.93 -131.82
CA LYS P 691 2.50 -42.08 -132.00
C LYS P 691 1.86 -42.02 -133.38
N GLY P 692 2.12 -43.04 -134.19
CA GLY P 692 1.67 -43.07 -135.57
C GLY P 692 2.68 -43.72 -136.48
N MET P 693 3.91 -43.89 -135.98
CA MET P 693 4.96 -44.57 -136.73
C MET P 693 5.22 -45.92 -136.09
N PRO P 694 5.11 -47.02 -136.85
CA PRO P 694 5.32 -48.35 -136.24
C PRO P 694 6.78 -48.68 -135.98
N GLU P 695 7.72 -48.02 -136.64
CA GLU P 695 9.13 -48.33 -136.45
C GLU P 695 9.66 -47.76 -135.15
N LEU P 696 9.36 -46.49 -134.87
CA LEU P 696 9.86 -45.81 -133.68
C LEU P 696 9.13 -46.22 -132.40
N SER P 697 8.11 -47.07 -132.48
CA SER P 697 7.40 -47.51 -131.28
C SER P 697 8.26 -48.47 -130.46
N GLY P 698 8.84 -49.48 -131.11
CA GLY P 698 9.77 -50.37 -130.44
C GLY P 698 11.17 -49.82 -130.27
N VAL P 699 11.46 -48.68 -130.89
CA VAL P 699 12.78 -48.07 -130.78
C VAL P 699 12.93 -47.41 -129.42
N LEU P 700 11.94 -46.61 -129.01
CA LEU P 700 12.01 -45.96 -127.71
C LEU P 700 11.75 -46.90 -126.55
N HIS P 701 11.19 -48.09 -126.81
CA HIS P 701 10.78 -48.98 -125.73
C HIS P 701 11.99 -49.60 -125.06
N GLN P 702 12.89 -50.18 -125.84
CA GLN P 702 14.09 -50.78 -125.26
C GLN P 702 15.09 -49.73 -124.80
N CYS P 703 15.06 -48.54 -125.38
CA CYS P 703 15.86 -47.44 -124.86
C CYS P 703 15.33 -46.93 -123.53
N HIS P 704 14.02 -47.04 -123.32
CA HIS P 704 13.45 -46.66 -122.03
C HIS P 704 13.82 -47.65 -120.94
N ILE P 705 14.06 -48.93 -121.31
CA ILE P 705 14.49 -49.92 -120.33
C ILE P 705 15.93 -49.65 -119.91
N LEU P 706 16.81 -49.41 -120.89
CA LEU P 706 18.22 -49.13 -120.58
C LEU P 706 18.40 -47.76 -119.95
N ALA P 707 17.44 -46.85 -120.13
CA ALA P 707 17.40 -45.64 -119.32
C ALA P 707 16.87 -45.94 -117.93
N SER P 708 15.88 -46.84 -117.82
CA SER P 708 15.33 -47.19 -116.52
C SER P 708 16.29 -48.05 -115.70
N GLU P 709 17.23 -48.72 -116.39
CA GLU P 709 18.30 -49.43 -115.69
C GLU P 709 19.19 -48.44 -114.94
N MET P 710 19.41 -47.26 -115.52
CA MET P 710 20.22 -46.25 -114.85
C MET P 710 19.42 -45.42 -113.86
N VAL P 711 18.13 -45.18 -114.08
CA VAL P 711 17.40 -44.29 -113.17
C VAL P 711 17.14 -45.00 -111.84
N HIS P 712 16.97 -46.33 -111.85
CA HIS P 712 16.71 -47.02 -110.60
C HIS P 712 17.99 -47.26 -109.81
N PHE P 713 19.13 -47.36 -110.51
CA PHE P 713 20.40 -47.55 -109.81
C PHE P 713 20.97 -46.25 -109.29
N ILE P 714 20.78 -45.13 -110.01
CA ILE P 714 21.18 -43.83 -109.49
C ILE P 714 20.32 -43.45 -108.29
N HIS P 715 19.02 -43.76 -108.34
CA HIS P 715 18.10 -43.37 -107.27
C HIS P 715 18.41 -44.09 -105.97
N GLN P 716 18.52 -45.42 -106.02
CA GLN P 716 18.61 -46.20 -104.78
C GLN P 716 19.95 -46.06 -104.07
N MET P 717 20.96 -45.47 -104.70
CA MET P 717 22.18 -45.15 -103.97
C MET P 717 22.30 -43.67 -103.64
N GLN P 718 21.81 -42.75 -104.49
CA GLN P 718 21.90 -41.33 -104.16
C GLN P 718 20.86 -40.92 -103.13
N TYR P 719 19.76 -41.68 -103.03
CA TYR P 719 18.86 -41.51 -101.89
C TYR P 719 19.53 -41.93 -100.59
N TYR P 720 20.22 -43.06 -100.61
CA TYR P 720 20.52 -43.78 -99.39
C TYR P 720 21.83 -43.36 -98.76
N ILE P 721 22.73 -42.74 -99.51
CA ILE P 721 24.00 -42.34 -98.91
C ILE P 721 23.88 -40.99 -98.20
N THR P 722 23.01 -40.09 -98.68
CA THR P 722 22.87 -38.80 -98.04
C THR P 722 21.85 -38.80 -96.92
N PHE P 723 20.90 -39.74 -96.94
CA PHE P 723 19.94 -39.86 -95.85
C PHE P 723 20.52 -40.57 -94.64
N GLU P 724 21.40 -41.55 -94.87
CA GLU P 724 22.02 -42.27 -93.77
C GLU P 724 23.02 -41.39 -93.02
N VAL P 725 23.80 -40.60 -93.76
CA VAL P 725 24.72 -39.65 -93.14
C VAL P 725 23.96 -38.49 -92.49
N LEU P 726 22.77 -38.16 -93.02
CA LEU P 726 21.86 -37.27 -92.31
C LEU P 726 21.39 -37.89 -91.00
N GLU P 727 21.24 -39.21 -90.97
CA GLU P 727 20.61 -39.86 -89.83
C GLU P 727 21.56 -39.97 -88.64
N CYS P 728 22.80 -40.40 -88.89
CA CYS P 728 23.72 -40.76 -87.82
C CYS P 728 24.27 -39.56 -87.05
N SER P 729 23.97 -38.34 -87.49
CA SER P 729 24.52 -37.14 -86.88
C SER P 729 23.46 -36.16 -86.38
N TRP P 730 22.27 -36.15 -86.99
CA TRP P 730 21.16 -35.40 -86.43
C TRP P 730 20.76 -35.97 -85.07
N ASP P 731 20.84 -37.29 -84.93
CA ASP P 731 20.60 -37.95 -83.66
C ASP P 731 21.87 -38.09 -82.81
N GLU P 732 22.96 -37.45 -83.23
CA GLU P 732 24.20 -37.43 -82.46
C GLU P 732 24.51 -36.07 -81.86
N LEU P 733 24.27 -34.99 -82.59
CA LEU P 733 24.53 -33.65 -82.08
C LEU P 733 23.32 -33.07 -81.36
N TRP P 734 22.15 -33.09 -82.01
CA TRP P 734 20.98 -32.37 -81.53
C TRP P 734 20.45 -32.95 -80.22
N ASN P 735 20.66 -34.24 -79.97
CA ASN P 735 20.28 -34.79 -78.68
C ASN P 735 21.34 -34.56 -77.62
N LYS P 736 22.61 -34.44 -78.01
CA LYS P 736 23.68 -34.34 -77.02
C LYS P 736 23.79 -32.94 -76.44
N VAL P 737 23.33 -31.91 -77.16
CA VAL P 737 23.61 -30.53 -76.76
C VAL P 737 22.80 -30.09 -75.55
N LEU P 738 21.67 -30.75 -75.26
CA LEU P 738 20.82 -30.33 -74.15
C LEU P 738 20.92 -31.26 -72.95
N LYS P 739 21.78 -32.29 -73.02
CA LYS P 739 22.08 -33.11 -71.85
C LYS P 739 23.43 -32.78 -71.24
N ALA P 740 24.32 -32.14 -71.98
CA ALA P 740 25.57 -31.60 -71.44
C ALA P 740 25.37 -30.15 -71.04
N GLN P 741 26.09 -29.73 -70.01
CA GLN P 741 25.86 -28.43 -69.37
C GLN P 741 27.13 -27.56 -69.42
N ASP P 742 27.33 -26.92 -70.56
CA ASP P 742 28.40 -25.94 -70.78
C ASP P 742 28.04 -25.12 -72.00
N LEU P 743 28.87 -24.11 -72.28
CA LEU P 743 28.94 -23.55 -73.62
C LEU P 743 30.12 -24.10 -74.40
N ASP P 744 31.21 -24.45 -73.70
CA ASP P 744 32.37 -25.04 -74.35
C ASP P 744 32.20 -26.52 -74.64
N HIS P 745 31.20 -27.18 -74.04
CA HIS P 745 30.84 -28.52 -74.48
C HIS P 745 29.87 -28.51 -75.65
N ILE P 746 29.20 -27.38 -75.90
CA ILE P 746 28.40 -27.25 -77.11
C ILE P 746 29.29 -27.28 -78.34
N ILE P 747 30.37 -26.49 -78.31
CA ILE P 747 31.31 -26.50 -79.43
C ILE P 747 32.12 -27.79 -79.44
N ALA P 748 32.41 -28.36 -78.26
CA ALA P 748 33.13 -29.64 -78.21
C ALA P 748 32.29 -30.79 -78.77
N ALA P 749 30.98 -30.73 -78.56
CA ALA P 749 30.09 -31.63 -79.30
C ALA P 749 29.91 -31.18 -80.74
N HIS P 750 30.10 -29.88 -81.02
CA HIS P 750 29.95 -29.43 -82.39
C HIS P 750 31.21 -29.71 -83.20
N ASP P 751 32.41 -29.47 -82.63
CA ASP P 751 33.63 -29.64 -83.42
C ASP P 751 33.94 -31.10 -83.76
N VAL P 752 33.32 -32.04 -83.03
CA VAL P 752 33.35 -33.43 -83.46
C VAL P 752 32.20 -33.75 -84.41
N PHE P 753 31.16 -32.91 -84.46
CA PHE P 753 30.03 -33.18 -85.34
C PHE P 753 30.36 -32.82 -86.78
N LEU P 754 30.84 -31.60 -87.02
CA LEU P 754 30.89 -31.08 -88.39
C LEU P 754 32.07 -31.60 -89.20
N ASP P 755 32.93 -32.43 -88.62
CA ASP P 755 33.96 -33.13 -89.39
C ASP P 755 33.70 -34.64 -89.49
N THR P 756 32.70 -35.16 -88.77
CA THR P 756 32.22 -36.50 -89.06
C THR P 756 31.35 -36.51 -90.30
N ILE P 757 30.68 -35.39 -90.57
CA ILE P 757 29.67 -35.36 -91.63
C ILE P 757 30.33 -35.27 -93.01
N ILE P 758 31.48 -34.61 -93.11
CA ILE P 758 32.14 -34.42 -94.40
C ILE P 758 33.03 -35.62 -94.72
N SER P 759 33.54 -36.29 -93.68
CA SER P 759 34.28 -37.52 -93.87
C SER P 759 33.38 -38.65 -94.35
N ARG P 760 32.09 -38.61 -93.98
CA ARG P 760 31.15 -39.59 -94.49
C ARG P 760 30.47 -39.14 -95.77
N CYS P 761 30.51 -37.84 -96.08
CA CYS P 761 29.91 -37.37 -97.34
C CYS P 761 30.88 -37.53 -98.51
N LEU P 762 31.97 -36.76 -98.51
CA LEU P 762 32.93 -36.88 -99.60
C LEU P 762 34.39 -37.06 -99.15
N LEU P 763 34.86 -36.19 -98.27
CA LEU P 763 36.28 -35.82 -98.23
C LEU P 763 37.01 -36.48 -97.06
N ASP P 764 38.04 -37.24 -97.40
CA ASP P 764 39.10 -37.62 -96.47
C ASP P 764 40.42 -37.59 -97.22
N SER P 765 41.52 -37.76 -96.49
CA SER P 765 42.81 -37.95 -97.14
C SER P 765 42.94 -39.33 -97.76
N GLU P 766 42.16 -40.30 -97.28
CA GLU P 766 42.15 -41.65 -97.83
C GLU P 766 40.97 -41.91 -98.74
N SER P 767 40.06 -40.94 -98.90
CA SER P 767 38.84 -41.12 -99.66
C SER P 767 39.02 -40.84 -101.15
N ARG P 768 40.26 -40.83 -101.65
CA ARG P 768 40.52 -40.58 -103.07
C ARG P 768 39.93 -41.68 -103.96
N ALA P 769 39.71 -42.87 -103.41
CA ALA P 769 39.00 -43.92 -104.13
C ALA P 769 37.49 -43.71 -104.15
N LEU P 770 36.96 -42.84 -103.28
CA LEU P 770 35.53 -42.58 -103.26
C LEU P 770 35.12 -41.58 -104.34
N LEU P 771 35.69 -40.37 -104.30
CA LEU P 771 35.29 -39.30 -105.21
C LEU P 771 35.88 -39.44 -106.60
N ASN P 772 36.70 -40.46 -106.87
CA ASN P 772 37.09 -40.75 -108.24
C ASN P 772 36.00 -41.51 -108.99
N GLN P 773 35.26 -42.39 -108.30
CA GLN P 773 34.13 -43.08 -108.90
C GLN P 773 32.85 -42.27 -108.85
N LEU P 774 32.69 -41.41 -107.83
CA LEU P 774 31.50 -40.57 -107.74
C LEU P 774 31.51 -39.46 -108.78
N ARG P 775 32.68 -39.09 -109.30
CA ARG P 775 32.77 -38.19 -110.43
C ARG P 775 32.78 -38.92 -111.76
N ALA P 776 33.15 -40.21 -111.77
CA ALA P 776 33.09 -41.00 -112.99
C ALA P 776 31.65 -41.38 -113.34
N VAL P 777 30.76 -41.43 -112.34
CA VAL P 777 29.34 -41.58 -112.60
C VAL P 777 28.68 -40.22 -112.83
N PHE P 778 29.32 -39.13 -112.38
CA PHE P 778 28.73 -37.81 -112.52
C PHE P 778 28.80 -37.31 -113.95
N ASP P 779 29.92 -37.54 -114.64
CA ASP P 779 30.02 -37.14 -116.04
C ASP P 779 29.41 -38.16 -116.98
N GLN P 780 29.17 -39.39 -116.52
CA GLN P 780 28.51 -40.38 -117.36
C GLN P 780 27.03 -40.10 -117.50
N ILE P 781 26.41 -39.51 -116.48
CA ILE P 781 24.99 -39.17 -116.57
C ILE P 781 24.80 -37.89 -117.37
N ILE P 782 25.85 -37.08 -117.55
CA ILE P 782 25.80 -35.97 -118.49
C ILE P 782 25.91 -36.48 -119.92
N GLU P 783 26.82 -37.44 -120.14
CA GLU P 783 27.01 -38.03 -121.47
C GLU P 783 25.79 -38.83 -121.90
N PHE P 784 25.09 -39.44 -120.95
CA PHE P 784 23.84 -40.11 -121.27
C PHE P 784 22.73 -39.12 -121.59
N GLN P 785 22.78 -37.91 -121.02
CA GLN P 785 21.67 -36.97 -121.15
C GLN P 785 21.74 -36.19 -122.46
N ASN P 786 22.91 -35.64 -122.79
CA ASN P 786 23.02 -34.81 -123.99
C ASN P 786 22.93 -35.63 -125.27
N ALA P 787 23.21 -36.92 -125.22
CA ALA P 787 23.06 -37.78 -126.38
C ALA P 787 21.60 -38.16 -126.64
N GLN P 788 20.74 -38.08 -125.62
CA GLN P 788 19.35 -38.45 -125.81
C GLN P 788 18.61 -37.39 -126.62
N ASP P 789 18.67 -36.13 -126.20
CA ASP P 789 18.07 -35.04 -126.96
C ASP P 789 18.86 -34.69 -128.22
N ALA P 790 20.06 -35.26 -128.41
CA ALA P 790 20.71 -35.15 -129.70
C ALA P 790 20.00 -35.98 -130.76
N LEU P 791 19.30 -37.04 -130.33
CA LEU P 791 18.56 -37.89 -131.25
C LEU P 791 17.08 -38.05 -130.92
N TYR P 792 16.62 -37.58 -129.75
CA TYR P 792 15.19 -37.35 -129.60
C TYR P 792 14.72 -36.20 -130.47
N ARG P 793 15.52 -35.13 -130.55
CA ARG P 793 15.20 -34.02 -131.45
C ARG P 793 15.23 -34.48 -132.90
N ALA P 794 16.20 -35.32 -133.28
CA ALA P 794 16.23 -35.87 -134.62
C ALA P 794 15.06 -36.82 -134.89
N ALA P 795 14.50 -37.41 -133.82
CA ALA P 795 13.35 -38.28 -134.00
C ALA P 795 12.05 -37.51 -134.09
N LEU P 796 11.96 -36.32 -133.48
CA LEU P 796 10.68 -35.62 -133.46
C LEU P 796 10.52 -34.62 -134.61
N GLU P 797 11.59 -33.94 -135.03
CA GLU P 797 11.44 -32.90 -136.05
C GLU P 797 11.17 -33.51 -137.42
N GLU P 798 11.75 -34.66 -137.72
CA GLU P 798 11.51 -35.31 -139.00
C GLU P 798 10.10 -35.89 -139.10
N LEU P 799 9.46 -36.16 -137.97
CA LEU P 799 8.07 -36.59 -137.98
C LEU P 799 7.13 -35.39 -138.15
N GLN P 800 7.56 -34.19 -137.74
CA GLN P 800 6.73 -33.01 -137.92
C GLN P 800 6.62 -32.61 -139.39
N GLN P 801 7.65 -32.88 -140.19
CA GLN P 801 7.57 -32.64 -141.63
C GLN P 801 6.66 -33.67 -142.31
N ARG P 802 6.50 -34.85 -141.72
CA ARG P 802 5.64 -35.88 -142.31
C ARG P 802 4.17 -35.51 -142.14
N LEU P 803 3.79 -34.96 -140.99
CA LEU P 803 2.38 -34.72 -140.70
C LEU P 803 1.85 -33.50 -141.45
N GLN P 804 2.68 -32.48 -141.65
CA GLN P 804 2.24 -31.31 -142.41
C GLN P 804 2.19 -31.59 -143.90
N PHE P 805 2.92 -32.59 -144.38
CA PHE P 805 2.81 -32.99 -145.78
C PHE P 805 1.56 -33.82 -146.03
N GLU P 806 1.07 -34.51 -145.00
CA GLU P 806 -0.21 -35.21 -145.11
C GLU P 806 -1.37 -34.22 -145.21
N GLU P 807 -1.20 -33.02 -144.65
CA GLU P 807 -2.21 -31.98 -144.80
C GLU P 807 -2.24 -31.41 -146.21
N ARG P 808 -1.11 -31.46 -146.92
CA ARG P 808 -1.04 -30.98 -148.29
C ARG P 808 -1.66 -31.96 -149.29
N LYS P 809 -1.98 -33.19 -148.86
CA LYS P 809 -2.57 -34.16 -149.78
C LYS P 809 -4.07 -33.94 -149.95
N LYS P 810 -4.76 -33.44 -148.94
CA LYS P 810 -6.19 -33.16 -149.07
C LYS P 810 -6.47 -31.80 -149.69
N GLU P 811 -5.54 -30.85 -149.59
CA GLU P 811 -5.77 -29.52 -150.14
C GLU P 811 -5.51 -29.46 -151.63
N ARG P 812 -4.69 -30.37 -152.17
CA ARG P 812 -4.46 -30.41 -153.61
C ARG P 812 -5.67 -30.95 -154.35
N GLU P 813 -6.53 -31.72 -153.67
CA GLU P 813 -7.77 -32.19 -154.29
C GLU P 813 -8.87 -31.16 -154.23
N SER P 814 -8.88 -30.29 -153.22
CA SER P 814 -9.92 -29.26 -153.14
C SER P 814 -9.58 -28.03 -153.96
N GLU P 815 -8.30 -27.75 -154.15
CA GLU P 815 -7.88 -26.60 -154.94
C GLU P 815 -7.96 -26.94 -156.43
N THR P 821 3.71 -35.59 -159.21
CA THR P 821 3.42 -36.33 -157.98
C THR P 821 4.51 -37.35 -157.69
N ALA P 822 5.39 -37.58 -158.67
CA ALA P 822 6.49 -38.52 -158.48
C ALA P 822 7.63 -37.91 -157.66
N ALA P 823 7.80 -36.59 -157.74
CA ALA P 823 8.75 -35.93 -156.86
C ALA P 823 8.25 -35.90 -155.43
N GLU P 824 6.93 -35.92 -155.25
CA GLU P 824 6.35 -35.99 -153.90
C GLU P 824 6.64 -37.32 -153.24
N GLU P 825 6.60 -38.41 -154.01
CA GLU P 825 6.95 -39.72 -153.48
C GLU P 825 8.44 -39.83 -153.20
N ASP P 826 9.27 -39.12 -153.98
CA ASP P 826 10.70 -39.13 -153.76
C ASP P 826 11.10 -38.36 -152.50
N VAL P 827 10.34 -37.31 -152.16
CA VAL P 827 10.54 -36.63 -150.89
C VAL P 827 10.15 -37.55 -149.73
N GLU P 828 9.10 -38.35 -149.91
CA GLU P 828 8.72 -39.33 -148.90
C GLU P 828 9.78 -40.41 -148.72
N ASN P 829 10.41 -40.83 -149.82
CA ASN P 829 11.48 -41.82 -149.73
C ASN P 829 12.73 -41.24 -149.11
N LYS P 830 12.93 -39.92 -149.21
CA LYS P 830 14.07 -39.30 -148.56
C LYS P 830 13.87 -39.20 -147.05
N ARG P 831 12.63 -38.94 -146.61
CA ARG P 831 12.34 -38.86 -145.18
C ARG P 831 12.47 -40.23 -144.52
N ILE P 832 12.00 -41.28 -145.20
CA ILE P 832 12.12 -42.64 -144.68
C ILE P 832 13.60 -43.02 -144.56
N GLN P 833 14.43 -42.58 -145.52
CA GLN P 833 15.87 -42.77 -145.41
C GLN P 833 16.45 -41.97 -144.24
N GLU P 834 15.93 -40.76 -144.00
CA GLU P 834 16.31 -40.02 -142.81
C GLU P 834 15.72 -40.65 -141.55
N PHE P 835 14.56 -41.29 -141.65
CA PHE P 835 14.08 -42.13 -140.55
C PHE P 835 14.97 -43.36 -140.40
N GLN P 836 15.39 -43.96 -141.51
CA GLN P 836 16.23 -45.15 -141.46
C GLN P 836 17.67 -44.86 -141.09
N GLU P 837 18.09 -43.59 -141.11
CA GLU P 837 19.44 -43.27 -140.67
C GLU P 837 19.48 -43.07 -139.16
N SER P 838 18.49 -42.36 -138.60
CA SER P 838 18.53 -41.95 -137.20
C SER P 838 18.28 -43.09 -136.23
N ILE P 839 17.74 -44.22 -136.69
CA ILE P 839 17.42 -45.32 -135.79
C ILE P 839 18.68 -46.14 -135.49
N PRO P 840 19.58 -46.48 -136.45
CA PRO P 840 20.88 -47.00 -136.01
C PRO P 840 21.76 -45.97 -135.31
N LYS P 841 21.59 -44.68 -135.60
CA LYS P 841 22.38 -43.65 -134.92
C LYS P 841 21.99 -43.55 -133.45
N MET P 842 20.71 -43.76 -133.14
CA MET P 842 20.33 -43.88 -131.73
C MET P 842 20.81 -45.22 -131.18
N ARG P 843 20.77 -46.27 -132.00
CA ARG P 843 21.11 -47.61 -131.54
C ARG P 843 22.60 -47.74 -131.28
N SER P 844 23.44 -47.27 -132.21
CA SER P 844 24.88 -47.37 -132.05
C SER P 844 25.39 -46.48 -130.91
N GLN P 845 24.68 -45.40 -130.61
CA GLN P 845 24.98 -44.65 -129.40
C GLN P 845 24.53 -45.42 -128.17
N LEU P 846 23.33 -46.01 -128.21
CA LEU P 846 22.80 -46.75 -127.07
C LEU P 846 23.59 -48.03 -126.81
N ARG P 847 24.22 -48.59 -127.84
CA ARG P 847 25.21 -49.65 -127.61
C ARG P 847 26.36 -49.15 -126.76
N ILE P 848 27.10 -48.15 -127.27
CA ILE P 848 28.39 -47.78 -126.68
C ILE P 848 28.24 -47.11 -125.30
N LEU P 849 27.08 -46.51 -124.99
CA LEU P 849 26.93 -45.95 -123.64
C LEU P 849 26.58 -47.01 -122.62
N THR P 850 25.92 -48.09 -123.02
CA THR P 850 25.66 -49.19 -122.10
C THR P 850 26.89 -50.05 -121.84
N HIS P 851 27.87 -50.05 -122.74
CA HIS P 851 29.18 -50.59 -122.36
C HIS P 851 29.90 -49.68 -121.38
N PHE P 852 29.66 -48.36 -121.46
CA PHE P 852 30.27 -47.45 -120.51
C PHE P 852 29.63 -47.61 -119.12
N TYR P 853 28.31 -47.73 -119.07
CA TYR P 853 27.61 -47.87 -117.79
C TYR P 853 27.90 -49.22 -117.16
N GLN P 854 28.09 -50.27 -117.97
CA GLN P 854 28.48 -51.57 -117.44
C GLN P 854 29.90 -51.54 -116.88
N GLY P 855 30.78 -50.72 -117.48
CA GLY P 855 32.10 -50.54 -116.91
C GLY P 855 32.11 -49.67 -115.67
N ILE P 856 31.13 -48.76 -115.55
CA ILE P 856 31.03 -47.93 -114.36
C ILE P 856 30.50 -48.73 -113.18
N VAL P 857 29.46 -49.55 -113.40
CA VAL P 857 28.82 -50.28 -112.32
C VAL P 857 29.72 -51.39 -111.76
N GLN P 858 30.70 -51.86 -112.53
CA GLN P 858 31.64 -52.85 -112.04
C GLN P 858 32.84 -52.23 -111.34
N GLN P 859 33.30 -51.07 -111.82
CA GLN P 859 34.40 -50.38 -111.17
C GLN P 859 33.96 -49.62 -109.92
N PHE P 860 32.65 -49.36 -109.77
CA PHE P 860 32.14 -48.69 -108.58
C PHE P 860 32.19 -49.61 -107.36
N LEU P 861 32.18 -50.92 -107.58
CA LEU P 861 32.17 -51.88 -106.48
C LEU P 861 33.57 -52.02 -105.87
N VAL P 862 34.59 -52.16 -106.70
CA VAL P 862 35.90 -52.53 -106.20
C VAL P 862 36.66 -51.32 -105.68
N LEU P 863 36.38 -50.12 -106.18
CA LEU P 863 37.06 -48.94 -105.67
C LEU P 863 36.41 -48.38 -104.42
N LEU P 864 35.25 -48.90 -104.01
CA LEU P 864 34.75 -48.57 -102.68
C LEU P 864 35.48 -49.35 -101.61
N THR P 865 35.86 -50.59 -101.90
CA THR P 865 36.26 -51.55 -100.88
C THR P 865 37.73 -51.47 -100.49
N THR P 866 38.42 -50.36 -100.80
CA THR P 866 39.82 -50.18 -100.41
C THR P 866 40.00 -48.86 -99.66
N SER P 867 39.88 -48.93 -98.33
CA SER P 867 40.35 -47.87 -97.45
C SER P 867 40.80 -48.49 -96.13
N THR P 868 41.32 -47.65 -95.24
CA THR P 868 42.16 -48.11 -94.13
C THR P 868 41.38 -48.18 -92.81
N ASP P 869 40.49 -49.18 -92.74
CA ASP P 869 39.96 -49.73 -91.48
C ASP P 869 39.20 -48.69 -90.64
N GLU P 870 38.20 -48.07 -91.26
CA GLU P 870 37.32 -47.07 -90.69
C GLU P 870 35.91 -47.63 -90.72
N SER P 871 34.88 -46.79 -90.62
CA SER P 871 33.52 -47.19 -91.01
C SER P 871 33.37 -47.29 -92.54
N LEU P 872 34.18 -48.18 -93.14
CA LEU P 872 34.08 -48.54 -94.54
C LEU P 872 33.29 -49.82 -94.74
N ARG P 873 33.24 -50.68 -93.71
CA ARG P 873 32.44 -51.90 -93.73
C ARG P 873 30.96 -51.57 -93.83
N PHE P 874 30.55 -50.45 -93.23
CA PHE P 874 29.18 -49.99 -93.36
C PHE P 874 28.89 -49.52 -94.78
N LEU P 875 29.86 -48.83 -95.39
CA LEU P 875 29.73 -48.45 -96.79
C LEU P 875 29.85 -49.67 -97.70
N SER P 876 30.62 -50.67 -97.28
CA SER P 876 30.81 -51.90 -98.05
C SER P 876 29.53 -52.73 -98.10
N PHE P 877 28.66 -52.57 -97.12
CA PHE P 877 27.43 -53.35 -96.99
C PHE P 877 26.32 -52.80 -97.88
N ARG P 878 26.33 -51.50 -98.15
CA ARG P 878 25.15 -50.87 -98.73
C ARG P 878 25.10 -50.97 -100.25
N LEU P 879 26.25 -51.05 -100.93
CA LEU P 879 26.22 -50.98 -102.39
C LEU P 879 25.91 -52.33 -103.04
N ASP P 880 26.31 -53.45 -102.41
CA ASP P 880 25.91 -54.75 -102.93
C ASP P 880 24.45 -55.03 -102.62
N PHE P 881 23.90 -54.40 -101.59
CA PHE P 881 22.50 -54.54 -101.27
C PHE P 881 21.61 -53.81 -102.28
N ASN P 882 22.15 -52.77 -102.92
CA ASN P 882 21.39 -52.00 -103.89
C ASN P 882 21.34 -52.69 -105.26
N GLU P 883 22.47 -53.24 -105.71
CA GLU P 883 22.52 -53.81 -107.05
C GLU P 883 21.85 -55.17 -107.12
N HIS P 884 21.78 -55.90 -106.02
CA HIS P 884 21.20 -57.24 -106.00
C HIS P 884 19.76 -57.24 -105.51
N TYR P 885 19.39 -56.34 -104.61
CA TYR P 885 18.05 -56.31 -104.07
C TYR P 885 17.40 -54.96 -104.32
N GLU Q 246 11.59 19.20 28.50
CA GLU Q 246 10.47 19.29 27.57
C GLU Q 246 9.22 18.66 28.18
N THR Q 247 9.21 17.33 28.25
CA THR Q 247 8.04 16.61 28.74
C THR Q 247 7.88 16.79 30.25
N SER Q 248 8.99 16.97 30.97
CA SER Q 248 8.92 17.22 32.41
C SER Q 248 8.27 18.57 32.71
N LEU Q 249 8.35 19.52 31.79
CA LEU Q 249 7.63 20.78 31.93
C LEU Q 249 6.16 20.62 31.55
N VAL Q 250 5.85 19.66 30.69
CA VAL Q 250 4.45 19.35 30.38
C VAL Q 250 3.80 18.68 31.58
N ARG Q 251 4.57 17.90 32.35
CA ARG Q 251 4.03 17.34 33.58
C ARG Q 251 3.96 18.38 34.69
N ASP Q 252 4.91 19.33 34.70
CA ASP Q 252 4.96 20.35 35.75
C ASP Q 252 3.79 21.32 35.66
N LEU Q 253 3.26 21.55 34.45
CA LEU Q 253 2.17 22.50 34.30
C LEU Q 253 0.84 21.92 34.77
N LEU Q 254 0.67 20.60 34.72
CA LEU Q 254 -0.61 20.01 35.11
C LEU Q 254 -0.82 20.09 36.61
N TYR Q 255 0.25 20.07 37.38
CA TYR Q 255 0.12 20.02 38.84
C TYR Q 255 -0.26 21.35 39.43
N VAL Q 256 0.15 22.47 38.80
CA VAL Q 256 -0.34 23.76 39.25
C VAL Q 256 -1.68 24.07 38.60
N PHE Q 257 -2.00 23.41 37.47
CA PHE Q 257 -3.38 23.38 37.01
C PHE Q 257 -4.30 22.65 37.96
N GLN Q 258 -3.80 21.65 38.67
CA GLN Q 258 -4.61 20.96 39.65
C GLN Q 258 -4.63 21.70 40.98
N GLY Q 259 -3.68 22.60 41.21
CA GLY Q 259 -3.51 23.17 42.53
C GLY Q 259 -2.22 23.95 42.70
N ILE Q 260 -1.45 23.57 43.71
CA ILE Q 260 -0.21 24.23 44.08
C ILE Q 260 0.93 23.37 43.51
N ASP Q 261 2.17 23.88 43.63
CA ASP Q 261 3.32 23.56 42.79
C ASP Q 261 3.63 22.06 42.71
N GLY Q 262 4.24 21.68 41.58
CA GLY Q 262 4.55 20.30 41.26
C GLY Q 262 6.00 19.91 41.46
N LYS Q 263 6.76 19.94 40.36
CA LYS Q 263 8.14 19.48 40.38
C LYS Q 263 9.04 20.36 41.25
N PHE Q 264 9.03 21.66 40.99
CA PHE Q 264 9.83 22.61 41.76
C PHE Q 264 8.92 23.48 42.63
N VAL Q 265 9.56 24.32 43.45
CA VAL Q 265 8.87 25.24 44.33
C VAL Q 265 8.78 26.59 43.65
N LYS Q 266 7.57 27.15 43.57
CA LYS Q 266 7.33 28.41 42.88
C LYS Q 266 7.16 29.58 43.83
N MET Q 267 7.00 29.31 45.13
CA MET Q 267 7.02 30.26 46.28
C MET Q 267 6.17 31.52 46.08
N CYS Q 268 5.10 31.45 45.30
CA CYS Q 268 4.33 32.66 45.02
C CYS Q 268 2.85 32.31 44.88
N ASN Q 269 2.04 32.87 45.77
CA ASN Q 269 0.59 32.69 45.74
C ASN Q 269 -0.14 33.98 45.37
N SER Q 270 0.57 35.01 44.94
CA SER Q 270 -0.04 36.29 44.66
C SER Q 270 0.59 36.93 43.43
N GLU Q 271 -0.27 37.50 42.58
CA GLU Q 271 -0.02 38.35 41.41
C GLU Q 271 0.53 37.61 40.19
N ASN Q 272 1.10 36.41 40.39
CA ASN Q 272 1.11 35.19 39.57
C ASN Q 272 2.01 34.16 40.25
N CYS Q 273 1.82 32.88 39.95
CA CYS Q 273 2.58 31.80 40.60
C CYS Q 273 3.85 31.45 39.83
N TYR Q 274 4.76 32.42 39.71
CA TYR Q 274 5.82 32.40 38.69
C TYR Q 274 6.81 31.26 38.94
N LYS Q 275 7.19 30.60 37.84
CA LYS Q 275 7.96 29.36 37.90
C LYS Q 275 9.45 29.64 37.83
N VAL Q 276 10.19 29.06 38.77
CA VAL Q 276 11.65 29.20 38.85
C VAL Q 276 12.26 27.83 38.66
N ASP Q 277 13.13 27.71 37.65
CA ASP Q 277 13.87 26.47 37.44
C ASP Q 277 15.28 26.51 38.00
N GLY Q 278 15.83 27.70 38.23
CA GLY Q 278 17.19 27.81 38.73
C GLY Q 278 18.25 27.45 37.72
N LYS Q 279 17.93 27.54 36.43
CA LYS Q 279 18.85 27.18 35.36
C LYS Q 279 19.07 28.37 34.45
N VAL Q 280 20.34 28.57 34.07
CA VAL Q 280 20.71 29.68 33.19
C VAL Q 280 21.30 29.21 31.87
N ALA Q 281 21.85 27.98 31.79
CA ALA Q 281 22.43 27.49 30.54
C ALA Q 281 21.37 27.06 29.54
N VAL Q 282 20.14 26.84 29.98
CA VAL Q 282 19.03 26.54 29.09
C VAL Q 282 18.56 27.85 28.46
N SER Q 283 17.66 27.75 27.48
CA SER Q 283 17.17 28.90 26.75
C SER Q 283 16.37 29.85 27.65
N LYS Q 284 16.08 31.04 27.11
CA LYS Q 284 15.15 31.94 27.77
C LYS Q 284 13.71 31.53 27.49
N SER Q 285 13.51 30.62 26.53
CA SER Q 285 12.21 30.36 25.91
C SER Q 285 11.21 29.71 26.86
N LEU Q 286 11.67 28.92 27.83
CA LEU Q 286 10.74 28.24 28.73
C LEU Q 286 10.21 29.19 29.79
N LYS Q 287 10.95 30.28 30.08
CA LYS Q 287 10.57 31.18 31.17
C LYS Q 287 9.29 31.94 30.85
N ASP Q 288 9.13 32.41 29.61
CA ASP Q 288 7.86 33.00 29.20
C ASP Q 288 6.73 31.99 29.14
N ILE Q 289 7.01 30.76 28.71
CA ILE Q 289 5.95 29.76 28.62
C ILE Q 289 5.46 29.37 30.00
N THR Q 290 6.40 29.07 30.90
CA THR Q 290 6.03 28.77 32.28
C THR Q 290 5.52 30.00 33.02
N SER Q 291 5.72 31.20 32.47
CA SER Q 291 5.03 32.37 33.00
C SER Q 291 3.56 32.37 32.61
N LYS Q 292 3.23 31.87 31.41
CA LYS Q 292 1.82 31.82 31.01
C LYS Q 292 1.08 30.69 31.73
N LEU Q 293 1.74 29.55 31.96
CA LEU Q 293 1.13 28.52 32.79
C LEU Q 293 1.13 28.89 34.27
N SER Q 294 2.01 29.80 34.69
CA SER Q 294 1.88 30.40 36.01
C SER Q 294 0.58 31.19 36.14
N GLU Q 295 0.19 31.88 35.07
CA GLU Q 295 -1.01 32.71 35.11
C GLU Q 295 -2.25 31.86 35.26
N LEU Q 296 -2.37 30.81 34.46
CA LEU Q 296 -3.56 29.97 34.46
C LEU Q 296 -3.65 29.11 35.71
N GLY Q 297 -2.51 28.75 36.31
CA GLY Q 297 -2.55 28.08 37.59
C GLY Q 297 -2.94 29.01 38.72
N TRP Q 298 -2.55 30.28 38.64
CA TRP Q 298 -3.00 31.26 39.62
C TRP Q 298 -4.47 31.60 39.39
N LEU Q 299 -4.96 31.46 38.15
CA LEU Q 299 -6.36 31.80 37.89
C LEU Q 299 -7.28 30.73 38.48
N HIS Q 300 -6.84 29.46 38.45
CA HIS Q 300 -7.63 28.35 38.98
C HIS Q 300 -7.48 28.23 40.48
N ASN Q 301 -6.35 28.68 41.04
CA ASN Q 301 -6.24 28.77 42.49
C ASN Q 301 -7.17 29.83 43.06
N LYS Q 302 -7.51 30.84 42.25
CA LYS Q 302 -8.43 31.88 42.72
C LYS Q 302 -9.88 31.39 42.75
N ILE Q 303 -10.28 30.56 41.78
CA ILE Q 303 -11.64 30.05 41.84
C ILE Q 303 -11.73 28.90 42.85
N LYS Q 304 -10.61 28.23 43.12
CA LYS Q 304 -10.58 27.17 44.14
C LYS Q 304 -10.72 27.75 45.55
N LYS Q 305 -10.04 28.88 45.84
CA LYS Q 305 -10.12 29.42 47.19
C LYS Q 305 -11.50 30.00 47.49
N TYR Q 306 -12.23 30.44 46.46
CA TYR Q 306 -13.58 30.93 46.67
C TYR Q 306 -14.56 29.78 46.92
N THR Q 307 -14.25 28.59 46.40
CA THR Q 307 -15.02 27.39 46.74
C THR Q 307 -14.68 26.86 48.12
N ASP Q 308 -13.53 27.25 48.67
CA ASP Q 308 -13.20 26.89 50.04
C ASP Q 308 -13.79 27.89 51.03
N GLN Q 309 -14.01 29.12 50.59
CA GLN Q 309 -14.68 30.11 51.43
C GLN Q 309 -16.17 29.84 51.55
N ARG Q 310 -16.76 29.14 50.58
CA ARG Q 310 -18.19 28.88 50.59
C ARG Q 310 -18.57 27.74 51.52
N SER Q 311 -17.60 26.95 51.98
CA SER Q 311 -17.90 25.75 52.77
C SER Q 311 -18.41 26.18 54.14
N LEU Q 312 -19.73 26.28 54.25
CA LEU Q 312 -20.39 26.93 55.38
C LEU Q 312 -21.86 26.54 55.34
N ASP Q 313 -22.48 26.47 56.52
CA ASP Q 313 -23.87 26.01 56.60
C ASP Q 313 -24.85 27.14 56.28
N ARG Q 314 -24.88 28.17 57.11
CA ARG Q 314 -25.90 29.21 57.03
C ARG Q 314 -25.23 30.57 57.12
N ALA Q 315 -25.24 31.31 56.02
CA ALA Q 315 -24.56 32.59 55.92
C ALA Q 315 -25.58 33.72 55.89
N PHE Q 316 -25.05 34.94 55.86
CA PHE Q 316 -25.86 36.16 55.80
C PHE Q 316 -26.39 36.28 54.37
N GLY Q 317 -27.46 35.55 54.07
CA GLY Q 317 -28.04 35.57 52.74
C GLY Q 317 -28.12 34.21 52.07
N LEU Q 318 -29.25 33.95 51.39
CA LEU Q 318 -29.44 32.70 50.67
C LEU Q 318 -28.78 32.72 49.29
N VAL Q 319 -28.58 33.91 48.72
CA VAL Q 319 -27.95 34.04 47.40
C VAL Q 319 -26.45 33.74 47.45
N GLY Q 320 -25.83 33.83 48.63
CA GLY Q 320 -24.37 33.83 48.71
C GLY Q 320 -23.74 32.51 48.32
N GLN Q 321 -24.30 31.40 48.79
CA GLN Q 321 -23.77 30.09 48.41
C GLN Q 321 -24.32 29.56 47.09
N SER Q 322 -25.45 30.09 46.62
CA SER Q 322 -25.94 29.70 45.30
C SER Q 322 -25.16 30.38 44.19
N PHE Q 323 -24.53 31.52 44.49
CA PHE Q 323 -23.63 32.17 43.53
C PHE Q 323 -22.42 31.31 43.22
N CYS Q 324 -21.83 30.71 44.25
CA CYS Q 324 -20.67 29.84 44.06
C CYS Q 324 -21.06 28.38 43.92
N ALA Q 325 -22.34 28.04 44.05
CA ALA Q 325 -22.81 26.77 43.51
C ALA Q 325 -22.67 26.77 41.99
N ALA Q 326 -22.84 27.94 41.36
CA ALA Q 326 -22.48 28.10 39.96
C ALA Q 326 -20.97 28.11 39.77
N LEU Q 327 -20.23 28.77 40.67
CA LEU Q 327 -18.79 28.86 40.50
C LEU Q 327 -18.07 27.53 40.75
N HIS Q 328 -18.76 26.53 41.30
CA HIS Q 328 -18.22 25.17 41.35
C HIS Q 328 -18.56 24.35 40.12
N GLN Q 329 -19.71 24.61 39.49
CA GLN Q 329 -19.96 24.20 38.10
C GLN Q 329 -18.92 24.73 37.12
N GLU Q 330 -18.58 26.02 37.17
CA GLU Q 330 -17.53 26.51 36.29
C GLU Q 330 -16.13 26.20 36.81
N LEU Q 331 -15.99 25.78 38.07
CA LEU Q 331 -14.79 25.07 38.48
C LEU Q 331 -14.73 23.69 37.84
N LYS Q 332 -15.89 23.04 37.71
CA LYS Q 332 -15.94 21.68 37.17
C LYS Q 332 -15.65 21.66 35.68
N GLU Q 333 -16.04 22.71 34.94
CA GLU Q 333 -15.74 22.80 33.52
C GLU Q 333 -14.25 22.94 33.26
N TYR Q 334 -13.49 23.46 34.21
CA TYR Q 334 -12.04 23.50 34.06
C TYR Q 334 -11.41 22.14 34.34
N TYR Q 335 -12.04 21.30 35.15
CA TYR Q 335 -11.48 19.98 35.43
C TYR Q 335 -11.65 19.02 34.25
N ARG Q 336 -12.73 19.18 33.47
CA ARG Q 336 -12.90 18.32 32.31
C ARG Q 336 -11.88 18.64 31.23
N LEU Q 337 -11.38 19.89 31.20
CA LEU Q 337 -10.15 20.17 30.48
C LEU Q 337 -9.00 19.32 30.99
N LEU Q 338 -8.86 19.23 32.33
CA LEU Q 338 -7.69 18.64 32.93
C LEU Q 338 -7.61 17.12 32.74
N SER Q 339 -8.71 16.49 32.34
CA SER Q 339 -8.63 15.09 31.94
C SER Q 339 -8.11 14.94 30.51
N VAL Q 340 -8.32 15.94 29.66
CA VAL Q 340 -8.02 15.79 28.24
C VAL Q 340 -6.53 15.98 27.95
N LEU Q 341 -5.87 16.95 28.59
CA LEU Q 341 -4.44 17.12 28.32
C LEU Q 341 -3.61 16.06 29.06
N HIS Q 342 -4.16 15.44 30.10
CA HIS Q 342 -3.49 14.26 30.65
C HIS Q 342 -3.63 13.06 29.73
N SER Q 343 -4.75 12.95 29.00
CA SER Q 343 -4.89 11.87 28.03
C SER Q 343 -3.91 12.02 26.86
N GLN Q 344 -3.42 13.23 26.61
CA GLN Q 344 -2.35 13.47 25.66
C GLN Q 344 -0.99 13.05 26.22
N LEU Q 345 -0.85 13.05 27.56
CA LEU Q 345 0.47 12.94 28.18
C LEU Q 345 1.05 11.54 28.05
N GLN Q 346 0.30 10.51 28.44
CA GLN Q 346 0.83 9.16 28.34
C GLN Q 346 0.65 8.61 26.92
N VAL Q 347 1.08 7.38 26.72
CA VAL Q 347 0.99 6.71 25.43
C VAL Q 347 -0.09 5.63 25.53
N GLU Q 348 -1.12 5.76 24.72
CA GLU Q 348 -2.20 4.78 24.67
C GLU Q 348 -2.40 4.27 23.25
N SER Q 359 -0.22 12.99 18.89
CA SER Q 359 0.06 14.42 18.90
C SER Q 359 1.43 14.70 19.50
N SER Q 360 1.97 15.89 19.18
CA SER Q 360 3.27 16.30 19.69
C SER Q 360 3.12 16.92 21.07
N LEU Q 361 4.09 16.62 21.94
CA LEU Q 361 4.08 17.10 23.31
C LEU Q 361 4.94 18.35 23.43
N THR Q 362 4.52 19.39 22.72
CA THR Q 362 5.21 20.67 22.74
C THR Q 362 4.42 21.69 23.57
N LEU Q 363 5.11 22.72 24.02
CA LEU Q 363 4.51 23.71 24.91
C LEU Q 363 3.68 24.75 24.16
N ARG Q 364 3.84 24.85 22.85
CA ARG Q 364 3.11 25.88 22.10
C ARG Q 364 1.74 25.41 21.65
N ARG Q 365 1.55 24.12 21.42
CA ARG Q 365 0.24 23.61 21.06
C ARG Q 365 -0.69 23.59 22.28
N LEU Q 366 -0.14 23.34 23.46
CA LEU Q 366 -0.91 23.43 24.69
C LEU Q 366 -1.23 24.86 25.10
N LEU Q 367 -0.55 25.85 24.51
CA LEU Q 367 -0.90 27.24 24.75
C LEU Q 367 -2.28 27.57 24.21
N VAL Q 368 -2.55 27.15 22.97
CA VAL Q 368 -3.82 27.53 22.34
C VAL Q 368 -4.98 26.69 22.85
N TRP Q 369 -4.70 25.53 23.45
CA TRP Q 369 -5.73 24.78 24.15
C TRP Q 369 -5.97 25.32 25.55
N THR Q 370 -5.05 26.15 26.06
CA THR Q 370 -5.28 26.89 27.29
C THR Q 370 -5.55 28.36 27.04
N PHE Q 371 -5.50 28.82 25.80
CA PHE Q 371 -5.89 30.20 25.47
C PHE Q 371 -7.40 30.35 25.45
N ASP Q 372 -8.12 29.27 25.17
CA ASP Q 372 -9.59 29.29 25.22
C ASP Q 372 -10.14 29.31 26.64
N PRO Q 373 -9.53 28.63 27.66
CA PRO Q 373 -9.90 28.96 29.04
C PRO Q 373 -9.46 30.36 29.48
N LYS Q 374 -8.44 30.94 28.83
CA LYS Q 374 -7.96 32.26 29.22
C LYS Q 374 -8.99 33.35 28.95
N ILE Q 375 -9.95 33.09 28.06
CA ILE Q 375 -11.12 33.95 27.98
C ILE Q 375 -12.15 33.54 29.04
N ARG Q 376 -12.24 32.23 29.35
CA ARG Q 376 -13.26 31.73 30.27
C ARG Q 376 -12.95 32.11 31.71
N LEU Q 377 -11.73 31.82 32.17
CA LEU Q 377 -11.41 32.02 33.59
C LEU Q 377 -11.13 33.48 33.92
N LYS Q 378 -10.75 34.31 32.94
CA LYS Q 378 -10.42 35.69 33.23
C LYS Q 378 -11.68 36.53 33.43
N THR Q 379 -12.77 36.20 32.73
CA THR Q 379 -14.04 36.86 33.02
C THR Q 379 -14.70 36.28 34.28
N LEU Q 380 -14.24 35.13 34.75
CA LEU Q 380 -14.57 34.69 36.10
C LEU Q 380 -13.74 35.42 37.15
N ALA Q 381 -12.58 35.94 36.78
CA ALA Q 381 -11.79 36.75 37.69
C ALA Q 381 -12.35 38.15 37.85
N ALA Q 382 -13.03 38.67 36.83
CA ALA Q 382 -13.79 39.90 37.00
C ALA Q 382 -15.04 39.67 37.84
N LEU Q 383 -15.53 38.43 37.90
CA LEU Q 383 -16.68 38.10 38.72
C LEU Q 383 -16.31 38.01 40.20
N VAL Q 384 -15.09 37.55 40.51
CA VAL Q 384 -14.70 37.38 41.89
C VAL Q 384 -14.19 38.69 42.50
N ASP Q 385 -13.77 39.65 41.66
CA ASP Q 385 -13.28 40.93 42.17
C ASP Q 385 -14.40 41.86 42.60
N HIS Q 386 -15.62 41.68 42.09
CA HIS Q 386 -16.70 42.60 42.37
C HIS Q 386 -17.31 42.37 43.75
N CYS Q 387 -17.41 41.11 44.18
CA CYS Q 387 -18.15 40.76 45.38
C CYS Q 387 -17.22 40.06 46.35
N GLN Q 388 -16.79 40.77 47.38
CA GLN Q 388 -16.13 40.13 48.52
C GLN Q 388 -17.15 39.64 49.55
N GLY Q 389 -18.31 40.29 49.64
CA GLY Q 389 -19.34 39.87 50.54
C GLY Q 389 -20.25 38.81 49.95
N ARG Q 390 -21.03 38.17 50.83
CA ARG Q 390 -21.93 37.09 50.45
C ARG Q 390 -23.39 37.45 50.66
N LYS Q 391 -23.71 38.72 50.90
CA LYS Q 391 -25.09 39.12 51.13
C LYS Q 391 -25.82 39.30 49.80
N GLY Q 392 -27.01 38.71 49.71
CA GLY Q 392 -27.83 38.86 48.51
C GLY Q 392 -28.39 40.27 48.38
N GLY Q 393 -28.97 40.52 47.22
CA GLY Q 393 -29.47 41.85 46.89
C GLY Q 393 -28.44 42.70 46.19
N GLU Q 394 -27.27 42.89 46.82
CA GLU Q 394 -26.15 43.53 46.15
C GLU Q 394 -25.48 42.59 45.15
N LEU Q 395 -25.69 41.28 45.30
CA LEU Q 395 -25.24 40.35 44.26
C LEU Q 395 -26.09 40.46 43.01
N ALA Q 396 -27.37 40.83 43.17
CA ALA Q 396 -28.26 40.98 42.02
C ALA Q 396 -27.97 42.27 41.26
N SER Q 397 -27.51 43.31 41.95
CA SER Q 397 -27.02 44.50 41.27
C SER Q 397 -25.64 44.31 40.68
N ALA Q 398 -24.93 43.25 41.08
CA ALA Q 398 -23.59 42.99 40.57
C ALA Q 398 -23.61 42.35 39.20
N VAL Q 399 -24.44 41.30 39.04
CA VAL Q 399 -24.43 40.56 37.78
C VAL Q 399 -25.25 41.27 36.71
N HIS Q 400 -26.10 42.22 37.10
CA HIS Q 400 -26.84 43.00 36.13
C HIS Q 400 -25.99 44.13 35.57
N ALA Q 401 -24.92 44.50 36.28
CA ALA Q 401 -23.89 45.38 35.76
C ALA Q 401 -22.91 44.65 34.85
N TYR Q 402 -23.03 43.33 34.74
CA TYR Q 402 -22.25 42.55 33.77
C TYR Q 402 -23.05 42.08 32.59
N THR Q 403 -24.38 42.08 32.66
CA THR Q 403 -25.19 41.81 31.49
C THR Q 403 -25.47 43.06 30.66
N LYS Q 404 -25.21 44.25 31.21
CA LYS Q 404 -25.33 45.47 30.43
C LYS Q 404 -24.19 45.62 29.42
N THR Q 405 -23.06 44.99 29.67
CA THR Q 405 -22.01 44.90 28.66
C THR Q 405 -22.46 43.98 27.54
N GLY Q 406 -22.02 44.28 26.32
CA GLY Q 406 -22.36 43.48 25.16
C GLY Q 406 -21.53 42.23 25.05
N ASP Q 407 -21.20 41.85 23.81
CA ASP Q 407 -20.30 40.75 23.45
C ASP Q 407 -20.76 39.41 24.03
N PRO Q 408 -21.74 38.74 23.43
CA PRO Q 408 -22.27 37.47 23.99
C PRO Q 408 -21.27 36.31 23.95
N TYR Q 409 -20.15 36.48 24.63
CA TYR Q 409 -19.20 35.42 24.93
C TYR Q 409 -19.20 35.12 26.42
N MET Q 410 -18.96 36.14 27.25
CA MET Q 410 -19.20 36.06 28.67
C MET Q 410 -20.57 36.60 29.05
N ARG Q 411 -21.26 37.27 28.12
CA ARG Q 411 -22.60 37.78 28.42
C ARG Q 411 -23.61 36.65 28.51
N SER Q 412 -23.36 35.54 27.81
CA SER Q 412 -24.14 34.33 28.05
C SER Q 412 -23.81 33.74 29.42
N LEU Q 413 -22.55 33.82 29.83
CA LEU Q 413 -22.15 33.25 31.12
C LEU Q 413 -22.67 34.09 32.28
N VAL Q 414 -22.70 35.42 32.13
CA VAL Q 414 -23.26 36.25 33.19
C VAL Q 414 -24.78 36.30 33.13
N GLN Q 415 -25.38 35.80 32.05
CA GLN Q 415 -26.82 35.59 32.03
C GLN Q 415 -27.19 34.30 32.74
N HIS Q 416 -26.27 33.33 32.77
CA HIS Q 416 -26.51 32.08 33.49
C HIS Q 416 -26.60 32.32 34.99
N ILE Q 417 -25.70 33.15 35.53
CA ILE Q 417 -25.77 33.46 36.95
C ILE Q 417 -26.89 34.45 37.24
N LEU Q 418 -27.27 35.27 36.24
CA LEU Q 418 -28.39 36.20 36.44
C LEU Q 418 -29.70 35.45 36.52
N GLY Q 419 -29.79 34.28 35.88
CA GLY Q 419 -30.88 33.37 36.18
C GLY Q 419 -30.71 32.59 37.46
N LEU Q 420 -29.49 32.56 38.00
CA LEU Q 420 -29.21 31.80 39.21
C LEU Q 420 -29.10 32.64 40.48
N VAL Q 421 -28.67 33.91 40.39
CA VAL Q 421 -28.73 34.73 41.60
C VAL Q 421 -30.15 35.26 41.79
N ALA Q 422 -30.94 35.33 40.71
CA ALA Q 422 -32.32 35.74 40.87
C ALA Q 422 -33.17 34.61 41.42
N TYR Q 423 -32.74 33.37 41.25
CA TYR Q 423 -33.57 32.21 41.59
C TYR Q 423 -33.83 32.09 43.10
N PRO Q 424 -32.95 32.56 44.01
CA PRO Q 424 -33.44 32.82 45.37
C PRO Q 424 -34.34 34.03 45.48
N ILE Q 425 -34.09 35.09 44.70
CA ILE Q 425 -34.81 36.35 44.85
C ILE Q 425 -36.26 36.19 44.42
N LEU Q 426 -36.50 35.63 43.23
CA LEU Q 426 -37.88 35.46 42.79
C LEU Q 426 -38.58 34.28 43.47
N ASN Q 427 -37.84 33.29 43.99
CA ASN Q 427 -38.47 32.28 44.84
C ASN Q 427 -38.98 32.85 46.15
N PHE Q 428 -38.43 33.96 46.61
CA PHE Q 428 -39.07 34.68 47.70
C PHE Q 428 -40.38 35.30 47.26
N LEU Q 429 -40.45 35.74 45.99
CA LEU Q 429 -41.52 36.65 45.58
C LEU Q 429 -42.84 35.92 45.40
N TYR Q 430 -42.90 34.96 44.48
CA TYR Q 430 -44.20 34.46 44.01
C TYR Q 430 -44.90 33.60 45.05
N ARG Q 431 -44.16 32.95 45.96
CA ARG Q 431 -44.84 32.23 47.03
C ARG Q 431 -45.47 33.21 48.02
N TRP Q 432 -44.82 34.35 48.26
CA TRP Q 432 -45.39 35.38 49.11
C TRP Q 432 -46.58 36.05 48.44
N ILE Q 433 -46.69 35.94 47.11
CA ILE Q 433 -47.93 36.31 46.43
C ILE Q 433 -49.00 35.24 46.65
N TYR Q 434 -48.60 33.97 46.64
CA TYR Q 434 -49.57 32.88 46.59
C TYR Q 434 -50.02 32.39 47.96
N ASP Q 435 -49.09 32.10 48.89
CA ASP Q 435 -49.55 31.70 50.22
C ASP Q 435 -49.15 32.66 51.32
N GLY Q 436 -47.97 33.29 51.23
CA GLY Q 436 -47.60 34.31 52.17
C GLY Q 436 -47.11 33.82 53.51
N GLU Q 437 -46.36 32.72 53.54
CA GLU Q 437 -45.69 32.27 54.75
C GLU Q 437 -44.26 32.80 54.73
N LEU Q 438 -43.85 33.43 55.83
CA LEU Q 438 -42.63 34.23 55.85
C LEU Q 438 -41.45 33.37 56.29
N GLU Q 439 -40.36 33.44 55.52
CA GLU Q 439 -39.23 32.51 55.65
C GLU Q 439 -37.91 33.26 55.75
N ASP Q 440 -37.83 34.23 56.66
CA ASP Q 440 -36.62 35.03 56.83
C ASP Q 440 -35.70 34.43 57.87
N THR Q 441 -34.40 34.55 57.61
CA THR Q 441 -33.39 34.39 58.65
C THR Q 441 -32.48 35.61 58.67
N TYR Q 442 -32.11 36.11 57.47
CA TYR Q 442 -31.20 37.25 57.38
C TYR Q 442 -31.60 38.23 56.28
N HIS Q 443 -32.87 38.21 55.84
CA HIS Q 443 -33.46 39.11 54.86
C HIS Q 443 -32.72 39.12 53.52
N GLU Q 444 -32.70 37.98 52.83
CA GLU Q 444 -32.02 37.89 51.55
C GLU Q 444 -32.78 38.63 50.45
N PHE Q 445 -34.10 38.77 50.61
CA PHE Q 445 -34.93 39.58 49.74
C PHE Q 445 -34.84 41.03 50.17
N PHE Q 446 -35.21 41.95 49.27
CA PHE Q 446 -35.21 43.35 49.67
C PHE Q 446 -36.40 43.69 50.56
N VAL Q 447 -37.47 42.90 50.51
CA VAL Q 447 -38.58 43.06 51.44
C VAL Q 447 -38.25 42.20 52.66
N ALA Q 448 -37.64 42.82 53.67
CA ALA Q 448 -37.44 42.18 54.95
C ALA Q 448 -38.77 42.14 55.68
N SER Q 449 -39.32 40.94 55.83
CA SER Q 449 -40.68 40.76 56.31
C SER Q 449 -40.70 40.52 57.80
N ASP Q 450 -41.63 41.21 58.48
CA ASP Q 450 -41.77 41.26 59.94
C ASP Q 450 -40.45 41.52 60.68
N PRO Q 451 -39.85 42.70 60.56
CA PRO Q 451 -38.78 43.08 61.50
C PRO Q 451 -39.28 43.91 62.67
N VAL Q 452 -40.59 44.09 62.76
CA VAL Q 452 -41.25 44.92 63.76
C VAL Q 452 -42.24 44.04 64.48
N VAL Q 453 -42.36 44.23 65.81
CA VAL Q 453 -43.27 43.46 66.64
C VAL Q 453 -44.71 43.61 66.14
N LYS Q 454 -45.45 42.50 66.18
CA LYS Q 454 -46.78 42.42 65.60
C LYS Q 454 -47.78 43.30 66.34
N THR Q 455 -48.46 44.16 65.59
CA THR Q 455 -49.47 45.06 66.14
C THR Q 455 -50.72 44.97 65.28
N ASP Q 456 -51.82 45.50 65.81
CA ASP Q 456 -53.04 45.59 65.03
C ASP Q 456 -52.88 46.66 63.95
N ARG Q 457 -53.59 46.46 62.83
CA ARG Q 457 -53.30 47.19 61.61
C ARG Q 457 -53.90 48.59 61.66
N LEU Q 458 -53.03 49.61 61.64
CA LEU Q 458 -53.43 51.01 61.50
C LEU Q 458 -52.89 51.60 60.21
N TRP Q 459 -52.80 50.76 59.17
CA TRP Q 459 -52.09 51.02 57.92
C TRP Q 459 -50.62 51.38 58.18
N HIS Q 460 -49.98 50.62 59.07
CA HIS Q 460 -48.57 50.81 59.34
C HIS Q 460 -47.74 49.93 58.41
N ASP Q 461 -46.64 50.48 57.90
CA ASP Q 461 -45.79 49.79 56.95
C ASP Q 461 -44.78 48.93 57.71
N LYS Q 462 -44.99 47.62 57.69
CA LYS Q 462 -44.04 46.67 58.27
C LYS Q 462 -43.04 46.17 57.24
N TYR Q 463 -43.32 46.32 55.95
CA TYR Q 463 -42.50 45.78 54.87
C TYR Q 463 -41.84 46.93 54.14
N SER Q 464 -40.59 47.23 54.50
CA SER Q 464 -39.82 48.27 53.85
C SER Q 464 -39.00 47.69 52.70
N LEU Q 465 -38.69 48.54 51.72
CA LEU Q 465 -38.02 48.07 50.51
C LEU Q 465 -36.50 47.98 50.67
N ARG Q 466 -35.90 48.83 51.51
CA ARG Q 466 -34.47 48.80 51.85
C ARG Q 466 -33.58 48.93 50.61
N LYS Q 467 -33.57 50.16 50.08
CA LYS Q 467 -33.01 50.55 48.78
C LYS Q 467 -31.58 50.05 48.52
N SER Q 468 -30.80 49.80 49.57
CA SER Q 468 -29.42 49.34 49.41
C SER Q 468 -29.28 47.92 48.88
N MET Q 469 -30.38 47.16 48.75
CA MET Q 469 -30.28 45.80 48.22
C MET Q 469 -31.34 45.51 47.15
N ILE Q 470 -31.75 46.53 46.40
CA ILE Q 470 -32.69 46.33 45.30
C ILE Q 470 -31.99 45.64 44.14
N PRO Q 471 -32.57 44.58 43.56
CA PRO Q 471 -32.03 44.03 42.32
C PRO Q 471 -32.17 45.02 41.18
N SER Q 472 -31.15 45.05 40.31
CA SER Q 472 -31.17 45.99 39.20
C SER Q 472 -32.05 45.53 38.04
N PHE Q 473 -32.56 44.30 38.07
CA PHE Q 473 -33.55 43.87 37.11
C PHE Q 473 -34.97 44.20 37.55
N MET Q 474 -35.15 44.61 38.80
CA MET Q 474 -36.43 45.09 39.31
C MET Q 474 -36.36 46.61 39.45
N THR Q 475 -37.12 47.32 38.62
CA THR Q 475 -37.08 48.77 38.63
C THR Q 475 -37.92 49.32 39.79
N MET Q 476 -38.02 50.65 39.84
CA MET Q 476 -38.55 51.32 41.04
C MET Q 476 -40.06 51.15 41.17
N ASP Q 477 -40.78 51.12 40.06
CA ASP Q 477 -42.23 50.96 40.14
C ASP Q 477 -42.62 49.52 40.49
N GLN Q 478 -41.83 48.53 40.06
CA GLN Q 478 -42.13 47.15 40.39
C GLN Q 478 -41.75 46.81 41.83
N SER Q 479 -40.78 47.52 42.39
CA SER Q 479 -40.40 47.28 43.79
C SER Q 479 -41.45 47.80 44.75
N ARG Q 480 -42.16 48.87 44.38
CA ARG Q 480 -43.34 49.28 45.13
C ARG Q 480 -44.56 48.46 44.76
N LYS Q 481 -44.57 47.84 43.58
CA LYS Q 481 -45.68 47.00 43.17
C LYS Q 481 -45.72 45.71 43.98
N VAL Q 482 -44.54 45.11 44.23
CA VAL Q 482 -44.49 43.86 44.99
C VAL Q 482 -44.75 44.07 46.48
N LEU Q 483 -44.67 45.30 46.97
CA LEU Q 483 -45.02 45.58 48.35
C LEU Q 483 -46.53 45.56 48.58
N LEU Q 484 -47.28 46.21 47.68
CA LEU Q 484 -48.71 46.37 47.88
C LEU Q 484 -49.49 45.09 47.60
N ILE Q 485 -48.98 44.20 46.76
CA ILE Q 485 -49.56 42.86 46.68
C ILE Q 485 -49.14 42.03 47.88
N GLY Q 486 -47.95 42.28 48.42
CA GLY Q 486 -47.53 41.58 49.64
C GLY Q 486 -48.18 42.14 50.88
N LYS Q 487 -48.57 43.41 50.87
CA LYS Q 487 -49.31 43.97 51.99
C LYS Q 487 -50.76 43.52 51.99
N SER Q 488 -51.34 43.35 50.81
CA SER Q 488 -52.75 42.97 50.71
C SER Q 488 -52.95 41.48 50.88
N ILE Q 489 -51.93 40.67 50.61
CA ILE Q 489 -52.07 39.23 50.83
C ILE Q 489 -52.03 38.92 52.32
N ASN Q 490 -51.33 39.73 53.12
CA ASN Q 490 -51.31 39.53 54.56
C ASN Q 490 -52.57 40.07 55.22
N PHE Q 491 -53.25 41.02 54.59
CA PHE Q 491 -54.49 41.55 55.14
C PHE Q 491 -55.68 40.61 54.94
N LEU Q 492 -55.62 39.71 53.95
CA LEU Q 492 -56.71 38.77 53.74
C LEU Q 492 -56.53 37.47 54.51
N HIS Q 493 -55.48 37.36 55.33
CA HIS Q 493 -55.27 36.18 56.16
C HIS Q 493 -55.60 36.46 57.62
N GLN Q 494 -56.12 37.64 57.94
CA GLN Q 494 -56.64 37.95 59.25
C GLN Q 494 -58.06 38.53 59.17
N VAL Q 495 -58.77 38.18 58.10
CA VAL Q 495 -60.19 38.53 57.96
C VAL Q 495 -60.98 37.25 58.16
N CYS Q 496 -60.41 36.32 58.94
CA CYS Q 496 -60.97 34.99 59.22
C CYS Q 496 -61.15 34.19 57.94
N HIS Q 497 -60.09 34.10 57.14
CA HIS Q 497 -60.13 33.34 55.91
C HIS Q 497 -58.75 32.78 55.58
N ASP Q 498 -58.68 31.45 55.47
CA ASP Q 498 -57.53 30.73 54.93
C ASP Q 498 -57.51 30.76 53.41
N GLN Q 499 -58.61 31.18 52.78
CA GLN Q 499 -58.82 31.09 51.34
C GLN Q 499 -57.80 31.92 50.56
N THR Q 500 -56.91 31.23 49.86
CA THR Q 500 -56.07 31.87 48.86
C THR Q 500 -56.98 32.47 47.79
N PRO Q 501 -56.67 33.67 47.28
CA PRO Q 501 -57.72 34.60 46.81
C PRO Q 501 -58.55 34.12 45.63
N ALA Q 502 -59.86 33.95 45.89
CA ALA Q 502 -60.97 33.76 44.97
C ALA Q 502 -61.02 32.39 44.29
N SER Q 503 -59.99 31.57 44.46
CA SER Q 503 -59.90 30.24 43.87
C SER Q 503 -58.70 29.53 44.46
N LYS Q 504 -58.62 28.23 44.21
CA LYS Q 504 -57.39 27.47 44.42
C LYS Q 504 -56.45 27.58 43.22
N ALA Q 505 -56.80 28.41 42.23
CA ALA Q 505 -55.97 28.59 41.05
C ALA Q 505 -54.71 29.39 41.33
N MET Q 506 -54.64 30.07 42.48
CA MET Q 506 -53.38 30.68 42.89
C MET Q 506 -52.36 29.62 43.27
N ALA Q 507 -52.82 28.49 43.81
CA ALA Q 507 -51.94 27.38 44.13
C ALA Q 507 -51.55 26.57 42.90
N VAL Q 508 -52.44 26.55 41.89
CA VAL Q 508 -52.07 25.93 40.59
C VAL Q 508 -51.03 26.82 39.89
N GLY Q 509 -51.14 28.14 40.07
CA GLY Q 509 -50.21 29.09 39.43
C GLY Q 509 -48.77 28.88 39.90
N LYS Q 510 -48.59 28.64 41.20
CA LYS Q 510 -47.24 28.40 41.77
C LYS Q 510 -46.66 27.13 41.14
N SER Q 511 -47.48 26.09 40.99
CA SER Q 511 -47.03 24.83 40.36
C SER Q 511 -46.63 25.13 38.91
N ALA Q 512 -47.44 25.91 38.20
CA ALA Q 512 -47.07 26.17 36.80
C ALA Q 512 -45.70 26.85 36.81
N GLU Q 513 -45.52 27.83 37.69
CA GLU Q 513 -44.27 28.64 37.69
C GLU Q 513 -43.08 27.71 37.97
N SER Q 514 -43.21 26.80 38.93
CA SER Q 514 -42.10 25.89 39.28
C SER Q 514 -41.73 24.94 38.12
N PRO Q 515 -42.65 24.21 37.47
CA PRO Q 515 -42.35 23.62 36.16
C PRO Q 515 -41.79 24.51 35.04
N LYS Q 516 -42.27 25.74 34.89
CA LYS Q 516 -41.69 26.64 33.86
C LYS Q 516 -40.21 26.88 34.20
N ASP Q 517 -39.91 27.10 35.48
CA ASP Q 517 -38.50 27.33 35.93
C ASP Q 517 -37.69 26.07 35.64
N ALA Q 518 -38.28 24.90 35.90
CA ALA Q 518 -37.60 23.60 35.66
C ALA Q 518 -37.27 23.46 34.17
N ALA Q 519 -38.20 23.85 33.29
CA ALA Q 519 -38.08 23.55 31.85
C ALA Q 519 -37.13 24.55 31.17
N GLU Q 520 -36.98 25.74 31.76
CA GLU Q 520 -36.36 26.86 31.06
C GLU Q 520 -34.84 26.78 31.21
N LEU Q 521 -34.14 27.20 30.15
CA LEU Q 521 -32.71 26.96 30.00
C LEU Q 521 -31.87 27.65 31.06
N PHE Q 522 -31.73 28.98 30.96
CA PHE Q 522 -31.12 29.76 32.02
C PHE Q 522 -31.74 31.13 32.18
N THR Q 523 -32.78 31.46 31.42
CA THR Q 523 -33.20 32.85 31.25
C THR Q 523 -34.07 33.31 32.41
N ASP Q 524 -33.66 34.41 33.04
CA ASP Q 524 -34.45 35.08 34.04
C ASP Q 524 -35.44 36.02 33.35
N LEU Q 525 -36.72 35.66 33.37
CA LEU Q 525 -37.75 36.47 32.75
C LEU Q 525 -38.10 37.64 33.67
N GLU Q 526 -38.16 38.84 33.09
CA GLU Q 526 -38.50 40.03 33.86
C GLU Q 526 -39.60 40.83 33.17
N ASN Q 527 -39.62 40.80 31.83
CA ASN Q 527 -40.66 41.52 31.10
C ASN Q 527 -41.98 40.74 31.11
N ALA Q 528 -41.91 39.42 31.18
CA ALA Q 528 -43.10 38.59 31.31
C ALA Q 528 -43.43 38.25 32.76
N PHE Q 529 -42.46 38.41 33.67
CA PHE Q 529 -42.73 38.16 35.09
C PHE Q 529 -43.55 39.28 35.70
N GLN Q 530 -43.43 40.50 35.15
CA GLN Q 530 -44.18 41.64 35.66
C GLN Q 530 -45.60 41.70 35.12
N THR Q 531 -45.93 40.88 34.13
CA THR Q 531 -47.25 40.92 33.53
C THR Q 531 -48.28 40.18 34.37
N LYS Q 532 -48.02 38.90 34.66
CA LYS Q 532 -49.00 38.06 35.34
C LYS Q 532 -49.00 38.28 36.85
N ILE Q 533 -48.08 39.06 37.40
CA ILE Q 533 -48.26 39.48 38.79
C ILE Q 533 -49.27 40.61 38.86
N ASP Q 534 -49.42 41.38 37.79
CA ASP Q 534 -50.52 42.34 37.71
C ASP Q 534 -51.85 41.63 37.50
N ALA Q 535 -51.83 40.51 36.78
CA ALA Q 535 -53.00 39.64 36.72
C ALA Q 535 -53.31 39.00 38.07
N ALA Q 536 -52.29 38.86 38.93
CA ALA Q 536 -52.54 38.45 40.31
C ALA Q 536 -52.92 39.65 41.18
N TYR Q 537 -52.37 40.83 40.89
CA TYR Q 537 -52.61 42.00 41.70
C TYR Q 537 -54.07 42.47 41.58
N PHE Q 538 -54.61 42.45 40.36
CA PHE Q 538 -55.99 42.84 40.16
C PHE Q 538 -56.96 41.77 40.67
N ASP Q 539 -56.53 40.51 40.67
CA ASP Q 539 -57.41 39.41 41.08
C ASP Q 539 -57.59 39.38 42.60
N THR Q 540 -56.50 39.54 43.35
CA THR Q 540 -56.59 39.51 44.81
C THR Q 540 -57.30 40.74 45.35
N SER Q 541 -57.11 41.88 44.71
CA SER Q 541 -57.66 43.14 45.22
C SER Q 541 -59.18 43.16 45.10
N LYS Q 542 -59.71 42.62 44.00
CA LYS Q 542 -61.16 42.60 43.83
C LYS Q 542 -61.81 41.58 44.75
N TYR Q 543 -61.13 40.44 44.98
CA TYR Q 543 -61.62 39.45 45.94
C TYR Q 543 -61.60 40.00 47.36
N LEU Q 544 -60.58 40.80 47.68
CA LEU Q 544 -60.51 41.43 48.99
C LEU Q 544 -61.55 42.53 49.16
N LEU Q 545 -62.14 43.00 48.06
CA LEU Q 545 -63.32 43.84 48.13
C LEU Q 545 -64.60 43.03 48.18
N ASP Q 546 -64.55 41.74 47.82
CA ASP Q 546 -65.73 40.90 47.88
C ASP Q 546 -65.94 40.27 49.25
N VAL Q 547 -64.89 40.18 50.07
CA VAL Q 547 -65.05 39.60 51.40
C VAL Q 547 -65.70 40.59 52.35
N LEU Q 548 -65.44 41.89 52.17
CA LEU Q 548 -66.07 42.90 53.03
C LEU Q 548 -67.56 43.02 52.73
N ASN Q 549 -67.95 42.80 51.48
CA ASN Q 549 -69.35 42.92 51.08
C ASN Q 549 -70.20 41.79 51.65
N LYS Q 550 -69.58 40.66 52.01
CA LYS Q 550 -70.34 39.50 52.44
C LYS Q 550 -70.60 39.47 53.94
N ASN Q 551 -69.70 39.99 54.78
CA ASN Q 551 -69.93 39.91 56.22
C ASN Q 551 -69.73 41.23 56.95
N TYR Q 552 -68.89 42.13 56.43
CA TYR Q 552 -68.51 43.31 57.19
C TYR Q 552 -69.18 44.59 56.74
N ASN Q 553 -69.46 44.74 55.44
CA ASN Q 553 -70.05 45.94 54.83
C ASN Q 553 -69.18 47.18 55.12
N LEU Q 554 -67.97 47.16 54.56
CA LEU Q 554 -66.97 48.19 54.85
C LEU Q 554 -67.38 49.55 54.29
N LEU Q 555 -67.56 49.63 52.97
CA LEU Q 555 -67.88 50.92 52.35
C LEU Q 555 -69.34 51.31 52.56
N GLU Q 556 -70.18 50.42 53.08
CA GLU Q 556 -71.48 50.85 53.57
C GLU Q 556 -71.37 51.65 54.86
N HIS Q 557 -70.31 51.41 55.64
CA HIS Q 557 -70.06 52.17 56.84
C HIS Q 557 -69.44 53.53 56.54
N MET Q 558 -68.87 53.70 55.34
CA MET Q 558 -68.40 55.02 54.93
C MET Q 558 -69.58 55.95 54.69
N GLN Q 559 -70.68 55.42 54.17
CA GLN Q 559 -71.90 56.20 53.97
C GLN Q 559 -72.67 56.36 55.28
N ALA Q 560 -72.62 55.36 56.15
CA ALA Q 560 -73.41 55.38 57.37
C ALA Q 560 -72.88 56.38 58.39
N MET Q 561 -71.57 56.63 58.40
CA MET Q 561 -71.02 57.63 59.30
C MET Q 561 -71.33 59.05 58.86
N ARG Q 562 -71.65 59.25 57.58
CA ARG Q 562 -72.01 60.58 57.09
C ARG Q 562 -73.39 61.03 57.55
N ARG Q 563 -74.27 60.09 57.92
CA ARG Q 563 -75.59 60.44 58.40
C ARG Q 563 -75.60 60.89 59.85
N TYR Q 564 -74.51 60.66 60.59
CA TYR Q 564 -74.48 60.94 62.02
C TYR Q 564 -73.45 62.00 62.40
N LEU Q 565 -72.19 61.85 62.00
CA LEU Q 565 -71.19 62.86 62.36
C LEU Q 565 -70.94 63.88 61.27
N LEU Q 566 -71.24 63.57 60.01
CA LEU Q 566 -71.34 64.59 58.98
C LEU Q 566 -72.74 65.17 58.88
N LEU Q 567 -73.72 64.55 59.55
CA LEU Q 567 -75.12 64.98 59.62
C LEU Q 567 -75.76 65.07 58.23
N GLY Q 568 -75.71 63.94 57.52
CA GLY Q 568 -76.29 63.86 56.20
C GLY Q 568 -77.81 63.90 56.22
N GLN Q 569 -78.41 62.98 56.98
CA GLN Q 569 -79.84 62.98 57.21
C GLN Q 569 -80.14 63.80 58.46
N GLY Q 570 -81.24 64.53 58.44
CA GLY Q 570 -81.57 65.45 59.52
C GLY Q 570 -82.51 64.92 60.59
N ASP Q 571 -83.44 64.04 60.20
CA ASP Q 571 -84.45 63.56 61.13
C ASP Q 571 -83.89 62.61 62.19
N PHE Q 572 -82.75 61.97 61.91
CA PHE Q 572 -82.03 61.26 62.99
C PHE Q 572 -81.52 62.23 64.03
N ILE Q 573 -81.17 63.45 63.62
CA ILE Q 573 -80.47 64.40 64.48
C ILE Q 573 -81.48 65.42 65.02
N ARG Q 574 -82.53 65.72 64.25
CA ARG Q 574 -83.50 66.70 64.73
C ARG Q 574 -84.40 66.10 65.82
N HIS Q 575 -84.90 64.88 65.60
CA HIS Q 575 -85.60 64.16 66.66
C HIS Q 575 -84.68 63.81 67.82
N LEU Q 576 -83.38 63.70 67.56
CA LEU Q 576 -82.41 63.72 68.64
C LEU Q 576 -82.47 65.09 69.32
N MET Q 577 -82.07 66.16 68.61
CA MET Q 577 -81.78 67.46 69.23
C MET Q 577 -83.00 68.11 69.89
N ASP Q 578 -84.22 67.70 69.49
CA ASP Q 578 -85.42 68.10 70.22
C ASP Q 578 -85.42 67.49 71.62
N LEU Q 579 -85.28 66.17 71.71
CA LEU Q 579 -85.23 65.50 73.02
C LEU Q 579 -83.95 65.76 73.76
N LEU Q 580 -82.90 66.22 73.08
CA LEU Q 580 -81.59 66.29 73.71
C LEU Q 580 -81.40 67.63 74.43
N LYS Q 581 -82.21 68.64 74.07
CA LYS Q 581 -82.12 69.96 74.70
C LYS Q 581 -82.49 70.05 76.19
N PRO Q 582 -83.53 69.37 76.72
CA PRO Q 582 -83.81 69.52 78.17
C PRO Q 582 -82.73 69.00 79.11
N GLU Q 583 -81.74 68.27 78.60
CA GLU Q 583 -80.57 67.86 79.37
C GLU Q 583 -79.41 68.84 79.22
N LEU Q 584 -79.27 69.46 78.05
CA LEU Q 584 -78.12 70.31 77.77
C LEU Q 584 -78.22 71.68 78.42
N VAL Q 585 -79.41 72.10 78.86
CA VAL Q 585 -79.57 73.40 79.50
C VAL Q 585 -78.95 73.39 80.89
N ARG Q 586 -79.21 72.35 81.67
CA ARG Q 586 -78.60 72.23 82.97
C ARG Q 586 -77.13 71.83 82.83
N PRO Q 587 -76.29 72.19 83.80
CA PRO Q 587 -74.88 71.77 83.74
C PRO Q 587 -74.73 70.26 83.92
N ALA Q 588 -73.60 69.75 83.44
CA ALA Q 588 -73.36 68.31 83.46
C ALA Q 588 -73.03 67.84 84.88
N THR Q 589 -73.46 66.62 85.21
CA THR Q 589 -73.16 66.01 86.49
C THR Q 589 -72.55 64.62 86.27
N THR Q 590 -72.41 63.85 87.35
CA THR Q 590 -71.93 62.47 87.20
C THR Q 590 -73.05 61.52 86.80
N LEU Q 591 -74.32 61.94 86.92
CA LEU Q 591 -75.47 61.17 86.45
C LEU Q 591 -75.90 61.60 85.05
N TYR Q 592 -74.95 62.08 84.23
CA TYR Q 592 -75.26 62.62 82.91
C TYR Q 592 -75.31 61.57 81.82
N GLN Q 593 -74.60 60.45 82.01
CA GLN Q 593 -74.44 59.48 80.93
C GLN Q 593 -75.59 58.47 80.87
N HIS Q 594 -76.17 58.11 82.01
CA HIS Q 594 -77.06 56.95 82.06
C HIS Q 594 -78.40 57.22 81.39
N ASN Q 595 -78.82 58.49 81.35
CA ASN Q 595 -80.09 58.83 80.69
C ASN Q 595 -79.91 59.08 79.20
N LEU Q 596 -78.76 59.65 78.80
CA LEU Q 596 -78.54 60.00 77.40
C LEU Q 596 -78.44 58.77 76.50
N THR Q 597 -78.05 57.63 77.06
CA THR Q 597 -78.14 56.38 76.31
C THR Q 597 -79.59 55.96 76.12
N GLY Q 598 -80.46 56.25 77.10
CA GLY Q 598 -81.87 55.99 76.92
C GLY Q 598 -82.56 57.02 76.06
N ILE Q 599 -82.07 58.26 76.07
CA ILE Q 599 -82.61 59.26 75.16
C ILE Q 599 -82.17 58.96 73.72
N LEU Q 600 -80.98 58.38 73.55
CA LEU Q 600 -80.53 57.97 72.23
C LEU Q 600 -81.34 56.80 71.69
N GLU Q 601 -81.60 55.80 72.53
CA GLU Q 601 -82.28 54.59 72.06
C GLU Q 601 -83.76 54.83 71.79
N THR Q 602 -84.38 55.81 72.43
CA THR Q 602 -85.75 56.19 72.08
C THR Q 602 -85.79 57.10 70.87
N ALA Q 603 -84.71 57.83 70.58
CA ALA Q 603 -84.66 58.68 69.39
C ALA Q 603 -84.43 57.87 68.12
N VAL Q 604 -83.64 56.80 68.20
CA VAL Q 604 -83.40 55.98 67.01
C VAL Q 604 -84.54 55.03 66.73
N ARG Q 605 -85.42 54.78 67.70
CA ARG Q 605 -86.59 53.94 67.46
C ARG Q 605 -87.74 54.72 66.86
N ALA Q 606 -87.90 55.99 67.26
CA ALA Q 606 -89.00 56.80 66.77
C ALA Q 606 -88.83 57.21 65.31
N THR Q 607 -87.61 57.13 64.77
CA THR Q 607 -87.36 57.48 63.38
C THR Q 607 -87.14 56.27 62.49
N ASN Q 608 -87.12 55.06 63.04
CA ASN Q 608 -86.78 53.88 62.26
C ASN Q 608 -87.77 52.76 62.50
N ALA Q 609 -88.00 51.98 61.44
CA ALA Q 609 -88.68 50.70 61.53
C ALA Q 609 -87.94 49.61 60.78
N GLN Q 610 -86.81 49.94 60.15
CA GLN Q 610 -86.03 48.98 59.38
C GLN Q 610 -84.54 49.06 59.64
N PHE Q 611 -84.07 50.00 60.46
CA PHE Q 611 -82.66 50.20 60.72
C PHE Q 611 -82.12 49.28 61.81
N ASP Q 612 -82.96 48.40 62.37
CA ASP Q 612 -82.49 47.37 63.29
C ASP Q 612 -81.70 46.29 62.57
N ASN Q 613 -81.94 46.09 61.27
CA ASN Q 613 -81.29 45.06 60.48
C ASN Q 613 -79.78 45.29 60.23
N PRO Q 614 -79.27 46.48 59.90
CA PRO Q 614 -77.82 46.63 59.76
C PRO Q 614 -77.11 46.65 61.12
N GLU Q 615 -75.79 46.76 61.06
CA GLU Q 615 -74.91 46.69 62.22
C GLU Q 615 -74.36 48.06 62.60
N ILE Q 616 -75.20 49.09 62.51
CA ILE Q 616 -74.76 50.47 62.70
C ILE Q 616 -74.91 50.90 64.16
N LEU Q 617 -76.01 50.53 64.80
CA LEU Q 617 -76.32 51.01 66.15
C LEU Q 617 -75.37 50.48 67.21
N LYS Q 618 -74.72 49.35 66.97
CA LYS Q 618 -73.71 48.83 67.89
C LYS Q 618 -72.32 49.39 67.63
N ARG Q 619 -72.12 50.08 66.49
CA ARG Q 619 -70.85 50.70 66.16
C ARG Q 619 -70.91 52.22 66.28
N LEU Q 620 -71.76 52.72 67.17
CA LEU Q 620 -71.90 54.14 67.40
C LEU Q 620 -72.41 54.34 68.82
N ASP Q 621 -71.79 55.28 69.54
CA ASP Q 621 -72.12 55.52 70.94
C ASP Q 621 -72.03 57.02 71.20
N VAL Q 622 -72.12 57.40 72.47
CA VAL Q 622 -72.04 58.79 72.90
C VAL Q 622 -70.66 59.05 73.48
N ARG Q 623 -69.98 60.08 72.97
CA ARG Q 623 -68.66 60.46 73.44
C ARG Q 623 -68.78 61.72 74.29
N LEU Q 624 -68.11 61.73 75.44
CA LEU Q 624 -68.16 62.86 76.36
C LEU Q 624 -66.76 63.12 76.90
N LEU Q 625 -66.48 64.39 77.20
CA LEU Q 625 -65.14 64.83 77.54
C LEU Q 625 -64.91 64.69 79.05
N GLU Q 626 -63.78 65.24 79.53
CA GLU Q 626 -63.39 65.16 80.92
C GLU Q 626 -63.65 66.47 81.67
N VAL Q 627 -64.46 67.36 81.10
CA VAL Q 627 -64.57 68.74 81.58
C VAL Q 627 -65.25 68.79 82.95
N SER Q 628 -65.01 69.89 83.66
CA SER Q 628 -65.54 70.09 84.99
C SER Q 628 -67.06 70.27 84.94
N PRO Q 629 -67.77 69.92 86.01
CA PRO Q 629 -69.23 70.08 86.03
C PRO Q 629 -69.73 71.52 86.14
N GLY Q 630 -68.86 72.52 86.09
CA GLY Q 630 -69.29 73.90 86.17
C GLY Q 630 -69.34 74.59 84.82
N ASP Q 631 -69.83 73.89 83.81
CA ASP Q 631 -69.96 74.43 82.46
C ASP Q 631 -71.44 74.62 82.11
N THR Q 632 -71.68 75.00 80.85
CA THR Q 632 -73.05 75.16 80.39
C THR Q 632 -73.72 73.81 80.17
N GLY Q 633 -72.95 72.81 79.75
CA GLY Q 633 -73.47 71.49 79.47
C GLY Q 633 -73.69 71.19 78.01
N TRP Q 634 -73.70 72.21 77.15
CA TRP Q 634 -73.99 72.00 75.73
C TRP Q 634 -72.81 71.36 75.00
N ASP Q 635 -71.58 71.65 75.42
CA ASP Q 635 -70.40 71.22 74.70
C ASP Q 635 -69.96 69.80 75.06
N VAL Q 636 -70.64 69.14 75.99
CA VAL Q 636 -70.22 67.81 76.41
C VAL Q 636 -70.71 66.74 75.45
N PHE Q 637 -71.94 66.89 74.95
CA PHE Q 637 -72.59 65.83 74.17
C PHE Q 637 -71.97 65.72 72.79
N SER Q 638 -71.55 64.50 72.43
CA SER Q 638 -70.98 64.20 71.14
C SER Q 638 -71.24 62.73 70.84
N LEU Q 639 -71.38 62.41 69.55
CA LEU Q 639 -71.43 61.02 69.14
C LEU Q 639 -70.09 60.62 68.53
N ASP Q 640 -69.83 59.32 68.52
CA ASP Q 640 -68.61 58.79 67.93
C ASP Q 640 -68.93 57.46 67.25
N TYR Q 641 -68.27 57.20 66.13
CA TYR Q 641 -68.45 55.95 65.39
C TYR Q 641 -67.44 54.94 65.94
N HIS Q 642 -67.94 53.89 66.58
CA HIS Q 642 -67.10 52.90 67.21
C HIS Q 642 -66.65 51.85 66.20
N VAL Q 643 -65.45 51.32 66.42
CA VAL Q 643 -64.89 50.24 65.60
C VAL Q 643 -64.39 49.15 66.53
N ASP Q 644 -64.53 47.89 66.12
CA ASP Q 644 -64.01 46.78 66.90
C ASP Q 644 -62.96 45.97 66.15
N GLY Q 645 -63.28 45.43 64.97
CA GLY Q 645 -62.42 44.48 64.32
C GLY Q 645 -61.93 44.90 62.96
N PRO Q 646 -62.49 44.30 61.90
CA PRO Q 646 -62.03 44.62 60.53
C PRO Q 646 -62.44 46.01 60.05
N ILE Q 647 -63.39 46.67 60.72
CA ILE Q 647 -63.69 48.05 60.41
C ILE Q 647 -62.55 48.95 60.91
N ALA Q 648 -61.82 48.51 61.93
CA ALA Q 648 -60.67 49.26 62.43
C ALA Q 648 -59.42 49.07 61.58
N THR Q 649 -59.49 48.31 60.48
CA THR Q 649 -58.39 48.30 59.53
C THR Q 649 -58.39 49.59 58.71
N VAL Q 650 -59.56 49.99 58.20
CA VAL Q 650 -59.66 51.23 57.44
C VAL Q 650 -59.74 52.45 58.36
N PHE Q 651 -60.12 52.25 59.63
CA PHE Q 651 -60.25 53.34 60.59
C PHE Q 651 -59.16 53.22 61.64
N THR Q 652 -58.19 54.13 61.59
CA THR Q 652 -57.09 54.17 62.55
C THR Q 652 -57.46 55.07 63.73
N ARG Q 653 -56.48 55.43 64.55
CA ARG Q 653 -56.73 56.36 65.64
C ARG Q 653 -56.84 57.79 65.12
N GLU Q 654 -56.21 58.08 63.98
CA GLU Q 654 -56.14 59.45 63.46
C GLU Q 654 -57.42 59.90 62.76
N CYS Q 655 -58.38 59.00 62.51
CA CYS Q 655 -59.56 59.40 61.75
C CYS Q 655 -60.62 60.04 62.64
N MET Q 656 -61.04 59.34 63.69
CA MET Q 656 -62.10 59.87 64.54
C MET Q 656 -61.60 60.98 65.47
N SER Q 657 -60.28 61.14 65.62
CA SER Q 657 -59.77 62.27 66.38
C SER Q 657 -60.02 63.58 65.64
N HIS Q 658 -60.07 63.54 64.31
CA HIS Q 658 -60.47 64.69 63.51
C HIS Q 658 -61.97 64.76 63.30
N TYR Q 659 -62.68 63.64 63.43
CA TYR Q 659 -64.14 63.65 63.34
C TYR Q 659 -64.79 64.28 64.55
N LEU Q 660 -64.11 64.30 65.70
CA LEU Q 660 -64.61 65.06 66.84
C LEU Q 660 -64.56 66.56 66.57
N ARG Q 661 -63.55 67.01 65.83
CA ARG Q 661 -63.40 68.44 65.55
C ARG Q 661 -64.39 68.93 64.50
N VAL Q 662 -64.70 68.11 63.51
CA VAL Q 662 -65.70 68.51 62.51
C VAL Q 662 -67.11 68.34 63.08
N PHE Q 663 -67.30 67.55 64.13
CA PHE Q 663 -68.61 67.42 64.74
C PHE Q 663 -68.96 68.63 65.60
N ASN Q 664 -67.98 69.15 66.35
CA ASN Q 664 -68.26 70.19 67.34
C ASN Q 664 -68.65 71.51 66.68
N PHE Q 665 -68.13 71.80 65.49
CA PHE Q 665 -68.61 72.95 64.75
C PHE Q 665 -69.99 72.69 64.14
N LEU Q 666 -70.20 71.48 63.61
CA LEU Q 666 -71.48 71.18 62.98
C LEU Q 666 -72.57 70.97 64.01
N TRP Q 667 -72.21 70.51 65.22
CA TRP Q 667 -73.19 70.49 66.31
C TRP Q 667 -73.49 71.90 66.78
N ARG Q 668 -72.47 72.75 66.89
CA ARG Q 668 -72.71 74.16 67.21
C ARG Q 668 -73.32 74.92 66.05
N ALA Q 669 -73.15 74.45 64.83
CA ALA Q 669 -74.02 74.89 63.74
C ALA Q 669 -75.46 74.60 64.09
N LYS Q 670 -75.81 73.31 64.19
CA LYS Q 670 -77.18 72.87 64.45
C LYS Q 670 -77.71 73.29 65.81
N ARG Q 671 -76.83 73.67 66.74
CA ARG Q 671 -77.29 74.31 67.96
C ARG Q 671 -77.92 75.67 67.66
N MET Q 672 -77.33 76.43 66.73
CA MET Q 672 -77.76 77.80 66.50
C MET Q 672 -79.09 77.89 65.74
N GLU Q 673 -79.41 76.91 64.89
CA GLU Q 673 -80.69 77.00 64.19
C GLU Q 673 -81.84 76.51 65.06
N TYR Q 674 -81.57 75.75 66.12
CA TYR Q 674 -82.67 75.27 66.95
C TYR Q 674 -82.99 76.23 68.08
N ILE Q 675 -81.98 76.96 68.59
CA ILE Q 675 -82.27 78.06 69.52
C ILE Q 675 -82.83 79.28 68.81
N LEU Q 676 -82.55 79.42 67.51
CA LEU Q 676 -83.25 80.45 66.73
C LEU Q 676 -84.65 79.99 66.38
N THR Q 677 -84.87 78.68 66.31
CA THR Q 677 -86.21 78.15 66.08
C THR Q 677 -87.11 78.41 67.29
N ASP Q 678 -86.52 78.38 68.49
CA ASP Q 678 -87.28 78.65 69.70
C ASP Q 678 -87.67 80.12 69.80
N ILE Q 679 -86.77 81.03 69.42
CA ILE Q 679 -87.10 82.45 69.50
C ILE Q 679 -87.96 82.90 68.32
N TRP Q 680 -87.98 82.13 67.22
CA TRP Q 680 -88.90 82.46 66.15
C TRP Q 680 -90.32 82.07 66.51
N LYS Q 681 -90.48 80.93 67.18
CA LYS Q 681 -91.79 80.58 67.74
C LYS Q 681 -92.14 81.51 68.90
N GLY Q 682 -91.13 81.98 69.64
CA GLY Q 682 -91.35 82.98 70.66
C GLY Q 682 -91.77 84.33 70.12
N HIS Q 683 -91.46 84.62 68.86
CA HIS Q 683 -92.01 85.81 68.21
C HIS Q 683 -93.52 85.67 68.02
N MET Q 684 -93.95 84.51 67.54
CA MET Q 684 -95.34 84.26 67.22
C MET Q 684 -96.17 83.80 68.42
N CYS Q 685 -95.58 83.71 69.60
CA CYS Q 685 -96.28 83.26 70.79
C CYS Q 685 -96.72 84.43 71.69
N ASN Q 686 -95.80 85.33 72.01
CA ASN Q 686 -96.16 86.43 72.91
C ASN Q 686 -96.97 87.50 72.20
N ALA Q 687 -96.82 87.62 70.88
CA ALA Q 687 -97.47 88.71 70.15
C ALA Q 687 -98.97 88.49 70.00
N LYS Q 688 -99.41 87.24 70.00
CA LYS Q 688 -100.85 86.96 69.93
C LYS Q 688 -101.56 87.21 71.25
N LEU Q 689 -100.84 87.15 72.37
CA LEU Q 689 -101.46 87.21 73.68
C LEU Q 689 -101.53 88.61 74.25
N LEU Q 690 -100.68 89.54 73.81
CA LEU Q 690 -100.69 90.90 74.32
C LEU Q 690 -101.51 91.85 73.46
N LYS Q 691 -102.31 91.32 72.53
CA LYS Q 691 -103.14 92.17 71.67
C LYS Q 691 -104.25 92.81 72.50
N GLY Q 692 -104.29 94.13 72.49
CA GLY Q 692 -105.20 94.89 73.33
C GLY Q 692 -104.53 96.15 73.85
N MET Q 693 -103.21 96.21 73.74
CA MET Q 693 -102.44 97.38 74.10
C MET Q 693 -101.92 98.06 72.85
N PRO Q 694 -102.24 99.34 72.62
CA PRO Q 694 -101.81 100.00 71.38
C PRO Q 694 -100.35 100.39 71.36
N GLU Q 695 -99.71 100.53 72.53
CA GLU Q 695 -98.32 100.97 72.56
C GLU Q 695 -97.38 99.84 72.15
N LEU Q 696 -97.60 98.63 72.67
CA LEU Q 696 -96.75 97.49 72.35
C LEU Q 696 -97.00 96.92 70.96
N SER Q 697 -97.98 97.43 70.23
CA SER Q 697 -98.23 96.96 68.87
C SER Q 697 -97.11 97.36 67.92
N GLY Q 698 -96.78 98.65 67.88
CA GLY Q 698 -95.68 99.11 67.06
C GLY Q 698 -94.30 98.90 67.65
N VAL Q 699 -94.23 98.40 68.87
CA VAL Q 699 -92.96 98.13 69.54
C VAL Q 699 -92.40 96.77 69.14
N LEU Q 700 -93.24 95.74 69.12
CA LEU Q 700 -92.80 94.43 68.66
C LEU Q 700 -92.61 94.39 67.14
N HIS Q 701 -93.19 95.35 66.42
CA HIS Q 701 -93.14 95.32 64.96
C HIS Q 701 -91.75 95.66 64.44
N GLN Q 702 -91.11 96.68 65.01
CA GLN Q 702 -89.81 97.11 64.51
C GLN Q 702 -88.69 96.20 64.98
N CYS Q 703 -88.81 95.60 66.17
CA CYS Q 703 -87.78 94.65 66.61
C CYS Q 703 -87.90 93.32 65.89
N HIS Q 704 -89.08 92.99 65.35
CA HIS Q 704 -89.22 91.81 64.52
C HIS Q 704 -88.53 91.99 63.18
N ILE Q 705 -88.50 93.22 62.66
CA ILE Q 705 -87.71 93.51 61.47
C ILE Q 705 -86.22 93.41 61.79
N LEU Q 706 -85.81 93.96 62.92
CA LEU Q 706 -84.42 93.90 63.36
C LEU Q 706 -84.02 92.52 63.86
N ALA Q 707 -84.99 91.64 64.14
CA ALA Q 707 -84.68 90.23 64.35
C ALA Q 707 -84.53 89.51 63.01
N SER Q 708 -85.37 89.87 62.03
CA SER Q 708 -85.39 89.22 60.73
C SER Q 708 -84.17 89.54 59.89
N GLU Q 709 -83.46 90.65 60.17
CA GLU Q 709 -82.20 90.90 59.49
C GLU Q 709 -81.11 89.97 59.97
N MET Q 710 -81.24 89.40 61.17
CA MET Q 710 -80.36 88.36 61.64
C MET Q 710 -80.86 86.96 61.32
N VAL Q 711 -82.17 86.78 61.20
CA VAL Q 711 -82.71 85.46 60.87
C VAL Q 711 -82.35 85.10 59.43
N HIS Q 712 -82.57 86.04 58.51
CA HIS Q 712 -82.35 85.74 57.08
C HIS Q 712 -80.88 85.70 56.72
N PHE Q 713 -80.01 86.40 57.45
CA PHE Q 713 -78.60 86.39 57.11
C PHE Q 713 -77.85 85.23 57.74
N ILE Q 714 -78.26 84.78 58.93
CA ILE Q 714 -77.75 83.52 59.47
C ILE Q 714 -78.16 82.37 58.58
N HIS Q 715 -79.41 82.38 58.10
CA HIS Q 715 -79.96 81.28 57.32
C HIS Q 715 -79.24 81.12 55.97
N GLN Q 716 -79.07 82.21 55.23
CA GLN Q 716 -78.53 82.09 53.89
C GLN Q 716 -77.03 81.85 53.85
N MET Q 717 -76.32 81.96 54.98
CA MET Q 717 -74.93 81.53 55.01
C MET Q 717 -74.71 80.23 55.78
N GLN Q 718 -75.51 79.93 56.82
CA GLN Q 718 -75.30 78.68 57.53
C GLN Q 718 -75.88 77.48 56.78
N TYR Q 719 -76.91 77.69 55.96
CA TYR Q 719 -77.38 76.59 55.12
C TYR Q 719 -76.44 76.34 53.95
N TYR Q 720 -75.70 77.35 53.52
CA TYR Q 720 -74.99 77.28 52.26
C TYR Q 720 -73.53 76.85 52.42
N ILE Q 721 -72.91 77.10 53.58
CA ILE Q 721 -71.52 76.69 53.73
C ILE Q 721 -71.43 75.20 54.04
N THR Q 722 -72.44 74.63 54.67
CA THR Q 722 -72.41 73.21 55.02
C THR Q 722 -73.00 72.32 53.93
N PHE Q 723 -73.82 72.87 53.04
CA PHE Q 723 -74.35 72.08 51.94
C PHE Q 723 -73.36 72.03 50.79
N GLU Q 724 -72.51 73.06 50.66
CA GLU Q 724 -71.53 73.09 49.59
C GLU Q 724 -70.35 72.16 49.87
N VAL Q 725 -69.88 72.13 51.12
CA VAL Q 725 -68.81 71.21 51.50
C VAL Q 725 -69.35 69.77 51.55
N LEU Q 726 -70.65 69.62 51.84
CA LEU Q 726 -71.30 68.32 51.64
C LEU Q 726 -71.31 67.93 50.17
N GLU Q 727 -71.41 68.92 49.27
CA GLU Q 727 -71.60 68.61 47.86
C GLU Q 727 -70.28 68.18 47.21
N CYS Q 728 -69.20 68.93 47.44
CA CYS Q 728 -67.93 68.64 46.78
C CYS Q 728 -67.25 67.39 47.32
N SER Q 729 -67.64 66.92 48.50
CA SER Q 729 -66.96 65.81 49.16
C SER Q 729 -67.69 64.49 49.03
N TRP Q 730 -69.03 64.51 49.06
CA TRP Q 730 -69.81 63.31 48.77
C TRP Q 730 -69.62 62.88 47.32
N ASP Q 731 -69.52 63.85 46.42
CA ASP Q 731 -69.31 63.58 45.00
C ASP Q 731 -67.86 63.21 44.70
N GLU Q 732 -66.94 63.41 45.64
CA GLU Q 732 -65.54 63.11 45.41
C GLU Q 732 -65.16 61.68 45.79
N LEU Q 733 -65.59 61.23 46.97
CA LEU Q 733 -65.21 59.89 47.42
C LEU Q 733 -66.11 58.81 46.82
N TRP Q 734 -67.43 59.00 46.89
CA TRP Q 734 -68.38 57.91 46.72
C TRP Q 734 -68.41 57.37 45.29
N ASN Q 735 -68.08 58.20 44.30
CA ASN Q 735 -67.93 57.68 42.94
C ASN Q 735 -66.56 57.07 42.72
N LYS Q 736 -65.56 57.54 43.47
CA LYS Q 736 -64.18 57.11 43.26
C LYS Q 736 -63.93 55.70 43.79
N VAL Q 737 -64.64 55.28 44.84
CA VAL Q 737 -64.31 54.02 45.50
C VAL Q 737 -64.74 52.81 44.67
N LEU Q 738 -65.62 52.98 43.68
CA LEU Q 738 -66.04 51.88 42.83
C LEU Q 738 -65.30 51.81 41.50
N LYS Q 739 -64.59 52.88 41.10
CA LYS Q 739 -63.83 52.86 39.87
C LYS Q 739 -62.33 52.66 40.10
N ALA Q 740 -61.89 52.59 41.35
CA ALA Q 740 -60.55 52.15 41.70
C ALA Q 740 -60.62 50.73 42.26
N GLN Q 741 -59.61 49.92 41.96
CA GLN Q 741 -59.66 48.49 42.23
C GLN Q 741 -58.51 48.10 43.18
N ASP Q 742 -58.72 48.33 44.48
CA ASP Q 742 -57.77 48.01 45.54
C ASP Q 742 -58.50 48.08 46.87
N LEU Q 743 -57.80 47.68 47.94
CA LEU Q 743 -58.20 48.01 49.30
C LEU Q 743 -57.40 49.18 49.86
N ASP Q 744 -56.16 49.37 49.38
CA ASP Q 744 -55.35 50.50 49.82
C ASP Q 744 -55.55 51.76 49.00
N HIS Q 745 -56.18 51.68 47.82
CA HIS Q 745 -56.65 52.87 47.15
C HIS Q 745 -57.97 53.37 47.74
N ILE Q 746 -58.66 52.52 48.51
CA ILE Q 746 -59.83 52.96 49.26
C ILE Q 746 -59.43 54.04 50.27
N ILE Q 747 -58.48 53.67 51.15
CA ILE Q 747 -58.03 54.57 52.19
C ILE Q 747 -57.23 55.72 51.60
N ALA Q 748 -56.55 55.49 50.46
CA ALA Q 748 -55.86 56.57 49.76
C ALA Q 748 -56.85 57.55 49.14
N ALA Q 749 -58.04 57.09 48.76
CA ALA Q 749 -59.10 58.01 48.41
C ALA Q 749 -59.81 58.55 49.64
N HIS Q 750 -59.64 57.89 50.79
CA HIS Q 750 -60.33 58.29 52.01
C HIS Q 750 -59.49 59.23 52.86
N ASP Q 751 -58.17 59.01 52.95
CA ASP Q 751 -57.33 59.90 53.77
C ASP Q 751 -57.13 61.27 53.13
N VAL Q 752 -57.39 61.41 51.83
CA VAL Q 752 -57.44 62.74 51.22
C VAL Q 752 -58.85 63.34 51.35
N PHE Q 753 -59.89 62.50 51.38
CA PHE Q 753 -61.25 62.99 51.62
C PHE Q 753 -61.40 63.56 53.02
N LEU Q 754 -60.98 62.80 54.02
CA LEU Q 754 -61.29 63.11 55.41
C LEU Q 754 -60.53 64.30 55.96
N ASP Q 755 -59.47 64.77 55.29
CA ASP Q 755 -58.81 66.00 55.71
C ASP Q 755 -59.08 67.19 54.80
N THR Q 756 -59.79 67.00 53.68
CA THR Q 756 -60.26 68.13 52.89
C THR Q 756 -61.63 68.64 53.33
N ILE Q 757 -62.43 67.79 53.96
CA ILE Q 757 -63.76 68.22 54.37
C ILE Q 757 -63.68 69.02 55.70
N ILE Q 758 -62.72 68.69 56.56
CA ILE Q 758 -62.56 69.45 57.79
C ILE Q 758 -61.84 70.77 57.53
N SER Q 759 -60.95 70.81 56.53
CA SER Q 759 -60.27 72.06 56.20
C SER Q 759 -61.21 73.06 55.55
N ARG Q 760 -62.22 72.59 54.84
CA ARG Q 760 -63.24 73.48 54.32
C ARG Q 760 -64.35 73.77 55.33
N CYS Q 761 -64.43 72.99 56.41
CA CYS Q 761 -65.44 73.27 57.43
C CYS Q 761 -64.96 74.33 58.41
N LEU Q 762 -63.96 74.01 59.22
CA LEU Q 762 -63.46 75.01 60.17
C LEU Q 762 -61.93 75.10 60.28
N LEU Q 763 -61.23 73.97 60.25
CA LEU Q 763 -59.91 73.86 60.86
C LEU Q 763 -58.79 73.88 59.83
N ASP Q 764 -57.93 74.89 59.92
CA ASP Q 764 -56.61 74.88 59.31
C ASP Q 764 -55.64 75.60 60.25
N SER Q 765 -54.35 75.55 59.89
CA SER Q 765 -53.37 76.37 60.60
C SER Q 765 -53.45 77.82 60.18
N GLU Q 766 -53.96 78.10 58.97
CA GLU Q 766 -54.15 79.45 58.48
C GLU Q 766 -55.59 79.95 58.67
N SER Q 767 -56.50 79.08 59.12
CA SER Q 767 -57.91 79.44 59.24
C SER Q 767 -58.22 80.16 60.55
N ARG Q 768 -57.24 80.74 61.23
CA ARG Q 768 -57.50 81.55 62.42
C ARG Q 768 -58.30 82.80 62.09
N ALA Q 769 -58.27 83.26 60.84
CA ALA Q 769 -59.17 84.30 60.40
C ALA Q 769 -60.63 83.83 60.40
N LEU Q 770 -60.87 82.53 60.24
CA LEU Q 770 -62.23 82.03 60.12
C LEU Q 770 -62.88 81.88 61.50
N LEU Q 771 -62.34 81.00 62.34
CA LEU Q 771 -63.03 80.62 63.57
C LEU Q 771 -62.95 81.69 64.65
N ASN Q 772 -62.20 82.78 64.43
CA ASN Q 772 -62.31 83.93 65.30
C ASN Q 772 -63.60 84.70 65.06
N GLN Q 773 -64.11 84.70 63.83
CA GLN Q 773 -65.29 85.47 63.48
C GLN Q 773 -66.58 84.65 63.44
N LEU Q 774 -66.50 83.32 63.23
CA LEU Q 774 -67.69 82.50 63.42
C LEU Q 774 -68.03 82.36 64.89
N ARG Q 775 -67.03 82.43 65.77
CA ARG Q 775 -67.33 82.46 67.20
C ARG Q 775 -67.76 83.84 67.66
N ALA Q 776 -67.44 84.88 66.88
CA ALA Q 776 -67.90 86.23 67.18
C ALA Q 776 -69.37 86.43 66.81
N VAL Q 777 -69.87 85.65 65.85
CA VAL Q 777 -71.30 85.66 65.57
C VAL Q 777 -72.02 84.58 66.37
N PHE Q 778 -71.27 83.62 66.94
CA PHE Q 778 -71.89 82.57 67.73
C PHE Q 778 -72.33 83.09 69.11
N ASP Q 779 -71.46 83.83 69.80
CA ASP Q 779 -71.86 84.40 71.07
C ASP Q 779 -72.77 85.61 70.92
N GLN Q 780 -72.79 86.21 69.72
CA GLN Q 780 -73.64 87.37 69.48
C GLN Q 780 -75.10 86.96 69.35
N ILE Q 781 -75.37 85.77 68.80
CA ILE Q 781 -76.74 85.30 68.70
C ILE Q 781 -77.23 84.76 70.05
N ILE Q 782 -76.31 84.43 70.96
CA ILE Q 782 -76.72 84.13 72.33
C ILE Q 782 -77.10 85.43 73.05
N GLU Q 783 -76.34 86.49 72.82
CA GLU Q 783 -76.61 87.78 73.44
C GLU Q 783 -77.90 88.40 72.88
N PHE Q 784 -78.22 88.11 71.63
CA PHE Q 784 -79.54 88.46 71.09
C PHE Q 784 -80.65 87.65 71.73
N GLN Q 785 -80.38 86.41 72.11
CA GLN Q 785 -81.44 85.51 72.54
C GLN Q 785 -81.83 85.75 74.00
N ASN Q 786 -80.85 85.83 74.90
CA ASN Q 786 -81.15 86.00 76.32
C ASN Q 786 -81.65 87.40 76.65
N ALA Q 787 -81.42 88.37 75.78
CA ALA Q 787 -81.97 89.70 75.99
C ALA Q 787 -83.45 89.76 75.62
N GLN Q 788 -83.91 88.90 74.71
CA GLN Q 788 -85.27 88.99 74.20
C GLN Q 788 -86.28 88.47 75.23
N ASP Q 789 -86.00 87.33 75.85
CA ASP Q 789 -86.87 86.86 76.92
C ASP Q 789 -86.62 87.57 78.24
N ALA Q 790 -85.64 88.46 78.29
CA ALA Q 790 -85.52 89.40 79.39
C ALA Q 790 -86.44 90.60 79.25
N LEU Q 791 -87.06 90.80 78.07
CA LEU Q 791 -88.05 91.86 77.92
C LEU Q 791 -89.42 91.32 77.57
N TYR Q 792 -89.50 90.22 76.81
CA TYR Q 792 -90.77 89.55 76.52
C TYR Q 792 -91.46 89.09 77.80
N ARG Q 793 -90.69 88.51 78.73
CA ARG Q 793 -91.23 88.21 80.05
C ARG Q 793 -91.54 89.49 80.82
N ALA Q 794 -90.76 90.55 80.58
CA ALA Q 794 -91.06 91.84 81.17
C ALA Q 794 -92.19 92.55 80.42
N ALA Q 795 -92.59 92.05 79.25
CA ALA Q 795 -93.72 92.64 78.53
C ALA Q 795 -94.99 91.83 78.69
N LEU Q 796 -94.89 90.52 78.90
CA LEU Q 796 -96.07 89.66 78.96
C LEU Q 796 -96.66 89.59 80.36
N GLU Q 797 -95.80 89.49 81.38
CA GLU Q 797 -96.26 89.25 82.75
C GLU Q 797 -97.00 90.46 83.32
N GLU Q 798 -96.53 91.67 83.00
CA GLU Q 798 -97.16 92.87 83.51
C GLU Q 798 -98.46 93.20 82.77
N LEU Q 799 -98.68 92.60 81.61
CA LEU Q 799 -99.98 92.68 80.95
C LEU Q 799 -100.97 91.71 81.56
N GLN Q 800 -100.48 90.61 82.14
CA GLN Q 800 -101.37 89.64 82.77
C GLN Q 800 -102.01 90.20 84.04
N GLN Q 801 -101.32 91.12 84.73
CA GLN Q 801 -101.92 91.79 85.87
C GLN Q 801 -102.99 92.79 85.45
N ARG Q 802 -102.89 93.31 84.22
CA ARG Q 802 -103.88 94.26 83.73
C ARG Q 802 -105.22 93.59 83.45
N LEU Q 803 -105.19 92.38 82.88
CA LEU Q 803 -106.42 91.70 82.51
C LEU Q 803 -107.14 91.09 83.70
N GLN Q 804 -106.39 90.60 84.70
CA GLN Q 804 -107.02 90.12 85.92
C GLN Q 804 -107.46 91.23 86.85
N PHE Q 805 -107.04 92.47 86.58
CA PHE Q 805 -107.59 93.62 87.27
C PHE Q 805 -108.85 94.13 86.62
N GLU Q 806 -109.04 93.83 85.32
CA GLU Q 806 -110.25 94.25 84.62
C GLU Q 806 -111.47 93.48 85.11
N GLU Q 807 -111.29 92.22 85.52
CA GLU Q 807 -112.42 91.44 86.01
C GLU Q 807 -112.84 91.86 87.41
N ARG Q 808 -111.96 92.52 88.17
CA ARG Q 808 -112.36 93.04 89.48
C ARG Q 808 -113.30 94.23 89.36
N LYS Q 809 -113.37 94.85 88.18
CA LYS Q 809 -114.28 95.97 87.97
C LYS Q 809 -115.73 95.50 87.86
N LYS Q 810 -115.97 94.30 87.31
CA LYS Q 810 -117.34 93.84 87.15
C LYS Q 810 -117.88 93.09 88.38
N GLU Q 811 -117.01 92.50 89.21
CA GLU Q 811 -117.51 91.80 90.38
C GLU Q 811 -117.86 92.73 91.51
N ARG Q 812 -117.20 93.89 91.58
CA ARG Q 812 -117.47 94.86 92.63
C ARG Q 812 -118.83 95.52 92.46
N GLU Q 813 -119.38 95.51 91.24
CA GLU Q 813 -120.72 96.03 91.02
C GLU Q 813 -121.78 94.99 91.37
N SER Q 814 -121.47 93.71 91.22
CA SER Q 814 -122.42 92.64 91.50
C SER Q 814 -122.36 92.16 92.94
N GLU Q 815 -121.24 92.35 93.62
CA GLU Q 815 -121.13 91.99 95.04
C GLU Q 815 -121.73 93.11 95.88
N THR Q 821 -110.89 103.37 94.98
CA THR Q 821 -110.65 103.07 93.54
C THR Q 821 -109.56 104.01 93.01
N ALA Q 822 -109.38 105.17 93.63
CA ALA Q 822 -108.37 106.14 93.16
C ALA Q 822 -106.98 105.51 93.28
N ALA Q 823 -106.72 104.80 94.38
CA ALA Q 823 -105.42 104.14 94.60
C ALA Q 823 -105.19 103.07 93.52
N GLU Q 824 -106.22 102.30 93.19
CA GLU Q 824 -106.11 101.26 92.12
C GLU Q 824 -105.83 101.93 90.78
N GLU Q 825 -106.47 103.07 90.51
CA GLU Q 825 -106.22 103.81 89.24
C GLU Q 825 -104.75 104.27 89.22
N ASP Q 826 -104.24 104.72 90.37
CA ASP Q 826 -102.83 105.14 90.50
C ASP Q 826 -101.90 103.95 90.23
N VAL Q 827 -102.24 102.77 90.75
CA VAL Q 827 -101.42 101.55 90.48
C VAL Q 827 -101.45 101.23 88.98
N GLU Q 828 -102.61 101.41 88.35
CA GLU Q 828 -102.74 101.18 86.88
C GLU Q 828 -101.82 102.15 86.13
N ASN Q 829 -101.79 103.41 86.59
CA ASN Q 829 -100.93 104.45 85.97
C ASN Q 829 -99.46 104.04 86.15
N LYS Q 830 -99.12 103.50 87.32
CA LYS Q 830 -97.74 103.04 87.62
C LYS Q 830 -97.39 101.89 86.65
N ARG Q 831 -98.34 100.99 86.42
CA ARG Q 831 -98.13 99.85 85.48
C ARG Q 831 -97.89 100.41 84.07
N ILE Q 832 -98.64 101.44 83.68
CA ILE Q 832 -98.47 102.07 82.33
C ILE Q 832 -97.06 102.68 82.25
N GLN Q 833 -96.62 103.32 83.35
CA GLN Q 833 -95.27 103.93 83.40
C GLN Q 833 -94.22 102.84 83.25
N GLU Q 834 -94.43 101.69 83.90
CA GLU Q 834 -93.50 100.53 83.80
C GLU Q 834 -93.46 100.05 82.34
N PHE Q 835 -94.63 99.98 81.69
CA PHE Q 835 -94.67 99.54 80.26
C PHE Q 835 -93.82 100.52 79.44
N GLN Q 836 -94.00 101.83 79.70
CA GLN Q 836 -93.26 102.84 78.91
C GLN Q 836 -91.75 102.68 79.15
N GLU Q 837 -91.36 102.45 80.42
CA GLU Q 837 -89.91 102.33 80.71
C GLU Q 837 -89.38 101.12 79.94
N SER Q 838 -90.12 100.01 79.99
CA SER Q 838 -89.63 98.76 79.33
C SER Q 838 -89.48 99.04 77.83
N ILE Q 839 -90.44 99.77 77.25
CA ILE Q 839 -90.40 100.09 75.79
C ILE Q 839 -89.17 100.92 75.43
N PRO Q 840 -88.78 102.03 76.09
CA PRO Q 840 -87.37 102.41 76.24
C PRO Q 840 -86.29 101.33 76.38
N LYS Q 841 -86.14 100.77 77.58
CA LYS Q 841 -85.01 99.92 77.92
C LYS Q 841 -84.85 98.80 76.90
N MET Q 842 -85.96 98.36 76.28
CA MET Q 842 -85.84 97.29 75.29
C MET Q 842 -85.33 97.83 73.95
N ARG Q 843 -85.81 99.00 73.52
CA ARG Q 843 -85.43 99.49 72.19
C ARG Q 843 -83.99 99.96 72.16
N SER Q 844 -83.47 100.43 73.31
CA SER Q 844 -82.07 100.84 73.37
C SER Q 844 -81.15 99.62 73.35
N GLN Q 845 -81.53 98.54 74.03
CA GLN Q 845 -80.73 97.32 73.97
C GLN Q 845 -80.82 96.64 72.62
N LEU Q 846 -81.97 96.74 71.93
CA LEU Q 846 -82.09 96.15 70.60
C LEU Q 846 -81.25 96.89 69.57
N ARG Q 847 -81.30 98.23 69.54
CA ARG Q 847 -80.61 98.93 68.47
C ARG Q 847 -79.10 98.91 68.66
N ILE Q 848 -78.63 98.89 69.91
CA ILE Q 848 -77.18 98.79 70.12
C ILE Q 848 -76.69 97.40 69.75
N LEU Q 849 -77.54 96.38 69.89
CA LEU Q 849 -77.16 95.01 69.57
C LEU Q 849 -77.19 94.78 68.07
N THR Q 850 -78.10 95.44 67.34
CA THR Q 850 -78.06 95.40 65.89
C THR Q 850 -76.83 96.12 65.35
N HIS Q 851 -76.41 97.20 66.02
CA HIS Q 851 -75.16 97.85 65.63
C HIS Q 851 -73.95 97.00 65.97
N PHE Q 852 -74.03 96.20 67.04
CA PHE Q 852 -72.98 95.24 67.33
C PHE Q 852 -72.98 94.12 66.31
N TYR Q 853 -74.17 93.70 65.87
CA TYR Q 853 -74.29 92.59 64.94
C TYR Q 853 -73.77 92.94 63.56
N GLN Q 854 -74.08 94.15 63.08
CA GLN Q 854 -73.66 94.55 61.74
C GLN Q 854 -72.15 94.81 61.69
N GLY Q 855 -71.55 95.23 62.80
CA GLY Q 855 -70.11 95.39 62.83
C GLY Q 855 -69.37 94.07 62.85
N ILE Q 856 -69.99 93.03 63.41
CA ILE Q 856 -69.40 91.69 63.38
C ILE Q 856 -69.45 91.12 61.97
N VAL Q 857 -70.59 91.28 61.28
CA VAL Q 857 -70.70 90.70 59.95
C VAL Q 857 -69.92 91.51 58.91
N GLN Q 858 -69.65 92.80 59.15
CA GLN Q 858 -68.68 93.50 58.34
C GLN Q 858 -67.27 93.00 58.60
N GLN Q 859 -66.94 92.72 59.87
CA GLN Q 859 -65.65 92.15 60.20
C GLN Q 859 -65.54 90.71 59.71
N PHE Q 860 -66.68 90.02 59.56
CA PHE Q 860 -66.68 88.69 58.96
C PHE Q 860 -66.19 88.78 57.51
N LEU Q 861 -66.94 89.51 56.67
CA LEU Q 861 -66.68 89.58 55.23
C LEU Q 861 -65.32 90.20 54.88
N VAL Q 862 -64.73 91.01 55.77
CA VAL Q 862 -63.38 91.52 55.51
C VAL Q 862 -62.36 90.40 55.60
N LEU Q 863 -62.42 89.61 56.69
CA LEU Q 863 -61.52 88.46 56.81
C LEU Q 863 -61.88 87.33 55.85
N LEU Q 864 -63.08 87.33 55.27
CA LEU Q 864 -63.40 86.31 54.28
C LEU Q 864 -62.89 86.70 52.90
N THR Q 865 -62.75 88.01 52.64
CA THR Q 865 -62.05 88.48 51.44
C THR Q 865 -60.53 88.48 51.60
N THR Q 866 -60.03 88.37 52.84
CA THR Q 866 -58.59 88.21 53.06
C THR Q 866 -58.23 86.77 52.68
N SER Q 867 -58.00 86.58 51.39
CA SER Q 867 -57.91 85.25 50.79
C SER Q 867 -56.49 84.73 50.82
N THR Q 868 -56.31 83.55 51.41
CA THR Q 868 -55.05 82.82 51.33
C THR Q 868 -54.99 81.86 50.16
N ASP Q 869 -56.10 81.76 49.40
CA ASP Q 869 -56.22 81.27 48.03
C ASP Q 869 -56.15 79.75 47.85
N GLU Q 870 -56.37 78.95 48.91
CA GLU Q 870 -56.57 77.51 48.71
C GLU Q 870 -58.09 77.23 48.67
N SER Q 871 -58.66 77.52 47.50
CA SER Q 871 -60.11 77.64 47.28
C SER Q 871 -60.75 78.64 48.24
N LEU Q 872 -60.02 79.74 48.51
CA LEU Q 872 -60.52 80.83 49.34
C LEU Q 872 -61.19 81.90 48.50
N ARG Q 873 -60.83 81.98 47.21
CA ARG Q 873 -61.57 82.78 46.24
C ARG Q 873 -63.00 82.26 46.10
N PHE Q 874 -63.19 80.95 46.25
CA PHE Q 874 -64.54 80.37 46.26
C PHE Q 874 -65.32 80.81 47.49
N LEU Q 875 -64.65 80.93 48.64
CA LEU Q 875 -65.34 81.32 49.86
C LEU Q 875 -65.64 82.82 49.91
N SER Q 876 -64.74 83.64 49.35
CA SER Q 876 -65.01 85.08 49.27
C SER Q 876 -66.06 85.40 48.22
N PHE Q 877 -66.29 84.51 47.27
CA PHE Q 877 -67.34 84.69 46.28
C PHE Q 877 -68.72 84.56 46.91
N ARG Q 878 -68.86 83.67 47.89
CA ARG Q 878 -70.19 83.31 48.39
C ARG Q 878 -70.75 84.32 49.38
N LEU Q 879 -69.91 85.11 50.04
CA LEU Q 879 -70.40 85.96 51.13
C LEU Q 879 -70.92 87.31 50.66
N ASP Q 880 -70.35 87.89 49.61
CA ASP Q 880 -70.94 89.09 49.04
C ASP Q 880 -72.21 88.77 48.26
N PHE Q 881 -72.37 87.52 47.82
CA PHE Q 881 -73.59 87.11 47.14
C PHE Q 881 -74.75 86.99 48.12
N ASN Q 882 -74.46 86.70 49.40
CA ASN Q 882 -75.52 86.55 50.38
C ASN Q 882 -76.03 87.89 50.88
N GLU Q 883 -75.12 88.83 51.18
CA GLU Q 883 -75.54 90.11 51.77
C GLU Q 883 -76.17 91.04 50.75
N HIS Q 884 -75.86 90.87 49.46
CA HIS Q 884 -76.38 91.76 48.43
C HIS Q 884 -77.52 91.16 47.63
N TYR Q 885 -77.55 89.83 47.48
CA TYR Q 885 -78.60 89.17 46.72
C TYR Q 885 -79.29 88.11 47.56
N PRO R 2 -6.45 -16.76 99.29
CA PRO R 2 -5.36 -15.94 99.82
C PRO R 2 -5.86 -14.64 100.45
N ARG R 3 -6.14 -13.64 99.61
CA ARG R 3 -6.57 -12.33 100.08
C ARG R 3 -7.84 -11.92 99.34
N GLU R 4 -8.79 -12.85 99.24
CA GLU R 4 -9.99 -12.63 98.43
C GLU R 4 -11.02 -11.84 99.22
N ILE R 5 -11.50 -10.74 98.63
CA ILE R 5 -12.52 -9.89 99.23
C ILE R 5 -13.79 -10.00 98.40
N ILE R 6 -14.92 -10.14 99.08
CA ILE R 6 -16.23 -10.17 98.45
C ILE R 6 -16.88 -8.81 98.62
N THR R 7 -17.14 -8.12 97.51
CA THR R 7 -17.79 -6.82 97.55
C THR R 7 -19.30 -7.02 97.61
N LEU R 8 -19.96 -6.23 98.46
CA LEU R 8 -21.41 -6.34 98.64
C LEU R 8 -22.07 -5.08 98.09
N GLN R 9 -22.24 -5.08 96.77
CA GLN R 9 -22.90 -3.97 96.08
C GLN R 9 -24.41 -4.06 96.29
N LEU R 10 -24.98 -2.99 96.83
CA LEU R 10 -26.36 -3.00 97.32
C LEU R 10 -26.95 -1.61 97.19
N GLY R 11 -28.19 -1.54 96.72
CA GLY R 11 -28.93 -0.30 96.66
C GLY R 11 -28.96 0.32 95.28
N GLN R 12 -29.68 1.44 95.19
CA GLN R 12 -29.83 2.12 93.91
C GLN R 12 -28.53 2.84 93.51
N CYS R 13 -27.83 3.41 94.49
CA CYS R 13 -26.59 4.11 94.20
C CYS R 13 -25.37 3.21 94.35
N GLY R 14 -25.45 2.21 95.22
CA GLY R 14 -24.32 1.30 95.42
C GLY R 14 -24.05 0.37 94.27
N ASN R 15 -25.06 0.10 93.44
CA ASN R 15 -24.85 -0.77 92.28
C ASN R 15 -24.21 -0.02 91.12
N GLN R 16 -24.49 1.27 90.97
CA GLN R 16 -23.91 2.04 89.88
C GLN R 16 -22.48 2.44 90.15
N ILE R 17 -22.13 2.72 91.41
CA ILE R 17 -20.75 3.05 91.74
C ILE R 17 -19.85 1.82 91.74
N GLY R 18 -20.42 0.62 91.79
CA GLY R 18 -19.64 -0.60 91.70
C GLY R 18 -19.62 -1.16 90.31
N PHE R 19 -20.51 -0.66 89.45
CA PHE R 19 -20.55 -1.12 88.06
C PHE R 19 -19.36 -0.59 87.29
N GLU R 20 -19.06 0.70 87.42
CA GLU R 20 -17.87 1.26 86.79
C GLU R 20 -16.60 1.01 87.60
N PHE R 21 -16.73 0.52 88.84
CA PHE R 21 -15.56 0.08 89.58
C PHE R 21 -14.96 -1.17 88.96
N TRP R 22 -15.80 -2.13 88.60
CA TRP R 22 -15.34 -3.29 87.85
C TRP R 22 -14.97 -2.94 86.41
N LYS R 23 -15.61 -1.91 85.84
CA LYS R 23 -15.27 -1.49 84.49
C LYS R 23 -13.94 -0.74 84.46
N GLN R 24 -13.55 -0.15 85.58
CA GLN R 24 -12.24 0.50 85.68
C GLN R 24 -11.12 -0.53 85.74
N LEU R 25 -11.41 -1.71 86.30
CA LEU R 25 -10.38 -2.70 86.57
C LEU R 25 -9.91 -3.40 85.31
N CYS R 26 -10.76 -3.50 84.28
CA CYS R 26 -10.31 -4.16 83.05
C CYS R 26 -9.40 -3.28 82.21
N ALA R 27 -9.58 -1.95 82.26
CA ALA R 27 -8.74 -1.05 81.49
C ALA R 27 -7.33 -0.96 82.05
N GLU R 28 -7.15 -1.24 83.33
CA GLU R 28 -5.84 -1.20 83.96
C GLU R 28 -5.17 -2.57 84.05
N HIS R 29 -5.94 -3.65 84.01
CA HIS R 29 -5.36 -4.98 83.94
C HIS R 29 -5.01 -5.39 82.52
N GLY R 30 -5.37 -4.58 81.52
CA GLY R 30 -5.10 -4.94 80.14
C GLY R 30 -5.96 -6.06 79.62
N ILE R 31 -7.14 -6.25 80.19
CA ILE R 31 -8.02 -7.36 79.82
C ILE R 31 -9.33 -6.80 79.30
N SER R 32 -10.02 -7.62 78.52
CA SER R 32 -11.35 -7.36 78.01
C SER R 32 -12.37 -8.14 78.82
N PRO R 33 -13.60 -7.62 78.96
CA PRO R 33 -14.62 -8.34 79.73
C PRO R 33 -15.09 -9.65 79.10
N GLU R 34 -14.84 -9.87 77.82
CA GLU R 34 -15.19 -11.13 77.18
C GLU R 34 -14.00 -11.92 76.63
N GLY R 35 -12.80 -11.35 76.62
CA GLY R 35 -11.66 -12.09 76.12
C GLY R 35 -10.35 -11.56 76.67
N ILE R 36 -9.26 -12.17 76.21
CA ILE R 36 -7.90 -11.72 76.53
C ILE R 36 -7.19 -11.45 75.21
N VAL R 37 -7.11 -10.18 74.82
CA VAL R 37 -6.48 -9.81 73.57
C VAL R 37 -5.09 -9.21 73.75
N GLU R 38 -4.72 -8.80 74.96
CA GLU R 38 -3.42 -8.19 75.21
C GLU R 38 -2.60 -9.09 76.14
N GLU R 39 -1.30 -9.10 75.93
CA GLU R 39 -0.39 -9.87 76.78
C GLU R 39 0.13 -9.06 77.96
N PHE R 40 -0.34 -7.82 78.13
CA PHE R 40 0.12 -6.93 79.19
C PHE R 40 -0.43 -7.29 80.57
N ALA R 41 -1.24 -8.34 80.70
CA ALA R 41 -1.89 -8.66 81.95
C ALA R 41 -1.00 -9.37 82.96
N THR R 42 0.02 -10.10 82.50
CA THR R 42 0.89 -10.83 83.41
C THR R 42 2.30 -10.27 83.49
N GLU R 43 2.84 -9.73 82.40
CA GLU R 43 4.18 -9.13 82.45
C GLU R 43 4.14 -7.75 83.11
N GLY R 44 3.09 -6.98 82.87
CA GLY R 44 2.96 -5.67 83.47
C GLY R 44 2.36 -5.70 84.86
N THR R 45 1.29 -6.45 85.03
CA THR R 45 0.62 -6.61 86.32
C THR R 45 1.00 -7.95 86.91
N ASP R 46 1.56 -7.92 88.13
CA ASP R 46 2.08 -9.12 88.77
C ASP R 46 1.07 -9.82 89.66
N ARG R 47 -0.11 -9.24 89.87
CA ARG R 47 -1.13 -9.87 90.70
C ARG R 47 -2.51 -9.39 90.24
N LYS R 48 -3.37 -10.35 89.89
CA LYS R 48 -4.72 -10.05 89.43
C LYS R 48 -5.81 -10.75 90.23
N ASP R 49 -5.51 -11.85 90.92
CA ASP R 49 -6.53 -12.62 91.63
C ASP R 49 -6.56 -12.19 93.10
N VAL R 50 -6.96 -10.95 93.31
CA VAL R 50 -7.19 -10.45 94.67
C VAL R 50 -8.56 -9.80 94.83
N PHE R 51 -9.18 -9.31 93.77
CA PHE R 51 -10.58 -8.88 93.78
C PHE R 51 -11.43 -9.71 92.83
N PHE R 52 -10.85 -10.13 91.71
CA PHE R 52 -11.51 -11.05 90.81
C PHE R 52 -11.47 -12.46 91.38
N TYR R 53 -12.40 -13.29 90.90
CA TYR R 53 -12.30 -14.73 91.14
C TYR R 53 -11.17 -15.30 90.29
N GLN R 54 -10.53 -16.35 90.81
CA GLN R 54 -9.38 -16.92 90.12
C GLN R 54 -9.82 -17.68 88.88
N ALA R 55 -8.93 -17.73 87.90
CA ALA R 55 -9.32 -18.03 86.53
C ALA R 55 -9.54 -19.52 86.30
N ASP R 56 -10.49 -19.82 85.42
CA ASP R 56 -10.71 -21.16 84.89
C ASP R 56 -10.35 -21.28 83.41
N ASP R 57 -10.46 -20.18 82.67
CA ASP R 57 -10.08 -20.15 81.26
C ASP R 57 -9.40 -18.83 80.91
N GLU R 58 -8.63 -18.28 81.88
CA GLU R 58 -8.19 -16.89 81.90
C GLU R 58 -9.36 -15.94 81.74
N HIS R 59 -10.45 -16.22 82.46
CA HIS R 59 -11.61 -15.34 82.56
C HIS R 59 -11.78 -14.98 84.02
N TYR R 60 -11.29 -13.81 84.41
CA TYR R 60 -11.29 -13.38 85.80
C TYR R 60 -12.68 -12.89 86.16
N ILE R 61 -13.48 -13.76 86.75
CA ILE R 61 -14.86 -13.49 87.16
C ILE R 61 -14.82 -12.49 88.32
N PRO R 62 -15.69 -11.49 88.35
CA PRO R 62 -15.73 -10.61 89.53
C PRO R 62 -16.43 -11.29 90.70
N ARG R 63 -15.88 -11.09 91.89
CA ARG R 63 -16.45 -11.63 93.12
C ARG R 63 -17.49 -10.66 93.69
N ALA R 64 -18.58 -10.49 92.95
CA ALA R 64 -19.53 -9.42 93.21
C ALA R 64 -20.95 -9.96 93.32
N VAL R 65 -21.72 -9.35 94.20
CA VAL R 65 -23.16 -9.60 94.31
C VAL R 65 -23.88 -8.25 94.30
N LEU R 66 -25.02 -8.21 93.61
CA LEU R 66 -25.76 -6.97 93.40
C LEU R 66 -27.24 -7.23 93.62
N LEU R 67 -27.77 -6.78 94.77
CA LEU R 67 -29.19 -6.88 95.08
C LEU R 67 -29.76 -5.48 95.23
N ASP R 68 -30.94 -5.27 94.65
CA ASP R 68 -31.67 -4.01 94.81
C ASP R 68 -33.15 -4.26 94.59
N LEU R 69 -33.96 -3.45 95.27
CA LEU R 69 -35.42 -3.55 95.09
C LEU R 69 -35.84 -2.97 93.75
N GLU R 70 -35.09 -1.99 93.24
CA GLU R 70 -35.43 -1.33 91.98
C GLU R 70 -34.83 -2.09 90.82
N PRO R 71 -35.60 -2.50 89.81
CA PRO R 71 -35.03 -3.18 88.64
C PRO R 71 -34.48 -2.23 87.60
N ARG R 72 -34.52 -0.92 87.82
CA ARG R 72 -34.06 0.03 86.81
C ARG R 72 -32.54 0.09 86.74
N VAL R 73 -31.86 -0.15 87.87
CA VAL R 73 -30.40 -0.04 87.88
C VAL R 73 -29.77 -1.24 87.18
N ILE R 74 -30.44 -2.39 87.17
CA ILE R 74 -29.87 -3.58 86.55
C ILE R 74 -30.30 -3.73 85.09
N HIS R 75 -31.37 -3.05 84.67
CA HIS R 75 -31.75 -3.06 83.26
C HIS R 75 -30.92 -2.13 82.41
N SER R 76 -30.14 -1.24 83.02
CA SER R 76 -29.16 -0.42 82.32
C SER R 76 -27.78 -1.05 82.32
N ILE R 77 -27.70 -2.36 82.57
CA ILE R 77 -26.43 -3.07 82.70
C ILE R 77 -26.24 -4.05 81.55
N LEU R 78 -27.27 -4.86 81.27
CA LEU R 78 -27.13 -5.98 80.33
C LEU R 78 -26.97 -5.53 78.88
N ASN R 79 -27.41 -4.32 78.53
CA ASN R 79 -27.18 -3.82 77.18
C ASN R 79 -25.77 -3.28 77.01
N SER R 80 -25.11 -2.94 78.10
CA SER R 80 -23.71 -2.54 78.04
C SER R 80 -22.83 -3.77 77.78
N PRO R 81 -21.75 -3.62 77.00
CA PRO R 81 -20.91 -4.78 76.68
C PRO R 81 -20.01 -5.25 77.81
N TYR R 82 -20.08 -4.66 79.00
CA TYR R 82 -19.30 -5.09 80.14
C TYR R 82 -20.07 -6.02 81.06
N ALA R 83 -21.31 -6.38 80.72
CA ALA R 83 -22.13 -7.25 81.55
C ALA R 83 -21.91 -8.73 81.26
N ASN R 84 -21.24 -9.08 80.16
CA ASN R 84 -20.94 -10.47 79.88
C ASN R 84 -19.83 -10.99 80.79
N LEU R 85 -19.03 -10.09 81.37
CA LEU R 85 -18.07 -10.48 82.38
C LEU R 85 -18.77 -10.89 83.67
N TYR R 86 -19.86 -10.22 84.01
CA TYR R 86 -20.73 -10.64 85.10
C TYR R 86 -21.42 -11.96 84.74
N ASN R 87 -21.75 -12.72 85.77
CA ASN R 87 -22.37 -14.02 85.57
C ASN R 87 -23.85 -13.98 85.88
N PRO R 88 -24.71 -14.62 85.08
CA PRO R 88 -26.15 -14.63 85.37
C PRO R 88 -26.59 -15.76 86.29
N GLU R 89 -25.64 -16.39 86.98
CA GLU R 89 -25.98 -17.41 87.97
C GLU R 89 -25.44 -17.12 89.36
N ASN R 90 -24.51 -16.19 89.52
CA ASN R 90 -23.97 -15.87 90.84
C ASN R 90 -24.92 -15.04 91.68
N ILE R 91 -25.72 -14.17 91.06
CA ILE R 91 -26.57 -13.25 91.82
C ILE R 91 -28.02 -13.51 91.45
N TYR R 92 -28.35 -13.27 90.19
CA TYR R 92 -29.70 -13.43 89.66
C TYR R 92 -29.63 -13.85 88.20
N LEU R 93 -30.68 -14.51 87.73
CA LEU R 93 -30.85 -14.69 86.29
C LEU R 93 -31.64 -13.51 85.72
N SER R 94 -32.08 -13.67 84.49
CA SER R 94 -32.82 -12.60 83.80
C SER R 94 -34.19 -12.41 84.44
N GLU R 95 -34.69 -11.16 84.35
CA GLU R 95 -35.93 -10.69 84.99
C GLU R 95 -35.90 -10.90 86.50
N HIS R 96 -35.01 -10.17 87.15
CA HIS R 96 -35.04 -10.06 88.60
C HIS R 96 -35.77 -8.77 89.01
N GLY R 97 -36.53 -8.86 90.11
CA GLY R 97 -37.31 -7.73 90.56
C GLY R 97 -37.05 -7.36 92.00
N GLY R 98 -38.08 -6.86 92.68
CA GLY R 98 -37.96 -6.46 94.07
C GLY R 98 -39.27 -6.04 94.70
N GLY R 99 -39.24 -4.97 95.48
CA GLY R 99 -40.43 -4.45 96.14
C GLY R 99 -41.23 -3.52 95.25
N ALA R 100 -41.89 -2.55 95.88
CA ALA R 100 -42.71 -1.59 95.14
C ALA R 100 -41.93 -0.34 94.67
N GLY R 101 -41.14 0.38 95.51
CA GLY R 101 -40.93 0.29 96.96
C GLY R 101 -39.97 1.36 97.46
N ASN R 102 -40.36 2.06 98.53
CA ASN R 102 -39.52 3.11 99.09
C ASN R 102 -39.82 3.20 100.58
N ASN R 103 -39.02 2.53 101.40
CA ASN R 103 -39.14 2.53 102.85
C ASN R 103 -37.86 1.95 103.45
N TRP R 104 -37.49 2.47 104.62
CA TRP R 104 -36.43 1.83 105.38
C TRP R 104 -36.91 0.55 106.03
N ALA R 105 -38.18 0.50 106.43
CA ALA R 105 -38.77 -0.70 107.03
C ALA R 105 -39.12 -1.76 106.00
N SER R 106 -39.02 -1.46 104.71
CA SER R 106 -39.29 -2.46 103.69
C SER R 106 -38.16 -3.48 103.62
N GLY R 107 -36.94 -2.99 103.33
CA GLY R 107 -35.78 -3.86 103.27
C GLY R 107 -35.35 -4.42 104.63
N PHE R 108 -35.72 -3.73 105.71
CA PHE R 108 -35.45 -4.27 107.04
C PHE R 108 -36.35 -5.45 107.37
N SER R 109 -37.55 -5.49 106.79
CA SER R 109 -38.47 -6.61 106.97
C SER R 109 -38.34 -7.64 105.87
N GLN R 110 -37.76 -7.28 104.72
CA GLN R 110 -37.56 -8.23 103.63
C GLN R 110 -36.33 -9.11 103.83
N GLY R 111 -35.49 -8.81 104.83
CA GLY R 111 -34.29 -9.59 105.04
C GLY R 111 -34.55 -10.94 105.66
N GLU R 112 -35.62 -11.07 106.45
CA GLU R 112 -35.93 -12.31 107.15
C GLU R 112 -37.03 -13.11 106.45
N LYS R 113 -37.56 -12.63 105.34
CA LYS R 113 -38.47 -13.43 104.53
C LYS R 113 -37.79 -14.04 103.31
N ILE R 114 -36.64 -13.49 102.90
CA ILE R 114 -35.80 -14.10 101.87
C ILE R 114 -34.51 -14.50 102.57
N HIS R 115 -34.64 -14.88 103.85
CA HIS R 115 -33.48 -15.22 104.68
C HIS R 115 -32.80 -16.49 104.20
N GLU R 116 -33.57 -17.41 103.62
CA GLU R 116 -33.00 -18.66 103.12
C GLU R 116 -32.19 -18.42 101.84
N ASP R 117 -32.69 -17.58 100.94
CA ASP R 117 -32.03 -17.36 99.67
C ASP R 117 -30.90 -16.34 99.74
N ILE R 118 -30.95 -15.40 100.67
CA ILE R 118 -29.90 -14.38 100.76
C ILE R 118 -28.64 -14.92 101.42
N PHE R 119 -28.73 -16.05 102.14
CA PHE R 119 -27.57 -16.68 102.75
C PHE R 119 -27.20 -18.00 102.08
N ASP R 120 -27.59 -18.18 100.82
CA ASP R 120 -27.33 -19.41 100.08
C ASP R 120 -26.33 -19.20 98.95
N ILE R 121 -26.54 -18.20 98.09
CA ILE R 121 -25.70 -18.08 96.91
C ILE R 121 -24.52 -17.13 97.16
N ILE R 122 -24.61 -16.28 98.18
CA ILE R 122 -23.47 -15.42 98.49
C ILE R 122 -22.44 -16.15 99.36
N ASP R 123 -22.80 -17.29 99.92
CA ASP R 123 -21.88 -18.10 100.70
C ASP R 123 -21.13 -19.12 99.85
N ARG R 124 -21.55 -19.30 98.60
CA ARG R 124 -20.83 -20.18 97.69
C ARG R 124 -19.48 -19.61 97.28
N GLU R 125 -19.36 -18.28 97.24
CA GLU R 125 -18.09 -17.63 96.95
C GLU R 125 -17.19 -17.53 98.17
N ALA R 126 -17.70 -17.85 99.36
CA ALA R 126 -16.90 -17.72 100.58
C ALA R 126 -15.91 -18.86 100.71
N ASP R 127 -16.34 -20.09 100.42
CA ASP R 127 -15.47 -21.25 100.54
C ASP R 127 -14.65 -21.53 99.28
N GLY R 128 -14.62 -20.61 98.33
CA GLY R 128 -13.72 -20.74 97.19
C GLY R 128 -12.27 -20.62 97.60
N SER R 129 -11.97 -19.67 98.49
CA SER R 129 -10.65 -19.54 99.10
C SER R 129 -10.76 -19.91 100.58
N ASP R 130 -9.78 -20.69 101.06
CA ASP R 130 -9.78 -21.16 102.43
C ASP R 130 -9.26 -20.12 103.42
N SER R 131 -8.89 -18.93 102.96
CA SER R 131 -8.46 -17.84 103.84
C SER R 131 -9.13 -16.57 103.31
N LEU R 132 -10.32 -16.28 103.83
CA LEU R 132 -11.10 -15.15 103.35
C LEU R 132 -10.65 -13.87 104.05
N GLU R 133 -10.53 -12.80 103.26
CA GLU R 133 -10.10 -11.52 103.79
C GLU R 133 -11.22 -10.86 104.60
N GLY R 134 -12.36 -10.61 103.98
CA GLY R 134 -13.46 -10.00 104.68
C GLY R 134 -14.57 -9.62 103.74
N PHE R 135 -15.38 -8.66 104.17
CA PHE R 135 -16.54 -8.20 103.40
C PHE R 135 -16.54 -6.68 103.38
N VAL R 136 -16.70 -6.12 102.18
CA VAL R 136 -16.94 -4.68 102.00
C VAL R 136 -18.37 -4.50 101.50
N LEU R 137 -19.15 -3.70 102.24
CA LEU R 137 -20.55 -3.43 101.90
C LEU R 137 -20.58 -2.17 101.04
N CYS R 138 -20.58 -2.36 99.73
CA CYS R 138 -20.64 -1.25 98.78
C CYS R 138 -22.09 -0.80 98.61
N HIS R 139 -22.62 -0.21 99.68
CA HIS R 139 -24.02 0.15 99.76
C HIS R 139 -24.17 1.66 99.83
N SER R 140 -25.41 2.10 99.97
CA SER R 140 -25.75 3.51 100.00
C SER R 140 -26.48 3.86 101.29
N ILE R 141 -26.43 5.14 101.63
CA ILE R 141 -27.22 5.69 102.71
C ILE R 141 -28.46 6.42 102.20
N ALA R 142 -28.38 7.02 101.01
CA ALA R 142 -29.52 7.72 100.43
C ALA R 142 -30.62 6.75 100.03
N GLY R 143 -31.86 7.16 100.22
CA GLY R 143 -33.00 6.33 99.91
C GLY R 143 -33.26 5.28 100.98
N GLY R 144 -34.33 4.52 100.77
CA GLY R 144 -34.69 3.46 101.69
C GLY R 144 -34.30 2.09 101.18
N THR R 145 -33.81 2.03 99.94
CA THR R 145 -33.43 0.75 99.34
C THR R 145 -32.09 0.28 99.87
N GLY R 146 -31.06 1.11 99.78
CA GLY R 146 -29.74 0.73 100.28
C GLY R 146 -29.58 0.83 101.77
N SER R 147 -30.40 1.66 102.43
CA SER R 147 -30.31 1.83 103.88
C SER R 147 -31.17 0.84 104.64
N GLY R 148 -32.25 0.34 104.04
CA GLY R 148 -33.14 -0.57 104.71
C GLY R 148 -32.61 -1.99 104.81
N LEU R 149 -32.10 -2.52 103.70
CA LEU R 149 -31.59 -3.88 103.68
C LEU R 149 -30.14 -3.97 104.12
N GLY R 150 -29.37 -2.89 103.98
CA GLY R 150 -27.97 -2.90 104.37
C GLY R 150 -27.74 -2.94 105.86
N SER R 151 -28.71 -2.49 106.66
CA SER R 151 -28.60 -2.57 108.10
C SER R 151 -28.80 -3.99 108.63
N TYR R 152 -29.43 -4.87 107.84
CA TYR R 152 -29.66 -6.24 108.28
C TYR R 152 -28.41 -7.09 108.15
N LEU R 153 -27.65 -6.93 107.07
CA LEU R 153 -26.46 -7.74 106.86
C LEU R 153 -25.29 -7.29 107.71
N LEU R 154 -25.34 -6.11 108.31
CA LEU R 154 -24.31 -5.70 109.25
C LEU R 154 -24.44 -6.39 110.60
N GLU R 155 -25.56 -7.06 110.87
CA GLU R 155 -25.80 -7.76 112.11
C GLU R 155 -25.56 -9.27 111.99
N ARG R 156 -26.13 -9.90 110.96
CA ARG R 156 -26.05 -11.35 110.85
C ARG R 156 -24.73 -11.84 110.28
N LEU R 157 -23.96 -10.98 109.63
CA LEU R 157 -22.61 -11.34 109.20
C LEU R 157 -21.56 -11.01 110.24
N ASN R 158 -21.96 -10.43 111.37
CA ASN R 158 -21.01 -10.13 112.44
C ASN R 158 -20.69 -11.35 113.29
N ASP R 159 -21.64 -12.28 113.43
CA ASP R 159 -21.43 -13.50 114.20
C ASP R 159 -21.25 -14.74 113.35
N ARG R 160 -21.85 -14.80 112.16
CA ARG R 160 -21.63 -15.93 111.27
C ARG R 160 -20.23 -15.90 110.66
N TYR R 161 -19.66 -14.72 110.50
CA TYR R 161 -18.28 -14.55 110.03
C TYR R 161 -17.59 -13.57 110.98
N PRO R 162 -17.18 -14.03 112.16
CA PRO R 162 -16.66 -13.09 113.17
C PRO R 162 -15.21 -12.70 112.97
N LYS R 163 -14.42 -13.54 112.31
CA LYS R 163 -12.98 -13.30 112.14
C LYS R 163 -12.65 -12.63 110.82
N LYS R 164 -13.60 -11.91 110.23
CA LYS R 164 -13.40 -11.25 108.94
C LYS R 164 -13.46 -9.74 109.11
N LEU R 165 -12.67 -9.05 108.29
CA LEU R 165 -12.65 -7.59 108.28
C LEU R 165 -13.94 -7.06 107.67
N VAL R 166 -14.54 -6.09 108.35
CA VAL R 166 -15.63 -5.32 107.75
C VAL R 166 -15.22 -3.85 107.68
N GLN R 167 -15.48 -3.24 106.52
CA GLN R 167 -15.14 -1.86 106.19
C GLN R 167 -15.88 -1.49 104.90
N THR R 168 -16.56 -0.35 104.87
CA THR R 168 -17.41 -0.03 103.74
C THR R 168 -17.03 1.30 103.09
N TYR R 169 -17.25 1.38 101.78
CA TYR R 169 -17.18 2.64 101.03
C TYR R 169 -18.62 3.11 100.82
N SER R 170 -19.17 3.77 101.84
CA SER R 170 -20.56 4.21 101.82
C SER R 170 -20.63 5.66 101.42
N VAL R 171 -21.64 6.00 100.62
CA VAL R 171 -21.84 7.37 100.14
C VAL R 171 -22.89 8.05 101.01
N PHE R 172 -22.63 9.30 101.38
CA PHE R 172 -23.57 10.08 102.17
C PHE R 172 -24.60 10.75 101.26
N PRO R 173 -25.83 10.93 101.74
CA PRO R 173 -26.87 11.57 100.92
C PRO R 173 -26.71 13.08 100.86
N ASN R 174 -27.57 13.70 100.05
CA ASN R 174 -27.51 15.14 99.80
C ASN R 174 -28.51 15.88 100.68
N GLN R 175 -28.07 16.99 101.27
CA GLN R 175 -28.88 17.78 102.20
C GLN R 175 -29.11 19.20 101.70
N ASP R 176 -29.48 19.35 100.44
CA ASP R 176 -29.68 20.68 99.88
C ASP R 176 -31.10 21.19 100.06
N GLU R 177 -32.09 20.48 99.52
CA GLU R 177 -33.49 20.69 99.89
C GLU R 177 -34.10 19.34 100.26
N MET R 178 -35.30 19.39 100.84
CA MET R 178 -35.97 18.22 101.41
C MET R 178 -37.38 18.09 100.85
N SER R 179 -37.50 18.18 99.52
CA SER R 179 -38.80 18.12 98.86
C SER R 179 -39.08 16.75 98.26
N HIS R 180 -38.15 16.21 97.47
CA HIS R 180 -38.38 14.91 96.84
C HIS R 180 -38.33 13.79 97.88
N VAL R 181 -37.32 13.80 98.74
CA VAL R 181 -37.24 12.90 99.89
C VAL R 181 -37.36 13.75 101.16
N VAL R 182 -37.96 13.16 102.19
CA VAL R 182 -38.20 13.81 103.48
C VAL R 182 -37.86 12.78 104.57
N VAL R 183 -37.58 11.54 104.16
CA VAL R 183 -37.32 10.47 105.12
C VAL R 183 -35.80 10.36 105.33
N GLN R 184 -35.07 11.33 104.82
CA GLN R 184 -33.61 11.32 104.88
C GLN R 184 -33.00 11.37 106.29
N PRO R 185 -33.51 12.14 107.29
CA PRO R 185 -32.92 12.02 108.63
C PRO R 185 -33.23 10.71 109.34
N TYR R 186 -34.27 9.98 108.93
CA TYR R 186 -34.64 8.76 109.64
C TYR R 186 -33.81 7.56 109.19
N ASN R 187 -33.73 7.31 107.90
CA ASN R 187 -33.02 6.14 107.40
C ASN R 187 -31.50 6.28 107.48
N SER R 188 -31.00 7.50 107.59
CA SER R 188 -29.54 7.70 107.67
C SER R 188 -29.00 7.37 109.05
N LEU R 189 -29.67 7.86 110.10
CA LEU R 189 -29.20 7.63 111.46
C LEU R 189 -29.42 6.19 111.92
N LEU R 190 -30.39 5.50 111.33
CA LEU R 190 -30.58 4.08 111.66
C LEU R 190 -29.45 3.22 111.12
N THR R 191 -28.92 3.59 109.96
CA THR R 191 -27.76 2.87 109.42
C THR R 191 -26.46 3.34 110.05
N LEU R 192 -26.41 4.61 110.47
CA LEU R 192 -25.20 5.16 111.08
C LEU R 192 -24.92 4.55 112.45
N LYS R 193 -25.95 4.07 113.15
CA LYS R 193 -25.71 3.32 114.39
C LYS R 193 -25.08 1.96 114.08
N ARG R 194 -25.53 1.31 113.00
CA ARG R 194 -24.97 0.02 112.61
C ARG R 194 -23.56 0.15 112.03
N LEU R 195 -23.16 1.36 111.63
CA LEU R 195 -21.85 1.56 111.04
C LEU R 195 -20.75 1.72 112.08
N THR R 196 -21.09 1.90 113.35
CA THR R 196 -20.11 2.11 114.41
C THR R 196 -19.94 0.92 115.34
N GLN R 197 -21.04 0.31 115.80
CA GLN R 197 -20.94 -0.84 116.69
C GLN R 197 -21.09 -2.17 115.98
N ASN R 198 -21.90 -2.23 114.92
CA ASN R 198 -22.00 -3.44 114.11
C ASN R 198 -21.06 -3.40 112.91
N ALA R 199 -20.20 -2.38 112.82
CA ALA R 199 -19.22 -2.29 111.74
C ALA R 199 -17.97 -1.62 112.29
N ASP R 200 -16.81 -2.07 111.79
CA ASP R 200 -15.54 -1.59 112.29
C ASP R 200 -15.18 -0.23 111.71
N CYS R 201 -15.14 -0.13 110.38
CA CYS R 201 -14.68 1.09 109.71
C CYS R 201 -15.63 1.45 108.59
N VAL R 202 -15.66 2.74 108.25
CA VAL R 202 -16.36 3.24 107.08
C VAL R 202 -15.41 4.14 106.30
N VAL R 203 -15.80 4.43 105.06
CA VAL R 203 -15.14 5.43 104.23
C VAL R 203 -16.24 6.40 103.79
N VAL R 204 -16.23 7.61 104.35
CA VAL R 204 -17.31 8.54 104.12
C VAL R 204 -17.14 9.19 102.75
N LEU R 205 -18.28 9.47 102.09
CA LEU R 205 -18.31 10.09 100.76
C LEU R 205 -19.52 11.02 100.73
N ASP R 206 -19.27 12.31 100.92
CA ASP R 206 -20.35 13.28 101.00
C ASP R 206 -20.90 13.62 99.63
N ASN R 207 -22.19 13.97 99.59
CA ASN R 207 -22.86 14.36 98.36
C ASN R 207 -22.81 15.86 98.11
N THR R 208 -22.88 16.67 99.16
CA THR R 208 -22.77 18.12 98.99
C THR R 208 -21.35 18.54 98.64
N ALA R 209 -20.36 17.70 98.95
CA ALA R 209 -18.98 17.95 98.55
C ALA R 209 -18.67 17.41 97.15
N LEU R 210 -19.59 16.68 96.53
CA LEU R 210 -19.36 16.19 95.18
C LEU R 210 -19.51 17.32 94.16
N ASN R 211 -20.62 18.05 94.23
CA ASN R 211 -20.85 19.20 93.35
C ASN R 211 -19.97 20.39 93.69
N ARG R 212 -19.30 20.40 94.84
CA ARG R 212 -18.24 21.37 95.06
C ARG R 212 -17.04 21.09 94.16
N ILE R 213 -16.79 19.82 93.85
CA ILE R 213 -15.68 19.42 93.00
C ILE R 213 -16.18 19.31 91.55
N ALA R 214 -17.46 18.95 91.38
CA ALA R 214 -18.02 18.77 90.05
C ALA R 214 -18.19 20.08 89.29
N THR R 215 -18.17 21.22 89.97
CA THR R 215 -18.10 22.52 89.31
C THR R 215 -16.77 23.22 89.53
N ASP R 216 -15.84 22.58 90.25
CA ASP R 216 -14.54 23.20 90.51
C ASP R 216 -13.67 23.21 89.25
N ARG R 217 -13.37 22.02 88.72
CA ARG R 217 -12.52 21.89 87.55
C ARG R 217 -13.23 21.18 86.41
N LEU R 218 -14.42 20.65 86.63
CA LEU R 218 -15.07 19.80 85.65
C LEU R 218 -15.99 20.58 84.72
N HIS R 219 -16.45 21.76 85.16
CA HIS R 219 -17.14 22.76 84.34
C HIS R 219 -18.43 22.22 83.70
N ILE R 220 -19.40 21.91 84.56
CA ILE R 220 -20.72 21.50 84.13
C ILE R 220 -21.72 22.58 84.56
N GLN R 221 -22.84 22.66 83.83
CA GLN R 221 -23.90 23.60 84.13
C GLN R 221 -25.13 22.95 84.77
N ASN R 222 -25.51 21.75 84.31
CA ASN R 222 -26.63 21.02 84.87
C ASN R 222 -26.09 19.77 85.54
N PRO R 223 -26.12 19.67 86.87
CA PRO R 223 -25.55 18.49 87.57
C PRO R 223 -26.42 17.27 87.37
N SER R 224 -25.85 16.24 86.73
CA SER R 224 -26.53 14.98 86.49
C SER R 224 -25.93 13.88 87.35
N PHE R 225 -26.57 12.71 87.33
CA PHE R 225 -26.10 11.55 88.07
C PHE R 225 -25.00 10.82 87.34
N SER R 226 -24.72 11.16 86.08
CA SER R 226 -23.69 10.50 85.30
C SER R 226 -22.27 10.92 85.70
N GLN R 227 -22.13 11.93 86.56
CA GLN R 227 -20.82 12.36 87.05
C GLN R 227 -20.49 11.78 88.42
N ILE R 228 -21.45 11.17 89.11
CA ILE R 228 -21.21 10.65 90.44
C ILE R 228 -20.35 9.39 90.41
N ASN R 229 -20.18 8.73 89.26
CA ASN R 229 -19.43 7.50 89.17
C ASN R 229 -17.99 7.73 88.79
N GLN R 230 -17.62 8.98 88.45
CA GLN R 230 -16.28 9.26 87.97
C GLN R 230 -15.31 9.58 89.11
N LEU R 231 -15.76 10.35 90.11
CA LEU R 231 -14.92 10.60 91.26
C LEU R 231 -14.82 9.38 92.18
N VAL R 232 -15.81 8.49 92.12
CA VAL R 232 -15.90 7.42 93.11
C VAL R 232 -15.11 6.20 92.66
N SER R 233 -15.18 5.86 91.37
CA SER R 233 -14.56 4.63 90.87
C SER R 233 -13.05 4.72 90.81
N THR R 234 -12.47 5.92 90.68
CA THR R 234 -11.02 6.03 90.65
C THR R 234 -10.41 5.84 92.04
N ILE R 235 -11.01 6.46 93.06
CA ILE R 235 -10.45 6.35 94.41
C ILE R 235 -10.70 4.98 95.02
N MET R 236 -11.67 4.23 94.50
CA MET R 236 -11.85 2.84 94.91
C MET R 236 -10.70 1.98 94.43
N SER R 237 -10.34 2.10 93.15
CA SER R 237 -9.19 1.40 92.62
C SER R 237 -7.88 1.99 93.11
N ALA R 238 -7.89 3.25 93.54
CA ALA R 238 -6.71 3.86 94.12
C ALA R 238 -6.41 3.31 95.50
N SER R 239 -7.45 2.91 96.24
CA SER R 239 -7.28 2.40 97.59
C SER R 239 -6.70 0.99 97.63
N THR R 240 -6.77 0.25 96.52
CA THR R 240 -6.27 -1.11 96.45
C THR R 240 -5.01 -1.22 95.59
N THR R 241 -4.30 -0.11 95.40
CA THR R 241 -3.08 -0.15 94.61
C THR R 241 -1.96 -0.88 95.33
N THR R 242 -1.94 -0.82 96.65
CA THR R 242 -1.02 -1.67 97.40
C THR R 242 -1.50 -3.12 97.42
N LEU R 243 -2.80 -3.34 97.23
CA LEU R 243 -3.39 -4.66 97.33
C LEU R 243 -3.47 -5.37 95.97
N ARG R 244 -3.82 -4.64 94.92
CA ARG R 244 -3.88 -5.24 93.58
C ARG R 244 -2.49 -5.32 92.95
N TYR R 245 -1.83 -4.17 92.83
CA TYR R 245 -0.48 -4.12 92.28
C TYR R 245 0.52 -4.57 93.35
N PRO R 246 1.69 -5.11 92.95
CA PRO R 246 2.63 -5.64 93.95
C PRO R 246 3.28 -4.57 94.81
N GLY R 247 2.87 -4.50 96.07
CA GLY R 247 3.50 -3.68 97.08
C GLY R 247 4.11 -4.54 98.16
N TYR R 248 4.71 -3.86 99.14
CA TYR R 248 5.37 -4.56 100.23
C TYR R 248 4.70 -4.35 101.58
N MET R 249 4.51 -3.11 102.01
CA MET R 249 3.97 -2.82 103.32
C MET R 249 2.55 -2.28 103.20
N ASN R 250 1.68 -2.78 104.09
CA ASN R 250 0.23 -2.55 104.06
C ASN R 250 -0.35 -2.91 102.70
N ASN R 251 0.08 -4.06 102.18
CA ASN R 251 -0.42 -4.59 100.92
C ASN R 251 -1.71 -5.38 101.07
N ASP R 252 -2.31 -5.39 102.26
CA ASP R 252 -3.61 -5.99 102.51
C ASP R 252 -4.59 -4.92 103.01
N LEU R 253 -5.88 -5.25 102.97
CA LEU R 253 -6.90 -4.30 103.42
C LEU R 253 -6.93 -4.21 104.94
N ILE R 254 -6.55 -5.30 105.61
CA ILE R 254 -6.28 -5.25 107.04
C ILE R 254 -4.89 -4.69 107.37
N GLY R 255 -4.12 -4.29 106.37
CA GLY R 255 -2.90 -3.55 106.64
C GLY R 255 -3.12 -2.05 106.72
N LEU R 256 -3.93 -1.52 105.80
CA LEU R 256 -4.12 -0.07 105.71
C LEU R 256 -5.00 0.43 106.84
N ILE R 257 -6.11 -0.27 107.11
CA ILE R 257 -7.09 0.17 108.10
C ILE R 257 -6.56 0.02 109.52
N ALA R 258 -5.61 -0.92 109.74
CA ALA R 258 -5.04 -1.11 111.07
C ALA R 258 -4.17 0.07 111.49
N SER R 259 -3.53 0.75 110.56
CA SER R 259 -2.58 1.83 110.90
C SER R 259 -3.23 3.20 110.94
N LEU R 260 -4.55 3.28 110.86
CA LEU R 260 -5.24 4.57 110.85
C LEU R 260 -6.34 4.70 111.92
N ILE R 261 -6.97 3.61 112.34
CA ILE R 261 -8.06 3.67 113.31
C ILE R 261 -7.46 3.87 114.70
N PRO R 262 -7.84 4.95 115.41
CA PRO R 262 -7.37 5.10 116.80
C PRO R 262 -8.10 4.17 117.75
N THR R 263 -9.42 4.06 117.57
CA THR R 263 -10.29 3.34 118.50
C THR R 263 -11.58 3.01 117.76
N PRO R 264 -12.32 1.99 118.22
CA PRO R 264 -13.67 1.76 117.68
C PRO R 264 -14.59 2.95 117.93
N ARG R 265 -15.58 3.10 117.05
CA ARG R 265 -16.52 4.21 116.85
C ARG R 265 -15.82 5.53 116.46
N LEU R 266 -14.51 5.50 116.22
CA LEU R 266 -13.78 6.61 115.59
C LEU R 266 -13.06 6.01 114.39
N HIS R 267 -13.75 5.98 113.24
CA HIS R 267 -13.21 5.34 112.06
C HIS R 267 -13.54 6.12 110.78
N PHE R 268 -14.10 7.31 110.88
CA PHE R 268 -14.57 8.06 109.72
C PHE R 268 -13.38 8.75 109.08
N LEU R 269 -12.98 8.26 107.90
CA LEU R 269 -11.74 8.68 107.26
C LEU R 269 -12.02 9.70 106.17
N MET R 270 -11.29 10.82 106.20
CA MET R 270 -11.41 11.85 105.19
C MET R 270 -10.59 11.47 103.96
N THR R 271 -11.16 11.68 102.78
CA THR R 271 -10.56 11.25 101.52
C THR R 271 -10.18 12.48 100.69
N GLY R 272 -9.06 12.38 99.97
CA GLY R 272 -8.64 13.44 99.09
C GLY R 272 -7.96 12.89 97.85
N TYR R 273 -8.20 13.56 96.72
CA TYR R 273 -7.66 13.10 95.43
C TYR R 273 -7.60 14.31 94.50
N THR R 274 -6.38 14.78 94.20
CA THR R 274 -6.22 15.94 93.35
C THR R 274 -6.39 15.72 91.83
N PRO R 275 -5.62 14.81 91.14
CA PRO R 275 -5.53 14.96 89.68
C PRO R 275 -6.74 14.43 88.92
N LEU R 276 -7.55 15.33 88.38
CA LEU R 276 -8.75 14.95 87.64
C LEU R 276 -8.88 15.69 86.31
N THR R 277 -7.82 16.34 85.83
CA THR R 277 -7.89 17.18 84.65
C THR R 277 -6.97 16.63 83.56
N THR R 278 -7.52 16.54 82.34
CA THR R 278 -6.83 15.93 81.21
C THR R 278 -5.87 16.86 80.48
N ASP R 279 -6.00 18.18 80.65
CA ASP R 279 -5.07 19.11 80.01
C ASP R 279 -3.82 19.38 80.85
N GLN R 280 -3.70 18.75 82.02
CA GLN R 280 -2.44 18.74 82.75
C GLN R 280 -1.40 17.87 82.06
N SER R 281 -1.83 17.00 81.14
CA SER R 281 -0.97 15.99 80.53
C SER R 281 0.12 16.59 79.66
N VAL R 282 -0.12 17.78 79.09
CA VAL R 282 0.85 18.36 78.16
C VAL R 282 2.04 19.01 78.85
N ALA R 283 2.04 19.13 80.17
CA ALA R 283 3.13 19.74 80.89
C ALA R 283 3.74 18.83 81.95
N SER R 284 3.33 17.57 82.00
CA SER R 284 3.95 16.57 82.86
C SER R 284 5.14 15.88 82.20
N VAL R 285 5.53 16.33 81.01
CA VAL R 285 6.67 15.75 80.31
C VAL R 285 8.01 16.29 80.80
N ARG R 286 8.00 17.33 81.63
CA ARG R 286 9.22 18.02 82.04
C ARG R 286 9.68 17.61 83.43
N LYS R 287 9.38 16.37 83.85
CA LYS R 287 9.68 15.83 85.18
C LYS R 287 9.01 16.70 86.26
N THR R 288 7.69 16.60 86.29
CA THR R 288 6.92 17.08 87.43
C THR R 288 7.19 16.15 88.62
N THR R 289 7.62 16.73 89.73
CA THR R 289 8.20 15.99 90.84
C THR R 289 7.13 15.60 91.86
N VAL R 290 7.60 14.93 92.92
CA VAL R 290 6.77 14.53 94.05
C VAL R 290 6.81 15.54 95.18
N LEU R 291 7.60 16.60 95.04
CA LEU R 291 7.78 17.56 96.11
C LEU R 291 6.63 18.55 96.21
N ASP R 292 5.79 18.63 95.17
CA ASP R 292 4.69 19.58 95.15
C ASP R 292 3.31 18.94 95.23
N VAL R 293 3.23 17.61 95.22
CA VAL R 293 1.93 16.97 95.14
C VAL R 293 1.31 16.73 96.52
N MET R 294 2.13 16.66 97.57
CA MET R 294 1.60 16.44 98.91
C MET R 294 1.56 17.72 99.74
N ARG R 295 1.95 18.86 99.17
CA ARG R 295 1.75 20.13 99.85
C ARG R 295 0.29 20.57 99.78
N ARG R 296 -0.46 20.06 98.81
CA ARG R 296 -1.86 20.42 98.61
C ARG R 296 -2.82 19.39 99.13
N LEU R 297 -2.33 18.26 99.66
CA LEU R 297 -3.23 17.25 100.22
C LEU R 297 -3.77 17.70 101.57
N LEU R 298 -2.88 18.10 102.49
CA LEU R 298 -3.30 18.65 103.77
C LEU R 298 -3.97 20.01 103.63
N GLN R 299 -3.75 20.72 102.54
CA GLN R 299 -4.48 21.95 102.30
C GLN R 299 -5.92 21.60 101.89
N PRO R 300 -6.93 22.14 102.59
CA PRO R 300 -8.33 21.72 102.36
C PRO R 300 -8.92 22.18 101.03
N LYS R 301 -8.50 21.50 99.97
CA LYS R 301 -8.97 21.78 98.62
C LYS R 301 -9.54 20.55 97.93
N ASN R 302 -8.93 19.38 98.14
CA ASN R 302 -9.38 18.14 97.53
C ASN R 302 -10.30 17.32 98.42
N VAL R 303 -10.76 17.88 99.53
CA VAL R 303 -11.50 17.09 100.51
C VAL R 303 -12.91 16.80 100.01
N MET R 304 -13.44 15.64 100.42
CA MET R 304 -14.78 15.23 100.09
C MET R 304 -15.68 15.19 101.32
N VAL R 305 -15.42 16.07 102.30
CA VAL R 305 -16.14 16.11 103.56
C VAL R 305 -16.51 17.56 103.83
N SER R 306 -17.79 17.82 104.03
CA SER R 306 -18.28 19.16 104.38
C SER R 306 -17.99 19.40 105.85
N THR R 307 -17.01 20.25 106.14
CA THR R 307 -16.61 20.52 107.51
C THR R 307 -16.37 22.01 107.67
N GLY R 308 -16.23 22.43 108.93
CA GLY R 308 -16.03 23.85 109.20
C GLY R 308 -14.59 24.28 108.92
N ARG R 309 -14.44 25.50 108.44
CA ARG R 309 -13.13 26.05 108.11
C ARG R 309 -12.42 26.66 109.31
N ASP R 310 -13.17 27.13 110.31
CA ASP R 310 -12.60 27.73 111.50
C ASP R 310 -12.59 26.79 112.70
N ARG R 311 -12.84 25.50 112.49
CA ARG R 311 -12.90 24.51 113.56
C ARG R 311 -11.67 23.60 113.56
N GLN R 312 -10.63 23.94 112.82
CA GLN R 312 -9.45 23.09 112.72
C GLN R 312 -8.34 23.47 113.69
N THR R 313 -8.52 24.55 114.44
CA THR R 313 -7.50 24.96 115.42
C THR R 313 -7.60 24.21 116.73
N ASN R 314 -8.79 23.82 117.15
CA ASN R 314 -9.00 23.04 118.35
C ASN R 314 -9.13 21.55 118.06
N HIS R 315 -9.03 21.15 116.79
CA HIS R 315 -9.04 19.75 116.39
C HIS R 315 -7.65 19.37 115.90
N CYS R 316 -7.32 18.08 116.03
CA CYS R 316 -5.97 17.61 115.78
C CYS R 316 -5.99 16.36 114.92
N TYR R 317 -5.12 16.31 113.92
CA TYR R 317 -4.94 15.09 113.14
C TYR R 317 -4.23 14.04 113.99
N ILE R 318 -4.59 12.77 113.76
CA ILE R 318 -3.95 11.68 114.50
C ILE R 318 -3.28 10.75 113.50
N ALA R 319 -3.94 10.49 112.37
CA ALA R 319 -3.42 9.58 111.36
C ALA R 319 -3.72 10.16 109.99
N ILE R 320 -2.69 10.27 109.15
CA ILE R 320 -2.84 10.81 107.81
C ILE R 320 -2.06 9.92 106.84
N LEU R 321 -2.74 9.50 105.77
CA LEU R 321 -2.16 8.64 104.74
C LEU R 321 -2.00 9.45 103.47
N ASN R 322 -0.85 9.30 102.81
CA ASN R 322 -0.53 10.03 101.58
C ASN R 322 0.02 9.02 100.57
N ILE R 323 -0.83 8.55 99.67
CA ILE R 323 -0.50 7.47 98.75
C ILE R 323 -0.12 8.07 97.40
N ILE R 324 1.14 7.86 96.98
CA ILE R 324 1.59 8.19 95.64
C ILE R 324 1.61 6.92 94.80
N GLN R 325 1.34 7.07 93.50
CA GLN R 325 1.14 5.95 92.59
C GLN R 325 1.97 6.16 91.33
N GLY R 326 2.40 5.07 90.73
CA GLY R 326 3.05 5.15 89.42
C GLY R 326 4.45 5.67 89.53
N GLU R 327 4.79 6.66 88.68
CA GLU R 327 6.10 7.28 88.73
C GLU R 327 6.20 8.16 89.98
N VAL R 328 7.16 7.84 90.84
CA VAL R 328 7.24 8.47 92.15
C VAL R 328 8.53 9.30 92.22
N ASP R 329 9.58 8.82 91.52
CA ASP R 329 10.97 9.23 91.69
C ASP R 329 11.35 9.10 93.15
N PRO R 330 11.58 7.88 93.64
CA PRO R 330 11.68 7.64 95.08
C PRO R 330 12.96 8.16 95.72
N THR R 331 13.87 8.80 94.99
CA THR R 331 15.01 9.43 95.64
C THR R 331 14.66 10.75 96.29
N GLN R 332 13.45 11.28 96.05
CA GLN R 332 12.97 12.49 96.68
C GLN R 332 11.66 12.29 97.43
N VAL R 333 11.27 11.04 97.71
CA VAL R 333 10.03 10.83 98.47
C VAL R 333 10.29 11.04 99.97
N HIS R 334 11.51 10.78 100.45
CA HIS R 334 11.90 11.20 101.79
C HIS R 334 12.11 12.71 101.86
N LYS R 335 12.37 13.34 100.72
CA LYS R 335 12.52 14.79 100.65
C LYS R 335 11.16 15.47 100.78
N SER R 336 10.10 14.82 100.28
CA SER R 336 8.75 15.36 100.44
C SER R 336 8.28 15.28 101.88
N LEU R 337 8.66 14.21 102.58
CA LEU R 337 8.31 14.05 103.99
C LEU R 337 9.20 14.89 104.89
N GLN R 338 10.30 15.41 104.36
CA GLN R 338 11.16 16.34 105.11
C GLN R 338 10.44 17.65 105.37
N ARG R 339 9.66 18.13 104.40
CA ARG R 339 9.03 19.44 104.48
C ARG R 339 7.73 19.45 105.28
N ILE R 340 7.36 18.31 105.87
CA ILE R 340 6.08 18.23 106.58
C ILE R 340 6.18 18.87 107.97
N ARG R 341 7.30 18.65 108.66
CA ARG R 341 7.44 19.14 110.02
C ARG R 341 7.63 20.66 110.09
N GLU R 342 8.03 21.29 109.00
CA GLU R 342 8.35 22.72 109.04
C GLU R 342 7.08 23.56 108.97
N ARG R 343 6.06 23.09 108.24
CA ARG R 343 4.83 23.85 108.12
C ARG R 343 3.88 23.58 109.28
N LYS R 344 3.85 22.32 109.74
CA LYS R 344 2.87 21.80 110.70
C LYS R 344 1.44 22.10 110.24
N LEU R 345 1.15 21.71 109.00
CA LEU R 345 -0.20 21.89 108.46
C LEU R 345 -1.19 20.94 109.12
N ALA R 346 -0.73 19.82 109.67
CA ALA R 346 -1.54 18.94 110.48
C ALA R 346 -1.34 19.29 111.95
N ASN R 347 -2.43 19.61 112.64
CA ASN R 347 -2.36 19.77 114.08
C ASN R 347 -2.20 18.39 114.72
N PHE R 348 -1.22 18.27 115.61
CA PHE R 348 -0.88 17.00 116.20
C PHE R 348 -1.53 16.88 117.58
N ILE R 349 -1.87 15.65 117.96
CA ILE R 349 -2.53 15.40 119.24
C ILE R 349 -1.53 15.65 120.37
N PRO R 350 -1.92 16.36 121.44
CA PRO R 350 -0.95 16.66 122.51
C PRO R 350 -0.71 15.52 123.47
N TRP R 351 -1.52 14.46 123.42
CA TRP R 351 -1.36 13.34 124.34
C TRP R 351 -0.45 12.25 123.80
N GLY R 352 -0.40 12.08 122.47
CA GLY R 352 0.38 11.02 121.88
C GLY R 352 1.00 11.41 120.56
N PRO R 353 1.76 10.49 119.96
CA PRO R 353 2.39 10.76 118.68
C PRO R 353 1.41 10.71 117.52
N ALA R 354 1.82 11.31 116.41
CA ALA R 354 1.09 11.25 115.14
C ALA R 354 1.92 10.50 114.12
N SER R 355 1.40 10.39 112.90
CA SER R 355 2.09 9.63 111.85
C SER R 355 1.65 10.10 110.48
N ILE R 356 2.62 10.43 109.63
CA ILE R 356 2.40 10.73 108.22
C ILE R 356 2.98 9.57 107.41
N GLN R 357 2.12 8.64 107.01
CA GLN R 357 2.54 7.44 106.30
C GLN R 357 2.43 7.66 104.80
N VAL R 358 3.53 7.41 104.08
CA VAL R 358 3.57 7.54 102.63
C VAL R 358 3.94 6.17 102.06
N ALA R 359 3.31 5.78 100.95
CA ALA R 359 3.57 4.50 100.31
C ALA R 359 3.44 4.65 98.80
N LEU R 360 4.01 3.70 98.07
CA LEU R 360 4.02 3.74 96.62
C LEU R 360 3.81 2.36 96.04
N SER R 361 3.29 2.33 94.81
CA SER R 361 3.11 1.12 94.02
C SER R 361 3.05 1.51 92.56
N ARG R 362 3.60 0.65 91.71
CA ARG R 362 3.60 0.93 90.28
C ARG R 362 2.22 0.74 89.69
N LYS R 363 1.85 1.64 88.76
CA LYS R 363 0.51 1.67 88.21
C LYS R 363 0.43 0.74 86.99
N SER R 364 -0.67 0.87 86.23
CA SER R 364 -0.90 0.05 85.07
C SER R 364 0.05 0.44 83.94
N PRO R 365 0.46 -0.51 83.10
CA PRO R 365 1.23 -0.15 81.88
C PRO R 365 0.34 0.53 80.84
N TYR R 366 0.09 1.82 81.08
CA TYR R 366 -0.79 2.61 80.24
C TYR R 366 -0.26 4.04 80.20
N LEU R 367 -0.53 4.73 79.09
CA LEU R 367 0.06 6.05 78.89
C LEU R 367 -0.53 7.15 79.78
N PRO R 368 -1.84 7.25 80.06
CA PRO R 368 -2.28 8.21 81.07
C PRO R 368 -1.96 7.80 82.51
N SER R 369 -1.44 6.60 82.74
CA SER R 369 -1.14 6.13 84.09
C SER R 369 0.34 6.14 84.42
N ALA R 370 1.22 5.88 83.45
CA ALA R 370 2.67 5.87 83.66
C ALA R 370 3.30 7.22 83.35
N HIS R 371 2.51 8.29 83.31
CA HIS R 371 3.03 9.63 83.04
C HIS R 371 2.64 10.69 84.06
N ARG R 372 1.48 10.61 84.69
CA ARG R 372 0.96 11.69 85.52
C ARG R 372 0.92 11.25 86.97
N VAL R 373 1.39 12.12 87.87
CA VAL R 373 1.47 11.76 89.27
C VAL R 373 0.08 11.77 89.90
N SER R 374 -0.16 10.82 90.79
CA SER R 374 -1.46 10.67 91.42
C SER R 374 -1.28 10.63 92.94
N GLY R 375 -2.15 11.36 93.63
CA GLY R 375 -2.09 11.40 95.09
C GLY R 375 -3.41 11.06 95.74
N LEU R 376 -3.44 9.97 96.50
CA LEU R 376 -4.62 9.52 97.21
C LEU R 376 -4.43 9.78 98.69
N MET R 377 -5.38 10.47 99.30
CA MET R 377 -5.33 10.83 100.72
C MET R 377 -6.36 10.03 101.50
N MET R 378 -5.94 9.50 102.65
CA MET R 378 -6.84 8.85 103.60
C MET R 378 -6.56 9.48 104.97
N ALA R 379 -7.21 10.61 105.24
CA ALA R 379 -6.97 11.37 106.45
C ALA R 379 -7.82 10.84 107.61
N ASN R 380 -7.55 11.34 108.81
CA ASN R 380 -8.39 11.08 109.97
C ASN R 380 -8.28 12.28 110.89
N HIS R 381 -9.23 13.20 110.77
CA HIS R 381 -9.25 14.44 111.53
C HIS R 381 -10.49 14.49 112.40
N THR R 382 -10.35 15.11 113.57
CA THR R 382 -11.41 15.10 114.58
C THR R 382 -12.42 16.23 114.40
N ASN R 383 -12.46 16.86 113.23
CA ASN R 383 -13.52 17.81 112.89
C ASN R 383 -14.70 17.13 112.21
N ILE R 384 -14.73 15.80 112.21
CA ILE R 384 -15.81 15.04 111.56
C ILE R 384 -17.10 15.06 112.34
N SER R 385 -17.09 15.57 113.58
CA SER R 385 -18.32 15.74 114.35
C SER R 385 -19.19 16.88 113.84
N SER R 386 -18.68 17.73 112.95
CA SER R 386 -19.49 18.77 112.35
C SER R 386 -20.56 18.20 111.44
N LEU R 387 -20.25 17.09 110.74
CA LEU R 387 -21.28 16.37 110.02
C LEU R 387 -22.24 15.68 110.97
N PHE R 388 -21.73 15.20 112.10
CA PHE R 388 -22.59 14.55 113.09
C PHE R 388 -23.42 15.58 113.85
N GLU R 389 -22.91 16.80 113.98
CA GLU R 389 -23.73 17.89 114.50
C GLU R 389 -24.74 18.37 113.47
N ARG R 390 -24.40 18.25 112.18
CA ARG R 390 -25.33 18.65 111.13
C ARG R 390 -26.48 17.66 111.01
N THR R 391 -26.19 16.36 111.13
CA THR R 391 -27.24 15.35 111.00
C THR R 391 -28.11 15.30 112.24
N CYS R 392 -27.54 15.54 113.42
CA CYS R 392 -28.33 15.47 114.65
C CYS R 392 -29.23 16.70 114.81
N ARG R 393 -28.77 17.87 114.37
CA ARG R 393 -29.60 19.07 114.45
C ARG R 393 -30.75 19.02 113.44
N GLN R 394 -30.58 18.29 112.35
CA GLN R 394 -31.65 18.04 111.41
C GLN R 394 -32.52 16.86 111.82
N TYR R 395 -32.16 16.16 112.89
CA TYR R 395 -32.89 14.99 113.36
C TYR R 395 -33.86 15.34 114.49
N ASP R 396 -33.41 16.10 115.48
CA ASP R 396 -34.29 16.52 116.58
C ASP R 396 -35.23 17.63 116.17
N LYS R 397 -34.88 18.42 115.15
CA LYS R 397 -35.79 19.45 114.66
C LYS R 397 -36.97 18.84 113.92
N LEU R 398 -36.76 17.68 113.29
CA LEU R 398 -37.83 17.03 112.54
C LEU R 398 -38.82 16.31 113.45
N ARG R 399 -38.37 15.85 114.61
CA ARG R 399 -39.26 15.14 115.52
C ARG R 399 -40.17 16.08 116.29
N LYS R 400 -39.85 17.38 116.36
CA LYS R 400 -40.73 18.35 116.98
C LYS R 400 -41.77 18.90 116.02
N ARG R 401 -41.63 18.63 114.72
CA ARG R 401 -42.60 19.05 113.72
C ARG R 401 -43.65 17.99 113.44
N GLU R 402 -43.65 16.89 114.22
CA GLU R 402 -44.55 15.75 114.07
C GLU R 402 -44.48 15.14 112.67
N ALA R 403 -43.26 14.91 112.21
CA ALA R 403 -43.01 14.42 110.86
C ALA R 403 -42.59 12.96 110.93
N PHE R 404 -43.39 12.10 110.29
CA PHE R 404 -43.15 10.65 110.15
C PHE R 404 -43.03 9.95 111.51
N LEU R 405 -43.92 10.29 112.42
CA LEU R 405 -44.11 9.54 113.65
C LEU R 405 -45.35 8.66 113.62
N GLU R 406 -46.32 9.00 112.79
CA GLU R 406 -47.50 8.17 112.60
C GLU R 406 -47.42 7.40 111.29
N GLN R 407 -46.62 7.88 110.33
CA GLN R 407 -46.49 7.27 109.02
C GLN R 407 -45.37 6.23 108.96
N PHE R 408 -44.67 5.99 110.07
CA PHE R 408 -43.49 5.15 110.08
C PHE R 408 -43.57 4.00 111.07
N ARG R 409 -44.48 4.04 112.04
CA ARG R 409 -44.54 3.05 113.10
C ARG R 409 -45.69 2.06 112.93
N LYS R 410 -46.27 1.99 111.73
CA LYS R 410 -47.34 1.00 111.50
C LYS R 410 -46.76 -0.38 111.27
N GLU R 411 -45.65 -0.48 110.54
CA GLU R 411 -44.99 -1.74 110.25
C GLU R 411 -43.77 -1.90 111.14
N ASP R 412 -43.68 -3.06 111.80
CA ASP R 412 -42.52 -3.65 112.51
C ASP R 412 -41.77 -2.68 113.44
N ILE R 413 -42.44 -1.63 113.94
CA ILE R 413 -41.88 -0.71 114.92
C ILE R 413 -42.95 -0.48 115.99
N PHE R 414 -42.68 -0.94 117.20
CA PHE R 414 -43.62 -0.81 118.30
C PHE R 414 -43.14 0.09 119.44
N LYS R 415 -41.82 0.26 119.60
CA LYS R 415 -41.27 1.12 120.64
C LYS R 415 -40.45 2.23 119.99
N ASP R 416 -40.20 3.29 120.77
CA ASP R 416 -39.48 4.45 120.29
C ASP R 416 -37.98 4.19 120.35
N ASN R 417 -37.39 3.86 119.21
CA ASN R 417 -35.95 3.64 119.09
C ASN R 417 -35.22 4.86 118.55
N PHE R 418 -35.81 6.04 118.69
CA PHE R 418 -35.25 7.28 118.13
C PHE R 418 -34.16 7.84 119.03
N ASP R 419 -34.36 7.82 120.35
CA ASP R 419 -33.31 8.25 121.27
C ASP R 419 -32.26 7.18 121.48
N GLU R 420 -32.49 5.95 121.00
CA GLU R 420 -31.42 4.96 120.98
C GLU R 420 -30.34 5.32 119.97
N LEU R 421 -30.72 6.01 118.90
CA LEU R 421 -29.78 6.52 117.91
C LEU R 421 -29.19 7.87 118.30
N ASP R 422 -29.88 8.64 119.14
CA ASP R 422 -29.45 9.99 119.48
C ASP R 422 -28.32 9.97 120.51
N ASN R 423 -28.43 9.11 121.52
CA ASN R 423 -27.43 9.07 122.57
C ASN R 423 -26.15 8.43 122.05
N SER R 424 -26.28 7.37 121.24
CA SER R 424 -25.11 6.72 120.66
C SER R 424 -24.37 7.60 119.66
N ARG R 425 -25.09 8.52 119.01
CA ARG R 425 -24.43 9.50 118.15
C ARG R 425 -23.70 10.55 118.99
N GLU R 426 -24.28 10.93 120.13
CA GLU R 426 -23.61 11.88 121.02
C GLU R 426 -22.47 11.23 121.78
N ILE R 427 -22.50 9.90 121.92
CA ILE R 427 -21.36 9.17 122.50
C ILE R 427 -20.16 9.27 121.57
N VAL R 428 -20.40 9.20 120.26
CA VAL R 428 -19.33 9.39 119.28
C VAL R 428 -18.82 10.83 119.31
N GLN R 429 -19.73 11.80 119.40
CA GLN R 429 -19.34 13.21 119.36
C GLN R 429 -18.64 13.66 120.63
N GLN R 430 -18.90 13.01 121.77
CA GLN R 430 -18.22 13.37 123.01
C GLN R 430 -16.87 12.69 123.16
N LEU R 431 -16.76 11.44 122.71
CA LEU R 431 -15.48 10.73 122.80
C LEU R 431 -14.46 11.23 121.79
N ILE R 432 -14.89 11.95 120.76
CA ILE R 432 -13.96 12.53 119.80
C ILE R 432 -13.23 13.71 120.43
N ASP R 433 -13.98 14.61 121.08
CA ASP R 433 -13.37 15.77 121.72
C ASP R 433 -12.62 15.39 122.99
N GLU R 434 -13.02 14.30 123.64
CA GLU R 434 -12.31 13.81 124.82
C GLU R 434 -11.00 13.13 124.44
N TYR R 435 -10.87 12.70 123.19
CA TYR R 435 -9.72 11.87 122.76
C TYR R 435 -8.42 12.65 122.76
N HIS R 436 -8.47 13.98 122.68
CA HIS R 436 -7.28 14.82 122.82
C HIS R 436 -7.33 15.47 124.20
N ALA R 437 -6.59 14.89 125.14
CA ALA R 437 -6.58 15.38 126.51
C ALA R 437 -5.48 16.42 126.70
N PRO S 2 -12.82 -67.25 84.48
CA PRO S 2 -11.88 -66.42 85.24
C PRO S 2 -12.57 -65.52 86.25
N ARG S 3 -13.10 -64.39 85.78
CA ARG S 3 -13.75 -63.40 86.64
C ARG S 3 -15.14 -63.06 86.09
N GLU S 4 -15.88 -64.09 85.72
CA GLU S 4 -17.16 -63.90 85.05
C GLU S 4 -18.27 -63.63 86.07
N ILE S 5 -19.00 -62.53 85.86
CA ILE S 5 -20.12 -62.15 86.71
C ILE S 5 -21.40 -62.26 85.91
N ILE S 6 -22.42 -62.84 86.53
CA ILE S 6 -23.75 -62.96 85.93
C ILE S 6 -24.64 -61.88 86.55
N THR S 7 -25.12 -60.96 85.72
CA THR S 7 -26.00 -59.90 86.17
C THR S 7 -27.43 -60.43 86.20
N LEU S 8 -28.16 -60.09 87.26
CA LEU S 8 -29.54 -60.55 87.43
C LEU S 8 -30.47 -59.35 87.32
N GLN S 9 -30.75 -58.98 86.07
CA GLN S 9 -31.67 -57.89 85.79
C GLN S 9 -33.11 -58.35 85.97
N LEU S 10 -33.84 -57.65 86.83
CA LEU S 10 -35.14 -58.10 87.32
C LEU S 10 -36.00 -56.89 87.65
N GLY S 11 -37.27 -56.96 87.23
CA GLY S 11 -38.24 -55.94 87.59
C GLY S 11 -38.50 -54.95 86.47
N GLN S 12 -39.44 -54.03 86.75
CA GLN S 12 -39.81 -53.04 85.77
C GLN S 12 -38.73 -51.98 85.60
N CYS S 13 -38.07 -51.59 86.69
CA CYS S 13 -37.01 -50.59 86.62
C CYS S 13 -35.64 -51.21 86.46
N GLY S 14 -35.44 -52.43 86.96
CA GLY S 14 -34.15 -53.09 86.85
C GLY S 14 -33.80 -53.54 85.44
N ASN S 15 -34.80 -53.76 84.60
CA ASN S 15 -34.52 -54.16 83.22
C ASN S 15 -34.13 -52.98 82.35
N GLN S 16 -34.68 -51.79 82.62
CA GLN S 16 -34.35 -50.62 81.82
C GLN S 16 -33.00 -50.02 82.18
N ILE S 17 -32.61 -50.09 83.46
CA ILE S 17 -31.31 -49.59 83.86
C ILE S 17 -30.18 -50.53 83.45
N GLY S 18 -30.50 -51.78 83.13
CA GLY S 18 -29.51 -52.71 82.65
C GLY S 18 -29.49 -52.81 81.13
N PHE S 19 -30.54 -52.27 80.50
CA PHE S 19 -30.60 -52.27 79.05
C PHE S 19 -29.60 -51.29 78.45
N GLU S 20 -29.55 -50.07 78.99
CA GLU S 20 -28.55 -49.11 78.55
C GLU S 20 -27.20 -49.32 79.21
N PHE S 21 -27.12 -50.19 80.22
CA PHE S 21 -25.82 -50.57 80.78
C PHE S 21 -25.04 -51.42 79.80
N TRP S 22 -25.72 -52.37 79.14
CA TRP S 22 -25.09 -53.12 78.07
C TRP S 22 -24.93 -52.28 76.82
N LYS S 23 -25.80 -51.28 76.60
CA LYS S 23 -25.65 -50.39 75.45
C LYS S 23 -24.50 -49.42 75.64
N GLN S 24 -24.14 -49.12 76.89
CA GLN S 24 -22.99 -48.27 77.16
C GLN S 24 -21.68 -49.01 76.87
N LEU S 25 -21.70 -50.34 77.04
CA LEU S 25 -20.47 -51.13 76.96
C LEU S 25 -19.98 -51.29 75.53
N CYS S 26 -20.87 -51.25 74.54
CA CYS S 26 -20.42 -51.39 73.16
C CYS S 26 -19.76 -50.11 72.63
N ALA S 27 -20.19 -48.95 73.11
CA ALA S 27 -19.62 -47.69 72.65
C ALA S 27 -18.20 -47.48 73.18
N GLU S 28 -17.88 -48.10 74.31
CA GLU S 28 -16.54 -47.97 74.89
C GLU S 28 -15.62 -49.12 74.52
N HIS S 29 -16.17 -50.28 74.17
CA HIS S 29 -15.34 -51.37 73.67
C HIS S 29 -15.03 -51.23 72.18
N GLY S 30 -15.62 -50.26 71.50
CA GLY S 30 -15.40 -50.10 70.07
C GLY S 30 -16.06 -51.17 69.23
N ILE S 31 -17.13 -51.77 69.73
CA ILE S 31 -17.81 -52.87 69.04
C ILE S 31 -19.24 -52.47 68.74
N SER S 32 -19.81 -53.14 67.76
CA SER S 32 -21.20 -53.02 67.38
C SER S 32 -21.98 -54.21 67.92
N PRO S 33 -23.28 -54.04 68.24
CA PRO S 33 -24.07 -55.16 68.76
C PRO S 33 -24.33 -56.28 67.75
N GLU S 34 -24.14 -56.05 66.46
CA GLU S 34 -24.29 -57.09 65.45
C GLU S 34 -23.02 -57.40 64.67
N GLY S 35 -21.96 -56.62 64.82
CA GLY S 35 -20.75 -56.90 64.09
C GLY S 35 -19.52 -56.31 64.75
N ILE S 36 -18.37 -56.50 64.11
CA ILE S 36 -17.11 -55.89 64.53
C ILE S 36 -16.57 -55.08 63.36
N VAL S 37 -16.78 -53.76 63.39
CA VAL S 37 -16.34 -52.90 62.30
C VAL S 37 -15.08 -52.11 62.65
N GLU S 38 -14.70 -52.02 63.92
CA GLU S 38 -13.53 -51.26 64.33
C GLU S 38 -12.49 -52.19 64.92
N GLU S 39 -11.21 -51.87 64.69
CA GLU S 39 -10.12 -52.65 65.24
C GLU S 39 -9.66 -52.14 66.60
N PHE S 40 -10.35 -51.16 67.17
CA PHE S 40 -10.01 -50.55 68.45
C PHE S 40 -10.34 -51.43 69.65
N ALA S 41 -10.91 -52.63 69.45
CA ALA S 41 -11.39 -53.44 70.55
C ALA S 41 -10.29 -54.21 71.26
N THR S 42 -9.19 -54.54 70.58
CA THR S 42 -8.12 -55.32 71.20
C THR S 42 -6.84 -54.53 71.42
N GLU S 43 -6.52 -53.56 70.56
CA GLU S 43 -5.34 -52.74 70.78
C GLU S 43 -5.57 -51.67 71.84
N GLY S 44 -6.79 -51.11 71.87
CA GLY S 44 -7.11 -50.09 72.86
C GLY S 44 -7.57 -50.68 74.18
N THR S 45 -8.47 -51.66 74.12
CA THR S 45 -8.98 -52.34 75.31
C THR S 45 -8.29 -53.69 75.44
N ASP S 46 -7.66 -53.92 76.59
CA ASP S 46 -6.85 -55.11 76.80
C ASP S 46 -7.64 -56.26 77.44
N ARG S 47 -8.89 -56.02 77.85
CA ARG S 47 -9.70 -57.09 78.43
C ARG S 47 -11.17 -56.80 78.18
N LYS S 48 -11.85 -57.76 77.57
CA LYS S 48 -13.27 -57.63 77.25
C LYS S 48 -14.13 -58.76 77.80
N ASP S 49 -13.57 -59.92 78.10
CA ASP S 49 -14.35 -61.07 78.55
C ASP S 49 -14.34 -61.13 80.07
N VAL S 50 -14.96 -60.12 80.68
CA VAL S 50 -15.16 -60.13 82.12
C VAL S 50 -16.62 -59.87 82.51
N PHE S 51 -17.42 -59.22 81.67
CA PHE S 51 -18.86 -59.12 81.83
C PHE S 51 -19.60 -59.78 80.68
N PHE S 52 -19.05 -59.69 79.48
CA PHE S 52 -19.58 -60.42 78.34
C PHE S 52 -19.23 -61.90 78.44
N TYR S 53 -20.00 -62.72 77.74
CA TYR S 53 -19.61 -64.10 77.50
C TYR S 53 -18.47 -64.14 76.50
N GLN S 54 -17.59 -65.12 76.64
CA GLN S 54 -16.41 -65.20 75.79
C GLN S 54 -16.81 -65.62 74.38
N ALA S 55 -16.00 -65.17 73.41
CA ALA S 55 -16.44 -65.12 72.03
C ALA S 55 -16.38 -66.47 71.34
N ASP S 56 -17.32 -66.68 70.43
CA ASP S 56 -17.31 -67.81 69.51
C ASP S 56 -17.06 -67.38 68.07
N ASP S 57 -17.44 -66.16 67.70
CA ASP S 57 -17.21 -65.61 66.38
C ASP S 57 -16.81 -64.15 66.46
N GLU S 58 -16.10 -63.78 67.53
CA GLU S 58 -15.93 -62.39 67.98
C GLU S 58 -17.28 -61.71 68.16
N HIS S 59 -18.23 -62.42 68.76
CA HIS S 59 -19.52 -61.88 69.16
C HIS S 59 -19.64 -62.03 70.67
N TYR S 60 -19.36 -60.96 71.39
CA TYR S 60 -19.33 -60.99 72.85
C TYR S 60 -20.77 -60.94 73.36
N ILE S 61 -21.32 -62.11 73.66
CA ILE S 61 -22.68 -62.27 74.16
C ILE S 61 -22.74 -61.69 75.58
N PRO S 62 -23.79 -60.95 75.95
CA PRO S 62 -23.92 -60.51 77.34
C PRO S 62 -24.36 -61.66 78.24
N ARG S 63 -23.76 -61.71 79.43
CA ARG S 63 -24.12 -62.72 80.42
C ARG S 63 -25.27 -62.20 81.30
N ALA S 64 -26.43 -62.06 80.67
CA ALA S 64 -27.54 -61.34 81.27
C ALA S 64 -28.82 -62.18 81.22
N VAL S 65 -29.63 -62.04 82.26
CA VAL S 65 -30.97 -62.62 82.31
C VAL S 65 -31.94 -61.52 82.74
N LEU S 66 -33.12 -61.50 82.12
CA LEU S 66 -34.10 -60.45 82.33
C LEU S 66 -35.48 -61.08 82.48
N LEU S 67 -35.99 -61.13 83.71
CA LEU S 67 -37.33 -61.60 84.00
C LEU S 67 -38.16 -60.48 84.60
N ASP S 68 -39.39 -60.36 84.14
CA ASP S 68 -40.33 -59.40 84.70
C ASP S 68 -41.75 -59.86 84.42
N LEU S 69 -42.66 -59.51 85.34
CA LEU S 69 -44.06 -59.84 85.17
C LEU S 69 -44.70 -58.99 84.09
N GLU S 70 -44.21 -57.76 83.91
CA GLU S 70 -44.78 -56.84 82.93
C GLU S 70 -44.12 -57.06 81.57
N PRO S 71 -44.89 -57.30 80.50
CA PRO S 71 -44.29 -57.44 79.18
C PRO S 71 -44.02 -56.13 78.46
N ARG S 72 -44.30 -54.98 79.11
CA ARG S 72 -44.13 -53.70 78.44
C ARG S 72 -42.66 -53.30 78.36
N VAL S 73 -41.85 -53.72 79.35
CA VAL S 73 -40.45 -53.32 79.37
C VAL S 73 -39.65 -54.07 78.32
N ILE S 74 -40.09 -55.28 77.95
CA ILE S 74 -39.36 -56.07 76.98
C ILE S 74 -39.85 -55.85 75.55
N HIS S 75 -41.06 -55.32 75.38
CA HIS S 75 -41.56 -54.98 74.05
C HIS S 75 -40.99 -53.67 73.52
N SER S 76 -40.36 -52.87 74.38
CA SER S 76 -39.62 -51.69 73.95
C SER S 76 -38.15 -51.99 73.74
N ILE S 77 -37.79 -53.25 73.55
CA ILE S 77 -36.40 -53.68 73.43
C ILE S 77 -36.12 -54.21 72.03
N LEU S 78 -36.98 -55.09 71.52
CA LEU S 78 -36.71 -55.80 70.27
C LEU S 78 -36.77 -54.91 69.04
N ASN S 79 -37.46 -53.77 69.10
CA ASN S 79 -37.44 -52.85 67.98
C ASN S 79 -36.19 -51.99 67.96
N SER S 80 -35.51 -51.87 69.10
CA SER S 80 -34.23 -51.18 69.13
C SER S 80 -33.15 -52.05 68.48
N PRO S 81 -32.19 -51.45 67.78
CA PRO S 81 -31.17 -52.25 67.08
C PRO S 81 -30.09 -52.85 67.99
N TYR S 82 -30.20 -52.68 69.31
CA TYR S 82 -29.25 -53.27 70.25
C TYR S 82 -29.74 -54.57 70.84
N ALA S 83 -30.91 -55.06 70.42
CA ALA S 83 -31.47 -56.30 70.94
C ALA S 83 -31.00 -57.54 70.19
N ASN S 84 -30.37 -57.37 69.03
CA ASN S 84 -29.81 -58.53 68.32
C ASN S 84 -28.55 -59.05 68.99
N LEU S 85 -27.91 -58.22 69.82
CA LEU S 85 -26.80 -58.68 70.65
C LEU S 85 -27.31 -59.61 71.73
N TYR S 86 -28.48 -59.32 72.29
CA TYR S 86 -29.15 -60.24 73.20
C TYR S 86 -29.60 -61.49 72.46
N ASN S 87 -29.68 -62.60 73.20
CA ASN S 87 -30.05 -63.88 72.60
C ASN S 87 -31.49 -64.23 72.94
N PRO S 88 -32.25 -64.78 71.99
CA PRO S 88 -33.64 -65.17 72.29
C PRO S 88 -33.77 -66.60 72.81
N GLU S 89 -32.66 -67.19 73.24
CA GLU S 89 -32.71 -68.51 73.86
C GLU S 89 -32.13 -68.57 75.26
N ASN S 90 -31.39 -67.55 75.71
CA ASN S 90 -30.82 -67.54 77.04
C ASN S 90 -31.85 -67.23 78.12
N ILE S 91 -32.83 -66.40 77.82
CA ILE S 91 -33.78 -65.97 78.84
C ILE S 91 -35.19 -66.39 78.43
N TYR S 92 -35.67 -65.86 77.31
CA TYR S 92 -36.99 -66.13 76.79
C TYR S 92 -36.96 -66.05 75.27
N LEU S 93 -37.89 -66.75 74.64
CA LEU S 93 -38.14 -66.51 73.23
C LEU S 93 -39.18 -65.40 73.06
N SER S 94 -39.70 -65.26 71.84
CA SER S 94 -40.68 -64.22 71.55
C SER S 94 -42.01 -64.52 72.25
N GLU S 95 -42.75 -63.45 72.55
CA GLU S 95 -44.01 -63.48 73.33
C GLU S 95 -43.81 -64.14 74.70
N HIS S 96 -43.02 -63.45 75.53
CA HIS S 96 -42.97 -63.80 76.95
C HIS S 96 -43.89 -62.90 77.75
N GLY S 97 -44.53 -63.48 78.77
CA GLY S 97 -45.48 -62.74 79.57
C GLY S 97 -45.18 -62.78 81.05
N GLY S 98 -46.23 -62.75 81.88
CA GLY S 98 -46.06 -62.77 83.32
C GLY S 98 -47.38 -62.85 84.07
N GLY S 99 -47.50 -62.09 85.16
CA GLY S 99 -48.70 -62.07 85.95
C GLY S 99 -49.73 -61.10 85.42
N ALA S 100 -50.53 -60.55 86.34
CA ALA S 100 -51.57 -59.59 85.96
C ALA S 100 -51.09 -58.12 85.90
N GLY S 101 -50.40 -57.54 86.91
CA GLY S 101 -50.05 -58.03 88.25
C GLY S 101 -49.28 -56.99 89.05
N ASN S 102 -49.73 -56.75 90.29
CA ASN S 102 -49.05 -55.77 91.14
C ASN S 102 -49.25 -56.20 92.60
N ASN S 103 -48.26 -56.91 93.13
CA ASN S 103 -48.25 -57.38 94.51
C ASN S 103 -46.85 -57.83 94.88
N TRP S 104 -46.49 -57.64 96.14
CA TRP S 104 -45.26 -58.23 96.65
C TRP S 104 -45.43 -59.73 96.86
N ALA S 105 -46.63 -60.16 97.25
CA ALA S 105 -46.92 -61.58 97.45
C ALA S 105 -47.14 -62.33 96.15
N SER S 106 -47.21 -61.62 95.01
CA SER S 106 -47.36 -62.30 93.72
C SER S 106 -46.06 -62.98 93.32
N GLY S 107 -44.99 -62.19 93.18
CA GLY S 107 -43.69 -62.74 92.83
C GLY S 107 -43.05 -63.56 93.93
N PHE S 108 -43.46 -63.35 95.18
CA PHE S 108 -42.98 -64.19 96.27
C PHE S 108 -43.59 -65.58 96.22
N SER S 109 -44.81 -65.69 95.68
CA SER S 109 -45.47 -66.98 95.51
C SER S 109 -45.24 -67.58 94.13
N GLN S 110 -44.83 -66.76 93.15
CA GLN S 110 -44.54 -67.27 91.81
C GLN S 110 -43.15 -67.88 91.70
N GLY S 111 -42.31 -67.73 92.73
CA GLY S 111 -40.96 -68.27 92.65
C GLY S 111 -40.89 -69.77 92.83
N GLU S 112 -41.85 -70.35 93.55
CA GLU S 112 -41.86 -71.78 93.82
C GLU S 112 -42.83 -72.56 92.93
N LYS S 113 -43.54 -71.88 92.03
CA LYS S 113 -44.34 -72.56 91.03
C LYS S 113 -43.65 -72.60 89.67
N ILE S 114 -42.67 -71.73 89.44
CA ILE S 114 -41.82 -71.79 88.25
C ILE S 114 -40.42 -72.11 88.77
N HIS S 115 -40.36 -72.88 89.86
CA HIS S 115 -39.10 -73.20 90.52
C HIS S 115 -38.22 -74.09 89.64
N GLU S 116 -38.85 -74.94 88.82
CA GLU S 116 -38.08 -75.81 87.94
C GLU S 116 -37.45 -75.05 86.79
N ASP S 117 -38.17 -74.09 86.21
CA ASP S 117 -37.68 -73.34 85.06
C ASP S 117 -36.76 -72.18 85.44
N ILE S 118 -36.92 -71.60 86.63
CA ILE S 118 -36.09 -70.46 87.02
C ILE S 118 -34.70 -70.91 87.45
N PHE S 119 -34.50 -72.19 87.76
CA PHE S 119 -33.20 -72.72 88.14
C PHE S 119 -32.63 -73.65 87.07
N ASP S 120 -33.08 -73.51 85.83
CA ASP S 120 -32.65 -74.37 84.73
C ASP S 120 -31.80 -73.62 83.71
N ILE S 121 -32.27 -72.48 83.22
CA ILE S 121 -31.57 -71.83 82.12
C ILE S 121 -30.59 -70.77 82.63
N ILE S 122 -30.75 -70.31 83.88
CA ILE S 122 -29.77 -69.37 84.43
C ILE S 122 -28.57 -70.09 85.01
N ASP S 123 -28.65 -71.40 85.19
CA ASP S 123 -27.52 -72.19 85.65
C ASP S 123 -26.67 -72.72 84.51
N ARG S 124 -27.14 -72.60 83.26
CA ARG S 124 -26.35 -72.98 82.11
C ARG S 124 -25.17 -72.03 81.88
N GLU S 125 -25.31 -70.77 82.26
CA GLU S 125 -24.22 -69.80 82.18
C GLU S 125 -23.26 -69.90 83.35
N ALA S 126 -23.60 -70.66 84.38
CA ALA S 126 -22.75 -70.76 85.57
C ALA S 126 -21.54 -71.64 85.31
N ASP S 127 -21.74 -72.77 84.66
CA ASP S 127 -20.66 -73.71 84.39
C ASP S 127 -19.90 -73.41 83.10
N GLY S 128 -20.14 -72.25 82.49
CA GLY S 128 -19.32 -71.85 81.36
C GLY S 128 -17.89 -71.54 81.76
N SER S 129 -17.72 -70.88 82.89
CA SER S 129 -16.41 -70.66 83.49
C SER S 129 -16.31 -71.48 84.77
N ASP S 130 -15.17 -72.14 84.97
CA ASP S 130 -14.95 -73.00 86.13
C ASP S 130 -14.58 -72.23 87.38
N SER S 131 -14.47 -70.91 87.32
CA SER S 131 -14.21 -70.07 88.49
C SER S 131 -15.16 -68.87 88.40
N LEU S 132 -16.33 -69.02 89.00
CA LEU S 132 -17.35 -67.98 88.92
C LEU S 132 -17.11 -66.92 89.99
N GLU S 133 -17.26 -65.66 89.57
CA GLU S 133 -17.06 -64.54 90.49
C GLU S 133 -18.21 -64.42 91.47
N GLY S 134 -19.42 -64.24 90.97
CA GLY S 134 -20.56 -64.12 91.86
C GLY S 134 -21.80 -63.71 91.10
N PHE S 135 -22.75 -63.12 91.83
CA PHE S 135 -24.02 -62.71 91.26
C PHE S 135 -24.33 -61.29 91.73
N VAL S 136 -24.69 -60.44 90.78
CA VAL S 136 -25.23 -59.10 91.07
C VAL S 136 -26.70 -59.08 90.67
N LEU S 137 -27.55 -58.74 91.63
CA LEU S 137 -29.00 -58.67 91.42
C LEU S 137 -29.34 -57.25 91.01
N CYS S 138 -29.42 -57.03 89.70
CA CYS S 138 -29.78 -55.71 89.16
C CYS S 138 -31.30 -55.55 89.17
N HIS S 139 -31.84 -55.45 90.38
CA HIS S 139 -33.27 -55.44 90.59
C HIS S 139 -33.71 -54.08 91.14
N SER S 140 -35.00 -53.99 91.44
CA SER S 140 -35.61 -52.75 91.92
C SER S 140 -36.27 -52.99 93.26
N ILE S 141 -36.45 -51.89 93.99
CA ILE S 141 -37.25 -51.88 95.21
C ILE S 141 -38.64 -51.31 94.97
N ALA S 142 -38.78 -50.36 94.03
CA ALA S 142 -40.07 -49.78 93.71
C ALA S 142 -40.99 -50.79 93.05
N GLY S 143 -42.27 -50.73 93.38
CA GLY S 143 -43.25 -51.65 92.84
C GLY S 143 -43.21 -53.00 93.52
N GLY S 144 -44.12 -53.88 93.10
CA GLY S 144 -44.19 -55.22 93.65
C GLY S 144 -43.58 -56.25 92.71
N THR S 145 -43.19 -55.82 91.52
CA THR S 145 -42.62 -56.74 90.53
C THR S 145 -41.18 -57.06 90.86
N GLY S 146 -40.34 -56.04 91.02
CA GLY S 146 -38.94 -56.26 91.35
C GLY S 146 -38.68 -56.60 92.80
N SER S 147 -39.58 -56.21 93.70
CA SER S 147 -39.41 -56.48 95.12
C SER S 147 -39.99 -57.82 95.56
N GLY S 148 -40.99 -58.32 94.83
CA GLY S 148 -41.64 -59.56 95.20
C GLY S 148 -40.83 -60.79 94.84
N LEU S 149 -40.32 -60.83 93.60
CA LEU S 149 -39.56 -61.99 93.14
C LEU S 149 -38.08 -61.90 93.52
N GLY S 150 -37.56 -60.68 93.71
CA GLY S 150 -36.16 -60.52 94.05
C GLY S 150 -35.79 -60.96 95.45
N SER S 151 -36.77 -61.00 96.36
CA SER S 151 -36.52 -61.49 97.71
C SER S 151 -36.41 -63.01 97.76
N TYR S 152 -36.90 -63.72 96.74
CA TYR S 152 -36.83 -65.17 96.73
C TYR S 152 -35.45 -65.66 96.31
N LEU S 153 -34.84 -65.01 95.33
CA LEU S 153 -33.53 -65.44 94.85
C LEU S 153 -32.39 -65.06 95.78
N LEU S 154 -32.64 -64.15 96.73
CA LEU S 154 -31.63 -63.84 97.73
C LEU S 154 -31.51 -64.92 98.80
N GLU S 155 -32.46 -65.86 98.84
CA GLU S 155 -32.45 -66.95 99.81
C GLU S 155 -31.92 -68.25 99.22
N ARG S 156 -32.44 -68.65 98.05
CA ARG S 156 -32.09 -69.95 97.49
C ARG S 156 -30.75 -69.94 96.76
N LEU S 157 -30.22 -68.78 96.41
CA LEU S 157 -28.86 -68.70 95.86
C LEU S 157 -27.82 -68.48 96.94
N ASN S 158 -28.22 -68.39 98.21
CA ASN S 158 -27.28 -68.22 99.29
C ASN S 158 -26.65 -69.55 99.69
N ASP S 159 -27.38 -70.66 99.55
CA ASP S 159 -26.88 -71.98 99.90
C ASP S 159 -26.53 -72.84 98.70
N ARG S 160 -27.20 -72.65 97.56
CA ARG S 160 -26.83 -73.38 96.35
C ARG S 160 -25.52 -72.87 95.77
N TYR S 161 -25.21 -71.60 95.98
CA TYR S 161 -23.94 -71.01 95.56
C TYR S 161 -23.37 -70.24 96.75
N PRO S 162 -22.79 -70.94 97.72
CA PRO S 162 -22.39 -70.28 98.97
C PRO S 162 -21.05 -69.55 98.89
N LYS S 163 -20.17 -69.95 97.98
CA LYS S 163 -18.83 -69.37 97.88
C LYS S 163 -18.75 -68.27 96.83
N LYS S 164 -19.87 -67.63 96.51
CA LYS S 164 -19.91 -66.59 95.50
C LYS S 164 -20.25 -65.23 96.14
N LEU S 165 -19.68 -64.18 95.58
CA LEU S 165 -19.95 -62.82 96.02
C LEU S 165 -21.35 -62.41 95.64
N VAL S 166 -22.09 -61.84 96.59
CA VAL S 166 -23.35 -61.18 96.29
C VAL S 166 -23.24 -59.71 96.69
N GLN S 167 -23.71 -58.84 95.79
CA GLN S 167 -23.69 -57.39 95.91
C GLN S 167 -24.57 -56.81 94.81
N THR S 168 -25.47 -55.88 95.15
CA THR S 168 -26.47 -55.42 94.20
C THR S 168 -26.39 -53.91 94.00
N TYR S 169 -26.73 -53.47 92.79
CA TYR S 169 -26.98 -52.07 92.48
C TYR S 169 -28.49 -51.86 92.45
N SER S 170 -29.07 -51.70 93.63
CA SER S 170 -30.52 -51.57 93.78
C SER S 170 -30.91 -50.11 93.87
N VAL S 171 -32.02 -49.76 93.22
CA VAL S 171 -32.53 -48.40 93.21
C VAL S 171 -33.62 -48.25 94.27
N PHE S 172 -33.58 -47.15 95.01
CA PHE S 172 -34.58 -46.86 96.02
C PHE S 172 -35.81 -46.18 95.39
N PRO S 173 -37.00 -46.42 95.92
CA PRO S 173 -38.20 -45.80 95.35
C PRO S 173 -38.35 -44.34 95.79
N ASN S 174 -39.38 -43.70 95.24
CA ASN S 174 -39.62 -42.28 95.45
C ASN S 174 -40.67 -42.08 96.53
N GLN S 175 -40.41 -41.13 97.43
CA GLN S 175 -41.27 -40.87 98.58
C GLN S 175 -41.82 -39.44 98.57
N ASP S 176 -42.32 -38.99 97.42
CA ASP S 176 -42.82 -37.62 97.32
C ASP S 176 -44.30 -37.51 97.68
N GLU S 177 -45.17 -38.21 96.95
CA GLU S 177 -46.55 -38.43 97.40
C GLU S 177 -46.85 -39.92 97.32
N MET S 178 -47.98 -40.31 97.91
CA MET S 178 -48.36 -41.71 98.09
C MET S 178 -49.76 -41.96 97.54
N SER S 179 -50.00 -41.49 96.31
CA SER S 179 -51.31 -41.62 95.68
C SER S 179 -51.38 -42.77 94.68
N HIS S 180 -50.43 -42.83 93.75
CA HIS S 180 -50.44 -43.89 92.74
C HIS S 180 -50.09 -45.24 93.37
N VAL S 181 -49.03 -45.27 94.18
CA VAL S 181 -48.68 -46.44 94.98
C VAL S 181 -48.86 -46.07 96.44
N VAL S 182 -49.25 -47.06 97.26
CA VAL S 182 -49.50 -46.92 98.69
C VAL S 182 -48.88 -48.13 99.38
N VAL S 183 -48.40 -49.10 98.60
CA VAL S 183 -47.85 -50.33 99.16
C VAL S 183 -46.34 -50.18 99.31
N GLN S 184 -45.85 -48.95 99.11
CA GLN S 184 -44.41 -48.68 99.16
C GLN S 184 -43.71 -48.94 100.49
N PRO S 185 -44.28 -48.63 101.68
CA PRO S 185 -43.57 -49.03 102.91
C PRO S 185 -43.56 -50.53 103.18
N TYR S 186 -44.47 -51.30 102.57
CA TYR S 186 -44.53 -52.74 102.86
C TYR S 186 -43.52 -53.54 102.05
N ASN S 187 -43.50 -53.35 100.73
CA ASN S 187 -42.60 -54.14 99.87
C ASN S 187 -41.15 -53.70 99.97
N SER S 188 -40.88 -52.50 100.47
CA SER S 188 -39.50 -52.03 100.57
C SER S 188 -38.80 -52.66 101.76
N LEU S 189 -39.45 -52.66 102.93
CA LEU S 189 -38.84 -53.19 104.15
C LEU S 189 -38.73 -54.71 104.13
N LEU S 190 -39.59 -55.38 103.36
CA LEU S 190 -39.48 -56.83 103.23
C LEU S 190 -38.24 -57.23 102.42
N THR S 191 -37.89 -56.42 101.42
CA THR S 191 -36.68 -56.67 100.67
C THR S 191 -35.44 -56.14 101.40
N LEU S 192 -35.60 -55.09 102.20
CA LEU S 192 -34.47 -54.52 102.93
C LEU S 192 -33.97 -55.44 104.03
N LYS S 193 -34.82 -56.33 104.56
CA LYS S 193 -34.33 -57.35 105.48
C LYS S 193 -33.49 -58.38 104.76
N ARG S 194 -33.88 -58.74 103.53
CA ARG S 194 -33.12 -59.69 102.75
C ARG S 194 -31.82 -59.11 102.22
N LEU S 195 -31.70 -57.78 102.21
CA LEU S 195 -30.50 -57.13 101.69
C LEU S 195 -29.37 -57.07 102.71
N THR S 196 -29.64 -57.37 103.98
CA THR S 196 -28.63 -57.29 105.03
C THR S 196 -28.16 -58.64 105.54
N GLN S 197 -29.07 -59.58 105.80
CA GLN S 197 -28.68 -60.90 106.29
C GLN S 197 -28.62 -61.95 105.18
N ASN S 198 -29.48 -61.86 104.18
CA ASN S 198 -29.42 -62.73 103.02
C ASN S 198 -28.61 -62.14 101.87
N ALA S 199 -27.97 -60.98 102.09
CA ALA S 199 -27.12 -60.36 101.10
C ALA S 199 -25.99 -59.65 101.80
N ASP S 200 -24.81 -59.66 101.17
CA ASP S 200 -23.61 -59.10 101.78
C ASP S 200 -23.57 -57.58 101.66
N CYS S 201 -23.67 -57.07 100.43
CA CYS S 201 -23.51 -55.65 100.17
C CYS S 201 -24.61 -55.16 99.23
N VAL S 202 -24.91 -53.86 99.32
CA VAL S 202 -25.79 -53.19 98.39
C VAL S 202 -25.10 -51.92 97.92
N VAL S 203 -25.64 -51.35 96.84
CA VAL S 203 -25.27 -50.02 96.36
C VAL S 203 -26.55 -49.22 96.27
N VAL S 204 -26.74 -48.27 97.19
CA VAL S 204 -28.01 -47.56 97.28
C VAL S 204 -28.08 -46.50 96.19
N LEU S 205 -29.30 -46.28 95.67
CA LEU S 205 -29.56 -45.31 94.60
C LEU S 205 -30.93 -44.69 94.88
N ASP S 206 -30.92 -43.50 95.47
CA ASP S 206 -32.16 -42.86 95.88
C ASP S 206 -32.88 -42.23 94.69
N ASN S 207 -34.21 -42.17 94.79
CA ASN S 207 -35.04 -41.57 93.76
C ASN S 207 -35.32 -40.09 93.99
N THR S 208 -35.45 -39.67 95.25
CA THR S 208 -35.64 -38.26 95.55
C THR S 208 -34.36 -37.46 95.33
N ALA S 209 -33.20 -38.12 95.34
CA ALA S 209 -31.93 -37.49 95.02
C ALA S 209 -31.65 -37.47 93.52
N LEU S 210 -32.45 -38.17 92.71
CA LEU S 210 -32.24 -38.16 91.28
C LEU S 210 -32.70 -36.83 90.67
N ASN S 211 -33.92 -36.40 90.99
CA ASN S 211 -34.44 -35.13 90.51
C ASN S 211 -33.78 -33.93 91.20
N ARG S 212 -33.04 -34.14 92.28
CA ARG S 212 -32.17 -33.08 92.79
C ARG S 212 -31.03 -32.81 91.83
N ILE S 213 -30.55 -33.83 91.12
CA ILE S 213 -29.47 -33.70 90.16
C ILE S 213 -30.05 -33.47 88.77
N ALA S 214 -31.24 -34.01 88.51
CA ALA S 214 -31.86 -33.90 87.19
C ALA S 214 -32.35 -32.49 86.90
N THR S 215 -32.50 -31.64 87.90
CA THR S 215 -32.75 -30.22 87.70
C THR S 215 -31.56 -29.36 88.10
N ASP S 216 -30.47 -29.96 88.57
CA ASP S 216 -29.29 -29.20 89.00
C ASP S 216 -28.55 -28.62 87.79
N ARG S 217 -28.07 -29.48 86.91
CA ARG S 217 -27.31 -29.07 85.74
C ARG S 217 -27.94 -29.53 84.45
N LEU S 218 -29.00 -30.34 84.51
CA LEU S 218 -29.55 -30.97 83.32
C LEU S 218 -30.67 -30.15 82.70
N HIS S 219 -31.32 -29.29 83.48
CA HIS S 219 -32.26 -28.26 83.04
C HIS S 219 -33.46 -28.84 82.29
N ILE S 220 -34.27 -29.60 83.03
CA ILE S 220 -35.53 -30.12 82.51
C ILE S 220 -36.68 -29.47 83.27
N GLN S 221 -37.84 -29.41 82.62
CA GLN S 221 -39.05 -28.85 83.22
C GLN S 221 -40.05 -29.91 83.63
N ASN S 222 -40.24 -30.96 82.83
CA ASN S 222 -41.14 -32.05 83.16
C ASN S 222 -40.31 -33.30 83.38
N PRO S 223 -40.21 -33.81 84.61
CA PRO S 223 -39.37 -34.99 84.88
C PRO S 223 -40.00 -36.26 84.32
N SER S 224 -39.29 -36.89 83.38
CA SER S 224 -39.73 -38.13 82.76
C SER S 224 -38.85 -39.28 83.22
N PHE S 225 -39.26 -40.50 82.84
CA PHE S 225 -38.51 -41.70 83.16
C PHE S 225 -37.34 -41.93 82.22
N SER S 226 -37.25 -41.16 81.13
CA SER S 226 -36.16 -41.31 80.17
C SER S 226 -34.84 -40.75 80.65
N GLN S 227 -34.82 -40.04 81.78
CA GLN S 227 -33.59 -39.53 82.37
C GLN S 227 -33.04 -40.40 83.48
N ILE S 228 -33.80 -41.39 83.94
CA ILE S 228 -33.35 -42.24 85.05
C ILE S 228 -32.27 -43.22 84.60
N ASN S 229 -32.08 -43.43 83.30
CA ASN S 229 -31.10 -44.39 82.82
C ASN S 229 -29.76 -43.74 82.51
N GLN S 230 -29.68 -42.41 82.57
CA GLN S 230 -28.46 -41.71 82.19
C GLN S 230 -27.50 -41.56 83.36
N LEU S 231 -28.00 -41.25 84.54
CA LEU S 231 -27.14 -41.20 85.71
C LEU S 231 -26.72 -42.59 86.18
N VAL S 232 -27.52 -43.61 85.87
CA VAL S 232 -27.31 -44.92 86.47
C VAL S 232 -26.33 -45.75 85.63
N SER S 233 -26.44 -45.69 84.30
CA SER S 233 -25.64 -46.54 83.44
C SER S 233 -24.18 -46.11 83.37
N THR S 234 -23.87 -44.85 83.64
CA THR S 234 -22.48 -44.42 83.61
C THR S 234 -21.73 -44.89 84.86
N ILE S 235 -22.34 -44.76 86.03
CA ILE S 235 -21.67 -45.16 87.27
C ILE S 235 -21.61 -46.68 87.42
N MET S 236 -22.45 -47.41 86.70
CA MET S 236 -22.31 -48.86 86.65
C MET S 236 -21.05 -49.28 85.90
N SER S 237 -20.84 -48.69 84.72
CA SER S 237 -19.62 -48.94 83.98
C SER S 237 -18.41 -48.26 84.61
N ALA S 238 -18.64 -47.22 85.41
CA ALA S 238 -17.55 -46.58 86.14
C ALA S 238 -17.04 -47.46 87.28
N SER S 239 -17.92 -48.28 87.87
CA SER S 239 -17.54 -49.13 88.99
C SER S 239 -16.70 -50.32 88.56
N THR S 240 -16.71 -50.68 87.27
CA THR S 240 -15.96 -51.82 86.76
C THR S 240 -14.78 -51.39 85.90
N THR S 241 -14.32 -50.15 86.05
CA THR S 241 -13.18 -49.68 85.27
C THR S 241 -11.88 -50.34 85.70
N THR S 242 -11.76 -50.69 86.98
CA THR S 242 -10.64 -51.52 87.41
C THR S 242 -10.82 -52.96 86.97
N LEU S 243 -12.06 -53.39 86.74
CA LEU S 243 -12.38 -54.78 86.43
C LEU S 243 -12.42 -55.03 84.92
N ARG S 244 -13.00 -54.10 84.14
CA ARG S 244 -13.04 -54.27 82.70
C ARG S 244 -11.73 -53.85 82.05
N TYR S 245 -11.31 -52.60 82.28
CA TYR S 245 -10.05 -52.10 81.76
C TYR S 245 -8.90 -52.63 82.62
N PRO S 246 -7.68 -52.77 82.05
CA PRO S 246 -6.58 -53.37 82.81
C PRO S 246 -6.08 -52.50 83.96
N GLY S 247 -6.40 -52.92 85.18
CA GLY S 247 -5.86 -52.32 86.38
C GLY S 247 -5.00 -53.33 87.14
N TYR S 248 -4.47 -52.87 88.27
CA TYR S 248 -3.59 -53.71 89.07
C TYR S 248 -4.18 -54.08 90.42
N MET S 249 -4.57 -53.09 91.22
CA MET S 249 -5.05 -53.34 92.57
C MET S 249 -6.55 -53.11 92.65
N ASN S 250 -7.23 -54.03 93.35
CA ASN S 250 -8.69 -54.12 93.41
C ASN S 250 -9.31 -54.16 92.02
N ASN S 251 -8.71 -54.97 91.16
CA ASN S 251 -9.19 -55.18 89.79
C ASN S 251 -10.28 -56.24 89.71
N ASP S 252 -10.77 -56.74 90.85
CA ASP S 252 -11.90 -57.64 90.92
C ASP S 252 -13.02 -57.02 91.75
N LEU S 253 -14.23 -57.59 91.63
CA LEU S 253 -15.37 -57.05 92.37
C LEU S 253 -15.28 -57.44 93.83
N ILE S 254 -14.65 -58.59 94.12
CA ILE S 254 -14.28 -58.92 95.49
C ILE S 254 -13.01 -58.20 95.96
N GLY S 255 -12.40 -57.36 95.13
CA GLY S 255 -11.34 -56.50 95.60
C GLY S 255 -11.85 -55.19 96.15
N LEU S 256 -12.82 -54.57 95.46
CA LEU S 256 -13.30 -53.25 95.83
C LEU S 256 -14.17 -53.31 97.09
N ILE S 257 -15.08 -54.28 97.13
CA ILE S 257 -16.04 -54.38 98.22
C ILE S 257 -15.38 -54.85 99.52
N ALA S 258 -14.26 -55.58 99.41
CA ALA S 258 -13.56 -56.05 100.60
C ALA S 258 -12.89 -54.91 101.38
N SER S 259 -12.47 -53.84 100.69
CA SER S 259 -11.74 -52.75 101.33
C SER S 259 -12.63 -51.63 101.82
N LEU S 260 -13.96 -51.81 101.80
CA LEU S 260 -14.88 -50.76 102.21
C LEU S 260 -15.88 -51.20 103.27
N ILE S 261 -16.25 -52.46 103.35
CA ILE S 261 -17.26 -52.95 104.29
C ILE S 261 -16.60 -53.05 105.67
N PRO S 262 -17.11 -52.37 106.69
CA PRO S 262 -16.57 -52.55 108.05
C PRO S 262 -17.02 -53.87 108.67
N THR S 263 -18.30 -54.19 108.48
CA THR S 263 -18.93 -55.32 109.15
C THR S 263 -20.19 -55.68 108.37
N PRO S 264 -20.69 -56.91 108.49
CA PRO S 264 -22.01 -57.25 107.93
C PRO S 264 -23.11 -56.42 108.57
N ARG S 265 -24.18 -56.23 107.78
CA ARG S 265 -25.33 -55.33 107.97
C ARG S 265 -24.95 -53.83 108.00
N LEU S 266 -23.67 -53.50 107.74
CA LEU S 266 -23.23 -52.13 107.48
C LEU S 266 -22.51 -52.17 106.14
N HIS S 267 -23.27 -51.99 105.07
CA HIS S 267 -22.71 -52.10 103.73
C HIS S 267 -23.29 -51.06 102.76
N PHE S 268 -24.07 -50.11 103.24
CA PHE S 268 -24.77 -49.15 102.40
C PHE S 268 -23.79 -48.06 101.98
N LEU S 269 -23.41 -48.06 100.71
CA LEU S 269 -22.33 -47.22 100.22
C LEU S 269 -22.89 -46.00 99.50
N MET S 270 -22.39 -44.81 99.88
CA MET S 270 -22.80 -43.57 99.25
C MET S 270 -22.03 -43.38 97.95
N THR S 271 -22.72 -42.93 96.91
CA THR S 271 -22.16 -42.82 95.57
C THR S 271 -22.09 -41.35 95.16
N GLY S 272 -21.04 -40.98 94.44
CA GLY S 272 -20.91 -39.62 93.93
C GLY S 272 -20.24 -39.62 92.57
N TYR S 273 -20.68 -38.71 91.72
CA TYR S 273 -20.19 -38.62 90.35
C TYR S 273 -20.44 -37.21 89.84
N THR S 274 -19.36 -36.42 89.68
CA THR S 274 -19.51 -35.03 89.24
C THR S 274 -19.75 -34.82 87.74
N PRO S 275 -18.88 -35.27 86.78
CA PRO S 275 -18.93 -34.67 85.45
C PRO S 275 -20.08 -35.19 84.57
N LEU S 276 -21.10 -34.36 84.37
CA LEU S 276 -22.25 -34.73 83.56
C LEU S 276 -22.63 -33.67 82.53
N THR S 277 -21.76 -32.70 82.26
CA THR S 277 -22.10 -31.57 81.42
C THR S 277 -21.18 -31.55 80.20
N THR S 278 -21.80 -31.37 79.01
CA THR S 278 -21.10 -31.45 77.74
C THR S 278 -20.41 -30.15 77.33
N ASP S 279 -20.77 -29.00 77.92
CA ASP S 279 -20.10 -27.76 77.58
C ASP S 279 -18.87 -27.50 78.45
N GLN S 280 -18.53 -28.41 79.36
CA GLN S 280 -17.23 -28.38 80.03
C GLN S 280 -16.10 -28.76 79.08
N SER S 281 -16.43 -29.37 77.93
CA SER S 281 -15.44 -29.95 77.03
C SER S 281 -14.56 -28.89 76.37
N VAL S 282 -15.07 -27.66 76.22
CA VAL S 282 -14.32 -26.62 75.49
C VAL S 282 -13.23 -25.98 76.33
N ALA S 283 -13.16 -26.29 77.63
CA ALA S 283 -12.14 -25.69 78.49
C ALA S 283 -11.28 -26.74 79.20
N SER S 284 -11.43 -28.02 78.85
CA SER S 284 -10.56 -29.07 79.35
C SER S 284 -9.32 -29.26 78.48
N VAL S 285 -9.11 -28.39 77.47
CA VAL S 285 -7.94 -28.47 76.61
C VAL S 285 -6.71 -27.83 77.23
N ARG S 286 -6.86 -27.13 78.34
CA ARG S 286 -5.77 -26.36 78.94
C ARG S 286 -5.11 -27.08 80.12
N LYS S 287 -5.14 -28.41 80.12
CA LYS S 287 -4.62 -29.26 81.21
C LYS S 287 -5.35 -28.93 82.52
N THR S 288 -6.62 -29.31 82.54
CA THR S 288 -7.38 -29.38 83.78
C THR S 288 -6.84 -30.54 84.61
N THR S 289 -6.44 -30.25 85.85
CA THR S 289 -5.63 -31.16 86.65
C THR S 289 -6.52 -32.06 87.51
N VAL S 290 -5.84 -32.91 88.30
CA VAL S 290 -6.48 -33.81 89.25
C VAL S 290 -6.55 -33.21 90.64
N LEU S 291 -6.00 -32.01 90.83
CA LEU S 291 -5.91 -31.42 92.16
C LEU S 291 -7.24 -30.77 92.58
N ASP S 292 -8.16 -30.56 91.63
CA ASP S 292 -9.41 -29.90 91.92
C ASP S 292 -10.63 -30.81 91.83
N VAL S 293 -10.45 -32.06 91.39
CA VAL S 293 -11.60 -32.91 91.14
C VAL S 293 -12.04 -33.68 92.38
N MET S 294 -11.14 -33.90 93.34
CA MET S 294 -11.50 -34.62 94.56
C MET S 294 -11.72 -33.71 95.74
N ARG S 295 -11.61 -32.39 95.56
CA ARG S 295 -12.00 -31.46 96.61
C ARG S 295 -13.52 -31.34 96.70
N ARG S 296 -14.24 -31.67 95.63
CA ARG S 296 -15.69 -31.56 95.59
C ARG S 296 -16.39 -32.90 95.77
N LEU S 297 -15.65 -34.00 95.90
CA LEU S 297 -16.27 -35.30 96.13
C LEU S 297 -16.78 -35.41 97.55
N LEU S 298 -15.91 -35.13 98.54
CA LEU S 298 -16.33 -35.11 99.93
C LEU S 298 -17.27 -33.95 100.25
N GLN S 299 -17.26 -32.91 99.43
CA GLN S 299 -18.24 -31.85 99.60
C GLN S 299 -19.61 -32.34 99.14
N PRO S 300 -20.65 -32.28 99.99
CA PRO S 300 -21.96 -32.90 99.66
C PRO S 300 -22.73 -32.18 98.55
N LYS S 301 -22.28 -32.40 97.33
CA LYS S 301 -22.91 -31.82 96.14
C LYS S 301 -23.28 -32.87 95.10
N ASN S 302 -22.44 -33.89 94.92
CA ASN S 302 -22.68 -34.95 93.95
C ASN S 302 -23.35 -36.18 94.54
N VAL S 303 -23.82 -36.10 95.79
CA VAL S 303 -24.29 -37.30 96.48
C VAL S 303 -25.66 -37.70 95.94
N MET S 304 -25.92 -39.02 95.98
CA MET S 304 -27.19 -39.58 95.55
C MET S 304 -27.94 -40.19 96.73
N VAL S 305 -27.79 -39.62 97.91
CA VAL S 305 -28.39 -40.12 99.14
C VAL S 305 -29.01 -38.94 99.87
N SER S 306 -30.31 -39.03 100.16
CA SER S 306 -31.00 -38.00 100.91
C SER S 306 -30.66 -38.17 102.38
N THR S 307 -29.84 -37.26 102.91
CA THR S 307 -29.38 -37.35 104.29
C THR S 307 -29.43 -35.96 104.92
N GLY S 308 -29.28 -35.92 106.23
CA GLY S 308 -29.33 -34.66 106.95
C GLY S 308 -28.04 -33.87 106.78
N ARG S 309 -28.18 -32.54 106.73
CA ARG S 309 -27.03 -31.67 106.56
C ARG S 309 -26.35 -31.32 107.88
N ASP S 310 -27.10 -31.34 108.99
CA ASP S 310 -26.56 -31.03 110.29
C ASP S 310 -26.26 -32.27 111.14
N ARG S 311 -26.28 -33.45 110.53
CA ARG S 311 -26.05 -34.71 111.23
C ARG S 311 -24.68 -35.31 110.93
N GLN S 312 -23.78 -34.55 110.32
CA GLN S 312 -22.46 -35.05 109.92
C GLN S 312 -21.38 -34.76 110.95
N THR S 313 -21.70 -34.02 112.02
CA THR S 313 -20.71 -33.71 113.05
C THR S 313 -20.54 -34.84 114.05
N ASN S 314 -21.61 -35.58 114.35
CA ASN S 314 -21.55 -36.73 115.24
C ASN S 314 -21.42 -38.04 114.49
N HIS S 315 -21.34 -38.01 113.17
CA HIS S 315 -21.11 -39.18 112.34
C HIS S 315 -19.71 -39.09 111.74
N CYS S 316 -19.14 -40.25 111.44
CA CYS S 316 -17.74 -40.33 111.04
C CYS S 316 -17.60 -41.23 109.82
N TYR S 317 -16.81 -40.78 108.84
CA TYR S 317 -16.46 -41.64 107.72
C TYR S 317 -15.49 -42.72 108.17
N ILE S 318 -15.61 -43.90 107.57
CA ILE S 318 -14.72 -45.01 107.91
C ILE S 318 -13.95 -45.43 106.65
N ALA S 319 -14.64 -45.46 105.51
CA ALA S 319 -14.04 -45.88 104.25
C ALA S 319 -14.56 -44.97 103.15
N ILE S 320 -13.65 -44.41 102.37
CA ILE S 320 -14.00 -43.51 101.26
C ILE S 320 -13.15 -43.89 100.06
N LEU S 321 -13.81 -44.09 98.91
CA LEU S 321 -13.17 -44.45 97.66
C LEU S 321 -13.28 -43.28 96.70
N ASN S 322 -12.18 -42.97 96.01
CA ASN S 322 -12.11 -41.84 95.07
C ASN S 322 -11.46 -42.36 93.80
N ILE S 323 -12.27 -42.70 92.80
CA ILE S 323 -11.80 -43.34 91.58
C ILE S 323 -11.66 -42.29 90.49
N ILE S 324 -10.44 -42.09 90.01
CA ILE S 324 -10.17 -41.27 88.83
C ILE S 324 -9.97 -42.20 87.63
N GLN S 325 -10.36 -41.71 86.45
CA GLN S 325 -10.41 -42.51 85.23
C GLN S 325 -9.76 -41.75 84.09
N GLY S 326 -9.17 -42.49 83.16
CA GLY S 326 -8.66 -41.87 81.94
C GLY S 326 -7.37 -41.12 82.19
N GLU S 327 -7.31 -39.88 81.69
CA GLU S 327 -6.15 -39.04 81.92
C GLU S 327 -6.11 -38.58 83.36
N VAL S 328 -5.05 -38.95 84.07
CA VAL S 328 -4.98 -38.75 85.52
C VAL S 328 -3.89 -37.73 85.83
N ASP S 329 -2.83 -37.73 85.00
CA ASP S 329 -1.53 -37.10 85.26
C ASP S 329 -1.01 -37.59 86.60
N PRO S 330 -0.51 -38.83 86.66
CA PRO S 330 -0.25 -39.47 87.96
C PRO S 330 0.96 -38.93 88.72
N THR S 331 1.66 -37.92 88.20
CA THR S 331 2.70 -37.29 89.00
C THR S 331 2.16 -36.33 90.04
N GLN S 332 0.85 -36.03 90.00
CA GLN S 332 0.20 -35.19 91.00
C GLN S 332 -0.98 -35.89 91.68
N VAL S 333 -1.10 -37.21 91.54
CA VAL S 333 -2.20 -37.90 92.22
C VAL S 333 -1.87 -38.12 93.70
N HIS S 334 -0.58 -38.25 94.04
CA HIS S 334 -0.18 -38.19 95.44
C HIS S 334 -0.26 -36.76 95.98
N LYS S 335 -0.22 -35.78 95.10
CA LYS S 335 -0.38 -34.38 95.50
C LYS S 335 -1.82 -34.06 95.85
N SER S 336 -2.77 -34.74 95.20
CA SER S 336 -4.18 -34.58 95.54
C SER S 336 -4.51 -35.20 96.89
N LEU S 337 -3.87 -36.32 97.22
CA LEU S 337 -4.06 -36.98 98.50
C LEU S 337 -3.28 -36.29 99.61
N GLN S 338 -2.35 -35.41 99.25
CA GLN S 338 -1.64 -34.60 100.24
C GLN S 338 -2.58 -33.61 100.92
N ARG S 339 -3.51 -33.03 100.16
CA ARG S 339 -4.38 -31.98 100.65
C ARG S 339 -5.57 -32.50 101.44
N ILE S 340 -5.68 -33.81 101.65
CA ILE S 340 -6.85 -34.37 102.31
C ILE S 340 -6.77 -34.18 103.82
N ARG S 341 -5.58 -34.36 104.40
CA ARG S 341 -5.42 -34.30 105.85
C ARG S 341 -5.53 -32.87 106.39
N GLU S 342 -5.34 -31.86 105.55
CA GLU S 342 -5.31 -30.49 106.04
C GLU S 342 -6.72 -29.95 106.26
N ARG S 343 -7.68 -30.37 105.44
CA ARG S 343 -9.04 -29.90 105.58
C ARG S 343 -9.81 -30.71 106.61
N LYS S 344 -9.57 -32.03 106.65
CA LYS S 344 -10.35 -33.00 107.41
C LYS S 344 -11.83 -32.90 107.10
N LEU S 345 -12.15 -32.93 105.80
CA LEU S 345 -13.54 -32.90 105.35
C LEU S 345 -14.28 -34.18 105.70
N ALA S 346 -13.55 -35.29 105.86
CA ALA S 346 -14.11 -36.53 106.37
C ALA S 346 -13.86 -36.61 107.86
N ASN S 347 -14.94 -36.76 108.63
CA ASN S 347 -14.78 -37.05 110.04
C ASN S 347 -14.30 -38.48 110.21
N PHE S 348 -13.25 -38.66 111.00
CA PHE S 348 -12.61 -39.96 111.17
C PHE S 348 -13.12 -40.62 112.43
N ILE S 349 -13.17 -41.95 112.41
CA ILE S 349 -13.67 -42.71 113.56
C ILE S 349 -12.64 -42.62 114.69
N PRO S 350 -13.07 -42.37 115.93
CA PRO S 350 -12.10 -42.21 117.03
C PRO S 350 -11.57 -43.51 117.57
N TRP S 351 -12.15 -44.66 117.21
CA TRP S 351 -11.70 -45.94 117.71
C TRP S 351 -10.63 -46.60 116.84
N GLY S 352 -10.66 -46.34 115.53
CA GLY S 352 -9.74 -46.97 114.62
C GLY S 352 -9.31 -46.07 113.48
N PRO S 353 -8.44 -46.59 112.62
CA PRO S 353 -7.98 -45.80 111.47
C PRO S 353 -9.04 -45.70 110.37
N ALA S 354 -8.84 -44.72 109.51
CA ALA S 354 -9.65 -44.53 108.30
C ALA S 354 -8.77 -44.75 107.08
N SER S 355 -9.36 -44.59 105.88
CA SER S 355 -8.63 -44.82 104.64
C SER S 355 -9.26 -44.05 103.49
N ILE S 356 -8.44 -43.28 102.78
CA ILE S 356 -8.84 -42.62 101.55
C ILE S 356 -8.11 -43.32 100.40
N GLN S 357 -8.80 -44.24 99.74
CA GLN S 357 -8.22 -45.05 98.68
C GLN S 357 -8.49 -44.40 97.32
N VAL S 358 -7.42 -44.18 96.56
CA VAL S 358 -7.53 -43.62 95.21
C VAL S 358 -6.94 -44.63 94.23
N ALA S 359 -7.58 -44.77 93.07
CA ALA S 359 -7.12 -45.72 92.05
C ALA S 359 -7.42 -45.14 90.67
N LEU S 360 -6.71 -45.69 89.66
CA LEU S 360 -6.84 -45.18 88.30
C LEU S 360 -6.82 -46.34 87.31
N SER S 361 -7.43 -46.09 86.14
CA SER S 361 -7.42 -47.02 85.03
C SER S 361 -7.67 -46.21 83.76
N ARG S 362 -7.06 -46.64 82.67
CA ARG S 362 -7.21 -45.93 81.40
C ARG S 362 -8.58 -46.21 80.80
N LYS S 363 -9.19 -45.18 80.22
CA LYS S 363 -10.55 -45.27 79.72
C LYS S 363 -10.55 -45.77 78.28
N SER S 364 -11.71 -45.65 77.63
CA SER S 364 -11.86 -46.11 76.26
C SER S 364 -11.11 -45.19 75.30
N PRO S 365 -10.60 -45.72 74.18
CA PRO S 365 -10.02 -44.87 73.14
C PRO S 365 -11.10 -44.10 72.38
N TYR S 366 -11.58 -43.03 73.02
CA TYR S 366 -12.66 -42.22 72.48
C TYR S 366 -12.43 -40.78 72.90
N LEU S 367 -12.92 -39.85 72.07
CA LEU S 367 -12.62 -38.44 72.29
C LEU S 367 -13.33 -37.81 73.50
N PRO S 368 -14.62 -38.10 73.81
CA PRO S 368 -15.15 -37.61 75.09
C PRO S 368 -14.64 -38.36 76.31
N SER S 369 -13.88 -39.44 76.14
CA SER S 369 -13.38 -40.22 77.26
C SER S 369 -11.90 -40.00 77.56
N ALA S 370 -11.08 -39.75 76.53
CA ALA S 370 -9.65 -39.51 76.72
C ALA S 370 -9.31 -38.03 76.83
N HIS S 371 -10.31 -37.19 77.16
CA HIS S 371 -10.09 -35.75 77.31
C HIS S 371 -10.58 -35.17 78.62
N ARG S 372 -11.65 -35.70 79.23
CA ARG S 372 -12.30 -35.05 80.35
C ARG S 372 -12.14 -35.92 81.59
N VAL S 373 -11.77 -35.29 82.71
CA VAL S 373 -11.50 -36.03 83.94
C VAL S 373 -12.81 -36.51 84.54
N SER S 374 -12.80 -37.72 85.09
CA SER S 374 -13.98 -38.32 85.67
C SER S 374 -13.68 -38.79 87.08
N GLY S 375 -14.60 -38.52 88.00
CA GLY S 375 -14.43 -38.91 89.38
C GLY S 375 -15.60 -39.70 89.91
N LEU S 376 -15.35 -40.95 90.28
CA LEU S 376 -16.37 -41.84 90.84
C LEU S 376 -16.11 -42.02 92.33
N MET S 377 -17.13 -41.77 93.14
CA MET S 377 -17.02 -41.86 94.58
C MET S 377 -17.81 -43.06 95.10
N MET S 378 -17.20 -43.82 96.01
CA MET S 378 -17.88 -44.90 96.72
C MET S 378 -17.61 -44.67 98.21
N ALA S 379 -18.44 -43.85 98.84
CA ALA S 379 -18.26 -43.47 100.22
C ALA S 379 -18.89 -44.50 101.16
N ASN S 380 -18.63 -44.34 102.46
CA ASN S 380 -19.30 -45.13 103.49
C ASN S 380 -19.36 -44.25 104.74
N HIS S 381 -20.48 -43.57 104.93
CA HIS S 381 -20.66 -42.66 106.05
C HIS S 381 -21.82 -43.15 106.91
N THR S 382 -21.71 -42.91 108.22
CA THR S 382 -22.66 -43.44 109.19
C THR S 382 -23.88 -42.55 109.39
N ASN S 383 -24.15 -41.63 108.48
CA ASN S 383 -25.39 -40.86 108.47
C ASN S 383 -26.47 -41.53 107.65
N ILE S 384 -26.25 -42.77 107.21
CA ILE S 384 -27.20 -43.50 106.37
C ILE S 384 -28.40 -44.00 107.15
N SER S 385 -28.39 -43.90 108.48
CA SER S 385 -29.56 -44.25 109.29
C SER S 385 -30.68 -43.22 109.17
N SER S 386 -30.41 -42.05 108.60
CA SER S 386 -31.46 -41.06 108.37
C SER S 386 -32.47 -41.55 107.34
N LEU S 387 -32.01 -42.29 106.32
CA LEU S 387 -32.93 -42.95 105.42
C LEU S 387 -33.66 -44.09 106.13
N PHE S 388 -32.98 -44.78 107.03
CA PHE S 388 -33.61 -45.87 107.77
C PHE S 388 -34.56 -45.33 108.83
N GLU S 389 -34.28 -44.12 109.35
CA GLU S 389 -35.26 -43.44 110.20
C GLU S 389 -36.42 -42.88 109.39
N ARG S 390 -36.18 -42.54 108.12
CA ARG S 390 -37.24 -42.04 107.27
C ARG S 390 -38.19 -43.17 106.85
N THR S 391 -37.64 -44.34 106.55
CA THR S 391 -38.47 -45.46 106.13
C THR S 391 -39.22 -46.09 107.30
N CYS S 392 -38.61 -46.10 108.49
CA CYS S 392 -39.27 -46.71 109.65
C CYS S 392 -40.37 -45.82 110.20
N ARG S 393 -40.19 -44.49 110.15
CA ARG S 393 -41.23 -43.58 110.61
C ARG S 393 -42.42 -43.56 109.67
N GLN S 394 -42.20 -43.86 108.40
CA GLN S 394 -43.28 -44.03 107.44
C GLN S 394 -43.86 -45.44 107.47
N TYR S 395 -43.28 -46.34 108.25
CA TYR S 395 -43.74 -47.73 108.35
C TYR S 395 -44.66 -47.96 109.54
N ASP S 396 -44.28 -47.46 110.71
CA ASP S 396 -45.13 -47.60 111.89
C ASP S 396 -46.31 -46.64 111.88
N LYS S 397 -46.20 -45.52 111.17
CA LYS S 397 -47.33 -44.61 111.04
C LYS S 397 -48.42 -45.19 110.16
N LEU S 398 -48.05 -46.03 109.20
CA LEU S 398 -49.02 -46.63 108.29
C LEU S 398 -49.77 -47.79 108.94
N ARG S 399 -49.14 -48.48 109.89
CA ARG S 399 -49.81 -49.60 110.55
C ARG S 399 -50.82 -49.16 111.60
N LYS S 400 -50.75 -47.91 112.05
CA LYS S 400 -51.76 -47.39 112.97
C LYS S 400 -52.95 -46.80 112.24
N ARG S 401 -52.87 -46.62 110.92
CA ARG S 401 -53.98 -46.12 110.13
C ARG S 401 -54.83 -47.25 109.55
N GLU S 402 -54.55 -48.51 109.94
CA GLU S 402 -55.22 -49.72 109.45
C GLU S 402 -55.15 -49.83 107.92
N ALA S 403 -53.95 -49.65 107.39
CA ALA S 403 -53.71 -49.64 105.96
C ALA S 403 -53.01 -50.93 105.54
N PHE S 404 -53.68 -51.70 104.68
CA PHE S 404 -53.17 -52.94 104.09
C PHE S 404 -52.79 -53.98 105.14
N LEU S 405 -53.67 -54.13 106.13
CA LEU S 405 -53.60 -55.25 107.07
C LEU S 405 -54.64 -56.32 106.78
N GLU S 406 -55.73 -55.95 106.11
CA GLU S 406 -56.73 -56.92 105.68
C GLU S 406 -56.61 -57.22 104.20
N GLN S 407 -56.00 -56.32 103.43
CA GLN S 407 -55.85 -56.44 101.99
C GLN S 407 -54.57 -57.14 101.59
N PHE S 408 -53.75 -57.56 102.56
CA PHE S 408 -52.42 -58.09 102.27
C PHE S 408 -52.20 -59.49 102.85
N ARG S 409 -53.02 -59.94 103.79
CA ARG S 409 -52.79 -61.20 104.49
C ARG S 409 -53.74 -62.31 104.03
N LYS S 410 -54.40 -62.13 102.88
CA LYS S 410 -55.26 -63.19 102.36
C LYS S 410 -54.44 -64.29 101.69
N GLU S 411 -53.40 -63.92 100.97
CA GLU S 411 -52.54 -64.86 100.28
C GLU S 411 -51.23 -65.02 101.05
N ASP S 412 -50.87 -66.29 101.30
CA ASP S 412 -49.56 -66.80 101.77
C ASP S 412 -48.94 -66.03 102.95
N ILE S 413 -49.75 -65.34 103.76
CA ILE S 413 -49.30 -64.68 104.98
C ILE S 413 -50.30 -65.01 106.07
N PHE S 414 -49.85 -65.77 107.08
CA PHE S 414 -50.71 -66.18 108.18
C PHE S 414 -50.32 -65.59 109.53
N LYS S 415 -49.06 -65.20 109.73
CA LYS S 415 -48.60 -64.61 110.97
C LYS S 415 -48.07 -63.21 110.69
N ASP S 416 -47.97 -62.41 111.76
CA ASP S 416 -47.53 -61.02 111.67
C ASP S 416 -46.01 -60.98 111.63
N ASN S 417 -45.46 -60.81 110.42
CA ASN S 417 -44.02 -60.67 110.22
C ASN S 417 -43.59 -59.22 110.08
N PHE S 418 -44.39 -58.28 110.59
CA PHE S 418 -44.13 -56.86 110.46
C PHE S 418 -43.10 -56.37 111.46
N ASP S 419 -43.19 -56.83 112.72
CA ASP S 419 -42.17 -56.50 113.70
C ASP S 419 -40.91 -57.33 113.54
N GLU S 420 -40.93 -58.37 112.70
CA GLU S 420 -39.70 -59.07 112.35
C GLU S 420 -38.80 -58.20 111.48
N LEU S 421 -39.40 -57.29 110.71
CA LEU S 421 -38.65 -56.32 109.91
C LEU S 421 -38.31 -55.07 110.71
N ASP S 422 -39.08 -54.77 111.76
CA ASP S 422 -38.89 -53.52 112.50
C ASP S 422 -37.70 -53.61 113.44
N ASN S 423 -37.55 -54.74 114.14
CA ASN S 423 -36.47 -54.89 115.10
C ASN S 423 -35.14 -55.05 114.39
N SER S 424 -35.12 -55.80 113.28
CA SER S 424 -33.90 -56.00 112.51
C SER S 424 -33.44 -54.71 111.83
N ARG S 425 -34.37 -53.81 111.51
CA ARG S 425 -33.99 -52.50 111.01
C ARG S 425 -33.41 -51.63 112.12
N GLU S 426 -33.97 -51.75 113.33
CA GLU S 426 -33.43 -51.00 114.47
C GLU S 426 -32.12 -51.60 114.96
N ILE S 427 -31.87 -52.88 114.67
CA ILE S 427 -30.58 -53.48 114.97
C ILE S 427 -29.49 -52.85 114.10
N VAL S 428 -29.82 -52.56 112.84
CA VAL S 428 -28.89 -51.87 111.95
C VAL S 428 -28.68 -50.43 112.43
N GLN S 429 -29.75 -49.75 112.83
CA GLN S 429 -29.65 -48.36 113.24
C GLN S 429 -28.94 -48.18 114.59
N GLN S 430 -28.97 -49.18 115.46
CA GLN S 430 -28.29 -49.09 116.74
C GLN S 430 -26.82 -49.48 116.64
N LEU S 431 -26.50 -50.47 115.81
CA LEU S 431 -25.11 -50.89 115.66
C LEU S 431 -24.28 -49.91 114.84
N ILE S 432 -24.94 -49.01 114.09
CA ILE S 432 -24.21 -47.98 113.36
C ILE S 432 -23.68 -46.92 114.32
N ASP S 433 -24.54 -46.44 115.23
CA ASP S 433 -24.12 -45.44 116.20
C ASP S 433 -23.21 -46.02 117.27
N GLU S 434 -23.33 -47.31 117.55
CA GLU S 434 -22.46 -47.98 118.49
C GLU S 434 -21.06 -48.22 117.91
N TYR S 435 -20.95 -48.21 116.57
CA TYR S 435 -19.72 -48.59 115.90
C TYR S 435 -18.59 -47.59 116.11
N HIS S 436 -18.90 -46.35 116.47
CA HIS S 436 -17.90 -45.36 116.84
C HIS S 436 -17.96 -45.19 118.36
N ALA S 437 -17.05 -45.87 119.05
CA ALA S 437 -17.01 -45.82 120.51
C ALA S 437 -16.13 -44.69 121.00
N PRO T 2 -8.45 -98.38 45.17
CA PRO T 2 -7.58 -97.95 46.27
C PRO T 2 -8.34 -97.67 47.56
N ARG T 3 -8.95 -96.50 47.65
CA ARG T 3 -9.67 -96.07 48.85
C ARG T 3 -11.08 -95.60 48.46
N GLU T 4 -11.75 -96.38 47.62
CA GLU T 4 -13.03 -95.97 47.07
C GLU T 4 -14.16 -96.28 48.04
N ILE T 5 -14.96 -95.26 48.35
CA ILE T 5 -16.12 -95.39 49.23
C ILE T 5 -17.39 -95.20 48.42
N ILE T 6 -18.37 -96.07 48.65
CA ILE T 6 -19.67 -95.97 48.02
C ILE T 6 -20.64 -95.36 49.03
N THR T 7 -21.19 -94.19 48.70
CA THR T 7 -22.16 -93.53 49.56
C THR T 7 -23.55 -94.10 49.29
N LEU T 8 -24.30 -94.34 50.35
CA LEU T 8 -25.64 -94.92 50.23
C LEU T 8 -26.66 -93.87 50.64
N GLN T 9 -26.96 -92.97 49.70
CA GLN T 9 -27.96 -91.94 49.93
C GLN T 9 -29.36 -92.52 49.81
N LEU T 10 -30.15 -92.35 50.88
CA LEU T 10 -31.41 -93.06 51.04
C LEU T 10 -32.36 -92.20 51.86
N GLY T 11 -33.61 -92.14 51.43
CA GLY T 11 -34.66 -91.48 52.17
C GLY T 11 -34.99 -90.09 51.63
N GLN T 12 -35.99 -89.48 52.27
CA GLN T 12 -36.44 -88.15 51.86
C GLN T 12 -35.43 -87.08 52.25
N CYS T 13 -34.81 -87.21 53.42
CA CYS T 13 -33.83 -86.23 53.87
C CYS T 13 -32.41 -86.62 53.50
N GLY T 14 -32.13 -87.91 53.37
CA GLY T 14 -30.79 -88.37 53.02
C GLY T 14 -30.40 -88.07 51.59
N ASN T 15 -31.37 -87.94 50.69
CA ASN T 15 -31.06 -87.61 49.30
C ASN T 15 -30.76 -86.15 49.10
N GLN T 16 -31.39 -85.27 49.88
CA GLN T 16 -31.14 -83.84 49.73
C GLN T 16 -29.85 -83.39 50.39
N ILE T 17 -29.46 -84.03 51.50
CA ILE T 17 -28.20 -83.69 52.14
C ILE T 17 -27.00 -84.27 51.38
N GLY T 18 -27.23 -85.24 50.50
CA GLY T 18 -26.15 -85.77 49.68
C GLY T 18 -26.13 -85.13 48.31
N PHE T 19 -27.21 -84.43 47.95
CA PHE T 19 -27.26 -83.76 46.66
C PHE T 19 -26.33 -82.54 46.64
N GLU T 20 -26.37 -81.72 47.68
CA GLU T 20 -25.44 -80.61 47.79
C GLU T 20 -24.08 -81.02 48.33
N PHE T 21 -23.95 -82.26 48.82
CA PHE T 21 -22.64 -82.77 49.19
C PHE T 21 -21.79 -83.01 47.96
N TRP T 22 -22.38 -83.58 46.90
CA TRP T 22 -21.69 -83.69 45.63
C TRP T 22 -21.59 -82.35 44.92
N LYS T 23 -22.52 -81.43 45.16
CA LYS T 23 -22.45 -80.10 44.58
C LYS T 23 -21.37 -79.25 45.25
N GLN T 24 -21.04 -79.57 46.50
CA GLN T 24 -19.96 -78.87 47.19
C GLN T 24 -18.60 -79.30 46.64
N LEU T 25 -18.52 -80.56 46.16
CA LEU T 25 -17.23 -81.13 45.78
C LEU T 25 -16.72 -80.57 44.46
N CYS T 26 -17.61 -80.13 43.57
CA CYS T 26 -17.12 -79.56 42.30
C CYS T 26 -16.57 -78.16 42.47
N ALA T 27 -17.09 -77.38 43.41
CA ALA T 27 -16.60 -76.01 43.61
C ALA T 27 -15.21 -76.00 44.25
N GLU T 28 -14.85 -77.05 44.97
CA GLU T 28 -13.53 -77.13 45.60
C GLU T 28 -12.52 -77.92 44.77
N HIS T 29 -12.99 -78.81 43.89
CA HIS T 29 -12.07 -79.47 42.96
C HIS T 29 -11.76 -78.64 41.73
N GLY T 30 -12.42 -77.49 41.56
CA GLY T 30 -12.21 -76.67 40.39
C GLY T 30 -12.77 -77.26 39.12
N ILE T 31 -13.81 -78.09 39.22
CA ILE T 31 -14.39 -78.77 38.08
C ILE T 31 -15.85 -78.37 37.94
N SER T 32 -16.36 -78.53 36.74
CA SER T 32 -17.75 -78.34 36.40
C SER T 32 -18.44 -79.69 36.29
N PRO T 33 -19.75 -79.76 36.60
CA PRO T 33 -20.46 -81.04 36.50
C PRO T 33 -20.62 -81.58 35.08
N GLU T 34 -20.45 -80.74 34.06
CA GLU T 34 -20.51 -81.20 32.68
C GLU T 34 -19.22 -81.02 31.89
N GLY T 35 -18.22 -80.34 32.42
CA GLY T 35 -16.98 -80.17 31.70
C GLY T 35 -15.81 -79.89 32.62
N ILE T 36 -14.65 -79.68 32.01
CA ILE T 36 -13.45 -79.26 32.72
C ILE T 36 -12.95 -77.97 32.08
N VAL T 37 -13.26 -76.85 32.71
CA VAL T 37 -12.87 -75.53 32.18
C VAL T 37 -11.68 -74.92 32.91
N GLU T 38 -11.31 -75.42 34.09
CA GLU T 38 -10.21 -74.87 34.86
C GLU T 38 -9.10 -75.90 34.97
N GLU T 39 -7.86 -75.43 34.99
CA GLU T 39 -6.71 -76.32 35.14
C GLU T 39 -6.30 -76.48 36.61
N PHE T 40 -7.08 -75.92 37.54
CA PHE T 40 -6.78 -75.96 38.97
C PHE T 40 -7.05 -77.33 39.61
N ALA T 41 -7.53 -78.31 38.83
CA ALA T 41 -7.96 -79.58 39.40
C ALA T 41 -6.81 -80.53 39.73
N THR T 42 -5.68 -80.43 39.01
CA THR T 42 -4.56 -81.33 39.24
C THR T 42 -3.35 -80.66 39.87
N GLU T 43 -3.09 -79.38 39.57
CA GLU T 43 -1.97 -78.69 40.19
C GLU T 43 -2.30 -78.27 41.61
N GLY T 44 -3.54 -77.87 41.86
CA GLY T 44 -3.95 -77.46 43.19
C GLY T 44 -4.38 -78.62 44.06
N THR T 45 -5.19 -79.51 43.51
CA THR T 45 -5.67 -80.70 44.23
C THR T 45 -4.88 -81.91 43.73
N ASP T 46 -4.24 -82.60 44.67
CA ASP T 46 -3.36 -83.71 44.32
C ASP T 46 -4.05 -85.07 44.33
N ARG T 47 -5.31 -85.14 44.74
CA ARG T 47 -6.05 -86.40 44.73
C ARG T 47 -7.53 -86.11 44.58
N LYS T 48 -8.14 -86.71 43.56
CA LYS T 48 -9.56 -86.53 43.29
C LYS T 48 -10.34 -87.84 43.20
N ASP T 49 -9.69 -88.97 42.94
CA ASP T 49 -10.39 -90.25 42.76
C ASP T 49 -10.39 -91.02 44.08
N VAL T 50 -11.08 -90.45 45.07
CA VAL T 50 -11.31 -91.15 46.33
C VAL T 50 -12.77 -91.19 46.74
N PHE T 51 -13.62 -90.28 46.27
CA PHE T 51 -15.06 -90.35 46.40
C PHE T 51 -15.74 -90.43 45.05
N PHE T 52 -15.19 -89.77 44.04
CA PHE T 52 -15.67 -89.90 42.67
C PHE T 52 -15.20 -91.23 42.08
N TYR T 53 -15.91 -91.67 41.05
CA TYR T 53 -15.41 -92.74 40.22
C TYR T 53 -14.26 -92.23 39.36
N GLN T 54 -13.31 -93.12 39.06
CA GLN T 54 -12.13 -92.71 38.31
C GLN T 54 -12.47 -92.44 36.86
N ALA T 55 -11.70 -91.55 36.25
CA ALA T 55 -12.12 -90.87 35.04
C ALA T 55 -11.97 -91.73 33.80
N ASP T 56 -12.88 -91.55 32.85
CA ASP T 56 -12.78 -92.10 31.51
C ASP T 56 -12.55 -91.04 30.45
N ASP T 57 -13.02 -89.81 30.68
CA ASP T 57 -12.82 -88.70 29.77
C ASP T 57 -12.53 -87.42 30.56
N GLU T 58 -11.86 -87.55 31.70
CA GLU T 58 -11.80 -86.54 32.76
C GLU T 58 -13.20 -86.10 33.18
N HIS T 59 -14.09 -87.08 33.34
CA HIS T 59 -15.42 -86.86 33.89
C HIS T 59 -15.55 -87.72 35.14
N TYR T 60 -15.35 -87.10 36.30
CA TYR T 60 -15.32 -87.80 37.58
C TYR T 60 -16.76 -88.09 38.00
N ILE T 61 -17.24 -89.30 37.68
CA ILE T 61 -18.58 -89.76 38.00
C ILE T 61 -18.70 -89.92 39.52
N PRO T 62 -19.80 -89.51 40.14
CA PRO T 62 -19.97 -89.79 41.57
C PRO T 62 -20.33 -91.24 41.81
N ARG T 63 -19.74 -91.81 42.86
CA ARG T 63 -20.02 -93.19 43.26
C ARG T 63 -21.22 -93.23 44.22
N ALA T 64 -22.39 -92.86 43.68
CA ALA T 64 -23.55 -92.60 44.50
C ALA T 64 -24.76 -93.38 44.01
N VAL T 65 -25.59 -93.81 44.96
CA VAL T 65 -26.88 -94.42 44.68
C VAL T 65 -27.93 -93.72 45.53
N LEU T 66 -29.11 -93.48 44.94
CA LEU T 66 -30.16 -92.71 45.58
C LEU T 66 -31.50 -93.42 45.37
N LEU T 67 -32.00 -94.07 46.41
CA LEU T 67 -33.31 -94.72 46.37
C LEU T 67 -34.21 -94.06 47.40
N ASP T 68 -35.46 -93.81 47.00
CA ASP T 68 -36.47 -93.29 47.91
C ASP T 68 -37.85 -93.66 47.39
N LEU T 69 -38.78 -93.84 48.33
CA LEU T 69 -40.16 -94.13 47.97
C LEU T 69 -40.86 -92.91 47.39
N GLU T 70 -40.46 -91.72 47.82
CA GLU T 70 -41.09 -90.49 47.36
C GLU T 70 -40.41 -90.00 46.09
N PRO T 71 -41.15 -89.75 45.01
CA PRO T 71 -40.53 -89.22 43.79
C PRO T 71 -40.35 -87.70 43.80
N ARG T 72 -40.73 -87.02 44.88
CA ARG T 72 -40.64 -85.56 44.90
C ARG T 72 -39.21 -85.09 45.08
N VAL T 73 -38.38 -85.87 45.79
CA VAL T 73 -37.00 -85.44 46.05
C VAL T 73 -36.14 -85.55 44.80
N ILE T 74 -36.49 -86.47 43.89
CA ILE T 74 -35.69 -86.67 42.70
C ILE T 74 -36.20 -85.84 41.52
N HIS T 75 -37.44 -85.37 41.57
CA HIS T 75 -37.95 -84.47 40.53
C HIS T 75 -37.48 -83.04 40.70
N SER T 76 -36.92 -82.70 41.87
CA SER T 76 -36.27 -81.40 42.07
C SER T 76 -34.76 -81.47 41.81
N ILE T 77 -34.32 -82.48 41.07
CA ILE T 77 -32.90 -82.72 40.81
C ILE T 77 -32.56 -82.50 39.33
N LEU T 78 -33.36 -83.08 38.43
CA LEU T 78 -33.03 -83.11 37.01
C LEU T 78 -33.14 -81.75 36.34
N ASN T 79 -33.91 -80.82 36.91
CA ASN T 79 -33.97 -79.48 36.34
C ASN T 79 -32.77 -78.64 36.78
N SER T 80 -32.11 -79.03 37.87
CA SER T 80 -30.89 -78.36 38.28
C SER T 80 -29.75 -78.75 37.34
N PRO T 81 -28.83 -77.84 37.04
CA PRO T 81 -27.74 -78.14 36.10
C PRO T 81 -26.63 -79.03 36.66
N TYR T 82 -26.76 -79.50 37.91
CA TYR T 82 -25.77 -80.40 38.49
C TYR T 82 -26.17 -81.87 38.38
N ALA T 83 -27.30 -82.16 37.73
CA ALA T 83 -27.77 -83.54 37.59
C ALA T 83 -27.20 -84.24 36.37
N ASN T 84 -26.57 -83.52 35.44
CA ASN T 84 -25.93 -84.16 34.30
C ASN T 84 -24.64 -84.87 34.71
N LEU T 85 -24.07 -84.47 35.84
CA LEU T 85 -22.94 -85.21 36.40
C LEU T 85 -23.38 -86.57 36.90
N TYR T 86 -24.57 -86.65 37.48
CA TYR T 86 -25.18 -87.93 37.83
C TYR T 86 -25.53 -88.71 36.57
N ASN T 87 -25.54 -90.03 36.70
CA ASN T 87 -25.80 -90.90 35.57
C ASN T 87 -27.21 -91.47 35.64
N PRO T 88 -27.92 -91.54 34.50
CA PRO T 88 -29.28 -92.11 34.52
C PRO T 88 -29.31 -93.62 34.32
N GLU T 89 -28.16 -94.29 34.46
CA GLU T 89 -28.12 -95.74 34.39
C GLU T 89 -27.55 -96.40 35.63
N ASN T 90 -26.89 -95.67 36.52
CA ASN T 90 -26.32 -96.27 37.73
C ASN T 90 -27.38 -96.56 38.78
N ILE T 91 -28.43 -95.75 38.87
CA ILE T 91 -29.41 -95.91 39.94
C ILE T 91 -30.77 -96.18 39.31
N TYR T 92 -31.29 -95.21 38.56
CA TYR T 92 -32.59 -95.30 37.92
C TYR T 92 -32.55 -94.51 36.62
N LEU T 93 -33.43 -94.88 35.69
CA LEU T 93 -33.68 -94.01 34.54
C LEU T 93 -34.81 -93.03 34.87
N SER T 94 -35.32 -92.36 33.84
CA SER T 94 -36.37 -91.38 34.04
C SER T 94 -37.67 -92.05 34.45
N GLU T 95 -38.50 -91.30 35.19
CA GLU T 95 -39.75 -91.77 35.81
C GLU T 95 -39.51 -92.97 36.72
N HIS T 96 -38.79 -92.72 37.82
CA HIS T 96 -38.72 -93.68 38.90
C HIS T 96 -39.70 -93.33 39.99
N GLY T 97 -40.31 -94.35 40.60
CA GLY T 97 -41.32 -94.15 41.61
C GLY T 97 -41.03 -94.85 42.91
N GLY T 98 -42.08 -95.27 43.62
CA GLY T 98 -41.92 -95.96 44.88
C GLY T 98 -43.23 -96.47 45.44
N GLY T 99 -43.42 -96.32 46.75
CA GLY T 99 -44.63 -96.75 47.42
C GLY T 99 -45.73 -95.72 47.36
N ALA T 100 -46.57 -95.71 48.40
CA ALA T 100 -47.67 -94.76 48.47
C ALA T 100 -47.31 -93.41 49.12
N GLY T 101 -46.66 -93.33 50.31
CA GLY T 101 -46.29 -94.36 51.29
C GLY T 101 -45.60 -93.78 52.52
N ASN T 102 -46.07 -94.18 53.70
CA ASN T 102 -45.49 -93.67 54.94
C ASN T 102 -45.66 -94.74 56.02
N ASN T 103 -44.62 -95.57 56.20
CA ASN T 103 -44.59 -96.62 57.20
C ASN T 103 -43.16 -97.10 57.36
N TRP T 104 -42.82 -97.51 58.59
CA TRP T 104 -41.55 -98.19 58.80
C TRP T 104 -41.62 -99.63 58.28
N ALA T 105 -42.78 -100.26 58.38
CA ALA T 105 -42.96 -101.62 57.87
C ALA T 105 -43.12 -101.68 56.35
N SER T 106 -43.24 -100.53 55.68
CA SER T 106 -43.33 -100.53 54.23
C SER T 106 -41.97 -100.85 53.61
N GLY T 107 -40.96 -100.03 53.89
CA GLY T 107 -39.62 -100.27 53.39
C GLY T 107 -38.94 -101.47 54.00
N PHE T 108 -39.36 -101.90 55.18
CA PHE T 108 -38.83 -103.12 55.77
C PHE T 108 -39.35 -104.36 55.05
N SER T 109 -40.54 -104.28 54.47
CA SER T 109 -41.10 -105.37 53.68
C SER T 109 -40.81 -105.23 52.19
N GLN T 110 -40.47 -104.04 51.73
CA GLN T 110 -40.13 -103.83 50.32
C GLN T 110 -38.69 -104.22 50.00
N GLY T 111 -37.88 -104.53 51.01
CA GLY T 111 -36.49 -104.89 50.75
C GLY T 111 -36.31 -106.29 50.20
N GLU T 112 -37.24 -107.20 50.52
CA GLU T 112 -37.14 -108.58 50.09
C GLU T 112 -38.04 -108.90 48.91
N LYS T 113 -38.80 -107.92 48.40
CA LYS T 113 -39.53 -108.10 47.16
C LYS T 113 -38.83 -107.46 45.97
N ILE T 114 -37.91 -106.52 46.21
CA ILE T 114 -37.06 -105.97 45.17
C ILE T 114 -35.64 -106.40 45.54
N HIS T 115 -35.53 -107.59 46.14
CA HIS T 115 -34.25 -108.11 46.63
C HIS T 115 -33.31 -108.43 45.47
N GLU T 116 -33.86 -108.82 44.32
CA GLU T 116 -33.03 -109.13 43.17
C GLU T 116 -32.45 -107.87 42.54
N ASP T 117 -33.23 -106.79 42.45
CA ASP T 117 -32.79 -105.57 41.81
C ASP T 117 -31.96 -104.66 42.72
N ILE T 118 -32.18 -104.72 44.03
CA ILE T 118 -31.44 -103.85 44.94
C ILE T 118 -30.02 -104.36 45.18
N PHE T 119 -29.72 -105.63 44.86
CA PHE T 119 -28.39 -106.18 44.99
C PHE T 119 -27.75 -106.47 43.65
N ASP T 120 -28.19 -105.79 42.59
CA ASP T 120 -27.69 -106.01 41.24
C ASP T 120 -26.89 -104.81 40.73
N ILE T 121 -27.45 -103.60 40.80
CA ILE T 121 -26.80 -102.46 40.17
C ILE T 121 -25.89 -101.72 41.16
N ILE T 122 -26.10 -101.91 42.47
CA ILE T 122 -25.21 -101.29 43.43
C ILE T 122 -23.95 -102.11 43.65
N ASP T 123 -23.92 -103.35 43.19
CA ASP T 123 -22.75 -104.21 43.28
C ASP T 123 -21.85 -104.08 42.07
N ARG T 124 -22.33 -103.41 41.00
CA ARG T 124 -21.49 -103.16 39.84
C ARG T 124 -20.39 -102.14 40.13
N GLU T 125 -20.63 -101.21 41.06
CA GLU T 125 -19.62 -100.26 41.48
C GLU T 125 -18.66 -100.83 42.51
N ALA T 126 -18.95 -102.02 43.04
CA ALA T 126 -18.11 -102.60 44.08
C ALA T 126 -16.83 -103.18 43.49
N ASP T 127 -16.94 -103.89 42.38
CA ASP T 127 -15.79 -104.52 41.73
C ASP T 127 -15.04 -103.60 40.77
N GLY T 128 -15.36 -102.30 40.77
CA GLY T 128 -14.57 -101.36 39.99
C GLY T 128 -13.17 -101.19 40.54
N SER T 129 -13.05 -101.14 41.87
CA SER T 129 -11.76 -101.15 42.55
C SER T 129 -11.61 -102.46 43.30
N ASP T 130 -10.43 -103.06 43.21
CA ASP T 130 -10.17 -104.35 43.84
C ASP T 130 -9.85 -104.25 45.32
N SER T 131 -9.85 -103.03 45.89
CA SER T 131 -9.66 -102.83 47.33
C SER T 131 -10.68 -101.81 47.77
N LEU T 132 -11.85 -102.29 48.18
CA LEU T 132 -12.95 -101.41 48.56
C LEU T 132 -12.80 -100.95 50.01
N GLU T 133 -13.03 -99.66 50.23
CA GLU T 133 -12.92 -99.08 51.56
C GLU T 133 -14.08 -99.51 52.45
N GLY T 134 -15.30 -99.19 52.04
CA GLY T 134 -16.45 -99.58 52.83
C GLY T 134 -17.71 -98.94 52.30
N PHE T 135 -18.71 -98.83 53.18
CA PHE T 135 -20.00 -98.27 52.83
C PHE T 135 -20.42 -97.26 53.88
N VAL T 136 -20.84 -96.08 53.44
CA VAL T 136 -21.48 -95.09 54.29
C VAL T 136 -22.94 -94.96 53.89
N LEU T 137 -23.83 -95.17 54.87
CA LEU T 137 -25.27 -95.11 54.66
C LEU T 137 -25.73 -93.68 54.94
N CYS T 138 -25.80 -92.87 53.89
CA CYS T 138 -26.25 -91.49 54.00
C CYS T 138 -27.78 -91.44 54.03
N HIS T 139 -28.33 -91.96 55.12
CA HIS T 139 -29.77 -92.13 55.25
C HIS T 139 -30.31 -91.22 56.35
N SER T 140 -31.61 -91.36 56.61
CA SER T 140 -32.31 -90.54 57.59
C SER T 140 -32.97 -91.42 58.64
N ILE T 141 -33.23 -90.81 59.79
CA ILE T 141 -34.03 -91.43 60.83
C ILE T 141 -35.46 -90.89 60.84
N ALA T 142 -35.66 -89.63 60.44
CA ALA T 142 -37.00 -89.05 60.38
C ALA T 142 -37.83 -89.68 59.28
N GLY T 143 -39.11 -89.86 59.55
CA GLY T 143 -40.02 -90.49 58.60
C GLY T 143 -39.88 -91.99 58.58
N GLY T 144 -40.72 -92.62 57.76
CA GLY T 144 -40.69 -94.06 57.60
C GLY T 144 -40.00 -94.50 56.33
N THR T 145 -39.64 -93.53 55.48
CA THR T 145 -39.00 -93.84 54.21
C THR T 145 -37.53 -94.20 54.41
N GLY T 146 -36.77 -93.31 55.07
CA GLY T 146 -35.36 -93.57 55.31
C GLY T 146 -35.08 -94.53 56.44
N SER T 147 -36.02 -94.67 57.38
CA SER T 147 -35.84 -95.57 58.52
C SER T 147 -36.33 -96.98 58.24
N GLY T 148 -37.28 -97.14 57.34
CA GLY T 148 -37.83 -98.46 57.04
C GLY T 148 -36.94 -99.32 56.18
N LEU T 149 -36.42 -98.73 55.10
CA LEU T 149 -35.57 -99.50 54.18
C LEU T 149 -34.11 -99.49 54.62
N GLY T 150 -33.67 -98.48 55.37
CA GLY T 150 -32.29 -98.41 55.81
C GLY T 150 -31.91 -99.45 56.85
N SER T 151 -32.89 -99.96 57.60
CA SER T 151 -32.61 -101.02 58.56
C SER T 151 -32.38 -102.36 57.90
N TYR T 152 -32.81 -102.54 56.66
CA TYR T 152 -32.63 -103.81 55.96
C TYR T 152 -31.22 -103.97 55.43
N LEU T 153 -30.65 -102.89 54.88
CA LEU T 153 -29.30 -102.96 54.31
C LEU T 153 -28.21 -102.99 55.36
N LEU T 154 -28.53 -102.65 56.61
CA LEU T 154 -27.56 -102.79 57.70
C LEU T 154 -27.36 -104.23 58.12
N GLU T 155 -28.24 -105.14 57.70
CA GLU T 155 -28.15 -106.56 58.04
C GLU T 155 -27.53 -107.39 56.92
N ARG T 156 -28.00 -107.22 55.68
CA ARG T 156 -27.55 -108.07 54.58
C ARG T 156 -26.22 -107.65 54.01
N LEU T 157 -25.77 -106.42 54.27
CA LEU T 157 -24.42 -106.01 53.88
C LEU T 157 -23.40 -106.26 54.98
N ASN T 158 -23.83 -106.80 56.12
CA ASN T 158 -22.90 -107.11 57.20
C ASN T 158 -22.18 -108.43 56.95
N ASP T 159 -22.82 -109.38 56.27
CA ASP T 159 -22.22 -110.68 55.98
C ASP T 159 -21.80 -110.84 54.53
N ARG T 160 -22.48 -110.18 53.59
CA ARG T 160 -22.05 -110.24 52.20
C ARG T 160 -20.78 -109.43 51.97
N TYR T 161 -20.57 -108.39 52.77
CA TYR T 161 -19.33 -107.59 52.73
C TYR T 161 -18.84 -107.45 54.16
N PRO T 162 -18.21 -108.48 54.71
CA PRO T 162 -17.86 -108.46 56.15
C PRO T 162 -16.59 -107.70 56.47
N LYS T 163 -15.68 -107.57 55.52
CA LYS T 163 -14.38 -106.93 55.75
C LYS T 163 -14.37 -105.46 55.35
N LYS T 164 -15.53 -104.82 55.32
CA LYS T 164 -15.65 -103.42 54.92
C LYS T 164 -16.09 -102.55 56.09
N LEU T 165 -15.59 -101.32 56.12
CA LEU T 165 -15.96 -100.35 57.14
C LEU T 165 -17.40 -99.90 56.93
N VAL T 166 -18.18 -99.90 58.01
CA VAL T 166 -19.48 -99.26 58.00
C VAL T 166 -19.49 -98.14 59.04
N GLN T 167 -20.01 -96.98 58.64
CA GLN T 167 -20.10 -95.76 59.43
C GLN T 167 -21.01 -94.79 58.71
N THR T 168 -21.98 -94.19 59.39
CA THR T 168 -23.00 -93.39 58.72
C THR T 168 -23.05 -91.96 59.27
N TYR T 169 -23.41 -91.03 58.38
CA TYR T 169 -23.76 -89.66 58.76
C TYR T 169 -25.28 -89.57 58.77
N SER T 170 -25.88 -90.00 59.87
CA SER T 170 -27.32 -90.07 60.00
C SER T 170 -27.84 -88.84 60.74
N VAL T 171 -28.96 -88.30 60.29
CA VAL T 171 -29.58 -87.12 60.90
C VAL T 171 -30.68 -87.56 61.85
N PHE T 172 -30.72 -86.94 63.03
CA PHE T 172 -31.75 -87.23 64.01
C PHE T 172 -33.01 -86.40 63.72
N PRO T 173 -34.19 -86.95 64.03
CA PRO T 173 -35.44 -86.20 63.77
C PRO T 173 -35.69 -85.13 64.83
N ASN T 174 -36.76 -84.37 64.61
CA ASN T 174 -37.11 -83.23 65.45
C ASN T 174 -38.19 -83.64 66.46
N GLN T 175 -38.01 -83.20 67.71
CA GLN T 175 -38.88 -83.57 68.81
C GLN T 175 -39.54 -82.35 69.44
N ASP T 176 -40.06 -81.43 68.62
CA ASP T 176 -40.66 -80.22 69.15
C ASP T 176 -42.15 -80.38 69.47
N GLU T 177 -42.97 -80.70 68.45
CA GLU T 177 -44.32 -81.20 68.69
C GLU T 177 -44.51 -82.50 67.91
N MET T 178 -45.61 -83.18 68.20
CA MET T 178 -45.88 -84.53 67.69
C MET T 178 -47.26 -84.57 67.03
N SER T 179 -47.53 -83.60 66.15
CA SER T 179 -48.83 -83.50 65.48
C SER T 179 -48.79 -84.05 64.06
N HIS T 180 -47.83 -83.60 63.24
CA HIS T 180 -47.76 -84.06 61.86
C HIS T 180 -47.32 -85.52 61.80
N VAL T 181 -46.27 -85.86 62.54
CA VAL T 181 -45.84 -87.25 62.71
C VAL T 181 -46.05 -87.63 64.17
N VAL T 182 -46.37 -88.90 64.40
CA VAL T 182 -46.64 -89.45 65.72
C VAL T 182 -45.93 -90.81 65.80
N VAL T 183 -45.38 -91.26 64.67
CA VAL T 183 -44.75 -92.58 64.62
C VAL T 183 -43.24 -92.42 64.88
N GLN T 184 -42.85 -91.23 65.29
CA GLN T 184 -41.43 -90.91 65.52
C GLN T 184 -40.74 -91.73 66.62
N PRO T 185 -41.33 -92.05 67.77
CA PRO T 185 -40.61 -92.95 68.71
C PRO T 185 -40.48 -94.38 68.24
N TYR T 186 -41.32 -94.83 67.31
CA TYR T 186 -41.28 -96.23 66.89
C TYR T 186 -40.20 -96.50 65.84
N ASN T 187 -40.19 -95.71 64.76
CA ASN T 187 -39.24 -95.94 63.67
C ASN T 187 -37.81 -95.51 64.02
N SER T 188 -37.65 -94.66 65.04
CA SER T 188 -36.30 -94.23 65.41
C SER T 188 -35.56 -95.29 66.19
N LEU T 189 -36.23 -95.88 67.20
CA LEU T 189 -35.57 -96.87 68.04
C LEU T 189 -35.36 -98.20 67.32
N LEU T 190 -36.15 -98.48 66.29
CA LEU T 190 -35.95 -99.70 65.51
C LEU T 190 -34.68 -99.59 64.66
N THR T 191 -34.38 -98.39 64.17
CA THR T 191 -33.14 -98.17 63.43
C THR T 191 -31.96 -97.98 64.37
N LEU T 192 -32.20 -97.44 65.57
CA LEU T 192 -31.12 -97.21 66.53
C LEU T 192 -30.55 -98.50 67.08
N LYS T 193 -31.34 -99.58 67.10
CA LYS T 193 -30.79 -100.88 67.46
C LYS T 193 -29.87 -101.40 66.38
N ARG T 194 -30.23 -101.18 65.10
CA ARG T 194 -29.38 -101.60 64.00
C ARG T 194 -28.13 -100.75 63.86
N LEU T 195 -28.11 -99.56 64.47
CA LEU T 195 -26.95 -98.68 64.37
C LEU T 195 -25.84 -99.03 65.35
N THR T 196 -26.10 -99.91 66.32
CA THR T 196 -25.11 -100.27 67.33
C THR T 196 -24.54 -101.67 67.15
N GLN T 197 -25.37 -102.68 66.91
CA GLN T 197 -24.89 -104.03 66.73
C GLN T 197 -24.75 -104.44 65.28
N ASN T 198 -25.60 -103.93 64.39
CA ASN T 198 -25.46 -104.16 62.96
C ASN T 198 -24.70 -103.05 62.27
N ALA T 199 -24.15 -102.10 63.03
CA ALA T 199 -23.34 -101.03 62.47
C ALA T 199 -22.26 -100.65 63.48
N ASP T 200 -21.09 -100.30 62.95
CA ASP T 200 -19.94 -100.02 63.81
C ASP T 200 -20.01 -98.63 64.42
N CYS T 201 -20.14 -97.60 63.57
CA CYS T 201 -20.09 -96.21 64.02
C CYS T 201 -21.20 -95.41 63.37
N VAL T 202 -21.61 -94.33 64.05
CA VAL T 202 -22.53 -93.35 63.50
C VAL T 202 -21.93 -91.97 63.71
N VAL T 203 -22.51 -91.00 63.00
CA VAL T 203 -22.23 -89.58 63.22
C VAL T 203 -23.57 -88.92 63.46
N VAL T 204 -23.83 -88.53 64.70
CA VAL T 204 -25.15 -88.02 65.07
C VAL T 204 -25.30 -86.58 64.60
N LEU T 205 -26.52 -86.22 64.19
CA LEU T 205 -26.85 -84.88 63.69
C LEU T 205 -28.26 -84.55 64.17
N ASP T 206 -28.35 -83.78 65.26
CA ASP T 206 -29.63 -83.49 65.87
C ASP T 206 -30.39 -82.42 65.08
N ASN T 207 -31.72 -82.50 65.14
CA ASN T 207 -32.58 -81.53 64.48
C ASN T 207 -32.98 -80.36 65.37
N THR T 208 -33.15 -80.60 66.67
CA THR T 208 -33.44 -79.50 67.59
C THR T 208 -32.23 -78.61 67.82
N ALA T 209 -31.02 -79.12 67.57
CA ALA T 209 -29.81 -78.33 67.63
C ALA T 209 -29.50 -77.60 66.33
N LEU T 210 -30.25 -77.88 65.25
CA LEU T 210 -30.04 -77.18 64.00
C LEU T 210 -30.59 -75.76 64.07
N ASN T 211 -31.84 -75.61 64.50
CA ASN T 211 -32.44 -74.30 64.67
C ASN T 211 -31.88 -73.52 65.85
N ARG T 212 -31.13 -74.17 66.74
CA ARG T 212 -30.35 -73.42 67.73
C ARG T 212 -29.23 -72.65 67.04
N ILE T 213 -28.67 -73.20 65.96
CA ILE T 213 -27.59 -72.57 65.23
C ILE T 213 -28.18 -71.74 64.08
N ALA T 214 -29.33 -72.18 63.55
CA ALA T 214 -29.94 -71.50 62.42
C ALA T 214 -30.53 -70.14 62.79
N THR T 215 -30.75 -69.88 64.08
CA THR T 215 -31.10 -68.55 64.55
C THR T 215 -29.99 -67.90 65.36
N ASP T 216 -28.85 -68.58 65.53
CA ASP T 216 -27.74 -68.04 66.31
C ASP T 216 -27.04 -66.92 65.56
N ARG T 217 -26.48 -67.24 64.39
CA ARG T 217 -25.76 -66.27 63.58
C ARG T 217 -26.35 -66.10 62.19
N LEU T 218 -27.33 -66.92 61.82
CA LEU T 218 -27.83 -66.95 60.47
C LEU T 218 -29.01 -66.00 60.25
N HIS T 219 -29.72 -65.66 61.33
CA HIS T 219 -30.73 -64.59 61.37
C HIS T 219 -31.89 -64.83 60.39
N ILE T 220 -32.64 -65.89 60.65
CA ILE T 220 -33.86 -66.19 59.90
C ILE T 220 -35.05 -66.05 60.83
N GLN T 221 -36.21 -65.76 60.24
CA GLN T 221 -37.46 -65.63 60.98
C GLN T 221 -38.38 -66.81 60.81
N ASN T 222 -38.49 -67.37 59.59
CA ASN T 222 -39.31 -68.55 59.34
C ASN T 222 -38.38 -69.70 58.98
N PRO T 223 -38.26 -70.73 59.83
CA PRO T 223 -37.33 -71.83 59.55
C PRO T 223 -37.85 -72.72 58.43
N SER T 224 -37.11 -72.79 57.34
CA SER T 224 -37.44 -73.62 56.19
C SER T 224 -36.48 -74.80 56.08
N PHE T 225 -36.80 -75.71 55.16
CA PHE T 225 -35.97 -76.88 54.93
C PHE T 225 -34.78 -76.56 54.03
N SER T 226 -34.73 -75.36 53.44
CA SER T 226 -33.63 -74.98 52.56
C SER T 226 -32.35 -74.62 53.31
N GLN T 227 -32.40 -74.54 54.64
CA GLN T 227 -31.22 -74.27 55.45
C GLN T 227 -30.60 -75.54 56.04
N ILE T 228 -31.30 -76.68 55.96
CA ILE T 228 -30.79 -77.91 56.54
C ILE T 228 -29.64 -78.50 55.75
N ASN T 229 -29.43 -78.05 54.50
CA ASN T 229 -28.38 -78.62 53.66
C ASN T 229 -27.09 -77.82 53.75
N GLN T 230 -27.10 -76.68 54.43
CA GLN T 230 -25.94 -75.80 54.46
C GLN T 230 -24.99 -76.15 55.62
N LEU T 231 -25.53 -76.48 56.79
CA LEU T 231 -24.67 -76.92 57.88
C LEU T 231 -24.17 -78.34 57.67
N VAL T 232 -24.88 -79.14 56.87
CA VAL T 232 -24.58 -80.56 56.79
C VAL T 232 -23.55 -80.85 55.71
N SER T 233 -23.65 -80.18 54.56
CA SER T 233 -22.77 -80.46 53.43
C SER T 233 -21.34 -79.97 53.63
N THR T 234 -21.14 -78.95 54.47
CA THR T 234 -19.77 -78.49 54.71
C THR T 234 -19.01 -79.43 55.62
N ILE T 235 -19.63 -79.91 56.69
CA ILE T 235 -18.95 -80.80 57.62
C ILE T 235 -18.76 -82.20 57.05
N MET T 236 -19.54 -82.56 56.03
CA MET T 236 -19.29 -83.82 55.32
C MET T 236 -18.00 -83.74 54.51
N SER T 237 -17.83 -82.65 53.76
CA SER T 237 -16.59 -82.45 53.03
C SER T 237 -15.45 -82.08 53.95
N ALA T 238 -15.75 -81.55 55.14
CA ALA T 238 -14.72 -81.26 56.13
C ALA T 238 -14.15 -82.54 56.74
N SER T 239 -14.97 -83.59 56.84
CA SER T 239 -14.54 -84.84 57.45
C SER T 239 -13.61 -85.64 56.55
N THR T 240 -13.58 -85.35 55.24
CA THR T 240 -12.75 -86.07 54.29
C THR T 240 -11.59 -85.22 53.77
N THR T 241 -11.23 -84.16 54.52
CA THR T 241 -10.12 -83.31 54.09
C THR T 241 -8.78 -84.01 54.21
N THR T 242 -8.65 -84.92 55.19
CA THR T 242 -7.47 -85.76 55.21
C THR T 242 -7.53 -86.85 54.15
N LEU T 243 -8.74 -87.20 53.70
CA LEU T 243 -8.95 -88.28 52.75
C LEU T 243 -8.98 -87.80 51.31
N ARG T 244 -9.60 -86.65 51.03
CA ARG T 244 -9.63 -86.13 49.67
C ARG T 244 -8.35 -85.37 49.35
N TYR T 245 -8.02 -84.36 50.16
CA TYR T 245 -6.81 -83.60 49.99
C TYR T 245 -5.62 -84.39 50.54
N PRO T 246 -4.40 -84.18 50.02
CA PRO T 246 -3.26 -84.99 50.47
C PRO T 246 -2.82 -84.73 51.91
N GLY T 247 -3.12 -85.69 52.77
CA GLY T 247 -2.63 -85.70 54.13
C GLY T 247 -1.71 -86.88 54.36
N TYR T 248 -1.22 -86.98 55.60
CA TYR T 248 -0.29 -88.05 55.94
C TYR T 248 -0.86 -89.04 56.94
N MET T 249 -1.33 -88.57 58.10
CA MET T 249 -1.80 -89.46 59.15
C MET T 249 -3.31 -89.39 59.27
N ASN T 250 -3.93 -90.57 59.42
CA ASN T 250 -5.37 -90.77 59.38
C ASN T 250 -5.98 -90.19 58.11
N ASN T 251 -5.31 -90.45 56.98
CA ASN T 251 -5.77 -90.03 55.67
C ASN T 251 -6.78 -90.99 55.05
N ASP T 252 -7.24 -91.99 55.81
CA ASP T 252 -8.30 -92.90 55.39
C ASP T 252 -9.47 -92.81 56.37
N LEU T 253 -10.62 -93.33 55.95
CA LEU T 253 -11.80 -93.28 56.80
C LEU T 253 -11.71 -94.30 57.92
N ILE T 254 -11.00 -95.40 57.67
CA ILE T 254 -10.61 -96.32 58.73
C ILE T 254 -9.39 -95.83 59.53
N GLY T 255 -8.85 -94.65 59.21
CA GLY T 255 -7.85 -94.06 60.08
C GLY T 255 -8.47 -93.19 61.16
N LEU T 256 -9.48 -92.39 60.80
CA LEU T 256 -10.05 -91.43 61.73
C LEU T 256 -10.92 -92.12 62.77
N ILE T 257 -11.76 -93.06 62.33
CA ILE T 257 -12.72 -93.72 63.20
C ILE T 257 -12.03 -94.70 64.15
N ALA T 258 -10.87 -95.22 63.76
CA ALA T 258 -10.13 -96.15 64.62
C ALA T 258 -9.56 -95.47 65.86
N SER T 259 -9.22 -94.19 65.78
CA SER T 259 -8.57 -93.48 66.88
C SER T 259 -9.55 -92.78 67.81
N LEU T 260 -10.85 -93.01 67.65
CA LEU T 260 -11.86 -92.33 68.46
C LEU T 260 -12.83 -93.28 69.15
N ILE T 261 -13.10 -94.46 68.61
CA ILE T 261 -14.08 -95.39 69.18
C ILE T 261 -13.42 -96.09 70.36
N PRO T 262 -13.99 -96.00 71.57
CA PRO T 262 -13.45 -96.76 72.70
C PRO T 262 -13.81 -98.24 72.61
N THR T 263 -15.05 -98.52 72.25
CA THR T 263 -15.61 -99.87 72.28
C THR T 263 -16.83 -99.89 71.36
N PRO T 264 -17.23 -101.07 70.88
CA PRO T 264 -18.52 -101.18 70.18
C PRO T 264 -19.69 -100.82 71.07
N ARG T 265 -20.77 -100.34 70.43
CA ARG T 265 -21.98 -99.71 70.97
C ARG T 265 -21.70 -98.40 71.71
N LEU T 266 -20.46 -97.90 71.68
CA LEU T 266 -20.12 -96.54 72.13
C LEU T 266 -19.38 -95.90 70.95
N HIS T 267 -20.16 -95.29 70.05
CA HIS T 267 -19.57 -94.72 68.84
C HIS T 267 -20.22 -93.39 68.46
N PHE T 268 -21.08 -92.82 69.31
CA PHE T 268 -21.84 -91.62 68.96
C PHE T 268 -20.94 -90.41 69.15
N LEU T 269 -20.55 -89.79 68.05
CA LEU T 269 -19.53 -88.74 68.05
C LEU T 269 -20.19 -87.37 67.98
N MET T 270 -19.78 -86.48 68.88
CA MET T 270 -20.27 -85.11 68.89
C MET T 270 -19.50 -84.27 67.87
N THR T 271 -20.23 -83.44 67.12
CA THR T 271 -19.66 -82.67 66.02
C THR T 271 -19.71 -81.18 66.36
N GLY T 272 -18.67 -80.45 65.94
CA GLY T 272 -18.65 -79.01 66.12
C GLY T 272 -17.96 -78.33 64.95
N TYR T 273 -18.47 -77.15 64.61
CA TYR T 273 -17.97 -76.39 63.46
C TYR T 273 -18.32 -74.93 63.66
N THR T 274 -17.31 -74.10 63.94
CA THR T 274 -17.56 -72.68 64.20
C THR T 274 -17.81 -71.80 62.96
N PRO T 275 -16.89 -71.70 61.94
CA PRO T 275 -16.98 -70.53 61.04
C PRO T 275 -18.08 -70.66 59.98
N LEU T 276 -19.15 -69.88 60.15
CA LEU T 276 -20.28 -69.91 59.21
C LEU T 276 -20.72 -68.52 58.79
N THR T 277 -19.92 -67.49 59.04
CA THR T 277 -20.33 -66.11 58.81
C THR T 277 -19.42 -65.46 57.78
N THR T 278 -20.04 -64.79 56.80
CA THR T 278 -19.32 -64.21 55.67
C THR T 278 -18.73 -62.84 55.94
N ASP T 279 -19.19 -62.13 56.97
CA ASP T 279 -18.60 -60.83 57.29
C ASP T 279 -17.41 -60.93 58.23
N GLN T 280 -17.00 -62.15 58.62
CA GLN T 280 -15.72 -62.35 59.28
C GLN T 280 -14.55 -62.17 58.31
N SER T 281 -14.82 -62.19 57.00
CA SER T 281 -13.79 -62.20 55.97
C SER T 281 -12.99 -60.90 55.93
N VAL T 282 -13.59 -59.78 56.34
CA VAL T 282 -12.92 -58.48 56.23
C VAL T 282 -11.88 -58.24 57.31
N ALA T 283 -11.78 -59.11 58.32
CA ALA T 283 -10.82 -58.94 59.40
C ALA T 283 -9.90 -60.14 59.55
N SER T 284 -9.95 -61.12 58.64
CA SER T 284 -9.00 -62.21 58.63
C SER T 284 -7.75 -61.90 57.83
N VAL T 285 -7.61 -60.65 57.35
CA VAL T 285 -6.42 -60.24 56.60
C VAL T 285 -5.25 -59.90 57.50
N ARG T 286 -5.44 -59.81 58.80
CA ARG T 286 -4.43 -59.34 59.74
C ARG T 286 -3.72 -60.47 60.47
N LYS T 287 -3.65 -61.66 59.85
CA LYS T 287 -3.08 -62.89 60.43
C LYS T 287 -3.84 -63.26 61.71
N THR T 288 -5.09 -63.67 61.49
CA THR T 288 -5.83 -64.38 62.53
C THR T 288 -5.22 -65.76 62.75
N THR T 289 -4.85 -66.06 63.98
CA THR T 289 -3.99 -67.18 64.29
C THR T 289 -4.80 -68.44 64.60
N VAL T 290 -4.07 -69.51 64.92
CA VAL T 290 -4.65 -70.80 65.31
C VAL T 290 -4.78 -70.92 66.83
N LEU T 291 -4.31 -69.92 67.58
CA LEU T 291 -4.29 -70.02 69.03
C LEU T 291 -5.66 -69.72 69.64
N ASP T 292 -6.58 -69.16 68.88
CA ASP T 292 -7.89 -68.79 69.39
C ASP T 292 -9.03 -69.63 68.82
N VAL T 293 -8.76 -70.51 67.87
CA VAL T 293 -9.85 -71.21 67.18
C VAL T 293 -10.24 -72.50 67.91
N MET T 294 -9.32 -73.09 68.69
CA MET T 294 -9.63 -74.32 69.40
C MET T 294 -9.93 -74.08 70.88
N ARG T 295 -9.92 -72.83 71.33
CA ARG T 295 -10.39 -72.54 72.69
C ARG T 295 -11.91 -72.57 72.76
N ARG T 296 -12.59 -72.39 71.63
CA ARG T 296 -14.05 -72.37 71.58
C ARG T 296 -14.65 -73.68 71.08
N LEU T 297 -13.82 -74.66 70.72
CA LEU T 297 -14.36 -75.95 70.28
C LEU T 297 -14.87 -76.76 71.47
N LEU T 298 -14.03 -76.92 72.49
CA LEU T 298 -14.46 -77.57 73.73
C LEU T 298 -15.48 -76.77 74.51
N GLN T 299 -15.56 -75.46 74.28
CA GLN T 299 -16.61 -74.67 74.88
C GLN T 299 -17.92 -74.98 74.18
N PRO T 300 -18.97 -75.39 74.92
CA PRO T 300 -20.23 -75.86 74.29
C PRO T 300 -21.04 -74.76 73.61
N LYS T 301 -20.57 -74.33 72.45
CA LYS T 301 -21.24 -73.31 71.65
C LYS T 301 -21.52 -73.77 70.23
N ASN T 302 -20.61 -74.54 69.62
CA ASN T 302 -20.76 -75.02 68.26
C ASN T 302 -21.33 -76.42 68.18
N VAL T 303 -21.82 -76.97 69.30
CA VAL T 303 -22.22 -78.37 69.33
C VAL T 303 -23.54 -78.57 68.60
N MET T 304 -23.69 -79.75 68.01
CA MET T 304 -24.91 -80.13 67.31
C MET T 304 -25.63 -81.27 68.03
N VAL T 305 -25.53 -81.31 69.36
CA VAL T 305 -26.10 -82.37 70.18
C VAL T 305 -26.82 -81.72 71.35
N SER T 306 -28.10 -82.00 71.50
CA SER T 306 -28.88 -81.50 72.63
C SER T 306 -28.52 -82.32 73.87
N THR T 307 -27.79 -81.71 74.79
CA THR T 307 -27.34 -82.41 75.99
C THR T 307 -27.49 -81.49 77.19
N GLY T 308 -27.35 -82.07 78.37
CA GLY T 308 -27.51 -81.29 79.59
C GLY T 308 -26.27 -80.44 79.86
N ARG T 309 -26.51 -79.26 80.43
CA ARG T 309 -25.43 -78.33 80.75
C ARG T 309 -24.79 -78.61 82.10
N ASP T 310 -25.54 -79.19 83.04
CA ASP T 310 -25.03 -79.50 84.36
C ASP T 310 -24.64 -80.97 84.53
N ARG T 311 -24.57 -81.73 83.44
CA ARG T 311 -24.25 -83.14 83.48
C ARG T 311 -22.85 -83.45 82.99
N GLN T 312 -22.00 -82.43 82.84
CA GLN T 312 -20.65 -82.61 82.32
C GLN T 312 -19.60 -82.77 83.41
N THR T 313 -19.97 -82.64 84.68
CA THR T 313 -19.01 -82.80 85.77
C THR T 313 -18.77 -84.25 86.14
N ASN T 314 -19.79 -85.11 86.00
CA ASN T 314 -19.65 -86.53 86.25
C ASN T 314 -19.41 -87.33 84.98
N HIS T 315 -19.33 -86.67 83.84
CA HIS T 315 -19.01 -87.30 82.57
C HIS T 315 -17.62 -86.85 82.13
N CYS T 316 -16.95 -87.70 81.36
CA CYS T 316 -15.55 -87.48 81.02
C CYS T 316 -15.33 -87.70 79.53
N TYR T 317 -14.57 -86.80 78.91
CA TYR T 317 -14.15 -87.00 77.53
C TYR T 317 -13.11 -88.11 77.46
N ILE T 318 -13.14 -88.87 76.38
CA ILE T 318 -12.16 -89.94 76.18
C ILE T 318 -11.37 -89.68 74.91
N ALA T 319 -12.04 -89.21 73.87
CA ALA T 319 -11.39 -88.95 72.59
C ALA T 319 -11.98 -87.67 72.01
N ILE T 320 -11.10 -86.74 71.63
CA ILE T 320 -11.51 -85.47 71.06
C ILE T 320 -10.63 -85.15 69.85
N LEU T 321 -11.27 -84.85 68.73
CA LEU T 321 -10.59 -84.53 67.47
C LEU T 321 -10.78 -83.06 67.17
N ASN T 322 -9.70 -82.39 66.75
CA ASN T 322 -9.71 -80.96 66.46
C ASN T 322 -9.01 -80.77 65.12
N ILE T 323 -9.79 -80.64 64.04
CA ILE T 323 -9.27 -80.61 62.68
C ILE T 323 -9.21 -79.17 62.21
N ILE T 324 -7.98 -78.69 61.94
CA ILE T 324 -7.77 -77.40 61.30
C ILE T 324 -7.50 -77.63 59.81
N GLN T 325 -7.92 -76.68 58.98
CA GLN T 325 -7.90 -76.81 57.53
C GLN T 325 -7.29 -75.56 56.91
N GLY T 326 -6.64 -75.73 55.76
CA GLY T 326 -6.18 -74.59 54.99
C GLY T 326 -4.95 -73.97 55.62
N GLU T 327 -4.97 -72.63 55.76
CA GLU T 327 -3.88 -71.93 56.40
C GLU T 327 -3.90 -72.21 57.90
N VAL T 328 -2.81 -72.78 58.40
CA VAL T 328 -2.77 -73.29 59.77
C VAL T 328 -1.76 -72.47 60.56
N ASP T 329 -0.69 -72.02 59.87
CA ASP T 329 0.56 -71.50 60.45
C ASP T 329 1.10 -72.53 61.42
N PRO T 330 1.69 -73.63 60.92
CA PRO T 330 2.00 -74.79 61.78
C PRO T 330 3.15 -74.58 62.75
N THR T 331 3.77 -73.41 62.80
CA THR T 331 4.77 -73.16 63.84
C THR T 331 4.14 -72.84 65.19
N GLN T 332 2.82 -72.64 65.25
CA GLN T 332 2.10 -72.41 66.49
C GLN T 332 0.96 -73.42 66.71
N VAL T 333 0.94 -74.53 65.97
CA VAL T 333 -0.09 -75.53 66.19
C VAL T 333 0.24 -76.39 67.41
N HIS T 334 1.53 -76.58 67.71
CA HIS T 334 1.91 -77.17 68.99
C HIS T 334 1.72 -76.18 70.13
N LYS T 335 1.69 -74.88 69.82
CA LYS T 335 1.43 -73.85 70.82
C LYS T 335 -0.04 -73.83 71.21
N SER T 336 -0.93 -74.18 70.28
CA SER T 336 -2.35 -74.28 70.61
C SER T 336 -2.63 -75.49 71.49
N LEU T 337 -1.92 -76.59 71.27
CA LEU T 337 -2.07 -77.78 72.08
C LEU T 337 -1.35 -77.66 73.42
N GLN T 338 -0.49 -76.65 73.56
CA GLN T 338 0.15 -76.35 74.84
C GLN T 338 -0.85 -75.86 75.87
N ARG T 339 -1.82 -75.06 75.43
CA ARG T 339 -2.78 -74.42 76.33
C ARG T 339 -3.94 -75.31 76.73
N ILE T 340 -3.94 -76.57 76.29
CA ILE T 340 -5.07 -77.46 76.57
C ILE T 340 -5.01 -77.99 77.99
N ARG T 341 -3.81 -78.35 78.47
CA ARG T 341 -3.67 -78.97 79.78
C ARG T 341 -3.89 -77.98 80.91
N GLU T 342 -3.77 -76.68 80.66
CA GLU T 342 -3.86 -75.70 81.73
C GLU T 342 -5.30 -75.40 82.12
N ARG T 343 -6.22 -75.46 81.16
CA ARG T 343 -7.61 -75.19 81.45
C ARG T 343 -8.33 -76.44 81.95
N LYS T 344 -7.99 -77.60 81.38
CA LYS T 344 -8.69 -78.87 81.56
C LYS T 344 -10.19 -78.71 81.27
N LEU T 345 -10.49 -78.16 80.09
CA LEU T 345 -11.87 -78.01 79.67
C LEU T 345 -12.51 -79.35 79.33
N ALA T 346 -11.72 -80.35 78.98
CA ALA T 346 -12.18 -81.72 78.83
C ALA T 346 -11.94 -82.47 80.12
N ASN T 347 -13.00 -83.04 80.68
CA ASN T 347 -12.84 -83.94 81.81
C ASN T 347 -12.24 -85.25 81.30
N PHE T 348 -11.19 -85.72 81.96
CA PHE T 348 -10.47 -86.89 81.51
C PHE T 348 -10.93 -88.12 82.31
N ILE T 349 -10.88 -89.27 81.67
CA ILE T 349 -11.32 -90.51 82.30
C ILE T 349 -10.32 -90.90 83.39
N PRO T 350 -10.77 -91.29 84.58
CA PRO T 350 -9.83 -91.61 85.65
C PRO T 350 -9.20 -92.99 85.55
N TRP T 351 -9.69 -93.85 84.66
CA TRP T 351 -9.15 -95.19 84.53
C TRP T 351 -8.04 -95.28 83.49
N GLY T 352 -8.08 -94.45 82.46
CA GLY T 352 -7.11 -94.52 81.40
C GLY T 352 -6.74 -93.16 80.83
N PRO T 353 -5.82 -93.15 79.86
CA PRO T 353 -5.42 -91.90 79.25
C PRO T 353 -6.46 -91.37 78.27
N ALA T 354 -6.34 -90.08 77.97
CA ALA T 354 -7.15 -89.39 76.97
C ALA T 354 -6.25 -88.95 75.82
N SER T 355 -6.84 -88.29 74.83
CA SER T 355 -6.08 -87.87 73.65
C SER T 355 -6.76 -86.68 72.97
N ILE T 356 -6.00 -85.62 72.74
CA ILE T 356 -6.44 -84.48 71.94
C ILE T 356 -5.65 -84.52 70.63
N GLN T 357 -6.27 -85.05 69.58
CA GLN T 357 -5.61 -85.23 68.30
C GLN T 357 -5.92 -84.04 67.39
N VAL T 358 -4.88 -83.42 66.85
CA VAL T 358 -5.02 -82.29 65.94
C VAL T 358 -4.34 -82.69 64.62
N ALA T 359 -4.96 -82.31 63.50
CA ALA T 359 -4.43 -82.63 62.18
C ALA T 359 -4.75 -81.49 61.22
N LEU T 360 -4.01 -81.46 60.11
CA LEU T 360 -4.16 -80.39 59.13
C LEU T 360 -4.05 -80.93 57.71
N SER T 361 -4.66 -80.21 56.78
CA SER T 361 -4.58 -80.48 55.36
C SER T 361 -4.89 -79.21 54.60
N ARG T 362 -4.22 -79.02 53.47
CA ARG T 362 -4.43 -77.82 52.68
C ARG T 362 -5.77 -77.87 51.96
N LYS T 363 -6.45 -76.72 51.90
CA LYS T 363 -7.79 -76.65 51.36
C LYS T 363 -7.75 -76.41 49.86
N SER T 364 -8.90 -76.08 49.30
CA SER T 364 -9.02 -75.84 47.87
C SER T 364 -8.33 -74.53 47.48
N PRO T 365 -7.76 -74.45 46.27
CA PRO T 365 -7.25 -73.17 45.77
C PRO T 365 -8.37 -72.20 45.42
N TYR T 366 -8.93 -71.58 46.46
CA TYR T 366 -10.08 -70.69 46.32
C TYR T 366 -9.96 -69.60 47.37
N LEU T 367 -10.50 -68.43 47.06
CA LEU T 367 -10.32 -67.27 47.92
C LEU T 367 -11.08 -67.33 49.25
N PRO T 368 -12.34 -67.80 49.34
CA PRO T 368 -12.92 -68.02 50.68
C PRO T 368 -12.37 -69.22 51.43
N SER T 369 -11.53 -70.04 50.80
CA SER T 369 -10.97 -71.23 51.45
C SER T 369 -9.51 -71.08 51.87
N ALA T 370 -8.71 -70.32 51.12
CA ALA T 370 -7.30 -70.12 51.45
C ALA T 370 -7.08 -68.84 52.27
N HIS T 371 -8.13 -68.33 52.90
CA HIS T 371 -8.02 -67.12 53.72
C HIS T 371 -8.56 -67.26 55.13
N ARG T 372 -9.60 -68.06 55.37
CA ARG T 372 -10.31 -68.06 56.65
C ARG T 372 -10.08 -69.40 57.33
N VAL T 373 -9.78 -69.35 58.62
CA VAL T 373 -9.46 -70.55 59.38
C VAL T 373 -10.74 -71.35 59.63
N SER T 374 -10.62 -72.67 59.55
CA SER T 374 -11.77 -73.55 59.73
C SER T 374 -11.45 -74.60 60.76
N GLY T 375 -12.39 -74.85 61.66
CA GLY T 375 -12.20 -75.84 62.71
C GLY T 375 -13.31 -76.86 62.76
N LEU T 376 -12.98 -78.12 62.51
CA LEU T 376 -13.93 -79.23 62.55
C LEU T 376 -13.66 -80.07 63.79
N MET T 377 -14.70 -80.30 64.58
CA MET T 377 -14.60 -81.05 65.82
C MET T 377 -15.30 -82.39 65.67
N MET T 378 -14.64 -83.45 66.15
CA MET T 378 -15.25 -84.79 66.25
C MET T 378 -15.01 -85.27 67.67
N ALA T 379 -15.90 -84.89 68.58
CA ALA T 379 -15.76 -85.19 69.99
C ALA T 379 -16.32 -86.57 70.30
N ASN T 380 -16.08 -87.03 71.54
CA ASN T 380 -16.69 -88.25 72.04
C ASN T 380 -16.82 -88.08 73.56
N HIS T 381 -18.00 -87.64 74.00
CA HIS T 381 -18.26 -87.38 75.40
C HIS T 381 -19.38 -88.28 75.89
N THR T 382 -19.30 -88.68 77.15
CA THR T 382 -20.20 -89.66 77.72
C THR T 382 -21.49 -89.05 78.28
N ASN T 383 -21.83 -87.82 77.90
CA ASN T 383 -23.12 -87.23 78.20
C ASN T 383 -24.14 -87.49 77.10
N ILE T 384 -23.82 -88.37 76.15
CA ILE T 384 -24.71 -88.68 75.03
C ILE T 384 -25.88 -89.56 75.43
N SER T 385 -25.89 -90.10 76.65
CA SER T 385 -27.03 -90.85 77.15
C SER T 385 -28.23 -89.97 77.48
N SER T 386 -28.04 -88.64 77.54
CA SER T 386 -29.16 -87.73 77.76
C SER T 386 -30.12 -87.74 76.58
N LEU T 387 -29.60 -87.88 75.36
CA LEU T 387 -30.47 -88.10 74.20
C LEU T 387 -31.12 -89.47 74.27
N PHE T 388 -30.38 -90.47 74.77
CA PHE T 388 -30.94 -91.81 74.89
C PHE T 388 -31.93 -91.90 76.05
N GLU T 389 -31.76 -91.06 77.07
CA GLU T 389 -32.78 -90.93 78.10
C GLU T 389 -33.97 -90.13 77.59
N ARG T 390 -33.74 -89.21 76.65
CA ARG T 390 -34.85 -88.44 76.09
C ARG T 390 -35.70 -89.29 75.16
N THR T 391 -35.06 -90.16 74.36
CA THR T 391 -35.81 -90.99 73.43
C THR T 391 -36.51 -92.14 74.14
N CYS T 392 -35.92 -92.68 75.20
CA CYS T 392 -36.53 -93.79 75.91
C CYS T 392 -37.70 -93.34 76.78
N ARG T 393 -37.61 -92.14 77.36
CA ARG T 393 -38.73 -91.62 78.16
C ARG T 393 -39.91 -91.23 77.29
N GLN T 394 -39.66 -90.89 76.03
CA GLN T 394 -40.71 -90.65 75.06
C GLN T 394 -41.19 -91.93 74.39
N TYR T 395 -40.55 -93.07 74.69
CA TYR T 395 -40.90 -94.36 74.11
C TYR T 395 -41.81 -95.17 75.01
N ASP T 396 -41.49 -95.27 76.30
CA ASP T 396 -42.33 -96.00 77.24
C ASP T 396 -43.58 -95.22 77.64
N LYS T 397 -43.54 -93.89 77.53
CA LYS T 397 -44.73 -93.10 77.81
C LYS T 397 -45.78 -93.27 76.69
N LEU T 398 -45.33 -93.54 75.47
CA LEU T 398 -46.26 -93.69 74.36
C LEU T 398 -46.92 -95.06 74.35
N ARG T 399 -46.25 -96.09 74.89
CA ARG T 399 -46.83 -97.42 74.92
C ARG T 399 -47.88 -97.59 76.00
N LYS T 400 -47.90 -96.70 77.00
CA LYS T 400 -48.95 -96.73 78.01
C LYS T 400 -50.20 -95.94 77.61
N ARG T 401 -50.11 -95.17 76.52
CA ARG T 401 -51.25 -94.42 76.01
C ARG T 401 -52.00 -95.20 74.93
N GLU T 402 -51.63 -96.46 74.70
CA GLU T 402 -52.21 -97.34 73.67
C GLU T 402 -52.12 -96.73 72.28
N ALA T 403 -50.93 -96.24 71.95
CA ALA T 403 -50.69 -95.53 70.69
C ALA T 403 -49.89 -96.44 69.75
N PHE T 404 -50.49 -96.75 68.60
CA PHE T 404 -49.89 -97.53 67.51
C PHE T 404 -49.44 -98.92 67.98
N LEU T 405 -50.32 -99.57 68.74
CA LEU T 405 -50.16 -101.00 69.05
C LEU T 405 -51.12 -101.86 68.25
N GLU T 406 -52.23 -101.30 67.78
CA GLU T 406 -53.16 -102.01 66.92
C GLU T 406 -53.00 -101.57 65.46
N GLN T 407 -52.46 -100.37 65.24
CA GLN T 407 -52.29 -99.80 63.91
C GLN T 407 -50.96 -100.14 63.28
N PHE T 408 -50.11 -100.92 63.98
CA PHE T 408 -48.75 -101.16 63.54
C PHE T 408 -48.42 -102.65 63.40
N ARG T 409 -49.22 -103.54 63.98
CA ARG T 409 -48.90 -104.97 64.01
C ARG T 409 -49.76 -105.78 63.05
N LYS T 410 -50.42 -105.13 62.10
CA LYS T 410 -51.20 -105.88 61.11
C LYS T 410 -50.29 -106.48 60.04
N GLU T 411 -49.27 -105.73 59.60
CA GLU T 411 -48.34 -106.19 58.59
C GLU T 411 -47.04 -106.61 59.24
N ASP T 412 -46.58 -107.82 58.90
CA ASP T 412 -45.24 -108.41 59.13
C ASP T 412 -44.69 -108.25 60.56
N ILE T 413 -45.56 -108.08 61.56
CA ILE T 413 -45.17 -108.04 62.97
C ILE T 413 -46.14 -108.91 63.72
N PHE T 414 -45.65 -110.02 64.29
CA PHE T 414 -46.48 -110.96 65.03
C PHE T 414 -46.14 -111.05 66.51
N LYS T 415 -44.91 -110.72 66.90
CA LYS T 415 -44.51 -110.75 68.30
C LYS T 415 -44.09 -109.36 68.75
N ASP T 416 -44.05 -109.16 70.07
CA ASP T 416 -43.72 -107.86 70.65
C ASP T 416 -42.20 -107.71 70.69
N ASN T 417 -41.66 -106.96 69.73
CA ASN T 417 -40.24 -106.66 69.68
C ASN T 417 -39.92 -105.27 70.26
N PHE T 418 -40.78 -104.74 71.11
CA PHE T 418 -40.63 -103.41 71.67
C PHE T 418 -39.64 -103.40 72.83
N ASP T 419 -39.71 -104.39 73.72
CA ASP T 419 -38.72 -104.51 74.78
C ASP T 419 -37.40 -105.09 74.30
N GLU T 420 -37.34 -105.60 73.07
CA GLU T 420 -36.05 -105.97 72.49
C GLU T 420 -35.22 -104.74 72.17
N LEU T 421 -35.88 -103.62 71.88
CA LEU T 421 -35.21 -102.34 71.68
C LEU T 421 -34.96 -101.60 72.97
N ASP T 422 -35.75 -101.86 74.01
CA ASP T 422 -35.66 -101.10 75.25
C ASP T 422 -34.48 -101.55 76.10
N ASN T 423 -34.26 -102.87 76.18
CA ASN T 423 -33.17 -103.38 77.02
C ASN T 423 -31.82 -103.10 76.35
N SER T 424 -31.75 -103.25 75.03
CA SER T 424 -30.50 -102.98 74.31
C SER T 424 -30.14 -101.50 74.33
N ARG T 425 -31.14 -100.62 74.44
CA ARG T 425 -30.85 -99.20 74.62
C ARG T 425 -30.35 -98.93 76.03
N GLU T 426 -30.90 -99.62 77.03
CA GLU T 426 -30.42 -99.47 78.40
C GLU T 426 -29.07 -100.14 78.61
N ILE T 427 -28.73 -101.12 77.76
CA ILE T 427 -27.40 -101.72 77.80
C ILE T 427 -26.36 -100.69 77.37
N VAL T 428 -26.69 -99.85 76.38
CA VAL T 428 -25.83 -98.76 75.96
C VAL T 428 -25.71 -97.71 77.06
N GLN T 429 -26.84 -97.37 77.70
CA GLN T 429 -26.85 -96.33 78.72
C GLN T 429 -26.16 -96.76 80.01
N GLN T 430 -26.12 -98.06 80.31
CA GLN T 430 -25.45 -98.54 81.52
C GLN T 430 -23.96 -98.75 81.30
N LEU T 431 -23.56 -99.21 80.12
CA LEU T 431 -22.14 -99.42 79.85
C LEU T 431 -21.39 -98.10 79.62
N ILE T 432 -22.10 -97.02 79.36
CA ILE T 432 -21.45 -95.71 79.22
C ILE T 432 -21.01 -95.20 80.59
N ASP T 433 -21.90 -95.27 81.58
CA ASP T 433 -21.57 -94.80 82.91
C ASP T 433 -20.61 -95.76 83.62
N GLU T 434 -20.65 -97.04 83.26
CA GLU T 434 -19.73 -98.03 83.82
C GLU T 434 -18.33 -97.87 83.24
N TYR T 435 -18.21 -97.22 82.08
CA TYR T 435 -16.93 -97.17 81.35
C TYR T 435 -15.88 -96.32 82.06
N HIS T 436 -16.30 -95.41 82.94
CA HIS T 436 -15.36 -94.66 83.77
C HIS T 436 -15.46 -95.22 85.20
N ALA T 437 -14.50 -96.09 85.52
CA ALA T 437 -14.48 -96.74 86.84
C ALA T 437 -13.69 -95.90 87.84
N PRO U 2 -4.63 -110.45 -6.03
CA PRO U 2 -3.81 -110.47 -4.82
C PRO U 2 -4.56 -110.99 -3.59
N ARG U 3 -5.36 -110.15 -2.97
CA ARG U 3 -6.09 -110.49 -1.76
C ARG U 3 -7.56 -110.14 -1.93
N GLU U 4 -8.13 -110.51 -3.09
CA GLU U 4 -9.49 -110.10 -3.43
C GLU U 4 -10.50 -111.04 -2.79
N ILE U 5 -11.46 -110.46 -2.07
CA ILE U 5 -12.53 -111.20 -1.42
C ILE U 5 -13.85 -110.85 -2.10
N ILE U 6 -14.65 -111.89 -2.37
CA ILE U 6 -15.98 -111.72 -2.94
C ILE U 6 -17.00 -111.86 -1.81
N THR U 7 -17.74 -110.80 -1.56
CA THR U 7 -18.79 -110.81 -0.53
C THR U 7 -20.06 -111.39 -1.12
N LEU U 8 -20.73 -112.26 -0.36
CA LEU U 8 -21.95 -112.92 -0.81
C LEU U 8 -23.12 -112.40 0.02
N GLN U 9 -23.60 -111.23 -0.39
CA GLN U 9 -24.75 -110.62 0.28
C GLN U 9 -26.04 -111.30 -0.19
N LEU U 10 -26.79 -111.81 0.78
CA LEU U 10 -27.90 -112.71 0.52
C LEU U 10 -28.96 -112.56 1.60
N GLY U 11 -30.23 -112.50 1.18
CA GLY U 11 -31.34 -112.47 2.10
C GLY U 11 -31.93 -111.08 2.30
N GLN U 12 -33.00 -111.04 3.10
CA GLN U 12 -33.68 -109.79 3.36
C GLN U 12 -32.86 -108.89 4.28
N CYS U 13 -32.18 -109.47 5.27
CA CYS U 13 -31.37 -108.68 6.19
C CYS U 13 -29.92 -108.58 5.75
N GLY U 14 -29.42 -109.59 5.02
CA GLY U 14 -28.04 -109.56 4.56
C GLY U 14 -27.76 -108.55 3.48
N ASN U 15 -28.78 -108.16 2.71
CA ASN U 15 -28.59 -107.16 1.67
C ASN U 15 -28.55 -105.74 2.24
N GLN U 16 -29.30 -105.48 3.31
CA GLN U 16 -29.31 -104.14 3.89
C GLN U 16 -28.08 -103.87 4.75
N ILE U 17 -27.55 -104.89 5.43
CA ILE U 17 -26.34 -104.69 6.21
C ILE U 17 -25.09 -104.61 5.33
N GLY U 18 -25.18 -105.04 4.08
CA GLY U 18 -24.07 -104.91 3.16
C GLY U 18 -24.21 -103.70 2.28
N PHE U 19 -25.40 -103.10 2.25
CA PHE U 19 -25.63 -101.90 1.45
C PHE U 19 -24.93 -100.70 2.07
N GLU U 20 -25.07 -100.51 3.39
CA GLU U 20 -24.34 -99.46 4.07
C GLU U 20 -22.91 -99.85 4.40
N PHE U 21 -22.55 -101.12 4.24
CA PHE U 21 -21.14 -101.50 4.37
C PHE U 21 -20.32 -100.96 3.22
N TRP U 22 -20.85 -101.03 2.00
CA TRP U 22 -20.21 -100.40 0.87
C TRP U 22 -20.36 -98.88 0.92
N LYS U 23 -21.43 -98.38 1.52
CA LYS U 23 -21.61 -96.94 1.66
C LYS U 23 -20.67 -96.36 2.71
N GLN U 24 -20.25 -97.18 3.67
CA GLN U 24 -19.27 -96.73 4.67
C GLN U 24 -17.88 -96.61 4.04
N LEU U 25 -17.60 -97.43 3.03
CA LEU U 25 -16.25 -97.51 2.48
C LEU U 25 -15.90 -96.30 1.62
N CYS U 26 -16.89 -95.63 1.02
CA CYS U 26 -16.57 -94.45 0.22
C CYS U 26 -16.25 -93.23 1.07
N ALA U 27 -16.86 -93.12 2.25
CA ALA U 27 -16.61 -91.97 3.12
C ALA U 27 -15.22 -92.02 3.75
N GLU U 28 -14.64 -93.22 3.88
CA GLU U 28 -13.32 -93.36 4.45
C GLU U 28 -12.22 -93.47 3.40
N HIS U 29 -12.55 -93.87 2.18
CA HIS U 29 -11.58 -93.82 1.10
C HIS U 29 -11.47 -92.45 0.45
N GLY U 30 -12.32 -91.51 0.83
CA GLY U 30 -12.30 -90.19 0.21
C GLY U 30 -12.81 -90.17 -1.20
N ILE U 31 -13.68 -91.11 -1.57
CA ILE U 31 -14.18 -91.24 -2.93
C ILE U 31 -15.69 -91.08 -2.93
N SER U 32 -16.21 -90.72 -4.08
CA SER U 32 -17.63 -90.62 -4.36
C SER U 32 -18.08 -91.84 -5.14
N PRO U 33 -19.34 -92.28 -4.98
CA PRO U 33 -19.82 -93.45 -5.73
C PRO U 33 -19.95 -93.24 -7.24
N GLU U 34 -19.96 -91.99 -7.71
CA GLU U 34 -20.00 -91.72 -9.14
C GLU U 34 -18.79 -90.96 -9.68
N GLY U 35 -17.90 -90.47 -8.81
CA GLY U 35 -16.74 -89.76 -9.30
C GLY U 35 -15.61 -89.77 -8.30
N ILE U 36 -14.51 -89.09 -8.67
CA ILE U 36 -13.37 -88.87 -7.79
C ILE U 36 -13.15 -87.37 -7.69
N VAL U 37 -13.62 -86.77 -6.60
CA VAL U 37 -13.49 -85.34 -6.41
C VAL U 37 -12.39 -84.95 -5.42
N GLU U 38 -11.90 -85.90 -4.62
CA GLU U 38 -10.87 -85.61 -3.62
C GLU U 38 -9.59 -86.36 -3.97
N GLU U 39 -8.45 -85.74 -3.67
CA GLU U 39 -7.17 -86.39 -3.90
C GLU U 39 -6.68 -87.17 -2.68
N PHE U 40 -7.49 -87.28 -1.64
CA PHE U 40 -7.14 -87.96 -0.40
C PHE U 40 -7.15 -89.49 -0.53
N ALA U 41 -7.48 -90.04 -1.69
CA ALA U 41 -7.65 -91.48 -1.85
C ALA U 41 -6.35 -92.25 -1.98
N THR U 42 -5.29 -91.62 -2.48
CA THR U 42 -4.02 -92.31 -2.67
C THR U 42 -2.92 -91.83 -1.74
N GLU U 43 -2.89 -90.55 -1.37
CA GLU U 43 -1.88 -90.08 -0.43
C GLU U 43 -2.23 -90.47 1.00
N GLY U 44 -3.51 -90.45 1.36
CA GLY U 44 -3.93 -90.83 2.69
C GLY U 44 -4.11 -92.32 2.87
N THR U 45 -4.79 -92.95 1.91
CA THR U 45 -5.01 -94.40 1.92
C THR U 45 -4.04 -95.05 0.94
N ASP U 46 -3.25 -96.00 1.45
CA ASP U 46 -2.21 -96.63 0.66
C ASP U 46 -2.65 -97.90 -0.04
N ARG U 47 -3.88 -98.38 0.22
CA ARG U 47 -4.38 -99.58 -0.43
C ARG U 47 -5.89 -99.52 -0.50
N LYS U 48 -6.43 -99.64 -1.72
CA LYS U 48 -7.87 -99.60 -1.95
C LYS U 48 -8.41 -100.80 -2.69
N ASP U 49 -7.58 -101.54 -3.44
CA ASP U 49 -8.06 -102.65 -4.25
C ASP U 49 -7.87 -103.96 -3.48
N VAL U 50 -8.61 -104.08 -2.38
CA VAL U 50 -8.65 -105.33 -1.63
C VAL U 50 -10.07 -105.82 -1.37
N PHE U 51 -11.08 -104.95 -1.37
CA PHE U 51 -12.48 -105.33 -1.38
C PHE U 51 -13.19 -104.85 -2.63
N PHE U 52 -12.81 -103.69 -3.15
CA PHE U 52 -13.30 -103.22 -4.43
C PHE U 52 -12.64 -103.99 -5.57
N TYR U 53 -13.30 -103.98 -6.72
CA TYR U 53 -12.65 -104.40 -7.95
C TYR U 53 -11.65 -103.35 -8.39
N GLN U 54 -10.57 -103.79 -9.03
CA GLN U 54 -9.51 -102.89 -9.42
C GLN U 54 -9.96 -101.99 -10.57
N ALA U 55 -9.38 -100.80 -10.63
CA ALA U 55 -9.96 -99.71 -11.37
C ALA U 55 -9.70 -99.81 -12.87
N ASP U 56 -10.67 -99.34 -13.66
CA ASP U 56 -10.54 -99.15 -15.08
C ASP U 56 -10.54 -97.68 -15.48
N ASP U 57 -11.20 -96.83 -14.69
CA ASP U 57 -11.23 -95.39 -14.93
C ASP U 57 -11.15 -94.63 -13.62
N GLU U 58 -10.41 -95.19 -12.65
CA GLU U 58 -10.49 -94.83 -11.22
C GLU U 58 -11.93 -94.91 -10.71
N HIS U 59 -12.62 -95.97 -11.10
CA HIS U 59 -13.96 -96.28 -10.58
C HIS U 59 -13.88 -97.65 -9.92
N TYR U 60 -13.74 -97.64 -8.60
CA TYR U 60 -13.55 -98.88 -7.84
C TYR U 60 -14.89 -99.57 -7.67
N ILE U 61 -15.16 -100.53 -8.56
CA ILE U 61 -16.39 -101.31 -8.58
C ILE U 61 -16.42 -102.21 -7.35
N PRO U 62 -17.54 -102.36 -6.66
CA PRO U 62 -17.60 -103.31 -5.55
C PRO U 62 -17.70 -104.74 -6.07
N ARG U 63 -16.98 -105.64 -5.41
CA ARG U 63 -17.00 -107.07 -5.75
C ARG U 63 -18.12 -107.77 -4.99
N ALA U 64 -19.36 -107.41 -5.34
CA ALA U 64 -20.53 -107.78 -4.55
C ALA U 64 -21.59 -108.41 -5.43
N VAL U 65 -22.30 -109.38 -4.85
CA VAL U 65 -23.48 -109.99 -5.45
C VAL U 65 -24.59 -109.98 -4.43
N LEU U 66 -25.81 -109.69 -4.88
CA LEU U 66 -26.97 -109.54 -4.00
C LEU U 66 -28.15 -110.27 -4.61
N LEU U 67 -28.49 -111.42 -4.04
CA LEU U 67 -29.67 -112.18 -4.46
C LEU U 67 -30.64 -112.27 -3.28
N ASP U 68 -31.93 -112.08 -3.58
CA ASP U 68 -32.98 -112.25 -2.58
C ASP U 68 -34.29 -112.55 -3.28
N LEU U 69 -35.13 -113.33 -2.60
CA LEU U 69 -36.46 -113.64 -3.14
C LEU U 69 -37.38 -112.42 -3.08
N GLU U 70 -37.17 -111.55 -2.10
CA GLU U 70 -38.02 -110.38 -1.92
C GLU U 70 -37.50 -109.22 -2.76
N PRO U 71 -38.31 -108.61 -3.62
CA PRO U 71 -37.84 -107.45 -4.39
C PRO U 71 -37.93 -106.12 -3.64
N ARG U 72 -38.38 -106.14 -2.38
CA ARG U 72 -38.55 -104.90 -1.64
C ARG U 72 -37.20 -104.33 -1.18
N VAL U 73 -36.23 -105.19 -0.91
CA VAL U 73 -34.94 -104.72 -0.39
C VAL U 73 -34.13 -104.06 -1.50
N ILE U 74 -34.34 -104.46 -2.75
CA ILE U 74 -33.57 -103.90 -3.85
C ILE U 74 -34.26 -102.70 -4.50
N HIS U 75 -35.57 -102.54 -4.28
CA HIS U 75 -36.27 -101.36 -4.78
C HIS U 75 -36.05 -100.13 -3.91
N SER U 76 -35.51 -100.30 -2.69
CA SER U 76 -35.08 -99.20 -1.86
C SER U 76 -33.61 -98.87 -2.04
N ILE U 77 -33.02 -99.29 -3.15
CA ILE U 77 -31.59 -99.12 -3.42
C ILE U 77 -31.36 -98.16 -4.59
N LEU U 78 -32.07 -98.36 -5.69
CA LEU U 78 -31.80 -97.63 -6.93
C LEU U 78 -32.17 -96.14 -6.85
N ASN U 79 -33.08 -95.77 -5.94
CA ASN U 79 -33.39 -94.35 -5.79
C ASN U 79 -32.34 -93.65 -4.93
N SER U 80 -31.58 -94.39 -4.14
CA SER U 80 -30.48 -93.81 -3.40
C SER U 80 -29.32 -93.50 -4.35
N PRO U 81 -28.59 -92.40 -4.12
CA PRO U 81 -27.49 -92.02 -5.03
C PRO U 81 -26.24 -92.87 -4.91
N TYR U 82 -26.23 -93.89 -4.08
CA TYR U 82 -25.08 -94.78 -3.95
C TYR U 82 -25.23 -96.05 -4.78
N ALA U 83 -26.30 -96.18 -5.55
CA ALA U 83 -26.53 -97.37 -6.37
C ALA U 83 -25.90 -97.28 -7.75
N ASN U 84 -25.44 -96.10 -8.16
CA ASN U 84 -24.75 -95.98 -9.45
C ASN U 84 -23.34 -96.55 -9.36
N LEU U 85 -22.80 -96.68 -8.16
CA LEU U 85 -21.54 -97.39 -7.97
C LEU U 85 -21.70 -98.87 -8.22
N TYR U 86 -22.84 -99.43 -7.82
CA TYR U 86 -23.21 -100.80 -8.16
C TYR U 86 -23.46 -100.91 -9.66
N ASN U 87 -23.24 -102.11 -10.20
CA ASN U 87 -23.39 -102.33 -11.62
C ASN U 87 -24.68 -103.10 -11.92
N PRO U 88 -25.41 -102.73 -12.96
CA PRO U 88 -26.64 -103.46 -13.30
C PRO U 88 -26.42 -104.65 -14.22
N GLU U 89 -25.17 -105.09 -14.36
CA GLU U 89 -24.88 -106.29 -15.13
C GLU U 89 -24.14 -107.38 -14.35
N ASN U 90 -23.59 -107.07 -13.18
CA ASN U 90 -22.88 -108.07 -12.40
C ASN U 90 -23.83 -109.02 -11.67
N ILE U 91 -24.99 -108.55 -11.25
CA ILE U 91 -25.90 -109.37 -10.45
C ILE U 91 -27.21 -109.54 -11.19
N TYR U 92 -27.92 -108.42 -11.40
CA TYR U 92 -29.21 -108.40 -12.07
C TYR U 92 -29.36 -107.09 -12.82
N LEU U 93 -30.20 -107.10 -13.85
CA LEU U 93 -30.65 -105.85 -14.44
C LEU U 93 -31.91 -105.37 -13.73
N SER U 94 -32.57 -104.38 -14.33
CA SER U 94 -33.77 -103.81 -13.73
C SER U 94 -34.93 -104.80 -13.77
N GLU U 95 -35.82 -104.67 -12.79
CA GLU U 95 -36.95 -105.59 -12.54
C GLU U 95 -36.47 -107.02 -12.32
N HIS U 96 -35.76 -107.22 -11.22
CA HIS U 96 -35.48 -108.56 -10.74
C HIS U 96 -36.47 -108.96 -9.66
N GLY U 97 -36.86 -110.24 -9.67
CA GLY U 97 -37.85 -110.73 -8.74
C GLY U 97 -37.39 -111.93 -7.92
N GLY U 98 -38.32 -112.80 -7.58
CA GLY U 98 -37.99 -113.99 -6.81
C GLY U 98 -39.18 -114.92 -6.63
N GLY U 99 -39.32 -115.47 -5.43
CA GLY U 99 -40.42 -116.38 -5.12
C GLY U 99 -41.68 -115.64 -4.71
N ALA U 100 -42.47 -116.29 -3.85
CA ALA U 100 -43.72 -115.70 -3.38
C ALA U 100 -43.57 -114.81 -2.13
N GLY U 101 -42.90 -115.21 -1.03
CA GLY U 101 -42.31 -116.49 -0.66
C GLY U 101 -41.69 -116.49 0.72
N ASN U 102 -42.03 -117.48 1.54
CA ASN U 102 -41.49 -117.56 2.90
C ASN U 102 -41.43 -119.04 3.29
N ASN U 103 -40.26 -119.65 3.11
CA ASN U 103 -40.01 -121.05 3.47
C ASN U 103 -38.51 -121.28 3.44
N TRP U 104 -38.06 -122.17 4.33
CA TRP U 104 -36.68 -122.65 4.25
C TRP U 104 -36.52 -123.62 3.10
N ALA U 105 -37.54 -124.42 2.80
CA ALA U 105 -37.51 -125.36 1.69
C ALA U 105 -37.72 -124.69 0.34
N SER U 106 -38.06 -123.40 0.31
CA SER U 106 -38.20 -122.71 -0.96
C SER U 106 -36.84 -122.45 -1.59
N GLY U 107 -35.98 -121.72 -0.88
CA GLY U 107 -34.64 -121.44 -1.38
C GLY U 107 -33.73 -122.64 -1.40
N PHE U 108 -34.02 -123.67 -0.60
CA PHE U 108 -33.26 -124.91 -0.66
C PHE U 108 -33.58 -125.70 -1.92
N SER U 109 -34.80 -125.56 -2.44
CA SER U 109 -35.19 -126.20 -3.69
C SER U 109 -34.99 -125.30 -4.90
N GLN U 110 -34.88 -123.99 -4.71
CA GLN U 110 -34.64 -123.08 -5.81
C GLN U 110 -33.17 -123.00 -6.22
N GLY U 111 -32.27 -123.62 -5.45
CA GLY U 111 -30.87 -123.56 -5.78
C GLY U 111 -30.47 -124.45 -6.93
N GLU U 112 -31.20 -125.55 -7.13
CA GLU U 112 -30.88 -126.51 -8.18
C GLU U 112 -31.75 -126.35 -9.42
N LYS U 113 -32.69 -125.40 -9.42
CA LYS U 113 -33.43 -125.08 -10.63
C LYS U 113 -32.91 -123.83 -11.31
N ILE U 114 -32.16 -122.99 -10.60
CA ILE U 114 -31.45 -121.86 -11.18
C ILE U 114 -29.96 -122.16 -11.01
N HIS U 115 -29.63 -123.45 -11.06
CA HIS U 115 -28.27 -123.91 -10.82
C HIS U 115 -27.32 -123.46 -11.93
N GLU U 116 -27.85 -123.32 -13.16
CA GLU U 116 -27.02 -122.88 -14.27
C GLU U 116 -26.69 -121.39 -14.17
N ASP U 117 -27.65 -120.57 -13.76
CA ASP U 117 -27.46 -119.13 -13.71
C ASP U 117 -26.77 -118.66 -12.43
N ILE U 118 -26.92 -119.39 -11.32
CA ILE U 118 -26.30 -118.97 -10.08
C ILE U 118 -24.80 -119.27 -10.05
N PHE U 119 -24.31 -120.15 -10.92
CA PHE U 119 -22.89 -120.46 -11.01
C PHE U 119 -22.27 -119.94 -12.29
N ASP U 120 -22.87 -118.92 -12.90
CA ASP U 120 -22.38 -118.35 -14.16
C ASP U 120 -21.83 -116.95 -13.98
N ILE U 121 -22.59 -116.04 -13.35
CA ILE U 121 -22.17 -114.65 -13.31
C ILE U 121 -21.37 -114.34 -12.04
N ILE U 122 -21.49 -115.18 -11.01
CA ILE U 122 -20.68 -114.96 -9.82
C ILE U 122 -19.28 -115.56 -9.96
N ASP U 123 -19.07 -116.40 -10.98
CA ASP U 123 -17.76 -116.96 -11.25
C ASP U 123 -16.94 -116.10 -12.20
N ARG U 124 -17.56 -115.10 -12.83
CA ARG U 124 -16.85 -114.17 -13.68
C ARG U 124 -15.93 -113.26 -12.87
N GLU U 125 -16.29 -112.95 -11.62
CA GLU U 125 -15.44 -112.16 -10.74
C GLU U 125 -14.35 -113.00 -10.07
N ALA U 126 -14.41 -114.33 -10.20
CA ALA U 126 -13.44 -115.18 -9.53
C ALA U 126 -12.10 -115.18 -10.27
N ASP U 127 -12.12 -115.25 -11.59
CA ASP U 127 -10.92 -115.29 -12.40
C ASP U 127 -10.38 -113.89 -12.75
N GLY U 128 -10.92 -112.84 -12.13
CA GLY U 128 -10.34 -111.53 -12.32
C GLY U 128 -8.97 -111.40 -11.67
N SER U 129 -8.81 -111.98 -10.48
CA SER U 129 -7.52 -112.11 -9.84
C SER U 129 -7.11 -113.57 -9.81
N ASP U 130 -5.85 -113.84 -10.12
CA ASP U 130 -5.34 -115.20 -10.19
C ASP U 130 -4.98 -115.79 -8.83
N SER U 131 -5.17 -115.03 -7.75
CA SER U 131 -4.95 -115.53 -6.39
C SER U 131 -6.13 -115.04 -5.55
N LEU U 132 -7.17 -115.85 -5.49
CA LEU U 132 -8.39 -115.47 -4.78
C LEU U 132 -8.26 -115.76 -3.29
N GLU U 133 -8.71 -114.80 -2.48
CA GLU U 133 -8.65 -114.95 -1.03
C GLU U 133 -9.68 -115.95 -0.53
N GLY U 134 -10.95 -115.69 -0.78
CA GLY U 134 -11.99 -116.61 -0.35
C GLY U 134 -13.36 -116.02 -0.57
N PHE U 135 -14.32 -116.52 0.21
CA PHE U 135 -15.71 -116.10 0.10
C PHE U 135 -16.26 -115.82 1.50
N VAL U 136 -16.89 -114.66 1.66
CA VAL U 136 -17.65 -114.34 2.86
C VAL U 136 -19.13 -114.30 2.50
N LEU U 137 -19.93 -115.09 3.20
CA LEU U 137 -21.37 -115.18 2.97
C LEU U 137 -22.05 -114.18 3.90
N CYS U 138 -22.32 -112.99 3.37
CA CYS U 138 -23.00 -111.94 4.13
C CYS U 138 -24.51 -112.18 4.10
N HIS U 139 -24.92 -113.25 4.76
CA HIS U 139 -26.29 -113.70 4.72
C HIS U 139 -26.93 -113.56 6.10
N SER U 140 -28.18 -114.03 6.19
CA SER U 140 -28.97 -113.93 7.40
C SER U 140 -29.42 -115.30 7.85
N ILE U 141 -29.73 -115.39 9.14
CA ILE U 141 -30.38 -116.57 9.71
C ILE U 141 -31.88 -116.34 9.90
N ALA U 142 -32.32 -115.11 10.16
CA ALA U 142 -33.73 -114.82 10.34
C ALA U 142 -34.48 -114.96 9.01
N GLY U 143 -35.70 -115.47 9.10
CA GLY U 143 -36.52 -115.69 7.92
C GLY U 143 -36.12 -116.95 7.17
N GLY U 144 -36.87 -117.22 6.10
CA GLY U 144 -36.61 -118.37 5.27
C GLY U 144 -35.90 -118.00 3.98
N THR U 145 -35.75 -116.70 3.74
CA THR U 145 -35.10 -116.24 2.51
C THR U 145 -33.60 -116.39 2.59
N GLY U 146 -32.98 -115.82 3.63
CA GLY U 146 -31.54 -115.92 3.78
C GLY U 146 -31.05 -117.25 4.32
N SER U 147 -31.91 -117.99 5.02
CA SER U 147 -31.53 -119.28 5.58
C SER U 147 -31.77 -120.44 4.63
N GLY U 148 -32.73 -120.30 3.71
CA GLY U 148 -33.05 -121.37 2.78
C GLY U 148 -32.05 -121.53 1.66
N LEU U 149 -31.68 -120.41 1.02
CA LEU U 149 -30.75 -120.47 -0.10
C LEU U 149 -29.29 -120.43 0.34
N GLY U 150 -29.01 -119.87 1.53
CA GLY U 150 -27.66 -119.78 2.01
C GLY U 150 -27.05 -121.11 2.43
N SER U 151 -27.89 -122.08 2.79
CA SER U 151 -27.40 -123.41 3.13
C SER U 151 -26.96 -124.21 1.90
N TYR U 152 -27.41 -123.81 0.71
CA TYR U 152 -27.05 -124.53 -0.51
C TYR U 152 -25.65 -124.15 -0.98
N LEU U 153 -25.29 -122.87 -0.91
CA LEU U 153 -23.98 -122.43 -1.37
C LEU U 153 -22.86 -122.77 -0.40
N LEU U 154 -23.18 -123.15 0.84
CA LEU U 154 -22.15 -123.62 1.76
C LEU U 154 -21.69 -125.04 1.43
N GLU U 155 -22.41 -125.76 0.57
CA GLU U 155 -22.07 -127.12 0.18
C GLU U 155 -21.36 -127.18 -1.16
N ARG U 156 -21.90 -126.52 -2.18
CA ARG U 156 -21.36 -126.63 -3.53
C ARG U 156 -20.13 -125.75 -3.76
N LEU U 157 -19.90 -124.75 -2.92
CA LEU U 157 -18.66 -123.98 -2.99
C LEU U 157 -17.57 -124.56 -2.10
N ASN U 158 -17.85 -125.65 -1.38
CA ASN U 158 -16.84 -126.28 -0.56
C ASN U 158 -15.91 -127.17 -1.37
N ASP U 159 -16.40 -127.76 -2.46
CA ASP U 159 -15.60 -128.62 -3.31
C ASP U 159 -15.21 -127.98 -4.64
N ARG U 160 -16.04 -127.07 -5.17
CA ARG U 160 -15.65 -126.37 -6.39
C ARG U 160 -14.56 -125.35 -6.13
N TYR U 161 -14.50 -124.81 -4.92
CA TYR U 161 -13.43 -123.90 -4.50
C TYR U 161 -12.91 -124.39 -3.16
N PRO U 162 -12.08 -125.44 -3.15
CA PRO U 162 -11.69 -126.06 -1.87
C PRO U 162 -10.56 -125.35 -1.15
N LYS U 163 -9.72 -124.61 -1.88
CA LYS U 163 -8.55 -123.96 -1.29
C LYS U 163 -8.82 -122.51 -0.92
N LYS U 164 -10.06 -122.13 -0.69
CA LYS U 164 -10.43 -120.77 -0.37
C LYS U 164 -10.98 -120.69 1.06
N LEU U 165 -10.70 -119.55 1.70
CA LEU U 165 -11.20 -119.29 3.05
C LEU U 165 -12.70 -119.05 3.02
N VAL U 166 -13.42 -119.71 3.91
CA VAL U 166 -14.81 -119.38 4.16
C VAL U 166 -14.97 -118.94 5.61
N GLN U 167 -15.71 -117.83 5.79
CA GLN U 167 -15.97 -117.19 7.08
C GLN U 167 -17.07 -116.16 6.87
N THR U 168 -18.10 -116.15 7.72
CA THR U 168 -19.27 -115.32 7.48
C THR U 168 -19.54 -114.37 8.64
N TYR U 169 -20.10 -113.20 8.31
CA TYR U 169 -20.66 -112.28 9.29
C TYR U 169 -22.17 -112.46 9.26
N SER U 170 -22.64 -113.47 9.97
CA SER U 170 -24.06 -113.84 9.99
C SER U 170 -24.73 -113.25 11.21
N VAL U 171 -25.96 -112.76 11.02
CA VAL U 171 -26.74 -112.15 12.10
C VAL U 171 -27.72 -113.18 12.66
N PHE U 172 -27.81 -113.24 13.98
CA PHE U 172 -28.75 -114.13 14.64
C PHE U 172 -30.14 -113.51 14.73
N PRO U 173 -31.19 -114.32 14.67
CA PRO U 173 -32.55 -113.78 14.76
C PRO U 173 -32.95 -113.42 16.19
N ASN U 174 -34.14 -112.85 16.30
CA ASN U 174 -34.65 -112.34 17.57
C ASN U 174 -35.59 -113.36 18.20
N GLN U 175 -35.45 -113.58 19.51
CA GLN U 175 -36.21 -114.58 20.25
C GLN U 175 -37.04 -113.96 21.36
N ASP U 176 -37.74 -112.87 21.07
CA ASP U 176 -38.52 -112.18 22.10
C ASP U 176 -39.94 -112.73 22.20
N GLU U 177 -40.73 -112.66 21.13
CA GLU U 177 -41.96 -113.43 21.02
C GLU U 177 -41.97 -114.19 19.70
N MET U 178 -42.92 -115.10 19.56
CA MET U 178 -42.97 -116.05 18.44
C MET U 178 -44.34 -116.00 17.78
N SER U 179 -44.82 -114.79 17.48
CA SER U 179 -46.13 -114.60 16.89
C SER U 179 -46.06 -114.36 15.37
N HIS U 180 -45.23 -113.41 14.93
CA HIS U 180 -45.13 -113.12 13.51
C HIS U 180 -44.44 -114.26 12.77
N VAL U 181 -43.32 -114.74 13.29
CA VAL U 181 -42.65 -115.93 12.79
C VAL U 181 -42.73 -117.01 13.86
N VAL U 182 -42.82 -118.26 13.43
CA VAL U 182 -42.93 -119.44 14.29
C VAL U 182 -41.99 -120.51 13.72
N VAL U 183 -41.42 -120.25 12.55
CA VAL U 183 -40.57 -121.24 11.90
C VAL U 183 -39.11 -120.98 12.27
N GLN U 184 -38.91 -120.09 13.25
CA GLN U 184 -37.56 -119.68 13.66
C GLN U 184 -36.69 -120.79 14.25
N PRO U 185 -37.17 -121.75 15.08
CA PRO U 185 -36.26 -122.84 15.50
C PRO U 185 -35.91 -123.82 14.39
N TYR U 186 -36.69 -123.90 13.31
CA TYR U 186 -36.42 -124.87 12.26
C TYR U 186 -35.37 -124.41 11.27
N ASN U 187 -35.54 -123.20 10.72
CA ASN U 187 -34.60 -122.72 9.72
C ASN U 187 -33.26 -122.26 10.30
N SER U 188 -33.20 -122.01 11.61
CA SER U 188 -31.94 -121.57 12.21
C SER U 188 -30.99 -122.75 12.42
N LEU U 189 -31.50 -123.86 12.97
CA LEU U 189 -30.66 -125.02 13.25
C LEU U 189 -30.25 -125.75 11.99
N LEU U 190 -31.02 -125.63 10.91
CA LEU U 190 -30.63 -126.24 9.64
C LEU U 190 -29.44 -125.52 9.03
N THR U 191 -29.37 -124.20 9.20
CA THR U 191 -28.22 -123.44 8.72
C THR U 191 -27.05 -123.55 9.70
N LEU U 192 -27.33 -123.71 11.00
CA LEU U 192 -26.27 -123.79 12.00
C LEU U 192 -25.47 -125.08 11.87
N LYS U 193 -26.06 -126.14 11.33
CA LYS U 193 -25.28 -127.34 11.03
C LYS U 193 -24.32 -127.09 9.88
N ARG U 194 -24.76 -126.34 8.87
CA ARG U 194 -23.91 -126.00 7.73
C ARG U 194 -22.83 -124.99 8.09
N LEU U 195 -22.99 -124.28 9.21
CA LEU U 195 -22.01 -123.28 9.61
C LEU U 195 -20.81 -123.87 10.35
N THR U 196 -20.87 -125.14 10.74
CA THR U 196 -19.79 -125.77 11.50
C THR U 196 -19.00 -126.78 10.70
N GLN U 197 -19.65 -127.67 9.95
CA GLN U 197 -18.95 -128.67 9.15
C GLN U 197 -18.80 -128.27 7.69
N ASN U 198 -19.77 -127.56 7.12
CA ASN U 198 -19.65 -127.02 5.78
C ASN U 198 -19.11 -125.60 5.76
N ALA U 199 -18.71 -125.07 6.91
CA ALA U 199 -18.13 -123.74 6.99
C ALA U 199 -17.09 -123.73 8.11
N ASP U 200 -16.01 -122.97 7.88
CA ASP U 200 -14.90 -122.95 8.83
C ASP U 200 -15.19 -122.06 10.03
N CYS U 201 -15.52 -120.80 9.79
CA CYS U 201 -15.69 -119.82 10.85
C CYS U 201 -16.97 -119.01 10.63
N VAL U 202 -17.52 -118.50 11.72
CA VAL U 202 -18.62 -117.54 11.67
C VAL U 202 -18.27 -116.36 12.56
N VAL U 203 -19.03 -115.28 12.40
CA VAL U 203 -18.99 -114.13 13.29
C VAL U 203 -20.42 -113.91 13.75
N VAL U 204 -20.70 -114.23 15.02
CA VAL U 204 -22.07 -114.20 15.51
C VAL U 204 -22.48 -112.77 15.80
N LEU U 205 -23.77 -112.47 15.56
CA LEU U 205 -24.34 -111.13 15.76
C LEU U 205 -25.77 -111.34 16.27
N ASP U 206 -25.93 -111.22 17.59
CA ASP U 206 -27.23 -111.49 18.20
C ASP U 206 -28.19 -110.31 17.99
N ASN U 207 -29.49 -110.64 17.95
CA ASN U 207 -30.53 -109.64 17.79
C ASN U 207 -31.09 -109.14 19.12
N THR U 208 -31.17 -110.01 20.13
CA THR U 208 -31.61 -109.57 21.45
C THR U 208 -30.56 -108.72 22.15
N ALA U 209 -29.29 -108.81 21.74
CA ALA U 209 -28.23 -107.97 22.24
C ALA U 209 -28.11 -106.65 21.48
N LEU U 210 -28.84 -106.50 20.37
CA LEU U 210 -28.80 -105.24 19.63
C LEU U 210 -29.58 -104.16 20.35
N ASN U 211 -30.83 -104.46 20.74
CA ASN U 211 -31.65 -103.52 21.49
C ASN U 211 -31.18 -103.34 22.93
N ARG U 212 -30.29 -104.21 23.44
CA ARG U 212 -29.62 -103.91 24.69
C ARG U 212 -28.68 -102.72 24.54
N ILE U 213 -28.07 -102.57 23.36
CA ILE U 213 -27.15 -101.48 23.07
C ILE U 213 -27.92 -100.31 22.46
N ALA U 214 -28.99 -100.63 21.71
CA ALA U 214 -29.77 -99.59 21.03
C ALA U 214 -30.56 -98.72 21.99
N THR U 215 -30.78 -99.16 23.22
CA THR U 215 -31.33 -98.31 24.27
C THR U 215 -30.32 -97.96 25.35
N ASP U 216 -29.08 -98.44 25.22
CA ASP U 216 -28.05 -98.17 26.22
C ASP U 216 -27.59 -96.71 26.15
N ARG U 217 -27.03 -96.32 25.01
CA ARG U 217 -26.50 -94.98 24.81
C ARG U 217 -27.17 -94.26 23.65
N LEU U 218 -28.02 -94.95 22.89
CA LEU U 218 -28.56 -94.38 21.66
C LEU U 218 -29.89 -93.68 21.87
N HIS U 219 -30.61 -94.03 22.94
CA HIS U 219 -31.79 -93.31 23.46
C HIS U 219 -32.92 -93.23 22.43
N ILE U 220 -33.47 -94.40 22.08
CA ILE U 220 -34.64 -94.50 21.23
C ILE U 220 -35.80 -95.03 22.05
N GLN U 221 -37.02 -94.71 21.62
CA GLN U 221 -38.24 -95.16 22.26
C GLN U 221 -38.95 -96.25 21.49
N ASN U 222 -39.01 -96.16 20.15
CA ASN U 222 -39.62 -97.16 19.30
C ASN U 222 -38.52 -97.82 18.48
N PRO U 223 -38.20 -99.09 18.73
CA PRO U 223 -37.10 -99.74 18.00
C PRO U 223 -37.50 -100.05 16.57
N SER U 224 -36.79 -99.44 15.61
CA SER U 224 -37.03 -99.65 14.19
C SER U 224 -35.88 -100.45 13.57
N PHE U 225 -36.07 -100.83 12.31
CA PHE U 225 -35.05 -101.56 11.58
C PHE U 225 -33.98 -100.65 11.00
N SER U 226 -34.17 -99.33 11.07
CA SER U 226 -33.19 -98.38 10.55
C SER U 226 -31.96 -98.22 11.45
N GLN U 227 -31.97 -98.82 12.64
CA GLN U 227 -30.81 -98.78 13.53
C GLN U 227 -29.97 -100.05 13.46
N ILE U 228 -30.46 -101.10 12.80
CA ILE U 228 -29.72 -102.36 12.74
C ILE U 228 -28.52 -102.27 11.81
N ASN U 229 -28.43 -101.24 10.96
CA ASN U 229 -27.34 -101.13 10.01
C ASN U 229 -26.20 -100.27 10.54
N GLN U 230 -26.38 -99.63 11.69
CA GLN U 230 -25.39 -98.69 12.21
C GLN U 230 -24.36 -99.40 13.09
N LEU U 231 -24.78 -100.34 13.91
CA LEU U 231 -23.82 -101.10 14.69
C LEU U 231 -23.07 -102.13 13.84
N VAL U 232 -23.67 -102.55 12.73
CA VAL U 232 -23.13 -103.68 11.98
C VAL U 232 -22.11 -103.21 10.95
N SER U 233 -22.38 -102.09 10.26
CA SER U 233 -21.51 -101.63 9.19
C SER U 233 -20.19 -101.07 9.68
N THR U 234 -20.12 -100.57 10.91
CA THR U 234 -18.86 -100.05 11.42
C THR U 234 -17.90 -101.17 11.79
N ILE U 235 -18.40 -102.22 12.46
CA ILE U 235 -17.51 -103.31 12.87
C ILE U 235 -17.11 -104.20 11.69
N MET U 236 -17.86 -104.15 10.59
CA MET U 236 -17.43 -104.83 9.37
C MET U 236 -16.21 -104.15 8.77
N SER U 237 -16.25 -102.82 8.65
CA SER U 237 -15.09 -102.08 8.19
C SER U 237 -13.99 -102.02 9.22
N ALA U 238 -14.35 -102.20 10.51
CA ALA U 238 -13.34 -102.26 11.56
C ALA U 238 -12.54 -103.55 11.49
N SER U 239 -13.15 -104.64 11.03
CA SER U 239 -12.48 -105.93 10.96
C SER U 239 -11.47 -106.02 9.83
N THR U 240 -11.55 -105.13 8.85
CA THR U 240 -10.64 -105.12 7.70
C THR U 240 -9.67 -103.94 7.74
N THR U 241 -9.46 -103.35 8.91
CA THR U 241 -8.54 -102.23 9.02
C THR U 241 -7.10 -102.66 8.85
N THR U 242 -6.76 -103.88 9.25
CA THR U 242 -5.45 -104.42 8.92
C THR U 242 -5.38 -104.83 7.46
N LEU U 243 -6.53 -105.12 6.84
CA LEU U 243 -6.57 -105.63 5.48
C LEU U 243 -6.74 -104.51 4.45
N ARG U 244 -7.57 -103.50 4.74
CA ARG U 244 -7.74 -102.39 3.82
C ARG U 244 -6.62 -101.36 3.97
N TYR U 245 -6.46 -100.83 5.18
CA TYR U 245 -5.39 -99.90 5.47
C TYR U 245 -4.07 -100.64 5.63
N PRO U 246 -2.92 -99.98 5.34
CA PRO U 246 -1.64 -100.70 5.39
C PRO U 246 -1.20 -101.11 6.79
N GLY U 247 -1.28 -102.41 7.06
CA GLY U 247 -0.76 -103.01 8.26
C GLY U 247 0.37 -103.96 7.94
N TYR U 248 0.91 -104.57 8.99
CA TYR U 248 2.04 -105.49 8.82
C TYR U 248 1.69 -106.92 9.17
N MET U 249 1.20 -107.17 10.38
CA MET U 249 0.92 -108.53 10.85
C MET U 249 -0.57 -108.78 10.91
N ASN U 250 -0.97 -109.97 10.43
CA ASN U 250 -2.36 -110.37 10.23
C ASN U 250 -3.10 -109.36 9.37
N ASN U 251 -2.45 -108.92 8.29
CA ASN U 251 -3.02 -108.00 7.33
C ASN U 251 -3.87 -108.69 6.28
N ASP U 252 -4.12 -109.99 6.41
CA ASP U 252 -5.02 -110.75 5.56
C ASP U 252 -6.15 -111.34 6.40
N LEU U 253 -7.21 -111.78 5.72
CA LEU U 253 -8.35 -112.36 6.42
C LEU U 253 -8.03 -113.77 6.90
N ILE U 254 -7.15 -114.46 6.18
CA ILE U 254 -6.56 -115.70 6.68
C ILE U 254 -5.42 -115.46 7.68
N GLY U 255 -5.10 -114.21 8.01
CA GLY U 255 -4.19 -113.95 9.10
C GLY U 255 -4.91 -113.85 10.43
N LEU U 256 -6.05 -113.15 10.46
CA LEU U 256 -6.75 -112.89 11.71
C LEU U 256 -7.45 -114.14 12.23
N ILE U 257 -8.12 -114.86 11.35
CA ILE U 257 -8.92 -116.02 11.73
C ILE U 257 -8.02 -117.21 12.12
N ALA U 258 -6.80 -117.27 11.58
CA ALA U 258 -5.89 -118.35 11.92
C ALA U 258 -5.40 -118.29 13.36
N SER U 259 -5.28 -117.08 13.93
CA SER U 259 -4.73 -116.91 15.27
C SER U 259 -5.78 -116.93 16.37
N LEU U 260 -7.02 -117.27 16.05
CA LEU U 260 -8.09 -117.27 17.04
C LEU U 260 -8.86 -118.58 17.13
N ILE U 261 -8.95 -119.37 16.06
CA ILE U 261 -9.72 -120.62 16.06
C ILE U 261 -8.91 -121.68 16.78
N PRO U 262 -9.44 -122.28 17.84
CA PRO U 262 -8.72 -123.40 18.49
C PRO U 262 -8.82 -124.68 17.67
N THR U 263 -10.02 -124.96 17.15
CA THR U 263 -10.33 -126.22 16.49
C THR U 263 -11.56 -126.00 15.62
N PRO U 264 -11.76 -126.85 14.61
CA PRO U 264 -13.04 -126.81 13.87
C PRO U 264 -14.22 -127.15 14.77
N ARG U 265 -15.39 -126.61 14.39
CA ARG U 265 -16.67 -126.54 15.10
C ARG U 265 -16.60 -125.73 16.40
N LEU U 266 -15.47 -125.09 16.69
CA LEU U 266 -15.34 -124.08 17.75
C LEU U 266 -14.79 -122.83 17.08
N HIS U 267 -15.69 -122.00 16.57
CA HIS U 267 -15.26 -120.81 15.82
C HIS U 267 -16.14 -119.61 16.10
N PHE U 268 -17.05 -119.68 17.06
CA PHE U 268 -18.02 -118.62 17.31
C PHE U 268 -17.34 -117.52 18.12
N LEU U 269 -17.11 -116.38 17.48
CA LEU U 269 -16.29 -115.31 18.05
C LEU U 269 -17.17 -114.21 18.62
N MET U 270 -16.90 -113.83 19.86
CA MET U 270 -17.61 -112.74 20.51
C MET U 270 -17.05 -111.40 20.07
N THR U 271 -17.94 -110.44 19.79
CA THR U 271 -17.56 -109.15 19.23
C THR U 271 -17.85 -108.05 20.25
N GLY U 272 -16.98 -107.04 20.29
CA GLY U 272 -17.19 -105.90 21.16
C GLY U 272 -16.69 -104.63 20.52
N TYR U 273 -17.41 -103.54 20.77
CA TYR U 273 -17.09 -102.24 20.16
C TYR U 273 -17.68 -101.14 21.03
N THR U 274 -16.82 -100.40 21.73
CA THR U 274 -17.30 -99.36 22.63
C THR U 274 -17.75 -98.04 21.98
N PRO U 275 -16.90 -97.30 21.18
CA PRO U 275 -17.25 -95.88 20.96
C PRO U 275 -18.34 -95.66 19.93
N LEU U 276 -19.53 -95.26 20.39
CA LEU U 276 -20.66 -95.01 19.50
C LEU U 276 -21.36 -93.69 19.80
N THR U 277 -20.75 -92.80 20.57
CA THR U 277 -21.40 -91.58 21.01
C THR U 277 -20.65 -90.36 20.48
N THR U 278 -21.42 -89.41 19.91
CA THR U 278 -20.86 -88.24 19.25
C THR U 278 -20.50 -87.10 20.19
N ASP U 279 -21.04 -87.07 21.41
CA ASP U 279 -20.67 -86.03 22.35
C ASP U 279 -19.45 -86.36 23.18
N GLN U 280 -18.83 -87.52 22.95
CA GLN U 280 -17.50 -87.80 23.49
C GLN U 280 -16.41 -86.96 22.79
N SER U 281 -16.74 -86.39 21.62
CA SER U 281 -15.75 -85.72 20.78
C SER U 281 -15.20 -84.45 21.41
N VAL U 282 -15.96 -83.80 22.29
CA VAL U 282 -15.53 -82.52 22.86
C VAL U 282 -14.51 -82.67 23.97
N ALA U 283 -14.23 -83.89 24.42
CA ALA U 283 -13.27 -84.10 25.50
C ALA U 283 -12.14 -85.05 25.10
N SER U 284 -12.06 -85.44 23.84
CA SER U 284 -10.94 -86.21 23.32
C SER U 284 -9.79 -85.33 22.85
N VAL U 285 -9.88 -84.02 23.06
CA VAL U 285 -8.82 -83.08 22.66
C VAL U 285 -7.68 -83.03 23.67
N ARG U 286 -7.85 -83.63 24.85
CA ARG U 286 -6.89 -83.51 25.93
C ARG U 286 -5.97 -84.72 26.05
N LYS U 287 -5.71 -85.42 24.93
CA LYS U 287 -4.92 -86.66 24.86
C LYS U 287 -5.56 -87.74 25.76
N THR U 288 -6.72 -88.19 25.31
CA THR U 288 -7.29 -89.43 25.84
C THR U 288 -6.44 -90.61 25.37
N THR U 289 -5.96 -91.41 26.32
CA THR U 289 -4.91 -92.38 26.09
C THR U 289 -5.48 -93.73 25.70
N VAL U 290 -4.57 -94.69 25.50
CA VAL U 290 -4.89 -96.07 25.17
C VAL U 290 -4.93 -96.95 26.43
N LEU U 291 -4.61 -96.37 27.60
CA LEU U 291 -4.52 -97.17 28.82
C LEU U 291 -5.89 -97.45 29.42
N ASP U 292 -6.93 -96.74 28.99
CA ASP U 292 -8.27 -96.91 29.55
C ASP U 292 -9.26 -97.55 28.59
N VAL U 293 -8.87 -97.79 27.33
CA VAL U 293 -9.86 -98.24 26.35
C VAL U 293 -9.98 -99.76 26.33
N MET U 294 -8.95 -100.49 26.76
CA MET U 294 -9.02 -101.95 26.78
C MET U 294 -9.29 -102.51 28.15
N ARG U 295 -9.48 -101.66 29.17
CA ARG U 295 -9.94 -102.15 30.45
C ARG U 295 -11.42 -102.48 30.44
N ARG U 296 -12.17 -101.89 29.50
CA ARG U 296 -13.60 -102.10 29.39
C ARG U 296 -13.99 -103.08 28.29
N LEU U 297 -13.02 -103.60 27.53
CA LEU U 297 -13.35 -104.57 26.50
C LEU U 297 -13.65 -105.94 27.11
N LEU U 298 -12.76 -106.43 27.97
CA LEU U 298 -13.01 -107.67 28.70
C LEU U 298 -14.13 -107.54 29.73
N GLN U 299 -14.44 -106.33 30.16
CA GLN U 299 -15.59 -106.12 31.01
C GLN U 299 -16.86 -106.27 30.19
N PRO U 300 -17.78 -107.16 30.58
CA PRO U 300 -18.97 -107.47 29.73
C PRO U 300 -19.99 -106.32 29.65
N LYS U 301 -19.64 -105.32 28.86
CA LYS U 301 -20.51 -104.17 28.63
C LYS U 301 -20.76 -103.92 27.15
N ASN U 302 -19.76 -104.12 26.31
CA ASN U 302 -19.87 -103.89 24.87
C ASN U 302 -20.21 -105.15 24.09
N VAL U 303 -20.54 -106.25 24.77
CA VAL U 303 -20.68 -107.53 24.09
C VAL U 303 -21.98 -107.57 23.29
N MET U 304 -21.95 -108.32 22.19
CA MET U 304 -23.12 -108.52 21.33
C MET U 304 -23.60 -109.95 21.37
N VAL U 305 -23.43 -110.62 22.51
CA VAL U 305 -23.78 -112.03 22.68
C VAL U 305 -24.55 -112.17 23.99
N SER U 306 -25.76 -112.71 23.90
CA SER U 306 -26.56 -112.97 25.10
C SER U 306 -26.03 -114.22 25.79
N THR U 307 -25.36 -114.02 26.92
CA THR U 307 -24.75 -115.12 27.65
C THR U 307 -25.02 -114.94 29.14
N GLY U 308 -24.74 -116.00 29.89
CA GLY U 308 -24.97 -115.96 31.33
C GLY U 308 -23.89 -115.16 32.05
N ARG U 309 -24.31 -114.46 33.11
CA ARG U 309 -23.39 -113.64 33.89
C ARG U 309 -22.67 -114.42 34.97
N ASP U 310 -23.25 -115.51 35.45
CA ASP U 310 -22.65 -116.34 36.49
C ASP U 310 -22.01 -117.62 35.94
N ARG U 311 -21.85 -117.71 34.62
CA ARG U 311 -21.29 -118.89 33.98
C ARG U 311 -19.87 -118.66 33.47
N GLN U 312 -19.21 -117.58 33.90
CA GLN U 312 -17.89 -117.24 33.41
C GLN U 312 -16.78 -117.73 34.34
N THR U 313 -17.12 -118.32 35.49
CA THR U 313 -16.10 -118.82 36.41
C THR U 313 -15.59 -120.20 36.03
N ASN U 314 -16.45 -121.03 35.45
CA ASN U 314 -16.05 -122.36 34.98
C ASN U 314 -15.73 -122.38 33.50
N HIS U 315 -15.82 -121.23 32.83
CA HIS U 315 -15.44 -121.10 31.43
C HIS U 315 -14.17 -120.26 31.34
N CYS U 316 -13.40 -120.49 30.28
CA CYS U 316 -12.07 -119.90 30.16
C CYS U 316 -11.88 -119.32 28.77
N TYR U 317 -11.31 -118.11 28.70
CA TYR U 317 -10.91 -117.54 27.43
C TYR U 317 -9.70 -118.27 26.88
N ILE U 318 -9.64 -118.39 25.55
CA ILE U 318 -8.50 -119.06 24.92
C ILE U 318 -7.81 -118.07 23.98
N ALA U 319 -8.60 -117.27 23.26
CA ALA U 319 -8.07 -116.31 22.31
C ALA U 319 -8.88 -115.04 22.40
N ILE U 320 -8.21 -113.91 22.57
CA ILE U 320 -8.85 -112.60 22.68
C ILE U 320 -8.09 -111.60 21.82
N LEU U 321 -8.82 -110.90 20.95
CA LEU U 321 -8.25 -109.90 20.05
C LEU U 321 -8.71 -108.52 20.50
N ASN U 322 -7.78 -107.56 20.52
CA ASN U 322 -8.05 -106.19 20.96
C ASN U 322 -7.45 -105.25 19.92
N ILE U 323 -8.28 -104.75 19.00
CA ILE U 323 -7.82 -103.97 17.86
C ILE U 323 -8.04 -102.49 18.16
N ILE U 324 -6.93 -101.74 18.23
CA ILE U 324 -6.97 -100.29 18.30
C ILE U 324 -6.72 -99.71 16.91
N GLN U 325 -7.34 -98.56 16.63
CA GLN U 325 -7.34 -97.97 15.30
C GLN U 325 -6.99 -96.49 15.40
N GLY U 326 -6.37 -95.97 14.35
CA GLY U 326 -6.14 -94.54 14.26
C GLY U 326 -5.02 -94.09 15.17
N GLU U 327 -5.27 -93.03 15.95
CA GLU U 327 -4.30 -92.55 16.91
C GLU U 327 -4.20 -93.52 18.07
N VAL U 328 -3.01 -94.08 18.28
CA VAL U 328 -2.83 -95.16 19.24
C VAL U 328 -1.94 -94.69 20.37
N ASP U 329 -1.00 -93.77 20.05
CA ASP U 329 0.16 -93.40 20.87
C ASP U 329 0.92 -94.67 21.23
N PRO U 330 1.66 -95.26 20.30
CA PRO U 330 2.20 -96.61 20.50
C PRO U 330 3.34 -96.71 21.50
N THR U 331 3.76 -95.63 22.15
CA THR U 331 4.73 -95.76 23.22
C THR U 331 4.12 -96.26 24.52
N GLN U 332 2.78 -96.34 24.60
CA GLN U 332 2.08 -96.88 25.76
C GLN U 332 1.15 -98.03 25.40
N VAL U 333 1.30 -98.62 24.21
CA VAL U 333 0.46 -99.76 23.86
C VAL U 333 0.98 -101.04 24.53
N HIS U 334 2.30 -101.14 24.76
CA HIS U 334 2.82 -102.19 25.60
C HIS U 334 2.52 -101.94 27.07
N LYS U 335 2.25 -100.68 27.44
CA LYS U 335 1.86 -100.33 28.79
C LYS U 335 0.41 -100.77 29.07
N SER U 336 -0.43 -100.76 28.04
CA SER U 336 -1.81 -101.25 28.20
C SER U 336 -1.84 -102.77 28.37
N LEU U 337 -0.95 -103.47 27.69
CA LEU U 337 -0.86 -104.92 27.80
C LEU U 337 -0.13 -105.34 29.07
N GLN U 338 0.57 -104.40 29.72
CA GLN U 338 1.20 -104.67 31.01
C GLN U 338 0.16 -104.92 32.09
N ARG U 339 -0.95 -104.18 32.06
CA ARG U 339 -1.97 -104.24 33.10
C ARG U 339 -2.94 -105.40 32.96
N ILE U 340 -2.74 -106.27 31.96
CA ILE U 340 -3.68 -107.35 31.70
C ILE U 340 -3.47 -108.50 32.69
N ARG U 341 -2.21 -108.83 32.99
CA ARG U 341 -1.92 -109.98 33.85
C ARG U 341 -2.25 -109.72 35.31
N GLU U 342 -2.38 -108.45 35.72
CA GLU U 342 -2.59 -108.16 37.13
C GLU U 342 -4.04 -108.36 37.54
N ARG U 343 -4.98 -108.08 36.63
CA ARG U 343 -6.39 -108.25 36.95
C ARG U 343 -6.86 -109.68 36.74
N LYS U 344 -6.33 -110.33 35.69
CA LYS U 344 -6.81 -111.63 35.18
C LYS U 344 -8.32 -111.61 34.93
N LEU U 345 -8.75 -110.61 34.17
CA LEU U 345 -10.16 -110.50 33.79
C LEU U 345 -10.57 -111.60 32.82
N ALA U 346 -9.62 -112.14 32.07
CA ALA U 346 -9.85 -113.32 31.23
C ALA U 346 -9.43 -114.56 32.00
N ASN U 347 -10.35 -115.49 32.17
CA ASN U 347 -9.98 -116.79 32.72
C ASN U 347 -9.20 -117.56 31.67
N PHE U 348 -8.06 -118.10 32.06
CA PHE U 348 -7.15 -118.77 31.14
C PHE U 348 -7.36 -120.27 31.22
N ILE U 349 -7.14 -120.94 30.09
CA ILE U 349 -7.33 -122.39 30.01
C ILE U 349 -6.23 -123.09 30.81
N PRO U 350 -6.56 -124.08 31.65
CA PRO U 350 -5.53 -124.72 32.48
C PRO U 350 -4.68 -125.73 31.75
N TRP U 351 -5.05 -126.12 30.52
CA TRP U 351 -4.28 -127.11 29.78
C TRP U 351 -3.22 -126.49 28.88
N GLY U 352 -3.45 -125.28 28.40
CA GLY U 352 -2.52 -124.65 27.48
C GLY U 352 -2.42 -123.15 27.67
N PRO U 353 -1.55 -122.52 26.89
CA PRO U 353 -1.41 -121.07 26.97
C PRO U 353 -2.57 -120.31 26.33
N ALA U 354 -2.69 -119.04 26.71
CA ALA U 354 -3.64 -118.11 26.13
C ALA U 354 -2.87 -117.01 25.39
N SER U 355 -3.61 -116.06 24.82
CA SER U 355 -2.99 -114.99 24.03
C SER U 355 -3.89 -113.76 23.98
N ILE U 356 -3.33 -112.61 24.34
CA ILE U 356 -4.00 -111.33 24.18
C ILE U 356 -3.26 -110.58 23.06
N GLN U 357 -3.81 -110.64 21.86
CA GLN U 357 -3.19 -110.04 20.68
C GLN U 357 -3.75 -108.63 20.46
N VAL U 358 -2.85 -107.66 20.35
CA VAL U 358 -3.21 -106.27 20.09
C VAL U 358 -2.54 -105.85 18.78
N ALA U 359 -3.26 -105.09 17.96
CA ALA U 359 -2.73 -104.62 16.69
C ALA U 359 -3.28 -103.23 16.38
N LEU U 360 -2.61 -102.53 15.47
CA LEU U 360 -2.98 -101.16 15.14
C LEU U 360 -2.83 -100.91 13.65
N SER U 361 -3.61 -99.95 13.15
CA SER U 361 -3.53 -99.47 11.78
C SER U 361 -4.08 -98.07 11.74
N ARG U 362 -3.51 -97.24 10.87
CA ARG U 362 -3.95 -95.86 10.75
C ARG U 362 -5.29 -95.78 10.03
N LYS U 363 -6.16 -94.89 10.51
CA LYS U 363 -7.52 -94.80 10.02
C LYS U 363 -7.57 -93.85 8.81
N SER U 364 -8.80 -93.48 8.43
CA SER U 364 -9.01 -92.60 7.30
C SER U 364 -8.57 -91.17 7.63
N PRO U 365 -8.08 -90.42 6.64
CA PRO U 365 -7.81 -88.99 6.87
C PRO U 365 -9.11 -88.18 6.97
N TYR U 366 -9.72 -88.26 8.15
CA TYR U 366 -11.01 -87.63 8.41
C TYR U 366 -11.04 -87.19 9.87
N LEU U 367 -11.79 -86.11 10.13
CA LEU U 367 -11.77 -85.53 11.47
C LEU U 367 -12.46 -86.35 12.56
N PRO U 368 -13.62 -87.02 12.34
CA PRO U 368 -14.09 -87.95 13.38
C PRO U 368 -13.31 -89.25 13.47
N SER U 369 -12.36 -89.51 12.57
CA SER U 369 -11.59 -90.74 12.57
C SER U 369 -10.17 -90.57 13.08
N ALA U 370 -9.53 -89.42 12.84
CA ALA U 370 -8.17 -89.17 13.30
C ALA U 370 -8.14 -88.44 14.64
N HIS U 371 -9.24 -88.49 15.40
CA HIS U 371 -9.31 -87.84 16.71
C HIS U 371 -9.77 -88.73 17.84
N ARG U 372 -10.64 -89.72 17.61
CA ARG U 372 -11.28 -90.46 18.68
C ARG U 372 -10.80 -91.91 18.64
N VAL U 373 -10.45 -92.44 19.81
CA VAL U 373 -9.91 -93.79 19.88
C VAL U 373 -11.01 -94.81 19.65
N SER U 374 -10.68 -95.89 18.94
CA SER U 374 -11.64 -96.92 18.61
C SER U 374 -11.09 -98.27 19.01
N GLY U 375 -11.95 -99.09 19.63
CA GLY U 375 -11.55 -100.41 20.07
C GLY U 375 -12.46 -101.49 19.56
N LEU U 376 -11.91 -102.40 18.75
CA LEU U 376 -12.65 -103.52 18.18
C LEU U 376 -12.20 -104.81 18.86
N MET U 377 -13.16 -105.56 19.39
CA MET U 377 -12.87 -106.80 20.11
C MET U 377 -13.33 -107.99 19.29
N MET U 378 -12.48 -109.01 19.22
CA MET U 378 -12.84 -110.31 18.62
C MET U 378 -12.45 -111.38 19.64
N ALA U 379 -13.37 -111.65 20.57
CA ALA U 379 -13.12 -112.58 21.65
C ALA U 379 -13.42 -114.01 21.23
N ASN U 380 -13.05 -114.97 22.09
CA ASN U 380 -13.43 -116.36 21.91
C ASN U 380 -13.51 -116.98 23.30
N HIS U 381 -14.73 -117.01 23.85
CA HIS U 381 -14.98 -117.53 25.19
C HIS U 381 -15.90 -118.73 25.11
N THR U 382 -15.71 -119.67 26.02
CA THR U 382 -16.40 -120.96 25.99
C THR U 382 -17.76 -120.92 26.70
N ASN U 383 -18.31 -119.74 26.96
CA ASN U 383 -19.67 -119.60 27.44
C ASN U 383 -20.68 -119.46 26.31
N ILE U 384 -20.25 -119.69 25.06
CA ILE U 384 -21.11 -119.56 23.89
C ILE U 384 -22.10 -120.71 23.75
N SER U 385 -21.96 -121.76 24.55
CA SER U 385 -22.93 -122.85 24.56
C SER U 385 -24.25 -122.46 25.22
N SER U 386 -24.29 -121.33 25.92
CA SER U 386 -25.55 -120.86 26.51
C SER U 386 -26.54 -120.45 25.42
N LEU U 387 -26.05 -119.88 24.32
CA LEU U 387 -26.91 -119.66 23.16
C LEU U 387 -27.30 -120.97 22.52
N PHE U 388 -26.39 -121.94 22.50
CA PHE U 388 -26.70 -123.24 21.93
C PHE U 388 -27.61 -124.05 22.84
N GLU U 389 -27.55 -123.81 24.15
CA GLU U 389 -28.54 -124.37 25.06
C GLU U 389 -29.88 -123.64 24.95
N ARG U 390 -29.85 -122.37 24.59
CA ARG U 390 -31.09 -121.62 24.41
C ARG U 390 -31.82 -122.03 23.14
N THR U 391 -31.07 -122.28 22.06
CA THR U 391 -31.70 -122.66 20.80
C THR U 391 -32.15 -124.11 20.83
N CYS U 392 -31.43 -124.99 21.52
CA CYS U 392 -31.82 -126.39 21.57
C CYS U 392 -33.02 -126.63 22.48
N ARG U 393 -33.11 -125.87 23.59
CA ARG U 393 -34.27 -126.01 24.47
C ARG U 393 -35.53 -125.46 23.83
N GLN U 394 -35.39 -124.50 22.93
CA GLN U 394 -36.52 -124.01 22.14
C GLN U 394 -36.78 -124.87 20.91
N TYR U 395 -35.95 -125.87 20.66
CA TYR U 395 -36.09 -126.74 19.50
C TYR U 395 -36.81 -128.04 19.84
N ASP U 396 -36.42 -128.69 20.92
CA ASP U 396 -37.08 -129.92 21.34
C ASP U 396 -38.43 -129.67 22.01
N LYS U 397 -38.64 -128.48 22.57
CA LYS U 397 -39.94 -128.14 23.13
C LYS U 397 -40.97 -127.92 22.04
N LEU U 398 -40.54 -127.46 20.86
CA LEU U 398 -41.47 -127.21 19.76
C LEU U 398 -41.88 -128.50 19.06
N ARG U 399 -41.02 -129.52 19.06
CA ARG U 399 -41.36 -130.77 18.40
C ARG U 399 -42.32 -131.63 19.22
N LYS U 400 -42.46 -131.37 20.51
CA LYS U 400 -43.45 -132.06 21.33
C LYS U 400 -44.82 -131.41 21.29
N ARG U 401 -44.92 -130.19 20.74
CA ARG U 401 -46.18 -129.50 20.58
C ARG U 401 -46.84 -129.77 19.24
N GLU U 402 -46.26 -130.68 18.43
CA GLU U 402 -46.72 -131.03 17.08
C GLU U 402 -46.79 -129.80 16.17
N ALA U 403 -45.72 -129.01 16.18
CA ALA U 403 -45.65 -127.76 15.45
C ALA U 403 -44.76 -127.93 14.23
N PHE U 404 -45.34 -127.73 13.03
CA PHE U 404 -44.65 -127.78 11.74
C PHE U 404 -43.95 -129.11 11.48
N LEU U 405 -44.66 -130.19 11.79
CA LEU U 405 -44.25 -131.53 11.37
C LEU U 405 -45.07 -132.05 10.20
N GLU U 406 -46.29 -131.53 10.02
CA GLU U 406 -47.12 -131.86 8.87
C GLU U 406 -47.09 -130.75 7.83
N GLN U 407 -46.77 -129.53 8.25
CA GLN U 407 -46.77 -128.36 7.37
C GLN U 407 -45.41 -128.12 6.73
N PHE U 408 -44.42 -128.97 7.00
CA PHE U 408 -43.05 -128.74 6.56
C PHE U 408 -42.48 -129.88 5.74
N ARG U 409 -43.08 -131.07 5.76
CA ARG U 409 -42.52 -132.25 5.11
C ARG U 409 -43.26 -132.62 3.83
N LYS U 410 -44.06 -131.71 3.28
CA LYS U 410 -44.74 -131.99 2.02
C LYS U 410 -43.79 -131.83 0.84
N GLU U 411 -42.94 -130.81 0.87
CA GLU U 411 -41.97 -130.54 -0.19
C GLU U 411 -40.59 -131.01 0.25
N ASP U 412 -39.94 -131.79 -0.62
CA ASP U 412 -38.52 -132.18 -0.64
C ASP U 412 -37.94 -132.64 0.72
N ILE U 413 -38.78 -133.13 1.62
CA ILE U 413 -38.35 -133.72 2.88
C ILE U 413 -39.14 -135.01 3.07
N PHE U 414 -38.43 -136.15 3.04
CA PHE U 414 -39.06 -137.45 3.19
C PHE U 414 -38.65 -138.20 4.46
N LYS U 415 -37.48 -137.90 5.03
CA LYS U 415 -37.02 -138.54 6.25
C LYS U 415 -36.84 -137.49 7.34
N ASP U 416 -36.77 -137.96 8.58
CA ASP U 416 -36.65 -137.08 9.74
C ASP U 416 -35.19 -136.71 9.93
N ASN U 417 -34.82 -135.51 9.50
CA ASN U 417 -33.47 -134.97 9.67
C ASN U 417 -33.37 -134.03 10.86
N PHE U 418 -34.29 -134.14 11.82
CA PHE U 418 -34.35 -133.25 12.96
C PHE U 418 -33.33 -133.63 14.04
N ASP U 419 -33.18 -134.92 14.31
CA ASP U 419 -32.15 -135.38 15.23
C ASP U 419 -30.78 -135.41 14.60
N GLU U 420 -30.67 -135.24 13.28
CA GLU U 420 -29.37 -135.05 12.67
C GLU U 420 -28.78 -133.69 13.03
N LEU U 421 -29.63 -132.71 13.29
CA LEU U 421 -29.20 -131.40 13.77
C LEU U 421 -29.03 -131.35 15.28
N ASP U 422 -29.72 -132.24 16.01
CA ASP U 422 -29.71 -132.17 17.47
C ASP U 422 -28.44 -132.77 18.04
N ASN U 423 -27.99 -133.89 17.48
CA ASN U 423 -26.79 -134.56 18.01
C ASN U 423 -25.54 -133.77 17.64
N SER U 424 -25.49 -133.23 16.42
CA SER U 424 -24.35 -132.43 15.99
C SER U 424 -24.26 -131.12 16.75
N ARG U 425 -25.38 -130.58 17.22
CA ARG U 425 -25.33 -129.41 18.09
C ARG U 425 -24.83 -129.78 19.48
N GLU U 426 -25.22 -130.96 19.97
CA GLU U 426 -24.72 -131.41 21.27
C GLU U 426 -23.27 -131.86 21.19
N ILE U 427 -22.79 -132.23 19.99
CA ILE U 427 -21.38 -132.52 19.80
C ILE U 427 -20.55 -131.26 19.98
N VAL U 428 -21.07 -130.12 19.50
CA VAL U 428 -20.41 -128.83 19.73
C VAL U 428 -20.44 -128.46 21.20
N GLN U 429 -21.58 -128.66 21.86
CA GLN U 429 -21.74 -128.28 23.26
C GLN U 429 -20.93 -129.16 24.21
N GLN U 430 -20.66 -130.41 23.84
CA GLN U 430 -19.87 -131.29 24.69
C GLN U 430 -18.38 -131.11 24.48
N LEU U 431 -17.95 -130.85 23.24
CA LEU U 431 -16.52 -130.66 22.97
C LEU U 431 -16.02 -129.31 23.46
N ILE U 432 -16.92 -128.36 23.73
CA ILE U 432 -16.51 -127.07 24.27
C ILE U 432 -16.11 -127.22 25.74
N ASP U 433 -16.94 -127.93 26.52
CA ASP U 433 -16.64 -128.12 27.93
C ASP U 433 -15.50 -129.13 28.13
N GLU U 434 -15.34 -130.05 27.19
CA GLU U 434 -14.23 -131.00 27.24
C GLU U 434 -12.90 -130.35 26.89
N TYR U 435 -12.94 -129.20 26.20
CA TYR U 435 -11.73 -128.58 25.65
C TYR U 435 -10.81 -128.02 26.74
N HIS U 436 -11.34 -127.74 27.92
CA HIS U 436 -10.52 -127.34 29.07
C HIS U 436 -10.46 -128.55 30.02
N ALA U 437 -9.35 -129.28 29.94
CA ALA U 437 -9.17 -130.47 30.76
C ALA U 437 -8.50 -130.12 32.08
N PRO V 2 1.71 -100.76 -48.58
CA PRO V 2 2.62 -101.17 -47.51
C PRO V 2 2.00 -102.20 -46.57
N ARG V 3 1.19 -101.73 -45.63
CA ARG V 3 0.57 -102.59 -44.62
C ARG V 3 -0.93 -102.33 -44.58
N GLU V 4 -1.55 -102.27 -45.76
CA GLU V 4 -2.95 -101.89 -45.87
C GLU V 4 -3.85 -103.09 -45.60
N ILE V 5 -4.79 -102.92 -44.67
CA ILE V 5 -5.76 -103.95 -44.33
C ILE V 5 -7.15 -103.49 -44.75
N ILE V 6 -7.90 -104.39 -45.37
CA ILE V 6 -9.27 -104.14 -45.77
C ILE V 6 -10.20 -104.80 -44.75
N THR V 7 -10.99 -103.98 -44.06
CA THR V 7 -11.95 -104.49 -43.09
C THR V 7 -13.22 -104.92 -43.80
N LEU V 8 -13.77 -106.07 -43.42
CA LEU V 8 -14.98 -106.61 -44.04
C LEU V 8 -16.12 -106.55 -43.03
N GLN V 9 -16.70 -105.36 -42.91
CA GLN V 9 -17.84 -105.17 -42.02
C GLN V 9 -19.11 -105.73 -42.66
N LEU V 10 -19.76 -106.64 -41.94
CA LEU V 10 -20.82 -107.46 -42.49
C LEU V 10 -21.81 -107.84 -41.39
N GLY V 11 -23.09 -107.73 -41.70
CA GLY V 11 -24.14 -108.17 -40.80
C GLY V 11 -24.80 -107.03 -40.05
N GLN V 12 -25.80 -107.40 -39.25
CA GLN V 12 -26.55 -106.40 -38.49
C GLN V 12 -25.73 -105.87 -37.32
N CYS V 13 -24.94 -106.72 -36.68
CA CYS V 13 -24.12 -106.29 -35.55
C CYS V 13 -22.71 -105.90 -35.98
N GLY V 14 -22.20 -106.49 -37.06
CA GLY V 14 -20.87 -106.16 -37.53
C GLY V 14 -20.74 -104.79 -38.14
N ASN V 15 -21.83 -104.22 -38.64
CA ASN V 15 -21.78 -102.88 -39.22
C ASN V 15 -21.79 -101.81 -38.14
N GLN V 16 -22.47 -102.05 -37.02
CA GLN V 16 -22.54 -101.05 -35.96
C GLN V 16 -21.27 -101.02 -35.12
N ILE V 17 -20.63 -102.18 -34.92
CA ILE V 17 -19.37 -102.19 -34.17
C ILE V 17 -18.21 -101.66 -35.00
N GLY V 18 -18.36 -101.57 -36.31
CA GLY V 18 -17.32 -101.00 -37.15
C GLY V 18 -17.60 -99.56 -37.48
N PHE V 19 -18.84 -99.12 -37.21
CA PHE V 19 -19.19 -97.72 -37.46
C PHE V 19 -18.53 -96.79 -36.46
N GLU V 20 -18.60 -97.15 -35.17
CA GLU V 20 -17.89 -96.38 -34.15
C GLU V 20 -16.42 -96.74 -34.06
N PHE V 21 -15.98 -97.81 -34.73
CA PHE V 21 -14.55 -98.09 -34.82
C PHE V 21 -13.85 -97.06 -35.69
N TRP V 22 -14.46 -96.71 -36.82
CA TRP V 22 -13.94 -95.62 -37.63
C TRP V 22 -14.20 -94.26 -36.98
N LYS V 23 -15.25 -94.14 -36.18
CA LYS V 23 -15.52 -92.88 -35.48
C LYS V 23 -14.53 -92.68 -34.33
N GLN V 24 -13.99 -93.77 -33.79
CA GLN V 24 -12.97 -93.66 -32.74
C GLN V 24 -11.65 -93.18 -33.32
N LEU V 25 -11.38 -93.51 -34.59
CA LEU V 25 -10.08 -93.25 -35.18
C LEU V 25 -9.87 -91.77 -35.50
N CYS V 26 -10.95 -91.01 -35.75
CA CYS V 26 -10.76 -89.59 -36.04
C CYS V 26 -10.47 -88.78 -34.78
N ALA V 27 -11.00 -89.19 -33.63
CA ALA V 27 -10.75 -88.46 -32.40
C ALA V 27 -9.33 -88.62 -31.89
N GLU V 28 -8.67 -89.72 -32.27
CA GLU V 28 -7.29 -89.97 -31.86
C GLU V 28 -6.27 -89.54 -32.91
N HIS V 29 -6.66 -89.46 -34.18
CA HIS V 29 -5.78 -88.92 -35.19
C HIS V 29 -5.81 -87.40 -35.26
N GLY V 30 -6.68 -86.76 -34.50
CA GLY V 30 -6.79 -85.31 -34.55
C GLY V 30 -7.41 -84.78 -35.82
N ILE V 31 -8.24 -85.58 -36.48
CA ILE V 31 -8.82 -85.20 -37.76
C ILE V 31 -10.34 -85.20 -37.64
N SER V 32 -10.98 -84.46 -38.53
CA SER V 32 -12.41 -84.40 -38.68
C SER V 32 -12.84 -85.24 -39.87
N PRO V 33 -14.04 -85.82 -39.84
CA PRO V 33 -14.51 -86.65 -40.97
C PRO V 33 -14.76 -85.88 -42.26
N GLU V 34 -14.89 -84.56 -42.20
CA GLU V 34 -15.04 -83.76 -43.41
C GLU V 34 -13.93 -82.74 -43.65
N GLY V 35 -13.02 -82.54 -42.70
CA GLY V 35 -11.94 -81.60 -42.92
C GLY V 35 -10.74 -81.89 -42.06
N ILE V 36 -9.74 -81.03 -42.18
CA ILE V 36 -8.55 -81.07 -41.33
C ILE V 36 -8.42 -79.72 -40.65
N VAL V 37 -8.83 -79.63 -39.40
CA VAL V 37 -8.79 -78.37 -38.66
C VAL V 37 -7.65 -78.32 -37.64
N GLU V 38 -7.04 -79.45 -37.29
CA GLU V 38 -5.96 -79.48 -36.31
C GLU V 38 -4.67 -79.92 -36.98
N GLU V 39 -3.55 -79.38 -36.51
CA GLU V 39 -2.25 -79.76 -37.03
C GLU V 39 -1.62 -80.90 -36.24
N PHE V 40 -2.34 -81.48 -35.29
CA PHE V 40 -1.85 -82.57 -34.44
C PHE V 40 -1.77 -83.91 -35.16
N ALA V 41 -2.15 -83.99 -36.44
CA ALA V 41 -2.24 -85.27 -37.13
C ALA V 41 -0.90 -85.80 -37.61
N THR V 42 0.08 -84.94 -37.87
CA THR V 42 1.37 -85.38 -38.37
C THR V 42 2.51 -85.21 -37.37
N GLU V 43 2.46 -84.18 -36.52
CA GLU V 43 3.51 -84.02 -35.51
C GLU V 43 3.30 -84.97 -34.35
N GLY V 44 2.05 -85.20 -33.96
CA GLY V 44 1.74 -86.11 -32.86
C GLY V 44 1.68 -87.56 -33.29
N THR V 45 0.98 -87.83 -34.39
CA THR V 45 0.85 -89.17 -34.93
C THR V 45 1.79 -89.31 -36.13
N ASP V 46 2.67 -90.31 -36.08
CA ASP V 46 3.70 -90.47 -37.10
C ASP V 46 3.29 -91.42 -38.21
N ARG V 47 2.12 -92.06 -38.11
CA ARG V 47 1.65 -92.96 -39.17
C ARG V 47 0.14 -93.01 -39.15
N LYS V 48 -0.48 -92.69 -40.29
CA LYS V 48 -1.92 -92.69 -40.42
C LYS V 48 -2.44 -93.55 -41.56
N ASP V 49 -1.63 -93.86 -42.57
CA ASP V 49 -2.08 -94.61 -43.72
C ASP V 49 -1.75 -96.09 -43.55
N VAL V 50 -2.39 -96.70 -42.56
CA VAL V 50 -2.31 -98.14 -42.36
C VAL V 50 -3.67 -98.81 -42.25
N PHE V 51 -4.72 -98.11 -41.87
CA PHE V 51 -6.11 -98.57 -41.97
C PHE V 51 -6.93 -97.72 -42.90
N PHE V 52 -6.67 -96.42 -42.93
CA PHE V 52 -7.28 -95.53 -43.91
C PHE V 52 -6.66 -95.73 -45.28
N TYR V 53 -7.40 -95.33 -46.30
CA TYR V 53 -6.82 -95.19 -47.62
C TYR V 53 -5.92 -93.95 -47.65
N GLN V 54 -4.87 -94.02 -48.47
CA GLN V 54 -3.90 -92.94 -48.51
C GLN V 54 -4.48 -91.72 -49.20
N ALA V 55 -3.98 -90.55 -48.81
CA ALA V 55 -4.70 -89.30 -49.03
C ALA V 55 -4.55 -88.79 -50.46
N ASP V 56 -5.60 -88.14 -50.95
CA ASP V 56 -5.57 -87.40 -52.19
C ASP V 56 -5.71 -85.90 -51.97
N ASP V 57 -6.37 -85.48 -50.89
CA ASP V 57 -6.51 -84.07 -50.54
C ASP V 57 -6.38 -83.89 -49.03
N GLU V 58 -5.54 -84.70 -48.40
CA GLU V 58 -5.53 -84.95 -46.94
C GLU V 58 -6.92 -85.34 -46.44
N HIS V 59 -7.57 -86.23 -47.19
CA HIS V 59 -8.84 -86.83 -46.79
C HIS V 59 -8.63 -88.34 -46.72
N TYR V 60 -8.39 -88.84 -45.52
CA TYR V 60 -8.06 -90.24 -45.30
C TYR V 60 -9.34 -91.07 -45.38
N ILE V 61 -9.61 -91.62 -46.56
CA ILE V 61 -10.78 -92.44 -46.83
C ILE V 61 -10.66 -93.74 -46.05
N PRO V 62 -11.72 -94.24 -45.43
CA PRO V 62 -11.63 -95.57 -44.79
C PRO V 62 -11.68 -96.68 -45.82
N ARG V 63 -10.85 -97.70 -45.61
CA ARG V 63 -10.80 -98.87 -46.48
C ARG V 63 -11.83 -99.91 -46.01
N ALA V 64 -13.10 -99.55 -46.13
CA ALA V 64 -14.18 -100.30 -45.51
C ALA V 64 -15.26 -100.64 -46.52
N VAL V 65 -15.86 -101.82 -46.34
CA VAL V 65 -17.03 -102.24 -47.08
C VAL V 65 -18.07 -102.74 -46.10
N LEU V 66 -19.34 -102.41 -46.35
CA LEU V 66 -20.43 -102.70 -45.43
C LEU V 66 -21.61 -103.25 -46.22
N LEU V 67 -21.83 -104.56 -46.15
CA LEU V 67 -22.98 -105.19 -46.77
C LEU V 67 -23.86 -105.83 -45.69
N ASP V 68 -25.17 -105.65 -45.84
CA ASP V 68 -26.13 -106.29 -44.94
C ASP V 68 -27.47 -106.41 -45.65
N LEU V 69 -28.21 -107.46 -45.30
CA LEU V 69 -29.54 -107.65 -45.85
C LEU V 69 -30.53 -106.64 -45.29
N GLU V 70 -30.31 -106.20 -44.04
CA GLU V 70 -31.23 -105.28 -43.38
C GLU V 70 -30.83 -103.85 -43.72
N PRO V 71 -31.75 -103.03 -44.24
CA PRO V 71 -31.42 -101.62 -44.50
C PRO V 71 -31.54 -100.70 -43.29
N ARG V 72 -31.89 -101.25 -42.12
CA ARG V 72 -32.09 -100.41 -40.95
C ARG V 72 -30.76 -99.95 -40.35
N VAL V 73 -29.70 -100.77 -40.48
CA VAL V 73 -28.42 -100.42 -39.88
C VAL V 73 -27.74 -99.31 -40.67
N ILE V 74 -28.01 -99.21 -41.96
CA ILE V 74 -27.36 -98.19 -42.79
C ILE V 74 -28.18 -96.91 -42.89
N HIS V 75 -29.47 -96.95 -42.57
CA HIS V 75 -30.28 -95.74 -42.53
C HIS V 75 -30.08 -94.95 -41.26
N SER V 76 -29.44 -95.52 -40.23
CA SER V 76 -29.03 -94.80 -39.04
C SER V 76 -27.60 -94.29 -39.14
N ILE V 77 -27.06 -94.19 -40.36
CA ILE V 77 -25.67 -93.80 -40.59
C ILE V 77 -25.60 -92.44 -41.29
N LEU V 78 -26.37 -92.26 -42.36
CA LEU V 78 -26.24 -91.08 -43.22
C LEU V 78 -26.70 -89.79 -42.55
N ASN V 79 -27.56 -89.87 -41.53
CA ASN V 79 -27.95 -88.66 -40.81
C ASN V 79 -26.89 -88.26 -39.80
N SER V 80 -26.03 -89.18 -39.39
CA SER V 80 -24.92 -88.84 -38.53
C SER V 80 -23.86 -88.09 -39.32
N PRO V 81 -23.18 -87.11 -38.71
CA PRO V 81 -22.19 -86.30 -39.45
C PRO V 81 -20.87 -87.01 -39.72
N TYR V 82 -20.73 -88.28 -39.35
CA TYR V 82 -19.52 -89.04 -39.64
C TYR V 82 -19.64 -89.89 -40.90
N ALA V 83 -20.76 -89.81 -41.62
CA ALA V 83 -20.97 -90.59 -42.83
C ALA V 83 -20.44 -89.92 -44.08
N ASN V 84 -20.10 -88.63 -44.01
CA ASN V 84 -19.51 -87.96 -45.17
C ASN V 84 -18.07 -88.40 -45.39
N LEU V 85 -17.43 -88.93 -44.34
CA LEU V 85 -16.11 -89.54 -44.51
C LEU V 85 -16.20 -90.82 -45.32
N TYR V 86 -17.27 -91.59 -45.11
CA TYR V 86 -17.56 -92.74 -45.96
C TYR V 86 -17.93 -92.28 -47.36
N ASN V 87 -17.67 -93.15 -48.35
CA ASN V 87 -17.91 -92.81 -49.74
C ASN V 87 -19.16 -93.52 -50.25
N PRO V 88 -19.99 -92.84 -51.04
CA PRO V 88 -21.19 -93.49 -51.58
C PRO V 88 -20.95 -94.20 -52.91
N GLU V 89 -19.69 -94.44 -53.26
CA GLU V 89 -19.38 -95.21 -54.46
C GLU V 89 -18.53 -96.44 -54.19
N ASN V 90 -17.90 -96.57 -53.02
CA ASN V 90 -17.08 -97.73 -52.72
C ASN V 90 -17.90 -98.96 -52.40
N ILE V 91 -19.07 -98.80 -51.78
CA ILE V 91 -19.85 -99.95 -51.33
C ILE V 91 -21.20 -99.93 -52.02
N TYR V 92 -21.99 -98.89 -51.74
CA TYR V 92 -23.33 -98.73 -52.30
C TYR V 92 -23.62 -97.24 -52.45
N LEU V 93 -24.53 -96.92 -53.38
CA LEU V 93 -25.09 -95.58 -53.40
C LEU V 93 -26.34 -95.54 -52.50
N SER V 94 -27.11 -94.46 -52.64
CA SER V 94 -28.29 -94.27 -51.82
C SER V 94 -29.38 -95.28 -52.20
N GLU V 95 -30.21 -95.62 -51.21
CA GLU V 95 -31.26 -96.65 -51.29
C GLU V 95 -30.67 -98.02 -51.68
N HIS V 96 -29.87 -98.57 -50.77
CA HIS V 96 -29.46 -99.96 -50.87
C HIS V 96 -30.35 -100.83 -49.99
N GLY V 97 -30.64 -102.03 -50.50
CA GLY V 97 -31.53 -102.93 -49.78
C GLY V 97 -30.93 -104.30 -49.54
N GLY V 98 -31.77 -105.32 -49.53
CA GLY V 98 -31.32 -106.69 -49.30
C GLY V 98 -32.42 -107.71 -49.46
N GLY V 99 -32.45 -108.70 -48.55
CA GLY V 99 -33.44 -109.74 -48.59
C GLY V 99 -34.73 -109.35 -47.88
N ALA V 100 -35.40 -110.34 -47.31
CA ALA V 100 -36.64 -110.10 -46.59
C ALA V 100 -36.46 -109.75 -45.10
N GLY V 101 -35.69 -110.49 -44.27
CA GLY V 101 -35.00 -111.76 -44.47
C GLY V 101 -34.28 -112.24 -43.22
N ASN V 102 -34.49 -113.50 -42.85
CA ASN V 102 -33.86 -114.06 -41.65
C ASN V 102 -33.66 -115.56 -41.87
N ASN V 103 -32.47 -115.94 -42.33
CA ASN V 103 -32.11 -117.33 -42.56
C ASN V 103 -30.59 -117.40 -42.75
N TRP V 104 -30.02 -118.53 -42.30
CA TRP V 104 -28.63 -118.81 -42.62
C TRP V 104 -28.48 -119.24 -44.07
N ALA V 105 -29.47 -119.95 -44.61
CA ALA V 105 -29.46 -120.38 -46.00
C ALA V 105 -29.81 -119.26 -46.97
N SER V 106 -30.24 -118.09 -46.48
CA SER V 106 -30.52 -116.97 -47.36
C SER V 106 -29.23 -116.37 -47.90
N GLY V 107 -28.37 -115.88 -46.99
CA GLY V 107 -27.09 -115.32 -47.39
C GLY V 107 -26.11 -116.34 -47.93
N PHE V 108 -26.27 -117.62 -47.58
CA PHE V 108 -25.44 -118.66 -48.16
C PHE V 108 -25.80 -118.93 -49.61
N SER V 109 -27.06 -118.70 -49.98
CA SER V 109 -27.49 -118.84 -51.37
C SER V 109 -27.44 -117.53 -52.14
N GLN V 110 -27.41 -116.39 -51.44
CA GLN V 110 -27.30 -115.10 -52.11
C GLN V 110 -25.88 -114.75 -52.52
N GLY V 111 -24.89 -115.53 -52.08
CA GLY V 111 -23.51 -115.21 -52.42
C GLY V 111 -23.14 -115.56 -53.85
N GLU V 112 -23.82 -116.54 -54.44
CA GLU V 112 -23.51 -116.99 -55.80
C GLU V 112 -24.48 -116.44 -56.83
N LYS V 113 -25.48 -115.65 -56.42
CA LYS V 113 -26.34 -114.95 -57.37
C LYS V 113 -25.93 -113.49 -57.53
N ILE V 114 -25.20 -112.92 -56.57
CA ILE V 114 -24.61 -111.60 -56.69
C ILE V 114 -23.10 -111.81 -56.71
N HIS V 115 -22.69 -112.95 -57.28
CA HIS V 115 -21.28 -113.34 -57.30
C HIS V 115 -20.45 -112.41 -58.18
N GLU V 116 -21.07 -111.86 -59.23
CA GLU V 116 -20.36 -110.94 -60.12
C GLU V 116 -20.12 -109.59 -59.45
N ASP V 117 -21.10 -109.08 -58.72
CA ASP V 117 -21.00 -107.76 -58.10
C ASP V 117 -20.25 -107.77 -56.78
N ILE V 118 -20.26 -108.89 -56.04
CA ILE V 118 -19.59 -108.92 -54.75
C ILE V 118 -18.08 -109.08 -54.90
N PHE V 119 -17.60 -109.50 -56.07
CA PHE V 119 -16.17 -109.62 -56.34
C PHE V 119 -15.67 -108.59 -57.34
N ASP V 120 -16.39 -107.47 -57.47
CA ASP V 120 -16.03 -106.42 -58.42
C ASP V 120 -15.57 -105.14 -57.73
N ILE V 121 -16.33 -104.64 -56.76
CA ILE V 121 -15.99 -103.33 -56.20
C ILE V 121 -15.13 -103.48 -54.94
N ILE V 122 -15.12 -104.66 -54.32
CA ILE V 122 -14.24 -104.85 -53.17
C ILE V 122 -12.83 -105.22 -53.59
N ASP V 123 -12.63 -105.57 -54.87
CA ASP V 123 -11.31 -105.86 -55.39
C ASP V 123 -10.63 -104.64 -55.97
N ARG V 124 -11.36 -103.52 -56.12
CA ARG V 124 -10.76 -102.28 -56.56
C ARG V 124 -9.85 -101.67 -55.49
N GLU V 125 -10.14 -101.92 -54.22
CA GLU V 125 -9.28 -101.47 -53.13
C GLU V 125 -8.10 -102.39 -52.89
N ALA V 126 -8.08 -103.56 -53.53
CA ALA V 126 -7.00 -104.51 -53.29
C ALA V 126 -5.72 -104.10 -54.02
N ASP V 127 -5.85 -103.66 -55.27
CA ASP V 127 -4.70 -103.27 -56.07
C ASP V 127 -4.29 -101.81 -55.86
N GLY V 128 -4.84 -101.13 -54.86
CA GLY V 128 -4.37 -99.80 -54.53
C GLY V 128 -2.96 -99.82 -53.96
N SER V 129 -2.68 -100.79 -53.10
CA SER V 129 -1.34 -101.05 -52.60
C SER V 129 -0.83 -102.37 -53.18
N ASP V 130 0.42 -102.38 -53.62
CA ASP V 130 1.02 -103.55 -54.25
C ASP V 130 1.51 -104.59 -53.24
N SER V 131 1.35 -104.33 -51.94
CA SER V 131 1.70 -105.30 -50.90
C SER V 131 0.55 -105.28 -49.88
N LEU V 132 -0.43 -106.15 -50.11
CA LEU V 132 -1.61 -106.18 -49.26
C LEU V 132 -1.36 -107.02 -48.02
N GLU V 133 -1.80 -106.50 -46.87
CA GLU V 133 -1.63 -107.19 -45.60
C GLU V 133 -2.55 -108.40 -45.49
N GLY V 134 -3.85 -108.17 -45.57
CA GLY V 134 -4.78 -109.27 -45.49
C GLY V 134 -6.20 -108.77 -45.40
N PHE V 135 -7.07 -109.62 -44.85
CA PHE V 135 -8.49 -109.32 -44.71
C PHE V 135 -8.95 -109.65 -43.30
N VAL V 136 -9.64 -108.71 -42.67
CA VAL V 136 -10.33 -108.95 -41.41
C VAL V 136 -11.84 -108.90 -41.66
N LEU V 137 -12.53 -109.98 -41.30
CA LEU V 137 -13.98 -110.10 -41.48
C LEU V 137 -14.65 -109.61 -40.22
N CYS V 138 -15.03 -108.33 -40.21
CA CYS V 138 -15.72 -107.72 -39.07
C CYS V 138 -17.20 -108.06 -39.14
N HIS V 139 -17.49 -109.34 -38.93
CA HIS V 139 -18.84 -109.86 -39.09
C HIS V 139 -19.39 -110.33 -37.75
N SER V 140 -20.58 -110.90 -37.79
CA SER V 140 -21.29 -111.35 -36.61
C SER V 140 -21.62 -112.83 -36.71
N ILE V 141 -21.84 -113.44 -35.56
CA ILE V 141 -22.36 -114.79 -35.47
C ILE V 141 -23.85 -114.81 -35.15
N ALA V 142 -24.34 -113.82 -34.40
CA ALA V 142 -25.76 -113.74 -34.07
C ALA V 142 -26.59 -113.43 -35.31
N GLY V 143 -27.77 -114.03 -35.38
CA GLY V 143 -28.65 -113.84 -36.51
C GLY V 143 -28.22 -114.67 -37.71
N GLY V 144 -29.04 -114.58 -38.77
CA GLY V 144 -28.75 -115.29 -40.00
C GLY V 144 -28.18 -114.38 -41.07
N THR V 145 -28.13 -113.08 -40.78
CA THR V 145 -27.62 -112.11 -41.75
C THR V 145 -26.09 -112.14 -41.80
N GLY V 146 -25.44 -111.98 -40.65
CA GLY V 146 -23.98 -112.00 -40.62
C GLY V 146 -23.38 -113.38 -40.67
N SER V 147 -24.12 -114.41 -40.28
CA SER V 147 -23.62 -115.78 -40.29
C SER V 147 -23.86 -116.49 -41.61
N GLY V 148 -24.89 -116.09 -42.36
CA GLY V 148 -25.20 -116.74 -43.62
C GLY V 148 -24.28 -116.36 -44.75
N LEU V 149 -24.03 -115.06 -44.91
CA LEU V 149 -23.19 -114.58 -46.01
C LEU V 149 -21.72 -114.60 -45.63
N GLY V 150 -21.38 -114.51 -44.34
CA GLY V 150 -19.99 -114.50 -43.92
C GLY V 150 -19.28 -115.83 -44.09
N SER V 151 -20.03 -116.94 -44.11
CA SER V 151 -19.42 -118.24 -44.34
C SER V 151 -19.03 -118.45 -45.79
N TYR V 152 -19.58 -117.67 -46.71
CA TYR V 152 -19.27 -117.82 -48.13
C TYR V 152 -17.93 -117.17 -48.47
N LEU V 153 -17.66 -115.99 -47.91
CA LEU V 153 -16.42 -115.28 -48.22
C LEU V 153 -15.20 -115.87 -47.52
N LEU V 154 -15.41 -116.73 -46.52
CA LEU V 154 -14.29 -117.43 -45.90
C LEU V 154 -13.76 -118.56 -46.77
N GLU V 155 -14.49 -118.95 -47.82
CA GLU V 155 -14.09 -120.02 -48.73
C GLU V 155 -13.48 -119.48 -50.02
N ARG V 156 -14.14 -118.52 -50.66
CA ARG V 156 -13.69 -118.06 -51.97
C ARG V 156 -12.54 -117.05 -51.88
N LEU V 157 -12.32 -116.45 -50.73
CA LEU V 157 -11.15 -115.60 -50.53
C LEU V 157 -9.95 -116.38 -50.00
N ASN V 158 -10.10 -117.68 -49.76
CA ASN V 158 -8.99 -118.50 -49.29
C ASN V 158 -8.07 -118.90 -50.43
N ASP V 159 -8.60 -119.07 -51.64
CA ASP V 159 -7.81 -119.45 -52.80
C ASP V 159 -7.56 -118.31 -53.78
N ARG V 160 -8.48 -117.35 -53.88
CA ARG V 160 -8.24 -116.19 -54.74
C ARG V 160 -7.20 -115.26 -54.13
N TYR V 161 -7.08 -115.24 -52.81
CA TYR V 161 -6.05 -114.48 -52.11
C TYR V 161 -5.40 -115.39 -51.09
N PRO V 162 -4.51 -116.29 -51.54
CA PRO V 162 -3.98 -117.32 -50.63
C PRO V 162 -2.85 -116.84 -49.73
N LYS V 163 -2.11 -115.81 -50.14
CA LYS V 163 -0.95 -115.34 -49.39
C LYS V 163 -1.28 -114.17 -48.47
N LYS V 164 -2.54 -114.04 -48.07
CA LYS V 164 -2.97 -112.95 -47.20
C LYS V 164 -3.42 -113.47 -45.85
N LEU V 165 -3.16 -112.66 -44.82
CA LEU V 165 -3.58 -112.99 -43.46
C LEU V 165 -5.08 -112.88 -43.33
N VAL V 166 -5.69 -113.90 -42.74
CA VAL V 166 -7.09 -113.83 -42.32
C VAL V 166 -7.17 -113.99 -40.80
N GLN V 167 -7.95 -113.13 -40.17
CA GLN V 167 -8.17 -113.06 -38.74
C GLN V 167 -9.35 -112.13 -38.47
N THR V 168 -10.31 -112.55 -37.65
CA THR V 168 -11.54 -111.80 -37.49
C THR V 168 -11.79 -111.40 -36.04
N TYR V 169 -12.44 -110.26 -35.86
CA TYR V 169 -12.99 -109.84 -34.57
C TYR V 169 -14.49 -110.13 -34.61
N SER V 170 -14.84 -111.38 -34.33
CA SER V 170 -16.22 -111.85 -34.40
C SER V 170 -16.85 -111.83 -33.02
N VAL V 171 -18.11 -111.42 -32.95
CA VAL V 171 -18.85 -111.36 -31.69
C VAL V 171 -19.71 -112.61 -31.54
N PHE V 172 -19.71 -113.18 -30.34
CA PHE V 172 -20.52 -114.35 -30.05
C PHE V 172 -21.94 -113.93 -29.67
N PRO V 173 -22.95 -114.75 -29.99
CA PRO V 173 -24.32 -114.41 -29.65
C PRO V 173 -24.64 -114.67 -28.18
N ASN V 174 -25.86 -114.30 -27.79
CA ASN V 174 -26.30 -114.38 -26.41
C ASN V 174 -27.12 -115.64 -26.20
N GLN V 175 -26.87 -116.33 -25.09
CA GLN V 175 -27.51 -117.61 -24.77
C GLN V 175 -28.29 -117.55 -23.46
N ASP V 176 -29.09 -116.49 -23.28
CA ASP V 176 -29.83 -116.33 -22.02
C ASP V 176 -31.21 -117.01 -22.09
N GLU V 177 -32.07 -116.59 -23.01
CA GLU V 177 -33.26 -117.37 -23.36
C GLU V 177 -33.31 -117.55 -24.87
N MET V 178 -34.20 -118.42 -25.33
CA MET V 178 -34.27 -118.85 -26.72
C MET V 178 -35.69 -118.68 -27.26
N SER V 179 -36.26 -117.49 -27.04
CA SER V 179 -37.63 -117.19 -27.45
C SER V 179 -37.69 -116.39 -28.75
N HIS V 180 -36.95 -115.27 -28.81
CA HIS V 180 -36.98 -114.43 -30.02
C HIS V 180 -36.28 -115.14 -31.17
N VAL V 181 -35.09 -115.68 -30.92
CA VAL V 181 -34.38 -116.52 -31.89
C VAL V 181 -34.31 -117.93 -31.31
N VAL V 182 -34.35 -118.92 -32.21
CA VAL V 182 -34.32 -120.33 -31.88
C VAL V 182 -33.36 -121.02 -32.86
N VAL V 183 -32.88 -120.27 -33.85
CA VAL V 183 -32.02 -120.86 -34.88
C VAL V 183 -30.56 -120.63 -34.49
N GLN V 184 -30.35 -120.17 -33.25
CA GLN V 184 -29.01 -119.84 -32.77
C GLN V 184 -28.02 -121.02 -32.70
N PRO V 185 -28.38 -122.26 -32.30
CA PRO V 185 -27.37 -123.33 -32.38
C PRO V 185 -27.04 -123.76 -33.80
N TYR V 186 -27.89 -123.49 -34.79
CA TYR V 186 -27.64 -123.95 -36.15
C TYR V 186 -26.69 -123.04 -36.92
N ASN V 187 -26.97 -121.74 -36.94
CA ASN V 187 -26.15 -120.81 -37.71
C ASN V 187 -24.81 -120.52 -37.05
N SER V 188 -24.66 -120.78 -35.76
CA SER V 188 -23.39 -120.51 -35.08
C SER V 188 -22.36 -121.58 -35.40
N LEU V 189 -22.75 -122.86 -35.31
CA LEU V 189 -21.82 -123.95 -35.54
C LEU V 189 -21.46 -124.10 -37.01
N LEU V 190 -22.31 -123.64 -37.92
CA LEU V 190 -21.97 -123.67 -39.34
C LEU V 190 -20.87 -122.66 -39.67
N THR V 191 -20.89 -121.51 -39.00
CA THR V 191 -19.82 -120.53 -39.18
C THR V 191 -18.58 -120.90 -38.37
N LEU V 192 -18.76 -121.58 -37.23
CA LEU V 192 -17.62 -121.94 -36.40
C LEU V 192 -16.75 -123.01 -37.04
N LYS V 193 -17.31 -123.83 -37.94
CA LYS V 193 -16.47 -124.74 -38.72
C LYS V 193 -15.62 -123.97 -39.72
N ARG V 194 -16.18 -122.93 -40.34
CA ARG V 194 -15.43 -122.11 -41.28
C ARG V 194 -14.41 -121.22 -40.59
N LEU V 195 -14.52 -121.02 -39.28
CA LEU V 195 -13.58 -120.16 -38.56
C LEU V 195 -12.30 -120.89 -38.16
N THR V 196 -12.25 -122.21 -38.30
CA THR V 196 -11.08 -122.98 -37.90
C THR V 196 -10.29 -123.54 -39.07
N GLN V 197 -10.94 -124.11 -40.08
CA GLN V 197 -10.22 -124.65 -41.22
C GLN V 197 -10.20 -123.70 -42.42
N ASN V 198 -11.26 -122.91 -42.62
CA ASN V 198 -11.28 -121.89 -43.65
C ASN V 198 -10.84 -120.53 -43.13
N ALA V 199 -10.39 -120.46 -41.88
CA ALA V 199 -9.88 -119.22 -41.30
C ALA V 199 -8.77 -119.55 -40.32
N ASP V 200 -7.77 -118.67 -40.27
CA ASP V 200 -6.60 -118.92 -39.45
C ASP V 200 -6.85 -118.60 -37.98
N CYS V 201 -7.29 -117.37 -37.69
CA CYS V 201 -7.44 -116.91 -36.32
C CYS V 201 -8.78 -116.21 -36.16
N VAL V 202 -9.28 -116.20 -34.92
CA VAL V 202 -10.44 -115.41 -34.54
C VAL V 202 -10.11 -114.64 -33.28
N VAL V 203 -10.95 -113.65 -32.97
CA VAL V 203 -10.91 -112.94 -31.70
C VAL V 203 -12.32 -113.05 -31.13
N VAL V 204 -12.48 -113.86 -30.09
CA VAL V 204 -13.81 -114.15 -29.55
C VAL V 204 -14.30 -112.98 -28.71
N LEU V 205 -15.61 -112.73 -28.75
CA LEU V 205 -16.25 -111.64 -28.02
C LEU V 205 -17.62 -112.15 -27.57
N ASP V 206 -17.70 -112.57 -26.32
CA ASP V 206 -18.93 -113.17 -25.80
C ASP V 206 -19.98 -112.10 -25.50
N ASN V 207 -21.25 -112.50 -25.61
CA ASN V 207 -22.37 -111.61 -25.31
C ASN V 207 -22.86 -111.73 -23.88
N THR V 208 -22.80 -112.92 -23.29
CA THR V 208 -23.17 -113.07 -21.88
C THR V 208 -22.13 -112.47 -20.95
N ALA V 209 -20.90 -112.29 -21.42
CA ALA V 209 -19.86 -111.61 -20.67
C ALA V 209 -19.88 -110.11 -20.85
N LEU V 210 -20.70 -109.59 -21.78
CA LEU V 210 -20.80 -108.15 -21.96
C LEU V 210 -21.59 -107.50 -20.84
N ASN V 211 -22.79 -108.04 -20.55
CA ASN V 211 -23.61 -107.55 -19.45
C ASN V 211 -23.05 -107.90 -18.08
N ARG V 212 -22.08 -108.82 -18.01
CA ARG V 212 -21.33 -108.98 -16.76
C ARG V 212 -20.47 -107.74 -16.47
N ILE V 213 -19.98 -107.08 -17.53
CA ILE V 213 -19.16 -105.89 -17.38
C ILE V 213 -20.04 -104.65 -17.46
N ALA V 214 -21.14 -104.74 -18.22
CA ALA V 214 -22.03 -103.60 -18.41
C ALA V 214 -22.81 -103.25 -17.15
N THR V 215 -22.91 -104.15 -16.18
CA THR V 215 -23.44 -103.82 -14.87
C THR V 215 -22.36 -103.84 -13.79
N ASP V 216 -21.11 -104.12 -14.13
CA ASP V 216 -20.03 -104.16 -13.15
C ASP V 216 -19.67 -102.77 -12.67
N ARG V 217 -19.23 -101.90 -13.59
CA ARG V 217 -18.81 -100.55 -13.26
C ARG V 217 -19.62 -99.50 -14.01
N LEU V 218 -20.46 -99.90 -14.95
CA LEU V 218 -21.13 -98.96 -15.83
C LEU V 218 -22.48 -98.51 -15.30
N HIS V 219 -23.09 -99.32 -14.43
CA HIS V 219 -24.28 -98.97 -13.63
C HIS V 219 -25.48 -98.60 -14.50
N ILE V 220 -25.97 -99.58 -15.23
CA ILE V 220 -27.20 -99.44 -16.01
C ILE V 220 -28.26 -100.35 -15.42
N GLN V 221 -29.52 -99.99 -15.64
CA GLN V 221 -30.67 -100.77 -15.18
C GLN V 221 -31.36 -101.54 -16.30
N ASN V 222 -31.52 -100.93 -17.47
CA ASN V 222 -32.12 -101.58 -18.62
C ASN V 222 -31.05 -101.77 -19.68
N PRO V 223 -30.62 -103.00 -19.97
CA PRO V 223 -29.54 -103.21 -20.95
C PRO V 223 -30.03 -102.96 -22.37
N SER V 224 -29.43 -101.98 -23.03
CA SER V 224 -29.76 -101.64 -24.41
C SER V 224 -28.61 -102.01 -25.34
N PHE V 225 -28.87 -101.90 -26.65
CA PHE V 225 -27.86 -102.19 -27.65
C PHE V 225 -26.89 -101.03 -27.85
N SER V 226 -27.15 -99.87 -27.26
CA SER V 226 -26.28 -98.71 -27.41
C SER V 226 -25.01 -98.81 -26.58
N GLN V 227 -24.89 -99.82 -25.71
CA GLN V 227 -23.68 -100.03 -24.93
C GLN V 227 -22.76 -101.08 -25.53
N ILE V 228 -23.22 -101.83 -26.53
CA ILE V 228 -22.42 -102.90 -27.12
C ILE V 228 -21.28 -102.35 -27.98
N ASN V 229 -21.33 -101.06 -28.36
CA ASN V 229 -20.32 -100.50 -29.23
C ASN V 229 -19.21 -99.81 -28.46
N GLN V 230 -19.35 -99.69 -27.14
CA GLN V 230 -18.38 -98.95 -26.34
C GLN V 230 -17.24 -99.83 -25.85
N LEU V 231 -17.54 -101.07 -25.45
CA LEU V 231 -16.47 -101.99 -25.07
C LEU V 231 -15.73 -102.53 -26.29
N VAL V 232 -16.39 -102.53 -27.45
CA VAL V 232 -15.83 -103.21 -28.61
C VAL V 232 -14.91 -102.30 -29.41
N SER V 233 -15.31 -101.03 -29.58
CA SER V 233 -14.55 -100.11 -30.43
C SER V 233 -13.23 -99.66 -29.81
N THR V 234 -13.11 -99.69 -28.49
CA THR V 234 -11.85 -99.29 -27.86
C THR V 234 -10.80 -100.39 -28.02
N ILE V 235 -11.17 -101.64 -27.79
CA ILE V 235 -10.19 -102.74 -27.89
C ILE V 235 -9.83 -103.05 -29.33
N MET V 236 -10.65 -102.65 -30.28
CA MET V 236 -10.27 -102.75 -31.69
C MET V 236 -9.14 -101.78 -32.03
N SER V 237 -9.28 -100.52 -31.61
CA SER V 237 -8.21 -99.56 -31.79
C SER V 237 -7.05 -99.80 -30.85
N ALA V 238 -7.29 -100.51 -29.74
CA ALA V 238 -6.20 -100.88 -28.85
C ALA V 238 -5.32 -101.97 -29.44
N SER V 239 -5.91 -102.84 -30.27
CA SER V 239 -5.15 -103.94 -30.86
C SER V 239 -4.22 -103.48 -31.99
N THR V 240 -4.43 -102.29 -32.54
CA THR V 240 -3.61 -101.77 -33.62
C THR V 240 -2.73 -100.61 -33.17
N THR V 241 -2.47 -100.50 -31.86
CA THR V 241 -1.62 -99.43 -31.37
C THR V 241 -0.17 -99.64 -31.74
N THR V 242 0.27 -100.88 -31.87
CA THR V 242 1.60 -101.13 -32.43
C THR V 242 1.59 -100.94 -33.95
N LEU V 243 0.42 -101.05 -34.58
CA LEU V 243 0.30 -100.98 -36.03
C LEU V 243 -0.01 -99.58 -36.52
N ARG V 244 -0.88 -98.84 -35.83
CA ARG V 244 -1.20 -97.48 -36.24
C ARG V 244 -0.14 -96.50 -35.73
N TYR V 245 0.08 -96.48 -34.42
CA TYR V 245 1.10 -95.63 -33.83
C TYR V 245 2.48 -96.26 -34.04
N PRO V 246 3.55 -95.44 -34.09
CA PRO V 246 4.88 -96.00 -34.38
C PRO V 246 5.45 -96.89 -33.28
N GLY V 247 5.47 -98.19 -33.53
CA GLY V 247 6.13 -99.15 -32.69
C GLY V 247 7.29 -99.81 -33.41
N TYR V 248 7.94 -100.72 -32.71
CA TYR V 248 9.11 -101.40 -33.28
C TYR V 248 8.88 -102.89 -33.50
N MET V 249 8.49 -103.63 -32.47
CA MET V 249 8.35 -105.07 -32.56
C MET V 249 6.88 -105.46 -32.55
N ASN V 250 6.54 -106.41 -33.43
CA ASN V 250 5.16 -106.82 -33.73
C ASN V 250 4.29 -105.62 -34.07
N ASN V 251 4.83 -104.75 -34.92
CA ASN V 251 4.13 -103.57 -35.41
C ASN V 251 3.26 -103.87 -36.63
N ASP V 252 3.10 -105.14 -37.00
CA ASP V 252 2.19 -105.58 -38.04
C ASP V 252 1.17 -106.56 -37.46
N LEU V 253 0.09 -106.79 -38.22
CA LEU V 253 -0.95 -107.70 -37.74
C LEU V 253 -0.51 -109.15 -37.87
N ILE V 254 0.37 -109.42 -38.84
CA ILE V 254 1.07 -110.69 -38.91
C ILE V 254 2.25 -110.77 -37.94
N GLY V 255 2.52 -109.71 -37.17
CA GLY V 255 3.48 -109.82 -36.09
C GLY V 255 2.87 -110.31 -34.79
N LEU V 256 1.68 -109.79 -34.46
CA LEU V 256 1.07 -110.10 -33.17
C LEU V 256 0.49 -111.51 -33.15
N ILE V 257 -0.20 -111.89 -34.23
CA ILE V 257 -0.88 -113.18 -34.30
C ILE V 257 0.11 -114.33 -34.44
N ALA V 258 1.29 -114.07 -35.01
CA ALA V 258 2.29 -115.11 -35.17
C ALA V 258 2.89 -115.56 -33.84
N SER V 259 2.96 -114.67 -32.85
CA SER V 259 3.60 -114.99 -31.57
C SER V 259 2.64 -115.53 -30.53
N LEU V 260 1.41 -115.83 -30.91
CA LEU V 260 0.41 -116.31 -29.95
C LEU V 260 -0.27 -117.62 -30.35
N ILE V 261 -0.38 -117.93 -31.64
CA ILE V 261 -1.06 -119.13 -32.10
C ILE V 261 -0.14 -120.32 -31.90
N PRO V 262 -0.53 -121.34 -31.13
CA PRO V 262 0.29 -122.55 -31.01
C PRO V 262 0.22 -123.42 -32.26
N THR V 263 -0.99 -123.57 -32.79
CA THR V 263 -1.26 -124.50 -33.89
C THR V 263 -2.57 -124.07 -34.55
N PRO V 264 -2.79 -124.45 -35.81
CA PRO V 264 -4.11 -124.25 -36.41
C PRO V 264 -5.20 -125.02 -35.67
N ARG V 265 -6.43 -124.49 -35.76
CA ARG V 265 -7.66 -124.82 -35.02
C ARG V 265 -7.55 -124.58 -33.51
N LEU V 266 -6.44 -124.00 -33.04
CA LEU V 266 -6.30 -123.47 -31.68
C LEU V 266 -5.88 -122.02 -31.83
N HIS V 267 -6.87 -121.13 -31.93
CA HIS V 267 -6.58 -119.73 -32.17
C HIS V 267 -7.52 -118.81 -31.39
N PHE V 268 -8.35 -119.33 -30.50
CA PHE V 268 -9.36 -118.54 -29.81
C PHE V 268 -8.70 -117.79 -28.67
N LEU V 269 -8.58 -116.47 -28.81
CA LEU V 269 -7.80 -115.64 -27.92
C LEU V 269 -8.71 -114.93 -26.91
N MET V 270 -8.37 -115.04 -25.63
CA MET V 270 -9.11 -114.36 -24.58
C MET V 270 -8.66 -112.91 -24.48
N THR V 271 -9.63 -112.01 -24.32
CA THR V 271 -9.38 -110.56 -24.33
C THR V 271 -9.67 -109.99 -22.96
N GLY V 272 -8.87 -108.99 -22.56
CA GLY V 272 -9.09 -108.30 -21.30
C GLY V 272 -8.72 -106.84 -21.42
N TYR V 273 -9.49 -106.00 -20.72
CA TYR V 273 -9.31 -104.55 -20.79
C TYR V 273 -9.91 -103.94 -19.52
N THR V 274 -9.05 -103.46 -18.63
CA THR V 274 -9.53 -102.89 -17.37
C THR V 274 -10.10 -101.47 -17.43
N PRO V 275 -9.38 -100.41 -17.90
CA PRO V 275 -9.82 -99.05 -17.53
C PRO V 275 -10.99 -98.54 -18.35
N LEU V 276 -12.17 -98.46 -17.72
CA LEU V 276 -13.38 -97.99 -18.38
C LEU V 276 -14.15 -96.95 -17.57
N THR V 277 -13.54 -96.38 -16.54
CA THR V 277 -14.24 -95.49 -15.62
C THR V 277 -13.61 -94.10 -15.67
N THR V 278 -14.47 -93.09 -15.77
CA THR V 278 -14.05 -91.70 -15.94
C THR V 278 -13.70 -90.99 -14.64
N ASP V 279 -14.14 -91.50 -13.49
CA ASP V 279 -13.78 -90.86 -12.22
C ASP V 279 -12.47 -91.39 -11.64
N GLN V 280 -11.79 -92.30 -12.34
CA GLN V 280 -10.42 -92.65 -12.02
C GLN V 280 -9.45 -91.52 -12.37
N SER V 281 -9.89 -90.56 -13.20
CA SER V 281 -9.02 -89.53 -13.76
C SER V 281 -8.50 -88.57 -12.70
N VAL V 282 -9.24 -88.38 -11.60
CA VAL V 282 -8.86 -87.39 -10.59
C VAL V 282 -7.74 -87.87 -9.68
N ALA V 283 -7.35 -89.14 -9.75
CA ALA V 283 -6.30 -89.67 -8.88
C ALA V 283 -5.14 -90.28 -9.68
N SER V 284 -5.14 -90.13 -10.99
CA SER V 284 -4.00 -90.55 -11.81
C SER V 284 -2.96 -89.45 -11.96
N VAL V 285 -3.12 -88.33 -11.23
CA VAL V 285 -2.16 -87.23 -11.28
C VAL V 285 -0.96 -87.47 -10.38
N ARG V 286 -1.00 -88.50 -9.52
CA ARG V 286 0.03 -88.72 -8.53
C ARG V 286 1.04 -89.79 -8.94
N LYS V 287 1.26 -89.98 -10.24
CA LYS V 287 2.12 -91.01 -10.82
C LYS V 287 1.63 -92.40 -10.39
N THR V 288 0.47 -92.76 -10.95
CA THR V 288 0.02 -94.14 -10.93
C THR V 288 0.91 -94.97 -11.85
N THR V 289 1.50 -96.03 -11.32
CA THR V 289 2.60 -96.73 -11.95
C THR V 289 2.10 -97.88 -12.82
N VAL V 290 3.05 -98.59 -13.43
CA VAL V 290 2.80 -99.77 -14.25
C VAL V 290 2.90 -101.06 -13.45
N LEU V 291 3.27 -100.96 -12.17
CA LEU V 291 3.51 -102.15 -11.35
C LEU V 291 2.21 -102.77 -10.86
N ASP V 292 1.09 -102.05 -10.94
CA ASP V 292 -0.18 -102.54 -10.43
C ASP V 292 -1.20 -102.84 -11.52
N VAL V 293 -0.89 -102.53 -12.78
CA VAL V 293 -1.91 -102.65 -13.82
C VAL V 293 -1.94 -104.04 -14.44
N MET V 294 -0.84 -104.79 -14.37
CA MET V 294 -0.80 -106.14 -14.93
C MET V 294 -0.94 -107.23 -13.88
N ARG V 295 -1.10 -106.86 -12.60
CA ARG V 295 -1.43 -107.85 -11.59
C ARG V 295 -2.90 -108.27 -11.68
N ARG V 296 -3.74 -107.43 -12.28
CA ARG V 296 -5.17 -107.71 -12.40
C ARG V 296 -5.57 -108.22 -13.78
N LEU V 297 -4.63 -108.31 -14.72
CA LEU V 297 -4.96 -108.83 -16.04
C LEU V 297 -5.13 -110.34 -16.00
N LEU V 298 -4.14 -111.05 -15.44
CA LEU V 298 -4.26 -112.49 -15.25
C LEU V 298 -5.31 -112.87 -14.21
N GLN V 299 -5.66 -111.96 -13.33
CA GLN V 299 -6.76 -112.21 -12.40
C GLN V 299 -8.08 -112.13 -13.17
N PRO V 300 -8.91 -113.18 -13.13
CA PRO V 300 -10.13 -113.24 -13.97
C PRO V 300 -11.23 -112.26 -13.57
N LYS V 301 -11.01 -111.00 -13.91
CA LYS V 301 -11.96 -109.94 -13.63
C LYS V 301 -12.33 -109.14 -14.87
N ASN V 302 -11.38 -108.91 -15.78
CA ASN V 302 -11.63 -108.15 -16.99
C ASN V 302 -11.93 -109.04 -18.20
N VAL V 303 -12.14 -110.34 -17.99
CA VAL V 303 -12.24 -111.26 -19.12
C VAL V 303 -13.59 -111.09 -19.81
N MET V 304 -13.60 -111.35 -21.12
CA MET V 304 -14.81 -111.29 -21.93
C MET V 304 -15.18 -112.68 -22.44
N VAL V 305 -14.89 -113.72 -21.67
CA VAL V 305 -15.13 -115.10 -22.05
C VAL V 305 -15.79 -115.81 -20.87
N SER V 306 -16.97 -116.39 -21.11
CA SER V 306 -17.67 -117.16 -20.08
C SER V 306 -16.99 -118.52 -19.96
N THR V 307 -16.27 -118.73 -18.87
CA THR V 307 -15.53 -119.97 -18.67
C THR V 307 -15.69 -120.41 -17.22
N GLY V 308 -15.29 -121.64 -16.95
CA GLY V 308 -15.42 -122.18 -15.60
C GLY V 308 -14.35 -121.63 -14.68
N ARG V 309 -14.73 -121.45 -13.42
CA ARG V 309 -13.82 -120.92 -12.41
C ARG V 309 -12.96 -121.99 -11.76
N ASP V 310 -13.44 -123.23 -11.71
CA ASP V 310 -12.71 -124.33 -11.12
C ASP V 310 -12.03 -125.23 -12.16
N ARG V 311 -11.96 -124.79 -13.41
CA ARG V 311 -11.37 -125.57 -14.49
C ARG V 311 -10.00 -125.05 -14.92
N GLN V 312 -9.40 -124.15 -14.14
CA GLN V 312 -8.14 -123.54 -14.50
C GLN V 312 -6.93 -124.25 -13.89
N THR V 313 -7.14 -125.26 -13.04
CA THR V 313 -6.04 -125.98 -12.44
C THR V 313 -5.47 -127.06 -13.35
N ASN V 314 -6.31 -127.68 -14.18
CA ASN V 314 -5.86 -128.67 -15.16
C ASN V 314 -5.65 -128.08 -16.55
N HIS V 315 -5.86 -126.78 -16.70
CA HIS V 315 -5.59 -126.07 -17.94
C HIS V 315 -4.39 -125.16 -17.75
N CYS V 316 -3.68 -124.89 -18.84
CA CYS V 316 -2.42 -124.19 -18.77
C CYS V 316 -2.36 -123.10 -19.83
N TYR V 317 -1.89 -121.91 -19.44
CA TYR V 317 -1.62 -120.85 -20.40
C TYR V 317 -0.40 -121.21 -21.24
N ILE V 318 -0.43 -120.79 -22.50
CA ILE V 318 0.70 -121.05 -23.40
C ILE V 318 1.25 -119.72 -23.89
N ALA V 319 0.36 -118.78 -24.22
CA ALA V 319 0.76 -117.48 -24.73
C ALA V 319 -0.13 -116.42 -24.11
N ILE V 320 0.48 -115.39 -23.54
CA ILE V 320 -0.24 -114.29 -22.91
C ILE V 320 0.39 -112.97 -23.33
N LEU V 321 -0.44 -112.05 -23.81
CA LEU V 321 -0.01 -110.74 -24.27
C LEU V 321 -0.52 -109.68 -23.29
N ASN V 322 0.34 -108.73 -22.94
CA ASN V 322 0.01 -107.67 -21.98
C ASN V 322 0.47 -106.36 -22.60
N ILE V 323 -0.45 -105.62 -23.21
CA ILE V 323 -0.14 -104.42 -23.97
C ILE V 323 -0.42 -103.20 -23.10
N ILE V 324 0.63 -102.43 -22.79
CA ILE V 324 0.50 -101.13 -22.15
C ILE V 324 0.61 -100.05 -23.20
N GLN V 325 -0.10 -98.93 -22.98
CA GLN V 325 -0.25 -97.87 -23.96
C GLN V 325 0.01 -96.52 -23.31
N GLY V 326 0.52 -95.58 -24.09
CA GLY V 326 0.65 -94.21 -23.62
C GLY V 326 1.80 -94.06 -22.65
N GLU V 327 1.54 -93.41 -21.51
CA GLU V 327 2.55 -93.26 -20.48
C GLU V 327 2.79 -94.59 -19.80
N VAL V 328 4.03 -95.08 -19.88
CA VAL V 328 4.35 -96.43 -19.44
C VAL V 328 5.29 -96.36 -18.24
N ASP V 329 6.15 -95.31 -18.21
CA ASP V 329 7.34 -95.18 -17.37
C ASP V 329 8.19 -96.43 -17.56
N PRO V 330 8.91 -96.53 -18.69
CA PRO V 330 9.55 -97.80 -19.06
C PRO V 330 10.76 -98.19 -18.22
N THR V 331 11.15 -97.41 -17.22
CA THR V 331 12.21 -97.85 -16.32
C THR V 331 11.72 -98.87 -15.30
N GLN V 332 10.40 -99.09 -15.20
CA GLN V 332 9.83 -100.10 -14.32
C GLN V 332 8.96 -101.10 -15.08
N VAL V 333 9.05 -101.17 -16.41
CA VAL V 333 8.26 -102.16 -17.13
C VAL V 333 8.92 -103.53 -17.06
N HIS V 334 10.25 -103.59 -16.93
CA HIS V 334 10.91 -104.85 -16.60
C HIS V 334 10.70 -105.22 -15.14
N LYS V 335 10.37 -104.23 -14.30
CA LYS V 335 10.05 -104.48 -12.90
C LYS V 335 8.67 -105.11 -12.75
N SER V 336 7.75 -104.78 -13.65
CA SER V 336 6.43 -105.41 -13.65
C SER V 336 6.51 -106.87 -14.09
N LEU V 337 7.39 -107.17 -15.04
CA LEU V 337 7.59 -108.53 -15.50
C LEU V 337 8.43 -109.35 -14.53
N GLN V 338 9.11 -108.68 -13.60
CA GLN V 338 9.85 -109.36 -12.54
C GLN V 338 8.91 -110.12 -11.60
N ARG V 339 7.75 -109.53 -11.30
CA ARG V 339 6.82 -110.08 -10.32
C ARG V 339 5.93 -111.17 -10.88
N ILE V 340 6.11 -111.56 -12.14
CA ILE V 340 5.22 -112.54 -12.75
C ILE V 340 5.57 -113.95 -12.31
N ARG V 341 6.87 -114.26 -12.23
CA ARG V 341 7.31 -115.62 -11.90
C ARG V 341 7.06 -115.98 -10.44
N GLU V 342 6.89 -115.00 -9.56
CA GLU V 342 6.77 -115.30 -8.14
C GLU V 342 5.36 -115.77 -7.78
N ARG V 343 4.35 -115.24 -8.48
CA ARG V 343 2.98 -115.64 -8.18
C ARG V 343 2.59 -116.91 -8.93
N LYS V 344 3.07 -117.06 -10.17
CA LYS V 344 2.65 -118.09 -11.12
C LYS V 344 1.14 -118.11 -11.28
N LEU V 345 0.57 -116.93 -11.58
CA LEU V 345 -0.86 -116.82 -11.81
C LEU V 345 -1.27 -117.49 -13.12
N ALA V 346 -0.34 -117.61 -14.07
CA ALA V 346 -0.56 -118.37 -15.28
C ALA V 346 0.00 -119.77 -15.09
N ASN V 347 -0.84 -120.78 -15.27
CA ASN V 347 -0.35 -122.15 -15.29
C ASN V 347 0.41 -122.37 -16.59
N PHE V 348 1.61 -122.92 -16.48
CA PHE V 348 2.48 -123.09 -17.64
C PHE V 348 2.38 -124.52 -18.15
N ILE V 349 2.56 -124.67 -19.46
CA ILE V 349 2.45 -125.99 -20.09
C ILE V 349 3.65 -126.84 -19.68
N PRO V 350 3.45 -128.10 -19.30
CA PRO V 350 4.58 -128.92 -18.82
C PRO V 350 5.44 -129.48 -19.92
N TRP V 351 5.01 -129.40 -21.19
CA TRP V 351 5.78 -129.95 -22.29
C TRP V 351 6.73 -128.94 -22.91
N GLY V 352 6.40 -127.66 -22.88
CA GLY V 352 7.21 -126.65 -23.50
C GLY V 352 7.23 -125.33 -22.75
N PRO V 353 7.98 -124.37 -23.25
CA PRO V 353 8.05 -123.05 -22.61
C PRO V 353 6.79 -122.22 -22.85
N ALA V 354 6.62 -121.21 -21.99
CA ALA V 354 5.56 -120.22 -22.12
C ALA V 354 6.20 -118.86 -22.40
N SER V 355 5.36 -117.83 -22.52
CA SER V 355 5.85 -116.50 -22.84
C SER V 355 4.87 -115.42 -22.37
N ILE V 356 5.37 -114.46 -21.60
CA ILE V 356 4.62 -113.27 -21.22
C ILE V 356 5.21 -112.09 -21.98
N GLN V 357 4.59 -111.72 -23.09
CA GLN V 357 5.07 -110.66 -23.96
C GLN V 357 4.42 -109.34 -23.59
N VAL V 358 5.24 -108.32 -23.34
CA VAL V 358 4.76 -106.98 -23.02
C VAL V 358 5.31 -106.02 -24.07
N ALA V 359 4.49 -105.06 -24.50
CA ALA V 359 4.89 -104.10 -25.52
C ALA V 359 4.23 -102.75 -25.21
N LEU V 360 4.77 -101.69 -25.80
CA LEU V 360 4.30 -100.35 -25.56
C LEU V 360 4.31 -99.53 -26.83
N SER V 361 3.45 -98.51 -26.87
CA SER V 361 3.39 -97.54 -27.96
C SER V 361 2.74 -96.28 -27.41
N ARG V 362 3.20 -95.13 -27.90
CA ARG V 362 2.66 -93.86 -27.44
C ARG V 362 1.26 -93.63 -28.01
N LYS V 363 0.38 -93.07 -27.19
CA LYS V 363 -1.01 -92.92 -27.56
C LYS V 363 -1.22 -91.59 -28.28
N SER V 364 -2.49 -91.21 -28.44
CA SER V 364 -2.84 -89.98 -29.13
C SER V 364 -2.48 -88.76 -28.27
N PRO V 365 -2.11 -87.65 -28.90
CA PRO V 365 -1.93 -86.39 -28.14
C PRO V 365 -3.26 -85.81 -27.68
N TYR V 366 -3.78 -86.40 -26.59
CA TYR V 366 -5.08 -86.04 -26.06
C TYR V 366 -5.03 -86.20 -24.55
N LEU V 367 -5.83 -85.40 -23.85
CA LEU V 367 -5.75 -85.37 -22.39
C LEU V 367 -6.31 -86.62 -21.69
N PRO V 368 -7.43 -87.24 -22.11
CA PRO V 368 -7.77 -88.54 -21.50
C PRO V 368 -6.90 -89.70 -21.97
N SER V 369 -6.00 -89.50 -22.93
CA SER V 369 -5.15 -90.56 -23.44
C SER V 369 -3.71 -90.49 -22.96
N ALA V 370 -3.17 -89.28 -22.77
CA ALA V 370 -1.80 -89.10 -22.30
C ALA V 370 -1.71 -88.95 -20.78
N HIS V 371 -2.75 -89.39 -20.06
CA HIS V 371 -2.76 -89.31 -18.59
C HIS V 371 -3.08 -90.62 -17.89
N ARG V 372 -3.89 -91.50 -18.46
CA ARG V 372 -4.40 -92.66 -17.74
C ARG V 372 -3.84 -93.93 -18.37
N VAL V 373 -3.37 -94.84 -17.52
CA VAL V 373 -2.74 -96.06 -18.00
C VAL V 373 -3.78 -97.00 -18.57
N SER V 374 -3.42 -97.68 -19.66
CA SER V 374 -4.35 -98.59 -20.33
C SER V 374 -3.69 -99.94 -20.52
N GLY V 375 -4.44 -101.00 -20.24
CA GLY V 375 -3.92 -102.34 -20.37
C GLY V 375 -4.79 -103.22 -21.25
N LEU V 376 -4.24 -103.68 -22.36
CA LEU V 376 -4.95 -104.56 -23.28
C LEU V 376 -4.37 -105.96 -23.19
N MET V 377 -5.24 -106.94 -22.96
CA MET V 377 -4.81 -108.33 -22.80
C MET V 377 -5.25 -109.15 -24.01
N MET V 378 -4.34 -109.99 -24.51
CA MET V 378 -4.66 -110.97 -25.55
C MET V 378 -4.13 -112.32 -25.06
N ALA V 379 -4.95 -113.01 -24.27
CA ALA V 379 -4.56 -114.26 -23.65
C ALA V 379 -4.80 -115.43 -24.60
N ASN V 380 -4.30 -116.61 -24.20
CA ASN V 380 -4.60 -117.85 -24.90
C ASN V 380 -4.55 -118.97 -23.86
N HIS V 381 -5.71 -119.32 -23.32
CA HIS V 381 -5.83 -120.33 -22.28
C HIS V 381 -6.67 -121.49 -22.79
N THR V 382 -6.35 -122.70 -22.33
CA THR V 382 -6.96 -123.91 -22.84
C THR V 382 -8.25 -124.28 -22.12
N ASN V 383 -8.86 -123.34 -21.40
CA ASN V 383 -10.19 -123.53 -20.83
C ASN V 383 -11.29 -123.05 -21.78
N ILE V 384 -10.94 -122.74 -23.03
CA ILE V 384 -11.90 -122.25 -24.02
C ILE V 384 -12.81 -123.33 -24.56
N SER V 385 -12.55 -124.60 -24.24
CA SER V 385 -13.44 -125.69 -24.62
C SER V 385 -14.73 -125.70 -23.81
N SER V 386 -14.80 -124.94 -22.72
CA SER V 386 -16.03 -124.84 -21.95
C SER V 386 -17.12 -124.14 -22.74
N LEU V 387 -16.76 -123.14 -23.55
CA LEU V 387 -17.71 -122.56 -24.48
C LEU V 387 -18.07 -123.55 -25.58
N PHE V 388 -17.10 -124.36 -26.01
CA PHE V 388 -17.36 -125.36 -27.05
C PHE V 388 -18.14 -126.53 -26.48
N GLU V 389 -18.00 -126.80 -25.19
CA GLU V 389 -18.88 -127.77 -24.54
C GLU V 389 -20.26 -127.18 -24.29
N ARG V 390 -20.35 -125.86 -24.12
CA ARG V 390 -21.65 -125.22 -23.94
C ARG V 390 -22.44 -125.17 -25.24
N THR V 391 -21.75 -124.91 -26.35
CA THR V 391 -22.44 -124.83 -27.63
C THR V 391 -22.81 -126.20 -28.16
N CYS V 392 -21.98 -127.21 -27.90
CA CYS V 392 -22.27 -128.56 -28.41
C CYS V 392 -23.38 -129.23 -27.60
N ARG V 393 -23.44 -128.98 -26.29
CA ARG V 393 -24.51 -129.56 -25.48
C ARG V 393 -25.86 -128.91 -25.79
N GLN V 394 -25.86 -127.67 -26.26
CA GLN V 394 -27.06 -127.01 -26.74
C GLN V 394 -27.36 -127.35 -28.20
N TYR V 395 -26.48 -128.09 -28.87
CA TYR V 395 -26.65 -128.45 -30.27
C TYR V 395 -27.26 -129.83 -30.43
N ASP V 396 -26.74 -130.83 -29.70
CA ASP V 396 -27.29 -132.17 -29.78
C ASP V 396 -28.60 -132.32 -29.01
N LYS V 397 -28.84 -131.46 -28.02
CA LYS V 397 -30.12 -131.49 -27.32
C LYS V 397 -31.25 -130.95 -28.19
N LEU V 398 -30.92 -130.04 -29.12
CA LEU V 398 -31.95 -129.46 -29.97
C LEU V 398 -32.33 -130.41 -31.11
N ARG V 399 -31.41 -131.27 -31.55
CA ARG V 399 -31.70 -132.19 -32.64
C ARG V 399 -32.54 -133.39 -32.19
N LYS V 400 -32.61 -133.65 -30.88
CA LYS V 400 -33.48 -134.70 -30.37
C LYS V 400 -34.89 -134.21 -30.09
N ARG V 401 -35.11 -132.89 -30.12
CA ARG V 401 -36.43 -132.31 -29.93
C ARG V 401 -37.16 -132.08 -31.25
N GLU V 402 -36.59 -132.55 -32.37
CA GLU V 402 -37.12 -132.39 -33.72
C GLU V 402 -37.34 -130.91 -34.06
N ALA V 403 -36.33 -130.10 -33.80
CA ALA V 403 -36.39 -128.66 -33.98
C ALA V 403 -35.57 -128.26 -35.20
N PHE V 404 -36.26 -127.67 -36.20
CA PHE V 404 -35.66 -127.14 -37.43
C PHE V 404 -34.90 -128.21 -38.22
N LEU V 405 -35.51 -129.38 -38.33
CA LEU V 405 -35.06 -130.41 -39.27
C LEU V 405 -35.92 -130.49 -40.51
N GLU V 406 -37.18 -130.06 -40.43
CA GLU V 406 -38.06 -129.99 -41.58
C GLU V 406 -38.19 -128.57 -42.09
N GLN V 407 -37.92 -127.58 -41.24
CA GLN V 407 -38.05 -126.16 -41.58
C GLN V 407 -36.76 -125.57 -42.14
N PHE V 408 -35.71 -126.37 -42.26
CA PHE V 408 -34.40 -125.86 -42.64
C PHE V 408 -33.81 -126.54 -43.87
N ARG V 409 -34.33 -127.69 -44.29
CA ARG V 409 -33.74 -128.47 -45.37
C ARG V 409 -34.54 -128.37 -46.66
N LYS V 410 -35.45 -127.40 -46.77
CA LYS V 410 -36.19 -127.23 -48.01
C LYS V 410 -35.35 -126.53 -49.07
N GLU V 411 -34.56 -125.54 -48.67
CA GLU V 411 -33.70 -124.79 -49.58
C GLU V 411 -32.26 -125.25 -49.42
N ASP V 412 -31.63 -125.58 -50.56
CA ASP V 412 -30.18 -125.80 -50.79
C ASP V 412 -29.49 -126.71 -49.75
N ILE V 413 -30.22 -127.58 -49.08
CA ILE V 413 -29.66 -128.58 -48.16
C ILE V 413 -30.34 -129.90 -48.47
N PHE V 414 -29.56 -130.87 -48.97
CA PHE V 414 -30.09 -132.18 -49.33
C PHE V 414 -29.54 -133.32 -48.48
N LYS V 415 -28.36 -133.17 -47.89
CA LYS V 415 -27.77 -134.18 -47.04
C LYS V 415 -27.57 -133.64 -45.63
N ASP V 416 -27.39 -134.54 -44.68
CA ASP V 416 -27.24 -134.18 -43.26
C ASP V 416 -25.79 -133.78 -43.00
N ASN V 417 -25.54 -132.47 -42.95
CA ASN V 417 -24.22 -131.93 -42.64
C ASN V 417 -24.10 -131.52 -41.18
N PHE V 418 -24.94 -132.07 -40.30
CA PHE V 418 -24.96 -131.71 -38.89
C PHE V 418 -23.85 -132.40 -38.10
N ASP V 419 -23.59 -133.67 -38.37
CA ASP V 419 -22.48 -134.35 -37.74
C ASP V 419 -21.15 -134.02 -38.39
N GLU V 420 -21.16 -133.34 -39.54
CA GLU V 420 -19.91 -132.80 -40.09
C GLU V 420 -19.39 -131.65 -39.25
N LEU V 421 -20.27 -130.93 -38.58
CA LEU V 421 -19.90 -129.87 -37.65
C LEU V 421 -19.63 -130.41 -36.25
N ASP V 422 -20.21 -131.55 -35.90
CA ASP V 422 -20.10 -132.06 -34.54
C ASP V 422 -18.75 -132.73 -34.30
N ASN V 423 -18.25 -133.50 -35.27
CA ASN V 423 -16.99 -134.21 -35.10
C ASN V 423 -15.82 -133.22 -35.18
N SER V 424 -15.91 -132.25 -36.09
CA SER V 424 -14.85 -131.25 -36.22
C SER V 424 -14.78 -130.33 -35.00
N ARG V 425 -15.91 -130.12 -34.32
CA ARG V 425 -15.88 -129.39 -33.06
C ARG V 425 -15.24 -130.22 -31.95
N GLU V 426 -15.51 -131.53 -31.94
CA GLU V 426 -14.89 -132.41 -30.95
C GLU V 426 -13.43 -132.65 -31.27
N ILE V 427 -13.02 -132.49 -32.52
CA ILE V 427 -11.60 -132.55 -32.88
C ILE V 427 -10.85 -131.39 -32.24
N VAL V 428 -11.47 -130.20 -32.22
CA VAL V 428 -10.90 -129.05 -31.53
C VAL V 428 -10.84 -129.29 -30.02
N GLN V 429 -11.91 -129.83 -29.46
CA GLN V 429 -11.99 -130.05 -28.01
C GLN V 429 -11.06 -131.15 -27.52
N GLN V 430 -10.73 -132.13 -28.37
CA GLN V 430 -9.82 -133.19 -27.96
C GLN V 430 -8.36 -132.82 -28.15
N LEU V 431 -8.04 -132.05 -29.20
CA LEU V 431 -6.66 -131.65 -29.43
C LEU V 431 -6.22 -130.55 -28.47
N ILE V 432 -7.16 -129.87 -27.81
CA ILE V 432 -6.79 -128.86 -26.82
C ILE V 432 -6.28 -129.53 -25.55
N ASP V 433 -7.00 -130.55 -25.08
CA ASP V 433 -6.58 -131.27 -23.87
C ASP V 433 -5.38 -132.16 -24.14
N GLU V 434 -5.21 -132.62 -25.38
CA GLU V 434 -4.04 -133.42 -25.74
C GLU V 434 -2.79 -132.56 -25.87
N TYR V 435 -2.96 -131.24 -26.05
CA TYR V 435 -1.83 -130.36 -26.36
C TYR V 435 -0.88 -130.19 -25.17
N HIS V 436 -1.34 -130.45 -23.95
CA HIS V 436 -0.47 -130.45 -22.78
C HIS V 436 -0.25 -131.91 -22.38
N ALA V 437 0.89 -132.46 -22.79
CA ALA V 437 1.22 -133.85 -22.52
C ALA V 437 1.96 -133.98 -21.19
N PRO W 2 6.63 -70.33 -89.72
CA PRO W 2 7.50 -71.06 -88.79
C PRO W 2 6.95 -72.44 -88.42
N ARG W 3 6.01 -72.47 -87.49
CA ARG W 3 5.44 -73.73 -87.01
C ARG W 3 3.91 -73.66 -87.09
N GLU W 4 3.40 -73.17 -88.21
CA GLU W 4 1.97 -72.93 -88.36
C GLU W 4 1.23 -74.21 -88.71
N ILE W 5 0.21 -74.53 -87.93
CA ILE W 5 -0.63 -75.71 -88.17
C ILE W 5 -2.02 -75.25 -88.56
N ILE W 6 -2.57 -75.89 -89.59
CA ILE W 6 -3.94 -75.63 -90.04
C ILE W 6 -4.83 -76.74 -89.51
N THR W 7 -5.79 -76.37 -88.67
CA THR W 7 -6.75 -77.33 -88.12
C THR W 7 -7.88 -77.54 -89.12
N LEU W 8 -8.28 -78.79 -89.29
CA LEU W 8 -9.34 -79.14 -90.24
C LEU W 8 -10.56 -79.62 -89.46
N GLN W 9 -11.32 -78.65 -88.97
CA GLN W 9 -12.55 -78.95 -88.24
C GLN W 9 -13.66 -79.33 -89.21
N LEU W 10 -14.23 -80.52 -89.02
CA LEU W 10 -15.11 -81.14 -89.99
C LEU W 10 -16.12 -82.03 -89.27
N GLY W 11 -17.38 -81.93 -89.69
CA GLY W 11 -18.43 -82.80 -89.20
C GLY W 11 -19.31 -82.14 -88.16
N GLN W 12 -20.31 -82.90 -87.72
CA GLN W 12 -21.26 -82.39 -86.74
C GLN W 12 -20.63 -82.30 -85.35
N CYS W 13 -19.78 -83.26 -84.99
CA CYS W 13 -19.14 -83.25 -83.69
C CYS W 13 -17.77 -82.58 -83.72
N GLY W 14 -17.08 -82.62 -84.87
CA GLY W 14 -15.78 -82.00 -84.98
C GLY W 14 -15.80 -80.49 -84.97
N ASN W 15 -16.92 -79.88 -85.36
CA ASN W 15 -17.01 -78.42 -85.34
C ASN W 15 -17.28 -77.89 -83.94
N GLN W 16 -18.01 -78.65 -83.11
CA GLN W 16 -18.31 -78.18 -81.76
C GLN W 16 -17.14 -78.37 -80.81
N ILE W 17 -16.35 -79.43 -81.00
CA ILE W 17 -15.17 -79.63 -80.15
C ILE W 17 -14.04 -78.69 -80.52
N GLY W 18 -14.08 -78.09 -81.70
CA GLY W 18 -13.08 -77.13 -82.09
C GLY W 18 -13.54 -75.70 -81.87
N PHE W 19 -14.85 -75.54 -81.62
CA PHE W 19 -15.37 -74.21 -81.34
C PHE W 19 -14.95 -73.73 -79.97
N GLU W 20 -15.07 -74.57 -78.94
CA GLU W 20 -14.58 -74.23 -77.63
C GLU W 20 -13.08 -74.45 -77.48
N PHE W 21 -12.43 -75.09 -78.45
CA PHE W 21 -10.98 -75.17 -78.44
C PHE W 21 -10.36 -73.82 -78.73
N TRP W 22 -10.92 -73.09 -79.71
CA TRP W 22 -10.49 -71.71 -79.93
C TRP W 22 -11.00 -70.78 -78.84
N LYS W 23 -12.14 -71.10 -78.21
CA LYS W 23 -12.63 -70.28 -77.12
C LYS W 23 -11.80 -70.47 -75.86
N GLN W 24 -11.15 -71.63 -75.72
CA GLN W 24 -10.25 -71.85 -74.58
C GLN W 24 -8.97 -71.05 -74.73
N LEU W 25 -8.55 -70.80 -75.98
CA LEU W 25 -7.26 -70.18 -76.23
C LEU W 25 -7.24 -68.70 -75.91
N CYS W 26 -8.38 -68.02 -75.98
CA CYS W 26 -8.39 -66.60 -75.66
C CYS W 26 -8.33 -66.34 -74.15
N ALA W 27 -8.89 -67.24 -73.34
CA ALA W 27 -8.87 -67.06 -71.89
C ALA W 27 -7.49 -67.28 -71.31
N GLU W 28 -6.64 -68.04 -71.99
CA GLU W 28 -5.28 -68.30 -71.52
C GLU W 28 -4.24 -67.38 -72.16
N HIS W 29 -4.53 -66.83 -73.34
CA HIS W 29 -3.65 -65.84 -73.93
C HIS W 29 -3.90 -64.44 -73.38
N GLY W 30 -4.92 -64.25 -72.56
CA GLY W 30 -5.25 -62.93 -72.05
C GLY W 30 -5.82 -61.99 -73.08
N ILE W 31 -6.46 -62.53 -74.12
CA ILE W 31 -6.97 -61.71 -75.21
C ILE W 31 -8.49 -61.91 -75.30
N SER W 32 -9.13 -60.94 -75.91
CA SER W 32 -10.56 -60.96 -76.23
C SER W 32 -10.74 -61.29 -77.70
N PRO W 33 -11.85 -61.95 -78.07
CA PRO W 33 -12.08 -62.27 -79.49
C PRO W 33 -12.32 -61.06 -80.38
N GLU W 34 -12.66 -59.91 -79.83
CA GLU W 34 -12.82 -58.70 -80.63
C GLU W 34 -11.85 -57.57 -80.29
N GLY W 35 -11.07 -57.69 -79.23
CA GLY W 35 -10.13 -56.64 -78.90
C GLY W 35 -8.98 -57.14 -78.06
N ILE W 36 -8.10 -56.21 -77.69
CA ILE W 36 -7.00 -56.48 -76.77
C ILE W 36 -7.12 -55.52 -75.60
N VAL W 37 -7.66 -56.00 -74.49
CA VAL W 37 -7.86 -55.15 -73.32
C VAL W 37 -6.84 -55.40 -72.21
N GLU W 38 -6.11 -56.51 -72.26
CA GLU W 38 -5.12 -56.84 -71.24
C GLU W 38 -3.73 -56.84 -71.83
N GLU W 39 -2.75 -56.42 -71.03
CA GLU W 39 -1.36 -56.42 -71.47
C GLU W 39 -0.64 -57.72 -71.13
N PHE W 40 -1.36 -58.71 -70.59
CA PHE W 40 -0.79 -60.00 -70.18
C PHE W 40 -0.45 -60.92 -71.36
N ALA W 41 -0.69 -60.51 -72.60
CA ALA W 41 -0.54 -61.38 -73.75
C ALA W 41 0.90 -61.54 -74.20
N THR W 42 1.76 -60.55 -73.96
CA THR W 42 3.15 -60.61 -74.41
C THR W 42 4.16 -60.76 -73.28
N GLU W 43 3.89 -60.17 -72.11
CA GLU W 43 4.81 -60.35 -70.99
C GLU W 43 4.64 -61.70 -70.33
N GLY W 44 3.40 -62.19 -70.25
CA GLY W 44 3.15 -63.50 -69.65
C GLY W 44 3.33 -64.64 -70.62
N THR W 45 2.77 -64.51 -71.83
CA THR W 45 2.90 -65.51 -72.86
C THR W 45 3.94 -65.05 -73.87
N ASP W 46 4.95 -65.89 -74.10
CA ASP W 46 6.08 -65.53 -74.95
C ASP W 46 5.91 -65.96 -76.40
N ARG W 47 4.86 -66.71 -76.72
CA ARG W 47 4.62 -67.12 -78.10
C ARG W 47 3.13 -67.33 -78.31
N LYS W 48 2.57 -66.63 -79.30
CA LYS W 48 1.16 -66.73 -79.63
C LYS W 48 0.87 -67.09 -81.08
N ASP W 49 1.81 -66.88 -81.99
CA ASP W 49 1.58 -67.13 -83.42
C ASP W 49 2.10 -68.50 -83.79
N VAL W 50 1.46 -69.53 -83.21
CA VAL W 50 1.74 -70.90 -83.59
C VAL W 50 0.50 -71.69 -83.96
N PHE W 51 -0.68 -71.31 -83.48
CA PHE W 51 -1.96 -71.83 -83.94
C PHE W 51 -2.82 -70.77 -84.56
N PHE W 52 -2.75 -69.54 -84.04
CA PHE W 52 -3.40 -68.40 -84.66
C PHE W 52 -2.63 -67.96 -85.90
N TYR W 53 -3.34 -67.25 -86.77
CA TYR W 53 -2.66 -66.51 -87.84
C TYR W 53 -1.97 -65.30 -87.25
N GLN W 54 -0.85 -64.92 -87.87
CA GLN W 54 -0.04 -63.83 -87.34
C GLN W 54 -0.74 -62.49 -87.57
N ALA W 55 -0.47 -61.54 -86.68
CA ALA W 55 -1.33 -60.39 -86.49
C ALA W 55 -1.12 -59.33 -87.56
N ASP W 56 -2.21 -58.65 -87.90
CA ASP W 56 -2.19 -57.46 -88.73
C ASP W 56 -2.56 -56.20 -87.95
N ASP W 57 -3.37 -56.33 -86.89
CA ASP W 57 -3.75 -55.22 -86.04
C ASP W 57 -3.77 -55.65 -84.57
N GLU W 58 -2.88 -56.57 -84.21
CA GLU W 58 -2.97 -57.39 -82.99
C GLU W 58 -4.32 -58.08 -82.88
N HIS W 59 -4.77 -58.65 -84.00
CA HIS W 59 -5.97 -59.48 -84.05
C HIS W 59 -5.53 -60.86 -84.55
N TYR W 60 -5.33 -61.78 -83.62
CA TYR W 60 -4.83 -63.11 -83.94
C TYR W 60 -5.96 -63.94 -84.51
N ILE W 61 -6.04 -63.99 -85.84
CA ILE W 61 -7.05 -64.75 -86.59
C ILE W 61 -6.80 -66.23 -86.38
N PRO W 62 -7.84 -67.05 -86.15
CA PRO W 62 -7.61 -68.50 -86.09
C PRO W 62 -7.40 -69.09 -87.47
N ARG W 63 -6.44 -70.02 -87.55
CA ARG W 63 -6.16 -70.71 -88.81
C ARG W 63 -7.05 -71.95 -88.94
N ALA W 64 -8.34 -71.71 -89.09
CA ALA W 64 -9.35 -72.74 -88.97
C ALA W 64 -10.28 -72.75 -90.16
N VAL W 65 -10.71 -73.95 -90.55
CA VAL W 65 -11.74 -74.14 -91.57
C VAL W 65 -12.78 -75.11 -91.01
N LEU W 66 -14.05 -74.82 -91.28
CA LEU W 66 -15.17 -75.57 -90.72
C LEU W 66 -16.18 -75.86 -91.82
N LEU W 67 -16.22 -77.10 -92.29
CA LEU W 67 -17.20 -77.54 -93.28
C LEU W 67 -18.06 -78.64 -92.68
N ASP W 68 -19.36 -78.55 -92.92
CA ASP W 68 -20.29 -79.59 -92.49
C ASP W 68 -21.53 -79.54 -93.36
N LEU W 69 -22.14 -80.72 -93.56
CA LEU W 69 -23.37 -80.79 -94.33
C LEU W 69 -24.55 -80.20 -93.55
N GLU W 70 -24.51 -80.30 -92.23
CA GLU W 70 -25.60 -79.82 -91.39
C GLU W 70 -25.40 -78.35 -91.08
N PRO W 71 -26.38 -77.48 -91.35
CA PRO W 71 -26.23 -76.05 -90.98
C PRO W 71 -26.59 -75.75 -89.53
N ARG W 72 -26.96 -76.75 -88.74
CA ARG W 72 -27.38 -76.49 -87.37
C ARG W 72 -26.19 -76.19 -86.46
N VAL W 73 -25.02 -76.76 -86.75
CA VAL W 73 -23.86 -76.57 -85.89
C VAL W 73 -23.27 -75.18 -86.08
N ILE W 74 -23.45 -74.58 -87.25
CA ILE W 74 -22.89 -73.26 -87.51
C ILE W 74 -23.87 -72.13 -87.19
N HIS W 75 -25.17 -72.44 -87.10
CA HIS W 75 -26.15 -71.43 -86.70
C HIS W 75 -26.18 -71.21 -85.19
N SER W 76 -25.55 -72.10 -84.42
CA SER W 76 -25.36 -71.88 -82.99
C SER W 76 -24.02 -71.23 -82.68
N ILE W 77 -23.39 -70.60 -83.67
CA ILE W 77 -22.07 -70.01 -83.53
C ILE W 77 -22.13 -68.49 -83.62
N LEU W 78 -22.83 -67.95 -84.63
CA LEU W 78 -22.80 -66.53 -84.92
C LEU W 78 -23.49 -65.68 -83.86
N ASN W 79 -24.43 -66.26 -83.09
CA ASN W 79 -25.04 -65.50 -82.01
C ASN W 79 -24.15 -65.44 -80.78
N SER W 80 -23.20 -66.35 -80.68
CA SER W 80 -22.23 -66.30 -79.59
C SER W 80 -21.22 -65.18 -79.86
N PRO W 81 -20.76 -64.47 -78.83
CA PRO W 81 -19.83 -63.35 -79.03
C PRO W 81 -18.41 -63.74 -79.38
N TYR W 82 -18.11 -65.02 -79.53
CA TYR W 82 -16.78 -65.48 -79.93
C TYR W 82 -16.67 -65.75 -81.42
N ALA W 83 -17.73 -65.49 -82.20
CA ALA W 83 -17.71 -65.72 -83.63
C ALA W 83 -17.18 -64.55 -84.43
N ASN W 84 -17.04 -63.37 -83.82
CA ASN W 84 -16.46 -62.23 -84.52
C ASN W 84 -14.96 -62.39 -84.68
N LEU W 85 -14.34 -63.25 -83.86
CA LEU W 85 -12.94 -63.59 -84.06
C LEU W 85 -12.76 -64.43 -85.32
N TYR W 86 -13.72 -65.32 -85.59
CA TYR W 86 -13.77 -66.05 -86.86
C TYR W 86 -14.07 -65.08 -88.00
N ASN W 87 -13.60 -65.45 -89.19
CA ASN W 87 -13.76 -64.60 -90.36
C ASN W 87 -14.84 -65.14 -91.27
N PRO W 88 -15.71 -64.29 -91.84
CA PRO W 88 -16.74 -64.77 -92.75
C PRO W 88 -16.28 -64.85 -94.21
N GLU W 89 -14.97 -64.80 -94.45
CA GLU W 89 -14.45 -64.98 -95.80
C GLU W 89 -13.45 -66.11 -95.93
N ASN W 90 -12.91 -66.65 -94.83
CA ASN W 90 -11.96 -67.74 -94.89
C ASN W 90 -12.62 -69.08 -95.20
N ILE W 91 -13.85 -69.30 -94.75
CA ILE W 91 -14.49 -70.61 -94.90
C ILE W 91 -15.76 -70.43 -95.71
N TYR W 92 -16.71 -69.69 -95.15
CA TYR W 92 -18.01 -69.44 -95.78
C TYR W 92 -18.50 -68.06 -95.37
N LEU W 93 -19.37 -67.48 -96.21
CA LEU W 93 -20.12 -66.32 -95.79
C LEU W 93 -21.42 -66.76 -95.13
N SER W 94 -22.32 -65.80 -94.92
CA SER W 94 -23.60 -66.10 -94.27
C SER W 94 -24.49 -66.96 -95.17
N GLU W 95 -25.34 -67.75 -94.52
CA GLU W 95 -26.22 -68.76 -95.15
C GLU W 95 -25.40 -69.77 -95.96
N HIS W 96 -24.61 -70.57 -95.24
CA HIS W 96 -23.99 -71.74 -95.83
C HIS W 96 -24.81 -72.98 -95.50
N GLY W 97 -24.89 -73.89 -96.48
CA GLY W 97 -25.69 -75.09 -96.32
C GLY W 97 -24.91 -76.37 -96.54
N GLY W 98 -25.60 -77.39 -97.06
CA GLY W 98 -24.97 -78.67 -97.33
C GLY W 98 -25.89 -79.65 -98.03
N GLY W 99 -25.85 -80.91 -97.60
CA GLY W 99 -26.68 -81.95 -98.18
C GLY W 99 -28.06 -82.01 -97.57
N ALA W 100 -28.62 -83.22 -97.53
CA ALA W 100 -29.95 -83.42 -96.96
C ALA W 100 -29.95 -83.70 -95.45
N GLY W 101 -29.16 -84.63 -94.88
CA GLY W 101 -28.26 -85.63 -95.47
C GLY W 101 -27.61 -86.49 -94.42
N ASN W 102 -27.66 -87.82 -94.61
CA ASN W 102 -27.05 -88.74 -93.66
C ASN W 102 -26.62 -90.00 -94.43
N ASN W 103 -25.35 -90.03 -94.82
CA ASN W 103 -24.77 -91.16 -95.54
C ASN W 103 -23.25 -91.02 -95.52
N TRP W 104 -22.56 -92.16 -95.48
CA TRP W 104 -21.12 -92.15 -95.69
C TRP W 104 -20.78 -91.92 -97.16
N ALA W 105 -21.61 -92.44 -98.07
CA ALA W 105 -21.42 -92.25 -99.49
C ALA W 105 -21.84 -90.88 -99.98
N SER W 106 -22.47 -90.06 -99.13
CA SER W 106 -22.84 -88.71 -99.53
C SER W 106 -21.60 -87.81 -99.59
N GLY W 107 -20.91 -87.67 -98.47
CA GLY W 107 -19.70 -86.87 -98.42
C GLY W 107 -18.54 -87.47 -99.17
N PHE W 108 -18.55 -88.79 -99.39
CA PHE W 108 -17.52 -89.41 -100.21
C PHE W 108 -17.70 -89.09 -101.69
N SER W 109 -18.95 -88.87 -102.11
CA SER W 109 -19.23 -88.46 -103.48
C SER W 109 -19.31 -86.96 -103.66
N GLN W 110 -19.50 -86.20 -102.57
CA GLN W 110 -19.53 -84.75 -102.65
C GLN W 110 -18.15 -84.12 -102.67
N GLY W 111 -17.10 -84.91 -102.46
CA GLY W 111 -15.75 -84.36 -102.45
C GLY W 111 -15.21 -84.03 -103.83
N GLU W 112 -15.68 -84.75 -104.85
CA GLU W 112 -15.20 -84.57 -106.22
C GLU W 112 -16.14 -83.75 -107.07
N LYS W 113 -17.27 -83.30 -106.53
CA LYS W 113 -18.14 -82.35 -107.22
C LYS W 113 -17.95 -80.93 -106.74
N ILE W 114 -17.38 -80.75 -105.54
CA ILE W 114 -16.99 -79.43 -105.05
C ILE W 114 -15.48 -79.47 -104.94
N HIS W 115 -14.85 -80.23 -105.85
CA HIS W 115 -13.40 -80.43 -105.83
C HIS W 115 -12.65 -79.14 -106.14
N GLU W 116 -13.24 -78.27 -106.96
CA GLU W 116 -12.60 -77.00 -107.30
C GLU W 116 -12.62 -76.03 -106.13
N ASP W 117 -13.73 -75.97 -105.39
CA ASP W 117 -13.87 -75.01 -104.30
C ASP W 117 -13.25 -75.48 -103.00
N ILE W 118 -13.17 -76.80 -102.77
CA ILE W 118 -12.61 -77.30 -101.53
C ILE W 118 -11.08 -77.23 -101.52
N PHE W 119 -10.44 -77.09 -102.68
CA PHE W 119 -9.00 -76.95 -102.77
C PHE W 119 -8.58 -75.55 -103.19
N ASP W 120 -9.43 -74.55 -102.97
CA ASP W 120 -9.16 -73.18 -103.36
C ASP W 120 -8.95 -72.26 -102.17
N ILE W 121 -9.86 -72.26 -101.20
CA ILE W 121 -9.78 -71.29 -100.12
C ILE W 121 -9.01 -71.85 -98.92
N ILE W 122 -8.87 -73.17 -98.82
CA ILE W 122 -8.08 -73.73 -97.73
C ILE W 122 -6.59 -73.76 -98.07
N ASP W 123 -6.24 -73.54 -99.33
CA ASP W 123 -4.84 -73.45 -99.74
C ASP W 123 -4.30 -72.03 -99.68
N ARG W 124 -5.18 -71.04 -99.48
CA ARG W 124 -4.73 -69.66 -99.29
C ARG W 124 -4.02 -69.46 -97.96
N GLU W 125 -4.38 -70.25 -96.95
CA GLU W 125 -3.70 -70.18 -95.66
C GLU W 125 -2.41 -71.01 -95.64
N ALA W 126 -2.16 -71.81 -96.68
CA ALA W 126 -0.98 -72.66 -96.70
C ALA W 126 0.28 -71.87 -97.02
N ASP W 127 0.20 -70.95 -97.99
CA ASP W 127 1.34 -70.16 -98.40
C ASP W 127 1.51 -68.88 -97.59
N GLY W 128 0.78 -68.73 -96.49
CA GLY W 128 1.03 -67.62 -95.58
C GLY W 128 2.36 -67.73 -94.88
N SER W 129 2.71 -68.94 -94.45
CA SER W 129 4.03 -69.24 -93.91
C SER W 129 4.77 -70.14 -94.89
N ASP W 130 6.04 -69.85 -95.11
CA ASP W 130 6.86 -70.60 -96.06
C ASP W 130 7.41 -71.90 -95.49
N SER W 131 7.10 -72.22 -94.24
CA SER W 131 7.49 -73.49 -93.62
C SER W 131 6.27 -74.01 -92.86
N LEU W 132 5.46 -74.80 -93.54
CA LEU W 132 4.22 -75.29 -92.95
C LEU W 132 4.48 -76.54 -92.11
N GLU W 133 3.88 -76.58 -90.93
CA GLU W 133 4.04 -77.71 -90.02
C GLU W 133 3.29 -78.94 -90.53
N GLY W 134 1.98 -78.83 -90.70
CA GLY W 134 1.21 -79.95 -91.18
C GLY W 134 -0.27 -79.68 -91.11
N PHE W 135 -1.04 -80.76 -91.06
CA PHE W 135 -2.49 -80.68 -91.02
C PHE W 135 -3.02 -81.61 -89.94
N VAL W 136 -3.90 -81.08 -89.09
CA VAL W 136 -4.66 -81.89 -88.13
C VAL W 136 -6.12 -81.89 -88.56
N LEU W 137 -6.67 -83.08 -88.76
CA LEU W 137 -8.06 -83.26 -89.16
C LEU W 137 -8.91 -83.40 -87.91
N CYS W 138 -9.47 -82.28 -87.46
CA CYS W 138 -10.34 -82.27 -86.28
C CYS W 138 -11.75 -82.70 -86.68
N HIS W 139 -11.87 -83.97 -87.05
CA HIS W 139 -13.10 -84.51 -87.58
C HIS W 139 -13.69 -85.54 -86.62
N SER W 140 -14.78 -86.16 -87.06
CA SER W 140 -15.51 -87.12 -86.26
C SER W 140 -15.61 -88.45 -86.99
N ILE W 141 -15.84 -89.50 -86.20
CA ILE W 141 -16.15 -90.82 -86.73
C ILE W 141 -17.65 -91.11 -86.66
N ALA W 142 -18.35 -90.57 -85.66
CA ALA W 142 -19.78 -90.77 -85.52
C ALA W 142 -20.54 -90.07 -86.64
N GLY W 143 -21.61 -90.70 -87.11
CA GLY W 143 -22.40 -90.16 -88.19
C GLY W 143 -21.76 -90.37 -89.54
N GLY W 144 -22.48 -89.93 -90.57
CA GLY W 144 -21.99 -90.03 -91.93
C GLY W 144 -21.46 -88.73 -92.46
N THR W 145 -21.63 -87.65 -91.69
CA THR W 145 -21.18 -86.33 -92.11
C THR W 145 -19.66 -86.18 -91.95
N GLY W 146 -19.15 -86.44 -90.76
CA GLY W 146 -17.72 -86.34 -90.53
C GLY W 146 -16.91 -87.51 -91.04
N SER W 147 -17.54 -88.67 -91.20
CA SER W 147 -16.83 -89.86 -91.68
C SER W 147 -16.85 -89.98 -93.19
N GLY W 148 -17.85 -89.42 -93.86
CA GLY W 148 -17.96 -89.52 -95.30
C GLY W 148 -17.01 -88.61 -96.05
N LEU W 149 -16.94 -87.35 -95.64
CA LEU W 149 -16.08 -86.38 -96.33
C LEU W 149 -14.66 -86.40 -95.79
N GLY W 150 -14.46 -86.82 -94.54
CA GLY W 150 -13.13 -86.85 -93.95
C GLY W 150 -12.22 -87.92 -94.53
N SER W 151 -12.79 -88.98 -95.10
CA SER W 151 -11.98 -90.01 -95.74
C SER W 151 -11.44 -89.56 -97.09
N TYR W 152 -12.02 -88.52 -97.70
CA TYR W 152 -11.55 -88.06 -98.99
C TYR W 152 -10.31 -87.19 -98.86
N LEU W 153 -10.26 -86.32 -97.84
CA LEU W 153 -9.12 -85.43 -97.67
C LEU W 153 -7.89 -86.13 -97.10
N LEU W 154 -8.05 -87.35 -96.55
CA LEU W 154 -6.91 -88.13 -96.12
C LEU W 154 -6.15 -88.74 -97.29
N GLU W 155 -6.72 -88.74 -98.50
CA GLU W 155 -6.08 -89.29 -99.68
C GLU W 155 -5.44 -88.22 -100.56
N ARG W 156 -6.18 -87.14 -100.86
CA ARG W 156 -5.70 -86.14 -101.80
C ARG W 156 -4.72 -85.15 -101.16
N LEU W 157 -4.69 -85.06 -99.83
CA LEU W 157 -3.67 -84.25 -99.16
C LEU W 157 -2.43 -85.06 -98.82
N ASN W 158 -2.41 -86.34 -99.14
CA ASN W 158 -1.24 -87.17 -98.89
C ASN W 158 -0.17 -86.98 -99.95
N ASP W 159 -0.57 -86.69 -101.18
CA ASP W 159 0.37 -86.48 -102.28
C ASP W 159 0.54 -85.02 -102.69
N ARG W 160 -0.50 -84.20 -102.51
CA ARG W 160 -0.36 -82.78 -102.81
C ARG W 160 0.47 -82.07 -101.75
N TYR W 161 0.47 -82.59 -100.51
CA TYR W 161 1.32 -82.07 -99.44
C TYR W 161 2.00 -83.27 -98.79
N PRO W 162 3.06 -83.80 -99.42
CA PRO W 162 3.64 -85.06 -98.92
C PRO W 162 4.60 -84.88 -97.77
N LYS W 163 5.22 -83.71 -97.63
CA LYS W 163 6.23 -83.47 -96.60
C LYS W 163 5.65 -82.83 -95.35
N LYS W 164 4.36 -82.99 -95.11
CA LYS W 164 3.70 -82.40 -93.95
C LYS W 164 3.22 -83.48 -92.99
N LEU W 165 3.25 -83.14 -91.70
CA LEU W 165 2.78 -84.03 -90.66
C LEU W 165 1.27 -84.15 -90.70
N VAL W 166 0.76 -85.38 -90.65
CA VAL W 166 -0.66 -85.61 -90.44
C VAL W 166 -0.84 -86.40 -89.14
N GLN W 167 -1.80 -85.95 -88.34
CA GLN W 167 -2.14 -86.50 -87.03
C GLN W 167 -3.46 -85.89 -86.59
N THR W 168 -4.43 -86.70 -86.14
CA THR W 168 -5.77 -86.20 -85.88
C THR W 168 -6.19 -86.47 -84.43
N TYR W 169 -7.02 -85.56 -83.91
CA TYR W 169 -7.74 -85.76 -82.65
C TYR W 169 -9.17 -86.16 -83.00
N SER W 170 -9.35 -87.44 -83.30
CA SER W 170 -10.64 -87.97 -83.75
C SER W 170 -11.37 -88.60 -82.57
N VAL W 171 -12.69 -88.37 -82.52
CA VAL W 171 -13.54 -88.90 -81.46
C VAL W 171 -14.21 -90.19 -81.94
N PHE W 172 -14.23 -91.20 -81.08
CA PHE W 172 -14.89 -92.46 -81.39
C PHE W 172 -16.38 -92.38 -81.07
N PRO W 173 -17.22 -93.08 -81.83
CA PRO W 173 -18.65 -93.05 -81.57
C PRO W 173 -19.06 -93.93 -80.39
N ASN W 174 -20.34 -93.87 -80.07
CA ASN W 174 -20.90 -94.55 -78.91
C ASN W 174 -21.54 -95.86 -79.32
N GLN W 175 -21.29 -96.92 -78.55
CA GLN W 175 -21.75 -98.27 -78.86
C GLN W 175 -22.65 -98.83 -77.76
N ASP W 176 -23.60 -98.03 -77.27
CA ASP W 176 -24.47 -98.47 -76.19
C ASP W 176 -25.71 -99.20 -76.71
N GLU W 177 -26.54 -98.53 -77.50
CA GLU W 177 -27.57 -99.20 -78.29
C GLU W 177 -27.46 -98.74 -79.74
N MET W 178 -28.17 -99.44 -80.61
CA MET W 178 -28.06 -99.27 -82.06
C MET W 178 -29.44 -99.03 -82.68
N SER W 179 -30.19 -98.10 -82.09
CA SER W 179 -31.55 -97.80 -82.54
C SER W 179 -31.60 -96.54 -83.41
N HIS W 180 -31.05 -95.43 -82.92
CA HIS W 180 -31.09 -94.19 -83.68
C HIS W 180 -30.19 -94.27 -84.91
N VAL W 181 -28.96 -94.74 -84.74
CA VAL W 181 -28.06 -95.04 -85.84
C VAL W 181 -27.84 -96.55 -85.88
N VAL W 182 -27.64 -97.09 -87.08
CA VAL W 182 -27.43 -98.50 -87.34
C VAL W 182 -26.31 -98.62 -88.36
N VAL W 183 -25.86 -97.50 -88.91
CA VAL W 183 -24.84 -97.50 -89.95
C VAL W 183 -23.46 -97.31 -89.30
N GLN W 184 -23.43 -97.39 -87.96
CA GLN W 184 -22.21 -97.16 -87.21
C GLN W 184 -21.06 -98.15 -87.47
N PRO W 185 -21.26 -99.47 -87.66
CA PRO W 185 -20.10 -100.32 -88.02
C PRO W 185 -19.59 -100.10 -89.43
N TYR W 186 -20.38 -99.52 -90.34
CA TYR W 186 -19.95 -99.37 -91.72
C TYR W 186 -19.08 -98.12 -91.92
N ASN W 187 -19.55 -96.96 -91.46
CA ASN W 187 -18.81 -95.72 -91.68
C ASN W 187 -17.59 -95.59 -90.78
N SER W 188 -17.52 -96.35 -89.68
CA SER W 188 -16.37 -96.26 -88.80
C SER W 188 -15.17 -96.99 -89.37
N LEU W 189 -15.37 -98.23 -89.84
CA LEU W 189 -14.27 -99.03 -90.35
C LEU W 189 -13.76 -98.52 -91.69
N LEU W 190 -14.59 -97.82 -92.46
CA LEU W 190 -14.13 -97.24 -93.71
C LEU W 190 -13.17 -96.07 -93.45
N THR W 191 -13.41 -95.31 -92.38
CA THR W 191 -12.49 -94.24 -92.02
C THR W 191 -11.29 -94.78 -91.25
N LEU W 192 -11.46 -95.88 -90.52
CA LEU W 192 -10.36 -96.44 -89.75
C LEU W 192 -9.29 -97.06 -90.63
N LYS W 193 -9.63 -97.48 -91.85
CA LYS W 193 -8.60 -97.90 -92.81
C LYS W 193 -7.79 -96.71 -93.28
N ARG W 194 -8.45 -95.57 -93.50
CA ARG W 194 -7.75 -94.37 -93.94
C ARG W 194 -6.92 -93.75 -92.82
N LEU W 195 -7.19 -94.12 -91.57
CA LEU W 195 -6.46 -93.55 -90.45
C LEU W 195 -5.12 -94.24 -90.19
N THR W 196 -4.86 -95.38 -90.83
CA THR W 196 -3.62 -96.13 -90.62
C THR W 196 -2.66 -96.06 -91.78
N GLN W 197 -3.13 -96.24 -93.01
CA GLN W 197 -2.25 -96.18 -94.17
C GLN W 197 -2.27 -94.83 -94.88
N ASN W 198 -3.40 -94.14 -94.89
CA ASN W 198 -3.48 -92.80 -95.42
C ASN W 198 -3.29 -91.73 -94.35
N ALA W 199 -2.97 -92.13 -93.13
CA ALA W 199 -2.70 -91.20 -92.04
C ALA W 199 -1.65 -91.79 -91.13
N ASP W 200 -0.79 -90.92 -90.59
CA ASP W 200 0.33 -91.36 -89.78
C ASP W 200 -0.10 -91.70 -88.36
N CYS W 201 -0.73 -90.75 -87.67
CA CYS W 201 -1.08 -90.92 -86.27
C CYS W 201 -2.51 -90.46 -86.02
N VAL W 202 -3.11 -91.02 -84.97
CA VAL W 202 -4.41 -90.57 -84.47
C VAL W 202 -4.30 -90.36 -82.98
N VAL W 203 -5.29 -89.68 -82.43
CA VAL W 203 -5.49 -89.55 -80.98
C VAL W 203 -6.90 -90.02 -80.70
N VAL W 204 -7.03 -91.21 -80.10
CA VAL W 204 -8.34 -91.81 -79.92
C VAL W 204 -9.07 -91.15 -78.76
N LEU W 205 -10.39 -91.04 -78.88
CA LEU W 205 -11.26 -90.41 -77.87
C LEU W 205 -12.57 -91.20 -77.86
N ASP W 206 -12.70 -92.10 -76.90
CA ASP W 206 -13.87 -92.97 -76.84
C ASP W 206 -15.09 -92.23 -76.28
N ASN W 207 -16.26 -92.67 -76.73
CA ASN W 207 -17.52 -92.10 -76.26
C ASN W 207 -18.11 -92.85 -75.06
N THR W 208 -17.92 -94.16 -75.00
CA THR W 208 -18.39 -94.92 -73.84
C THR W 208 -17.54 -94.65 -72.61
N ALA W 209 -16.31 -94.17 -72.79
CA ALA W 209 -15.46 -93.77 -71.69
C ALA W 209 -15.69 -92.32 -71.26
N LEU W 210 -16.48 -91.55 -72.01
CA LEU W 210 -16.78 -90.18 -71.63
C LEU W 210 -17.75 -90.14 -70.46
N ASN W 211 -18.87 -90.87 -70.58
CA ASN W 211 -19.85 -90.95 -69.50
C ASN W 211 -19.36 -91.78 -68.32
N ARG W 212 -18.28 -92.54 -68.47
CA ARG W 212 -17.63 -93.12 -67.30
C ARG W 212 -17.00 -92.04 -66.44
N ILE W 213 -16.52 -90.96 -67.06
CA ILE W 213 -15.89 -89.85 -66.35
C ILE W 213 -16.93 -88.79 -66.06
N ALA W 214 -17.94 -88.67 -66.93
CA ALA W 214 -18.96 -87.64 -66.77
C ALA W 214 -19.90 -87.92 -65.60
N THR W 215 -19.94 -89.15 -65.09
CA THR W 215 -20.63 -89.45 -63.84
C THR W 215 -19.67 -89.79 -62.72
N ASP W 216 -18.36 -89.78 -62.98
CA ASP W 216 -17.38 -90.11 -61.94
C ASP W 216 -17.26 -89.00 -60.90
N ARG W 217 -16.88 -87.81 -61.33
CA ARG W 217 -16.69 -86.68 -60.44
C ARG W 217 -17.57 -85.50 -60.82
N LEU W 218 -18.27 -85.57 -61.94
CA LEU W 218 -18.98 -84.41 -62.47
C LEU W 218 -20.43 -84.35 -62.00
N HIS W 219 -20.99 -85.51 -61.61
CA HIS W 219 -22.28 -85.64 -60.91
C HIS W 219 -23.45 -85.07 -61.72
N ILE W 220 -23.72 -85.70 -62.85
CA ILE W 220 -24.88 -85.37 -63.67
C ILE W 220 -25.85 -86.55 -63.66
N GLN W 221 -27.13 -86.25 -63.88
CA GLN W 221 -28.17 -87.26 -63.93
C GLN W 221 -28.64 -87.57 -65.33
N ASN W 222 -28.79 -86.55 -66.19
CA ASN W 222 -29.19 -86.73 -67.58
C ASN W 222 -28.01 -86.35 -68.47
N PRO W 223 -27.38 -87.31 -69.15
CA PRO W 223 -26.20 -86.99 -69.97
C PRO W 223 -26.59 -86.24 -71.23
N SER W 224 -26.09 -85.01 -71.36
CA SER W 224 -26.35 -84.17 -72.52
C SER W 224 -25.07 -84.01 -73.35
N PHE W 225 -25.23 -83.40 -74.52
CA PHE W 225 -24.11 -83.15 -75.41
C PHE W 225 -23.30 -81.93 -75.01
N SER W 226 -23.79 -81.13 -74.05
CA SER W 226 -23.10 -79.95 -73.61
C SER W 226 -21.90 -80.25 -72.71
N GLN W 227 -21.71 -81.50 -72.30
CA GLN W 227 -20.55 -81.90 -71.50
C GLN W 227 -19.43 -82.52 -72.33
N ILE W 228 -19.70 -82.82 -73.61
CA ILE W 228 -18.69 -83.48 -74.45
C ILE W 228 -17.58 -82.50 -74.86
N ASN W 229 -17.78 -81.20 -74.70
CA ASN W 229 -16.80 -80.21 -75.13
C ASN W 229 -15.87 -79.80 -74.00
N GLN W 230 -16.14 -80.24 -72.77
CA GLN W 230 -15.36 -79.81 -71.62
C GLN W 230 -14.16 -80.70 -71.37
N LEU W 231 -14.30 -82.02 -71.53
CA LEU W 231 -13.14 -82.90 -71.40
C LEU W 231 -12.23 -82.81 -72.62
N VAL W 232 -12.77 -82.40 -73.77
CA VAL W 232 -12.02 -82.50 -75.02
C VAL W 232 -11.19 -81.25 -75.25
N SER W 233 -11.75 -80.07 -74.96
CA SER W 233 -11.06 -78.81 -75.25
C SER W 233 -9.88 -78.53 -74.34
N THR W 234 -9.88 -79.08 -73.12
CA THR W 234 -8.75 -78.85 -72.23
C THR W 234 -7.53 -79.68 -72.65
N ILE W 235 -7.74 -80.94 -73.00
CA ILE W 235 -6.60 -81.80 -73.38
C ILE W 235 -6.07 -81.46 -74.76
N MET W 236 -6.86 -80.77 -75.58
CA MET W 236 -6.34 -80.25 -76.85
C MET W 236 -5.34 -79.13 -76.62
N SER W 237 -5.71 -78.18 -75.76
CA SER W 237 -4.78 -77.11 -75.40
C SER W 237 -3.67 -77.61 -74.48
N ALA W 238 -3.91 -78.72 -73.78
CA ALA W 238 -2.86 -79.33 -72.96
C ALA W 238 -1.78 -79.99 -73.82
N SER W 239 -2.15 -80.48 -74.99
CA SER W 239 -1.21 -81.17 -75.86
C SER W 239 -0.25 -80.21 -76.56
N THR W 240 -0.59 -78.91 -76.63
CA THR W 240 0.24 -77.92 -77.29
C THR W 240 0.90 -76.96 -76.29
N THR W 241 1.01 -77.38 -75.03
CA THR W 241 1.65 -76.52 -74.03
C THR W 241 3.15 -76.40 -74.25
N THR W 242 3.79 -77.44 -74.81
CA THR W 242 5.17 -77.31 -75.23
C THR W 242 5.26 -76.51 -76.53
N LEU W 243 4.19 -76.48 -77.31
CA LEU W 243 4.19 -75.82 -78.62
C LEU W 243 3.71 -74.38 -78.55
N ARG W 244 2.69 -74.09 -77.76
CA ARG W 244 2.21 -72.71 -77.61
C ARG W 244 3.07 -71.93 -76.63
N TYR W 245 3.17 -72.42 -75.40
CA TYR W 245 3.99 -71.79 -74.38
C TYR W 245 5.46 -72.15 -74.63
N PRO W 246 6.41 -71.28 -74.21
CA PRO W 246 7.82 -71.53 -74.51
C PRO W 246 8.41 -72.73 -73.77
N GLY W 247 8.65 -73.81 -74.53
CA GLY W 247 9.36 -74.96 -74.04
C GLY W 247 10.66 -75.14 -74.81
N TYR W 248 11.39 -76.20 -74.44
CA TYR W 248 12.69 -76.46 -75.05
C TYR W 248 12.70 -77.74 -75.88
N MET W 249 12.34 -78.87 -75.28
CA MET W 249 12.41 -80.15 -75.97
C MET W 249 11.02 -80.67 -76.31
N ASN W 250 10.90 -81.19 -77.54
CA ASN W 250 9.63 -81.57 -78.16
C ASN W 250 8.63 -80.43 -78.12
N ASN W 251 9.11 -79.24 -78.47
CA ASN W 251 8.28 -78.05 -78.55
C ASN W 251 7.57 -77.90 -79.88
N ASP W 252 7.64 -78.92 -80.75
CA ASP W 252 6.90 -78.98 -82.00
C ASP W 252 5.99 -80.20 -82.00
N LEU W 253 5.03 -80.21 -82.93
CA LEU W 253 4.09 -81.33 -83.00
C LEU W 253 4.75 -82.54 -83.64
N ILE W 254 5.73 -82.30 -84.50
CA ILE W 254 6.63 -83.37 -84.96
C ILE W 254 7.72 -83.70 -83.95
N GLY W 255 7.75 -83.05 -82.79
CA GLY W 255 8.63 -83.50 -81.73
C GLY W 255 7.99 -84.53 -80.83
N LEU W 256 6.71 -84.31 -80.48
CA LEU W 256 6.03 -85.18 -79.52
C LEU W 256 5.67 -86.53 -80.14
N ILE W 257 5.14 -86.50 -81.38
CA ILE W 257 4.66 -87.70 -82.03
C ILE W 257 5.82 -88.59 -82.49
N ALA W 258 6.99 -88.00 -82.73
CA ALA W 258 8.15 -88.78 -83.15
C ALA W 258 8.69 -89.68 -82.04
N SER W 259 8.54 -89.27 -80.78
CA SER W 259 9.11 -90.03 -79.66
C SER W 259 8.15 -91.04 -79.05
N LEU W 260 7.00 -91.28 -79.69
CA LEU W 260 6.02 -92.19 -79.15
C LEU W 260 5.58 -93.29 -80.13
N ILE W 261 5.63 -93.06 -81.44
CA ILE W 261 5.17 -94.02 -82.43
C ILE W 261 6.24 -95.10 -82.58
N PRO W 262 5.94 -96.37 -82.35
CA PRO W 262 6.91 -97.44 -82.60
C PRO W 262 7.07 -97.71 -84.09
N THR W 263 5.96 -97.75 -84.80
CA THR W 263 5.92 -98.17 -86.20
C THR W 263 4.63 -97.65 -86.81
N PRO W 264 4.58 -97.50 -88.14
CA PRO W 264 3.29 -97.21 -88.80
C PRO W 264 2.27 -98.31 -88.57
N ARG W 265 0.99 -97.90 -88.61
CA ARG W 265 -0.24 -98.62 -88.26
C ARG W 265 -0.29 -99.02 -86.77
N LEU W 266 0.68 -98.58 -85.96
CA LEU W 266 0.60 -98.65 -84.49
C LEU W 266 0.83 -97.23 -83.99
N HIS W 267 -0.27 -96.48 -83.87
CA HIS W 267 -0.18 -95.08 -83.50
C HIS W 267 -1.30 -94.65 -82.56
N PHE W 268 -2.11 -95.58 -82.07
CA PHE W 268 -3.29 -95.26 -81.28
C PHE W 268 -2.85 -94.97 -79.84
N LEU W 269 -2.92 -93.71 -79.44
CA LEU W 269 -2.35 -93.25 -78.18
C LEU W 269 -3.44 -93.10 -77.12
N MET W 270 -3.19 -93.69 -75.95
CA MET W 270 -4.12 -93.59 -74.83
C MET W 270 -3.90 -92.27 -74.11
N THR W 271 -5.00 -91.61 -73.73
CA THR W 271 -4.97 -90.28 -73.15
C THR W 271 -5.45 -90.34 -71.70
N GLY W 272 -4.84 -89.52 -70.84
CA GLY W 272 -5.27 -89.44 -69.45
C GLY W 272 -5.11 -88.03 -68.93
N TYR W 273 -6.06 -87.63 -68.08
CA TYR W 273 -6.08 -86.27 -67.54
C TYR W 273 -6.88 -86.30 -66.23
N THR W 274 -6.18 -86.14 -65.11
CA THR W 274 -6.84 -86.19 -63.80
C THR W 274 -7.61 -84.93 -63.38
N PRO W 275 -7.02 -83.70 -63.28
CA PRO W 275 -7.68 -82.67 -62.47
C PRO W 275 -8.84 -81.98 -63.18
N LEU W 276 -10.07 -82.30 -62.74
CA LEU W 276 -11.27 -81.71 -63.32
C LEU W 276 -12.25 -81.18 -62.27
N THR W 277 -11.82 -81.03 -61.03
CA THR W 277 -12.72 -80.67 -59.94
C THR W 277 -12.31 -79.33 -59.35
N THR W 278 -13.30 -78.46 -59.15
CA THR W 278 -13.07 -77.09 -58.71
C THR W 278 -12.95 -76.94 -57.20
N ASP W 279 -13.40 -77.91 -56.41
CA ASP W 279 -13.25 -77.82 -54.96
C ASP W 279 -11.93 -78.41 -54.46
N GLN W 280 -11.07 -78.88 -55.37
CA GLN W 280 -9.69 -79.19 -55.01
C GLN W 280 -8.88 -77.93 -54.75
N SER W 281 -9.38 -76.77 -55.19
CA SER W 281 -8.62 -75.51 -55.17
C SER W 281 -8.35 -75.02 -53.75
N VAL W 282 -9.20 -75.38 -52.78
CA VAL W 282 -9.05 -74.86 -51.42
C VAL W 282 -7.97 -75.55 -50.62
N ALA W 283 -7.39 -76.64 -51.14
CA ALA W 283 -6.35 -77.37 -50.43
C ALA W 283 -5.06 -77.48 -51.21
N SER W 284 -4.95 -76.81 -52.36
CA SER W 284 -3.70 -76.73 -53.10
C SER W 284 -2.83 -75.57 -52.65
N VAL W 285 -3.21 -74.87 -51.58
CA VAL W 285 -2.42 -73.77 -51.05
C VAL W 285 -1.27 -74.23 -50.15
N ARG W 286 -1.24 -75.52 -49.80
CA ARG W 286 -0.28 -76.03 -48.83
C ARG W 286 0.91 -76.74 -49.49
N LYS W 287 1.26 -76.34 -50.72
CA LYS W 287 2.31 -76.97 -51.54
C LYS W 287 2.00 -78.45 -51.76
N THR W 288 0.96 -78.65 -52.57
CA THR W 288 0.72 -79.96 -53.16
C THR W 288 1.79 -80.24 -54.20
N THR W 289 2.48 -81.36 -54.05
CA THR W 289 3.74 -81.63 -54.76
C THR W 289 3.47 -82.36 -56.07
N VAL W 290 4.58 -82.66 -56.76
CA VAL W 290 4.57 -83.42 -58.02
C VAL W 290 4.80 -84.91 -57.78
N LEU W 291 5.02 -85.31 -56.53
CA LEU W 291 5.37 -86.70 -56.24
C LEU W 291 4.13 -87.60 -56.21
N ASP W 292 2.94 -87.02 -56.15
CA ASP W 292 1.71 -87.79 -56.06
C ASP W 292 0.85 -87.72 -57.31
N VAL W 293 1.21 -86.89 -58.30
CA VAL W 293 0.32 -86.68 -59.42
C VAL W 293 0.55 -87.69 -60.54
N MET W 294 1.74 -88.28 -60.63
CA MET W 294 2.02 -89.27 -61.66
C MET W 294 1.95 -90.70 -61.16
N ARG W 295 1.62 -90.91 -59.88
CA ARG W 295 1.36 -92.25 -59.39
C ARG W 295 -0.01 -92.75 -59.85
N ARG W 296 -0.91 -91.82 -60.18
CA ARG W 296 -2.27 -92.17 -60.60
C ARG W 296 -2.47 -92.10 -62.10
N LEU W 297 -1.45 -91.70 -62.86
CA LEU W 297 -1.58 -91.66 -64.31
C LEU W 297 -1.54 -93.07 -64.90
N LEU W 298 -0.51 -93.85 -64.54
CA LEU W 298 -0.42 -95.24 -64.95
C LEU W 298 -1.49 -96.12 -64.30
N GLN W 299 -2.05 -95.69 -63.18
CA GLN W 299 -3.18 -96.40 -62.60
C GLN W 299 -4.41 -96.14 -63.45
N PRO W 300 -5.09 -97.20 -63.94
CA PRO W 300 -6.21 -97.03 -64.90
C PRO W 300 -7.47 -96.41 -64.29
N LYS W 301 -7.41 -95.11 -64.08
CA LYS W 301 -8.52 -94.35 -63.54
C LYS W 301 -8.91 -93.17 -64.41
N ASN W 302 -7.93 -92.48 -64.99
CA ASN W 302 -8.17 -91.32 -65.84
C ASN W 302 -8.22 -91.66 -67.32
N VAL W 303 -8.26 -92.93 -67.68
CA VAL W 303 -8.14 -93.32 -69.08
C VAL W 303 -9.43 -93.02 -69.83
N MET W 304 -9.28 -92.72 -71.12
CA MET W 304 -10.41 -92.46 -72.01
C MET W 304 -10.53 -93.54 -73.07
N VAL W 305 -10.16 -94.77 -72.74
CA VAL W 305 -10.16 -95.89 -73.68
C VAL W 305 -10.81 -97.09 -72.98
N SER W 306 -11.86 -97.63 -73.59
CA SER W 306 -12.52 -98.81 -73.05
C SER W 306 -11.67 -100.03 -73.39
N THR W 307 -11.02 -100.60 -72.38
CA THR W 307 -10.14 -101.73 -72.58
C THR W 307 -10.36 -102.73 -71.46
N GLY W 308 -9.79 -103.93 -71.65
CA GLY W 308 -9.96 -104.99 -70.66
C GLY W 308 -9.07 -104.76 -69.45
N ARG W 309 -9.58 -105.15 -68.29
CA ARG W 309 -8.84 -104.98 -67.03
C ARG W 309 -7.90 -106.15 -66.75
N ASP W 310 -8.20 -107.34 -67.27
CA ASP W 310 -7.36 -108.51 -67.07
C ASP W 310 -6.48 -108.83 -68.27
N ARG W 311 -6.36 -107.91 -69.22
CA ARG W 311 -5.57 -108.12 -70.43
C ARG W 311 -4.27 -107.32 -70.42
N GLN W 312 -3.87 -106.78 -69.27
CA GLN W 312 -2.68 -105.95 -69.18
C GLN W 312 -1.44 -106.72 -68.74
N THR W 313 -1.58 -108.00 -68.41
CA THR W 313 -0.43 -108.81 -67.99
C THR W 313 0.36 -109.34 -69.17
N ASN W 314 -0.30 -109.65 -70.29
CA ASN W 314 0.37 -110.10 -71.49
C ASN W 314 0.62 -108.98 -72.48
N HIS W 315 0.23 -107.76 -72.15
CA HIS W 315 0.50 -106.58 -72.96
C HIS W 315 1.53 -105.71 -72.26
N CYS W 316 2.28 -104.94 -73.04
CA CYS W 316 3.43 -104.21 -72.52
C CYS W 316 3.41 -102.78 -73.04
N TYR W 317 3.66 -101.82 -72.15
CA TYR W 317 3.86 -100.44 -72.57
C TYR W 317 5.18 -100.30 -73.30
N ILE W 318 5.21 -99.41 -74.29
CA ILE W 318 6.43 -99.16 -75.04
C ILE W 318 6.83 -97.70 -74.90
N ALA W 319 5.84 -96.80 -74.93
CA ALA W 319 6.08 -95.37 -74.83
C ALA W 319 4.99 -94.75 -73.97
N ILE W 320 5.40 -93.99 -72.96
CA ILE W 320 4.47 -93.34 -72.04
C ILE W 320 4.93 -91.90 -71.82
N LEU W 321 4.02 -90.95 -72.02
CA LEU W 321 4.29 -89.52 -71.85
C LEU W 321 3.54 -89.03 -70.62
N ASN W 322 4.22 -88.22 -69.81
CA ASN W 322 3.66 -87.68 -68.57
C ASN W 322 3.98 -86.19 -68.53
N ILE W 323 3.00 -85.37 -68.92
CA ILE W 323 3.20 -83.93 -69.08
C ILE W 323 2.68 -83.21 -67.85
N ILE W 324 3.57 -82.54 -67.13
CA ILE W 324 3.20 -81.64 -66.04
C ILE W 324 3.24 -80.21 -66.56
N GLN W 325 2.35 -79.36 -66.02
CA GLN W 325 2.13 -78.01 -66.51
C GLN W 325 2.14 -77.03 -65.34
N GLY W 326 2.57 -75.81 -65.61
CA GLY W 326 2.45 -74.75 -64.61
C GLY W 326 3.47 -74.90 -63.52
N GLU W 327 3.02 -74.80 -62.27
CA GLU W 327 3.91 -74.99 -61.12
C GLU W 327 4.29 -76.46 -61.00
N VAL W 328 5.58 -76.74 -61.09
CA VAL W 328 6.06 -78.11 -61.18
C VAL W 328 6.87 -78.44 -59.94
N ASP W 329 7.55 -77.41 -59.38
CA ASP W 329 8.63 -77.54 -58.40
C ASP W 329 9.68 -78.50 -58.95
N PRO W 330 10.50 -78.05 -59.91
CA PRO W 330 11.35 -78.99 -60.67
C PRO W 330 12.52 -79.57 -59.89
N THR W 331 12.71 -79.23 -58.61
CA THR W 331 13.74 -79.91 -57.83
C THR W 331 13.32 -81.29 -57.37
N GLN W 332 12.05 -81.66 -57.56
CA GLN W 332 11.55 -83.00 -57.24
C GLN W 332 10.90 -83.69 -58.44
N VAL W 333 11.12 -83.18 -59.66
CA VAL W 333 10.55 -83.86 -60.83
C VAL W 333 11.40 -85.08 -61.21
N HIS W 334 12.71 -85.05 -60.94
CA HIS W 334 13.51 -86.26 -61.03
C HIS W 334 13.23 -87.21 -59.88
N LYS W 335 12.70 -86.69 -58.77
CA LYS W 335 12.30 -87.52 -57.65
C LYS W 335 11.01 -88.29 -57.95
N SER W 336 10.13 -87.71 -58.77
CA SER W 336 8.93 -88.43 -59.20
C SER W 336 9.25 -89.55 -60.16
N LEU W 337 10.25 -89.35 -61.02
CA LEU W 337 10.68 -90.37 -61.95
C LEU W 337 11.56 -91.43 -61.28
N GLN W 338 12.04 -91.14 -60.07
CA GLN W 338 12.78 -92.13 -59.28
C GLN W 338 11.88 -93.28 -58.86
N ARG W 339 10.63 -92.99 -58.52
CA ARG W 339 9.71 -93.98 -57.97
C ARG W 339 9.03 -94.83 -59.04
N ILE W 340 9.38 -94.65 -60.31
CA ILE W 340 8.70 -95.37 -61.38
C ILE W 340 9.23 -96.80 -61.49
N ARG W 341 10.54 -96.99 -61.35
CA ARG W 341 11.14 -98.30 -61.53
C ARG W 341 10.83 -99.26 -60.39
N GLU W 342 10.42 -98.75 -59.23
CA GLU W 342 10.23 -99.62 -58.07
C GLU W 342 8.88 -100.32 -58.13
N ARG W 343 7.87 -99.66 -58.69
CA ARG W 343 6.54 -100.28 -58.78
C ARG W 343 6.42 -101.17 -60.01
N LYS W 344 7.02 -100.74 -61.12
CA LYS W 344 6.85 -101.33 -62.45
C LYS W 344 5.36 -101.42 -62.82
N LEU W 345 4.67 -100.30 -62.70
CA LEU W 345 3.26 -100.24 -63.07
C LEU W 345 3.06 -100.35 -64.57
N ALA W 346 4.08 -99.97 -65.36
CA ALA W 346 4.09 -100.19 -66.79
C ALA W 346 4.83 -101.48 -67.09
N ASN W 347 4.16 -102.41 -67.78
CA ASN W 347 4.86 -103.59 -68.27
C ASN W 347 5.74 -103.19 -69.43
N PHE W 348 7.00 -103.61 -69.38
CA PHE W 348 7.99 -103.20 -70.37
C PHE W 348 8.14 -104.29 -71.42
N ILE W 349 8.46 -103.87 -72.64
CA ILE W 349 8.60 -104.82 -73.75
C ILE W 349 9.87 -105.65 -73.55
N PRO W 350 9.83 -106.97 -73.72
CA PRO W 350 11.02 -107.79 -73.46
C PRO W 350 12.04 -107.76 -74.57
N TRP W 351 11.72 -107.22 -75.74
CA TRP W 351 12.65 -107.18 -76.85
C TRP W 351 13.49 -105.91 -76.88
N GLY W 352 12.97 -104.80 -76.39
CA GLY W 352 13.68 -103.54 -76.44
C GLY W 352 13.43 -102.67 -75.24
N PRO W 353 14.08 -101.50 -75.21
CA PRO W 353 13.89 -100.58 -74.09
C PRO W 353 12.56 -99.84 -74.16
N ALA W 354 12.16 -99.30 -73.01
CA ALA W 354 10.99 -98.45 -72.88
C ALA W 354 11.44 -97.04 -72.51
N SER W 355 10.48 -96.14 -72.31
CA SER W 355 10.79 -94.75 -72.01
C SER W 355 9.62 -94.08 -71.30
N ILE W 356 9.91 -93.46 -70.15
CA ILE W 356 8.96 -92.61 -69.44
C ILE W 356 9.44 -91.18 -69.58
N GLN W 357 8.86 -90.45 -70.52
CA GLN W 357 9.26 -89.08 -70.83
C GLN W 357 8.39 -88.10 -70.06
N VAL W 358 9.03 -87.20 -69.31
CA VAL W 358 8.33 -86.16 -68.55
C VAL W 358 8.82 -84.81 -69.06
N ALA W 359 7.90 -83.84 -69.19
CA ALA W 359 8.25 -82.51 -69.66
C ALA W 359 7.37 -81.48 -68.95
N LEU W 360 7.81 -80.23 -68.99
CA LEU W 360 7.12 -79.15 -68.30
C LEU W 360 7.13 -77.88 -69.13
N SER W 361 6.13 -77.04 -68.89
CA SER W 361 6.02 -75.72 -69.49
C SER W 361 5.14 -74.86 -68.59
N ARG W 362 5.47 -73.57 -68.52
CA ARG W 362 4.71 -72.66 -67.68
C ARG W 362 3.35 -72.36 -68.30
N LYS W 363 2.33 -72.28 -67.46
CA LYS W 363 0.96 -72.12 -67.92
C LYS W 363 0.62 -70.64 -68.07
N SER W 364 -0.67 -70.36 -68.25
CA SER W 364 -1.14 -69.00 -68.43
C SER W 364 -1.03 -68.21 -67.13
N PRO W 365 -0.78 -66.90 -67.20
CA PRO W 365 -0.85 -66.06 -65.99
C PRO W 365 -2.28 -65.86 -65.52
N TYR W 366 -2.80 -66.89 -64.85
CA TYR W 366 -4.18 -66.90 -64.40
C TYR W 366 -4.25 -67.67 -63.09
N LEU W 367 -5.22 -67.31 -62.24
CA LEU W 367 -5.27 -67.87 -60.89
C LEU W 367 -5.69 -69.34 -60.84
N PRO W 368 -6.66 -69.86 -61.61
CA PRO W 368 -6.86 -71.31 -61.63
C PRO W 368 -5.79 -72.09 -62.39
N SER W 369 -4.85 -71.42 -63.06
CA SER W 369 -3.81 -72.09 -63.82
C SER W 369 -2.44 -72.07 -63.15
N ALA W 370 -2.10 -71.01 -62.42
CA ALA W 370 -0.83 -70.90 -61.74
C ALA W 370 -0.91 -71.38 -60.29
N HIS W 371 -1.92 -72.18 -59.95
CA HIS W 371 -2.08 -72.71 -58.60
C HIS W 371 -2.25 -74.21 -58.51
N ARG W 372 -2.87 -74.86 -59.50
CA ARG W 372 -3.27 -76.26 -59.38
C ARG W 372 -2.47 -77.09 -60.37
N VAL W 373 -1.95 -78.23 -59.90
CA VAL W 373 -1.10 -79.07 -60.73
C VAL W 373 -1.95 -79.79 -61.76
N SER W 374 -1.40 -79.93 -62.97
CA SER W 374 -2.11 -80.55 -64.07
C SER W 374 -1.24 -81.64 -64.68
N GLY W 375 -1.85 -82.79 -64.94
CA GLY W 375 -1.13 -83.90 -65.53
C GLY W 375 -1.79 -84.44 -66.79
N LEU W 376 -1.09 -84.33 -67.91
CA LEU W 376 -1.58 -84.82 -69.20
C LEU W 376 -0.80 -86.07 -69.57
N MET W 377 -1.52 -87.14 -69.88
CA MET W 377 -0.92 -88.42 -70.24
C MET W 377 -1.14 -88.71 -71.71
N MET W 378 -0.06 -89.17 -72.38
CA MET W 378 -0.14 -89.67 -73.75
C MET W 378 0.53 -91.04 -73.76
N ALA W 379 -0.25 -92.08 -73.44
CA ALA W 379 0.27 -93.43 -73.31
C ALA W 379 0.30 -94.12 -74.67
N ASN W 380 0.91 -95.30 -74.71
CA ASN W 380 0.87 -96.17 -75.88
C ASN W 380 1.00 -97.61 -75.37
N HIS W 381 -0.15 -98.26 -75.19
CA HIS W 381 -0.21 -99.61 -74.66
C HIS W 381 -0.82 -100.54 -75.69
N THR W 382 -0.36 -101.78 -75.71
CA THR W 382 -0.75 -102.74 -76.74
C THR W 382 -2.03 -103.50 -76.41
N ASN W 383 -2.83 -103.01 -75.46
CA ASN W 383 -4.17 -103.54 -75.21
C ASN W 383 -5.23 -102.83 -76.04
N ILE W 384 -4.82 -102.00 -77.00
CA ILE W 384 -5.75 -101.24 -77.83
C ILE W 384 -6.45 -102.09 -78.88
N SER W 385 -6.02 -103.34 -79.06
CA SER W 385 -6.70 -104.26 -79.96
C SER W 385 -8.05 -104.73 -79.41
N SER W 386 -8.32 -104.50 -78.12
CA SER W 386 -9.61 -104.85 -77.55
C SER W 386 -10.73 -104.00 -78.14
N LEU W 387 -10.45 -102.73 -78.44
CA LEU W 387 -11.39 -101.92 -79.19
C LEU W 387 -11.50 -102.39 -80.63
N PHE W 388 -10.38 -102.84 -81.21
CA PHE W 388 -10.41 -103.35 -82.58
C PHE W 388 -11.05 -104.73 -82.64
N GLU W 389 -10.99 -105.49 -81.55
CA GLU W 389 -11.77 -106.72 -81.47
C GLU W 389 -13.24 -106.43 -81.20
N ARG W 390 -13.54 -105.31 -80.54
CA ARG W 390 -14.92 -104.94 -80.29
C ARG W 390 -15.60 -104.43 -81.57
N THR W 391 -14.87 -103.67 -82.39
CA THR W 391 -15.45 -103.14 -83.60
C THR W 391 -15.56 -104.21 -84.70
N CYS W 392 -14.61 -105.14 -84.74
CA CYS W 392 -14.65 -106.18 -85.76
C CYS W 392 -15.72 -107.24 -85.46
N ARG W 393 -15.94 -107.55 -84.18
CA ARG W 393 -16.98 -108.52 -83.82
C ARG W 393 -18.37 -107.93 -84.04
N GLN W 394 -18.51 -106.61 -83.97
CA GLN W 394 -19.75 -105.94 -84.31
C GLN W 394 -19.87 -105.67 -85.80
N TYR W 395 -18.83 -105.99 -86.58
CA TYR W 395 -18.83 -105.75 -88.01
C TYR W 395 -19.20 -107.01 -88.80
N ASP W 396 -18.62 -108.15 -88.46
CA ASP W 396 -18.95 -109.40 -89.14
C ASP W 396 -20.29 -109.98 -88.68
N LYS W 397 -20.73 -109.62 -87.48
CA LYS W 397 -22.06 -110.07 -87.02
C LYS W 397 -23.16 -109.34 -87.77
N LEU W 398 -22.90 -108.10 -88.20
CA LEU W 398 -23.92 -107.33 -88.90
C LEU W 398 -24.06 -107.74 -90.35
N ARG W 399 -22.98 -108.26 -90.97
CA ARG W 399 -23.05 -108.67 -92.36
C ARG W 399 -23.75 -110.02 -92.54
N LYS W 400 -23.88 -110.81 -91.47
CA LYS W 400 -24.63 -112.06 -91.55
C LYS W 400 -26.12 -111.86 -91.30
N ARG W 401 -26.52 -110.68 -90.83
CA ARG W 401 -27.92 -110.36 -90.61
C ARG W 401 -28.57 -109.69 -91.81
N GLU W 402 -27.83 -109.60 -92.93
CA GLU W 402 -28.26 -108.95 -94.18
C GLU W 402 -28.67 -107.49 -93.94
N ALA W 403 -27.81 -106.76 -93.23
CA ALA W 403 -28.07 -105.39 -92.84
C ALA W 403 -27.21 -104.45 -93.67
N PHE W 404 -27.89 -103.57 -94.43
CA PHE W 404 -27.28 -102.52 -95.26
C PHE W 404 -26.30 -103.09 -96.29
N LEU W 405 -26.72 -104.16 -96.95
CA LEU W 405 -26.04 -104.67 -98.14
C LEU W 405 -26.77 -104.32 -99.42
N GLU W 406 -28.07 -104.09 -99.34
CA GLU W 406 -28.85 -103.65 -100.48
C GLU W 406 -29.15 -102.14 -100.41
N GLN W 407 -29.10 -101.58 -99.20
CA GLN W 407 -29.42 -100.17 -98.97
C GLN W 407 -28.19 -99.28 -99.07
N PHE W 408 -27.01 -99.84 -99.35
CA PHE W 408 -25.76 -99.10 -99.30
C PHE W 408 -24.98 -99.15 -100.61
N ARG W 409 -25.28 -100.07 -101.51
CA ARG W 409 -24.49 -100.27 -102.72
C ARG W 409 -25.19 -99.74 -103.97
N LYS W 410 -26.21 -98.89 -103.81
CA LYS W 410 -26.86 -98.30 -104.98
C LYS W 410 -26.03 -97.16 -105.54
N GLU W 411 -25.45 -96.34 -104.68
CA GLU W 411 -24.63 -95.20 -105.09
C GLU W 411 -23.16 -95.55 -104.93
N ASP W 412 -22.38 -95.32 -105.99
CA ASP W 412 -20.91 -95.28 -106.09
C ASP W 412 -20.18 -96.45 -105.41
N ILE W 413 -20.83 -97.60 -105.25
CA ILE W 413 -20.22 -98.82 -104.73
C ILE W 413 -20.66 -99.97 -105.63
N PHE W 414 -19.72 -100.56 -106.36
CA PHE W 414 -20.00 -101.65 -107.28
C PHE W 414 -19.37 -102.98 -106.88
N LYS W 415 -18.28 -102.96 -106.12
CA LYS W 415 -17.63 -104.18 -105.67
C LYS W 415 -17.63 -104.23 -104.15
N ASP W 416 -17.41 -105.43 -103.61
CA ASP W 416 -17.43 -105.67 -102.17
C ASP W 416 -16.09 -105.27 -101.58
N ASN W 417 -16.04 -104.08 -100.97
CA ASN W 417 -14.84 -103.59 -100.30
C ASN W 417 -14.91 -103.80 -98.78
N PHE W 418 -15.73 -104.75 -98.33
CA PHE W 418 -15.94 -105.01 -96.90
C PHE W 418 -14.81 -105.83 -96.31
N ASP W 419 -14.34 -106.85 -97.01
CA ASP W 419 -13.18 -107.63 -96.56
C ASP W 419 -11.88 -106.91 -96.83
N GLU W 420 -11.89 -105.84 -97.61
CA GLU W 420 -10.69 -105.00 -97.73
C GLU W 420 -10.41 -104.25 -96.43
N LEU W 421 -11.46 -103.95 -95.66
CA LEU W 421 -11.33 -103.35 -94.35
C LEU W 421 -11.10 -104.37 -93.25
N ASP W 422 -11.53 -105.62 -93.47
CA ASP W 422 -11.46 -106.63 -92.41
C ASP W 422 -10.05 -107.19 -92.27
N ASN W 423 -9.38 -107.44 -93.39
CA ASN W 423 -8.04 -108.04 -93.34
C ASN W 423 -7.03 -106.99 -92.86
N SER W 424 -7.17 -105.74 -93.31
CA SER W 424 -6.27 -104.68 -92.89
C SER W 424 -6.45 -104.34 -91.41
N ARG W 425 -7.64 -104.55 -90.86
CA ARG W 425 -7.83 -104.39 -89.43
C ARG W 425 -7.19 -105.54 -88.65
N GLU W 426 -7.25 -106.75 -89.21
CA GLU W 426 -6.60 -107.89 -88.57
C GLU W 426 -5.09 -107.85 -88.75
N ILE W 427 -4.61 -107.14 -89.76
CA ILE W 427 -3.17 -106.91 -89.91
C ILE W 427 -2.65 -106.04 -88.77
N VAL W 428 -3.45 -105.04 -88.36
CA VAL W 428 -3.10 -104.22 -87.21
C VAL W 428 -3.14 -105.05 -85.92
N GLN W 429 -4.18 -105.89 -85.77
CA GLN W 429 -4.34 -106.68 -84.56
C GLN W 429 -3.30 -107.78 -84.43
N GLN W 430 -2.77 -108.29 -85.53
CA GLN W 430 -1.75 -109.34 -85.46
C GLN W 430 -0.35 -108.77 -85.27
N LEU W 431 -0.05 -107.62 -85.88
CA LEU W 431 1.27 -107.02 -85.74
C LEU W 431 1.47 -106.36 -84.38
N ILE W 432 0.37 -106.11 -83.64
CA ILE W 432 0.50 -105.58 -82.29
C ILE W 432 0.99 -106.66 -81.33
N ASP W 433 0.39 -107.85 -81.41
CA ASP W 433 0.80 -108.94 -80.53
C ASP W 433 2.14 -109.53 -80.96
N GLU W 434 2.48 -109.42 -82.25
CA GLU W 434 3.78 -109.88 -82.73
C GLU W 434 4.91 -108.92 -82.33
N TYR W 435 4.56 -107.68 -81.99
CA TYR W 435 5.56 -106.63 -81.76
C TYR W 435 6.37 -106.87 -80.49
N HIS W 436 5.85 -107.64 -79.54
CA HIS W 436 6.62 -108.05 -78.36
C HIS W 436 7.01 -109.52 -78.55
N ALA W 437 8.24 -109.73 -78.98
CA ALA W 437 8.75 -111.07 -79.24
C ALA W 437 9.38 -111.66 -77.98
N PRO X 2 4.33 -23.12 -108.08
CA PRO X 2 5.43 -24.01 -107.70
C PRO X 2 5.15 -25.47 -108.04
N ARG X 3 4.38 -26.14 -107.20
CA ARG X 3 4.08 -27.57 -107.36
C ARG X 3 2.57 -27.78 -107.29
N GLU X 4 1.82 -26.94 -107.98
CA GLU X 4 0.37 -26.95 -107.88
C GLU X 4 -0.23 -28.02 -108.78
N ILE X 5 -1.06 -28.88 -108.20
CA ILE X 5 -1.75 -29.94 -108.92
C ILE X 5 -3.24 -29.64 -108.94
N ILE X 6 -3.86 -29.81 -110.10
CA ILE X 6 -5.30 -29.64 -110.26
C ILE X 6 -5.93 -31.03 -110.30
N THR X 7 -6.79 -31.31 -109.33
CA THR X 7 -7.48 -32.59 -109.27
C THR X 7 -8.73 -32.52 -110.15
N LEU X 8 -8.97 -33.59 -110.90
CA LEU X 8 -10.11 -33.64 -111.83
C LEU X 8 -11.11 -34.67 -111.31
N GLN X 9 -11.91 -34.24 -110.34
CA GLN X 9 -12.94 -35.10 -109.78
C GLN X 9 -14.13 -35.18 -110.73
N LEU X 10 -14.48 -36.40 -111.12
CA LEU X 10 -15.42 -36.63 -112.21
C LEU X 10 -16.16 -37.95 -111.96
N GLY X 11 -17.47 -37.92 -112.18
CA GLY X 11 -18.28 -39.11 -112.12
C GLY X 11 -19.07 -39.23 -110.83
N GLN X 12 -19.87 -40.29 -110.76
CA GLN X 12 -20.72 -40.53 -109.59
C GLN X 12 -19.89 -40.99 -108.40
N CYS X 13 -18.86 -41.81 -108.63
CA CYS X 13 -18.03 -42.29 -107.55
C CYS X 13 -16.79 -41.42 -107.34
N GLY X 14 -16.30 -40.77 -108.39
CA GLY X 14 -15.13 -39.92 -108.28
C GLY X 14 -15.36 -38.64 -107.51
N ASN X 15 -16.61 -38.16 -107.45
CA ASN X 15 -16.90 -36.95 -106.69
C ASN X 15 -17.00 -37.23 -105.20
N GLN X 16 -17.48 -38.41 -104.81
CA GLN X 16 -17.62 -38.73 -103.40
C GLN X 16 -16.29 -39.12 -102.75
N ILE X 17 -15.40 -39.77 -103.51
CA ILE X 17 -14.09 -40.11 -102.96
C ILE X 17 -13.18 -38.89 -102.90
N GLY X 18 -13.50 -37.81 -103.61
CA GLY X 18 -12.71 -36.60 -103.53
C GLY X 18 -13.33 -35.60 -102.58
N PHE X 19 -14.58 -35.84 -102.19
CA PHE X 19 -15.25 -34.94 -101.25
C PHE X 19 -14.67 -35.11 -99.85
N GLU X 20 -14.50 -36.35 -99.39
CA GLU X 20 -13.85 -36.59 -98.11
C GLU X 20 -12.34 -36.54 -98.20
N PHE X 21 -11.77 -36.49 -99.41
CA PHE X 21 -10.34 -36.27 -99.54
C PHE X 21 -9.98 -34.85 -99.15
N TRP X 22 -10.78 -33.88 -99.58
CA TRP X 22 -10.61 -32.50 -99.12
C TRP X 22 -11.05 -32.34 -97.68
N LYS X 23 -12.01 -33.14 -97.22
CA LYS X 23 -12.43 -33.07 -95.82
C LYS X 23 -11.39 -33.67 -94.89
N GLN X 24 -10.56 -34.59 -95.40
CA GLN X 24 -9.47 -35.15 -94.60
C GLN X 24 -8.36 -34.13 -94.42
N LEU X 25 -8.19 -33.24 -95.40
CA LEU X 25 -7.05 -32.32 -95.40
C LEU X 25 -7.19 -31.21 -94.38
N CYS X 26 -8.41 -30.83 -94.01
CA CYS X 26 -8.56 -29.77 -93.02
C CYS X 26 -8.30 -30.26 -91.60
N ALA X 27 -8.59 -31.53 -91.31
CA ALA X 27 -8.36 -32.07 -89.98
C ALA X 27 -6.88 -32.26 -89.69
N GLU X 28 -6.05 -32.42 -90.72
CA GLU X 28 -4.61 -32.58 -90.54
C GLU X 28 -3.84 -31.28 -90.70
N HIS X 29 -4.39 -30.30 -91.42
CA HIS X 29 -3.77 -28.99 -91.48
C HIS X 29 -4.11 -28.10 -90.29
N GLY X 30 -5.02 -28.56 -89.42
CA GLY X 30 -5.42 -27.74 -88.29
C GLY X 30 -6.29 -26.56 -88.66
N ILE X 31 -7.01 -26.65 -89.78
CA ILE X 31 -7.81 -25.54 -90.28
C ILE X 31 -9.26 -25.97 -90.35
N SER X 32 -10.13 -24.98 -90.33
CA SER X 32 -11.56 -25.13 -90.52
C SER X 32 -11.95 -24.74 -91.94
N PRO X 33 -12.99 -25.34 -92.51
CA PRO X 33 -13.42 -24.99 -93.87
C PRO X 33 -13.97 -23.59 -94.02
N GLU X 34 -14.36 -22.92 -92.93
CA GLU X 34 -14.82 -21.55 -93.01
C GLU X 34 -13.98 -20.56 -92.22
N GLY X 35 -13.02 -21.00 -91.42
CA GLY X 35 -12.21 -20.07 -90.67
C GLY X 35 -10.88 -20.67 -90.28
N ILE X 36 -10.08 -19.88 -89.56
CA ILE X 36 -8.82 -20.33 -88.98
C ILE X 36 -8.89 -20.09 -87.49
N VAL X 37 -9.16 -21.15 -86.72
CA VAL X 37 -9.30 -21.04 -85.27
C VAL X 37 -8.08 -21.57 -84.53
N GLU X 38 -7.21 -22.34 -85.18
CA GLU X 38 -6.04 -22.92 -84.53
C GLU X 38 -4.76 -22.34 -85.15
N GLU X 39 -3.75 -22.18 -84.32
CA GLU X 39 -2.45 -21.68 -84.80
C GLU X 39 -1.52 -22.81 -85.20
N PHE X 40 -1.99 -24.06 -85.19
CA PHE X 40 -1.19 -25.23 -85.52
C PHE X 40 -0.92 -25.38 -87.02
N ALA X 41 -1.42 -24.48 -87.86
CA ALA X 41 -1.33 -24.64 -89.31
C ALA X 41 0.03 -24.27 -89.88
N THR X 42 0.77 -23.36 -89.24
CA THR X 42 2.06 -22.91 -89.75
C THR X 42 3.24 -23.38 -88.93
N GLU X 43 3.10 -23.50 -87.61
CA GLU X 43 4.19 -24.00 -86.79
C GLU X 43 4.33 -25.51 -86.89
N GLY X 44 3.21 -26.22 -86.99
CA GLY X 44 3.24 -27.67 -87.11
C GLY X 44 3.42 -28.15 -88.53
N THR X 45 2.67 -27.56 -89.46
CA THR X 45 2.75 -27.90 -90.88
C THR X 45 3.54 -26.80 -91.58
N ASP X 46 4.62 -27.20 -92.26
CA ASP X 46 5.52 -26.25 -92.90
C ASP X 46 5.18 -25.96 -94.35
N ARG X 47 4.20 -26.65 -94.93
CA ARG X 47 3.81 -26.40 -96.31
C ARG X 47 2.35 -26.78 -96.49
N LYS X 48 1.55 -25.81 -96.96
CA LYS X 48 0.12 -26.02 -97.18
C LYS X 48 -0.34 -25.69 -98.59
N ASP X 49 0.39 -24.87 -99.34
CA ASP X 49 -0.04 -24.46 -100.67
C ASP X 49 0.62 -25.35 -101.73
N VAL X 50 0.23 -26.62 -101.70
CA VAL X 50 0.64 -27.56 -102.75
C VAL X 50 -0.53 -28.31 -103.37
N PHE X 51 -1.66 -28.45 -102.68
CA PHE X 51 -2.90 -28.94 -103.24
C PHE X 51 -4.00 -27.90 -103.18
N PHE X 52 -4.01 -27.09 -102.12
CA PHE X 52 -4.92 -25.96 -102.03
C PHE X 52 -4.43 -24.83 -102.93
N TYR X 53 -5.36 -23.94 -103.28
CA TYR X 53 -4.98 -22.67 -103.87
C TYR X 53 -4.37 -21.77 -102.81
N GLN X 54 -3.44 -20.93 -103.22
CA GLN X 54 -2.72 -20.08 -102.28
C GLN X 54 -3.64 -18.98 -101.75
N ALA X 55 -3.34 -18.55 -100.53
CA ALA X 55 -4.32 -17.83 -99.72
C ALA X 55 -4.45 -16.37 -100.12
N ASP X 56 -5.67 -15.85 -99.99
CA ASP X 56 -5.95 -14.43 -100.11
C ASP X 56 -6.36 -13.80 -98.79
N ASP X 57 -6.95 -14.59 -97.89
CA ASP X 57 -7.34 -14.12 -96.56
C ASP X 57 -7.07 -15.20 -95.51
N GLU X 58 -6.01 -15.99 -95.73
CA GLU X 58 -5.77 -17.28 -95.07
C GLU X 58 -6.98 -18.21 -95.25
N HIS X 59 -7.52 -18.24 -96.46
CA HIS X 59 -8.58 -19.17 -96.84
C HIS X 59 -8.05 -20.01 -97.99
N TYR X 60 -7.57 -21.22 -97.67
CA TYR X 60 -6.93 -22.09 -98.65
C TYR X 60 -8.01 -22.75 -99.49
N ILE X 61 -8.31 -22.17 -100.65
CA ILE X 61 -9.31 -22.66 -101.59
C ILE X 61 -8.82 -23.98 -102.17
N PRO X 62 -9.67 -24.99 -102.32
CA PRO X 62 -9.25 -26.21 -103.01
C PRO X 62 -9.18 -26.01 -104.52
N ARG X 63 -8.13 -26.56 -105.12
CA ARG X 63 -7.96 -26.50 -106.58
C ARG X 63 -8.67 -27.67 -107.24
N ALA X 64 -10.00 -27.66 -107.15
CA ALA X 64 -10.82 -28.80 -107.51
C ALA X 64 -11.92 -28.42 -108.48
N VAL X 65 -12.23 -29.34 -109.39
CA VAL X 65 -13.37 -29.23 -110.27
C VAL X 65 -14.17 -30.53 -110.21
N LEU X 66 -15.49 -30.42 -110.21
CA LEU X 66 -16.38 -31.56 -110.02
C LEU X 66 -17.51 -31.48 -111.04
N LEU X 67 -17.45 -32.31 -112.07
CA LEU X 67 -18.50 -32.41 -113.08
C LEU X 67 -19.10 -33.81 -113.04
N ASP X 68 -20.42 -33.90 -113.11
CA ASP X 68 -21.11 -35.17 -113.20
C ASP X 68 -22.47 -34.96 -113.84
N LEU X 69 -22.93 -35.99 -114.56
CA LEU X 69 -24.25 -35.94 -115.18
C LEU X 69 -25.35 -36.06 -114.13
N GLU X 70 -25.08 -36.77 -113.04
CA GLU X 70 -26.08 -36.98 -111.99
C GLU X 70 -26.04 -35.83 -111.00
N PRO X 71 -27.16 -35.16 -110.71
CA PRO X 71 -27.16 -34.10 -109.70
C PRO X 71 -27.31 -34.59 -108.28
N ARG X 72 -27.41 -35.92 -108.07
CA ARG X 72 -27.62 -36.45 -106.72
C ARG X 72 -26.37 -36.37 -105.88
N VAL X 73 -25.18 -36.49 -106.51
CA VAL X 73 -23.94 -36.50 -105.75
C VAL X 73 -23.60 -35.11 -105.25
N ILE X 74 -24.04 -34.07 -105.94
CA ILE X 74 -23.72 -32.70 -105.54
C ILE X 74 -24.79 -32.10 -104.64
N HIS X 75 -25.99 -32.66 -104.62
CA HIS X 75 -27.03 -32.19 -103.70
C HIS X 75 -26.84 -32.75 -102.29
N SER X 76 -25.98 -33.74 -102.11
CA SER X 76 -25.59 -34.21 -100.78
C SER X 76 -24.32 -33.53 -100.29
N ILE X 77 -23.96 -32.39 -100.86
CA ILE X 77 -22.73 -31.68 -100.54
C ILE X 77 -23.02 -30.35 -99.84
N LEU X 78 -23.94 -29.56 -100.39
CA LEU X 78 -24.15 -28.19 -99.93
C LEU X 78 -24.79 -28.12 -98.54
N ASN X 79 -25.49 -29.17 -98.10
CA ASN X 79 -26.03 -29.17 -96.75
C ASN X 79 -24.96 -29.54 -95.72
N SER X 80 -23.88 -30.17 -96.16
CA SER X 80 -22.77 -30.44 -95.26
C SER X 80 -21.98 -29.15 -95.01
N PRO X 81 -21.47 -28.96 -93.79
CA PRO X 81 -20.76 -27.71 -93.47
C PRO X 81 -19.36 -27.58 -94.07
N TYR X 82 -18.92 -28.54 -94.88
CA TYR X 82 -17.62 -28.48 -95.53
C TYR X 82 -17.72 -27.96 -96.96
N ALA X 83 -18.91 -27.58 -97.42
CA ALA X 83 -19.10 -27.09 -98.78
C ALA X 83 -18.88 -25.59 -98.91
N ASN X 84 -18.81 -24.86 -97.80
CA ASN X 84 -18.52 -23.43 -97.88
C ASN X 84 -17.05 -23.18 -98.20
N LEU X 85 -16.19 -24.18 -97.98
CA LEU X 85 -14.80 -24.09 -98.42
C LEU X 85 -14.72 -24.17 -99.93
N TYR X 86 -15.58 -24.99 -100.55
CA TYR X 86 -15.73 -25.00 -102.00
C TYR X 86 -16.35 -23.70 -102.48
N ASN X 87 -16.03 -23.33 -103.72
CA ASN X 87 -16.50 -22.08 -104.29
C ASN X 87 -17.63 -22.33 -105.27
N PRO X 88 -18.68 -21.50 -105.27
CA PRO X 88 -19.78 -21.69 -106.23
C PRO X 88 -19.56 -20.96 -107.55
N GLU X 89 -18.33 -20.54 -107.82
CA GLU X 89 -18.01 -19.93 -109.11
C GLU X 89 -16.89 -20.64 -109.87
N ASN X 90 -16.11 -21.51 -109.23
CA ASN X 90 -15.04 -22.21 -109.91
C ASN X 90 -15.54 -23.34 -110.80
N ILE X 91 -16.64 -24.00 -110.42
CA ILE X 91 -17.10 -25.17 -111.17
C ILE X 91 -18.50 -24.89 -111.70
N TYR X 92 -19.44 -24.71 -110.77
CA TYR X 92 -20.85 -24.47 -111.10
C TYR X 92 -21.46 -23.58 -110.01
N LEU X 93 -22.51 -22.87 -110.39
CA LEU X 93 -23.35 -22.23 -109.38
C LEU X 93 -24.45 -23.19 -108.94
N SER X 94 -25.44 -22.66 -108.22
CA SER X 94 -26.53 -23.48 -107.71
C SER X 94 -27.42 -23.97 -108.85
N GLU X 95 -28.05 -25.13 -108.64
CA GLU X 95 -28.85 -25.87 -109.63
C GLU X 95 -28.05 -26.17 -110.90
N HIS X 96 -27.04 -27.03 -110.72
CA HIS X 96 -26.37 -27.62 -111.86
C HIS X 96 -26.94 -29.01 -112.16
N GLY X 97 -27.05 -29.34 -113.45
CA GLY X 97 -27.63 -30.60 -113.85
C GLY X 97 -26.74 -31.42 -114.75
N GLY X 98 -27.35 -32.18 -115.66
CA GLY X 98 -26.59 -33.02 -116.58
C GLY X 98 -27.46 -33.70 -117.60
N GLY X 99 -27.18 -34.97 -117.88
CA GLY X 99 -27.94 -35.75 -118.84
C GLY X 99 -29.18 -36.38 -118.24
N ALA X 100 -29.56 -37.53 -118.78
CA ALA X 100 -30.74 -38.25 -118.29
C ALA X 100 -30.45 -39.22 -117.12
N GLY X 101 -29.44 -40.12 -117.17
CA GLY X 101 -28.53 -40.51 -118.24
C GLY X 101 -27.58 -41.63 -117.82
N ASN X 102 -27.48 -42.66 -118.65
CA ASN X 102 -26.60 -43.79 -118.35
C ASN X 102 -26.13 -44.40 -119.66
N ASN X 103 -24.95 -43.98 -120.12
CA ASN X 103 -24.34 -44.48 -121.34
C ASN X 103 -22.88 -44.05 -121.36
N TRP X 104 -22.04 -44.91 -121.95
CA TRP X 104 -20.66 -44.50 -122.22
C TRP X 104 -20.61 -43.54 -123.39
N ALA X 105 -21.49 -43.71 -124.38
CA ALA X 105 -21.56 -42.83 -125.53
C ALA X 105 -22.25 -41.50 -125.23
N SER X 106 -22.84 -41.35 -124.04
CA SER X 106 -23.46 -40.08 -123.68
C SER X 106 -22.39 -39.04 -123.38
N GLY X 107 -21.55 -39.31 -122.38
CA GLY X 107 -20.47 -38.41 -122.02
C GLY X 107 -19.37 -38.31 -123.05
N PHE X 108 -19.23 -39.33 -123.90
CA PHE X 108 -18.27 -39.26 -125.00
C PHE X 108 -18.74 -38.32 -126.10
N SER X 109 -20.06 -38.17 -126.26
CA SER X 109 -20.62 -37.23 -127.21
C SER X 109 -20.93 -35.87 -126.59
N GLN X 110 -21.05 -35.80 -125.27
CA GLN X 110 -21.29 -34.53 -124.60
C GLN X 110 -20.04 -33.70 -124.41
N GLY X 111 -18.86 -34.26 -124.70
CA GLY X 111 -17.62 -33.51 -124.50
C GLY X 111 -17.37 -32.47 -125.56
N GLU X 112 -17.89 -32.69 -126.78
CA GLU X 112 -17.67 -31.77 -127.90
C GLU X 112 -18.86 -30.85 -128.15
N LYS X 113 -19.93 -30.97 -127.37
CA LYS X 113 -21.02 -30.00 -127.44
C LYS X 113 -20.96 -28.98 -126.31
N ILE X 114 -20.24 -29.27 -125.23
CA ILE X 114 -19.96 -28.32 -124.17
C ILE X 114 -18.45 -28.09 -124.21
N HIS X 115 -17.89 -28.17 -125.41
CA HIS X 115 -16.44 -28.06 -125.60
C HIS X 115 -15.94 -26.66 -125.28
N GLU X 116 -16.78 -25.64 -125.50
CA GLU X 116 -16.38 -24.27 -125.21
C GLU X 116 -16.35 -24.01 -123.71
N ASP X 117 -17.33 -24.53 -122.97
CA ASP X 117 -17.42 -24.27 -121.53
C ASP X 117 -16.53 -25.19 -120.69
N ILE X 118 -16.23 -26.40 -121.17
CA ILE X 118 -15.40 -27.31 -120.38
C ILE X 118 -13.92 -26.94 -120.45
N PHE X 119 -13.52 -26.13 -121.42
CA PHE X 119 -12.13 -25.68 -121.53
C PHE X 119 -11.99 -24.18 -121.23
N ASP X 120 -12.92 -23.62 -120.47
CA ASP X 120 -12.92 -22.20 -120.13
C ASP X 120 -12.65 -21.95 -118.66
N ILE X 121 -13.37 -22.61 -117.76
CA ILE X 121 -13.25 -22.28 -116.34
C ILE X 121 -12.23 -23.18 -115.65
N ILE X 122 -11.90 -24.33 -116.24
CA ILE X 122 -10.86 -25.17 -115.64
C ILE X 122 -9.47 -24.72 -116.05
N ASP X 123 -9.36 -23.85 -117.05
CA ASP X 123 -8.08 -23.30 -117.46
C ASP X 123 -7.74 -22.01 -116.73
N ARG X 124 -8.69 -21.44 -116.00
CA ARG X 124 -8.43 -20.26 -115.18
C ARG X 124 -7.55 -20.58 -113.99
N GLU X 125 -7.62 -21.81 -113.47
CA GLU X 125 -6.75 -22.25 -112.39
C GLU X 125 -5.38 -22.69 -112.88
N ALA X 126 -5.19 -22.82 -114.19
CA ALA X 126 -3.91 -23.30 -114.71
C ALA X 126 -2.85 -22.22 -114.68
N ASP X 127 -3.21 -20.99 -115.06
CA ASP X 127 -2.27 -19.87 -115.09
C ASP X 127 -2.15 -19.15 -113.76
N GLY X 128 -2.72 -19.70 -112.68
CA GLY X 128 -2.49 -19.12 -111.37
C GLY X 128 -1.05 -19.30 -110.91
N SER X 129 -0.47 -20.46 -111.17
CA SER X 129 0.95 -20.71 -110.95
C SER X 129 1.65 -20.86 -112.31
N ASP X 130 2.80 -20.23 -112.45
CA ASP X 130 3.55 -20.25 -113.69
C ASP X 130 4.36 -21.53 -113.90
N SER X 131 4.32 -22.47 -112.95
CA SER X 131 4.98 -23.76 -113.09
C SER X 131 3.99 -24.82 -112.61
N LEU X 132 3.19 -25.33 -113.53
CA LEU X 132 2.15 -26.29 -113.19
C LEU X 132 2.72 -27.70 -113.11
N GLU X 133 2.31 -28.43 -112.06
CA GLU X 133 2.78 -29.80 -111.87
C GLU X 133 2.15 -30.76 -112.88
N GLY X 134 0.84 -30.84 -112.87
CA GLY X 134 0.16 -31.73 -113.80
C GLY X 134 -1.31 -31.83 -113.48
N PHE X 135 -1.92 -32.93 -113.93
CA PHE X 135 -3.33 -33.18 -113.75
C PHE X 135 -3.54 -34.60 -113.25
N VAL X 136 -4.33 -34.74 -112.20
CA VAL X 136 -4.81 -36.04 -111.73
C VAL X 136 -6.30 -36.14 -111.98
N LEU X 137 -6.70 -37.17 -112.71
CA LEU X 137 -8.10 -37.40 -113.06
C LEU X 137 -8.70 -38.31 -111.99
N CYS X 138 -9.34 -37.68 -111.00
CA CYS X 138 -10.00 -38.41 -109.91
C CYS X 138 -11.39 -38.88 -110.37
N HIS X 139 -11.37 -39.82 -111.32
CA HIS X 139 -12.59 -40.27 -111.97
C HIS X 139 -12.86 -41.73 -111.62
N SER X 140 -13.91 -42.27 -112.22
CA SER X 140 -14.35 -43.62 -111.97
C SER X 140 -14.38 -44.42 -113.26
N ILE X 141 -14.33 -45.74 -113.10
CA ILE X 141 -14.53 -46.67 -114.20
C ILE X 141 -15.95 -47.26 -114.17
N ALA X 142 -16.54 -47.42 -112.98
CA ALA X 142 -17.89 -47.95 -112.87
C ALA X 142 -18.91 -46.97 -113.43
N GLY X 143 -19.94 -47.50 -114.07
CA GLY X 143 -20.97 -46.68 -114.66
C GLY X 143 -20.54 -46.07 -115.99
N GLY X 144 -21.47 -45.35 -116.60
CA GLY X 144 -21.20 -44.69 -117.86
C GLY X 144 -20.95 -43.20 -117.70
N THR X 145 -21.14 -42.71 -116.47
CA THR X 145 -20.95 -41.28 -116.21
C THR X 145 -19.47 -40.92 -116.11
N GLY X 146 -18.74 -41.61 -115.24
CA GLY X 146 -17.32 -41.35 -115.09
C GLY X 146 -16.45 -41.93 -116.18
N SER X 147 -16.92 -42.98 -116.86
CA SER X 147 -16.15 -43.61 -117.92
C SER X 147 -16.39 -43.00 -119.28
N GLY X 148 -17.57 -42.39 -119.50
CA GLY X 148 -17.88 -41.82 -120.79
C GLY X 148 -17.20 -40.48 -121.05
N LEU X 149 -17.25 -39.58 -120.06
CA LEU X 149 -16.66 -38.26 -120.23
C LEU X 149 -15.18 -38.24 -119.87
N GLY X 150 -14.73 -39.16 -119.03
CA GLY X 150 -13.33 -39.19 -118.64
C GLY X 150 -12.38 -39.64 -119.73
N SER X 151 -12.88 -40.39 -120.71
CA SER X 151 -12.06 -40.79 -121.84
C SER X 151 -11.80 -39.65 -122.82
N TYR X 152 -12.62 -38.60 -122.77
CA TYR X 152 -12.44 -37.48 -123.69
C TYR X 152 -11.32 -36.55 -123.22
N LEU X 153 -11.24 -36.29 -121.92
CA LEU X 153 -10.22 -35.38 -121.40
C LEU X 153 -8.83 -36.01 -121.35
N LEU X 154 -8.73 -37.33 -121.49
CA LEU X 154 -7.43 -37.97 -121.59
C LEU X 154 -6.78 -37.78 -122.95
N GLU X 155 -7.54 -37.31 -123.94
CA GLU X 155 -7.04 -37.08 -125.30
C GLU X 155 -6.72 -35.62 -125.55
N ARG X 156 -7.63 -34.71 -125.22
CA ARG X 156 -7.45 -33.30 -125.55
C ARG X 156 -6.53 -32.57 -124.58
N LEU X 157 -6.29 -33.11 -123.39
CA LEU X 157 -5.31 -32.54 -122.48
C LEU X 157 -3.92 -33.15 -122.68
N ASN X 158 -3.78 -34.08 -123.60
CA ASN X 158 -2.48 -34.67 -123.88
C ASN X 158 -1.63 -33.78 -124.79
N ASP X 159 -2.27 -33.01 -125.67
CA ASP X 159 -1.55 -32.12 -126.57
C ASP X 159 -1.67 -30.65 -126.21
N ARG X 160 -2.77 -30.24 -125.57
CA ARG X 160 -2.88 -28.86 -125.11
C ARG X 160 -1.98 -28.60 -123.91
N TYR X 161 -1.72 -29.63 -123.11
CA TYR X 161 -0.80 -29.54 -121.97
C TYR X 161 0.16 -30.74 -122.07
N PRO X 162 1.15 -30.67 -122.96
CA PRO X 162 1.98 -31.85 -123.21
C PRO X 162 3.09 -32.07 -122.19
N LYS X 163 3.54 -31.01 -121.52
CA LYS X 163 4.66 -31.10 -120.59
C LYS X 163 4.21 -31.27 -119.14
N LYS X 164 3.02 -31.79 -118.92
CA LYS X 164 2.47 -31.97 -117.59
C LYS X 164 2.32 -33.46 -117.27
N LEU X 165 2.52 -33.78 -115.99
CA LEU X 165 2.35 -35.14 -115.51
C LEU X 165 0.88 -35.52 -115.50
N VAL X 166 0.57 -36.70 -116.03
CA VAL X 166 -0.74 -37.28 -115.88
C VAL X 166 -0.60 -38.62 -115.14
N GLN X 167 -1.48 -38.82 -114.15
CA GLN X 167 -1.52 -39.99 -113.27
C GLN X 167 -2.82 -39.95 -112.49
N THR X 168 -3.58 -41.05 -112.44
CA THR X 168 -4.91 -41.03 -111.87
C THR X 168 -5.05 -42.03 -110.73
N TYR X 169 -5.90 -41.69 -109.77
CA TYR X 169 -6.37 -42.62 -108.74
C TYR X 169 -7.77 -43.07 -109.13
N SER X 170 -7.81 -44.06 -110.03
CA SER X 170 -9.07 -44.56 -110.58
C SER X 170 -9.51 -45.81 -109.82
N VAL X 171 -10.82 -45.91 -109.58
CA VAL X 171 -11.38 -47.04 -108.87
C VAL X 171 -11.94 -48.04 -109.88
N PHE X 172 -11.69 -49.33 -109.65
CA PHE X 172 -12.20 -50.38 -110.51
C PHE X 172 -13.62 -50.77 -110.08
N PRO X 173 -14.46 -51.17 -111.03
CA PRO X 173 -15.82 -51.57 -110.69
C PRO X 173 -15.89 -52.96 -110.09
N ASN X 174 -17.12 -53.34 -109.68
CA ASN X 174 -17.36 -54.59 -108.99
C ASN X 174 -17.87 -55.65 -109.97
N GLN X 175 -17.34 -56.86 -109.86
CA GLN X 175 -17.67 -57.95 -110.76
C GLN X 175 -18.28 -59.14 -110.03
N ASP X 176 -19.25 -58.89 -109.15
CA ASP X 176 -19.85 -59.97 -108.38
C ASP X 176 -21.05 -60.59 -109.09
N GLU X 177 -22.09 -59.81 -109.37
CA GLU X 177 -23.12 -60.21 -110.33
C GLU X 177 -23.31 -59.10 -111.36
N MET X 178 -24.05 -59.42 -112.41
CA MET X 178 -24.20 -58.55 -113.57
C MET X 178 -25.69 -58.34 -113.89
N SER X 179 -26.46 -57.98 -112.86
CA SER X 179 -27.90 -57.78 -113.00
C SER X 179 -28.28 -56.30 -113.10
N HIS X 180 -27.80 -55.48 -112.17
CA HIS X 180 -28.15 -54.05 -112.19
C HIS X 180 -27.46 -53.36 -113.36
N VAL X 181 -26.16 -53.59 -113.54
CA VAL X 181 -25.42 -53.13 -114.70
C VAL X 181 -24.99 -54.35 -115.50
N VAL X 182 -24.93 -54.18 -116.82
CA VAL X 182 -24.57 -55.23 -117.78
C VAL X 182 -23.61 -54.61 -118.81
N VAL X 183 -23.43 -53.30 -118.73
CA VAL X 183 -22.60 -52.60 -119.71
C VAL X 183 -21.18 -52.46 -119.15
N GLN X 184 -20.92 -53.16 -118.04
CA GLN X 184 -19.63 -53.08 -117.37
C GLN X 184 -18.42 -53.57 -118.18
N PRO X 185 -18.46 -54.66 -118.98
CA PRO X 185 -17.26 -54.95 -119.80
C PRO X 185 -17.03 -53.98 -120.94
N TYR X 186 -18.03 -53.23 -121.37
CA TYR X 186 -17.85 -52.33 -122.51
C TYR X 186 -17.22 -51.00 -122.13
N ASN X 187 -17.76 -50.32 -121.12
CA ASN X 187 -17.24 -49.01 -120.74
C ASN X 187 -15.93 -49.09 -119.99
N SER X 188 -15.58 -50.24 -119.43
CA SER X 188 -14.31 -50.36 -118.69
C SER X 188 -13.13 -50.48 -119.63
N LEU X 189 -13.24 -51.33 -120.65
CA LEU X 189 -12.13 -51.55 -121.58
C LEU X 189 -11.92 -50.37 -122.51
N LEU X 190 -12.96 -49.57 -122.76
CA LEU X 190 -12.80 -48.37 -123.58
C LEU X 190 -11.99 -47.31 -122.84
N THR X 191 -12.14 -47.22 -121.52
CA THR X 191 -11.34 -46.30 -120.72
C THR X 191 -9.97 -46.87 -120.44
N LEU X 192 -9.86 -48.20 -120.33
CA LEU X 192 -8.59 -48.84 -120.03
C LEU X 192 -7.58 -48.71 -121.19
N LYS X 193 -8.07 -48.56 -122.42
CA LYS X 193 -7.16 -48.26 -123.53
C LYS X 193 -6.61 -46.85 -123.40
N ARG X 194 -7.46 -45.90 -122.97
CA ARG X 194 -7.01 -44.52 -122.79
C ARG X 194 -6.11 -44.36 -121.57
N LEU X 195 -6.11 -45.33 -120.65
CA LEU X 195 -5.29 -45.23 -119.45
C LEU X 195 -3.85 -45.68 -119.68
N THR X 196 -3.54 -46.29 -120.82
CA THR X 196 -2.19 -46.78 -121.10
C THR X 196 -1.44 -45.96 -122.15
N GLN X 197 -2.08 -45.61 -123.26
CA GLN X 197 -1.42 -44.82 -124.29
C GLN X 197 -1.75 -43.35 -124.21
N ASN X 198 -2.95 -42.98 -123.80
CA ASN X 198 -3.30 -41.58 -123.58
C ASN X 198 -3.09 -41.16 -122.13
N ALA X 199 -2.52 -42.02 -121.30
CA ALA X 199 -2.22 -41.69 -119.92
C ALA X 199 -0.95 -42.43 -119.50
N ASP X 200 -0.16 -41.77 -118.66
CA ASP X 200 1.13 -42.31 -118.27
C ASP X 200 1.00 -43.36 -117.18
N CYS X 201 0.35 -43.03 -116.07
CA CYS X 201 0.27 -43.90 -114.92
C CYS X 201 -1.15 -43.93 -114.38
N VAL X 202 -1.49 -45.04 -113.71
CA VAL X 202 -2.74 -45.16 -112.97
C VAL X 202 -2.42 -45.68 -111.57
N VAL X 203 -3.40 -45.56 -110.68
CA VAL X 203 -3.36 -46.19 -109.36
C VAL X 203 -4.63 -47.02 -109.26
N VAL X 204 -4.49 -48.33 -109.33
CA VAL X 204 -5.66 -49.21 -109.38
C VAL X 204 -6.27 -49.35 -108.00
N LEU X 205 -7.61 -49.46 -107.96
CA LEU X 205 -8.37 -49.59 -106.71
C LEU X 205 -9.54 -50.53 -107.00
N ASP X 206 -9.37 -51.79 -106.62
CA ASP X 206 -10.39 -52.81 -106.92
C ASP X 206 -11.59 -52.69 -105.98
N ASN X 207 -12.75 -53.09 -106.50
CA ASN X 207 -13.98 -53.09 -105.72
C ASN X 207 -14.25 -54.41 -105.02
N THR X 208 -13.88 -55.54 -105.65
CA THR X 208 -14.04 -56.83 -104.98
C THR X 208 -13.04 -57.02 -103.86
N ALA X 209 -11.95 -56.28 -103.86
CA ALA X 209 -10.98 -56.29 -102.77
C ALA X 209 -11.34 -55.30 -101.66
N LEU X 210 -12.35 -54.46 -101.87
CA LEU X 210 -12.77 -53.53 -100.82
C LEU X 210 -13.54 -54.25 -99.73
N ASN X 211 -14.55 -55.04 -100.12
CA ASN X 211 -15.32 -55.83 -99.15
C ASN X 211 -14.53 -57.01 -98.60
N ARG X 212 -13.38 -57.37 -99.18
CA ARG X 212 -12.48 -58.29 -98.52
C ARG X 212 -11.87 -57.65 -97.27
N ILE X 213 -11.66 -56.34 -97.30
CA ILE X 213 -11.09 -55.61 -96.17
C ILE X 213 -12.21 -55.05 -95.31
N ALA X 214 -13.36 -54.74 -95.94
CA ALA X 214 -14.48 -54.15 -95.21
C ALA X 214 -15.16 -55.13 -94.27
N THR X 215 -14.94 -56.43 -94.44
CA THR X 215 -15.37 -57.43 -93.47
C THR X 215 -14.19 -58.07 -92.75
N ASP X 216 -12.95 -57.67 -93.05
CA ASP X 216 -11.78 -58.25 -92.40
C ASP X 216 -11.67 -57.79 -90.96
N ARG X 217 -11.52 -56.48 -90.75
CA ARG X 217 -11.35 -55.91 -89.43
C ARG X 217 -12.44 -54.90 -89.09
N LEU X 218 -13.29 -54.55 -90.05
CA LEU X 218 -14.24 -53.47 -89.87
C LEU X 218 -15.59 -53.94 -89.33
N HIS X 219 -15.91 -55.23 -89.54
CA HIS X 219 -17.03 -55.94 -88.92
C HIS X 219 -18.38 -55.29 -89.24
N ILE X 220 -18.75 -55.34 -90.51
CA ILE X 220 -20.06 -54.91 -90.97
C ILE X 220 -20.84 -56.12 -91.48
N GLN X 221 -22.16 -56.01 -91.44
CA GLN X 221 -23.05 -57.07 -91.91
C GLN X 221 -23.70 -56.75 -93.24
N ASN X 222 -24.11 -55.50 -93.45
CA ASN X 222 -24.72 -55.06 -94.71
C ASN X 222 -23.76 -54.08 -95.37
N PRO X 223 -23.12 -54.43 -96.49
CA PRO X 223 -22.14 -53.53 -97.12
C PRO X 223 -22.84 -52.36 -97.79
N SER X 224 -22.55 -51.15 -97.32
CA SER X 224 -23.11 -49.92 -97.88
C SER X 224 -22.02 -49.14 -98.61
N PHE X 225 -22.45 -48.07 -99.29
CA PHE X 225 -21.54 -47.21 -100.02
C PHE X 225 -20.87 -46.19 -99.11
N SER X 226 -21.29 -46.08 -97.85
CA SER X 226 -20.70 -45.14 -96.92
C SER X 226 -19.35 -45.57 -96.38
N GLN X 227 -18.92 -46.81 -96.67
CA GLN X 227 -17.60 -47.28 -96.28
C GLN X 227 -16.57 -47.19 -97.38
N ILE X 228 -16.98 -46.90 -98.62
CA ILE X 228 -16.05 -46.84 -99.73
C ILE X 228 -15.17 -45.59 -99.68
N ASN X 229 -15.53 -44.59 -98.87
CA ASN X 229 -14.76 -43.35 -98.82
C ASN X 229 -13.74 -43.36 -97.71
N GLN X 230 -13.74 -44.38 -96.85
CA GLN X 230 -12.86 -44.40 -95.69
C GLN X 230 -11.51 -45.04 -96.02
N LEU X 231 -11.49 -46.11 -96.80
CA LEU X 231 -10.22 -46.69 -97.22
C LEU X 231 -9.54 -45.84 -98.29
N VAL X 232 -10.32 -45.04 -99.03
CA VAL X 232 -9.76 -44.37 -100.21
C VAL X 232 -9.16 -43.02 -99.84
N SER X 233 -9.83 -42.27 -98.96
CA SER X 233 -9.39 -40.92 -98.63
C SER X 233 -8.13 -40.88 -97.78
N THR X 234 -7.84 -41.93 -97.01
CA THR X 234 -6.63 -41.94 -96.21
C THR X 234 -5.40 -42.19 -97.07
N ILE X 235 -5.47 -43.15 -97.99
CA ILE X 235 -4.31 -43.47 -98.84
C ILE X 235 -4.06 -42.40 -99.89
N MET X 236 -5.06 -41.57 -100.20
CA MET X 236 -4.84 -40.43 -101.06
C MET X 236 -3.99 -39.37 -100.36
N SER X 237 -4.33 -39.05 -99.13
CA SER X 237 -3.52 -38.13 -98.34
C SER X 237 -2.22 -38.77 -97.88
N ALA X 238 -2.18 -40.10 -97.83
CA ALA X 238 -0.94 -40.80 -97.50
C ALA X 238 0.07 -40.72 -98.64
N SER X 239 -0.41 -40.67 -99.88
CA SER X 239 0.47 -40.63 -101.04
C SER X 239 1.14 -39.28 -101.22
N THR X 240 0.63 -38.22 -100.61
CA THR X 240 1.19 -36.88 -100.73
C THR X 240 1.86 -36.41 -99.44
N THR X 241 2.24 -37.34 -98.57
CA THR X 241 2.91 -36.96 -97.33
C THR X 241 4.32 -36.45 -97.58
N THR X 242 4.98 -36.94 -98.61
CA THR X 242 6.25 -36.35 -99.01
C THR X 242 6.02 -35.02 -99.73
N LEU X 243 4.83 -34.83 -100.31
CA LEU X 243 4.53 -33.65 -101.11
C LEU X 243 3.88 -32.55 -100.30
N ARG X 244 2.96 -32.89 -99.39
CA ARG X 244 2.32 -31.88 -98.54
C ARG X 244 3.21 -31.52 -97.36
N TYR X 245 3.58 -32.51 -96.55
CA TYR X 245 4.47 -32.29 -95.42
C TYR X 245 5.91 -32.17 -95.91
N PRO X 246 6.78 -31.45 -95.18
CA PRO X 246 8.14 -31.23 -95.67
C PRO X 246 9.01 -32.48 -95.68
N GLY X 247 9.27 -32.99 -96.89
CA GLY X 247 10.21 -34.06 -97.10
C GLY X 247 11.38 -33.58 -97.94
N TYR X 248 12.30 -34.51 -98.21
CA TYR X 248 13.50 -34.18 -98.96
C TYR X 248 13.56 -34.87 -100.32
N MET X 249 13.46 -36.19 -100.36
CA MET X 249 13.60 -36.94 -101.59
C MET X 249 12.26 -37.49 -102.05
N ASN X 250 12.02 -37.38 -103.35
CA ASN X 250 10.73 -37.66 -104.00
C ASN X 250 9.59 -36.90 -103.31
N ASN X 251 9.84 -35.63 -103.04
CA ASN X 251 8.86 -34.75 -102.46
C ASN X 251 7.91 -34.12 -103.49
N ASP X 252 7.99 -34.55 -104.75
CA ASP X 252 7.07 -34.16 -105.80
C ASP X 252 6.35 -35.38 -106.35
N LEU X 253 5.26 -35.13 -107.08
CA LEU X 253 4.50 -36.25 -107.64
C LEU X 253 5.21 -36.84 -108.85
N ILE X 254 5.99 -36.02 -109.55
CA ILE X 254 6.94 -36.53 -110.54
C ILE X 254 8.22 -37.08 -109.92
N GLY X 255 8.35 -37.08 -108.60
CA GLY X 255 9.44 -37.79 -107.96
C GLY X 255 9.11 -39.23 -107.67
N LEU X 256 7.89 -39.48 -107.16
CA LEU X 256 7.51 -40.81 -106.73
C LEU X 256 7.25 -41.73 -107.92
N ILE X 257 6.52 -41.23 -108.92
CA ILE X 257 6.12 -42.04 -110.06
C ILE X 257 7.30 -42.33 -110.99
N ALA X 258 8.32 -41.47 -110.98
CA ALA X 258 9.49 -41.70 -111.81
C ALA X 258 10.33 -42.89 -111.34
N SER X 259 10.33 -43.19 -110.05
CA SER X 259 11.17 -44.25 -109.50
C SER X 259 10.48 -45.60 -109.42
N LEU X 260 9.29 -45.73 -110.01
CA LEU X 260 8.54 -46.98 -109.94
C LEU X 260 8.11 -47.53 -111.29
N ILE X 261 7.91 -46.69 -112.31
CA ILE X 261 7.44 -47.13 -113.62
C ILE X 261 8.62 -47.75 -114.36
N PRO X 262 8.52 -49.02 -114.78
CA PRO X 262 9.59 -49.60 -115.61
C PRO X 262 9.55 -49.08 -117.04
N THR X 263 8.34 -49.01 -117.59
CA THR X 263 8.14 -48.70 -119.01
C THR X 263 6.71 -48.22 -119.17
N PRO X 264 6.41 -47.46 -120.24
CA PRO X 264 5.01 -47.15 -120.57
C PRO X 264 4.21 -48.41 -120.86
N ARG X 265 2.90 -48.31 -120.60
CA ARG X 265 1.86 -49.35 -120.56
C ARG X 265 2.10 -50.41 -119.48
N LEU X 266 3.12 -50.22 -118.62
CA LEU X 266 3.30 -51.01 -117.40
C LEU X 266 3.40 -49.99 -116.26
N HIS X 267 2.24 -49.63 -115.72
CA HIS X 267 2.19 -48.60 -114.69
C HIS X 267 1.19 -48.92 -113.58
N PHE X 268 0.60 -50.11 -113.58
CA PHE X 268 -0.47 -50.46 -112.64
C PHE X 268 0.16 -50.81 -111.30
N LEU X 269 -0.02 -49.95 -110.31
CA LEU X 269 0.67 -50.04 -109.03
C LEU X 269 -0.22 -50.65 -107.98
N MET X 270 0.28 -51.67 -107.28
CA MET X 270 -0.45 -52.31 -106.19
C MET X 270 -0.31 -51.48 -104.92
N THR X 271 -1.41 -51.33 -104.20
CA THR X 271 -1.47 -50.47 -103.01
C THR X 271 -1.70 -51.32 -101.77
N GLY X 272 -1.08 -50.91 -100.66
CA GLY X 272 -1.28 -51.59 -99.40
C GLY X 272 -1.24 -50.62 -98.24
N TYR X 273 -2.08 -50.88 -97.25
CA TYR X 273 -2.21 -49.98 -96.09
C TYR X 273 -2.77 -50.80 -94.93
N THR X 274 -1.93 -51.06 -93.92
CA THR X 274 -2.36 -51.87 -92.78
C THR X 274 -3.22 -51.15 -91.73
N PRO X 275 -2.79 -50.03 -91.06
CA PRO X 275 -3.45 -49.67 -89.81
C PRO X 275 -4.81 -48.99 -89.98
N LEU X 276 -5.88 -49.71 -89.67
CA LEU X 276 -7.24 -49.19 -89.80
C LEU X 276 -8.09 -49.44 -88.57
N THR X 277 -7.50 -49.82 -87.44
CA THR X 277 -8.24 -50.22 -86.26
C THR X 277 -7.94 -49.28 -85.10
N THR X 278 -9.00 -48.82 -84.43
CA THR X 278 -8.89 -47.82 -83.37
C THR X 278 -8.54 -48.40 -82.00
N ASP X 279 -8.72 -49.70 -81.79
CA ASP X 279 -8.35 -50.29 -80.50
C ASP X 279 -6.90 -50.76 -80.46
N GLN X 280 -6.14 -50.56 -81.54
CA GLN X 280 -4.68 -50.71 -81.48
C GLN X 280 -4.03 -49.59 -80.69
N SER X 281 -4.76 -48.49 -80.44
CA SER X 281 -4.20 -47.29 -79.84
C SER X 281 -3.77 -47.49 -78.40
N VAL X 282 -4.38 -48.43 -77.68
CA VAL X 282 -4.09 -48.62 -76.26
C VAL X 282 -2.80 -49.37 -76.00
N ALA X 283 -2.17 -49.93 -77.03
CA ALA X 283 -0.94 -50.69 -76.86
C ALA X 283 0.22 -50.15 -77.69
N SER X 284 0.04 -48.99 -78.34
CA SER X 284 1.12 -48.31 -79.03
C SER X 284 1.89 -47.37 -78.12
N VAL X 285 1.58 -47.36 -76.82
CA VAL X 285 2.30 -46.52 -75.86
C VAL X 285 3.62 -47.10 -75.41
N ARG X 286 3.90 -48.36 -75.74
CA ARG X 286 5.07 -49.07 -75.24
C ARG X 286 6.22 -49.12 -76.25
N LYS X 287 6.30 -48.12 -77.13
CA LYS X 287 7.28 -48.04 -78.23
C LYS X 287 7.15 -49.26 -79.15
N THR X 288 6.03 -49.25 -79.87
CA THR X 288 5.89 -50.14 -81.02
C THR X 288 6.81 -49.65 -82.14
N THR X 289 7.66 -50.54 -82.63
CA THR X 289 8.80 -50.17 -83.45
C THR X 289 8.44 -50.22 -84.94
N VAL X 290 9.45 -49.93 -85.76
CA VAL X 290 9.34 -49.96 -87.21
C VAL X 290 9.81 -51.29 -87.78
N LEU X 291 10.30 -52.19 -86.92
CA LEU X 291 10.87 -53.45 -87.40
C LEU X 291 9.80 -54.49 -87.74
N ASP X 292 8.55 -54.27 -87.31
CA ASP X 292 7.48 -55.22 -87.53
C ASP X 292 6.43 -54.72 -88.50
N VAL X 293 6.50 -53.47 -88.96
CA VAL X 293 5.42 -52.92 -89.77
C VAL X 293 5.60 -53.20 -91.25
N MET X 294 6.84 -53.44 -91.71
CA MET X 294 7.08 -53.72 -93.11
C MET X 294 7.30 -55.19 -93.40
N ARG X 295 7.22 -56.05 -92.38
CA ARG X 295 7.23 -57.48 -92.62
C ARG X 295 5.89 -57.96 -93.16
N ARG X 296 4.82 -57.21 -92.92
CA ARG X 296 3.48 -57.58 -93.35
C ARG X 296 3.03 -56.82 -94.60
N LEU X 297 3.85 -55.91 -95.13
CA LEU X 297 3.47 -55.22 -96.35
C LEU X 297 3.63 -56.12 -97.57
N LEU X 298 4.79 -56.75 -97.72
CA LEU X 298 5.00 -57.73 -98.78
C LEU X 298 4.19 -59.00 -98.58
N GLN X 299 3.77 -59.28 -97.37
CA GLN X 299 2.86 -60.40 -97.15
C GLN X 299 1.48 -60.02 -97.67
N PRO X 300 0.89 -60.82 -98.57
CA PRO X 300 -0.39 -60.44 -99.23
C PRO X 300 -1.60 -60.47 -98.31
N LYS X 301 -1.70 -59.45 -97.47
CA LYS X 301 -2.80 -59.29 -96.54
C LYS X 301 -3.49 -57.94 -96.66
N ASN X 302 -2.72 -56.87 -96.90
CA ASN X 302 -3.25 -55.53 -97.02
C ASN X 302 -3.52 -55.11 -98.46
N VAL X 303 -3.42 -56.04 -99.41
CA VAL X 303 -3.47 -55.68 -100.82
C VAL X 303 -4.90 -55.32 -101.23
N MET X 304 -5.01 -54.41 -102.20
CA MET X 304 -6.29 -53.99 -102.75
C MET X 304 -6.43 -54.42 -104.20
N VAL X 305 -5.84 -55.56 -104.56
CA VAL X 305 -5.84 -56.06 -105.93
C VAL X 305 -6.19 -57.54 -105.88
N SER X 306 -7.24 -57.93 -106.60
CA SER X 306 -7.64 -59.33 -106.70
C SER X 306 -6.69 -60.04 -107.66
N THR X 307 -5.80 -60.86 -107.11
CA THR X 307 -4.80 -61.56 -107.93
C THR X 307 -4.71 -63.01 -107.46
N GLY X 308 -4.01 -63.82 -108.26
CA GLY X 308 -3.86 -65.22 -107.93
C GLY X 308 -2.83 -65.43 -106.83
N ARG X 309 -3.08 -66.42 -105.99
CA ARG X 309 -2.19 -66.74 -104.89
C ARG X 309 -1.05 -67.67 -105.29
N ASP X 310 -1.26 -68.49 -106.32
CA ASP X 310 -0.24 -69.43 -106.79
C ASP X 310 0.48 -68.94 -108.05
N ARG X 311 0.30 -67.67 -108.42
CA ARG X 311 0.90 -67.11 -109.61
C ARG X 311 2.07 -66.17 -109.30
N GLN X 312 2.56 -66.18 -108.07
CA GLN X 312 3.62 -65.28 -107.66
C GLN X 312 5.01 -65.89 -107.75
N THR X 313 5.11 -67.17 -108.11
CA THR X 313 6.41 -67.82 -108.23
C THR X 313 7.08 -67.55 -109.57
N ASN X 314 6.29 -67.41 -110.64
CA ASN X 314 6.82 -67.08 -111.95
C ASN X 314 6.73 -65.59 -112.26
N HIS X 315 6.23 -64.79 -111.32
CA HIS X 315 6.19 -63.34 -111.45
C HIS X 315 7.20 -62.74 -110.48
N CYS X 316 7.69 -61.55 -110.82
CA CYS X 316 8.79 -60.94 -110.09
C CYS X 316 8.49 -59.47 -109.82
N TYR X 317 8.76 -59.03 -108.58
CA TYR X 317 8.68 -57.61 -108.27
C TYR X 317 9.83 -56.87 -108.92
N ILE X 318 9.57 -55.63 -109.32
CA ILE X 318 10.60 -54.81 -109.94
C ILE X 318 10.80 -53.55 -109.10
N ALA X 319 9.71 -52.97 -108.62
CA ALA X 319 9.76 -51.74 -107.82
C ALA X 319 8.75 -51.86 -106.68
N ILE X 320 9.21 -51.61 -105.47
CA ILE X 320 8.35 -51.69 -104.28
C ILE X 320 8.64 -50.47 -103.40
N LEU X 321 7.58 -49.76 -103.03
CA LEU X 321 7.67 -48.56 -102.18
C LEU X 321 7.07 -48.89 -100.82
N ASN X 322 7.76 -48.45 -99.75
CA ASN X 322 7.33 -48.71 -98.38
C ASN X 322 7.43 -47.39 -97.62
N ILE X 323 6.31 -46.70 -97.47
CA ILE X 323 6.27 -45.35 -96.90
C ILE X 323 5.86 -45.44 -95.45
N ILE X 324 6.76 -45.03 -94.55
CA ILE X 324 6.44 -44.86 -93.13
C ILE X 324 6.19 -43.38 -92.86
N GLN X 325 5.30 -43.11 -91.91
CA GLN X 325 4.81 -41.76 -91.63
C GLN X 325 4.87 -41.49 -90.14
N GLY X 326 5.07 -40.23 -89.78
CA GLY X 326 4.97 -39.83 -88.39
C GLY X 326 6.17 -40.27 -87.59
N GLU X 327 5.92 -40.89 -86.43
CA GLU X 327 7.00 -41.41 -85.61
C GLU X 327 7.59 -42.64 -86.26
N VAL X 328 8.89 -42.58 -86.58
CA VAL X 328 9.53 -43.60 -87.39
C VAL X 328 10.57 -44.33 -86.53
N ASP X 329 11.19 -43.58 -85.59
CA ASP X 329 12.41 -43.94 -84.87
C ASP X 329 13.49 -44.27 -85.90
N PRO X 330 14.06 -43.28 -86.57
CA PRO X 330 14.90 -43.53 -87.75
C PRO X 330 16.26 -44.15 -87.46
N THR X 331 16.60 -44.45 -86.20
CA THR X 331 17.83 -45.18 -85.94
C THR X 331 17.69 -46.67 -86.22
N GLN X 332 16.48 -47.16 -86.47
CA GLN X 332 16.22 -48.56 -86.84
C GLN X 332 15.49 -48.69 -88.16
N VAL X 333 15.44 -47.64 -88.98
CA VAL X 333 14.79 -47.77 -90.29
C VAL X 333 15.72 -48.45 -91.29
N HIS X 334 17.04 -48.30 -91.13
CA HIS X 334 17.99 -49.10 -91.87
C HIS X 334 18.03 -50.53 -91.35
N LYS X 335 17.61 -50.73 -90.09
CA LYS X 335 17.52 -52.06 -89.51
C LYS X 335 16.33 -52.83 -90.08
N SER X 336 15.26 -52.12 -90.43
CA SER X 336 14.11 -52.77 -91.06
C SER X 336 14.43 -53.20 -92.49
N LEU X 337 15.23 -52.41 -93.20
CA LEU X 337 15.66 -52.75 -94.54
C LEU X 337 16.77 -53.79 -94.56
N GLN X 338 17.39 -54.03 -93.40
CA GLN X 338 18.38 -55.10 -93.27
C GLN X 338 17.74 -56.48 -93.43
N ARG X 339 16.53 -56.64 -92.90
CA ARG X 339 15.86 -57.93 -92.86
C ARG X 339 15.15 -58.29 -94.15
N ILE X 340 15.25 -57.45 -95.19
CA ILE X 340 14.51 -57.69 -96.43
C ILE X 340 15.21 -58.75 -97.27
N ARG X 341 16.54 -58.71 -97.33
CA ARG X 341 17.28 -59.62 -98.20
C ARG X 341 17.30 -61.05 -97.68
N GLU X 342 17.02 -61.26 -96.40
CA GLU X 342 17.15 -62.59 -95.82
C GLU X 342 15.92 -63.44 -96.12
N ARG X 343 14.74 -62.81 -96.21
CA ARG X 343 13.53 -63.57 -96.50
C ARG X 343 13.33 -63.75 -98.00
N LYS X 344 13.68 -62.74 -98.78
CA LYS X 344 13.37 -62.63 -100.22
C LYS X 344 11.88 -62.85 -100.47
N LEU X 345 11.05 -62.08 -99.75
CA LEU X 345 9.62 -62.14 -99.94
C LEU X 345 9.19 -61.54 -101.27
N ALA X 346 10.00 -60.64 -101.84
CA ALA X 346 9.81 -60.13 -103.18
C ALA X 346 10.67 -60.95 -104.15
N ASN X 347 10.03 -61.54 -105.15
CA ASN X 347 10.79 -62.17 -106.21
C ASN X 347 11.41 -61.08 -107.09
N PHE X 348 12.71 -61.20 -107.34
CA PHE X 348 13.45 -60.19 -108.05
C PHE X 348 13.59 -60.57 -109.52
N ILE X 349 13.63 -59.57 -110.38
CA ILE X 349 13.73 -59.81 -111.82
C ILE X 349 15.13 -60.36 -112.15
N PRO X 350 15.24 -61.40 -112.97
CA PRO X 350 16.55 -61.99 -113.24
C PRO X 350 17.38 -61.23 -114.26
N TRP X 351 16.78 -60.26 -114.97
CA TRP X 351 17.51 -59.50 -115.98
C TRP X 351 18.15 -58.24 -115.43
N GLY X 352 17.56 -57.63 -114.40
CA GLY X 352 18.07 -56.39 -113.87
C GLY X 352 17.90 -56.27 -112.37
N PRO X 353 18.38 -55.17 -111.80
CA PRO X 353 18.25 -54.94 -110.36
C PRO X 353 16.83 -54.57 -109.95
N ALA X 354 16.56 -54.73 -108.67
CA ALA X 354 15.30 -54.32 -108.03
C ALA X 354 15.61 -53.20 -107.03
N SER X 355 14.57 -52.72 -106.36
CA SER X 355 14.73 -51.62 -105.42
C SER X 355 13.62 -51.62 -104.38
N ILE X 356 13.99 -51.59 -103.10
CA ILE X 356 13.06 -51.41 -101.99
C ILE X 356 13.30 -50.02 -101.43
N GLN X 357 12.47 -49.06 -101.83
CA GLN X 357 12.63 -47.66 -101.43
C GLN X 357 11.76 -47.38 -100.21
N VAL X 358 12.38 -46.83 -99.16
CA VAL X 358 11.68 -46.46 -97.94
C VAL X 358 11.89 -44.96 -97.72
N ALA X 359 10.84 -44.28 -97.28
CA ALA X 359 10.90 -42.83 -97.05
C ALA X 359 10.01 -42.48 -95.86
N LEU X 360 10.27 -41.29 -95.29
CA LEU X 360 9.54 -40.86 -94.10
C LEU X 360 9.24 -39.37 -94.19
N SER X 361 8.18 -38.97 -93.48
CA SER X 361 7.80 -37.58 -93.33
C SER X 361 6.96 -37.46 -92.06
N ARG X 362 7.11 -36.33 -91.37
CA ARG X 362 6.38 -36.12 -90.13
C ARG X 362 4.91 -35.83 -90.41
N LYS X 363 4.04 -36.38 -89.58
CA LYS X 363 2.61 -36.31 -89.80
C LYS X 363 2.04 -35.03 -89.17
N SER X 364 0.71 -34.97 -89.09
CA SER X 364 0.03 -33.82 -88.52
C SER X 364 0.25 -33.75 -87.01
N PRO X 365 0.29 -32.55 -86.43
CA PRO X 365 0.30 -32.43 -84.96
C PRO X 365 -1.05 -32.79 -84.35
N TYR X 366 -1.30 -34.08 -84.25
CA TYR X 366 -2.59 -34.60 -83.78
C TYR X 366 -2.32 -35.89 -83.03
N LEU X 367 -3.18 -36.19 -82.05
CA LEU X 367 -2.93 -37.33 -81.17
C LEU X 367 -3.13 -38.70 -81.83
N PRO X 368 -4.13 -38.96 -82.69
CA PRO X 368 -4.12 -40.23 -83.42
C PRO X 368 -3.09 -40.31 -84.55
N SER X 369 -2.38 -39.23 -84.85
CA SER X 369 -1.39 -39.21 -85.92
C SER X 369 0.04 -39.25 -85.43
N ALA X 370 0.35 -38.63 -84.29
CA ALA X 370 1.69 -38.60 -83.72
C ALA X 370 1.93 -39.72 -82.72
N HIS X 371 1.10 -40.77 -82.76
CA HIS X 371 1.25 -41.90 -81.85
C HIS X 371 1.30 -43.26 -82.53
N ARG X 372 0.62 -43.48 -83.65
CA ARG X 372 0.45 -44.80 -84.22
C ARG X 372 1.19 -44.87 -85.55
N VAL X 373 1.94 -45.95 -85.76
CA VAL X 373 2.75 -46.10 -86.96
C VAL X 373 1.86 -46.39 -88.15
N SER X 374 2.21 -45.81 -89.29
CA SER X 374 1.42 -45.97 -90.51
C SER X 374 2.33 -46.42 -91.64
N GLY X 375 1.85 -47.40 -92.41
CA GLY X 375 2.61 -47.92 -93.52
C GLY X 375 1.84 -47.90 -94.84
N LEU X 376 2.33 -47.13 -95.80
CA LEU X 376 1.71 -47.03 -97.11
C LEU X 376 2.58 -47.75 -98.13
N MET X 377 1.98 -48.67 -98.88
CA MET X 377 2.69 -49.47 -99.86
C MET X 377 2.28 -49.04 -101.27
N MET X 378 3.28 -48.90 -102.14
CA MET X 378 3.06 -48.68 -103.58
C MET X 378 3.90 -49.70 -104.32
N ALA X 379 3.34 -50.90 -104.51
CA ALA X 379 4.06 -52.01 -105.12
C ALA X 379 3.95 -51.94 -106.64
N ASN X 380 4.72 -52.81 -107.31
CA ASN X 380 4.61 -52.99 -108.75
C ASN X 380 5.02 -54.43 -109.04
N HIS X 381 4.03 -55.31 -109.14
CA HIS X 381 4.25 -56.74 -109.35
C HIS X 381 3.60 -57.14 -110.67
N THR X 382 4.23 -58.11 -111.34
CA THR X 382 3.82 -58.51 -112.69
C THR X 382 2.73 -59.57 -112.69
N ASN X 383 2.03 -59.78 -111.58
CA ASN X 383 0.85 -60.62 -111.54
C ASN X 383 -0.43 -59.83 -111.81
N ILE X 384 -0.30 -58.57 -112.24
CA ILE X 384 -1.45 -57.72 -112.51
C ILE X 384 -2.19 -58.07 -113.79
N SER X 385 -1.62 -58.98 -114.61
CA SER X 385 -2.31 -59.46 -115.80
C SER X 385 -3.45 -60.41 -115.47
N SER X 386 -3.56 -60.89 -114.22
CA SER X 386 -4.67 -61.72 -113.82
C SER X 386 -5.98 -60.94 -113.82
N LEU X 387 -5.93 -59.65 -113.45
CA LEU X 387 -7.09 -58.79 -113.62
C LEU X 387 -7.36 -58.52 -115.10
N PHE X 388 -6.30 -58.41 -115.90
CA PHE X 388 -6.48 -58.19 -117.33
C PHE X 388 -6.93 -59.46 -118.04
N GLU X 389 -6.58 -60.63 -117.48
CA GLU X 389 -7.15 -61.87 -117.98
C GLU X 389 -8.58 -62.05 -117.50
N ARG X 390 -8.93 -61.47 -116.35
CA ARG X 390 -10.30 -61.56 -115.84
C ARG X 390 -11.23 -60.65 -116.64
N THR X 391 -10.76 -59.46 -117.00
CA THR X 391 -11.60 -58.53 -117.75
C THR X 391 -11.73 -58.95 -119.21
N CYS X 392 -10.69 -59.54 -119.79
CA CYS X 392 -10.74 -59.94 -121.20
C CYS X 392 -11.58 -61.20 -121.39
N ARG X 393 -11.55 -62.13 -120.43
CA ARG X 393 -12.37 -63.33 -120.53
C ARG X 393 -13.84 -63.02 -120.33
N GLN X 394 -14.15 -61.95 -119.59
CA GLN X 394 -15.52 -61.46 -119.46
C GLN X 394 -15.92 -60.54 -120.60
N TYR X 395 -14.99 -60.22 -121.50
CA TYR X 395 -15.25 -59.34 -122.63
C TYR X 395 -15.57 -60.10 -123.90
N ASP X 396 -14.77 -61.11 -124.23
CA ASP X 396 -15.05 -61.93 -125.42
C ASP X 396 -16.19 -62.91 -125.22
N LYS X 397 -16.48 -63.28 -123.97
CA LYS X 397 -17.62 -64.14 -123.70
C LYS X 397 -18.94 -63.39 -123.90
N LEU X 398 -18.93 -62.07 -123.68
CA LEU X 398 -20.15 -61.28 -123.82
C LEU X 398 -20.45 -60.96 -125.27
N ARG X 399 -19.43 -60.89 -126.13
CA ARG X 399 -19.67 -60.59 -127.53
C ARG X 399 -20.18 -61.80 -128.31
N LYS X 400 -20.03 -63.01 -127.79
CA LYS X 400 -20.60 -64.19 -128.42
C LYS X 400 -22.04 -64.44 -128.00
N ARG X 401 -22.52 -63.75 -126.98
CA ARG X 401 -23.91 -63.87 -126.53
C ARG X 401 -24.82 -62.84 -127.18
N GLU X 402 -24.30 -62.07 -128.15
CA GLU X 402 -25.01 -61.01 -128.86
C GLU X 402 -25.58 -59.97 -127.90
N ALA X 403 -24.73 -59.51 -126.98
CA ALA X 403 -25.12 -58.58 -125.93
C ALA X 403 -24.55 -57.20 -126.24
N PHE X 404 -25.46 -56.22 -126.40
CA PHE X 404 -25.14 -54.82 -126.63
C PHE X 404 -24.27 -54.60 -127.88
N LEU X 405 -24.64 -55.29 -128.96
CA LEU X 405 -24.10 -55.00 -130.27
C LEU X 405 -25.07 -54.24 -131.16
N GLU X 406 -26.37 -54.34 -130.88
CA GLU X 406 -27.38 -53.57 -131.59
C GLU X 406 -27.86 -52.40 -130.75
N GLN X 407 -27.71 -52.48 -129.43
CA GLN X 407 -28.17 -51.46 -128.49
C GLN X 407 -27.11 -50.39 -128.21
N PHE X 408 -25.93 -50.51 -128.82
CA PHE X 408 -24.80 -49.64 -128.50
C PHE X 408 -24.24 -48.89 -129.70
N ARG X 409 -24.56 -49.31 -130.93
CA ARG X 409 -23.96 -48.73 -132.13
C ARG X 409 -24.92 -47.82 -132.88
N LYS X 410 -26.00 -47.39 -132.25
CA LYS X 410 -26.91 -46.46 -132.91
C LYS X 410 -26.37 -45.03 -132.88
N GLU X 411 -25.76 -44.64 -131.76
CA GLU X 411 -25.19 -43.31 -131.60
C GLU X 411 -23.68 -43.38 -131.75
N ASP X 412 -23.14 -42.50 -132.60
CA ASP X 412 -21.72 -42.12 -132.77
C ASP X 412 -20.72 -43.30 -132.83
N ILE X 413 -21.18 -44.50 -133.22
CA ILE X 413 -20.32 -45.65 -133.43
C ILE X 413 -20.73 -46.29 -134.75
N PHE X 414 -19.84 -46.24 -135.74
CA PHE X 414 -20.13 -46.80 -137.06
C PHE X 414 -19.26 -48.00 -137.43
N LYS X 415 -18.07 -48.12 -136.84
CA LYS X 415 -17.18 -49.25 -137.12
C LYS X 415 -16.94 -50.03 -135.83
N ASP X 416 -16.45 -51.26 -135.99
CA ASP X 416 -16.22 -52.16 -134.87
C ASP X 416 -14.86 -51.83 -134.25
N ASN X 417 -14.87 -51.10 -133.14
CA ASN X 417 -13.68 -50.76 -132.40
C ASN X 417 -13.46 -51.68 -131.19
N PHE X 418 -14.05 -52.89 -131.22
CA PHE X 418 -13.99 -53.82 -130.12
C PHE X 418 -12.67 -54.59 -130.09
N ASP X 419 -12.18 -55.03 -131.25
CA ASP X 419 -10.88 -55.67 -131.32
C ASP X 419 -9.74 -54.66 -131.30
N GLU X 420 -10.03 -53.37 -131.42
CA GLU X 420 -8.99 -52.36 -131.18
C GLU X 420 -8.62 -52.29 -129.71
N LEU X 421 -9.57 -52.61 -128.82
CA LEU X 421 -9.30 -52.71 -127.39
C LEU X 421 -8.75 -54.06 -126.99
N ASP X 422 -9.03 -55.11 -127.77
CA ASP X 422 -8.65 -56.46 -127.38
C ASP X 422 -7.18 -56.73 -127.63
N ASN X 423 -6.67 -56.27 -128.78
CA ASN X 423 -5.27 -56.52 -129.13
C ASN X 423 -4.34 -55.66 -128.26
N SER X 424 -4.73 -54.40 -128.00
CA SER X 424 -3.93 -53.51 -127.17
C SER X 424 -3.91 -53.96 -125.72
N ARG X 425 -4.97 -54.65 -125.26
CA ARG X 425 -4.93 -55.25 -123.93
C ARG X 425 -4.01 -56.47 -123.90
N GLU X 426 -4.00 -57.25 -124.98
CA GLU X 426 -3.11 -58.39 -125.05
C GLU X 426 -1.65 -57.97 -125.28
N ILE X 427 -1.45 -56.76 -125.84
CA ILE X 427 -0.11 -56.21 -125.96
C ILE X 427 0.46 -55.91 -124.57
N VAL X 428 -0.39 -55.43 -123.66
CA VAL X 428 0.02 -55.21 -122.28
C VAL X 428 0.30 -56.54 -121.59
N GLN X 429 -0.56 -57.53 -121.81
CA GLN X 429 -0.40 -58.83 -121.14
C GLN X 429 0.78 -59.63 -121.66
N GLN X 430 1.20 -59.41 -122.91
CA GLN X 430 2.35 -60.13 -123.45
C GLN X 430 3.67 -59.45 -123.09
N LEU X 431 3.69 -58.12 -123.07
CA LEU X 431 4.92 -57.41 -122.73
C LEU X 431 5.24 -57.47 -121.24
N ILE X 432 4.26 -57.83 -120.41
CA ILE X 432 4.53 -58.00 -118.98
C ILE X 432 5.33 -59.28 -118.74
N ASP X 433 4.89 -60.38 -119.36
CA ASP X 433 5.60 -61.65 -119.18
C ASP X 433 6.92 -61.67 -119.94
N GLU X 434 7.02 -60.89 -121.02
CA GLU X 434 8.27 -60.78 -121.76
C GLU X 434 9.30 -59.94 -121.01
N TYR X 435 8.84 -59.10 -120.07
CA TYR X 435 9.71 -58.11 -119.42
C TYR X 435 10.75 -58.76 -118.50
N HIS X 436 10.50 -59.99 -118.04
CA HIS X 436 11.49 -60.75 -117.29
C HIS X 436 12.05 -61.83 -118.21
N ALA X 437 13.22 -61.55 -118.77
CA ALA X 437 13.86 -62.47 -119.71
C ALA X 437 14.76 -63.45 -118.97
N PRO Y 2 0.27 27.39 -108.58
CA PRO Y 2 1.40 26.47 -108.42
C PRO Y 2 1.34 25.28 -109.36
N ARG Y 3 0.53 24.27 -109.01
CA ARG Y 3 0.41 23.06 -109.80
C ARG Y 3 -1.06 22.77 -110.09
N GLU Y 4 -1.79 23.80 -110.49
CA GLU Y 4 -3.24 23.68 -110.66
C GLU Y 4 -3.58 23.07 -112.01
N ILE Y 5 -4.38 22.02 -111.99
CA ILE Y 5 -4.84 21.34 -113.20
C ILE Y 5 -6.34 21.56 -113.34
N ILE Y 6 -6.76 21.88 -114.56
CA ILE Y 6 -8.17 22.04 -114.90
C ILE Y 6 -8.64 20.77 -115.60
N THR Y 7 -9.59 20.07 -115.00
CA THR Y 7 -10.16 18.87 -115.59
C THR Y 7 -11.26 19.25 -116.57
N LEU Y 8 -11.27 18.60 -117.73
CA LEU Y 8 -12.25 18.89 -118.77
C LEU Y 8 -13.19 17.69 -118.91
N GLN Y 9 -14.16 17.65 -118.01
CA GLN Y 9 -15.18 16.60 -118.03
C GLN Y 9 -16.20 16.88 -119.13
N LEU Y 10 -16.36 15.91 -120.03
CA LEU Y 10 -17.09 16.12 -121.28
C LEU Y 10 -17.72 14.81 -121.72
N GLY Y 11 -18.98 14.88 -122.14
CA GLY Y 11 -19.67 13.74 -122.72
C GLY Y 11 -20.61 13.06 -121.74
N GLN Y 12 -21.28 12.03 -122.26
CA GLN Y 12 -22.26 11.30 -121.46
C GLN Y 12 -21.57 10.41 -120.42
N CYS Y 13 -20.44 9.81 -120.80
CA CYS Y 13 -19.72 8.95 -119.87
C CYS Y 13 -18.63 9.69 -119.11
N GLY Y 14 -18.07 10.75 -119.70
CA GLY Y 14 -17.02 11.51 -119.05
C GLY Y 14 -17.50 12.34 -117.87
N ASN Y 15 -18.78 12.70 -117.85
CA ASN Y 15 -19.31 13.47 -116.72
C ASN Y 15 -19.60 12.59 -115.52
N GLN Y 16 -19.99 11.33 -115.75
CA GLN Y 16 -20.30 10.45 -114.63
C GLN Y 16 -19.05 9.88 -113.98
N ILE Y 17 -18.00 9.63 -114.76
CA ILE Y 17 -16.75 9.15 -114.18
C ILE Y 17 -15.99 10.26 -113.46
N GLY Y 18 -16.31 11.52 -113.72
CA GLY Y 18 -15.69 12.61 -113.02
C GLY Y 18 -16.54 13.10 -111.86
N PHE Y 19 -17.80 12.68 -111.83
CA PHE Y 19 -18.69 13.06 -110.74
C PHE Y 19 -18.31 12.35 -109.45
N GLU Y 20 -18.07 11.04 -109.52
CA GLU Y 20 -17.60 10.31 -108.35
C GLU Y 20 -16.10 10.44 -108.14
N PHE Y 21 -15.38 11.01 -109.12
CA PHE Y 21 -13.97 11.33 -108.89
C PHE Y 21 -13.82 12.47 -107.89
N TRP Y 22 -14.66 13.50 -108.03
CA TRP Y 22 -14.70 14.56 -107.02
C TRP Y 22 -15.36 14.09 -105.74
N LYS Y 23 -16.28 13.13 -105.83
CA LYS Y 23 -16.91 12.59 -104.62
C LYS Y 23 -15.96 11.69 -103.85
N GLN Y 24 -14.97 11.10 -104.54
CA GLN Y 24 -13.95 10.30 -103.85
C GLN Y 24 -12.99 11.19 -103.08
N LEU Y 25 -12.78 12.42 -103.56
CA LEU Y 25 -11.76 13.29 -102.99
C LEU Y 25 -12.17 13.87 -101.64
N CYS Y 26 -13.46 14.01 -101.38
CA CYS Y 26 -13.87 14.55 -100.08
C CYS Y 26 -13.76 13.51 -98.96
N ALA Y 27 -13.95 12.23 -99.27
CA ALA Y 27 -13.86 11.20 -98.26
C ALA Y 27 -12.42 10.96 -97.81
N GLU Y 28 -11.44 11.28 -98.64
CA GLU Y 28 -10.04 11.10 -98.30
C GLU Y 28 -9.39 12.38 -97.79
N HIS Y 29 -9.95 13.55 -98.12
CA HIS Y 29 -9.46 14.79 -97.54
C HIS Y 29 -10.07 15.08 -96.18
N GLY Y 30 -11.03 14.27 -95.73
CA GLY Y 30 -11.69 14.52 -94.46
C GLY Y 30 -12.60 15.72 -94.47
N ILE Y 31 -13.14 16.08 -95.63
CA ILE Y 31 -13.98 17.26 -95.76
C ILE Y 31 -15.35 16.85 -96.26
N SER Y 32 -16.32 17.70 -96.00
CA SER Y 32 -17.68 17.59 -96.48
C SER Y 32 -17.90 18.53 -97.66
N PRO Y 33 -18.78 18.18 -98.60
CA PRO Y 33 -19.02 19.06 -99.75
C PRO Y 33 -19.70 20.37 -99.42
N GLU Y 34 -20.33 20.51 -98.24
CA GLU Y 34 -20.92 21.77 -97.83
C GLU Y 34 -20.31 22.36 -96.56
N GLY Y 35 -19.44 21.66 -95.86
CA GLY Y 35 -18.84 22.22 -94.67
C GLY Y 35 -17.52 21.57 -94.33
N ILE Y 36 -16.93 22.00 -93.22
CA ILE Y 36 -15.72 21.41 -92.66
C ILE Y 36 -16.04 20.99 -91.23
N VAL Y 37 -16.31 19.70 -91.03
CA VAL Y 37 -16.65 19.19 -89.72
C VAL Y 37 -15.50 18.43 -89.05
N GLU Y 38 -14.47 18.04 -89.79
CA GLU Y 38 -13.35 17.29 -89.24
C GLU Y 38 -12.08 18.12 -89.33
N GLU Y 39 -11.21 17.96 -88.34
CA GLU Y 39 -9.92 18.66 -88.33
C GLU Y 39 -8.82 17.85 -88.99
N PHE Y 40 -9.15 16.69 -89.57
CA PHE Y 40 -8.18 15.80 -90.21
C PHE Y 40 -7.69 16.30 -91.56
N ALA Y 41 -8.16 17.45 -92.05
CA ALA Y 41 -7.85 17.91 -93.39
C ALA Y 41 -6.47 18.55 -93.50
N THR Y 42 -5.94 19.13 -92.43
CA THR Y 42 -4.63 19.79 -92.49
C THR Y 42 -3.54 19.06 -91.73
N GLU Y 43 -3.86 18.40 -90.62
CA GLU Y 43 -2.84 17.64 -89.89
C GLU Y 43 -2.53 16.32 -90.57
N GLY Y 44 -3.55 15.67 -91.15
CA GLY Y 44 -3.35 14.41 -91.84
C GLY Y 44 -2.91 14.59 -93.28
N THR Y 45 -3.58 15.48 -94.01
CA THR Y 45 -3.25 15.78 -95.39
C THR Y 45 -2.48 17.09 -95.45
N ASP Y 46 -1.29 17.06 -96.03
CA ASP Y 46 -0.41 18.22 -96.05
C ASP Y 46 -0.57 19.08 -97.29
N ARG Y 47 -1.37 18.66 -98.27
CA ARG Y 47 -1.59 19.45 -99.47
C ARG Y 47 -2.96 19.14 -100.04
N LYS Y 48 -3.78 20.17 -100.21
CA LYS Y 48 -5.13 20.02 -100.75
C LYS Y 48 -5.42 20.89 -101.96
N ASP Y 49 -4.68 21.98 -102.16
CA ASP Y 49 -4.94 22.90 -103.26
C ASP Y 49 -4.06 22.56 -104.45
N VAL Y 50 -4.30 21.38 -105.02
CA VAL Y 50 -3.65 20.99 -106.26
C VAL Y 50 -4.63 20.52 -107.33
N PHE Y 51 -5.82 20.06 -106.97
CA PHE Y 51 -6.91 19.81 -107.91
C PHE Y 51 -8.11 20.69 -107.62
N PHE Y 52 -8.36 20.97 -106.34
CA PHE Y 52 -9.39 21.93 -105.96
C PHE Y 52 -8.90 23.35 -106.21
N TYR Y 53 -9.86 24.27 -106.32
CA TYR Y 53 -9.55 25.68 -106.28
C TYR Y 53 -9.19 26.07 -104.84
N GLN Y 54 -8.30 27.05 -104.70
CA GLN Y 54 -7.83 27.44 -103.39
C GLN Y 54 -8.92 28.18 -102.63
N ALA Y 55 -8.86 28.08 -101.30
CA ALA Y 55 -10.01 28.36 -100.47
C ALA Y 55 -10.23 29.84 -100.25
N ASP Y 56 -11.51 30.21 -100.14
CA ASP Y 56 -11.92 31.54 -99.72
C ASP Y 56 -12.59 31.53 -98.35
N ASP Y 57 -13.22 30.42 -97.96
CA ASP Y 57 -13.84 30.27 -96.66
C ASP Y 57 -13.61 28.86 -96.12
N GLU Y 58 -12.45 28.28 -96.43
CA GLU Y 58 -12.18 26.84 -96.33
C GLU Y 58 -13.24 26.02 -97.08
N HIS Y 59 -13.59 26.49 -98.27
CA HIS Y 59 -14.48 25.76 -99.19
C HIS Y 59 -13.70 25.50 -100.46
N TYR Y 60 -13.14 24.31 -100.58
CA TYR Y 60 -12.28 23.95 -101.70
C TYR Y 60 -13.15 23.65 -102.92
N ILE Y 61 -13.33 24.66 -103.77
CA ILE Y 61 -14.12 24.57 -104.98
C ILE Y 61 -13.42 23.64 -105.97
N PRO Y 62 -14.13 22.75 -106.66
CA PRO Y 62 -13.47 21.95 -107.70
C PRO Y 62 -13.21 22.77 -108.95
N ARG Y 63 -12.04 22.56 -109.54
CA ARG Y 63 -11.66 23.24 -110.78
C ARG Y 63 -12.14 22.43 -111.99
N ALA Y 64 -13.46 22.35 -112.13
CA ALA Y 64 -14.09 21.43 -113.06
C ALA Y 64 -15.08 22.14 -113.96
N VAL Y 65 -15.16 21.68 -115.21
CA VAL Y 65 -16.16 22.11 -116.17
C VAL Y 65 -16.81 20.87 -116.78
N LEU Y 66 -18.12 20.93 -116.96
CA LEU Y 66 -18.90 19.78 -117.42
C LEU Y 66 -19.87 20.24 -118.50
N LEU Y 67 -19.57 19.92 -119.76
CA LEU Y 67 -20.45 20.20 -120.88
C LEU Y 67 -20.88 18.90 -121.53
N ASP Y 68 -22.18 18.81 -121.86
CA ASP Y 68 -22.70 17.66 -122.58
C ASP Y 68 -23.97 18.08 -123.31
N LEU Y 69 -24.20 17.42 -124.45
CA LEU Y 69 -25.42 17.68 -125.22
C LEU Y 69 -26.65 17.09 -124.52
N GLU Y 70 -26.46 16.00 -123.78
CA GLU Y 70 -27.57 15.33 -123.11
C GLU Y 70 -27.79 15.95 -121.74
N PRO Y 71 -29.01 16.40 -121.42
CA PRO Y 71 -29.27 16.94 -120.08
C PRO Y 71 -29.58 15.88 -119.03
N ARG Y 72 -29.56 14.60 -119.39
CA ARG Y 72 -29.91 13.54 -118.45
C ARG Y 72 -28.79 13.30 -117.44
N VAL Y 73 -27.54 13.49 -117.85
CA VAL Y 73 -26.42 13.22 -116.94
C VAL Y 73 -26.30 14.28 -115.86
N ILE Y 74 -26.76 15.50 -116.14
CA ILE Y 74 -26.65 16.58 -115.17
C ILE Y 74 -27.90 16.71 -114.31
N HIS Y 75 -29.02 16.15 -114.72
CA HIS Y 75 -30.22 16.14 -113.90
C HIS Y 75 -30.18 15.06 -112.82
N SER Y 76 -29.26 14.11 -112.91
CA SER Y 76 -29.01 13.14 -111.85
C SER Y 76 -27.90 13.61 -110.91
N ILE Y 77 -27.60 14.90 -110.89
CA ILE Y 77 -26.50 15.45 -110.10
C ILE Y 77 -27.03 16.34 -108.98
N LEU Y 78 -27.95 17.26 -109.32
CA LEU Y 78 -28.37 18.30 -108.38
C LEU Y 78 -29.21 17.76 -107.22
N ASN Y 79 -29.83 16.59 -107.38
CA ASN Y 79 -30.56 16.01 -106.26
C ASN Y 79 -29.63 15.28 -105.31
N SER Y 80 -28.43 14.93 -105.77
CA SER Y 80 -27.44 14.35 -104.87
C SER Y 80 -26.85 15.44 -103.98
N PRO Y 81 -26.53 15.13 -102.72
CA PRO Y 81 -26.02 16.15 -101.79
C PRO Y 81 -24.57 16.56 -102.04
N TYR Y 82 -23.92 16.05 -103.07
CA TYR Y 82 -22.55 16.44 -103.41
C TYR Y 82 -22.49 17.51 -104.48
N ALA Y 83 -23.64 18.00 -104.96
CA ALA Y 83 -23.69 19.00 -106.01
C ALA Y 83 -23.61 20.42 -105.48
N ASN Y 84 -23.78 20.62 -104.17
CA ASN Y 84 -23.64 21.97 -103.60
C ASN Y 84 -22.18 22.38 -103.54
N LEU Y 85 -21.25 21.42 -103.59
CA LEU Y 85 -19.84 21.74 -103.70
C LEU Y 85 -19.53 22.30 -105.08
N TYR Y 86 -20.19 21.78 -106.11
CA TYR Y 86 -20.12 22.37 -107.44
C TYR Y 86 -20.81 23.74 -107.46
N ASN Y 87 -20.35 24.60 -108.36
CA ASN Y 87 -20.87 25.95 -108.45
C ASN Y 87 -21.81 26.10 -109.62
N PRO Y 88 -22.94 26.81 -109.47
CA PRO Y 88 -23.85 27.01 -110.60
C PRO Y 88 -23.52 28.23 -111.45
N GLU Y 89 -22.32 28.77 -111.30
CA GLU Y 89 -21.89 29.88 -112.15
C GLU Y 89 -20.61 29.60 -112.92
N ASN Y 90 -19.84 28.56 -112.57
CA ASN Y 90 -18.60 28.25 -113.27
C ASN Y 90 -18.85 27.59 -114.62
N ILE Y 91 -19.91 26.79 -114.75
CA ILE Y 91 -20.13 26.03 -115.97
C ILE Y 91 -21.47 26.45 -116.58
N TYR Y 92 -22.55 26.18 -115.84
CA TYR Y 92 -23.90 26.48 -116.28
C TYR Y 92 -24.76 26.82 -115.06
N LEU Y 93 -25.82 27.58 -115.28
CA LEU Y 93 -26.86 27.70 -114.27
C LEU Y 93 -27.90 26.60 -114.47
N SER Y 94 -29.02 26.75 -113.78
CA SER Y 94 -30.09 25.75 -113.85
C SER Y 94 -30.75 25.75 -115.23
N GLU Y 95 -31.27 24.58 -115.61
CA GLU Y 95 -31.84 24.31 -116.95
C GLU Y 95 -30.83 24.59 -118.06
N HIS Y 96 -29.78 23.77 -118.09
CA HIS Y 96 -28.88 23.74 -119.24
C HIS Y 96 -29.26 22.58 -120.15
N GLY Y 97 -29.14 22.83 -121.46
CA GLY Y 97 -29.51 21.83 -122.45
C GLY Y 97 -28.42 21.50 -123.43
N GLY Y 98 -28.80 21.17 -124.66
CA GLY Y 98 -27.84 20.82 -125.69
C GLY Y 98 -28.47 20.61 -127.05
N GLY Y 99 -28.02 19.58 -127.76
CA GLY Y 99 -28.55 19.25 -129.07
C GLY Y 99 -29.78 18.38 -129.00
N ALA Y 100 -29.94 17.55 -130.03
CA ALA Y 100 -31.09 16.64 -130.09
C ALA Y 100 -30.88 15.29 -129.39
N GLY Y 101 -29.79 14.52 -129.61
CA GLY Y 101 -28.69 14.65 -130.58
C GLY Y 101 -27.71 13.51 -130.49
N ASN Y 102 -27.37 12.92 -131.64
CA ASN Y 102 -26.43 11.80 -131.66
C ASN Y 102 -25.71 11.81 -133.01
N ASN Y 103 -24.52 12.43 -133.04
CA ASN Y 103 -23.69 12.52 -134.23
C ASN Y 103 -22.30 12.96 -133.82
N TRP Y 104 -21.29 12.46 -134.54
CA TRP Y 104 -19.95 13.01 -134.38
C TRP Y 104 -19.83 14.37 -135.03
N ALA Y 105 -20.54 14.59 -136.14
CA ALA Y 105 -20.53 15.88 -136.82
C ALA Y 105 -21.39 16.93 -136.13
N SER Y 106 -22.17 16.54 -135.11
CA SER Y 106 -22.96 17.53 -134.38
C SER Y 106 -22.07 18.39 -133.49
N GLY Y 107 -21.35 17.74 -132.55
CA GLY Y 107 -20.45 18.46 -131.68
C GLY Y 107 -19.22 19.02 -132.38
N PHE Y 108 -18.85 18.45 -133.52
CA PHE Y 108 -17.76 19.01 -134.31
C PHE Y 108 -18.17 20.31 -134.99
N SER Y 109 -19.45 20.46 -135.32
CA SER Y 109 -19.97 21.70 -135.88
C SER Y 109 -20.51 22.66 -134.83
N GLN Y 110 -20.83 22.16 -133.63
CA GLN Y 110 -21.31 23.03 -132.56
C GLN Y 110 -20.19 23.74 -131.83
N GLY Y 111 -18.92 23.41 -132.10
CA GLY Y 111 -17.82 24.05 -131.41
C GLY Y 111 -17.53 25.44 -131.89
N GLU Y 112 -17.84 25.74 -133.15
CA GLU Y 112 -17.56 27.04 -133.74
C GLU Y 112 -18.79 27.95 -133.81
N LYS Y 113 -19.94 27.47 -133.35
CA LYS Y 113 -21.11 28.34 -133.20
C LYS Y 113 -21.33 28.80 -131.77
N ILE Y 114 -20.74 28.09 -130.80
CA ILE Y 114 -20.73 28.52 -129.41
C ILE Y 114 -19.26 28.80 -129.08
N HIS Y 115 -18.52 29.26 -130.10
CA HIS Y 115 -17.08 29.49 -129.96
C HIS Y 115 -16.78 30.64 -129.01
N GLU Y 116 -17.69 31.63 -128.95
CA GLU Y 116 -17.49 32.76 -128.05
C GLU Y 116 -17.71 32.37 -126.60
N ASP Y 117 -18.72 31.55 -126.32
CA ASP Y 117 -19.05 31.18 -124.94
C ASP Y 117 -18.19 30.04 -124.40
N ILE Y 118 -17.69 29.15 -125.28
CA ILE Y 118 -16.90 28.02 -124.80
C ILE Y 118 -15.47 28.44 -124.45
N PHE Y 119 -15.01 29.60 -124.91
CA PHE Y 119 -13.69 30.11 -124.59
C PHE Y 119 -13.75 31.34 -123.67
N ASP Y 120 -14.84 31.49 -122.93
CA ASP Y 120 -15.04 32.65 -122.05
C ASP Y 120 -15.01 32.26 -120.58
N ILE Y 121 -15.79 31.25 -120.18
CA ILE Y 121 -15.91 30.96 -118.75
C ILE Y 121 -14.91 29.90 -118.32
N ILE Y 122 -14.37 29.11 -119.25
CA ILE Y 122 -13.36 28.14 -118.88
C ILE Y 122 -11.96 28.77 -118.81
N ASP Y 123 -11.80 29.98 -119.33
CA ASP Y 123 -10.55 30.70 -119.25
C ASP Y 123 -10.46 31.58 -118.01
N ARG Y 124 -11.57 31.75 -117.29
CA ARG Y 124 -11.55 32.48 -116.03
C ARG Y 124 -10.82 31.73 -114.94
N GLU Y 125 -10.83 30.40 -114.99
CA GLU Y 125 -10.08 29.58 -114.03
C GLU Y 125 -8.62 29.43 -114.42
N ALA Y 126 -8.23 29.87 -115.62
CA ALA Y 126 -6.85 29.70 -116.06
C ALA Y 126 -5.93 30.71 -115.40
N ASP Y 127 -6.36 31.97 -115.29
CA ASP Y 127 -5.56 33.03 -114.71
C ASP Y 127 -5.71 33.14 -113.19
N GLY Y 128 -6.36 32.16 -112.55
CA GLY Y 128 -6.39 32.14 -111.10
C GLY Y 128 -5.02 31.85 -110.51
N SER Y 129 -4.29 30.92 -111.11
CA SER Y 129 -2.89 30.67 -110.77
C SER Y 129 -2.00 31.11 -111.92
N ASP Y 130 -0.91 31.79 -111.58
CA ASP Y 130 0.01 32.33 -112.58
C ASP Y 130 0.97 31.29 -113.14
N SER Y 131 0.90 30.04 -112.68
CA SER Y 131 1.72 28.94 -113.22
C SER Y 131 0.78 27.74 -113.39
N LEU Y 132 0.18 27.63 -114.57
CA LEU Y 132 -0.79 26.58 -114.83
C LEU Y 132 -0.09 25.30 -115.23
N GLU Y 133 -0.56 24.18 -114.67
CA GLU Y 133 0.03 22.88 -114.97
C GLU Y 133 -0.35 22.40 -116.37
N GLY Y 134 -1.63 22.27 -116.64
CA GLY Y 134 -2.07 21.84 -117.95
C GLY Y 134 -3.55 21.55 -117.97
N PHE Y 135 -3.95 20.72 -118.93
CA PHE Y 135 -5.35 20.36 -119.12
C PHE Y 135 -5.48 18.87 -119.30
N VAL Y 136 -6.40 18.25 -118.54
CA VAL Y 136 -6.78 16.87 -118.73
C VAL Y 136 -8.21 16.83 -119.26
N LEU Y 137 -8.38 16.18 -120.41
CA LEU Y 137 -9.69 16.06 -121.06
C LEU Y 137 -10.34 14.78 -120.58
N CYS Y 138 -11.18 14.90 -119.55
CA CYS Y 138 -11.90 13.75 -118.99
C CYS Y 138 -13.14 13.48 -119.84
N HIS Y 139 -12.89 13.02 -121.06
CA HIS Y 139 -13.95 12.84 -122.05
C HIS Y 139 -14.11 11.36 -122.37
N SER Y 140 -14.99 11.08 -123.32
CA SER Y 140 -15.32 9.74 -123.73
C SER Y 140 -15.08 9.55 -125.21
N ILE Y 141 -14.90 8.29 -125.60
CA ILE Y 141 -14.85 7.90 -127.00
C ILE Y 141 -16.17 7.30 -127.46
N ALA Y 142 -16.91 6.63 -126.57
CA ALA Y 142 -18.20 6.05 -126.93
C ALA Y 142 -19.24 7.14 -127.20
N GLY Y 143 -20.09 6.89 -128.18
CA GLY Y 143 -21.12 7.85 -128.56
C GLY Y 143 -20.56 8.96 -129.42
N GLY Y 144 -21.46 9.84 -129.84
CA GLY Y 144 -21.08 10.98 -130.64
C GLY Y 144 -21.03 12.26 -129.85
N THR Y 145 -21.45 12.20 -128.59
CA THR Y 145 -21.46 13.39 -127.73
C THR Y 145 -20.05 13.73 -127.24
N GLY Y 146 -19.38 12.76 -126.61
CA GLY Y 146 -18.03 13.00 -126.12
C GLY Y 146 -16.96 12.96 -127.18
N SER Y 147 -17.21 12.28 -128.29
CA SER Y 147 -16.23 12.18 -129.36
C SER Y 147 -16.34 13.30 -130.38
N GLY Y 148 -17.52 13.89 -130.54
CA GLY Y 148 -17.72 14.95 -131.51
C GLY Y 148 -17.16 16.28 -131.08
N LEU Y 149 -17.44 16.69 -129.84
CA LEU Y 149 -16.98 17.98 -129.35
C LEU Y 149 -15.58 17.91 -128.76
N GLY Y 150 -15.15 16.73 -128.30
CA GLY Y 150 -13.83 16.59 -127.71
C GLY Y 150 -12.69 16.68 -128.70
N SER Y 151 -12.96 16.39 -129.98
CA SER Y 151 -11.94 16.53 -131.01
C SER Y 151 -11.68 17.99 -131.38
N TYR Y 152 -12.60 18.90 -131.05
CA TYR Y 152 -12.41 20.30 -131.38
C TYR Y 152 -11.48 20.99 -130.39
N LEU Y 153 -11.60 20.68 -129.09
CA LEU Y 153 -10.78 21.32 -128.09
C LEU Y 153 -9.36 20.79 -128.06
N LEU Y 154 -9.10 19.64 -128.69
CA LEU Y 154 -7.73 19.16 -128.82
C LEU Y 154 -6.91 19.94 -129.84
N GLU Y 155 -7.57 20.74 -130.68
CA GLU Y 155 -6.91 21.54 -131.70
C GLU Y 155 -6.71 22.99 -131.28
N ARG Y 156 -7.76 23.64 -130.77
CA ARG Y 156 -7.68 25.06 -130.47
C ARG Y 156 -7.00 25.35 -129.13
N LEU Y 157 -6.88 24.37 -128.25
CA LEU Y 157 -6.11 24.54 -127.03
C LEU Y 157 -4.65 24.13 -127.21
N ASN Y 158 -4.26 23.66 -128.39
CA ASN Y 158 -2.87 23.30 -128.65
C ASN Y 158 -2.01 24.52 -128.94
N ASP Y 159 -2.60 25.56 -129.55
CA ASP Y 159 -1.86 26.78 -129.86
C ASP Y 159 -2.18 27.95 -128.95
N ARG Y 160 -3.41 28.02 -128.41
CA ARG Y 160 -3.73 29.07 -127.46
C ARG Y 160 -3.05 28.84 -126.11
N TYR Y 161 -2.79 27.58 -125.76
CA TYR Y 161 -2.06 27.22 -124.55
C TYR Y 161 -0.98 26.21 -124.96
N PRO Y 162 0.13 26.68 -125.54
CA PRO Y 162 1.10 25.75 -126.11
C PRO Y 162 2.06 25.16 -125.09
N LYS Y 163 2.31 25.86 -123.98
CA LYS Y 163 3.27 25.43 -122.99
C LYS Y 163 2.64 24.65 -121.83
N LYS Y 164 1.49 24.04 -122.06
CA LYS Y 164 0.78 23.30 -121.03
C LYS Y 164 0.75 21.81 -121.38
N LEU Y 165 0.78 20.99 -120.33
CA LEU Y 165 0.70 19.53 -120.49
C LEU Y 165 -0.70 19.13 -120.89
N VAL Y 166 -0.80 18.28 -121.91
CA VAL Y 166 -2.06 17.63 -122.23
C VAL Y 166 -1.89 16.12 -122.10
N GLN Y 167 -2.86 15.48 -121.44
CA GLN Y 167 -2.91 14.06 -121.14
C GLN Y 167 -4.31 13.71 -120.66
N THR Y 168 -4.93 12.67 -121.19
CA THR Y 168 -6.33 12.40 -120.91
C THR Y 168 -6.52 11.00 -120.33
N TYR Y 169 -7.54 10.88 -119.47
CA TYR Y 169 -8.05 9.59 -119.01
C TYR Y 169 -9.32 9.29 -119.80
N SER Y 170 -9.13 8.76 -121.01
CA SER Y 170 -10.22 8.50 -121.93
C SER Y 170 -10.63 7.03 -121.84
N VAL Y 171 -11.94 6.79 -121.89
CA VAL Y 171 -12.49 5.44 -121.83
C VAL Y 171 -12.78 4.94 -123.24
N PHE Y 172 -12.42 3.69 -123.50
CA PHE Y 172 -12.68 3.06 -124.79
C PHE Y 172 -14.09 2.48 -124.82
N PRO Y 173 -14.74 2.49 -125.99
CA PRO Y 173 -16.10 1.94 -126.08
C PRO Y 173 -16.11 0.41 -126.12
N ASN Y 174 -17.32 -0.14 -126.13
CA ASN Y 174 -17.53 -1.58 -126.06
C ASN Y 174 -17.77 -2.13 -127.45
N GLN Y 175 -17.14 -3.27 -127.76
CA GLN Y 175 -17.20 -3.90 -129.08
C GLN Y 175 -17.79 -5.30 -129.01
N ASP Y 176 -18.90 -5.48 -128.29
CA ASP Y 176 -19.48 -6.81 -128.15
C ASP Y 176 -20.49 -7.11 -129.26
N GLU Y 177 -21.56 -6.32 -129.37
CA GLU Y 177 -22.39 -6.32 -130.56
C GLU Y 177 -22.55 -4.90 -131.07
N MET Y 178 -23.09 -4.77 -132.28
CA MET Y 178 -23.16 -3.50 -133.00
C MET Y 178 -24.60 -3.22 -133.44
N SER Y 179 -25.56 -3.36 -132.51
CA SER Y 179 -26.98 -3.18 -132.82
C SER Y 179 -27.48 -1.81 -132.37
N HIS Y 180 -27.24 -1.43 -131.11
CA HIS Y 180 -27.73 -0.15 -130.62
C HIS Y 180 -26.96 1.00 -131.26
N VAL Y 181 -25.64 0.91 -131.28
CA VAL Y 181 -24.78 1.85 -132.00
C VAL Y 181 -24.12 1.09 -133.15
N VAL Y 182 -23.88 1.80 -134.25
CA VAL Y 182 -23.27 1.26 -135.47
C VAL Y 182 -22.26 2.30 -135.97
N VAL Y 183 -22.23 3.46 -135.33
CA VAL Y 183 -21.35 4.54 -135.78
C VAL Y 183 -20.04 4.47 -134.97
N GLN Y 184 -19.87 3.39 -134.22
CA GLN Y 184 -18.71 3.22 -133.35
C GLN Y 184 -17.34 3.17 -134.05
N PRO Y 185 -17.15 2.53 -135.23
CA PRO Y 185 -15.83 2.64 -135.88
C PRO Y 185 -15.53 4.02 -136.46
N TYR Y 186 -16.54 4.84 -136.71
CA TYR Y 186 -16.30 6.14 -137.34
C TYR Y 186 -15.86 7.20 -136.33
N ASN Y 187 -16.63 7.37 -135.26
CA ASN Y 187 -16.32 8.42 -134.29
C ASN Y 187 -15.12 8.09 -133.41
N SER Y 188 -14.73 6.82 -133.32
CA SER Y 188 -13.59 6.45 -132.49
C SER Y 188 -12.27 6.79 -133.18
N LEU Y 189 -12.13 6.43 -134.46
CA LEU Y 189 -10.89 6.67 -135.17
C LEU Y 189 -10.68 8.14 -135.50
N LEU Y 190 -11.74 8.93 -135.56
CA LEU Y 190 -11.60 10.37 -135.78
C LEU Y 190 -11.03 11.05 -134.55
N THR Y 191 -11.38 10.57 -133.36
CA THR Y 191 -10.80 11.11 -132.13
C THR Y 191 -9.43 10.51 -131.86
N LEU Y 192 -9.20 9.26 -132.30
CA LEU Y 192 -7.92 8.61 -132.06
C LEU Y 192 -6.79 9.24 -132.87
N LYS Y 193 -7.09 9.88 -134.00
CA LYS Y 193 -6.07 10.66 -134.70
C LYS Y 193 -5.71 11.91 -133.90
N ARG Y 194 -6.70 12.55 -133.29
CA ARG Y 194 -6.44 13.74 -132.49
C ARG Y 194 -5.74 13.41 -131.17
N LEU Y 195 -5.78 12.15 -130.74
CA LEU Y 195 -5.15 11.76 -129.48
C LEU Y 195 -3.65 11.51 -129.61
N THR Y 196 -3.11 11.44 -130.83
CA THR Y 196 -1.70 11.16 -131.05
C THR Y 196 -0.90 12.37 -131.51
N GLN Y 197 -1.40 13.14 -132.48
CA GLN Y 197 -0.69 14.30 -132.98
C GLN Y 197 -1.18 15.61 -132.35
N ASN Y 198 -2.46 15.72 -132.04
CA ASN Y 198 -2.99 16.88 -131.34
C ASN Y 198 -3.04 16.66 -129.84
N ALA Y 199 -2.51 15.54 -129.35
CA ALA Y 199 -2.45 15.28 -127.92
C ALA Y 199 -1.19 14.49 -127.62
N ASP Y 200 -0.59 14.77 -126.45
CA ASP Y 200 0.69 14.16 -126.09
C ASP Y 200 0.50 12.73 -125.58
N CYS Y 201 -0.33 12.55 -124.55
CA CYS Y 201 -0.47 11.27 -123.90
C CYS Y 201 -1.95 10.97 -123.68
N VAL Y 202 -2.26 9.66 -123.59
CA VAL Y 202 -3.59 9.20 -123.19
C VAL Y 202 -3.42 8.16 -122.10
N VAL Y 203 -4.52 7.85 -121.43
CA VAL Y 203 -4.61 6.73 -120.50
C VAL Y 203 -5.79 5.89 -120.97
N VAL Y 204 -5.50 4.72 -121.54
CA VAL Y 204 -6.54 3.91 -122.15
C VAL Y 204 -7.33 3.18 -121.07
N LEU Y 205 -8.64 3.00 -121.31
CA LEU Y 205 -9.55 2.33 -120.39
C LEU Y 205 -10.56 1.56 -121.24
N ASP Y 206 -10.33 0.26 -121.39
CA ASP Y 206 -11.16 -0.57 -122.25
C ASP Y 206 -12.48 -0.90 -121.58
N ASN Y 207 -13.51 -1.09 -122.40
CA ASN Y 207 -14.84 -1.46 -121.93
C ASN Y 207 -15.07 -2.96 -121.89
N THR Y 208 -14.50 -3.71 -122.84
CA THR Y 208 -14.60 -5.17 -122.80
C THR Y 208 -13.76 -5.77 -121.69
N ALA Y 209 -12.76 -5.05 -121.20
CA ALA Y 209 -11.97 -5.48 -120.05
C ALA Y 209 -12.59 -5.07 -118.72
N LEU Y 210 -13.65 -4.26 -118.74
CA LEU Y 210 -14.31 -3.87 -117.50
C LEU Y 210 -15.15 -5.02 -116.95
N ASN Y 211 -16.00 -5.61 -117.80
CA ASN Y 211 -16.81 -6.75 -117.40
C ASN Y 211 -15.99 -8.03 -117.24
N ARG Y 212 -14.75 -8.06 -117.70
CA ARG Y 212 -13.85 -9.15 -117.32
C ARG Y 212 -13.50 -9.07 -115.84
N ILE Y 213 -13.42 -7.85 -115.29
CA ILE Y 213 -13.09 -7.64 -113.89
C ILE Y 213 -14.39 -7.55 -113.08
N ALA Y 214 -15.46 -7.04 -113.72
CA ALA Y 214 -16.74 -6.85 -113.02
C ALA Y 214 -17.43 -8.18 -112.70
N THR Y 215 -17.06 -9.27 -113.35
CA THR Y 215 -17.50 -10.59 -112.96
C THR Y 215 -16.39 -11.44 -112.36
N ASP Y 216 -15.18 -10.89 -112.26
CA ASP Y 216 -14.04 -11.65 -111.71
C ASP Y 216 -14.19 -11.84 -110.20
N ARG Y 217 -14.22 -10.73 -109.47
CA ARG Y 217 -14.31 -10.77 -108.01
C ARG Y 217 -15.54 -10.02 -107.50
N LEU Y 218 -16.28 -9.34 -108.36
CA LEU Y 218 -17.35 -8.47 -107.92
C LEU Y 218 -18.71 -9.17 -107.88
N HIS Y 219 -18.85 -10.27 -108.64
CA HIS Y 219 -19.97 -11.22 -108.57
C HIS Y 219 -21.32 -10.55 -108.83
N ILE Y 220 -21.49 -10.08 -110.06
CA ILE Y 220 -22.77 -9.53 -110.53
C ILE Y 220 -23.32 -10.45 -111.61
N GLN Y 221 -24.64 -10.42 -111.76
CA GLN Y 221 -25.33 -11.22 -112.78
C GLN Y 221 -25.81 -10.39 -113.96
N ASN Y 222 -26.33 -9.18 -113.70
CA ASN Y 222 -26.78 -8.28 -114.76
C ASN Y 222 -25.85 -7.08 -114.78
N PRO Y 223 -25.02 -6.91 -115.81
CA PRO Y 223 -24.07 -5.78 -115.84
C PRO Y 223 -24.78 -4.46 -116.09
N SER Y 224 -24.70 -3.55 -115.13
CA SER Y 224 -25.29 -2.22 -115.22
C SER Y 224 -24.21 -1.17 -115.37
N PHE Y 225 -24.65 0.07 -115.62
CA PHE Y 225 -23.73 1.20 -115.75
C PHE Y 225 -23.31 1.76 -114.40
N SER Y 226 -23.93 1.31 -113.31
CA SER Y 226 -23.59 1.80 -111.99
C SER Y 226 -22.28 1.23 -111.44
N GLN Y 227 -21.68 0.25 -112.12
CA GLN Y 227 -20.40 -0.31 -111.74
C GLN Y 227 -19.23 0.29 -112.50
N ILE Y 228 -19.49 1.06 -113.57
CA ILE Y 228 -18.41 1.61 -114.38
C ILE Y 228 -17.69 2.76 -113.67
N ASN Y 229 -18.26 3.31 -112.60
CA ASN Y 229 -17.66 4.45 -111.91
C ASN Y 229 -16.81 4.01 -110.73
N GLN Y 230 -16.83 2.72 -110.39
CA GLN Y 230 -16.13 2.24 -109.20
C GLN Y 230 -14.68 1.86 -109.51
N LEU Y 231 -14.44 1.21 -110.65
CA LEU Y 231 -13.06 0.91 -111.04
C LEU Y 231 -12.33 2.16 -111.53
N VAL Y 232 -13.06 3.16 -112.01
CA VAL Y 232 -12.44 4.28 -112.69
C VAL Y 232 -12.04 5.38 -111.70
N SER Y 233 -12.90 5.66 -110.71
CA SER Y 233 -12.67 6.77 -109.80
C SER Y 233 -11.55 6.50 -108.79
N THR Y 234 -11.27 5.23 -108.49
CA THR Y 234 -10.18 4.93 -107.56
C THR Y 234 -8.83 5.11 -108.22
N ILE Y 235 -8.66 4.63 -109.45
CA ILE Y 235 -7.37 4.73 -110.12
C ILE Y 235 -7.09 6.15 -110.58
N MET Y 236 -8.11 6.99 -110.71
CA MET Y 236 -7.89 8.41 -110.97
C MET Y 236 -7.27 9.10 -109.77
N SER Y 237 -7.82 8.87 -108.58
CA SER Y 237 -7.23 9.40 -107.37
C SER Y 237 -5.96 8.67 -106.98
N ALA Y 238 -5.77 7.44 -107.47
CA ALA Y 238 -4.52 6.72 -107.24
C ALA Y 238 -3.38 7.31 -108.06
N SER Y 239 -3.68 7.86 -109.23
CA SER Y 239 -2.65 8.42 -110.09
C SER Y 239 -2.10 9.74 -109.59
N THR Y 240 -2.81 10.42 -108.70
CA THR Y 240 -2.39 11.71 -108.16
C THR Y 240 -1.97 11.62 -106.70
N THR Y 241 -1.62 10.42 -106.23
CA THR Y 241 -1.18 10.27 -104.84
C THR Y 241 0.18 10.89 -104.61
N THR Y 242 1.04 10.91 -105.62
CA THR Y 242 2.27 11.67 -105.51
C THR Y 242 2.02 13.16 -105.66
N LEU Y 243 0.91 13.53 -106.31
CA LEU Y 243 0.60 14.92 -106.59
C LEU Y 243 -0.29 15.55 -105.53
N ARG Y 244 -1.27 14.82 -105.02
CA ARG Y 244 -2.13 15.37 -103.96
C ARG Y 244 -1.48 15.24 -102.59
N TYR Y 245 -1.11 14.01 -102.21
CA TYR Y 245 -0.44 13.77 -100.96
C TYR Y 245 1.05 14.13 -101.10
N PRO Y 246 1.71 14.52 -99.99
CA PRO Y 246 3.11 14.97 -100.10
C PRO Y 246 4.10 13.87 -100.46
N GLY Y 247 4.58 13.93 -101.71
CA GLY Y 247 5.66 13.08 -102.17
C GLY Y 247 6.87 13.91 -102.53
N TYR Y 248 7.91 13.22 -102.98
CA TYR Y 248 9.17 13.88 -103.30
C TYR Y 248 9.50 13.83 -104.79
N MET Y 249 9.56 12.64 -105.37
CA MET Y 249 9.95 12.48 -106.77
C MET Y 249 8.77 12.13 -107.63
N ASN Y 250 8.69 12.78 -108.80
CA ASN Y 250 7.55 12.73 -109.72
C ASN Y 250 6.25 13.09 -109.00
N ASN Y 251 6.32 14.14 -108.19
CA ASN Y 251 5.17 14.67 -107.48
C ASN Y 251 4.32 15.63 -108.33
N ASP Y 252 4.62 15.76 -109.61
CA ASP Y 252 3.83 16.53 -110.55
C ASP Y 252 3.34 15.63 -111.68
N LEU Y 253 2.35 16.12 -112.43
CA LEU Y 253 1.79 15.31 -113.52
C LEU Y 253 2.73 15.31 -114.71
N ILE Y 254 3.52 16.38 -114.86
CA ILE Y 254 4.65 16.37 -115.79
C ILE Y 254 5.88 15.65 -115.24
N GLY Y 255 5.81 15.11 -114.03
CA GLY Y 255 6.87 14.23 -113.56
C GLY Y 255 6.65 12.78 -113.94
N LEU Y 256 5.41 12.31 -113.80
CA LEU Y 256 5.12 10.90 -114.03
C LEU Y 256 5.13 10.55 -115.51
N ILE Y 257 4.51 11.41 -116.33
CA ILE Y 257 4.36 11.14 -117.76
C ILE Y 257 5.69 11.30 -118.50
N ALA Y 258 6.60 12.11 -117.96
CA ALA Y 258 7.90 12.31 -118.59
C ALA Y 258 8.77 11.07 -118.51
N SER Y 259 8.62 10.25 -117.47
CA SER Y 259 9.50 9.09 -117.26
C SER Y 259 8.94 7.81 -117.86
N LEU Y 260 7.88 7.89 -118.65
CA LEU Y 260 7.27 6.70 -119.24
C LEU Y 260 7.10 6.75 -120.75
N ILE Y 261 6.96 7.94 -121.35
CA ILE Y 261 6.73 8.07 -122.78
C ILE Y 261 8.06 7.86 -123.50
N PRO Y 262 8.17 6.89 -124.41
CA PRO Y 262 9.40 6.74 -125.20
C PRO Y 262 9.51 7.81 -126.27
N THR Y 263 8.40 8.08 -126.96
CA THR Y 263 8.37 8.94 -128.12
C THR Y 263 6.93 9.40 -128.34
N PRO Y 264 6.72 10.51 -129.04
CA PRO Y 264 5.36 10.88 -129.44
C PRO Y 264 4.74 9.82 -130.36
N ARG Y 265 3.40 9.76 -130.32
CA ARG Y 265 2.48 8.76 -130.90
C ARG Y 265 2.69 7.35 -130.32
N LEU Y 266 3.54 7.20 -129.29
CA LEU Y 266 3.63 5.98 -128.49
C LEU Y 266 3.44 6.43 -127.04
N HIS Y 267 2.19 6.48 -126.60
CA HIS Y 267 1.88 6.98 -125.26
C HIS Y 267 0.77 6.19 -124.59
N PHE Y 268 0.31 5.09 -125.17
CA PHE Y 268 -0.83 4.35 -124.66
C PHE Y 268 -0.36 3.48 -123.49
N LEU Y 269 -0.78 3.85 -122.29
CA LEU Y 269 -0.27 3.25 -121.06
C LEU Y 269 -1.26 2.21 -120.52
N MET Y 270 -0.74 1.01 -120.22
CA MET Y 270 -1.55 -0.04 -119.64
C MET Y 270 -1.68 0.16 -118.14
N THR Y 271 -2.89 -0.03 -117.62
CA THR Y 271 -3.21 0.26 -116.22
C THR Y 271 -3.52 -1.05 -115.49
N GLY Y 272 -3.12 -1.12 -114.23
CA GLY Y 272 -3.43 -2.28 -113.41
C GLY Y 272 -3.66 -1.88 -111.96
N TYR Y 273 -4.60 -2.57 -111.32
CA TYR Y 273 -4.99 -2.25 -109.95
C TYR Y 273 -5.62 -3.49 -109.33
N THR Y 274 -4.91 -4.12 -108.40
CA THR Y 274 -5.41 -5.36 -107.77
C THR Y 274 -6.49 -5.18 -106.70
N PRO Y 275 -6.29 -4.42 -105.57
CA PRO Y 275 -7.16 -4.66 -104.41
C PRO Y 275 -8.54 -4.01 -104.53
N LEU Y 276 -9.57 -4.84 -104.74
CA LEU Y 276 -10.94 -4.36 -104.87
C LEU Y 276 -11.92 -5.13 -104.03
N THR Y 277 -11.46 -5.92 -103.07
CA THR Y 277 -12.33 -6.81 -102.30
C THR Y 277 -12.29 -6.44 -100.83
N THR Y 278 -13.48 -6.35 -100.23
CA THR Y 278 -13.63 -5.89 -98.85
C THR Y 278 -13.44 -6.97 -97.80
N ASP Y 279 -13.50 -8.25 -98.17
CA ASP Y 279 -13.25 -9.31 -97.19
C ASP Y 279 -11.78 -9.69 -97.10
N GLN Y 280 -10.91 -9.03 -97.84
CA GLN Y 280 -9.46 -9.14 -97.60
C GLN Y 280 -9.05 -8.43 -96.30
N SER Y 281 -9.93 -7.56 -95.77
CA SER Y 281 -9.59 -6.70 -94.64
C SER Y 281 -9.35 -7.48 -93.36
N VAL Y 282 -9.97 -8.65 -93.22
CA VAL Y 282 -9.86 -9.40 -91.96
C VAL Y 282 -8.55 -10.16 -91.81
N ALA Y 283 -7.72 -10.20 -92.85
CA ALA Y 283 -6.45 -10.92 -92.78
C ALA Y 283 -5.25 -10.04 -93.10
N SER Y 284 -5.46 -8.72 -93.24
CA SER Y 284 -4.37 -7.77 -93.40
C SER Y 284 -3.83 -7.27 -92.06
N VAL Y 285 -4.33 -7.83 -90.95
CA VAL Y 285 -3.86 -7.44 -89.62
C VAL Y 285 -2.56 -8.10 -89.22
N ARG Y 286 -2.10 -9.10 -89.99
CA ARG Y 286 -0.96 -9.91 -89.62
C ARG Y 286 0.33 -9.48 -90.33
N LYS Y 287 0.43 -8.21 -90.71
CA LYS Y 287 1.55 -7.63 -91.47
C LYS Y 287 1.68 -8.35 -92.82
N THR Y 288 0.68 -8.08 -93.67
CA THR Y 288 0.80 -8.40 -95.08
C THR Y 288 1.83 -7.47 -95.72
N THR Y 289 2.83 -8.04 -96.37
CA THR Y 289 4.02 -7.32 -96.76
C THR Y 289 3.90 -6.74 -98.17
N VAL Y 290 4.97 -6.09 -98.61
CA VAL Y 290 5.08 -5.52 -99.95
C VAL Y 290 5.77 -6.48 -100.92
N LEU Y 291 6.22 -7.63 -100.43
CA LEU Y 291 6.99 -8.55 -101.26
C LEU Y 291 6.10 -9.39 -102.17
N ASP Y 292 4.79 -9.41 -101.92
CA ASP Y 292 3.87 -10.22 -102.70
C ASP Y 292 2.91 -9.40 -103.57
N VAL Y 293 2.92 -8.08 -103.45
CA VAL Y 293 1.91 -7.28 -104.13
C VAL Y 293 2.35 -6.90 -105.55
N MET Y 294 3.64 -6.88 -105.83
CA MET Y 294 4.12 -6.53 -107.16
C MET Y 294 4.53 -7.75 -107.98
N ARG Y 295 4.40 -8.95 -107.43
CA ARG Y 295 4.60 -10.15 -108.24
C ARG Y 295 3.41 -10.41 -109.15
N ARG Y 296 2.24 -9.87 -108.82
CA ARG Y 296 1.02 -10.07 -109.59
C ARG Y 296 0.68 -8.88 -110.48
N LEU Y 297 1.47 -7.80 -110.44
CA LEU Y 297 1.20 -6.66 -111.32
C LEU Y 297 1.62 -6.97 -112.75
N LEU Y 298 2.86 -7.44 -112.93
CA LEU Y 298 3.33 -7.86 -114.25
C LEU Y 298 2.64 -9.13 -114.73
N GLN Y 299 2.07 -9.92 -113.83
CA GLN Y 299 1.28 -11.06 -114.25
C GLN Y 299 -0.06 -10.55 -114.80
N PRO Y 300 -0.41 -10.92 -116.04
CA PRO Y 300 -1.62 -10.34 -116.71
C PRO Y 300 -2.94 -10.80 -116.10
N LYS Y 301 -3.27 -10.24 -114.96
CA LYS Y 301 -4.51 -10.52 -114.25
C LYS Y 301 -5.30 -9.27 -113.93
N ASN Y 302 -4.64 -8.18 -113.57
CA ASN Y 302 -5.28 -6.92 -113.23
C ASN Y 302 -5.37 -5.95 -114.40
N VAL Y 303 -5.05 -6.39 -115.62
CA VAL Y 303 -4.94 -5.47 -116.73
C VAL Y 303 -6.32 -5.03 -117.21
N MET Y 304 -6.38 -3.80 -117.72
CA MET Y 304 -7.60 -3.24 -118.27
C MET Y 304 -7.50 -3.02 -119.77
N VAL Y 305 -6.74 -3.88 -120.45
CA VAL Y 305 -6.48 -3.76 -121.88
C VAL Y 305 -6.67 -5.14 -122.50
N SER Y 306 -7.56 -5.23 -123.49
CA SER Y 306 -7.78 -6.47 -124.22
C SER Y 306 -6.63 -6.67 -125.21
N THR Y 307 -5.74 -7.62 -124.90
CA THR Y 307 -4.58 -7.87 -125.74
C THR Y 307 -4.39 -9.37 -125.88
N GLY Y 308 -3.51 -9.74 -126.81
CA GLY Y 308 -3.26 -11.15 -127.06
C GLY Y 308 -2.38 -11.76 -125.98
N ARG Y 309 -2.64 -13.03 -125.67
CA ARG Y 309 -1.89 -13.75 -124.66
C ARG Y 309 -0.62 -14.38 -125.20
N ASP Y 310 -0.58 -14.70 -126.50
CA ASP Y 310 0.59 -15.31 -127.11
C ASP Y 310 1.42 -14.31 -127.92
N ARG Y 311 1.17 -13.01 -127.77
CA ARG Y 311 1.88 -11.98 -128.50
C ARG Y 311 2.87 -11.21 -127.63
N GLN Y 312 3.17 -11.72 -126.44
CA GLN Y 312 4.07 -11.04 -125.51
C GLN Y 312 5.51 -11.50 -125.60
N THR Y 313 5.80 -12.51 -126.42
CA THR Y 313 7.17 -13.00 -126.58
C THR Y 313 7.98 -12.16 -127.55
N ASN Y 314 7.36 -11.62 -128.59
CA ASN Y 314 8.02 -10.74 -129.54
C ASN Y 314 7.83 -9.27 -129.22
N HIS Y 315 7.11 -8.95 -128.14
CA HIS Y 315 6.94 -7.59 -127.68
C HIS Y 315 7.73 -7.41 -126.38
N CYS Y 316 8.13 -6.17 -126.11
CA CYS Y 316 9.04 -5.89 -125.01
C CYS Y 316 8.54 -4.68 -124.23
N TYR Y 317 8.58 -4.79 -122.91
CA TYR Y 317 8.29 -3.64 -122.05
C TYR Y 317 9.44 -2.65 -122.12
N ILE Y 318 9.12 -1.36 -122.02
CA ILE Y 318 10.13 -0.32 -122.05
C ILE Y 318 10.07 0.47 -120.76
N ALA Y 319 8.86 0.75 -120.28
CA ALA Y 319 8.67 1.53 -119.06
C ALA Y 319 7.53 0.91 -118.28
N ILE Y 320 7.77 0.64 -116.99
CA ILE Y 320 6.76 0.05 -116.12
C ILE Y 320 6.79 0.79 -114.78
N LEU Y 321 5.62 1.24 -114.34
CA LEU Y 321 5.46 1.96 -113.09
C LEU Y 321 4.71 1.08 -112.10
N ASN Y 322 5.17 1.06 -110.85
CA ASN Y 322 4.58 0.23 -109.79
C ASN Y 322 4.43 1.11 -108.56
N ILE Y 323 3.23 1.63 -108.34
CA ILE Y 323 2.97 2.61 -107.30
C ILE Y 323 2.35 1.90 -106.09
N ILE Y 324 3.06 1.93 -104.97
CA ILE Y 324 2.53 1.48 -103.69
C ILE Y 324 2.09 2.70 -102.88
N GLN Y 325 1.04 2.52 -102.07
CA GLN Y 325 0.38 3.60 -101.36
C GLN Y 325 0.19 3.21 -99.90
N GLY Y 326 0.20 4.22 -99.03
CA GLY Y 326 -0.14 4.00 -97.63
C GLY Y 326 0.97 3.31 -96.89
N GLU Y 327 0.62 2.25 -96.15
CA GLU Y 327 1.62 1.46 -95.44
C GLU Y 327 2.44 0.65 -96.43
N VAL Y 328 3.75 0.89 -96.45
CA VAL Y 328 4.60 0.32 -97.47
C VAL Y 328 5.58 -0.66 -96.82
N ASP Y 329 5.97 -0.35 -95.57
CA ASP Y 329 7.11 -0.92 -94.86
C ASP Y 329 8.36 -0.76 -95.72
N PRO Y 330 8.91 0.45 -95.82
CA PRO Y 330 9.93 0.74 -96.82
C PRO Y 330 11.30 0.11 -96.57
N THR Y 331 11.48 -0.67 -95.51
CA THR Y 331 12.73 -1.41 -95.36
C THR Y 331 12.79 -2.65 -96.25
N GLN Y 332 11.69 -3.02 -96.88
CA GLN Y 332 11.64 -4.15 -97.82
C GLN Y 332 11.13 -3.74 -99.20
N VAL Y 333 11.09 -2.44 -99.51
CA VAL Y 333 10.65 -2.04 -100.85
C VAL Y 333 11.79 -2.21 -101.85
N HIS Y 334 13.05 -2.07 -101.41
CA HIS Y 334 14.17 -2.46 -102.25
C HIS Y 334 14.28 -3.98 -102.35
N LYS Y 335 13.71 -4.70 -101.38
CA LYS Y 335 13.69 -6.16 -101.42
C LYS Y 335 12.69 -6.67 -102.45
N SER Y 336 11.60 -5.91 -102.67
CA SER Y 336 10.63 -6.27 -103.70
C SER Y 336 11.21 -6.05 -105.09
N LEU Y 337 12.01 -5.01 -105.27
CA LEU Y 337 12.65 -4.73 -106.54
C LEU Y 337 13.86 -5.63 -106.78
N GLN Y 338 14.34 -6.31 -105.73
CA GLN Y 338 15.40 -7.29 -105.88
C GLN Y 338 14.94 -8.50 -106.69
N ARG Y 339 13.70 -8.92 -106.50
CA ARG Y 339 13.17 -10.14 -107.10
C ARG Y 339 12.69 -9.94 -108.53
N ILE Y 340 12.86 -8.74 -109.10
CA ILE Y 340 12.34 -8.47 -110.43
C ILE Y 340 13.25 -9.04 -111.50
N ARG Y 341 14.58 -8.92 -111.31
CA ARG Y 341 15.53 -9.36 -112.33
C ARG Y 341 15.62 -10.88 -112.44
N GLU Y 342 15.19 -11.61 -111.41
CA GLU Y 342 15.36 -13.06 -111.43
C GLU Y 342 14.30 -13.75 -112.26
N ARG Y 343 13.09 -13.19 -112.29
CA ARG Y 343 12.01 -13.80 -113.07
C ARG Y 343 12.05 -13.35 -114.52
N LYS Y 344 12.40 -12.08 -114.76
CA LYS Y 344 12.29 -11.39 -116.05
C LYS Y 344 10.89 -11.53 -116.62
N LEU Y 345 9.89 -11.18 -115.82
CA LEU Y 345 8.51 -11.20 -116.27
C LEU Y 345 8.22 -10.11 -117.29
N ALA Y 346 9.00 -9.04 -117.28
CA ALA Y 346 8.95 -8.01 -118.32
C ALA Y 346 10.02 -8.31 -119.36
N ASN Y 347 9.61 -8.46 -120.61
CA ASN Y 347 10.57 -8.55 -121.69
C ASN Y 347 11.20 -7.18 -121.92
N PHE Y 348 12.52 -7.13 -121.96
CA PHE Y 348 13.25 -5.88 -122.06
C PHE Y 348 13.63 -5.61 -123.51
N ILE Y 349 13.70 -4.34 -123.86
CA ILE Y 349 14.03 -3.94 -125.24
C ILE Y 349 15.50 -4.25 -125.51
N PRO Y 350 15.84 -4.86 -126.65
CA PRO Y 350 17.24 -5.22 -126.89
C PRO Y 350 18.11 -4.06 -127.35
N TRP Y 351 17.53 -2.92 -127.70
CA TRP Y 351 18.32 -1.78 -128.16
C TRP Y 351 18.73 -0.84 -127.04
N GLY Y 352 17.93 -0.75 -125.98
CA GLY Y 352 18.21 0.17 -124.90
C GLY Y 352 17.82 -0.35 -123.54
N PRO Y 353 18.09 0.43 -122.50
CA PRO Y 353 17.73 0.02 -121.14
C PRO Y 353 16.24 0.14 -120.87
N ALA Y 354 15.79 -0.56 -119.84
CA ALA Y 354 14.44 -0.50 -119.32
C ALA Y 354 14.46 0.10 -117.92
N SER Y 355 13.29 0.21 -117.29
CA SER Y 355 13.19 0.83 -115.98
C SER Y 355 11.94 0.34 -115.24
N ILE Y 356 12.14 -0.15 -114.02
CA ILE Y 356 11.04 -0.49 -113.13
C ILE Y 356 11.04 0.55 -112.00
N GLN Y 357 10.19 1.56 -112.12
CA GLN Y 357 10.13 2.66 -111.17
C GLN Y 357 9.07 2.37 -110.11
N VAL Y 358 9.46 2.45 -108.84
CA VAL Y 358 8.56 2.24 -107.71
C VAL Y 358 8.56 3.53 -106.88
N ALA Y 359 7.39 3.93 -106.39
CA ALA Y 359 7.27 5.13 -105.59
C ALA Y 359 6.19 4.93 -104.53
N LEU Y 360 6.22 5.77 -103.49
CA LEU Y 360 5.29 5.63 -102.38
C LEU Y 360 4.84 7.01 -101.89
N SER Y 361 3.66 7.03 -101.28
CA SER Y 361 3.11 8.21 -100.64
C SER Y 361 2.10 7.76 -99.60
N ARG Y 362 2.02 8.50 -98.50
CA ARG Y 362 1.10 8.15 -97.44
C ARG Y 362 -0.34 8.47 -97.84
N LYS Y 363 -1.26 7.59 -97.46
CA LYS Y 363 -2.65 7.70 -97.88
C LYS Y 363 -3.43 8.56 -96.90
N SER Y 364 -4.75 8.53 -97.03
CA SER Y 364 -5.62 9.31 -96.18
C SER Y 364 -5.65 8.75 -94.76
N PRO Y 365 -5.82 9.60 -93.75
CA PRO Y 365 -6.03 9.09 -92.37
C PRO Y 365 -7.41 8.46 -92.22
N TYR Y 366 -7.54 7.23 -92.70
CA TYR Y 366 -8.80 6.52 -92.72
C TYR Y 366 -8.50 5.03 -92.52
N LEU Y 367 -9.46 4.33 -91.92
CA LEU Y 367 -9.23 2.93 -91.56
C LEU Y 367 -9.18 1.96 -92.74
N PRO Y 368 -10.02 2.04 -93.78
CA PRO Y 368 -9.75 1.19 -94.96
C PRO Y 368 -8.57 1.64 -95.81
N SER Y 369 -7.95 2.78 -95.52
CA SER Y 369 -6.82 3.27 -96.30
C SER Y 369 -5.47 3.09 -95.62
N ALA Y 370 -5.42 3.19 -94.29
CA ALA Y 370 -4.18 3.03 -93.55
C ALA Y 370 -3.97 1.59 -93.06
N HIS Y 371 -4.66 0.63 -93.67
CA HIS Y 371 -4.52 -0.78 -93.29
C HIS Y 371 -4.23 -1.71 -94.45
N ARG Y 372 -4.71 -1.46 -95.65
CA ARG Y 372 -4.65 -2.43 -96.74
C ARG Y 372 -3.72 -1.91 -97.83
N VAL Y 373 -2.85 -2.78 -98.32
CA VAL Y 373 -1.86 -2.38 -99.31
C VAL Y 373 -2.53 -2.17 -100.66
N SER Y 374 -2.08 -1.16 -101.39
CA SER Y 374 -2.66 -0.82 -102.67
C SER Y 374 -1.56 -0.72 -103.71
N GLY Y 375 -1.81 -1.30 -104.88
CA GLY Y 375 -0.84 -1.27 -105.96
C GLY Y 375 -1.41 -0.74 -107.26
N LEU Y 376 -0.88 0.39 -107.72
CA LEU Y 376 -1.30 1.01 -108.97
C LEU Y 376 -0.22 0.81 -110.02
N MET Y 377 -0.61 0.28 -111.17
CA MET Y 377 0.31 -0.01 -112.25
C MET Y 377 0.08 0.95 -113.41
N MET Y 378 1.16 1.48 -113.96
CA MET Y 378 1.13 2.28 -115.20
C MET Y 378 2.18 1.69 -116.14
N ALA Y 379 1.79 0.67 -116.89
CA ALA Y 379 2.70 -0.05 -117.75
C ALA Y 379 2.81 0.64 -119.11
N ASN Y 380 3.76 0.17 -119.93
CA ASN Y 380 3.88 0.61 -121.31
C ASN Y 380 4.47 -0.57 -122.09
N HIS Y 381 3.60 -1.36 -122.71
CA HIS Y 381 4.02 -2.55 -123.45
C HIS Y 381 3.61 -2.40 -124.91
N THR Y 382 4.42 -2.96 -125.79
CA THR Y 382 4.27 -2.78 -127.23
C THR Y 382 3.31 -3.78 -127.86
N ASN Y 383 2.48 -4.46 -127.07
CA ASN Y 383 1.40 -5.29 -127.58
C ASN Y 383 0.09 -4.50 -127.73
N ILE Y 384 0.15 -3.17 -127.59
CA ILE Y 384 -1.04 -2.33 -127.68
C ILE Y 384 -1.53 -2.15 -129.11
N SER Y 385 -0.77 -2.60 -130.11
CA SER Y 385 -1.22 -2.57 -131.49
C SER Y 385 -2.29 -3.60 -131.78
N SER Y 386 -2.51 -4.56 -130.87
CA SER Y 386 -3.58 -5.54 -131.06
C SER Y 386 -4.95 -4.87 -130.96
N LEU Y 387 -5.09 -3.85 -130.11
CA LEU Y 387 -6.30 -3.05 -130.11
C LEU Y 387 -6.38 -2.20 -131.36
N PHE Y 388 -5.24 -1.71 -131.85
CA PHE Y 388 -5.23 -0.93 -133.08
C PHE Y 388 -5.43 -1.80 -134.31
N GLU Y 389 -5.04 -3.07 -134.23
CA GLU Y 389 -5.40 -4.01 -135.28
C GLU Y 389 -6.86 -4.43 -135.17
N ARG Y 390 -7.43 -4.41 -133.97
CA ARG Y 390 -8.84 -4.74 -133.79
C ARG Y 390 -9.73 -3.63 -134.31
N THR Y 391 -9.35 -2.37 -134.06
CA THR Y 391 -10.17 -1.26 -134.50
C THR Y 391 -10.04 -1.02 -136.00
N CYS Y 392 -8.87 -1.27 -136.58
CA CYS Y 392 -8.68 -1.04 -138.01
C CYS Y 392 -9.34 -2.13 -138.85
N ARG Y 393 -9.34 -3.38 -138.36
CA ARG Y 393 -10.00 -4.46 -139.08
C ARG Y 393 -11.52 -4.32 -139.03
N GLN Y 394 -12.04 -3.67 -137.99
CA GLN Y 394 -13.45 -3.34 -137.92
C GLN Y 394 -13.78 -2.04 -138.64
N TYR Y 395 -12.78 -1.34 -139.15
CA TYR Y 395 -12.96 -0.07 -139.84
C TYR Y 395 -13.02 -0.24 -141.35
N ASP Y 396 -12.07 -0.99 -141.93
CA ASP Y 396 -12.08 -1.23 -143.37
C ASP Y 396 -13.12 -2.26 -143.79
N LYS Y 397 -13.55 -3.13 -142.87
CA LYS Y 397 -14.63 -4.06 -143.19
C LYS Y 397 -15.98 -3.34 -143.29
N LEU Y 398 -16.13 -2.25 -142.55
CA LEU Y 398 -17.40 -1.52 -142.56
C LEU Y 398 -17.53 -0.63 -143.79
N ARG Y 399 -16.41 -0.16 -144.35
CA ARG Y 399 -16.47 0.69 -145.53
C ARG Y 399 -16.72 -0.09 -146.80
N LYS Y 400 -16.52 -1.41 -146.81
CA LYS Y 400 -16.87 -2.24 -147.96
C LYS Y 400 -18.31 -2.70 -147.93
N ARG Y 401 -19.01 -2.51 -146.82
CA ARG Y 401 -20.43 -2.87 -146.71
C ARG Y 401 -21.34 -1.69 -147.04
N GLU Y 402 -20.77 -0.58 -147.51
CA GLU Y 402 -21.49 0.66 -147.83
C GLU Y 402 -22.29 1.18 -146.64
N ALA Y 403 -21.64 1.24 -145.49
CA ALA Y 403 -22.27 1.63 -144.24
C ALA Y 403 -21.82 3.03 -143.85
N PHE Y 404 -22.79 3.95 -143.76
CA PHE Y 404 -22.60 5.35 -143.33
C PHE Y 404 -21.59 6.09 -144.21
N LEU Y 405 -21.72 5.90 -145.51
CA LEU Y 405 -21.03 6.74 -146.49
C LEU Y 405 -21.93 7.77 -147.14
N GLU Y 406 -23.24 7.51 -147.16
CA GLU Y 406 -24.22 8.46 -147.66
C GLU Y 406 -24.94 9.17 -146.51
N GLN Y 407 -24.97 8.53 -145.33
CA GLN Y 407 -25.67 9.05 -144.17
C GLN Y 407 -24.78 9.94 -143.29
N PHE Y 408 -23.52 10.14 -143.67
CA PHE Y 408 -22.56 10.84 -142.84
C PHE Y 408 -21.92 12.04 -143.50
N ARG Y 409 -22.01 12.16 -144.83
CA ARG Y 409 -21.30 13.21 -145.57
C ARG Y 409 -22.23 14.32 -146.04
N LYS Y 410 -23.44 14.41 -145.48
CA LYS Y 410 -24.34 15.49 -145.86
C LYS Y 410 -23.96 16.78 -145.16
N GLU Y 411 -23.57 16.70 -143.89
CA GLU Y 411 -23.17 17.86 -143.10
C GLU Y 411 -21.65 17.91 -142.98
N ASP Y 412 -21.09 19.09 -143.30
CA ASP Y 412 -19.71 19.56 -143.05
C ASP Y 412 -18.60 18.54 -143.41
N ILE Y 413 -18.86 17.61 -144.32
CA ILE Y 413 -17.86 16.69 -144.83
C ILE Y 413 -18.02 16.64 -146.35
N PHE Y 414 -17.00 17.14 -147.06
CA PHE Y 414 -17.03 17.18 -148.51
C PHE Y 414 -15.99 16.28 -149.18
N LYS Y 415 -14.89 15.96 -148.50
CA LYS Y 415 -13.87 15.09 -149.04
C LYS Y 415 -13.71 13.86 -148.18
N ASP Y 416 -13.09 12.82 -148.73
CA ASP Y 416 -12.91 11.54 -148.05
C ASP Y 416 -11.71 11.63 -147.13
N ASN Y 417 -11.97 11.83 -145.84
CA ASN Y 417 -10.92 11.86 -144.82
C ASN Y 417 -10.79 10.53 -144.08
N PHE Y 418 -11.23 9.44 -144.69
CA PHE Y 418 -11.23 8.12 -144.07
C PHE Y 418 -9.85 7.47 -144.13
N ASP Y 419 -9.16 7.57 -145.26
CA ASP Y 419 -7.80 7.08 -145.36
C ASP Y 419 -6.79 8.01 -144.72
N GLU Y 420 -7.20 9.24 -144.36
CA GLU Y 420 -6.33 10.09 -143.55
C GLU Y 420 -6.19 9.54 -142.14
N LEU Y 421 -7.20 8.84 -141.64
CA LEU Y 421 -7.13 8.18 -140.36
C LEU Y 421 -6.52 6.79 -140.45
N ASP Y 422 -6.56 6.16 -141.62
CA ASP Y 422 -6.10 4.78 -141.75
C ASP Y 422 -4.58 4.71 -141.84
N ASN Y 423 -3.96 5.63 -142.58
CA ASN Y 423 -2.51 5.59 -142.75
C ASN Y 423 -1.82 6.04 -141.46
N SER Y 424 -2.38 7.06 -140.80
CA SER Y 424 -1.81 7.55 -139.53
C SER Y 424 -1.95 6.52 -138.41
N ARG Y 425 -2.97 5.67 -138.48
CA ARG Y 425 -3.07 4.57 -137.52
C ARG Y 425 -2.04 3.49 -137.82
N GLU Y 426 -1.79 3.23 -139.11
CA GLU Y 426 -0.76 2.25 -139.48
C GLU Y 426 0.64 2.80 -139.26
N ILE Y 427 0.79 4.13 -139.23
CA ILE Y 427 2.07 4.73 -138.87
C ILE Y 427 2.40 4.45 -137.41
N VAL Y 428 1.39 4.48 -136.55
CA VAL Y 428 1.56 4.11 -135.15
C VAL Y 428 1.88 2.61 -135.02
N GLN Y 429 1.17 1.77 -135.77
CA GLN Y 429 1.36 0.33 -135.69
C GLN Y 429 2.70 -0.13 -136.26
N GLN Y 430 3.25 0.59 -137.22
CA GLN Y 430 4.55 0.21 -137.79
C GLN Y 430 5.72 0.74 -136.97
N LEU Y 431 5.60 1.94 -136.39
CA LEU Y 431 6.68 2.48 -135.58
C LEU Y 431 6.78 1.81 -134.22
N ILE Y 432 5.74 1.09 -133.78
CA ILE Y 432 5.82 0.36 -132.53
C ILE Y 432 6.70 -0.88 -132.70
N ASP Y 433 6.48 -1.63 -133.78
CA ASP Y 433 7.29 -2.83 -134.02
C ASP Y 433 8.70 -2.49 -134.46
N GLU Y 434 8.88 -1.33 -135.10
CA GLU Y 434 10.20 -0.86 -135.50
C GLU Y 434 11.00 -0.37 -134.30
N TYR Y 435 10.33 -0.02 -133.19
CA TYR Y 435 10.99 0.63 -132.07
C TYR Y 435 11.94 -0.31 -131.32
N HIS Y 436 11.77 -1.62 -131.46
CA HIS Y 436 12.71 -2.59 -130.90
C HIS Y 436 13.52 -3.16 -132.07
N ALA Y 437 14.72 -2.62 -132.26
CA ALA Y 437 15.58 -3.04 -133.36
C ALA Y 437 16.48 -4.20 -132.93
N PRO Z 2 -11.33 73.67 -86.55
CA PRO Z 2 -10.20 72.80 -86.87
C PRO Z 2 -10.40 72.02 -88.16
N ARG Z 3 -11.16 70.93 -88.11
CA ARG Z 3 -11.39 70.07 -89.27
C ARG Z 3 -12.89 69.85 -89.45
N GLU Z 4 -13.66 70.93 -89.36
CA GLU Z 4 -15.11 70.83 -89.38
C GLU Z 4 -15.64 70.74 -90.81
N ILE Z 5 -16.45 69.72 -91.06
CA ILE Z 5 -17.06 69.50 -92.37
C ILE Z 5 -18.56 69.70 -92.24
N ILE Z 6 -19.14 70.42 -93.20
CA ILE Z 6 -20.57 70.64 -93.27
C ILE Z 6 -21.14 69.70 -94.33
N THR Z 7 -22.01 68.78 -93.91
CA THR Z 7 -22.66 67.85 -94.82
C THR Z 7 -23.87 68.53 -95.45
N LEU Z 8 -24.04 68.33 -96.75
CA LEU Z 8 -25.15 68.94 -97.49
C LEU Z 8 -26.11 67.84 -97.94
N GLN Z 9 -26.96 67.44 -96.99
CA GLN Z 9 -27.98 66.43 -97.28
C GLN Z 9 -29.13 67.05 -98.06
N LEU Z 10 -29.41 66.47 -99.22
CA LEU Z 10 -30.30 67.09 -100.20
C LEU Z 10 -30.99 66.00 -101.02
N GLY Z 11 -32.29 66.17 -101.22
CA GLY Z 11 -33.06 65.28 -102.08
C GLY Z 11 -33.87 64.26 -101.32
N GLN Z 12 -34.62 63.47 -102.07
CA GLN Z 12 -35.49 62.45 -101.48
C GLN Z 12 -34.68 61.28 -100.94
N CYS Z 13 -33.61 60.90 -101.64
CA CYS Z 13 -32.78 59.79 -101.18
C CYS Z 13 -31.60 60.25 -100.35
N GLY Z 14 -31.11 61.47 -100.58
CA GLY Z 14 -29.98 61.98 -99.83
C GLY Z 14 -30.29 62.31 -98.39
N ASN Z 15 -31.56 62.59 -98.07
CA ASN Z 15 -31.93 62.88 -96.70
C ASN Z 15 -32.07 61.61 -95.86
N GLN Z 16 -32.50 60.51 -96.47
CA GLN Z 16 -32.67 59.27 -95.73
C GLN Z 16 -31.35 58.55 -95.49
N ILE Z 17 -30.41 58.65 -96.43
CA ILE Z 17 -29.10 58.03 -96.22
C ILE Z 17 -28.25 58.83 -95.25
N GLY Z 18 -28.59 60.09 -94.99
CA GLY Z 18 -27.87 60.89 -94.03
C GLY Z 18 -28.56 60.89 -92.68
N PHE Z 19 -29.81 60.43 -92.64
CA PHE Z 19 -30.54 60.36 -91.39
C PHE Z 19 -30.00 59.25 -90.50
N GLU Z 20 -29.79 58.06 -91.06
CA GLU Z 20 -29.18 56.97 -90.32
C GLU Z 20 -27.66 57.09 -90.27
N PHE Z 21 -27.06 58.00 -91.04
CA PHE Z 21 -25.64 58.26 -90.90
C PHE Z 21 -25.35 58.97 -89.58
N TRP Z 22 -26.19 59.95 -89.22
CA TRP Z 22 -26.09 60.57 -87.91
C TRP Z 22 -26.58 59.64 -86.81
N LYS Z 23 -27.51 58.74 -87.13
CA LYS Z 23 -27.99 57.78 -86.13
C LYS Z 23 -26.94 56.70 -85.86
N GLN Z 24 -26.07 56.43 -86.83
CA GLN Z 24 -24.98 55.49 -86.62
C GLN Z 24 -23.92 56.07 -85.70
N LEU Z 25 -23.75 57.39 -85.72
CA LEU Z 25 -22.66 58.05 -85.01
C LEU Z 25 -22.88 58.08 -83.50
N CYS Z 26 -24.14 58.07 -83.04
CA CYS Z 26 -24.37 58.08 -81.60
C CYS Z 26 -24.12 56.72 -80.96
N ALA Z 27 -24.36 55.63 -81.69
CA ALA Z 27 -24.15 54.30 -81.15
C ALA Z 27 -22.67 53.97 -80.99
N GLU Z 28 -21.80 54.62 -81.77
CA GLU Z 28 -20.38 54.38 -81.69
C GLU Z 28 -19.65 55.41 -80.83
N HIS Z 29 -20.22 56.60 -80.65
CA HIS Z 29 -19.65 57.56 -79.72
C HIS Z 29 -20.08 57.31 -78.28
N GLY Z 30 -20.99 56.37 -78.05
CA GLY Z 30 -21.46 56.11 -76.70
C GLY Z 30 -22.37 57.19 -76.16
N ILE Z 31 -23.05 57.93 -77.03
CA ILE Z 31 -23.89 59.05 -76.62
C ILE Z 31 -25.32 58.79 -77.06
N SER Z 32 -26.24 59.46 -76.38
CA SER Z 32 -27.65 59.46 -76.70
C SER Z 32 -28.01 60.76 -77.42
N PRO Z 33 -29.00 60.74 -78.31
CA PRO Z 33 -29.39 61.97 -79.03
C PRO Z 33 -30.01 63.05 -78.15
N GLU Z 34 -30.47 62.71 -76.94
CA GLU Z 34 -31.00 63.72 -76.02
C GLU Z 34 -30.23 63.85 -74.71
N GLY Z 35 -29.28 62.96 -74.43
CA GLY Z 35 -28.52 63.08 -73.21
C GLY Z 35 -27.17 62.40 -73.29
N ILE Z 36 -26.44 62.43 -72.17
CA ILE Z 36 -25.18 61.71 -72.03
C ILE Z 36 -25.31 60.80 -70.83
N VAL Z 37 -25.55 59.51 -71.07
CA VAL Z 37 -25.73 58.55 -70.01
C VAL Z 37 -24.51 57.65 -69.81
N GLU Z 38 -23.58 57.60 -70.76
CA GLU Z 38 -22.42 56.74 -70.66
C GLU Z 38 -21.15 57.59 -70.61
N GLU Z 39 -20.16 57.12 -69.85
CA GLU Z 39 -18.89 57.81 -69.76
C GLU Z 39 -17.88 57.34 -70.80
N PHE Z 40 -18.30 56.46 -71.72
CA PHE Z 40 -17.43 55.90 -72.74
C PHE Z 40 -17.11 56.87 -73.88
N ALA Z 41 -17.63 58.11 -73.84
CA ALA Z 41 -17.49 59.03 -74.95
C ALA Z 41 -16.13 59.71 -75.01
N THR Z 42 -15.45 59.89 -73.86
CA THR Z 42 -14.17 60.59 -73.84
C THR Z 42 -12.99 59.67 -73.54
N GLU Z 43 -13.17 58.63 -72.71
CA GLU Z 43 -12.08 57.72 -72.44
C GLU Z 43 -11.87 56.74 -73.59
N GLY Z 44 -12.95 56.31 -74.24
CA GLY Z 44 -12.86 55.39 -75.36
C GLY Z 44 -12.61 56.09 -76.68
N THR Z 45 -13.37 57.15 -76.94
CA THR Z 45 -13.21 57.94 -78.15
C THR Z 45 -12.46 59.22 -77.82
N ASP Z 46 -11.35 59.46 -78.52
CA ASP Z 46 -10.46 60.57 -78.22
C ASP Z 46 -10.77 61.82 -79.04
N ARG Z 47 -11.70 61.74 -79.99
CA ARG Z 47 -12.07 62.92 -80.78
C ARG Z 47 -13.50 62.76 -81.26
N LYS Z 48 -14.33 63.77 -80.94
CA LYS Z 48 -15.74 63.76 -81.32
C LYS Z 48 -16.17 65.00 -82.09
N ASP Z 49 -15.46 66.12 -81.98
CA ASP Z 49 -15.86 67.36 -82.62
C ASP Z 49 -15.14 67.51 -83.96
N VAL Z 50 -15.46 66.60 -84.88
CA VAL Z 50 -14.97 66.71 -86.25
C VAL Z 50 -16.09 66.63 -87.28
N PHE Z 51 -17.22 66.02 -86.97
CA PHE Z 51 -18.44 66.08 -87.78
C PHE Z 51 -19.58 66.75 -87.04
N PHE Z 52 -19.66 66.54 -85.74
CA PHE Z 52 -20.62 67.26 -84.91
C PHE Z 52 -20.15 68.70 -84.69
N TYR Z 53 -21.11 69.54 -84.34
CA TYR Z 53 -20.78 70.86 -83.82
C TYR Z 53 -20.24 70.72 -82.40
N GLN Z 54 -19.33 71.61 -82.03
CA GLN Z 54 -18.69 71.53 -80.73
C GLN Z 54 -19.66 71.90 -79.62
N ALA Z 55 -19.43 71.32 -78.45
CA ALA Z 55 -20.47 71.23 -77.43
C ALA Z 55 -20.64 72.53 -76.66
N ASP Z 56 -21.89 72.79 -76.26
CA ASP Z 56 -22.23 73.85 -75.33
C ASP Z 56 -22.71 73.33 -74.00
N ASP Z 57 -23.30 72.13 -73.96
CA ASP Z 57 -23.75 71.50 -72.74
C ASP Z 57 -23.47 69.99 -72.77
N GLU Z 58 -22.35 69.61 -73.43
CA GLU Z 58 -22.09 68.25 -73.89
C GLU Z 58 -23.25 67.72 -74.73
N HIS Z 59 -23.75 68.56 -75.64
CA HIS Z 59 -24.75 68.18 -76.62
C HIS Z 59 -24.13 68.43 -78.00
N TYR Z 60 -23.62 67.37 -78.62
CA TYR Z 60 -22.91 67.49 -79.89
C TYR Z 60 -23.94 67.62 -81.00
N ILE Z 61 -24.22 68.85 -81.41
CA ILE Z 61 -25.17 69.18 -82.46
C ILE Z 61 -24.61 68.69 -83.79
N PRO Z 62 -25.40 68.09 -84.67
CA PRO Z 62 -24.89 67.74 -86.00
C PRO Z 62 -24.79 68.98 -86.89
N ARG Z 63 -23.71 69.03 -87.66
CA ARG Z 63 -23.49 70.13 -88.60
C ARG Z 63 -24.13 69.79 -89.95
N ALA Z 64 -25.46 69.72 -89.94
CA ALA Z 64 -26.20 69.18 -91.06
C ALA Z 64 -27.30 70.14 -91.51
N VAL Z 65 -27.54 70.14 -92.82
CA VAL Z 65 -28.65 70.85 -93.43
C VAL Z 65 -29.39 69.89 -94.36
N LEU Z 66 -30.72 69.96 -94.35
CA LEU Z 66 -31.56 69.03 -95.09
C LEU Z 66 -32.66 69.81 -95.81
N LEU Z 67 -32.53 69.97 -97.11
CA LEU Z 67 -33.55 70.62 -97.93
C LEU Z 67 -34.07 69.61 -98.95
N ASP Z 68 -35.39 69.60 -99.13
CA ASP Z 68 -36.01 68.77 -100.15
C ASP Z 68 -37.36 69.37 -100.52
N LEU Z 69 -37.76 69.16 -101.77
CA LEU Z 69 -39.06 69.64 -102.24
C LEU Z 69 -40.19 68.79 -101.65
N GLU Z 70 -39.92 67.50 -101.39
CA GLU Z 70 -40.94 66.60 -100.88
C GLU Z 70 -40.98 66.67 -99.36
N PRO Z 71 -42.14 66.93 -98.75
CA PRO Z 71 -42.21 66.94 -97.28
C PRO Z 71 -42.39 65.56 -96.67
N ARG Z 72 -42.43 64.50 -97.48
CA ARG Z 72 -42.67 63.16 -96.93
C ARG Z 72 -41.43 62.61 -96.23
N VAL Z 73 -40.23 62.99 -96.69
CA VAL Z 73 -39.01 62.44 -96.10
C VAL Z 73 -38.74 63.05 -94.72
N ILE Z 74 -39.22 64.28 -94.48
CA ILE Z 74 -38.98 64.93 -93.21
C ILE Z 74 -40.10 64.69 -92.21
N HIS Z 75 -41.29 64.27 -92.66
CA HIS Z 75 -42.36 63.92 -91.75
C HIS Z 75 -42.19 62.53 -91.16
N SER Z 76 -41.30 61.71 -91.70
CA SER Z 76 -40.93 60.45 -91.10
C SER Z 76 -39.70 60.57 -90.20
N ILE Z 77 -39.38 61.78 -89.76
CA ILE Z 77 -38.19 62.05 -88.96
C ILE Z 77 -38.56 62.46 -87.53
N LEU Z 78 -39.50 63.40 -87.39
CA LEU Z 78 -39.79 64.01 -86.10
C LEU Z 78 -40.47 63.06 -85.12
N ASN Z 79 -41.13 62.00 -85.61
CA ASN Z 79 -41.71 61.03 -84.71
C ASN Z 79 -40.66 60.04 -84.20
N SER Z 80 -39.54 59.93 -84.90
CA SER Z 80 -38.44 59.10 -84.41
C SER Z 80 -37.73 59.82 -83.26
N PRO Z 81 -37.25 59.08 -82.25
CA PRO Z 81 -36.62 59.72 -81.10
C PRO Z 81 -35.22 60.25 -81.34
N TYR Z 82 -34.70 60.17 -82.57
CA TYR Z 82 -33.39 60.71 -82.90
C TYR Z 82 -33.46 62.09 -83.53
N ALA Z 83 -34.66 62.68 -83.64
CA ALA Z 83 -34.82 64.00 -84.24
C ALA Z 83 -34.67 65.13 -83.24
N ASN Z 84 -34.67 64.84 -81.94
CA ASN Z 84 -34.43 65.88 -80.95
C ASN Z 84 -32.97 66.31 -80.92
N LEU Z 85 -32.08 65.46 -81.42
CA LEU Z 85 -30.69 65.85 -81.59
C LEU Z 85 -30.56 66.89 -82.70
N TYR Z 86 -31.35 66.76 -83.76
CA TYR Z 86 -31.46 67.79 -84.78
C TYR Z 86 -32.12 69.04 -84.21
N ASN Z 87 -31.78 70.19 -84.79
CA ASN Z 87 -32.29 71.46 -84.31
C ASN Z 87 -33.38 71.98 -85.24
N PRO Z 88 -34.46 72.55 -84.69
CA PRO Z 88 -35.52 73.10 -85.55
C PRO Z 88 -35.29 74.56 -85.93
N GLU Z 89 -34.07 75.06 -85.74
CA GLU Z 89 -33.75 76.42 -86.19
C GLU Z 89 -32.57 76.48 -87.15
N ASN Z 90 -31.79 75.42 -87.30
CA ASN Z 90 -30.65 75.43 -88.22
C ASN Z 90 -31.08 75.29 -89.67
N ILE Z 91 -32.14 74.56 -89.95
CA ILE Z 91 -32.53 74.27 -91.32
C ILE Z 91 -33.94 74.83 -91.57
N TYR Z 92 -34.92 74.28 -90.85
CA TYR Z 92 -36.31 74.66 -90.98
C TYR Z 92 -37.00 74.49 -89.63
N LEU Z 93 -38.08 75.25 -89.42
CA LEU Z 93 -38.97 74.96 -88.32
C LEU Z 93 -40.04 73.96 -88.76
N SER Z 94 -41.07 73.81 -87.93
CA SER Z 94 -42.13 72.86 -88.23
C SER Z 94 -42.97 73.33 -89.42
N GLU Z 95 -43.55 72.37 -90.14
CA GLU Z 95 -44.29 72.57 -91.40
C GLU Z 95 -43.43 73.28 -92.45
N HIS Z 96 -42.40 72.56 -92.90
CA HIS Z 96 -41.66 72.99 -94.09
C HIS Z 96 -42.16 72.23 -95.31
N GLY Z 97 -42.21 72.93 -96.44
CA GLY Z 97 -42.72 72.34 -97.66
C GLY Z 97 -41.76 72.43 -98.83
N GLY Z 98 -42.30 72.55 -100.03
CA GLY Z 98 -41.49 72.65 -101.23
C GLY Z 98 -42.29 72.89 -102.49
N GLY Z 99 -41.94 72.21 -103.58
CA GLY Z 99 -42.64 72.37 -104.84
C GLY Z 99 -43.87 71.49 -104.94
N ALA Z 100 -44.17 71.07 -106.17
CA ALA Z 100 -45.33 70.21 -106.41
C ALA Z 100 -45.03 68.70 -106.28
N GLY Z 101 -43.99 68.11 -106.91
CA GLY Z 101 -43.02 68.63 -107.88
C GLY Z 101 -42.05 67.57 -108.34
N ASN Z 102 -41.87 67.44 -109.65
CA ASN Z 102 -40.95 66.45 -110.21
C ASN Z 102 -40.41 66.98 -111.54
N ASN Z 103 -39.23 67.60 -111.48
CA ASN Z 103 -38.57 68.15 -112.66
C ASN Z 103 -37.12 68.47 -112.28
N TRP Z 104 -36.23 68.31 -113.25
CA TRP Z 104 -34.87 68.81 -113.08
C TRP Z 104 -34.82 70.32 -113.19
N ALA Z 105 -35.67 70.90 -114.06
CA ALA Z 105 -35.74 72.35 -114.21
C ALA Z 105 -36.49 73.04 -113.09
N SER Z 106 -37.13 72.28 -112.20
CA SER Z 106 -37.81 72.89 -111.06
C SER Z 106 -36.81 73.41 -110.03
N GLY Z 107 -35.98 72.51 -109.50
CA GLY Z 107 -34.96 72.89 -108.54
C GLY Z 107 -33.83 73.71 -109.14
N PHE Z 108 -33.61 73.61 -110.45
CA PHE Z 108 -32.62 74.46 -111.11
C PHE Z 108 -33.11 75.90 -111.21
N SER Z 109 -34.43 76.11 -111.29
CA SER Z 109 -35.00 77.44 -111.31
C SER Z 109 -35.40 77.93 -109.92
N GLN Z 110 -35.56 77.04 -108.95
CA GLN Z 110 -35.88 77.43 -107.59
C GLN Z 110 -34.67 77.87 -106.79
N GLY Z 111 -33.46 77.72 -107.33
CA GLY Z 111 -32.27 78.10 -106.59
C GLY Z 111 -32.03 79.59 -106.57
N GLU Z 112 -32.50 80.31 -107.58
CA GLU Z 112 -32.28 81.74 -107.69
C GLU Z 112 -33.50 82.56 -107.27
N LYS Z 113 -34.60 81.91 -106.87
CA LYS Z 113 -35.72 82.62 -106.28
C LYS Z 113 -35.74 82.51 -104.76
N ILE Z 114 -35.05 81.53 -104.19
CA ILE Z 114 -34.85 81.44 -102.75
C ILE Z 114 -33.35 81.64 -102.53
N HIS Z 115 -32.74 82.45 -103.39
CA HIS Z 115 -31.30 82.67 -103.37
C HIS Z 115 -30.88 83.42 -102.10
N GLU Z 116 -31.75 84.28 -101.58
CA GLU Z 116 -31.43 85.02 -100.36
C GLU Z 116 -31.46 84.12 -99.13
N ASP Z 117 -32.43 83.21 -99.04
CA ASP Z 117 -32.57 82.36 -97.87
C ASP Z 117 -31.67 81.13 -97.90
N ILE Z 118 -31.30 80.64 -99.08
CA ILE Z 118 -30.46 79.45 -99.15
C ILE Z 118 -29.00 79.76 -98.86
N PHE Z 119 -28.59 81.03 -98.92
CA PHE Z 119 -27.23 81.44 -98.59
C PHE Z 119 -27.17 82.25 -97.31
N ASP Z 120 -28.16 82.08 -96.43
CA ASP Z 120 -28.22 82.84 -95.17
C ASP Z 120 -28.00 81.95 -93.95
N ILE Z 121 -28.73 80.83 -93.86
CA ILE Z 121 -28.66 80.04 -92.62
C ILE Z 121 -27.64 78.93 -92.74
N ILE Z 122 -27.22 78.56 -93.95
CA ILE Z 122 -26.17 77.55 -94.09
C ILE Z 122 -24.79 78.18 -93.96
N ASP Z 123 -24.68 79.50 -94.03
CA ASP Z 123 -23.42 80.19 -93.85
C ASP Z 123 -23.16 80.56 -92.40
N ARG Z 124 -24.16 80.42 -91.52
CA ARG Z 124 -23.98 80.65 -90.10
C ARG Z 124 -23.12 79.57 -89.45
N GLU Z 125 -23.15 78.35 -89.99
CA GLU Z 125 -22.30 77.27 -89.50
C GLU Z 125 -20.89 77.34 -90.09
N ALA Z 126 -20.65 78.20 -91.08
CA ALA Z 126 -19.34 78.25 -91.72
C ALA Z 126 -18.34 78.99 -90.86
N ASP Z 127 -18.74 80.10 -90.26
CA ASP Z 127 -17.85 80.91 -89.43
C ASP Z 127 -17.81 80.46 -87.98
N GLY Z 128 -18.37 79.30 -87.66
CA GLY Z 128 -18.22 78.74 -86.32
C GLY Z 128 -16.79 78.31 -86.04
N SER Z 129 -16.15 77.70 -87.03
CA SER Z 129 -14.73 77.38 -86.98
C SER Z 129 -13.99 78.26 -87.99
N ASP Z 130 -12.85 78.80 -87.57
CA ASP Z 130 -12.06 79.70 -88.42
C ASP Z 130 -11.19 78.97 -89.42
N SER Z 131 -11.23 77.63 -89.45
CA SER Z 131 -10.50 76.85 -90.45
C SER Z 131 -11.45 75.75 -90.93
N LEU Z 132 -12.20 76.06 -91.98
CA LEU Z 132 -13.21 75.13 -92.48
C LEU Z 132 -12.57 74.10 -93.41
N GLU Z 133 -12.97 72.85 -93.24
CA GLU Z 133 -12.44 71.75 -94.06
C GLU Z 133 -13.00 71.82 -95.48
N GLY Z 134 -14.32 71.73 -95.61
CA GLY Z 134 -14.93 71.79 -96.92
C GLY Z 134 -16.40 71.47 -96.86
N PHE Z 135 -16.93 71.03 -98.00
CA PHE Z 135 -18.34 70.72 -98.13
C PHE Z 135 -18.50 69.37 -98.83
N VAL Z 136 -19.32 68.51 -98.23
CA VAL Z 136 -19.74 67.26 -98.86
C VAL Z 136 -21.22 67.36 -99.19
N LEU Z 137 -21.56 67.16 -100.47
CA LEU Z 137 -22.94 67.24 -100.96
C LEU Z 137 -23.53 65.84 -100.89
N CYS Z 138 -24.22 65.55 -99.79
CA CYS Z 138 -24.88 64.26 -99.60
C CYS Z 138 -26.22 64.25 -100.33
N HIS Z 139 -26.14 64.28 -101.65
CA HIS Z 139 -27.31 64.42 -102.50
C HIS Z 139 -27.52 63.16 -103.32
N SER Z 140 -28.53 63.21 -104.18
CA SER Z 140 -28.93 62.09 -105.00
C SER Z 140 -28.88 62.46 -106.48
N ILE Z 141 -28.76 61.43 -107.31
CA ILE Z 141 -28.90 61.58 -108.75
C ILE Z 141 -30.27 61.13 -109.23
N ALA Z 142 -30.90 60.16 -108.57
CA ALA Z 142 -32.23 59.70 -108.94
C ALA Z 142 -33.28 60.77 -108.67
N GLY Z 143 -34.26 60.86 -109.56
CA GLY Z 143 -35.32 61.84 -109.44
C GLY Z 143 -34.86 63.23 -109.90
N GLY Z 144 -35.80 64.16 -109.85
CA GLY Z 144 -35.53 65.53 -110.23
C GLY Z 144 -35.35 66.44 -109.03
N THR Z 145 -35.60 65.90 -107.83
CA THR Z 145 -35.50 66.70 -106.62
C THR Z 145 -34.04 66.89 -106.21
N GLY Z 146 -33.29 65.79 -106.07
CA GLY Z 146 -31.89 65.88 -105.69
C GLY Z 146 -30.97 66.27 -106.82
N SER Z 147 -31.37 66.04 -108.06
CA SER Z 147 -30.53 66.36 -109.21
C SER Z 147 -30.76 67.77 -109.73
N GLY Z 148 -31.95 68.34 -109.51
CA GLY Z 148 -32.26 69.66 -110.00
C GLY Z 148 -31.64 70.77 -109.19
N LEU Z 149 -31.76 70.69 -107.86
CA LEU Z 149 -31.23 71.73 -106.99
C LEU Z 149 -29.76 71.51 -106.65
N GLY Z 150 -29.29 70.26 -106.71
CA GLY Z 150 -27.90 69.97 -106.38
C GLY Z 150 -26.90 70.46 -107.41
N SER Z 151 -27.33 70.64 -108.65
CA SER Z 151 -26.46 71.19 -109.69
C SER Z 151 -26.22 72.68 -109.53
N TYR Z 152 -27.09 73.38 -108.79
CA TYR Z 152 -26.94 74.81 -108.59
C TYR Z 152 -25.88 75.13 -107.54
N LEU Z 153 -25.84 74.37 -106.45
CA LEU Z 153 -24.88 74.63 -105.39
C LEU Z 153 -23.47 74.19 -105.73
N LEU Z 154 -23.30 73.35 -106.76
CA LEU Z 154 -21.97 73.00 -107.22
C LEU Z 154 -21.29 74.12 -108.00
N GLU Z 155 -22.04 75.16 -108.39
CA GLU Z 155 -21.51 76.30 -109.13
C GLU Z 155 -21.25 77.50 -108.23
N ARG Z 156 -22.21 77.88 -107.40
CA ARG Z 156 -22.09 79.09 -106.61
C ARG Z 156 -21.24 78.91 -105.36
N LEU Z 157 -21.01 77.68 -104.92
CA LEU Z 157 -20.08 77.43 -103.83
C LEU Z 157 -18.66 77.17 -104.32
N ASN Z 158 -18.44 77.18 -105.62
CA ASN Z 158 -17.11 76.99 -106.17
C ASN Z 158 -16.28 78.26 -106.10
N ASP Z 159 -16.92 79.43 -106.21
CA ASP Z 159 -16.22 80.71 -106.15
C ASP Z 159 -16.42 81.46 -104.85
N ARG Z 160 -17.55 81.28 -104.16
CA ARG Z 160 -17.74 81.90 -102.86
C ARG Z 160 -16.90 81.22 -101.79
N TYR Z 161 -16.61 79.93 -101.96
CA TYR Z 161 -15.72 79.18 -101.07
C TYR Z 161 -14.72 78.44 -101.93
N PRO Z 162 -13.69 79.13 -102.45
CA PRO Z 162 -12.80 78.50 -103.44
C PRO Z 162 -11.72 77.63 -102.82
N LYS Z 163 -11.34 77.88 -101.57
CA LYS Z 163 -10.24 77.16 -100.93
C LYS Z 163 -10.73 76.00 -100.08
N LYS Z 164 -11.91 75.46 -100.37
CA LYS Z 164 -12.49 74.37 -99.60
C LYS Z 164 -12.58 73.11 -100.45
N LEU Z 165 -12.41 71.97 -99.79
CA LEU Z 165 -12.52 70.67 -100.45
C LEU Z 165 -13.98 70.39 -100.79
N VAL Z 166 -14.22 69.96 -102.02
CA VAL Z 166 -15.51 69.42 -102.41
C VAL Z 166 -15.33 67.97 -102.85
N GLN Z 167 -16.22 67.11 -102.36
CA GLN Z 167 -16.24 65.66 -102.60
C GLN Z 167 -17.56 65.12 -102.10
N THR Z 168 -18.26 64.31 -102.90
CA THR Z 168 -19.62 63.91 -102.56
C THR Z 168 -19.74 62.39 -102.50
N TYR Z 169 -20.65 61.92 -101.62
CA TYR Z 169 -21.10 60.53 -101.61
C TYR Z 169 -22.46 60.49 -102.29
N SER Z 170 -22.43 60.44 -103.62
CA SER Z 170 -23.65 60.49 -104.43
C SER Z 170 -24.05 59.08 -104.83
N VAL Z 171 -25.36 58.82 -104.80
CA VAL Z 171 -25.90 57.51 -105.16
C VAL Z 171 -26.38 57.54 -106.61
N PHE Z 172 -26.07 56.49 -107.36
CA PHE Z 172 -26.51 56.36 -108.74
C PHE Z 172 -27.91 55.78 -108.81
N PRO Z 173 -28.71 56.18 -109.80
CA PRO Z 173 -30.07 55.64 -109.92
C PRO Z 173 -30.10 54.24 -110.51
N ASN Z 174 -31.31 53.69 -110.56
CA ASN Z 174 -31.52 52.31 -110.99
C ASN Z 174 -31.95 52.28 -112.46
N GLN Z 175 -31.37 51.35 -113.23
CA GLN Z 175 -31.61 51.25 -114.67
C GLN Z 175 -32.20 49.89 -115.05
N ASP Z 176 -33.20 49.42 -114.30
CA ASP Z 176 -33.77 48.11 -114.58
C ASP Z 176 -34.92 48.19 -115.59
N GLU Z 177 -35.99 48.93 -115.28
CA GLU Z 177 -36.97 49.32 -116.28
C GLU Z 177 -37.18 50.83 -116.21
N MET Z 178 -37.87 51.36 -117.20
CA MET Z 178 -38.03 52.80 -117.40
C MET Z 178 -39.50 53.16 -117.53
N SER Z 179 -40.33 52.67 -116.60
CA SER Z 179 -41.77 52.89 -116.64
C SER Z 179 -42.21 53.99 -115.68
N HIS Z 180 -41.80 53.89 -114.40
CA HIS Z 180 -42.21 54.88 -113.41
C HIS Z 180 -41.53 56.22 -113.68
N VAL Z 181 -40.21 56.19 -113.91
CA VAL Z 181 -39.45 57.36 -114.34
C VAL Z 181 -38.95 57.10 -115.76
N VAL Z 182 -38.86 58.17 -116.54
CA VAL Z 182 -38.41 58.13 -117.93
C VAL Z 182 -37.45 59.31 -118.15
N VAL Z 183 -37.34 60.17 -117.14
CA VAL Z 183 -36.50 61.37 -117.27
C VAL Z 183 -35.11 61.07 -116.72
N GLN Z 184 -34.85 59.79 -116.43
CA GLN Z 184 -33.59 59.37 -115.83
C GLN Z 184 -32.33 59.62 -116.68
N PRO Z 185 -32.29 59.46 -118.02
CA PRO Z 185 -31.08 59.85 -118.74
C PRO Z 185 -30.84 61.35 -118.82
N TYR Z 186 -31.86 62.17 -118.62
CA TYR Z 186 -31.70 63.62 -118.76
C TYR Z 186 -31.12 64.26 -117.50
N ASN Z 187 -31.74 64.00 -116.35
CA ASN Z 187 -31.29 64.65 -115.11
C ASN Z 187 -29.99 64.06 -114.57
N SER Z 188 -29.61 62.85 -115.00
CA SER Z 188 -28.37 62.26 -114.51
C SER Z 188 -27.15 62.87 -115.18
N LEU Z 189 -27.19 63.01 -116.50
CA LEU Z 189 -26.04 63.54 -117.24
C LEU Z 189 -25.86 65.04 -117.03
N LEU Z 190 -26.93 65.76 -116.67
CA LEU Z 190 -26.80 67.18 -116.37
C LEU Z 190 -26.05 67.39 -115.06
N THR Z 191 -26.26 66.51 -114.08
CA THR Z 191 -25.53 66.58 -112.83
C THR Z 191 -24.14 65.97 -112.96
N LEU Z 192 -23.97 64.99 -113.85
CA LEU Z 192 -22.67 64.34 -114.04
C LEU Z 192 -21.65 65.27 -114.68
N LYS Z 193 -22.09 66.26 -115.46
CA LYS Z 193 -21.17 67.27 -115.95
C LYS Z 193 -20.69 68.17 -114.82
N ARG Z 194 -21.59 68.51 -113.88
CA ARG Z 194 -21.21 69.33 -112.74
C ARG Z 194 -20.36 68.57 -111.74
N LEU Z 195 -20.34 67.24 -111.80
CA LEU Z 195 -19.57 66.45 -110.86
C LEU Z 195 -18.11 66.32 -111.25
N THR Z 196 -17.73 66.72 -112.46
CA THR Z 196 -16.36 66.60 -112.94
C THR Z 196 -15.62 67.92 -113.04
N GLN Z 197 -16.23 68.96 -113.59
CA GLN Z 197 -15.57 70.25 -113.70
C GLN Z 197 -15.97 71.23 -112.60
N ASN Z 198 -17.21 71.17 -112.11
CA ASN Z 198 -17.63 71.97 -110.98
C ASN Z 198 -17.49 71.22 -109.66
N ALA Z 199 -16.90 70.03 -109.68
CA ALA Z 199 -16.65 69.27 -108.46
C ALA Z 199 -15.36 68.47 -108.64
N ASP Z 200 -14.63 68.33 -107.53
CA ASP Z 200 -13.33 67.69 -107.57
C ASP Z 200 -13.45 66.17 -107.60
N CYS Z 201 -14.14 65.59 -106.61
CA CYS Z 201 -14.22 64.15 -106.46
C CYS Z 201 -15.65 63.73 -106.18
N VAL Z 202 -15.96 62.48 -106.52
CA VAL Z 202 -17.22 61.85 -106.16
C VAL Z 202 -16.92 60.49 -105.56
N VAL Z 203 -17.94 59.92 -104.91
CA VAL Z 203 -17.91 58.53 -104.45
C VAL Z 203 -19.14 57.87 -105.04
N VAL Z 204 -18.94 57.01 -106.03
CA VAL Z 204 -20.06 56.44 -106.76
C VAL Z 204 -20.72 55.33 -105.94
N LEU Z 205 -22.05 55.21 -106.06
CA LEU Z 205 -22.84 54.21 -105.33
C LEU Z 205 -23.96 53.76 -106.27
N ASP Z 206 -23.74 52.61 -106.90
CA ASP Z 206 -24.69 52.11 -107.90
C ASP Z 206 -25.93 51.51 -107.23
N ASN Z 207 -27.06 51.59 -107.94
CA ASN Z 207 -28.32 51.02 -107.47
C ASN Z 207 -28.54 49.60 -107.95
N THR Z 208 -28.11 49.28 -109.17
CA THR Z 208 -28.22 47.90 -109.66
C THR Z 208 -27.26 46.96 -108.95
N ALA Z 209 -26.19 47.50 -108.36
CA ALA Z 209 -25.26 46.71 -107.56
C ALA Z 209 -25.69 46.60 -106.10
N LEU Z 210 -26.74 47.32 -105.69
CA LEU Z 210 -27.23 47.21 -104.33
C LEU Z 210 -28.00 45.90 -104.13
N ASN Z 211 -28.96 45.62 -105.02
CA ASN Z 211 -29.72 44.38 -104.96
C ASN Z 211 -28.91 43.16 -105.39
N ARG Z 212 -27.73 43.35 -105.98
CA ARG Z 212 -26.81 42.24 -106.13
C ARG Z 212 -26.26 41.79 -104.79
N ILE Z 213 -26.10 42.72 -103.85
CA ILE Z 213 -25.60 42.43 -102.52
C ILE Z 213 -26.78 42.18 -101.57
N ALA Z 214 -27.91 42.84 -101.84
CA ALA Z 214 -29.08 42.70 -100.98
C ALA Z 214 -29.74 41.34 -101.07
N THR Z 215 -29.47 40.56 -102.12
CA THR Z 215 -29.87 39.18 -102.18
C THR Z 215 -28.69 38.21 -102.08
N ASP Z 216 -27.48 38.73 -101.93
CA ASP Z 216 -26.29 37.87 -101.85
C ASP Z 216 -26.24 37.15 -100.51
N ARG Z 217 -26.16 37.91 -99.41
CA ARG Z 217 -26.07 37.35 -98.08
C ARG Z 217 -27.20 37.80 -97.18
N LEU Z 218 -28.05 38.72 -97.64
CA LEU Z 218 -29.05 39.34 -96.78
C LEU Z 218 -30.39 38.61 -96.83
N HIS Z 219 -30.64 37.87 -97.91
CA HIS Z 219 -31.74 36.91 -98.05
C HIS Z 219 -33.12 37.57 -97.88
N ILE Z 220 -33.44 38.46 -98.82
CA ILE Z 220 -34.76 39.07 -98.89
C ILE Z 220 -35.45 38.59 -100.16
N GLN Z 221 -36.79 38.62 -100.13
CA GLN Z 221 -37.61 38.23 -101.27
C GLN Z 221 -38.24 39.40 -101.99
N ASN Z 222 -38.70 40.42 -101.25
CA ASN Z 222 -39.28 41.62 -101.85
C ASN Z 222 -38.35 42.79 -101.55
N PRO Z 223 -37.66 43.36 -102.54
CA PRO Z 223 -36.71 44.44 -102.27
C PRO Z 223 -37.44 45.74 -101.93
N SER Z 224 -37.21 46.24 -100.72
CA SER Z 224 -37.81 47.48 -100.26
C SER Z 224 -36.75 48.57 -100.14
N PHE Z 225 -37.20 49.79 -99.88
CA PHE Z 225 -36.30 50.93 -99.70
C PHE Z 225 -35.71 50.97 -98.30
N SER Z 226 -36.18 50.14 -97.38
CA SER Z 226 -35.66 50.13 -96.01
C SER Z 226 -34.30 49.45 -95.89
N GLN Z 227 -33.81 48.81 -96.95
CA GLN Z 227 -32.48 48.20 -96.96
C GLN Z 227 -31.41 49.08 -97.60
N ILE Z 228 -31.81 50.17 -98.27
CA ILE Z 228 -30.85 51.02 -98.94
C ILE Z 228 -30.03 51.86 -97.95
N ASN Z 229 -30.45 51.96 -96.70
CA ASN Z 229 -29.75 52.80 -95.72
C ASN Z 229 -28.76 51.99 -94.90
N GLN Z 230 -28.75 50.68 -95.04
CA GLN Z 230 -27.90 49.83 -94.22
C GLN Z 230 -26.51 49.63 -94.82
N LEU Z 231 -26.42 49.46 -96.13
CA LEU Z 231 -25.12 49.37 -96.77
C LEU Z 231 -24.44 50.74 -96.87
N VAL Z 232 -25.22 51.81 -96.86
CA VAL Z 232 -24.67 53.13 -97.16
C VAL Z 232 -24.15 53.81 -95.89
N SER Z 233 -24.87 53.69 -94.78
CA SER Z 233 -24.50 54.40 -93.56
C SER Z 233 -23.27 53.82 -92.87
N THR Z 234 -22.97 52.54 -93.08
CA THR Z 234 -21.77 51.97 -92.47
C THR Z 234 -20.51 52.43 -93.18
N ILE Z 235 -20.51 52.43 -94.51
CA ILE Z 235 -19.31 52.82 -95.25
C ILE Z 235 -19.07 54.33 -95.21
N MET Z 236 -20.10 55.11 -94.88
CA MET Z 236 -19.91 56.54 -94.63
C MET Z 236 -19.13 56.77 -93.35
N SER Z 237 -19.52 56.10 -92.27
CA SER Z 237 -18.78 56.18 -91.03
C SER Z 237 -17.47 55.41 -91.09
N ALA Z 238 -17.36 54.45 -92.02
CA ALA Z 238 -16.10 53.74 -92.22
C ALA Z 238 -15.07 54.63 -92.91
N SER Z 239 -15.51 55.56 -93.74
CA SER Z 239 -14.60 56.43 -94.47
C SER Z 239 -13.98 57.50 -93.60
N THR Z 240 -14.56 57.78 -92.43
CA THR Z 240 -14.06 58.81 -91.52
C THR Z 240 -13.45 58.21 -90.26
N THR Z 241 -13.06 56.94 -90.31
CA THR Z 241 -12.45 56.31 -89.14
C THR Z 241 -11.05 56.85 -88.86
N THR Z 242 -10.34 57.27 -89.90
CA THR Z 242 -9.09 57.99 -89.67
C THR Z 242 -9.35 59.42 -89.23
N LEU Z 243 -10.53 59.96 -89.57
CA LEU Z 243 -10.86 61.35 -89.29
C LEU Z 243 -11.60 61.52 -87.96
N ARG Z 244 -12.51 60.62 -87.62
CA ARG Z 244 -13.22 60.70 -86.35
C ARG Z 244 -12.39 60.11 -85.23
N TYR Z 245 -12.01 58.85 -85.35
CA TYR Z 245 -11.16 58.19 -84.37
C TYR Z 245 -9.71 58.65 -84.55
N PRO Z 246 -8.90 58.63 -83.47
CA PRO Z 246 -7.53 59.14 -83.58
C PRO Z 246 -6.61 58.29 -84.44
N GLY Z 247 -6.29 58.81 -85.63
CA GLY Z 247 -5.29 58.23 -86.50
C GLY Z 247 -4.12 59.18 -86.67
N TYR Z 248 -3.16 58.74 -87.47
CA TYR Z 248 -1.95 59.52 -87.69
C TYR Z 248 -1.82 60.02 -89.12
N MET Z 249 -1.85 59.13 -90.11
CA MET Z 249 -1.63 59.51 -91.49
C MET Z 249 -2.93 59.44 -92.28
N ASN Z 250 -3.14 60.46 -93.11
CA ASN Z 250 -4.39 60.71 -93.83
C ASN Z 250 -5.59 60.73 -92.88
N ASN Z 251 -5.41 61.42 -91.76
CA ASN Z 251 -6.45 61.61 -90.76
C ASN Z 251 -7.39 62.77 -91.09
N ASP Z 252 -7.26 63.38 -92.26
CA ASP Z 252 -8.16 64.41 -92.76
C ASP Z 252 -8.80 63.94 -94.07
N LEU Z 253 -9.88 64.64 -94.46
CA LEU Z 253 -10.57 64.26 -95.68
C LEU Z 253 -9.80 64.72 -96.90
N ILE Z 254 -9.03 65.80 -96.76
CA ILE Z 254 -8.04 66.18 -97.76
C ILE Z 254 -6.74 65.36 -97.65
N GLY Z 255 -6.66 64.41 -96.73
CA GLY Z 255 -5.56 63.47 -96.74
C GLY Z 255 -5.84 62.25 -97.59
N LEU Z 256 -7.06 61.71 -97.49
CA LEU Z 256 -7.39 60.46 -98.17
C LEU Z 256 -7.57 60.68 -99.66
N ILE Z 257 -8.29 61.74 -100.03
CA ILE Z 257 -8.62 62.01 -101.44
C ILE Z 257 -7.40 62.47 -102.21
N ALA Z 258 -6.41 63.08 -101.54
CA ALA Z 258 -5.21 63.53 -102.22
C ALA Z 258 -4.33 62.37 -102.71
N SER Z 259 -4.36 61.24 -102.03
CA SER Z 259 -3.48 60.11 -102.36
C SER Z 259 -4.12 59.12 -103.31
N LEU Z 260 -5.29 59.43 -103.87
CA LEU Z 260 -5.98 58.52 -104.77
C LEU Z 260 -6.34 59.11 -106.13
N ILE Z 261 -6.54 60.42 -106.23
CA ILE Z 261 -6.96 61.05 -107.48
C ILE Z 261 -5.74 61.17 -108.38
N PRO Z 262 -5.75 60.60 -109.60
CA PRO Z 262 -4.63 60.80 -110.52
C PRO Z 262 -4.65 62.18 -111.15
N THR Z 263 -5.84 62.63 -111.55
CA THR Z 263 -6.01 63.85 -112.31
C THR Z 263 -7.46 64.30 -112.16
N PRO Z 264 -7.75 65.59 -112.38
CA PRO Z 264 -9.16 66.02 -112.45
C PRO Z 264 -9.90 65.35 -113.60
N ARG Z 265 -11.22 65.22 -113.42
CA ARG Z 265 -12.21 64.46 -114.19
C ARG Z 265 -11.94 62.95 -114.20
N LEU Z 266 -10.97 62.47 -113.42
CA LEU Z 266 -10.78 61.05 -113.13
C LEU Z 266 -10.78 60.94 -111.60
N HIS Z 267 -11.96 60.77 -111.02
CA HIS Z 267 -12.09 60.75 -109.57
C HIS Z 267 -13.11 59.73 -109.09
N PHE Z 268 -13.64 58.89 -109.98
CA PHE Z 268 -14.72 57.97 -109.64
C PHE Z 268 -14.12 56.76 -108.93
N LEU Z 269 -14.37 56.64 -107.62
CA LEU Z 269 -13.72 55.67 -106.78
C LEU Z 269 -14.63 54.47 -106.53
N MET Z 270 -14.09 53.27 -106.75
CA MET Z 270 -14.82 52.04 -106.50
C MET Z 270 -14.76 51.69 -105.01
N THR Z 271 -15.89 51.27 -104.46
CA THR Z 271 -16.02 51.02 -103.03
C THR Z 271 -16.25 49.52 -102.78
N GLY Z 272 -15.69 49.01 -101.70
CA GLY Z 272 -15.89 47.62 -101.32
C GLY Z 272 -15.94 47.48 -99.81
N TYR Z 273 -16.80 46.56 -99.35
CA TYR Z 273 -17.00 46.34 -97.93
C TYR Z 273 -17.56 44.94 -97.73
N THR Z 274 -16.73 44.04 -97.18
CA THR Z 274 -17.16 42.65 -96.99
C THR Z 274 -18.09 42.38 -95.81
N PRO Z 275 -17.73 42.69 -94.51
CA PRO Z 275 -18.45 42.01 -93.42
C PRO Z 275 -19.83 42.60 -93.12
N LEU Z 276 -20.88 41.88 -93.49
CA LEU Z 276 -22.24 42.32 -93.26
C LEU Z 276 -23.13 41.25 -92.64
N THR Z 277 -22.56 40.18 -92.10
CA THR Z 277 -23.32 39.05 -91.62
C THR Z 277 -23.09 38.86 -90.12
N THR Z 278 -24.18 38.69 -89.38
CA THR Z 278 -24.16 38.61 -87.92
C THR Z 278 -23.83 37.23 -87.38
N ASP Z 279 -23.95 36.16 -88.18
CA ASP Z 279 -23.59 34.84 -87.69
C ASP Z 279 -22.13 34.50 -87.91
N GLN Z 280 -21.35 35.43 -88.47
CA GLN Z 280 -19.89 35.29 -88.47
C GLN Z 280 -19.31 35.50 -87.08
N SER Z 281 -20.10 36.08 -86.15
CA SER Z 281 -19.60 36.49 -84.84
C SER Z 281 -19.21 35.30 -83.96
N VAL Z 282 -19.81 34.13 -84.18
CA VAL Z 282 -19.56 32.98 -83.31
C VAL Z 282 -18.24 32.28 -83.61
N ALA Z 283 -17.55 32.64 -84.69
CA ALA Z 283 -16.29 32.00 -85.04
C ALA Z 283 -15.13 32.99 -85.16
N SER Z 284 -15.34 34.26 -84.80
CA SER Z 284 -14.27 35.24 -84.73
C SER Z 284 -13.58 35.24 -83.38
N VAL Z 285 -13.92 34.31 -82.50
CA VAL Z 285 -13.29 34.21 -81.18
C VAL Z 285 -11.95 33.49 -81.22
N ARG Z 286 -11.60 32.86 -82.34
CA ARG Z 286 -10.42 32.02 -82.44
C ARG Z 286 -9.24 32.73 -83.10
N LYS Z 287 -9.17 34.06 -82.99
CA LYS Z 287 -8.15 34.90 -83.64
C LYS Z 287 -8.21 34.73 -85.16
N THR Z 288 -9.31 35.24 -85.72
CA THR Z 288 -9.37 35.46 -87.16
C THR Z 288 -8.44 36.61 -87.53
N THR Z 289 -7.53 36.35 -88.46
CA THR Z 289 -6.39 37.21 -88.71
C THR Z 289 -6.70 38.25 -89.79
N VAL Z 290 -5.68 39.06 -90.10
CA VAL Z 290 -5.74 40.08 -91.13
C VAL Z 290 -5.19 39.56 -92.47
N LEU Z 291 -4.69 38.33 -92.49
CA LEU Z 291 -4.05 37.80 -93.69
C LEU Z 291 -5.06 37.31 -94.72
N ASP Z 292 -6.32 37.16 -94.33
CA ASP Z 292 -7.35 36.64 -95.24
C ASP Z 292 -8.39 37.68 -95.62
N VAL Z 293 -8.35 38.88 -95.03
CA VAL Z 293 -9.44 39.82 -95.24
C VAL Z 293 -9.20 40.70 -96.47
N MET Z 294 -7.94 40.89 -96.88
CA MET Z 294 -7.64 41.70 -98.05
C MET Z 294 -7.35 40.88 -99.30
N ARG Z 295 -7.42 39.56 -99.20
CA ARG Z 295 -7.34 38.74 -100.40
C ARG Z 295 -8.64 38.78 -101.20
N ARG Z 296 -9.75 39.12 -100.55
CA ARG Z 296 -11.05 39.16 -101.19
C ARG Z 296 -11.51 40.58 -101.54
N LEU Z 297 -10.71 41.60 -101.20
CA LEU Z 297 -11.08 42.97 -101.56
C LEU Z 297 -10.85 43.21 -103.05
N LEU Z 298 -9.64 42.89 -103.54
CA LEU Z 298 -9.36 42.99 -104.97
C LEU Z 298 -10.12 41.96 -105.79
N GLN Z 299 -10.57 40.88 -105.17
CA GLN Z 299 -11.43 39.94 -105.88
C GLN Z 299 -12.81 40.56 -106.04
N PRO Z 300 -13.33 40.65 -107.27
CA PRO Z 300 -14.60 41.38 -107.52
C PRO Z 300 -15.85 40.68 -106.97
N LYS Z 301 -16.01 40.78 -105.66
CA LYS Z 301 -17.15 40.21 -104.96
C LYS Z 301 -17.88 41.24 -104.11
N ASN Z 302 -17.17 42.15 -103.47
CA ASN Z 302 -17.76 43.16 -102.62
C ASN Z 302 -17.99 44.49 -103.33
N VAL Z 303 -17.83 44.53 -104.66
CA VAL Z 303 -17.85 45.80 -105.37
C VAL Z 303 -19.29 46.33 -105.47
N MET Z 304 -19.40 47.66 -105.49
CA MET Z 304 -20.68 48.34 -105.64
C MET Z 304 -20.76 49.08 -106.96
N VAL Z 305 -20.11 48.56 -108.00
CA VAL Z 305 -20.04 49.20 -109.31
C VAL Z 305 -20.32 48.13 -110.36
N SER Z 306 -21.33 48.36 -111.19
CA SER Z 306 -21.66 47.47 -112.29
C SER Z 306 -20.65 47.68 -113.42
N THR Z 307 -19.74 46.72 -113.58
CA THR Z 307 -18.69 46.83 -114.59
C THR Z 307 -18.54 45.50 -115.29
N GLY Z 308 -17.80 45.52 -116.40
CA GLY Z 308 -17.58 44.31 -117.17
C GLY Z 308 -16.57 43.38 -116.51
N ARG Z 309 -16.82 42.08 -116.66
CA ARG Z 309 -15.94 41.07 -116.07
C ARG Z 309 -14.75 40.73 -116.96
N ASP Z 310 -14.89 40.89 -118.27
CA ASP Z 310 -13.82 40.60 -119.22
C ASP Z 310 -13.08 41.85 -119.70
N ARG Z 311 -13.30 43.00 -119.05
CA ARG Z 311 -12.69 44.25 -119.44
C ARG Z 311 -11.59 44.69 -118.49
N GLN Z 312 -11.12 43.80 -117.61
CA GLN Z 312 -10.12 44.15 -116.61
C GLN Z 312 -8.70 43.79 -117.04
N THR Z 313 -8.53 43.16 -118.20
CA THR Z 313 -7.20 42.81 -118.70
C THR Z 313 -6.51 43.97 -119.40
N ASN Z 314 -7.27 44.83 -120.07
CA ASN Z 314 -6.72 46.01 -120.72
C ASN Z 314 -6.86 47.27 -119.87
N HIS Z 315 -7.42 47.15 -118.67
CA HIS Z 315 -7.52 48.23 -117.72
C HIS Z 315 -6.58 47.97 -116.55
N CYS Z 316 -6.13 49.05 -115.91
CA CYS Z 316 -5.08 48.95 -114.90
C CYS Z 316 -5.46 49.77 -113.67
N TYR Z 317 -5.25 49.19 -112.50
CA TYR Z 317 -5.40 49.94 -111.25
C TYR Z 317 -4.27 50.94 -111.11
N ILE Z 318 -4.58 52.08 -110.51
CA ILE Z 318 -3.56 53.11 -110.28
C ILE Z 318 -3.45 53.37 -108.79
N ALA Z 319 -4.58 53.42 -108.10
CA ALA Z 319 -4.61 53.70 -106.66
C ALA Z 319 -5.64 52.79 -106.02
N ILE Z 320 -5.24 52.08 -104.97
CA ILE Z 320 -6.12 51.18 -104.25
C ILE Z 320 -5.92 51.39 -102.75
N LEU Z 321 -7.02 51.60 -102.03
CA LEU Z 321 -7.01 51.81 -100.59
C LEU Z 321 -7.63 50.60 -99.91
N ASN Z 322 -7.01 50.14 -98.82
CA ASN Z 322 -7.46 48.97 -98.08
C ASN Z 322 -7.43 49.35 -96.59
N ILE Z 323 -8.60 49.70 -96.06
CA ILE Z 323 -8.71 50.23 -94.70
C ILE Z 323 -9.17 49.11 -93.78
N ILE Z 324 -8.33 48.75 -92.81
CA ILE Z 324 -8.69 47.84 -91.72
C ILE Z 324 -9.01 48.68 -90.48
N GLN Z 325 -9.94 48.17 -89.67
CA GLN Z 325 -10.50 48.90 -88.54
C GLN Z 325 -10.51 48.02 -87.31
N GLY Z 326 -10.37 48.63 -86.15
CA GLY Z 326 -10.53 47.90 -84.89
C GLY Z 326 -9.33 47.03 -84.60
N GLU Z 327 -9.60 45.77 -84.25
CA GLU Z 327 -8.53 44.82 -84.00
C GLU Z 327 -7.84 44.44 -85.31
N VAL Z 328 -6.55 44.73 -85.41
CA VAL Z 328 -5.84 44.60 -86.67
C VAL Z 328 -4.78 43.50 -86.54
N ASP Z 329 -4.24 43.34 -85.32
CA ASP Z 329 -3.02 42.59 -85.02
C ASP Z 329 -1.90 43.11 -85.91
N PRO Z 330 -1.35 44.29 -85.62
CA PRO Z 330 -0.46 44.97 -86.58
C PRO Z 330 0.91 44.34 -86.75
N THR Z 331 1.23 43.24 -86.08
CA THR Z 331 2.48 42.54 -86.35
C THR Z 331 2.42 41.72 -87.62
N GLN Z 332 1.23 41.55 -88.22
CA GLN Z 332 1.05 40.84 -89.48
C GLN Z 332 0.38 41.70 -90.54
N VAL Z 333 0.30 43.02 -90.35
CA VAL Z 333 -0.30 43.86 -91.38
C VAL Z 333 0.69 44.11 -92.51
N HIS Z 334 1.99 44.12 -92.23
CA HIS Z 334 2.99 44.11 -93.28
C HIS Z 334 3.09 42.74 -93.94
N LYS Z 335 2.65 41.69 -93.23
CA LYS Z 335 2.60 40.35 -93.80
C LYS Z 335 1.46 40.21 -94.81
N SER Z 336 0.37 40.95 -94.60
CA SER Z 336 -0.73 40.94 -95.56
C SER Z 336 -0.34 41.68 -96.84
N LEU Z 337 0.44 42.74 -96.72
CA LEU Z 337 0.92 43.49 -97.88
C LEU Z 337 2.07 42.79 -98.57
N GLN Z 338 2.67 41.79 -97.91
CA GLN Z 338 3.71 40.98 -98.54
C GLN Z 338 3.14 40.12 -99.66
N ARG Z 339 1.92 39.61 -99.49
CA ARG Z 339 1.31 38.67 -100.42
C ARG Z 339 0.65 39.35 -101.62
N ILE Z 340 0.75 40.68 -101.71
CA ILE Z 340 0.07 41.41 -102.78
C ILE Z 340 0.84 41.29 -104.09
N ARG Z 341 2.17 41.38 -104.04
CA ARG Z 341 2.97 41.38 -105.26
C ARG Z 341 3.04 40.01 -105.92
N GLU Z 342 2.74 38.94 -105.19
CA GLU Z 342 2.89 37.60 -105.76
C GLU Z 342 1.73 37.22 -106.65
N ARG Z 343 0.52 37.70 -106.32
CA ARG Z 343 -0.65 37.38 -107.13
C ARG Z 343 -0.80 38.33 -108.30
N LYS Z 344 -0.47 39.61 -108.10
CA LYS Z 344 -0.74 40.71 -109.03
C LYS Z 344 -2.20 40.73 -109.44
N LEU Z 345 -3.08 40.73 -108.43
CA LEU Z 345 -4.52 40.81 -108.69
C LEU Z 345 -4.92 42.18 -109.21
N ALA Z 346 -4.14 43.22 -108.90
CA ALA Z 346 -4.31 44.54 -109.49
C ALA Z 346 -3.39 44.68 -110.68
N ASN Z 347 -3.97 44.98 -111.84
CA ASN Z 347 -3.14 45.33 -112.99
C ASN Z 347 -2.55 46.71 -112.78
N PHE Z 348 -1.24 46.81 -112.98
CA PHE Z 348 -0.53 48.04 -112.70
C PHE Z 348 -0.32 48.83 -113.99
N ILE Z 349 -0.30 50.16 -113.86
CA ILE Z 349 -0.15 51.03 -115.02
C ILE Z 349 1.28 50.91 -115.56
N PRO Z 350 1.46 50.76 -116.88
CA PRO Z 350 2.82 50.57 -117.42
C PRO Z 350 3.63 51.84 -117.52
N TRP Z 351 3.02 53.01 -117.35
CA TRP Z 351 3.75 54.27 -117.47
C TRP Z 351 4.31 54.76 -116.14
N GLY Z 352 3.66 54.44 -115.03
CA GLY Z 352 4.09 54.91 -113.74
C GLY Z 352 3.87 53.91 -112.62
N PRO Z 353 4.28 54.28 -111.42
CA PRO Z 353 4.09 53.39 -110.27
C PRO Z 353 2.64 53.34 -109.79
N ALA Z 354 2.34 52.30 -109.03
CA ALA Z 354 1.06 52.12 -108.35
C ALA Z 354 1.29 52.17 -106.85
N SER Z 355 0.19 52.01 -106.09
CA SER Z 355 0.28 52.10 -104.63
C SER Z 355 -0.87 51.33 -103.98
N ILE Z 356 -0.53 50.44 -103.05
CA ILE Z 356 -1.51 49.76 -102.21
C ILE Z 356 -1.34 50.32 -100.80
N GLN Z 357 -2.20 51.27 -100.43
CA GLN Z 357 -2.13 51.94 -99.15
C GLN Z 357 -3.04 51.26 -98.15
N VAL Z 358 -2.48 50.88 -97.00
CA VAL Z 358 -3.23 50.25 -95.92
C VAL Z 358 -3.11 51.14 -94.68
N ALA Z 359 -4.20 51.29 -93.93
CA ALA Z 359 -4.21 52.13 -92.74
C ALA Z 359 -5.14 51.50 -91.70
N LEU Z 360 -4.97 51.91 -90.45
CA LEU Z 360 -5.74 51.35 -89.34
C LEU Z 360 -6.12 52.44 -88.35
N SER Z 361 -7.20 52.20 -87.63
CA SER Z 361 -7.66 53.04 -86.54
C SER Z 361 -8.53 52.21 -85.62
N ARG Z 362 -8.46 52.50 -84.32
CA ARG Z 362 -9.24 51.75 -83.35
C ARG Z 362 -10.71 52.14 -83.43
N LYS Z 363 -11.59 51.15 -83.29
CA LYS Z 363 -13.01 51.34 -83.47
C LYS Z 363 -13.65 51.76 -82.15
N SER Z 364 -14.98 51.73 -82.11
CA SER Z 364 -15.73 52.12 -80.93
C SER Z 364 -15.58 51.07 -79.83
N PRO Z 365 -15.60 51.50 -78.56
CA PRO Z 365 -15.64 50.52 -77.45
C PRO Z 365 -17.00 49.82 -77.36
N TYR Z 366 -17.19 48.84 -78.24
CA TYR Z 366 -18.46 48.13 -78.35
C TYR Z 366 -18.15 46.70 -78.75
N LEU Z 367 -19.03 45.78 -78.33
CA LEU Z 367 -18.76 44.36 -78.53
C LEU Z 367 -18.87 43.88 -79.98
N PRO Z 368 -19.83 44.31 -80.82
CA PRO Z 368 -19.74 43.95 -82.24
C PRO Z 368 -18.67 44.71 -83.02
N SER Z 369 -18.00 45.70 -82.41
CA SER Z 369 -16.99 46.49 -83.09
C SER Z 369 -15.56 46.12 -82.69
N ALA Z 370 -15.33 45.74 -81.44
CA ALA Z 370 -14.01 45.37 -80.96
C ALA Z 370 -13.75 43.87 -81.07
N HIS Z 371 -14.52 43.16 -81.89
CA HIS Z 371 -14.35 41.72 -82.06
C HIS Z 371 -14.22 41.27 -83.51
N ARG Z 372 -14.85 41.93 -84.48
CA ARG Z 372 -14.94 41.41 -85.84
C ARG Z 372 -14.16 42.34 -86.77
N VAL Z 373 -13.37 41.73 -87.64
CA VAL Z 373 -12.50 42.50 -88.53
C VAL Z 373 -13.35 43.15 -89.63
N SER Z 374 -12.99 44.38 -89.99
CA SER Z 374 -13.73 45.14 -90.97
C SER Z 374 -12.76 45.65 -92.04
N GLY Z 375 -13.17 45.52 -93.29
CA GLY Z 375 -12.35 45.98 -94.40
C GLY Z 375 -13.09 46.92 -95.34
N LEU Z 376 -12.61 48.16 -95.42
CA LEU Z 376 -13.19 49.17 -96.29
C LEU Z 376 -12.25 49.41 -97.47
N MET Z 377 -12.79 49.32 -98.68
CA MET Z 377 -12.01 49.47 -99.90
C MET Z 377 -12.40 50.77 -100.60
N MET Z 378 -11.38 51.51 -101.05
CA MET Z 378 -11.57 52.70 -101.89
C MET Z 378 -10.66 52.53 -103.10
N ALA Z 379 -11.16 51.84 -104.11
CA ALA Z 379 -10.37 51.51 -105.29
C ALA Z 379 -10.42 52.66 -106.31
N ASN Z 380 -9.60 52.54 -107.34
CA ASN Z 380 -9.66 53.45 -108.49
C ASN Z 380 -9.18 52.67 -109.71
N HIS Z 381 -10.12 52.11 -110.45
CA HIS Z 381 -9.83 51.29 -111.62
C HIS Z 381 -10.41 51.95 -112.86
N THR Z 382 -9.73 51.78 -113.99
CA THR Z 382 -10.07 52.46 -115.22
C THR Z 382 -11.11 51.71 -116.05
N ASN Z 383 -11.83 50.76 -115.46
CA ASN Z 383 -12.98 50.14 -116.10
C ASN Z 383 -14.28 50.87 -115.80
N ILE Z 384 -14.20 52.06 -115.19
CA ILE Z 384 -15.38 52.83 -114.82
C ILE Z 384 -16.06 53.50 -116.00
N SER Z 385 -15.44 53.47 -117.18
CA SER Z 385 -16.06 53.98 -118.40
C SER Z 385 -17.18 53.08 -118.91
N SER Z 386 -17.28 51.85 -118.40
CA SER Z 386 -18.37 50.96 -118.78
C SER Z 386 -19.72 51.50 -118.29
N LEU Z 387 -19.73 52.13 -117.11
CA LEU Z 387 -20.93 52.84 -116.66
C LEU Z 387 -21.16 54.07 -117.51
N PHE Z 388 -20.09 54.75 -117.93
CA PHE Z 388 -20.23 55.93 -118.76
C PHE Z 388 -20.60 55.55 -120.19
N GLU Z 389 -20.21 54.35 -120.63
CA GLU Z 389 -20.71 53.84 -121.90
C GLU Z 389 -22.16 53.36 -121.78
N ARG Z 390 -22.55 52.91 -120.58
CA ARG Z 390 -23.93 52.49 -120.37
C ARG Z 390 -24.87 53.68 -120.32
N THR Z 391 -24.45 54.78 -119.69
CA THR Z 391 -25.32 55.94 -119.59
C THR Z 391 -25.38 56.72 -120.90
N CYS Z 392 -24.29 56.74 -121.67
CA CYS Z 392 -24.29 57.46 -122.94
C CYS Z 392 -25.07 56.72 -124.02
N ARG Z 393 -25.01 55.39 -124.02
CA ARG Z 393 -25.77 54.62 -125.00
C ARG Z 393 -27.27 54.67 -124.72
N GLN Z 394 -27.65 54.88 -123.46
CA GLN Z 394 -29.03 55.11 -123.09
C GLN Z 394 -29.45 56.57 -123.24
N TYR Z 395 -28.50 57.44 -123.58
CA TYR Z 395 -28.77 58.87 -123.74
C TYR Z 395 -29.02 59.26 -125.19
N ASP Z 396 -28.16 58.79 -126.10
CA ASP Z 396 -28.35 59.10 -127.53
C ASP Z 396 -29.46 58.26 -128.16
N LYS Z 397 -29.78 57.09 -127.58
CA LYS Z 397 -30.89 56.29 -128.08
C LYS Z 397 -32.23 56.95 -127.74
N LEU Z 398 -32.29 57.69 -126.63
CA LEU Z 398 -33.53 58.33 -126.22
C LEU Z 398 -33.81 59.60 -127.02
N ARG Z 399 -32.78 60.27 -127.52
CA ARG Z 399 -32.97 61.49 -128.28
C ARG Z 399 -33.41 61.22 -129.71
N LYS Z 400 -33.21 60.00 -130.21
CA LYS Z 400 -33.71 59.64 -131.53
C LYS Z 400 -35.15 59.13 -131.51
N ARG Z 401 -35.70 58.88 -130.32
CA ARG Z 401 -37.09 58.46 -130.17
C ARG Z 401 -38.03 59.63 -129.94
N GLU Z 402 -37.51 60.86 -130.03
CA GLU Z 402 -38.25 62.11 -129.79
C GLU Z 402 -38.89 62.13 -128.40
N ALA Z 403 -38.09 61.80 -127.40
CA ALA Z 403 -38.56 61.68 -126.02
C ALA Z 403 -38.05 62.86 -125.22
N PHE Z 404 -38.99 63.65 -124.68
CA PHE Z 404 -38.73 64.80 -123.79
C PHE Z 404 -37.84 65.84 -124.46
N LEU Z 405 -38.14 66.15 -125.72
CA LEU Z 405 -37.57 67.31 -126.40
C LEU Z 405 -38.54 68.46 -126.51
N GLU Z 406 -39.85 68.17 -126.47
CA GLU Z 406 -40.86 69.20 -126.46
C GLU Z 406 -41.43 69.42 -125.06
N GLN Z 407 -41.31 68.41 -124.19
CA GLN Z 407 -41.84 68.43 -122.84
C GLN Z 407 -40.84 68.98 -121.82
N PHE Z 408 -39.65 69.36 -122.26
CA PHE Z 408 -38.58 69.74 -121.35
C PHE Z 408 -38.01 71.13 -121.61
N ARG Z 409 -38.27 71.72 -122.78
CA ARG Z 409 -37.66 72.98 -123.16
C ARG Z 409 -38.64 74.15 -123.09
N LYS Z 410 -39.76 73.98 -122.39
CA LYS Z 410 -40.69 75.09 -122.23
C LYS Z 410 -40.21 76.06 -121.16
N GLU Z 411 -39.66 75.54 -120.06
CA GLU Z 411 -39.16 76.36 -118.97
C GLU Z 411 -37.64 76.42 -119.03
N ASP Z 412 -37.11 77.65 -118.96
CA ASP Z 412 -35.70 78.05 -118.73
C ASP Z 412 -34.66 77.28 -119.56
N ILE Z 413 -35.04 76.74 -120.72
CA ILE Z 413 -34.12 76.09 -121.66
C ILE Z 413 -34.47 76.60 -123.04
N PHE Z 414 -33.55 77.34 -123.66
CA PHE Z 414 -33.77 77.92 -124.98
C PHE Z 414 -32.83 77.37 -126.05
N LYS Z 415 -31.67 76.86 -125.68
CA LYS Z 415 -30.71 76.29 -126.62
C LYS Z 415 -30.47 74.82 -126.28
N ASP Z 416 -29.93 74.09 -127.25
CA ASP Z 416 -29.68 72.66 -127.11
C ASP Z 416 -28.37 72.46 -126.38
N ASN Z 417 -28.45 72.15 -125.08
CA ASN Z 417 -27.28 71.86 -124.26
C ASN Z 417 -27.07 70.36 -124.07
N PHE Z 418 -27.60 69.55 -124.99
CA PHE Z 418 -27.53 68.10 -124.89
C PHE Z 418 -26.18 67.56 -125.35
N ASP Z 419 -25.64 68.09 -126.44
CA ASP Z 419 -24.30 67.72 -126.88
C ASP Z 419 -23.21 68.41 -126.08
N GLU Z 420 -23.56 69.39 -125.24
CA GLU Z 420 -22.58 69.93 -124.30
C GLU Z 420 -22.25 68.92 -123.21
N LEU Z 421 -23.20 68.05 -122.88
CA LEU Z 421 -22.98 66.96 -121.95
C LEU Z 421 -22.39 65.72 -122.61
N ASP Z 422 -22.60 65.56 -123.92
CA ASP Z 422 -22.17 64.35 -124.60
C ASP Z 422 -20.67 64.37 -124.89
N ASN Z 423 -20.15 65.52 -125.32
CA ASN Z 423 -18.73 65.60 -125.67
C ASN Z 423 -17.88 65.58 -124.40
N SER Z 424 -18.34 66.26 -123.35
CA SER Z 424 -17.61 66.29 -122.08
C SER Z 424 -17.60 64.92 -121.40
N ARG Z 425 -18.64 64.11 -121.64
CA ARG Z 425 -18.61 62.74 -121.15
C ARG Z 425 -17.64 61.88 -121.95
N GLU Z 426 -17.56 62.11 -123.26
CA GLU Z 426 -16.61 61.38 -124.08
C GLU Z 426 -15.18 61.86 -123.86
N ILE Z 427 -15.01 63.09 -123.37
CA ILE Z 427 -13.69 63.58 -122.97
C ILE Z 427 -13.18 62.79 -121.77
N VAL Z 428 -14.08 62.47 -120.83
CA VAL Z 428 -13.73 61.62 -119.70
C VAL Z 428 -13.40 60.21 -120.16
N GLN Z 429 -14.21 59.66 -121.07
CA GLN Z 429 -14.02 58.29 -121.54
C GLN Z 429 -12.79 58.12 -122.40
N GLN Z 430 -12.33 59.17 -123.10
CA GLN Z 430 -11.14 59.07 -123.92
C GLN Z 430 -9.87 59.31 -123.13
N LEU Z 431 -9.90 60.21 -122.14
CA LEU Z 431 -8.71 60.47 -121.33
C LEU Z 431 -8.44 59.36 -120.32
N ILE Z 432 -9.42 58.49 -120.05
CA ILE Z 432 -9.20 57.36 -119.17
C ILE Z 432 -8.35 56.30 -119.88
N ASP Z 433 -8.71 55.98 -121.13
CA ASP Z 433 -7.96 54.98 -121.89
C ASP Z 433 -6.61 55.52 -122.36
N GLU Z 434 -6.51 56.84 -122.53
CA GLU Z 434 -5.25 57.47 -122.90
C GLU Z 434 -4.28 57.52 -121.71
N TYR Z 435 -4.81 57.41 -120.49
CA TYR Z 435 -4.00 57.64 -119.28
C TYR Z 435 -2.98 56.54 -119.06
N HIS Z 436 -3.18 55.36 -119.64
CA HIS Z 436 -2.17 54.30 -119.60
C HIS Z 436 -1.53 54.22 -121.00
N ALA Z 437 -0.36 54.82 -121.12
CA ALA Z 437 0.35 54.86 -122.39
C ALA Z 437 1.28 53.67 -122.53
N PRO AA 2 -23.60 105.00 -47.71
CA PRO AA 2 -22.41 104.28 -48.18
C PRO AA 2 -22.32 104.22 -49.70
N ARG AA 3 -23.07 103.30 -50.32
CA ARG AA 3 -23.04 103.10 -51.76
C ARG AA 3 -24.46 103.12 -52.31
N GLU AA 4 -25.25 104.09 -51.87
CA GLU AA 4 -26.67 104.14 -52.20
C GLU AA 4 -26.88 104.76 -53.58
N ILE AA 5 -27.60 104.04 -54.44
CA ILE AA 5 -27.92 104.51 -55.79
C ILE AA 5 -29.42 104.75 -55.87
N ILE AA 6 -29.80 105.88 -56.47
CA ILE AA 6 -31.19 106.22 -56.69
C ILE AA 6 -31.52 105.94 -58.15
N THR AA 7 -32.44 105.02 -58.39
CA THR AA 7 -32.86 104.67 -59.73
C THR AA 7 -33.93 105.66 -60.19
N LEU AA 8 -33.83 106.11 -61.44
CA LEU AA 8 -34.76 107.08 -61.99
C LEU AA 8 -35.59 106.40 -63.08
N GLN AA 9 -36.62 105.67 -62.63
CA GLN AA 9 -37.53 105.00 -63.54
C GLN AA 9 -38.51 106.00 -64.14
N LEU AA 10 -38.54 106.06 -65.47
CA LEU AA 10 -39.21 107.13 -66.19
C LEU AA 10 -39.70 106.61 -67.53
N GLY AA 11 -40.93 106.96 -67.88
CA GLY AA 11 -41.48 106.64 -69.18
C GLY AA 11 -42.43 105.46 -69.16
N GLN AA 12 -42.99 105.18 -70.33
CA GLN AA 12 -43.94 104.08 -70.46
C GLN AA 12 -43.24 102.72 -70.40
N CYS AA 13 -42.05 102.62 -70.97
CA CYS AA 13 -41.32 101.37 -70.95
C CYS AA 13 -40.33 101.28 -69.79
N GLY AA 14 -39.84 102.43 -69.32
CA GLY AA 14 -38.89 102.43 -68.21
C GLY AA 14 -39.50 102.07 -66.88
N ASN AA 15 -40.81 102.28 -66.72
CA ASN AA 15 -41.47 101.93 -65.46
C ASN AA 15 -41.75 100.44 -65.37
N GLN AA 16 -42.03 99.79 -66.50
CA GLN AA 16 -42.33 98.36 -66.47
C GLN AA 16 -41.08 97.51 -66.36
N ILE AA 17 -39.96 97.95 -66.94
CA ILE AA 17 -38.71 97.20 -66.80
C ILE AA 17 -38.09 97.39 -65.43
N GLY AA 18 -38.50 98.40 -64.68
CA GLY AA 18 -38.01 98.59 -63.33
C GLY AA 18 -38.97 98.02 -62.30
N PHE AA 19 -40.18 97.71 -62.74
CA PHE AA 19 -41.17 97.13 -61.82
C PHE AA 19 -40.81 95.69 -61.48
N GLU AA 20 -40.46 94.89 -62.49
CA GLU AA 20 -39.99 93.53 -62.24
C GLU AA 20 -38.52 93.48 -61.85
N PHE AA 21 -37.79 94.59 -61.97
CA PHE AA 21 -36.43 94.64 -61.45
C PHE AA 21 -36.44 94.63 -59.93
N TRP AA 22 -37.34 95.40 -59.33
CA TRP AA 22 -37.53 95.32 -57.88
C TRP AA 22 -38.23 94.04 -57.47
N LYS AA 23 -39.06 93.47 -58.34
CA LYS AA 23 -39.71 92.20 -58.03
C LYS AA 23 -38.73 91.03 -58.11
N GLN AA 24 -37.66 91.18 -58.90
CA GLN AA 24 -36.63 90.15 -58.95
C GLN AA 24 -35.79 90.15 -57.68
N LEU AA 25 -35.65 91.32 -57.05
CA LEU AA 25 -34.73 91.45 -55.93
C LEU AA 25 -35.27 90.80 -54.65
N CYS AA 26 -36.59 90.70 -54.50
CA CYS AA 26 -37.11 90.05 -53.30
C CYS AA 26 -36.98 88.53 -53.33
N ALA AA 27 -37.05 87.93 -54.53
CA ALA AA 27 -36.93 86.48 -54.64
C ALA AA 27 -35.51 86.01 -54.39
N GLU AA 28 -34.52 86.86 -54.60
CA GLU AA 28 -33.13 86.49 -54.35
C GLU AA 28 -32.62 86.94 -52.99
N HIS AA 29 -33.24 87.95 -52.38
CA HIS AA 29 -32.89 88.32 -51.02
C HIS AA 29 -33.61 87.48 -49.98
N GLY AA 30 -34.52 86.60 -50.40
CA GLY AA 30 -35.26 85.79 -49.45
C GLY AA 30 -36.28 86.57 -48.65
N ILE AA 31 -36.78 87.68 -49.18
CA ILE AA 31 -37.69 88.55 -48.46
C ILE AA 31 -39.00 88.64 -49.23
N SER AA 32 -40.05 89.00 -48.51
CA SER AA 32 -41.37 89.26 -49.05
C SER AA 32 -41.59 90.78 -49.13
N PRO AA 33 -42.38 91.25 -50.09
CA PRO AA 33 -42.63 92.70 -50.20
C PRO AA 33 -43.44 93.30 -49.06
N GLU AA 34 -44.13 92.48 -48.26
CA GLU AA 34 -44.85 92.98 -47.09
C GLU AA 34 -44.37 92.41 -45.76
N GLY AA 35 -43.48 91.43 -45.75
CA GLY AA 35 -43.00 90.90 -44.49
C GLY AA 35 -41.66 90.23 -44.64
N ILE AA 36 -41.17 89.68 -43.52
CA ILE AA 36 -39.96 88.88 -43.49
C ILE AA 36 -40.31 87.52 -42.92
N VAL AA 37 -40.48 86.53 -43.78
CA VAL AA 37 -40.86 85.18 -43.35
C VAL AA 37 -39.70 84.20 -43.37
N GLU AA 38 -38.60 84.52 -44.05
CA GLU AA 38 -37.45 83.62 -44.14
C GLU AA 38 -36.25 84.24 -43.45
N GLU AA 39 -35.43 83.39 -42.84
CA GLU AA 39 -34.21 83.85 -42.18
C GLU AA 39 -33.00 83.84 -43.11
N PHE AA 40 -33.21 83.52 -44.40
CA PHE AA 40 -32.13 83.44 -45.39
C PHE AA 40 -31.61 84.79 -45.83
N ALA AA 41 -32.14 85.90 -45.32
CA ALA AA 41 -31.78 87.22 -45.82
C ALA AA 41 -30.45 87.74 -45.27
N THR AA 42 -30.04 87.31 -44.08
CA THR AA 42 -28.80 87.80 -43.49
C THR AA 42 -27.69 86.75 -43.43
N GLU AA 43 -28.03 85.47 -43.25
CA GLU AA 43 -26.99 84.44 -43.24
C GLU AA 43 -26.54 84.10 -44.65
N GLY AA 44 -27.46 84.11 -45.62
CA GLY AA 44 -27.11 83.82 -47.00
C GLY AA 44 -26.61 85.03 -47.75
N THR AA 45 -27.30 86.15 -47.62
CA THR AA 45 -26.93 87.39 -48.26
C THR AA 45 -26.26 88.30 -47.23
N ASP AA 46 -25.04 88.73 -47.51
CA ASP AA 46 -24.25 89.51 -46.57
C ASP AA 46 -24.41 91.02 -46.74
N ARG AA 47 -25.13 91.47 -47.76
CA ARG AA 47 -25.33 92.90 -47.96
C ARG AA 47 -26.64 93.11 -48.72
N LYS AA 48 -27.53 93.91 -48.13
CA LYS AA 48 -28.82 94.20 -48.73
C LYS AA 48 -29.11 95.69 -48.89
N ASP AA 49 -28.46 96.56 -48.12
CA ASP AA 49 -28.73 97.99 -48.17
C ASP AA 49 -27.76 98.69 -49.11
N VAL AA 50 -27.86 98.34 -50.40
CA VAL AA 50 -27.11 99.03 -51.42
C VAL AA 50 -27.99 99.53 -52.57
N PHE AA 51 -29.15 98.95 -52.81
CA PHE AA 51 -30.16 99.48 -53.70
C PHE AA 51 -31.44 99.82 -52.98
N PHE AA 52 -31.80 99.04 -51.96
CA PHE AA 52 -32.92 99.36 -51.10
C PHE AA 52 -32.53 100.49 -50.14
N TYR AA 53 -33.56 101.16 -49.62
CA TYR AA 53 -33.36 102.05 -48.49
C TYR AA 53 -33.12 101.22 -47.23
N GLN AA 54 -32.32 101.77 -46.32
CA GLN AA 54 -31.96 101.03 -45.12
C GLN AA 54 -33.15 100.92 -44.17
N ALA AA 55 -33.16 99.84 -43.38
CA ALA AA 55 -34.38 99.38 -42.75
C ALA AA 55 -34.74 100.18 -41.51
N ASP AA 56 -36.04 100.32 -41.28
CA ASP AA 56 -36.59 100.86 -40.05
C ASP AA 56 -37.33 99.82 -39.24
N ASP AA 57 -37.89 98.80 -39.88
CA ASP AA 57 -38.58 97.69 -39.22
C ASP AA 57 -38.26 96.37 -39.90
N GLU AA 58 -37.04 96.25 -40.43
CA GLU AA 58 -36.66 95.23 -41.43
C GLU AA 58 -37.60 95.26 -42.63
N HIS AA 59 -37.92 96.47 -43.09
CA HIS AA 59 -38.68 96.67 -44.32
C HIS AA 59 -37.81 97.48 -45.27
N TYR AA 60 -37.16 96.80 -46.19
CA TYR AA 60 -36.20 97.42 -47.11
C TYR AA 60 -36.98 98.14 -48.20
N ILE AA 61 -37.19 99.44 -48.01
CA ILE AA 61 -37.91 100.30 -48.96
C ILE AA 61 -37.07 100.45 -50.22
N PRO AA 62 -37.66 100.38 -51.41
CA PRO AA 62 -36.88 100.66 -52.62
C PRO AA 62 -36.62 102.14 -52.78
N ARG AA 63 -35.39 102.47 -53.21
CA ARG AA 63 -35.00 103.85 -53.47
C ARG AA 63 -35.35 104.23 -54.91
N ALA AA 64 -36.65 104.28 -55.19
CA ALA AA 64 -37.14 104.38 -56.56
C ALA AA 64 -38.13 105.53 -56.70
N VAL AA 65 -38.09 106.16 -57.86
CA VAL AA 65 -39.07 107.16 -58.26
C VAL AA 65 -39.58 106.81 -59.65
N LEU AA 66 -40.88 106.98 -59.87
CA LEU AA 66 -41.53 106.57 -61.11
C LEU AA 66 -42.48 107.68 -61.56
N LEU AA 67 -42.07 108.43 -62.59
CA LEU AA 67 -42.92 109.46 -63.19
C LEU AA 67 -43.20 109.10 -64.64
N ASP AA 68 -44.45 109.27 -65.04
CA ASP AA 68 -44.84 109.07 -66.43
C ASP AA 68 -46.09 109.88 -66.73
N LEU AA 69 -46.21 110.32 -67.98
CA LEU AA 69 -47.40 111.05 -68.40
C LEU AA 69 -48.61 110.13 -68.52
N GLU AA 70 -48.37 108.86 -68.85
CA GLU AA 70 -49.46 107.91 -69.03
C GLU AA 70 -49.82 107.27 -67.69
N PRO AA 71 -51.08 107.30 -67.26
CA PRO AA 71 -51.47 106.64 -66.02
C PRO AA 71 -51.75 105.15 -66.17
N ARG AA 72 -51.60 104.59 -67.37
CA ARG AA 72 -51.92 103.18 -67.59
C ARG AA 72 -50.84 102.27 -67.01
N VAL AA 73 -49.59 102.71 -66.99
CA VAL AA 73 -48.51 101.86 -66.51
C VAL AA 73 -48.54 101.73 -64.99
N ILE AA 74 -49.08 102.74 -64.29
CA ILE AA 74 -49.11 102.70 -62.83
C ILE AA 74 -50.41 102.12 -62.30
N HIS AA 75 -51.47 102.07 -63.11
CA HIS AA 75 -52.70 101.42 -62.70
C HIS AA 75 -52.64 99.90 -62.82
N SER AA 76 -51.64 99.37 -63.50
CA SER AA 76 -51.38 97.93 -63.51
C SER AA 76 -50.36 97.53 -62.44
N ILE AA 77 -50.17 98.35 -61.43
CA ILE AA 77 -49.17 98.13 -60.39
C ILE AA 77 -49.83 97.86 -59.04
N LEU AA 78 -50.81 98.70 -58.66
CA LEU AA 78 -51.37 98.66 -57.31
C LEU AA 78 -52.22 97.42 -57.05
N ASN AA 79 -52.74 96.77 -58.10
CA ASN AA 79 -53.49 95.54 -57.88
C ASN AA 79 -52.54 94.35 -57.71
N SER AA 80 -51.30 94.48 -58.16
CA SER AA 80 -50.32 93.43 -57.92
C SER AA 80 -49.88 93.47 -56.46
N PRO AA 81 -49.60 92.32 -55.84
CA PRO AA 81 -49.23 92.29 -54.42
C PRO AA 81 -47.82 92.75 -54.12
N TYR AA 82 -47.05 93.21 -55.11
CA TYR AA 82 -45.72 93.72 -54.90
C TYR AA 82 -45.68 95.25 -54.79
N ALA AA 83 -46.83 95.91 -54.84
CA ALA AA 83 -46.89 97.36 -54.77
C ALA AA 83 -46.97 97.89 -53.35
N ASN AA 84 -47.23 97.02 -52.36
CA ASN AA 84 -47.23 97.47 -50.97
C ASN AA 84 -45.81 97.71 -50.46
N LEU AA 85 -44.82 97.12 -51.13
CA LEU AA 85 -43.43 97.43 -50.82
C LEU AA 85 -43.08 98.85 -51.26
N TYR AA 86 -43.64 99.29 -52.39
CA TYR AA 86 -43.55 100.68 -52.80
C TYR AA 86 -44.34 101.58 -51.85
N ASN AA 87 -43.90 102.83 -51.74
CA ASN AA 87 -44.52 103.77 -50.82
C ASN AA 87 -45.41 104.75 -51.58
N PRO AA 88 -46.59 105.09 -51.05
CA PRO AA 88 -47.45 106.06 -51.73
C PRO AA 88 -47.18 107.50 -51.32
N GLU AA 89 -46.04 107.76 -50.69
CA GLU AA 89 -45.64 109.13 -50.37
C GLU AA 89 -44.30 109.53 -50.95
N ASN AA 90 -43.48 108.60 -51.42
CA ASN AA 90 -42.18 108.94 -52.00
C ASN AA 90 -42.29 109.54 -53.40
N ILE AA 91 -43.27 109.10 -54.19
CA ILE AA 91 -43.36 109.53 -55.58
C ILE AA 91 -44.68 110.24 -55.79
N TYR AA 92 -45.78 109.51 -55.62
CA TYR AA 92 -47.13 110.02 -55.81
C TYR AA 92 -48.08 109.31 -54.86
N LEU AA 93 -49.18 109.97 -54.53
CA LEU AA 93 -50.28 109.27 -53.89
C LEU AA 93 -51.22 108.69 -54.95
N SER AA 94 -52.39 108.25 -54.50
CA SER AA 94 -53.36 107.65 -55.41
C SER AA 94 -53.94 108.69 -56.36
N GLU AA 95 -54.34 108.22 -57.55
CA GLU AA 95 -54.80 109.04 -58.68
C GLU AA 95 -53.76 110.08 -59.10
N HIS AA 96 -52.65 109.58 -59.62
CA HIS AA 96 -51.69 110.44 -60.30
C HIS AA 96 -51.92 110.38 -61.81
N GLY AA 97 -51.73 111.53 -62.45
CA GLY AA 97 -51.98 111.62 -63.89
C GLY AA 97 -50.79 112.16 -64.67
N GLY AA 98 -51.08 112.87 -65.75
CA GLY AA 98 -50.04 113.45 -66.58
C GLY AA 98 -50.57 114.32 -67.70
N GLY AA 99 -49.99 114.20 -68.89
CA GLY AA 99 -50.40 114.97 -70.04
C GLY AA 99 -51.57 114.35 -70.77
N ALA AA 100 -51.61 114.58 -72.08
CA ALA AA 100 -52.67 114.02 -72.91
C ALA AA 100 -52.38 112.61 -73.47
N GLY AA 101 -51.23 112.30 -74.08
CA GLY AA 101 -50.09 113.13 -74.49
C GLY AA 101 -49.01 112.32 -75.20
N ASN AA 102 -48.57 112.81 -76.37
CA ASN AA 102 -47.54 112.11 -77.13
C ASN AA 102 -46.75 113.15 -77.92
N ASN AA 103 -45.61 113.58 -77.36
CA ASN AA 103 -44.73 114.55 -77.97
C ASN AA 103 -43.41 114.54 -77.23
N TRP AA 104 -42.32 114.78 -77.97
CA TRP AA 104 -41.04 115.02 -77.33
C TRP AA 104 -40.99 116.41 -76.70
N ALA AA 105 -41.64 117.38 -77.33
CA ALA AA 105 -41.71 118.74 -76.81
C ALA AA 105 -42.69 118.89 -75.65
N SER AA 106 -43.49 117.86 -75.36
CA SER AA 106 -44.40 117.93 -74.22
C SER AA 106 -43.64 117.82 -72.91
N GLY AA 107 -42.92 116.71 -72.71
CA GLY AA 107 -42.13 116.51 -71.51
C GLY AA 107 -40.92 117.42 -71.42
N PHE AA 108 -40.43 117.93 -72.56
CA PHE AA 108 -39.35 118.90 -72.54
C PHE AA 108 -39.82 120.26 -72.04
N SER AA 109 -41.09 120.58 -72.26
CA SER AA 109 -41.67 121.82 -71.75
C SER AA 109 -42.36 121.63 -70.40
N GLN AA 110 -42.70 120.41 -70.02
CA GLN AA 110 -43.31 120.15 -68.73
C GLN AA 110 -42.30 120.07 -67.59
N GLY AA 111 -40.99 120.07 -67.91
CA GLY AA 111 -39.99 119.97 -66.87
C GLY AA 111 -39.79 121.25 -66.09
N GLU AA 112 -40.05 122.40 -66.72
CA GLU AA 112 -39.85 123.70 -66.09
C GLU AA 112 -41.14 124.32 -65.58
N LYS AA 113 -42.28 123.65 -65.74
CA LYS AA 113 -43.51 124.10 -65.12
C LYS AA 113 -43.85 123.30 -63.86
N ILE AA 114 -43.27 122.12 -63.71
CA ILE AA 114 -43.36 121.35 -62.48
C ILE AA 114 -41.95 121.29 -61.91
N HIS AA 115 -41.19 122.37 -62.14
CA HIS AA 115 -39.79 122.43 -61.74
C HIS AA 115 -39.65 122.46 -60.22
N GLU AA 116 -40.62 123.05 -59.53
CA GLU AA 116 -40.58 123.10 -58.07
C GLU AA 116 -40.85 121.75 -57.45
N ASP AA 117 -41.80 120.99 -57.98
CA ASP AA 117 -42.16 119.71 -57.41
C ASP AA 117 -41.26 118.56 -57.84
N ILE AA 118 -40.64 118.64 -59.02
CA ILE AA 118 -39.79 117.55 -59.48
C ILE AA 118 -38.42 117.57 -58.80
N PHE AA 119 -38.04 118.69 -58.18
CA PHE AA 119 -36.78 118.78 -57.44
C PHE AA 119 -37.00 118.89 -55.94
N ASP AA 120 -38.14 118.42 -55.44
CA ASP AA 120 -38.48 118.50 -54.03
C ASP AA 120 -38.51 117.13 -53.36
N ILE AA 121 -39.22 116.16 -53.93
CA ILE AA 121 -39.39 114.89 -53.23
C ILE AA 121 -38.34 113.87 -53.66
N ILE AA 122 -37.68 114.08 -54.81
CA ILE AA 122 -36.61 113.17 -55.19
C ILE AA 122 -35.29 113.55 -54.53
N ASP AA 123 -35.20 114.74 -53.94
CA ASP AA 123 -34.01 115.15 -53.21
C ASP AA 123 -34.08 114.79 -51.75
N ARG AA 124 -35.23 114.34 -51.26
CA ARG AA 124 -35.35 113.86 -49.88
C ARG AA 124 -34.62 112.54 -49.67
N GLU AA 125 -34.52 111.72 -50.72
CA GLU AA 125 -33.76 110.47 -50.64
C GLU AA 125 -32.27 110.68 -50.85
N ALA AA 126 -31.86 111.88 -51.26
CA ALA AA 126 -30.44 112.12 -51.53
C ALA AA 126 -29.64 112.28 -50.24
N ASP AA 127 -30.18 113.02 -49.28
CA ASP AA 127 -29.50 113.27 -48.02
C ASP AA 127 -29.75 112.19 -46.96
N GLY AA 128 -30.35 111.06 -47.35
CA GLY AA 128 -30.47 109.95 -46.44
C GLY AA 128 -29.12 109.32 -46.13
N SER AA 129 -28.28 109.18 -47.14
CA SER AA 129 -26.90 108.77 -46.98
C SER AA 129 -25.97 109.94 -47.29
N ASP AA 130 -24.95 110.13 -46.47
CA ASP AA 130 -24.03 111.24 -46.61
C ASP AA 130 -22.96 111.00 -47.66
N SER AA 131 -22.95 109.84 -48.32
CA SER AA 131 -22.02 109.54 -49.41
C SER AA 131 -22.85 108.88 -50.52
N LEU AA 132 -23.36 109.70 -51.43
CA LEU AA 132 -24.23 109.20 -52.49
C LEU AA 132 -23.40 108.68 -53.64
N GLU AA 133 -23.80 107.52 -54.17
CA GLU AA 133 -23.10 106.90 -55.29
C GLU AA 133 -23.36 107.66 -56.59
N GLY AA 134 -24.61 107.76 -56.99
CA GLY AA 134 -24.93 108.47 -58.21
C GLY AA 134 -26.37 108.29 -58.59
N PHE AA 135 -26.65 108.47 -59.88
CA PHE AA 135 -28.01 108.37 -60.41
C PHE AA 135 -28.00 107.52 -61.67
N VAL AA 136 -28.90 106.55 -61.73
CA VAL AA 136 -29.16 105.78 -62.94
C VAL AA 136 -30.55 106.15 -63.46
N LEU AA 137 -30.60 106.59 -64.71
CA LEU AA 137 -31.85 107.00 -65.36
C LEU AA 137 -32.43 105.78 -66.08
N CYS AA 138 -33.32 105.08 -65.39
CA CYS AA 138 -33.98 103.91 -65.98
C CYS AA 138 -35.14 104.35 -66.86
N HIS AA 139 -34.80 104.98 -67.97
CA HIS AA 139 -35.76 105.61 -68.85
C HIS AA 139 -35.79 104.89 -70.19
N SER AA 140 -36.59 105.42 -71.10
CA SER AA 140 -36.79 104.85 -72.42
C SER AA 140 -36.44 105.86 -73.50
N ILE AA 141 -36.14 105.33 -74.68
CA ILE AA 141 -35.98 106.13 -75.88
C ILE AA 141 -37.21 106.09 -76.76
N ALA AA 142 -37.94 104.97 -76.76
CA ALA AA 142 -39.16 104.85 -77.56
C ALA AA 142 -40.26 105.75 -77.02
N GLY AA 143 -41.04 106.32 -77.94
CA GLY AA 143 -42.11 107.23 -77.56
C GLY AA 143 -41.60 108.61 -77.22
N GLY AA 144 -42.55 109.50 -76.92
CA GLY AA 144 -42.22 110.86 -76.54
C GLY AA 144 -42.31 111.08 -75.05
N THR AA 145 -42.80 110.08 -74.32
CA THR AA 145 -42.95 110.21 -72.88
C THR AA 145 -41.61 110.07 -72.16
N GLY AA 146 -40.90 108.97 -72.42
CA GLY AA 146 -39.61 108.76 -71.78
C GLY AA 146 -38.47 109.54 -72.39
N SER AA 147 -38.60 109.94 -73.65
CA SER AA 147 -37.56 110.70 -74.33
C SER AA 147 -37.69 112.21 -74.16
N GLY AA 148 -38.91 112.70 -73.93
CA GLY AA 148 -39.14 114.12 -73.78
C GLY AA 148 -38.72 114.67 -72.43
N LEU AA 149 -39.11 113.99 -71.35
CA LEU AA 149 -38.78 114.46 -70.01
C LEU AA 149 -37.41 113.99 -69.55
N GLY AA 150 -36.92 112.87 -70.09
CA GLY AA 150 -35.62 112.34 -69.68
C GLY AA 150 -34.45 113.17 -70.15
N SER AA 151 -34.62 113.95 -71.22
CA SER AA 151 -33.54 114.83 -71.68
C SER AA 151 -33.38 116.05 -70.79
N TYR AA 152 -34.39 116.39 -70.00
CA TYR AA 152 -34.30 117.56 -69.12
C TYR AA 152 -33.50 117.26 -67.86
N LEU AA 153 -33.68 116.08 -67.28
CA LEU AA 153 -32.96 115.74 -66.05
C LEU AA 153 -31.51 115.38 -66.29
N LEU AA 154 -31.11 115.12 -67.54
CA LEU AA 154 -29.70 114.91 -67.85
C LEU AA 154 -28.90 116.20 -67.85
N GLU AA 155 -29.57 117.36 -67.85
CA GLU AA 155 -28.91 118.66 -67.84
C GLU AA 155 -28.86 119.29 -66.46
N ARG AA 156 -29.99 119.31 -65.74
CA ARG AA 156 -30.04 120.01 -64.46
C ARG AA 156 -29.47 119.20 -63.32
N LEU AA 157 -29.32 117.88 -63.47
CA LEU AA 157 -28.63 117.08 -62.48
C LEU AA 157 -27.14 116.96 -62.75
N ASN AA 158 -26.65 117.57 -63.83
CA ASN AA 158 -25.23 117.53 -64.13
C ASN AA 158 -24.45 118.55 -63.31
N ASP AA 159 -25.08 119.68 -62.98
CA ASP AA 159 -24.43 120.73 -62.20
C ASP AA 159 -24.91 120.79 -60.75
N ARG AA 160 -26.15 120.41 -60.48
CA ARG AA 160 -26.62 120.38 -59.09
C ARG AA 160 -26.00 119.21 -58.33
N TYR AA 161 -25.67 118.12 -59.03
CA TYR AA 161 -24.97 116.98 -58.44
C TYR AA 161 -23.80 116.64 -59.35
N PRO AA 162 -22.70 117.41 -59.28
CA PRO AA 162 -21.61 117.23 -60.25
C PRO AA 162 -20.67 116.09 -59.93
N LYS AA 163 -20.55 115.70 -58.65
CA LYS AA 163 -19.61 114.68 -58.23
C LYS AA 163 -20.25 113.29 -58.14
N LYS AA 164 -21.33 113.06 -58.87
CA LYS AA 164 -22.03 111.78 -58.84
C LYS AA 164 -21.92 111.08 -60.18
N LEU AA 165 -21.87 109.75 -60.12
CA LEU AA 165 -21.83 108.92 -61.32
C LEU AA 165 -23.17 108.95 -62.02
N VAL AA 166 -23.15 109.16 -63.34
CA VAL AA 166 -24.32 108.98 -64.17
C VAL AA 166 -24.03 107.89 -65.20
N GLN AA 167 -24.99 106.97 -65.35
CA GLN AA 167 -24.94 105.81 -66.25
C GLN AA 167 -26.32 105.21 -66.32
N THR AA 168 -26.83 104.94 -67.52
CA THR AA 168 -28.23 104.52 -67.68
C THR AA 168 -28.33 103.18 -68.37
N TYR AA 169 -29.38 102.44 -68.00
CA TYR AA 169 -29.81 101.24 -68.73
C TYR AA 169 -31.00 101.63 -69.61
N SER AA 170 -30.70 102.20 -70.77
CA SER AA 170 -31.71 102.72 -71.67
C SER AA 170 -32.01 101.70 -72.76
N VAL AA 171 -33.28 101.57 -73.11
CA VAL AA 171 -33.72 100.62 -74.14
C VAL AA 171 -33.88 101.37 -75.46
N PHE AA 172 -33.41 100.76 -76.54
CA PHE AA 172 -33.54 101.33 -77.87
C PHE AA 172 -34.90 100.97 -78.48
N PRO AA 173 -35.49 101.84 -79.29
CA PRO AA 173 -36.78 101.55 -79.91
C PRO AA 173 -36.66 100.58 -81.08
N ASN AA 174 -37.82 100.21 -81.62
CA ASN AA 174 -37.92 99.22 -82.69
C ASN AA 174 -38.03 99.92 -84.04
N GLN AA 175 -37.29 99.41 -85.03
CA GLN AA 175 -37.23 100.00 -86.36
C GLN AA 175 -37.70 99.03 -87.44
N ASP AA 176 -38.82 98.36 -87.21
CA ASP AA 176 -39.31 97.38 -88.18
C ASP AA 176 -40.23 98.01 -89.23
N GLU AA 177 -41.35 98.61 -88.82
CA GLU AA 177 -42.11 99.50 -89.68
C GLU AA 177 -42.34 100.81 -88.95
N MET AA 178 -42.83 101.81 -89.69
CA MET AA 178 -42.96 103.18 -89.20
C MET AA 178 -44.39 103.69 -89.43
N SER AA 179 -45.38 102.89 -89.03
CA SER AA 179 -46.78 103.22 -89.22
C SER AA 179 -47.43 103.77 -87.95
N HIS AA 180 -47.29 103.07 -86.83
CA HIS AA 180 -47.92 103.51 -85.59
C HIS AA 180 -47.20 104.76 -85.06
N VAL AA 181 -45.88 104.73 -85.01
CA VAL AA 181 -45.07 105.89 -84.69
C VAL AA 181 -44.27 106.28 -85.94
N VAL AA 182 -44.04 107.58 -86.09
CA VAL AA 182 -43.32 108.16 -87.23
C VAL AA 182 -42.36 109.22 -86.67
N VAL AA 183 -42.46 109.49 -85.38
CA VAL AA 183 -41.64 110.54 -84.76
C VAL AA 183 -40.39 109.90 -84.15
N GLN AA 184 -40.17 108.62 -84.47
CA GLN AA 184 -39.05 107.87 -83.91
C GLN AA 184 -37.65 108.38 -84.28
N PRO AA 185 -37.34 108.86 -85.50
CA PRO AA 185 -36.00 109.43 -85.71
C PRO AA 185 -35.78 110.77 -85.02
N TYR AA 186 -36.83 111.50 -84.66
CA TYR AA 186 -36.66 112.82 -84.06
C TYR AA 186 -36.38 112.75 -82.57
N ASN AA 187 -37.21 112.04 -81.81
CA ASN AA 187 -37.05 111.99 -80.37
C ASN AA 187 -35.88 111.12 -79.92
N SER AA 188 -35.39 110.23 -80.78
CA SER AA 188 -34.28 109.37 -80.40
C SER AA 188 -32.95 110.12 -80.46
N LEU AA 189 -32.71 110.86 -81.54
CA LEU AA 189 -31.45 111.57 -81.71
C LEU AA 189 -31.34 112.78 -80.79
N LEU AA 190 -32.47 113.34 -80.35
CA LEU AA 190 -32.43 114.43 -79.39
C LEU AA 190 -31.98 113.96 -78.02
N THR AA 191 -32.37 112.73 -77.65
CA THR AA 191 -31.91 112.16 -76.39
C THR AA 191 -30.51 111.56 -76.52
N LEU AA 192 -30.15 111.09 -77.72
CA LEU AA 192 -28.83 110.50 -77.94
C LEU AA 192 -27.71 111.54 -77.86
N LYS AA 193 -28.01 112.81 -78.14
CA LYS AA 193 -27.02 113.85 -77.91
C LYS AA 193 -26.80 114.08 -76.42
N ARG AA 194 -27.88 114.02 -75.63
CA ARG AA 194 -27.76 114.18 -74.19
C ARG AA 194 -27.12 112.97 -73.52
N LEU AA 195 -27.07 111.82 -74.20
CA LEU AA 195 -26.49 110.62 -73.61
C LEU AA 195 -24.97 110.57 -73.73
N THR AA 196 -24.36 111.46 -74.52
CA THR AA 196 -22.92 111.46 -74.73
C THR AA 196 -22.20 112.60 -74.04
N GLN AA 197 -22.70 113.83 -74.14
CA GLN AA 197 -22.05 114.97 -73.50
C GLN AA 197 -22.69 115.34 -72.17
N ASN AA 198 -24.00 115.17 -72.02
CA ASN AA 198 -24.66 115.38 -70.74
C ASN AA 198 -24.78 114.10 -69.93
N ALA AA 199 -24.19 113.01 -70.39
CA ALA AA 199 -24.18 111.75 -69.67
C ALA AA 199 -22.88 111.02 -69.94
N ASP AA 200 -22.39 110.33 -68.92
CA ASP AA 200 -21.09 109.67 -69.01
C ASP AA 200 -21.18 108.35 -69.77
N CYS AA 201 -22.05 107.45 -69.33
CA CYS AA 201 -22.13 106.11 -69.89
C CYS AA 201 -23.58 105.73 -70.12
N VAL AA 202 -23.79 104.82 -71.07
CA VAL AA 202 -25.10 104.20 -71.30
C VAL AA 202 -24.90 102.69 -71.36
N VAL AA 203 -26.01 101.97 -71.27
CA VAL AA 203 -26.07 100.53 -71.51
C VAL AA 203 -27.14 100.34 -72.57
N VAL AA 204 -26.72 100.01 -73.80
CA VAL AA 204 -27.67 99.94 -74.91
C VAL AA 204 -28.45 98.63 -74.84
N LEU AA 205 -29.72 98.70 -75.27
CA LEU AA 205 -30.64 97.54 -75.25
C LEU AA 205 -31.52 97.67 -76.49
N ASP AA 206 -31.17 96.95 -77.55
CA ASP AA 206 -31.89 97.05 -78.81
C ASP AA 206 -33.22 96.31 -78.75
N ASN AA 207 -34.17 96.80 -79.55
CA ASN AA 207 -35.49 96.19 -79.65
C ASN AA 207 -35.59 95.18 -80.77
N THR AA 208 -34.90 95.42 -81.89
CA THR AA 208 -34.90 94.44 -82.98
C THR AA 208 -34.08 93.21 -82.64
N ALA AA 209 -33.17 93.31 -81.67
CA ALA AA 209 -32.42 92.18 -81.18
C ALA AA 209 -33.14 91.43 -80.06
N LEU AA 210 -34.25 91.96 -79.57
CA LEU AA 210 -35.03 91.27 -78.54
C LEU AA 210 -35.79 90.10 -79.13
N ASN AA 211 -36.54 90.35 -80.21
CA ASN AA 211 -37.28 89.28 -80.90
C ASN AA 211 -36.37 88.34 -81.67
N ARG AA 212 -35.10 88.69 -81.87
CA ARG AA 212 -34.14 87.70 -82.36
C ARG AA 212 -33.88 86.63 -81.30
N ILE AA 213 -33.95 87.01 -80.02
CA ILE AA 213 -33.72 86.07 -78.92
C ILE AA 213 -35.06 85.52 -78.45
N ALA AA 214 -36.13 86.32 -78.59
CA ALA AA 214 -37.45 85.90 -78.13
C ALA AA 214 -38.05 84.79 -78.98
N THR AA 215 -37.55 84.57 -80.20
CA THR AA 215 -37.91 83.42 -80.98
C THR AA 215 -36.77 82.43 -81.13
N ASP AA 216 -35.61 82.71 -80.52
CA ASP AA 216 -34.46 81.81 -80.63
C ASP AA 216 -34.68 80.55 -79.80
N ARG AA 217 -34.84 80.71 -78.49
CA ARG AA 217 -35.01 79.58 -77.59
C ARG AA 217 -36.32 79.65 -76.82
N LEU AA 218 -37.07 80.74 -76.93
CA LEU AA 218 -38.23 80.98 -76.10
C LEU AA 218 -39.52 80.46 -76.74
N HIS AA 219 -39.53 80.34 -78.07
CA HIS AA 219 -40.57 79.65 -78.85
C HIS AA 219 -41.96 80.27 -78.66
N ILE AA 220 -42.09 81.51 -79.11
CA ILE AA 220 -43.38 82.20 -79.13
C ILE AA 220 -43.79 82.42 -80.58
N GLN AA 221 -45.09 82.55 -80.79
CA GLN AA 221 -45.66 82.80 -82.12
C GLN AA 221 -46.15 84.23 -82.30
N ASN AA 222 -46.77 84.82 -81.28
CA ASN AA 222 -47.22 86.20 -81.34
C ASN AA 222 -46.41 87.01 -80.35
N PRO AA 223 -45.53 87.92 -80.80
CA PRO AA 223 -44.67 88.68 -79.87
C PRO AA 223 -45.48 89.72 -79.12
N SER AA 224 -45.52 89.58 -77.79
CA SER AA 224 -46.22 90.51 -76.92
C SER AA 224 -45.21 91.32 -76.10
N PHE AA 225 -45.74 92.31 -75.39
CA PHE AA 225 -44.92 93.16 -74.53
C PHE AA 225 -44.62 92.50 -73.18
N SER AA 226 -45.27 91.37 -72.87
CA SER AA 226 -45.04 90.69 -71.60
C SER AA 226 -43.73 89.91 -71.56
N GLN AA 227 -43.01 89.81 -72.68
CA GLN AA 227 -41.71 89.16 -72.72
C GLN AA 227 -40.55 90.14 -72.66
N ILE AA 228 -40.81 91.45 -72.79
CA ILE AA 228 -39.73 92.43 -72.79
C ILE AA 228 -39.16 92.64 -71.39
N ASN AA 229 -39.83 92.19 -70.33
CA ASN AA 229 -39.37 92.41 -68.98
C ASN AA 229 -38.56 91.23 -68.45
N GLN AA 230 -38.49 90.14 -69.20
CA GLN AA 230 -37.82 88.94 -68.72
C GLN AA 230 -36.33 88.93 -69.07
N LEU AA 231 -35.96 89.38 -70.27
CA LEU AA 231 -34.55 89.50 -70.61
C LEU AA 231 -33.89 90.68 -69.92
N VAL AA 232 -34.69 91.69 -69.54
CA VAL AA 232 -34.11 92.94 -69.07
C VAL AA 232 -33.87 92.91 -67.57
N SER AA 233 -34.80 92.34 -66.80
CA SER AA 233 -34.71 92.37 -65.35
C SER AA 233 -33.64 91.44 -64.80
N THR AA 234 -33.27 90.39 -65.52
CA THR AA 234 -32.22 89.50 -65.04
C THR AA 234 -30.85 90.13 -65.19
N ILE AA 235 -30.57 90.74 -66.34
CA ILE AA 235 -29.25 91.34 -66.56
C ILE AA 235 -29.05 92.62 -65.76
N MET AA 236 -30.14 93.25 -65.31
CA MET AA 236 -30.02 94.38 -64.39
C MET AA 236 -29.53 93.92 -63.03
N SER AA 237 -30.13 92.86 -62.49
CA SER AA 237 -29.67 92.29 -61.24
C SER AA 237 -28.35 91.54 -61.41
N ALA AA 238 -28.04 91.11 -62.64
CA ALA AA 238 -26.76 90.47 -62.91
C ALA AA 238 -25.61 91.49 -62.88
N SER AA 239 -25.89 92.74 -63.26
CA SER AA 239 -24.86 93.76 -63.29
C SER AA 239 -24.45 94.25 -61.91
N THR AA 240 -25.28 94.01 -60.89
CA THR AA 240 -24.99 94.45 -59.53
C THR AA 240 -24.65 93.28 -58.60
N THR AA 241 -24.23 92.15 -59.17
CA THR AA 241 -23.87 91.00 -58.36
C THR AA 241 -22.57 91.23 -57.58
N THR AA 242 -21.65 92.02 -58.15
CA THR AA 242 -20.50 92.44 -57.38
C THR AA 242 -20.87 93.53 -56.37
N LEU AA 243 -21.96 94.25 -56.62
CA LEU AA 243 -22.36 95.38 -55.79
C LEU AA 243 -23.36 94.97 -54.71
N ARG AA 244 -24.31 94.09 -55.03
CA ARG AA 244 -25.28 93.65 -54.02
C ARG AA 244 -24.69 92.52 -53.17
N TYR AA 245 -24.25 91.44 -53.81
CA TYR AA 245 -23.63 90.33 -53.11
C TYR AA 245 -22.18 90.69 -52.77
N PRO AA 246 -21.61 90.11 -51.70
CA PRO AA 246 -20.25 90.50 -51.29
C PRO AA 246 -19.16 90.07 -52.25
N GLY AA 247 -18.61 91.05 -52.97
CA GLY AA 247 -17.45 90.86 -53.81
C GLY AA 247 -16.28 91.68 -53.28
N TYR AA 248 -15.16 91.58 -54.00
CA TYR AA 248 -13.95 92.28 -53.58
C TYR AA 248 -13.53 93.37 -54.55
N MET AA 249 -13.35 93.05 -55.83
CA MET AA 249 -12.84 94.00 -56.81
C MET AA 249 -13.96 94.41 -57.76
N ASN AA 250 -14.01 95.73 -58.04
CA ASN AA 250 -15.09 96.38 -58.78
C ASN AA 250 -16.45 96.06 -58.17
N ASN AA 251 -16.52 96.13 -56.85
CA ASN AA 251 -17.75 95.92 -56.11
C ASN AA 251 -18.62 97.17 -56.02
N ASP AA 252 -18.25 98.24 -56.72
CA ASP AA 252 -19.05 99.46 -56.82
C ASP AA 252 -19.40 99.70 -58.29
N LEU AA 253 -20.39 100.59 -58.50
CA LEU AA 253 -20.81 100.89 -59.87
C LEU AA 253 -19.80 101.81 -60.56
N ILE AA 254 -19.10 102.62 -59.78
CA ILE AA 254 -17.92 103.34 -60.26
C ILE AA 254 -16.67 102.45 -60.32
N GLY AA 255 -16.76 101.18 -59.96
CA GLY AA 255 -15.66 100.27 -60.20
C GLY AA 255 -15.74 99.61 -61.56
N LEU AA 256 -16.94 99.19 -61.96
CA LEU AA 256 -17.12 98.43 -63.19
C LEU AA 256 -16.98 99.34 -64.42
N ILE AA 257 -17.63 100.51 -64.36
CA ILE AA 257 -17.66 101.42 -65.51
C ILE AA 257 -16.31 102.09 -65.74
N ALA AA 258 -15.50 102.22 -64.68
CA ALA AA 258 -14.18 102.84 -64.82
C ALA AA 258 -13.21 101.98 -65.62
N SER AA 259 -13.36 100.65 -65.57
CA SER AA 259 -12.42 99.74 -66.22
C SER AA 259 -12.82 99.36 -67.64
N LEU AA 260 -13.85 100.01 -68.19
CA LEU AA 260 -14.32 99.66 -69.53
C LEU AA 260 -14.41 100.86 -70.49
N ILE AA 261 -14.61 102.07 -70.00
CA ILE AA 261 -14.76 103.24 -70.85
C ILE AA 261 -13.39 103.66 -71.34
N PRO AA 262 -13.13 103.72 -72.66
CA PRO AA 262 -11.86 104.24 -73.14
C PRO AA 262 -11.78 105.75 -73.03
N THR AA 263 -12.85 106.43 -73.39
CA THR AA 263 -12.89 107.88 -73.50
C THR AA 263 -14.35 108.33 -73.44
N PRO AA 264 -14.61 109.58 -73.07
CA PRO AA 264 -15.97 110.12 -73.20
C PRO AA 264 -16.44 110.13 -74.65
N ARG AA 265 -17.78 110.04 -74.81
CA ARG AA 265 -18.57 109.82 -76.02
C ARG AA 265 -18.29 108.45 -76.68
N LEU AA 266 -17.48 107.60 -76.06
CA LEU AA 266 -17.35 106.18 -76.44
C LEU AA 266 -17.65 105.38 -75.18
N HIS AA 267 -18.93 105.07 -74.98
CA HIS AA 267 -19.35 104.38 -73.77
C HIS AA 267 -20.43 103.34 -74.03
N PHE AA 268 -20.76 103.06 -75.29
CA PHE AA 268 -21.87 102.17 -75.64
C PHE AA 268 -21.40 100.73 -75.49
N LEU AA 269 -21.92 100.05 -74.47
CA LEU AA 269 -21.43 98.73 -74.08
C LEU AA 269 -22.35 97.64 -74.60
N MET AA 270 -21.76 96.64 -75.26
CA MET AA 270 -22.51 95.50 -75.76
C MET AA 270 -22.75 94.49 -74.63
N THR AA 271 -23.97 93.96 -74.57
CA THR AA 271 -24.39 93.08 -73.48
C THR AA 271 -24.64 91.68 -74.02
N GLY AA 272 -24.31 90.68 -73.23
CA GLY AA 272 -24.57 89.29 -73.59
C GLY AA 272 -24.91 88.46 -72.38
N TYR AA 273 -25.84 87.52 -72.58
CA TYR AA 273 -26.33 86.68 -71.48
C TYR AA 273 -26.89 85.39 -72.08
N THR AA 274 -26.18 84.28 -71.88
CA THR AA 274 -26.62 83.00 -72.45
C THR AA 274 -27.76 82.29 -71.73
N PRO AA 275 -27.69 81.94 -70.41
CA PRO AA 275 -28.60 80.90 -69.92
C PRO AA 275 -30.02 81.39 -69.65
N LEU AA 276 -30.97 81.00 -70.52
CA LEU AA 276 -32.36 81.41 -70.37
C LEU AA 276 -33.33 80.24 -70.51
N THR AA 277 -32.86 79.00 -70.44
CA THR AA 277 -33.69 77.84 -70.70
C THR AA 277 -33.78 76.97 -69.45
N THR AA 278 -34.99 76.55 -69.12
CA THR AA 278 -35.27 75.81 -67.89
C THR AA 278 -35.04 74.31 -68.00
N ASP AA 279 -34.99 73.75 -69.22
CA ASP AA 279 -34.71 72.33 -69.36
C ASP AA 279 -33.22 72.01 -69.43
N GLN AA 280 -32.36 73.02 -69.33
CA GLN AA 280 -30.94 72.79 -69.11
C GLN AA 280 -30.65 72.27 -67.70
N SER AA 281 -31.62 72.41 -66.79
CA SER AA 281 -31.43 72.12 -65.37
C SER AA 281 -31.20 70.64 -65.09
N VAL AA 282 -31.73 69.76 -65.96
CA VAL AA 282 -31.64 68.33 -65.69
C VAL AA 282 -30.28 67.73 -66.03
N ALA AA 283 -29.39 68.50 -66.66
CA ALA AA 283 -28.07 67.99 -67.03
C ALA AA 283 -26.93 68.82 -66.45
N SER AA 284 -27.23 69.78 -65.57
CA SER AA 284 -26.21 70.53 -64.84
C SER AA 284 -25.81 69.85 -63.55
N VAL AA 285 -26.32 68.63 -63.30
CA VAL AA 285 -25.97 67.89 -62.08
C VAL AA 285 -24.64 67.16 -62.20
N ARG AA 286 -24.06 67.11 -63.40
CA ARG AA 286 -22.86 66.30 -63.66
C ARG AA 286 -21.58 67.14 -63.68
N LYS AA 287 -21.56 68.26 -62.94
CA LYS AA 287 -20.45 69.22 -62.90
C LYS AA 287 -20.18 69.78 -64.31
N THR AA 288 -21.14 70.58 -64.75
CA THR AA 288 -20.92 71.45 -65.90
C THR AA 288 -19.95 72.55 -65.50
N THR AA 289 -18.86 72.68 -66.25
CA THR AA 289 -17.70 73.46 -65.83
C THR AA 289 -17.80 74.90 -66.34
N VAL AA 290 -16.76 75.67 -66.03
CA VAL AA 290 -16.62 77.06 -66.45
C VAL AA 290 -15.80 77.17 -67.73
N LEU AA 291 -15.29 76.06 -68.24
CA LEU AA 291 -14.39 76.09 -69.40
C LEU AA 291 -15.16 76.23 -70.70
N ASP AA 292 -16.48 76.02 -70.70
CA ASP AA 292 -17.28 76.07 -71.91
C ASP AA 292 -18.24 77.24 -71.95
N VAL AA 293 -18.35 78.03 -70.87
CA VAL AA 293 -19.38 79.06 -70.82
C VAL AA 293 -18.90 80.38 -71.40
N MET AA 294 -17.59 80.62 -71.44
CA MET AA 294 -17.07 81.86 -71.99
C MET AA 294 -16.51 81.70 -73.40
N ARG AA 295 -16.58 80.49 -73.96
CA ARG AA 295 -16.24 80.31 -75.37
C ARG AA 295 -17.35 80.84 -76.27
N ARG AA 296 -18.57 80.93 -75.77
CA ARG AA 296 -19.72 81.37 -76.54
C ARG AA 296 -20.11 82.82 -76.26
N LEU AA 297 -19.41 83.49 -75.34
CA LEU AA 297 -19.73 84.89 -75.07
C LEU AA 297 -19.20 85.79 -76.20
N LEU AA 298 -17.92 85.64 -76.54
CA LEU AA 298 -17.34 86.36 -77.67
C LEU AA 298 -17.89 85.89 -79.00
N GLN AA 299 -18.45 84.70 -79.08
CA GLN AA 299 -19.12 84.26 -80.28
C GLN AA 299 -20.45 85.00 -80.40
N PRO AA 300 -20.71 85.69 -81.51
CA PRO AA 300 -21.91 86.56 -81.63
C PRO AA 300 -23.23 85.80 -81.72
N LYS AA 301 -23.66 85.29 -80.58
CA LYS AA 301 -24.92 84.56 -80.47
C LYS AA 301 -25.83 85.13 -79.39
N ASN AA 302 -25.27 85.57 -78.27
CA ASN AA 302 -26.05 86.13 -77.17
C ASN AA 302 -26.15 87.65 -77.20
N VAL AA 303 -25.72 88.28 -78.28
CA VAL AA 303 -25.61 89.73 -78.31
C VAL AA 303 -27.00 90.37 -78.42
N MET AA 304 -27.13 91.55 -77.83
CA MET AA 304 -28.36 92.33 -77.88
C MET AA 304 -28.18 93.60 -78.69
N VAL AA 305 -27.31 93.58 -79.70
CA VAL AA 305 -26.98 94.73 -80.52
C VAL AA 305 -27.03 94.31 -81.98
N SER AA 306 -27.84 94.99 -82.77
CA SER AA 306 -27.93 94.73 -84.21
C SER AA 306 -26.71 95.36 -84.88
N THR AA 307 -25.77 94.52 -85.31
CA THR AA 307 -24.54 95.00 -85.92
C THR AA 307 -24.22 94.13 -87.13
N GLY AA 308 -23.26 94.60 -87.93
CA GLY AA 308 -22.87 93.88 -89.13
C GLY AA 308 -22.02 92.67 -88.80
N ARG AA 309 -22.19 91.61 -89.59
CA ARG AA 309 -21.44 90.38 -89.39
C ARG AA 309 -20.08 90.39 -90.09
N ASP AA 310 -19.95 91.16 -91.17
CA ASP AA 310 -18.70 91.25 -91.91
C ASP AA 310 -17.91 92.51 -91.60
N ARG AA 311 -18.28 93.23 -90.54
CA ARG AA 311 -17.61 94.47 -90.17
C ARG AA 311 -16.74 94.33 -88.93
N GLN AA 312 -16.46 93.10 -88.51
CA GLN AA 312 -15.69 92.85 -87.30
C GLN AA 312 -14.20 92.62 -87.56
N THR AA 313 -13.78 92.60 -88.83
CA THR AA 313 -12.37 92.40 -89.16
C THR AA 313 -11.57 93.69 -89.08
N ASN AA 314 -12.18 94.83 -89.40
CA ASN AA 314 -11.53 96.12 -89.30
C ASN AA 314 -11.88 96.84 -88.00
N HIS AA 315 -12.67 96.22 -87.13
CA HIS AA 315 -12.98 96.76 -85.82
C HIS AA 315 -12.30 95.90 -84.76
N CYS AA 316 -12.00 96.51 -83.62
CA CYS AA 316 -11.19 95.88 -82.59
C CYS AA 316 -11.83 96.05 -81.23
N TYR AA 317 -11.86 94.98 -80.44
CA TYR AA 317 -12.29 95.07 -79.05
C TYR AA 317 -11.21 95.79 -78.24
N ILE AA 318 -11.66 96.55 -77.24
CA ILE AA 318 -10.74 97.26 -76.37
C ILE AA 318 -10.93 96.79 -74.93
N ALA AA 319 -12.19 96.60 -74.53
CA ALA AA 319 -12.51 96.19 -73.18
C ALA AA 319 -13.65 95.18 -73.24
N ILE AA 320 -13.46 94.02 -72.59
CA ILE AA 320 -14.46 92.97 -72.56
C ILE AA 320 -14.57 92.43 -71.14
N LEU AA 321 -15.80 92.38 -70.63
CA LEU AA 321 -16.09 91.90 -69.29
C LEU AA 321 -16.82 90.57 -69.38
N ASN AA 322 -16.43 89.61 -68.56
CA ASN AA 322 -17.01 88.27 -68.56
C ASN AA 322 -17.30 87.91 -67.10
N ILE AA 323 -18.56 88.06 -66.69
CA ILE AA 323 -18.96 87.91 -65.29
C ILE AA 323 -19.58 86.53 -65.11
N ILE AA 324 -18.94 85.70 -64.29
CA ILE AA 324 -19.51 84.42 -63.86
C ILE AA 324 -20.10 84.61 -62.46
N GLN AA 325 -21.17 83.86 -62.17
CA GLN AA 325 -21.96 84.03 -60.96
C GLN AA 325 -22.21 82.67 -60.32
N GLY AA 326 -22.33 82.66 -59.00
CA GLY AA 326 -22.73 81.46 -58.30
C GLY AA 326 -21.61 80.44 -58.22
N GLU AA 327 -21.91 79.20 -58.57
CA GLU AA 327 -20.90 78.15 -58.60
C GLU AA 327 -19.95 78.37 -59.78
N VAL AA 328 -18.67 78.56 -59.48
CA VAL AA 328 -17.72 78.97 -60.49
C VAL AA 328 -16.70 77.86 -60.70
N ASP AA 329 -16.42 77.10 -59.61
CA ASP AA 329 -15.27 76.20 -59.47
C ASP AA 329 -14.00 76.98 -59.79
N PRO AA 330 -13.54 77.85 -58.87
CA PRO AA 330 -12.48 78.81 -59.21
C PRO AA 330 -11.09 78.22 -59.39
N THR AA 331 -10.91 76.91 -59.27
CA THR AA 331 -9.61 76.33 -59.60
C THR AA 331 -9.39 76.19 -61.10
N GLN AA 332 -10.43 76.42 -61.92
CA GLN AA 332 -10.32 76.40 -63.37
C GLN AA 332 -10.79 77.70 -64.01
N VAL AA 333 -10.92 78.78 -63.24
CA VAL AA 333 -11.32 80.05 -63.84
C VAL AA 333 -10.11 80.72 -64.52
N HIS AA 334 -8.90 80.49 -64.00
CA HIS AA 334 -7.70 80.88 -64.73
C HIS AA 334 -7.45 79.96 -65.92
N LYS AA 335 -8.01 78.76 -65.89
CA LYS AA 335 -7.92 77.84 -67.02
C LYS AA 335 -8.81 78.28 -68.17
N SER AA 336 -9.94 78.92 -67.85
CA SER AA 336 -10.81 79.46 -68.89
C SER AA 336 -10.19 80.67 -69.58
N LEU AA 337 -9.45 81.49 -68.82
CA LEU AA 337 -8.77 82.64 -69.37
C LEU AA 337 -7.48 82.25 -70.08
N GLN AA 338 -7.01 81.01 -69.87
CA GLN AA 338 -5.85 80.49 -70.59
C GLN AA 338 -6.17 80.31 -72.08
N ARG AA 339 -7.39 79.89 -72.40
CA ARG AA 339 -7.78 79.55 -73.77
C ARG AA 339 -8.17 80.77 -74.59
N ILE AA 340 -8.08 81.97 -74.03
CA ILE AA 340 -8.55 83.16 -74.74
C ILE AA 340 -7.52 83.60 -75.79
N ARG AA 341 -6.23 83.55 -75.43
CA ARG AA 341 -5.19 84.04 -76.33
C ARG AA 341 -4.97 83.13 -77.54
N GLU AA 342 -5.39 81.87 -77.47
CA GLU AA 342 -5.10 80.94 -78.55
C GLU AA 342 -6.05 81.12 -79.72
N ARG AA 343 -7.30 81.50 -79.45
CA ARG AA 343 -8.28 81.68 -80.51
C ARG AA 343 -8.19 83.08 -81.11
N LYS AA 344 -7.93 84.08 -80.26
CA LYS AA 344 -8.03 85.51 -80.60
C LYS AA 344 -9.38 85.85 -81.23
N LEU AA 345 -10.44 85.45 -80.52
CA LEU AA 345 -11.80 85.77 -80.99
C LEU AA 345 -12.10 87.25 -80.86
N ALA AA 346 -11.42 87.95 -79.95
CA ALA AA 346 -11.49 89.40 -79.86
C ALA AA 346 -10.34 90.00 -80.66
N ASN AA 347 -10.67 90.85 -81.62
CA ASN AA 347 -9.64 91.62 -82.29
C ASN AA 347 -9.12 92.69 -81.35
N PHE AA 348 -7.80 92.77 -81.20
CA PHE AA 348 -7.17 93.67 -80.25
C PHE AA 348 -6.73 94.95 -80.95
N ILE AA 349 -6.76 96.05 -80.21
CA ILE AA 349 -6.37 97.34 -80.77
C ILE AA 349 -4.87 97.37 -81.03
N PRO AA 350 -4.41 97.84 -82.19
CA PRO AA 350 -2.97 97.80 -82.49
C PRO AA 350 -2.17 98.91 -81.83
N TRP AA 351 -2.83 99.91 -81.25
CA TRP AA 351 -2.11 101.01 -80.61
C TRP AA 351 -1.85 100.78 -79.13
N GLY AA 352 -2.71 100.04 -78.45
CA GLY AA 352 -2.56 99.82 -77.03
C GLY AA 352 -2.99 98.43 -76.59
N PRO AA 353 -2.85 98.16 -75.29
CA PRO AA 353 -3.26 96.85 -74.76
C PRO AA 353 -4.76 96.72 -74.65
N ALA AA 354 -5.20 95.47 -74.55
CA ALA AA 354 -6.60 95.12 -74.29
C ALA AA 354 -6.69 94.43 -72.93
N SER AA 355 -7.91 94.03 -72.56
CA SER AA 355 -8.14 93.43 -71.25
C SER AA 355 -9.37 92.55 -71.27
N ILE AA 356 -9.22 91.30 -70.82
CA ILE AA 356 -10.34 90.39 -70.60
C ILE AA 356 -10.48 90.20 -69.10
N GLN AA 357 -11.41 90.95 -68.50
CA GLN AA 357 -11.62 90.95 -67.06
C GLN AA 357 -12.71 89.94 -66.69
N VAL AA 358 -12.39 89.03 -65.78
CA VAL AA 358 -13.34 88.04 -65.28
C VAL AA 358 -13.50 88.24 -63.78
N ALA AA 359 -14.71 88.12 -63.28
CA ALA AA 359 -14.99 88.29 -61.85
C ALA AA 359 -16.11 87.34 -61.43
N LEU AA 360 -16.20 87.10 -60.12
CA LEU AA 360 -17.17 86.17 -59.59
C LEU AA 360 -17.77 86.69 -58.29
N SER AA 361 -18.98 86.23 -57.99
CA SER AA 361 -19.66 86.52 -56.74
C SER AA 361 -20.70 85.42 -56.51
N ARG AA 362 -20.90 85.06 -55.25
CA ARG AA 362 -21.85 84.02 -54.91
C ARG AA 362 -23.28 84.52 -55.07
N LYS AA 363 -24.14 83.65 -55.59
CA LYS AA 363 -25.51 84.03 -55.92
C LYS AA 363 -26.42 83.84 -54.71
N SER AA 364 -27.72 83.91 -54.95
CA SER AA 364 -28.71 83.76 -53.88
C SER AA 364 -28.77 82.32 -53.40
N PRO AA 365 -29.07 82.10 -52.12
CA PRO AA 365 -29.31 80.73 -51.63
C PRO AA 365 -30.65 80.18 -52.14
N TYR AA 366 -30.64 79.75 -53.39
CA TYR AA 366 -31.84 79.27 -54.07
C TYR AA 366 -31.45 78.17 -55.03
N LEU AA 367 -32.36 77.24 -55.26
CA LEU AA 367 -32.04 76.06 -56.06
C LEU AA 367 -31.84 76.32 -57.55
N PRO AA 368 -32.62 77.17 -58.26
CA PRO AA 368 -32.22 77.52 -59.64
C PRO AA 368 -31.03 78.45 -59.74
N SER AA 369 -30.52 78.99 -58.62
CA SER AA 369 -29.40 79.91 -58.65
C SER AA 369 -28.08 79.29 -58.20
N ALA AA 370 -28.10 78.34 -57.26
CA ALA AA 370 -26.90 77.68 -56.77
C ALA AA 370 -26.61 76.39 -57.52
N HIS AA 371 -27.18 76.21 -58.71
CA HIS AA 371 -26.96 75.01 -59.52
C HIS AA 371 -26.52 75.27 -60.94
N ARG AA 372 -26.94 76.35 -61.59
CA ARG AA 372 -26.73 76.54 -63.01
C ARG AA 372 -25.80 77.71 -63.23
N VAL AA 373 -24.82 77.53 -64.12
CA VAL AA 373 -23.81 78.55 -64.36
C VAL AA 373 -24.42 79.70 -65.15
N SER AA 374 -24.02 80.92 -64.80
CA SER AA 374 -24.55 82.11 -65.44
C SER AA 374 -23.40 82.98 -65.94
N GLY AA 375 -23.53 83.49 -67.15
CA GLY AA 375 -22.51 84.33 -67.74
C GLY AA 375 -23.04 85.66 -68.23
N LEU AA 376 -22.58 86.75 -67.64
CA LEU AA 376 -22.99 88.10 -68.01
C LEU AA 376 -21.83 88.77 -68.74
N MET AA 377 -22.11 89.30 -69.93
CA MET AA 377 -21.10 89.94 -70.75
C MET AA 377 -21.34 91.44 -70.81
N MET AA 378 -20.27 92.22 -70.65
CA MET AA 378 -20.30 93.66 -70.86
C MET AA 378 -19.15 94.01 -71.80
N ALA AA 379 -19.42 93.90 -73.10
CA ALA AA 379 -18.40 94.11 -74.12
C ALA AA 379 -18.26 95.58 -74.46
N ASN AA 380 -17.23 95.91 -75.26
CA ASN AA 380 -17.07 97.24 -75.81
C ASN AA 380 -16.34 97.07 -77.14
N HIS AA 381 -17.10 97.02 -78.23
CA HIS AA 381 -16.55 96.81 -79.56
C HIS AA 381 -16.89 98.01 -80.44
N THR AA 382 -15.98 98.32 -81.36
CA THR AA 382 -16.07 99.54 -82.17
C THR AA 382 -16.90 99.35 -83.43
N ASN AA 383 -17.71 98.30 -83.51
CA ASN AA 383 -18.69 98.14 -84.58
C ASN AA 383 -20.04 98.75 -84.21
N ILE AA 384 -20.10 99.50 -83.11
CA ILE AA 384 -21.35 100.12 -82.66
C ILE AA 384 -21.77 101.31 -83.49
N SER AA 385 -20.91 101.78 -84.40
CA SER AA 385 -21.29 102.85 -85.32
C SER AA 385 -22.26 102.38 -86.40
N SER AA 386 -22.45 101.07 -86.56
CA SER AA 386 -23.43 100.56 -87.52
C SER AA 386 -24.84 100.91 -87.09
N LEU AA 387 -25.12 100.92 -85.78
CA LEU AA 387 -26.39 101.44 -85.30
C LEU AA 387 -26.47 102.95 -85.48
N PHE AA 388 -25.33 103.64 -85.32
CA PHE AA 388 -25.32 105.08 -85.52
C PHE AA 388 -25.38 105.44 -86.99
N GLU AA 389 -24.89 104.56 -87.86
CA GLU AA 389 -25.11 104.74 -89.29
C GLU AA 389 -26.53 104.38 -89.68
N ARG AA 390 -27.16 103.47 -88.94
CA ARG AA 390 -28.55 103.11 -89.22
C ARG AA 390 -29.51 104.21 -88.80
N THR AA 391 -29.24 104.85 -87.65
CA THR AA 391 -30.12 105.91 -87.18
C THR AA 391 -29.93 107.20 -87.97
N CYS AA 392 -28.70 107.48 -88.41
CA CYS AA 392 -28.46 108.72 -89.15
C CYS AA 392 -28.98 108.63 -90.58
N ARG AA 393 -28.90 107.45 -91.20
CA ARG AA 393 -29.43 107.29 -92.56
C ARG AA 393 -30.95 107.33 -92.57
N GLN AA 394 -31.59 106.96 -91.47
CA GLN AA 394 -33.03 107.10 -91.30
C GLN AA 394 -33.41 108.49 -90.82
N TYR AA 395 -32.43 109.36 -90.53
CA TYR AA 395 -32.69 110.70 -90.03
C TYR AA 395 -32.64 111.74 -91.15
N ASP AA 396 -31.61 111.69 -91.99
CA ASP AA 396 -31.51 112.62 -93.10
C ASP AA 396 -32.44 112.27 -94.26
N LYS AA 397 -32.85 111.00 -94.37
CA LYS AA 397 -33.83 110.63 -95.38
C LYS AA 397 -35.22 111.16 -95.05
N LEU AA 398 -35.51 111.30 -93.75
CA LEU AA 398 -36.83 111.78 -93.34
C LEU AA 398 -36.96 113.29 -93.48
N ARG AA 399 -35.85 114.03 -93.38
CA ARG AA 399 -35.91 115.48 -93.50
C ARG AA 399 -36.03 115.94 -94.96
N LYS AA 400 -35.72 115.08 -95.92
CA LYS AA 400 -35.92 115.42 -97.32
C LYS AA 400 -37.33 115.08 -97.81
N ARG AA 401 -38.11 114.35 -97.02
CA ARG AA 401 -39.48 114.02 -97.35
C ARG AA 401 -40.48 115.03 -96.77
N GLU AA 402 -39.97 116.12 -96.18
CA GLU AA 402 -40.77 117.17 -95.52
C GLU AA 402 -41.68 116.59 -94.43
N ALA AA 403 -41.10 115.76 -93.58
CA ALA AA 403 -41.84 115.06 -92.53
C ALA AA 403 -41.53 115.68 -91.18
N PHE AA 404 -42.57 116.21 -90.53
CA PHE AA 404 -42.53 116.78 -89.18
C PHE AA 404 -41.53 117.95 -89.09
N LEU AA 405 -41.56 118.82 -90.09
CA LEU AA 405 -40.89 120.11 -90.02
C LEU AA 405 -41.84 121.26 -89.77
N GLU AA 406 -43.12 121.09 -90.10
CA GLU AA 406 -44.13 122.09 -89.79
C GLU AA 406 -44.97 121.67 -88.60
N GLN AA 407 -45.03 120.37 -88.31
CA GLN AA 407 -45.82 119.81 -87.24
C GLN AA 407 -45.07 119.73 -85.91
N PHE AA 408 -43.82 120.16 -85.89
CA PHE AA 408 -42.96 119.99 -84.72
C PHE AA 408 -42.38 121.29 -84.17
N ARG AA 409 -42.40 122.37 -84.95
CA ARG AA 409 -41.74 123.62 -84.57
C ARG AA 409 -42.73 124.70 -84.13
N LYS AA 410 -43.98 124.31 -83.83
CA LYS AA 410 -44.94 125.30 -83.35
C LYS AA 410 -44.70 125.61 -81.87
N GLU AA 411 -44.38 124.60 -81.07
CA GLU AA 411 -44.13 124.76 -79.65
C GLU AA 411 -42.63 124.72 -79.39
N ASP AA 412 -42.15 125.73 -78.65
CA ASP AA 412 -40.83 125.85 -77.99
C ASP AA 412 -39.62 125.48 -78.87
N ILE AA 413 -39.76 125.57 -80.19
CA ILE AA 413 -38.65 125.36 -81.13
C ILE AA 413 -38.70 126.48 -82.15
N PHE AA 414 -37.70 127.35 -82.15
CA PHE AA 414 -37.64 128.49 -83.06
C PHE AA 414 -36.49 128.42 -84.06
N LYS AA 415 -35.42 127.70 -83.75
CA LYS AA 415 -34.29 127.56 -84.66
C LYS AA 415 -34.09 126.08 -85.02
N ASP AA 416 -33.35 125.86 -86.10
CA ASP AA 416 -33.12 124.50 -86.59
C ASP AA 416 -31.98 123.87 -85.81
N ASN AA 417 -32.33 123.01 -84.85
CA ASN AA 417 -31.35 122.27 -84.06
C ASN AA 417 -31.15 120.85 -84.57
N PHE AA 418 -31.47 120.60 -85.84
CA PHE AA 418 -31.40 119.27 -86.43
C PHE AA 418 -29.97 118.90 -86.83
N ASP AA 419 -29.22 119.83 -87.40
CA ASP AA 419 -27.83 119.60 -87.70
C ASP AA 419 -26.94 119.73 -86.49
N GLU AA 420 -27.46 120.24 -85.37
CA GLU AA 420 -26.71 120.20 -84.12
C GLU AA 420 -26.60 118.77 -83.59
N LEU AA 421 -27.58 117.93 -83.90
CA LEU AA 421 -27.54 116.51 -83.56
C LEU AA 421 -26.80 115.69 -84.61
N ASP AA 422 -26.73 116.17 -85.85
CA ASP AA 422 -26.15 115.38 -86.93
C ASP AA 422 -24.62 115.41 -86.88
N ASN AA 423 -24.04 116.58 -86.62
CA ASN AA 423 -22.59 116.70 -86.60
C ASN AA 423 -22.02 116.01 -85.35
N SER AA 424 -22.69 116.17 -84.21
CA SER AA 424 -22.24 115.54 -82.98
C SER AA 424 -22.36 114.02 -83.04
N ARG AA 425 -23.30 113.50 -83.82
CA ARG AA 425 -23.36 112.06 -84.04
C ARG AA 425 -22.24 111.60 -84.94
N GLU AA 426 -21.89 112.40 -85.96
CA GLU AA 426 -20.77 112.05 -86.82
C GLU AA 426 -19.43 112.26 -86.13
N ILE AA 427 -19.38 113.11 -85.09
CA ILE AA 427 -18.18 113.23 -84.28
C ILE AA 427 -17.92 111.94 -83.52
N VAL AA 428 -18.99 111.29 -83.03
CA VAL AA 428 -18.86 110.00 -82.38
C VAL AA 428 -18.42 108.93 -83.40
N GLN AA 429 -19.02 108.95 -84.60
CA GLN AA 429 -18.72 107.94 -85.60
C GLN AA 429 -17.32 108.09 -86.19
N GLN AA 430 -16.76 109.30 -86.20
CA GLN AA 430 -15.41 109.49 -86.73
C GLN AA 430 -14.34 109.22 -85.69
N LEU AA 431 -14.59 109.56 -84.42
CA LEU AA 431 -13.61 109.32 -83.38
C LEU AA 431 -13.53 107.84 -82.99
N ILE AA 432 -14.53 107.05 -83.35
CA ILE AA 432 -14.47 105.61 -83.08
C ILE AA 432 -13.48 104.94 -84.04
N ASP AA 433 -13.57 105.27 -85.33
CA ASP AA 433 -12.66 104.67 -86.31
C ASP AA 433 -11.25 105.26 -86.19
N GLU AA 434 -11.14 106.49 -85.70
CA GLU AA 434 -9.83 107.11 -85.48
C GLU AA 434 -9.14 106.53 -84.26
N TYR AA 435 -9.90 105.91 -83.36
CA TYR AA 435 -9.38 105.48 -82.06
C TYR AA 435 -8.39 104.31 -82.18
N HIS AA 436 -8.45 103.56 -83.28
CA HIS AA 436 -7.46 102.52 -83.56
C HIS AA 436 -6.55 103.05 -84.67
N ALA AA 437 -5.38 103.54 -84.27
CA ALA AA 437 -4.42 104.11 -85.21
C ALA AA 437 -3.46 103.04 -85.72
N PRO BA 2 -44.63 116.03 -2.57
CA PRO BA 2 -43.25 115.89 -3.08
C PRO BA 2 -43.06 116.53 -4.46
N ARG BA 3 -43.47 115.82 -5.50
CA ARG BA 3 -43.30 116.28 -6.88
C ARG BA 3 -44.63 116.20 -7.62
N GLU BA 4 -45.69 116.67 -6.97
CA GLU BA 4 -47.04 116.52 -7.50
C GLU BA 4 -47.34 117.61 -8.53
N ILE BA 5 -47.77 117.20 -9.72
CA ILE BA 5 -48.14 118.11 -10.80
C ILE BA 5 -49.64 118.01 -11.03
N ILE BA 6 -50.29 119.16 -11.18
CA ILE BA 6 -51.70 119.24 -11.49
C ILE BA 6 -51.84 119.54 -12.98
N THR BA 7 -52.44 118.63 -13.73
CA THR BA 7 -52.67 118.81 -15.15
C THR BA 7 -53.95 119.62 -15.35
N LEU BA 8 -53.90 120.58 -16.28
CA LEU BA 8 -55.04 121.45 -16.55
C LEU BA 8 -55.58 121.13 -17.95
N GLN BA 9 -56.37 120.06 -18.01
CA GLN BA 9 -57.00 119.66 -19.26
C GLN BA 9 -58.19 120.56 -19.56
N LEU BA 10 -58.15 121.19 -20.74
CA LEU BA 10 -59.06 122.27 -21.08
C LEU BA 10 -59.29 122.28 -22.58
N GLY BA 11 -60.56 122.45 -22.97
CA GLY BA 11 -60.92 122.62 -24.37
C GLY BA 11 -61.48 121.35 -24.98
N GLN BA 12 -61.87 121.50 -26.26
CA GLN BA 12 -62.45 120.37 -26.98
C GLN BA 12 -61.40 119.33 -27.34
N CYS BA 13 -60.19 119.77 -27.70
CA CYS BA 13 -59.13 118.83 -28.05
C CYS BA 13 -58.24 118.49 -26.86
N GLY BA 14 -58.12 119.40 -25.90
CA GLY BA 14 -57.28 119.15 -24.74
C GLY BA 14 -57.85 118.11 -23.79
N ASN BA 15 -59.17 117.91 -23.78
CA ASN BA 15 -59.77 116.91 -22.92
C ASN BA 15 -59.61 115.50 -23.48
N GLN BA 16 -59.63 115.36 -24.81
CA GLN BA 16 -59.51 114.04 -25.42
C GLN BA 16 -58.07 113.55 -25.43
N ILE BA 17 -57.09 114.45 -25.58
CA ILE BA 17 -55.69 114.04 -25.54
C ILE BA 17 -55.23 113.74 -24.12
N GLY BA 18 -55.96 114.19 -23.11
CA GLY BA 18 -55.63 113.89 -21.74
C GLY BA 18 -56.43 112.72 -21.21
N PHE BA 19 -57.49 112.35 -21.94
CA PHE BA 19 -58.32 111.22 -21.52
C PHE BA 19 -57.57 109.90 -21.73
N GLU BA 20 -56.96 109.73 -22.90
CA GLU BA 20 -56.13 108.55 -23.14
C GLU BA 20 -54.74 108.68 -22.55
N PHE BA 21 -54.35 109.87 -22.09
CA PHE BA 21 -53.10 110.01 -21.36
C PHE BA 21 -53.19 109.34 -19.99
N TRP BA 22 -54.31 109.53 -19.30
CA TRP BA 22 -54.55 108.78 -18.07
C TRP BA 22 -54.87 107.32 -18.34
N LYS BA 23 -55.45 107.01 -19.50
CA LYS BA 23 -55.73 105.62 -19.84
C LYS BA 23 -54.45 104.87 -20.22
N GLN BA 24 -53.43 105.59 -20.67
CA GLN BA 24 -52.14 104.97 -20.96
C GLN BA 24 -51.42 104.61 -19.67
N LEU BA 25 -51.66 105.38 -18.60
CA LEU BA 25 -50.88 105.23 -17.37
C LEU BA 25 -51.29 103.98 -16.59
N CYS BA 26 -52.52 103.51 -16.73
CA CYS BA 26 -52.91 102.31 -15.99
C CYS BA 26 -52.35 101.03 -16.62
N ALA BA 27 -52.17 101.02 -17.94
CA ALA BA 27 -51.63 99.84 -18.61
C ALA BA 27 -50.15 99.64 -18.32
N GLU BA 28 -49.43 100.71 -17.98
CA GLU BA 28 -48.02 100.61 -17.67
C GLU BA 28 -47.74 100.53 -16.18
N HIS BA 29 -48.65 101.00 -15.33
CA HIS BA 29 -48.52 100.81 -13.90
C HIS BA 29 -49.01 99.44 -13.43
N GLY BA 30 -49.61 98.65 -14.32
CA GLY BA 30 -50.15 97.37 -13.93
C GLY BA 30 -51.39 97.45 -13.07
N ILE BA 31 -52.15 98.54 -13.19
CA ILE BA 31 -53.32 98.76 -12.36
C ILE BA 31 -54.56 98.87 -13.25
N SER BA 32 -55.70 98.62 -12.65
CA SER BA 32 -57.00 98.78 -13.25
C SER BA 32 -57.65 100.07 -12.75
N PRO BA 33 -58.49 100.72 -13.57
CA PRO BA 33 -59.13 101.97 -13.13
C PRO BA 33 -60.14 101.80 -12.00
N GLU BA 34 -60.62 100.58 -11.74
CA GLU BA 34 -61.51 100.34 -10.62
C GLU BA 34 -60.98 99.38 -9.56
N GLY BA 35 -59.84 98.73 -9.79
CA GLY BA 35 -59.31 97.83 -8.79
C GLY BA 35 -57.82 97.63 -8.96
N ILE BA 36 -57.27 96.78 -8.09
CA ILE BA 36 -55.87 96.35 -8.17
C ILE BA 36 -55.86 94.84 -8.26
N VAL BA 37 -55.68 94.31 -9.47
CA VAL BA 37 -55.69 92.87 -9.68
C VAL BA 37 -54.28 92.29 -9.89
N GLU BA 38 -53.28 93.12 -10.18
CA GLU BA 38 -51.93 92.66 -10.42
C GLU BA 38 -51.00 93.17 -9.34
N GLU BA 39 -50.01 92.37 -8.99
CA GLU BA 39 -49.01 92.76 -8.00
C GLU BA 39 -47.80 93.43 -8.62
N PHE BA 40 -47.83 93.67 -9.93
CA PHE BA 40 -46.72 94.28 -10.67
C PHE BA 40 -46.57 95.77 -10.43
N ALA BA 41 -47.43 96.39 -9.62
CA ALA BA 41 -47.45 97.84 -9.47
C ALA BA 41 -46.36 98.36 -8.54
N THR BA 42 -45.90 97.57 -7.57
CA THR BA 42 -44.90 98.03 -6.62
C THR BA 42 -43.54 97.36 -6.79
N GLU BA 43 -43.50 96.09 -7.21
CA GLU BA 43 -42.22 95.43 -7.44
C GLU BA 43 -41.61 95.86 -8.75
N GLY BA 44 -42.42 96.06 -9.78
CA GLY BA 44 -41.93 96.48 -11.08
C GLY BA 44 -41.75 97.98 -11.18
N THR BA 45 -42.75 98.75 -10.73
CA THR BA 45 -42.70 100.20 -10.74
C THR BA 45 -42.41 100.69 -9.33
N ASP BA 46 -41.34 101.48 -9.19
CA ASP BA 46 -40.86 101.92 -7.89
C ASP BA 46 -41.44 103.26 -7.46
N ARG BA 47 -42.19 103.95 -8.34
CA ARG BA 47 -42.79 105.22 -7.98
C ARG BA 47 -44.05 105.43 -8.80
N LYS BA 48 -45.17 105.66 -8.11
CA LYS BA 48 -46.46 105.87 -8.76
C LYS BA 48 -47.15 107.16 -8.35
N ASP BA 49 -46.82 107.74 -7.20
CA ASP BA 49 -47.49 108.94 -6.72
C ASP BA 49 -46.70 110.19 -7.11
N VAL BA 50 -46.62 110.41 -8.42
CA VAL BA 50 -46.04 111.65 -8.94
C VAL BA 50 -46.96 112.37 -9.92
N PHE BA 51 -47.89 111.69 -10.57
CA PHE BA 51 -48.95 112.31 -11.35
C PHE BA 51 -50.32 111.99 -10.78
N PHE BA 52 -50.50 110.79 -10.25
CA PHE BA 52 -51.71 110.43 -9.54
C PHE BA 52 -51.73 111.08 -8.15
N TYR BA 53 -52.92 111.19 -7.60
CA TYR BA 53 -53.06 111.52 -6.19
C TYR BA 53 -52.67 110.31 -5.35
N GLN BA 54 -52.12 110.56 -4.17
CA GLN BA 54 -51.63 109.50 -3.32
C GLN BA 54 -52.80 108.71 -2.73
N ALA BA 55 -52.55 107.43 -2.46
CA ALA BA 55 -53.62 106.46 -2.29
C ALA BA 55 -54.26 106.54 -0.92
N ASP BA 56 -55.56 106.26 -0.89
CA ASP BA 56 -56.31 106.06 0.35
C ASP BA 56 -56.77 104.62 0.52
N ASP BA 57 -56.97 103.89 -0.57
CA ASP BA 57 -57.34 102.48 -0.53
C ASP BA 57 -56.62 101.70 -1.62
N GLU BA 58 -55.38 102.11 -1.94
CA GLU BA 58 -54.67 101.75 -3.17
C GLU BA 58 -55.51 102.08 -4.40
N HIS BA 59 -56.14 103.25 -4.40
CA HIS BA 59 -56.86 103.78 -5.55
C HIS BA 59 -56.20 105.11 -5.92
N TYR BA 60 -55.32 105.07 -6.92
CA TYR BA 60 -54.53 106.24 -7.31
C TYR BA 60 -55.41 107.15 -8.14
N ILE BA 61 -56.00 108.15 -7.49
CA ILE BA 61 -56.88 109.14 -8.11
C ILE BA 61 -56.04 110.01 -9.04
N PRO BA 62 -56.51 110.34 -10.25
CA PRO BA 62 -55.78 111.28 -11.09
C PRO BA 62 -55.94 112.71 -10.59
N ARG BA 63 -54.84 113.47 -10.62
CA ARG BA 63 -54.86 114.87 -10.23
C ARG BA 63 -55.20 115.76 -11.43
N ALA BA 64 -56.44 115.61 -11.89
CA ALA BA 64 -56.87 116.18 -13.17
C ALA BA 64 -58.13 117.00 -13.01
N VAL BA 65 -58.20 118.07 -13.79
CA VAL BA 65 -59.41 118.88 -13.92
C VAL BA 65 -59.71 119.07 -15.40
N LEU BA 66 -60.99 119.01 -15.76
CA LEU BA 66 -61.42 119.04 -17.16
C LEU BA 66 -62.61 119.97 -17.29
N LEU BA 67 -62.38 121.16 -17.83
CA LEU BA 67 -63.45 122.12 -18.10
C LEU BA 67 -63.53 122.37 -19.61
N ASP BA 68 -64.75 122.41 -20.13
CA ASP BA 68 -64.98 122.75 -21.52
C ASP BA 68 -66.40 123.29 -21.68
N LEU BA 69 -66.56 124.19 -22.64
CA LEU BA 69 -67.88 124.72 -22.94
C LEU BA 69 -68.77 123.69 -23.63
N GLU BA 70 -68.17 122.78 -24.39
CA GLU BA 70 -68.92 121.79 -25.13
C GLU BA 70 -69.16 120.56 -24.25
N PRO BA 71 -70.40 120.11 -24.08
CA PRO BA 71 -70.64 118.90 -23.29
C PRO BA 71 -70.48 117.61 -24.08
N ARG BA 72 -70.10 117.68 -25.36
CA ARG BA 72 -69.99 116.47 -26.17
C ARG BA 72 -68.73 115.67 -25.82
N VAL BA 73 -67.66 116.34 -25.41
CA VAL BA 73 -66.41 115.66 -25.13
C VAL BA 73 -66.51 114.87 -23.82
N ILE BA 74 -67.34 115.32 -22.88
CA ILE BA 74 -67.45 114.65 -21.60
C ILE BA 74 -68.56 113.60 -21.59
N HIS BA 75 -69.50 113.66 -22.53
CA HIS BA 75 -70.53 112.63 -22.64
C HIS BA 75 -70.03 111.37 -23.33
N SER BA 76 -68.87 111.44 -23.99
CA SER BA 76 -68.21 110.26 -24.52
C SER BA 76 -67.18 109.67 -23.56
N ILE BA 77 -67.29 110.00 -22.28
CA ILE BA 77 -66.34 109.59 -21.26
C ILE BA 77 -66.98 108.61 -20.27
N LEU BA 78 -68.17 108.94 -19.76
CA LEU BA 78 -68.77 108.19 -18.66
C LEU BA 78 -69.25 106.80 -19.07
N ASN BA 79 -69.50 106.58 -20.37
CA ASN BA 79 -69.87 105.23 -20.80
C ASN BA 79 -68.63 104.35 -20.97
N SER BA 80 -67.46 104.94 -21.10
CA SER BA 80 -66.24 104.17 -21.12
C SER BA 80 -65.90 103.67 -19.72
N PRO BA 81 -65.35 102.46 -19.58
CA PRO BA 81 -65.07 101.90 -18.25
C PRO BA 81 -63.87 102.51 -17.54
N TYR BA 82 -63.22 103.51 -18.12
CA TYR BA 82 -62.09 104.18 -17.48
C TYR BA 82 -62.51 105.47 -16.77
N ALA BA 83 -63.80 105.80 -16.75
CA ALA BA 83 -64.28 107.01 -16.10
C ALA BA 83 -64.58 106.83 -14.63
N ASN BA 84 -64.64 105.59 -14.15
CA ASN BA 84 -64.86 105.37 -12.71
C ASN BA 84 -63.59 105.69 -11.91
N LEU BA 85 -62.44 105.70 -12.57
CA LEU BA 85 -61.21 106.17 -11.93
C LEU BA 85 -61.27 107.67 -11.69
N TYR BA 86 -61.86 108.41 -12.62
CA TYR BA 86 -62.15 109.82 -12.42
C TYR BA 86 -63.21 110.00 -11.34
N ASN BA 87 -63.17 111.14 -10.66
CA ASN BA 87 -64.09 111.42 -9.57
C ASN BA 87 -65.16 112.39 -10.01
N PRO BA 88 -66.43 112.17 -9.61
CA PRO BA 88 -67.50 113.11 -9.99
C PRO BA 88 -67.67 114.26 -8.99
N GLU BA 89 -66.68 114.47 -8.11
CA GLU BA 89 -66.72 115.61 -7.20
C GLU BA 89 -65.52 116.54 -7.32
N ASN BA 90 -64.44 116.13 -7.98
CA ASN BA 90 -63.27 116.98 -8.13
C ASN BA 90 -63.46 118.07 -9.17
N ILE BA 91 -64.22 117.81 -10.23
CA ILE BA 91 -64.35 118.76 -11.32
C ILE BA 91 -65.81 119.18 -11.45
N TYR BA 92 -66.65 118.20 -11.79
CA TYR BA 92 -68.08 118.41 -11.99
C TYR BA 92 -68.84 117.16 -11.60
N LEU BA 93 -70.10 117.33 -11.23
CA LEU BA 93 -70.99 116.18 -11.13
C LEU BA 93 -71.66 115.92 -12.48
N SER BA 94 -72.69 115.07 -12.46
CA SER BA 94 -73.38 114.71 -13.70
C SER BA 94 -74.17 115.90 -14.24
N GLU BA 95 -74.35 115.91 -15.57
CA GLU BA 95 -74.96 117.01 -16.33
C GLU BA 95 -74.24 118.34 -16.09
N HIS BA 96 -73.00 118.39 -16.58
CA HIS BA 96 -72.29 119.65 -16.67
C HIS BA 96 -72.40 120.21 -18.08
N GLY BA 97 -72.52 121.54 -18.18
CA GLY BA 97 -72.69 122.19 -19.46
C GLY BA 97 -71.67 123.27 -19.75
N GLY BA 98 -72.09 124.29 -20.48
CA GLY BA 98 -71.20 125.39 -20.81
C GLY BA 98 -71.90 126.52 -21.55
N GLY BA 99 -71.23 127.07 -22.57
CA GLY BA 99 -71.79 128.15 -23.36
C GLY BA 99 -72.67 127.65 -24.48
N ALA BA 100 -72.70 128.40 -25.58
CA ALA BA 100 -73.52 128.04 -26.73
C ALA BA 100 -72.80 127.12 -27.74
N GLY BA 101 -71.57 127.39 -28.22
CA GLY BA 101 -70.69 128.54 -28.05
C GLY BA 101 -69.39 128.41 -28.83
N ASN BA 102 -69.04 129.44 -29.60
CA ASN BA 102 -67.80 129.41 -30.38
C ASN BA 102 -67.29 130.84 -30.53
N ASN BA 103 -66.38 131.24 -29.66
CA ASN BA 103 -65.76 132.56 -29.66
C ASN BA 103 -64.54 132.54 -28.77
N TRP BA 104 -63.53 133.32 -29.14
CA TRP BA 104 -62.42 133.54 -28.24
C TRP BA 104 -62.80 134.49 -27.12
N ALA BA 105 -63.67 135.46 -27.40
CA ALA BA 105 -64.15 136.40 -26.39
C ALA BA 105 -65.21 135.79 -25.47
N SER BA 106 -65.69 134.59 -25.76
CA SER BA 106 -66.65 133.94 -24.87
C SER BA 106 -65.96 133.46 -23.60
N GLY BA 107 -64.98 132.57 -23.74
CA GLY BA 107 -64.24 132.07 -22.61
C GLY BA 107 -63.34 133.09 -21.95
N PHE BA 108 -62.96 134.13 -22.68
CA PHE BA 108 -62.20 135.23 -22.07
C PHE BA 108 -63.07 136.08 -21.16
N SER BA 109 -64.37 136.16 -21.46
CA SER BA 109 -65.31 136.88 -20.61
C SER BA 109 -65.99 135.98 -19.58
N GLN BA 110 -65.98 134.66 -19.81
CA GLN BA 110 -66.57 133.73 -18.85
C GLN BA 110 -65.64 133.41 -17.69
N GLY BA 111 -64.39 133.85 -17.73
CA GLY BA 111 -63.47 133.55 -16.66
C GLY BA 111 -63.69 134.37 -15.42
N GLU BA 112 -64.23 135.58 -15.57
CA GLU BA 112 -64.43 136.48 -14.44
C GLU BA 112 -65.88 136.50 -13.95
N LYS BA 113 -66.77 135.72 -14.58
CA LYS BA 113 -68.12 135.55 -14.06
C LYS BA 113 -68.29 134.23 -13.31
N ILE BA 114 -67.40 133.26 -13.54
CA ILE BA 114 -67.34 132.03 -12.76
C ILE BA 114 -66.00 132.08 -12.03
N HIS BA 115 -65.57 133.29 -11.68
CA HIS BA 115 -64.28 133.50 -11.04
C HIS BA 115 -64.24 132.90 -9.63
N GLU BA 116 -65.39 132.88 -8.94
CA GLU BA 116 -65.44 132.31 -7.60
C GLU BA 116 -65.35 130.78 -7.64
N ASP BA 117 -66.01 130.14 -8.60
CA ASP BA 117 -66.03 128.69 -8.67
C ASP BA 117 -64.81 128.08 -9.35
N ILE BA 118 -64.17 128.82 -10.27
CA ILE BA 118 -63.01 128.27 -10.97
C ILE BA 118 -61.75 128.31 -10.09
N PHE BA 119 -61.74 129.11 -9.02
CA PHE BA 119 -60.61 129.16 -8.10
C PHE BA 119 -60.94 128.55 -6.75
N ASP BA 120 -61.93 127.66 -6.69
CA ASP BA 120 -62.36 127.04 -5.45
C ASP BA 120 -62.03 125.55 -5.40
N ILE BA 121 -62.40 124.79 -6.44
CA ILE BA 121 -62.25 123.34 -6.36
C ILE BA 121 -60.92 122.89 -6.96
N ILE BA 122 -60.27 123.71 -7.78
CA ILE BA 122 -58.97 123.34 -8.31
C ILE BA 122 -57.85 123.69 -7.34
N ASP BA 123 -58.15 124.49 -6.31
CA ASP BA 123 -57.18 124.82 -5.28
C ASP BA 123 -57.21 123.84 -4.11
N ARG BA 124 -58.22 122.96 -4.06
CA ARG BA 124 -58.28 121.93 -3.05
C ARG BA 124 -57.21 120.87 -3.26
N GLU BA 125 -56.82 120.62 -4.51
CA GLU BA 125 -55.74 119.69 -4.81
C GLU BA 125 -54.36 120.31 -4.65
N ALA BA 126 -54.28 121.63 -4.46
CA ALA BA 126 -52.98 122.28 -4.35
C ALA BA 126 -52.34 122.04 -2.99
N ASP BA 127 -53.14 122.14 -1.93
CA ASP BA 127 -52.63 121.97 -0.57
C ASP BA 127 -52.63 120.52 -0.11
N GLY BA 128 -52.85 119.57 -1.01
CA GLY BA 128 -52.69 118.17 -0.66
C GLY BA 128 -51.23 117.81 -0.39
N SER BA 129 -50.33 118.33 -1.22
CA SER BA 129 -48.89 118.21 -0.99
C SER BA 129 -48.34 119.59 -0.64
N ASP BA 130 -47.47 119.64 0.37
CA ASP BA 130 -46.89 120.89 0.84
C ASP BA 130 -45.73 121.38 -0.01
N SER BA 131 -45.37 120.65 -1.06
CA SER BA 131 -44.33 121.09 -1.99
C SER BA 131 -44.85 120.81 -3.40
N LEU BA 132 -45.53 121.79 -3.98
CA LEU BA 132 -46.15 121.62 -5.28
C LEU BA 132 -45.13 121.87 -6.39
N GLU BA 133 -45.15 120.99 -7.40
CA GLU BA 133 -44.24 121.10 -8.53
C GLU BA 133 -44.63 122.27 -9.44
N GLY BA 134 -45.83 122.24 -9.98
CA GLY BA 134 -46.27 123.32 -10.85
C GLY BA 134 -47.58 122.98 -11.52
N PHE BA 135 -47.82 123.64 -12.65
CA PHE BA 135 -49.05 123.46 -13.41
C PHE BA 135 -48.72 123.27 -14.88
N VAL BA 136 -49.30 122.24 -15.49
CA VAL BA 136 -49.26 122.04 -16.93
C VAL BA 136 -50.66 122.26 -17.50
N LEU BA 137 -50.77 123.19 -18.44
CA LEU BA 137 -52.04 123.52 -19.08
C LEU BA 137 -52.19 122.65 -20.32
N CYS BA 138 -52.89 121.52 -20.15
CA CYS BA 138 -53.15 120.59 -21.25
C CYS BA 138 -54.34 121.10 -22.08
N HIS BA 139 -54.12 122.22 -22.76
CA HIS BA 139 -55.18 122.91 -23.47
C HIS BA 139 -54.90 122.87 -24.97
N SER BA 140 -55.78 123.55 -25.72
CA SER BA 140 -55.72 123.57 -27.16
C SER BA 140 -55.61 125.00 -27.67
N ILE BA 141 -55.10 125.11 -28.89
CA ILE BA 141 -55.11 126.38 -29.61
C ILE BA 141 -56.22 126.43 -30.65
N ALA BA 142 -56.61 125.29 -31.22
CA ALA BA 142 -57.68 125.25 -32.21
C ALA BA 142 -59.02 125.54 -31.56
N GLY BA 143 -59.87 126.25 -32.28
CA GLY BA 143 -61.19 126.63 -31.77
C GLY BA 143 -61.11 127.80 -30.82
N GLY BA 144 -62.29 128.22 -30.36
CA GLY BA 144 -62.39 129.32 -29.42
C GLY BA 144 -62.63 128.84 -28.00
N THR BA 145 -62.85 127.54 -27.83
CA THR BA 145 -63.12 126.99 -26.51
C THR BA 145 -61.85 126.86 -25.69
N GLY BA 146 -60.84 126.19 -26.24
CA GLY BA 146 -59.58 126.03 -25.52
C GLY BA 146 -58.68 127.25 -25.54
N SER BA 147 -58.85 128.11 -26.55
CA SER BA 147 -58.02 129.30 -26.67
C SER BA 147 -58.60 130.50 -25.92
N GLY BA 148 -59.92 130.54 -25.74
CA GLY BA 148 -60.55 131.67 -25.08
C GLY BA 148 -60.39 131.67 -23.57
N LEU BA 149 -60.63 130.51 -22.94
CA LEU BA 149 -60.53 130.41 -21.50
C LEU BA 149 -59.11 130.11 -21.02
N GLY BA 150 -58.29 129.50 -21.88
CA GLY BA 150 -56.93 129.16 -21.49
C GLY BA 150 -56.01 130.37 -21.37
N SER BA 151 -56.33 131.46 -22.04
CA SER BA 151 -55.53 132.68 -21.91
C SER BA 151 -55.78 133.40 -20.59
N TYR BA 152 -56.89 133.10 -19.92
CA TYR BA 152 -57.20 133.76 -18.65
C TYR BA 152 -56.41 133.16 -17.50
N LEU BA 153 -56.28 131.83 -17.48
CA LEU BA 153 -55.57 131.17 -16.38
C LEU BA 153 -54.06 131.29 -16.49
N LEU BA 154 -53.54 131.70 -17.64
CA LEU BA 154 -52.11 131.99 -17.77
C LEU BA 154 -51.71 133.30 -17.10
N GLU BA 155 -52.68 134.14 -16.75
CA GLU BA 155 -52.43 135.44 -16.11
C GLU BA 155 -52.64 135.39 -14.60
N ARG BA 156 -53.77 134.84 -14.15
CA ARG BA 156 -54.10 134.86 -12.73
C ARG BA 156 -53.39 133.79 -11.93
N LEU BA 157 -52.86 132.76 -12.56
CA LEU BA 157 -52.03 131.78 -11.87
C LEU BA 157 -50.55 132.15 -11.90
N ASN BA 158 -50.20 133.26 -12.55
CA ASN BA 158 -48.81 133.70 -12.58
C ASN BA 158 -48.42 134.42 -11.29
N ASP BA 159 -49.35 135.10 -10.64
CA ASP BA 159 -49.08 135.82 -9.41
C ASP BA 159 -49.64 135.14 -8.17
N ARG BA 160 -50.74 134.39 -8.29
CA ARG BA 160 -51.26 133.65 -7.15
C ARG BA 160 -50.38 132.45 -6.82
N TYR BA 161 -49.70 131.89 -7.82
CA TYR BA 161 -48.74 130.81 -7.64
C TYR BA 161 -47.47 131.17 -8.38
N PRO BA 162 -46.65 132.06 -7.81
CA PRO BA 162 -45.50 132.59 -8.57
C PRO BA 162 -44.29 131.68 -8.57
N LYS BA 163 -44.14 130.82 -7.57
CA LYS BA 163 -42.97 129.97 -7.43
C LYS BA 163 -43.18 128.57 -8.01
N LYS BA 164 -44.11 128.42 -8.96
CA LYS BA 164 -44.41 127.14 -9.56
C LYS BA 164 -44.04 127.14 -11.04
N LEU BA 165 -43.60 125.97 -11.51
CA LEU BA 165 -43.26 125.78 -12.91
C LEU BA 165 -44.50 125.80 -13.77
N VAL BA 166 -44.46 126.57 -14.85
CA VAL BA 166 -45.48 126.49 -15.89
C VAL BA 166 -44.82 126.06 -17.20
N GLN BA 167 -45.47 125.11 -17.88
CA GLN BA 167 -45.04 124.50 -19.13
C GLN BA 167 -46.19 123.68 -19.69
N THR BA 168 -46.52 123.84 -20.97
CA THR BA 168 -47.72 123.24 -21.52
C THR BA 168 -47.40 122.33 -22.71
N TYR BA 169 -48.21 121.28 -22.86
CA TYR BA 169 -48.22 120.46 -24.08
C TYR BA 169 -49.42 120.91 -24.90
N SER BA 170 -49.23 121.98 -25.66
CA SER BA 170 -50.30 122.59 -26.45
C SER BA 170 -50.22 122.10 -27.90
N VAL BA 171 -51.38 121.85 -28.49
CA VAL BA 171 -51.47 121.37 -29.87
C VAL BA 171 -51.77 122.55 -30.79
N PHE BA 172 -51.07 122.60 -31.92
CA PHE BA 172 -51.28 123.65 -32.90
C PHE BA 172 -52.44 123.28 -33.84
N PRO BA 173 -53.20 124.25 -34.32
CA PRO BA 173 -54.32 123.96 -35.22
C PRO BA 173 -53.86 123.66 -36.64
N ASN BA 174 -54.82 123.30 -37.48
CA ASN BA 174 -54.56 122.88 -38.85
C ASN BA 174 -54.80 124.05 -39.81
N GLN BA 175 -53.88 124.21 -40.77
CA GLN BA 175 -53.91 125.33 -41.71
C GLN BA 175 -54.02 124.84 -43.16
N ASP BA 176 -54.93 123.89 -43.43
CA ASP BA 176 -55.05 123.35 -44.77
C ASP BA 176 -56.04 124.14 -45.63
N GLU BA 177 -57.30 124.21 -45.21
CA GLU BA 177 -58.24 125.19 -45.76
C GLU BA 177 -58.89 125.95 -44.62
N MET BA 178 -59.59 127.03 -44.97
CA MET BA 178 -60.15 127.97 -44.00
C MET BA 178 -61.63 128.18 -44.25
N SER BA 179 -62.38 127.07 -44.39
CA SER BA 179 -63.80 127.12 -44.68
C SER BA 179 -64.66 126.90 -43.44
N HIS BA 180 -64.40 125.83 -42.69
CA HIS BA 180 -65.19 125.53 -41.50
C HIS BA 180 -64.90 126.55 -40.40
N VAL BA 181 -63.63 126.82 -40.14
CA VAL BA 181 -63.20 127.88 -39.23
C VAL BA 181 -62.48 128.94 -40.06
N VAL BA 182 -62.62 130.20 -39.63
CA VAL BA 182 -62.03 131.36 -40.29
C VAL BA 182 -61.45 132.26 -39.20
N VAL BA 183 -61.71 131.92 -37.94
CA VAL BA 183 -61.26 132.75 -36.82
C VAL BA 183 -59.91 132.23 -36.31
N GLN BA 184 -59.32 131.31 -37.07
CA GLN BA 184 -58.07 130.66 -36.68
C GLN BA 184 -56.86 131.60 -36.55
N PRO BA 185 -56.62 132.62 -37.41
CA PRO BA 185 -55.49 133.53 -37.12
C PRO BA 185 -55.70 134.44 -35.92
N TYR BA 186 -56.95 134.67 -35.50
CA TYR BA 186 -57.20 135.60 -34.40
C TYR BA 186 -57.00 134.96 -33.03
N ASN BA 187 -57.63 133.81 -32.78
CA ASN BA 187 -57.54 133.18 -31.48
C ASN BA 187 -56.21 132.50 -31.23
N SER BA 188 -55.43 132.22 -32.27
CA SER BA 188 -54.15 131.56 -32.08
C SER BA 188 -53.09 132.55 -31.59
N LEU BA 189 -53.01 133.72 -32.24
CA LEU BA 189 -52.00 134.71 -31.87
C LEU BA 189 -52.29 135.39 -30.54
N LEU BA 190 -53.56 135.41 -30.12
CA LEU BA 190 -53.90 135.96 -28.80
C LEU BA 190 -53.41 135.04 -27.68
N THR BA 191 -53.45 133.73 -27.91
CA THR BA 191 -52.92 132.79 -26.93
C THR BA 191 -51.41 132.67 -27.04
N LEU BA 192 -50.85 132.87 -28.24
CA LEU BA 192 -49.41 132.75 -28.44
C LEU BA 192 -48.65 133.87 -27.76
N LYS BA 193 -49.28 135.03 -27.56
CA LYS BA 193 -48.64 136.08 -26.75
C LYS BA 193 -48.59 135.68 -25.29
N ARG BA 194 -49.65 135.03 -24.79
CA ARG BA 194 -49.67 134.57 -23.41
C ARG BA 194 -48.75 133.38 -23.17
N LEU BA 195 -48.33 132.69 -24.23
CA LEU BA 195 -47.47 131.53 -24.09
C LEU BA 195 -45.99 131.89 -23.96
N THR BA 196 -45.62 133.14 -24.19
CA THR BA 196 -44.22 133.57 -24.12
C THR BA 196 -43.90 134.44 -22.93
N GLN BA 197 -44.74 135.43 -22.61
CA GLN BA 197 -44.48 136.29 -21.46
C GLN BA 197 -45.28 135.89 -20.22
N ASN BA 198 -46.48 135.37 -20.40
CA ASN BA 198 -47.25 134.83 -19.27
C ASN BA 198 -47.05 133.35 -19.09
N ALA BA 199 -46.14 132.74 -19.84
CA ALA BA 199 -45.82 131.33 -19.69
C ALA BA 199 -44.34 131.12 -20.00
N ASP BA 200 -43.74 130.18 -19.27
CA ASP BA 200 -42.29 129.96 -19.39
C ASP BA 200 -41.96 129.12 -20.61
N CYS BA 201 -42.56 127.94 -20.73
CA CYS BA 201 -42.22 127.00 -21.79
C CYS BA 201 -43.49 126.43 -22.41
N VAL BA 202 -43.36 125.99 -23.67
CA VAL BA 202 -44.42 125.26 -24.35
C VAL BA 202 -43.79 124.02 -24.98
N VAL BA 203 -44.66 123.09 -25.38
CA VAL BA 203 -44.29 121.94 -26.19
C VAL BA 203 -45.19 121.97 -27.41
N VAL BA 204 -44.63 122.32 -28.57
CA VAL BA 204 -45.43 122.52 -29.76
C VAL BA 204 -45.81 121.18 -30.37
N LEU BA 205 -47.02 121.11 -30.94
CA LEU BA 205 -47.56 119.90 -31.57
C LEU BA 205 -48.38 120.34 -32.77
N ASP BA 206 -47.77 120.24 -33.95
CA ASP BA 206 -48.40 120.72 -35.18
C ASP BA 206 -49.47 119.74 -35.66
N ASN BA 207 -50.47 120.29 -36.35
CA ASN BA 207 -51.56 119.49 -36.91
C ASN BA 207 -51.29 119.08 -38.35
N THR BA 208 -50.64 119.93 -39.14
CA THR BA 208 -50.29 119.57 -40.51
C THR BA 208 -49.17 118.54 -40.54
N ALA BA 209 -48.39 118.42 -39.47
CA ALA BA 209 -47.37 117.40 -39.36
C ALA BA 209 -47.92 116.09 -38.79
N LEU BA 210 -49.17 116.07 -38.32
CA LEU BA 210 -49.76 114.84 -37.82
C LEU BA 210 -50.12 113.90 -38.95
N ASN BA 211 -50.85 114.40 -39.96
CA ASN BA 211 -51.20 113.62 -41.13
C ASN BA 211 -50.02 113.34 -42.05
N ARG BA 212 -48.90 114.04 -41.86
CA ARG BA 212 -47.66 113.60 -42.52
C ARG BA 212 -47.18 112.28 -41.96
N ILE BA 213 -47.41 112.04 -40.67
CA ILE BA 213 -47.00 110.80 -40.01
C ILE BA 213 -48.15 109.80 -40.06
N ALA BA 214 -49.39 110.31 -40.05
CA ALA BA 214 -50.56 109.43 -40.03
C ALA BA 214 -50.78 108.70 -41.35
N THR BA 215 -50.16 109.16 -42.44
CA THR BA 215 -50.12 108.40 -43.68
C THR BA 215 -48.73 107.87 -44.01
N ASP BA 216 -47.74 108.12 -43.14
CA ASP BA 216 -46.38 107.66 -43.39
C ASP BA 216 -46.27 106.15 -43.20
N ARG BA 217 -46.55 105.69 -41.99
CA ARG BA 217 -46.45 104.27 -41.66
C ARG BA 217 -47.77 103.69 -41.17
N LEU BA 218 -48.78 104.52 -40.97
CA LEU BA 218 -50.01 104.09 -40.33
C LEU BA 218 -51.05 103.61 -41.34
N HIS BA 219 -50.95 104.08 -42.58
CA HIS BA 219 -51.70 103.58 -43.74
C HIS BA 219 -53.22 103.71 -43.56
N ILE BA 220 -53.68 104.96 -43.50
CA ILE BA 220 -55.10 105.26 -43.47
C ILE BA 220 -55.48 106.00 -44.75
N GLN BA 221 -56.75 105.88 -45.13
CA GLN BA 221 -57.28 106.54 -46.31
C GLN BA 221 -58.14 107.75 -45.99
N ASN BA 222 -58.97 107.68 -44.95
CA ASN BA 222 -59.80 108.79 -44.53
C ASN BA 222 -59.31 109.26 -43.17
N PRO BA 223 -58.70 110.44 -43.06
CA PRO BA 223 -58.16 110.91 -41.77
C PRO BA 223 -59.28 111.29 -40.80
N SER BA 224 -59.36 110.58 -39.68
CA SER BA 224 -60.33 110.85 -38.64
C SER BA 224 -59.66 111.43 -37.41
N PHE BA 225 -60.49 111.86 -36.46
CA PHE BA 225 -60.00 112.42 -35.21
C PHE BA 225 -59.61 111.34 -34.20
N SER BA 226 -59.91 110.07 -34.49
CA SER BA 226 -59.58 108.97 -33.59
C SER BA 226 -58.11 108.59 -33.63
N GLN BA 227 -57.32 109.16 -34.56
CA GLN BA 227 -55.89 108.91 -34.62
C GLN BA 227 -55.07 110.01 -33.95
N ILE BA 228 -55.69 111.14 -33.60
CA ILE BA 228 -54.95 112.25 -33.01
C ILE BA 228 -54.54 111.95 -31.57
N ASN BA 229 -55.11 110.95 -30.93
CA ASN BA 229 -54.81 110.66 -29.53
C ASN BA 229 -53.73 109.60 -29.39
N GLN BA 230 -53.30 108.98 -30.49
CA GLN BA 230 -52.34 107.89 -30.42
C GLN BA 230 -50.91 108.39 -30.48
N LEU BA 231 -50.62 109.38 -31.31
CA LEU BA 231 -49.27 109.96 -31.32
C LEU BA 231 -49.02 110.84 -30.11
N VAL BA 232 -50.09 111.38 -29.50
CA VAL BA 232 -49.93 112.39 -28.48
C VAL BA 232 -49.78 111.77 -27.10
N SER BA 233 -50.56 110.72 -26.80
CA SER BA 233 -50.56 110.13 -25.47
C SER BA 233 -49.30 109.34 -25.15
N THR BA 234 -48.61 108.82 -26.17
CA THR BA 234 -47.37 108.08 -25.90
C THR BA 234 -46.24 109.02 -25.54
N ILE BA 235 -46.08 110.12 -26.28
CA ILE BA 235 -44.98 111.04 -26.00
C ILE BA 235 -45.21 111.86 -24.74
N MET BA 236 -46.45 111.95 -24.27
CA MET BA 236 -46.72 112.56 -22.97
C MET BA 236 -46.19 111.69 -21.84
N SER BA 237 -46.49 110.38 -21.90
CA SER BA 237 -45.96 109.46 -20.92
C SER BA 237 -44.48 109.18 -21.14
N ALA BA 238 -43.99 109.42 -22.36
CA ALA BA 238 -42.56 109.29 -22.63
C ALA BA 238 -41.77 110.41 -22.00
N SER BA 239 -42.36 111.60 -21.87
CA SER BA 239 -41.67 112.75 -21.32
C SER BA 239 -41.51 112.67 -19.81
N THR BA 240 -42.28 111.83 -19.13
CA THR BA 240 -42.22 111.68 -17.68
C THR BA 240 -41.60 110.35 -17.26
N THR BA 241 -40.84 109.71 -18.15
CA THR BA 241 -40.22 108.44 -17.81
C THR BA 241 -39.10 108.62 -16.81
N THR BA 242 -38.41 109.76 -16.82
CA THR BA 242 -37.47 110.06 -15.76
C THR BA 242 -38.20 110.47 -14.49
N LEU BA 243 -39.44 110.96 -14.62
CA LEU BA 243 -40.19 111.48 -13.49
C LEU BA 243 -41.10 110.42 -12.86
N ARG BA 244 -41.74 109.58 -13.66
CA ARG BA 244 -42.58 108.52 -13.11
C ARG BA 244 -41.75 107.32 -12.69
N TYR BA 245 -40.99 106.75 -13.63
CA TYR BA 245 -40.11 105.63 -13.33
C TYR BA 245 -38.85 106.13 -12.63
N PRO BA 246 -38.20 105.29 -11.80
CA PRO BA 246 -37.05 105.77 -11.03
C PRO BA 246 -35.82 106.08 -11.88
N GLY BA 247 -35.53 107.37 -12.03
CA GLY BA 247 -34.32 107.84 -12.65
C GLY BA 247 -33.46 108.61 -11.65
N TYR BA 248 -32.33 109.09 -12.13
CA TYR BA 248 -31.39 109.80 -11.26
C TYR BA 248 -31.25 111.27 -11.62
N MET BA 249 -30.90 111.58 -12.86
CA MET BA 249 -30.64 112.96 -13.26
C MET BA 249 -31.77 113.47 -14.15
N ASN BA 250 -32.17 114.72 -13.89
CA ASN BA 250 -33.35 115.36 -14.48
C ASN BA 250 -34.60 114.49 -14.30
N ASN BA 251 -34.76 113.97 -13.10
CA ASN BA 251 -35.92 113.17 -12.74
C ASN BA 251 -37.11 114.02 -12.30
N ASP BA 252 -37.04 115.34 -12.43
CA ASP BA 252 -38.14 116.25 -12.19
C ASP BA 252 -38.46 117.03 -13.46
N LEU BA 253 -39.64 117.65 -13.48
CA LEU BA 253 -40.05 118.41 -14.66
C LEU BA 253 -39.31 119.74 -14.73
N ILE BA 254 -38.92 120.28 -13.57
CA ILE BA 254 -37.98 121.39 -13.52
C ILE BA 254 -36.52 120.94 -13.70
N GLY BA 255 -36.26 119.65 -13.90
CA GLY BA 255 -34.93 119.22 -14.30
C GLY BA 255 -34.74 119.22 -15.80
N LEU BA 256 -35.74 118.74 -16.54
CA LEU BA 256 -35.61 118.59 -17.98
C LEU BA 256 -35.68 119.95 -18.69
N ILE BA 257 -36.63 120.78 -18.29
CA ILE BA 257 -36.86 122.06 -18.96
C ILE BA 257 -35.75 123.06 -18.65
N ALA BA 258 -35.08 122.91 -17.50
CA ALA BA 258 -33.99 123.82 -17.14
C ALA BA 258 -32.76 123.63 -18.04
N SER BA 259 -32.53 122.43 -18.56
CA SER BA 259 -31.32 122.15 -19.34
C SER BA 259 -31.52 122.34 -20.84
N LEU BA 260 -32.65 122.89 -21.26
CA LEU BA 260 -32.92 123.07 -22.68
C LEU BA 260 -33.29 124.50 -23.07
N ILE BA 261 -33.86 125.31 -22.19
CA ILE BA 261 -34.29 126.66 -22.51
C ILE BA 261 -33.07 127.56 -22.53
N PRO BA 262 -32.78 128.24 -23.64
CA PRO BA 262 -31.67 129.20 -23.65
C PRO BA 262 -32.03 130.49 -22.93
N THR BA 263 -33.24 130.97 -23.17
CA THR BA 263 -33.69 132.27 -22.69
C THR BA 263 -35.21 132.29 -22.72
N PRO BA 264 -35.84 133.17 -21.93
CA PRO BA 264 -37.29 133.37 -22.06
C PRO BA 264 -37.66 133.90 -23.45
N ARG BA 265 -38.89 133.58 -23.86
CA ARG BA 265 -39.52 133.73 -25.19
C ARG BA 265 -38.83 132.90 -26.28
N LEU BA 266 -37.85 132.06 -25.91
CA LEU BA 266 -37.28 131.04 -26.80
C LEU BA 266 -37.41 129.72 -26.05
N HIS BA 267 -38.56 129.06 -26.23
CA HIS BA 267 -38.83 127.84 -25.48
C HIS BA 267 -39.55 126.79 -26.34
N PHE BA 268 -39.71 127.02 -27.63
CA PHE BA 268 -40.50 126.15 -28.50
C PHE BA 268 -39.65 124.93 -28.86
N LEU BA 269 -40.00 123.77 -28.31
CA LEU BA 269 -39.19 122.58 -28.40
C LEU BA 269 -39.72 121.63 -29.47
N MET BA 270 -38.82 121.19 -30.36
CA MET BA 270 -39.18 120.25 -31.40
C MET BA 270 -39.19 118.82 -30.84
N THR BA 271 -40.21 118.05 -31.21
CA THR BA 271 -40.42 116.72 -30.67
C THR BA 271 -40.22 115.67 -31.76
N GLY BA 272 -39.66 114.53 -31.38
CA GLY BA 272 -39.49 113.42 -32.31
C GLY BA 272 -39.66 112.09 -31.62
N TYR BA 273 -40.25 111.15 -32.34
CA TYR BA 273 -40.55 109.82 -31.78
C TYR BA 273 -40.68 108.83 -32.94
N THR BA 274 -39.70 107.94 -33.08
CA THR BA 274 -39.71 106.98 -34.18
C THR BA 274 -40.65 105.78 -34.03
N PRO BA 275 -40.55 104.91 -32.97
CA PRO BA 275 -41.16 103.58 -33.11
C PRO BA 275 -42.67 103.56 -32.92
N LEU BA 276 -43.40 103.37 -34.02
CA LEU BA 276 -44.86 103.34 -33.98
C LEU BA 276 -45.46 102.16 -34.73
N THR BA 277 -44.65 101.16 -35.09
CA THR BA 277 -45.09 100.07 -35.94
C THR BA 277 -44.99 98.74 -35.19
N THR BA 278 -46.07 97.96 -35.26
CA THR BA 278 -46.20 96.72 -34.51
C THR BA 278 -45.53 95.51 -35.18
N ASP BA 279 -45.24 95.57 -36.48
CA ASP BA 279 -44.56 94.46 -37.13
C ASP BA 279 -43.04 94.56 -37.06
N GLN BA 280 -42.51 95.60 -36.40
CA GLN BA 280 -41.10 95.63 -36.06
C GLN BA 280 -40.77 94.62 -34.95
N SER BA 281 -41.79 94.14 -34.23
CA SER BA 281 -41.60 93.31 -33.04
C SER BA 281 -40.97 91.96 -33.35
N VAL BA 282 -41.17 91.44 -34.57
CA VAL BA 282 -40.69 90.10 -34.90
C VAL BA 282 -39.20 90.05 -35.21
N ALA BA 283 -38.52 91.20 -35.30
CA ALA BA 283 -37.11 91.23 -35.61
C ALA BA 283 -36.29 91.96 -34.54
N SER BA 284 -36.90 92.35 -33.43
CA SER BA 284 -36.19 92.92 -32.30
C SER BA 284 -35.68 91.86 -31.33
N VAL BA 285 -35.84 90.57 -31.68
CA VAL BA 285 -35.36 89.48 -30.84
C VAL BA 285 -33.87 89.21 -31.00
N ARG BA 286 -33.23 89.82 -31.99
CA ARG BA 286 -31.85 89.52 -32.33
C ARG BA 286 -30.86 90.56 -31.79
N LYS BA 287 -31.21 91.20 -30.67
CA LYS BA 287 -30.42 92.28 -30.05
C LYS BA 287 -30.24 93.44 -31.05
N THR BA 288 -31.37 94.10 -31.29
CA THR BA 288 -31.34 95.41 -31.94
C THR BA 288 -30.74 96.43 -30.96
N THR BA 289 -29.70 97.12 -31.40
CA THR BA 289 -28.84 97.90 -30.51
C THR BA 289 -29.33 99.34 -30.39
N VAL BA 290 -28.56 100.12 -29.61
CA VAL BA 290 -28.80 101.55 -29.41
C VAL BA 290 -27.97 102.39 -30.38
N LEU BA 291 -27.13 101.77 -31.19
CA LEU BA 291 -26.23 102.51 -32.05
C LEU BA 291 -26.92 103.02 -33.31
N ASP BA 292 -28.11 102.51 -33.62
CA ASP BA 292 -28.83 102.91 -34.83
C ASP BA 292 -30.09 103.72 -34.56
N VAL BA 293 -30.47 103.90 -33.29
CA VAL BA 293 -31.75 104.53 -33.02
C VAL BA 293 -31.65 106.05 -32.93
N MET BA 294 -30.46 106.58 -32.64
CA MET BA 294 -30.29 108.02 -32.53
C MET BA 294 -29.62 108.62 -33.77
N ARG BA 295 -29.31 107.80 -34.77
CA ARG BA 295 -28.84 108.35 -36.04
C ARG BA 295 -30.00 108.94 -36.85
N ARG BA 296 -31.22 108.50 -36.57
CA ARG BA 296 -32.40 108.95 -37.29
C ARG BA 296 -33.20 110.00 -36.53
N LEU BA 297 -32.79 110.36 -35.31
CA LEU BA 297 -33.51 111.39 -34.56
C LEU BA 297 -33.20 112.76 -35.12
N LEU BA 298 -31.91 113.09 -35.25
CA LEU BA 298 -31.49 114.34 -35.88
C LEU BA 298 -31.81 114.40 -37.37
N GLN BA 299 -31.99 113.25 -38.00
CA GLN BA 299 -32.44 113.24 -39.38
C GLN BA 299 -33.91 113.63 -39.43
N PRO BA 300 -34.30 114.65 -40.19
CA PRO BA 300 -35.69 115.17 -40.17
C PRO BA 300 -36.73 114.23 -40.78
N LYS BA 301 -37.06 113.20 -40.03
CA LYS BA 301 -38.06 112.22 -40.46
C LYS BA 301 -39.15 112.03 -39.42
N ASN BA 302 -38.82 112.06 -38.14
CA ASN BA 302 -39.78 111.88 -37.06
C ASN BA 302 -40.31 113.19 -36.49
N VAL BA 303 -40.02 114.32 -37.14
CA VAL BA 303 -40.33 115.61 -36.56
C VAL BA 303 -41.83 115.89 -36.65
N MET BA 304 -42.34 116.64 -35.67
CA MET BA 304 -43.74 117.04 -35.62
C MET BA 304 -43.88 118.55 -35.80
N VAL BA 305 -42.99 119.16 -36.57
CA VAL BA 305 -42.96 120.60 -36.78
C VAL BA 305 -42.78 120.86 -38.26
N SER BA 306 -43.72 121.60 -38.85
CA SER BA 306 -43.63 121.99 -40.26
C SER BA 306 -42.60 123.10 -40.40
N THR BA 307 -41.45 122.78 -40.95
CA THR BA 307 -40.38 123.76 -41.09
C THR BA 307 -39.74 123.61 -42.46
N GLY BA 308 -38.92 124.59 -42.82
CA GLY BA 308 -38.27 124.57 -44.12
C GLY BA 308 -37.12 123.58 -44.16
N ARG BA 309 -36.93 122.96 -45.33
CA ARG BA 309 -35.88 121.98 -45.51
C ARG BA 309 -34.54 122.61 -45.90
N ASP BA 310 -34.57 123.78 -46.54
CA ASP BA 310 -33.36 124.48 -46.94
C ASP BA 310 -32.98 125.62 -46.01
N ARG BA 311 -33.61 125.71 -44.84
CA ARG BA 311 -33.35 126.78 -43.89
C ARG BA 311 -32.55 126.31 -42.68
N GLN BA 312 -31.94 125.13 -42.75
CA GLN BA 312 -31.22 124.56 -41.62
C GLN BA 312 -29.71 124.84 -41.69
N THR BA 313 -29.23 125.46 -42.77
CA THR BA 313 -27.80 125.76 -42.89
C THR BA 313 -27.42 127.04 -42.16
N ASN BA 314 -28.31 128.02 -42.10
CA ASN BA 314 -28.07 129.26 -41.37
C ASN BA 314 -28.67 129.24 -39.97
N HIS BA 315 -29.30 128.13 -39.58
CA HIS BA 315 -29.84 127.95 -38.24
C HIS BA 315 -29.00 126.91 -37.52
N CYS BA 316 -28.96 127.01 -36.19
CA CYS BA 316 -28.06 126.20 -35.38
C CYS BA 316 -28.81 125.61 -34.20
N TYR BA 317 -28.57 124.33 -33.93
CA TYR BA 317 -29.09 123.70 -32.72
C TYR BA 317 -28.32 124.22 -31.51
N ILE BA 318 -29.03 124.34 -30.39
CA ILE BA 318 -28.40 124.81 -29.15
C ILE BA 318 -28.53 123.72 -28.09
N ALA BA 319 -29.71 123.09 -28.03
CA ALA BA 319 -29.98 122.06 -27.04
C ALA BA 319 -30.77 120.94 -27.71
N ILE BA 320 -30.29 119.71 -27.55
CA ILE BA 320 -30.95 118.54 -28.13
C ILE BA 320 -30.98 117.43 -27.09
N LEU BA 321 -32.18 116.87 -26.87
CA LEU BA 321 -32.40 115.81 -25.91
C LEU BA 321 -32.71 114.52 -26.65
N ASN BA 322 -32.10 113.41 -26.22
CA ASN BA 322 -32.27 112.11 -26.86
C ASN BA 322 -32.54 111.10 -25.75
N ILE BA 323 -33.81 110.76 -25.54
CA ILE BA 323 -34.23 109.93 -24.43
C ILE BA 323 -34.44 108.50 -24.92
N ILE BA 324 -33.63 107.56 -24.41
CA ILE BA 324 -33.84 106.14 -24.63
C ILE BA 324 -34.54 105.55 -23.40
N GLN BA 325 -35.37 104.53 -23.64
CA GLN BA 325 -36.24 103.96 -22.62
C GLN BA 325 -36.12 102.44 -22.64
N GLY BA 326 -36.31 101.83 -21.48
CA GLY BA 326 -36.40 100.38 -21.40
C GLY BA 326 -35.04 99.74 -21.54
N GLU BA 327 -34.95 98.73 -22.41
CA GLU BA 327 -33.68 98.08 -22.68
C GLU BA 327 -32.77 99.00 -23.48
N VAL BA 328 -31.62 99.34 -22.91
CA VAL BA 328 -30.76 100.36 -23.48
C VAL BA 328 -29.45 99.72 -23.94
N ASP BA 329 -29.03 98.66 -23.22
CA ASP BA 329 -27.68 98.08 -23.25
C ASP BA 329 -26.68 99.19 -23.00
N PRO BA 330 -26.53 99.65 -21.75
CA PRO BA 330 -25.78 100.89 -21.47
C PRO BA 330 -24.27 100.78 -21.63
N THR BA 331 -23.73 99.63 -22.02
CA THR BA 331 -22.30 99.57 -22.32
C THR BA 331 -21.96 100.15 -23.68
N GLN BA 332 -22.98 100.47 -24.50
CA GLN BA 332 -22.78 101.10 -25.80
C GLN BA 332 -23.56 102.41 -25.93
N VAL BA 333 -24.05 102.97 -24.83
CA VAL BA 333 -24.75 104.25 -24.94
C VAL BA 333 -23.75 105.41 -25.05
N HIS BA 334 -22.56 105.26 -24.47
CA HIS BA 334 -21.47 106.21 -24.76
C HIS BA 334 -20.91 105.99 -26.15
N LYS BA 335 -21.09 104.80 -26.71
CA LYS BA 335 -20.67 104.51 -28.07
C LYS BA 335 -21.59 105.19 -29.08
N SER BA 336 -22.87 105.33 -28.74
CA SER BA 336 -23.80 106.06 -29.61
C SER BA 336 -23.50 107.54 -29.63
N LEU BA 337 -23.08 108.10 -28.49
CA LEU BA 337 -22.72 109.51 -28.41
C LEU BA 337 -21.34 109.78 -28.96
N GLN BA 338 -20.55 108.72 -29.19
CA GLN BA 338 -19.26 108.86 -29.85
C GLN BA 338 -19.41 109.28 -31.31
N ARG BA 339 -20.44 108.76 -31.99
CA ARG BA 339 -20.63 108.97 -33.41
C ARG BA 339 -21.31 110.29 -33.75
N ILE BA 340 -21.61 111.12 -32.75
CA ILE BA 340 -22.34 112.35 -32.99
C ILE BA 340 -21.44 113.43 -33.55
N ARG BA 341 -20.20 113.53 -33.04
CA ARG BA 341 -19.29 114.60 -33.46
C ARG BA 341 -18.75 114.39 -34.86
N GLU BA 342 -18.80 113.16 -35.39
CA GLU BA 342 -18.18 112.89 -36.68
C GLU BA 342 -19.08 113.34 -37.83
N ARG BA 343 -20.40 113.25 -37.66
CA ARG BA 343 -21.32 113.64 -38.72
C ARG BA 343 -21.61 115.14 -38.67
N LYS BA 344 -21.70 115.70 -37.46
CA LYS BA 344 -22.18 117.07 -37.21
C LYS BA 344 -23.53 117.31 -37.87
N LEU BA 345 -24.48 116.41 -37.59
CA LEU BA 345 -25.83 116.56 -38.12
C LEU BA 345 -26.56 117.73 -37.46
N ALA BA 346 -26.16 118.11 -36.24
CA ALA BA 346 -26.65 119.32 -35.59
C ALA BA 346 -25.68 120.46 -35.86
N ASN BA 347 -26.19 121.54 -36.44
CA ASN BA 347 -25.38 122.74 -36.55
C ASN BA 347 -25.24 123.37 -35.18
N PHE BA 348 -24.01 123.69 -34.79
CA PHE BA 348 -23.73 124.20 -33.46
C PHE BA 348 -23.63 125.73 -33.49
N ILE BA 349 -24.01 126.35 -32.40
CA ILE BA 349 -23.99 127.82 -32.31
C ILE BA 349 -22.54 128.30 -32.26
N PRO BA 350 -22.17 129.32 -33.03
CA PRO BA 350 -20.77 129.76 -33.06
C PRO BA 350 -20.36 130.62 -31.88
N TRP BA 351 -21.31 131.09 -31.07
CA TRP BA 351 -20.98 131.93 -29.94
C TRP BA 351 -20.75 131.15 -28.65
N GLY BA 352 -21.40 130.00 -28.49
CA GLY BA 352 -21.28 129.23 -27.28
C GLY BA 352 -21.32 127.73 -27.51
N PRO BA 353 -21.18 126.97 -26.43
CA PRO BA 353 -21.23 125.50 -26.55
C PRO BA 353 -22.64 124.98 -26.77
N ALA BA 354 -22.70 123.74 -27.26
CA ALA BA 354 -23.95 123.00 -27.43
C ALA BA 354 -23.93 121.80 -26.49
N SER BA 355 -24.99 120.99 -26.53
CA SER BA 355 -25.12 119.85 -25.64
C SER BA 355 -26.04 118.80 -26.23
N ILE BA 356 -25.57 117.55 -26.31
CA ILE BA 356 -26.39 116.41 -26.67
C ILE BA 356 -26.56 115.57 -25.42
N GLN BA 357 -27.70 115.73 -24.74
CA GLN BA 357 -27.98 115.05 -23.49
C GLN BA 357 -28.75 113.77 -23.76
N VAL BA 358 -28.24 112.65 -23.24
CA VAL BA 358 -28.90 111.36 -23.37
C VAL BA 358 -29.19 110.83 -21.96
N ALA BA 359 -30.35 110.22 -21.77
CA ALA BA 359 -30.75 109.69 -20.47
C ALA BA 359 -31.57 108.41 -20.68
N LEU BA 360 -31.67 107.62 -19.62
CA LEU BA 360 -32.37 106.34 -19.68
C LEU BA 360 -33.15 106.09 -18.41
N SER BA 361 -34.20 105.28 -18.54
CA SER BA 361 -35.02 104.82 -17.43
C SER BA 361 -35.69 103.52 -17.85
N ARG BA 362 -35.86 102.62 -16.88
CA ARG BA 362 -36.49 101.34 -17.17
C ARG BA 362 -37.99 101.51 -17.37
N LYS BA 363 -38.54 100.78 -18.33
CA LYS BA 363 -39.93 100.93 -18.72
C LYS BA 363 -40.82 100.03 -17.87
N SER BA 364 -42.07 99.88 -18.29
CA SER BA 364 -43.04 99.07 -17.57
C SER BA 364 -42.70 97.59 -17.72
N PRO BA 365 -43.00 96.77 -16.71
CA PRO BA 365 -42.87 95.30 -16.87
C PRO BA 365 -43.96 94.74 -17.78
N TYR BA 366 -43.75 94.90 -19.09
CA TYR BA 366 -44.72 94.51 -20.09
C TYR BA 366 -43.97 94.06 -21.33
N LEU BA 367 -44.58 93.15 -22.08
CA LEU BA 367 -43.87 92.54 -23.21
C LEU BA 367 -43.66 93.47 -24.42
N PRO BA 368 -44.62 94.33 -24.84
CA PRO BA 368 -44.25 95.32 -25.87
C PRO BA 368 -43.38 96.45 -25.37
N SER BA 369 -43.11 96.55 -24.07
CA SER BA 369 -42.29 97.63 -23.52
C SER BA 369 -40.89 97.21 -23.14
N ALA BA 370 -40.69 95.97 -22.67
CA ALA BA 370 -39.38 95.46 -22.29
C ALA BA 370 -38.69 94.73 -23.43
N HIS BA 371 -39.11 94.96 -24.67
CA HIS BA 371 -38.51 94.32 -25.83
C HIS BA 371 -38.07 95.27 -26.93
N ARG BA 372 -38.76 96.39 -27.16
CA ARG BA 372 -38.53 97.23 -28.32
C ARG BA 372 -37.96 98.56 -27.88
N VAL BA 373 -36.92 99.02 -28.58
CA VAL BA 373 -36.23 100.24 -28.21
C VAL BA 373 -37.10 101.44 -28.56
N SER BA 374 -37.09 102.45 -27.69
CA SER BA 374 -37.90 103.64 -27.88
C SER BA 374 -37.01 104.87 -27.77
N GLY BA 375 -37.21 105.82 -28.68
CA GLY BA 375 -36.44 107.04 -28.69
C GLY BA 375 -37.32 108.28 -28.69
N LEU BA 376 -37.22 109.09 -27.63
CA LEU BA 376 -37.97 110.32 -27.51
C LEU BA 376 -37.02 111.50 -27.68
N MET BA 377 -37.36 112.41 -28.59
CA MET BA 377 -36.53 113.56 -28.89
C MET BA 377 -37.19 114.83 -28.38
N MET BA 378 -36.40 115.69 -27.74
CA MET BA 378 -36.84 117.03 -27.35
C MET BA 378 -35.77 118.01 -27.85
N ALA BA 379 -35.92 118.43 -29.11
CA ALA BA 379 -34.95 119.28 -29.76
C ALA BA 379 -35.22 120.75 -29.45
N ASN BA 380 -34.29 121.61 -29.85
CA ASN BA 380 -34.48 123.06 -29.79
C ASN BA 380 -33.66 123.66 -30.92
N HIS BA 381 -34.30 123.90 -32.05
CA HIS BA 381 -33.64 124.43 -33.24
C HIS BA 381 -34.25 125.78 -33.60
N THR BA 382 -33.41 126.67 -34.14
CA THR BA 382 -33.80 128.04 -34.39
C THR BA 382 -34.47 128.24 -35.75
N ASN BA 383 -34.94 127.17 -36.38
CA ASN BA 383 -35.76 127.28 -37.58
C ASN BA 383 -37.25 127.33 -37.25
N ILE BA 384 -37.60 127.49 -35.97
CA ILE BA 384 -38.99 127.53 -35.53
C ILE BA 384 -39.68 128.83 -35.88
N SER BA 385 -38.95 129.84 -36.35
CA SER BA 385 -39.56 131.08 -36.82
C SER BA 385 -40.29 130.92 -38.15
N SER BA 386 -40.09 129.80 -38.85
CA SER BA 386 -40.81 129.55 -40.08
C SER BA 386 -42.30 129.33 -39.82
N LEU BA 387 -42.64 128.71 -38.69
CA LEU BA 387 -44.03 128.65 -38.27
C LEU BA 387 -44.53 130.03 -37.84
N PHE BA 388 -43.65 130.82 -37.22
CA PHE BA 388 -44.05 132.16 -36.81
C PHE BA 388 -44.12 133.11 -38.00
N GLU BA 389 -43.34 132.84 -39.05
CA GLU BA 389 -43.52 133.55 -40.30
C GLU BA 389 -44.76 133.08 -41.05
N ARG BA 390 -45.15 131.81 -40.86
CA ARG BA 390 -46.35 131.30 -41.50
C ARG BA 390 -47.60 131.85 -40.85
N THR BA 391 -47.60 131.97 -39.52
CA THR BA 391 -48.78 132.48 -38.83
C THR BA 391 -48.92 133.99 -38.97
N CYS BA 392 -47.80 134.72 -39.04
CA CYS BA 392 -47.87 136.16 -39.16
C CYS BA 392 -48.27 136.60 -40.57
N ARG BA 393 -47.81 135.86 -41.60
CA ARG BA 393 -48.19 136.18 -42.97
C ARG BA 393 -49.66 135.87 -43.23
N GLN BA 394 -50.22 134.92 -42.51
CA GLN BA 394 -51.65 134.63 -42.55
C GLN BA 394 -52.45 135.54 -41.64
N TYR BA 395 -51.78 136.39 -40.85
CA TYR BA 395 -52.44 137.29 -39.91
C TYR BA 395 -52.62 138.69 -40.49
N ASP BA 396 -51.57 139.25 -41.08
CA ASP BA 396 -51.68 140.57 -41.69
C ASP BA 396 -52.39 140.54 -43.03
N LYS BA 397 -52.42 139.40 -43.71
CA LYS BA 397 -53.19 139.28 -44.95
C LYS BA 397 -54.69 139.27 -44.68
N LEU BA 398 -55.09 138.76 -43.51
CA LEU BA 398 -56.51 138.69 -43.18
C LEU BA 398 -57.06 140.04 -42.72
N ARG BA 399 -56.22 140.89 -42.14
CA ARG BA 399 -56.68 142.20 -41.68
C ARG BA 399 -56.85 143.20 -42.81
N LYS BA 400 -56.24 142.95 -43.97
CA LYS BA 400 -56.45 143.79 -45.14
C LYS BA 400 -57.67 143.39 -45.95
N ARG BA 401 -58.25 142.23 -45.68
CA ARG BA 401 -59.45 141.76 -46.34
C ARG BA 401 -60.72 142.15 -45.60
N GLU BA 402 -60.58 142.96 -44.54
CA GLU BA 402 -61.69 143.40 -43.67
C GLU BA 402 -62.46 142.21 -43.09
N ALA BA 403 -61.72 141.25 -42.55
CA ALA BA 403 -62.28 140.01 -42.03
C ALA BA 403 -62.24 140.05 -40.50
N PHE BA 404 -63.43 139.97 -39.89
CA PHE BA 404 -63.63 139.90 -38.44
C PHE BA 404 -63.02 141.10 -37.71
N LEU BA 405 -63.26 142.29 -38.26
CA LEU BA 405 -62.98 143.53 -37.56
C LEU BA 405 -64.24 144.20 -37.04
N GLU BA 406 -65.38 143.90 -37.64
CA GLU BA 406 -66.66 144.40 -37.15
C GLU BA 406 -67.42 143.32 -36.39
N GLN BA 407 -67.10 142.04 -36.66
CA GLN BA 407 -67.78 140.91 -36.05
C GLN BA 407 -67.12 140.44 -34.76
N PHE BA 408 -66.04 141.10 -34.34
CA PHE BA 408 -65.24 140.64 -33.22
C PHE BA 408 -65.09 141.67 -32.10
N ARG BA 409 -65.37 142.94 -32.37
CA ARG BA 409 -65.13 144.02 -31.41
C ARG BA 409 -66.41 144.53 -30.77
N LYS BA 410 -67.51 143.77 -30.87
CA LYS BA 410 -68.73 144.19 -30.20
C LYS BA 410 -68.70 143.87 -28.71
N GLU BA 411 -68.14 142.72 -28.34
CA GLU BA 411 -68.04 142.30 -26.95
C GLU BA 411 -66.61 142.50 -26.47
N ASP BA 412 -66.48 143.18 -25.31
CA ASP BA 412 -65.30 143.30 -24.43
C ASP BA 412 -63.97 143.65 -25.16
N ILE BA 413 -64.05 144.26 -26.34
CA ILE BA 413 -62.87 144.75 -27.06
C ILE BA 413 -63.20 146.17 -27.55
N PHE BA 414 -62.49 147.15 -27.01
CA PHE BA 414 -62.70 148.55 -27.37
C PHE BA 414 -61.53 149.19 -28.10
N LYS BA 415 -60.31 148.69 -27.92
CA LYS BA 415 -59.13 149.22 -28.59
C LYS BA 415 -58.50 148.14 -29.46
N ASP BA 416 -57.66 148.58 -30.39
CA ASP BA 416 -57.02 147.68 -31.35
C ASP BA 416 -55.79 147.06 -30.70
N ASN BA 417 -55.94 145.81 -30.24
CA ASN BA 417 -54.84 145.05 -29.65
C ASN BA 417 -54.20 144.09 -30.65
N PHE BA 418 -54.36 144.35 -31.95
CA PHE BA 418 -53.88 143.47 -32.99
C PHE BA 418 -52.38 143.65 -33.24
N ASP BA 419 -51.91 144.89 -33.27
CA ASP BA 419 -50.48 145.14 -33.38
C ASP BA 419 -49.74 144.94 -32.07
N GLU BA 420 -50.46 144.78 -30.96
CA GLU BA 420 -49.80 144.36 -29.72
C GLU BA 420 -49.31 142.92 -29.80
N LEU BA 421 -50.00 142.09 -30.59
CA LEU BA 421 -49.57 140.73 -30.85
C LEU BA 421 -48.56 140.64 -31.99
N ASP BA 422 -48.56 141.61 -32.90
CA ASP BA 422 -47.72 141.54 -34.09
C ASP BA 422 -46.27 141.89 -33.76
N ASN BA 423 -46.06 142.93 -32.95
CA ASN BA 423 -44.71 143.36 -32.63
C ASN BA 423 -44.04 142.37 -31.69
N SER BA 424 -44.79 141.85 -30.71
CA SER BA 424 -44.26 140.87 -29.78
C SER BA 424 -43.93 139.55 -30.46
N ARG BA 425 -44.64 139.21 -31.54
CA ARG BA 425 -44.27 138.04 -32.33
C ARG BA 425 -43.01 138.30 -33.13
N GLU BA 426 -42.85 139.52 -33.64
CA GLU BA 426 -41.62 139.87 -34.37
C GLU BA 426 -40.44 140.05 -33.43
N ILE BA 427 -40.70 140.34 -32.15
CA ILE BA 427 -39.65 140.39 -31.15
C ILE BA 427 -39.06 138.98 -30.95
N VAL BA 428 -39.93 137.97 -30.96
CA VAL BA 428 -39.47 136.59 -30.88
C VAL BA 428 -38.69 136.20 -32.13
N GLN BA 429 -39.18 136.60 -33.30
CA GLN BA 429 -38.55 136.23 -34.57
C GLN BA 429 -37.22 136.94 -34.79
N GLN BA 430 -37.03 138.13 -34.22
CA GLN BA 430 -35.77 138.85 -34.37
C GLN BA 430 -34.73 138.41 -33.36
N LEU BA 431 -35.14 138.10 -32.13
CA LEU BA 431 -34.19 137.66 -31.11
C LEU BA 431 -33.72 136.22 -31.34
N ILE BA 432 -34.42 135.45 -32.17
CA ILE BA 432 -33.97 134.11 -32.49
C ILE BA 432 -32.78 134.17 -33.44
N ASP BA 433 -32.87 135.00 -34.49
CA ASP BA 433 -31.77 135.12 -35.45
C ASP BA 433 -30.61 135.91 -34.86
N GLU BA 434 -30.88 136.80 -33.91
CA GLU BA 434 -29.83 137.55 -33.23
C GLU BA 434 -29.07 136.66 -32.23
N TYR BA 435 -29.68 135.55 -31.81
CA TYR BA 435 -29.12 134.74 -30.73
C TYR BA 435 -27.84 134.02 -31.13
N HIS BA 436 -27.61 133.82 -32.43
CA HIS BA 436 -26.35 133.27 -32.93
C HIS BA 436 -25.56 134.43 -33.55
N ALA BA 437 -24.62 134.95 -32.77
CA ALA BA 437 -23.81 136.09 -33.23
C ALA BA 437 -22.56 135.60 -33.95
N PRO CA 2 -72.37 100.38 37.20
CA PRO CA 2 -70.99 100.66 36.79
C PRO CA 2 -70.89 101.87 35.86
N ARG CA 3 -71.17 101.66 34.57
CA ARG CA 3 -71.06 102.71 33.58
C ARG CA 3 -72.36 102.81 32.78
N GLU CA 4 -73.49 102.79 33.49
CA GLU CA 4 -74.80 102.72 32.84
C GLU CA 4 -75.25 104.11 32.39
N ILE CA 5 -75.61 104.22 31.12
CA ILE CA 5 -76.10 105.48 30.54
C ILE CA 5 -77.56 105.29 30.18
N ILE CA 6 -78.37 106.29 30.50
CA ILE CA 6 -79.79 106.32 30.16
C ILE CA 6 -79.95 107.24 28.96
N THR CA 7 -80.40 106.69 27.84
CA THR CA 7 -80.65 107.48 26.64
C THR CA 7 -82.04 108.12 26.73
N LEU CA 8 -82.13 109.38 26.34
CA LEU CA 8 -83.39 110.12 26.40
C LEU CA 8 -83.86 110.41 24.97
N GLN CA 9 -84.48 109.39 24.38
CA GLN CA 9 -85.03 109.53 23.04
C GLN CA 9 -86.34 110.30 23.08
N LEU CA 10 -86.39 111.39 22.31
CA LEU CA 10 -87.45 112.39 22.44
C LEU CA 10 -87.67 113.05 21.09
N GLY CA 11 -88.94 113.21 20.72
CA GLY CA 11 -89.32 113.94 19.53
C GLY CA 11 -89.67 113.03 18.36
N GLN CA 12 -90.07 113.68 17.27
CA GLN CA 12 -90.48 112.94 16.07
C GLN CA 12 -89.28 112.33 15.36
N CYS CA 13 -88.15 113.03 15.34
CA CYS CA 13 -86.97 112.51 14.68
C CYS CA 13 -86.04 111.79 15.64
N GLY CA 14 -86.06 112.16 16.93
CA GLY CA 14 -85.20 111.52 17.90
C GLY CA 14 -85.61 110.11 18.25
N ASN CA 15 -86.89 109.75 18.06
CA ASN CA 15 -87.34 108.40 18.34
C ASN CA 15 -86.97 107.44 17.22
N GLN CA 16 -86.95 107.92 15.97
CA GLN CA 16 -86.63 107.04 14.85
C GLN CA 16 -85.13 106.80 14.72
N ILE CA 17 -84.31 107.79 15.06
CA ILE CA 17 -82.86 107.58 15.02
C ILE CA 17 -82.36 106.74 16.18
N GLY CA 18 -83.17 106.60 17.23
CA GLY CA 18 -82.80 105.74 18.35
C GLY CA 18 -83.42 104.37 18.24
N PHE CA 19 -84.41 104.24 17.34
CA PHE CA 19 -85.05 102.94 17.15
C PHE CA 19 -84.12 101.97 16.43
N GLU CA 20 -83.48 102.43 15.36
CA GLU CA 20 -82.49 101.60 14.67
C GLU CA 20 -81.13 101.64 15.36
N PHE CA 21 -80.93 102.53 16.33
CA PHE CA 21 -79.72 102.48 17.13
C PHE CA 21 -79.72 101.25 18.03
N TRP CA 22 -80.85 100.96 18.66
CA TRP CA 22 -81.00 99.72 19.41
C TRP CA 22 -81.09 98.51 18.49
N LYS CA 23 -81.61 98.68 17.27
CA LYS CA 23 -81.68 97.58 16.33
C LYS CA 23 -80.29 97.25 15.76
N GLN CA 24 -79.39 98.23 15.74
CA GLN CA 24 -78.02 97.98 15.31
C GLN CA 24 -77.26 97.17 16.35
N LEU CA 25 -77.61 97.34 17.63
CA LEU CA 25 -76.85 96.75 18.72
C LEU CA 25 -77.05 95.23 18.83
N CYS CA 26 -78.21 94.72 18.40
CA CYS CA 26 -78.42 93.28 18.47
C CYS CA 26 -77.67 92.51 17.39
N ALA CA 27 -77.48 93.12 16.22
CA ALA CA 27 -76.77 92.45 15.14
C ALA CA 27 -75.27 92.35 15.41
N GLU CA 28 -74.73 93.22 16.24
CA GLU CA 28 -73.31 93.18 16.59
C GLU CA 28 -73.03 92.47 17.90
N HIS CA 29 -74.01 92.38 18.80
CA HIS CA 29 -73.86 91.59 20.00
C HIS CA 29 -74.15 90.11 19.77
N GLY CA 30 -74.62 89.73 18.58
CA GLY CA 30 -74.96 88.35 18.31
C GLY CA 30 -76.20 87.87 19.02
N ILE CA 31 -77.12 88.78 19.34
CA ILE CA 31 -78.31 88.45 20.10
C ILE CA 31 -79.55 88.79 19.26
N SER CA 32 -80.65 88.15 19.60
CA SER CA 32 -81.95 88.40 19.04
C SER CA 32 -82.79 89.22 20.02
N PRO CA 33 -83.70 90.06 19.52
CA PRO CA 33 -84.53 90.87 20.42
C PRO CA 33 -85.51 90.08 21.27
N GLU CA 34 -85.80 88.82 20.94
CA GLU CA 34 -86.66 87.99 21.76
C GLU CA 34 -86.00 86.73 22.31
N GLY CA 35 -84.78 86.40 21.90
CA GLY CA 35 -84.12 85.24 22.42
C GLY CA 35 -82.62 85.32 22.30
N ILE CA 36 -81.95 84.25 22.72
CA ILE CA 36 -80.50 84.09 22.57
C ILE CA 36 -80.26 82.80 21.81
N VAL CA 37 -80.00 82.91 20.51
CA VAL CA 37 -79.79 81.73 19.67
C VAL CA 37 -78.31 81.50 19.33
N GLU CA 38 -77.45 82.50 19.53
CA GLU CA 38 -76.04 82.37 19.20
C GLU CA 38 -75.21 82.45 20.46
N GLU CA 39 -74.10 81.71 20.49
CA GLU CA 39 -73.19 81.74 21.62
C GLU CA 39 -72.08 82.78 21.45
N PHE CA 40 -72.14 83.58 20.39
CA PHE CA 40 -71.13 84.59 20.08
C PHE CA 40 -71.21 85.83 20.98
N ALA CA 41 -72.16 85.89 21.92
CA ALA CA 41 -72.39 87.09 22.70
C ALA CA 41 -71.40 87.28 23.84
N THR CA 42 -70.84 86.20 24.39
CA THR CA 42 -69.91 86.30 25.50
C THR CA 42 -68.48 85.96 25.15
N GLU CA 43 -68.24 85.03 24.22
CA GLU CA 43 -66.87 84.72 23.82
C GLU CA 43 -66.32 85.78 22.87
N GLY CA 44 -67.16 86.32 21.99
CA GLY CA 44 -66.72 87.35 21.06
C GLY CA 44 -66.77 88.74 21.66
N THR CA 45 -67.87 89.08 22.32
CA THR CA 45 -68.04 90.36 22.97
C THR CA 45 -67.83 90.20 24.47
N ASP CA 46 -66.90 90.98 25.02
CA ASP CA 46 -66.50 90.83 26.42
C ASP CA 46 -67.27 91.75 27.35
N ARG CA 47 -68.11 92.65 26.83
CA ARG CA 47 -68.90 93.53 27.68
C ARG CA 47 -70.17 93.93 26.95
N LYS CA 48 -71.32 93.67 27.58
CA LYS CA 48 -72.62 93.97 27.00
C LYS CA 48 -73.49 94.85 27.89
N ASP CA 49 -73.26 94.87 29.19
CA ASP CA 49 -74.12 95.62 30.12
C ASP CA 49 -73.51 97.00 30.39
N VAL CA 50 -73.46 97.81 29.33
CA VAL CA 50 -73.06 99.20 29.46
C VAL CA 50 -74.08 100.17 28.85
N PHE CA 51 -74.90 99.75 27.89
CA PHE CA 51 -76.03 100.51 27.39
C PHE CA 51 -77.34 99.79 27.65
N PHE CA 52 -77.34 98.46 27.58
CA PHE CA 52 -78.48 97.66 27.97
C PHE CA 52 -78.61 97.60 29.48
N TYR CA 53 -79.82 97.30 29.94
CA TYR CA 53 -80.01 96.94 31.33
C TYR CA 53 -79.44 95.54 31.57
N GLN CA 54 -78.95 95.30 32.78
CA GLN CA 54 -78.31 94.03 33.08
C GLN CA 54 -79.35 92.92 33.18
N ALA CA 55 -78.91 91.70 32.86
CA ALA CA 55 -79.82 90.63 32.49
C ALA CA 55 -80.49 90.00 33.71
N ASP CA 56 -81.73 89.57 33.52
CA ASP CA 56 -82.44 88.74 34.47
C ASP CA 56 -82.69 87.32 33.95
N ASP CA 57 -82.77 87.15 32.63
CA ASP CA 57 -82.93 85.84 32.01
C ASP CA 57 -82.09 85.75 30.74
N GLU CA 58 -80.93 86.41 30.73
CA GLU CA 58 -80.16 86.75 29.53
C GLU CA 58 -81.03 87.47 28.51
N HIS CA 59 -81.82 88.43 29.00
CA HIS CA 59 -82.60 89.33 28.16
C HIS CA 59 -82.15 90.75 28.47
N TYR CA 60 -81.27 91.28 27.63
CA TYR CA 60 -80.66 92.58 27.86
C TYR CA 60 -81.66 93.67 27.46
N ILE CA 61 -82.40 94.17 28.45
CA ILE CA 61 -83.41 95.20 28.27
C ILE CA 61 -82.72 96.51 27.89
N PRO CA 62 -83.23 97.28 26.93
CA PRO CA 62 -82.63 98.60 26.67
C PRO CA 62 -83.01 99.60 27.73
N ARG CA 63 -82.04 100.43 28.12
CA ARG CA 63 -82.26 101.49 29.11
C ARG CA 63 -82.72 102.76 28.40
N ALA CA 64 -83.93 102.68 27.83
CA ALA CA 64 -84.42 103.70 26.92
C ALA CA 64 -85.79 104.19 27.33
N VAL CA 65 -86.03 105.49 27.11
CA VAL CA 65 -87.34 106.11 27.27
C VAL CA 65 -87.65 106.90 26.01
N LEU CA 66 -88.90 106.84 25.57
CA LEU CA 66 -89.33 107.44 24.31
C LEU CA 66 -90.64 108.17 24.52
N LEU CA 67 -90.59 109.50 24.59
CA LEU CA 67 -91.79 110.33 24.69
C LEU CA 67 -91.90 111.22 23.47
N ASP CA 68 -93.11 111.33 22.92
CA ASP CA 68 -93.37 112.23 21.81
C ASP CA 68 -94.85 112.59 21.82
N LEU CA 69 -95.14 113.80 21.33
CA LEU CA 69 -96.53 114.24 21.22
C LEU CA 69 -97.25 113.53 20.08
N GLU CA 70 -96.50 113.15 19.04
CA GLU CA 70 -97.09 112.50 17.87
C GLU CA 70 -97.15 111.00 18.09
N PRO CA 71 -98.31 110.36 17.96
CA PRO CA 71 -98.39 108.91 18.10
C PRO CA 71 -98.02 108.14 16.83
N ARG CA 72 -97.65 108.83 15.75
CA ARG CA 72 -97.35 108.16 14.49
C ARG CA 72 -95.99 107.46 14.53
N VAL CA 73 -95.05 108.00 15.29
CA VAL CA 73 -93.70 107.43 15.32
C VAL CA 73 -93.69 106.14 16.13
N ILE CA 74 -94.59 106.00 17.10
CA ILE CA 74 -94.61 104.80 17.93
C ILE CA 74 -95.54 103.73 17.40
N HIS CA 75 -96.48 104.08 16.53
CA HIS CA 75 -97.33 103.10 15.89
C HIS CA 75 -96.64 102.37 14.74
N SER CA 76 -95.51 102.87 14.27
CA SER CA 76 -94.67 102.16 13.31
C SER CA 76 -93.58 101.34 13.99
N ILE CA 77 -93.75 101.05 15.27
CA ILE CA 77 -92.74 100.33 16.06
C ILE CA 77 -93.24 98.94 16.46
N LEU CA 78 -94.47 98.85 16.98
CA LEU CA 78 -94.96 97.61 17.57
C LEU CA 78 -95.22 96.51 16.54
N ASN CA 79 -95.43 96.87 15.27
CA ASN CA 79 -95.59 95.83 14.25
C ASN CA 79 -94.24 95.28 13.80
N SER CA 80 -93.16 96.02 14.04
CA SER CA 80 -91.84 95.52 13.76
C SER CA 80 -91.44 94.47 14.81
N PRO CA 81 -90.71 93.42 14.44
CA PRO CA 81 -90.36 92.36 15.39
C PRO CA 81 -89.27 92.73 16.38
N TYR CA 82 -88.77 93.96 16.37
CA TYR CA 82 -87.77 94.41 17.32
C TYR CA 82 -88.37 95.16 18.49
N ALA CA 83 -89.69 95.28 18.56
CA ALA CA 83 -90.35 95.99 19.64
C ALA CA 83 -90.65 95.13 20.86
N ASN CA 84 -90.52 93.80 20.73
CA ASN CA 84 -90.71 92.93 21.89
C ASN CA 84 -89.52 93.01 22.84
N LEU CA 85 -88.37 93.48 22.34
CA LEU CA 85 -87.23 93.75 23.21
C LEU CA 85 -87.52 94.96 24.10
N TYR CA 86 -88.20 95.96 23.56
CA TYR CA 86 -88.70 97.08 24.35
C TYR CA 86 -89.79 96.61 25.31
N ASN CA 87 -89.91 97.31 26.43
CA ASN CA 87 -90.87 96.94 27.46
C ASN CA 87 -92.09 97.86 27.42
N PRO CA 88 -93.30 97.31 27.59
CA PRO CA 88 -94.50 98.18 27.60
C PRO CA 88 -94.85 98.71 28.99
N GLU CA 89 -93.90 98.64 29.93
CA GLU CA 89 -94.12 99.23 31.25
C GLU CA 89 -93.08 100.25 31.65
N ASN CA 90 -91.94 100.32 30.96
CA ASN CA 90 -90.90 101.29 31.30
C ASN CA 90 -91.25 102.70 30.85
N ILE CA 91 -91.96 102.85 29.72
CA ILE CA 91 -92.22 104.17 29.18
C ILE CA 91 -93.72 104.40 29.12
N TYR CA 92 -94.42 103.59 28.32
CA TYR CA 92 -95.85 103.69 28.14
C TYR CA 92 -96.41 102.30 27.87
N LEU CA 93 -97.69 102.12 28.18
CA LEU CA 93 -98.41 100.94 27.69
C LEU CA 93 -99.01 101.24 26.33
N SER CA 94 -99.90 100.35 25.88
CA SER CA 94 -100.52 100.51 24.57
C SER CA 94 -101.48 101.69 24.56
N GLU CA 95 -101.65 102.29 23.37
CA GLU CA 95 -102.42 103.52 23.14
C GLU CA 95 -101.91 104.68 24.00
N HIS CA 96 -100.68 105.10 23.68
CA HIS CA 96 -100.17 106.35 24.21
C HIS CA 96 -100.35 107.47 23.20
N GLY CA 97 -100.67 108.66 23.69
CA GLY CA 97 -100.93 109.79 22.83
C GLY CA 97 -100.08 111.01 23.14
N GLY CA 98 -100.63 112.19 22.91
CA GLY CA 98 -99.92 113.43 23.17
C GLY CA 98 -100.77 114.66 22.97
N GLY CA 99 -100.20 115.70 22.35
CA GLY CA 99 -100.90 116.93 22.09
C GLY CA 99 -101.69 116.89 20.80
N ALA CA 100 -101.82 118.06 20.17
CA ALA CA 100 -102.57 118.15 18.91
C ALA CA 100 -101.72 117.89 17.65
N GLY CA 101 -100.53 118.50 17.45
CA GLY CA 101 -99.84 119.57 18.17
C GLY CA 101 -98.53 119.96 17.51
N ASN CA 102 -98.33 121.27 17.32
CA ASN CA 102 -97.10 121.76 16.69
C ASN CA 102 -96.82 123.16 17.24
N ASN CA 103 -95.98 123.22 18.27
CA ASN CA 103 -95.56 124.48 18.90
C ASN CA 103 -94.36 124.21 19.78
N TRP CA 104 -93.47 125.19 19.86
CA TRP CA 104 -92.40 125.14 20.86
C TRP CA 104 -92.93 125.41 22.26
N ALA CA 105 -93.95 126.28 22.36
CA ALA CA 105 -94.57 126.58 23.65
C ALA CA 105 -95.52 125.50 24.12
N SER CA 106 -95.82 124.50 23.29
CA SER CA 106 -96.68 123.40 23.72
C SER CA 106 -95.94 122.48 24.68
N GLY CA 107 -94.83 121.90 24.22
CA GLY CA 107 -94.02 121.03 25.07
C GLY CA 107 -93.30 121.76 26.19
N PHE CA 108 -93.07 123.06 26.03
CA PHE CA 108 -92.49 123.85 27.12
C PHE CA 108 -93.48 124.08 28.25
N SER CA 109 -94.77 124.11 27.93
CA SER CA 109 -95.82 124.23 28.94
C SER CA 109 -96.37 122.89 29.39
N GLN CA 110 -96.16 121.83 28.60
CA GLN CA 110 -96.61 120.49 29.00
C GLN CA 110 -95.66 119.80 29.96
N GLY CA 111 -94.48 120.39 30.21
CA GLY CA 111 -93.51 119.74 31.10
C GLY CA 111 -93.87 119.88 32.56
N GLU CA 112 -94.58 120.94 32.92
CA GLU CA 112 -94.94 121.20 34.32
C GLU CA 112 -96.37 120.80 34.65
N LYS CA 113 -97.13 120.29 33.68
CA LYS CA 113 -98.44 119.73 33.97
C LYS CA 113 -98.42 118.20 34.03
N ILE CA 114 -97.39 117.57 33.46
CA ILE CA 114 -97.15 116.14 33.61
C ILE CA 114 -95.85 116.01 34.38
N HIS CA 115 -95.61 116.98 35.27
CA HIS CA 115 -94.36 117.04 36.03
C HIS CA 115 -94.24 115.89 37.01
N GLU CA 116 -95.37 115.40 37.53
CA GLU CA 116 -95.36 114.28 38.46
C GLU CA 116 -95.03 112.97 37.77
N ASP CA 117 -95.57 112.75 36.57
CA ASP CA 117 -95.38 111.50 35.86
C ASP CA 117 -94.08 111.44 35.07
N ILE CA 118 -93.55 112.58 34.62
CA ILE CA 118 -92.33 112.57 33.84
C ILE CA 118 -91.09 112.38 34.72
N PHE CA 119 -91.21 112.58 36.03
CA PHE CA 119 -90.09 112.37 36.96
C PHE CA 119 -90.34 111.17 37.87
N ASP CA 120 -91.19 110.23 37.45
CA ASP CA 120 -91.53 109.06 38.24
C ASP CA 120 -90.98 107.77 37.65
N ILE CA 121 -91.22 107.53 36.36
CA ILE CA 121 -90.85 106.23 35.80
C ILE CA 121 -89.48 106.27 35.15
N ILE CA 122 -88.96 107.46 34.84
CA ILE CA 122 -87.61 107.55 34.30
C ILE CA 122 -86.56 107.56 35.41
N ASP CA 123 -86.98 107.76 36.65
CA ASP CA 123 -86.07 107.71 37.78
C ASP CA 123 -85.97 106.31 38.39
N ARG CA 124 -86.84 105.39 37.97
CA ARG CA 124 -86.74 104.00 38.41
C ARG CA 124 -85.53 103.29 37.82
N GLU CA 125 -85.09 103.70 36.63
CA GLU CA 125 -83.90 103.15 36.02
C GLU CA 125 -82.62 103.81 36.54
N ALA CA 126 -82.74 104.89 37.31
CA ALA CA 126 -81.56 105.59 37.78
C ALA CA 126 -80.90 104.86 38.94
N ASP CA 127 -81.70 104.36 39.88
CA ASP CA 127 -81.18 103.65 41.05
C ASP CA 127 -80.96 102.16 40.81
N GLY CA 128 -81.03 101.70 39.56
CA GLY CA 128 -80.67 100.33 39.27
C GLY CA 128 -79.18 100.09 39.45
N SER CA 129 -78.36 101.03 39.02
CA SER CA 129 -76.93 101.02 39.27
C SER CA 129 -76.58 102.15 40.25
N ASP CA 130 -75.74 101.83 41.22
CA ASP CA 130 -75.36 102.80 42.25
C ASP CA 130 -74.28 103.77 41.80
N SER CA 131 -73.80 103.67 40.56
CA SER CA 131 -72.83 104.60 40.00
C SER CA 131 -73.31 104.93 38.58
N LEU CA 132 -74.11 105.96 38.46
CA LEU CA 132 -74.70 106.33 37.17
C LEU CA 132 -73.72 107.18 36.37
N GLU CA 133 -73.61 106.86 35.07
CA GLU CA 133 -72.71 107.59 34.19
C GLU CA 133 -73.26 108.98 33.87
N GLY CA 134 -74.44 109.05 33.28
CA GLY CA 134 -75.02 110.33 32.96
C GLY CA 134 -76.26 110.16 32.11
N PHE CA 135 -76.59 111.23 31.38
CA PHE CA 135 -77.78 111.26 30.54
C PHE CA 135 -77.41 111.80 29.17
N VAL CA 136 -77.83 111.09 28.13
CA VAL CA 136 -77.76 111.58 26.75
C VAL CA 136 -79.17 111.84 26.24
N LEU CA 137 -79.40 113.07 25.80
CA LEU CA 137 -80.71 113.50 25.29
C LEU CA 137 -80.72 113.27 23.78
N CYS CA 138 -81.24 112.11 23.38
CA CYS CA 138 -81.35 111.76 21.96
C CYS CA 138 -82.60 112.42 21.37
N HIS CA 139 -82.54 113.74 21.28
CA HIS CA 139 -83.69 114.55 20.88
C HIS CA 139 -83.41 115.22 19.54
N SER CA 140 -84.36 116.04 19.11
CA SER CA 140 -84.30 116.72 17.83
C SER CA 140 -84.40 118.23 18.03
N ILE CA 141 -83.91 118.95 17.04
CA ILE CA 141 -84.09 120.39 16.96
C ILE CA 141 -85.20 120.76 15.98
N ALA CA 142 -85.41 119.97 14.93
CA ALA CA 142 -86.46 120.25 13.95
C ALA CA 142 -87.84 120.03 14.57
N GLY CA 143 -88.78 120.87 14.18
CA GLY CA 143 -90.13 120.80 14.70
C GLY CA 143 -90.24 121.42 16.08
N GLY CA 144 -91.47 121.42 16.59
CA GLY CA 144 -91.74 121.95 17.91
C GLY CA 144 -91.92 120.85 18.94
N THR CA 145 -91.94 119.60 18.49
CA THR CA 145 -92.14 118.48 19.40
C THR CA 145 -90.87 118.16 20.17
N GLY CA 146 -89.76 117.94 19.46
CA GLY CA 146 -88.49 117.64 20.12
C GLY CA 146 -87.79 118.85 20.71
N SER CA 147 -88.08 120.04 20.20
CA SER CA 147 -87.44 121.26 20.69
C SER CA 147 -88.20 121.91 21.84
N GLY CA 148 -89.50 121.69 21.93
CA GLY CA 148 -90.30 122.29 22.97
C GLY CA 148 -90.15 121.62 24.32
N LEU CA 149 -90.22 120.29 24.35
CA LEU CA 149 -90.12 119.56 25.60
C LEU CA 149 -88.68 119.27 25.99
N GLY CA 150 -87.77 119.22 25.02
CA GLY CA 150 -86.37 118.93 25.31
C GLY CA 150 -85.65 120.05 26.03
N SER CA 151 -86.12 121.28 25.90
CA SER CA 151 -85.51 122.39 26.62
C SER CA 151 -85.88 122.40 28.09
N TYR CA 152 -86.94 121.69 28.48
CA TYR CA 152 -87.34 121.66 29.88
C TYR CA 152 -86.48 120.70 30.70
N LEU CA 153 -86.15 119.53 30.13
CA LEU CA 153 -85.36 118.55 30.86
C LEU CA 153 -83.89 118.91 30.93
N LEU CA 154 -83.42 119.87 30.13
CA LEU CA 154 -82.06 120.35 30.26
C LEU CA 154 -81.87 121.27 31.46
N GLU CA 155 -82.96 121.72 32.08
CA GLU CA 155 -82.90 122.59 33.24
C GLU CA 155 -83.11 121.84 34.56
N ARG CA 156 -84.15 121.00 34.62
CA ARG CA 156 -84.49 120.34 35.88
C ARG CA 156 -83.63 119.12 36.18
N LEU CA 157 -82.95 118.57 35.17
CA LEU CA 157 -81.99 117.50 35.41
C LEU CA 157 -80.58 118.04 35.66
N ASN CA 158 -80.39 119.36 35.62
CA ASN CA 158 -79.08 119.94 35.88
C ASN CA 158 -78.80 120.04 37.37
N ASP CA 159 -79.85 120.23 38.19
CA ASP CA 159 -79.69 120.33 39.64
C ASP CA 159 -80.15 119.09 40.40
N ARG CA 160 -81.12 118.35 39.86
CA ARG CA 160 -81.52 117.11 40.52
C ARG CA 160 -80.49 116.02 40.33
N TYR CA 161 -79.73 116.06 39.24
CA TYR CA 161 -78.61 115.15 38.99
C TYR CA 161 -77.41 115.99 38.59
N PRO CA 162 -76.73 116.62 39.56
CA PRO CA 162 -75.67 117.57 39.20
C PRO CA 162 -74.33 116.93 38.88
N LYS CA 163 -74.07 115.73 39.40
CA LYS CA 163 -72.78 115.07 39.23
C LYS CA 163 -72.78 114.08 38.07
N LYS CA 164 -73.66 114.26 37.09
CA LYS CA 164 -73.78 113.37 35.96
C LYS CA 164 -73.39 114.08 34.67
N LEU CA 165 -72.79 113.32 33.76
CA LEU CA 165 -72.40 113.83 32.45
C LEU CA 165 -73.63 114.08 31.60
N VAL CA 166 -73.70 115.25 30.98
CA VAL CA 166 -74.70 115.51 29.95
C VAL CA 166 -73.97 115.82 28.63
N GLN CA 167 -74.46 115.20 27.57
CA GLN CA 167 -73.93 115.29 26.21
C GLN CA 167 -74.95 114.68 25.25
N THR CA 168 -75.29 115.36 24.16
CA THR CA 168 -76.38 114.91 23.31
C THR CA 168 -75.91 114.70 21.87
N TYR CA 169 -76.56 113.75 21.20
CA TYR CA 169 -76.45 113.57 19.76
C TYR CA 169 -77.70 114.17 19.12
N SER CA 170 -77.66 115.49 18.94
CA SER CA 170 -78.80 116.25 18.44
C SER CA 170 -78.63 116.48 16.93
N VAL CA 171 -79.74 116.37 16.21
CA VAL CA 171 -79.75 116.56 14.76
C VAL CA 171 -80.22 117.98 14.45
N PHE CA 172 -79.53 118.64 13.51
CA PHE CA 172 -79.89 119.98 13.08
C PHE CA 172 -80.97 119.92 12.01
N PRO CA 173 -81.86 120.91 11.96
CA PRO CA 173 -82.92 120.90 10.94
C PRO CA 173 -82.41 121.35 9.58
N ASN CA 174 -83.31 121.29 8.59
CA ASN CA 174 -82.98 121.58 7.20
C ASN CA 174 -83.38 123.01 6.85
N GLN CA 175 -82.49 123.71 6.14
CA GLN CA 175 -82.68 125.11 5.79
C GLN CA 175 -82.71 125.33 4.29
N ASP CA 176 -83.45 124.50 3.55
CA ASP CA 176 -83.49 124.61 2.10
C ASP CA 176 -84.58 125.56 1.62
N GLU CA 177 -85.84 125.29 1.94
CA GLU CA 177 -86.91 126.27 1.81
C GLU CA 177 -87.68 126.34 3.12
N MET CA 178 -88.53 127.35 3.24
CA MET CA 178 -89.22 127.67 4.48
C MET CA 178 -90.74 127.78 4.24
N SER CA 179 -91.30 126.77 3.57
CA SER CA 179 -92.71 126.75 3.22
C SER CA 179 -93.53 125.88 4.17
N HIS CA 180 -93.11 124.63 4.38
CA HIS CA 180 -93.86 123.72 5.25
C HIS CA 180 -93.74 124.16 6.70
N VAL CA 181 -92.52 124.44 7.15
CA VAL CA 181 -92.26 125.02 8.47
C VAL CA 181 -91.70 126.43 8.25
N VAL CA 182 -92.03 127.33 9.19
CA VAL CA 182 -91.61 128.73 9.17
C VAL CA 182 -91.19 129.10 10.58
N VAL CA 183 -91.40 128.19 11.54
CA VAL CA 183 -91.09 128.48 12.93
C VAL CA 183 -89.69 127.96 13.26
N GLN CA 184 -88.95 127.57 12.21
CA GLN CA 184 -87.63 127.00 12.36
C GLN CA 184 -86.56 127.92 12.99
N PRO CA 185 -86.48 129.23 12.70
CA PRO CA 185 -85.50 130.04 13.44
C PRO CA 185 -85.86 130.29 14.90
N TYR CA 186 -87.12 130.12 15.29
CA TYR CA 186 -87.52 130.42 16.67
C TYR CA 186 -87.24 129.26 17.61
N ASN CA 187 -87.69 128.06 17.27
CA ASN CA 187 -87.52 126.91 18.16
C ASN CA 187 -86.09 126.37 18.18
N SER CA 188 -85.28 126.70 17.17
CA SER CA 188 -83.91 126.21 17.16
C SER CA 188 -83.02 127.00 18.10
N LEU CA 189 -83.11 128.33 18.07
CA LEU CA 189 -82.26 129.17 18.91
C LEU CA 189 -82.66 129.12 20.37
N LEU CA 190 -83.92 128.79 20.67
CA LEU CA 190 -84.35 128.63 22.06
C LEU CA 190 -83.73 127.38 22.68
N THR CA 191 -83.57 126.32 21.89
CA THR CA 191 -82.92 125.11 22.38
C THR CA 191 -81.40 125.25 22.34
N LEU CA 192 -80.88 126.05 21.40
CA LEU CA 192 -79.43 126.22 21.28
C LEU CA 192 -78.84 127.01 22.44
N LYS CA 193 -79.64 127.85 23.10
CA LYS CA 193 -79.18 128.49 24.33
C LYS CA 193 -79.07 127.47 25.46
N ARG CA 194 -80.02 126.54 25.54
CA ARG CA 194 -79.98 125.50 26.56
C ARG CA 194 -78.90 124.47 26.30
N LEU CA 195 -78.38 124.39 25.07
CA LEU CA 195 -77.35 123.42 24.75
C LEU CA 195 -75.95 123.87 25.15
N THR CA 196 -75.77 125.14 25.52
CA THR CA 196 -74.44 125.65 25.87
C THR CA 196 -74.27 125.91 27.36
N GLN CA 197 -75.24 126.54 28.02
CA GLN CA 197 -75.13 126.82 29.44
C GLN CA 197 -75.86 125.80 30.31
N ASN CA 198 -76.98 125.26 29.84
CA ASN CA 198 -77.67 124.18 30.54
C ASN CA 198 -77.24 122.80 30.06
N ALA CA 199 -76.25 122.73 29.19
CA ALA CA 199 -75.72 121.46 28.70
C ALA CA 199 -74.23 121.61 28.45
N ASP CA 200 -73.50 120.54 28.72
CA ASP CA 200 -72.03 120.58 28.62
C ASP CA 200 -71.57 120.44 27.18
N CYS CA 201 -71.99 119.38 26.50
CA CYS CA 201 -71.50 119.07 25.16
C CYS CA 201 -72.67 118.68 24.26
N VAL CA 202 -72.47 118.88 22.95
CA VAL CA 202 -73.39 118.41 21.94
C VAL CA 202 -72.59 117.68 20.87
N VAL CA 203 -73.31 116.94 20.03
CA VAL CA 203 -72.76 116.34 18.82
C VAL CA 203 -73.66 116.80 17.68
N VAL CA 204 -73.15 117.71 16.85
CA VAL CA 204 -73.97 118.33 15.81
C VAL CA 204 -74.13 117.36 14.64
N LEU CA 205 -75.31 117.41 14.01
CA LEU CA 205 -75.66 116.55 12.88
C LEU CA 205 -76.53 117.38 11.94
N ASP CA 206 -75.89 117.91 10.89
CA ASP CA 206 -76.59 118.80 9.96
C ASP CA 206 -77.49 118.03 9.02
N ASN CA 207 -78.57 118.69 8.58
CA ASN CA 207 -79.51 118.09 7.63
C ASN CA 207 -79.18 118.42 6.19
N THR CA 208 -78.65 119.62 5.92
CA THR CA 208 -78.25 119.96 4.56
C THR CA 208 -76.98 119.22 4.15
N ALA CA 209 -76.21 118.74 5.11
CA ALA CA 209 -75.04 117.90 4.82
C ALA CA 209 -75.39 116.42 4.71
N LEU CA 210 -76.62 116.04 5.03
CA LEU CA 210 -77.03 114.64 4.89
C LEU CA 210 -77.25 114.28 3.42
N ASN CA 211 -78.03 115.09 2.70
CA ASN CA 211 -78.26 114.88 1.28
C ASN CA 211 -77.04 115.21 0.42
N ARG CA 212 -76.03 115.88 0.98
CA ARG CA 212 -74.74 115.96 0.29
C ARG CA 212 -74.07 114.60 0.23
N ILE CA 213 -74.27 113.77 1.25
CA ILE CA 213 -73.68 112.44 1.32
C ILE CA 213 -74.67 111.42 0.75
N ALA CA 214 -75.97 111.70 0.89
CA ALA CA 214 -77.00 110.77 0.42
C ALA CA 214 -77.09 110.70 -1.10
N THR CA 215 -76.54 111.67 -1.82
CA THR CA 215 -76.38 111.58 -3.25
C THR CA 215 -74.93 111.44 -3.68
N ASP CA 216 -73.99 111.40 -2.72
CA ASP CA 216 -72.58 111.28 -3.06
C ASP CA 216 -72.25 109.88 -3.55
N ARG CA 217 -72.46 108.88 -2.70
CA ARG CA 217 -72.15 107.50 -3.03
C ARG CA 217 -73.37 106.59 -2.95
N LEU CA 218 -74.51 107.10 -2.47
CA LEU CA 218 -75.66 106.27 -2.19
C LEU CA 218 -76.62 106.17 -3.38
N HIS CA 219 -76.57 107.17 -4.27
CA HIS CA 219 -77.23 107.15 -5.59
C HIS CA 219 -78.75 106.99 -5.49
N ILE CA 220 -79.39 108.00 -4.90
CA ILE CA 220 -80.84 108.07 -4.83
C ILE CA 220 -81.32 109.24 -5.68
N GLN CA 221 -82.55 109.15 -6.16
CA GLN CA 221 -83.17 110.20 -6.97
C GLN CA 221 -84.20 111.01 -6.19
N ASN CA 222 -85.02 110.36 -5.36
CA ASN CA 222 -86.01 111.05 -4.55
C ASN CA 222 -85.60 110.90 -3.09
N PRO CA 223 -85.18 111.98 -2.42
CA PRO CA 223 -84.72 111.87 -1.02
C PRO CA 223 -85.89 111.63 -0.07
N SER CA 224 -85.87 110.49 0.61
CA SER CA 224 -86.89 110.12 1.57
C SER CA 224 -86.31 110.16 2.99
N PHE CA 225 -87.21 109.99 3.96
CA PHE CA 225 -86.81 109.99 5.36
C PHE CA 225 -86.27 108.63 5.80
N SER CA 226 -86.38 107.61 4.95
CA SER CA 226 -85.89 106.27 5.28
C SER CA 226 -84.37 106.14 5.19
N GLN CA 227 -83.68 107.15 4.67
CA GLN CA 227 -82.22 107.16 4.62
C GLN CA 227 -81.58 107.94 5.76
N ILE CA 228 -82.36 108.69 6.54
CA ILE CA 228 -81.80 109.50 7.61
C ILE CA 228 -81.36 108.65 8.80
N ASN CA 229 -81.78 107.38 8.87
CA ASN CA 229 -81.45 106.53 10.01
C ASN CA 229 -80.22 105.68 9.75
N GLN CA 230 -79.71 105.70 8.53
CA GLN CA 230 -78.59 104.82 8.16
C GLN CA 230 -77.25 105.47 8.44
N LEU CA 231 -77.11 106.77 8.17
CA LEU CA 231 -75.86 107.44 8.51
C LEU CA 231 -75.76 107.72 10.01
N VAL CA 232 -76.89 107.77 10.70
CA VAL CA 232 -76.89 108.23 12.09
C VAL CA 232 -76.66 107.06 13.06
N SER CA 233 -77.28 105.91 12.79
CA SER CA 233 -77.20 104.78 13.71
C SER CA 233 -75.85 104.10 13.72
N THR CA 234 -75.06 104.21 12.65
CA THR CA 234 -73.74 103.59 12.65
C THR CA 234 -72.75 104.40 13.47
N ILE CA 235 -72.76 105.73 13.32
CA ILE CA 235 -71.81 106.56 14.05
C ILE CA 235 -72.17 106.67 15.53
N MET CA 236 -73.42 106.38 15.90
CA MET CA 236 -73.78 106.29 17.30
C MET CA 236 -73.14 105.08 17.96
N SER CA 237 -73.24 103.92 17.31
CA SER CA 237 -72.57 102.72 17.80
C SER CA 237 -71.08 102.77 17.59
N ALA CA 238 -70.61 103.60 16.65
CA ALA CA 238 -69.19 103.80 16.45
C ALA CA 238 -68.57 104.61 17.58
N SER CA 239 -69.34 105.52 18.17
CA SER CA 239 -68.84 106.38 19.24
C SER CA 239 -68.66 105.63 20.56
N THR CA 240 -69.31 104.48 20.73
CA THR CA 240 -69.23 103.71 21.96
C THR CA 240 -68.43 102.42 21.78
N THR CA 241 -67.58 102.35 20.76
CA THR CA 241 -66.77 101.16 20.54
C THR CA 241 -65.69 101.01 21.60
N THR CA 242 -65.19 102.12 22.14
CA THR CA 242 -64.31 102.02 23.30
C THR CA 242 -65.10 101.72 24.57
N LEU CA 243 -66.40 102.04 24.58
CA LEU CA 243 -67.23 101.89 25.76
C LEU CA 243 -67.97 100.55 25.78
N ARG CA 244 -68.47 100.09 24.63
CA ARG CA 244 -69.16 98.80 24.59
C ARG CA 244 -68.15 97.65 24.49
N TYR CA 245 -67.31 97.68 23.46
CA TYR CA 245 -66.28 96.67 23.29
C TYR CA 245 -65.11 96.96 24.24
N PRO CA 246 -64.35 95.92 24.64
CA PRO CA 246 -63.27 96.16 25.63
C PRO CA 246 -62.10 96.96 25.09
N GLY CA 247 -62.02 98.21 25.56
CA GLY CA 247 -60.89 99.07 25.31
C GLY CA 247 -60.17 99.39 26.61
N TYR CA 248 -59.10 100.19 26.48
CA TYR CA 248 -58.29 100.54 27.64
C TYR CA 248 -58.37 102.02 27.98
N MET CA 249 -58.06 102.90 27.05
CA MET CA 249 -58.01 104.34 27.32
C MET CA 249 -59.19 105.05 26.68
N ASN CA 250 -59.79 105.96 27.44
CA ASN CA 250 -61.04 106.65 27.12
C ASN CA 250 -62.15 105.65 26.79
N ASN CA 251 -62.23 104.61 27.62
CA ASN CA 251 -63.27 103.59 27.51
C ASN CA 251 -64.57 103.98 28.18
N ASP CA 252 -64.70 105.23 28.66
CA ASP CA 252 -65.93 105.77 29.21
C ASP CA 252 -66.35 106.99 28.40
N LEU CA 253 -67.62 107.40 28.57
CA LEU CA 253 -68.12 108.55 27.83
C LEU CA 253 -67.59 109.84 28.42
N ILE CA 254 -67.29 109.84 29.71
CA ILE CA 254 -66.52 110.92 30.32
C ILE CA 254 -65.01 110.80 30.07
N GLY CA 255 -64.56 109.79 29.34
CA GLY CA 255 -63.18 109.76 28.89
C GLY CA 255 -62.98 110.47 27.58
N LEU CA 256 -63.90 110.25 26.63
CA LEU CA 256 -63.73 110.79 25.27
C LEU CA 256 -64.00 112.29 25.24
N ILE CA 257 -65.07 112.73 25.91
CA ILE CA 257 -65.49 114.13 25.87
C ILE CA 257 -64.53 115.01 26.67
N ALA CA 258 -63.85 114.45 27.67
CA ALA CA 258 -62.92 115.23 28.48
C ALA CA 258 -61.68 115.64 27.69
N SER CA 259 -61.25 114.85 26.71
CA SER CA 259 -60.02 115.10 25.98
C SER CA 259 -60.23 115.92 24.71
N LEU CA 260 -61.43 116.46 24.50
CA LEU CA 260 -61.72 117.22 23.30
C LEU CA 260 -62.29 118.61 23.55
N ILE CA 261 -62.98 118.84 24.66
CA ILE CA 261 -63.61 120.14 24.96
C ILE CA 261 -62.54 121.10 25.42
N PRO CA 262 -62.34 122.23 24.76
CA PRO CA 262 -61.39 123.24 25.27
C PRO CA 262 -61.94 123.99 26.46
N THR CA 263 -63.21 124.37 26.37
CA THR CA 263 -63.85 125.25 27.35
C THR CA 263 -65.36 125.07 27.23
N PRO CA 264 -66.13 125.40 28.28
CA PRO CA 264 -67.58 125.46 28.13
C PRO CA 264 -68.01 126.49 27.11
N ARG CA 265 -69.18 126.24 26.50
CA ARG CA 265 -69.81 126.89 25.35
C ARG CA 265 -69.00 126.75 24.06
N LEU CA 266 -67.90 125.98 24.08
CA LEU CA 266 -67.19 125.55 22.87
C LEU CA 266 -67.12 124.03 22.94
N HIS CA 267 -68.16 123.38 22.40
CA HIS CA 267 -68.26 121.93 22.49
C HIS CA 267 -68.81 121.30 21.22
N PHE CA 268 -68.99 122.07 20.15
CA PHE CA 268 -69.63 121.59 18.93
C PHE CA 268 -68.60 120.80 18.12
N LEU CA 269 -68.79 119.48 18.07
CA LEU CA 269 -67.79 118.57 17.51
C LEU CA 269 -68.18 118.15 16.10
N MET CA 270 -67.23 118.28 15.17
CA MET CA 270 -67.43 117.88 13.79
C MET CA 270 -67.22 116.37 13.66
N THR CA 271 -68.11 115.71 12.91
CA THR CA 271 -68.13 114.27 12.79
C THR CA 271 -67.77 113.86 11.35
N GLY CA 272 -67.04 112.76 11.21
CA GLY CA 272 -66.70 112.24 9.91
C GLY CA 272 -66.67 110.72 9.92
N TYR CA 273 -67.12 110.13 8.80
CA TYR CA 273 -67.21 108.68 8.69
C TYR CA 273 -67.19 108.31 7.21
N THR CA 274 -66.08 107.72 6.76
CA THR CA 274 -65.94 107.38 5.34
C THR CA 274 -66.69 106.12 4.87
N PRO CA 275 -66.47 104.89 5.43
CA PRO CA 275 -66.87 103.70 4.67
C PRO CA 275 -68.36 103.40 4.71
N LEU CA 276 -69.06 103.63 3.60
CA LEU CA 276 -70.50 103.40 3.52
C LEU CA 276 -70.90 102.63 2.26
N THR CA 277 -69.95 102.01 1.56
CA THR CA 277 -70.22 101.38 0.29
C THR CA 277 -69.93 99.89 0.37
N THR CA 278 -70.87 99.09 -0.13
CA THR CA 278 -70.81 97.63 -0.02
C THR CA 278 -69.98 96.96 -1.11
N ASP CA 279 -69.69 97.64 -2.22
CA ASP CA 279 -68.84 97.04 -3.25
C ASP CA 279 -67.36 97.30 -3.04
N GLN CA 280 -67.00 97.98 -1.94
CA GLN CA 280 -65.60 98.03 -1.52
C GLN CA 280 -65.13 96.70 -0.95
N SER CA 281 -66.08 95.81 -0.61
CA SER CA 281 -65.78 94.56 0.10
C SER CA 281 -64.95 93.59 -0.74
N VAL CA 282 -65.06 93.67 -2.08
CA VAL CA 282 -64.38 92.70 -2.94
C VAL CA 282 -62.90 92.98 -3.12
N ALA CA 283 -62.41 94.13 -2.64
CA ALA CA 283 -61.00 94.47 -2.78
C ALA CA 283 -60.31 94.75 -1.46
N SER CA 284 -60.99 94.50 -0.33
CA SER CA 284 -60.37 94.58 0.98
C SER CA 284 -59.72 93.27 1.41
N VAL CA 285 -59.68 92.28 0.51
CA VAL CA 285 -59.05 91.00 0.81
C VAL CA 285 -57.54 91.03 0.65
N ARG CA 286 -56.98 92.10 0.08
CA ARG CA 286 -55.56 92.17 -0.26
C ARG CA 286 -54.75 92.96 0.77
N LYS CA 287 -55.19 92.98 2.03
CA LYS CA 287 -54.58 93.75 3.12
C LYS CA 287 -54.57 95.25 2.76
N THR CA 288 -55.79 95.80 2.76
CA THR CA 288 -55.95 97.25 2.78
C THR CA 288 -55.52 97.78 4.14
N THR CA 289 -54.58 98.72 4.15
CA THR CA 289 -53.86 99.11 5.35
C THR CA 289 -54.55 100.28 6.06
N VAL CA 290 -53.92 100.71 7.16
CA VAL CA 290 -54.38 101.84 7.95
C VAL CA 290 -53.68 103.13 7.55
N LEU CA 291 -52.75 103.06 6.60
CA LEU CA 291 -51.95 104.23 6.23
C LEU CA 291 -52.71 105.15 5.28
N ASP CA 292 -53.81 104.69 4.70
CA ASP CA 292 -54.57 105.49 3.75
C ASP CA 292 -55.94 105.93 4.25
N VAL CA 293 -56.36 105.46 5.43
CA VAL CA 293 -57.72 105.72 5.86
C VAL CA 293 -57.84 107.03 6.63
N MET CA 294 -56.75 107.53 7.23
CA MET CA 294 -56.79 108.78 7.96
C MET CA 294 -56.21 109.95 7.19
N ARG CA 295 -55.78 109.72 5.94
CA ARG CA 295 -55.39 110.84 5.10
C ARG CA 295 -56.61 111.57 4.56
N ARG CA 296 -57.76 110.90 4.52
CA ARG CA 296 -59.00 111.48 3.99
C ARG CA 296 -59.95 111.94 5.08
N LEU CA 297 -59.60 111.76 6.35
CA LEU CA 297 -60.47 112.24 7.43
C LEU CA 297 -60.36 113.75 7.58
N LEU CA 298 -59.14 114.26 7.69
CA LEU CA 298 -58.92 115.70 7.72
C LEU CA 298 -59.23 116.38 6.40
N GLN CA 299 -59.22 115.64 5.31
CA GLN CA 299 -59.66 116.21 4.05
C GLN CA 299 -61.17 116.36 4.07
N PRO CA 300 -61.69 117.57 3.81
CA PRO CA 300 -63.15 117.83 3.98
C PRO CA 300 -64.03 117.16 2.93
N LYS CA 301 -64.22 115.86 3.10
CA LYS CA 301 -65.05 115.05 2.21
C LYS CA 301 -66.12 114.27 2.97
N ASN CA 302 -65.80 113.76 4.16
CA ASN CA 302 -66.72 112.98 4.96
C ASN CA 302 -67.45 113.81 6.02
N VAL CA 303 -67.33 115.15 5.96
CA VAL CA 303 -67.83 115.98 7.05
C VAL CA 303 -69.36 116.07 6.97
N MET CA 304 -69.98 116.21 8.14
CA MET CA 304 -71.42 116.37 8.26
C MET CA 304 -71.79 117.76 8.77
N VAL CA 305 -70.99 118.76 8.43
CA VAL CA 305 -71.18 120.13 8.89
C VAL CA 305 -71.03 121.06 7.69
N SER CA 306 -72.06 121.86 7.43
CA SER CA 306 -72.03 122.85 6.36
C SER CA 306 -71.18 124.03 6.81
N THR CA 307 -69.98 124.15 6.25
CA THR CA 307 -69.06 125.21 6.64
C THR CA 307 -68.41 125.78 5.40
N GLY CA 308 -67.74 126.92 5.58
CA GLY CA 308 -67.09 127.58 4.46
C GLY CA 308 -65.79 126.87 4.07
N ARG CA 309 -65.52 126.88 2.76
CA ARG CA 309 -64.32 126.23 2.24
C ARG CA 309 -63.09 127.13 2.28
N ASP CA 310 -63.29 128.45 2.23
CA ASP CA 310 -62.20 129.41 2.27
C ASP CA 310 -62.00 130.06 3.64
N ARG CA 311 -62.64 129.52 4.68
CA ARG CA 311 -62.55 130.05 6.03
C ARG CA 311 -61.69 129.20 6.95
N GLN CA 312 -60.92 128.26 6.41
CA GLN CA 312 -60.12 127.36 7.21
C GLN CA 312 -58.68 127.82 7.38
N THR CA 313 -58.28 128.92 6.73
CA THR CA 313 -56.93 129.43 6.86
C THR CA 313 -56.73 130.28 8.12
N ASN CA 314 -57.76 131.01 8.54
CA ASN CA 314 -57.71 131.79 9.77
C ASN CA 314 -58.32 131.06 10.96
N HIS CA 315 -58.79 129.83 10.76
CA HIS CA 315 -59.29 128.99 11.84
C HIS CA 315 -58.31 127.85 12.08
N CYS CA 316 -58.30 127.35 13.31
CA CYS CA 316 -57.30 126.38 13.73
C CYS CA 316 -57.94 125.23 14.47
N TYR CA 317 -57.53 124.00 14.15
CA TYR CA 317 -57.95 122.84 14.91
C TYR CA 317 -57.29 122.85 16.28
N ILE CA 318 -58.01 122.35 17.28
CA ILE CA 318 -57.46 122.28 18.63
C ILE CA 318 -57.44 120.82 19.09
N ALA CA 319 -58.50 120.09 18.78
CA ALA CA 319 -58.62 118.69 19.18
C ALA CA 319 -59.23 117.91 18.02
N ILE CA 320 -58.58 116.81 17.64
CA ILE CA 320 -59.05 115.96 16.55
C ILE CA 320 -58.93 114.51 16.99
N LEU CA 321 -60.02 113.76 16.85
CA LEU CA 321 -60.10 112.35 17.20
C LEU CA 321 -60.20 111.51 15.94
N ASN CA 322 -59.44 110.42 15.88
CA ASN CA 322 -59.41 109.54 14.70
C ASN CA 322 -59.52 108.11 15.22
N ILE CA 323 -60.73 107.56 15.16
CA ILE CA 323 -61.02 106.26 15.75
C ILE CA 323 -61.02 105.20 14.65
N ILE CA 324 -60.09 104.25 14.76
CA ILE CA 324 -60.08 103.07 13.91
C ILE CA 324 -60.69 101.90 14.69
N GLN CA 325 -61.35 101.00 13.95
CA GLN CA 325 -62.14 99.93 14.54
C GLN CA 325 -61.79 98.60 13.86
N GLY CA 326 -61.90 97.51 14.61
CA GLY CA 326 -61.77 96.18 14.01
C GLY CA 326 -60.32 95.86 13.71
N GLU CA 327 -60.08 95.38 12.48
CA GLU CA 327 -58.72 95.08 12.04
C GLU CA 327 -57.96 96.39 11.81
N VAL CA 328 -56.87 96.57 12.56
CA VAL CA 328 -56.17 97.85 12.57
C VAL CA 328 -54.78 97.66 11.98
N ASP CA 329 -54.21 96.46 12.17
CA ASP CA 329 -52.79 96.14 11.98
C ASP CA 329 -51.96 97.14 12.78
N PRO CA 330 -51.90 96.99 14.10
CA PRO CA 330 -51.35 98.05 14.96
C PRO CA 330 -49.83 98.22 14.88
N THR CA 331 -49.11 97.46 14.07
CA THR CA 331 -47.70 97.72 13.87
C THR CA 331 -47.45 98.90 12.94
N GLN CA 332 -48.48 99.42 12.28
CA GLN CA 332 -48.37 100.59 11.42
C GLN CA 332 -49.35 101.71 11.84
N VAL CA 333 -49.92 101.64 13.03
CA VAL CA 333 -50.80 102.72 13.46
C VAL CA 333 -49.99 103.93 13.96
N HIS CA 334 -48.79 103.69 14.50
CA HIS CA 334 -47.85 104.79 14.74
C HIS CA 334 -47.25 105.31 13.45
N LYS CA 335 -47.26 104.49 12.40
CA LYS CA 335 -46.79 104.91 11.08
C LYS CA 335 -47.79 105.84 10.41
N SER CA 336 -49.09 105.66 10.69
CA SER CA 336 -50.11 106.56 10.17
C SER CA 336 -50.03 107.92 10.84
N LEU CA 337 -49.71 107.95 12.14
CA LEU CA 337 -49.57 109.19 12.87
C LEU CA 337 -48.23 109.87 12.59
N GLN CA 338 -47.29 109.14 11.98
CA GLN CA 338 -46.03 109.73 11.55
C GLN CA 338 -46.24 110.74 10.42
N ARG CA 339 -47.17 110.45 9.51
CA ARG CA 339 -47.38 111.26 8.32
C ARG CA 339 -48.25 112.49 8.56
N ILE CA 340 -48.67 112.73 9.81
CA ILE CA 340 -49.59 113.83 10.09
C ILE CA 340 -48.84 115.16 10.14
N ARG CA 341 -47.64 115.18 10.73
CA ARG CA 341 -46.90 116.42 10.89
C ARG CA 341 -46.33 116.95 9.60
N GLU CA 342 -46.19 116.10 8.57
CA GLU CA 342 -45.53 116.53 7.34
C GLU CA 342 -46.48 117.32 6.45
N ARG CA 343 -47.76 116.99 6.47
CA ARG CA 343 -48.73 117.69 5.64
C ARG CA 343 -49.23 118.96 6.32
N LYS CA 344 -49.42 118.90 7.65
CA LYS CA 344 -50.10 119.92 8.45
C LYS CA 344 -51.46 120.26 7.87
N LEU CA 345 -52.27 119.22 7.65
CA LEU CA 345 -53.62 119.42 7.15
C LEU CA 345 -54.53 120.05 8.21
N ALA CA 346 -54.19 119.89 9.48
CA ALA CA 346 -54.87 120.59 10.57
C ALA CA 346 -54.08 121.84 10.91
N ASN CA 347 -54.73 123.00 10.85
CA ASN CA 347 -54.11 124.21 11.35
C ASN CA 347 -54.08 124.16 12.86
N PHE CA 348 -52.93 124.43 13.44
CA PHE CA 348 -52.73 124.31 14.88
C PHE CA 348 -52.86 125.68 15.53
N ILE CA 349 -53.34 125.69 16.77
CA ILE CA 349 -53.54 126.94 17.50
C ILE CA 349 -52.17 127.54 17.86
N PRO CA 350 -51.95 128.84 17.66
CA PRO CA 350 -50.63 129.42 17.93
C PRO CA 350 -50.36 129.69 19.40
N TRP CA 351 -51.38 129.60 20.27
CA TRP CA 351 -51.20 129.89 21.68
C TRP CA 351 -50.85 128.64 22.49
N GLY CA 352 -51.32 127.47 22.06
CA GLY CA 352 -51.09 126.26 22.82
C GLY CA 352 -50.91 125.04 21.93
N PRO CA 353 -50.66 123.90 22.56
CA PRO CA 353 -50.49 122.65 21.80
C PRO CA 353 -51.80 122.10 21.26
N ALA CA 354 -51.69 121.24 20.27
CA ALA CA 354 -52.80 120.48 19.70
C ALA CA 354 -52.61 119.00 20.00
N SER CA 355 -53.54 118.17 19.51
CA SER CA 355 -53.49 116.74 19.80
C SER CA 355 -54.25 115.96 18.73
N ILE CA 356 -53.59 114.97 18.14
CA ILE CA 356 -54.23 114.02 17.23
C ILE CA 356 -54.29 112.68 17.96
N GLN CA 357 -55.44 112.37 18.55
CA GLN CA 357 -55.62 111.16 19.35
C GLN CA 357 -56.20 110.05 18.47
N VAL CA 358 -55.53 108.90 18.48
CA VAL CA 358 -55.97 107.73 17.72
C VAL CA 358 -56.19 106.60 18.73
N ALA CA 359 -57.26 105.81 18.53
CA ALA CA 359 -57.58 104.71 19.43
C ALA CA 359 -58.20 103.58 18.62
N LEU CA 360 -58.18 102.37 19.20
CA LEU CA 360 -58.68 101.19 18.51
C LEU CA 360 -59.43 100.29 19.48
N SER CA 361 -60.34 99.50 18.92
CA SER CA 361 -61.08 98.48 19.65
C SER CA 361 -61.56 97.44 18.64
N ARG CA 362 -61.60 96.18 19.09
CA ARG CA 362 -62.03 95.10 18.21
C ARG CA 362 -63.54 95.15 17.99
N LYS CA 363 -63.97 94.87 16.77
CA LYS CA 363 -65.36 94.99 16.39
C LYS CA 363 -66.11 93.69 16.68
N SER CA 364 -67.32 93.60 16.15
CA SER CA 364 -68.15 92.43 16.36
C SER CA 364 -67.60 91.23 15.58
N PRO CA 365 -67.78 90.01 16.09
CA PRO CA 365 -67.44 88.81 15.30
C PRO CA 365 -68.42 88.59 14.16
N TYR CA 366 -68.23 89.36 13.09
CA TYR CA 366 -69.14 89.33 11.95
C TYR CA 366 -68.31 89.60 10.70
N LEU CA 367 -68.76 89.05 9.57
CA LEU CA 367 -67.97 89.12 8.34
C LEU CA 367 -67.90 90.52 7.71
N PRO CA 368 -68.96 91.34 7.64
CA PRO CA 368 -68.75 92.72 7.19
C PRO CA 368 -68.05 93.62 8.21
N SER CA 369 -67.81 93.15 9.43
CA SER CA 369 -67.17 93.96 10.47
C SER CA 369 -65.72 93.59 10.72
N ALA CA 370 -65.34 92.31 10.59
CA ALA CA 370 -63.97 91.87 10.81
C ALA CA 370 -63.16 91.83 9.51
N HIS CA 371 -63.61 92.55 8.48
CA HIS CA 371 -62.92 92.58 7.20
C HIS CA 371 -62.62 93.97 6.68
N ARG CA 372 -63.46 94.97 6.93
CA ARG CA 372 -63.36 96.26 6.28
C ARG CA 372 -63.00 97.32 7.31
N VAL CA 373 -62.03 98.18 6.97
CA VAL CA 373 -61.53 99.18 7.90
C VAL CA 373 -62.57 100.28 8.06
N SER CA 374 -62.72 100.78 9.29
CA SER CA 374 -63.69 101.81 9.59
C SER CA 374 -63.00 102.96 10.31
N GLY CA 375 -63.35 104.18 9.90
CA GLY CA 375 -62.76 105.36 10.51
C GLY CA 375 -63.80 106.35 10.99
N LEU CA 376 -63.83 106.59 12.30
CA LEU CA 376 -64.76 107.52 12.91
C LEU CA 376 -64.00 108.76 13.36
N MET CA 377 -64.46 109.93 12.92
CA MET CA 377 -63.82 111.20 13.24
C MET CA 377 -64.66 111.99 14.21
N MET CA 378 -64.02 112.56 15.23
CA MET CA 378 -64.65 113.51 16.14
C MET CA 378 -63.74 114.73 16.21
N ALA CA 379 -63.95 115.66 15.26
CA ALA CA 379 -63.11 116.83 15.14
C ALA CA 379 -63.60 117.95 16.05
N ASN CA 380 -62.80 119.01 16.15
CA ASN CA 380 -63.22 120.24 16.84
C ASN CA 380 -62.47 121.38 16.16
N HIS CA 381 -63.14 122.04 15.21
CA HIS CA 381 -62.56 123.12 14.44
C HIS CA 381 -63.36 124.39 14.68
N THR CA 382 -62.66 125.53 14.65
CA THR CA 382 -63.25 126.81 15.02
C THR CA 382 -63.93 127.51 13.84
N ASN CA 383 -64.23 126.79 12.76
CA ASN CA 383 -65.06 127.31 11.69
C ASN CA 383 -66.54 127.02 11.90
N ILE CA 384 -66.91 126.54 13.08
CA ILE CA 384 -68.30 126.19 13.39
C ILE CA 384 -69.18 127.41 13.61
N SER CA 385 -68.60 128.61 13.70
CA SER CA 385 -69.38 129.83 13.80
C SER CA 385 -70.07 130.21 12.49
N SER CA 386 -69.70 129.56 11.37
CA SER CA 386 -70.37 129.81 10.10
C SER CA 386 -71.81 129.31 10.14
N LEU CA 387 -72.05 128.19 10.84
CA LEU CA 387 -73.43 127.77 11.09
C LEU CA 387 -74.13 128.72 12.04
N PHE CA 388 -73.39 129.25 13.01
CA PHE CA 388 -73.99 130.20 13.95
C PHE CA 388 -74.18 131.55 13.31
N GLU CA 389 -73.37 131.90 12.31
CA GLU CA 389 -73.65 133.09 11.51
C GLU CA 389 -74.79 132.84 10.53
N ARG CA 390 -74.98 131.58 10.11
CA ARG CA 390 -76.10 131.27 9.21
C ARG CA 390 -77.42 131.30 9.96
N THR CA 391 -77.45 130.80 11.19
CA THR CA 391 -78.69 130.78 11.95
C THR CA 391 -79.05 132.15 12.49
N CYS CA 392 -78.06 132.97 12.83
CA CYS CA 392 -78.35 134.31 13.36
C CYS CA 392 -78.79 135.27 12.27
N ARG CA 393 -78.23 135.14 11.07
CA ARG CA 393 -78.64 136.00 9.96
C ARG CA 393 -80.04 135.65 9.47
N GLN CA 394 -80.46 134.40 9.66
CA GLN CA 394 -81.83 133.99 9.38
C GLN CA 394 -82.77 134.27 10.54
N TYR CA 395 -82.23 134.74 11.67
CA TYR CA 395 -83.02 135.02 12.87
C TYR CA 395 -83.41 136.50 12.97
N ASP CA 396 -82.46 137.41 12.76
CA ASP CA 396 -82.76 138.83 12.81
C ASP CA 396 -83.45 139.32 11.55
N LYS CA 397 -83.30 138.62 10.43
CA LYS CA 397 -84.03 138.98 9.22
C LYS CA 397 -85.50 138.64 9.34
N LEU CA 398 -85.84 137.62 10.13
CA LEU CA 398 -87.24 137.22 10.28
C LEU CA 398 -87.98 138.13 11.25
N ARG CA 399 -87.29 138.73 12.22
CA ARG CA 399 -87.95 139.60 13.18
C ARG CA 399 -88.24 140.98 12.60
N LYS CA 400 -87.61 141.37 11.50
CA LYS CA 400 -87.93 142.61 10.83
C LYS CA 400 -89.07 142.47 9.83
N ARG CA 401 -89.47 141.24 9.51
CA ARG CA 401 -90.59 140.99 8.62
C ARG CA 401 -91.90 140.82 9.37
N GLU CA 402 -91.90 141.07 10.68
CA GLU CA 402 -93.07 140.92 11.57
C GLU CA 402 -93.65 139.51 11.50
N ALA CA 403 -92.78 138.52 11.61
CA ALA CA 403 -93.15 137.11 11.48
C ALA CA 403 -93.13 136.45 12.85
N PHE CA 404 -94.30 135.95 13.27
CA PHE CA 404 -94.49 135.20 14.52
C PHE CA 404 -94.08 136.01 15.75
N LEU CA 405 -94.47 137.28 15.78
CA LEU CA 405 -94.39 138.10 16.98
C LEU CA 405 -95.74 138.29 17.65
N GLU CA 406 -96.83 138.14 16.91
CA GLU CA 406 -98.17 138.19 17.47
C GLU CA 406 -98.76 136.79 17.60
N GLN CA 407 -98.26 135.84 16.81
CA GLN CA 407 -98.76 134.47 16.79
C GLN CA 407 -98.04 133.56 17.78
N PHE CA 408 -97.09 134.09 18.53
CA PHE CA 408 -96.23 133.28 19.38
C PHE CA 408 -96.24 133.70 20.85
N ARG CA 409 -96.71 134.91 21.16
CA ARG CA 409 -96.64 135.45 22.51
C ARG CA 409 -97.99 135.43 23.23
N LYS CA 410 -98.95 134.68 22.73
CA LYS CA 410 -100.24 134.59 23.41
C LYS CA 410 -100.16 133.64 24.60
N GLU CA 411 -99.44 132.52 24.45
CA GLU CA 411 -99.28 131.54 25.51
C GLU CA 411 -97.90 131.69 26.14
N ASP CA 412 -97.89 131.77 27.47
CA ASP CA 412 -96.74 131.64 28.40
C ASP CA 412 -95.48 132.44 28.00
N ILE CA 413 -95.64 133.52 27.23
CA ILE CA 413 -94.55 134.42 26.88
C ILE CA 413 -95.07 135.84 27.06
N PHE CA 414 -94.52 136.56 28.03
CA PHE CA 414 -94.93 137.93 28.33
C PHE CA 414 -93.87 138.99 28.05
N LYS CA 415 -92.59 138.61 28.08
CA LYS CA 415 -91.50 139.55 27.80
C LYS CA 415 -90.71 139.07 26.59
N ASP CA 416 -89.94 139.99 26.01
CA ASP CA 416 -89.16 139.71 24.81
C ASP CA 416 -87.87 139.02 25.20
N ASN CA 417 -87.83 137.70 25.04
CA ASN CA 417 -86.63 136.91 25.30
C ASN CA 417 -85.85 136.59 24.03
N PHE CA 418 -86.04 137.39 22.98
CA PHE CA 418 -85.42 137.15 21.68
C PHE CA 418 -83.97 137.63 21.65
N ASP CA 419 -83.67 138.79 22.23
CA ASP CA 419 -82.31 139.25 22.35
C ASP CA 419 -81.56 138.58 23.47
N GLU CA 420 -82.25 137.83 24.34
CA GLU CA 420 -81.54 137.00 25.31
C GLU CA 420 -80.85 135.82 24.63
N LEU CA 421 -81.39 135.36 23.50
CA LEU CA 421 -80.76 134.33 22.69
C LEU CA 421 -79.75 134.89 21.71
N ASP CA 422 -79.89 136.17 21.34
CA ASP CA 422 -79.03 136.75 20.30
C ASP CA 422 -77.65 137.10 20.86
N ASN CA 423 -77.61 137.67 22.07
CA ASN CA 423 -76.34 138.09 22.65
C ASN CA 423 -75.54 136.87 23.09
N SER CA 424 -76.21 135.87 23.67
CA SER CA 424 -75.53 134.65 24.10
C SER CA 424 -75.01 133.84 22.92
N ARG CA 425 -75.65 133.95 21.76
CA ARG CA 425 -75.11 133.32 20.56
C ARG CA 425 -73.89 134.07 20.05
N GLU CA 426 -73.91 135.41 20.15
CA GLU CA 426 -72.75 136.20 19.75
C GLU CA 426 -71.62 136.09 20.76
N ILE CA 427 -71.93 135.74 22.01
CA ILE CA 427 -70.89 135.45 23.00
C ILE CA 427 -70.12 134.20 22.60
N VAL CA 428 -70.82 133.20 22.07
CA VAL CA 428 -70.16 132.01 21.56
C VAL CA 428 -69.32 132.34 20.33
N GLN CA 429 -69.86 133.16 19.42
CA GLN CA 429 -69.17 133.48 18.18
C GLN CA 429 -67.96 134.39 18.40
N GLN CA 430 -67.96 135.20 19.45
CA GLN CA 430 -66.81 136.06 19.73
C GLN CA 430 -65.72 135.36 20.52
N LEU CA 431 -66.09 134.47 21.44
CA LEU CA 431 -65.09 133.75 22.22
C LEU CA 431 -64.42 132.65 21.41
N ILE CA 432 -64.99 132.25 20.28
CA ILE CA 432 -64.34 131.27 19.41
C ILE CA 432 -63.16 131.91 18.68
N ASP CA 433 -63.38 133.10 18.12
CA ASP CA 433 -62.30 133.78 17.40
C ASP CA 433 -61.27 134.36 18.35
N GLU CA 434 -61.68 134.69 19.59
CA GLU CA 434 -60.75 135.17 20.61
C GLU CA 434 -59.87 134.05 21.14
N TYR CA 435 -60.31 132.79 20.99
CA TYR CA 435 -59.65 131.66 21.64
C TYR CA 435 -58.28 131.36 21.04
N HIS CA 436 -58.01 131.82 19.81
CA HIS CA 436 -56.68 131.72 19.22
C HIS CA 436 -56.07 133.12 19.23
N ALA CA 437 -55.22 133.37 20.23
CA ALA CA 437 -54.59 134.67 20.39
C ALA CA 437 -53.26 134.74 19.63
N PRO DA 2 -93.93 63.48 67.10
CA PRO DA 2 -92.73 64.15 66.57
C PRO DA 2 -93.07 65.41 65.78
N ARG DA 3 -93.49 65.25 64.53
CA ARG DA 3 -93.79 66.37 63.64
C ARG DA 3 -95.17 66.17 63.03
N GLU DA 4 -96.14 65.81 63.86
CA GLU DA 4 -97.47 65.46 63.37
C GLU DA 4 -98.31 66.71 63.14
N ILE DA 5 -98.86 66.83 61.95
CA ILE DA 5 -99.73 67.95 61.58
C ILE DA 5 -101.14 67.42 61.36
N ILE DA 6 -102.12 68.14 61.91
CA ILE DA 6 -103.53 67.83 61.73
C ILE DA 6 -104.09 68.77 60.68
N THR DA 7 -104.56 68.21 59.57
CA THR DA 7 -105.16 69.00 58.50
C THR DA 7 -106.63 69.24 58.83
N LEU DA 8 -107.09 70.47 58.60
CA LEU DA 8 -108.48 70.84 58.90
C LEU DA 8 -109.20 71.10 57.58
N GLN DA 9 -109.63 70.02 56.95
CA GLN DA 9 -110.38 70.11 55.71
C GLN DA 9 -111.82 70.52 56.00
N LEU DA 10 -112.26 71.61 55.38
CA LEU DA 10 -113.50 72.28 55.73
C LEU DA 10 -114.08 72.97 54.51
N GLY DA 11 -115.39 72.81 54.32
CA GLY DA 11 -116.10 73.52 53.27
C GLY DA 11 -116.39 72.65 52.06
N GLN DA 12 -117.08 73.26 51.10
CA GLN DA 12 -117.47 72.54 49.89
C GLN DA 12 -116.26 72.32 48.98
N CYS DA 13 -115.36 73.30 48.90
CA CYS DA 13 -114.19 73.17 48.05
C CYS DA 13 -112.98 72.63 48.81
N GLY DA 14 -112.91 72.88 50.12
CA GLY DA 14 -111.78 72.41 50.91
C GLY DA 14 -111.78 70.91 51.14
N ASN DA 15 -112.94 70.26 51.06
CA ASN DA 15 -112.98 68.82 51.22
C ASN DA 15 -112.56 68.08 49.95
N GLN DA 16 -112.84 68.64 48.78
CA GLN DA 16 -112.47 67.98 47.53
C GLN DA 16 -111.00 68.15 47.21
N ILE DA 17 -110.41 69.29 47.56
CA ILE DA 17 -108.98 69.48 47.32
C ILE DA 17 -108.13 68.70 48.32
N GLY DA 18 -108.70 68.26 49.43
CA GLY DA 18 -107.98 67.45 50.38
C GLY DA 18 -108.25 65.98 50.18
N PHE DA 19 -109.29 65.66 49.41
CA PHE DA 19 -109.61 64.27 49.14
C PHE DA 19 -108.59 63.64 48.20
N GLU DA 20 -108.24 64.34 47.12
CA GLU DA 20 -107.19 63.86 46.24
C GLU DA 20 -105.79 64.19 46.75
N PHE DA 21 -105.68 65.02 47.79
CA PHE DA 21 -104.39 65.22 48.44
C PHE DA 21 -103.95 63.97 49.18
N TRP DA 22 -104.88 63.34 49.90
CA TRP DA 22 -104.60 62.05 50.51
C TRP DA 22 -104.52 60.94 49.47
N LYS DA 23 -105.23 61.07 48.35
CA LYS DA 23 -105.16 60.07 47.29
C LYS DA 23 -103.84 60.16 46.54
N GLN DA 24 -103.22 61.34 46.52
CA GLN DA 24 -101.91 61.49 45.90
C GLN DA 24 -100.82 60.84 46.74
N LEU DA 25 -101.03 60.80 48.07
CA LEU DA 25 -99.98 60.34 48.98
C LEU DA 25 -99.79 58.83 48.93
N CYS DA 26 -100.82 58.06 48.59
CA CYS DA 26 -100.65 56.62 48.52
C CYS DA 26 -99.91 56.17 47.28
N ALA DA 27 -100.04 56.90 46.17
CA ALA DA 27 -99.35 56.53 44.94
C ALA DA 27 -97.86 56.79 45.02
N GLU DA 28 -97.43 57.71 45.88
CA GLU DA 28 -96.02 58.02 46.05
C GLU DA 28 -95.38 57.30 47.22
N HIS DA 29 -96.18 56.88 48.21
CA HIS DA 29 -95.65 56.05 49.29
C HIS DA 29 -95.59 54.58 48.92
N GLY DA 30 -96.12 54.19 47.77
CA GLY DA 30 -96.13 52.80 47.37
C GLY DA 30 -97.11 51.96 48.17
N ILE DA 31 -98.17 52.56 48.70
CA ILE DA 31 -99.12 51.87 49.55
C ILE DA 31 -100.50 51.94 48.92
N SER DA 32 -101.34 51.00 49.30
CA SER DA 32 -102.74 50.94 48.93
C SER DA 32 -103.60 51.44 50.09
N PRO DA 33 -104.76 52.04 49.81
CA PRO DA 33 -105.63 52.53 50.88
C PRO DA 33 -106.24 51.44 51.75
N GLU DA 34 -106.26 50.18 51.30
CA GLU DA 34 -106.75 49.09 52.11
C GLU DA 34 -105.72 48.02 52.43
N GLY DA 35 -104.54 48.05 51.84
CA GLY DA 35 -103.54 47.05 52.15
C GLY DA 35 -102.14 47.55 51.86
N ILE DA 36 -101.16 46.65 52.08
CA ILE DA 36 -99.77 46.90 51.74
C ILE DA 36 -99.32 45.78 50.80
N VAL DA 37 -99.29 46.06 49.51
CA VAL DA 37 -98.91 45.06 48.51
C VAL DA 37 -97.51 45.26 47.97
N GLU DA 38 -96.89 46.41 48.18
CA GLU DA 38 -95.55 46.69 47.67
C GLU DA 38 -94.59 46.89 48.84
N GLU DA 39 -93.35 46.46 48.64
CA GLU DA 39 -92.32 46.64 49.65
C GLU DA 39 -91.54 47.94 49.48
N PHE DA 40 -91.94 48.78 48.53
CA PHE DA 40 -91.27 50.05 48.23
C PHE DA 40 -91.53 51.14 49.26
N ALA DA 41 -92.32 50.87 50.30
CA ALA DA 41 -92.73 51.91 51.25
C ALA DA 41 -91.66 52.25 52.28
N THR DA 42 -90.78 51.31 52.62
CA THR DA 42 -89.76 51.55 53.63
C THR DA 42 -88.34 51.65 53.07
N GLU DA 43 -88.03 50.89 52.01
CA GLU DA 43 -86.70 50.98 51.42
C GLU DA 43 -86.56 52.23 50.56
N GLY DA 44 -87.63 52.60 49.84
CA GLY DA 44 -87.60 53.78 49.00
C GLY DA 44 -87.91 55.06 49.75
N THR DA 45 -88.95 55.03 50.58
CA THR DA 45 -89.35 56.17 51.38
C THR DA 45 -88.89 55.94 52.82
N ASP DA 46 -88.10 56.89 53.34
CA ASP DA 46 -87.49 56.74 54.66
C ASP DA 46 -88.32 57.34 55.78
N ARG DA 47 -89.42 58.03 55.46
CA ARG DA 47 -90.28 58.59 56.50
C ARG DA 47 -91.69 58.70 55.98
N LYS DA 48 -92.64 58.09 56.70
CA LYS DA 48 -94.04 58.11 56.33
C LYS DA 48 -94.97 58.63 57.40
N ASP DA 49 -94.56 58.62 58.67
CA ASP DA 49 -95.43 59.03 59.78
C ASP DA 49 -95.16 60.50 60.12
N VAL DA 50 -95.48 61.37 59.17
CA VAL DA 50 -95.42 62.81 59.42
C VAL DA 50 -96.72 63.53 59.04
N PHE DA 51 -97.53 62.99 58.14
CA PHE DA 51 -98.89 63.45 57.89
C PHE DA 51 -99.92 62.39 58.21
N PHE DA 52 -99.59 61.13 57.98
CA PHE DA 52 -100.44 60.03 58.40
C PHE DA 52 -100.33 59.82 59.91
N TYR DA 53 -101.34 59.16 60.47
CA TYR DA 53 -101.24 58.64 61.82
C TYR DA 53 -100.31 57.43 61.81
N GLN DA 54 -99.60 57.23 62.92
CA GLN DA 54 -98.62 56.16 63.00
C GLN DA 54 -99.33 54.81 63.09
N ALA DA 55 -98.65 53.78 62.59
CA ALA DA 55 -99.32 52.54 62.21
C ALA DA 55 -99.60 51.65 63.41
N ASP DA 56 -100.72 50.93 63.31
CA ASP DA 56 -101.06 49.86 64.24
C ASP DA 56 -101.02 48.49 63.59
N ASP DA 57 -101.24 48.41 62.27
CA ASP DA 57 -101.16 47.16 61.53
C ASP DA 57 -100.51 47.39 60.18
N GLU DA 58 -99.57 48.34 60.10
CA GLU DA 58 -99.10 48.96 58.87
C GLU DA 58 -100.26 49.52 58.05
N HIS DA 59 -101.18 50.19 58.74
CA HIS DA 59 -102.28 50.92 58.11
C HIS DA 59 -102.15 52.37 58.53
N TYR DA 60 -101.56 53.18 57.65
CA TYR DA 60 -101.28 54.59 57.96
C TYR DA 60 -102.56 55.39 57.82
N ILE DA 61 -103.25 55.60 58.93
CA ILE DA 61 -104.50 56.35 59.00
C ILE DA 61 -104.21 57.81 58.69
N PRO DA 62 -105.04 58.49 57.90
CA PRO DA 62 -104.83 59.94 57.73
C PRO DA 62 -105.30 60.73 58.94
N ARG DA 63 -104.51 61.74 59.30
CA ARG DA 63 -104.84 62.62 60.42
C ARG DA 63 -105.71 63.77 59.94
N ALA DA 64 -106.92 63.43 59.51
CA ALA DA 64 -107.79 64.36 58.78
C ALA DA 64 -109.16 64.44 59.41
N VAL DA 65 -109.75 65.63 59.37
CA VAL DA 65 -111.13 65.87 59.76
C VAL DA 65 -111.80 66.66 58.64
N LEU DA 66 -113.05 66.30 58.35
CA LEU DA 66 -113.79 66.88 57.23
C LEU DA 66 -115.20 67.21 57.68
N LEU DA 67 -115.48 68.50 57.90
CA LEU DA 67 -116.81 68.97 58.24
C LEU DA 67 -117.32 69.90 57.15
N ASP DA 68 -118.58 69.73 56.77
CA ASP DA 68 -119.22 70.62 55.81
C ASP DA 68 -120.73 70.57 56.02
N LEU DA 69 -121.38 71.70 55.73
CA LEU DA 69 -122.84 71.77 55.84
C LEU DA 69 -123.50 70.99 54.72
N GLU DA 70 -122.85 70.91 53.56
CA GLU DA 70 -123.43 70.23 52.40
C GLU DA 70 -123.07 68.75 52.44
N PRO DA 71 -124.05 67.84 52.38
CA PRO DA 71 -123.72 66.41 52.35
C PRO DA 71 -123.37 65.88 50.97
N ARG DA 72 -123.35 66.73 49.94
CA ARG DA 72 -123.08 66.26 48.58
C ARG DA 72 -121.60 65.95 48.39
N VAL DA 73 -120.71 66.66 49.08
CA VAL DA 73 -119.28 66.45 48.89
C VAL DA 73 -118.82 65.15 49.53
N ILE DA 74 -119.51 64.70 50.58
CA ILE DA 74 -119.11 63.48 51.26
C ILE DA 74 -119.81 62.24 50.73
N HIS DA 75 -120.93 62.41 50.00
CA HIS DA 75 -121.59 61.29 49.36
C HIS DA 75 -120.92 60.87 48.07
N SER DA 76 -120.02 61.69 47.53
CA SER DA 76 -119.18 61.31 46.39
C SER DA 76 -117.83 60.75 46.84
N ILE DA 77 -117.74 60.31 48.09
CA ILE DA 77 -116.49 59.82 48.67
C ILE DA 77 -116.56 58.33 48.96
N LEU DA 78 -117.63 57.87 49.60
CA LEU DA 78 -117.71 56.50 50.10
C LEU DA 78 -117.84 55.47 48.99
N ASN DA 79 -118.31 55.85 47.80
CA ASN DA 79 -118.34 54.90 46.69
C ASN DA 79 -116.99 54.77 46.03
N SER DA 80 -116.10 55.74 46.22
CA SER DA 80 -114.73 55.62 45.72
C SER DA 80 -113.95 54.63 46.60
N PRO DA 81 -113.05 53.84 46.01
CA PRO DA 81 -112.31 52.84 46.79
C PRO DA 81 -111.22 53.40 47.69
N TYR DA 82 -111.04 54.72 47.75
CA TYR DA 82 -110.06 55.34 48.63
C TYR DA 82 -110.65 55.81 49.94
N ALA DA 83 -111.95 55.56 50.18
CA ALA DA 83 -112.60 55.99 51.41
C ALA DA 83 -112.48 54.97 52.54
N ASN DA 84 -112.05 53.74 52.24
CA ASN DA 84 -111.84 52.76 53.31
C ASN DA 84 -110.59 53.08 54.11
N LEU DA 85 -109.67 53.87 53.55
CA LEU DA 85 -108.53 54.36 54.30
C LEU DA 85 -108.96 55.38 55.34
N TYR DA 86 -109.97 56.20 55.01
CA TYR DA 86 -110.60 57.07 55.98
C TYR DA 86 -111.39 56.25 57.00
N ASN DA 87 -111.53 56.81 58.20
CA ASN DA 87 -112.20 56.11 59.28
C ASN DA 87 -113.59 56.67 59.50
N PRO DA 88 -114.60 55.83 59.75
CA PRO DA 88 -115.95 56.33 60.00
C PRO DA 88 -116.22 56.64 61.47
N GLU DA 89 -115.17 56.74 62.28
CA GLU DA 89 -115.33 57.14 63.68
C GLU DA 89 -114.53 58.37 64.07
N ASN DA 90 -113.55 58.79 63.26
CA ASN DA 90 -112.75 59.97 63.59
C ASN DA 90 -113.50 61.28 63.35
N ILE DA 91 -114.38 61.32 62.34
CA ILE DA 91 -115.04 62.58 61.99
C ILE DA 91 -116.54 62.40 62.15
N TYR DA 92 -117.12 61.51 61.35
CA TYR DA 92 -118.55 61.24 61.34
C TYR DA 92 -118.78 59.78 60.98
N LEU DA 93 -119.91 59.24 61.41
CA LEU DA 93 -120.37 57.96 60.88
C LEU DA 93 -121.22 58.20 59.64
N SER DA 94 -121.92 57.15 59.20
CA SER DA 94 -122.75 57.24 58.00
C SER DA 94 -123.96 58.13 58.24
N GLU DA 95 -124.44 58.76 57.16
CA GLU DA 95 -125.52 59.75 57.17
C GLU DA 95 -125.19 60.94 58.08
N HIS DA 96 -124.18 61.69 57.69
CA HIS DA 96 -123.91 62.99 58.29
C HIS DA 96 -124.52 64.10 57.45
N GLY DA 97 -125.05 65.11 58.12
CA GLY DA 97 -125.69 66.20 57.42
C GLY DA 97 -125.15 67.57 57.77
N GLY DA 98 -126.01 68.59 57.75
CA GLY DA 98 -125.59 69.94 58.08
C GLY DA 98 -126.75 70.92 58.11
N GLY DA 99 -126.54 72.11 57.56
CA GLY DA 99 -127.57 73.13 57.53
C GLY DA 99 -128.50 72.99 56.35
N ALA DA 100 -129.01 74.13 55.87
CA ALA DA 100 -129.93 74.13 54.73
C ALA DA 100 -129.22 74.21 53.36
N GLY DA 101 -128.27 75.13 53.08
CA GLY DA 101 -127.77 76.28 53.85
C GLY DA 101 -126.72 77.05 53.09
N ASN DA 102 -126.88 78.38 53.03
CA ASN DA 102 -125.91 79.22 52.33
C ASN DA 102 -125.90 80.60 52.99
N ASN DA 103 -124.96 80.80 53.92
CA ASN DA 103 -124.80 82.06 54.62
C ASN DA 103 -123.45 82.05 55.32
N TRP DA 104 -122.84 83.22 55.42
CA TRP DA 104 -121.65 83.36 56.26
C TRP DA 104 -122.03 83.37 57.74
N ALA DA 105 -123.19 83.93 58.07
CA ALA DA 105 -123.68 83.95 59.44
C ALA DA 105 -124.26 82.62 59.90
N SER DA 106 -124.41 81.65 58.99
CA SER DA 106 -124.90 80.33 59.39
C SER DA 106 -123.83 79.56 60.15
N GLY DA 107 -122.68 79.34 59.50
CA GLY DA 107 -121.57 78.64 60.14
C GLY DA 107 -120.90 79.44 61.23
N PHE DA 108 -121.02 80.77 61.21
CA PHE DA 108 -120.51 81.58 62.30
C PHE DA 108 -121.35 81.45 63.55
N SER DA 109 -122.65 81.17 63.40
CA SER DA 109 -123.53 80.93 64.53
C SER DA 109 -123.65 79.45 64.89
N GLN DA 110 -123.31 78.55 63.97
CA GLN DA 110 -123.34 77.11 64.24
C GLN DA 110 -122.12 76.63 65.00
N GLY DA 111 -121.10 77.47 65.18
CA GLY DA 111 -119.90 77.04 65.86
C GLY DA 111 -120.06 76.95 67.36
N GLU DA 112 -120.95 77.75 67.93
CA GLU DA 112 -121.15 77.79 69.38
C GLU DA 112 -122.37 77.01 69.82
N LYS DA 113 -123.11 76.40 68.90
CA LYS DA 113 -124.18 75.48 69.27
C LYS DA 113 -123.77 74.03 69.16
N ILE DA 114 -122.72 73.74 68.40
CA ILE DA 114 -122.11 72.41 68.34
C ILE DA 114 -120.72 72.57 68.93
N HIS DA 115 -120.60 73.49 69.90
CA HIS DA 115 -119.31 73.81 70.50
C HIS DA 115 -118.77 72.64 71.33
N GLU DA 116 -119.66 71.85 71.91
CA GLU DA 116 -119.22 70.70 72.70
C GLU DA 116 -118.69 69.58 71.82
N ASP DA 117 -119.34 69.32 70.68
CA ASP DA 117 -118.93 68.23 69.81
C ASP DA 117 -117.79 68.58 68.87
N ILE DA 118 -117.63 69.85 68.51
CA ILE DA 118 -116.56 70.23 67.59
C ILE DA 118 -115.20 70.30 68.29
N PHE DA 119 -115.18 70.35 69.62
CA PHE DA 119 -113.93 70.36 70.38
C PHE DA 119 -113.73 69.07 71.17
N ASP DA 120 -114.37 67.98 70.74
CA ASP DA 120 -114.28 66.70 71.43
C ASP DA 120 -113.53 65.66 70.62
N ILE DA 121 -113.89 65.46 69.35
CA ILE DA 121 -113.29 64.35 68.59
C ILE DA 121 -112.08 64.82 67.79
N ILE DA 122 -111.93 66.12 67.57
CA ILE DA 122 -110.72 66.61 66.89
C ILE DA 122 -109.56 66.80 67.85
N ASP DA 123 -109.83 66.78 69.16
CA ASP DA 123 -108.79 66.87 70.16
C ASP DA 123 -108.26 65.51 70.59
N ARG DA 124 -108.92 64.42 70.16
CA ARG DA 124 -108.42 63.08 70.42
C ARG DA 124 -107.17 62.78 69.61
N GLU DA 125 -107.03 63.38 68.44
CA GLU DA 125 -105.83 63.21 67.63
C GLU DA 125 -104.69 64.14 68.07
N ALA DA 126 -104.96 65.08 68.97
CA ALA DA 126 -103.94 66.03 69.38
C ALA DA 126 -102.96 65.39 70.36
N ASP DA 127 -103.47 64.62 71.32
CA ASP DA 127 -102.63 63.99 72.33
C ASP DA 127 -102.07 62.63 71.89
N GLY DA 128 -102.22 62.28 70.61
CA GLY DA 128 -101.56 61.08 70.13
C GLY DA 128 -100.06 61.22 70.09
N SER DA 129 -99.56 62.38 69.68
CA SER DA 129 -98.15 62.72 69.76
C SER DA 129 -97.96 63.81 70.81
N ASP DA 130 -96.93 63.66 71.64
CA ASP DA 130 -96.67 64.60 72.72
C ASP DA 130 -95.95 65.87 72.27
N SER DA 131 -95.63 65.98 70.97
CA SER DA 131 -95.02 67.19 70.41
C SER DA 131 -95.76 67.49 69.11
N LEU DA 132 -96.81 68.29 69.21
CA LEU DA 132 -97.65 68.60 68.05
C LEU DA 132 -97.03 69.73 67.24
N GLU DA 133 -97.04 69.56 65.91
CA GLU DA 133 -96.49 70.57 65.02
C GLU DA 133 -97.41 71.80 64.93
N GLY DA 134 -98.64 71.59 64.50
CA GLY DA 134 -99.56 72.70 64.40
C GLY DA 134 -100.84 72.29 63.70
N PHE DA 135 -101.52 73.28 63.14
CA PHE DA 135 -102.79 73.07 62.46
C PHE DA 135 -102.77 73.79 61.12
N VAL DA 136 -103.15 73.09 60.06
CA VAL DA 136 -103.39 73.70 58.75
C VAL DA 136 -104.88 73.61 58.45
N LEU DA 137 -105.48 74.77 58.19
CA LEU DA 137 -106.91 74.87 57.89
C LEU DA 137 -107.08 74.78 56.38
N CYS DA 138 -107.35 73.56 55.91
CA CYS DA 138 -107.58 73.32 54.48
C CYS DA 138 -109.02 73.67 54.12
N HIS DA 139 -109.31 74.96 54.18
CA HIS DA 139 -110.66 75.47 54.01
C HIS DA 139 -110.75 76.30 52.74
N SER DA 140 -111.93 76.87 52.52
CA SER DA 140 -112.23 77.65 51.33
C SER DA 140 -112.68 79.06 51.72
N ILE DA 141 -112.53 79.97 50.77
CA ILE DA 141 -113.07 81.31 50.89
C ILE DA 141 -114.37 81.46 50.09
N ALA DA 142 -114.53 80.73 48.98
CA ALA DA 142 -115.74 80.78 48.18
C ALA DA 142 -116.91 80.17 48.93
N GLY DA 143 -118.09 80.77 48.75
CA GLY DA 143 -119.29 80.30 49.42
C GLY DA 143 -119.35 80.75 50.87
N GLY DA 144 -120.45 80.38 51.51
CA GLY DA 144 -120.65 80.71 52.91
C GLY DA 144 -120.40 79.52 53.82
N THR DA 145 -120.17 78.35 53.23
CA THR DA 145 -119.95 77.14 54.02
C THR DA 145 -118.54 77.12 54.59
N GLY DA 146 -117.53 77.26 53.73
CA GLY DA 146 -116.15 77.24 54.20
C GLY DA 146 -115.69 78.54 54.83
N SER DA 147 -116.34 79.65 54.51
CA SER DA 147 -115.96 80.95 55.05
C SER DA 147 -116.67 81.28 56.36
N GLY DA 148 -117.87 80.71 56.57
CA GLY DA 148 -118.63 81.00 57.77
C GLY DA 148 -118.12 80.28 59.01
N LEU DA 149 -117.85 78.99 58.88
CA LEU DA 149 -117.39 78.20 60.02
C LEU DA 149 -115.87 78.27 60.20
N GLY DA 150 -115.13 78.54 59.13
CA GLY DA 150 -113.68 78.61 59.22
C GLY DA 150 -113.16 79.82 59.97
N SER DA 151 -113.95 80.89 60.03
CA SER DA 151 -113.54 82.06 60.80
C SER DA 151 -113.68 81.85 62.31
N TYR DA 152 -114.46 80.86 62.73
CA TYR DA 152 -114.63 80.60 64.15
C TYR DA 152 -113.46 79.84 64.74
N LEU DA 153 -112.93 78.85 64.01
CA LEU DA 153 -111.82 78.06 64.52
C LEU DA 153 -110.48 78.78 64.46
N LEU DA 154 -110.40 79.89 63.72
CA LEU DA 154 -109.19 80.71 63.74
C LEU DA 154 -109.07 81.53 65.02
N GLU DA 155 -110.13 81.64 65.82
CA GLU DA 155 -110.13 82.39 67.05
C GLU DA 155 -109.95 81.51 68.29
N ARG DA 156 -110.73 80.42 68.37
CA ARG DA 156 -110.71 79.59 69.58
C ARG DA 156 -109.54 78.63 69.63
N LEU DA 157 -108.89 78.35 68.49
CA LEU DA 157 -107.67 77.56 68.49
C LEU DA 157 -106.42 78.42 68.63
N ASN DA 158 -106.57 79.74 68.71
CA ASN DA 158 -105.43 80.62 68.89
C ASN DA 158 -104.97 80.67 70.35
N ASP DA 159 -105.90 80.51 71.29
CA ASP DA 159 -105.57 80.53 72.71
C ASP DA 159 -105.58 79.16 73.37
N ARG DA 160 -106.41 78.24 72.88
CA ARG DA 160 -106.40 76.88 73.42
C ARG DA 160 -105.15 76.12 72.99
N TYR DA 161 -104.59 76.45 71.83
CA TYR DA 161 -103.34 75.89 71.34
C TYR DA 161 -102.45 77.05 70.89
N PRO DA 162 -101.82 77.74 71.84
CA PRO DA 162 -101.09 78.97 71.48
C PRO DA 162 -99.70 78.74 70.94
N LYS DA 163 -99.07 77.61 71.27
CA LYS DA 163 -97.70 77.33 70.87
C LYS DA 163 -97.61 76.47 69.62
N LYS DA 164 -98.65 76.50 68.78
CA LYS DA 164 -98.69 75.69 67.56
C LYS DA 164 -98.68 76.59 66.33
N LEU DA 165 -98.06 76.09 65.27
CA LEU DA 165 -98.01 76.80 64.00
C LEU DA 165 -99.37 76.78 63.33
N VAL DA 166 -99.81 77.94 62.87
CA VAL DA 166 -100.98 78.02 62.00
C VAL DA 166 -100.55 78.61 60.66
N GLN DA 167 -101.03 77.97 59.59
CA GLN DA 167 -100.73 78.32 58.20
C GLN DA 167 -101.69 77.53 57.30
N THR DA 168 -102.35 78.19 56.35
CA THR DA 168 -103.40 77.55 55.59
C THR DA 168 -103.11 77.59 54.09
N TYR DA 169 -103.60 76.54 53.39
CA TYR DA 169 -103.65 76.52 51.93
C TYR DA 169 -105.09 76.83 51.53
N SER DA 170 -105.41 78.13 51.50
CA SER DA 170 -106.76 78.59 51.22
C SER DA 170 -106.88 78.98 49.75
N VAL DA 171 -108.02 78.64 49.15
CA VAL DA 171 -108.29 78.96 47.75
C VAL DA 171 -109.12 80.23 47.66
N PHE DA 172 -108.76 81.11 46.74
CA PHE DA 172 -109.51 82.33 46.52
C PHE DA 172 -110.69 82.08 45.57
N PRO DA 173 -111.80 82.80 45.74
CA PRO DA 173 -112.95 82.61 44.87
C PRO DA 173 -112.77 83.29 43.52
N ASN DA 174 -113.76 83.07 42.65
CA ASN DA 174 -113.72 83.55 41.27
C ASN DA 174 -114.51 84.84 41.14
N GLN DA 175 -113.94 85.81 40.42
CA GLN DA 175 -114.51 87.14 40.26
C GLN DA 175 -114.81 87.46 38.79
N ASP DA 176 -115.42 86.53 38.07
CA ASP DA 176 -115.70 86.75 36.66
C ASP DA 176 -117.05 87.42 36.42
N GLU DA 177 -118.15 86.79 36.85
CA GLU DA 177 -119.43 87.47 36.97
C GLU DA 177 -119.99 87.22 38.36
N MET DA 178 -121.05 87.96 38.69
CA MET DA 178 -121.62 87.99 40.04
C MET DA 178 -123.11 87.72 39.99
N SER DA 179 -123.50 86.65 39.28
CA SER DA 179 -124.91 86.30 39.10
C SER DA 179 -125.33 85.16 40.03
N HIS DA 180 -124.59 84.05 40.04
CA HIS DA 180 -124.96 82.92 40.88
C HIS DA 180 -124.74 83.24 42.35
N VAL DA 181 -123.57 83.79 42.69
CA VAL DA 181 -123.28 84.31 44.02
C VAL DA 181 -123.13 85.83 43.91
N VAL DA 182 -123.53 86.53 44.97
CA VAL DA 182 -123.49 87.99 45.06
C VAL DA 182 -122.97 88.34 46.46
N VAL DA 183 -122.81 87.33 47.31
CA VAL DA 183 -122.38 87.57 48.69
C VAL DA 183 -120.86 87.42 48.78
N GLN DA 184 -120.21 87.33 47.62
CA GLN DA 184 -118.77 87.11 47.55
C GLN DA 184 -117.89 88.21 48.14
N PRO DA 185 -118.18 89.53 48.00
CA PRO DA 185 -117.34 90.51 48.72
C PRO DA 185 -117.53 90.53 50.23
N TYR DA 186 -118.65 90.01 50.74
CA TYR DA 186 -118.89 90.07 52.17
C TYR DA 186 -118.20 88.95 52.94
N ASN DA 187 -118.39 87.70 52.52
CA ASN DA 187 -117.81 86.58 53.23
C ASN DA 187 -116.31 86.44 53.02
N SER DA 188 -115.76 87.04 51.98
CA SER DA 188 -114.32 86.93 51.73
C SER DA 188 -113.53 87.85 52.66
N LEU DA 189 -113.96 89.10 52.80
CA LEU DA 189 -113.23 90.06 53.62
C LEU DA 189 -113.38 89.78 55.11
N LEU DA 190 -114.47 89.11 55.50
CA LEU DA 190 -114.63 88.74 56.91
C LEU DA 190 -113.65 87.64 57.30
N THR DA 191 -113.34 86.73 56.38
CA THR DA 191 -112.34 85.71 56.64
C THR DA 191 -110.93 86.25 56.44
N LEU DA 192 -110.77 87.22 55.54
CA LEU DA 192 -109.44 87.77 55.27
C LEU DA 192 -108.91 88.59 56.44
N LYS DA 193 -109.79 89.15 57.29
CA LYS DA 193 -109.33 89.77 58.52
C LYS DA 193 -108.81 88.74 59.50
N ARG DA 194 -109.48 87.58 59.57
CA ARG DA 194 -109.04 86.51 60.46
C ARG DA 194 -107.77 85.82 59.95
N LEU DA 195 -107.43 85.99 58.67
CA LEU DA 195 -106.25 85.35 58.12
C LEU DA 195 -104.97 86.11 58.39
N THR DA 196 -105.04 87.34 58.90
CA THR DA 196 -103.87 88.17 59.15
C THR DA 196 -103.55 88.34 60.62
N GLN DA 197 -104.54 88.63 61.46
CA GLN DA 197 -104.30 88.81 62.88
C GLN DA 197 -104.61 87.57 63.70
N ASN DA 198 -105.62 86.79 63.31
CA ASN DA 198 -105.90 85.52 63.96
C ASN DA 198 -105.23 84.35 63.27
N ALA DA 199 -104.38 84.61 62.28
CA ALA DA 199 -103.63 83.57 61.59
C ALA DA 199 -102.28 84.12 61.18
N ASP DA 200 -101.26 83.26 61.25
CA ASP DA 200 -99.89 83.70 60.97
C ASP DA 200 -99.62 83.81 59.48
N CYS DA 201 -99.85 82.72 58.73
CA CYS DA 201 -99.50 82.66 57.31
C CYS DA 201 -100.65 82.06 56.53
N VAL DA 202 -100.71 82.42 55.24
CA VAL DA 202 -101.63 81.81 54.28
C VAL DA 202 -100.83 81.40 53.05
N VAL DA 203 -101.45 80.57 52.23
CA VAL DA 203 -100.94 80.24 50.90
C VAL DA 203 -102.08 80.55 49.93
N VAL DA 204 -101.94 81.62 49.16
CA VAL DA 204 -103.03 82.08 48.30
C VAL DA 204 -103.12 81.21 47.06
N LEU DA 205 -104.35 80.99 46.59
CA LEU DA 205 -104.63 80.17 45.41
C LEU DA 205 -105.80 80.82 44.68
N ASP DA 206 -105.49 81.58 43.63
CA ASP DA 206 -106.51 82.34 42.91
C ASP DA 206 -107.31 81.43 41.99
N ASN DA 207 -108.58 81.81 41.77
CA ASN DA 207 -109.47 81.07 40.88
C ASN DA 207 -109.45 81.60 39.45
N THR DA 208 -109.28 82.92 39.26
CA THR DA 208 -109.16 83.45 37.91
C THR DA 208 -107.83 83.10 37.26
N ALA DA 209 -106.83 82.77 38.07
CA ALA DA 209 -105.55 82.30 37.55
C ALA DA 209 -105.53 80.79 37.30
N LEU DA 210 -106.57 80.07 37.72
CA LEU DA 210 -106.62 78.64 37.46
C LEU DA 210 -106.95 78.36 36.00
N ASN DA 211 -108.01 78.98 35.48
CA ASN DA 211 -108.38 78.84 34.07
C ASN DA 211 -107.42 79.55 33.13
N ARG DA 212 -106.54 80.42 33.64
CA ARG DA 212 -105.44 80.89 32.81
C ARG DA 212 -104.45 79.77 32.52
N ILE DA 213 -104.29 78.82 33.46
CA ILE DA 213 -103.39 77.69 33.29
C ILE DA 213 -104.17 76.50 32.72
N ALA DA 214 -105.46 76.42 33.06
CA ALA DA 214 -106.27 75.30 32.61
C ALA DA 214 -106.57 75.33 31.11
N THR DA 215 -106.39 76.47 30.45
CA THR DA 215 -106.42 76.53 29.00
C THR DA 215 -105.05 76.81 28.40
N ASP DA 216 -104.01 76.95 29.22
CA ASP DA 216 -102.67 77.24 28.71
C ASP DA 216 -102.08 76.02 28.02
N ARG DA 217 -101.91 74.93 28.77
CA ARG DA 217 -101.31 73.71 28.24
C ARG DA 217 -102.24 72.52 28.36
N LEU DA 218 -103.38 72.66 29.02
CA LEU DA 218 -104.24 71.54 29.34
C LEU DA 218 -105.31 71.29 28.28
N HIS DA 219 -105.64 72.32 27.50
CA HIS DA 219 -106.46 72.25 26.28
C HIS DA 219 -107.86 71.68 26.55
N ILE DA 220 -108.64 72.43 27.31
CA ILE DA 220 -110.05 72.12 27.56
C ILE DA 220 -110.91 73.19 26.92
N GLN DA 221 -112.14 72.83 26.58
CA GLN DA 221 -113.11 73.73 25.99
C GLN DA 221 -114.19 74.18 26.96
N ASN DA 222 -114.69 73.27 27.80
CA ASN DA 222 -115.70 73.60 28.81
C ASN DA 222 -115.05 73.45 30.18
N PRO DA 223 -114.83 74.54 30.92
CA PRO DA 223 -114.15 74.44 32.22
C PRO DA 223 -115.07 73.82 33.27
N SER DA 224 -114.67 72.67 33.81
CA SER DA 224 -115.42 71.97 34.83
C SER DA 224 -114.68 72.04 36.16
N PHE DA 225 -115.35 71.58 37.22
CA PHE DA 225 -114.76 71.55 38.55
C PHE DA 225 -113.84 70.35 38.76
N SER DA 226 -113.81 69.41 37.81
CA SER DA 226 -112.97 68.22 37.93
C SER DA 226 -111.49 68.51 37.65
N GLN DA 227 -111.16 69.71 37.17
CA GLN DA 227 -109.77 70.10 36.95
C GLN DA 227 -109.18 70.93 38.08
N ILE DA 228 -110.01 71.37 39.03
CA ILE DA 228 -109.51 72.21 40.12
C ILE DA 228 -108.71 71.41 41.13
N ASN DA 229 -108.79 70.07 41.11
CA ASN DA 229 -108.09 69.25 42.09
C ASN DA 229 -106.75 68.78 41.59
N GLN DA 230 -106.42 69.03 40.32
CA GLN DA 230 -105.20 68.51 39.73
C GLN DA 230 -104.03 69.48 39.93
N LEU DA 231 -104.25 70.78 39.79
CA LEU DA 231 -103.19 71.73 40.07
C LEU DA 231 -102.94 71.88 41.56
N VAL DA 232 -103.94 71.58 42.39
CA VAL DA 232 -103.86 71.91 43.80
C VAL DA 232 -103.20 70.78 44.58
N SER DA 233 -103.53 69.52 44.27
CA SER DA 233 -103.05 68.39 45.04
C SER DA 233 -101.58 68.09 44.81
N THR DA 234 -101.02 68.47 43.66
CA THR DA 234 -99.60 68.24 43.43
C THR DA 234 -98.73 69.21 44.23
N ILE DA 235 -99.10 70.49 44.23
CA ILE DA 235 -98.28 71.48 44.94
C ILE DA 235 -98.45 71.38 46.45
N MET DA 236 -99.52 70.74 46.93
CA MET DA 236 -99.64 70.44 48.35
C MET DA 236 -98.62 69.39 48.77
N SER DA 237 -98.53 68.30 48.01
CA SER DA 237 -97.52 67.28 48.28
C SER DA 237 -96.12 67.75 47.91
N ALA DA 238 -96.03 68.74 47.00
CA ALA DA 238 -94.73 69.31 46.67
C ALA DA 238 -94.19 70.17 47.81
N SER DA 239 -95.06 70.79 48.59
CA SER DA 239 -94.63 71.66 49.68
C SER DA 239 -94.11 70.88 50.88
N THR DA 240 -94.41 69.59 50.98
CA THR DA 240 -93.96 68.76 52.10
C THR DA 240 -92.90 67.75 51.68
N THR DA 241 -92.22 68.00 50.56
CA THR DA 241 -91.18 67.08 50.10
C THR DA 241 -89.95 67.13 51.01
N THR DA 242 -89.67 68.29 51.61
CA THR DA 242 -88.63 68.33 52.64
C THR DA 242 -89.13 67.72 53.94
N LEU DA 243 -90.45 67.70 54.15
CA LEU DA 243 -91.05 67.23 55.39
C LEU DA 243 -91.41 65.75 55.35
N ARG DA 244 -91.94 65.26 54.22
CA ARG DA 244 -92.29 63.85 54.10
C ARG DA 244 -91.05 63.01 53.75
N TYR DA 245 -90.40 63.36 52.65
CA TYR DA 245 -89.19 62.67 52.23
C TYR DA 245 -88.00 63.18 53.06
N PRO DA 246 -86.95 62.35 53.25
CA PRO DA 246 -85.85 62.77 54.11
C PRO DA 246 -85.00 63.90 53.56
N GLY DA 247 -85.16 65.09 54.15
CA GLY DA 247 -84.32 66.23 53.87
C GLY DA 247 -83.52 66.62 55.11
N TYR DA 248 -82.73 67.68 54.95
CA TYR DA 248 -81.87 68.13 56.03
C TYR DA 248 -82.27 69.50 56.55
N MET DA 249 -82.32 70.51 55.70
CA MET DA 249 -82.60 71.88 56.13
C MET DA 249 -84.00 72.30 55.71
N ASN DA 250 -84.69 72.96 56.66
CA ASN DA 250 -86.10 73.32 56.56
C ASN DA 250 -86.96 72.09 56.24
N ASN DA 251 -86.67 71.00 56.95
CA ASN DA 251 -87.42 69.76 56.84
C ASN DA 251 -88.67 69.74 57.71
N ASP DA 252 -89.03 70.86 58.34
CA ASP DA 252 -90.26 71.02 59.09
C ASP DA 252 -91.09 72.15 58.49
N LEU DA 253 -92.37 72.19 58.86
CA LEU DA 253 -93.25 73.23 58.32
C LEU DA 253 -92.98 74.57 58.98
N ILE DA 254 -92.51 74.53 60.23
CA ILE DA 254 -91.95 75.73 60.88
C ILE DA 254 -90.51 76.03 60.43
N GLY DA 255 -89.94 75.23 59.53
CA GLY DA 255 -88.68 75.61 58.92
C GLY DA 255 -88.86 76.44 57.68
N LEU DA 256 -89.82 76.08 56.83
CA LEU DA 256 -89.98 76.75 55.55
C LEU DA 256 -90.62 78.12 55.72
N ILE DA 257 -91.65 78.21 56.56
CA ILE DA 257 -92.40 79.45 56.72
C ILE DA 257 -91.60 80.48 57.52
N ALA DA 258 -90.67 80.04 58.36
CA ALA DA 258 -89.85 80.96 59.13
C ALA DA 258 -88.88 81.75 58.25
N SER DA 259 -88.41 81.18 57.13
CA SER DA 259 -87.40 81.81 56.30
C SER DA 259 -87.99 82.65 55.18
N LEU DA 260 -89.30 82.87 55.18
CA LEU DA 260 -89.95 83.62 54.11
C LEU DA 260 -90.80 84.79 54.59
N ILE DA 261 -91.36 84.74 55.80
CA ILE DA 261 -92.24 85.78 56.30
C ILE DA 261 -91.39 86.95 56.76
N PRO DA 262 -91.58 88.16 56.21
CA PRO DA 262 -90.84 89.32 56.72
C PRO DA 262 -91.38 89.81 58.05
N THR DA 263 -92.71 89.85 58.16
CA THR DA 263 -93.40 90.44 59.30
C THR DA 263 -94.82 89.89 59.33
N PRO DA 264 -95.48 89.91 60.50
CA PRO DA 264 -96.91 89.60 60.54
C PRO DA 264 -97.74 90.56 59.70
N ARG DA 265 -98.88 90.07 59.21
CA ARG DA 265 -99.81 90.62 58.22
C ARG DA 265 -99.18 90.81 56.84
N LEU DA 266 -97.95 90.35 56.64
CA LEU DA 266 -97.33 90.22 55.31
C LEU DA 266 -96.87 88.77 55.19
N HIS DA 267 -97.78 87.92 54.71
CA HIS DA 267 -97.49 86.49 54.64
C HIS DA 267 -98.05 85.85 53.38
N PHE DA 268 -98.57 86.63 52.43
CA PHE DA 268 -99.24 86.10 51.25
C PHE DA 268 -98.18 85.67 50.24
N LEU DA 269 -98.03 84.36 50.06
CA LEU DA 269 -96.93 83.79 49.29
C LEU DA 269 -97.40 83.42 47.89
N MET DA 270 -96.66 83.87 46.88
CA MET DA 270 -96.95 83.53 45.49
C MET DA 270 -96.40 82.15 45.16
N THR DA 271 -97.19 81.35 44.45
CA THR DA 271 -96.87 79.96 44.15
C THR DA 271 -96.63 79.80 42.65
N GLY DA 272 -95.68 78.94 42.30
CA GLY DA 272 -95.42 78.63 40.91
C GLY DA 272 -95.01 77.18 40.74
N TYR DA 273 -95.44 76.59 39.62
CA TYR DA 273 -95.19 75.18 39.36
C TYR DA 273 -95.29 74.96 37.85
N THR DA 274 -94.15 74.72 37.20
CA THR DA 274 -94.13 74.53 35.76
C THR DA 274 -94.60 73.17 35.23
N PRO DA 275 -94.01 71.99 35.61
CA PRO DA 275 -94.20 70.80 34.76
C PRO DA 275 -95.55 70.12 34.96
N LEU DA 276 -96.43 70.26 33.96
CA LEU DA 276 -97.76 69.67 34.03
C LEU DA 276 -98.14 68.92 32.74
N THR DA 277 -97.18 68.64 31.87
CA THR DA 277 -97.46 68.06 30.57
C THR DA 277 -96.79 66.69 30.44
N THR DA 278 -97.57 65.72 29.96
CA THR DA 278 -97.14 64.32 29.89
C THR DA 278 -96.32 63.98 28.65
N ASP DA 279 -96.38 64.81 27.60
CA ASP DA 279 -95.58 64.54 26.41
C ASP DA 279 -94.18 65.16 26.48
N GLN DA 280 -93.85 65.83 27.59
CA GLN DA 280 -92.46 66.22 27.86
C GLN DA 280 -91.60 65.00 28.20
N SER DA 281 -92.23 63.86 28.54
CA SER DA 281 -91.54 62.70 29.06
C SER DA 281 -90.62 62.04 28.01
N VAL DA 282 -90.93 62.19 26.72
CA VAL DA 282 -90.17 61.52 25.68
C VAL DA 282 -88.85 62.20 25.37
N ALA DA 283 -88.59 63.39 25.91
CA ALA DA 283 -87.35 64.11 25.63
C ALA DA 283 -86.57 64.43 26.90
N SER DA 284 -86.99 63.93 28.06
CA SER DA 284 -86.23 64.07 29.29
C SER DA 284 -85.22 62.93 29.48
N VAL DA 285 -85.07 62.07 28.48
CA VAL DA 285 -84.10 60.98 28.54
C VAL DA 285 -82.67 61.42 28.21
N ARG DA 286 -82.49 62.64 27.71
CA ARG DA 286 -81.21 63.11 27.22
C ARG DA 286 -80.48 63.99 28.22
N LYS DA 287 -80.72 63.80 29.52
CA LYS DA 287 -80.18 64.61 30.62
C LYS DA 287 -80.59 66.08 30.45
N THR DA 288 -81.89 66.29 30.65
CA THR DA 288 -82.40 67.64 30.85
C THR DA 288 -81.93 68.15 32.21
N THR DA 289 -81.27 69.31 32.21
CA THR DA 289 -80.50 69.77 33.36
C THR DA 289 -81.35 70.64 34.28
N VAL DA 290 -80.69 71.13 35.33
CA VAL DA 290 -81.29 72.03 36.31
C VAL DA 290 -81.01 73.50 35.97
N LEU DA 291 -80.24 73.75 34.92
CA LEU DA 291 -79.82 75.11 34.60
C LEU DA 291 -80.91 75.89 33.87
N ASP DA 292 -81.94 75.20 33.36
CA ASP DA 292 -83.00 75.85 32.61
C ASP DA 292 -84.35 75.87 33.32
N VAL DA 293 -84.46 75.21 34.48
CA VAL DA 293 -85.77 75.06 35.10
C VAL DA 293 -86.10 76.23 36.03
N MET DA 294 -85.10 76.93 36.54
CA MET DA 294 -85.34 78.07 37.42
C MET DA 294 -85.19 79.41 36.72
N ARG DA 295 -84.89 79.41 35.43
CA ARG DA 295 -84.93 80.66 34.66
C ARG DA 295 -86.36 81.08 34.36
N ARG DA 296 -87.31 80.14 34.38
CA ARG DA 296 -88.70 80.41 34.08
C ARG DA 296 -89.58 80.53 35.32
N LEU DA 297 -89.01 80.33 36.52
CA LEU DA 297 -89.80 80.47 37.73
C LEU DA 297 -90.06 81.94 38.05
N LEU DA 298 -88.99 82.75 38.07
CA LEU DA 298 -89.13 84.19 38.25
C LEU DA 298 -89.79 84.87 37.06
N GLN DA 299 -89.76 84.25 35.89
CA GLN DA 299 -90.50 84.77 34.76
C GLN DA 299 -91.99 84.54 34.98
N PRO DA 300 -92.83 85.57 34.93
CA PRO DA 300 -94.27 85.43 35.30
C PRO DA 300 -95.10 84.63 34.29
N LYS DA 301 -94.91 83.33 34.33
CA LYS DA 301 -95.64 82.41 33.46
C LYS DA 301 -96.36 81.32 34.24
N ASN DA 302 -95.75 80.81 35.31
CA ASN DA 302 -96.34 79.75 36.13
C ASN DA 302 -97.08 80.27 37.35
N VAL DA 303 -97.31 81.58 37.44
CA VAL DA 303 -97.85 82.17 38.66
C VAL DA 303 -99.34 81.85 38.78
N MET DA 304 -99.79 81.74 40.03
CA MET DA 304 -101.20 81.49 40.33
C MET DA 304 -101.82 82.69 41.04
N VAL DA 305 -101.35 83.90 40.73
CA VAL DA 305 -101.81 85.13 41.36
C VAL DA 305 -102.08 86.15 40.27
N SER DA 306 -103.31 86.67 40.24
CA SER DA 306 -103.67 87.71 39.28
C SER DA 306 -103.09 89.04 39.77
N THR DA 307 -102.05 89.52 39.10
CA THR DA 307 -101.38 90.74 39.50
C THR DA 307 -101.08 91.58 38.26
N GLY DA 308 -100.69 92.83 38.49
CA GLY DA 308 -100.40 93.72 37.38
C GLY DA 308 -99.04 93.42 36.77
N ARG DA 309 -98.97 93.60 35.45
CA ARG DA 309 -97.73 93.35 34.72
C ARG DA 309 -96.78 94.53 34.71
N ASP DA 310 -97.30 95.75 34.84
CA ASP DA 310 -96.48 96.96 34.86
C ASP DA 310 -96.26 97.51 36.27
N ARG DA 311 -96.59 96.73 37.30
CA ARG DA 311 -96.45 97.17 38.68
C ARG DA 311 -95.28 96.50 39.39
N GLN DA 312 -94.39 95.84 38.65
CA GLN DA 312 -93.27 95.12 39.24
C GLN DA 312 -91.98 95.92 39.30
N THR DA 313 -91.98 97.14 38.74
CA THR DA 313 -90.78 97.98 38.77
C THR DA 313 -90.63 98.73 40.08
N ASN DA 314 -91.74 99.13 40.71
CA ASN DA 314 -91.71 99.79 42.00
C ASN DA 314 -91.94 98.84 43.16
N HIS DA 315 -92.10 97.55 42.88
CA HIS DA 315 -92.22 96.52 43.90
C HIS DA 315 -90.96 95.66 43.89
N CYS DA 316 -90.65 95.07 45.04
CA CYS DA 316 -89.38 94.38 45.23
C CYS DA 316 -89.61 93.03 45.90
N TYR DA 317 -88.95 92.00 45.39
CA TYR DA 317 -88.96 90.70 46.05
C TYR DA 317 -88.12 90.77 47.32
N ILE DA 318 -88.54 90.03 48.34
CA ILE DA 318 -87.80 89.99 49.60
C ILE DA 318 -87.36 88.56 49.87
N ALA DA 319 -88.23 87.60 49.61
CA ALA DA 319 -87.95 86.19 49.85
C ALA DA 319 -88.50 85.37 48.70
N ILE DA 320 -87.66 84.53 48.12
CA ILE DA 320 -88.05 83.67 47.00
C ILE DA 320 -87.51 82.27 47.24
N LEU DA 321 -88.40 81.27 47.15
CA LEU DA 321 -88.06 79.87 47.34
C LEU DA 321 -88.13 79.15 46.01
N ASN DA 322 -87.14 78.30 45.72
CA ASN DA 322 -87.06 77.56 44.46
C ASN DA 322 -86.74 76.11 44.82
N ILE DA 323 -87.76 75.26 44.85
CA ILE DA 323 -87.63 73.88 45.31
C ILE DA 323 -87.53 72.96 44.10
N ILE DA 324 -86.39 72.28 43.98
CA ILE DA 324 -86.20 71.22 42.99
C ILE DA 324 -86.38 69.87 43.70
N GLN DA 325 -86.90 68.90 42.95
CA GLN DA 325 -87.29 67.61 43.50
C GLN DA 325 -86.73 66.49 42.62
N GLY DA 326 -86.45 65.35 43.25
CA GLY DA 326 -86.08 64.16 42.50
C GLY DA 326 -84.66 64.25 41.99
N GLU DA 327 -84.49 63.96 40.69
CA GLU DA 327 -83.18 64.07 40.07
C GLU DA 327 -82.80 65.53 39.90
N VAL DA 328 -81.70 65.94 40.52
CA VAL DA 328 -81.35 67.35 40.60
C VAL DA 328 -80.05 67.58 39.82
N ASP DA 329 -79.18 66.56 39.82
CA ASP DA 329 -77.77 66.64 39.43
C ASP DA 329 -77.11 67.75 40.23
N PRO DA 330 -76.82 67.52 41.51
CA PRO DA 330 -76.44 68.61 42.41
C PRO DA 330 -75.04 69.18 42.18
N THR DA 331 -74.29 68.70 41.19
CA THR DA 331 -73.02 69.35 40.87
C THR DA 331 -73.21 70.63 40.07
N GLN DA 332 -74.42 70.89 39.59
CA GLN DA 332 -74.74 72.13 38.87
C GLN DA 332 -75.88 72.91 39.53
N VAL DA 333 -76.24 72.60 40.76
CA VAL DA 333 -77.29 73.38 41.42
C VAL DA 333 -76.75 74.70 41.95
N HIS DA 334 -75.46 74.75 42.31
CA HIS DA 334 -74.81 76.03 42.57
C HIS DA 334 -74.55 76.79 41.29
N LYS DA 335 -74.50 76.08 40.16
CA LYS DA 335 -74.35 76.72 38.85
C LYS DA 335 -75.64 77.41 38.42
N SER DA 336 -76.79 76.87 38.83
CA SER DA 336 -78.06 77.52 38.54
C SER DA 336 -78.24 78.79 39.36
N LEU DA 337 -77.75 78.79 40.59
CA LEU DA 337 -77.81 79.96 41.45
C LEU DA 337 -76.75 81.00 41.09
N GLN DA 338 -75.75 80.59 40.29
CA GLN DA 338 -74.76 81.52 39.78
C GLN DA 338 -75.37 82.53 38.82
N ARG DA 339 -76.32 82.09 38.00
CA ARG DA 339 -76.90 82.91 36.95
C ARG DA 339 -78.00 83.83 37.43
N ILE DA 340 -78.28 83.85 38.73
CA ILE DA 340 -79.39 84.64 39.26
C ILE DA 340 -79.00 86.11 39.37
N ARG DA 341 -77.78 86.39 39.81
CA ARG DA 341 -77.35 87.78 40.03
C ARG DA 341 -77.12 88.54 38.74
N GLU DA 342 -76.92 87.84 37.62
CA GLU DA 342 -76.58 88.53 36.38
C GLU DA 342 -77.81 89.12 35.71
N ARG DA 343 -78.96 88.45 35.84
CA ARG DA 343 -80.18 88.96 35.22
C ARG DA 343 -80.88 89.98 36.10
N LYS DA 344 -80.85 89.76 37.42
CA LYS DA 344 -81.63 90.51 38.42
C LYS DA 344 -83.11 90.53 38.04
N LEU DA 345 -83.66 89.32 37.80
CA LEU DA 345 -85.08 89.20 37.49
C LEU DA 345 -85.95 89.48 38.71
N ALA DA 346 -85.41 89.31 39.91
CA ALA DA 346 -86.07 89.72 41.15
C ALA DA 346 -85.57 91.09 41.54
N ASN DA 347 -86.50 92.04 41.68
CA ASN DA 347 -86.13 93.33 42.24
C ASN DA 347 -85.88 93.16 43.73
N PHE DA 348 -84.75 93.68 44.20
CA PHE DA 348 -84.33 93.50 45.57
C PHE DA 348 -84.70 94.73 46.39
N ILE DA 349 -84.97 94.50 47.67
CA ILE DA 349 -85.37 95.60 48.56
C ILE DA 349 -84.16 96.50 48.83
N PRO DA 350 -84.32 97.82 48.76
CA PRO DA 350 -83.15 98.70 48.94
C PRO DA 350 -82.75 98.92 50.38
N TRP DA 351 -83.58 98.50 51.34
CA TRP DA 351 -83.26 98.70 52.76
C TRP DA 351 -82.50 97.52 53.36
N GLY DA 352 -82.72 96.31 52.86
CA GLY DA 352 -82.10 95.14 53.43
C GLY DA 352 -81.74 94.09 52.40
N PRO DA 353 -81.13 93.00 52.86
CA PRO DA 353 -80.77 91.92 51.94
C PRO DA 353 -81.96 91.09 51.50
N ALA DA 354 -81.77 90.37 50.40
CA ALA DA 354 -82.74 89.40 49.89
C ALA DA 354 -82.14 88.00 49.98
N SER DA 355 -82.90 87.00 49.52
CA SER DA 355 -82.45 85.61 49.62
C SER DA 355 -83.14 84.76 48.57
N ILE DA 356 -82.35 84.02 47.80
CA ILE DA 356 -82.85 83.01 46.87
C ILE DA 356 -82.47 81.65 47.43
N GLN DA 357 -83.41 81.00 48.11
CA GLN DA 357 -83.16 79.73 48.78
C GLN DA 357 -83.57 78.59 47.86
N VAL DA 358 -82.64 77.65 47.64
CA VAL DA 358 -82.89 76.47 46.82
C VAL DA 358 -82.66 75.24 47.70
N ALA DA 359 -83.52 74.23 47.55
CA ALA DA 359 -83.42 73.01 48.34
C ALA DA 359 -83.84 71.82 47.48
N LEU DA 360 -83.45 70.62 47.91
CA LEU DA 360 -83.73 69.41 47.15
C LEU DA 360 -84.08 68.26 48.09
N SER DA 361 -84.84 67.31 47.55
CA SER DA 361 -85.19 66.08 48.24
C SER DA 361 -85.53 65.03 47.19
N ARG DA 362 -85.19 63.78 47.48
CA ARG DA 362 -85.46 62.70 46.54
C ARG DA 362 -86.95 62.36 46.51
N LYS DA 363 -87.46 62.09 45.32
CA LYS DA 363 -88.89 61.88 45.13
C LYS DA 363 -89.23 60.40 45.35
N SER DA 364 -90.45 60.03 44.95
CA SER DA 364 -90.93 58.67 45.12
C SER DA 364 -90.21 57.73 44.15
N PRO DA 365 -90.00 56.47 44.53
CA PRO DA 365 -89.48 55.47 43.57
C PRO DA 365 -90.54 55.09 42.54
N TYR DA 366 -90.70 55.96 41.55
CA TYR DA 366 -91.72 55.80 40.52
C TYR DA 366 -91.18 56.38 39.22
N LEU DA 367 -91.64 55.82 38.11
CA LEU DA 367 -91.08 56.21 36.81
C LEU DA 367 -91.45 57.61 36.33
N PRO DA 368 -92.68 58.13 36.49
CA PRO DA 368 -92.89 59.56 36.19
C PRO DA 368 -92.31 60.52 37.22
N SER DA 369 -91.77 60.03 38.34
CA SER DA 369 -91.22 60.88 39.38
C SER DA 369 -89.70 60.89 39.41
N ALA DA 370 -89.04 59.78 39.09
CA ALA DA 370 -87.58 59.69 39.09
C ALA DA 370 -86.99 59.97 37.71
N HIS DA 371 -87.75 60.62 36.83
CA HIS DA 371 -87.27 60.96 35.49
C HIS DA 371 -87.41 62.41 35.10
N ARG DA 372 -88.43 63.13 35.57
CA ARG DA 372 -88.75 64.46 35.06
C ARG DA 372 -88.51 65.49 36.17
N VAL DA 373 -87.85 66.59 35.81
CA VAL DA 373 -87.50 67.59 36.79
C VAL DA 373 -88.74 68.37 37.20
N SER DA 374 -88.82 68.71 38.49
CA SER DA 374 -89.97 69.42 39.02
C SER DA 374 -89.50 70.65 39.78
N GLY DA 375 -90.19 71.77 39.56
CA GLY DA 375 -89.84 73.00 40.22
C GLY DA 375 -91.01 73.64 40.95
N LEU DA 376 -90.91 73.75 42.27
CA LEU DA 376 -91.94 74.36 43.09
C LEU DA 376 -91.45 75.71 43.58
N MET DA 377 -92.25 76.74 43.35
CA MET DA 377 -91.90 78.11 43.73
C MET DA 377 -92.78 78.57 44.89
N MET DA 378 -92.15 79.20 45.88
CA MET DA 378 -92.86 79.87 46.97
C MET DA 378 -92.29 81.29 47.07
N ALA DA 379 -92.85 82.19 46.28
CA ALA DA 379 -92.36 83.55 46.18
C ALA DA 379 -92.97 84.43 47.27
N ASN DA 380 -92.47 85.65 47.40
CA ASN DA 380 -93.06 86.66 48.27
C ASN DA 380 -92.74 88.02 47.65
N HIS DA 381 -93.68 88.55 46.87
CA HIS DA 381 -93.50 89.81 46.17
C HIS DA 381 -94.55 90.80 46.65
N THR DA 382 -94.17 92.08 46.67
CA THR DA 382 -95.01 93.13 47.26
C THR DA 382 -96.00 93.72 46.26
N ASN DA 383 -96.26 93.03 45.15
CA ASN DA 383 -97.34 93.41 44.24
C ASN DA 383 -98.65 92.71 44.59
N ILE DA 384 -98.72 92.06 45.76
CA ILE DA 384 -99.92 91.33 46.17
C ILE DA 384 -101.03 92.25 46.65
N SER DA 385 -100.77 93.56 46.79
CA SER DA 385 -101.81 94.51 47.12
C SER DA 385 -102.74 94.80 45.96
N SER DA 386 -102.39 94.38 44.74
CA SER DA 386 -103.28 94.53 43.60
C SER DA 386 -104.52 93.66 43.75
N LEU DA 387 -104.38 92.48 44.33
CA LEU DA 387 -105.56 91.68 44.69
C LEU DA 387 -106.33 92.34 45.83
N PHE DA 388 -105.62 92.97 46.77
CA PHE DA 388 -106.28 93.64 47.88
C PHE DA 388 -106.90 94.95 47.42
N GLU DA 389 -106.35 95.57 46.38
CA GLU DA 389 -107.03 96.70 45.75
C GLU DA 389 -108.21 96.25 44.90
N ARG DA 390 -108.14 95.03 44.36
CA ARG DA 390 -109.26 94.51 43.57
C ARG DA 390 -110.43 94.13 44.46
N THR DA 391 -110.15 93.54 45.63
CA THR DA 391 -111.22 93.13 46.52
C THR DA 391 -111.83 94.31 47.26
N CYS DA 392 -111.04 95.33 47.57
CA CYS DA 392 -111.57 96.49 48.29
C CYS DA 392 -112.39 97.39 47.37
N ARG DA 393 -111.99 97.51 46.11
CA ARG DA 393 -112.76 98.32 45.16
C ARG DA 393 -114.09 97.66 44.81
N GLN DA 394 -114.16 96.33 44.89
CA GLN DA 394 -115.40 95.60 44.73
C GLN DA 394 -116.20 95.53 46.03
N TYR DA 395 -115.64 96.03 47.13
CA TYR DA 395 -116.30 96.00 48.44
C TYR DA 395 -117.02 97.30 48.76
N ASP DA 396 -116.36 98.44 48.55
CA ASP DA 396 -116.99 99.73 48.79
C ASP DA 396 -117.98 100.12 47.69
N LYS DA 397 -117.81 99.58 46.49
CA LYS DA 397 -118.77 99.83 45.42
C LYS DA 397 -120.09 99.11 45.68
N LEU DA 398 -120.04 97.97 46.37
CA LEU DA 398 -121.25 97.21 46.64
C LEU DA 398 -122.05 97.80 47.80
N ARG DA 399 -121.40 98.48 48.74
CA ARG DA 399 -122.11 99.08 49.86
C ARG DA 399 -122.82 100.37 49.49
N LYS DA 400 -122.47 100.99 48.38
CA LYS DA 400 -123.18 102.17 47.90
C LYS DA 400 -124.38 101.82 47.02
N ARG DA 401 -124.50 100.55 46.63
CA ARG DA 401 -125.64 100.08 45.84
C ARG DA 401 -126.75 99.52 46.71
N GLU DA 402 -126.62 99.64 48.04
CA GLU DA 402 -127.57 99.13 49.04
C GLU DA 402 -127.79 97.62 48.87
N ALA DA 403 -126.69 96.88 48.76
CA ALA DA 403 -126.72 95.45 48.51
C ALA DA 403 -126.33 94.70 49.78
N PHE DA 404 -127.27 93.88 50.28
CA PHE DA 404 -127.08 93.01 51.44
C PHE DA 404 -126.72 93.80 52.71
N LEU DA 405 -127.41 94.90 52.92
CA LEU DA 405 -127.36 95.62 54.20
C LEU DA 405 -128.60 95.38 55.04
N GLU DA 406 -129.71 95.02 54.42
CA GLU DA 406 -130.93 94.67 55.13
C GLU DA 406 -131.12 93.15 55.17
N GLN DA 407 -130.52 92.44 54.23
CA GLN DA 407 -130.66 90.99 54.10
C GLN DA 407 -129.61 90.22 54.89
N PHE DA 408 -128.71 90.93 55.58
CA PHE DA 408 -127.56 90.30 56.22
C PHE DA 408 -127.47 90.58 57.72
N ARG DA 409 -128.17 91.59 58.23
CA ARG DA 409 -128.04 92.02 59.61
C ARG DA 409 -129.23 91.59 60.47
N LYS DA 410 -130.04 90.65 60.00
CA LYS DA 410 -131.14 90.17 60.81
C LYS DA 410 -130.66 89.18 61.88
N GLU DA 411 -129.72 88.31 61.51
CA GLU DA 411 -129.16 87.32 62.42
C GLU DA 411 -127.79 87.78 62.89
N ASP DA 412 -127.60 87.74 64.22
CA ASP DA 412 -126.34 87.85 64.98
C ASP DA 412 -125.39 88.98 64.53
N ILE DA 413 -125.92 90.03 63.91
CA ILE DA 413 -125.16 91.22 63.55
C ILE DA 413 -125.98 92.44 63.96
N PHE DA 414 -125.49 93.20 64.93
CA PHE DA 414 -126.19 94.38 65.42
C PHE DA 414 -125.47 95.69 65.16
N LYS DA 415 -124.15 95.67 64.99
CA LYS DA 415 -123.38 96.87 64.70
C LYS DA 415 -122.68 96.72 63.35
N ASP DA 416 -122.26 97.85 62.80
CA ASP DA 416 -121.62 97.89 61.49
C ASP DA 416 -120.15 97.54 61.64
N ASN DA 417 -119.80 96.29 61.32
CA ASN DA 417 -118.42 95.82 61.35
C ASN DA 417 -117.78 95.83 59.96
N PHE DA 418 -118.31 96.64 59.04
CA PHE DA 418 -117.84 96.68 57.67
C PHE DA 418 -116.58 97.52 57.52
N ASP DA 419 -116.51 98.66 58.19
CA ASP DA 419 -115.29 99.46 58.20
C ASP DA 419 -114.24 98.92 59.14
N GLU DA 420 -114.60 97.94 59.99
CA GLU DA 420 -113.57 97.24 60.77
C GLU DA 420 -112.72 96.35 59.87
N LEU DA 421 -113.28 95.87 58.77
CA LEU DA 421 -112.54 95.10 57.77
C LEU DA 421 -111.86 95.99 56.75
N ASP DA 422 -112.35 97.21 56.55
CA ASP DA 422 -111.82 98.09 55.50
C ASP DA 422 -110.52 98.75 55.93
N ASN DA 423 -110.44 99.20 57.18
CA ASN DA 423 -109.25 99.89 57.64
C ASN DA 423 -108.11 98.90 57.85
N SER DA 424 -108.43 97.71 58.38
CA SER DA 424 -107.41 96.67 58.58
C SER DA 424 -106.88 96.13 57.26
N ARG DA 425 -107.68 96.16 56.20
CA ARG DA 425 -107.19 95.80 54.88
C ARG DA 425 -106.27 96.89 54.33
N GLU DA 426 -106.61 98.16 54.59
CA GLU DA 426 -105.76 99.26 54.14
C GLU DA 426 -104.50 99.36 55.00
N ILE DA 427 -104.53 98.84 56.23
CA ILE DA 427 -103.32 98.76 57.04
C ILE DA 427 -102.33 97.79 56.41
N VAL DA 428 -102.82 96.69 55.85
CA VAL DA 428 -101.97 95.75 55.13
C VAL DA 428 -101.42 96.40 53.86
N GLN DA 429 -102.28 97.12 53.12
CA GLN DA 429 -101.87 97.71 51.85
C GLN DA 429 -100.92 98.89 52.03
N GLN DA 430 -100.96 99.58 53.17
CA GLN DA 430 -100.05 100.69 53.41
C GLN DA 430 -98.71 100.23 53.97
N LEU DA 431 -98.71 99.20 54.82
CA LEU DA 431 -97.46 98.70 55.39
C LEU DA 431 -96.64 97.90 54.37
N ILE DA 432 -97.26 97.46 53.28
CA ILE DA 432 -96.52 96.76 52.23
C ILE DA 432 -95.66 97.75 51.46
N ASP DA 433 -96.24 98.88 51.06
CA ASP DA 433 -95.49 99.88 50.30
C ASP DA 433 -94.51 100.64 51.20
N GLU DA 434 -94.81 100.73 52.49
CA GLU DA 434 -93.89 101.36 53.44
C GLU DA 434 -92.70 100.46 53.75
N TYR DA 435 -92.82 99.15 53.50
CA TYR DA 435 -91.81 98.18 53.92
C TYR DA 435 -90.50 98.31 53.13
N HIS DA 436 -90.54 98.91 51.94
CA HIS DA 436 -89.33 99.23 51.19
C HIS DA 436 -89.08 100.73 51.30
N ALA DA 437 -88.19 101.10 52.21
CA ALA DA 437 -87.89 102.51 52.44
C ALA DA 437 -86.75 102.98 51.55
#